data_3J9R
#
_entry.id   3J9R
#
_cell.length_a   1.000
_cell.length_b   1.000
_cell.length_c   1.000
_cell.angle_alpha   90.00
_cell.angle_beta   90.00
_cell.angle_gamma   90.00
#
_symmetry.space_group_name_H-M   'P 1'
#
_entity_poly.entity_id   1
_entity_poly.type   'polypeptide(L)'
_entity_poly.pdbx_seq_one_letter_code
;MSFFHGVTVTNVDIGARTIALPASSVIGLCDVFTPGAQASAKPNVPVLLTSKKDAAAAFGIGSSIYLACEAIYNRAQAVI
VAVGVETAETPEAQASAVIGGISAAGERTGLQALLDGKSRFNAQPRLLVAPGHSAQQAVATAMDGLAEKLRAIAILDGPN
STDEAAVAYAKNFGSKRLFMVDPGVQVWDSATNAARNAPASAYAAGLFAWTDAEYGFWSSPSNKEIKGVTGTSRPVEFLD
GDETCRANLLNNANIATIIRDDGYRLWGNRTLSSDSKWAFVTRVRTMDLVMDAILAGHKWAVDRGITKTYVKDVTEGLRA
FMRDLKNQGAVINFEVYADPDLNSASQLAQGKVYWNIRFTDVPPAENPNFRVEVTDQWLTEVLDVA
;
_entity_poly.pdbx_strand_id   A,B,F,E,D,C,0,1,5,4,3,2,G,H,L,K,J,I,M,N,R,Q,P,O,a,b,f,e,d,c,g,h,l,k,j,i
#
# COMPACT_ATOMS: atom_id res chain seq x y z
N SER A 2 -15.52 -26.50 -71.55
CA SER A 2 -16.62 -26.84 -70.66
C SER A 2 -16.28 -28.07 -69.83
N PHE A 3 -15.68 -29.06 -70.50
CA PHE A 3 -15.28 -30.32 -69.87
C PHE A 3 -16.50 -31.13 -69.47
N PHE A 4 -16.66 -32.28 -70.15
CA PHE A 4 -17.77 -33.20 -69.94
C PHE A 4 -19.12 -32.58 -70.29
N HIS A 5 -19.62 -31.72 -69.42
CA HIS A 5 -20.94 -31.10 -69.59
C HIS A 5 -22.06 -32.15 -69.66
N GLY A 6 -22.43 -32.70 -68.50
CA GLY A 6 -23.51 -33.66 -68.44
C GLY A 6 -23.95 -33.89 -67.01
N VAL A 7 -23.61 -35.05 -66.47
CA VAL A 7 -23.92 -35.39 -65.09
C VAL A 7 -23.12 -36.62 -64.68
N THR A 8 -22.00 -36.37 -64.00
CA THR A 8 -21.11 -37.45 -63.59
C THR A 8 -21.64 -38.15 -62.35
N VAL A 9 -20.94 -39.20 -61.93
CA VAL A 9 -21.33 -39.99 -60.77
C VAL A 9 -20.15 -40.88 -60.38
N THR A 10 -19.00 -40.23 -60.16
CA THR A 10 -17.77 -40.97 -59.86
C THR A 10 -17.87 -41.71 -58.53
N ASN A 11 -17.47 -42.98 -58.55
CA ASN A 11 -17.46 -43.79 -57.35
C ASN A 11 -16.14 -43.61 -56.61
N VAL A 12 -16.18 -42.90 -55.48
CA VAL A 12 -14.97 -42.67 -54.69
C VAL A 12 -14.63 -43.93 -53.89
N ASP A 13 -13.61 -44.64 -54.37
CA ASP A 13 -13.21 -45.91 -53.76
C ASP A 13 -12.28 -45.68 -52.58
N ILE A 14 -12.84 -45.28 -51.45
CA ILE A 14 -12.08 -45.10 -50.22
C ILE A 14 -12.86 -45.65 -49.03
N GLY A 15 -12.14 -45.91 -47.94
CA GLY A 15 -12.73 -46.48 -46.75
C GLY A 15 -11.88 -47.62 -46.23
N ALA A 16 -12.03 -47.93 -44.95
CA ALA A 16 -11.26 -49.00 -44.33
C ALA A 16 -11.68 -50.37 -44.85
N ARG A 17 -10.79 -51.03 -45.58
CA ARG A 17 -11.06 -52.38 -46.08
C ARG A 17 -11.05 -53.39 -44.95
N THR A 18 -11.70 -54.53 -45.18
CA THR A 18 -11.75 -55.61 -44.21
C THR A 18 -10.53 -56.52 -44.38
N ILE A 19 -10.19 -57.24 -43.31
CA ILE A 19 -9.04 -58.15 -43.33
C ILE A 19 -9.41 -59.48 -42.69
N ALA A 20 -8.89 -60.56 -43.25
CA ALA A 20 -9.18 -61.91 -42.80
C ALA A 20 -7.93 -62.62 -42.28
N LEU A 21 -8.11 -63.83 -41.77
CA LEU A 21 -7.02 -64.65 -41.25
C LEU A 21 -6.84 -65.90 -42.13
N PRO A 22 -6.06 -65.76 -43.21
CA PRO A 22 -5.92 -66.86 -44.18
C PRO A 22 -5.16 -68.05 -43.63
N ALA A 23 -5.20 -69.17 -44.35
CA ALA A 23 -4.45 -70.38 -44.01
C ALA A 23 -4.87 -70.98 -42.66
N SER A 24 -4.69 -70.21 -41.59
CA SER A 24 -5.06 -70.63 -40.24
C SER A 24 -4.24 -71.82 -39.78
N SER A 25 -4.55 -73.01 -40.31
CA SER A 25 -3.86 -74.23 -39.90
C SER A 25 -3.96 -75.31 -40.97
N VAL A 26 -3.30 -75.09 -42.10
CA VAL A 26 -3.22 -76.10 -43.14
C VAL A 26 -1.95 -76.93 -42.94
N ILE A 27 -2.11 -78.24 -42.99
CA ILE A 27 -1.00 -79.16 -42.73
C ILE A 27 -0.22 -79.45 -44.00
N GLY A 28 1.10 -79.52 -43.86
CA GLY A 28 2.00 -79.81 -44.97
C GLY A 28 2.79 -81.07 -44.68
N LEU A 29 2.23 -82.20 -45.08
CA LEU A 29 2.81 -83.51 -44.77
C LEU A 29 3.61 -84.05 -45.95
N CYS A 30 4.56 -84.94 -45.65
CA CYS A 30 5.41 -85.53 -46.69
C CYS A 30 6.04 -86.81 -46.18
N ASP A 31 5.31 -87.92 -46.31
CA ASP A 31 5.81 -89.24 -45.94
C ASP A 31 6.14 -90.01 -47.22
N VAL A 32 5.91 -91.31 -47.23
CA VAL A 32 6.18 -92.14 -48.39
C VAL A 32 5.02 -93.07 -48.69
N PHE A 33 5.00 -93.63 -49.90
CA PHE A 33 3.97 -94.59 -50.29
C PHE A 33 4.47 -95.43 -51.46
N THR A 34 3.57 -96.20 -52.05
CA THR A 34 3.89 -97.08 -53.17
C THR A 34 3.01 -96.75 -54.38
N PRO A 35 3.53 -95.95 -55.32
CA PRO A 35 2.74 -95.61 -56.50
C PRO A 35 2.58 -96.80 -57.44
N GLY A 36 1.40 -96.96 -58.04
CA GLY A 36 1.15 -98.05 -58.97
C GLY A 36 -0.25 -97.99 -59.55
N ALA A 37 -1.14 -98.83 -59.01
CA ALA A 37 -2.50 -98.95 -59.53
C ALA A 37 -3.47 -98.06 -58.78
N GLN A 38 -3.84 -98.47 -57.56
CA GLN A 38 -4.82 -97.74 -56.76
C GLN A 38 -4.32 -96.35 -56.38
N ALA A 39 -3.00 -96.16 -56.42
CA ALA A 39 -2.40 -94.87 -56.06
C ALA A 39 -2.63 -93.86 -57.18
N SER A 40 -3.66 -93.03 -57.02
CA SER A 40 -4.00 -92.03 -58.03
C SER A 40 -2.98 -90.89 -58.04
N ALA A 41 -2.53 -90.51 -56.85
CA ALA A 41 -1.56 -89.42 -56.71
C ALA A 41 -0.24 -89.80 -57.38
N LYS A 42 0.38 -88.84 -58.05
CA LYS A 42 1.63 -89.09 -58.75
C LYS A 42 2.76 -89.31 -57.74
N PRO A 43 3.89 -89.89 -58.18
CA PRO A 43 4.96 -90.29 -57.26
C PRO A 43 5.68 -89.15 -56.55
N ASN A 44 5.25 -87.90 -56.73
CA ASN A 44 5.98 -86.78 -56.13
C ASN A 44 5.21 -85.47 -56.03
N VAL A 45 4.28 -85.22 -56.94
CA VAL A 45 3.61 -83.91 -56.98
C VAL A 45 2.74 -83.69 -55.74
N PRO A 46 2.56 -82.42 -55.34
CA PRO A 46 1.64 -82.14 -54.22
C PRO A 46 0.19 -82.48 -54.57
N VAL A 47 -0.54 -83.05 -53.62
CA VAL A 47 -1.95 -83.36 -53.80
C VAL A 47 -2.73 -82.87 -52.59
N LEU A 48 -3.84 -82.20 -52.85
CA LEU A 48 -4.66 -81.66 -51.76
C LEU A 48 -5.61 -82.73 -51.25
N LEU A 49 -5.85 -82.70 -49.93
CA LEU A 49 -6.73 -83.66 -49.28
C LEU A 49 -7.81 -82.92 -48.50
N THR A 50 -8.73 -83.67 -47.92
CA THR A 50 -9.84 -83.10 -47.16
C THR A 50 -10.41 -84.13 -46.20
N SER A 51 -10.41 -85.39 -46.62
CA SER A 51 -10.93 -86.50 -45.80
C SER A 51 -10.18 -87.78 -46.14
N LYS A 52 -10.43 -88.83 -45.36
CA LYS A 52 -9.80 -90.12 -45.59
C LYS A 52 -10.10 -90.67 -46.97
N LYS A 53 -11.33 -90.46 -47.44
CA LYS A 53 -11.74 -90.92 -48.77
C LYS A 53 -10.85 -90.31 -49.85
N ASP A 54 -10.62 -89.00 -49.76
CA ASP A 54 -9.83 -88.29 -50.76
C ASP A 54 -8.35 -88.68 -50.65
N ALA A 55 -7.96 -89.20 -49.49
CA ALA A 55 -6.58 -89.61 -49.24
C ALA A 55 -6.36 -91.08 -49.59
N ALA A 56 -7.37 -91.90 -49.35
CA ALA A 56 -7.27 -93.33 -49.59
C ALA A 56 -7.07 -93.63 -51.06
N ALA A 57 -7.95 -93.09 -51.90
CA ALA A 57 -7.88 -93.30 -53.34
C ALA A 57 -6.65 -92.63 -53.95
N ALA A 58 -6.06 -91.70 -53.21
CA ALA A 58 -4.91 -90.94 -53.68
C ALA A 58 -3.61 -91.75 -53.55
N PHE A 59 -3.28 -92.13 -52.33
CA PHE A 59 -2.03 -92.81 -52.03
C PHE A 59 -2.22 -94.31 -51.91
N GLY A 60 -3.33 -94.71 -51.29
CA GLY A 60 -3.67 -96.11 -51.10
C GLY A 60 -3.65 -96.51 -49.64
N ILE A 61 -4.24 -97.66 -49.34
CA ILE A 61 -4.30 -98.17 -47.99
C ILE A 61 -3.00 -98.92 -47.67
N GLY A 62 -2.54 -98.81 -46.43
CA GLY A 62 -1.31 -99.48 -46.02
C GLY A 62 -0.09 -98.61 -46.24
N SER A 63 -0.21 -97.63 -47.15
CA SER A 63 0.86 -96.70 -47.41
C SER A 63 1.23 -95.96 -46.13
N SER A 64 2.53 -95.87 -45.84
CA SER A 64 3.03 -95.24 -44.63
C SER A 64 2.54 -93.80 -44.48
N ILE A 65 2.17 -93.18 -45.60
CA ILE A 65 1.66 -91.83 -45.60
C ILE A 65 0.20 -91.78 -45.18
N TYR A 66 -0.53 -92.84 -45.54
CA TYR A 66 -1.96 -92.91 -45.21
C TYR A 66 -2.16 -93.14 -43.72
N LEU A 67 -1.22 -93.84 -43.09
CA LEU A 67 -1.27 -94.07 -41.64
C LEU A 67 -1.05 -92.76 -40.89
N ALA A 68 -0.43 -91.79 -41.56
CA ALA A 68 -0.18 -90.47 -40.99
C ALA A 68 -1.38 -89.56 -41.21
N CYS A 69 -1.96 -89.62 -42.41
CA CYS A 69 -3.14 -88.81 -42.72
C CYS A 69 -4.34 -89.30 -41.91
N GLU A 70 -4.48 -90.62 -41.82
CA GLU A 70 -5.55 -91.23 -41.04
C GLU A 70 -5.44 -90.83 -39.57
N ALA A 71 -4.20 -90.70 -39.10
CA ALA A 71 -3.94 -90.30 -37.72
C ALA A 71 -4.40 -88.87 -37.47
N ILE A 72 -4.37 -88.06 -38.52
CA ILE A 72 -4.79 -86.67 -38.43
C ILE A 72 -6.31 -86.56 -38.51
N TYR A 73 -6.91 -87.25 -39.47
CA TYR A 73 -8.35 -87.17 -39.69
C TYR A 73 -9.13 -87.87 -38.57
N ASN A 74 -8.50 -88.88 -37.98
CA ASN A 74 -9.10 -89.56 -36.83
C ASN A 74 -9.20 -88.59 -35.66
N ARG A 75 -8.15 -87.80 -35.48
CA ARG A 75 -8.12 -86.76 -34.45
C ARG A 75 -9.11 -85.65 -34.79
N ALA A 76 -8.77 -84.85 -35.80
CA ALA A 76 -9.63 -83.75 -36.22
C ALA A 76 -9.40 -83.46 -37.70
N GLN A 77 -10.50 -83.27 -38.43
CA GLN A 77 -10.45 -83.05 -39.87
C GLN A 77 -9.74 -81.74 -40.20
N ALA A 78 -8.93 -81.76 -41.26
CA ALA A 78 -8.17 -80.58 -41.66
C ALA A 78 -7.66 -80.74 -43.07
N VAL A 79 -7.27 -79.62 -43.68
CA VAL A 79 -6.70 -79.62 -45.02
C VAL A 79 -5.25 -80.08 -44.96
N ILE A 80 -4.89 -81.03 -45.81
CA ILE A 80 -3.53 -81.56 -45.85
C ILE A 80 -3.02 -81.56 -47.29
N VAL A 81 -2.20 -80.56 -47.61
CA VAL A 81 -1.53 -80.52 -48.90
C VAL A 81 -0.35 -81.49 -48.88
N ALA A 82 -0.68 -82.78 -48.85
CA ALA A 82 0.33 -83.83 -48.73
C ALA A 82 1.14 -83.94 -50.02
N VAL A 83 2.38 -84.39 -49.90
CA VAL A 83 3.27 -84.58 -51.04
C VAL A 83 3.43 -86.06 -51.33
N GLY A 84 4.20 -86.75 -50.49
CA GLY A 84 4.41 -88.17 -50.64
C GLY A 84 5.43 -88.48 -51.72
N VAL A 85 6.40 -89.32 -51.40
CA VAL A 85 7.45 -89.70 -52.34
C VAL A 85 7.67 -91.21 -52.33
N GLU A 86 8.09 -91.75 -53.45
CA GLU A 86 8.32 -93.20 -53.58
C GLU A 86 9.41 -93.65 -52.63
N THR A 87 9.23 -94.84 -52.06
CA THR A 87 10.22 -95.42 -51.16
C THR A 87 11.48 -95.77 -51.94
N ALA A 88 12.64 -95.55 -51.31
CA ALA A 88 13.93 -95.82 -51.94
C ALA A 88 14.53 -97.11 -51.41
N GLU A 89 15.74 -97.44 -51.87
CA GLU A 89 16.42 -98.67 -51.47
C GLU A 89 16.86 -98.60 -50.00
N THR A 90 17.91 -97.84 -49.75
CA THR A 90 18.44 -97.69 -48.40
C THR A 90 17.67 -96.58 -47.66
N PRO A 91 17.58 -96.69 -46.33
CA PRO A 91 16.85 -95.68 -45.54
C PRO A 91 17.52 -94.32 -45.56
N GLU A 92 18.84 -94.31 -45.69
CA GLU A 92 19.61 -93.06 -45.71
C GLU A 92 19.33 -92.26 -46.96
N ALA A 93 19.44 -92.91 -48.12
CA ALA A 93 19.22 -92.27 -49.41
C ALA A 93 17.75 -91.92 -49.63
N GLN A 94 16.88 -92.54 -48.83
CA GLN A 94 15.46 -92.27 -48.93
C GLN A 94 15.15 -90.86 -48.44
N ALA A 95 15.96 -90.38 -47.50
CA ALA A 95 15.78 -89.04 -46.93
C ALA A 95 16.04 -87.97 -48.00
N SER A 96 16.82 -88.33 -49.02
CA SER A 96 17.10 -87.40 -50.12
C SER A 96 15.83 -87.07 -50.88
N ALA A 97 15.08 -88.12 -51.21
CA ALA A 97 13.81 -87.96 -51.91
C ALA A 97 12.80 -87.22 -51.03
N VAL A 98 12.92 -87.41 -49.71
CA VAL A 98 12.04 -86.75 -48.76
C VAL A 98 12.33 -85.26 -48.75
N ILE A 99 13.61 -84.90 -48.60
CA ILE A 99 14.00 -83.50 -48.64
C ILE A 99 13.72 -82.96 -50.05
N GLY A 100 14.26 -83.63 -51.05
CA GLY A 100 14.00 -83.28 -52.44
C GLY A 100 14.78 -82.05 -52.86
N GLY A 101 15.62 -82.22 -53.88
CA GLY A 101 16.40 -81.11 -54.41
C GLY A 101 15.54 -80.20 -55.27
N ILE A 102 15.44 -80.54 -56.55
CA ILE A 102 14.64 -79.76 -57.49
C ILE A 102 14.41 -80.49 -58.81
N SER A 103 15.29 -81.44 -59.12
CA SER A 103 15.17 -82.27 -60.32
C SER A 103 15.41 -81.45 -61.59
N ALA A 104 15.69 -82.16 -62.69
CA ALA A 104 15.95 -81.51 -63.97
C ALA A 104 14.68 -80.91 -64.55
N ALA A 105 13.52 -81.39 -64.08
CA ALA A 105 12.24 -80.90 -64.56
C ALA A 105 12.01 -79.45 -64.12
N GLY A 106 12.69 -79.06 -63.05
CA GLY A 106 12.58 -77.71 -62.53
C GLY A 106 11.56 -77.62 -61.41
N GLU A 107 10.60 -78.54 -61.42
CA GLU A 107 9.56 -78.56 -60.40
C GLU A 107 10.11 -79.03 -59.06
N ARG A 108 9.83 -78.26 -58.01
CA ARG A 108 10.31 -78.57 -56.67
C ARG A 108 9.84 -79.96 -56.22
N THR A 109 10.79 -80.82 -55.91
CA THR A 109 10.50 -82.19 -55.50
C THR A 109 10.56 -82.35 -53.98
N GLY A 110 9.99 -83.45 -53.50
CA GLY A 110 10.07 -83.81 -52.09
C GLY A 110 9.42 -82.78 -51.18
N LEU A 111 9.98 -82.66 -49.98
CA LEU A 111 9.44 -81.78 -48.94
C LEU A 111 9.38 -80.33 -49.38
N GLN A 112 10.27 -79.93 -50.29
CA GLN A 112 10.33 -78.55 -50.76
C GLN A 112 9.17 -78.22 -51.70
N ALA A 113 8.41 -79.24 -52.10
CA ALA A 113 7.28 -79.07 -53.00
C ALA A 113 6.13 -78.35 -52.31
N LEU A 114 6.19 -78.24 -50.99
CA LEU A 114 5.13 -77.62 -50.20
C LEU A 114 4.97 -76.13 -50.53
N LEU A 115 6.03 -75.52 -51.04
CA LEU A 115 6.00 -74.10 -51.42
C LEU A 115 5.02 -73.86 -52.57
N ASP A 116 4.69 -74.93 -53.30
CA ASP A 116 3.78 -74.84 -54.43
C ASP A 116 2.32 -74.93 -53.98
N GLY A 117 2.10 -75.42 -52.77
CA GLY A 117 0.75 -75.61 -52.24
C GLY A 117 -0.03 -74.32 -52.15
N LYS A 118 0.67 -73.20 -52.05
CA LYS A 118 0.04 -71.89 -51.95
C LYS A 118 -0.45 -71.40 -53.31
N SER A 119 0.40 -71.56 -54.32
CA SER A 119 0.10 -71.07 -55.66
C SER A 119 -0.52 -72.16 -56.54
N ARG A 120 -1.28 -73.05 -55.91
CA ARG A 120 -2.00 -74.11 -56.63
C ARG A 120 -3.32 -74.47 -55.97
N PHE A 121 -3.33 -74.45 -54.63
CA PHE A 121 -4.52 -74.83 -53.88
C PHE A 121 -5.00 -73.70 -52.96
N ASN A 122 -4.31 -72.55 -53.03
CA ASN A 122 -4.63 -71.41 -52.18
C ASN A 122 -4.66 -71.80 -50.70
N ALA A 123 -3.85 -72.81 -50.34
CA ALA A 123 -3.80 -73.32 -48.98
C ALA A 123 -2.33 -73.48 -48.59
N GLN A 124 -1.73 -72.38 -48.13
CA GLN A 124 -0.34 -72.41 -47.70
C GLN A 124 -0.18 -73.32 -46.48
N PRO A 125 0.58 -74.42 -46.63
CA PRO A 125 0.75 -75.30 -45.46
C PRO A 125 1.47 -74.58 -44.32
N ARG A 126 0.71 -74.05 -43.38
CA ARG A 126 1.29 -73.33 -42.24
C ARG A 126 1.46 -74.25 -41.05
N LEU A 127 1.84 -75.50 -41.33
CA LEU A 127 2.03 -76.50 -40.30
C LEU A 127 2.71 -77.73 -40.90
N LEU A 128 4.04 -77.68 -40.96
CA LEU A 128 4.81 -78.77 -41.55
C LEU A 128 4.83 -80.00 -40.66
N VAL A 129 5.16 -81.14 -41.26
CA VAL A 129 5.23 -82.41 -40.54
C VAL A 129 5.80 -83.46 -41.49
N ALA A 130 6.65 -84.33 -40.95
CA ALA A 130 7.29 -85.37 -41.75
C ALA A 130 7.45 -86.64 -40.90
N PRO A 131 6.36 -87.41 -40.71
CA PRO A 131 6.39 -88.60 -39.86
C PRO A 131 7.42 -89.64 -40.33
N GLY A 132 8.20 -90.17 -39.38
CA GLY A 132 9.23 -91.15 -39.71
C GLY A 132 10.54 -90.48 -40.08
N HIS A 133 10.47 -89.56 -41.03
CA HIS A 133 11.65 -88.83 -41.50
C HIS A 133 11.81 -87.50 -40.77
N SER A 134 12.38 -87.56 -39.58
CA SER A 134 12.67 -86.35 -38.79
C SER A 134 13.75 -86.62 -37.74
N ALA A 135 13.88 -87.88 -37.33
CA ALA A 135 14.94 -88.27 -36.39
C ALA A 135 16.31 -88.07 -37.01
N GLN A 136 16.37 -88.10 -38.33
CA GLN A 136 17.61 -87.85 -39.06
C GLN A 136 17.96 -86.37 -39.01
N GLN A 137 19.21 -86.07 -38.69
CA GLN A 137 19.68 -84.70 -38.56
C GLN A 137 19.53 -83.92 -39.87
N ALA A 138 19.57 -84.64 -40.98
CA ALA A 138 19.54 -84.03 -42.31
C ALA A 138 18.20 -83.39 -42.63
N VAL A 139 17.17 -84.23 -42.74
CA VAL A 139 15.83 -83.79 -43.12
C VAL A 139 15.24 -82.79 -42.13
N ALA A 140 15.72 -82.84 -40.89
CA ALA A 140 15.20 -81.98 -39.83
C ALA A 140 15.52 -80.50 -40.10
N THR A 141 16.69 -80.24 -40.67
CA THR A 141 17.10 -78.87 -40.98
C THR A 141 16.30 -78.32 -42.17
N ALA A 142 15.97 -79.20 -43.12
CA ALA A 142 15.16 -78.81 -44.27
C ALA A 142 13.77 -78.36 -43.80
N MET A 143 13.27 -79.02 -42.75
CA MET A 143 12.00 -78.66 -42.15
C MET A 143 12.10 -77.30 -41.47
N ASP A 144 13.30 -76.98 -40.96
CA ASP A 144 13.54 -75.72 -40.29
C ASP A 144 13.60 -74.58 -41.31
N GLY A 145 14.36 -74.77 -42.37
CA GLY A 145 14.54 -73.75 -43.38
C GLY A 145 13.26 -73.51 -44.16
N LEU A 146 12.50 -74.58 -44.39
CA LEU A 146 11.26 -74.50 -45.15
C LEU A 146 10.16 -73.78 -44.38
N ALA A 147 10.18 -73.95 -43.06
CA ALA A 147 9.15 -73.36 -42.20
C ALA A 147 9.19 -71.84 -42.27
N GLU A 148 10.40 -71.29 -42.38
CA GLU A 148 10.57 -69.83 -42.44
C GLU A 148 10.06 -69.27 -43.76
N LYS A 149 10.05 -70.10 -44.80
CA LYS A 149 9.54 -69.71 -46.11
C LYS A 149 8.01 -69.68 -46.07
N LEU A 150 7.43 -70.58 -45.29
CA LEU A 150 5.98 -70.71 -45.18
C LEU A 150 5.45 -70.10 -43.88
N ARG A 151 6.36 -69.62 -43.02
CA ARG A 151 5.98 -69.10 -41.71
C ARG A 151 5.17 -70.13 -40.93
N ALA A 152 5.56 -71.40 -41.06
CA ALA A 152 4.84 -72.51 -40.45
C ALA A 152 5.51 -72.92 -39.14
N ILE A 153 5.09 -74.07 -38.61
CA ILE A 153 5.68 -74.62 -37.39
C ILE A 153 5.96 -76.10 -37.62
N ALA A 154 7.19 -76.40 -38.05
CA ALA A 154 7.59 -77.76 -38.36
C ALA A 154 7.62 -78.64 -37.11
N ILE A 155 6.76 -79.65 -37.09
CA ILE A 155 6.71 -80.61 -35.98
C ILE A 155 7.63 -81.78 -36.26
N LEU A 156 8.75 -81.83 -35.54
CA LEU A 156 9.70 -82.93 -35.66
C LEU A 156 9.27 -84.08 -34.77
N ASP A 157 10.08 -85.15 -34.78
CA ASP A 157 9.83 -86.30 -33.92
C ASP A 157 11.14 -87.04 -33.68
N GLY A 158 11.80 -86.73 -32.57
CA GLY A 158 13.09 -87.30 -32.25
C GLY A 158 13.03 -88.78 -31.97
N PRO A 159 14.20 -89.45 -31.97
CA PRO A 159 14.27 -90.89 -31.78
C PRO A 159 13.87 -91.30 -30.36
N ASN A 160 13.28 -92.48 -30.22
CA ASN A 160 12.89 -92.99 -28.91
C ASN A 160 14.13 -93.40 -28.12
N SER A 161 14.46 -94.70 -28.14
CA SER A 161 15.62 -95.21 -27.43
C SER A 161 15.60 -94.81 -25.96
N THR A 162 15.93 -93.55 -25.70
CA THR A 162 15.97 -93.02 -24.34
C THR A 162 15.86 -91.49 -24.33
N ASP A 163 15.79 -90.92 -23.13
CA ASP A 163 15.63 -89.48 -22.96
C ASP A 163 16.92 -88.73 -23.26
N GLU A 164 18.05 -89.37 -22.94
CA GLU A 164 19.37 -88.77 -23.15
C GLU A 164 19.58 -88.46 -24.63
N ALA A 165 19.08 -89.34 -25.49
CA ALA A 165 19.23 -89.18 -26.93
C ALA A 165 18.31 -88.08 -27.49
N ALA A 166 17.23 -87.81 -26.76
CA ALA A 166 16.24 -86.81 -27.17
C ALA A 166 16.73 -85.40 -26.85
N VAL A 167 17.35 -85.24 -25.69
CA VAL A 167 17.88 -83.95 -25.25
C VAL A 167 19.07 -83.56 -26.12
N ALA A 168 19.94 -84.53 -26.41
CA ALA A 168 21.14 -84.28 -27.20
C ALA A 168 20.77 -83.95 -28.65
N TYR A 169 19.55 -84.29 -29.05
CA TYR A 169 19.07 -84.04 -30.40
C TYR A 169 18.49 -82.64 -30.53
N ALA A 170 17.77 -82.20 -29.50
CA ALA A 170 17.15 -80.88 -29.47
C ALA A 170 18.20 -79.79 -29.33
N LYS A 171 19.32 -80.13 -28.70
CA LYS A 171 20.41 -79.19 -28.47
C LYS A 171 20.99 -78.66 -29.79
N ASN A 172 20.69 -79.35 -30.89
CA ASN A 172 21.17 -78.95 -32.20
C ASN A 172 20.43 -77.74 -32.78
N PHE A 173 19.11 -77.76 -32.68
CA PHE A 173 18.29 -76.69 -33.26
C PHE A 173 18.05 -75.57 -32.26
N GLY A 174 17.50 -74.47 -32.75
CA GLY A 174 17.18 -73.33 -31.91
C GLY A 174 16.30 -72.30 -32.59
N SER A 175 15.55 -72.74 -33.61
CA SER A 175 14.71 -71.85 -34.39
C SER A 175 13.31 -71.73 -33.81
N LYS A 176 12.68 -70.58 -34.03
CA LYS A 176 11.32 -70.34 -33.55
C LYS A 176 10.33 -71.39 -34.02
N ARG A 177 10.58 -71.90 -35.23
CA ARG A 177 9.62 -72.76 -35.92
C ARG A 177 10.00 -74.22 -35.87
N LEU A 178 10.10 -74.76 -34.65
CA LEU A 178 10.37 -76.17 -34.45
C LEU A 178 9.73 -76.64 -33.16
N PHE A 179 8.86 -77.63 -33.27
CA PHE A 179 8.13 -78.15 -32.13
C PHE A 179 8.25 -79.67 -32.10
N MET A 180 9.32 -80.16 -31.50
CA MET A 180 9.62 -81.59 -31.53
C MET A 180 8.91 -82.33 -30.41
N VAL A 181 8.60 -83.59 -30.69
CA VAL A 181 8.02 -84.50 -29.70
C VAL A 181 8.88 -85.76 -29.66
N ASP A 182 9.33 -86.12 -28.46
CA ASP A 182 10.30 -87.20 -28.31
C ASP A 182 9.67 -88.60 -28.24
N PRO A 183 8.84 -88.85 -27.20
CA PRO A 183 8.33 -90.23 -27.04
C PRO A 183 7.42 -90.65 -28.19
N GLY A 184 7.80 -91.71 -28.91
CA GLY A 184 7.04 -92.18 -30.05
C GLY A 184 5.83 -93.00 -29.62
N VAL A 185 4.65 -92.41 -29.74
CA VAL A 185 3.41 -93.09 -29.41
C VAL A 185 3.22 -94.30 -30.32
N GLN A 186 2.60 -95.35 -29.80
CA GLN A 186 2.33 -96.55 -30.58
C GLN A 186 0.84 -96.69 -30.86
N VAL A 187 0.51 -96.90 -32.13
CA VAL A 187 -0.87 -97.03 -32.57
C VAL A 187 -1.16 -98.47 -32.95
N TRP A 188 -2.42 -98.86 -32.91
CA TRP A 188 -2.82 -100.20 -33.31
C TRP A 188 -3.05 -100.26 -34.82
N ASP A 189 -2.05 -100.72 -35.56
CA ASP A 189 -2.15 -100.82 -37.01
C ASP A 189 -3.21 -101.84 -37.41
N SER A 190 -3.98 -101.51 -38.43
CA SER A 190 -5.05 -102.39 -38.91
C SER A 190 -4.49 -103.56 -39.72
N ALA A 191 -3.44 -103.30 -40.49
CA ALA A 191 -2.85 -104.30 -41.37
C ALA A 191 -2.08 -105.36 -40.57
N THR A 192 -1.36 -104.91 -39.55
CA THR A 192 -0.53 -105.79 -38.73
C THR A 192 -1.38 -106.51 -37.69
N ASN A 193 -2.52 -105.91 -37.34
CA ASN A 193 -3.44 -106.47 -36.35
C ASN A 193 -2.76 -106.64 -34.99
N ALA A 194 -1.92 -105.68 -34.64
CA ALA A 194 -1.23 -105.68 -33.35
C ALA A 194 -0.60 -104.32 -33.09
N ALA A 195 0.19 -104.22 -32.02
CA ALA A 195 0.85 -102.98 -31.66
C ALA A 195 1.81 -102.56 -32.76
N ARG A 196 2.05 -101.26 -32.87
CA ARG A 196 2.91 -100.72 -33.92
C ARG A 196 3.34 -99.31 -33.59
N ASN A 197 4.64 -99.12 -33.39
CA ASN A 197 5.19 -97.83 -33.02
C ASN A 197 5.06 -96.81 -34.15
N ALA A 198 4.65 -95.59 -33.79
CA ALA A 198 4.47 -94.50 -34.75
C ALA A 198 5.41 -93.34 -34.41
N PRO A 199 5.65 -92.44 -35.37
CA PRO A 199 6.54 -91.30 -35.13
C PRO A 199 5.91 -90.21 -34.25
N ALA A 200 4.61 -90.28 -34.03
CA ALA A 200 3.91 -89.33 -33.16
C ALA A 200 3.99 -87.89 -33.70
N SER A 201 4.36 -87.77 -34.97
CA SER A 201 4.51 -86.46 -35.60
C SER A 201 3.16 -85.98 -36.14
N ALA A 202 2.52 -86.86 -36.90
CA ALA A 202 1.23 -86.55 -37.51
C ALA A 202 0.13 -86.44 -36.46
N TYR A 203 0.25 -87.22 -35.39
CA TYR A 203 -0.71 -87.19 -34.30
C TYR A 203 -0.66 -85.83 -33.59
N ALA A 204 0.54 -85.31 -33.42
CA ALA A 204 0.75 -84.01 -32.79
C ALA A 204 0.33 -82.89 -33.76
N ALA A 205 0.37 -83.18 -35.06
CA ALA A 205 -0.02 -82.22 -36.08
C ALA A 205 -1.54 -82.09 -36.15
N GLY A 206 -2.21 -83.24 -36.23
CA GLY A 206 -3.66 -83.26 -36.26
C GLY A 206 -4.24 -82.69 -34.98
N LEU A 207 -3.49 -82.87 -33.89
CA LEU A 207 -3.88 -82.36 -32.58
C LEU A 207 -3.99 -80.83 -32.59
N PHE A 208 -3.06 -80.18 -33.28
CA PHE A 208 -3.10 -78.73 -33.43
C PHE A 208 -4.36 -78.32 -34.19
N ALA A 209 -4.62 -79.00 -35.30
CA ALA A 209 -5.74 -78.70 -36.18
C ALA A 209 -7.07 -78.79 -35.42
N TRP A 210 -7.09 -79.62 -34.38
CA TRP A 210 -8.28 -79.79 -33.55
C TRP A 210 -8.51 -78.55 -32.70
N THR A 211 -7.45 -78.05 -32.07
CA THR A 211 -7.53 -76.87 -31.21
C THR A 211 -7.73 -75.60 -32.03
N ASP A 212 -7.08 -75.55 -33.18
CA ASP A 212 -7.14 -74.38 -34.06
C ASP A 212 -8.54 -74.20 -34.63
N ALA A 213 -9.18 -75.30 -34.97
CA ALA A 213 -10.55 -75.27 -35.50
C ALA A 213 -11.54 -75.04 -34.37
N GLU A 214 -11.21 -75.53 -33.19
CA GLU A 214 -12.08 -75.42 -32.02
C GLU A 214 -11.90 -74.08 -31.31
N TYR A 215 -10.87 -73.98 -30.49
CA TYR A 215 -10.59 -72.76 -29.73
C TYR A 215 -10.10 -71.66 -30.67
N GLY A 216 -8.99 -71.95 -31.34
CA GLY A 216 -8.37 -70.99 -32.25
C GLY A 216 -6.88 -71.23 -32.37
N PHE A 217 -6.28 -70.67 -33.42
CA PHE A 217 -4.84 -70.78 -33.64
C PHE A 217 -4.07 -70.20 -32.46
N TRP A 218 -4.67 -69.22 -31.81
CA TRP A 218 -4.05 -68.57 -30.66
C TRP A 218 -4.09 -69.47 -29.42
N SER A 219 -4.95 -70.48 -29.45
CA SER A 219 -5.06 -71.41 -28.33
C SER A 219 -3.88 -72.37 -28.35
N SER A 220 -3.36 -72.69 -27.16
CA SER A 220 -2.24 -73.60 -27.03
C SER A 220 -2.72 -75.03 -27.29
N PRO A 221 -1.92 -75.84 -28.01
CA PRO A 221 -2.30 -77.22 -28.32
C PRO A 221 -2.06 -78.17 -27.16
N SER A 222 -1.07 -77.86 -26.32
CA SER A 222 -0.68 -78.72 -25.21
C SER A 222 -1.85 -79.06 -24.29
N ASN A 223 -1.68 -80.13 -23.51
CA ASN A 223 -2.69 -80.54 -22.53
C ASN A 223 -4.02 -80.87 -23.21
N LYS A 224 -3.96 -81.36 -24.44
CA LYS A 224 -5.13 -81.81 -25.16
C LYS A 224 -4.95 -83.27 -25.55
N GLU A 225 -5.97 -84.07 -25.27
CA GLU A 225 -5.88 -85.51 -25.46
C GLU A 225 -5.85 -85.89 -26.94
N ILE A 226 -4.98 -86.85 -27.26
CA ILE A 226 -4.85 -87.34 -28.62
C ILE A 226 -5.51 -88.70 -28.78
N LYS A 227 -6.25 -88.88 -29.87
CA LYS A 227 -6.94 -90.13 -30.16
C LYS A 227 -6.12 -91.00 -31.10
N GLY A 228 -6.57 -92.24 -31.30
CA GLY A 228 -5.91 -93.16 -32.20
C GLY A 228 -4.57 -93.61 -31.64
N VAL A 229 -4.59 -94.01 -30.38
CA VAL A 229 -3.38 -94.45 -29.67
C VAL A 229 -3.68 -95.72 -28.89
N THR A 230 -2.66 -96.30 -28.26
CA THR A 230 -2.83 -97.53 -27.49
C THR A 230 -1.58 -97.86 -26.69
N GLY A 231 -0.88 -96.81 -26.23
CA GLY A 231 0.34 -96.97 -25.47
C GLY A 231 1.40 -96.04 -26.01
N THR A 232 2.51 -95.89 -25.28
CA THR A 232 3.58 -94.99 -25.70
C THR A 232 4.94 -95.63 -25.44
N SER A 233 5.77 -95.63 -26.47
CA SER A 233 7.14 -96.14 -26.36
C SER A 233 7.90 -95.35 -25.29
N ARG A 234 8.53 -96.08 -24.38
CA ARG A 234 9.24 -95.49 -23.25
C ARG A 234 8.28 -94.68 -22.38
N PRO A 235 7.67 -95.32 -21.37
CA PRO A 235 6.66 -94.64 -20.56
C PRO A 235 7.26 -93.46 -19.78
N VAL A 236 7.06 -92.25 -20.31
CA VAL A 236 7.53 -91.04 -19.64
C VAL A 236 6.70 -90.81 -18.38
N GLU A 237 7.37 -90.82 -17.23
CA GLU A 237 6.69 -90.72 -15.95
C GLU A 237 6.18 -89.31 -15.70
N PHE A 238 5.08 -89.19 -14.96
CA PHE A 238 4.55 -87.90 -14.59
C PHE A 238 3.80 -87.99 -13.27
N LEU A 239 4.33 -87.34 -12.23
CA LEU A 239 3.71 -87.34 -10.92
C LEU A 239 2.51 -86.39 -10.89
N ASP A 240 1.84 -86.32 -9.75
CA ASP A 240 0.67 -85.45 -9.61
C ASP A 240 1.07 -83.98 -9.69
N GLY A 241 2.18 -83.63 -9.06
CA GLY A 241 2.68 -82.27 -9.07
C GLY A 241 4.05 -82.16 -8.44
N ASP A 242 5.08 -82.38 -9.25
CA ASP A 242 6.45 -82.28 -8.78
C ASP A 242 7.40 -82.10 -9.96
N GLU A 243 8.41 -81.25 -9.79
CA GLU A 243 9.39 -80.98 -10.83
C GLU A 243 10.37 -82.15 -11.00
N THR A 244 10.28 -83.12 -10.10
CA THR A 244 11.17 -84.27 -10.13
C THR A 244 10.79 -85.26 -11.23
N CYS A 245 9.55 -85.16 -11.70
CA CYS A 245 9.08 -86.06 -12.75
C CYS A 245 9.86 -85.84 -14.04
N ARG A 246 9.97 -86.88 -14.85
CA ARG A 246 10.79 -86.84 -16.05
C ARG A 246 10.11 -86.10 -17.18
N ALA A 247 8.78 -86.06 -17.15
CA ALA A 247 8.01 -85.37 -18.17
C ALA A 247 8.38 -83.88 -18.20
N ASN A 248 8.74 -83.36 -17.03
CA ASN A 248 9.11 -81.95 -16.89
C ASN A 248 10.50 -81.67 -17.45
N LEU A 249 11.43 -82.58 -17.19
CA LEU A 249 12.83 -82.40 -17.59
C LEU A 249 12.98 -82.26 -19.10
N LEU A 250 12.15 -82.96 -19.86
CA LEU A 250 12.20 -82.87 -21.31
C LEU A 250 11.65 -81.52 -21.80
N ASN A 251 10.68 -80.98 -21.07
CA ASN A 251 10.11 -79.68 -21.40
C ASN A 251 11.12 -78.56 -21.17
N ASN A 252 12.05 -78.77 -20.25
CA ASN A 252 13.12 -77.81 -20.00
C ASN A 252 14.07 -77.76 -21.20
N ALA A 253 14.17 -78.87 -21.91
CA ALA A 253 14.99 -78.95 -23.12
C ALA A 253 14.15 -78.65 -24.36
N ASN A 254 12.99 -78.02 -24.15
CA ASN A 254 12.08 -77.66 -25.24
C ASN A 254 11.65 -78.89 -26.01
N ILE A 255 10.89 -79.76 -25.35
CA ILE A 255 10.41 -80.99 -25.97
C ILE A 255 8.99 -81.31 -25.53
N ALA A 256 8.16 -81.70 -26.49
CA ALA A 256 6.80 -82.13 -26.22
C ALA A 256 6.80 -83.61 -25.86
N THR A 257 5.87 -84.00 -24.99
CA THR A 257 5.80 -85.39 -24.53
C THR A 257 4.36 -85.82 -24.28
N ILE A 258 4.11 -87.11 -24.51
CA ILE A 258 2.80 -87.71 -24.25
C ILE A 258 2.83 -88.39 -22.89
N ILE A 259 2.02 -87.89 -21.96
CA ILE A 259 2.07 -88.34 -20.57
C ILE A 259 1.01 -89.39 -20.27
N ARG A 260 1.19 -90.06 -19.13
CA ARG A 260 0.27 -91.06 -18.62
C ARG A 260 0.14 -92.27 -19.55
N ASP A 261 -0.59 -93.28 -19.06
CA ASP A 261 -0.73 -94.54 -19.77
C ASP A 261 -1.44 -94.34 -21.10
N ASP A 262 -1.35 -95.35 -21.97
CA ASP A 262 -2.03 -95.33 -23.26
C ASP A 262 -1.59 -94.15 -24.13
N GLY A 263 -2.01 -92.96 -23.74
CA GLY A 263 -1.71 -91.75 -24.49
C GLY A 263 -2.72 -90.70 -24.09
N TYR A 264 -2.76 -90.41 -22.79
CA TYR A 264 -3.75 -89.51 -22.22
C TYR A 264 -3.74 -88.15 -22.88
N ARG A 265 -2.58 -87.51 -22.93
CA ARG A 265 -2.46 -86.19 -23.52
C ARG A 265 -1.02 -85.78 -23.81
N LEU A 266 -0.87 -84.81 -24.72
CA LEU A 266 0.42 -84.26 -25.09
C LEU A 266 0.56 -82.85 -24.54
N TRP A 267 1.77 -82.48 -24.14
CA TRP A 267 2.06 -81.11 -23.74
C TRP A 267 3.55 -80.77 -23.87
N GLY A 268 3.89 -79.50 -23.63
CA GLY A 268 5.25 -79.02 -23.78
C GLY A 268 5.26 -77.88 -24.77
N ASN A 269 4.72 -76.74 -24.36
CA ASN A 269 4.55 -75.59 -25.24
C ASN A 269 5.87 -75.03 -25.75
N ARG A 270 6.95 -75.27 -25.00
CA ARG A 270 8.26 -74.75 -25.36
C ARG A 270 8.70 -75.24 -26.73
N THR A 271 8.85 -74.31 -27.66
CA THR A 271 9.41 -74.62 -28.99
C THR A 271 10.92 -74.55 -28.91
N LEU A 272 11.60 -75.36 -29.73
CA LEU A 272 13.06 -75.41 -29.72
C LEU A 272 13.65 -74.06 -30.12
N SER A 273 13.57 -73.08 -29.23
CA SER A 273 14.03 -71.72 -29.51
C SER A 273 14.91 -71.19 -28.38
N SER A 274 16.03 -70.57 -28.76
CA SER A 274 16.95 -69.97 -27.80
C SER A 274 16.36 -68.68 -27.23
N ASP A 275 15.83 -67.83 -28.11
CA ASP A 275 15.24 -66.57 -27.67
C ASP A 275 14.01 -66.84 -26.83
N SER A 276 14.05 -66.41 -25.56
CA SER A 276 12.95 -66.65 -24.63
C SER A 276 11.69 -65.86 -24.99
N LYS A 277 11.84 -64.91 -25.90
CA LYS A 277 10.70 -64.11 -26.36
C LYS A 277 9.72 -64.99 -27.15
N TRP A 278 10.27 -65.92 -27.91
CA TRP A 278 9.48 -66.85 -28.72
C TRP A 278 9.52 -68.24 -28.11
N ALA A 279 9.41 -68.29 -26.79
CA ALA A 279 9.52 -69.56 -26.06
C ALA A 279 8.30 -70.43 -26.33
N PHE A 280 7.12 -69.83 -26.33
CA PHE A 280 5.89 -70.57 -26.58
C PHE A 280 5.67 -70.77 -28.07
N VAL A 281 5.13 -71.93 -28.43
CA VAL A 281 4.78 -72.22 -29.81
C VAL A 281 3.57 -71.36 -30.21
N THR A 282 2.81 -70.94 -29.20
CA THR A 282 1.64 -70.09 -29.42
C THR A 282 2.00 -68.78 -30.07
N ARG A 283 2.95 -68.07 -29.48
CA ARG A 283 3.37 -66.76 -29.97
C ARG A 283 3.83 -66.82 -31.42
N VAL A 284 4.61 -67.85 -31.74
CA VAL A 284 5.11 -68.04 -33.09
C VAL A 284 3.96 -68.31 -34.05
N ARG A 285 2.90 -68.92 -33.53
CA ARG A 285 1.76 -69.29 -34.35
C ARG A 285 0.81 -68.13 -34.61
N THR A 286 0.70 -67.22 -33.64
CA THR A 286 -0.16 -66.05 -33.77
C THR A 286 0.52 -64.96 -34.58
N MET A 287 1.82 -64.80 -34.35
CA MET A 287 2.59 -63.74 -34.99
C MET A 287 2.75 -64.01 -36.48
N ASP A 288 3.04 -65.27 -36.82
CA ASP A 288 3.18 -65.68 -38.21
C ASP A 288 1.87 -65.59 -38.95
N LEU A 289 0.76 -65.51 -38.20
CA LEU A 289 -0.57 -65.44 -38.78
C LEU A 289 -0.98 -64.00 -39.08
N VAL A 290 -0.88 -63.13 -38.07
CA VAL A 290 -1.26 -61.73 -38.22
C VAL A 290 -0.34 -61.03 -39.20
N MET A 291 0.89 -61.51 -39.32
CA MET A 291 1.84 -60.96 -40.28
C MET A 291 1.39 -61.30 -41.70
N ASP A 292 1.13 -62.58 -41.95
CA ASP A 292 0.69 -63.04 -43.25
C ASP A 292 -0.68 -62.47 -43.61
N ALA A 293 -1.45 -62.10 -42.59
CA ALA A 293 -2.77 -61.52 -42.79
C ALA A 293 -2.65 -60.07 -43.26
N ILE A 294 -1.80 -59.31 -42.57
CA ILE A 294 -1.57 -57.91 -42.90
C ILE A 294 -0.87 -57.81 -44.26
N LEU A 295 0.02 -58.75 -44.52
CA LEU A 295 0.74 -58.80 -45.78
C LEU A 295 -0.24 -59.02 -46.94
N ALA A 296 -0.98 -60.13 -46.88
CA ALA A 296 -1.92 -60.50 -47.93
C ALA A 296 -3.20 -59.67 -47.87
N GLY A 297 -3.40 -58.96 -46.76
CA GLY A 297 -4.61 -58.20 -46.56
C GLY A 297 -4.58 -56.86 -47.25
N HIS A 298 -3.49 -56.13 -47.08
CA HIS A 298 -3.34 -54.79 -47.66
C HIS A 298 -2.67 -54.85 -49.03
N LYS A 299 -3.08 -55.83 -49.83
CA LYS A 299 -2.63 -55.96 -51.20
C LYS A 299 -3.45 -55.05 -52.11
N TRP A 300 -4.58 -54.59 -51.60
CA TRP A 300 -5.46 -53.69 -52.33
C TRP A 300 -4.88 -52.27 -52.37
N ALA A 301 -4.16 -51.92 -51.32
CA ALA A 301 -3.60 -50.58 -51.18
C ALA A 301 -2.45 -50.42 -52.16
N VAL A 302 -1.23 -50.71 -51.71
CA VAL A 302 -0.03 -50.54 -52.53
C VAL A 302 0.01 -49.11 -53.08
N ASP A 303 0.50 -48.94 -54.30
CA ASP A 303 0.62 -47.60 -54.88
C ASP A 303 -0.75 -46.96 -55.05
N ARG A 304 -1.04 -45.98 -54.19
CA ARG A 304 -2.30 -45.26 -54.21
C ARG A 304 -2.12 -43.92 -53.53
N GLY A 305 -2.97 -42.95 -53.89
CA GLY A 305 -2.87 -41.60 -53.36
C GLY A 305 -2.81 -41.58 -51.84
N ILE A 306 -1.66 -41.19 -51.31
CA ILE A 306 -1.41 -41.21 -49.87
C ILE A 306 -1.98 -39.94 -49.22
N THR A 307 -3.28 -39.74 -49.38
CA THR A 307 -3.95 -38.61 -48.77
C THR A 307 -4.23 -38.93 -47.30
N LYS A 308 -4.51 -37.90 -46.51
CA LYS A 308 -4.84 -38.09 -45.09
C LYS A 308 -5.95 -39.12 -44.88
N THR A 309 -6.85 -39.21 -45.85
CA THR A 309 -7.95 -40.18 -45.80
C THR A 309 -7.39 -41.59 -45.89
N TYR A 310 -6.48 -41.80 -46.84
CA TYR A 310 -5.89 -43.11 -47.09
C TYR A 310 -5.17 -43.65 -45.86
N VAL A 311 -4.44 -42.78 -45.17
CA VAL A 311 -3.73 -43.18 -43.96
C VAL A 311 -4.72 -43.63 -42.89
N LYS A 312 -5.78 -42.85 -42.69
CA LYS A 312 -6.82 -43.19 -41.73
C LYS A 312 -7.58 -44.45 -42.15
N ASP A 313 -7.78 -44.62 -43.46
CA ASP A 313 -8.49 -45.80 -43.96
C ASP A 313 -7.71 -47.07 -43.64
N VAL A 314 -6.39 -46.98 -43.72
CA VAL A 314 -5.53 -48.10 -43.40
C VAL A 314 -5.38 -48.22 -41.88
N THR A 315 -5.27 -47.08 -41.20
CA THR A 315 -5.17 -47.06 -39.75
C THR A 315 -6.42 -47.66 -39.12
N GLU A 316 -7.59 -47.21 -39.58
CA GLU A 316 -8.86 -47.74 -39.10
C GLU A 316 -9.05 -49.19 -39.52
N GLY A 317 -8.32 -49.59 -40.56
CA GLY A 317 -8.36 -50.97 -41.03
C GLY A 317 -7.71 -51.91 -40.03
N LEU A 318 -6.67 -51.41 -39.37
CA LEU A 318 -5.97 -52.15 -38.33
C LEU A 318 -6.70 -52.05 -36.99
N ARG A 319 -7.29 -50.87 -36.73
CA ARG A 319 -8.08 -50.66 -35.53
C ARG A 319 -9.19 -51.68 -35.42
N ALA A 320 -10.01 -51.77 -36.47
CA ALA A 320 -11.14 -52.69 -36.51
C ALA A 320 -10.65 -54.13 -36.54
N PHE A 321 -9.59 -54.38 -37.29
CA PHE A 321 -9.05 -55.73 -37.44
C PHE A 321 -8.58 -56.30 -36.12
N MET A 322 -7.68 -55.57 -35.45
CA MET A 322 -7.12 -56.02 -34.17
C MET A 322 -8.20 -56.13 -33.10
N ARG A 323 -9.20 -55.27 -33.19
CA ARG A 323 -10.30 -55.30 -32.21
C ARG A 323 -11.15 -56.55 -32.41
N ASP A 324 -11.14 -57.10 -33.62
CA ASP A 324 -11.84 -58.35 -33.88
C ASP A 324 -11.06 -59.53 -33.31
N LEU A 325 -9.77 -59.30 -33.06
CA LEU A 325 -8.91 -60.31 -32.42
C LEU A 325 -8.97 -60.20 -30.90
N LYS A 326 -9.21 -58.98 -30.41
CA LYS A 326 -9.24 -58.72 -28.98
C LYS A 326 -10.47 -59.34 -28.34
N ASN A 327 -11.65 -58.96 -28.83
CA ASN A 327 -12.91 -59.48 -28.31
C ASN A 327 -13.04 -60.98 -28.57
N GLN A 328 -12.36 -61.45 -29.62
CA GLN A 328 -12.34 -62.87 -29.95
C GLN A 328 -11.45 -63.63 -28.97
N GLY A 329 -10.48 -62.91 -28.39
CA GLY A 329 -9.59 -63.49 -27.39
C GLY A 329 -8.24 -63.87 -27.96
N ALA A 330 -7.97 -63.49 -29.20
CA ALA A 330 -6.69 -63.81 -29.83
C ALA A 330 -5.56 -63.01 -29.18
N VAL A 331 -5.88 -61.78 -28.78
CA VAL A 331 -4.91 -60.90 -28.15
C VAL A 331 -5.54 -60.23 -26.93
N ILE A 332 -4.72 -59.87 -25.96
CA ILE A 332 -5.22 -59.20 -24.76
C ILE A 332 -5.55 -57.75 -25.08
N ASN A 333 -4.57 -57.04 -25.64
CA ASN A 333 -4.77 -55.65 -26.04
C ASN A 333 -3.76 -55.27 -27.10
N PHE A 334 -4.06 -54.21 -27.84
CA PHE A 334 -3.23 -53.79 -28.97
C PHE A 334 -3.12 -52.28 -29.05
N GLU A 335 -2.39 -51.82 -30.06
CA GLU A 335 -2.21 -50.39 -30.30
C GLU A 335 -1.55 -50.21 -31.66
N VAL A 336 -2.23 -49.49 -32.54
CA VAL A 336 -1.72 -49.27 -33.89
C VAL A 336 -1.81 -47.79 -34.26
N TYR A 337 -0.80 -47.30 -34.95
CA TYR A 337 -0.71 -45.88 -35.30
C TYR A 337 0.45 -45.64 -36.26
N ALA A 338 0.50 -44.43 -36.82
CA ALA A 338 1.56 -44.04 -37.74
C ALA A 338 2.65 -43.30 -36.96
N ASP A 339 3.88 -43.83 -37.01
CA ASP A 339 4.99 -43.26 -36.27
C ASP A 339 5.36 -41.88 -36.83
N PRO A 340 5.46 -40.85 -35.96
CA PRO A 340 5.87 -39.52 -36.42
C PRO A 340 7.27 -39.50 -37.02
N ASP A 341 8.22 -40.17 -36.38
CA ASP A 341 9.63 -40.10 -36.78
C ASP A 341 9.88 -40.85 -38.10
N LEU A 342 9.30 -42.04 -38.23
CA LEU A 342 9.48 -42.84 -39.44
C LEU A 342 8.87 -42.16 -40.65
N ASN A 343 7.60 -41.78 -40.53
CA ASN A 343 6.90 -41.10 -41.61
C ASN A 343 7.47 -39.70 -41.83
N SER A 344 8.69 -39.64 -42.34
CA SER A 344 9.35 -38.37 -42.62
C SER A 344 8.90 -37.85 -43.98
N ALA A 345 9.13 -36.56 -44.22
CA ALA A 345 8.74 -35.93 -45.47
C ALA A 345 9.43 -36.59 -46.67
N SER A 346 10.61 -37.16 -46.43
CA SER A 346 11.39 -37.80 -47.49
C SER A 346 10.98 -39.25 -47.70
N GLN A 347 10.56 -39.92 -46.63
CA GLN A 347 10.13 -41.31 -46.71
C GLN A 347 8.83 -41.43 -47.50
N LEU A 348 7.89 -40.53 -47.21
CA LEU A 348 6.62 -40.52 -47.93
C LEU A 348 6.83 -40.17 -49.41
N ALA A 349 7.91 -39.45 -49.70
CA ALA A 349 8.22 -39.04 -51.06
C ALA A 349 8.86 -40.20 -51.86
N GLN A 350 9.05 -41.33 -51.19
CA GLN A 350 9.52 -42.56 -51.85
C GLN A 350 8.44 -43.63 -51.82
N GLY A 351 7.29 -43.29 -51.23
CA GLY A 351 6.17 -44.22 -51.15
C GLY A 351 6.09 -44.90 -49.81
N LYS A 352 7.21 -44.94 -49.08
CA LYS A 352 7.24 -45.57 -47.77
C LYS A 352 6.28 -44.88 -46.80
N VAL A 353 5.48 -45.70 -46.12
CA VAL A 353 4.58 -45.22 -45.07
C VAL A 353 4.42 -46.33 -44.04
N TYR A 354 4.72 -46.02 -42.79
CA TYR A 354 4.81 -47.03 -41.74
C TYR A 354 3.62 -46.98 -40.78
N TRP A 355 3.30 -48.12 -40.18
CA TRP A 355 2.28 -48.21 -39.13
C TRP A 355 2.77 -49.13 -38.02
N ASN A 356 3.11 -48.54 -36.89
CA ASN A 356 3.65 -49.30 -35.77
C ASN A 356 2.58 -50.11 -35.05
N ILE A 357 2.50 -51.39 -35.40
CA ILE A 357 1.58 -52.30 -34.73
C ILE A 357 2.28 -52.95 -33.54
N ARG A 358 1.55 -53.08 -32.44
CA ARG A 358 2.10 -53.70 -31.23
C ARG A 358 0.97 -54.24 -30.36
N PHE A 359 1.21 -55.41 -29.76
CA PHE A 359 0.22 -56.07 -28.92
C PHE A 359 0.86 -57.18 -28.10
N THR A 360 0.04 -57.91 -27.34
CA THR A 360 0.51 -59.00 -26.51
C THR A 360 -0.30 -60.26 -26.80
N ASP A 361 0.28 -61.19 -27.56
CA ASP A 361 -0.36 -62.48 -27.81
C ASP A 361 -0.57 -63.22 -26.48
N VAL A 362 -1.68 -63.93 -26.36
CA VAL A 362 -2.03 -64.60 -25.12
C VAL A 362 -1.09 -65.78 -24.85
N PRO A 363 -0.36 -65.76 -23.72
CA PRO A 363 0.51 -66.89 -23.35
C PRO A 363 -0.26 -67.96 -22.56
N PRO A 364 0.00 -69.25 -22.82
CA PRO A 364 -0.68 -70.30 -22.07
C PRO A 364 -0.12 -70.43 -20.65
N ALA A 365 -1.00 -70.34 -19.64
CA ALA A 365 -0.61 -70.48 -18.25
C ALA A 365 -0.08 -71.90 -17.98
N GLU A 366 1.16 -72.15 -18.39
CA GLU A 366 1.71 -73.50 -18.33
C GLU A 366 2.07 -73.93 -16.91
N ASN A 367 1.90 -73.03 -15.95
CA ASN A 367 2.25 -73.35 -14.56
C ASN A 367 1.56 -72.40 -13.58
N PRO A 368 0.25 -72.60 -13.35
CA PRO A 368 -0.50 -71.79 -12.38
C PRO A 368 -0.25 -72.23 -10.94
N ASN A 369 0.31 -71.35 -10.12
CA ASN A 369 0.62 -71.65 -8.73
C ASN A 369 -0.56 -71.30 -7.81
N PHE A 370 -0.53 -71.83 -6.59
CA PHE A 370 -1.57 -71.58 -5.60
C PHE A 370 -0.97 -71.45 -4.21
N ARG A 371 -0.49 -70.25 -3.91
CA ARG A 371 0.15 -69.98 -2.62
C ARG A 371 -0.86 -70.07 -1.49
N VAL A 372 -1.30 -71.28 -1.15
CA VAL A 372 -2.24 -71.48 -0.06
C VAL A 372 -1.48 -71.46 1.27
N GLU A 373 -2.13 -70.92 2.30
CA GLU A 373 -1.49 -70.78 3.60
C GLU A 373 -2.53 -70.45 4.67
N VAL A 374 -2.60 -71.30 5.70
CA VAL A 374 -3.51 -71.05 6.82
C VAL A 374 -2.97 -69.93 7.69
N THR A 375 -3.76 -69.55 8.69
CA THR A 375 -3.37 -68.52 9.63
C THR A 375 -4.30 -68.57 10.85
N ASP A 376 -4.29 -67.49 11.63
CA ASP A 376 -5.11 -67.39 12.82
C ASP A 376 -5.79 -66.02 12.84
N GLN A 377 -6.14 -65.52 11.65
CA GLN A 377 -6.72 -64.20 11.52
C GLN A 377 -8.21 -64.21 11.86
N TRP A 378 -8.99 -64.94 11.07
CA TRP A 378 -10.43 -65.03 11.27
C TRP A 378 -10.80 -66.05 12.34
N LEU A 379 -10.34 -65.81 13.56
CA LEU A 379 -10.71 -66.65 14.69
C LEU A 379 -11.60 -65.87 15.67
N THR A 380 -11.31 -64.58 15.80
CA THR A 380 -12.12 -63.70 16.65
C THR A 380 -13.52 -63.51 16.07
N GLU A 381 -13.69 -63.88 14.81
CA GLU A 381 -14.99 -63.83 14.16
C GLU A 381 -15.95 -64.81 14.84
N VAL A 382 -15.39 -65.90 15.35
CA VAL A 382 -16.15 -66.89 16.09
C VAL A 382 -16.43 -66.34 17.48
N LEU A 383 -17.36 -65.40 17.58
CA LEU A 383 -17.66 -64.76 18.84
C LEU A 383 -18.92 -63.91 18.71
N ASP A 384 -18.95 -63.06 17.69
CA ASP A 384 -20.08 -62.19 17.44
C ASP A 384 -20.12 -61.75 15.98
N SER B 2 -42.61 41.19 -50.43
CA SER B 2 -43.45 40.16 -49.82
C SER B 2 -43.22 38.81 -50.49
N PHE B 3 -43.15 38.83 -51.82
CA PHE B 3 -42.93 37.63 -52.61
C PHE B 3 -44.16 36.72 -52.58
N PHE B 4 -44.80 36.60 -53.74
CA PHE B 4 -46.01 35.78 -53.91
C PHE B 4 -47.19 36.30 -53.08
N HIS B 5 -47.15 36.05 -51.78
CA HIS B 5 -48.24 36.42 -50.87
C HIS B 5 -49.56 35.77 -51.29
N GLY B 6 -49.72 34.49 -50.98
CA GLY B 6 -50.95 33.77 -51.26
C GLY B 6 -50.99 32.44 -50.54
N VAL B 7 -50.82 31.36 -51.30
CA VAL B 7 -50.79 30.02 -50.75
C VAL B 7 -50.26 29.05 -51.80
N THR B 8 -48.98 28.75 -51.70
CA THR B 8 -48.32 27.88 -52.67
C THR B 8 -48.63 26.42 -52.38
N VAL B 9 -48.15 25.54 -53.26
CA VAL B 9 -48.37 24.10 -53.11
C VAL B 9 -47.42 23.38 -54.07
N THR B 10 -46.13 23.67 -53.92
CA THR B 10 -45.10 23.13 -54.80
C THR B 10 -45.00 21.62 -54.66
N ASN B 11 -44.98 20.93 -55.80
CA ASN B 11 -44.84 19.48 -55.83
C ASN B 11 -43.36 19.11 -55.83
N VAL B 12 -42.87 18.61 -54.70
CA VAL B 12 -41.47 18.21 -54.59
C VAL B 12 -41.25 16.87 -55.29
N ASP B 13 -40.66 16.94 -56.48
CA ASP B 13 -40.45 15.75 -57.31
C ASP B 13 -39.18 15.02 -56.90
N ILE B 14 -39.25 14.28 -55.80
CA ILE B 14 -38.14 13.46 -55.34
C ILE B 14 -38.64 12.10 -54.87
N GLY B 15 -37.73 11.14 -54.78
CA GLY B 15 -38.08 9.78 -54.39
C GLY B 15 -37.44 8.79 -55.35
N ALA B 16 -37.29 7.55 -54.88
CA ALA B 16 -36.68 6.50 -55.69
C ALA B 16 -37.60 6.09 -56.84
N ARG B 17 -37.17 6.38 -58.06
CA ARG B 17 -37.93 5.98 -59.25
C ARG B 17 -37.86 4.48 -59.46
N THR B 18 -38.82 3.95 -60.21
CA THR B 18 -38.88 2.53 -60.53
C THR B 18 -38.06 2.25 -61.79
N ILE B 19 -37.62 1.00 -61.94
CA ILE B 19 -36.82 0.60 -63.10
C ILE B 19 -37.32 -0.73 -63.64
N ALA B 20 -37.31 -0.85 -64.97
CA ALA B 20 -37.81 -2.02 -65.67
C ALA B 20 -36.70 -2.73 -66.44
N LEU B 21 -37.04 -3.86 -67.05
CA LEU B 21 -36.11 -4.65 -67.85
C LEU B 21 -36.53 -4.64 -69.31
N PRO B 22 -36.11 -3.61 -70.07
CA PRO B 22 -36.56 -3.45 -71.45
C PRO B 22 -36.02 -4.53 -72.39
N ALA B 23 -36.58 -4.60 -73.60
CA ALA B 23 -36.11 -5.49 -74.65
C ALA B 23 -36.26 -6.97 -74.26
N SER B 24 -35.57 -7.38 -73.20
CA SER B 24 -35.63 -8.74 -72.69
C SER B 24 -35.06 -9.73 -73.70
N SER B 25 -35.81 -10.02 -74.77
CA SER B 25 -35.40 -11.00 -75.76
C SER B 25 -36.09 -10.76 -77.10
N VAL B 26 -35.76 -9.66 -77.76
CA VAL B 26 -36.27 -9.38 -79.10
C VAL B 26 -35.27 -9.91 -80.12
N ILE B 27 -35.78 -10.64 -81.10
CA ILE B 27 -34.95 -11.29 -82.10
C ILE B 27 -34.68 -10.36 -83.28
N GLY B 28 -33.46 -10.39 -83.78
CA GLY B 28 -33.04 -9.57 -84.90
C GLY B 28 -32.57 -10.46 -86.04
N LEU B 29 -33.51 -10.85 -86.90
CA LEU B 29 -33.24 -11.79 -87.97
C LEU B 29 -32.99 -11.07 -89.29
N CYS B 30 -32.27 -11.73 -90.21
CA CYS B 30 -31.96 -11.16 -91.51
C CYS B 30 -31.57 -12.26 -92.49
N ASP B 31 -32.59 -12.87 -93.12
CA ASP B 31 -32.37 -13.89 -94.14
C ASP B 31 -32.65 -13.26 -95.51
N VAL B 32 -33.22 -14.03 -96.43
CA VAL B 32 -33.54 -13.54 -97.76
C VAL B 32 -34.96 -13.94 -98.18
N PHE B 33 -35.47 -13.28 -99.21
CA PHE B 33 -36.78 -13.62 -99.75
C PHE B 33 -36.90 -13.11 -101.18
N THR B 34 -38.12 -13.16 -101.71
CA THR B 34 -38.39 -12.74 -103.09
C THR B 34 -39.46 -11.65 -103.09
N PRO B 35 -39.06 -10.37 -103.16
CA PRO B 35 -40.05 -9.29 -103.18
C PRO B 35 -40.80 -9.23 -104.52
N GLY B 36 -42.09 -8.94 -104.48
CA GLY B 36 -42.89 -8.85 -105.69
C GLY B 36 -44.32 -8.48 -105.39
N ALA B 37 -45.21 -9.48 -105.41
CA ALA B 37 -46.64 -9.26 -105.25
C ALA B 37 -47.07 -9.45 -103.80
N GLN B 38 -47.14 -10.70 -103.36
CA GLN B 38 -47.61 -11.01 -102.01
C GLN B 38 -46.67 -10.48 -100.94
N ALA B 39 -45.43 -10.21 -101.33
CA ALA B 39 -44.43 -9.70 -100.39
C ALA B 39 -44.68 -8.23 -100.08
N SER B 40 -45.36 -7.98 -98.97
CA SER B 40 -45.70 -6.60 -98.57
C SER B 40 -44.47 -5.85 -98.10
N ALA B 41 -43.59 -6.55 -97.37
CA ALA B 41 -42.38 -5.94 -96.85
C ALA B 41 -41.46 -5.50 -97.99
N LYS B 42 -40.83 -4.35 -97.83
CA LYS B 42 -39.96 -3.81 -98.87
C LYS B 42 -38.68 -4.64 -98.97
N PRO B 43 -37.95 -4.52 -100.08
CA PRO B 43 -36.80 -5.40 -100.34
C PRO B 43 -35.62 -5.25 -99.38
N ASN B 44 -35.72 -4.41 -98.35
CA ASN B 44 -34.58 -4.19 -97.47
C ASN B 44 -34.90 -3.58 -96.10
N VAL B 45 -35.96 -2.78 -96.01
CA VAL B 45 -36.23 -2.05 -94.76
C VAL B 45 -36.61 -3.00 -93.63
N PRO B 46 -36.31 -2.63 -92.38
CA PRO B 46 -36.74 -3.45 -91.24
C PRO B 46 -38.26 -3.49 -91.10
N VAL B 47 -38.80 -4.66 -90.78
CA VAL B 47 -40.24 -4.83 -90.56
C VAL B 47 -40.46 -5.61 -89.27
N LEU B 48 -41.37 -5.11 -88.43
CA LEU B 48 -41.65 -5.74 -87.16
C LEU B 48 -42.65 -6.88 -87.36
N LEU B 49 -42.47 -7.95 -86.58
CA LEU B 49 -43.34 -9.11 -86.64
C LEU B 49 -43.90 -9.42 -85.26
N THR B 50 -44.79 -10.41 -85.20
CA THR B 50 -45.41 -10.80 -83.93
C THR B 50 -45.93 -12.24 -84.02
N SER B 51 -46.39 -12.62 -85.20
CA SER B 51 -46.92 -13.96 -85.43
C SER B 51 -46.69 -14.36 -86.89
N LYS B 52 -46.96 -15.62 -87.20
CA LYS B 52 -46.79 -16.13 -88.56
C LYS B 52 -47.64 -15.35 -89.56
N LYS B 53 -48.84 -14.97 -89.15
CA LYS B 53 -49.73 -14.20 -90.01
C LYS B 53 -49.08 -12.88 -90.44
N ASP B 54 -48.49 -12.17 -89.48
CA ASP B 54 -47.87 -10.89 -89.75
C ASP B 54 -46.60 -11.06 -90.58
N ALA B 55 -46.03 -12.26 -90.54
CA ALA B 55 -44.80 -12.57 -91.25
C ALA B 55 -45.09 -13.11 -92.66
N ALA B 56 -46.17 -13.88 -92.76
CA ALA B 56 -46.54 -14.50 -94.04
C ALA B 56 -46.87 -13.46 -95.09
N ALA B 57 -47.79 -12.56 -94.75
CA ALA B 57 -48.20 -11.50 -95.68
C ALA B 57 -47.07 -10.51 -95.94
N ALA B 58 -46.07 -10.51 -95.07
CA ALA B 58 -44.95 -9.59 -95.19
C ALA B 58 -43.94 -10.03 -96.24
N PHE B 59 -43.37 -11.22 -96.05
CA PHE B 59 -42.32 -11.73 -96.91
C PHE B 59 -42.87 -12.73 -97.94
N GLY B 60 -43.81 -13.56 -97.49
CA GLY B 60 -44.44 -14.54 -98.35
C GLY B 60 -44.09 -15.96 -97.92
N ILE B 61 -44.86 -16.92 -98.42
CA ILE B 61 -44.64 -18.32 -98.11
C ILE B 61 -43.57 -18.89 -99.04
N GLY B 62 -42.74 -19.79 -98.51
CA GLY B 62 -41.68 -20.40 -99.29
C GLY B 62 -40.39 -19.60 -99.22
N SER B 63 -40.51 -18.31 -98.87
CA SER B 63 -39.35 -17.46 -98.70
C SER B 63 -38.43 -18.05 -97.63
N SER B 64 -37.14 -18.09 -97.93
CA SER B 64 -36.15 -18.67 -97.02
C SER B 64 -36.16 -18.00 -95.64
N ILE B 65 -36.66 -16.77 -95.59
CA ILE B 65 -36.76 -16.03 -94.34
C ILE B 65 -37.97 -16.49 -93.53
N TYR B 66 -39.03 -16.88 -94.23
CA TYR B 66 -40.26 -17.32 -93.58
C TYR B 66 -40.06 -18.68 -92.91
N LEU B 67 -39.20 -19.51 -93.51
CA LEU B 67 -38.88 -20.81 -92.93
C LEU B 67 -38.10 -20.65 -91.63
N ALA B 68 -37.47 -19.48 -91.47
CA ALA B 68 -36.71 -19.16 -90.26
C ALA B 68 -37.63 -18.57 -89.20
N CYS B 69 -38.53 -17.68 -89.62
CA CYS B 69 -39.49 -17.08 -88.70
C CYS B 69 -40.48 -18.13 -88.21
N GLU B 70 -40.94 -18.98 -89.12
CA GLU B 70 -41.86 -20.05 -88.77
C GLU B 70 -41.21 -21.01 -87.77
N ALA B 71 -39.89 -21.20 -87.91
CA ALA B 71 -39.14 -22.07 -87.01
C ALA B 71 -39.10 -21.48 -85.61
N ILE B 72 -39.17 -20.16 -85.52
CA ILE B 72 -39.15 -19.47 -84.24
C ILE B 72 -40.54 -19.48 -83.59
N TYR B 73 -41.56 -19.16 -84.38
CA TYR B 73 -42.93 -19.07 -83.87
C TYR B 73 -43.49 -20.45 -83.55
N ASN B 74 -43.01 -21.46 -84.26
CA ASN B 74 -43.40 -22.83 -83.98
C ASN B 74 -42.89 -23.23 -82.60
N ARG B 75 -41.66 -22.83 -82.31
CA ARG B 75 -41.04 -23.05 -81.00
C ARG B 75 -41.75 -22.23 -79.93
N ALA B 76 -41.53 -20.92 -79.95
CA ALA B 76 -42.15 -20.02 -78.98
C ALA B 76 -42.30 -18.62 -79.59
N GLN B 77 -43.48 -18.03 -79.40
CA GLN B 77 -43.79 -16.73 -79.97
C GLN B 77 -42.88 -15.64 -79.41
N ALA B 78 -42.46 -14.71 -80.27
CA ALA B 78 -41.57 -13.64 -79.86
C ALA B 78 -41.56 -12.53 -80.90
N VAL B 79 -41.10 -11.36 -80.49
CA VAL B 79 -40.97 -10.22 -81.39
C VAL B 79 -39.74 -10.41 -82.28
N ILE B 80 -39.92 -10.24 -83.59
CA ILE B 80 -38.84 -10.38 -84.55
C ILE B 80 -38.78 -9.17 -85.47
N VAL B 81 -37.86 -8.25 -85.18
CA VAL B 81 -37.63 -7.11 -86.06
C VAL B 81 -36.80 -7.58 -87.26
N ALA B 82 -37.44 -8.39 -88.11
CA ALA B 82 -36.76 -9.00 -89.25
C ALA B 82 -36.44 -7.94 -90.30
N VAL B 83 -35.39 -8.19 -91.08
CA VAL B 83 -34.96 -7.29 -92.14
C VAL B 83 -35.31 -7.90 -93.49
N GLY B 84 -34.53 -8.91 -93.89
CA GLY B 84 -34.75 -9.59 -95.15
C GLY B 84 -34.23 -8.79 -96.33
N VAL B 85 -33.48 -9.45 -97.20
CA VAL B 85 -32.89 -8.80 -98.38
C VAL B 85 -33.10 -9.68 -99.61
N GLU B 86 -33.20 -9.03 -100.77
CA GLU B 86 -33.41 -9.73 -102.03
C GLU B 86 -32.25 -10.68 -102.33
N THR B 87 -32.57 -11.85 -102.89
CA THR B 87 -31.55 -12.82 -103.26
C THR B 87 -30.71 -12.27 -104.42
N ALA B 88 -29.41 -12.54 -104.38
CA ALA B 88 -28.49 -12.07 -105.41
C ALA B 88 -28.13 -13.19 -106.38
N GLU B 89 -27.25 -12.90 -107.32
CA GLU B 89 -26.84 -13.87 -108.34
C GLU B 89 -25.98 -14.97 -107.72
N THR B 90 -24.73 -14.65 -107.42
CA THR B 90 -23.81 -15.60 -106.82
C THR B 90 -23.99 -15.62 -105.30
N PRO B 91 -23.70 -16.77 -104.67
CA PRO B 91 -23.87 -16.91 -103.21
C PRO B 91 -22.90 -16.04 -102.44
N GLU B 92 -21.72 -15.80 -103.01
CA GLU B 92 -20.69 -15.00 -102.37
C GLU B 92 -21.11 -13.54 -102.26
N ALA B 93 -21.52 -12.98 -103.39
CA ALA B 93 -21.93 -11.58 -103.46
C ALA B 93 -23.25 -11.34 -102.74
N GLN B 94 -23.97 -12.42 -102.47
CA GLN B 94 -25.24 -12.32 -101.76
C GLN B 94 -24.99 -11.92 -100.30
N ALA B 95 -23.84 -12.34 -99.77
CA ALA B 95 -23.47 -12.04 -98.39
C ALA B 95 -23.27 -10.53 -98.20
N SER B 96 -22.96 -9.83 -99.29
CA SER B 96 -22.77 -8.38 -99.24
C SER B 96 -24.07 -7.69 -98.89
N ALA B 97 -25.15 -8.10 -99.56
CA ALA B 97 -26.48 -7.56 -99.29
C ALA B 97 -26.94 -7.94 -97.89
N VAL B 98 -26.49 -9.10 -97.43
CA VAL B 98 -26.83 -9.57 -96.09
C VAL B 98 -26.16 -8.69 -95.05
N ILE B 99 -24.85 -8.49 -95.20
CA ILE B 99 -24.12 -7.60 -94.29
C ILE B 99 -24.65 -6.18 -94.47
N GLY B 100 -24.64 -5.71 -95.71
CA GLY B 100 -25.20 -4.40 -96.03
C GLY B 100 -24.28 -3.28 -95.61
N GLY B 101 -23.85 -2.47 -96.58
CA GLY B 101 -23.00 -1.33 -96.30
C GLY B 101 -23.80 -0.20 -95.70
N ILE B 102 -24.36 0.64 -96.56
CA ILE B 102 -25.17 1.79 -96.12
C ILE B 102 -25.96 2.41 -97.26
N SER B 103 -25.50 2.20 -98.49
CA SER B 103 -26.18 2.67 -99.69
C SER B 103 -26.13 4.19 -99.80
N ALA B 104 -26.39 4.71 -101.00
CA ALA B 104 -26.37 6.14 -101.26
C ALA B 104 -27.54 6.85 -100.59
N ALA B 105 -28.58 6.08 -100.28
CA ALA B 105 -29.77 6.64 -99.63
C ALA B 105 -29.47 7.10 -98.21
N GLY B 106 -28.41 6.52 -97.63
CA GLY B 106 -27.99 6.86 -96.29
C GLY B 106 -28.57 5.92 -95.25
N GLU B 107 -29.69 5.30 -95.59
CA GLU B 107 -30.36 4.37 -94.68
C GLU B 107 -29.58 3.06 -94.58
N ARG B 108 -29.31 2.63 -93.35
CA ARG B 108 -28.57 1.40 -93.11
C ARG B 108 -29.23 0.20 -93.76
N THR B 109 -28.50 -0.47 -94.65
CA THR B 109 -29.02 -1.62 -95.37
C THR B 109 -28.56 -2.94 -94.75
N GLY B 110 -29.23 -4.02 -95.14
CA GLY B 110 -28.85 -5.35 -94.73
C GLY B 110 -28.88 -5.57 -93.22
N LEU B 111 -27.98 -6.42 -92.75
CA LEU B 111 -27.93 -6.79 -91.34
C LEU B 111 -27.73 -5.60 -90.41
N GLN B 112 -27.08 -4.56 -90.91
CA GLN B 112 -26.79 -3.37 -90.11
C GLN B 112 -28.04 -2.52 -89.88
N ALA B 113 -29.12 -2.87 -90.58
CA ALA B 113 -30.38 -2.14 -90.45
C ALA B 113 -31.04 -2.39 -89.10
N LEU B 114 -30.56 -3.39 -88.38
CA LEU B 114 -31.14 -3.77 -87.09
C LEU B 114 -30.97 -2.66 -86.05
N LEU B 115 -29.99 -1.78 -86.25
CA LEU B 115 -29.75 -0.67 -85.33
C LEU B 115 -30.93 0.31 -85.35
N ASP B 116 -31.72 0.25 -86.41
CA ASP B 116 -32.88 1.13 -86.57
C ASP B 116 -34.11 0.59 -85.83
N GLY B 117 -34.08 -0.70 -85.51
CA GLY B 117 -35.20 -1.36 -84.86
C GLY B 117 -35.55 -0.76 -83.50
N LYS B 118 -34.58 -0.12 -82.88
CA LYS B 118 -34.77 0.49 -81.57
C LYS B 118 -35.49 1.83 -81.69
N SER B 119 -35.05 2.64 -82.66
CA SER B 119 -35.59 3.98 -82.84
C SER B 119 -36.72 4.00 -83.88
N ARG B 120 -37.47 2.90 -83.96
CA ARG B 120 -38.62 2.81 -84.85
C ARG B 120 -39.73 1.94 -84.27
N PHE B 121 -39.35 0.87 -83.59
CA PHE B 121 -40.31 -0.08 -83.02
C PHE B 121 -40.16 -0.21 -81.51
N ASN B 122 -39.25 0.58 -80.93
CA ASN B 122 -38.99 0.51 -79.49
C ASN B 122 -38.67 -0.91 -79.04
N ALA B 123 -38.11 -1.71 -79.95
CA ALA B 123 -37.78 -3.10 -79.68
C ALA B 123 -36.37 -3.37 -80.17
N GLN B 124 -35.39 -3.06 -79.33
CA GLN B 124 -33.99 -3.28 -79.67
C GLN B 124 -33.74 -4.80 -79.82
N PRO B 125 -33.38 -5.25 -81.04
CA PRO B 125 -33.10 -6.68 -81.19
C PRO B 125 -31.91 -7.12 -80.36
N ARG B 126 -32.18 -7.65 -79.17
CA ARG B 126 -31.13 -8.09 -78.26
C ARG B 126 -30.87 -9.59 -78.44
N LEU B 127 -30.94 -10.04 -79.68
CA LEU B 127 -30.71 -11.44 -80.02
C LEU B 127 -30.60 -11.60 -81.53
N LEU B 128 -29.39 -11.40 -82.05
CA LEU B 128 -29.16 -11.47 -83.49
C LEU B 128 -29.20 -12.91 -83.98
N VAL B 129 -29.39 -13.04 -85.29
CA VAL B 129 -29.46 -14.36 -85.93
C VAL B 129 -29.50 -14.15 -87.45
N ALA B 130 -28.79 -15.01 -88.17
CA ALA B 130 -28.73 -14.90 -89.63
C ALA B 130 -28.66 -16.31 -90.24
N PRO B 131 -29.82 -17.01 -90.32
CA PRO B 131 -29.86 -18.38 -90.82
C PRO B 131 -29.33 -18.51 -92.25
N GLY B 132 -28.48 -19.51 -92.49
CA GLY B 132 -27.90 -19.72 -93.81
C GLY B 132 -26.64 -18.91 -94.00
N HIS B 133 -26.73 -17.61 -93.75
CA HIS B 133 -25.59 -16.70 -93.88
C HIS B 133 -24.88 -16.51 -92.54
N SER B 134 -24.00 -17.45 -92.21
CA SER B 134 -23.18 -17.36 -90.99
C SER B 134 -21.95 -18.27 -91.09
N ALA B 135 -22.05 -19.32 -91.91
CA ALA B 135 -20.92 -20.21 -92.14
C ALA B 135 -19.78 -19.46 -92.84
N GLN B 136 -20.13 -18.40 -93.55
CA GLN B 136 -19.14 -17.56 -94.21
C GLN B 136 -18.41 -16.70 -93.18
N GLN B 137 -17.09 -16.68 -93.28
CA GLN B 137 -16.25 -15.94 -92.34
C GLN B 137 -16.57 -14.45 -92.34
N ALA B 138 -17.05 -13.96 -93.48
CA ALA B 138 -17.30 -12.53 -93.66
C ALA B 138 -18.46 -12.03 -92.81
N VAL B 139 -19.66 -12.52 -93.11
CA VAL B 139 -20.88 -12.08 -92.44
C VAL B 139 -20.86 -12.36 -90.94
N ALA B 140 -20.06 -13.35 -90.54
CA ALA B 140 -19.99 -13.76 -89.13
C ALA B 140 -19.40 -12.65 -88.26
N THR B 141 -18.42 -11.93 -88.81
CA THR B 141 -17.76 -10.85 -88.06
C THR B 141 -18.70 -9.65 -87.93
N ALA B 142 -19.52 -9.41 -88.95
CA ALA B 142 -20.50 -8.34 -88.91
C ALA B 142 -21.50 -8.59 -87.79
N MET B 143 -21.84 -9.85 -87.59
CA MET B 143 -22.72 -10.26 -86.50
C MET B 143 -22.05 -10.01 -85.15
N ASP B 144 -20.72 -10.14 -85.12
CA ASP B 144 -19.96 -9.91 -83.90
C ASP B 144 -19.92 -8.43 -83.55
N GLY B 145 -19.59 -7.62 -84.55
CA GLY B 145 -19.44 -6.19 -84.34
C GLY B 145 -20.77 -5.54 -84.04
N LEU B 146 -21.83 -6.03 -84.69
CA LEU B 146 -23.17 -5.48 -84.53
C LEU B 146 -23.75 -5.80 -83.16
N ALA B 147 -23.40 -6.97 -82.63
CA ALA B 147 -23.92 -7.42 -81.34
C ALA B 147 -23.49 -6.48 -80.21
N GLU B 148 -22.28 -5.96 -80.31
CA GLU B 148 -21.73 -5.06 -79.30
C GLU B 148 -22.45 -3.70 -79.33
N LYS B 149 -22.99 -3.34 -80.49
CA LYS B 149 -23.75 -2.11 -80.65
C LYS B 149 -25.13 -2.26 -80.01
N LEU B 150 -25.66 -3.47 -80.08
CA LEU B 150 -26.98 -3.77 -79.56
C LEU B 150 -26.93 -4.52 -78.23
N ARG B 151 -25.72 -4.86 -77.79
CA ARG B 151 -25.53 -5.64 -76.58
C ARG B 151 -26.32 -6.95 -76.66
N ALA B 152 -26.34 -7.54 -77.85
CA ALA B 152 -27.12 -8.75 -78.11
C ALA B 152 -26.23 -9.98 -78.04
N ILE B 153 -26.76 -11.12 -78.48
CA ILE B 153 -26.00 -12.37 -78.53
C ILE B 153 -26.21 -13.01 -79.90
N ALA B 154 -25.30 -12.72 -80.81
CA ALA B 154 -25.39 -13.21 -82.18
C ALA B 154 -25.23 -14.73 -82.24
N ILE B 155 -26.28 -15.43 -82.68
CA ILE B 155 -26.26 -16.87 -82.82
C ILE B 155 -25.82 -17.25 -84.24
N LEU B 156 -24.59 -17.75 -84.34
CA LEU B 156 -24.05 -18.20 -85.62
C LEU B 156 -24.49 -19.63 -85.89
N ASP B 157 -24.04 -20.16 -87.03
CA ASP B 157 -24.32 -21.55 -87.40
C ASP B 157 -23.25 -22.05 -88.35
N GLY B 158 -22.23 -22.71 -87.80
CA GLY B 158 -21.10 -23.17 -88.58
C GLY B 158 -21.48 -24.26 -89.57
N PRO B 159 -20.59 -24.54 -90.54
CA PRO B 159 -20.86 -25.53 -91.58
C PRO B 159 -20.91 -26.95 -91.02
N ASN B 160 -21.72 -27.80 -91.62
CA ASN B 160 -21.83 -29.19 -91.20
C ASN B 160 -20.58 -29.96 -91.61
N SER B 161 -20.63 -30.66 -92.73
CA SER B 161 -19.49 -31.42 -93.23
C SER B 161 -18.95 -32.38 -92.17
N THR B 162 -18.24 -31.84 -91.19
CA THR B 162 -17.66 -32.63 -90.12
C THR B 162 -17.34 -31.77 -88.89
N ASP B 163 -16.90 -32.42 -87.82
CA ASP B 163 -16.61 -31.73 -86.57
C ASP B 163 -15.31 -30.94 -86.65
N GLU B 164 -14.36 -31.46 -87.43
CA GLU B 164 -13.05 -30.83 -87.59
C GLU B 164 -13.21 -29.42 -88.17
N ALA B 165 -14.17 -29.27 -89.08
CA ALA B 165 -14.41 -28.00 -89.74
C ALA B 165 -15.13 -27.00 -88.83
N ALA B 166 -15.81 -27.53 -87.82
CA ALA B 166 -16.58 -26.72 -86.87
C ALA B 166 -15.65 -26.11 -85.81
N VAL B 167 -14.70 -26.92 -85.35
CA VAL B 167 -13.74 -26.47 -84.34
C VAL B 167 -12.80 -25.43 -84.95
N ALA B 168 -12.35 -25.67 -86.17
CA ALA B 168 -11.42 -24.78 -86.85
C ALA B 168 -12.10 -23.44 -87.19
N TYR B 169 -13.42 -23.44 -87.17
CA TYR B 169 -14.20 -22.23 -87.48
C TYR B 169 -14.39 -21.38 -86.23
N ALA B 170 -14.63 -22.03 -85.10
CA ALA B 170 -14.84 -21.33 -83.83
C ALA B 170 -13.54 -20.73 -83.32
N LYS B 171 -12.42 -21.33 -83.70
CA LYS B 171 -11.09 -20.86 -83.29
C LYS B 171 -10.82 -19.44 -83.78
N ASN B 172 -11.60 -18.97 -84.74
CA ASN B 172 -11.43 -17.63 -85.29
C ASN B 172 -11.97 -16.54 -84.36
N PHE B 173 -13.15 -16.75 -83.81
CA PHE B 173 -13.79 -15.75 -82.96
C PHE B 173 -13.41 -15.93 -81.50
N GLY B 174 -13.76 -14.94 -80.68
CA GLY B 174 -13.50 -15.00 -79.25
C GLY B 174 -14.23 -13.93 -78.47
N SER B 175 -15.34 -13.43 -79.03
CA SER B 175 -16.09 -12.35 -78.40
C SER B 175 -17.18 -12.90 -77.47
N LYS B 176 -17.50 -12.11 -76.45
CA LYS B 176 -18.54 -12.48 -75.49
C LYS B 176 -19.87 -12.78 -76.15
N ARG B 177 -20.15 -12.09 -77.25
CA ARG B 177 -21.47 -12.11 -77.88
C ARG B 177 -21.49 -12.97 -79.14
N LEU B 178 -21.18 -14.25 -78.97
CA LEU B 178 -21.25 -15.21 -80.06
C LEU B 178 -21.58 -16.59 -79.53
N PHE B 179 -22.68 -17.16 -80.01
CA PHE B 179 -23.15 -18.45 -79.54
C PHE B 179 -23.44 -19.33 -80.75
N MET B 180 -22.40 -20.00 -81.25
CA MET B 180 -22.52 -20.77 -82.47
C MET B 180 -23.05 -22.19 -82.20
N VAL B 181 -23.76 -22.72 -83.19
CA VAL B 181 -24.23 -24.09 -83.16
C VAL B 181 -23.78 -24.78 -84.45
N ASP B 182 -23.11 -25.91 -84.30
CA ASP B 182 -22.47 -26.57 -85.43
C ASP B 182 -23.40 -27.50 -86.22
N PRO B 183 -23.92 -28.56 -85.58
CA PRO B 183 -24.71 -29.53 -86.35
C PRO B 183 -26.00 -28.93 -86.91
N GLY B 184 -26.15 -28.93 -88.23
CA GLY B 184 -27.31 -28.34 -88.87
C GLY B 184 -28.50 -29.28 -88.81
N VAL B 185 -29.47 -28.95 -87.96
CA VAL B 185 -30.69 -29.73 -87.83
C VAL B 185 -31.47 -29.69 -89.14
N GLN B 186 -32.16 -30.79 -89.45
CA GLN B 186 -32.95 -30.87 -90.68
C GLN B 186 -34.44 -30.87 -90.34
N VAL B 187 -35.18 -29.99 -91.00
CA VAL B 187 -36.62 -29.84 -90.79
C VAL B 187 -37.37 -30.41 -91.99
N TRP B 188 -38.62 -30.77 -91.77
CA TRP B 188 -39.48 -31.26 -92.84
C TRP B 188 -40.14 -30.09 -93.56
N ASP B 189 -39.57 -29.67 -94.68
CA ASP B 189 -40.11 -28.55 -95.45
C ASP B 189 -41.49 -28.92 -96.03
N SER B 190 -42.41 -27.96 -95.98
CA SER B 190 -43.77 -28.18 -96.48
C SER B 190 -43.82 -28.15 -97.99
N ALA B 191 -43.01 -27.29 -98.60
CA ALA B 191 -43.00 -27.11 -100.05
C ALA B 191 -42.34 -28.28 -100.78
N THR B 192 -41.25 -28.77 -100.20
CA THR B 192 -40.50 -29.89 -100.78
C THR B 192 -41.15 -31.21 -100.46
N ASN B 193 -41.92 -31.26 -99.39
CA ASN B 193 -42.59 -32.48 -98.98
C ASN B 193 -41.64 -33.61 -98.68
N ALA B 194 -40.51 -33.26 -98.09
CA ALA B 194 -39.51 -34.24 -97.70
C ALA B 194 -38.49 -33.61 -96.76
N ALA B 195 -37.43 -34.35 -96.46
CA ALA B 195 -36.36 -33.86 -95.58
C ALA B 195 -35.70 -32.64 -96.20
N ARG B 196 -35.16 -31.77 -95.35
CA ARG B 196 -34.55 -30.53 -95.80
C ARG B 196 -33.67 -29.94 -94.71
N ASN B 197 -32.37 -29.88 -94.97
CA ASN B 197 -31.41 -29.38 -93.99
C ASN B 197 -31.59 -27.88 -93.73
N ALA B 198 -31.53 -27.50 -92.45
CA ALA B 198 -31.69 -26.12 -92.03
C ALA B 198 -30.42 -25.63 -91.33
N PRO B 199 -30.24 -24.31 -91.22
CA PRO B 199 -29.04 -23.76 -90.56
C PRO B 199 -29.06 -23.91 -89.03
N ALA B 200 -30.21 -24.26 -88.46
CA ALA B 200 -30.33 -24.47 -87.02
C ALA B 200 -30.04 -23.20 -86.23
N SER B 201 -30.03 -22.06 -86.91
CA SER B 201 -29.73 -20.79 -86.28
C SER B 201 -31.00 -20.19 -85.67
N ALA B 202 -32.05 -20.13 -86.48
CA ALA B 202 -33.33 -19.59 -86.04
C ALA B 202 -33.99 -20.48 -84.99
N TYR B 203 -33.78 -21.78 -85.10
CA TYR B 203 -34.33 -22.74 -84.15
C TYR B 203 -33.71 -22.53 -82.77
N ALA B 204 -32.41 -22.25 -82.74
CA ALA B 204 -31.70 -21.98 -81.50
C ALA B 204 -32.06 -20.59 -80.97
N ALA B 205 -32.48 -19.70 -81.87
CA ALA B 205 -32.88 -18.35 -81.49
C ALA B 205 -34.26 -18.37 -80.84
N GLY B 206 -35.21 -19.03 -81.49
CA GLY B 206 -36.56 -19.15 -80.97
C GLY B 206 -36.55 -19.91 -79.65
N LEU B 207 -35.59 -20.83 -79.53
CA LEU B 207 -35.42 -21.63 -78.33
C LEU B 207 -35.11 -20.74 -77.12
N PHE B 208 -34.28 -19.72 -77.31
CA PHE B 208 -33.98 -18.76 -76.26
C PHE B 208 -35.26 -18.04 -75.83
N ALA B 209 -36.01 -17.55 -76.83
CA ALA B 209 -37.21 -16.77 -76.60
C ALA B 209 -38.23 -17.56 -75.77
N TRP B 210 -38.16 -18.89 -75.87
CA TRP B 210 -39.04 -19.77 -75.12
C TRP B 210 -38.68 -19.77 -73.64
N THR B 211 -37.38 -19.88 -73.35
CA THR B 211 -36.87 -19.91 -71.98
C THR B 211 -36.95 -18.53 -71.34
N ASP B 212 -36.69 -17.50 -72.14
CA ASP B 212 -36.70 -16.13 -71.65
C ASP B 212 -38.09 -15.68 -71.25
N ALA B 213 -39.09 -16.10 -72.03
CA ALA B 213 -40.48 -15.78 -71.74
C ALA B 213 -41.01 -16.66 -70.61
N GLU B 214 -40.47 -17.87 -70.51
CA GLU B 214 -40.89 -18.83 -69.50
C GLU B 214 -40.16 -18.61 -68.18
N TYR B 215 -38.94 -19.13 -68.09
CA TYR B 215 -38.13 -19.01 -66.87
C TYR B 215 -37.66 -17.57 -66.69
N GLY B 216 -36.92 -17.09 -67.69
CA GLY B 216 -36.37 -15.74 -67.65
C GLY B 216 -35.11 -15.63 -68.48
N PHE B 217 -34.71 -14.41 -68.81
CA PHE B 217 -33.49 -14.16 -69.58
C PHE B 217 -32.28 -14.72 -68.83
N TRP B 218 -32.37 -14.73 -67.51
CA TRP B 218 -31.29 -15.23 -66.67
C TRP B 218 -31.20 -16.75 -66.72
N SER B 219 -32.28 -17.40 -67.18
CA SER B 219 -32.28 -18.85 -67.28
C SER B 219 -31.46 -19.28 -68.49
N SER B 220 -30.72 -20.38 -68.34
CA SER B 220 -29.91 -20.91 -69.42
C SER B 220 -30.82 -21.58 -70.47
N PRO B 221 -30.51 -21.38 -71.76
CA PRO B 221 -31.33 -21.97 -72.84
C PRO B 221 -31.01 -23.44 -73.08
N SER B 222 -29.77 -23.84 -72.79
CA SER B 222 -29.31 -25.20 -73.06
C SER B 222 -30.20 -26.26 -72.38
N ASN B 223 -30.10 -27.48 -72.89
CA ASN B 223 -30.86 -28.61 -72.31
C ASN B 223 -32.36 -28.37 -72.38
N LYS B 224 -32.80 -27.66 -73.41
CA LYS B 224 -34.21 -27.44 -73.67
C LYS B 224 -34.55 -27.94 -75.06
N GLU B 225 -35.62 -28.73 -75.15
CA GLU B 225 -35.98 -29.41 -76.38
C GLU B 225 -36.49 -28.43 -77.43
N ILE B 226 -36.06 -28.64 -78.67
CA ILE B 226 -36.47 -27.80 -79.79
C ILE B 226 -37.49 -28.53 -80.65
N LYS B 227 -38.54 -27.81 -81.06
CA LYS B 227 -39.59 -28.37 -81.89
C LYS B 227 -39.36 -28.03 -83.36
N GLY B 228 -40.16 -28.63 -84.24
CA GLY B 228 -40.06 -28.37 -85.66
C GLY B 228 -38.80 -28.95 -86.25
N VAL B 229 -38.55 -30.23 -85.92
CA VAL B 229 -37.35 -30.93 -86.36
C VAL B 229 -37.74 -32.33 -86.83
N THR B 230 -36.78 -33.07 -87.35
CA THR B 230 -37.03 -34.43 -87.86
C THR B 230 -35.73 -35.15 -88.19
N GLY B 231 -34.67 -34.88 -87.42
CA GLY B 231 -33.37 -35.47 -87.64
C GLY B 231 -32.31 -34.38 -87.60
N THR B 232 -31.04 -34.77 -87.56
CA THR B 232 -29.95 -33.81 -87.49
C THR B 232 -28.79 -34.27 -88.37
N SER B 233 -28.33 -33.36 -89.23
CA SER B 233 -27.19 -33.61 -90.09
C SER B 233 -25.96 -33.96 -89.25
N ARG B 234 -25.31 -35.06 -89.59
CA ARG B 234 -24.15 -35.57 -88.85
C ARG B 234 -24.55 -35.89 -87.41
N PRO B 235 -25.00 -37.13 -87.16
CA PRO B 235 -25.49 -37.48 -85.82
C PRO B 235 -24.40 -37.38 -84.76
N VAL B 236 -24.41 -36.28 -84.02
CA VAL B 236 -23.45 -36.08 -82.93
C VAL B 236 -23.79 -37.04 -81.80
N GLU B 237 -22.83 -37.92 -81.49
CA GLU B 237 -23.04 -38.97 -80.49
C GLU B 237 -23.06 -38.39 -79.08
N PHE B 238 -23.81 -39.03 -78.19
CA PHE B 238 -23.84 -38.64 -76.79
C PHE B 238 -24.16 -39.83 -75.91
N LEU B 239 -23.19 -40.24 -75.09
CA LEU B 239 -23.37 -41.36 -74.18
C LEU B 239 -24.19 -40.95 -72.98
N ASP B 240 -24.46 -41.89 -72.08
CA ASP B 240 -25.25 -41.62 -70.89
C ASP B 240 -24.52 -40.66 -69.96
N GLY B 241 -23.22 -40.86 -69.80
CA GLY B 241 -22.40 -40.03 -68.95
C GLY B 241 -20.92 -40.34 -69.08
N ASP B 242 -20.28 -39.72 -70.07
CA ASP B 242 -18.85 -39.90 -70.29
C ASP B 242 -18.28 -38.76 -71.12
N GLU B 243 -17.08 -38.32 -70.76
CA GLU B 243 -16.42 -37.23 -71.46
C GLU B 243 -15.90 -37.67 -72.83
N THR B 244 -15.97 -38.98 -73.09
CA THR B 244 -15.48 -39.53 -74.34
C THR B 244 -16.41 -39.24 -75.50
N CYS B 245 -17.66 -38.92 -75.19
CA CYS B 245 -18.66 -38.63 -76.22
C CYS B 245 -18.27 -37.39 -77.00
N ARG B 246 -18.68 -37.33 -78.26
CA ARG B 246 -18.27 -36.27 -79.16
C ARG B 246 -19.03 -34.97 -78.89
N ALA B 247 -20.23 -35.10 -78.33
CA ALA B 247 -21.06 -33.95 -78.01
C ALA B 247 -20.33 -33.02 -77.03
N ASN B 248 -19.51 -33.63 -76.17
CA ASN B 248 -18.75 -32.90 -75.17
C ASN B 248 -17.56 -32.16 -75.77
N LEU B 249 -16.87 -32.81 -76.71
CA LEU B 249 -15.67 -32.25 -77.31
C LEU B 249 -15.93 -30.92 -78.02
N LEU B 250 -17.12 -30.80 -78.62
CA LEU B 250 -17.47 -29.56 -79.30
C LEU B 250 -17.76 -28.45 -78.30
N ASN B 251 -18.28 -28.81 -77.13
CA ASN B 251 -18.56 -27.84 -76.08
C ASN B 251 -17.26 -27.28 -75.50
N ASN B 252 -16.19 -28.07 -75.55
CA ASN B 252 -14.87 -27.61 -75.11
C ASN B 252 -14.35 -26.53 -76.05
N ALA B 253 -14.78 -26.58 -77.30
CA ALA B 253 -14.41 -25.57 -78.28
C ALA B 253 -15.46 -24.47 -78.34
N ASN B 254 -16.29 -24.38 -77.31
CA ASN B 254 -17.35 -23.38 -77.22
C ASN B 254 -18.31 -23.51 -78.40
N ILE B 255 -19.04 -24.61 -78.44
CA ILE B 255 -19.99 -24.87 -79.51
C ILE B 255 -21.25 -25.54 -78.99
N ALA B 256 -22.40 -25.06 -79.45
CA ALA B 256 -23.68 -25.65 -79.12
C ALA B 256 -23.98 -26.80 -80.07
N THR B 257 -24.67 -27.83 -79.56
CA THR B 257 -24.97 -29.01 -80.37
C THR B 257 -26.33 -29.59 -80.02
N ILE B 258 -26.98 -30.18 -81.03
CA ILE B 258 -28.27 -30.85 -80.84
C ILE B 258 -28.02 -32.35 -80.70
N ILE B 259 -28.35 -32.88 -79.52
CA ILE B 259 -28.01 -34.26 -79.20
C ILE B 259 -29.17 -35.22 -79.44
N ARG B 260 -28.84 -36.51 -79.44
CA ARG B 260 -29.81 -37.59 -79.60
C ARG B 260 -30.53 -37.56 -80.94
N ASP B 261 -31.32 -38.59 -81.19
CA ASP B 261 -32.01 -38.76 -82.47
C ASP B 261 -32.99 -37.63 -82.71
N ASP B 262 -33.45 -37.51 -83.96
CA ASP B 262 -34.45 -36.51 -84.33
C ASP B 262 -33.99 -35.09 -84.04
N GLY B 263 -33.94 -34.74 -82.76
CA GLY B 263 -33.55 -33.42 -82.32
C GLY B 263 -34.07 -33.22 -80.91
N TYR B 264 -33.65 -34.11 -80.02
CA TYR B 264 -34.14 -34.16 -78.65
C TYR B 264 -33.97 -32.82 -77.95
N ARG B 265 -32.74 -32.31 -77.93
CA ARG B 265 -32.46 -31.05 -77.25
C ARG B 265 -31.11 -30.45 -77.65
N LEU B 266 -30.99 -29.14 -77.41
CA LEU B 266 -29.76 -28.40 -77.69
C LEU B 266 -29.09 -28.02 -76.38
N TRP B 267 -27.75 -28.01 -76.37
CA TRP B 267 -27.01 -27.52 -75.22
C TRP B 267 -25.60 -27.08 -75.61
N GLY B 268 -24.88 -26.50 -74.65
CA GLY B 268 -23.54 -25.98 -74.88
C GLY B 268 -23.52 -24.52 -74.51
N ASN B 269 -23.58 -24.24 -73.21
CA ASN B 269 -23.69 -22.87 -72.70
C ASN B 269 -22.48 -22.02 -73.04
N ARG B 270 -21.35 -22.67 -73.27
CA ARG B 270 -20.10 -21.95 -73.56
C ARG B 270 -20.24 -21.08 -74.81
N THR B 271 -20.12 -19.78 -74.61
CA THR B 271 -20.10 -18.83 -75.72
C THR B 271 -18.66 -18.73 -76.24
N LEU B 272 -18.51 -18.45 -77.53
CA LEU B 272 -17.19 -18.35 -78.14
C LEU B 272 -16.39 -17.19 -77.53
N SER B 273 -15.95 -17.36 -76.29
CA SER B 273 -15.24 -16.30 -75.57
C SER B 273 -13.95 -16.83 -74.94
N SER B 274 -12.88 -16.05 -75.09
CA SER B 274 -11.58 -16.40 -74.50
C SER B 274 -11.60 -16.17 -73.00
N ASP B 275 -12.12 -15.03 -72.57
CA ASP B 275 -12.19 -14.70 -71.15
C ASP B 275 -13.14 -15.65 -70.44
N SER B 276 -12.62 -16.43 -69.50
CA SER B 276 -13.41 -17.44 -68.78
C SER B 276 -14.45 -16.79 -67.88
N LYS B 277 -14.33 -15.48 -67.65
CA LYS B 277 -15.30 -14.76 -66.83
C LYS B 277 -16.66 -14.73 -67.52
N TRP B 278 -16.64 -14.60 -68.84
CA TRP B 278 -17.85 -14.54 -69.65
C TRP B 278 -18.02 -15.84 -70.42
N ALA B 279 -17.73 -16.95 -69.76
CA ALA B 279 -17.77 -18.26 -70.40
C ALA B 279 -19.19 -18.66 -70.74
N PHE B 280 -20.11 -18.42 -69.81
CA PHE B 280 -21.51 -18.77 -70.04
C PHE B 280 -22.21 -17.69 -70.85
N VAL B 281 -23.13 -18.13 -71.72
CA VAL B 281 -23.94 -17.21 -72.50
C VAL B 281 -24.92 -16.50 -71.57
N THR B 282 -25.21 -17.15 -70.43
CA THR B 282 -26.13 -16.59 -69.43
C THR B 282 -25.63 -15.25 -68.90
N ARG B 283 -24.38 -15.24 -68.42
CA ARG B 283 -23.80 -14.04 -67.82
C ARG B 283 -23.83 -12.87 -68.78
N VAL B 284 -23.48 -13.13 -70.03
CA VAL B 284 -23.47 -12.10 -71.06
C VAL B 284 -24.89 -11.58 -71.30
N ARG B 285 -25.87 -12.46 -71.09
CA ARG B 285 -27.27 -12.12 -71.37
C ARG B 285 -27.89 -11.32 -70.22
N THR B 286 -27.46 -11.59 -69.00
CA THR B 286 -27.98 -10.89 -67.82
C THR B 286 -27.30 -9.54 -67.65
N MET B 287 -25.99 -9.51 -67.92
CA MET B 287 -25.20 -8.31 -67.73
C MET B 287 -25.57 -7.24 -68.76
N ASP B 288 -25.73 -7.67 -70.01
CA ASP B 288 -26.13 -6.76 -71.09
C ASP B 288 -27.54 -6.23 -70.87
N LEU B 289 -28.30 -6.90 -70.00
CA LEU B 289 -29.68 -6.52 -69.72
C LEU B 289 -29.75 -5.47 -68.60
N VAL B 290 -29.13 -5.79 -67.46
CA VAL B 290 -29.14 -4.89 -66.31
C VAL B 290 -28.40 -3.59 -66.62
N MET B 291 -27.44 -3.67 -67.53
CA MET B 291 -26.71 -2.48 -67.96
C MET B 291 -27.63 -1.58 -68.77
N ASP B 292 -28.28 -2.13 -69.78
CA ASP B 292 -29.20 -1.38 -70.62
C ASP B 292 -30.41 -0.89 -69.83
N ALA B 293 -30.72 -1.58 -68.73
CA ALA B 293 -31.83 -1.19 -67.86
C ALA B 293 -31.46 0.03 -67.03
N ILE B 294 -30.28 -0.01 -66.43
CA ILE B 294 -29.79 1.10 -65.61
C ILE B 294 -29.53 2.31 -66.48
N LEU B 295 -29.04 2.07 -67.69
CA LEU B 295 -28.77 3.14 -68.65
C LEU B 295 -30.07 3.84 -69.03
N ALA B 296 -31.03 3.09 -69.56
CA ALA B 296 -32.30 3.63 -70.01
C ALA B 296 -33.23 3.95 -68.83
N GLY B 297 -32.89 3.43 -67.66
CA GLY B 297 -33.74 3.60 -66.48
C GLY B 297 -33.56 4.95 -65.83
N HIS B 298 -32.31 5.33 -65.59
CA HIS B 298 -31.98 6.58 -64.91
C HIS B 298 -31.80 7.73 -65.92
N LYS B 299 -32.67 7.76 -66.91
CA LYS B 299 -32.70 8.85 -67.89
C LYS B 299 -33.47 10.04 -67.32
N TRP B 300 -34.24 9.78 -66.26
CA TRP B 300 -35.02 10.82 -65.60
C TRP B 300 -34.11 11.71 -64.77
N ALA B 301 -33.04 11.13 -64.24
CA ALA B 301 -32.14 11.84 -63.35
C ALA B 301 -31.33 12.85 -64.17
N VAL B 302 -30.16 12.43 -64.64
CA VAL B 302 -29.25 13.30 -65.40
C VAL B 302 -29.00 14.57 -64.59
N ASP B 303 -28.87 15.71 -65.26
CA ASP B 303 -28.57 16.96 -64.58
C ASP B 303 -29.70 17.35 -63.63
N ARG B 304 -29.44 17.18 -62.33
CA ARG B 304 -30.41 17.51 -61.30
C ARG B 304 -29.67 17.76 -59.98
N GLY B 305 -30.30 18.51 -59.10
CA GLY B 305 -29.69 18.88 -57.82
C GLY B 305 -29.18 17.67 -57.06
N ILE B 306 -27.86 17.57 -56.96
CA ILE B 306 -27.21 16.41 -56.33
C ILE B 306 -27.20 16.57 -54.81
N THR B 307 -28.39 16.70 -54.23
CA THR B 307 -28.52 16.78 -52.77
C THR B 307 -28.42 15.39 -52.19
N LYS B 308 -28.16 15.30 -50.88
CA LYS B 308 -28.08 14.02 -50.18
C LYS B 308 -29.32 13.16 -50.42
N THR B 309 -30.46 13.81 -50.63
CA THR B 309 -31.71 13.10 -50.93
C THR B 309 -31.61 12.41 -52.28
N TYR B 310 -31.12 13.14 -53.28
CA TYR B 310 -31.01 12.65 -54.64
C TYR B 310 -30.13 11.40 -54.71
N VAL B 311 -29.02 11.41 -53.98
CA VAL B 311 -28.11 10.27 -53.96
C VAL B 311 -28.82 9.04 -53.38
N LYS B 312 -29.53 9.24 -52.27
CA LYS B 312 -30.28 8.17 -51.65
C LYS B 312 -31.45 7.71 -52.52
N ASP B 313 -32.06 8.65 -53.23
CA ASP B 313 -33.18 8.32 -54.12
C ASP B 313 -32.71 7.38 -55.23
N VAL B 314 -31.50 7.63 -55.72
CA VAL B 314 -30.91 6.79 -56.77
C VAL B 314 -30.35 5.51 -56.16
N THR B 315 -29.75 5.64 -54.98
CA THR B 315 -29.22 4.48 -54.27
C THR B 315 -30.35 3.50 -53.91
N GLU B 316 -31.43 4.03 -53.35
CA GLU B 316 -32.60 3.21 -53.02
C GLU B 316 -33.28 2.70 -54.27
N GLY B 317 -33.03 3.37 -55.40
CA GLY B 317 -33.59 2.96 -56.67
C GLY B 317 -32.95 1.67 -57.14
N LEU B 318 -31.66 1.51 -56.82
CA LEU B 318 -30.91 0.31 -57.15
C LEU B 318 -31.15 -0.78 -56.10
N ARG B 319 -31.29 -0.37 -54.85
CA ARG B 319 -31.60 -1.29 -53.76
C ARG B 319 -32.87 -2.08 -54.07
N ALA B 320 -33.95 -1.36 -54.35
CA ALA B 320 -35.24 -1.96 -54.63
C ALA B 320 -35.20 -2.73 -55.95
N PHE B 321 -34.51 -2.16 -56.93
CA PHE B 321 -34.43 -2.77 -58.26
C PHE B 321 -33.76 -4.13 -58.22
N MET B 322 -32.54 -4.17 -57.67
CA MET B 322 -31.77 -5.41 -57.58
C MET B 322 -32.46 -6.43 -56.70
N ARG B 323 -33.18 -5.97 -55.69
CA ARG B 323 -33.89 -6.87 -54.80
C ARG B 323 -35.07 -7.51 -55.51
N ASP B 324 -35.57 -6.85 -56.57
CA ASP B 324 -36.63 -7.43 -57.39
C ASP B 324 -36.06 -8.50 -58.32
N LEU B 325 -34.75 -8.46 -58.52
CA LEU B 325 -34.04 -9.47 -59.30
C LEU B 325 -33.62 -10.64 -58.42
N LYS B 326 -33.36 -10.36 -57.15
CA LYS B 326 -32.89 -11.37 -56.22
C LYS B 326 -34.00 -12.36 -55.88
N ASN B 327 -35.12 -11.85 -55.37
CA ASN B 327 -36.26 -12.69 -55.03
C ASN B 327 -36.86 -13.36 -56.26
N GLN B 328 -36.68 -12.73 -57.41
CA GLN B 328 -37.14 -13.28 -58.69
C GLN B 328 -36.23 -14.43 -59.12
N GLY B 329 -34.99 -14.39 -58.66
CA GLY B 329 -34.03 -15.45 -58.94
C GLY B 329 -33.05 -15.09 -60.05
N ALA B 330 -33.08 -13.84 -60.49
CA ALA B 330 -32.19 -13.39 -61.55
C ALA B 330 -30.74 -13.33 -61.06
N VAL B 331 -30.57 -12.98 -59.79
CA VAL B 331 -29.26 -12.90 -59.17
C VAL B 331 -29.31 -13.57 -57.79
N ILE B 332 -28.16 -14.07 -57.34
CA ILE B 332 -28.08 -14.70 -56.02
C ILE B 332 -28.09 -13.63 -54.94
N ASN B 333 -27.17 -12.67 -55.05
CA ASN B 333 -27.09 -11.57 -54.12
C ASN B 333 -26.39 -10.38 -54.75
N PHE B 334 -26.60 -9.20 -54.19
CA PHE B 334 -26.06 -7.97 -54.76
C PHE B 334 -25.58 -7.03 -53.68
N GLU B 335 -25.07 -5.87 -54.11
CA GLU B 335 -24.60 -4.83 -53.21
C GLU B 335 -24.36 -3.57 -54.01
N VAL B 336 -25.03 -2.49 -53.64
CA VAL B 336 -24.92 -1.22 -54.35
C VAL B 336 -24.71 -0.09 -53.36
N TYR B 337 -23.85 0.86 -53.73
CA TYR B 337 -23.50 1.96 -52.85
C TYR B 337 -22.66 3.00 -53.59
N ALA B 338 -22.45 4.15 -52.96
CA ALA B 338 -21.65 5.22 -53.54
C ALA B 338 -20.22 5.11 -53.02
N ASP B 339 -19.26 4.97 -53.93
CA ASP B 339 -17.86 4.81 -53.54
C ASP B 339 -17.31 6.09 -52.90
N PRO B 340 -16.69 5.97 -51.72
CA PRO B 340 -16.09 7.17 -51.09
C PRO B 340 -14.97 7.80 -51.92
N ASP B 341 -14.10 6.98 -52.48
CA ASP B 341 -12.92 7.47 -53.18
C ASP B 341 -13.28 8.13 -54.51
N LEU B 342 -14.17 7.50 -55.27
CA LEU B 342 -14.58 8.03 -56.57
C LEU B 342 -15.31 9.35 -56.42
N ASN B 343 -16.34 9.36 -55.58
CA ASN B 343 -17.12 10.56 -55.33
C ASN B 343 -16.28 11.59 -54.57
N SER B 344 -15.30 12.16 -55.26
CA SER B 344 -14.44 13.18 -54.69
C SER B 344 -15.11 14.54 -54.79
N ALA B 345 -14.63 15.50 -54.01
CA ALA B 345 -15.18 16.85 -54.01
C ALA B 345 -15.08 17.50 -55.38
N SER B 346 -14.09 17.09 -56.16
CA SER B 346 -13.85 17.65 -57.49
C SER B 346 -14.69 16.94 -58.56
N GLN B 347 -14.94 15.65 -58.37
CA GLN B 347 -15.73 14.87 -59.31
C GLN B 347 -17.19 15.31 -59.30
N LEU B 348 -17.73 15.52 -58.10
CA LEU B 348 -19.10 16.00 -57.95
C LEU B 348 -19.25 17.41 -58.50
N ALA B 349 -18.15 18.16 -58.52
CA ALA B 349 -18.15 19.52 -59.02
C ALA B 349 -18.13 19.57 -60.56
N GLN B 350 -18.05 18.39 -61.18
CA GLN B 350 -18.16 18.26 -62.64
C GLN B 350 -19.43 17.51 -63.02
N GLY B 351 -20.21 17.12 -62.02
CA GLY B 351 -21.46 16.42 -62.24
C GLY B 351 -21.32 14.92 -62.07
N LYS B 352 -20.09 14.43 -62.17
CA LYS B 352 -19.84 13.00 -61.99
C LYS B 352 -20.25 12.51 -60.60
N VAL B 353 -21.00 11.42 -60.58
CA VAL B 353 -21.37 10.77 -59.33
C VAL B 353 -21.51 9.27 -59.61
N TYR B 354 -20.79 8.46 -58.85
CA TYR B 354 -20.67 7.03 -59.13
C TYR B 354 -21.46 6.17 -58.15
N TRP B 355 -21.87 4.99 -58.60
CA TRP B 355 -22.52 4.01 -57.74
C TRP B 355 -22.00 2.61 -58.08
N ASN B 356 -21.18 2.07 -57.19
CA ASN B 356 -20.55 0.78 -57.41
C ASN B 356 -21.55 -0.37 -57.26
N ILE B 357 -22.07 -0.84 -58.38
CA ILE B 357 -22.96 -2.00 -58.40
C ILE B 357 -22.14 -3.27 -58.56
N ARG B 358 -22.52 -4.31 -57.83
CA ARG B 358 -21.83 -5.59 -57.90
C ARG B 358 -22.74 -6.73 -57.45
N PHE B 359 -22.65 -7.86 -58.14
CA PHE B 359 -23.49 -9.00 -57.83
C PHE B 359 -22.96 -10.26 -58.53
N THR B 360 -23.69 -11.37 -58.38
CA THR B 360 -23.30 -12.63 -58.99
C THR B 360 -24.47 -13.20 -59.79
N ASP B 361 -24.41 -13.07 -61.11
CA ASP B 361 -25.42 -13.67 -61.97
C ASP B 361 -25.41 -15.19 -61.80
N VAL B 362 -26.59 -15.80 -61.85
CA VAL B 362 -26.71 -17.23 -61.61
C VAL B 362 -26.09 -18.05 -62.75
N PRO B 363 -25.08 -18.88 -62.44
CA PRO B 363 -24.49 -19.75 -63.46
C PRO B 363 -25.24 -21.09 -63.59
N PRO B 364 -25.44 -21.60 -64.82
CA PRO B 364 -26.11 -22.89 -64.98
C PRO B 364 -25.22 -24.05 -64.58
N ALA B 365 -25.70 -24.90 -63.67
CA ALA B 365 -24.95 -26.08 -63.23
C ALA B 365 -24.78 -27.05 -64.38
N GLU B 366 -23.84 -26.75 -65.28
CA GLU B 366 -23.68 -27.53 -66.50
C GLU B 366 -23.04 -28.90 -66.25
N ASN B 367 -22.67 -29.18 -65.01
CA ASN B 367 -22.02 -30.45 -64.68
C ASN B 367 -22.10 -30.76 -63.18
N PRO B 368 -23.29 -31.18 -62.71
CA PRO B 368 -23.47 -31.57 -61.31
C PRO B 368 -22.93 -32.98 -61.02
N ASN B 369 -21.93 -33.07 -60.15
CA ASN B 369 -21.33 -34.34 -59.79
C ASN B 369 -22.04 -35.00 -58.61
N PHE B 370 -21.78 -36.29 -58.40
CA PHE B 370 -22.38 -37.04 -57.32
C PHE B 370 -21.38 -38.05 -56.75
N ARG B 371 -20.52 -37.55 -55.86
CA ARG B 371 -19.49 -38.38 -55.25
C ARG B 371 -20.10 -39.44 -54.33
N VAL B 372 -20.73 -40.45 -54.94
CA VAL B 372 -21.32 -41.54 -54.17
C VAL B 372 -20.23 -42.54 -53.79
N GLU B 373 -20.36 -43.12 -52.60
CA GLU B 373 -19.36 -44.03 -52.08
C GLU B 373 -19.90 -44.81 -50.88
N VAL B 374 -19.88 -46.13 -50.99
CA VAL B 374 -20.31 -46.98 -49.88
C VAL B 374 -19.26 -46.99 -48.78
N THR B 375 -19.60 -47.65 -47.68
CA THR B 375 -18.67 -47.80 -46.56
C THR B 375 -19.18 -48.89 -45.62
N ASP B 376 -18.64 -48.90 -44.40
CA ASP B 376 -19.02 -49.87 -43.40
C ASP B 376 -19.26 -49.17 -42.07
N GLN B 377 -19.79 -47.95 -42.15
CA GLN B 377 -20.02 -47.13 -40.97
C GLN B 377 -21.29 -47.55 -40.23
N TRP B 378 -22.43 -47.40 -40.89
CA TRP B 378 -23.71 -47.75 -40.29
C TRP B 378 -24.01 -49.25 -40.39
N LEU B 379 -23.16 -50.06 -39.76
CA LEU B 379 -23.39 -51.49 -39.70
C LEU B 379 -23.71 -51.91 -38.26
N THR B 380 -23.06 -51.25 -37.31
CA THR B 380 -23.30 -51.51 -35.89
C THR B 380 -24.71 -51.06 -35.49
N GLU B 381 -25.34 -50.27 -36.36
CA GLU B 381 -26.70 -49.82 -36.13
C GLU B 381 -27.64 -51.02 -36.17
N VAL B 382 -27.28 -52.02 -36.97
CA VAL B 382 -28.03 -53.26 -37.06
C VAL B 382 -27.72 -54.10 -35.83
N LEU B 383 -28.28 -53.72 -34.69
CA LEU B 383 -28.01 -54.40 -33.44
C LEU B 383 -28.98 -53.93 -32.35
N ASP B 384 -29.08 -52.61 -32.21
CA ASP B 384 -29.96 -52.01 -31.22
C ASP B 384 -30.31 -50.58 -31.61
N SER C 2 11.23 -74.55 -19.30
CA SER C 2 9.84 -74.35 -18.90
C SER C 2 9.71 -74.34 -17.38
N PHE C 3 10.42 -75.26 -16.74
CA PHE C 3 10.43 -75.39 -15.28
C PHE C 3 9.08 -75.91 -14.77
N PHE C 4 9.10 -77.13 -14.25
CA PHE C 4 7.92 -77.79 -13.72
C PHE C 4 6.88 -78.08 -14.80
N HIS C 5 6.15 -77.03 -15.21
CA HIS C 5 5.06 -77.16 -16.18
C HIS C 5 3.98 -78.13 -15.70
N GLY C 6 3.14 -77.67 -14.79
CA GLY C 6 2.04 -78.46 -14.30
C GLY C 6 1.05 -77.62 -13.52
N VAL C 7 1.05 -77.78 -12.19
CA VAL C 7 0.19 -77.00 -11.32
C VAL C 7 0.66 -77.18 -9.88
N THR C 8 1.43 -76.22 -9.39
CA THR C 8 1.99 -76.28 -8.06
C THR C 8 0.95 -75.88 -7.02
N VAL C 9 1.34 -75.97 -5.75
CA VAL C 9 0.45 -75.64 -4.65
C VAL C 9 1.31 -75.54 -3.38
N THR C 10 2.32 -74.68 -3.44
CA THR C 10 3.26 -74.55 -2.33
C THR C 10 2.58 -73.98 -1.08
N ASN C 11 2.84 -74.61 0.05
CA ASN C 11 2.31 -74.16 1.33
C ASN C 11 3.25 -73.14 1.95
N VAL C 12 2.83 -71.87 1.93
CA VAL C 12 3.65 -70.80 2.49
C VAL C 12 3.54 -70.82 4.01
N ASP C 13 4.59 -71.32 4.66
CA ASP C 13 4.61 -71.49 6.10
C ASP C 13 5.03 -70.19 6.80
N ILE C 14 4.10 -69.25 6.88
CA ILE C 14 4.34 -67.99 7.58
C ILE C 14 3.11 -67.61 8.40
N GLY C 15 3.31 -66.72 9.37
CA GLY C 15 2.25 -66.29 10.27
C GLY C 15 2.73 -66.32 11.70
N ALA C 16 2.06 -65.57 12.55
CA ALA C 16 2.43 -65.49 13.97
C ALA C 16 2.11 -66.80 14.69
N ARG C 17 3.16 -67.50 15.12
CA ARG C 17 2.99 -68.73 15.87
C ARG C 17 2.45 -68.45 17.27
N THR C 18 1.85 -69.47 17.87
CA THR C 18 1.33 -69.37 19.24
C THR C 18 2.42 -69.69 20.25
N ILE C 19 2.25 -69.20 21.47
CA ILE C 19 3.22 -69.43 22.53
C ILE C 19 2.51 -69.80 23.83
N ALA C 20 3.12 -70.72 24.59
CA ALA C 20 2.53 -71.23 25.82
C ALA C 20 3.43 -70.91 27.02
N LEU C 21 2.94 -71.26 28.21
CA LEU C 21 3.66 -71.05 29.46
C LEU C 21 4.06 -72.40 30.08
N PRO C 22 5.22 -72.94 29.65
CA PRO C 22 5.61 -74.29 30.09
C PRO C 22 5.99 -74.35 31.57
N ALA C 23 6.13 -75.56 32.09
CA ALA C 23 6.57 -75.79 33.47
C ALA C 23 5.60 -75.21 34.51
N SER C 24 5.42 -73.90 34.48
CA SER C 24 4.50 -73.20 35.39
C SER C 24 4.97 -73.33 36.83
N SER C 25 4.79 -74.50 37.43
CA SER C 25 5.15 -74.70 38.83
C SER C 25 5.38 -76.18 39.15
N VAL C 26 6.45 -76.74 38.59
CA VAL C 26 6.84 -78.11 38.90
C VAL C 26 7.83 -78.09 40.05
N ILE C 27 7.60 -78.93 41.04
CA ILE C 27 8.42 -78.97 42.25
C ILE C 27 9.60 -79.90 42.07
N GLY C 28 10.75 -79.48 42.59
CA GLY C 28 11.98 -80.25 42.53
C GLY C 28 12.47 -80.54 43.93
N LEU C 29 12.01 -81.66 44.48
CA LEU C 29 12.31 -82.03 45.86
C LEU C 29 13.46 -83.03 45.95
N CYS C 30 14.13 -83.07 47.10
CA CYS C 30 15.26 -83.96 47.30
C CYS C 30 15.52 -84.15 48.80
N ASP C 31 14.80 -85.09 49.41
CA ASP C 31 14.98 -85.43 50.81
C ASP C 31 15.72 -86.77 50.88
N VAL C 32 15.39 -87.60 51.88
CA VAL C 32 16.02 -88.91 52.03
C VAL C 32 14.98 -89.99 52.28
N PHE C 33 15.39 -91.24 52.12
CA PHE C 33 14.52 -92.37 52.41
C PHE C 33 15.35 -93.63 52.64
N THR C 34 14.67 -94.77 52.68
CA THR C 34 15.33 -96.05 52.94
C THR C 34 15.03 -97.03 51.80
N PRO C 35 15.95 -97.16 50.83
CA PRO C 35 15.70 -98.08 49.72
C PRO C 35 15.83 -99.54 50.16
N GLY C 36 14.97 -100.40 49.63
CA GLY C 36 15.00 -101.81 49.97
C GLY C 36 13.94 -102.60 49.22
N ALA C 37 12.85 -102.91 49.90
CA ALA C 37 11.80 -103.76 49.35
C ALA C 37 10.69 -102.92 48.71
N GLN C 38 9.85 -102.32 49.55
CA GLN C 38 8.70 -101.55 49.07
C GLN C 38 9.14 -100.31 48.29
N ALA C 39 10.37 -99.88 48.49
CA ALA C 39 10.91 -98.70 47.82
C ALA C 39 11.23 -99.03 46.36
N SER C 40 10.30 -98.71 45.47
CA SER C 40 10.47 -98.99 44.04
C SER C 40 11.51 -98.07 43.42
N ALA C 41 11.50 -96.81 43.85
CA ALA C 41 12.43 -95.81 43.32
C ALA C 41 13.86 -96.18 43.69
N LYS C 42 14.79 -95.98 42.75
CA LYS C 42 16.18 -96.33 42.98
C LYS C 42 16.80 -95.38 44.00
N PRO C 43 17.95 -95.75 44.59
CA PRO C 43 18.53 -94.99 45.70
C PRO C 43 19.02 -93.57 45.34
N ASN C 44 18.82 -93.11 44.11
CA ASN C 44 19.35 -91.80 43.73
C ASN C 44 18.73 -91.17 42.48
N VAL C 45 18.24 -91.98 41.54
CA VAL C 45 17.78 -91.43 40.25
C VAL C 45 16.52 -90.59 40.45
N PRO C 46 16.30 -89.59 39.58
CA PRO C 46 15.05 -88.83 39.63
C PRO C 46 13.83 -89.67 39.30
N VAL C 47 12.74 -89.48 40.03
CA VAL C 47 11.49 -90.17 39.77
C VAL C 47 10.35 -89.17 39.75
N LEU C 48 9.49 -89.26 38.75
CA LEU C 48 8.37 -88.35 38.62
C LEU C 48 7.20 -88.82 39.46
N LEU C 49 6.48 -87.86 40.04
CA LEU C 49 5.32 -88.14 40.88
C LEU C 49 4.09 -87.41 40.35
N THR C 50 2.95 -87.67 40.98
CA THR C 50 1.70 -87.04 40.57
C THR C 50 0.69 -87.05 41.73
N SER C 51 0.75 -88.11 42.54
CA SER C 51 -0.14 -88.26 43.69
C SER C 51 0.55 -89.06 44.78
N LYS C 52 -0.07 -89.14 45.95
CA LYS C 52 0.47 -89.88 47.07
C LYS C 52 0.68 -91.36 46.73
N LYS C 53 -0.24 -91.92 45.95
CA LYS C 53 -0.14 -93.31 45.53
C LYS C 53 1.16 -93.56 44.75
N ASP C 54 1.45 -92.67 43.80
CA ASP C 54 2.64 -92.81 42.97
C ASP C 54 3.91 -92.57 43.77
N ALA C 55 3.77 -91.87 44.89
CA ALA C 55 4.90 -91.52 45.76
C ALA C 55 5.10 -92.59 46.84
N ALA C 56 4.01 -93.15 47.33
CA ALA C 56 4.06 -94.15 48.40
C ALA C 56 4.80 -95.39 47.94
N ALA C 57 4.36 -95.97 46.83
CA ALA C 57 4.96 -97.18 46.29
C ALA C 57 6.40 -96.92 45.81
N ALA C 58 6.73 -95.65 45.60
CA ALA C 58 8.04 -95.26 45.09
C ALA C 58 9.10 -95.28 46.18
N PHE C 59 8.89 -94.47 47.21
CA PHE C 59 9.86 -94.30 48.29
C PHE C 59 9.50 -95.13 49.52
N GLY C 60 8.21 -95.18 49.83
CA GLY C 60 7.70 -95.94 50.95
C GLY C 60 7.11 -95.04 52.01
N ILE C 61 6.34 -95.64 52.92
CA ILE C 61 5.71 -94.90 54.01
C ILE C 61 6.70 -94.76 55.16
N GLY C 62 6.65 -93.61 55.83
CA GLY C 62 7.56 -93.34 56.94
C GLY C 62 8.84 -92.69 56.49
N SER C 63 9.16 -92.85 55.21
CA SER C 63 10.35 -92.22 54.64
C SER C 63 10.25 -90.71 54.81
N SER C 64 11.34 -90.09 55.25
CA SER C 64 11.37 -88.65 55.51
C SER C 64 11.00 -87.83 54.27
N ILE C 65 11.16 -88.44 53.10
CA ILE C 65 10.82 -87.79 51.84
C ILE C 65 9.32 -87.84 51.59
N TYR C 66 8.69 -88.91 52.05
CA TYR C 66 7.25 -89.10 51.85
C TYR C 66 6.46 -88.13 52.72
N LEU C 67 7.01 -87.80 53.89
CA LEU C 67 6.38 -86.83 54.79
C LEU C 67 6.40 -85.44 54.17
N ALA C 68 7.33 -85.23 53.24
CA ALA C 68 7.46 -83.96 52.54
C ALA C 68 6.53 -83.92 51.33
N CYS C 69 6.46 -85.02 50.60
CA CYS C 69 5.57 -85.13 49.43
C CYS C 69 4.12 -85.11 49.89
N GLU C 70 3.83 -85.84 50.96
CA GLU C 70 2.49 -85.89 51.52
C GLU C 70 2.06 -84.50 51.99
N ALA C 71 3.01 -83.72 52.48
CA ALA C 71 2.74 -82.36 52.94
C ALA C 71 2.37 -81.46 51.76
N ILE C 72 2.88 -81.79 50.59
CA ILE C 72 2.58 -81.03 49.38
C ILE C 72 1.23 -81.43 48.80
N TYR C 73 0.99 -82.73 48.69
CA TYR C 73 -0.24 -83.26 48.09
C TYR C 73 -1.44 -83.01 48.99
N ASN C 74 -1.20 -82.96 50.30
CA ASN C 74 -2.25 -82.63 51.25
C ASN C 74 -2.72 -81.20 51.02
N ARG C 75 -1.76 -80.33 50.79
CA ARG C 75 -2.03 -78.92 50.48
C ARG C 75 -2.70 -78.81 49.11
N ALA C 76 -1.93 -79.03 48.05
CA ALA C 76 -2.44 -78.94 46.69
C ALA C 76 -1.64 -79.85 45.77
N GLN C 77 -2.34 -80.60 44.93
CA GLN C 77 -1.70 -81.56 44.04
C GLN C 77 -0.80 -80.86 43.03
N ALA C 78 0.35 -81.48 42.75
CA ALA C 78 1.31 -80.90 41.81
C ALA C 78 2.32 -81.94 41.37
N VAL C 79 3.01 -81.66 40.28
CA VAL C 79 4.05 -82.53 39.77
C VAL C 79 5.32 -82.36 40.60
N ILE C 80 5.89 -83.47 41.05
CA ILE C 80 7.11 -83.45 41.86
C ILE C 80 8.14 -84.40 41.28
N VAL C 81 9.11 -83.85 40.56
CA VAL C 81 10.22 -84.64 40.06
C VAL C 81 11.19 -84.85 41.23
N ALA C 82 10.77 -85.68 42.18
CA ALA C 82 11.56 -85.93 43.38
C ALA C 82 12.79 -86.77 43.06
N VAL C 83 13.84 -86.60 43.86
CA VAL C 83 15.08 -87.34 43.70
C VAL C 83 15.20 -88.39 44.81
N GLY C 84 15.53 -87.92 46.01
CA GLY C 84 15.65 -88.81 47.17
C GLY C 84 16.97 -89.54 47.15
N VAL C 85 17.65 -89.53 48.29
CA VAL C 85 18.95 -90.17 48.43
C VAL C 85 19.01 -90.98 49.73
N GLU C 86 19.78 -92.06 49.72
CA GLU C 86 19.91 -92.92 50.89
C GLU C 86 20.49 -92.16 52.07
N THR C 87 19.99 -92.46 53.28
CA THR C 87 20.50 -91.85 54.49
C THR C 87 21.93 -92.30 54.76
N ALA C 88 22.76 -91.37 55.23
CA ALA C 88 24.16 -91.66 55.52
C ALA C 88 24.39 -91.84 57.02
N GLU C 89 25.64 -92.06 57.41
CA GLU C 89 26.00 -92.29 58.80
C GLU C 89 25.82 -91.01 59.61
N THR C 90 26.77 -90.08 59.45
CA THR C 90 26.74 -88.81 60.16
C THR C 90 25.86 -87.80 59.41
N PRO C 91 25.24 -86.86 60.14
CA PRO C 91 24.35 -85.87 59.52
C PRO C 91 25.10 -84.92 58.60
N GLU C 92 26.36 -84.66 58.91
CA GLU C 92 27.19 -83.74 58.13
C GLU C 92 27.50 -84.33 56.75
N ALA C 93 27.99 -85.55 56.74
CA ALA C 93 28.35 -86.24 55.50
C ALA C 93 27.13 -86.60 54.67
N GLN C 94 25.96 -86.58 55.31
CA GLN C 94 24.71 -86.88 54.62
C GLN C 94 24.38 -85.77 53.63
N ALA C 95 24.79 -84.56 53.96
CA ALA C 95 24.54 -83.39 53.11
C ALA C 95 25.28 -83.53 51.78
N SER C 96 26.35 -84.31 51.78
CA SER C 96 27.14 -84.53 50.57
C SER C 96 26.30 -85.28 49.54
N ALA C 97 25.63 -86.34 49.99
CA ALA C 97 24.76 -87.13 49.14
C ALA C 97 23.57 -86.29 48.68
N VAL C 98 23.14 -85.37 49.54
CA VAL C 98 22.03 -84.49 49.22
C VAL C 98 22.42 -83.53 48.10
N ILE C 99 23.57 -82.86 48.27
CA ILE C 99 24.07 -81.98 47.22
C ILE C 99 24.41 -82.81 46.00
N GLY C 100 25.24 -83.84 46.20
CA GLY C 100 25.58 -84.77 45.13
C GLY C 100 26.57 -84.18 44.15
N GLY C 101 27.73 -84.82 44.02
CA GLY C 101 28.75 -84.38 43.09
C GLY C 101 28.38 -84.75 41.67
N ILE C 102 28.74 -85.96 41.26
CA ILE C 102 28.46 -86.45 39.91
C ILE C 102 28.70 -87.94 39.77
N SER C 103 29.54 -88.50 40.64
CA SER C 103 29.83 -89.93 40.68
C SER C 103 30.62 -90.38 39.45
N ALA C 104 31.23 -91.55 39.54
CA ALA C 104 32.03 -92.09 38.46
C ALA C 104 31.15 -92.53 37.28
N ALA C 105 29.87 -92.76 37.57
CA ALA C 105 28.92 -93.20 36.54
C ALA C 105 28.67 -92.07 35.53
N GLY C 106 28.92 -90.84 35.96
CA GLY C 106 28.73 -89.68 35.09
C GLY C 106 27.37 -89.05 35.29
N GLU C 107 26.41 -89.85 35.73
CA GLU C 107 25.05 -89.36 35.96
C GLU C 107 24.99 -88.45 37.18
N ARG C 108 24.40 -87.27 37.00
CA ARG C 108 24.28 -86.29 38.08
C ARG C 108 23.55 -86.87 39.29
N THR C 109 24.23 -86.88 40.43
CA THR C 109 23.67 -87.44 41.66
C THR C 109 23.11 -86.35 42.57
N GLY C 110 22.30 -86.77 43.54
CA GLY C 110 21.79 -85.88 44.56
C GLY C 110 20.94 -84.74 44.00
N LEU C 111 20.99 -83.60 44.68
CA LEU C 111 20.17 -82.45 44.33
C LEU C 111 20.42 -81.95 42.91
N GLN C 112 21.63 -82.19 42.40
CA GLN C 112 21.99 -81.73 41.06
C GLN C 112 21.33 -82.58 39.96
N ALA C 113 20.70 -83.68 40.38
CA ALA C 113 20.03 -84.58 39.44
C ALA C 113 18.77 -83.94 38.87
N LEU C 114 18.33 -82.84 39.46
CA LEU C 114 17.10 -82.17 39.04
C LEU C 114 17.22 -81.60 37.63
N LEU C 115 18.45 -81.36 37.19
CA LEU C 115 18.70 -80.83 35.85
C LEU C 115 18.27 -81.84 34.78
N ASP C 116 18.15 -83.10 35.18
CA ASP C 116 17.77 -84.18 34.26
C ASP C 116 16.25 -84.28 34.12
N GLY C 117 15.53 -83.68 35.07
CA GLY C 117 14.07 -83.75 35.08
C GLY C 117 13.44 -83.14 33.84
N LYS C 118 14.15 -82.23 33.20
CA LYS C 118 13.65 -81.56 32.01
C LYS C 118 13.77 -82.46 30.78
N SER C 119 14.94 -83.10 30.64
CA SER C 119 15.23 -83.94 29.48
C SER C 119 14.90 -85.40 29.74
N ARG C 120 13.88 -85.64 30.55
CA ARG C 120 13.42 -87.00 30.83
C ARG C 120 11.91 -87.05 31.06
N PHE C 121 11.37 -86.02 31.72
CA PHE C 121 9.95 -85.97 32.06
C PHE C 121 9.26 -84.75 31.46
N ASN C 122 10.03 -83.95 30.70
CA ASN C 122 9.49 -82.72 30.12
C ASN C 122 8.87 -81.82 31.17
N ALA C 123 9.36 -81.91 32.40
CA ALA C 123 8.85 -81.14 33.53
C ALA C 123 10.02 -80.54 34.29
N GLN C 124 10.49 -79.39 33.81
CA GLN C 124 11.59 -78.70 34.46
C GLN C 124 11.18 -78.24 35.86
N PRO C 125 11.82 -78.79 36.91
CA PRO C 125 11.45 -78.35 38.26
C PRO C 125 11.74 -76.87 38.48
N ARG C 126 10.72 -76.04 38.30
CA ARG C 126 10.87 -74.60 38.45
C ARG C 126 10.47 -74.16 39.85
N LEU C 127 10.82 -75.00 40.83
CA LEU C 127 10.50 -74.73 42.23
C LEU C 127 11.24 -75.72 43.12
N LEU C 128 12.49 -75.39 43.44
CA LEU C 128 13.33 -76.27 44.26
C LEU C 128 12.89 -76.28 45.71
N VAL C 129 13.31 -77.32 46.42
CA VAL C 129 12.98 -77.48 47.83
C VAL C 129 13.76 -78.67 48.39
N ALA C 130 14.26 -78.53 49.61
CA ALA C 130 15.06 -79.58 50.24
C ALA C 130 14.77 -79.61 51.75
N PRO C 131 13.63 -80.21 52.14
CA PRO C 131 13.20 -80.23 53.55
C PRO C 131 14.23 -80.91 54.46
N GLY C 132 14.53 -80.29 55.59
CA GLY C 132 15.51 -80.82 56.53
C GLY C 132 16.91 -80.37 56.19
N HIS C 133 17.31 -80.58 54.94
CA HIS C 133 18.64 -80.20 54.46
C HIS C 133 18.63 -78.83 53.79
N SER C 134 18.68 -77.79 54.61
CA SER C 134 18.74 -76.42 54.12
C SER C 134 19.30 -75.47 55.19
N ALA C 135 19.15 -75.84 56.46
CA ALA C 135 19.70 -75.07 57.56
C ALA C 135 21.22 -75.05 57.50
N GLN C 136 21.79 -76.07 56.87
CA GLN C 136 23.24 -76.15 56.67
C GLN C 136 23.68 -75.16 55.59
N GLN C 137 24.72 -74.40 55.89
CA GLN C 137 25.23 -73.38 54.98
C GLN C 137 25.68 -73.98 53.65
N ALA C 138 26.09 -75.25 53.68
CA ALA C 138 26.63 -75.91 52.51
C ALA C 138 25.57 -76.16 51.42
N VAL C 139 24.61 -77.00 51.74
CA VAL C 139 23.57 -77.40 50.80
C VAL C 139 22.74 -76.22 50.32
N ALA C 140 22.68 -75.16 51.13
CA ALA C 140 21.88 -73.99 50.80
C ALA C 140 22.40 -73.27 49.56
N THR C 141 23.73 -73.23 49.41
CA THR C 141 24.34 -72.58 48.27
C THR C 141 24.13 -73.37 46.99
N ALA C 142 24.12 -74.70 47.12
CA ALA C 142 23.85 -75.58 45.99
C ALA C 142 22.44 -75.33 45.46
N MET C 143 21.52 -75.06 46.37
CA MET C 143 20.15 -74.71 45.99
C MET C 143 20.11 -73.37 45.26
N ASP C 144 21.03 -72.48 45.63
CA ASP C 144 21.12 -71.17 45.01
C ASP C 144 21.66 -71.28 43.59
N GLY C 145 22.75 -72.01 43.44
CA GLY C 145 23.40 -72.14 42.15
C GLY C 145 22.56 -72.94 41.18
N LEU C 146 21.87 -73.94 41.71
CA LEU C 146 21.04 -74.82 40.89
C LEU C 146 19.78 -74.10 40.38
N ALA C 147 19.27 -73.19 41.18
CA ALA C 147 18.04 -72.46 40.84
C ALA C 147 18.25 -71.62 39.58
N GLU C 148 19.45 -71.06 39.43
CA GLU C 148 19.77 -70.22 38.28
C GLU C 148 19.87 -71.05 37.00
N LYS C 149 20.18 -72.33 37.15
CA LYS C 149 20.26 -73.24 36.02
C LYS C 149 18.85 -73.61 35.55
N LEU C 150 17.93 -73.68 36.51
CA LEU C 150 16.55 -74.07 36.24
C LEU C 150 15.61 -72.86 36.25
N ARG C 151 16.16 -71.68 36.56
CA ARG C 151 15.34 -70.47 36.68
C ARG C 151 14.20 -70.69 37.68
N ALA C 152 14.49 -71.41 38.75
CA ALA C 152 13.49 -71.77 39.75
C ALA C 152 13.56 -70.84 40.95
N ILE C 153 12.86 -71.19 42.01
CA ILE C 153 12.88 -70.42 43.26
C ILE C 153 13.09 -71.38 44.42
N ALA C 154 14.35 -71.56 44.81
CA ALA C 154 14.71 -72.47 45.87
C ALA C 154 14.17 -72.02 47.23
N ILE C 155 13.28 -72.82 47.81
CA ILE C 155 12.71 -72.53 49.13
C ILE C 155 13.55 -73.18 50.21
N LEU C 156 14.30 -72.34 50.94
CA LEU C 156 15.12 -72.82 52.06
C LEU C 156 14.27 -72.92 53.31
N ASP C 157 14.91 -73.33 54.41
CA ASP C 157 14.25 -73.41 55.70
C ASP C 157 15.29 -73.29 56.82
N GLY C 158 15.48 -72.07 57.32
CA GLY C 158 16.49 -71.81 58.32
C GLY C 158 16.19 -72.48 59.65
N PRO C 159 17.20 -72.56 60.53
CA PRO C 159 17.05 -73.22 61.83
C PRO C 159 16.09 -72.47 62.75
N ASN C 160 15.39 -73.20 63.61
CA ASN C 160 14.48 -72.60 64.56
C ASN C 160 15.27 -71.89 65.66
N SER C 161 15.45 -72.57 66.80
CA SER C 161 16.20 -72.01 67.92
C SER C 161 15.64 -70.65 68.33
N THR C 162 15.95 -69.63 67.54
CA THR C 162 15.51 -68.26 67.81
C THR C 162 15.54 -67.41 66.56
N ASP C 163 15.06 -66.17 66.67
CA ASP C 163 14.98 -65.25 65.55
C ASP C 163 16.36 -64.70 65.17
N GLU C 164 17.20 -64.52 66.19
CA GLU C 164 18.55 -63.98 66.00
C GLU C 164 19.35 -64.87 65.05
N ALA C 165 19.14 -66.18 65.17
CA ALA C 165 19.86 -67.16 64.36
C ALA C 165 19.33 -67.19 62.93
N ALA C 166 18.08 -66.76 62.75
CA ALA C 166 17.44 -66.78 61.43
C ALA C 166 17.89 -65.58 60.60
N VAL C 167 18.01 -64.43 61.25
CA VAL C 167 18.44 -63.21 60.58
C VAL C 167 19.91 -63.31 60.17
N ALA C 168 20.73 -63.86 61.07
CA ALA C 168 22.16 -64.02 60.83
C ALA C 168 22.43 -65.03 59.72
N TYR C 169 21.43 -65.86 59.43
CA TYR C 169 21.54 -66.89 58.40
C TYR C 169 21.19 -66.33 57.03
N ALA C 170 20.17 -65.48 56.99
CA ALA C 170 19.71 -64.87 55.74
C ALA C 170 20.72 -63.83 55.24
N LYS C 171 21.46 -63.26 56.16
CA LYS C 171 22.46 -62.24 55.84
C LYS C 171 23.55 -62.80 54.92
N ASN C 172 23.66 -64.12 54.84
CA ASN C 172 24.64 -64.76 53.98
C ASN C 172 24.30 -64.71 52.50
N PHE C 173 23.05 -65.00 52.17
CA PHE C 173 22.62 -65.04 50.77
C PHE C 173 22.11 -63.69 50.29
N GLY C 174 21.90 -63.57 48.99
CA GLY C 174 21.38 -62.35 48.40
C GLY C 174 20.94 -62.53 46.96
N SER C 175 20.62 -63.76 46.59
CA SER C 175 20.24 -64.07 45.21
C SER C 175 18.73 -63.94 44.99
N LYS C 176 18.35 -63.60 43.77
CA LYS C 176 16.94 -63.46 43.41
C LYS C 176 16.12 -64.70 43.72
N ARG C 177 16.77 -65.86 43.60
CA ARG C 177 16.07 -67.15 43.66
C ARG C 177 16.28 -67.86 44.99
N LEU C 178 15.84 -67.21 46.06
CA LEU C 178 15.89 -67.80 47.40
C LEU C 178 14.75 -67.24 48.24
N PHE C 179 13.90 -68.14 48.73
CA PHE C 179 12.73 -67.77 49.50
C PHE C 179 12.69 -68.58 50.78
N MET C 180 13.40 -68.11 51.80
CA MET C 180 13.56 -68.88 53.03
C MET C 180 12.40 -68.65 53.99
N VAL C 181 12.10 -69.68 54.78
CA VAL C 181 11.11 -69.59 55.84
C VAL C 181 11.76 -70.07 57.14
N ASP C 182 11.67 -69.23 58.17
CA ASP C 182 12.40 -69.48 59.42
C ASP C 182 11.66 -70.40 60.39
N PRO C 183 10.49 -69.98 60.88
CA PRO C 183 9.82 -70.79 61.92
C PRO C 183 9.40 -72.17 61.40
N GLY C 184 9.93 -73.23 62.02
CA GLY C 184 9.63 -74.58 61.59
C GLY C 184 8.30 -75.05 62.12
N VAL C 185 7.31 -75.12 61.22
CA VAL C 185 5.98 -75.60 61.58
C VAL C 185 6.05 -77.05 62.04
N GLN C 186 5.18 -77.42 62.97
CA GLN C 186 5.13 -78.79 63.47
C GLN C 186 3.86 -79.50 63.00
N VAL C 187 4.04 -80.68 62.42
CA VAL C 187 2.93 -81.47 61.90
C VAL C 187 2.69 -82.67 62.80
N TRP C 188 1.47 -83.21 62.75
CA TRP C 188 1.14 -84.40 63.51
C TRP C 188 1.51 -85.66 62.72
N ASP C 189 2.68 -86.22 63.03
CA ASP C 189 3.16 -87.41 62.35
C ASP C 189 2.24 -88.61 62.66
N SER C 190 1.96 -89.41 61.63
CA SER C 190 1.10 -90.58 61.79
C SER C 190 1.80 -91.72 62.50
N ALA C 191 3.09 -91.88 62.21
CA ALA C 191 3.88 -92.98 62.76
C ALA C 191 4.19 -92.77 64.23
N THR C 192 4.50 -91.53 64.60
CA THR C 192 4.84 -91.18 65.98
C THR C 192 3.60 -91.02 66.83
N ASN C 193 2.48 -90.71 66.18
CA ASN C 193 1.22 -90.53 66.87
C ASN C 193 1.28 -89.41 67.90
N ALA C 194 2.00 -88.35 67.54
CA ALA C 194 2.11 -87.18 68.40
C ALA C 194 2.70 -86.01 67.62
N ALA C 195 3.02 -84.92 68.31
CA ALA C 195 3.61 -83.75 67.68
C ALA C 195 4.96 -84.10 67.08
N ARG C 196 5.34 -83.37 66.04
CA ARG C 196 6.58 -83.64 65.33
C ARG C 196 6.99 -82.44 64.48
N ASN C 197 8.12 -81.82 64.82
CA ASN C 197 8.58 -80.63 64.11
C ASN C 197 9.00 -80.95 62.68
N ALA C 198 8.59 -80.08 61.75
CA ALA C 198 8.91 -80.24 60.34
C ALA C 198 9.74 -79.05 59.84
N PRO C 199 10.42 -79.21 58.70
CA PRO C 199 11.25 -78.11 58.16
C PRO C 199 10.43 -76.97 57.54
N ALA C 200 9.14 -77.20 57.33
CA ALA C 200 8.25 -76.17 56.78
C ALA C 200 8.67 -75.73 55.38
N SER C 201 9.51 -76.54 54.74
CA SER C 201 10.01 -76.22 53.41
C SER C 201 9.04 -76.72 52.35
N ALA C 202 8.67 -78.00 52.48
CA ALA C 202 7.74 -78.63 51.55
C ALA C 202 6.34 -78.05 51.66
N TYR C 203 5.96 -77.64 52.87
CA TYR C 203 4.66 -77.05 53.10
C TYR C 203 4.55 -75.71 52.38
N ALA C 204 5.64 -74.95 52.40
CA ALA C 204 5.69 -73.66 51.72
C ALA C 204 5.79 -73.86 50.20
N ALA C 205 6.32 -75.02 49.80
CA ALA C 205 6.45 -75.36 48.38
C ALA C 205 5.09 -75.74 47.80
N GLY C 206 4.40 -76.65 48.48
CA GLY C 206 3.08 -77.08 48.05
C GLY C 206 2.11 -75.92 48.07
N LEU C 207 2.35 -74.99 48.99
CA LEU C 207 1.53 -73.79 49.11
C LEU C 207 1.58 -72.94 47.85
N PHE C 208 2.76 -72.84 47.24
CA PHE C 208 2.91 -72.13 45.98
C PHE C 208 2.08 -72.81 44.89
N ALA C 209 2.22 -74.14 44.80
CA ALA C 209 1.56 -74.94 43.77
C ALA C 209 0.05 -74.77 43.84
N TRP C 210 -0.46 -74.46 45.04
CA TRP C 210 -1.88 -74.24 45.24
C TRP C 210 -2.32 -72.93 44.59
N THR C 211 -1.54 -71.87 44.83
CA THR C 211 -1.85 -70.54 44.29
C THR C 211 -1.58 -70.48 42.78
N ASP C 212 -0.53 -71.18 42.35
CA ASP C 212 -0.15 -71.19 40.94
C ASP C 212 -1.20 -71.89 40.09
N ALA C 213 -1.75 -72.98 40.61
CA ALA C 213 -2.78 -73.73 39.92
C ALA C 213 -4.12 -73.00 40.01
N GLU C 214 -4.31 -72.27 41.11
CA GLU C 214 -5.56 -71.56 41.34
C GLU C 214 -5.56 -70.18 40.67
N TYR C 215 -4.92 -69.21 41.31
CA TYR C 215 -4.85 -67.85 40.79
C TYR C 215 -3.93 -67.80 39.57
N GLY C 216 -2.68 -68.18 39.79
CA GLY C 216 -1.67 -68.16 38.74
C GLY C 216 -0.27 -67.99 39.32
N PHE C 217 0.73 -68.31 38.51
CA PHE C 217 2.13 -68.16 38.92
C PHE C 217 2.42 -66.71 39.28
N TRP C 218 1.71 -65.80 38.63
CA TRP C 218 1.88 -64.37 38.87
C TRP C 218 1.29 -63.96 40.20
N SER C 219 0.41 -64.79 40.75
CA SER C 219 -0.21 -64.49 42.04
C SER C 219 0.80 -64.73 43.17
N SER C 220 0.77 -63.88 44.18
CA SER C 220 1.66 -64.01 45.32
C SER C 220 1.20 -65.16 46.21
N PRO C 221 2.14 -65.97 46.72
CA PRO C 221 1.78 -67.11 47.58
C PRO C 221 1.46 -66.70 49.02
N SER C 222 2.06 -65.61 49.47
CA SER C 222 1.92 -65.15 50.85
C SER C 222 0.46 -64.94 51.24
N ASN C 223 0.20 -64.92 52.55
CA ASN C 223 -1.14 -64.68 53.07
C ASN C 223 -2.13 -65.75 52.61
N LYS C 224 -1.63 -66.97 52.41
CA LYS C 224 -2.47 -68.10 52.05
C LYS C 224 -2.28 -69.20 53.09
N GLU C 225 -3.40 -69.73 53.58
CA GLU C 225 -3.38 -70.67 54.68
C GLU C 225 -2.81 -72.03 54.25
N ILE C 226 -1.98 -72.60 55.12
CA ILE C 226 -1.36 -73.89 54.86
C ILE C 226 -2.03 -74.98 55.70
N LYS C 227 -2.30 -76.12 55.06
CA LYS C 227 -2.94 -77.25 55.73
C LYS C 227 -1.90 -78.26 56.20
N GLY C 228 -2.34 -79.25 56.97
CA GLY C 228 -1.47 -80.31 57.45
C GLY C 228 -0.51 -79.77 58.49
N VAL C 229 -1.05 -79.03 59.46
CA VAL C 229 -0.27 -78.42 60.53
C VAL C 229 -0.97 -78.64 61.86
N THR C 230 -0.33 -78.21 62.95
CA THR C 230 -0.89 -78.38 64.29
C THR C 230 -0.08 -77.60 65.34
N GLY C 231 0.46 -76.46 64.93
CA GLY C 231 1.27 -75.64 65.82
C GLY C 231 2.54 -75.23 65.09
N THR C 232 3.29 -74.29 65.66
CA THR C 232 4.51 -73.80 65.03
C THR C 232 5.59 -73.60 66.09
N SER C 233 6.77 -74.17 65.82
CA SER C 233 7.92 -74.01 66.70
C SER C 233 8.28 -72.53 66.82
N ARG C 234 8.42 -72.08 68.07
CA ARG C 234 8.70 -70.68 68.37
C ARG C 234 7.56 -69.80 67.87
N PRO C 235 6.54 -69.56 68.71
CA PRO C 235 5.36 -68.81 68.27
C PRO C 235 5.71 -67.36 67.89
N VAL C 236 5.84 -67.12 66.58
CA VAL C 236 6.12 -65.78 66.08
C VAL C 236 4.89 -64.91 66.30
N GLU C 237 5.06 -63.85 67.08
CA GLU C 237 3.94 -62.99 67.44
C GLU C 237 3.51 -62.12 66.27
N PHE C 238 2.23 -61.77 66.23
CA PHE C 238 1.71 -60.87 65.21
C PHE C 238 0.49 -60.12 65.73
N LEU C 239 0.63 -58.81 65.88
CA LEU C 239 -0.45 -57.96 66.36
C LEU C 239 -1.46 -57.72 65.25
N ASP C 240 -2.52 -56.98 65.57
CA ASP C 240 -3.56 -56.68 64.59
C ASP C 240 -3.03 -55.79 63.48
N GLY C 241 -2.22 -54.80 63.84
CA GLY C 241 -1.65 -53.88 62.88
C GLY C 241 -0.62 -52.96 63.51
N ASP C 242 0.62 -53.44 63.60
CA ASP C 242 1.71 -52.65 64.16
C ASP C 242 3.06 -53.19 63.70
N GLU C 243 3.98 -52.29 63.39
CA GLU C 243 5.31 -52.68 62.94
C GLU C 243 6.16 -53.22 64.08
N THR C 244 5.64 -53.12 65.31
CA THR C 244 6.36 -53.57 66.49
C THR C 244 6.36 -55.08 66.62
N CYS C 245 5.42 -55.73 65.93
CA CYS C 245 5.30 -57.18 65.99
C CYS C 245 6.54 -57.84 65.39
N ARG C 246 6.86 -59.04 65.86
CA ARG C 246 8.10 -59.71 65.47
C ARG C 246 7.98 -60.33 64.08
N ALA C 247 6.75 -60.66 63.68
CA ALA C 247 6.51 -61.24 62.37
C ALA C 247 6.99 -60.30 61.27
N ASN C 248 6.92 -59.01 61.54
CA ASN C 248 7.33 -57.98 60.58
C ASN C 248 8.85 -57.87 60.48
N LEU C 249 9.52 -57.95 61.63
CA LEU C 249 10.97 -57.77 61.69
C LEU C 249 11.71 -58.81 60.86
N LEU C 250 11.18 -60.02 60.80
CA LEU C 250 11.81 -61.08 60.01
C LEU C 250 11.61 -60.81 58.51
N ASN C 251 10.49 -60.20 58.15
CA ASN C 251 10.21 -59.86 56.76
C ASN C 251 11.16 -58.76 56.26
N ASN C 252 11.63 -57.92 57.18
CA ASN C 252 12.61 -56.90 56.85
C ASN C 252 13.94 -57.52 56.47
N ALA C 253 14.21 -58.70 57.05
CA ALA C 253 15.42 -59.44 56.74
C ALA C 253 15.16 -60.44 55.62
N ASN C 254 14.08 -60.23 54.88
CA ASN C 254 13.71 -61.10 53.76
C ASN C 254 13.51 -62.53 54.24
N ILE C 255 12.47 -62.74 55.06
CA ILE C 255 12.17 -64.05 55.61
C ILE C 255 10.66 -64.29 55.66
N ALA C 256 10.25 -65.48 55.24
CA ALA C 256 8.85 -65.89 55.32
C ALA C 256 8.56 -66.46 56.70
N THR C 257 7.35 -66.27 57.18
CA THR C 257 6.98 -66.74 58.52
C THR C 257 5.52 -67.19 58.57
N ILE C 258 5.25 -68.18 59.42
CA ILE C 258 3.90 -68.68 59.64
C ILE C 258 3.33 -68.01 60.90
N ILE C 259 2.27 -67.23 60.71
CA ILE C 259 1.73 -66.42 61.79
C ILE C 259 0.55 -67.08 62.49
N ARG C 260 0.21 -66.53 63.65
CA ARG C 260 -0.93 -66.97 64.46
C ARG C 260 -0.79 -68.42 64.94
N ASP C 261 -1.74 -68.83 65.77
CA ASP C 261 -1.71 -70.15 66.40
C ASP C 261 -1.82 -71.25 65.35
N ASP C 262 -1.50 -72.47 65.76
CA ASP C 262 -1.61 -73.64 64.88
C ASP C 262 -0.75 -73.51 63.62
N GLY C 263 -1.18 -72.63 62.72
CA GLY C 263 -0.51 -72.42 61.46
C GLY C 263 -1.49 -71.77 60.50
N TYR C 264 -2.01 -70.62 60.92
CA TYR C 264 -3.06 -69.92 60.19
C TYR C 264 -2.66 -69.65 58.75
N ARG C 265 -1.52 -69.00 58.56
CA ARG C 265 -1.07 -68.66 57.22
C ARG C 265 0.40 -68.26 57.16
N LEU C 266 0.98 -68.34 55.97
CA LEU C 266 2.37 -67.97 55.73
C LEU C 266 2.41 -66.69 54.90
N TRP C 267 3.40 -65.84 55.16
CA TRP C 267 3.64 -64.67 54.34
C TRP C 267 5.08 -64.17 54.44
N GLY C 268 5.41 -63.16 53.63
CA GLY C 268 6.76 -62.62 53.57
C GLY C 268 7.26 -62.73 52.15
N ASN C 269 6.71 -61.89 51.27
CA ASN C 269 7.00 -61.95 49.84
C ASN C 269 8.46 -61.65 49.53
N ARG C 270 9.14 -60.93 50.42
CA ARG C 270 10.53 -60.55 50.21
C ARG C 270 11.43 -61.77 50.05
N THR C 271 12.02 -61.90 48.87
CA THR C 271 13.00 -62.95 48.61
C THR C 271 14.37 -62.44 49.05
N LEU C 272 15.23 -63.36 49.48
CA LEU C 272 16.56 -62.99 49.96
C LEU C 272 17.38 -62.36 48.84
N SER C 273 17.05 -61.12 48.48
CA SER C 273 17.71 -60.43 47.37
C SER C 273 18.13 -59.02 47.79
N SER C 274 19.35 -58.65 47.42
CA SER C 274 19.87 -57.32 47.68
C SER C 274 19.24 -56.29 46.76
N ASP C 275 19.18 -56.61 45.46
CA ASP C 275 18.58 -55.71 44.48
C ASP C 275 17.08 -55.55 44.77
N SER C 276 16.67 -54.32 45.08
CA SER C 276 15.28 -54.03 45.42
C SER C 276 14.35 -54.20 44.22
N LYS C 277 14.92 -54.30 43.02
CA LYS C 277 14.14 -54.50 41.81
C LYS C 277 13.46 -55.87 41.83
N TRP C 278 14.18 -56.86 42.37
CA TRP C 278 13.68 -58.23 42.47
C TRP C 278 13.35 -58.55 43.92
N ALA C 279 12.74 -57.60 44.60
CA ALA C 279 12.43 -57.74 46.02
C ALA C 279 11.34 -58.79 46.23
N PHE C 280 10.31 -58.76 45.40
CA PHE C 280 9.22 -59.71 45.51
C PHE C 280 9.58 -61.03 44.85
N VAL C 281 9.12 -62.12 45.45
CA VAL C 281 9.30 -63.45 44.88
C VAL C 281 8.44 -63.59 43.63
N THR C 282 7.38 -62.77 43.56
CA THR C 282 6.48 -62.77 42.42
C THR C 282 7.18 -62.41 41.12
N ARG C 283 7.89 -61.27 41.13
CA ARG C 283 8.58 -60.79 39.95
C ARG C 283 9.56 -61.82 39.41
N VAL C 284 10.31 -62.45 40.31
CA VAL C 284 11.29 -63.45 39.94
C VAL C 284 10.57 -64.66 39.32
N ARG C 285 9.34 -64.90 39.77
CA ARG C 285 8.58 -66.06 39.33
C ARG C 285 7.92 -65.84 37.96
N THR C 286 7.53 -64.59 37.69
CA THR C 286 6.90 -64.25 36.42
C THR C 286 7.94 -64.05 35.33
N MET C 287 9.05 -63.44 35.69
CA MET C 287 10.11 -63.12 34.74
C MET C 287 10.81 -64.37 34.26
N ASP C 288 11.10 -65.28 35.19
CA ASP C 288 11.74 -66.55 34.86
C ASP C 288 10.82 -67.43 34.01
N LEU C 289 9.52 -67.10 34.00
CA LEU C 289 8.54 -67.87 33.26
C LEU C 289 8.41 -67.37 31.82
N VAL C 290 8.19 -66.06 31.67
CA VAL C 290 8.03 -65.47 30.34
C VAL C 290 9.32 -65.57 29.54
N MET C 291 10.45 -65.61 30.24
CA MET C 291 11.74 -65.77 29.59
C MET C 291 11.86 -67.18 29.02
N ASP C 292 11.60 -68.17 29.85
CA ASP C 292 11.66 -69.57 29.43
C ASP C 292 10.60 -69.88 28.38
N ALA C 293 9.53 -69.09 28.36
CA ALA C 293 8.45 -69.27 27.40
C ALA C 293 8.87 -68.76 26.03
N ILE C 294 9.46 -67.56 26.01
CA ILE C 294 9.92 -66.94 24.78
C ILE C 294 11.10 -67.74 24.21
N LEU C 295 11.93 -68.25 25.12
CA LEU C 295 13.09 -69.06 24.72
C LEU C 295 12.62 -70.34 24.03
N ALA C 296 11.82 -71.12 24.75
CA ALA C 296 11.33 -72.40 24.24
C ALA C 296 10.21 -72.21 23.21
N GLY C 297 9.66 -71.01 23.14
CA GLY C 297 8.54 -70.73 22.26
C GLY C 297 8.97 -70.49 20.83
N HIS C 298 9.97 -69.64 20.65
CA HIS C 298 10.45 -69.27 19.32
C HIS C 298 11.58 -70.19 18.87
N LYS C 299 11.44 -71.47 19.14
CA LYS C 299 12.38 -72.49 18.70
C LYS C 299 12.07 -72.87 17.25
N TRP C 300 10.87 -72.52 16.80
CA TRP C 300 10.43 -72.80 15.43
C TRP C 300 11.10 -71.86 14.45
N ALA C 301 11.38 -70.64 14.91
CA ALA C 301 11.97 -69.62 14.06
C ALA C 301 13.43 -69.97 13.76
N VAL C 302 14.34 -69.46 14.60
CA VAL C 302 15.78 -69.67 14.41
C VAL C 302 16.15 -69.25 12.98
N ASP C 303 17.09 -69.96 12.36
CA ASP C 303 17.56 -69.59 11.03
C ASP C 303 16.43 -69.72 10.01
N ARG C 304 15.92 -68.57 9.57
CA ARG C 304 14.84 -68.51 8.60
C ARG C 304 14.86 -67.16 7.90
N GLY C 305 14.31 -67.10 6.69
CA GLY C 305 14.33 -65.89 5.89
C GLY C 305 13.78 -64.70 6.66
N ILE C 306 14.67 -63.75 6.96
CA ILE C 306 14.33 -62.59 7.78
C ILE C 306 13.67 -61.51 6.91
N THR C 307 12.56 -61.87 6.27
CA THR C 307 11.80 -60.92 5.47
C THR C 307 10.96 -60.05 6.40
N LYS C 308 10.47 -58.93 5.89
CA LYS C 308 9.61 -58.02 6.65
C LYS C 308 8.42 -58.76 7.25
N THR C 309 7.95 -59.81 6.57
CA THR C 309 6.85 -60.62 7.06
C THR C 309 7.26 -61.37 8.33
N TYR C 310 8.44 -61.96 8.28
CA TYR C 310 8.96 -62.76 9.39
C TYR C 310 9.08 -61.93 10.66
N VAL C 311 9.57 -60.69 10.53
CA VAL C 311 9.72 -59.81 11.68
C VAL C 311 8.35 -59.51 12.29
N LYS C 312 7.38 -59.20 11.44
CA LYS C 312 6.01 -58.94 11.90
C LYS C 312 5.36 -60.19 12.48
N ASP C 313 5.67 -61.35 11.89
CA ASP C 313 5.12 -62.61 12.37
C ASP C 313 5.58 -62.89 13.80
N VAL C 314 6.84 -62.54 14.09
CA VAL C 314 7.40 -62.71 15.42
C VAL C 314 6.93 -61.58 16.32
N THR C 315 6.88 -60.36 15.77
CA THR C 315 6.39 -59.21 16.52
C THR C 315 4.94 -59.41 16.95
N GLU C 316 4.09 -59.82 16.01
CA GLU C 316 2.68 -60.09 16.30
C GLU C 316 2.55 -61.31 17.21
N GLY C 317 3.59 -62.15 17.23
CA GLY C 317 3.61 -63.32 18.10
C GLY C 317 3.73 -62.92 19.55
N LEU C 318 4.47 -61.84 19.78
CA LEU C 318 4.63 -61.29 21.12
C LEU C 318 3.45 -60.39 21.50
N ARG C 319 2.93 -59.67 20.50
CA ARG C 319 1.75 -58.82 20.70
C ARG C 319 0.59 -59.64 21.26
N ALA C 320 0.25 -60.72 20.56
CA ALA C 320 -0.85 -61.58 20.94
C ALA C 320 -0.53 -62.31 22.25
N PHE C 321 0.72 -62.75 22.38
CA PHE C 321 1.13 -63.50 23.56
C PHE C 321 1.00 -62.68 24.83
N MET C 322 1.63 -61.51 24.85
CA MET C 322 1.60 -60.63 26.02
C MET C 322 0.18 -60.16 26.33
N ARG C 323 -0.63 -59.99 25.29
CA ARG C 323 -2.01 -59.56 25.48
C ARG C 323 -2.83 -60.66 26.13
N ASP C 324 -2.39 -61.91 25.98
CA ASP C 324 -3.04 -63.03 26.65
C ASP C 324 -2.66 -63.07 28.12
N LEU C 325 -1.57 -62.39 28.45
CA LEU C 325 -1.13 -62.24 29.84
C LEU C 325 -1.76 -61.03 30.50
N LYS C 326 -2.05 -60.02 29.69
CA LYS C 326 -2.61 -58.78 30.20
C LYS C 326 -4.05 -58.98 30.66
N ASN C 327 -4.91 -59.44 29.75
CA ASN C 327 -6.31 -59.69 30.07
C ASN C 327 -6.46 -60.79 31.11
N GLN C 328 -5.48 -61.69 31.16
CA GLN C 328 -5.47 -62.76 32.15
C GLN C 328 -5.09 -62.21 33.52
N GLY C 329 -4.37 -61.09 33.52
CA GLY C 329 -4.00 -60.41 34.76
C GLY C 329 -2.57 -60.70 35.20
N ALA C 330 -1.81 -61.36 34.33
CA ALA C 330 -0.41 -61.69 34.65
C ALA C 330 0.45 -60.43 34.66
N VAL C 331 0.11 -59.49 33.78
CA VAL C 331 0.82 -58.23 33.67
C VAL C 331 -0.17 -57.08 33.56
N ILE C 332 0.24 -55.89 34.00
CA ILE C 332 -0.63 -54.72 33.91
C ILE C 332 -0.67 -54.22 32.48
N ASN C 333 0.51 -53.97 31.92
CA ASN C 333 0.61 -53.53 30.53
C ASN C 333 1.99 -53.86 29.99
N PHE C 334 2.10 -53.90 28.66
CA PHE C 334 3.33 -54.29 28.00
C PHE C 334 3.62 -53.44 26.76
N GLU C 335 4.72 -53.76 26.09
CA GLU C 335 5.10 -53.06 24.87
C GLU C 335 6.25 -53.83 24.24
N VAL C 336 6.05 -54.28 23.00
CA VAL C 336 7.06 -55.05 22.30
C VAL C 336 7.25 -54.50 20.89
N TYR C 337 8.51 -54.48 20.43
CA TYR C 337 8.85 -53.90 19.15
C TYR C 337 10.30 -54.18 18.79
N ALA C 338 10.67 -53.90 17.55
CA ALA C 338 12.05 -54.09 17.08
C ALA C 338 12.82 -52.78 17.22
N ASP C 339 13.90 -52.79 17.98
CA ASP C 339 14.68 -51.58 18.21
C ASP C 339 15.37 -51.11 16.92
N PRO C 340 15.22 -49.82 16.57
CA PRO C 340 15.90 -49.30 15.37
C PRO C 340 17.42 -49.36 15.46
N ASP C 341 17.98 -49.00 16.62
CA ASP C 341 19.42 -48.90 16.78
C ASP C 341 20.10 -50.27 16.79
N LEU C 342 19.51 -51.22 17.51
CA LEU C 342 20.07 -52.57 17.61
C LEU C 342 20.05 -53.27 16.26
N ASN C 343 18.88 -53.30 15.64
CA ASN C 343 18.72 -53.93 14.33
C ASN C 343 19.45 -53.13 13.26
N SER C 344 20.78 -53.16 13.32
CA SER C 344 21.60 -52.46 12.34
C SER C 344 21.79 -53.33 11.09
N ALA C 345 22.20 -52.70 10.00
CA ALA C 345 22.40 -53.41 8.74
C ALA C 345 23.44 -54.52 8.87
N SER C 346 24.36 -54.35 9.80
CA SER C 346 25.45 -55.31 10.02
C SER C 346 25.01 -56.44 10.97
N GLN C 347 24.14 -56.11 11.92
CA GLN C 347 23.66 -57.10 12.88
C GLN C 347 22.76 -58.13 12.20
N LEU C 348 21.87 -57.65 11.34
CA LEU C 348 20.99 -58.53 10.57
C LEU C 348 21.79 -59.41 9.61
N ALA C 349 22.95 -58.92 9.20
CA ALA C 349 23.81 -59.64 8.28
C ALA C 349 24.60 -60.75 9.00
N GLN C 350 24.41 -60.85 10.31
CA GLN C 350 24.99 -61.94 11.11
C GLN C 350 23.89 -62.84 11.67
N GLY C 351 22.64 -62.50 11.36
CA GLY C 351 21.50 -63.27 11.82
C GLY C 351 20.83 -62.65 13.03
N LYS C 352 21.57 -61.82 13.75
CA LYS C 352 21.03 -61.16 14.93
C LYS C 352 19.83 -60.27 14.59
N VAL C 353 18.76 -60.44 15.36
CA VAL C 353 17.58 -59.60 15.23
C VAL C 353 16.93 -59.50 16.61
N TYR C 354 16.73 -58.27 17.08
CA TYR C 354 16.30 -58.03 18.46
C TYR C 354 14.85 -57.57 18.54
N TRP C 355 14.23 -57.86 19.68
CA TRP C 355 12.88 -57.38 19.97
C TRP C 355 12.80 -56.93 21.42
N ASN C 356 12.73 -55.62 21.62
CA ASN C 356 12.71 -55.05 22.96
C ASN C 356 11.38 -55.26 23.66
N ILE C 357 11.32 -56.29 24.50
CA ILE C 357 10.13 -56.56 25.31
C ILE C 357 10.25 -55.82 26.64
N ARG C 358 9.14 -55.25 27.09
CA ARG C 358 9.11 -54.54 28.36
C ARG C 358 7.69 -54.48 28.91
N PHE C 359 7.57 -54.63 30.23
CA PHE C 359 6.27 -54.63 30.89
C PHE C 359 6.43 -54.48 32.40
N THR C 360 5.32 -54.54 33.13
CA THR C 360 5.33 -54.41 34.57
C THR C 360 4.58 -55.57 35.21
N ASP C 361 5.32 -56.54 35.75
CA ASP C 361 4.71 -57.65 36.47
C ASP C 361 3.95 -57.12 37.68
N VAL C 362 2.81 -57.74 37.98
CA VAL C 362 1.95 -57.25 39.05
C VAL C 362 2.58 -57.49 40.43
N PRO C 363 2.81 -56.40 41.20
CA PRO C 363 3.37 -56.54 42.56
C PRO C 363 2.25 -56.76 43.60
N PRO C 364 2.47 -57.65 44.58
CA PRO C 364 1.46 -57.85 45.62
C PRO C 364 1.40 -56.68 46.60
N ALA C 365 0.22 -56.10 46.78
CA ALA C 365 0.02 -55.01 47.73
C ALA C 365 0.27 -55.47 49.15
N GLU C 366 1.54 -55.61 49.52
CA GLU C 366 1.90 -56.20 50.81
C GLU C 366 1.64 -55.26 51.99
N ASN C 367 1.19 -54.03 51.69
CA ASN C 367 0.93 -53.05 52.75
C ASN C 367 0.00 -51.93 52.27
N PRO C 368 -1.31 -52.23 52.16
CA PRO C 368 -2.30 -51.21 51.77
C PRO C 368 -2.67 -50.30 52.95
N ASN C 369 -2.39 -49.01 52.81
CA ASN C 369 -2.70 -48.02 53.84
C ASN C 369 -4.10 -47.44 53.68
N PHE C 370 -4.58 -46.79 54.73
CA PHE C 370 -5.91 -46.18 54.72
C PHE C 370 -5.88 -44.87 55.49
N ARG C 371 -5.45 -43.80 54.82
CA ARG C 371 -5.35 -42.49 55.44
C ARG C 371 -6.73 -41.93 55.78
N VAL C 372 -7.37 -42.49 56.80
CA VAL C 372 -8.67 -42.03 57.24
C VAL C 372 -8.51 -40.80 58.12
N GLU C 373 -9.44 -39.87 58.01
CA GLU C 373 -9.36 -38.61 58.75
C GLU C 373 -10.70 -37.88 58.72
N VAL C 374 -11.24 -37.60 59.89
CA VAL C 374 -12.48 -36.83 59.99
C VAL C 374 -12.23 -35.37 59.69
N THR C 375 -13.31 -34.60 59.65
CA THR C 375 -13.23 -33.17 59.41
C THR C 375 -14.56 -32.51 59.78
N ASP C 376 -14.75 -31.28 59.31
CA ASP C 376 -15.96 -30.53 59.58
C ASP C 376 -16.47 -29.91 58.29
N GLN C 377 -16.27 -30.62 57.19
CA GLN C 377 -16.63 -30.12 55.86
C GLN C 377 -18.13 -30.26 55.60
N TRP C 378 -18.61 -31.51 55.57
CA TRP C 378 -20.02 -31.78 55.31
C TRP C 378 -20.86 -31.66 56.56
N LEU C 379 -20.90 -30.45 57.13
CA LEU C 379 -21.76 -30.16 58.27
C LEU C 379 -22.87 -29.21 57.87
N THR C 380 -22.55 -28.29 56.98
CA THR C 380 -23.54 -27.34 56.46
C THR C 380 -24.58 -28.04 55.60
N GLU C 381 -24.27 -29.29 55.22
CA GLU C 381 -25.20 -30.10 54.44
C GLU C 381 -26.43 -30.42 55.29
N VAL C 382 -26.23 -30.50 56.61
CA VAL C 382 -27.31 -30.71 57.55
C VAL C 382 -28.05 -29.39 57.73
N LEU C 383 -28.86 -29.03 56.75
CA LEU C 383 -29.57 -27.76 56.77
C LEU C 383 -30.59 -27.71 55.65
N ASP C 384 -30.15 -28.02 54.43
CA ASP C 384 -31.01 -28.00 53.27
C ASP C 384 -30.43 -28.88 52.17
N SER D 2 10.91 -54.99 54.03
CA SER D 2 9.50 -54.94 53.66
C SER D 2 8.80 -53.80 54.38
N PHE D 3 9.12 -53.64 55.66
CA PHE D 3 8.54 -52.60 56.50
C PHE D 3 7.05 -52.88 56.77
N PHE D 4 6.75 -53.17 58.04
CA PHE D 4 5.40 -53.47 58.50
C PHE D 4 4.84 -54.74 57.86
N HIS D 5 4.44 -54.65 56.60
CA HIS D 5 3.81 -55.76 55.88
C HIS D 5 2.54 -56.24 56.59
N GLY D 6 1.45 -55.50 56.42
CA GLY D 6 0.17 -55.87 56.98
C GLY D 6 -0.96 -55.05 56.39
N VAL D 7 -1.48 -54.13 57.20
CA VAL D 7 -2.55 -53.24 56.75
C VAL D 7 -2.70 -52.11 57.76
N THR D 8 -2.07 -50.97 57.46
CA THR D 8 -2.10 -49.82 58.35
C THR D 8 -3.42 -49.07 58.24
N VAL D 9 -3.57 -48.05 59.07
CA VAL D 9 -4.77 -47.24 59.09
C VAL D 9 -4.50 -45.97 59.90
N THR D 10 -3.46 -45.25 59.50
CA THR D 10 -3.00 -44.07 60.22
C THR D 10 -4.05 -42.97 60.19
N ASN D 11 -4.33 -42.39 61.36
CA ASN D 11 -5.28 -41.29 61.47
C ASN D 11 -4.57 -39.96 61.22
N VAL D 12 -4.82 -39.36 60.06
CA VAL D 12 -4.19 -38.08 59.73
C VAL D 12 -4.88 -36.96 60.49
N ASP D 13 -4.22 -36.47 61.53
CA ASP D 13 -4.79 -35.44 62.40
C ASP D 13 -4.55 -34.05 61.82
N ILE D 14 -5.34 -33.68 60.82
CA ILE D 14 -5.28 -32.35 60.22
C ILE D 14 -6.69 -31.83 59.97
N GLY D 15 -6.80 -30.52 59.79
CA GLY D 15 -8.09 -29.87 59.58
C GLY D 15 -8.20 -28.65 60.48
N ALA D 16 -9.08 -27.73 60.10
CA ALA D 16 -9.29 -26.51 60.86
C ALA D 16 -9.98 -26.79 62.19
N ARG D 17 -9.26 -26.58 63.29
CA ARG D 17 -9.83 -26.77 64.62
C ARG D 17 -10.83 -25.67 64.94
N THR D 18 -11.72 -25.95 65.88
CA THR D 18 -12.71 -24.99 66.33
C THR D 18 -12.14 -24.10 67.43
N ILE D 19 -12.73 -22.92 67.60
CA ILE D 19 -12.27 -21.97 68.61
C ILE D 19 -13.46 -21.38 69.35
N ALA D 20 -13.29 -21.18 70.65
CA ALA D 20 -14.35 -20.67 71.52
C ALA D 20 -13.98 -19.32 72.13
N LEU D 21 -14.92 -18.74 72.88
CA LEU D 21 -14.73 -17.47 73.55
C LEU D 21 -14.73 -17.66 75.06
N PRO D 22 -13.55 -17.99 75.64
CA PRO D 22 -13.49 -18.32 77.07
C PRO D 22 -13.74 -17.12 77.98
N ALA D 23 -13.93 -17.38 79.26
CA ALA D 23 -14.07 -16.34 80.28
C ALA D 23 -15.31 -15.46 80.05
N SER D 24 -15.34 -14.78 78.91
CA SER D 24 -16.47 -13.92 78.54
C SER D 24 -16.62 -12.74 79.51
N SER D 25 -17.13 -13.02 80.70
CA SER D 25 -17.38 -11.96 81.69
C SER D 25 -17.43 -12.51 83.11
N VAL D 26 -16.27 -12.97 83.60
CA VAL D 26 -16.16 -13.43 84.98
C VAL D 26 -15.70 -12.26 85.83
N ILE D 27 -16.39 -12.04 86.95
CA ILE D 27 -16.11 -10.92 87.83
C ILE D 27 -15.04 -11.28 88.85
N GLY D 28 -14.16 -10.32 89.11
CA GLY D 28 -13.07 -10.49 90.07
C GLY D 28 -13.20 -9.45 91.17
N LEU D 29 -13.95 -9.79 92.22
CA LEU D 29 -14.25 -8.85 93.30
C LEU D 29 -13.31 -9.06 94.49
N CYS D 30 -13.16 -8.02 95.31
CA CYS D 30 -12.29 -8.08 96.47
C CYS D 30 -12.65 -6.97 97.46
N ASP D 31 -13.64 -7.24 98.31
CA ASP D 31 -14.04 -6.30 99.35
C ASP D 31 -13.52 -6.81 100.70
N VAL D 32 -14.29 -6.63 101.76
CA VAL D 32 -13.90 -7.09 103.08
C VAL D 32 -15.06 -7.81 103.79
N PHE D 33 -14.73 -8.54 104.83
CA PHE D 33 -15.74 -9.22 105.63
C PHE D 33 -15.19 -9.53 107.02
N THR D 34 -15.94 -10.35 107.77
CA THR D 34 -15.55 -10.71 109.13
C THR D 34 -15.48 -12.24 109.26
N PRO D 35 -14.27 -12.82 109.15
CA PRO D 35 -14.14 -14.27 109.27
C PRO D 35 -14.35 -14.74 110.70
N GLY D 36 -15.00 -15.88 110.88
CA GLY D 36 -15.24 -16.42 112.20
C GLY D 36 -15.98 -17.75 112.15
N ALA D 37 -17.29 -17.70 112.42
CA ALA D 37 -18.11 -18.89 112.50
C ALA D 37 -18.80 -19.20 111.18
N GLN D 38 -19.85 -18.44 110.87
CA GLN D 38 -20.64 -18.66 109.66
C GLN D 38 -19.82 -18.43 108.38
N ALA D 39 -18.73 -17.68 108.52
CA ALA D 39 -17.86 -17.39 107.37
C ALA D 39 -17.02 -18.60 107.00
N SER D 40 -17.50 -19.36 106.02
CA SER D 40 -16.81 -20.58 105.58
C SER D 40 -15.53 -20.24 104.82
N ALA D 41 -15.58 -19.18 104.01
CA ALA D 41 -14.43 -18.76 103.22
C ALA D 41 -13.30 -18.31 104.13
N LYS D 42 -12.06 -18.67 103.77
CA LYS D 42 -10.91 -18.31 104.58
C LYS D 42 -10.65 -16.81 104.51
N PRO D 43 -9.86 -16.26 105.45
CA PRO D 43 -9.69 -14.81 105.56
C PRO D 43 -8.98 -14.14 104.39
N ASN D 44 -8.63 -14.87 103.33
CA ASN D 44 -7.88 -14.27 102.24
C ASN D 44 -7.90 -15.03 100.91
N VAL D 45 -8.05 -16.35 100.95
CA VAL D 45 -7.93 -17.14 99.72
C VAL D 45 -9.08 -16.85 98.76
N PRO D 46 -8.84 -17.00 97.44
CA PRO D 46 -9.93 -16.85 96.48
C PRO D 46 -11.00 -17.93 96.63
N VAL D 47 -12.27 -17.54 96.51
CA VAL D 47 -13.38 -18.48 96.58
C VAL D 47 -14.32 -18.22 95.42
N LEU D 48 -14.72 -19.29 94.73
CA LEU D 48 -15.62 -19.16 93.60
C LEU D 48 -17.07 -19.09 94.05
N LEU D 49 -17.86 -18.29 93.34
CA LEU D 49 -19.28 -18.12 93.65
C LEU D 49 -20.12 -18.43 92.43
N THR D 50 -21.43 -18.40 92.61
CA THR D 50 -22.36 -18.68 91.52
C THR D 50 -23.73 -18.07 91.82
N SER D 51 -24.10 -18.04 93.10
CA SER D 51 -25.38 -17.49 93.53
C SER D 51 -25.24 -16.93 94.94
N LYS D 52 -26.29 -16.25 95.41
CA LYS D 52 -26.29 -15.66 96.74
C LYS D 52 -26.10 -16.71 97.83
N LYS D 53 -26.70 -17.89 97.61
CA LYS D 53 -26.56 -18.99 98.56
C LYS D 53 -25.11 -19.39 98.75
N ASP D 54 -24.38 -19.52 97.64
CA ASP D 54 -22.98 -19.93 97.69
C ASP D 54 -22.10 -18.82 98.27
N ALA D 55 -22.61 -17.60 98.23
CA ALA D 55 -21.89 -16.43 98.73
C ALA D 55 -22.22 -16.16 100.20
N ALA D 56 -23.46 -16.40 100.57
CA ALA D 56 -23.93 -16.14 101.93
C ALA D 56 -23.19 -17.01 102.94
N ALA D 57 -23.21 -18.32 102.71
CA ALA D 57 -22.55 -19.27 103.60
C ALA D 57 -21.03 -19.11 103.58
N ALA D 58 -20.53 -18.45 102.53
CA ALA D 58 -19.09 -18.27 102.36
C ALA D 58 -18.55 -17.15 103.25
N PHE D 59 -19.07 -15.94 103.04
CA PHE D 59 -18.58 -14.75 103.74
C PHE D 59 -19.48 -14.39 104.93
N GLY D 60 -20.79 -14.53 104.72
CA GLY D 60 -21.76 -14.24 105.76
C GLY D 60 -22.63 -13.06 105.39
N ILE D 61 -23.74 -12.92 106.10
CA ILE D 61 -24.68 -11.81 105.87
C ILE D 61 -24.21 -10.59 106.63
N GLY D 62 -24.40 -9.41 106.03
CA GLY D 62 -23.99 -8.15 106.64
C GLY D 62 -22.57 -7.78 106.26
N SER D 63 -21.79 -8.77 105.84
CA SER D 63 -20.42 -8.53 105.39
C SER D 63 -20.43 -7.55 104.22
N SER D 64 -19.56 -6.55 104.28
CA SER D 64 -19.49 -5.52 103.25
C SER D 64 -19.27 -6.10 101.86
N ILE D 65 -18.72 -7.31 101.80
CA ILE D 65 -18.48 -7.99 100.54
C ILE D 65 -19.77 -8.62 100.01
N TYR D 66 -20.62 -9.06 100.92
CA TYR D 66 -21.88 -9.70 100.54
C TYR D 66 -22.85 -8.69 99.96
N LEU D 67 -22.78 -7.45 100.45
CA LEU D 67 -23.61 -6.36 99.93
C LEU D 67 -23.22 -6.02 98.49
N ALA D 68 -21.99 -6.38 98.13
CA ALA D 68 -21.47 -6.13 96.79
C ALA D 68 -21.84 -7.30 95.87
N CYS D 69 -21.72 -8.52 96.37
CA CYS D 69 -22.09 -9.71 95.61
C CYS D 69 -23.60 -9.75 95.38
N GLU D 70 -24.36 -9.42 96.43
CA GLU D 70 -25.81 -9.38 96.35
C GLU D 70 -26.26 -8.33 95.34
N ALA D 71 -25.50 -7.24 95.24
CA ALA D 71 -25.79 -6.18 94.28
C ALA D 71 -25.60 -6.66 92.85
N ILE D 72 -24.70 -7.62 92.67
CA ILE D 72 -24.44 -8.19 91.36
C ILE D 72 -25.49 -9.24 90.99
N TYR D 73 -25.78 -10.14 91.92
CA TYR D 73 -26.72 -11.23 91.67
C TYR D 73 -28.15 -10.71 91.57
N ASN D 74 -28.43 -9.62 92.27
CA ASN D 74 -29.73 -8.98 92.17
C ASN D 74 -29.95 -8.45 90.75
N ARG D 75 -28.88 -7.86 90.20
CA ARG D 75 -28.89 -7.36 88.83
C ARG D 75 -28.96 -8.54 87.84
N ALA D 76 -27.86 -9.27 87.73
CA ALA D 76 -27.79 -10.41 86.82
C ALA D 76 -26.78 -11.42 87.33
N GLN D 77 -27.16 -12.69 87.31
CA GLN D 77 -26.32 -13.77 87.82
C GLN D 77 -25.03 -13.91 87.02
N ALA D 78 -23.92 -14.15 87.71
CA ALA D 78 -22.64 -14.29 87.06
C ALA D 78 -21.63 -14.95 87.99
N VAL D 79 -20.55 -15.45 87.40
CA VAL D 79 -19.47 -16.07 88.18
C VAL D 79 -18.62 -14.98 88.83
N ILE D 80 -18.38 -15.12 90.13
CA ILE D 80 -17.58 -14.17 90.87
C ILE D 80 -16.50 -14.89 91.67
N VAL D 81 -15.27 -14.87 91.15
CA VAL D 81 -14.12 -15.40 91.87
C VAL D 81 -13.71 -14.38 92.93
N ALA D 82 -14.55 -14.22 93.94
CA ALA D 82 -14.33 -13.22 94.99
C ALA D 82 -13.16 -13.63 95.87
N VAL D 83 -12.49 -12.63 96.45
CA VAL D 83 -11.36 -12.85 97.33
C VAL D 83 -11.78 -12.57 98.77
N GLY D 84 -11.91 -11.29 99.11
CA GLY D 84 -12.34 -10.88 100.44
C GLY D 84 -11.19 -10.96 101.42
N VAL D 85 -11.00 -9.89 102.18
CA VAL D 85 -9.93 -9.81 103.18
C VAL D 85 -10.46 -9.26 104.50
N GLU D 86 -9.85 -9.68 105.60
CA GLU D 86 -10.27 -9.25 106.93
C GLU D 86 -10.13 -7.74 107.08
N THR D 87 -11.08 -7.13 107.79
CA THR D 87 -11.03 -5.69 108.04
C THR D 87 -9.87 -5.37 108.98
N ALA D 88 -9.20 -4.24 108.71
CA ALA D 88 -8.06 -3.81 109.51
C ALA D 88 -8.47 -2.71 110.49
N GLU D 89 -7.49 -2.20 111.23
CA GLU D 89 -7.72 -1.15 112.22
C GLU D 89 -8.08 0.18 111.55
N THR D 90 -7.06 0.83 110.99
CA THR D 90 -7.25 2.11 110.31
C THR D 90 -7.68 1.87 108.86
N PRO D 91 -8.44 2.81 108.28
CA PRO D 91 -8.91 2.66 106.90
C PRO D 91 -7.77 2.72 105.88
N GLU D 92 -6.71 3.45 106.21
CA GLU D 92 -5.57 3.59 105.32
C GLU D 92 -4.80 2.28 105.18
N ALA D 93 -4.46 1.69 106.32
CA ALA D 93 -3.71 0.44 106.36
C ALA D 93 -4.55 -0.73 105.86
N GLN D 94 -5.86 -0.54 105.83
CA GLN D 94 -6.76 -1.59 105.36
C GLN D 94 -6.58 -1.80 103.85
N ALA D 95 -6.21 -0.72 103.15
CA ALA D 95 -6.01 -0.78 101.71
C ALA D 95 -4.82 -1.68 101.36
N SER D 96 -3.90 -1.84 102.32
CA SER D 96 -2.74 -2.70 102.12
C SER D 96 -3.17 -4.15 101.96
N ALA D 97 -4.05 -4.59 102.85
CA ALA D 97 -4.60 -5.95 102.79
C ALA D 97 -5.44 -6.13 101.54
N VAL D 98 -6.07 -5.05 101.09
CA VAL D 98 -6.89 -5.08 99.89
C VAL D 98 -6.00 -5.27 98.66
N ILE D 99 -4.95 -4.46 98.55
CA ILE D 99 -4.00 -4.61 97.46
C ILE D 99 -3.29 -5.96 97.61
N GLY D 100 -2.70 -6.18 98.79
CA GLY D 100 -2.07 -7.44 99.11
C GLY D 100 -0.72 -7.59 98.44
N GLY D 101 0.33 -7.75 99.23
CA GLY D 101 1.67 -7.93 98.71
C GLY D 101 1.85 -9.35 98.18
N ILE D 102 2.24 -10.25 99.06
CA ILE D 102 2.46 -11.65 98.68
C ILE D 102 2.59 -12.56 99.90
N SER D 103 2.97 -11.99 101.04
CA SER D 103 3.08 -12.71 102.30
C SER D 103 4.24 -13.71 102.28
N ALA D 104 4.66 -14.15 103.46
CA ALA D 104 5.76 -15.08 103.59
C ALA D 104 5.38 -16.47 103.10
N ALA D 105 4.07 -16.73 103.04
CA ALA D 105 3.57 -18.03 102.59
C ALA D 105 3.84 -18.23 101.10
N GLY D 106 4.01 -17.13 100.39
CA GLY D 106 4.29 -17.16 98.97
C GLY D 106 3.02 -17.01 98.13
N GLU D 107 1.89 -17.39 98.73
CA GLU D 107 0.61 -17.30 98.04
C GLU D 107 0.15 -15.85 97.91
N ARG D 108 -0.21 -15.46 96.68
CA ARG D 108 -0.65 -14.10 96.39
C ARG D 108 -1.84 -13.70 97.26
N THR D 109 -1.67 -12.64 98.04
CA THR D 109 -2.71 -12.17 98.94
C THR D 109 -3.47 -10.98 98.36
N GLY D 110 -4.62 -10.70 98.95
CA GLY D 110 -5.41 -9.54 98.58
C GLY D 110 -5.87 -9.54 97.14
N LEU D 111 -5.98 -8.35 96.57
CA LEU D 111 -6.48 -8.17 95.21
C LEU D 111 -5.65 -8.91 94.17
N GLN D 112 -4.37 -9.11 94.46
CA GLN D 112 -3.47 -9.78 93.53
C GLN D 112 -3.73 -11.29 93.46
N ALA D 113 -4.57 -11.78 94.37
CA ALA D 113 -4.91 -13.20 94.43
C ALA D 113 -5.77 -13.61 93.24
N LEU D 114 -6.32 -12.64 92.52
CA LEU D 114 -7.20 -12.91 91.40
C LEU D 114 -6.49 -13.63 90.25
N LEU D 115 -5.17 -13.50 90.20
CA LEU D 115 -4.37 -14.17 89.18
C LEU D 115 -4.44 -15.69 89.33
N ASP D 116 -4.82 -16.14 90.52
CA ASP D 116 -4.91 -17.57 90.82
C ASP D 116 -6.26 -18.15 90.37
N GLY D 117 -7.23 -17.27 90.15
CA GLY D 117 -8.58 -17.68 89.78
C GLY D 117 -8.63 -18.46 88.47
N LYS D 118 -7.62 -18.23 87.62
CA LYS D 118 -7.56 -18.90 86.33
C LYS D 118 -7.04 -20.33 86.47
N SER D 119 -5.99 -20.50 87.26
CA SER D 119 -5.34 -21.79 87.44
C SER D 119 -5.89 -22.53 88.67
N ARG D 120 -7.16 -22.32 88.97
CA ARG D 120 -7.83 -23.01 90.07
C ARG D 120 -9.30 -23.27 89.78
N PHE D 121 -9.96 -22.31 89.12
CA PHE D 121 -11.38 -22.41 88.83
C PHE D 121 -11.66 -22.34 87.33
N ASN D 122 -10.59 -22.25 86.53
CA ASN D 122 -10.74 -22.14 85.07
C ASN D 122 -11.64 -20.97 84.69
N ALA D 123 -11.68 -19.94 85.53
CA ALA D 123 -12.51 -18.78 85.33
C ALA D 123 -11.68 -17.53 85.57
N GLN D 124 -10.96 -17.10 84.54
CA GLN D 124 -10.13 -15.90 84.63
C GLN D 124 -11.02 -14.67 84.85
N PRO D 125 -10.89 -14.01 86.01
CA PRO D 125 -11.72 -12.81 86.23
C PRO D 125 -11.40 -11.72 85.22
N ARG D 126 -12.18 -11.64 84.15
CA ARG D 126 -11.97 -10.66 83.11
C ARG D 126 -12.85 -9.43 83.35
N LEU D 127 -12.99 -9.07 84.62
CA LEU D 127 -13.80 -7.93 85.01
C LEU D 127 -13.55 -7.62 86.48
N LEU D 128 -12.51 -6.84 86.75
CA LEU D 128 -12.14 -6.49 88.11
C LEU D 128 -13.12 -5.50 88.74
N VAL D 129 -13.10 -5.43 90.06
CA VAL D 129 -13.97 -4.54 90.81
C VAL D 129 -13.58 -4.58 92.28
N ALA D 130 -13.58 -3.42 92.93
CA ALA D 130 -13.20 -3.33 94.34
C ALA D 130 -14.06 -2.26 95.04
N PRO D 131 -15.31 -2.62 95.38
CA PRO D 131 -16.25 -1.66 95.99
C PRO D 131 -15.73 -1.07 97.30
N GLY D 132 -15.84 0.24 97.46
CA GLY D 132 -15.37 0.91 98.66
C GLY D 132 -13.91 1.29 98.54
N HIS D 133 -13.07 0.31 98.20
CA HIS D 133 -11.63 0.52 98.05
C HIS D 133 -11.26 0.80 96.60
N SER D 134 -11.42 2.05 96.19
CA SER D 134 -11.05 2.47 94.83
C SER D 134 -10.87 4.00 94.78
N ALA D 135 -11.53 4.72 95.68
CA ALA D 135 -11.39 6.17 95.76
C ALA D 135 -9.97 6.54 96.18
N GLN D 136 -9.29 5.62 96.86
CA GLN D 136 -7.90 5.82 97.24
C GLN D 136 -6.98 5.66 96.04
N GLN D 137 -6.06 6.61 95.87
CA GLN D 137 -5.14 6.65 94.73
C GLN D 137 -4.28 5.38 94.68
N ALA D 138 -4.05 4.79 95.85
CA ALA D 138 -3.14 3.65 95.96
C ALA D 138 -3.71 2.39 95.31
N VAL D 139 -4.81 1.88 95.86
CA VAL D 139 -5.43 0.64 95.40
C VAL D 139 -5.89 0.74 93.95
N ALA D 140 -6.16 1.96 93.49
CA ALA D 140 -6.66 2.17 92.13
C ALA D 140 -5.63 1.78 91.08
N THR D 141 -4.36 2.04 91.37
CA THR D 141 -3.28 1.70 90.44
C THR D 141 -3.04 0.20 90.38
N ALA D 142 -3.23 -0.47 91.51
CA ALA D 142 -3.12 -1.93 91.58
C ALA D 142 -4.17 -2.57 90.68
N MET D 143 -5.35 -1.96 90.64
CA MET D 143 -6.43 -2.42 89.78
C MET D 143 -6.05 -2.22 88.31
N ASP D 144 -5.27 -1.17 88.05
CA ASP D 144 -4.83 -0.85 86.70
C ASP D 144 -3.79 -1.87 86.23
N GLY D 145 -2.79 -2.12 87.07
CA GLY D 145 -1.71 -3.01 86.73
C GLY D 145 -2.18 -4.45 86.63
N LEU D 146 -3.11 -4.81 87.50
CA LEU D 146 -3.64 -6.17 87.54
C LEU D 146 -4.51 -6.49 86.34
N ALA D 147 -5.22 -5.48 85.85
CA ALA D 147 -6.13 -5.64 84.71
C ALA D 147 -5.37 -6.07 83.46
N GLU D 148 -4.16 -5.54 83.29
CA GLU D 148 -3.35 -5.85 82.13
C GLU D 148 -2.83 -7.30 82.18
N LYS D 149 -2.72 -7.83 83.40
CA LYS D 149 -2.29 -9.22 83.58
C LYS D 149 -3.44 -10.17 83.23
N LEU D 150 -4.65 -9.72 83.49
CA LEU D 150 -5.85 -10.51 83.26
C LEU D 150 -6.60 -10.07 82.01
N ARG D 151 -6.13 -9.00 81.37
CA ARG D 151 -6.79 -8.42 80.21
C ARG D 151 -8.25 -8.09 80.54
N ALA D 152 -8.47 -7.60 81.76
CA ALA D 152 -9.81 -7.32 82.26
C ALA D 152 -10.13 -5.83 82.12
N ILE D 153 -11.22 -5.41 82.74
CA ILE D 153 -11.61 -4.00 82.75
C ILE D 153 -11.97 -3.59 84.17
N ALA D 154 -10.98 -3.05 84.89
CA ALA D 154 -11.15 -2.67 86.28
C ALA D 154 -12.14 -1.51 86.44
N ILE D 155 -13.24 -1.77 87.11
CA ILE D 155 -14.25 -0.74 87.37
C ILE D 155 -13.97 -0.05 88.69
N LEU D 156 -13.50 1.19 88.62
CA LEU D 156 -13.23 1.99 89.80
C LEU D 156 -14.51 2.68 90.27
N ASP D 157 -14.39 3.46 91.34
CA ASP D 157 -15.51 4.22 91.86
C ASP D 157 -14.98 5.43 92.64
N GLY D 158 -14.88 6.57 91.95
CA GLY D 158 -14.32 7.78 92.56
C GLY D 158 -15.17 8.32 93.68
N PRO D 159 -14.61 9.23 94.48
CA PRO D 159 -15.31 9.81 95.63
C PRO D 159 -16.47 10.70 95.20
N ASN D 160 -17.52 10.73 96.02
CA ASN D 160 -18.68 11.58 95.74
C ASN D 160 -18.32 13.05 95.96
N SER D 161 -18.66 13.58 97.14
CA SER D 161 -18.36 14.96 97.47
C SER D 161 -18.89 15.92 96.41
N THR D 162 -18.21 15.98 95.28
CA THR D 162 -18.60 16.87 94.18
C THR D 162 -17.99 16.40 92.85
N ASP D 163 -18.37 17.08 91.78
CA ASP D 163 -17.91 16.72 90.43
C ASP D 163 -16.46 17.13 90.22
N GLU D 164 -16.06 18.24 90.83
CA GLU D 164 -14.71 18.77 90.70
C GLU D 164 -13.67 17.73 91.18
N ALA D 165 -14.04 17.01 92.23
CA ALA D 165 -13.15 16.01 92.83
C ALA D 165 -13.09 14.74 91.98
N ALA D 166 -14.11 14.52 91.17
CA ALA D 166 -14.19 13.33 90.32
C ALA D 166 -13.34 13.51 89.07
N VAL D 167 -13.38 14.71 88.50
CA VAL D 167 -12.61 15.01 87.30
C VAL D 167 -11.11 15.03 87.63
N ALA D 168 -10.77 15.63 88.77
CA ALA D 168 -9.38 15.74 89.20
C ALA D 168 -8.79 14.37 89.54
N TYR D 169 -9.68 13.40 89.77
CA TYR D 169 -9.26 12.04 90.12
C TYR D 169 -8.99 11.21 88.86
N ALA D 170 -9.84 11.39 87.85
CA ALA D 170 -9.71 10.66 86.59
C ALA D 170 -8.50 11.15 85.80
N LYS D 171 -8.12 12.40 86.02
CA LYS D 171 -6.98 13.02 85.34
C LYS D 171 -5.69 12.26 85.64
N ASN D 172 -5.71 11.45 86.69
CA ASN D 172 -4.53 10.69 87.10
C ASN D 172 -4.24 9.51 86.17
N PHE D 173 -5.27 8.72 85.89
CA PHE D 173 -5.13 7.51 85.10
C PHE D 173 -5.28 7.79 83.60
N GLY D 174 -4.95 6.81 82.79
CA GLY D 174 -5.08 6.92 81.35
C GLY D 174 -4.94 5.59 80.62
N SER D 175 -5.21 4.50 81.34
CA SER D 175 -5.05 3.16 80.78
C SER D 175 -6.33 2.67 80.12
N LYS D 176 -6.17 1.82 79.12
CA LYS D 176 -7.31 1.24 78.39
C LYS D 176 -8.29 0.54 79.32
N ARG D 177 -7.76 -0.04 80.39
CA ARG D 177 -8.54 -0.93 81.26
C ARG D 177 -8.94 -0.26 82.56
N LEU D 178 -9.70 0.83 82.45
CA LEU D 178 -10.24 1.51 83.61
C LEU D 178 -11.55 2.19 83.25
N PHE D 179 -12.60 1.81 83.97
CA PHE D 179 -13.94 2.32 83.71
C PHE D 179 -14.55 2.81 85.00
N MET D 180 -14.25 4.06 85.35
CA MET D 180 -14.67 4.61 86.64
C MET D 180 -16.08 5.16 86.59
N VAL D 181 -16.76 5.10 87.74
CA VAL D 181 -18.08 5.69 87.91
C VAL D 181 -18.03 6.60 89.14
N ASP D 182 -18.43 7.85 88.96
CA ASP D 182 -18.28 8.86 90.00
C ASP D 182 -19.42 8.87 91.02
N PRO D 183 -20.65 9.18 90.57
CA PRO D 183 -21.74 9.34 91.55
C PRO D 183 -22.06 8.03 92.29
N GLY D 184 -21.90 8.03 93.61
CA GLY D 184 -22.14 6.84 94.40
C GLY D 184 -23.61 6.62 94.65
N VAL D 185 -24.17 5.61 93.96
CA VAL D 185 -25.58 5.25 94.14
C VAL D 185 -25.82 4.78 95.55
N GLN D 186 -27.02 5.05 96.08
CA GLN D 186 -27.38 4.63 97.43
C GLN D 186 -28.43 3.53 97.37
N VAL D 187 -28.15 2.44 98.10
CA VAL D 187 -29.05 1.28 98.14
C VAL D 187 -29.73 1.21 99.50
N TRP D 188 -30.87 0.54 99.54
CA TRP D 188 -31.59 0.36 100.79
C TRP D 188 -31.05 -0.88 101.53
N ASP D 189 -30.16 -0.66 102.49
CA ASP D 189 -29.57 -1.75 103.26
C ASP D 189 -30.64 -2.44 104.10
N SER D 190 -30.57 -3.77 104.16
CA SER D 190 -31.54 -4.56 104.92
C SER D 190 -31.27 -4.48 106.42
N ALA D 191 -29.99 -4.45 106.78
CA ALA D 191 -29.58 -4.45 108.19
C ALA D 191 -29.87 -3.11 108.85
N THR D 192 -29.61 -2.03 108.12
CA THR D 192 -29.80 -0.69 108.65
C THR D 192 -31.25 -0.26 108.57
N ASN D 193 -32.00 -0.89 107.67
CA ASN D 193 -33.41 -0.60 107.51
C ASN D 193 -33.65 0.86 107.11
N ALA D 194 -32.76 1.40 106.28
CA ALA D 194 -32.87 2.76 105.80
C ALA D 194 -31.92 3.00 104.64
N ALA D 195 -31.80 4.25 104.21
CA ALA D 195 -30.90 4.60 103.11
C ALA D 195 -29.45 4.30 103.49
N ARG D 196 -28.63 4.02 102.49
CA ARG D 196 -27.25 3.66 102.72
C ARG D 196 -26.43 3.80 101.44
N ASN D 197 -25.47 4.73 101.44
CA ASN D 197 -24.65 4.99 100.27
C ASN D 197 -23.74 3.82 99.92
N ALA D 198 -23.67 3.51 98.64
CA ALA D 198 -22.84 2.40 98.14
C ALA D 198 -21.78 2.95 97.18
N PRO D 199 -20.72 2.15 96.93
CA PRO D 199 -19.65 2.58 96.01
C PRO D 199 -20.05 2.55 94.53
N ALA D 200 -21.17 1.91 94.22
CA ALA D 200 -21.68 1.85 92.85
C ALA D 200 -20.72 1.12 91.91
N SER D 201 -19.76 0.40 92.49
CA SER D 201 -18.75 -0.30 91.72
C SER D 201 -19.28 -1.67 91.31
N ALA D 202 -19.78 -2.42 92.28
CA ALA D 202 -20.32 -3.75 92.06
C ALA D 202 -21.60 -3.70 91.22
N TYR D 203 -22.38 -2.63 91.39
CA TYR D 203 -23.61 -2.46 90.64
C TYR D 203 -23.31 -2.28 89.16
N ALA D 204 -22.24 -1.52 88.87
CA ALA D 204 -21.80 -1.30 87.50
C ALA D 204 -21.15 -2.55 86.93
N ALA D 205 -20.61 -3.39 87.82
CA ALA D 205 -19.97 -4.64 87.41
C ALA D 205 -21.01 -5.68 87.04
N GLY D 206 -22.01 -5.86 87.90
CA GLY D 206 -23.09 -6.80 87.65
C GLY D 206 -23.87 -6.37 86.42
N LEU D 207 -23.93 -5.06 86.20
CA LEU D 207 -24.61 -4.48 85.05
C LEU D 207 -23.99 -4.97 83.74
N PHE D 208 -22.67 -5.05 83.70
CA PHE D 208 -21.97 -5.57 82.53
C PHE D 208 -22.37 -7.03 82.29
N ALA D 209 -22.33 -7.82 83.36
CA ALA D 209 -22.61 -9.25 83.30
C ALA D 209 -24.01 -9.51 82.74
N TRP D 210 -24.90 -8.54 82.94
CA TRP D 210 -26.26 -8.65 82.44
C TRP D 210 -26.30 -8.50 80.92
N THR D 211 -25.57 -7.51 80.41
CA THR D 211 -25.51 -7.23 78.98
C THR D 211 -24.68 -8.29 78.25
N ASP D 212 -23.61 -8.74 78.90
CA ASP D 212 -22.71 -9.72 78.31
C ASP D 212 -23.40 -11.07 78.14
N ALA D 213 -24.21 -11.44 79.13
CA ALA D 213 -24.97 -12.69 79.07
C ALA D 213 -26.16 -12.57 78.13
N GLU D 214 -26.70 -11.35 78.03
CA GLU D 214 -27.86 -11.08 77.20
C GLU D 214 -27.46 -10.81 75.75
N TYR D 215 -27.04 -9.58 75.48
CA TYR D 215 -26.65 -9.17 74.13
C TYR D 215 -25.33 -9.83 73.75
N GLY D 216 -24.30 -9.55 74.54
CA GLY D 216 -22.97 -10.08 74.31
C GLY D 216 -21.90 -9.16 74.87
N PHE D 217 -20.68 -9.70 75.02
CA PHE D 217 -19.55 -8.92 75.52
C PHE D 217 -19.29 -7.72 74.62
N TRP D 218 -19.60 -7.88 73.34
CA TRP D 218 -19.40 -6.83 72.35
C TRP D 218 -20.44 -5.72 72.51
N SER D 219 -21.53 -6.02 73.20
CA SER D 219 -22.57 -5.02 73.43
C SER D 219 -22.12 -4.02 74.50
N SER D 220 -22.45 -2.75 74.29
CA SER D 220 -22.09 -1.72 75.25
C SER D 220 -22.98 -1.83 76.51
N PRO D 221 -22.39 -1.64 77.69
CA PRO D 221 -23.16 -1.75 78.94
C PRO D 221 -23.97 -0.48 79.24
N SER D 222 -23.49 0.66 78.76
CA SER D 222 -24.13 1.95 79.04
C SER D 222 -25.60 1.98 78.64
N ASN D 223 -26.34 2.93 79.20
CA ASN D 223 -27.76 3.11 78.88
C ASN D 223 -28.58 1.86 79.20
N LYS D 224 -28.15 1.15 80.24
CA LYS D 224 -28.90 -0.01 80.73
C LYS D 224 -29.23 0.20 82.20
N GLU D 225 -30.49 -0.03 82.54
CA GLU D 225 -30.99 0.27 83.88
C GLU D 225 -30.42 -0.67 84.92
N ILE D 226 -30.06 -0.12 86.07
CA ILE D 226 -29.51 -0.90 87.18
C ILE D 226 -30.56 -1.07 88.27
N LYS D 227 -30.66 -2.29 88.80
CA LYS D 227 -31.61 -2.60 89.86
C LYS D 227 -30.94 -2.55 91.23
N GLY D 228 -31.74 -2.64 92.29
CA GLY D 228 -31.22 -2.65 93.64
C GLY D 228 -30.70 -1.27 94.03
N VAL D 229 -31.51 -0.25 93.75
CA VAL D 229 -31.14 1.14 94.03
C VAL D 229 -32.33 1.85 94.68
N THR D 230 -32.14 3.11 95.07
CA THR D 230 -33.18 3.89 95.71
C THR D 230 -32.79 5.36 95.85
N GLY D 231 -32.02 5.85 94.88
CA GLY D 231 -31.53 7.22 94.90
C GLY D 231 -30.05 7.24 94.58
N THR D 232 -29.51 8.44 94.34
CA THR D 232 -28.10 8.56 93.98
C THR D 232 -27.50 9.79 94.68
N SER D 233 -26.37 9.57 95.36
CA SER D 233 -25.64 10.64 96.00
C SER D 233 -25.24 11.69 94.98
N ARG D 234 -25.54 12.95 95.29
CA ARG D 234 -25.27 14.06 94.38
C ARG D 234 -26.04 13.88 93.07
N PRO D 235 -27.29 14.39 93.01
CA PRO D 235 -28.11 14.17 91.81
C PRO D 235 -27.51 14.80 90.57
N VAL D 236 -26.86 13.98 89.75
CA VAL D 236 -26.28 14.45 88.50
C VAL D 236 -27.41 14.79 87.53
N GLU D 237 -27.47 16.04 87.12
CA GLU D 237 -28.54 16.52 86.26
C GLU D 237 -28.40 16.00 84.83
N PHE D 238 -29.53 15.83 84.15
CA PHE D 238 -29.52 15.42 82.76
C PHE D 238 -30.77 15.93 82.05
N LEU D 239 -30.57 16.85 81.11
CA LEU D 239 -31.66 17.41 80.34
C LEU D 239 -32.14 16.43 79.28
N ASP D 240 -33.17 16.82 78.53
CA ASP D 240 -33.72 15.96 77.49
C ASP D 240 -32.71 15.76 76.36
N GLY D 241 -32.02 16.83 75.98
CA GLY D 241 -31.03 16.78 74.93
C GLY D 241 -30.26 18.07 74.80
N ASP D 242 -29.19 18.20 75.61
CA ASP D 242 -28.34 19.38 75.57
C ASP D 242 -26.97 19.07 76.18
N GLU D 243 -25.92 19.60 75.57
CA GLU D 243 -24.57 19.40 76.05
C GLU D 243 -24.29 20.19 77.33
N THR D 244 -25.23 21.05 77.70
CA THR D 244 -25.08 21.89 78.88
C THR D 244 -25.27 21.11 80.17
N CYS D 245 -25.93 19.96 80.07
CA CYS D 245 -26.18 19.13 81.25
C CYS D 245 -24.89 18.62 81.84
N ARG D 246 -24.89 18.38 83.15
CA ARG D 246 -23.66 18.02 83.86
C ARG D 246 -23.29 16.56 83.63
N ALA D 247 -24.29 15.73 83.32
CA ALA D 247 -24.05 14.31 83.06
C ALA D 247 -23.08 14.14 81.88
N ASN D 248 -23.14 15.09 80.95
CA ASN D 248 -22.29 15.05 79.76
C ASN D 248 -20.85 15.45 80.07
N LEU D 249 -20.70 16.47 80.91
CA LEU D 249 -19.37 17.01 81.23
C LEU D 249 -18.46 15.97 81.88
N LEU D 250 -19.04 15.07 82.67
CA LEU D 250 -18.26 14.01 83.31
C LEU D 250 -17.84 12.97 82.29
N ASN D 251 -18.67 12.75 81.27
CA ASN D 251 -18.34 11.80 80.21
C ASN D 251 -17.17 12.29 79.36
N ASN D 252 -17.02 13.62 79.28
CA ASN D 252 -15.90 14.22 78.57
C ASN D 252 -14.59 13.94 79.29
N ALA D 253 -14.68 13.77 80.61
CA ALA D 253 -13.53 13.43 81.42
C ALA D 253 -13.41 11.90 81.59
N ASN D 254 -14.09 11.17 80.71
CA ASN D 254 -14.08 9.70 80.75
C ASN D 254 -14.60 9.20 82.09
N ILE D 255 -15.87 9.43 82.35
CA ILE D 255 -16.49 9.00 83.62
C ILE D 255 -17.91 8.51 83.37
N ALA D 256 -18.24 7.38 84.00
CA ALA D 256 -19.58 6.83 83.96
C ALA D 256 -20.44 7.48 85.04
N THR D 257 -21.73 7.64 84.76
CA THR D 257 -22.64 8.30 85.71
C THR D 257 -24.03 7.69 85.66
N ILE D 258 -24.71 7.70 86.81
CA ILE D 258 -26.07 7.21 86.92
C ILE D 258 -27.02 8.40 86.85
N ILE D 259 -27.85 8.44 85.81
CA ILE D 259 -28.68 9.60 85.54
C ILE D 259 -30.11 9.43 86.07
N ARG D 260 -30.82 10.56 86.12
CA ARG D 260 -32.21 10.61 86.54
C ARG D 260 -32.42 10.18 87.99
N ASP D 261 -33.65 10.33 88.47
CA ASP D 261 -33.99 10.05 89.86
C ASP D 261 -33.78 8.59 90.19
N ASP D 262 -33.76 8.27 91.48
CA ASP D 262 -33.64 6.89 91.95
C ASP D 262 -32.35 6.23 91.46
N GLY D 263 -32.31 5.94 90.17
CA GLY D 263 -31.17 5.26 89.56
C GLY D 263 -31.63 4.64 88.26
N TYR D 264 -32.17 5.49 87.39
CA TYR D 264 -32.78 5.05 86.14
C TYR D 264 -31.83 4.20 85.31
N ARG D 265 -30.65 4.74 85.02
CA ARG D 265 -29.67 4.02 84.21
C ARG D 265 -28.27 4.60 84.30
N LEU D 266 -27.28 3.78 83.94
CA LEU D 266 -25.89 4.19 83.91
C LEU D 266 -25.39 4.31 82.48
N TRP D 267 -24.52 5.27 82.22
CA TRP D 267 -23.86 5.38 80.92
C TRP D 267 -22.54 6.14 81.00
N GLY D 268 -21.82 6.19 79.88
CA GLY D 268 -20.52 6.81 79.82
C GLY D 268 -19.51 5.80 79.33
N ASN D 269 -19.59 5.46 78.04
CA ASN D 269 -18.77 4.40 77.46
C ASN D 269 -17.28 4.72 77.50
N ARG D 270 -16.96 6.01 77.57
CA ARG D 270 -15.57 6.43 77.57
C ARG D 270 -14.79 5.85 78.73
N THR D 271 -13.80 5.01 78.42
CA THR D 271 -12.90 4.48 79.43
C THR D 271 -11.77 5.49 79.66
N LEU D 272 -11.23 5.51 80.88
CA LEU D 272 -10.17 6.46 81.21
C LEU D 272 -8.91 6.19 80.38
N SER D 273 -8.97 6.53 79.10
CA SER D 273 -7.87 6.25 78.18
C SER D 273 -7.51 7.49 77.36
N SER D 274 -6.21 7.76 77.24
CA SER D 274 -5.71 8.87 76.45
C SER D 274 -5.83 8.59 74.96
N ASP D 275 -5.42 7.39 74.55
CA ASP D 275 -5.50 7.00 73.15
C ASP D 275 -6.95 6.91 72.71
N SER D 276 -7.34 7.75 71.75
CA SER D 276 -8.72 7.81 71.28
C SER D 276 -9.13 6.53 70.53
N LYS D 277 -8.14 5.70 70.18
CA LYS D 277 -8.41 4.44 69.50
C LYS D 277 -9.17 3.49 70.42
N TRP D 278 -8.82 3.52 71.70
CA TRP D 278 -9.43 2.67 72.71
C TRP D 278 -10.33 3.50 73.60
N ALA D 279 -11.07 4.42 73.00
CA ALA D 279 -11.91 5.34 73.74
C ALA D 279 -13.09 4.61 74.37
N PHE D 280 -13.71 3.71 73.61
CA PHE D 280 -14.84 2.95 74.12
C PHE D 280 -14.38 1.77 74.96
N VAL D 281 -15.14 1.48 76.01
CA VAL D 281 -14.88 0.33 76.85
C VAL D 281 -15.19 -0.95 76.08
N THR D 282 -16.05 -0.82 75.07
CA THR D 282 -16.44 -1.94 74.21
C THR D 282 -15.25 -2.53 73.48
N ARG D 283 -14.50 -1.68 72.78
CA ARG D 283 -13.35 -2.13 71.99
C ARG D 283 -12.34 -2.88 72.84
N VAL D 284 -12.07 -2.34 74.03
CA VAL D 284 -11.13 -2.95 74.95
C VAL D 284 -11.65 -4.32 75.40
N ARG D 285 -12.98 -4.45 75.45
CA ARG D 285 -13.61 -5.67 75.95
C ARG D 285 -13.65 -6.77 74.89
N THR D 286 -13.80 -6.36 73.63
CA THR D 286 -13.85 -7.31 72.51
C THR D 286 -12.45 -7.76 72.11
N MET D 287 -11.51 -6.81 72.13
CA MET D 287 -10.15 -7.07 71.70
C MET D 287 -9.42 -7.98 72.69
N ASP D 288 -9.61 -7.72 73.98
CA ASP D 288 -9.03 -8.52 75.04
C ASP D 288 -9.62 -9.94 75.04
N LEU D 289 -10.76 -10.10 74.39
CA LEU D 289 -11.45 -11.39 74.34
C LEU D 289 -10.96 -12.24 73.17
N VAL D 290 -10.97 -11.66 71.97
CA VAL D 290 -10.55 -12.38 70.77
C VAL D 290 -9.06 -12.71 70.84
N MET D 291 -8.31 -11.89 71.55
CA MET D 291 -6.88 -12.13 71.75
C MET D 291 -6.68 -13.36 72.63
N ASP D 292 -7.35 -13.36 73.79
CA ASP D 292 -7.25 -14.47 74.72
C ASP D 292 -7.85 -15.76 74.13
N ALA D 293 -8.75 -15.60 73.16
CA ALA D 293 -9.37 -16.74 72.49
C ALA D 293 -8.40 -17.37 71.50
N ILE D 294 -7.74 -16.54 70.71
CA ILE D 294 -6.78 -17.01 69.73
C ILE D 294 -5.55 -17.58 70.43
N LEU D 295 -5.19 -16.96 71.55
CA LEU D 295 -4.06 -17.42 72.34
C LEU D 295 -4.34 -18.81 72.90
N ALA D 296 -5.42 -18.94 73.66
CA ALA D 296 -5.79 -20.20 74.29
C ALA D 296 -6.40 -21.19 73.29
N GLY D 297 -6.77 -20.69 72.12
CA GLY D 297 -7.42 -21.51 71.11
C GLY D 297 -6.45 -22.36 70.32
N HIS D 298 -5.38 -21.74 69.84
CA HIS D 298 -4.39 -22.41 69.01
C HIS D 298 -3.26 -22.98 69.86
N LYS D 299 -3.63 -23.55 71.00
CA LYS D 299 -2.68 -24.23 71.87
C LYS D 299 -2.43 -25.66 71.36
N TRP D 300 -3.32 -26.12 70.49
CA TRP D 300 -3.21 -27.46 69.90
C TRP D 300 -2.12 -27.49 68.85
N ALA D 301 -1.93 -26.35 68.17
CA ALA D 301 -0.97 -26.26 67.09
C ALA D 301 0.44 -26.29 67.65
N VAL D 302 1.01 -25.12 67.93
CA VAL D 302 2.38 -24.99 68.44
C VAL D 302 3.31 -25.75 67.50
N ASP D 303 4.35 -26.38 68.04
CA ASP D 303 5.34 -27.08 67.20
C ASP D 303 4.68 -28.24 66.45
N ARG D 304 4.50 -28.05 65.16
CA ARG D 304 3.89 -29.05 64.29
C ARG D 304 4.31 -28.79 62.86
N GLY D 305 4.29 -29.84 62.03
CA GLY D 305 4.72 -29.75 60.65
C GLY D 305 4.04 -28.62 59.90
N ILE D 306 4.82 -27.59 59.57
CA ILE D 306 4.30 -26.39 58.93
C ILE D 306 4.14 -26.61 57.42
N THR D 307 3.34 -27.62 57.06
CA THR D 307 3.04 -27.89 55.66
C THR D 307 1.98 -26.89 55.17
N LYS D 308 1.86 -26.76 53.86
CA LYS D 308 0.85 -25.89 53.26
C LYS D 308 -0.55 -26.17 53.80
N THR D 309 -0.80 -27.43 54.16
CA THR D 309 -2.08 -27.82 54.74
C THR D 309 -2.27 -27.16 56.10
N TYR D 310 -1.23 -27.22 56.92
CA TYR D 310 -1.25 -26.69 58.28
C TYR D 310 -1.57 -25.20 58.28
N VAL D 311 -0.96 -24.46 57.36
CA VAL D 311 -1.18 -23.02 57.26
C VAL D 311 -2.65 -22.74 56.93
N LYS D 312 -3.17 -23.48 55.95
CA LYS D 312 -4.58 -23.34 55.57
C LYS D 312 -5.53 -23.80 56.68
N ASP D 313 -5.12 -24.83 57.42
CA ASP D 313 -5.93 -25.34 58.53
C ASP D 313 -6.09 -24.27 59.60
N VAL D 314 -5.02 -23.52 59.84
CA VAL D 314 -5.04 -22.45 60.81
C VAL D 314 -5.72 -21.22 60.20
N THR D 315 -5.44 -20.95 58.93
CA THR D 315 -6.07 -19.84 58.23
C THR D 315 -7.58 -20.01 58.18
N GLU D 316 -8.03 -21.20 57.78
CA GLU D 316 -9.45 -21.51 57.74
C GLU D 316 -10.04 -21.57 59.15
N GLY D 317 -9.18 -21.75 60.14
CA GLY D 317 -9.61 -21.76 61.53
C GLY D 317 -10.03 -20.37 61.97
N LEU D 318 -9.35 -19.36 61.44
CA LEU D 318 -9.66 -17.97 61.72
C LEU D 318 -10.81 -17.48 60.82
N ARG D 319 -10.83 -17.97 59.58
CA ARG D 319 -11.91 -17.65 58.65
C ARG D 319 -13.27 -17.99 59.25
N ALA D 320 -13.41 -19.26 59.67
CA ALA D 320 -14.65 -19.76 60.23
C ALA D 320 -14.93 -19.09 61.57
N PHE D 321 -13.88 -18.91 62.37
CA PHE D 321 -14.02 -18.32 63.70
C PHE D 321 -14.57 -16.90 63.64
N MET D 322 -13.89 -16.04 62.88
CA MET D 322 -14.29 -14.64 62.76
C MET D 322 -15.67 -14.52 62.10
N ARG D 323 -15.98 -15.43 61.21
CA ARG D 323 -17.29 -15.41 60.54
C ARG D 323 -18.40 -15.76 61.52
N ASP D 324 -18.06 -16.49 62.58
CA ASP D 324 -19.02 -16.79 63.63
C ASP D 324 -19.25 -15.57 64.52
N LEU D 325 -18.31 -14.62 64.47
CA LEU D 325 -18.44 -13.36 65.18
C LEU D 325 -19.16 -12.32 64.34
N LYS D 326 -19.02 -12.43 63.03
CA LYS D 326 -19.61 -11.47 62.11
C LYS D 326 -21.13 -11.63 62.08
N ASN D 327 -21.60 -12.83 61.73
CA ASN D 327 -23.03 -13.11 61.67
C ASN D 327 -23.69 -12.98 63.05
N GLN D 328 -22.88 -13.20 64.09
CA GLN D 328 -23.36 -13.04 65.47
C GLN D 328 -23.51 -11.57 65.82
N GLY D 329 -22.74 -10.72 65.13
CA GLY D 329 -22.81 -9.29 65.32
C GLY D 329 -21.71 -8.74 66.19
N ALA D 330 -20.73 -9.57 66.53
CA ALA D 330 -19.61 -9.15 67.36
C ALA D 330 -18.71 -8.18 66.61
N VAL D 331 -18.58 -8.41 65.30
CA VAL D 331 -17.77 -7.56 64.44
C VAL D 331 -18.53 -7.25 63.16
N ILE D 332 -18.21 -6.12 62.53
CA ILE D 332 -18.87 -5.74 61.29
C ILE D 332 -18.29 -6.56 60.15
N ASN D 333 -16.97 -6.54 60.01
CA ASN D 333 -16.29 -7.32 58.99
C ASN D 333 -14.85 -7.57 59.39
N PHE D 334 -14.23 -8.57 58.77
CA PHE D 334 -12.88 -8.98 59.13
C PHE D 334 -12.07 -9.36 57.91
N GLU D 335 -10.83 -9.76 58.15
CA GLU D 335 -9.93 -10.20 57.08
C GLU D 335 -8.70 -10.82 57.73
N VAL D 336 -8.45 -12.09 57.40
CA VAL D 336 -7.31 -12.81 57.98
C VAL D 336 -6.54 -13.52 56.88
N TYR D 337 -5.22 -13.52 57.01
CA TYR D 337 -4.34 -14.08 55.99
C TYR D 337 -2.90 -14.12 56.48
N ALA D 338 -2.04 -14.81 55.73
CA ALA D 338 -0.63 -14.92 56.06
C ALA D 338 0.15 -13.86 55.29
N ASP D 339 0.84 -12.99 56.02
CA ASP D 339 1.59 -11.89 55.38
C ASP D 339 2.76 -12.43 54.57
N PRO D 340 2.88 -11.99 53.28
CA PRO D 340 4.02 -12.43 52.47
C PRO D 340 5.37 -11.98 53.02
N ASP D 341 5.46 -10.74 53.47
CA ASP D 341 6.73 -10.16 53.90
C ASP D 341 7.22 -10.77 55.22
N LEU D 342 6.31 -10.92 56.17
CA LEU D 342 6.66 -11.47 57.49
C LEU D 342 7.11 -12.93 57.36
N ASN D 343 6.27 -13.74 56.73
CA ASN D 343 6.58 -15.15 56.53
C ASN D 343 7.75 -15.32 55.56
N SER D 344 8.94 -14.93 56.01
CA SER D 344 10.15 -15.05 55.20
C SER D 344 10.70 -16.48 55.32
N ALA D 345 11.57 -16.84 54.38
CA ALA D 345 12.17 -18.16 54.38
C ALA D 345 12.98 -18.43 55.65
N SER D 346 13.47 -17.36 56.27
CA SER D 346 14.28 -17.47 57.48
C SER D 346 13.42 -17.51 58.74
N GLN D 347 12.28 -16.81 58.69
CA GLN D 347 11.37 -16.77 59.84
C GLN D 347 10.72 -18.14 60.06
N LEU D 348 10.28 -18.76 58.97
CA LEU D 348 9.69 -20.10 59.03
C LEU D 348 10.72 -21.13 59.50
N ALA D 349 11.99 -20.84 59.24
CA ALA D 349 13.07 -21.75 59.63
C ALA D 349 13.40 -21.63 61.11
N GLN D 350 12.71 -20.72 61.80
CA GLN D 350 12.83 -20.58 63.26
C GLN D 350 11.51 -20.96 63.95
N GLY D 351 10.53 -21.34 63.15
CA GLY D 351 9.23 -21.75 63.66
C GLY D 351 8.21 -20.64 63.57
N LYS D 352 8.68 -19.40 63.48
CA LYS D 352 7.78 -18.24 63.38
C LYS D 352 6.90 -18.33 62.14
N VAL D 353 5.61 -18.13 62.34
CA VAL D 353 4.65 -18.05 61.24
C VAL D 353 3.53 -17.10 61.65
N TYR D 354 3.28 -16.08 60.85
CA TYR D 354 2.37 -15.00 61.21
C TYR D 354 1.05 -15.06 60.46
N TRP D 355 0.00 -14.52 61.08
CA TRP D 355 -1.30 -14.38 60.43
C TRP D 355 -1.90 -13.02 60.78
N ASN D 356 -1.93 -12.13 59.79
CA ASN D 356 -2.40 -10.77 60.00
C ASN D 356 -3.92 -10.71 60.13
N ILE D 357 -4.39 -10.68 61.37
CA ILE D 357 -5.83 -10.53 61.64
C ILE D 357 -6.17 -9.05 61.74
N ARG D 358 -7.31 -8.67 61.19
CA ARG D 358 -7.76 -7.28 61.24
C ARG D 358 -9.27 -7.21 61.05
N PHE D 359 -9.91 -6.32 61.80
CA PHE D 359 -11.35 -6.16 61.74
C PHE D 359 -11.78 -4.87 62.43
N THR D 360 -13.09 -4.64 62.51
CA THR D 360 -13.64 -3.44 63.14
C THR D 360 -14.68 -3.83 64.18
N ASP D 361 -14.31 -3.78 65.46
CA ASP D 361 -15.25 -4.03 66.54
C ASP D 361 -16.38 -3.00 66.49
N VAL D 362 -17.59 -3.42 66.81
CA VAL D 362 -18.76 -2.55 66.71
C VAL D 362 -18.72 -1.45 67.78
N PRO D 363 -18.71 -0.17 67.35
CA PRO D 363 -18.76 0.93 68.31
C PRO D 363 -20.20 1.32 68.68
N PRO D 364 -20.46 1.62 69.97
CA PRO D 364 -21.82 2.03 70.35
C PRO D 364 -22.14 3.45 69.88
N ALA D 365 -23.24 3.60 69.15
CA ALA D 365 -23.69 4.91 68.67
C ALA D 365 -24.07 5.80 69.86
N GLU D 366 -23.06 6.34 70.53
CA GLU D 366 -23.29 7.09 71.76
C GLU D 366 -23.90 8.48 71.52
N ASN D 367 -24.08 8.83 70.25
CA ASN D 367 -24.63 10.14 69.90
C ASN D 367 -25.20 10.19 68.48
N PRO D 368 -26.38 9.57 68.28
CA PRO D 368 -27.04 9.59 66.96
C PRO D 368 -27.75 10.92 66.70
N ASN D 369 -27.32 11.63 65.66
CA ASN D 369 -27.91 12.92 65.30
C ASN D 369 -29.07 12.76 64.33
N PHE D 370 -29.87 13.81 64.18
CA PHE D 370 -31.02 13.80 63.30
C PHE D 370 -31.18 15.17 62.62
N ARG D 371 -30.42 15.37 61.55
CA ARG D 371 -30.45 16.65 60.84
C ARG D 371 -31.79 16.85 60.14
N VAL D 372 -32.82 17.14 60.93
CA VAL D 372 -34.15 17.40 60.38
C VAL D 372 -34.22 18.83 59.88
N GLU D 373 -34.95 19.04 58.78
CA GLU D 373 -35.05 20.35 58.16
C GLU D 373 -36.19 20.39 57.16
N VAL D 374 -37.12 21.31 57.36
CA VAL D 374 -38.22 21.50 56.42
C VAL D 374 -37.74 22.18 55.15
N THR D 375 -38.64 22.30 54.19
CA THR D 375 -38.33 22.97 52.94
C THR D 375 -39.64 23.28 52.20
N ASP D 376 -39.52 23.58 50.90
CA ASP D 376 -40.66 23.90 50.07
C ASP D 376 -40.55 23.13 48.76
N GLN D 377 -40.02 21.92 48.84
CA GLN D 377 -39.78 21.09 47.67
C GLN D 377 -41.07 20.41 47.20
N TRP D 378 -41.60 19.53 48.05
CA TRP D 378 -42.82 18.79 47.72
C TRP D 378 -44.07 19.60 48.00
N LEU D 379 -44.21 20.73 47.30
CA LEU D 379 -45.42 21.54 47.38
C LEU D 379 -46.20 21.48 46.07
N THR D 380 -45.46 21.42 44.96
CA THR D 380 -46.08 21.31 43.65
C THR D 380 -46.77 19.95 43.48
N GLU D 381 -46.45 19.02 44.38
CA GLU D 381 -47.08 17.70 44.38
C GLU D 381 -48.56 17.85 44.68
N VAL D 382 -48.89 18.86 45.48
CA VAL D 382 -50.27 19.18 45.80
C VAL D 382 -50.91 19.88 44.61
N LEU D 383 -51.22 19.12 43.57
CA LEU D 383 -51.76 19.67 42.35
C LEU D 383 -52.26 18.56 41.43
N ASP D 384 -51.40 17.57 41.21
CA ASP D 384 -51.73 16.45 40.35
C ASP D 384 -50.86 15.25 40.68
N SER E 2 -16.17 12.67 75.07
CA SER E 2 -17.32 12.04 74.43
C SER E 2 -18.13 13.07 73.66
N PHE E 3 -18.33 14.22 74.28
CA PHE E 3 -19.09 15.32 73.69
C PHE E 3 -20.57 14.98 73.60
N PHE E 4 -21.37 15.70 74.39
CA PHE E 4 -22.82 15.51 74.46
C PHE E 4 -23.21 14.14 75.01
N HIS E 5 -23.07 13.11 74.16
CA HIS E 5 -23.47 11.75 74.53
C HIS E 5 -24.95 11.67 74.89
N GLY E 6 -25.81 11.68 73.89
CA GLY E 6 -27.25 11.55 74.10
C GLY E 6 -27.97 11.27 72.81
N VAL E 7 -28.68 12.28 72.30
CA VAL E 7 -29.39 12.16 71.04
C VAL E 7 -29.83 13.55 70.59
N THR E 8 -29.03 14.15 69.69
CA THR E 8 -29.30 15.50 69.21
C THR E 8 -30.39 15.49 68.15
N VAL E 9 -30.76 16.69 67.70
CA VAL E 9 -31.80 16.85 66.70
C VAL E 9 -31.74 18.28 66.16
N THR E 10 -30.56 18.66 65.68
CA THR E 10 -30.31 20.02 65.23
C THR E 10 -31.16 20.35 64.01
N ASN E 11 -31.82 21.51 64.04
CA ASN E 11 -32.63 21.98 62.93
C ASN E 11 -31.76 22.75 61.94
N VAL E 12 -31.48 22.15 60.80
CA VAL E 12 -30.66 22.79 59.78
C VAL E 12 -31.48 23.84 59.04
N ASP E 13 -31.24 25.10 59.37
CA ASP E 13 -32.00 26.22 58.81
C ASP E 13 -31.43 26.64 57.46
N ILE E 14 -31.72 25.87 56.43
CA ILE E 14 -31.32 26.19 55.06
C ILE E 14 -32.46 25.92 54.09
N GLY E 15 -32.37 26.52 52.90
CA GLY E 15 -33.40 26.39 51.90
C GLY E 15 -33.75 27.75 51.32
N ALA E 16 -34.32 27.75 50.12
CA ALA E 16 -34.70 28.99 49.46
C ALA E 16 -35.87 29.66 50.15
N ARG E 17 -35.62 30.82 50.76
CA ARG E 17 -36.68 31.59 51.41
C ARG E 17 -37.62 32.19 50.38
N THR E 18 -38.82 32.53 50.83
CA THR E 18 -39.83 33.16 49.97
C THR E 18 -39.64 34.67 49.98
N ILE E 19 -40.14 35.33 48.94
CA ILE E 19 -40.03 36.78 48.81
C ILE E 19 -41.36 37.38 48.35
N ALA E 20 -41.69 38.54 48.91
CA ALA E 20 -42.95 39.21 48.62
C ALA E 20 -42.73 40.56 47.94
N LEU E 21 -43.82 41.22 47.57
CA LEU E 21 -43.79 42.53 46.93
C LEU E 21 -44.39 43.59 47.85
N PRO E 22 -43.58 44.15 48.76
CA PRO E 22 -44.10 45.07 49.77
C PRO E 22 -44.57 46.40 49.19
N ALA E 23 -45.28 47.20 49.99
CA ALA E 23 -45.71 48.54 49.61
C ALA E 23 -46.67 48.54 48.41
N SER E 24 -46.19 48.05 47.27
CA SER E 24 -47.00 47.96 46.05
C SER E 24 -47.41 49.34 45.56
N SER E 25 -48.37 49.97 46.23
CA SER E 25 -48.88 51.27 45.79
C SER E 25 -49.53 52.03 46.95
N VAL E 26 -48.71 52.45 47.91
CA VAL E 26 -49.19 53.28 49.01
C VAL E 26 -48.99 54.74 48.64
N ILE E 27 -50.03 55.54 48.82
CA ILE E 27 -50.02 56.94 48.43
C ILE E 27 -49.47 57.81 49.56
N GLY E 28 -48.67 58.80 49.19
CA GLY E 28 -48.07 59.74 50.13
C GLY E 28 -48.52 61.15 49.80
N LEU E 29 -49.64 61.55 50.38
CA LEU E 29 -50.25 62.84 50.08
C LEU E 29 -49.88 63.89 51.12
N CYS E 30 -49.96 65.17 50.74
CA CYS E 30 -49.63 66.26 51.64
C CYS E 30 -50.24 67.57 51.12
N ASP E 31 -51.50 67.80 51.48
CA ASP E 31 -52.19 69.03 51.13
C ASP E 31 -52.28 69.91 52.38
N VAL E 32 -53.39 70.63 52.54
CA VAL E 32 -53.59 71.49 53.70
C VAL E 32 -54.98 71.31 54.28
N PHE E 33 -55.17 71.78 55.52
CA PHE E 33 -56.47 71.73 56.17
C PHE E 33 -56.53 72.76 57.28
N THR E 34 -57.58 72.67 58.10
CA THR E 34 -57.79 73.60 59.20
C THR E 34 -57.92 72.84 60.52
N PRO E 35 -56.81 72.75 61.29
CA PRO E 35 -56.88 72.04 62.57
C PRO E 35 -57.67 72.82 63.62
N GLY E 36 -58.45 72.11 64.43
CA GLY E 36 -59.24 72.75 65.47
C GLY E 36 -60.02 71.75 66.30
N ALA E 37 -61.32 71.63 66.00
CA ALA E 37 -62.22 70.78 66.78
C ALA E 37 -62.36 69.40 66.14
N GLN E 38 -63.11 69.32 65.05
CA GLN E 38 -63.39 68.04 64.39
C GLN E 38 -62.12 67.43 63.81
N ALA E 39 -61.10 68.24 63.59
CA ALA E 39 -59.85 67.77 63.03
C ALA E 39 -59.05 67.00 64.07
N SER E 40 -59.16 65.68 64.06
CA SER E 40 -58.47 64.82 65.02
C SER E 40 -56.98 64.78 64.75
N ALA E 41 -56.61 64.75 63.47
CA ALA E 41 -55.21 64.70 63.06
C ALA E 41 -54.48 65.96 63.49
N LYS E 42 -53.25 65.81 63.96
CA LYS E 42 -52.47 66.95 64.44
C LYS E 42 -52.07 67.84 63.25
N PRO E 43 -51.66 69.09 63.53
CA PRO E 43 -51.41 70.06 62.46
C PRO E 43 -50.24 69.73 61.54
N ASN E 44 -49.58 68.59 61.69
CA ASN E 44 -48.40 68.30 60.88
C ASN E 44 -47.98 66.83 60.82
N VAL E 45 -48.25 66.06 61.87
CA VAL E 45 -47.74 64.69 61.91
C VAL E 45 -48.39 63.82 60.84
N PRO E 46 -47.68 62.78 60.38
CA PRO E 46 -48.28 61.83 59.44
C PRO E 46 -49.42 61.03 60.08
N VAL E 47 -50.50 60.81 59.33
CA VAL E 47 -51.63 60.03 59.79
C VAL E 47 -52.01 59.03 58.71
N LEU E 48 -52.21 57.78 59.11
CA LEU E 48 -52.58 56.74 58.17
C LEU E 48 -54.08 56.74 57.91
N LEU E 49 -54.46 56.44 56.68
CA LEU E 49 -55.86 56.41 56.28
C LEU E 49 -56.19 55.06 55.65
N THR E 50 -57.45 54.86 55.32
CA THR E 50 -57.91 53.62 54.73
C THR E 50 -59.22 53.83 53.98
N SER E 51 -60.06 54.72 54.50
CA SER E 51 -61.35 55.04 53.89
C SER E 51 -61.72 56.48 54.18
N LYS E 52 -62.79 56.95 53.56
CA LYS E 52 -63.26 58.32 53.76
C LYS E 52 -63.60 58.59 55.21
N LYS E 53 -64.18 57.59 55.87
CA LYS E 53 -64.54 57.71 57.29
C LYS E 53 -63.30 58.02 58.15
N ASP E 54 -62.22 57.28 57.91
CA ASP E 54 -60.99 57.46 58.68
C ASP E 54 -60.31 58.79 58.34
N ALA E 55 -60.65 59.33 57.17
CA ALA E 55 -60.06 60.59 56.69
C ALA E 55 -60.92 61.78 57.11
N ALA E 56 -62.23 61.59 57.13
CA ALA E 56 -63.17 62.67 57.47
C ALA E 56 -62.96 63.14 58.90
N ALA E 57 -63.01 62.20 59.84
CA ALA E 57 -62.85 62.51 61.25
C ALA E 57 -61.43 62.99 61.57
N ALA E 58 -60.50 62.72 60.66
CA ALA E 58 -59.10 63.07 60.84
C ALA E 58 -58.85 64.55 60.54
N PHE E 59 -59.13 64.95 59.30
CA PHE E 59 -58.85 66.31 58.84
C PHE E 59 -60.09 67.18 58.88
N GLY E 60 -61.23 66.60 58.51
CA GLY E 60 -62.50 67.30 58.51
C GLY E 60 -63.04 67.47 57.11
N ILE E 61 -64.33 67.80 57.02
CA ILE E 61 -64.99 68.01 55.73
C ILE E 61 -64.73 69.43 55.25
N GLY E 62 -64.57 69.59 53.94
CA GLY E 62 -64.31 70.90 53.36
C GLY E 62 -62.83 71.21 53.30
N SER E 63 -62.04 70.52 54.11
CA SER E 63 -60.59 70.69 54.09
C SER E 63 -60.06 70.34 52.71
N SER E 64 -59.18 71.20 52.19
CA SER E 64 -58.63 71.03 50.85
C SER E 64 -57.94 69.68 50.68
N ILE E 65 -57.52 69.08 51.79
CA ILE E 65 -56.88 67.78 51.78
C ILE E 65 -57.90 66.66 51.63
N TYR E 66 -59.08 66.88 52.21
CA TYR E 66 -60.14 65.88 52.16
C TYR E 66 -60.72 65.76 50.75
N LEU E 67 -60.73 66.87 50.02
CA LEU E 67 -61.19 66.87 48.63
C LEU E 67 -60.24 66.07 47.75
N ALA E 68 -58.99 65.92 48.21
CA ALA E 68 -57.97 65.16 47.49
C ALA E 68 -58.07 63.68 47.86
N CYS E 69 -58.27 63.40 49.14
CA CYS E 69 -58.42 62.02 49.61
C CYS E 69 -59.72 61.42 49.08
N GLU E 70 -60.79 62.21 49.11
CA GLU E 70 -62.08 61.79 48.61
C GLU E 70 -62.00 61.48 47.12
N ALA E 71 -61.17 62.24 46.41
CA ALA E 71 -60.97 62.05 44.98
C ALA E 71 -60.28 60.71 44.70
N ILE E 72 -59.47 60.27 45.66
CA ILE E 72 -58.76 59.00 45.53
C ILE E 72 -59.68 57.83 45.88
N TYR E 73 -60.40 57.94 46.99
CA TYR E 73 -61.26 56.86 47.48
C TYR E 73 -62.49 56.70 46.58
N ASN E 74 -62.92 57.79 45.96
CA ASN E 74 -64.01 57.74 45.00
C ASN E 74 -63.61 56.90 43.80
N ARG E 75 -62.36 57.10 43.36
CA ARG E 75 -61.79 56.33 42.26
C ARG E 75 -61.58 54.88 42.69
N ALA E 76 -60.59 54.66 43.55
CA ALA E 76 -60.28 53.32 44.03
C ALA E 76 -59.64 53.40 45.42
N GLN E 77 -60.10 52.54 46.32
CA GLN E 77 -59.63 52.54 47.70
C GLN E 77 -58.15 52.18 47.79
N ALA E 78 -57.44 52.87 48.67
CA ALA E 78 -56.01 52.64 48.83
C ALA E 78 -55.51 53.24 50.14
N VAL E 79 -54.34 52.80 50.57
CA VAL E 79 -53.70 53.32 51.78
C VAL E 79 -53.08 54.68 51.47
N ILE E 80 -53.38 55.66 52.32
CA ILE E 80 -52.85 57.01 52.16
C ILE E 80 -52.24 57.49 53.47
N VAL E 81 -50.91 57.43 53.56
CA VAL E 81 -50.20 57.98 54.70
C VAL E 81 -50.13 59.51 54.52
N ALA E 82 -51.29 60.15 54.65
CA ALA E 82 -51.39 61.59 54.45
C ALA E 82 -50.70 62.36 55.57
N VAL E 83 -50.22 63.55 55.25
CA VAL E 83 -49.55 64.42 56.22
C VAL E 83 -50.47 65.57 56.59
N GLY E 84 -50.61 66.54 55.68
CA GLY E 84 -51.46 67.68 55.90
C GLY E 84 -50.81 68.71 56.80
N VAL E 85 -50.84 69.97 56.38
CA VAL E 85 -50.24 71.06 57.13
C VAL E 85 -51.19 72.25 57.20
N GLU E 86 -51.10 73.02 58.28
CA GLU E 86 -51.97 74.18 58.47
C GLU E 86 -51.75 75.21 57.37
N THR E 87 -52.84 75.85 56.94
CA THR E 87 -52.76 76.89 55.93
C THR E 87 -52.04 78.11 56.48
N ALA E 88 -51.22 78.74 55.64
CA ALA E 88 -50.45 79.91 56.02
C ALA E 88 -51.08 81.19 55.51
N GLU E 89 -50.43 82.33 55.76
CA GLU E 89 -50.95 83.63 55.34
C GLU E 89 -50.87 83.78 53.82
N THR E 90 -49.67 84.01 53.31
CA THR E 90 -49.45 84.17 51.88
C THR E 90 -49.30 82.80 51.21
N PRO E 91 -49.69 82.70 49.93
CA PRO E 91 -49.59 81.42 49.21
C PRO E 91 -48.15 80.97 48.99
N GLU E 92 -47.25 81.93 48.88
CA GLU E 92 -45.84 81.63 48.65
C GLU E 92 -45.21 80.97 49.87
N ALA E 93 -45.38 81.60 51.03
CA ALA E 93 -44.82 81.12 52.28
C ALA E 93 -45.51 79.83 52.73
N GLN E 94 -46.68 79.56 52.18
CA GLN E 94 -47.42 78.35 52.51
C GLN E 94 -46.70 77.12 51.97
N ALA E 95 -45.99 77.29 50.87
CA ALA E 95 -45.24 76.21 50.24
C ALA E 95 -44.09 75.75 51.15
N SER E 96 -43.65 76.64 52.03
CA SER E 96 -42.57 76.30 52.97
C SER E 96 -43.05 75.22 53.94
N ALA E 97 -44.24 75.41 54.49
CA ALA E 97 -44.83 74.43 55.39
C ALA E 97 -45.14 73.14 54.65
N VAL E 98 -45.44 73.25 53.36
CA VAL E 98 -45.73 72.07 52.55
C VAL E 98 -44.45 71.26 52.35
N ILE E 99 -43.37 71.93 51.94
CA ILE E 99 -42.09 71.25 51.80
C ILE E 99 -41.63 70.80 53.17
N GLY E 100 -41.57 71.73 54.11
CA GLY E 100 -41.23 71.41 55.49
C GLY E 100 -39.74 71.17 55.67
N GLY E 101 -39.11 71.97 56.52
CA GLY E 101 -37.70 71.82 56.80
C GLY E 101 -37.46 70.65 57.72
N ILE E 102 -37.52 70.91 59.03
CA ILE E 102 -37.31 69.86 60.03
C ILE E 102 -37.75 70.31 61.43
N SER E 103 -37.79 71.62 61.64
CA SER E 103 -38.25 72.21 62.90
C SER E 103 -37.26 71.92 64.04
N ALA E 104 -37.39 72.69 65.12
CA ALA E 104 -36.51 72.54 66.27
C ALA E 104 -36.80 71.26 67.03
N ALA E 105 -38.00 70.72 66.83
CA ALA E 105 -38.41 69.48 67.50
C ALA E 105 -37.60 68.29 66.98
N GLY E 106 -37.06 68.43 65.78
CA GLY E 106 -36.25 67.38 65.18
C GLY E 106 -37.07 66.49 64.27
N GLU E 107 -38.38 66.43 64.53
CA GLU E 107 -39.28 65.60 63.73
C GLU E 107 -39.50 66.21 62.35
N ARG E 108 -39.33 65.41 61.31
CA ARG E 108 -39.48 65.86 59.93
C ARG E 108 -40.88 66.43 59.69
N THR E 109 -40.93 67.69 59.28
CA THR E 109 -42.20 68.38 59.05
C THR E 109 -42.55 68.41 57.56
N GLY E 110 -43.81 68.72 57.29
CA GLY E 110 -44.28 68.89 55.93
C GLY E 110 -44.14 67.65 55.07
N LEU E 111 -43.91 67.88 53.78
CA LEU E 111 -43.82 66.80 52.79
C LEU E 111 -42.72 65.78 53.11
N GLN E 112 -41.68 66.24 53.81
CA GLN E 112 -40.55 65.38 54.15
C GLN E 112 -40.91 64.39 55.27
N ALA E 113 -42.07 64.58 55.87
CA ALA E 113 -42.54 63.71 56.95
C ALA E 113 -42.90 62.32 56.43
N LEU E 114 -43.04 62.19 55.11
CA LEU E 114 -43.44 60.93 54.49
C LEU E 114 -42.40 59.82 54.71
N LEU E 115 -41.16 60.22 54.98
CA LEU E 115 -40.09 59.26 55.23
C LEU E 115 -40.35 58.48 56.52
N ASP E 116 -41.21 59.02 57.38
CA ASP E 116 -41.54 58.41 58.66
C ASP E 116 -42.66 57.36 58.50
N GLY E 117 -43.38 57.44 57.38
CA GLY E 117 -44.51 56.55 57.13
C GLY E 117 -44.11 55.09 57.08
N LYS E 118 -42.85 54.83 56.77
CA LYS E 118 -42.34 53.46 56.67
C LYS E 118 -42.06 52.89 58.06
N SER E 119 -41.41 53.69 58.91
CA SER E 119 -41.02 53.25 60.24
C SER E 119 -42.06 53.61 61.30
N ARG E 120 -43.32 53.63 60.90
CA ARG E 120 -44.43 53.89 61.83
C ARG E 120 -45.69 53.11 61.44
N PHE E 121 -45.94 53.00 60.15
CA PHE E 121 -47.14 52.33 59.65
C PHE E 121 -46.80 51.14 58.76
N ASN E 122 -45.51 50.86 58.60
CA ASN E 122 -45.06 49.77 57.73
C ASN E 122 -45.63 49.90 56.32
N ALA E 123 -45.89 51.14 55.90
CA ALA E 123 -46.48 51.43 54.60
C ALA E 123 -45.69 52.56 53.97
N GLN E 124 -44.59 52.21 53.31
CA GLN E 124 -43.76 53.20 52.62
C GLN E 124 -44.55 53.84 51.48
N PRO E 125 -44.81 55.16 51.56
CA PRO E 125 -45.55 55.79 50.46
C PRO E 125 -44.75 55.74 49.16
N ARG E 126 -45.05 54.74 48.32
CA ARG E 126 -44.36 54.57 47.06
C ARG E 126 -45.15 55.23 45.93
N LEU E 127 -45.73 56.38 46.24
CA LEU E 127 -46.53 57.12 45.27
C LEU E 127 -46.85 58.51 45.83
N LEU E 128 -45.92 59.44 45.65
CA LEU E 128 -46.09 60.79 46.18
C LEU E 128 -47.12 61.58 45.39
N VAL E 129 -47.62 62.64 46.01
CA VAL E 129 -48.63 63.51 45.41
C VAL E 129 -48.85 64.71 46.31
N ALA E 130 -49.01 65.89 45.70
CA ALA E 130 -49.18 67.13 46.45
C ALA E 130 -50.15 68.05 45.68
N PRO E 131 -51.47 67.77 45.77
CA PRO E 131 -52.47 68.54 45.03
C PRO E 131 -52.45 70.03 45.36
N GLY E 132 -52.50 70.89 44.34
CA GLY E 132 -52.46 72.32 44.55
C GLY E 132 -51.04 72.84 44.61
N HIS E 133 -50.24 72.24 45.49
CA HIS E 133 -48.84 72.63 45.67
C HIS E 133 -47.91 71.78 44.82
N SER E 134 -47.78 72.13 43.54
CA SER E 134 -46.87 71.45 42.63
C SER E 134 -46.54 72.34 41.42
N ALA E 135 -47.44 73.27 41.09
CA ALA E 135 -47.19 74.21 40.00
C ALA E 135 -46.03 75.12 40.35
N GLN E 136 -45.76 75.29 41.63
CA GLN E 136 -44.62 76.09 42.07
C GLN E 136 -43.32 75.32 41.86
N GLN E 137 -42.34 75.99 41.29
CA GLN E 137 -41.06 75.38 40.97
C GLN E 137 -40.36 74.84 42.21
N ALA E 138 -40.64 75.45 43.36
CA ALA E 138 -39.96 75.12 44.60
C ALA E 138 -40.34 73.73 45.11
N VAL E 139 -41.61 73.58 45.48
CA VAL E 139 -42.11 72.34 46.06
C VAL E 139 -41.97 71.15 45.12
N ALA E 140 -41.91 71.43 43.83
CA ALA E 140 -41.82 70.38 42.82
C ALA E 140 -40.51 69.61 42.91
N THR E 141 -39.43 70.32 43.22
CA THR E 141 -38.11 69.71 43.34
C THR E 141 -38.01 68.85 44.61
N ALA E 142 -38.69 69.29 45.66
CA ALA E 142 -38.74 68.53 46.91
C ALA E 142 -39.42 67.19 46.67
N MET E 143 -40.42 67.19 45.80
CA MET E 143 -41.12 65.96 45.41
C MET E 143 -40.18 65.06 44.62
N ASP E 144 -39.27 65.67 43.87
CA ASP E 144 -38.31 64.93 43.07
C ASP E 144 -37.27 64.26 43.96
N GLY E 145 -36.71 65.04 44.88
CA GLY E 145 -35.66 64.55 45.75
C GLY E 145 -36.18 63.51 46.72
N LEU E 146 -37.42 63.71 47.18
CA LEU E 146 -38.04 62.82 48.15
C LEU E 146 -38.40 61.47 47.54
N ALA E 147 -38.76 61.49 46.26
CA ALA E 147 -39.16 60.28 45.56
C ALA E 147 -38.03 59.27 45.50
N GLU E 148 -36.81 59.77 45.34
CA GLU E 148 -35.63 58.91 45.24
C GLU E 148 -35.31 58.26 46.59
N LYS E 149 -35.74 58.92 47.67
CA LYS E 149 -35.54 58.36 49.01
C LYS E 149 -36.54 57.24 49.27
N LEU E 150 -37.72 57.38 48.68
CA LEU E 150 -38.80 56.42 48.85
C LEU E 150 -38.96 55.51 47.63
N ARG E 151 -38.17 55.77 46.59
CA ARG E 151 -38.29 55.03 45.32
C ARG E 151 -39.72 55.08 44.79
N ALA E 152 -40.35 56.24 44.95
CA ALA E 152 -41.74 56.42 44.57
C ALA E 152 -41.84 57.10 43.20
N ILE E 153 -43.05 57.53 42.85
CA ILE E 153 -43.27 58.25 41.59
C ILE E 153 -44.13 59.48 41.89
N ALA E 154 -43.45 60.61 42.10
CA ALA E 154 -44.11 61.86 42.45
C ALA E 154 -44.96 62.38 41.29
N ILE E 155 -46.27 62.45 41.52
CA ILE E 155 -47.19 62.97 40.52
C ILE E 155 -47.38 64.47 40.70
N LEU E 156 -46.81 65.26 39.80
CA LEU E 156 -46.95 66.70 39.83
C LEU E 156 -48.23 67.12 39.13
N ASP E 157 -48.47 68.42 39.08
CA ASP E 157 -49.63 68.97 38.38
C ASP E 157 -49.34 70.41 37.96
N GLY E 158 -48.87 70.57 36.72
CA GLY E 158 -48.49 71.87 36.21
C GLY E 158 -49.65 72.83 36.08
N PRO E 159 -49.36 74.13 35.92
CA PRO E 159 -50.41 75.16 35.82
C PRO E 159 -51.22 75.03 34.55
N ASN E 160 -52.50 75.39 34.61
CA ASN E 160 -53.37 75.36 33.45
C ASN E 160 -52.99 76.48 32.47
N SER E 161 -53.71 77.60 32.54
CA SER E 161 -53.44 78.75 31.67
C SER E 161 -53.43 78.34 30.20
N THR E 162 -52.35 77.68 29.78
CA THR E 162 -52.19 77.25 28.40
C THR E 162 -51.17 76.12 28.29
N ASP E 163 -51.02 75.58 27.08
CA ASP E 163 -50.12 74.47 26.82
C ASP E 163 -48.66 74.92 26.82
N GLU E 164 -48.43 76.14 26.35
CA GLU E 164 -47.09 76.71 26.26
C GLU E 164 -46.44 76.76 27.64
N ALA E 165 -47.25 77.06 28.66
CA ALA E 165 -46.76 77.18 30.02
C ALA E 165 -46.49 75.81 30.65
N ALA E 166 -47.13 74.78 30.11
CA ALA E 166 -46.99 73.41 30.62
C ALA E 166 -45.71 72.78 30.10
N VAL E 167 -45.40 73.03 28.83
CA VAL E 167 -44.19 72.49 28.21
C VAL E 167 -42.96 73.16 28.80
N ALA E 168 -43.03 74.48 29.00
CA ALA E 168 -41.90 75.23 29.53
C ALA E 168 -41.63 74.86 30.99
N TYR E 169 -42.62 74.25 31.63
CA TYR E 169 -42.50 73.83 33.03
C TYR E 169 -41.85 72.45 33.14
N ALA E 170 -42.21 71.56 32.24
CA ALA E 170 -41.67 70.20 32.22
C ALA E 170 -40.20 70.20 31.80
N LYS E 171 -39.83 71.19 30.99
CA LYS E 171 -38.47 71.31 30.50
C LYS E 171 -37.46 71.48 31.64
N ASN E 172 -37.94 71.83 32.83
CA ASN E 172 -37.09 72.01 33.99
C ASN E 172 -36.60 70.70 34.60
N PHE E 173 -37.51 69.74 34.74
CA PHE E 173 -37.18 68.47 35.37
C PHE E 173 -36.71 67.44 34.36
N GLY E 174 -36.18 66.32 34.84
CA GLY E 174 -35.73 65.25 33.98
C GLY E 174 -35.44 63.97 34.74
N SER E 175 -36.08 63.80 35.90
CA SER E 175 -35.83 62.65 36.76
C SER E 175 -36.79 61.50 36.44
N LYS E 176 -36.33 60.28 36.67
CA LYS E 176 -37.14 59.09 36.43
C LYS E 176 -38.47 59.13 37.17
N ARG E 177 -38.46 59.75 38.35
CA ARG E 177 -39.59 59.70 39.28
C ARG E 177 -40.41 60.98 39.27
N LEU E 178 -40.95 61.31 38.10
CA LEU E 178 -41.84 62.47 37.98
C LEU E 178 -42.83 62.22 36.86
N PHE E 179 -44.11 62.28 37.22
CA PHE E 179 -45.20 62.01 36.27
C PHE E 179 -46.21 63.13 36.35
N MET E 180 -45.96 64.20 35.60
CA MET E 180 -46.79 65.40 35.68
C MET E 180 -48.01 65.30 34.79
N VAL E 181 -49.08 65.96 35.22
CA VAL E 181 -50.31 66.08 34.43
C VAL E 181 -50.66 67.57 34.34
N ASP E 182 -50.84 68.05 33.11
CA ASP E 182 -51.01 69.49 32.87
C ASP E 182 -52.45 69.96 33.03
N PRO E 183 -53.38 69.47 32.19
CA PRO E 183 -54.74 70.01 32.23
C PRO E 183 -55.44 69.75 33.57
N GLY E 184 -55.82 70.81 34.29
CA GLY E 184 -56.46 70.66 35.59
C GLY E 184 -57.93 70.32 35.44
N VAL E 185 -58.26 69.07 35.75
CA VAL E 185 -59.64 68.61 35.70
C VAL E 185 -60.48 69.36 36.73
N GLN E 186 -61.75 69.60 36.42
CA GLN E 186 -62.65 70.30 37.33
C GLN E 186 -63.69 69.34 37.90
N VAL E 187 -63.82 69.33 39.22
CA VAL E 187 -64.76 68.46 39.92
C VAL E 187 -65.93 69.28 40.46
N TRP E 188 -67.05 68.62 40.69
CA TRP E 188 -68.22 69.28 41.25
C TRP E 188 -68.12 69.27 42.78
N ASP E 189 -67.65 70.39 43.36
CA ASP E 189 -67.52 70.50 44.81
C ASP E 189 -68.89 70.46 45.48
N SER E 190 -68.98 69.76 46.60
CA SER E 190 -70.23 69.63 47.34
C SER E 190 -70.56 70.89 48.11
N ALA E 191 -69.53 71.53 48.66
CA ALA E 191 -69.70 72.73 49.48
C ALA E 191 -70.09 73.94 48.64
N THR E 192 -69.48 74.08 47.48
CA THR E 192 -69.72 75.21 46.60
C THR E 192 -71.01 75.00 45.79
N ASN E 193 -71.39 73.74 45.62
CA ASN E 193 -72.58 73.37 44.85
C ASN E 193 -72.51 73.87 43.42
N ALA E 194 -71.32 73.79 42.83
CA ALA E 194 -71.11 74.19 41.44
C ALA E 194 -69.75 73.69 40.96
N ALA E 195 -69.36 74.11 39.77
CA ALA E 195 -68.08 73.71 39.19
C ALA E 195 -66.93 74.22 40.05
N ARG E 196 -65.82 73.50 40.01
CA ARG E 196 -64.68 73.84 40.84
C ARG E 196 -63.42 73.16 40.32
N ASN E 197 -62.46 73.96 39.86
CA ASN E 197 -61.23 73.43 39.30
C ASN E 197 -60.36 72.73 40.34
N ALA E 198 -59.82 71.57 39.97
CA ALA E 198 -58.97 70.78 40.85
C ALA E 198 -57.57 70.63 40.24
N PRO E 199 -56.58 70.26 41.08
CA PRO E 199 -55.21 70.10 40.58
C PRO E 199 -55.00 68.83 39.74
N ALA E 200 -55.96 67.93 39.77
CA ALA E 200 -55.90 66.70 38.98
C ALA E 200 -54.71 65.82 39.37
N SER E 201 -54.13 66.10 40.53
CA SER E 201 -52.97 65.37 41.01
C SER E 201 -53.41 64.11 41.76
N ALA E 202 -54.34 64.31 42.71
CA ALA E 202 -54.86 63.21 43.51
C ALA E 202 -55.70 62.25 42.67
N TYR E 203 -56.38 62.79 41.66
CA TYR E 203 -57.20 61.98 40.77
C TYR E 203 -56.32 61.03 39.96
N ALA E 204 -55.17 61.53 39.54
CA ALA E 204 -54.21 60.72 38.78
C ALA E 204 -53.50 59.75 39.70
N ALA E 205 -53.44 60.08 40.99
CA ALA E 205 -52.80 59.22 41.99
C ALA E 205 -53.71 58.04 42.33
N GLY E 206 -54.98 58.34 42.62
CA GLY E 206 -55.96 57.31 42.92
C GLY E 206 -56.16 56.41 41.73
N LEU E 207 -56.00 56.98 40.55
CA LEU E 207 -56.13 56.23 39.29
C LEU E 207 -55.09 55.11 39.21
N PHE E 208 -53.87 55.39 39.65
CA PHE E 208 -52.82 54.38 39.69
C PHE E 208 -53.23 53.25 40.63
N ALA E 209 -53.69 53.62 41.82
CA ALA E 209 -54.05 52.66 42.87
C ALA E 209 -55.14 51.72 42.37
N TRP E 210 -55.95 52.18 41.43
CA TRP E 210 -57.00 51.37 40.85
C TRP E 210 -56.43 50.27 39.95
N THR E 211 -55.48 50.66 39.11
CA THR E 211 -54.83 49.72 38.18
C THR E 211 -53.89 48.78 38.92
N ASP E 212 -53.21 49.31 39.92
CA ASP E 212 -52.25 48.53 40.70
C ASP E 212 -52.94 47.43 41.49
N ALA E 213 -54.10 47.76 42.05
CA ALA E 213 -54.88 46.79 42.81
C ALA E 213 -55.59 45.81 41.88
N GLU E 214 -55.94 46.30 40.70
CA GLU E 214 -56.66 45.50 39.70
C GLU E 214 -55.70 44.65 38.87
N TYR E 215 -55.09 45.27 37.86
CA TYR E 215 -54.17 44.57 36.98
C TYR E 215 -52.88 44.26 37.70
N GLY E 216 -52.21 45.31 38.17
CA GLY E 216 -50.95 45.18 38.88
C GLY E 216 -50.10 46.43 38.74
N PHE E 217 -49.10 46.56 39.61
CA PHE E 217 -48.19 47.71 39.57
C PHE E 217 -47.47 47.76 38.22
N TRP E 218 -47.28 46.60 37.61
CA TRP E 218 -46.61 46.50 36.31
C TRP E 218 -47.52 47.00 35.20
N SER E 219 -48.83 47.07 35.46
CA SER E 219 -49.77 47.54 34.46
C SER E 219 -49.68 49.05 34.33
N SER E 220 -49.79 49.55 33.10
CA SER E 220 -49.74 50.98 32.84
C SER E 220 -51.04 51.63 33.30
N PRO E 221 -50.96 52.83 33.93
CA PRO E 221 -52.16 53.52 34.42
C PRO E 221 -52.91 54.25 33.31
N SER E 222 -52.17 54.68 32.28
CA SER E 222 -52.74 55.47 31.18
C SER E 222 -53.93 54.78 30.52
N ASN E 223 -54.74 55.57 29.82
CA ASN E 223 -55.88 55.04 29.08
C ASN E 223 -56.88 54.36 30.02
N LYS E 224 -56.97 54.85 31.25
CA LYS E 224 -57.94 54.35 32.21
C LYS E 224 -58.80 55.52 32.69
N GLU E 225 -60.12 55.31 32.66
CA GLU E 225 -61.07 56.38 32.94
C GLU E 225 -61.05 56.79 34.41
N ILE E 226 -61.10 58.09 34.65
CA ILE E 226 -61.11 58.63 36.01
C ILE E 226 -62.52 59.09 36.39
N LYS E 227 -62.93 58.76 37.61
CA LYS E 227 -64.24 59.15 38.12
C LYS E 227 -64.16 60.42 38.97
N GLY E 228 -65.30 60.96 39.34
CA GLY E 228 -65.36 62.14 40.17
C GLY E 228 -64.91 63.38 39.42
N VAL E 229 -65.44 63.53 38.21
CA VAL E 229 -65.09 64.64 37.33
C VAL E 229 -66.36 65.24 36.73
N THR E 230 -66.21 66.32 35.97
CA THR E 230 -67.36 66.98 35.35
C THR E 230 -66.92 68.05 34.35
N GLY E 231 -65.79 67.80 33.68
CA GLY E 231 -65.23 68.74 32.73
C GLY E 231 -63.75 68.90 32.98
N THR E 232 -63.04 69.55 32.06
CA THR E 232 -61.59 69.73 32.20
C THR E 232 -61.20 71.12 31.74
N SER E 233 -60.45 71.83 32.59
CA SER E 233 -59.94 73.15 32.26
C SER E 233 -59.07 73.08 31.02
N ARG E 234 -59.36 73.96 30.07
CA ARG E 234 -58.66 73.98 28.78
C ARG E 234 -58.86 72.66 28.04
N PRO E 235 -59.93 72.58 27.23
CA PRO E 235 -60.24 71.32 26.56
C PRO E 235 -59.15 70.87 25.59
N VAL E 236 -58.31 69.94 26.04
CA VAL E 236 -57.25 69.40 25.20
C VAL E 236 -57.88 68.55 24.10
N GLU E 237 -57.64 68.95 22.86
CA GLU E 237 -58.25 68.27 21.72
C GLU E 237 -57.61 66.93 21.46
N PHE E 238 -58.40 65.99 20.93
CA PHE E 238 -57.89 64.68 20.55
C PHE E 238 -58.71 64.10 19.41
N LEU E 239 -58.07 63.95 18.25
CA LEU E 239 -58.72 63.39 17.08
C LEU E 239 -58.84 61.88 17.20
N ASP E 240 -59.45 61.25 16.19
CA ASP E 240 -59.63 59.81 16.20
C ASP E 240 -58.28 59.09 16.09
N GLY E 241 -57.39 59.61 15.24
CA GLY E 241 -56.09 59.03 15.03
C GLY E 241 -55.20 59.90 14.16
N ASP E 242 -54.54 60.87 14.78
CA ASP E 242 -53.63 61.75 14.05
C ASP E 242 -52.65 62.42 15.02
N GLU E 243 -51.40 62.53 14.59
CA GLU E 243 -50.36 63.15 15.41
C GLU E 243 -50.53 64.67 15.49
N THR E 244 -51.46 65.20 14.70
CA THR E 244 -51.70 66.64 14.66
C THR E 244 -52.45 67.12 15.90
N CYS E 245 -53.13 66.20 16.58
CA CYS E 245 -53.89 66.56 17.77
C CYS E 245 -52.97 67.07 18.87
N ARG E 246 -53.52 67.93 19.73
CA ARG E 246 -52.71 68.60 20.73
C ARG E 246 -52.41 67.69 21.91
N ALA E 247 -53.27 66.70 22.13
CA ALA E 247 -53.09 65.74 23.22
C ALA E 247 -51.77 65.00 23.06
N ASN E 248 -51.37 64.81 21.81
CA ASN E 248 -50.13 64.09 21.49
C ASN E 248 -48.89 64.95 21.74
N LEU E 249 -48.97 66.24 21.39
CA LEU E 249 -47.85 67.16 21.51
C LEU E 249 -47.36 67.29 22.95
N LEU E 250 -48.28 67.23 23.90
CA LEU E 250 -47.91 67.32 25.31
C LEU E 250 -47.21 66.04 25.78
N ASN E 251 -47.61 64.90 25.19
CA ASN E 251 -46.97 63.63 25.53
C ASN E 251 -45.54 63.57 25.03
N ASN E 252 -45.24 64.31 23.96
CA ASN E 252 -43.89 64.42 23.45
C ASN E 252 -42.99 65.17 24.44
N ALA E 253 -43.60 66.06 25.21
CA ALA E 253 -42.89 66.80 26.25
C ALA E 253 -42.99 66.07 27.59
N ASN E 254 -43.35 64.78 27.55
CA ASN E 254 -43.49 63.98 28.75
C ASN E 254 -44.53 64.57 29.69
N ILE E 255 -45.78 64.57 29.25
CA ILE E 255 -46.87 65.12 30.05
C ILE E 255 -48.13 64.28 29.91
N ALA E 256 -48.78 64.02 31.04
CA ALA E 256 -50.04 63.30 31.06
C ALA E 256 -51.20 64.27 30.83
N THR E 257 -52.25 63.81 30.17
CA THR E 257 -53.38 64.66 29.85
C THR E 257 -54.71 63.91 29.91
N ILE E 258 -55.76 64.62 30.28
CA ILE E 258 -57.11 64.06 30.33
C ILE E 258 -57.84 64.44 29.04
N ILE E 259 -58.18 63.44 28.24
CA ILE E 259 -58.74 63.67 26.92
C ILE E 259 -60.26 63.61 26.91
N ARG E 260 -60.84 64.10 25.80
CA ARG E 260 -62.27 64.08 25.56
C ARG E 260 -63.06 64.89 26.58
N ASP E 261 -64.36 65.01 26.33
CA ASP E 261 -65.24 65.83 27.15
C ASP E 261 -65.32 65.29 28.58
N ASP E 262 -65.83 66.11 29.49
CA ASP E 262 -66.04 65.71 30.88
C ASP E 262 -64.72 65.30 31.55
N GLY E 263 -64.20 64.14 31.15
CA GLY E 263 -62.99 63.59 31.72
C GLY E 263 -62.97 62.10 31.43
N TYR E 264 -63.03 61.77 30.15
CA TYR E 264 -63.15 60.39 29.70
C TYR E 264 -62.03 59.53 30.25
N ARG E 265 -60.79 59.93 30.01
CA ARG E 265 -59.64 59.15 30.47
C ARG E 265 -58.34 59.94 30.45
N LEU E 266 -57.37 59.46 31.23
CA LEU E 266 -56.05 60.05 31.31
C LEU E 266 -55.03 59.14 30.63
N TRP E 267 -54.03 59.74 29.99
CA TRP E 267 -52.92 58.96 29.43
C TRP E 267 -51.67 59.83 29.26
N GLY E 268 -50.57 59.19 28.86
CA GLY E 268 -49.29 59.85 28.70
C GLY E 268 -48.27 59.16 29.59
N ASN E 269 -47.87 57.95 29.19
CA ASN E 269 -46.99 57.11 30.00
C ASN E 269 -45.61 57.73 30.19
N ARG E 270 -45.22 58.61 29.29
CA ARG E 270 -43.91 59.23 29.35
C ARG E 270 -43.70 60.00 30.65
N THR E 271 -42.75 59.54 31.46
CA THR E 271 -42.37 60.26 32.67
C THR E 271 -41.32 61.31 32.31
N LEU E 272 -41.31 62.40 33.05
CA LEU E 272 -40.38 63.50 32.78
C LEU E 272 -38.93 63.05 32.95
N SER E 273 -38.45 62.24 32.01
CA SER E 273 -37.11 61.67 32.10
C SER E 273 -36.35 61.85 30.78
N SER E 274 -35.09 62.26 30.90
CA SER E 274 -34.22 62.44 29.74
C SER E 274 -33.78 61.10 29.19
N ASP E 275 -33.35 60.19 30.07
CA ASP E 275 -32.91 58.87 29.65
C ASP E 275 -34.09 58.09 29.07
N SER E 276 -33.99 57.72 27.80
CA SER E 276 -35.06 57.02 27.10
C SER E 276 -35.25 55.60 27.63
N LYS E 277 -34.30 55.13 28.41
CA LYS E 277 -34.39 53.79 29.01
C LYS E 277 -35.53 53.75 30.03
N TRP E 278 -35.70 54.85 30.75
CA TRP E 278 -36.74 54.97 31.77
C TRP E 278 -37.85 55.90 31.28
N ALA E 279 -38.19 55.76 30.01
CA ALA E 279 -39.18 56.63 29.38
C ALA E 279 -40.56 56.39 29.95
N PHE E 280 -40.91 55.11 30.11
CA PHE E 280 -42.22 54.75 30.65
C PHE E 280 -42.23 54.85 32.16
N VAL E 281 -43.37 55.28 32.70
CA VAL E 281 -43.56 55.34 34.15
C VAL E 281 -43.67 53.91 34.68
N THR E 282 -44.04 52.98 33.81
CA THR E 282 -44.18 51.57 34.17
C THR E 282 -42.86 50.99 34.64
N ARG E 283 -41.82 51.15 33.82
CA ARG E 283 -40.50 50.58 34.13
C ARG E 283 -39.97 51.08 35.46
N VAL E 284 -40.14 52.38 35.71
CA VAL E 284 -39.69 52.98 36.96
C VAL E 284 -40.48 52.39 38.13
N ARG E 285 -41.72 52.01 37.87
CA ARG E 285 -42.60 51.52 38.92
C ARG E 285 -42.35 50.05 39.26
N THR E 286 -41.93 49.28 38.26
CA THR E 286 -41.64 47.86 38.44
C THR E 286 -40.24 47.66 39.02
N MET E 287 -39.31 48.47 38.54
CA MET E 287 -37.91 48.36 38.94
C MET E 287 -37.72 48.79 40.39
N ASP E 288 -38.37 49.88 40.76
CA ASP E 288 -38.31 50.39 42.14
C ASP E 288 -38.99 49.41 43.11
N LEU E 289 -39.79 48.51 42.57
CA LEU E 289 -40.53 47.55 43.38
C LEU E 289 -39.70 46.28 43.62
N VAL E 290 -39.20 45.68 42.55
CA VAL E 290 -38.40 44.46 42.65
C VAL E 290 -37.10 44.72 43.39
N MET E 291 -36.61 45.95 43.31
CA MET E 291 -35.41 46.34 44.03
C MET E 291 -35.68 46.35 45.53
N ASP E 292 -36.74 47.07 45.93
CA ASP E 292 -37.12 47.17 47.33
C ASP E 292 -37.56 45.82 47.88
N ALA E 293 -37.99 44.93 47.00
CA ALA E 293 -38.40 43.58 47.39
C ALA E 293 -37.19 42.71 47.70
N ILE E 294 -36.20 42.76 46.82
CA ILE E 294 -34.97 41.99 46.99
C ILE E 294 -34.18 42.53 48.17
N LEU E 295 -34.22 43.85 48.35
CA LEU E 295 -33.55 44.50 49.46
C LEU E 295 -34.15 44.05 50.78
N ALA E 296 -35.45 44.26 50.94
CA ALA E 296 -36.15 43.92 52.17
C ALA E 296 -36.41 42.42 52.29
N GLY E 297 -36.24 41.70 51.18
CA GLY E 297 -36.52 40.28 51.15
C GLY E 297 -35.40 39.43 51.72
N HIS E 298 -34.18 39.72 51.28
CA HIS E 298 -33.01 38.95 51.71
C HIS E 298 -32.35 39.58 52.94
N LYS E 299 -33.18 40.03 53.88
CA LYS E 299 -32.72 40.56 55.14
C LYS E 299 -32.43 39.41 56.12
N TRP E 300 -32.95 38.23 55.79
CA TRP E 300 -32.75 37.04 56.60
C TRP E 300 -31.33 36.50 56.41
N ALA E 301 -30.79 36.70 55.22
CA ALA E 301 -29.48 36.18 54.87
C ALA E 301 -28.41 36.96 55.61
N VAL E 302 -27.90 38.01 54.97
CA VAL E 302 -26.83 38.85 55.53
C VAL E 302 -25.67 37.93 55.94
N ASP E 303 -24.99 38.26 57.05
CA ASP E 303 -23.82 37.48 57.47
C ASP E 303 -24.24 36.05 57.83
N ARG E 304 -23.88 35.12 56.97
CA ARG E 304 -24.20 33.71 57.17
C ARG E 304 -23.23 32.86 56.36
N GLY E 305 -23.03 31.62 56.78
CA GLY E 305 -22.09 30.73 56.14
C GLY E 305 -22.31 30.63 54.64
N ILE E 306 -21.36 31.16 53.87
CA ILE E 306 -21.48 31.23 52.42
C ILE E 306 -21.06 29.90 51.79
N THR E 307 -21.74 28.83 52.19
CA THR E 307 -21.50 27.51 51.60
C THR E 307 -22.18 27.42 50.25
N LYS E 308 -21.77 26.45 49.44
CA LYS E 308 -22.39 26.22 48.13
C LYS E 308 -23.91 26.10 48.22
N THR E 309 -24.40 25.59 49.33
CA THR E 309 -25.84 25.46 49.56
C THR E 309 -26.47 26.84 49.67
N TYR E 310 -25.84 27.71 50.45
CA TYR E 310 -26.35 29.06 50.69
C TYR E 310 -26.49 29.85 49.39
N VAL E 311 -25.51 29.73 48.50
CA VAL E 311 -25.54 30.43 47.23
C VAL E 311 -26.73 29.93 46.39
N LYS E 312 -26.90 28.61 46.34
CA LYS E 312 -28.03 28.02 45.62
C LYS E 312 -29.36 28.36 46.27
N ASP E 313 -29.38 28.44 47.60
CA ASP E 313 -30.60 28.77 48.32
C ASP E 313 -31.07 30.17 47.96
N VAL E 314 -30.11 31.08 47.79
CA VAL E 314 -30.41 32.45 47.40
C VAL E 314 -30.68 32.52 45.90
N THR E 315 -29.91 31.76 45.14
CA THR E 315 -30.10 31.70 43.68
C THR E 315 -31.48 31.15 43.35
N GLU E 316 -31.85 30.03 43.98
CA GLU E 316 -33.17 29.44 43.79
C GLU E 316 -34.26 30.34 44.36
N GLY E 317 -33.88 31.23 45.27
CA GLY E 317 -34.82 32.17 45.85
C GLY E 317 -35.25 33.20 44.83
N LEU E 318 -34.31 33.56 43.95
CA LEU E 318 -34.58 34.49 42.86
C LEU E 318 -35.24 33.78 41.67
N ARG E 319 -34.83 32.54 41.43
CA ARG E 319 -35.42 31.72 40.38
C ARG E 319 -36.93 31.61 40.57
N ALA E 320 -37.33 31.17 41.76
CA ALA E 320 -38.74 30.98 42.07
C ALA E 320 -39.46 32.32 42.13
N PHE E 321 -38.79 33.32 42.69
CA PHE E 321 -39.38 34.64 42.86
C PHE E 321 -39.73 35.27 41.51
N MET E 322 -38.73 35.37 40.63
CA MET E 322 -38.92 35.97 39.31
C MET E 322 -39.91 35.18 38.47
N ARG E 323 -39.94 33.87 38.67
CA ARG E 323 -40.86 33.02 37.93
C ARG E 323 -42.30 33.27 38.38
N ASP E 324 -42.47 33.76 39.60
CA ASP E 324 -43.79 34.13 40.10
C ASP E 324 -44.23 35.46 39.49
N LEU E 325 -43.27 36.22 38.97
CA LEU E 325 -43.54 37.47 38.27
C LEU E 325 -43.78 37.23 36.79
N LYS E 326 -43.15 36.19 36.26
CA LYS E 326 -43.25 35.87 34.84
C LYS E 326 -44.64 35.36 34.50
N ASN E 327 -45.05 34.27 35.16
CA ASN E 327 -46.36 33.68 34.94
C ASN E 327 -47.48 34.63 35.34
N GLN E 328 -47.18 35.53 36.27
CA GLN E 328 -48.13 36.54 36.70
C GLN E 328 -48.27 37.63 35.64
N GLY E 329 -47.22 37.80 34.83
CA GLY E 329 -47.23 38.75 33.75
C GLY E 329 -46.50 40.05 34.06
N ALA E 330 -45.81 40.07 35.20
CA ALA E 330 -45.08 41.27 35.61
C ALA E 330 -43.87 41.50 34.71
N VAL E 331 -43.26 40.39 34.27
CA VAL E 331 -42.09 40.43 33.40
C VAL E 331 -42.27 39.43 32.27
N ILE E 332 -41.64 39.69 31.14
CA ILE E 332 -41.71 38.77 30.00
C ILE E 332 -40.82 37.57 30.27
N ASN E 333 -39.55 37.83 30.56
CA ASN E 333 -38.60 36.77 30.89
C ASN E 333 -37.46 37.33 31.71
N PHE E 334 -36.75 36.44 32.40
CA PHE E 334 -35.70 36.84 33.32
C PHE E 334 -34.51 35.90 33.24
N GLU E 335 -33.50 36.18 34.06
CA GLU E 335 -32.30 35.36 34.15
C GLU E 335 -31.47 35.82 35.34
N VAL E 336 -31.24 34.91 36.28
CA VAL E 336 -30.50 35.24 37.49
C VAL E 336 -29.41 34.19 37.73
N TYR E 337 -28.25 34.65 38.20
CA TYR E 337 -27.11 33.76 38.40
C TYR E 337 -25.99 34.51 39.11
N ALA E 338 -24.98 33.76 39.55
CA ALA E 338 -23.81 34.33 40.21
C ALA E 338 -22.70 34.56 39.19
N ASP E 339 -22.26 35.82 39.07
CA ASP E 339 -21.24 36.16 38.08
C ASP E 339 -19.90 35.53 38.44
N PRO E 340 -19.25 34.84 37.49
CA PRO E 340 -17.93 34.26 37.76
C PRO E 340 -16.86 35.31 38.08
N ASP E 341 -16.84 36.41 37.33
CA ASP E 341 -15.79 37.41 37.47
C ASP E 341 -15.91 38.20 38.76
N LEU E 342 -17.13 38.61 39.10
CA LEU E 342 -17.37 39.39 40.31
C LEU E 342 -17.06 38.57 41.56
N ASN E 343 -17.65 37.39 41.65
CA ASN E 343 -17.42 36.51 42.79
C ASN E 343 -15.98 35.97 42.78
N SER E 344 -15.04 36.86 43.04
CA SER E 344 -13.63 36.49 43.10
C SER E 344 -13.29 35.91 44.47
N ALA E 345 -12.17 35.22 44.55
CA ALA E 345 -11.73 34.60 45.80
C ALA E 345 -11.52 35.65 46.90
N SER E 346 -11.21 36.88 46.50
CA SER E 346 -10.95 37.96 47.43
C SER E 346 -12.24 38.67 47.85
N GLN E 347 -13.20 38.74 46.92
CA GLN E 347 -14.47 39.40 47.19
C GLN E 347 -15.28 38.61 48.22
N LEU E 348 -15.31 37.28 48.05
CA LEU E 348 -16.01 36.40 48.98
C LEU E 348 -15.34 36.44 50.36
N ALA E 349 -14.05 36.75 50.37
CA ALA E 349 -13.29 36.81 51.62
C ALA E 349 -13.56 38.12 52.38
N GLN E 350 -14.37 39.00 51.78
CA GLN E 350 -14.82 40.22 52.44
C GLN E 350 -16.33 40.17 52.70
N GLY E 351 -16.95 39.06 52.31
CA GLY E 351 -18.38 38.87 52.51
C GLY E 351 -19.19 39.19 51.26
N LYS E 352 -18.60 39.96 50.35
CA LYS E 352 -19.28 40.30 49.11
C LYS E 352 -19.61 39.06 48.28
N VAL E 353 -20.85 38.99 47.84
CA VAL E 353 -21.30 37.93 46.94
C VAL E 353 -22.41 38.50 46.05
N TYR E 354 -22.21 38.40 44.74
CA TYR E 354 -23.09 39.07 43.78
C TYR E 354 -24.01 38.09 43.05
N TRP E 355 -25.16 38.60 42.62
CA TRP E 355 -26.09 37.83 41.79
C TRP E 355 -26.65 38.73 40.69
N ASN E 356 -26.19 38.48 39.46
CA ASN E 356 -26.59 39.30 38.32
C ASN E 356 -28.02 39.03 37.88
N ILE E 357 -28.95 39.87 38.34
CA ILE E 357 -30.35 39.77 37.94
C ILE E 357 -30.57 40.62 36.70
N ARG E 358 -31.36 40.10 35.77
CA ARG E 358 -31.67 40.82 34.53
C ARG E 358 -32.97 40.31 33.92
N PHE E 359 -33.77 41.24 33.39
CA PHE E 359 -35.06 40.91 32.81
C PHE E 359 -35.59 42.06 31.97
N THR E 360 -36.79 41.90 31.45
CA THR E 360 -37.43 42.93 30.64
C THR E 360 -38.83 43.22 31.17
N ASP E 361 -38.98 44.34 31.88
CA ASP E 361 -40.29 44.78 32.35
C ASP E 361 -41.20 45.03 31.15
N VAL E 362 -42.48 44.70 31.30
CA VAL E 362 -43.43 44.81 30.19
C VAL E 362 -43.71 46.28 29.86
N PRO E 363 -43.42 46.70 28.60
CA PRO E 363 -43.73 48.07 28.18
C PRO E 363 -45.16 48.19 27.63
N PRO E 364 -45.87 49.28 27.96
CA PRO E 364 -47.24 49.45 27.42
C PRO E 364 -47.22 49.82 25.94
N ALA E 365 -47.93 49.05 25.12
CA ALA E 365 -48.03 49.33 23.69
C ALA E 365 -48.75 50.64 23.44
N GLU E 366 -48.04 51.75 23.64
CA GLU E 366 -48.66 53.07 23.59
C GLU E 366 -48.99 53.51 22.16
N ASN E 367 -48.62 52.70 21.18
CA ASN E 367 -48.88 53.04 19.78
C ASN E 367 -48.84 51.81 18.87
N PRO E 368 -49.90 50.98 18.90
CA PRO E 368 -49.99 49.81 18.03
C PRO E 368 -50.42 50.19 16.61
N ASN E 369 -49.55 49.91 15.63
CA ASN E 369 -49.83 50.22 14.23
C ASN E 369 -50.53 49.07 13.53
N PHE E 370 -51.11 49.35 12.36
CA PHE E 370 -51.82 48.35 11.58
C PHE E 370 -51.58 48.59 10.09
N ARG E 371 -50.45 48.09 9.60
CA ARG E 371 -50.07 48.26 8.21
C ARG E 371 -51.01 47.49 7.28
N VAL E 372 -52.23 47.99 7.14
CA VAL E 372 -53.21 47.35 6.26
C VAL E 372 -52.95 47.78 4.81
N GLU E 373 -53.17 46.86 3.88
CA GLU E 373 -52.89 47.12 2.47
C GLU E 373 -53.55 46.06 1.60
N VAL E 374 -54.39 46.50 0.68
CA VAL E 374 -55.02 45.59 -0.27
C VAL E 374 -54.02 45.13 -1.33
N THR E 375 -54.46 44.22 -2.17
CA THR E 375 -53.64 43.73 -3.27
C THR E 375 -54.50 42.98 -4.27
N ASP E 376 -53.86 42.20 -5.13
CA ASP E 376 -54.56 41.42 -6.15
C ASP E 376 -54.03 40.00 -6.15
N GLN E 377 -53.67 39.51 -4.98
CA GLN E 377 -53.07 38.19 -4.83
C GLN E 377 -54.13 37.09 -4.89
N TRP E 378 -55.04 37.09 -3.91
CA TRP E 378 -56.10 36.08 -3.84
C TRP E 378 -57.28 36.43 -4.74
N LEU E 379 -57.03 36.50 -6.04
CA LEU E 379 -58.09 36.72 -7.01
C LEU E 379 -58.30 35.47 -7.86
N THR E 380 -57.20 34.77 -8.15
CA THR E 380 -57.26 33.53 -8.90
C THR E 380 -57.94 32.43 -8.09
N GLU E 381 -58.09 32.67 -6.79
CA GLU E 381 -58.79 31.73 -5.92
C GLU E 381 -60.26 31.65 -6.32
N VAL E 382 -60.77 32.77 -6.83
CA VAL E 382 -62.14 32.83 -7.35
C VAL E 382 -62.19 32.15 -8.70
N LEU E 383 -62.15 30.82 -8.69
CA LEU E 383 -62.11 30.06 -9.93
C LEU E 383 -62.31 28.58 -9.64
N ASP E 384 -61.52 28.05 -8.70
CA ASP E 384 -61.61 26.66 -8.32
C ASP E 384 -61.04 26.46 -6.92
N SER F 2 -42.92 60.78 22.84
CA SER F 2 -43.78 59.61 22.69
C SER F 2 -44.13 59.39 21.22
N PHE F 3 -44.44 60.48 20.53
CA PHE F 3 -44.81 60.46 19.12
C PHE F 3 -46.16 59.79 18.92
N PHE F 4 -47.14 60.59 18.50
CA PHE F 4 -48.51 60.16 18.25
C PHE F 4 -49.20 59.67 19.53
N HIS F 5 -48.85 58.48 19.97
CA HIS F 5 -49.48 57.86 21.15
C HIS F 5 -50.99 57.69 20.95
N GLY F 6 -51.39 56.68 20.18
CA GLY F 6 -52.79 56.39 19.97
C GLY F 6 -52.97 55.04 19.32
N VAL F 7 -53.33 55.03 18.04
CA VAL F 7 -53.50 53.81 17.28
C VAL F 7 -53.59 54.15 15.80
N THR F 8 -52.47 54.03 15.10
CA THR F 8 -52.41 54.36 13.69
C THR F 8 -52.99 53.24 12.84
N VAL F 9 -53.04 53.49 11.53
CA VAL F 9 -53.59 52.53 10.59
C VAL F 9 -53.19 52.97 9.18
N THR F 10 -51.89 53.13 8.97
CA THR F 10 -51.37 53.63 7.71
C THR F 10 -51.64 52.65 6.57
N ASN F 11 -52.14 53.18 5.45
CA ASN F 11 -52.40 52.38 4.27
C ASN F 11 -51.15 52.30 3.41
N VAL F 12 -50.50 51.13 3.40
CA VAL F 12 -49.29 50.95 2.61
C VAL F 12 -49.66 50.77 1.15
N ASP F 13 -49.45 51.81 0.36
CA ASP F 13 -49.83 51.82 -1.05
C ASP F 13 -48.74 51.18 -1.91
N ILE F 14 -48.67 49.86 -1.89
CA ILE F 14 -47.74 49.11 -2.72
C ILE F 14 -48.43 47.90 -3.33
N GLY F 15 -47.84 47.35 -4.38
CA GLY F 15 -48.40 46.22 -5.10
C GLY F 15 -48.36 46.47 -6.59
N ALA F 16 -48.42 45.40 -7.37
CA ALA F 16 -48.39 45.50 -8.82
C ALA F 16 -49.67 46.10 -9.36
N ARG F 17 -49.57 47.31 -9.93
CA ARG F 17 -50.73 47.97 -10.53
C ARG F 17 -51.14 47.27 -11.82
N THR F 18 -52.38 47.48 -12.23
CA THR F 18 -52.90 46.92 -13.47
C THR F 18 -52.61 47.86 -14.64
N ILE F 19 -52.59 47.29 -15.85
CA ILE F 19 -52.31 48.07 -17.05
C ILE F 19 -53.29 47.70 -18.16
N ALA F 20 -53.70 48.71 -18.92
CA ALA F 20 -54.68 48.53 -19.99
C ALA F 20 -54.09 48.86 -21.36
N LEU F 21 -54.89 48.66 -22.40
CA LEU F 21 -54.48 48.93 -23.77
C LEU F 21 -55.30 50.10 -24.34
N PRO F 22 -54.86 51.34 -24.10
CA PRO F 22 -55.64 52.51 -24.49
C PRO F 22 -55.72 52.70 -26.01
N ALA F 23 -56.61 53.59 -26.45
CA ALA F 23 -56.74 53.96 -27.86
C ALA F 23 -57.16 52.78 -28.74
N SER F 24 -56.32 51.75 -28.79
CA SER F 24 -56.58 50.54 -29.56
C SER F 24 -56.63 50.84 -31.06
N SER F 25 -57.72 51.46 -31.51
CA SER F 25 -57.89 51.74 -32.94
C SER F 25 -58.87 52.90 -33.16
N VAL F 26 -58.46 54.10 -32.76
CA VAL F 26 -59.25 55.30 -33.04
C VAL F 26 -58.78 55.90 -34.35
N ILE F 27 -59.75 56.23 -35.21
CA ILE F 27 -59.45 56.75 -36.54
C ILE F 27 -59.30 58.27 -36.52
N GLY F 28 -58.33 58.77 -37.27
CA GLY F 28 -58.07 60.19 -37.38
C GLY F 28 -58.22 60.63 -38.82
N LEU F 29 -59.44 61.02 -39.19
CA LEU F 29 -59.75 61.37 -40.57
C LEU F 29 -59.73 62.89 -40.78
N CYS F 30 -59.53 63.30 -42.02
CA CYS F 30 -59.47 64.72 -42.37
C CYS F 30 -59.71 64.91 -43.86
N ASP F 31 -60.99 64.98 -44.25
CA ASP F 31 -61.36 65.24 -45.63
C ASP F 31 -61.85 66.69 -45.74
N VAL F 32 -62.86 66.93 -46.57
CA VAL F 32 -63.42 68.27 -46.73
C VAL F 32 -64.95 68.23 -46.70
N PHE F 33 -65.55 69.41 -46.52
CA PHE F 33 -67.00 69.53 -46.54
C PHE F 33 -67.40 70.97 -46.82
N THR F 34 -68.69 71.25 -46.65
CA THR F 34 -69.23 72.58 -46.92
C THR F 34 -69.93 73.13 -45.67
N PRO F 35 -69.23 73.95 -44.89
CA PRO F 35 -69.85 74.51 -43.68
C PRO F 35 -70.90 75.56 -44.01
N GLY F 36 -72.01 75.57 -43.27
CA GLY F 36 -73.08 76.53 -43.49
C GLY F 36 -74.21 76.37 -42.49
N ALA F 37 -75.28 75.73 -42.93
CA ALA F 37 -76.49 75.59 -42.11
C ALA F 37 -76.50 74.26 -41.35
N GLN F 38 -76.77 73.17 -42.07
CA GLN F 38 -76.89 71.85 -41.45
C GLN F 38 -75.56 71.39 -40.86
N ALA F 39 -74.46 71.98 -41.34
CA ALA F 39 -73.14 71.61 -40.87
C ALA F 39 -72.89 72.18 -39.48
N SER F 40 -73.11 71.37 -38.45
CA SER F 40 -72.93 71.80 -37.06
C SER F 40 -71.45 71.97 -36.72
N ALA F 41 -70.63 71.07 -37.24
CA ALA F 41 -69.20 71.11 -36.98
C ALA F 41 -68.57 72.36 -37.58
N LYS F 42 -67.64 72.97 -36.85
CA LYS F 42 -67.02 74.20 -37.30
C LYS F 42 -66.10 73.92 -38.50
N PRO F 43 -65.71 74.96 -39.25
CA PRO F 43 -64.98 74.76 -40.51
C PRO F 43 -63.57 74.18 -40.36
N ASN F 44 -63.13 73.82 -39.16
CA ASN F 44 -61.76 73.33 -38.99
C ASN F 44 -61.49 72.56 -37.70
N VAL F 45 -62.23 72.84 -36.63
CA VAL F 45 -61.90 72.23 -35.34
C VAL F 45 -62.15 70.72 -35.36
N PRO F 46 -61.42 69.96 -34.54
CA PRO F 46 -61.69 68.52 -34.43
C PRO F 46 -63.06 68.25 -33.80
N VAL F 47 -63.77 67.25 -34.33
CA VAL F 47 -65.07 66.85 -33.78
C VAL F 47 -65.10 65.34 -33.64
N LEU F 48 -65.54 64.86 -32.48
CA LEU F 48 -65.60 63.44 -32.22
C LEU F 48 -66.88 62.84 -32.81
N LEU F 49 -66.76 61.61 -33.29
CA LEU F 49 -67.90 60.90 -33.88
C LEU F 49 -68.08 59.56 -33.19
N THR F 50 -69.13 58.85 -33.58
CA THR F 50 -69.44 57.55 -33.01
C THR F 50 -70.34 56.74 -33.95
N SER F 51 -71.21 57.43 -34.66
CA SER F 51 -72.13 56.79 -35.61
C SER F 51 -72.44 57.76 -36.74
N LYS F 52 -73.14 57.26 -37.76
CA LYS F 52 -73.52 58.07 -38.90
C LYS F 52 -74.39 59.27 -38.48
N LYS F 53 -75.26 59.04 -37.51
CA LYS F 53 -76.12 60.10 -37.00
C LYS F 53 -75.30 61.28 -36.45
N ASP F 54 -74.28 60.96 -35.66
CA ASP F 54 -73.45 61.99 -35.05
C ASP F 54 -72.57 62.67 -36.09
N ALA F 55 -72.37 61.99 -37.22
CA ALA F 55 -71.54 62.52 -38.31
C ALA F 55 -72.37 63.30 -39.32
N ALA F 56 -73.60 62.85 -39.55
CA ALA F 56 -74.48 63.48 -40.53
C ALA F 56 -74.81 64.91 -40.12
N ALA F 57 -75.31 65.08 -38.89
CA ALA F 57 -75.69 66.38 -38.39
C ALA F 57 -74.46 67.28 -38.20
N ALA F 58 -73.28 66.68 -38.16
CA ALA F 58 -72.04 67.40 -37.93
C ALA F 58 -71.55 68.10 -39.21
N PHE F 59 -71.30 67.30 -40.24
CA PHE F 59 -70.72 67.81 -41.49
C PHE F 59 -71.80 68.01 -42.55
N GLY F 60 -72.75 67.08 -42.60
CA GLY F 60 -73.84 67.14 -43.55
C GLY F 60 -73.78 66.01 -44.57
N ILE F 61 -74.89 65.79 -45.25
CA ILE F 61 -74.98 64.74 -46.26
C ILE F 61 -74.43 65.26 -47.58
N GLY F 62 -73.77 64.40 -48.33
CA GLY F 62 -73.17 64.78 -49.61
C GLY F 62 -71.76 65.29 -49.46
N SER F 63 -71.41 65.74 -48.25
CA SER F 63 -70.07 66.21 -47.96
C SER F 63 -69.07 65.09 -48.23
N SER F 64 -67.99 65.43 -48.92
CA SER F 64 -66.98 64.44 -49.29
C SER F 64 -66.40 63.71 -48.08
N ILE F 65 -66.51 64.34 -46.91
CA ILE F 65 -66.03 63.75 -45.67
C ILE F 65 -67.02 62.71 -45.14
N TYR F 66 -68.31 62.96 -45.38
CA TYR F 66 -69.34 62.06 -44.91
C TYR F 66 -69.33 60.75 -45.70
N LEU F 67 -68.95 60.83 -46.97
CA LEU F 67 -68.83 59.64 -47.81
C LEU F 67 -67.69 58.75 -47.32
N ALA F 68 -66.75 59.35 -46.59
CA ALA F 68 -65.61 58.64 -46.04
C ALA F 68 -65.97 58.04 -44.68
N CYS F 69 -66.69 58.80 -43.86
CA CYS F 69 -67.13 58.33 -42.56
C CYS F 69 -68.17 57.22 -42.73
N GLU F 70 -69.09 57.42 -43.66
CA GLU F 70 -70.12 56.44 -43.95
C GLU F 70 -69.49 55.14 -44.45
N ALA F 71 -68.38 55.26 -45.18
CA ALA F 71 -67.66 54.10 -45.68
C ALA F 71 -67.04 53.29 -44.53
N ILE F 72 -66.72 53.99 -43.44
CA ILE F 72 -66.13 53.35 -42.27
C ILE F 72 -67.22 52.70 -41.42
N TYR F 73 -68.30 53.43 -41.16
CA TYR F 73 -69.38 52.95 -40.30
C TYR F 73 -70.17 51.83 -40.98
N ASN F 74 -70.22 51.87 -42.31
CA ASN F 74 -70.86 50.80 -43.07
C ASN F 74 -70.09 49.50 -42.88
N ARG F 75 -68.76 49.61 -42.90
CA ARG F 75 -67.87 48.48 -42.66
C ARG F 75 -67.98 48.03 -41.20
N ALA F 76 -67.43 48.82 -40.30
CA ALA F 76 -67.46 48.50 -38.87
C ALA F 76 -67.41 49.79 -38.05
N GLN F 77 -68.26 49.86 -37.03
CA GLN F 77 -68.37 51.05 -36.20
C GLN F 77 -67.09 51.31 -35.43
N ALA F 78 -66.71 52.58 -35.32
CA ALA F 78 -65.48 52.96 -34.63
C ALA F 78 -65.49 54.45 -34.31
N VAL F 79 -64.62 54.84 -33.39
CA VAL F 79 -64.47 56.23 -33.02
C VAL F 79 -63.65 56.96 -34.08
N ILE F 80 -64.17 58.10 -34.53
CA ILE F 80 -63.49 58.90 -35.55
C ILE F 80 -63.39 60.35 -35.11
N VAL F 81 -62.21 60.74 -34.62
CA VAL F 81 -61.95 62.12 -34.28
C VAL F 81 -61.68 62.89 -35.58
N ALA F 82 -62.73 63.06 -36.37
CA ALA F 82 -62.61 63.70 -37.68
C ALA F 82 -62.36 65.19 -37.53
N VAL F 83 -61.68 65.77 -38.52
CA VAL F 83 -61.36 67.19 -38.52
C VAL F 83 -62.24 67.91 -39.55
N GLY F 84 -61.92 67.73 -40.83
CA GLY F 84 -62.69 68.33 -41.91
C GLY F 84 -62.35 69.79 -42.08
N VAL F 85 -62.09 70.18 -43.33
CA VAL F 85 -61.73 71.56 -43.66
C VAL F 85 -62.52 72.04 -44.87
N GLU F 86 -62.78 73.33 -44.93
CA GLU F 86 -63.55 73.93 -46.02
C GLU F 86 -62.83 73.73 -47.35
N THR F 87 -63.59 73.48 -48.40
CA THR F 87 -63.04 73.32 -49.74
C THR F 87 -62.47 74.65 -50.23
N ALA F 88 -61.33 74.58 -50.93
CA ALA F 88 -60.67 75.77 -51.45
C ALA F 88 -60.94 75.94 -52.94
N GLU F 89 -60.33 76.96 -53.53
CA GLU F 89 -60.52 77.26 -54.96
C GLU F 89 -59.85 76.19 -55.83
N THR F 90 -58.53 76.26 -55.91
CA THR F 90 -57.76 75.31 -56.71
C THR F 90 -57.48 74.04 -55.89
N PRO F 91 -57.33 72.89 -56.56
CA PRO F 91 -57.10 71.62 -55.86
C PRO F 91 -55.74 71.59 -55.18
N GLU F 92 -54.76 72.30 -55.75
CA GLU F 92 -53.41 72.33 -55.20
C GLU F 92 -53.37 73.06 -53.87
N ALA F 93 -53.93 74.26 -53.85
CA ALA F 93 -53.95 75.10 -52.65
C ALA F 93 -54.88 74.52 -51.59
N GLN F 94 -55.75 73.61 -51.99
CA GLN F 94 -56.68 72.97 -51.06
C GLN F 94 -55.91 72.05 -50.12
N ALA F 95 -54.82 71.48 -50.61
CA ALA F 95 -53.98 70.58 -49.82
C ALA F 95 -53.33 71.31 -48.66
N SER F 96 -53.19 72.62 -48.79
CA SER F 96 -52.61 73.44 -47.73
C SER F 96 -53.51 73.44 -46.51
N ALA F 97 -54.81 73.64 -46.74
CA ALA F 97 -55.80 73.62 -45.67
C ALA F 97 -55.90 72.23 -45.08
N VAL F 98 -55.67 71.21 -45.91
CA VAL F 98 -55.71 69.82 -45.46
C VAL F 98 -54.54 69.54 -44.52
N ILE F 99 -53.34 69.91 -44.95
CA ILE F 99 -52.17 69.76 -44.10
C ILE F 99 -52.32 70.68 -42.88
N GLY F 100 -52.55 71.96 -43.15
CA GLY F 100 -52.80 72.93 -42.10
C GLY F 100 -51.54 73.32 -41.37
N GLY F 101 -51.21 74.61 -41.40
CA GLY F 101 -50.04 75.12 -40.72
C GLY F 101 -50.29 75.22 -39.23
N ILE F 102 -50.83 76.35 -38.81
CA ILE F 102 -51.13 76.58 -37.38
C ILE F 102 -52.04 77.79 -37.17
N SER F 103 -52.04 78.71 -38.14
CA SER F 103 -52.89 79.90 -38.11
C SER F 103 -52.46 80.87 -37.02
N ALA F 104 -52.92 82.12 -37.13
CA ALA F 104 -52.59 83.15 -36.17
C ALA F 104 -53.27 82.92 -34.83
N ALA F 105 -54.34 82.12 -34.85
CA ALA F 105 -55.09 81.82 -33.63
C ALA F 105 -54.25 80.94 -32.68
N GLY F 106 -53.28 80.25 -33.25
CA GLY F 106 -52.40 79.39 -32.46
C GLY F 106 -52.88 77.96 -32.45
N GLU F 107 -54.18 77.76 -32.65
CA GLU F 107 -54.77 76.42 -32.65
C GLU F 107 -54.38 75.66 -33.90
N ARG F 108 -53.89 74.45 -33.72
CA ARG F 108 -53.46 73.60 -34.83
C ARG F 108 -54.59 73.37 -35.83
N THR F 109 -54.35 73.77 -37.07
CA THR F 109 -55.35 73.65 -38.13
C THR F 109 -55.10 72.43 -39.00
N GLY F 110 -56.12 72.06 -39.77
CA GLY F 110 -56.01 70.98 -40.74
C GLY F 110 -55.65 69.64 -40.13
N LEU F 111 -54.92 68.84 -40.89
CA LEU F 111 -54.56 67.49 -40.49
C LEU F 111 -53.77 67.44 -39.19
N GLN F 112 -53.04 68.52 -38.89
CA GLN F 112 -52.23 68.57 -37.68
C GLN F 112 -53.07 68.78 -36.43
N ALA F 113 -54.37 69.03 -36.62
CA ALA F 113 -55.29 69.24 -35.51
C ALA F 113 -55.55 67.93 -34.76
N LEU F 114 -55.16 66.81 -35.35
CA LEU F 114 -55.41 65.50 -34.76
C LEU F 114 -54.65 65.31 -33.45
N LEU F 115 -53.58 66.07 -33.27
CA LEU F 115 -52.79 66.00 -32.04
C LEU F 115 -53.60 66.47 -30.83
N ASP F 116 -54.67 67.22 -31.09
CA ASP F 116 -55.53 67.75 -30.04
C ASP F 116 -56.58 66.73 -29.61
N GLY F 117 -56.81 65.72 -30.45
CA GLY F 117 -57.82 64.71 -30.20
C GLY F 117 -57.58 63.93 -28.91
N LYS F 118 -56.32 63.88 -28.49
CA LYS F 118 -55.95 63.16 -27.28
C LYS F 118 -56.28 63.96 -26.02
N SER F 119 -55.95 65.25 -26.06
CA SER F 119 -56.14 66.14 -24.91
C SER F 119 -57.48 66.87 -24.98
N ARG F 120 -58.48 66.23 -25.57
CA ARG F 120 -59.82 66.80 -25.65
C ARG F 120 -60.90 65.72 -25.58
N PHE F 121 -60.64 64.58 -26.22
CA PHE F 121 -61.61 63.49 -26.29
C PHE F 121 -61.06 62.21 -25.67
N ASN F 122 -59.84 62.27 -25.14
CA ASN F 122 -59.19 61.09 -24.56
C ASN F 122 -59.15 59.93 -25.55
N ALA F 123 -59.12 60.26 -26.84
CA ALA F 123 -59.12 59.27 -27.91
C ALA F 123 -58.04 59.64 -28.92
N GLN F 124 -56.81 59.23 -28.64
CA GLN F 124 -55.70 59.50 -29.53
C GLN F 124 -55.91 58.78 -30.87
N PRO F 125 -56.06 59.54 -31.97
CA PRO F 125 -56.25 58.85 -33.25
C PRO F 125 -55.03 58.04 -33.63
N ARG F 126 -55.06 56.74 -33.34
CA ARG F 126 -53.94 55.85 -33.63
C ARG F 126 -54.16 55.15 -34.97
N LEU F 127 -54.71 55.89 -35.92
CA LEU F 127 -54.99 55.36 -37.26
C LEU F 127 -55.38 56.51 -38.19
N LEU F 128 -54.37 57.16 -38.77
CA LEU F 128 -54.61 58.30 -39.64
C LEU F 128 -55.18 57.87 -40.98
N VAL F 129 -55.78 58.83 -41.68
CA VAL F 129 -56.39 58.59 -42.99
C VAL F 129 -56.82 59.92 -43.58
N ALA F 130 -56.62 60.10 -44.88
CA ALA F 130 -56.96 61.33 -45.56
C ALA F 130 -57.47 61.02 -46.98
N PRO F 131 -58.73 60.57 -47.10
CA PRO F 131 -59.29 60.17 -48.40
C PRO F 131 -59.27 61.30 -49.42
N GLY F 132 -58.83 61.00 -50.64
CA GLY F 132 -58.75 61.99 -51.69
C GLY F 132 -57.42 62.73 -51.66
N HIS F 133 -57.09 63.28 -50.50
CA HIS F 133 -55.84 64.02 -50.31
C HIS F 133 -54.73 63.12 -49.76
N SER F 134 -54.08 62.38 -50.66
CA SER F 134 -52.96 61.52 -50.30
C SER F 134 -52.10 61.20 -51.53
N ALA F 135 -52.71 61.23 -52.71
CA ALA F 135 -51.98 61.01 -53.97
C ALA F 135 -50.95 62.11 -54.18
N GLN F 136 -51.20 63.27 -53.59
CA GLN F 136 -50.25 64.39 -53.66
C GLN F 136 -49.05 64.12 -52.76
N GLN F 137 -47.86 64.33 -53.31
CA GLN F 137 -46.61 64.08 -52.59
C GLN F 137 -46.50 64.92 -51.33
N ALA F 138 -47.16 66.08 -51.33
CA ALA F 138 -47.06 67.02 -50.23
C ALA F 138 -47.73 66.51 -48.95
N VAL F 139 -49.05 66.37 -49.02
CA VAL F 139 -49.85 65.97 -47.87
C VAL F 139 -49.46 64.59 -47.34
N ALA F 140 -48.88 63.77 -48.21
CA ALA F 140 -48.50 62.40 -47.83
C ALA F 140 -47.40 62.38 -46.77
N THR F 141 -46.47 63.33 -46.88
CA THR F 141 -45.36 63.43 -45.93
C THR F 141 -45.85 63.92 -44.57
N ALA F 142 -46.84 64.81 -44.59
CA ALA F 142 -47.45 65.31 -43.35
C ALA F 142 -48.10 64.17 -42.60
N MET F 143 -48.68 63.23 -43.33
CA MET F 143 -49.28 62.03 -42.74
C MET F 143 -48.20 61.15 -42.13
N ASP F 144 -47.01 61.18 -42.73
CA ASP F 144 -45.89 60.38 -42.25
C ASP F 144 -45.35 60.97 -40.94
N GLY F 145 -45.11 62.29 -40.95
CA GLY F 145 -44.54 62.95 -39.80
C GLY F 145 -45.49 62.96 -38.62
N LEU F 146 -46.78 63.10 -38.93
CA LEU F 146 -47.81 63.17 -37.90
C LEU F 146 -48.03 61.82 -37.23
N ALA F 147 -47.86 60.74 -37.99
CA ALA F 147 -48.07 59.39 -37.49
C ALA F 147 -47.10 59.07 -36.36
N GLU F 148 -45.87 59.56 -36.48
CA GLU F 148 -44.84 59.31 -35.48
C GLU F 148 -45.13 60.05 -34.18
N LYS F 149 -45.88 61.15 -34.29
CA LYS F 149 -46.28 61.92 -33.11
C LYS F 149 -47.39 61.20 -32.37
N LEU F 150 -48.22 60.50 -33.13
CA LEU F 150 -49.38 59.78 -32.58
C LEU F 150 -49.13 58.28 -32.50
N ARG F 151 -47.97 57.84 -33.01
CA ARG F 151 -47.66 56.41 -33.07
C ARG F 151 -48.76 55.65 -33.81
N ALA F 152 -49.29 56.27 -34.86
CA ALA F 152 -50.40 55.71 -35.62
C ALA F 152 -49.89 55.03 -36.88
N ILE F 153 -50.82 54.67 -37.77
CA ILE F 153 -50.48 54.06 -39.05
C ILE F 153 -51.25 54.77 -40.16
N ALA F 154 -50.61 55.76 -40.76
CA ALA F 154 -51.24 56.58 -41.79
C ALA F 154 -51.52 55.76 -43.05
N ILE F 155 -52.80 55.62 -43.40
CA ILE F 155 -53.21 54.90 -44.59
C ILE F 155 -53.32 55.87 -45.77
N LEU F 156 -52.37 55.78 -46.69
CA LEU F 156 -52.37 56.60 -47.89
C LEU F 156 -53.24 55.96 -48.96
N ASP F 157 -53.32 56.61 -50.12
CA ASP F 157 -54.06 56.07 -51.25
C ASP F 157 -53.49 56.66 -52.55
N GLY F 158 -52.57 55.92 -53.17
CA GLY F 158 -51.90 56.39 -54.37
C GLY F 158 -52.84 56.53 -55.56
N PRO F 159 -52.37 57.24 -56.60
CA PRO F 159 -53.20 57.48 -57.79
C PRO F 159 -53.45 56.20 -58.57
N ASN F 160 -54.62 56.12 -59.22
CA ASN F 160 -54.97 54.97 -60.04
C ASN F 160 -54.13 54.97 -61.31
N SER F 161 -54.70 55.47 -62.41
CA SER F 161 -54.02 55.55 -63.69
C SER F 161 -53.48 54.18 -64.10
N THR F 162 -52.38 53.76 -63.47
CA THR F 162 -51.74 52.49 -63.76
C THR F 162 -50.86 52.03 -62.61
N ASP F 163 -50.31 50.82 -62.73
CA ASP F 163 -49.49 50.23 -61.68
C ASP F 163 -48.10 50.87 -61.63
N GLU F 164 -47.61 51.28 -62.80
CA GLU F 164 -46.29 51.89 -62.90
C GLU F 164 -46.22 53.18 -62.05
N ALA F 165 -47.33 53.91 -62.02
CA ALA F 165 -47.41 55.16 -61.27
C ALA F 165 -47.53 54.93 -59.77
N ALA F 166 -48.01 53.74 -59.40
CA ALA F 166 -48.20 53.38 -58.00
C ALA F 166 -46.88 52.96 -57.37
N VAL F 167 -46.08 52.21 -58.11
CA VAL F 167 -44.78 51.75 -57.63
C VAL F 167 -43.82 52.92 -57.50
N ALA F 168 -43.83 53.81 -58.49
CA ALA F 168 -42.95 54.97 -58.50
C ALA F 168 -43.30 55.94 -57.39
N TYR F 169 -44.51 55.82 -56.85
CA TYR F 169 -44.99 56.69 -55.79
C TYR F 169 -44.56 56.16 -54.41
N ALA F 170 -44.62 54.84 -54.25
CA ALA F 170 -44.25 54.19 -52.99
C ALA F 170 -42.74 54.25 -52.77
N LYS F 171 -41.99 54.32 -53.88
CA LYS F 171 -40.53 54.38 -53.82
C LYS F 171 -40.05 55.62 -53.08
N ASN F 172 -40.92 56.60 -52.91
CA ASN F 172 -40.57 57.83 -52.20
C ASN F 172 -40.48 57.67 -50.69
N PHE F 173 -41.46 56.99 -50.11
CA PHE F 173 -41.52 56.82 -48.66
C PHE F 173 -40.79 55.57 -48.20
N GLY F 174 -40.60 55.44 -46.90
CA GLY F 174 -39.95 54.28 -46.33
C GLY F 174 -40.10 54.19 -44.82
N SER F 175 -41.14 54.83 -44.29
CA SER F 175 -41.37 54.89 -42.85
C SER F 175 -42.22 53.71 -42.38
N LYS F 176 -42.01 53.32 -41.13
CA LYS F 176 -42.78 52.22 -40.52
C LYS F 176 -44.28 52.46 -40.57
N ARG F 177 -44.67 53.73 -40.48
CA ARG F 177 -46.06 54.11 -40.31
C ARG F 177 -46.69 54.61 -41.59
N LEU F 178 -46.71 53.77 -42.62
CA LEU F 178 -47.35 54.10 -43.88
C LEU F 178 -47.87 52.83 -44.54
N PHE F 179 -49.17 52.79 -44.78
CA PHE F 179 -49.81 51.62 -45.36
C PHE F 179 -50.68 52.05 -46.54
N MET F 180 -50.06 52.17 -47.70
CA MET F 180 -50.73 52.70 -48.88
C MET F 180 -51.52 51.62 -49.62
N VAL F 181 -52.60 52.05 -50.25
CA VAL F 181 -53.41 51.18 -51.11
C VAL F 181 -53.55 51.87 -52.47
N ASP F 182 -53.20 51.16 -53.53
CA ASP F 182 -53.12 51.75 -54.87
C ASP F 182 -54.47 51.77 -55.60
N PRO F 183 -55.03 50.58 -55.90
CA PRO F 183 -56.25 50.57 -56.72
C PRO F 183 -57.44 51.25 -56.04
N GLY F 184 -57.96 52.31 -56.64
CA GLY F 184 -59.06 53.06 -56.06
C GLY F 184 -60.39 52.36 -56.29
N VAL F 185 -60.93 51.77 -55.22
CA VAL F 185 -62.23 51.10 -55.29
C VAL F 185 -63.31 52.11 -55.64
N GLN F 186 -64.33 51.67 -56.35
CA GLN F 186 -65.45 52.53 -56.72
C GLN F 186 -66.72 52.13 -55.97
N VAL F 187 -67.35 53.12 -55.33
CA VAL F 187 -68.56 52.89 -54.56
C VAL F 187 -69.76 53.47 -55.30
N TRP F 188 -70.94 52.95 -54.98
CA TRP F 188 -72.17 53.46 -55.56
C TRP F 188 -72.68 54.66 -54.77
N ASP F 189 -72.37 55.87 -55.24
CA ASP F 189 -72.81 57.09 -54.55
C ASP F 189 -74.32 57.21 -54.60
N SER F 190 -74.91 57.65 -53.48
CA SER F 190 -76.36 57.80 -53.37
C SER F 190 -76.84 59.04 -54.11
N ALA F 191 -76.05 60.11 -54.04
CA ALA F 191 -76.42 61.39 -54.65
C ALA F 191 -76.35 61.34 -56.18
N THR F 192 -75.31 60.69 -56.68
CA THR F 192 -75.09 60.60 -58.13
C THR F 192 -75.97 59.51 -58.74
N ASN F 193 -76.37 58.55 -57.93
CA ASN F 193 -77.20 57.42 -58.36
C ASN F 193 -76.53 56.62 -59.48
N ALA F 194 -75.22 56.44 -59.35
CA ALA F 194 -74.44 55.67 -60.32
C ALA F 194 -73.06 55.37 -59.75
N ALA F 195 -72.20 54.80 -60.58
CA ALA F 195 -70.84 54.47 -60.17
C ALA F 195 -70.07 55.74 -59.79
N ARG F 196 -69.10 55.59 -58.91
CA ARG F 196 -68.35 56.74 -58.43
C ARG F 196 -67.06 56.27 -57.76
N ASN F 197 -65.92 56.64 -58.36
CA ASN F 197 -64.62 56.23 -57.85
C ASN F 197 -64.30 56.87 -56.49
N ALA F 198 -63.77 56.06 -55.58
CA ALA F 198 -63.41 56.51 -54.24
C ALA F 198 -61.91 56.34 -54.02
N PRO F 199 -61.35 57.02 -53.01
CA PRO F 199 -59.91 56.93 -52.72
C PRO F 199 -59.51 55.60 -52.06
N ALA F 200 -60.50 54.83 -51.58
CA ALA F 200 -60.24 53.53 -50.96
C ALA F 200 -59.39 53.64 -49.70
N SER F 201 -59.28 54.86 -49.17
CA SER F 201 -58.47 55.12 -47.99
C SER F 201 -59.29 54.85 -46.74
N ALA F 202 -60.49 55.44 -46.69
CA ALA F 202 -61.38 55.28 -45.55
C ALA F 202 -61.90 53.85 -45.45
N TYR F 203 -62.09 53.21 -46.59
CA TYR F 203 -62.57 51.82 -46.63
C TYR F 203 -61.54 50.90 -46.01
N ALA F 204 -60.27 51.16 -46.28
CA ALA F 204 -59.17 50.37 -45.74
C ALA F 204 -58.97 50.71 -44.26
N ALA F 205 -59.38 51.91 -43.86
CA ALA F 205 -59.27 52.35 -42.47
C ALA F 205 -60.35 51.69 -41.62
N GLY F 206 -61.59 51.75 -42.08
CA GLY F 206 -62.70 51.13 -41.39
C GLY F 206 -62.51 49.62 -41.31
N LEU F 207 -61.84 49.08 -42.33
CA LEU F 207 -61.54 47.65 -42.40
C LEU F 207 -60.66 47.22 -41.23
N PHE F 208 -59.69 48.05 -40.87
CA PHE F 208 -58.84 47.77 -39.72
C PHE F 208 -59.68 47.74 -38.45
N ALA F 209 -60.53 48.75 -38.28
CA ALA F 209 -61.36 48.91 -37.09
C ALA F 209 -62.26 47.69 -36.88
N TRP F 210 -62.59 47.00 -37.98
CA TRP F 210 -63.41 45.81 -37.94
C TRP F 210 -62.63 44.64 -37.33
N THR F 211 -61.39 44.47 -37.78
CA THR F 211 -60.53 43.39 -37.31
C THR F 211 -60.03 43.66 -35.88
N ASP F 212 -59.76 44.92 -35.60
CA ASP F 212 -59.24 45.33 -34.29
C ASP F 212 -60.29 45.13 -33.20
N ALA F 213 -61.54 45.42 -33.53
CA ALA F 213 -62.65 45.24 -32.59
C ALA F 213 -63.02 43.77 -32.50
N GLU F 214 -62.84 43.04 -33.59
CA GLU F 214 -63.18 41.62 -33.65
C GLU F 214 -62.06 40.75 -33.10
N TYR F 215 -61.05 40.50 -33.93
CA TYR F 215 -59.92 39.66 -33.55
C TYR F 215 -59.05 40.38 -32.52
N GLY F 216 -58.53 41.53 -32.94
CA GLY F 216 -57.66 42.33 -32.10
C GLY F 216 -56.71 43.19 -32.94
N PHE F 217 -56.13 44.20 -32.32
CA PHE F 217 -55.17 45.07 -32.98
C PHE F 217 -53.98 44.26 -33.50
N TRP F 218 -53.67 43.17 -32.81
CA TRP F 218 -52.57 42.30 -33.19
C TRP F 218 -52.92 41.47 -34.42
N SER F 219 -54.20 41.37 -34.74
CA SER F 219 -54.64 40.61 -35.91
C SER F 219 -54.35 41.42 -37.18
N SER F 220 -53.93 40.73 -38.23
CA SER F 220 -53.65 41.38 -39.50
C SER F 220 -54.97 41.76 -40.19
N PRO F 221 -55.03 42.94 -40.80
CA PRO F 221 -56.24 43.39 -41.48
C PRO F 221 -56.44 42.78 -42.86
N SER F 222 -55.32 42.42 -43.51
CA SER F 222 -55.34 41.89 -44.87
C SER F 222 -56.24 40.66 -45.00
N ASN F 223 -56.63 40.35 -46.23
CA ASN F 223 -57.45 39.17 -46.52
C ASN F 223 -58.79 39.22 -45.78
N LYS F 224 -59.31 40.43 -45.59
CA LYS F 224 -60.62 40.63 -44.99
C LYS F 224 -61.48 41.43 -45.96
N GLU F 225 -62.70 40.95 -46.18
CA GLU F 225 -63.58 41.52 -47.19
C GLU F 225 -64.09 42.90 -46.77
N ILE F 226 -64.12 43.82 -47.73
CA ILE F 226 -64.60 45.17 -47.49
C ILE F 226 -65.99 45.35 -48.08
N LYS F 227 -66.88 45.99 -47.33
CA LYS F 227 -68.24 46.26 -47.76
C LYS F 227 -68.37 47.66 -48.34
N GLY F 228 -69.53 47.95 -48.92
CA GLY F 228 -69.79 49.27 -49.49
C GLY F 228 -68.98 49.52 -50.73
N VAL F 229 -68.98 48.54 -51.63
CA VAL F 229 -68.21 48.60 -52.86
C VAL F 229 -69.08 48.14 -54.03
N THR F 230 -68.55 48.21 -55.25
CA THR F 230 -69.30 47.82 -56.44
C THR F 230 -68.41 47.78 -57.68
N GLY F 231 -67.14 47.42 -57.48
CA GLY F 231 -66.16 47.39 -58.56
C GLY F 231 -64.89 48.08 -58.11
N THR F 232 -63.82 47.94 -58.89
CA THR F 232 -62.53 48.53 -58.55
C THR F 232 -61.87 49.09 -59.79
N SER F 233 -61.45 50.35 -59.71
CA SER F 233 -60.73 51.01 -60.79
C SER F 233 -59.45 50.24 -61.10
N ARG F 234 -59.26 49.94 -62.38
CA ARG F 234 -58.11 49.16 -62.84
C ARG F 234 -58.14 47.77 -62.21
N PRO F 235 -58.80 46.80 -62.87
CA PRO F 235 -58.95 45.47 -62.27
C PRO F 235 -57.61 44.77 -62.07
N VAL F 236 -57.11 44.80 -60.85
CA VAL F 236 -55.85 44.13 -60.52
C VAL F 236 -56.08 42.62 -60.56
N GLU F 237 -55.35 41.95 -61.45
CA GLU F 237 -55.52 40.51 -61.67
C GLU F 237 -54.96 39.71 -60.51
N PHE F 238 -55.56 38.55 -60.26
CA PHE F 238 -55.06 37.64 -59.24
C PHE F 238 -55.42 36.20 -59.59
N LEU F 239 -54.40 35.39 -59.85
CA LEU F 239 -54.60 34.00 -60.19
C LEU F 239 -54.88 33.17 -58.94
N ASP F 240 -55.11 31.88 -59.12
CA ASP F 240 -55.41 31.00 -58.00
C ASP F 240 -54.19 30.87 -57.07
N GLY F 241 -53.01 30.75 -57.66
CA GLY F 241 -51.78 30.61 -56.89
C GLY F 241 -50.56 30.67 -57.79
N ASP F 242 -50.10 31.89 -58.06
CA ASP F 242 -48.91 32.09 -58.88
C ASP F 242 -48.33 33.48 -58.64
N GLU F 243 -46.99 33.57 -58.57
CA GLU F 243 -46.30 34.83 -58.36
C GLU F 243 -46.36 35.72 -59.59
N THR F 244 -46.85 35.18 -60.69
CA THR F 244 -46.92 35.90 -61.95
C THR F 244 -48.04 36.94 -61.94
N CYS F 245 -49.01 36.75 -61.06
CA CYS F 245 -50.15 37.66 -60.98
C CYS F 245 -49.69 39.05 -60.56
N ARG F 246 -50.43 40.06 -60.99
CA ARG F 246 -50.02 41.45 -60.78
C ARG F 246 -50.30 41.91 -59.35
N ALA F 247 -51.27 41.27 -58.70
CA ALA F 247 -51.61 41.61 -57.32
C ALA F 247 -50.41 41.40 -56.40
N ASN F 248 -49.57 40.44 -56.77
CA ASN F 248 -48.37 40.12 -55.99
C ASN F 248 -47.26 41.14 -56.18
N LEU F 249 -47.09 41.59 -57.43
CA LEU F 249 -46.01 42.51 -57.77
C LEU F 249 -46.11 43.83 -57.01
N LEU F 250 -47.33 44.28 -56.76
CA LEU F 250 -47.54 45.52 -56.01
C LEU F 250 -47.20 45.32 -54.53
N ASN F 251 -47.44 44.12 -54.02
CA ASN F 251 -47.11 43.80 -52.63
C ASN F 251 -45.60 43.78 -52.41
N ASN F 252 -44.85 43.47 -53.46
CA ASN F 252 -43.39 43.49 -53.41
C ASN F 252 -42.89 44.92 -53.25
N ALA F 253 -43.66 45.87 -53.76
CA ALA F 253 -43.35 47.30 -53.62
C ALA F 253 -44.03 47.88 -52.39
N ASN F 254 -44.46 47.00 -51.48
CA ASN F 254 -45.13 47.42 -50.25
C ASN F 254 -46.40 48.21 -50.57
N ILE F 255 -47.37 47.53 -51.16
CA ILE F 255 -48.64 48.18 -51.52
C ILE F 255 -49.82 47.24 -51.28
N ALA F 256 -50.88 47.79 -50.70
CA ALA F 256 -52.11 47.05 -50.48
C ALA F 256 -52.97 47.13 -51.73
N THR F 257 -53.74 46.07 -52.00
CA THR F 257 -54.57 46.01 -53.20
C THR F 257 -55.87 45.27 -52.94
N ILE F 258 -56.92 45.68 -53.64
CA ILE F 258 -58.23 45.02 -53.56
C ILE F 258 -58.35 44.06 -54.73
N ILE F 259 -58.45 42.77 -54.43
CA ILE F 259 -58.42 41.73 -55.45
C ILE F 259 -59.82 41.27 -55.86
N ARG F 260 -59.86 40.55 -56.99
CA ARG F 260 -61.08 39.97 -57.52
C ARG F 260 -62.14 41.01 -57.89
N ASP F 261 -63.22 40.54 -58.50
CA ASP F 261 -64.27 41.41 -59.01
C ASP F 261 -64.94 42.17 -57.87
N ASP F 262 -65.70 43.20 -58.24
CA ASP F 262 -66.46 44.00 -57.27
C ASP F 262 -65.55 44.62 -56.21
N GLY F 263 -65.03 43.79 -55.32
CA GLY F 263 -64.20 44.24 -54.22
C GLY F 263 -64.20 43.16 -53.15
N TYR F 264 -63.79 41.97 -53.56
CA TYR F 264 -63.85 40.79 -52.70
C TYR F 264 -63.12 41.00 -51.39
N ARG F 265 -61.85 41.40 -51.46
CA ARG F 265 -61.05 41.61 -50.26
C ARG F 265 -59.78 42.40 -50.52
N LEU F 266 -59.23 42.98 -49.45
CA LEU F 266 -57.99 43.74 -49.50
C LEU F 266 -56.89 42.97 -48.81
N TRP F 267 -55.67 43.09 -49.32
CA TRP F 267 -54.50 42.51 -48.64
C TRP F 267 -53.21 43.21 -49.06
N GLY F 268 -52.10 42.83 -48.41
CA GLY F 268 -50.81 43.44 -48.65
C GLY F 268 -50.29 44.00 -47.34
N ASN F 269 -49.88 43.09 -46.44
CA ASN F 269 -49.46 43.46 -45.10
C ASN F 269 -48.22 44.35 -45.08
N ARG F 270 -47.42 44.26 -46.15
CA ARG F 270 -46.18 45.03 -46.22
C ARG F 270 -46.44 46.53 -46.13
N THR F 271 -45.92 47.15 -45.07
CA THR F 271 -45.98 48.59 -44.93
C THR F 271 -44.79 49.20 -45.66
N LEU F 272 -44.97 50.41 -46.16
CA LEU F 272 -43.91 51.09 -46.90
C LEU F 272 -42.68 51.35 -46.02
N SER F 273 -41.95 50.28 -45.69
CA SER F 273 -40.80 50.39 -44.79
C SER F 273 -39.58 49.69 -45.39
N SER F 274 -38.43 50.35 -45.28
CA SER F 274 -37.17 49.80 -45.76
C SER F 274 -36.67 48.70 -44.81
N ASP F 275 -36.71 48.98 -43.50
CA ASP F 275 -36.27 48.02 -42.51
C ASP F 275 -37.19 46.81 -42.52
N SER F 276 -36.63 45.63 -42.84
CA SER F 276 -37.41 44.40 -42.95
C SER F 276 -37.93 43.93 -41.59
N LYS F 277 -37.40 44.52 -40.52
CA LYS F 277 -37.85 44.19 -39.16
C LYS F 277 -39.29 44.64 -38.94
N TRP F 278 -39.62 45.79 -39.53
CA TRP F 278 -40.97 46.35 -39.42
C TRP F 278 -41.69 46.22 -40.75
N ALA F 279 -41.54 45.07 -41.38
CA ALA F 279 -42.11 44.83 -42.71
C ALA F 279 -43.63 44.74 -42.62
N PHE F 280 -44.13 44.04 -41.61
CA PHE F 280 -45.57 43.89 -41.44
C PHE F 280 -46.16 45.11 -40.75
N VAL F 281 -47.37 45.47 -41.18
CA VAL F 281 -48.10 46.56 -40.54
C VAL F 281 -48.54 46.13 -39.15
N THR F 282 -48.64 44.82 -38.95
CA THR F 282 -49.03 44.24 -37.67
C THR F 282 -48.06 44.62 -36.56
N ARG F 283 -46.77 44.35 -36.79
CA ARG F 283 -45.73 44.62 -35.79
C ARG F 283 -45.73 46.08 -35.37
N VAL F 284 -45.86 46.97 -36.34
CA VAL F 284 -45.88 48.40 -36.07
C VAL F 284 -47.11 48.77 -35.23
N ARG F 285 -48.18 48.01 -35.42
CA ARG F 285 -49.44 48.28 -34.75
C ARG F 285 -49.47 47.76 -33.31
N THR F 286 -48.77 46.65 -33.08
CA THR F 286 -48.70 46.06 -31.74
C THR F 286 -47.66 46.76 -30.88
N MET F 287 -46.55 47.11 -31.50
CA MET F 287 -45.44 47.74 -30.79
C MET F 287 -45.80 49.15 -30.35
N ASP F 288 -46.44 49.90 -31.24
CA ASP F 288 -46.88 51.26 -30.93
C ASP F 288 -47.96 51.27 -29.86
N LEU F 289 -48.57 50.10 -29.64
CA LEU F 289 -49.65 49.97 -28.67
C LEU F 289 -49.10 49.66 -27.28
N VAL F 290 -48.28 48.62 -27.18
CA VAL F 290 -47.71 48.21 -25.90
C VAL F 290 -46.77 49.28 -25.35
N MET F 291 -46.18 50.06 -26.24
CA MET F 291 -45.32 51.17 -25.84
C MET F 291 -46.16 52.25 -25.18
N ASP F 292 -47.22 52.69 -25.87
CA ASP F 292 -48.10 53.72 -25.36
C ASP F 292 -48.84 53.25 -24.10
N ALA F 293 -48.97 51.94 -23.96
CA ALA F 293 -49.64 51.35 -22.79
C ALA F 293 -48.73 51.42 -21.57
N ILE F 294 -47.47 51.03 -21.77
CA ILE F 294 -46.48 51.04 -20.69
C ILE F 294 -46.17 52.48 -20.30
N LEU F 295 -46.15 53.36 -21.29
CA LEU F 295 -45.91 54.77 -21.06
C LEU F 295 -47.02 55.38 -20.19
N ALA F 296 -48.25 55.27 -20.67
CA ALA F 296 -49.41 55.84 -19.98
C ALA F 296 -49.83 54.99 -18.79
N GLY F 297 -49.31 53.77 -18.71
CA GLY F 297 -49.68 52.83 -17.66
C GLY F 297 -48.96 53.09 -16.36
N HIS F 298 -47.64 53.25 -16.44
CA HIS F 298 -46.80 53.45 -15.26
C HIS F 298 -46.62 54.94 -14.95
N LYS F 299 -47.71 55.69 -15.10
CA LYS F 299 -47.74 57.10 -14.74
C LYS F 299 -47.96 57.26 -13.23
N TRP F 300 -48.40 56.19 -12.60
CA TRP F 300 -48.65 56.17 -11.16
C TRP F 300 -47.33 56.11 -10.40
N ALA F 301 -46.35 55.44 -11.00
CA ALA F 301 -45.06 55.23 -10.37
C ALA F 301 -44.29 56.55 -10.32
N VAL F 302 -43.48 56.79 -11.34
CA VAL F 302 -42.64 57.99 -11.41
C VAL F 302 -41.82 58.10 -10.11
N ASP F 303 -41.60 59.32 -9.63
CA ASP F 303 -40.77 59.50 -8.43
C ASP F 303 -41.43 58.85 -7.21
N ARG F 304 -40.85 57.73 -6.79
CA ARG F 304 -41.35 57.00 -5.64
C ARG F 304 -40.22 56.15 -5.08
N GLY F 305 -40.32 55.81 -3.79
CA GLY F 305 -39.28 55.04 -3.11
C GLY F 305 -38.92 53.77 -3.87
N ILE F 306 -37.70 53.75 -4.40
CA ILE F 306 -37.24 52.64 -5.23
C ILE F 306 -36.73 51.52 -4.32
N THR F 307 -37.62 51.00 -3.47
CA THR F 307 -37.28 49.86 -2.63
C THR F 307 -37.39 48.56 -3.44
N LYS F 308 -36.79 47.49 -2.94
CA LYS F 308 -36.85 46.19 -3.60
C LYS F 308 -38.29 45.77 -3.92
N THR F 309 -39.23 46.21 -3.08
CA THR F 309 -40.64 45.92 -3.28
C THR F 309 -41.13 46.63 -4.54
N TYR F 310 -40.78 47.90 -4.67
CA TYR F 310 -41.22 48.73 -5.78
C TYR F 310 -40.78 48.15 -7.12
N VAL F 311 -39.54 47.67 -7.17
CA VAL F 311 -39.00 47.07 -8.39
C VAL F 311 -39.82 45.83 -8.77
N LYS F 312 -40.07 44.98 -7.79
CA LYS F 312 -40.88 43.77 -8.00
C LYS F 312 -42.32 44.11 -8.33
N ASP F 313 -42.85 45.18 -7.74
CA ASP F 313 -44.23 45.60 -8.00
C ASP F 313 -44.38 46.01 -9.46
N VAL F 314 -43.35 46.65 -10.00
CA VAL F 314 -43.35 47.07 -11.40
C VAL F 314 -43.00 45.89 -12.29
N THR F 315 -42.06 45.07 -11.84
CA THR F 315 -41.68 43.86 -12.57
C THR F 315 -42.87 42.90 -12.70
N GLU F 316 -43.56 42.65 -11.60
CA GLU F 316 -44.74 41.80 -11.60
C GLU F 316 -45.88 42.46 -12.36
N GLY F 317 -45.81 43.79 -12.50
CA GLY F 317 -46.81 44.53 -13.26
C GLY F 317 -46.70 44.22 -14.74
N LEU F 318 -45.47 44.00 -15.20
CA LEU F 318 -45.21 43.63 -16.59
C LEU F 318 -45.41 42.13 -16.79
N ARG F 319 -45.05 41.34 -15.79
CA ARG F 319 -45.26 39.89 -15.83
C ARG F 319 -46.73 39.57 -16.10
N ALA F 320 -47.60 40.11 -15.26
CA ALA F 320 -49.04 39.87 -15.36
C ALA F 320 -49.58 40.50 -16.63
N PHE F 321 -49.10 41.69 -16.96
CA PHE F 321 -49.59 42.42 -18.13
C PHE F 321 -49.32 41.66 -19.43
N MET F 322 -48.06 41.30 -19.65
CA MET F 322 -47.66 40.58 -20.86
C MET F 322 -48.31 39.21 -20.93
N ARG F 323 -48.54 38.60 -19.79
CA ARG F 323 -49.18 37.30 -19.74
C ARG F 323 -50.64 37.39 -20.15
N ASP F 324 -51.23 38.58 -19.98
CA ASP F 324 -52.59 38.81 -20.42
C ASP F 324 -52.64 39.00 -21.93
N LEU F 325 -51.49 39.31 -22.52
CA LEU F 325 -51.35 39.41 -23.98
C LEU F 325 -51.02 38.07 -24.60
N LYS F 326 -50.32 37.22 -23.83
CA LYS F 326 -49.89 35.92 -24.32
C LYS F 326 -51.08 34.98 -24.49
N ASN F 327 -51.81 34.76 -23.40
CA ASN F 327 -52.98 33.88 -23.42
C ASN F 327 -54.07 34.44 -24.33
N GLN F 328 -54.08 35.77 -24.49
CA GLN F 328 -55.03 36.43 -25.38
C GLN F 328 -54.63 36.20 -26.83
N GLY F 329 -53.35 35.96 -27.06
CA GLY F 329 -52.84 35.68 -28.40
C GLY F 329 -52.18 36.87 -29.07
N ALA F 330 -51.99 37.94 -28.31
CA ALA F 330 -51.36 39.15 -28.85
C ALA F 330 -49.89 38.89 -29.13
N VAL F 331 -49.26 38.09 -28.28
CA VAL F 331 -47.85 37.76 -28.40
C VAL F 331 -47.65 36.26 -28.21
N ILE F 332 -46.62 35.71 -28.81
CA ILE F 332 -46.32 34.28 -28.66
C ILE F 332 -45.71 34.03 -27.28
N ASN F 333 -44.65 34.76 -26.97
CA ASN F 333 -44.00 34.64 -25.67
C ASN F 333 -43.24 35.91 -25.36
N PHE F 334 -42.93 36.12 -24.09
CA PHE F 334 -42.29 37.35 -23.63
C PHE F 334 -41.26 37.07 -22.55
N GLU F 335 -40.62 38.13 -22.08
CA GLU F 335 -39.65 38.05 -21.01
C GLU F 335 -39.31 39.45 -20.53
N VAL F 336 -39.54 39.71 -19.25
CA VAL F 336 -39.30 41.03 -18.69
C VAL F 336 -38.51 40.91 -17.39
N TYR F 337 -37.58 41.83 -17.18
CA TYR F 337 -36.69 41.80 -16.04
C TYR F 337 -35.87 43.07 -15.93
N ALA F 338 -35.18 43.24 -14.81
CA ALA F 338 -34.33 44.41 -14.60
C ALA F 338 -32.89 44.06 -14.97
N ASP F 339 -32.32 44.79 -15.92
CA ASP F 339 -30.97 44.52 -16.39
C ASP F 339 -29.94 44.79 -15.30
N PRO F 340 -29.04 43.82 -15.02
CA PRO F 340 -27.98 44.06 -14.03
C PRO F 340 -27.03 45.20 -14.40
N ASP F 341 -26.62 45.26 -15.66
CA ASP F 341 -25.62 46.23 -16.09
C ASP F 341 -26.16 47.65 -16.11
N LEU F 342 -27.37 47.82 -16.63
CA LEU F 342 -28.00 49.14 -16.73
C LEU F 342 -28.27 49.71 -15.34
N ASN F 343 -28.96 48.94 -14.52
CA ASN F 343 -29.26 49.36 -13.16
C ASN F 343 -28.00 49.44 -12.31
N SER F 344 -27.16 50.41 -12.61
CA SER F 344 -25.92 50.61 -11.86
C SER F 344 -26.20 51.43 -10.60
N ALA F 345 -25.26 51.39 -9.66
CA ALA F 345 -25.40 52.12 -8.40
C ALA F 345 -25.55 53.63 -8.64
N SER F 346 -24.98 54.10 -9.74
CA SER F 346 -25.01 55.53 -10.07
C SER F 346 -26.29 55.91 -10.83
N GLN F 347 -26.80 54.98 -11.63
CA GLN F 347 -28.02 55.23 -12.40
C GLN F 347 -29.24 55.33 -11.48
N LEU F 348 -29.32 54.43 -10.51
CA LEU F 348 -30.40 54.45 -9.53
C LEU F 348 -30.32 55.72 -8.67
N ALA F 349 -29.11 56.26 -8.53
CA ALA F 349 -28.90 57.46 -7.71
C ALA F 349 -29.32 58.72 -8.47
N GLN F 350 -29.75 58.56 -9.72
CA GLN F 350 -30.32 59.64 -10.52
C GLN F 350 -31.80 59.41 -10.80
N GLY F 351 -32.33 58.30 -10.29
CA GLY F 351 -33.72 57.96 -10.45
C GLY F 351 -33.95 56.97 -11.56
N LYS F 352 -32.98 56.88 -12.48
CA LYS F 352 -33.09 55.93 -13.59
C LYS F 352 -33.17 54.49 -13.10
N VAL F 353 -34.16 53.76 -13.64
CA VAL F 353 -34.31 52.34 -13.37
C VAL F 353 -34.92 51.69 -14.60
N TYR F 354 -34.25 50.67 -15.13
CA TYR F 354 -34.61 50.08 -16.42
C TYR F 354 -35.26 48.71 -16.26
N TRP F 355 -36.09 48.35 -17.24
CA TRP F 355 -36.70 47.03 -17.31
C TRP F 355 -36.69 46.55 -18.76
N ASN F 356 -35.83 45.58 -19.04
CA ASN F 356 -35.67 45.07 -20.40
C ASN F 356 -36.84 44.20 -20.82
N ILE F 357 -37.79 44.78 -21.54
CA ILE F 357 -38.92 44.03 -22.09
C ILE F 357 -38.56 43.51 -23.47
N ARG F 358 -38.97 42.28 -23.76
CA ARG F 358 -38.70 41.66 -25.05
C ARG F 358 -39.71 40.55 -25.33
N PHE F 359 -40.13 40.46 -26.59
CA PHE F 359 -41.13 39.47 -26.99
C PHE F 359 -41.18 39.35 -28.51
N THR F 360 -42.10 38.53 -29.01
CA THR F 360 -42.27 38.33 -30.44
C THR F 360 -43.73 38.53 -30.82
N ASP F 361 -44.04 39.69 -31.42
CA ASP F 361 -45.38 39.95 -31.92
C ASP F 361 -45.72 38.93 -33.00
N VAL F 362 -46.99 38.51 -33.03
CA VAL F 362 -47.41 37.47 -33.96
C VAL F 362 -47.41 37.98 -35.41
N PRO F 363 -46.61 37.33 -36.30
CA PRO F 363 -46.61 37.72 -37.72
C PRO F 363 -47.69 36.98 -38.51
N PRO F 364 -48.37 37.66 -39.45
CA PRO F 364 -49.39 36.99 -40.25
C PRO F 364 -48.76 36.07 -41.30
N ALA F 365 -49.16 34.80 -41.30
CA ALA F 365 -48.67 33.82 -42.27
C ALA F 365 -49.12 34.21 -43.68
N GLU F 366 -48.44 35.20 -44.27
CA GLU F 366 -48.87 35.75 -45.55
C GLU F 366 -48.57 34.81 -46.73
N ASN F 367 -47.93 33.69 -46.46
CA ASN F 367 -47.58 32.74 -47.52
C ASN F 367 -47.30 31.33 -46.97
N PRO F 368 -48.37 30.60 -46.59
CA PRO F 368 -48.22 29.22 -46.11
C PRO F 368 -48.02 28.23 -47.26
N ASN F 369 -46.88 27.56 -47.28
CA ASN F 369 -46.55 26.58 -48.32
C ASN F 369 -47.03 25.18 -47.95
N PHE F 370 -47.08 24.30 -48.94
CA PHE F 370 -47.51 22.92 -48.74
C PHE F 370 -46.70 21.98 -49.60
N ARG F 371 -45.52 21.62 -49.11
CA ARG F 371 -44.61 20.74 -49.84
C ARG F 371 -45.18 19.33 -49.96
N VAL F 372 -46.20 19.17 -50.80
CA VAL F 372 -46.81 17.87 -51.02
C VAL F 372 -45.97 17.08 -52.02
N GLU F 373 -45.88 15.77 -51.80
CA GLU F 373 -45.07 14.91 -52.65
C GLU F 373 -45.41 13.44 -52.42
N VAL F 374 -45.80 12.77 -53.50
CA VAL F 374 -46.08 11.33 -53.43
C VAL F 374 -44.79 10.53 -53.29
N THR F 375 -44.95 9.23 -53.12
CA THR F 375 -43.81 8.33 -53.01
C THR F 375 -44.29 6.89 -53.18
N ASP F 376 -43.44 5.95 -52.78
CA ASP F 376 -43.74 4.52 -52.88
C ASP F 376 -43.39 3.84 -51.57
N GLN F 377 -43.58 4.56 -50.47
CA GLN F 377 -43.20 4.06 -49.15
C GLN F 377 -44.26 3.10 -48.60
N TRP F 378 -45.46 3.61 -48.39
CA TRP F 378 -46.55 2.80 -47.84
C TRP F 378 -47.26 2.00 -48.93
N LEU F 379 -46.51 1.10 -49.57
CA LEU F 379 -47.09 0.19 -50.55
C LEU F 379 -47.07 -1.24 -50.03
N THR F 380 -46.00 -1.58 -49.29
CA THR F 380 -45.88 -2.89 -48.67
C THR F 380 -46.93 -3.09 -47.57
N GLU F 381 -47.55 -1.99 -47.15
CA GLU F 381 -48.62 -2.04 -46.17
C GLU F 381 -49.80 -2.80 -46.75
N VAL F 382 -49.98 -2.69 -48.06
CA VAL F 382 -51.03 -3.41 -48.77
C VAL F 382 -50.62 -4.86 -48.92
N LEU F 383 -50.68 -5.61 -47.83
CA LEU F 383 -50.25 -6.99 -47.82
C LEU F 383 -50.68 -7.68 -46.53
N ASP F 384 -50.37 -7.05 -45.40
CA ASP F 384 -50.72 -7.58 -44.10
C ASP F 384 -50.76 -6.48 -43.06
N SER G 2 -13.35 -66.25 -48.21
CA SER G 2 -14.63 -66.23 -47.51
C SER G 2 -14.50 -66.86 -46.12
N PHE G 3 -13.77 -67.97 -46.06
CA PHE G 3 -13.52 -68.69 -44.82
C PHE G 3 -14.81 -69.35 -44.32
N PHE G 4 -14.80 -70.69 -44.34
CA PHE G 4 -15.94 -71.51 -43.92
C PHE G 4 -17.16 -71.30 -44.80
N HIS G 5 -17.86 -70.19 -44.61
CA HIS G 5 -19.10 -69.89 -45.33
C HIS G 5 -20.16 -70.97 -45.09
N GLY G 6 -20.80 -70.91 -43.92
CA GLY G 6 -21.87 -71.84 -43.59
C GLY G 6 -22.62 -71.38 -42.37
N VAL G 7 -22.42 -72.07 -41.26
CA VAL G 7 -23.05 -71.71 -39.99
C VAL G 7 -22.36 -72.49 -38.87
N THR G 8 -21.43 -71.81 -38.19
CA THR G 8 -20.67 -72.44 -37.12
C THR G 8 -21.48 -72.49 -35.83
N VAL G 9 -20.89 -73.12 -34.82
CA VAL G 9 -21.54 -73.26 -33.53
C VAL G 9 -20.50 -73.71 -32.50
N THR G 10 -19.42 -72.92 -32.40
CA THR G 10 -18.29 -73.26 -31.54
C THR G 10 -18.70 -73.25 -30.07
N ASN G 11 -18.32 -74.31 -29.37
CA ASN G 11 -18.59 -74.43 -27.94
C ASN G 11 -17.47 -73.76 -27.15
N VAL G 12 -17.77 -72.60 -26.57
CA VAL G 12 -16.79 -71.86 -25.78
C VAL G 12 -16.64 -72.52 -24.41
N ASP G 13 -15.54 -73.25 -24.24
CA ASP G 13 -15.29 -74.00 -23.01
C ASP G 13 -14.65 -73.12 -21.95
N ILE G 14 -15.47 -72.28 -21.31
CA ILE G 14 -15.01 -71.43 -20.23
C ILE G 14 -16.04 -71.41 -19.10
N GLY G 15 -15.61 -71.01 -17.91
CA GLY G 15 -16.46 -70.99 -16.74
C GLY G 15 -15.74 -71.62 -15.56
N ALA G 16 -16.20 -71.28 -14.36
CA ALA G 16 -15.58 -71.81 -13.13
C ALA G 16 -15.88 -73.29 -12.97
N ARG G 17 -14.84 -74.12 -13.06
CA ARG G 17 -15.00 -75.55 -12.87
C ARG G 17 -15.26 -75.88 -11.39
N THR G 18 -15.83 -77.05 -11.16
CA THR G 18 -16.11 -77.51 -9.80
C THR G 18 -14.89 -78.24 -9.24
N ILE G 19 -14.81 -78.30 -7.90
CA ILE G 19 -13.69 -78.96 -7.24
C ILE G 19 -14.21 -79.83 -6.09
N ALA G 20 -13.57 -80.99 -5.91
CA ALA G 20 -13.96 -81.96 -4.90
C ALA G 20 -12.87 -82.17 -3.87
N LEU G 21 -13.18 -82.99 -2.86
CA LEU G 21 -12.23 -83.32 -1.80
C LEU G 21 -11.85 -84.80 -1.87
N PRO G 22 -10.83 -85.13 -2.69
CA PRO G 22 -10.49 -86.54 -2.92
C PRO G 22 -9.88 -87.22 -1.69
N ALA G 23 -9.76 -88.54 -1.75
CA ALA G 23 -9.10 -89.32 -0.69
C ALA G 23 -9.83 -89.23 0.65
N SER G 24 -9.90 -88.01 1.20
CA SER G 24 -10.57 -87.75 2.46
C SER G 24 -9.88 -88.47 3.62
N SER G 25 -10.07 -89.78 3.71
CA SER G 25 -9.51 -90.56 4.81
C SER G 25 -9.35 -92.03 4.44
N VAL G 26 -8.45 -92.32 3.51
CA VAL G 26 -8.12 -93.69 3.16
C VAL G 26 -6.95 -94.15 4.01
N ILE G 27 -7.09 -95.34 4.59
CA ILE G 27 -6.09 -95.88 5.50
C ILE G 27 -5.02 -96.66 4.74
N GLY G 28 -3.78 -96.51 5.15
CA GLY G 28 -2.65 -97.19 4.56
C GLY G 28 -1.95 -98.05 5.59
N LEU G 29 -2.41 -99.29 5.72
CA LEU G 29 -1.91 -100.19 6.75
C LEU G 29 -0.85 -101.15 6.20
N CYS G 30 0.00 -101.66 7.08
CA CYS G 30 1.06 -102.58 6.69
C CYS G 30 1.55 -103.38 7.89
N ASP G 31 0.86 -104.47 8.19
CA ASP G 31 1.26 -105.37 9.28
C ASP G 31 1.88 -106.63 8.66
N VAL G 32 1.65 -107.78 9.26
CA VAL G 32 2.19 -109.04 8.75
C VAL G 32 1.12 -110.12 8.73
N PHE G 33 1.38 -111.20 8.00
CA PHE G 33 0.47 -112.34 7.95
C PHE G 33 1.23 -113.59 7.50
N THR G 34 0.48 -114.64 7.20
CA THR G 34 1.05 -115.91 6.78
C THR G 34 0.48 -116.33 5.42
N PRO G 35 1.21 -116.04 4.33
CA PRO G 35 0.71 -116.42 3.00
C PRO G 35 0.77 -117.93 2.78
N GLY G 36 -0.23 -118.49 2.11
CA GLY G 36 -0.27 -119.92 1.84
C GLY G 36 -1.50 -120.31 1.05
N ALA G 37 -2.48 -120.87 1.74
CA ALA G 37 -3.69 -121.40 1.10
C ALA G 37 -4.81 -120.37 1.07
N GLN G 38 -5.44 -120.16 2.23
CA GLN G 38 -6.59 -119.25 2.33
C GLN G 38 -6.19 -117.80 2.06
N ALA G 39 -4.89 -117.51 2.19
CA ALA G 39 -4.39 -116.16 1.96
C ALA G 39 -4.34 -115.85 0.47
N SER G 40 -5.38 -115.19 -0.03
CA SER G 40 -5.48 -114.85 -1.44
C SER G 40 -4.49 -113.76 -1.82
N ALA G 41 -4.32 -112.79 -0.93
CA ALA G 41 -3.40 -111.68 -1.16
C ALA G 41 -1.97 -112.17 -1.26
N LYS G 42 -1.20 -111.61 -2.19
CA LYS G 42 0.18 -112.03 -2.39
C LYS G 42 1.04 -111.59 -1.21
N PRO G 43 2.23 -112.18 -1.06
CA PRO G 43 3.06 -111.94 0.14
C PRO G 43 3.60 -110.51 0.30
N ASN G 44 3.23 -109.59 -0.57
CA ASN G 44 3.81 -108.24 -0.48
C ASN G 44 3.03 -107.14 -1.22
N VAL G 45 2.33 -107.48 -2.30
CA VAL G 45 1.71 -106.46 -3.13
C VAL G 45 0.58 -105.76 -2.38
N PRO G 46 0.30 -104.49 -2.72
CA PRO G 46 -0.85 -103.80 -2.11
C PRO G 46 -2.18 -104.43 -2.52
N VAL G 47 -3.11 -104.54 -1.58
CA VAL G 47 -4.44 -105.05 -1.86
C VAL G 47 -5.48 -104.12 -1.25
N LEU G 48 -6.50 -103.79 -2.03
CA LEU G 48 -7.55 -102.90 -1.56
C LEU G 48 -8.59 -103.68 -0.76
N LEU G 49 -9.13 -103.03 0.26
CA LEU G 49 -10.14 -103.63 1.12
C LEU G 49 -11.36 -102.74 1.19
N THR G 50 -12.40 -103.22 1.86
CA THR G 50 -13.65 -102.48 2.00
C THR G 50 -14.44 -102.96 3.21
N SER G 51 -14.34 -104.26 3.49
CA SER G 51 -15.04 -104.86 4.62
C SER G 51 -14.24 -106.05 5.14
N LYS G 52 -14.67 -106.61 6.26
CA LYS G 52 -14.00 -107.75 6.86
C LYS G 52 -13.97 -108.94 5.92
N LYS G 53 -15.06 -109.13 5.17
CA LYS G 53 -15.14 -110.21 4.20
C LYS G 53 -14.04 -110.13 3.16
N ASP G 54 -13.83 -108.93 2.62
CA ASP G 54 -12.82 -108.73 1.59
C ASP G 54 -11.41 -108.83 2.17
N ALA G 55 -11.30 -108.67 3.49
CA ALA G 55 -10.01 -108.73 4.19
C ALA G 55 -9.73 -110.14 4.68
N ALA G 56 -10.77 -110.85 5.09
CA ALA G 56 -10.62 -112.20 5.64
C ALA G 56 -10.08 -113.16 4.58
N ALA G 57 -10.75 -113.21 3.43
CA ALA G 57 -10.34 -114.09 2.35
C ALA G 57 -9.00 -113.67 1.75
N ALA G 58 -8.60 -112.43 2.02
CA ALA G 58 -7.36 -111.88 1.46
C ALA G 58 -6.14 -112.36 2.24
N PHE G 59 -6.10 -112.05 3.53
CA PHE G 59 -4.96 -112.35 4.38
C PHE G 59 -5.18 -113.61 5.20
N GLY G 60 -6.40 -113.77 5.70
CA GLY G 60 -6.77 -114.93 6.49
C GLY G 60 -7.09 -114.56 7.92
N ILE G 61 -7.75 -115.47 8.63
CA ILE G 61 -8.11 -115.25 10.03
C ILE G 61 -6.93 -115.60 10.92
N GLY G 62 -6.77 -114.84 12.00
CA GLY G 62 -5.68 -115.07 12.94
C GLY G 62 -4.43 -114.28 12.55
N SER G 63 -4.34 -113.90 11.28
CA SER G 63 -3.22 -113.10 10.80
C SER G 63 -3.16 -111.80 11.59
N SER G 64 -1.97 -111.43 12.04
CA SER G 64 -1.76 -110.23 12.84
C SER G 64 -2.28 -108.97 12.14
N ILE G 65 -2.36 -109.02 10.81
CA ILE G 65 -2.86 -107.91 10.03
C ILE G 65 -4.38 -107.84 10.06
N TYR G 66 -5.02 -109.00 10.15
CA TYR G 66 -6.46 -109.07 10.17
C TYR G 66 -7.01 -108.56 11.50
N LEU G 67 -6.26 -108.75 12.58
CA LEU G 67 -6.64 -108.24 13.88
C LEU G 67 -6.60 -106.71 13.90
N ALA G 68 -5.83 -106.14 12.97
CA ALA G 68 -5.71 -104.69 12.84
C ALA G 68 -6.82 -104.14 11.96
N CYS G 69 -7.11 -104.85 10.86
CA CYS G 69 -8.19 -104.44 9.95
C CYS G 69 -9.54 -104.61 10.64
N GLU G 70 -9.70 -105.72 11.36
CA GLU G 70 -10.93 -105.98 12.10
C GLU G 70 -11.16 -104.91 13.15
N ALA G 71 -10.06 -104.41 13.73
CA ALA G 71 -10.13 -103.36 14.74
C ALA G 71 -10.63 -102.06 14.14
N ILE G 72 -10.35 -101.87 12.85
CA ILE G 72 -10.78 -100.67 12.13
C ILE G 72 -12.24 -100.79 11.71
N TYR G 73 -12.60 -101.93 11.13
CA TYR G 73 -13.95 -102.13 10.61
C TYR G 73 -14.97 -102.28 11.75
N ASN G 74 -14.51 -102.79 12.89
CA ASN G 74 -15.35 -102.88 14.07
C ASN G 74 -15.73 -101.48 14.54
N ARG G 75 -14.74 -100.58 14.51
CA ARG G 75 -14.95 -99.19 14.85
C ARG G 75 -15.83 -98.51 13.81
N ALA G 76 -15.27 -98.27 12.62
CA ALA G 76 -15.99 -97.63 11.54
C ALA G 76 -15.43 -98.07 10.19
N GLN G 77 -16.32 -98.40 9.27
CA GLN G 77 -15.94 -98.91 7.96
C GLN G 77 -15.16 -97.87 7.16
N ALA G 78 -14.13 -98.31 6.44
CA ALA G 78 -13.31 -97.41 5.67
C ALA G 78 -12.47 -98.18 4.66
N VAL G 79 -11.95 -97.46 3.67
CA VAL G 79 -11.09 -98.06 2.66
C VAL G 79 -9.69 -98.25 3.24
N ILE G 80 -9.15 -99.45 3.08
CA ILE G 80 -7.82 -99.77 3.58
C ILE G 80 -6.98 -100.42 2.48
N VAL G 81 -6.11 -99.62 1.86
CA VAL G 81 -5.16 -100.15 0.90
C VAL G 81 -4.02 -100.84 1.64
N ALA G 82 -4.35 -101.97 2.26
CA ALA G 82 -3.40 -102.71 3.09
C ALA G 82 -2.31 -103.35 2.22
N VAL G 83 -1.14 -103.53 2.81
CA VAL G 83 -0.01 -104.14 2.12
C VAL G 83 0.21 -105.55 2.67
N GLY G 84 0.77 -105.64 3.87
CA GLY G 84 1.01 -106.92 4.51
C GLY G 84 2.24 -107.61 3.95
N VAL G 85 3.11 -108.06 4.85
CA VAL G 85 4.35 -108.73 4.46
C VAL G 85 4.55 -110.00 5.28
N GLU G 86 5.23 -110.98 4.69
CA GLU G 86 5.46 -112.25 5.35
C GLU G 86 6.31 -112.06 6.61
N THR G 87 5.99 -112.83 7.66
CA THR G 87 6.76 -112.78 8.90
C THR G 87 8.16 -113.31 8.69
N ALA G 88 9.14 -112.67 9.33
CA ALA G 88 10.54 -113.06 9.20
C ALA G 88 11.00 -113.87 10.42
N GLU G 89 12.27 -114.23 10.44
CA GLU G 89 12.84 -115.02 11.53
C GLU G 89 12.93 -114.19 12.81
N THR G 90 13.90 -113.28 12.86
CA THR G 90 14.09 -112.43 14.02
C THR G 90 13.19 -111.19 13.93
N PRO G 91 12.79 -110.64 15.09
CA PRO G 91 11.90 -109.47 15.10
C PRO G 91 12.55 -108.23 14.52
N GLU G 92 13.88 -108.13 14.67
CA GLU G 92 14.62 -106.98 14.18
C GLU G 92 14.64 -106.93 12.66
N ALA G 93 15.03 -108.05 12.05
CA ALA G 93 15.12 -108.15 10.60
C ALA G 93 13.74 -108.13 9.95
N GLN G 94 12.71 -108.37 10.75
CA GLN G 94 11.34 -108.35 10.24
C GLN G 94 10.93 -106.93 9.87
N ALA G 95 11.50 -105.95 10.59
CA ALA G 95 11.20 -104.55 10.35
C ALA G 95 11.70 -104.12 8.97
N SER G 96 12.69 -104.84 8.44
CA SER G 96 13.23 -104.54 7.12
C SER G 96 12.17 -104.78 6.06
N ALA G 97 11.51 -105.94 6.15
CA ALA G 97 10.44 -106.29 5.22
C ALA G 97 9.25 -105.33 5.40
N VAL G 98 9.07 -104.84 6.62
CA VAL G 98 7.99 -103.90 6.90
C VAL G 98 8.27 -102.57 6.22
N ILE G 99 9.48 -102.04 6.42
CA ILE G 99 9.88 -100.81 5.75
C ILE G 99 9.93 -101.06 4.25
N GLY G 100 10.68 -102.08 3.85
CA GLY G 100 10.75 -102.48 2.46
C GLY G 100 11.62 -101.55 1.64
N GLY G 101 12.67 -102.09 1.04
CA GLY G 101 13.55 -101.31 0.20
C GLY G 101 12.92 -101.05 -1.15
N ILE G 102 13.12 -101.98 -2.08
CA ILE G 102 12.56 -101.85 -3.42
C ILE G 102 12.64 -103.16 -4.21
N SER G 103 13.57 -104.03 -3.81
CA SER G 103 13.74 -105.35 -4.43
C SER G 103 14.26 -105.25 -5.85
N ALA G 104 14.78 -106.36 -6.37
CA ALA G 104 15.34 -106.41 -7.71
C ALA G 104 14.24 -106.32 -8.76
N ALA G 105 13.01 -106.64 -8.37
CA ALA G 105 11.87 -106.59 -9.27
C ALA G 105 11.54 -105.15 -9.68
N GLY G 106 11.97 -104.21 -8.85
CA GLY G 106 11.74 -102.80 -9.11
C GLY G 106 10.49 -102.29 -8.41
N GLU G 107 9.55 -103.20 -8.15
CA GLU G 107 8.30 -102.84 -7.50
C GLU G 107 8.54 -102.51 -6.02
N ARG G 108 8.02 -101.37 -5.59
CA ARG G 108 8.17 -100.93 -4.21
C ARG G 108 7.61 -101.95 -3.22
N THR G 109 8.45 -102.44 -2.34
CA THR G 109 8.07 -103.45 -1.36
C THR G 109 7.77 -102.83 0.00
N GLY G 110 7.11 -103.61 0.85
CA GLY G 110 6.85 -103.22 2.22
C GLY G 110 6.02 -101.96 2.34
N LEU G 111 6.28 -101.20 3.40
CA LEU G 111 5.51 -100.00 3.71
C LEU G 111 5.56 -98.96 2.60
N GLN G 112 6.64 -98.96 1.82
CA GLN G 112 6.81 -98.00 0.74
C GLN G 112 5.91 -98.32 -0.46
N ALA G 113 5.26 -99.48 -0.42
CA ALA G 113 4.37 -99.90 -1.49
C ALA G 113 3.08 -99.07 -1.51
N LEU G 114 2.84 -98.32 -0.44
CA LEU G 114 1.63 -97.52 -0.32
C LEU G 114 1.56 -96.41 -1.37
N LEU G 115 2.71 -96.02 -1.89
CA LEU G 115 2.77 -94.98 -2.92
C LEU G 115 2.08 -95.46 -4.21
N ASP G 116 1.93 -96.77 -4.35
CA ASP G 116 1.31 -97.36 -5.53
C ASP G 116 -0.22 -97.38 -5.40
N GLY G 117 -0.72 -97.23 -4.18
CA GLY G 117 -2.15 -97.29 -3.92
C GLY G 117 -2.93 -96.21 -4.66
N LYS G 118 -2.26 -95.13 -5.00
CA LYS G 118 -2.90 -94.01 -5.70
C LYS G 118 -3.05 -94.32 -7.19
N SER G 119 -1.99 -94.85 -7.79
CA SER G 119 -1.96 -95.13 -9.22
C SER G 119 -2.38 -96.57 -9.53
N ARG G 120 -3.26 -97.13 -8.70
CA ARG G 120 -3.80 -98.47 -8.91
C ARG G 120 -5.24 -98.59 -8.44
N PHE G 121 -5.56 -97.94 -7.33
CA PHE G 121 -6.90 -98.01 -6.75
C PHE G 121 -7.56 -96.65 -6.66
N ASN G 122 -6.88 -95.62 -7.14
CA ASN G 122 -7.39 -94.25 -7.07
C ASN G 122 -7.75 -93.86 -5.64
N ALA G 123 -7.06 -94.46 -4.68
CA ALA G 123 -7.32 -94.23 -3.25
C ALA G 123 -5.99 -94.01 -2.55
N GLN G 124 -5.52 -92.77 -2.59
CA GLN G 124 -4.26 -92.41 -1.94
C GLN G 124 -4.39 -92.58 -0.44
N PRO G 125 -3.62 -93.52 0.16
CA PRO G 125 -3.73 -93.68 1.61
C PRO G 125 -3.28 -92.42 2.36
N ARG G 126 -4.24 -91.59 2.73
CA ARG G 126 -3.95 -90.34 3.42
C ARG G 126 -4.07 -90.53 4.93
N LEU G 127 -3.63 -91.70 5.40
CA LEU G 127 -3.68 -92.03 6.81
C LEU G 127 -2.88 -93.31 7.06
N LEU G 128 -1.57 -93.15 7.25
CA LEU G 128 -0.69 -94.29 7.46
C LEU G 128 -0.88 -94.91 8.84
N VAL G 129 -0.43 -96.15 8.97
CA VAL G 129 -0.54 -96.89 10.23
C VAL G 129 0.24 -98.20 10.09
N ALA G 130 0.94 -98.59 11.15
CA ALA G 130 1.75 -99.81 11.14
C ALA G 130 1.70 -100.46 12.53
N PRO G 131 0.60 -101.17 12.85
CA PRO G 131 0.42 -101.77 14.18
C PRO G 131 1.53 -102.78 14.51
N GLY G 132 2.07 -102.69 15.73
CA GLY G 132 3.13 -103.57 16.16
C GLY G 132 4.50 -103.03 15.77
N HIS G 133 4.65 -102.70 14.49
CA HIS G 133 5.92 -102.16 13.97
C HIS G 133 5.91 -100.64 13.94
N SER G 134 6.19 -100.03 15.08
CA SER G 134 6.29 -98.58 15.19
C SER G 134 7.10 -98.17 16.42
N ALA G 135 7.13 -99.04 17.44
CA ALA G 135 7.92 -98.80 18.64
C ALA G 135 9.41 -98.77 18.29
N GLN G 136 9.77 -99.43 17.20
CA GLN G 136 11.15 -99.43 16.74
C GLN G 136 11.48 -98.09 16.08
N GLN G 137 12.62 -97.54 16.46
CA GLN G 137 13.06 -96.23 15.96
C GLN G 137 13.22 -96.22 14.45
N ALA G 138 13.51 -97.39 13.88
CA ALA G 138 13.80 -97.51 12.46
C ALA G 138 12.57 -97.27 11.59
N VAL G 139 11.59 -98.17 11.72
CA VAL G 139 10.38 -98.13 10.91
C VAL G 139 9.58 -96.85 11.12
N ALA G 140 9.76 -96.23 12.28
CA ALA G 140 9.01 -95.02 12.63
C ALA G 140 9.37 -93.85 11.72
N THR G 141 10.65 -93.77 11.34
CA THR G 141 11.12 -92.69 10.47
C THR G 141 10.63 -92.89 9.04
N ALA G 142 10.52 -94.14 8.62
CA ALA G 142 9.99 -94.47 7.30
C ALA G 142 8.55 -94.01 7.19
N MET G 143 7.82 -94.13 8.29
CA MET G 143 6.44 -93.66 8.37
C MET G 143 6.39 -92.14 8.26
N ASP G 144 7.42 -91.48 8.78
CA ASP G 144 7.52 -90.02 8.75
C ASP G 144 7.80 -89.55 7.32
N GLY G 145 8.79 -90.15 6.70
CA GLY G 145 9.21 -89.75 5.36
C GLY G 145 8.15 -90.06 4.33
N LEU G 146 7.46 -91.19 4.52
CA LEU G 146 6.44 -91.64 3.58
C LEU G 146 5.19 -90.77 3.66
N ALA G 147 4.89 -90.25 4.85
CA ALA G 147 3.69 -89.44 5.07
C ALA G 147 3.75 -88.15 4.25
N GLU G 148 4.95 -87.59 4.12
CA GLU G 148 5.14 -86.35 3.37
C GLU G 148 4.95 -86.58 1.87
N LYS G 149 5.19 -87.81 1.42
CA LYS G 149 4.98 -88.16 0.03
C LYS G 149 3.50 -88.29 -0.27
N LEU G 150 2.75 -88.76 0.73
CA LEU G 150 1.32 -88.98 0.59
C LEU G 150 0.49 -87.88 1.26
N ARG G 151 1.17 -86.95 1.92
CA ARG G 151 0.51 -85.89 2.68
C ARG G 151 -0.46 -86.49 3.69
N ALA G 152 -0.05 -87.61 4.30
CA ALA G 152 -0.91 -88.34 5.24
C ALA G 152 -0.55 -87.98 6.68
N ILE G 153 -1.09 -88.74 7.61
CA ILE G 153 -0.79 -88.57 9.04
C ILE G 153 -0.47 -89.92 9.65
N ALA G 154 0.81 -90.24 9.69
CA ALA G 154 1.27 -91.53 10.20
C ALA G 154 1.01 -91.68 11.70
N ILE G 155 0.17 -92.64 12.06
CA ILE G 155 -0.15 -92.92 13.45
C ILE G 155 0.81 -93.97 14.00
N LEU G 156 1.73 -93.52 14.85
CA LEU G 156 2.68 -94.42 15.50
C LEU G 156 2.05 -95.03 16.75
N ASP G 157 2.83 -95.86 17.44
CA ASP G 157 2.39 -96.47 18.68
C ASP G 157 3.61 -96.84 19.54
N GLY G 158 3.98 -95.93 20.43
CA GLY G 158 5.18 -96.12 21.25
C GLY G 158 5.05 -97.29 22.22
N PRO G 159 6.18 -97.73 22.78
CA PRO G 159 6.20 -98.88 23.70
C PRO G 159 5.49 -98.56 25.01
N ASN G 160 4.87 -99.58 25.61
CA ASN G 160 4.18 -99.42 26.89
C ASN G 160 5.21 -99.25 28.01
N SER G 161 5.52 -100.33 28.71
CA SER G 161 6.50 -100.30 29.79
C SER G 161 6.14 -99.23 30.82
N THR G 162 6.39 -97.98 30.47
CA THR G 162 6.12 -96.85 31.36
C THR G 162 6.02 -95.54 30.58
N ASP G 163 5.66 -94.46 31.28
CA ASP G 163 5.48 -93.16 30.66
C ASP G 163 6.81 -92.52 30.30
N GLU G 164 7.83 -92.78 31.12
CA GLU G 164 9.16 -92.22 30.91
C GLU G 164 9.72 -92.64 29.55
N ALA G 165 9.43 -93.88 29.16
CA ALA G 165 9.91 -94.43 27.89
C ALA G 165 9.14 -93.88 26.70
N ALA G 166 7.93 -93.39 26.95
CA ALA G 166 7.07 -92.85 25.90
C ALA G 166 7.47 -91.42 25.56
N VAL G 167 7.80 -90.64 26.59
CA VAL G 167 8.21 -89.26 26.40
C VAL G 167 9.58 -89.19 25.72
N ALA G 168 10.48 -90.07 26.14
CA ALA G 168 11.84 -90.13 25.59
C ALA G 168 11.82 -90.59 24.14
N TYR G 169 10.72 -91.22 23.73
CA TYR G 169 10.57 -91.72 22.37
C TYR G 169 10.04 -90.63 21.43
N ALA G 170 9.10 -89.84 21.93
CA ALA G 170 8.50 -88.76 21.16
C ALA G 170 9.49 -87.62 20.94
N LYS G 171 10.42 -87.48 21.87
CA LYS G 171 11.44 -86.43 21.80
C LYS G 171 12.31 -86.56 20.55
N ASN G 172 12.27 -87.73 19.92
CA ASN G 172 13.05 -87.97 18.71
C ASN G 172 12.47 -87.30 17.46
N PHE G 173 11.16 -87.42 17.29
CA PHE G 173 10.49 -86.88 16.11
C PHE G 173 10.03 -85.45 16.33
N GLY G 174 9.62 -84.79 15.25
CA GLY G 174 9.11 -83.44 15.32
C GLY G 174 8.43 -82.99 14.04
N SER G 175 7.93 -83.96 13.26
CA SER G 175 7.30 -83.66 11.97
C SER G 175 5.80 -83.44 12.13
N LYS G 176 5.24 -82.63 11.25
CA LYS G 176 3.81 -82.33 11.24
C LYS G 176 2.95 -83.59 11.16
N ARG G 177 3.46 -84.60 10.47
CA ARG G 177 2.69 -85.78 10.13
C ARG G 177 3.05 -86.98 10.99
N LEU G 178 2.86 -86.83 12.30
CA LEU G 178 3.07 -87.93 13.24
C LEU G 178 2.16 -87.76 14.43
N PHE G 179 1.33 -88.77 14.66
CA PHE G 179 0.34 -88.74 15.74
C PHE G 179 0.45 -90.03 16.54
N MET G 180 1.36 -90.03 17.52
CA MET G 180 1.66 -91.24 18.28
C MET G 180 0.70 -91.42 19.44
N VAL G 181 0.45 -92.68 19.78
CA VAL G 181 -0.34 -93.04 20.95
C VAL G 181 0.48 -94.01 21.79
N ASP G 182 0.65 -93.69 23.07
CA ASP G 182 1.55 -94.43 23.95
C ASP G 182 0.90 -95.67 24.58
N PRO G 183 -0.13 -95.48 25.42
CA PRO G 183 -0.67 -96.63 26.14
C PRO G 183 -1.30 -97.68 25.20
N GLY G 184 -0.76 -98.90 25.21
CA GLY G 184 -1.24 -99.95 24.34
C GLY G 184 -2.51 -100.58 24.87
N VAL G 185 -3.62 -100.27 24.23
CA VAL G 185 -4.91 -100.85 24.60
C VAL G 185 -4.89 -102.36 24.41
N GLN G 186 -5.63 -103.08 25.26
CA GLN G 186 -5.70 -104.53 25.15
C GLN G 186 -7.09 -104.97 24.68
N VAL G 187 -7.12 -105.80 23.65
CA VAL G 187 -8.36 -106.29 23.07
C VAL G 187 -8.55 -107.76 23.43
N TRP G 188 -9.80 -108.22 23.40
CA TRP G 188 -10.09 -109.61 23.67
C TRP G 188 -9.96 -110.43 22.37
N ASP G 189 -8.82 -111.08 22.20
CA ASP G 189 -8.58 -111.89 21.00
C ASP G 189 -9.51 -113.10 20.97
N SER G 190 -10.03 -113.40 19.79
CA SER G 190 -10.97 -114.52 19.62
C SER G 190 -10.24 -115.86 19.64
N ALA G 191 -9.04 -115.89 19.07
CA ALA G 191 -8.26 -117.12 18.97
C ALA G 191 -7.70 -117.56 20.32
N THR G 192 -7.23 -116.58 21.10
CA THR G 192 -6.63 -116.85 22.40
C THR G 192 -7.68 -117.04 23.47
N ASN G 193 -8.87 -116.50 23.22
CA ASN G 193 -9.99 -116.62 24.14
C ASN G 193 -9.65 -115.99 25.50
N ALA G 194 -8.91 -114.89 25.49
CA ALA G 194 -8.55 -114.18 26.72
C ALA G 194 -8.01 -112.80 26.37
N ALA G 195 -7.49 -112.11 27.38
CA ALA G 195 -6.91 -110.79 27.19
C ALA G 195 -5.71 -110.86 26.25
N ARG G 196 -5.46 -109.76 25.55
CA ARG G 196 -4.38 -109.72 24.57
C ARG G 196 -4.03 -108.28 24.22
N ASN G 197 -2.81 -107.87 24.56
CA ASN G 197 -2.37 -106.51 24.32
C ASN G 197 -2.22 -106.20 22.84
N ALA G 198 -2.70 -105.02 22.44
CA ALA G 198 -2.65 -104.57 21.05
C ALA G 198 -1.81 -103.29 20.94
N PRO G 199 -1.35 -102.96 19.72
CA PRO G 199 -0.54 -101.74 19.53
C PRO G 199 -1.35 -100.45 19.60
N ALA G 200 -2.68 -100.55 19.56
CA ALA G 200 -3.56 -99.39 19.66
C ALA G 200 -3.34 -98.41 18.50
N SER G 201 -2.68 -98.87 17.44
CA SER G 201 -2.39 -98.04 16.29
C SER G 201 -3.57 -98.05 15.33
N ALA G 202 -4.02 -99.26 14.99
CA ALA G 202 -5.14 -99.43 14.07
C ALA G 202 -6.45 -98.94 14.68
N TYR G 203 -6.58 -99.08 15.99
CA TYR G 203 -7.77 -98.63 16.69
C TYR G 203 -7.89 -97.11 16.62
N ALA G 204 -6.75 -96.43 16.73
CA ALA G 204 -6.70 -94.97 16.64
C ALA G 204 -6.88 -94.54 15.18
N ALA G 205 -6.53 -95.41 14.25
CA ALA G 205 -6.67 -95.13 12.82
C ALA G 205 -8.13 -95.23 12.39
N GLY G 206 -8.77 -96.33 12.77
CA GLY G 206 -10.17 -96.54 12.46
C GLY G 206 -11.03 -95.48 13.14
N LEU G 207 -10.56 -95.02 14.29
CA LEU G 207 -11.24 -93.97 15.05
C LEU G 207 -11.33 -92.68 14.24
N PHE G 208 -10.27 -92.35 13.53
CA PHE G 208 -10.27 -91.17 12.65
C PHE G 208 -11.33 -91.34 11.57
N ALA G 209 -11.32 -92.50 10.93
CA ALA G 209 -12.21 -92.80 9.81
C ALA G 209 -13.68 -92.66 10.23
N TRP G 210 -13.94 -92.87 11.51
CA TRP G 210 -15.28 -92.74 12.05
C TRP G 210 -15.71 -91.27 12.09
N THR G 211 -14.82 -90.42 12.58
CA THR G 211 -15.10 -88.98 12.70
C THR G 211 -15.08 -88.31 11.33
N ASP G 212 -14.18 -88.76 10.47
CA ASP G 212 -14.04 -88.20 9.13
C ASP G 212 -15.28 -88.48 8.28
N ALA G 213 -15.82 -89.68 8.41
CA ALA G 213 -17.02 -90.06 7.67
C ALA G 213 -18.26 -89.42 8.30
N GLU G 214 -18.20 -89.21 9.62
CA GLU G 214 -19.33 -88.65 10.36
C GLU G 214 -19.32 -87.13 10.32
N TYR G 215 -18.49 -86.52 11.17
CA TYR G 215 -18.40 -85.07 11.25
C TYR G 215 -17.70 -84.52 10.01
N GLY G 216 -16.46 -84.96 9.80
CA GLY G 216 -15.65 -84.52 8.68
C GLY G 216 -14.17 -84.61 8.99
N PHE G 217 -13.35 -84.58 7.96
CA PHE G 217 -11.90 -84.62 8.12
C PHE G 217 -11.42 -83.45 8.98
N TRP G 218 -12.15 -82.34 8.90
CA TRP G 218 -11.81 -81.14 9.67
C TRP G 218 -12.14 -81.32 11.14
N SER G 219 -12.98 -82.31 11.46
CA SER G 219 -13.33 -82.57 12.85
C SER G 219 -12.18 -83.26 13.57
N SER G 220 -11.96 -82.89 14.83
CA SER G 220 -10.90 -83.51 15.62
C SER G 220 -11.32 -84.93 16.03
N PRO G 221 -10.38 -85.88 15.99
CA PRO G 221 -10.68 -87.27 16.35
C PRO G 221 -10.72 -87.50 17.86
N SER G 222 -9.95 -86.69 18.60
CA SER G 222 -9.83 -86.85 20.04
C SER G 222 -11.17 -86.81 20.77
N ASN G 223 -11.20 -87.33 21.99
CA ASN G 223 -12.41 -87.34 22.81
C ASN G 223 -13.55 -88.10 22.14
N LYS G 224 -13.20 -89.12 21.37
CA LYS G 224 -14.19 -90.00 20.74
C LYS G 224 -13.92 -91.43 21.19
N GLU G 225 -14.98 -92.11 21.63
CA GLU G 225 -14.85 -93.43 22.21
C GLU G 225 -14.48 -94.48 21.18
N ILE G 226 -13.56 -95.37 21.57
CA ILE G 226 -13.11 -96.44 20.69
C ILE G 226 -13.73 -97.77 21.12
N LYS G 227 -14.19 -98.55 20.14
CA LYS G 227 -14.80 -99.85 20.40
C LYS G 227 -13.79 -100.97 20.21
N GLY G 228 -14.18 -102.19 20.57
CA GLY G 228 -13.33 -103.34 20.41
C GLY G 228 -12.16 -103.31 21.38
N VAL G 229 -12.47 -103.04 22.64
CA VAL G 229 -11.46 -102.93 23.69
C VAL G 229 -11.95 -103.68 24.94
N THR G 230 -11.11 -103.74 25.96
CA THR G 230 -11.44 -104.46 27.19
C THR G 230 -10.41 -104.19 28.29
N GLY G 231 -9.85 -102.98 28.30
CA GLY G 231 -8.83 -102.61 29.26
C GLY G 231 -7.66 -101.95 28.54
N THR G 232 -6.76 -101.34 29.30
CA THR G 232 -5.62 -100.64 28.71
C THR G 232 -4.36 -100.90 29.53
N SER G 233 -3.31 -101.31 28.83
CA SER G 233 -2.00 -101.54 29.46
C SER G 233 -1.52 -100.26 30.11
N ARG G 234 -1.12 -100.36 31.38
CA ARG G 234 -0.68 -99.21 32.16
C ARG G 234 -1.81 -98.20 32.29
N PRO G 235 -2.65 -98.33 33.34
CA PRO G 235 -3.81 -97.45 33.46
C PRO G 235 -3.41 -95.99 33.64
N VAL G 236 -3.48 -95.22 32.55
CA VAL G 236 -3.17 -93.80 32.60
C VAL G 236 -4.27 -93.09 33.38
N GLU G 237 -3.89 -92.45 34.48
CA GLU G 237 -4.85 -91.80 35.37
C GLU G 237 -5.40 -90.52 34.76
N PHE G 238 -6.63 -90.18 35.10
CA PHE G 238 -7.24 -88.94 34.66
C PHE G 238 -8.28 -88.46 35.66
N LEU G 239 -7.99 -87.33 36.29
CA LEU G 239 -8.90 -86.75 37.28
C LEU G 239 -10.07 -86.06 36.58
N ASP G 240 -10.99 -85.51 37.37
CA ASP G 240 -12.16 -84.83 36.82
C ASP G 240 -11.74 -83.56 36.08
N GLY G 241 -10.80 -82.81 36.66
CA GLY G 241 -10.33 -81.58 36.06
C GLY G 241 -9.13 -81.02 36.81
N ASP G 242 -7.95 -81.50 36.45
CA ASP G 242 -6.71 -81.02 37.07
C ASP G 242 -5.51 -81.34 36.19
N GLU G 243 -4.58 -80.39 36.10
CA GLU G 243 -3.37 -80.57 35.29
C GLU G 243 -2.39 -81.55 35.93
N THR G 244 -2.69 -81.96 37.16
CA THR G 244 -1.83 -82.87 37.91
C THR G 244 -1.93 -84.30 37.39
N CYS G 245 -3.03 -84.60 36.70
CA CYS G 245 -3.25 -85.94 36.18
C CYS G 245 -2.20 -86.29 35.14
N ARG G 246 -1.90 -87.57 35.01
CA ARG G 246 -0.82 -88.03 34.16
C ARG G 246 -1.22 -88.03 32.69
N ALA G 247 -2.52 -88.14 32.43
CA ALA G 247 -3.03 -88.13 31.06
C ALA G 247 -2.66 -86.82 30.37
N ASN G 248 -2.58 -85.75 31.15
CA ASN G 248 -2.25 -84.43 30.63
C ASN G 248 -0.77 -84.29 30.30
N LEU G 249 0.08 -84.84 31.18
CA LEU G 249 1.53 -84.71 31.02
C LEU G 249 2.03 -85.32 29.71
N LEU G 250 1.40 -86.40 29.27
CA LEU G 250 1.78 -87.03 28.01
C LEU G 250 1.36 -86.17 26.81
N ASN G 251 0.25 -85.45 26.97
CA ASN G 251 -0.22 -84.56 25.92
C ASN G 251 0.71 -83.36 25.74
N ASN G 252 1.40 -82.99 26.81
CA ASN G 252 2.40 -81.92 26.74
C ASN G 252 3.59 -82.35 25.91
N ALA G 253 3.85 -83.65 25.89
CA ALA G 253 4.92 -84.22 25.08
C ALA G 253 4.39 -84.65 23.71
N ASN G 254 3.21 -84.14 23.34
CA ASN G 254 2.59 -84.47 22.06
C ASN G 254 2.35 -85.97 21.95
N ILE G 255 1.45 -86.48 22.80
CA ILE G 255 1.13 -87.91 22.80
C ILE G 255 -0.36 -88.13 23.04
N ALA G 256 -0.94 -89.04 22.26
CA ALA G 256 -2.33 -89.43 22.43
C ALA G 256 -2.42 -90.53 23.48
N THR G 257 -3.52 -90.54 24.23
CA THR G 257 -3.70 -91.51 25.30
C THR G 257 -5.15 -91.94 25.43
N ILE G 258 -5.36 -93.19 25.84
CA ILE G 258 -6.69 -93.73 26.09
C ILE G 258 -6.99 -93.65 27.58
N ILE G 259 -7.98 -92.85 27.94
CA ILE G 259 -8.26 -92.56 29.34
C ILE G 259 -9.36 -93.44 29.92
N ARG G 260 -9.45 -93.42 31.25
CA ARG G 260 -10.47 -94.15 32.00
C ARG G 260 -10.38 -95.67 31.81
N ASP G 261 -11.20 -96.38 32.57
CA ASP G 261 -11.18 -97.84 32.58
C ASP G 261 -11.56 -98.39 31.22
N ASP G 262 -11.29 -99.69 31.02
CA ASP G 262 -11.65 -100.39 29.79
C ASP G 262 -11.01 -99.75 28.57
N GLY G 263 -11.50 -98.57 28.20
CA GLY G 263 -11.03 -97.86 27.02
C GLY G 263 -12.10 -96.86 26.62
N TYR G 264 -12.45 -95.99 27.56
CA TYR G 264 -13.54 -95.04 27.39
C TYR G 264 -13.37 -94.19 26.14
N ARG G 265 -12.22 -93.53 26.02
CA ARG G 265 -11.98 -92.67 24.87
C ARG G 265 -10.51 -92.29 24.70
N LEU G 266 -10.15 -91.88 23.49
CA LEU G 266 -8.80 -91.44 23.17
C LEU G 266 -8.79 -89.94 22.95
N TRP G 267 -7.69 -89.28 23.34
CA TRP G 267 -7.51 -87.87 23.04
C TRP G 267 -6.03 -87.48 23.06
N GLY G 268 -5.75 -86.23 22.68
CA GLY G 268 -4.40 -85.73 22.60
C GLY G 268 -4.15 -85.23 21.18
N ASN G 269 -4.77 -84.10 20.85
CA ASN G 269 -4.72 -83.56 19.50
C ASN G 269 -3.32 -83.17 19.05
N ARG G 270 -2.45 -82.90 20.02
CA ARG G 270 -1.09 -82.47 19.72
C ARG G 270 -0.33 -83.52 18.91
N THR G 271 0.03 -83.15 17.68
CA THR G 271 0.87 -84.00 16.84
C THR G 271 2.33 -83.74 17.19
N LEU G 272 3.17 -84.75 17.04
CA LEU G 272 4.59 -84.63 17.35
C LEU G 272 5.27 -83.60 16.47
N SER G 273 4.97 -82.31 16.71
CA SER G 273 5.50 -81.23 15.87
C SER G 273 6.10 -80.12 16.73
N SER G 274 7.27 -79.64 16.32
CA SER G 274 7.94 -78.55 17.01
C SER G 274 7.25 -77.22 16.72
N ASP G 275 6.94 -76.97 15.45
CA ASP G 275 6.26 -75.75 15.05
C ASP G 275 4.86 -75.70 15.65
N SER G 276 4.61 -74.70 16.51
CA SER G 276 3.33 -74.58 17.19
C SER G 276 2.19 -74.22 16.24
N LYS G 277 2.55 -73.82 15.01
CA LYS G 277 1.55 -73.50 14.01
C LYS G 277 0.78 -74.75 13.59
N TRP G 278 1.49 -75.88 13.53
CA TRP G 278 0.90 -77.16 13.15
C TRP G 278 0.79 -78.05 14.37
N ALA G 279 0.39 -77.46 15.50
CA ALA G 279 0.31 -78.18 16.76
C ALA G 279 -0.81 -79.22 16.73
N PHE G 280 -1.96 -78.83 16.18
CA PHE G 280 -3.10 -79.73 16.11
C PHE G 280 -2.97 -80.66 14.91
N VAL G 281 -3.41 -81.90 15.09
CA VAL G 281 -3.44 -82.87 14.01
C VAL G 281 -4.50 -82.47 13.00
N THR G 282 -5.49 -81.69 13.47
CA THR G 282 -6.57 -81.20 12.63
C THR G 282 -6.07 -80.35 11.48
N ARG G 283 -5.27 -79.33 11.82
CA ARG G 283 -4.76 -78.39 10.83
C ARG G 283 -3.97 -79.11 9.73
N VAL G 284 -3.14 -80.06 10.15
CA VAL G 284 -2.33 -80.83 9.22
C VAL G 284 -3.24 -81.66 8.31
N ARG G 285 -4.39 -82.06 8.84
CA ARG G 285 -5.31 -82.93 8.11
C ARG G 285 -6.16 -82.16 7.11
N THR G 286 -6.49 -80.91 7.45
CA THR G 286 -7.30 -80.06 6.57
C THR G 286 -6.44 -79.44 5.48
N MET G 287 -5.24 -79.03 5.85
CA MET G 287 -4.33 -78.36 4.93
C MET G 287 -3.83 -79.31 3.85
N ASP G 288 -3.48 -80.51 4.27
CA ASP G 288 -3.02 -81.54 3.34
C ASP G 288 -4.13 -81.97 2.39
N LEU G 289 -5.37 -81.66 2.77
CA LEU G 289 -6.53 -82.05 1.98
C LEU G 289 -6.86 -80.99 0.91
N VAL G 290 -6.99 -79.74 1.35
CA VAL G 290 -7.32 -78.64 0.44
C VAL G 290 -6.19 -78.42 -0.57
N MET G 291 -4.97 -78.75 -0.17
CA MET G 291 -3.83 -78.63 -1.06
C MET G 291 -3.93 -79.68 -2.17
N ASP G 292 -4.13 -80.93 -1.77
CA ASP G 292 -4.26 -82.02 -2.74
C ASP G 292 -5.51 -81.87 -3.60
N ALA G 293 -6.50 -81.13 -3.08
CA ALA G 293 -7.73 -80.88 -3.82
C ALA G 293 -7.51 -79.84 -4.91
N ILE G 294 -6.83 -78.77 -4.55
CA ILE G 294 -6.52 -77.69 -5.49
C ILE G 294 -5.54 -78.18 -6.54
N LEU G 295 -4.61 -79.03 -6.10
CA LEU G 295 -3.61 -79.61 -7.00
C LEU G 295 -4.29 -80.48 -8.04
N ALA G 296 -5.03 -81.49 -7.58
CA ALA G 296 -5.70 -82.44 -8.47
C ALA G 296 -6.96 -81.83 -9.10
N GLY G 297 -7.42 -80.70 -8.56
CA GLY G 297 -8.64 -80.07 -9.02
C GLY G 297 -8.45 -79.26 -10.28
N HIS G 298 -7.41 -78.42 -10.29
CA HIS G 298 -7.14 -77.54 -11.41
C HIS G 298 -6.18 -78.17 -12.40
N LYS G 299 -6.39 -79.47 -12.65
CA LYS G 299 -5.62 -80.21 -13.64
C LYS G 299 -6.20 -79.96 -15.04
N TRP G 300 -7.43 -79.44 -15.07
CA TRP G 300 -8.11 -79.12 -16.33
C TRP G 300 -7.54 -77.86 -16.94
N ALA G 301 -7.08 -76.95 -16.09
CA ALA G 301 -6.56 -75.66 -16.54
C ALA G 301 -5.21 -75.86 -17.23
N VAL G 302 -4.14 -75.76 -16.45
CA VAL G 302 -2.77 -75.88 -16.97
C VAL G 302 -2.59 -74.92 -18.15
N ASP G 303 -1.84 -75.31 -19.17
CA ASP G 303 -1.58 -74.42 -20.31
C ASP G 303 -2.87 -74.11 -21.05
N ARG G 304 -3.34 -72.88 -20.88
CA ARG G 304 -4.57 -72.41 -21.52
C ARG G 304 -4.55 -70.89 -21.60
N GLY G 305 -5.28 -70.34 -22.54
CA GLY G 305 -5.32 -68.90 -22.76
C GLY G 305 -5.61 -68.13 -21.49
N ILE G 306 -4.60 -67.40 -21.00
CA ILE G 306 -4.71 -66.68 -19.74
C ILE G 306 -5.41 -65.33 -19.94
N THR G 307 -6.62 -65.38 -20.46
CA THR G 307 -7.43 -64.18 -20.63
C THR G 307 -8.04 -63.78 -19.30
N LYS G 308 -8.49 -62.53 -19.20
CA LYS G 308 -9.14 -62.02 -17.99
C LYS G 308 -10.28 -62.93 -17.52
N THR G 309 -10.93 -63.60 -18.47
CA THR G 309 -12.00 -64.53 -18.16
C THR G 309 -11.44 -65.74 -17.41
N TYR G 310 -10.34 -66.28 -17.92
CA TYR G 310 -9.71 -67.46 -17.35
C TYR G 310 -9.31 -67.24 -15.90
N VAL G 311 -8.74 -66.06 -15.61
CA VAL G 311 -8.33 -65.74 -14.25
C VAL G 311 -9.54 -65.71 -13.31
N LYS G 312 -10.62 -65.07 -13.76
CA LYS G 312 -11.85 -65.00 -12.99
C LYS G 312 -12.51 -66.38 -12.86
N ASP G 313 -12.40 -67.20 -13.91
CA ASP G 313 -12.98 -68.54 -13.89
C ASP G 313 -12.30 -69.40 -12.82
N VAL G 314 -11.00 -69.20 -12.66
CA VAL G 314 -10.23 -69.92 -11.65
C VAL G 314 -10.45 -69.25 -10.30
N THR G 315 -10.49 -67.92 -10.28
CA THR G 315 -10.73 -67.18 -9.05
C THR G 315 -12.10 -67.53 -8.46
N GLU G 316 -13.12 -67.51 -9.32
CA GLU G 316 -14.47 -67.88 -8.90
C GLU G 316 -14.56 -69.36 -8.57
N GLY G 317 -13.61 -70.14 -9.09
CA GLY G 317 -13.55 -71.56 -8.79
C GLY G 317 -13.16 -71.79 -7.34
N LEU G 318 -12.29 -70.92 -6.83
CA LEU G 318 -11.85 -70.97 -5.44
C LEU G 318 -12.87 -70.30 -4.53
N ARG G 319 -13.50 -69.24 -5.02
CA ARG G 319 -14.54 -68.54 -4.27
C ARG G 319 -15.65 -69.52 -3.89
N ALA G 320 -16.20 -70.19 -4.89
CA ALA G 320 -17.30 -71.13 -4.69
C ALA G 320 -16.83 -72.34 -3.88
N PHE G 321 -15.62 -72.80 -4.18
CA PHE G 321 -15.06 -73.98 -3.52
C PHE G 321 -14.91 -73.76 -2.01
N MET G 322 -14.19 -72.71 -1.65
CA MET G 322 -13.95 -72.39 -0.23
C MET G 322 -15.24 -72.08 0.50
N ARG G 323 -16.20 -71.49 -0.21
CA ARG G 323 -17.49 -71.18 0.39
C ARG G 323 -18.27 -72.44 0.70
N ASP G 324 -17.99 -73.51 -0.04
CA ASP G 324 -18.62 -74.81 0.23
C ASP G 324 -17.98 -75.46 1.46
N LEU G 325 -16.79 -74.99 1.83
CA LEU G 325 -16.11 -75.44 3.04
C LEU G 325 -16.52 -74.60 4.25
N LYS G 326 -16.86 -73.34 3.99
CA LYS G 326 -17.22 -72.42 5.05
C LYS G 326 -18.58 -72.79 5.66
N ASN G 327 -19.60 -72.82 4.82
CA ASN G 327 -20.95 -73.17 5.26
C ASN G 327 -21.02 -74.61 5.78
N GLN G 328 -20.12 -75.45 5.27
CA GLN G 328 -20.03 -76.83 5.72
C GLN G 328 -19.38 -76.90 7.09
N GLY G 329 -18.58 -75.89 7.42
CA GLY G 329 -17.95 -75.79 8.73
C GLY G 329 -16.50 -76.25 8.73
N ALA G 330 -15.94 -76.50 7.54
CA ALA G 330 -14.56 -76.94 7.42
C ALA G 330 -13.61 -75.81 7.79
N VAL G 331 -14.00 -74.59 7.44
CA VAL G 331 -13.21 -73.40 7.72
C VAL G 331 -14.10 -72.30 8.29
N ILE G 332 -13.53 -71.40 9.08
CA ILE G 332 -14.29 -70.30 9.65
C ILE G 332 -14.53 -69.24 8.58
N ASN G 333 -13.45 -68.79 7.95
CA ASN G 333 -13.54 -67.81 6.88
C ASN G 333 -12.32 -67.89 5.99
N PHE G 334 -12.44 -67.38 4.78
CA PHE G 334 -11.37 -67.47 3.78
C PHE G 334 -11.24 -66.19 2.98
N GLU G 335 -10.29 -66.20 2.04
CA GLU G 335 -10.05 -65.07 1.16
C GLU G 335 -9.10 -65.51 0.06
N VAL G 336 -9.55 -65.40 -1.18
CA VAL G 336 -8.74 -65.82 -2.32
C VAL G 336 -8.73 -64.73 -3.39
N TYR G 337 -7.59 -64.54 -4.02
CA TYR G 337 -7.42 -63.47 -5.01
C TYR G 337 -6.07 -63.59 -5.70
N ALA G 338 -5.89 -62.83 -6.78
CA ALA G 338 -4.64 -62.81 -7.53
C ALA G 338 -3.75 -61.68 -7.02
N ASP G 339 -2.57 -62.01 -6.55
CA ASP G 339 -1.64 -61.02 -6.00
C ASP G 339 -1.15 -60.07 -7.09
N PRO G 340 -1.25 -58.74 -6.85
CA PRO G 340 -0.74 -57.77 -7.83
C PRO G 340 0.76 -57.89 -8.06
N ASP G 341 1.54 -58.05 -6.99
CA ASP G 341 2.99 -58.02 -7.08
C ASP G 341 3.54 -59.28 -7.76
N LEU G 342 3.00 -60.44 -7.39
CA LEU G 342 3.46 -61.71 -7.96
C LEU G 342 3.15 -61.78 -9.45
N ASN G 343 1.89 -61.54 -9.80
CA ASN G 343 1.46 -61.57 -11.18
C ASN G 343 2.07 -60.40 -11.96
N SER G 344 3.38 -60.46 -12.17
CA SER G 344 4.08 -59.43 -12.92
C SER G 344 3.97 -59.70 -14.41
N ALA G 345 4.26 -58.67 -15.21
CA ALA G 345 4.17 -58.79 -16.66
C ALA G 345 5.12 -59.86 -17.20
N SER G 346 6.21 -60.11 -16.46
CA SER G 346 7.21 -61.09 -16.88
C SER G 346 6.84 -62.49 -16.41
N GLN G 347 6.19 -62.59 -15.25
CA GLN G 347 5.80 -63.88 -14.71
C GLN G 347 4.70 -64.53 -15.56
N LEU G 348 3.72 -63.72 -15.97
CA LEU G 348 2.65 -64.21 -16.84
C LEU G 348 3.21 -64.60 -18.21
N ALA G 349 4.33 -63.99 -18.59
CA ALA G 349 4.96 -64.28 -19.88
C ALA G 349 5.74 -65.59 -19.84
N GLN G 350 5.78 -66.23 -18.67
CA GLN G 350 6.38 -67.55 -18.51
C GLN G 350 5.31 -68.60 -18.17
N GLY G 351 4.07 -68.16 -18.07
CA GLY G 351 2.95 -69.04 -17.77
C GLY G 351 2.56 -68.97 -16.30
N LYS G 352 3.49 -68.52 -15.45
CA LYS G 352 3.21 -68.42 -14.03
C LYS G 352 2.05 -67.45 -13.75
N VAL G 353 1.11 -67.92 -12.94
CA VAL G 353 0.00 -67.09 -12.47
C VAL G 353 -0.40 -67.57 -11.08
N TYR G 354 -0.40 -66.65 -10.12
CA TYR G 354 -0.56 -67.00 -8.72
C TYR G 354 -1.94 -66.61 -8.18
N TRP G 355 -2.39 -67.34 -7.16
CA TRP G 355 -3.62 -67.01 -6.45
C TRP G 355 -3.42 -67.20 -4.95
N ASN G 356 -3.34 -66.09 -4.23
CA ASN G 356 -3.07 -66.13 -2.79
C ASN G 356 -4.29 -66.61 -2.00
N ILE G 357 -4.30 -67.89 -1.66
CA ILE G 357 -5.35 -68.46 -0.82
C ILE G 357 -4.95 -68.35 0.64
N ARG G 358 -5.91 -68.01 1.49
CA ARG G 358 -5.66 -67.88 2.92
C ARG G 358 -6.95 -68.06 3.71
N PHE G 359 -6.86 -68.73 4.85
CA PHE G 359 -8.03 -69.01 5.68
C PHE G 359 -7.60 -69.50 7.06
N THR G 360 -8.57 -69.84 7.89
CA THR G 360 -8.31 -70.33 9.24
C THR G 360 -9.04 -71.65 9.47
N ASP G 361 -8.30 -72.75 9.42
CA ASP G 361 -8.86 -74.07 9.73
C ASP G 361 -9.38 -74.08 11.17
N VAL G 362 -10.49 -74.75 11.40
CA VAL G 362 -11.12 -74.77 12.72
C VAL G 362 -10.27 -75.55 13.73
N PRO G 363 -9.83 -74.88 14.82
CA PRO G 363 -9.07 -75.58 15.87
C PRO G 363 -9.99 -76.20 16.92
N PRO G 364 -9.68 -77.43 17.40
CA PRO G 364 -10.53 -78.03 18.44
C PRO G 364 -10.32 -77.38 19.80
N ALA G 365 -11.40 -76.92 20.42
CA ALA G 365 -11.34 -76.31 21.75
C ALA G 365 -10.91 -77.35 22.77
N GLU G 366 -9.61 -77.63 22.82
CA GLU G 366 -9.09 -78.69 23.67
C GLU G 366 -9.06 -78.33 25.15
N ASN G 367 -9.45 -77.09 25.48
CA ASN G 367 -9.43 -76.64 26.87
C ASN G 367 -10.33 -75.41 27.07
N PRO G 368 -11.66 -75.62 27.10
CA PRO G 368 -12.61 -74.53 27.36
C PRO G 368 -12.70 -74.19 28.84
N ASN G 369 -12.34 -72.95 29.19
CA ASN G 369 -12.38 -72.49 30.57
C ASN G 369 -13.73 -71.89 30.93
N PHE G 370 -13.98 -71.72 32.23
CA PHE G 370 -15.23 -71.15 32.72
C PHE G 370 -14.96 -70.28 33.94
N ARG G 371 -14.56 -69.04 33.69
CA ARG G 371 -14.25 -68.10 34.76
C ARG G 371 -15.49 -67.73 35.55
N VAL G 372 -16.00 -68.67 36.35
CA VAL G 372 -17.17 -68.41 37.18
C VAL G 372 -16.74 -67.66 38.44
N GLU G 373 -17.60 -66.76 38.91
CA GLU G 373 -17.29 -65.92 40.06
C GLU G 373 -18.54 -65.23 40.58
N VAL G 374 -18.86 -65.46 41.85
CA VAL G 374 -19.98 -64.80 42.48
C VAL G 374 -19.67 -63.34 42.75
N THR G 375 -20.67 -62.62 43.24
CA THR G 375 -20.51 -61.22 43.60
C THR G 375 -21.69 -60.77 44.44
N ASP G 376 -21.86 -59.46 44.56
CA ASP G 376 -22.94 -58.87 45.34
C ASP G 376 -23.60 -57.76 44.54
N GLN G 377 -23.65 -57.95 43.22
CA GLN G 377 -24.19 -56.95 42.32
C GLN G 377 -25.72 -56.96 42.32
N TRP G 378 -26.29 -58.07 41.87
CA TRP G 378 -27.75 -58.21 41.77
C TRP G 378 -28.35 -58.61 43.12
N LEU G 379 -28.19 -57.74 44.11
CA LEU G 379 -28.82 -57.95 45.42
C LEU G 379 -29.90 -56.92 45.67
N THR G 380 -29.66 -55.70 45.18
CA THR G 380 -30.63 -54.61 45.29
C THR G 380 -31.86 -54.90 44.43
N GLU G 381 -31.73 -55.86 43.52
CA GLU G 381 -32.84 -56.27 42.67
C GLU G 381 -33.93 -56.90 43.55
N VAL G 382 -33.51 -57.53 44.64
CA VAL G 382 -34.44 -58.10 45.60
C VAL G 382 -35.03 -56.99 46.46
N LEU G 383 -35.95 -56.23 45.87
CA LEU G 383 -36.53 -55.07 46.54
C LEU G 383 -37.73 -54.55 45.75
N ASP G 384 -37.52 -54.33 44.45
CA ASP G 384 -38.57 -53.84 43.58
C ASP G 384 -38.25 -54.17 42.12
N SER H 2 -44.38 -0.51 -70.10
CA SER H 2 -45.34 -1.18 -69.23
C SER H 2 -44.97 -2.65 -69.06
N PHE H 3 -44.59 -3.28 -70.17
CA PHE H 3 -44.19 -4.68 -70.20
C PHE H 3 -45.40 -5.59 -69.95
N PHE H 4 -45.76 -6.33 -70.99
CA PHE H 4 -46.89 -7.26 -70.97
C PHE H 4 -48.23 -6.54 -70.78
N HIS H 5 -48.50 -6.12 -69.54
CA HIS H 5 -49.77 -5.48 -69.19
C HIS H 5 -50.96 -6.38 -69.48
N GLY H 6 -51.19 -7.36 -68.61
CA GLY H 6 -52.32 -8.27 -68.74
C GLY H 6 -52.53 -9.07 -67.47
N VAL H 7 -52.19 -10.35 -67.53
CA VAL H 7 -52.29 -11.23 -66.38
C VAL H 7 -51.54 -12.52 -66.66
N THR H 8 -50.31 -12.60 -66.17
CA THR H 8 -49.46 -13.76 -66.41
C THR H 8 -49.85 -14.91 -65.50
N VAL H 9 -49.17 -16.03 -65.68
CA VAL H 9 -49.43 -17.22 -64.89
C VAL H 9 -48.27 -18.19 -65.14
N THR H 10 -47.05 -17.73 -64.89
CA THR H 10 -45.86 -18.52 -65.15
C THR H 10 -45.79 -19.75 -64.25
N ASN H 11 -45.51 -20.90 -64.86
CA ASN H 11 -45.37 -22.15 -64.12
C ASN H 11 -43.93 -22.30 -63.63
N VAL H 12 -43.72 -22.13 -62.34
CA VAL H 12 -42.38 -22.25 -61.77
C VAL H 12 -42.01 -23.73 -61.63
N ASP H 13 -41.16 -24.18 -62.53
CA ASP H 13 -40.77 -25.59 -62.59
C ASP H 13 -39.63 -25.88 -61.63
N ILE H 14 -39.97 -25.99 -60.34
CA ILE H 14 -38.98 -26.34 -59.31
C ILE H 14 -39.59 -27.34 -58.33
N GLY H 15 -38.74 -28.03 -57.59
CA GLY H 15 -39.16 -29.05 -56.65
C GLY H 15 -38.32 -30.30 -56.82
N ALA H 16 -38.30 -31.12 -55.77
CA ALA H 16 -37.52 -32.36 -55.80
C ALA H 16 -38.14 -33.38 -56.74
N ARG H 17 -37.44 -33.69 -57.83
CA ARG H 17 -37.91 -34.69 -58.78
C ARG H 17 -37.79 -36.09 -58.18
N THR H 18 -38.57 -37.02 -58.74
CA THR H 18 -38.54 -38.41 -58.31
C THR H 18 -37.45 -39.17 -59.05
N ILE H 19 -37.00 -40.28 -58.46
CA ILE H 19 -35.95 -41.10 -59.07
C ILE H 19 -36.32 -42.58 -58.97
N ALA H 20 -35.99 -43.32 -60.02
CA ALA H 20 -36.32 -44.74 -60.11
C ALA H 20 -35.06 -45.60 -60.17
N LEU H 21 -35.27 -46.92 -60.17
CA LEU H 21 -34.18 -47.89 -60.26
C LEU H 21 -34.24 -48.65 -61.58
N PRO H 22 -33.66 -48.08 -62.64
CA PRO H 22 -33.78 -48.68 -63.99
C PRO H 22 -33.04 -50.01 -64.12
N ALA H 23 -33.30 -50.72 -65.22
CA ALA H 23 -32.60 -51.97 -65.55
C ALA H 23 -32.84 -53.06 -64.51
N SER H 24 -32.41 -52.82 -63.27
CA SER H 24 -32.59 -53.76 -62.17
C SER H 24 -31.81 -55.05 -62.40
N SER H 25 -32.30 -55.89 -63.30
CA SER H 25 -31.66 -57.19 -63.56
C SER H 25 -32.03 -57.72 -64.94
N VAL H 26 -31.56 -57.05 -65.98
CA VAL H 26 -31.74 -57.53 -67.34
C VAL H 26 -30.53 -58.37 -67.73
N ILE H 27 -30.80 -59.55 -68.29
CA ILE H 27 -29.76 -60.50 -68.64
C ILE H 27 -29.23 -60.23 -70.04
N GLY H 28 -27.92 -60.37 -70.20
CA GLY H 28 -27.24 -60.18 -71.47
C GLY H 28 -26.53 -61.45 -71.87
N LEU H 29 -27.24 -62.31 -72.59
CA LEU H 29 -26.72 -63.62 -72.96
C LEU H 29 -26.18 -63.63 -74.39
N CYS H 30 -25.28 -64.57 -74.67
CA CYS H 30 -24.68 -64.68 -75.99
C CYS H 30 -24.07 -66.07 -76.19
N ASP H 31 -24.90 -67.01 -76.62
CA ASP H 31 -24.47 -68.37 -76.92
C ASP H 31 -24.42 -68.54 -78.43
N VAL H 32 -24.77 -69.71 -78.93
CA VAL H 32 -24.76 -69.98 -80.37
C VAL H 32 -26.05 -70.69 -80.79
N PHE H 33 -26.30 -70.70 -82.09
CA PHE H 33 -27.46 -71.40 -82.64
C PHE H 33 -27.24 -71.68 -84.12
N THR H 34 -28.30 -72.12 -84.80
CA THR H 34 -28.24 -72.46 -86.21
C THR H 34 -29.28 -71.66 -86.99
N PRO H 35 -28.86 -70.54 -87.61
CA PRO H 35 -29.82 -69.72 -88.37
C PRO H 35 -30.23 -70.41 -89.68
N GLY H 36 -31.50 -70.29 -90.05
CA GLY H 36 -32.00 -70.89 -91.27
C GLY H 36 -33.46 -70.59 -91.50
N ALA H 37 -34.32 -71.56 -91.19
CA ALA H 37 -35.75 -71.47 -91.46
C ALA H 37 -36.51 -70.95 -90.23
N GLN H 38 -36.69 -71.83 -89.24
CA GLN H 38 -37.45 -71.49 -88.04
C GLN H 38 -36.78 -70.40 -87.23
N ALA H 39 -35.48 -70.22 -87.43
CA ALA H 39 -34.73 -69.20 -86.71
C ALA H 39 -35.04 -67.81 -87.24
N SER H 40 -35.97 -67.12 -86.58
CA SER H 40 -36.39 -65.78 -87.00
C SER H 40 -35.29 -64.75 -86.74
N ALA H 41 -34.61 -64.90 -85.60
CA ALA H 41 -33.54 -63.98 -85.22
C ALA H 41 -32.38 -64.05 -86.21
N LYS H 42 -31.80 -62.90 -86.54
CA LYS H 42 -30.71 -62.86 -87.51
C LYS H 42 -29.46 -63.49 -86.90
N PRO H 43 -28.47 -63.84 -87.75
CA PRO H 43 -27.30 -64.60 -87.30
C PRO H 43 -26.38 -63.85 -86.32
N ASN H 44 -26.71 -62.64 -85.91
CA ASN H 44 -25.81 -61.88 -85.04
C ASN H 44 -26.43 -60.72 -84.27
N VAL H 45 -27.50 -60.11 -84.81
CA VAL H 45 -28.03 -58.89 -84.19
C VAL H 45 -28.67 -59.20 -82.83
N PRO H 46 -28.67 -58.22 -81.91
CA PRO H 46 -29.36 -58.42 -80.63
C PRO H 46 -30.87 -58.57 -80.81
N VAL H 47 -31.48 -59.48 -80.04
CA VAL H 47 -32.92 -59.68 -80.07
C VAL H 47 -33.44 -59.75 -78.64
N LEU H 48 -34.51 -59.01 -78.38
CA LEU H 48 -35.09 -58.97 -77.04
C LEU H 48 -36.02 -60.16 -76.83
N LEU H 49 -36.03 -60.68 -75.61
CA LEU H 49 -36.86 -61.82 -75.24
C LEU H 49 -37.73 -61.46 -74.04
N THR H 50 -38.61 -62.38 -73.66
CA THR H 50 -39.51 -62.17 -72.54
C THR H 50 -40.01 -63.51 -71.99
N SER H 51 -40.18 -64.48 -72.89
CA SER H 51 -40.64 -65.81 -72.51
C SER H 51 -40.07 -66.84 -73.48
N LYS H 52 -40.29 -68.12 -73.17
CA LYS H 52 -39.81 -69.20 -74.02
C LYS H 52 -40.39 -69.13 -75.42
N LYS H 53 -41.65 -68.73 -75.52
CA LYS H 53 -42.32 -68.58 -76.80
C LYS H 53 -41.58 -67.58 -77.69
N ASP H 54 -41.22 -66.44 -77.13
CA ASP H 54 -40.56 -65.39 -77.88
C ASP H 54 -39.12 -65.79 -78.23
N ALA H 55 -38.59 -66.75 -77.48
CA ALA H 55 -37.22 -67.23 -77.67
C ALA H 55 -37.18 -68.42 -78.62
N ALA H 56 -38.21 -69.26 -78.56
CA ALA H 56 -38.28 -70.47 -79.37
C ALA H 56 -38.35 -70.12 -80.86
N ALA H 57 -39.32 -69.28 -81.22
CA ALA H 57 -39.51 -68.87 -82.60
C ALA H 57 -38.35 -68.02 -83.10
N ALA H 58 -37.57 -67.48 -82.17
CA ALA H 58 -36.44 -66.60 -82.51
C ALA H 58 -35.22 -67.40 -82.96
N PHE H 59 -34.72 -68.25 -82.08
CA PHE H 59 -33.49 -69.01 -82.34
C PHE H 59 -33.80 -70.43 -82.81
N GLY H 60 -34.82 -71.03 -82.20
CA GLY H 60 -35.22 -72.38 -82.55
C GLY H 60 -35.00 -73.35 -81.41
N ILE H 61 -35.63 -74.52 -81.50
CA ILE H 61 -35.50 -75.55 -80.49
C ILE H 61 -34.24 -76.37 -80.76
N GLY H 62 -33.57 -76.79 -79.69
CA GLY H 62 -32.35 -77.58 -79.82
C GLY H 62 -31.12 -76.70 -79.91
N SER H 63 -31.30 -75.44 -80.29
CA SER H 63 -30.21 -74.49 -80.34
C SER H 63 -29.56 -74.37 -78.96
N SER H 64 -28.24 -74.40 -78.93
CA SER H 64 -27.49 -74.34 -77.66
C SER H 64 -27.83 -73.09 -76.85
N ILE H 65 -28.32 -72.07 -77.54
CA ILE H 65 -28.71 -70.82 -76.89
C ILE H 65 -30.07 -70.95 -76.21
N TYR H 66 -30.94 -71.76 -76.82
CA TYR H 66 -32.29 -71.96 -76.30
C TYR H 66 -32.26 -72.78 -75.02
N LEU H 67 -31.29 -73.69 -74.92
CA LEU H 67 -31.11 -74.50 -73.71
C LEU H 67 -30.66 -73.62 -72.54
N ALA H 68 -30.07 -72.47 -72.87
CA ALA H 68 -29.61 -71.52 -71.87
C ALA H 68 -30.75 -70.57 -71.47
N CYS H 69 -31.52 -70.12 -72.45
CA CYS H 69 -32.67 -69.26 -72.19
C CYS H 69 -33.75 -70.03 -71.43
N GLU H 70 -33.98 -71.27 -71.85
CA GLU H 70 -34.96 -72.13 -71.21
C GLU H 70 -34.57 -72.40 -69.76
N ALA H 71 -33.26 -72.48 -69.52
CA ALA H 71 -32.74 -72.70 -68.18
C ALA H 71 -33.02 -71.49 -67.27
N ILE H 72 -33.10 -70.31 -67.88
CA ILE H 72 -33.38 -69.08 -67.16
C ILE H 72 -34.88 -68.95 -66.89
N TYR H 73 -35.69 -69.17 -67.92
CA TYR H 73 -37.14 -69.00 -67.81
C TYR H 73 -37.78 -70.09 -66.95
N ASN H 74 -37.14 -71.26 -66.95
CA ASN H 74 -37.59 -72.35 -66.09
C ASN H 74 -37.41 -71.96 -64.63
N ARG H 75 -36.29 -71.33 -64.34
CA ARG H 75 -36.00 -70.81 -63.01
C ARG H 75 -36.93 -69.65 -62.67
N ALA H 76 -36.70 -68.51 -63.30
CA ALA H 76 -37.52 -67.33 -63.07
C ALA H 76 -37.52 -66.44 -64.32
N GLN H 77 -38.70 -65.96 -64.69
CA GLN H 77 -38.87 -65.16 -65.89
C GLN H 77 -38.13 -63.84 -65.79
N ALA H 78 -37.51 -63.42 -66.89
CA ALA H 78 -36.74 -62.19 -66.92
C ALA H 78 -36.48 -61.74 -68.34
N VAL H 79 -36.11 -60.48 -68.50
CA VAL H 79 -35.78 -59.92 -69.81
C VAL H 79 -34.37 -60.37 -70.21
N ILE H 80 -34.25 -60.89 -71.42
CA ILE H 80 -32.97 -61.36 -71.94
C ILE H 80 -32.70 -60.76 -73.31
N VAL H 81 -31.87 -59.72 -73.34
CA VAL H 81 -31.43 -59.15 -74.61
C VAL H 81 -30.35 -60.05 -75.21
N ALA H 82 -30.77 -61.23 -75.65
CA ALA H 82 -29.85 -62.24 -76.16
C ALA H 82 -29.29 -61.81 -77.51
N VAL H 83 -28.09 -62.28 -77.83
CA VAL H 83 -27.42 -61.98 -79.08
C VAL H 83 -27.45 -63.21 -79.98
N GLY H 84 -26.60 -64.19 -79.66
CA GLY H 84 -26.53 -65.42 -80.41
C GLY H 84 -25.76 -65.25 -81.70
N VAL H 85 -24.81 -66.17 -81.94
CA VAL H 85 -23.97 -66.11 -83.13
C VAL H 85 -23.89 -67.51 -83.77
N GLU H 86 -23.71 -67.52 -85.09
CA GLU H 86 -23.64 -68.78 -85.83
C GLU H 86 -22.44 -69.61 -85.37
N THR H 87 -22.63 -70.93 -85.32
CA THR H 87 -21.54 -71.83 -84.94
C THR H 87 -20.45 -71.84 -86.02
N ALA H 88 -19.21 -71.90 -85.58
CA ALA H 88 -18.06 -71.90 -86.49
C ALA H 88 -17.50 -73.30 -86.67
N GLU H 89 -16.42 -73.41 -87.44
CA GLU H 89 -15.79 -74.70 -87.71
C GLU H 89 -15.10 -75.26 -86.47
N THR H 90 -13.96 -74.68 -86.13
CA THR H 90 -13.20 -75.11 -84.95
C THR H 90 -13.73 -74.40 -83.70
N PRO H 91 -13.60 -75.05 -82.53
CA PRO H 91 -14.11 -74.48 -81.29
C PRO H 91 -13.33 -73.23 -80.86
N GLU H 92 -12.05 -73.17 -81.24
CA GLU H 92 -11.20 -72.03 -80.89
C GLU H 92 -11.63 -70.77 -81.63
N ALA H 93 -11.75 -70.89 -82.94
CA ALA H 93 -12.13 -69.77 -83.79
C ALA H 93 -13.58 -69.35 -83.56
N GLN H 94 -14.36 -70.24 -82.94
CA GLN H 94 -15.75 -69.94 -82.66
C GLN H 94 -15.85 -68.86 -81.59
N ALA H 95 -14.86 -68.82 -80.70
CA ALA H 95 -14.83 -67.84 -79.61
C ALA H 95 -14.67 -66.43 -80.18
N SER H 96 -14.10 -66.33 -81.38
CA SER H 96 -13.93 -65.03 -82.03
C SER H 96 -15.27 -64.41 -82.34
N ALA H 97 -16.16 -65.21 -82.92
CA ALA H 97 -17.51 -64.76 -83.24
C ALA H 97 -18.29 -64.46 -81.96
N VAL H 98 -17.97 -65.18 -80.89
CA VAL H 98 -18.61 -64.98 -79.60
C VAL H 98 -18.19 -63.63 -79.04
N ILE H 99 -16.89 -63.36 -79.00
CA ILE H 99 -16.39 -62.07 -78.54
C ILE H 99 -16.86 -61.00 -79.50
N GLY H 100 -16.55 -61.20 -80.79
CA GLY H 100 -17.02 -60.29 -81.83
C GLY H 100 -16.22 -59.01 -81.86
N GLY H 101 -15.58 -58.74 -82.99
CA GLY H 101 -14.81 -57.52 -83.16
C GLY H 101 -15.73 -56.33 -83.39
N ILE H 102 -16.07 -56.10 -84.65
CA ILE H 102 -16.94 -54.99 -85.02
C ILE H 102 -17.45 -55.10 -86.46
N SER H 103 -16.71 -55.84 -87.29
CA SER H 103 -17.10 -56.09 -88.68
C SER H 103 -17.01 -54.83 -89.53
N ALA H 104 -16.99 -55.00 -90.84
CA ALA H 104 -16.89 -53.89 -91.77
C ALA H 104 -18.19 -53.08 -91.81
N ALA H 105 -19.28 -53.71 -91.37
CA ALA H 105 -20.59 -53.05 -91.35
C ALA H 105 -20.61 -51.92 -90.32
N GLY H 106 -19.73 -52.01 -89.33
CA GLY H 106 -19.63 -51.01 -88.30
C GLY H 106 -20.44 -51.38 -87.07
N GLU H 107 -21.46 -52.21 -87.27
CA GLU H 107 -22.32 -52.65 -86.17
C GLU H 107 -21.59 -53.64 -85.27
N ARG H 108 -21.62 -53.38 -83.96
CA ARG H 108 -20.95 -54.23 -82.98
C ARG H 108 -21.45 -55.66 -83.06
N THR H 109 -20.53 -56.58 -83.32
CA THR H 109 -20.87 -58.00 -83.46
C THR H 109 -20.58 -58.77 -82.18
N GLY H 110 -21.14 -59.98 -82.09
CA GLY H 110 -20.87 -60.88 -80.99
C GLY H 110 -21.25 -60.33 -79.64
N LEU H 111 -20.50 -60.74 -78.62
CA LEU H 111 -20.77 -60.36 -77.24
C LEU H 111 -20.78 -58.84 -77.02
N GLN H 112 -20.03 -58.12 -77.84
CA GLN H 112 -19.94 -56.67 -77.71
C GLN H 112 -21.20 -55.97 -78.19
N ALA H 113 -22.10 -56.74 -78.82
CA ALA H 113 -23.35 -56.20 -79.35
C ALA H 113 -24.30 -55.81 -78.22
N LEU H 114 -24.00 -56.27 -77.00
CA LEU H 114 -24.86 -56.02 -75.85
C LEU H 114 -24.94 -54.54 -75.50
N LEU H 115 -23.94 -53.76 -75.91
CA LEU H 115 -23.91 -52.33 -75.66
C LEU H 115 -25.05 -51.62 -76.41
N ASP H 116 -25.59 -52.29 -77.43
CA ASP H 116 -26.67 -51.73 -78.23
C ASP H 116 -28.03 -51.98 -77.59
N GLY H 117 -28.08 -52.94 -76.66
CA GLY H 117 -29.34 -53.31 -76.02
C GLY H 117 -29.98 -52.17 -75.25
N LYS H 118 -29.17 -51.20 -74.84
CA LYS H 118 -29.66 -50.05 -74.10
C LYS H 118 -30.33 -49.03 -75.03
N SER H 119 -29.68 -48.76 -76.15
CA SER H 119 -30.16 -47.75 -77.10
C SER H 119 -31.02 -48.38 -78.20
N ARG H 120 -31.73 -49.45 -77.86
CA ARG H 120 -32.64 -50.09 -78.81
C ARG H 120 -33.86 -50.69 -78.10
N PHE H 121 -33.65 -51.23 -76.91
CA PHE H 121 -34.72 -51.89 -76.15
C PHE H 121 -34.93 -51.23 -74.79
N ASN H 122 -34.18 -50.17 -74.52
CA ASN H 122 -34.25 -49.49 -73.22
C ASN H 122 -34.06 -50.46 -72.06
N ALA H 123 -33.29 -51.53 -72.30
CA ALA H 123 -33.05 -52.56 -71.31
C ALA H 123 -31.56 -52.88 -71.31
N GLN H 124 -30.81 -52.08 -70.55
CA GLN H 124 -29.37 -52.29 -70.43
C GLN H 124 -29.08 -53.63 -69.76
N PRO H 125 -28.46 -54.58 -70.48
CA PRO H 125 -28.17 -55.86 -69.83
C PRO H 125 -27.20 -55.69 -68.66
N ARG H 126 -27.74 -55.61 -67.45
CA ARG H 126 -26.92 -55.42 -66.26
C ARG H 126 -26.64 -56.76 -65.60
N LEU H 127 -26.41 -57.78 -66.44
CA LEU H 127 -26.13 -59.12 -65.96
C LEU H 127 -25.67 -59.98 -67.12
N LEU H 128 -24.38 -59.93 -67.42
CA LEU H 128 -23.82 -60.68 -68.53
C LEU H 128 -23.74 -62.16 -68.25
N VAL H 129 -23.61 -62.95 -69.30
CA VAL H 129 -23.54 -64.40 -69.21
C VAL H 129 -23.24 -64.98 -70.58
N ALA H 130 -22.38 -66.00 -70.63
CA ALA H 130 -21.98 -66.62 -71.87
C ALA H 130 -21.77 -68.12 -71.67
N PRO H 131 -22.88 -68.89 -71.61
CA PRO H 131 -22.81 -70.33 -71.34
C PRO H 131 -21.97 -71.09 -72.37
N GLY H 132 -21.09 -71.97 -71.90
CA GLY H 132 -20.22 -72.73 -72.78
C GLY H 132 -18.94 -71.98 -73.08
N HIS H 133 -19.09 -70.74 -73.55
CA HIS H 133 -17.95 -69.90 -73.89
C HIS H 133 -17.56 -68.99 -72.73
N SER H 134 -16.80 -69.53 -71.79
CA SER H 134 -16.28 -68.77 -70.65
C SER H 134 -15.06 -69.46 -70.04
N ALA H 135 -14.97 -70.79 -70.20
CA ALA H 135 -13.81 -71.53 -69.72
C ALA H 135 -12.54 -71.11 -70.45
N GLN H 136 -12.72 -70.58 -71.66
CA GLN H 136 -11.59 -70.07 -72.43
C GLN H 136 -11.12 -68.73 -71.87
N GLN H 137 -9.81 -68.61 -71.68
CA GLN H 137 -9.21 -67.42 -71.10
C GLN H 137 -9.52 -66.17 -71.93
N ALA H 138 -9.72 -66.35 -73.22
CA ALA H 138 -9.93 -65.25 -74.14
C ALA H 138 -11.25 -64.52 -73.91
N VAL H 139 -12.34 -65.23 -74.16
CA VAL H 139 -13.69 -64.66 -74.07
C VAL H 139 -14.00 -64.16 -72.66
N ALA H 140 -13.34 -64.73 -71.66
CA ALA H 140 -13.59 -64.39 -70.27
C ALA H 140 -13.21 -62.93 -69.97
N THR H 141 -12.13 -62.47 -70.60
CA THR H 141 -11.66 -61.10 -70.39
C THR H 141 -12.59 -60.09 -71.06
N ALA H 142 -13.15 -60.49 -72.21
CA ALA H 142 -14.12 -59.66 -72.92
C ALA H 142 -15.35 -59.44 -72.06
N MET H 143 -15.73 -60.47 -71.31
CA MET H 143 -16.84 -60.37 -70.37
C MET H 143 -16.51 -59.42 -69.24
N ASP H 144 -15.23 -59.36 -68.88
CA ASP H 144 -14.75 -58.49 -67.81
C ASP H 144 -14.79 -57.03 -68.26
N GLY H 145 -14.24 -56.77 -69.43
CA GLY H 145 -14.15 -55.43 -69.95
C GLY H 145 -15.51 -54.87 -70.31
N LEU H 146 -16.39 -55.74 -70.81
CA LEU H 146 -17.72 -55.34 -71.23
C LEU H 146 -18.61 -55.01 -70.03
N ALA H 147 -18.39 -55.71 -68.92
CA ALA H 147 -19.19 -55.52 -67.72
C ALA H 147 -19.04 -54.12 -67.16
N GLU H 148 -17.83 -53.57 -67.27
CA GLU H 148 -17.55 -52.23 -66.75
C GLU H 148 -18.22 -51.16 -67.62
N LYS H 149 -18.48 -51.48 -68.88
CA LYS H 149 -19.17 -50.58 -69.79
C LYS H 149 -20.66 -50.55 -69.45
N LEU H 150 -21.17 -51.69 -69.02
CA LEU H 150 -22.59 -51.85 -68.69
C LEU H 150 -22.84 -51.84 -67.19
N ARG H 151 -21.77 -51.76 -66.40
CA ARG H 151 -21.87 -51.83 -64.94
C ARG H 151 -22.62 -53.09 -64.51
N ALA H 152 -22.36 -54.19 -65.22
CA ALA H 152 -23.06 -55.45 -64.99
C ALA H 152 -22.22 -56.38 -64.12
N ILE H 153 -22.64 -57.64 -64.03
CA ILE H 153 -21.90 -58.65 -63.29
C ILE H 153 -21.79 -59.91 -64.14
N ALA H 154 -20.69 -60.00 -64.88
CA ALA H 154 -20.46 -61.11 -65.79
C ALA H 154 -20.29 -62.44 -65.05
N ILE H 155 -21.22 -63.36 -65.28
CA ILE H 155 -21.17 -64.68 -64.66
C ILE H 155 -20.40 -65.65 -65.57
N LEU H 156 -19.19 -66.00 -65.16
CA LEU H 156 -18.37 -66.96 -65.89
C LEU H 156 -18.75 -68.38 -65.49
N ASP H 157 -18.05 -69.34 -66.08
CA ASP H 157 -18.24 -70.75 -65.75
C ASP H 157 -16.98 -71.54 -66.08
N GLY H 158 -16.11 -71.70 -65.08
CA GLY H 158 -14.84 -72.37 -65.28
C GLY H 158 -14.98 -73.83 -65.64
N PRO H 159 -13.88 -74.45 -66.13
CA PRO H 159 -13.91 -75.85 -66.56
C PRO H 159 -14.09 -76.80 -65.38
N ASN H 160 -14.76 -77.93 -65.62
CA ASN H 160 -14.96 -78.93 -64.58
C ASN H 160 -13.64 -79.64 -64.28
N SER H 161 -13.44 -80.82 -64.88
CA SER H 161 -12.21 -81.58 -64.70
C SER H 161 -11.95 -81.83 -63.21
N THR H 162 -11.48 -80.80 -62.51
CA THR H 162 -11.16 -80.90 -61.10
C THR H 162 -11.13 -79.52 -60.45
N ASP H 163 -10.96 -79.49 -59.13
CA ASP H 163 -10.97 -78.25 -58.36
C ASP H 163 -9.68 -77.46 -58.57
N GLU H 164 -8.57 -78.18 -58.75
CA GLU H 164 -7.26 -77.56 -58.94
C GLU H 164 -7.28 -76.66 -60.17
N ALA H 165 -8.00 -77.09 -61.20
CA ALA H 165 -8.07 -76.34 -62.47
C ALA H 165 -8.98 -75.12 -62.33
N ALA H 166 -9.89 -75.15 -61.36
CA ALA H 166 -10.84 -74.07 -61.14
C ALA H 166 -10.19 -72.93 -60.37
N VAL H 167 -9.37 -73.28 -59.38
CA VAL H 167 -8.67 -72.29 -58.57
C VAL H 167 -7.61 -71.58 -59.41
N ALA H 168 -6.89 -72.34 -60.22
CA ALA H 168 -5.83 -71.80 -61.07
C ALA H 168 -6.40 -70.89 -62.15
N TYR H 169 -7.70 -71.03 -62.41
CA TYR H 169 -8.37 -70.23 -63.43
C TYR H 169 -8.84 -68.89 -62.86
N ALA H 170 -9.35 -68.92 -61.62
CA ALA H 170 -9.84 -67.72 -60.95
C ALA H 170 -8.69 -66.80 -60.57
N LYS H 171 -7.52 -67.39 -60.35
CA LYS H 171 -6.32 -66.63 -59.98
C LYS H 171 -5.94 -65.60 -61.05
N ASN H 172 -6.47 -65.77 -62.25
CA ASN H 172 -6.18 -64.85 -63.35
C ASN H 172 -6.90 -63.52 -63.23
N PHE H 173 -8.19 -63.57 -62.90
CA PHE H 173 -9.01 -62.36 -62.83
C PHE H 173 -8.97 -61.75 -61.43
N GLY H 174 -9.50 -60.53 -61.31
CA GLY H 174 -9.57 -59.86 -60.02
C GLY H 174 -10.46 -58.63 -60.07
N SER H 175 -11.40 -58.60 -61.00
CA SER H 175 -12.29 -57.45 -61.19
C SER H 175 -13.56 -57.58 -60.35
N LYS H 176 -14.11 -56.44 -59.95
CA LYS H 176 -15.34 -56.41 -59.17
C LYS H 176 -16.48 -57.15 -59.84
N ARG H 177 -16.50 -57.11 -61.17
CA ARG H 177 -17.63 -57.60 -61.95
C ARG H 177 -17.37 -58.96 -62.58
N LEU H 178 -17.11 -59.95 -61.72
CA LEU H 178 -16.93 -61.33 -62.18
C LEU H 178 -17.37 -62.28 -61.10
N PHE H 179 -18.34 -63.13 -61.44
CA PHE H 179 -18.91 -64.08 -60.49
C PHE H 179 -18.92 -65.47 -61.11
N MET H 180 -17.80 -66.17 -60.98
CA MET H 180 -17.63 -67.46 -61.65
C MET H 180 -18.21 -68.59 -60.81
N VAL H 181 -18.67 -69.62 -61.52
CA VAL H 181 -19.15 -70.86 -60.89
C VAL H 181 -18.40 -72.02 -61.54
N ASP H 182 -17.78 -72.86 -60.70
CA ASP H 182 -16.90 -73.91 -61.20
C ASP H 182 -17.64 -75.20 -61.58
N PRO H 183 -18.29 -75.86 -60.61
CA PRO H 183 -18.88 -77.17 -60.93
C PRO H 183 -20.01 -77.07 -61.96
N GLY H 184 -19.84 -77.74 -63.10
CA GLY H 184 -20.83 -77.68 -64.16
C GLY H 184 -22.00 -78.60 -63.88
N VAL H 185 -23.13 -77.99 -63.53
CA VAL H 185 -24.36 -78.76 -63.28
C VAL H 185 -24.80 -79.47 -64.56
N GLN H 186 -25.41 -80.63 -64.40
CA GLN H 186 -25.91 -81.40 -65.54
C GLN H 186 -27.44 -81.40 -65.57
N VAL H 187 -28.00 -81.04 -66.73
CA VAL H 187 -29.44 -80.98 -66.91
C VAL H 187 -29.90 -82.14 -67.79
N TRP H 188 -31.17 -82.49 -67.67
CA TRP H 188 -31.74 -83.54 -68.49
C TRP H 188 -32.23 -82.95 -69.82
N ASP H 189 -31.41 -83.08 -70.85
CA ASP H 189 -31.76 -82.56 -72.18
C ASP H 189 -32.96 -83.32 -72.76
N SER H 190 -33.86 -82.58 -73.39
CA SER H 190 -35.06 -83.17 -73.97
C SER H 190 -34.76 -83.89 -75.26
N ALA H 191 -33.82 -83.35 -76.05
CA ALA H 191 -33.49 -83.91 -77.36
C ALA H 191 -32.67 -85.20 -77.23
N THR H 192 -31.75 -85.22 -76.27
CA THR H 192 -30.89 -86.37 -76.05
C THR H 192 -31.60 -87.44 -75.24
N ASN H 193 -32.61 -87.03 -74.49
CA ASN H 193 -33.36 -87.95 -73.67
C ASN H 193 -32.50 -88.69 -72.65
N ALA H 194 -31.54 -87.96 -72.09
CA ALA H 194 -30.66 -88.51 -71.07
C ALA H 194 -29.89 -87.39 -70.40
N ALA H 195 -28.92 -87.75 -69.55
CA ALA H 195 -28.10 -86.77 -68.85
C ALA H 195 -27.30 -85.95 -69.85
N ARG H 196 -26.97 -84.72 -69.46
CA ARG H 196 -26.27 -83.81 -70.34
C ARG H 196 -25.66 -82.65 -69.55
N ASN H 197 -24.33 -82.58 -69.53
CA ASN H 197 -23.63 -81.56 -68.77
C ASN H 197 -23.86 -80.16 -69.34
N ALA H 198 -24.09 -79.20 -68.45
CA ALA H 198 -24.34 -77.81 -68.83
C ALA H 198 -23.27 -76.90 -68.23
N PRO H 199 -23.12 -75.68 -68.76
CA PRO H 199 -22.10 -74.75 -68.25
C PRO H 199 -22.47 -74.13 -66.90
N ALA H 200 -23.73 -74.29 -66.48
CA ALA H 200 -24.19 -73.77 -65.18
C ALA H 200 -24.08 -72.25 -65.10
N SER H 201 -23.91 -71.60 -66.25
CA SER H 201 -23.75 -70.15 -66.31
C SER H 201 -25.13 -69.49 -66.33
N ALA H 202 -25.97 -69.95 -67.26
CA ALA H 202 -27.31 -69.41 -67.43
C ALA H 202 -28.20 -69.75 -66.23
N TYR H 203 -27.97 -70.90 -65.62
CA TYR H 203 -28.73 -71.31 -64.45
C TYR H 203 -28.44 -70.38 -63.28
N ALA H 204 -27.19 -69.99 -63.14
CA ALA H 204 -26.78 -69.06 -62.09
C ALA H 204 -27.26 -67.65 -62.41
N ALA H 205 -27.45 -67.37 -63.69
CA ALA H 205 -27.92 -66.06 -64.14
C ALA H 205 -29.41 -65.92 -63.87
N GLY H 206 -30.19 -66.91 -64.28
CA GLY H 206 -31.62 -66.91 -64.03
C GLY H 206 -31.92 -66.92 -62.55
N LEU H 207 -31.01 -67.55 -61.80
CA LEU H 207 -31.14 -67.62 -60.35
C LEU H 207 -31.11 -66.23 -59.72
N PHE H 208 -30.26 -65.35 -60.23
CA PHE H 208 -30.21 -63.96 -59.77
C PHE H 208 -31.55 -63.28 -60.03
N ALA H 209 -32.04 -63.43 -61.26
CA ALA H 209 -33.27 -62.78 -61.71
C ALA H 209 -34.44 -63.17 -60.83
N TRP H 210 -34.36 -64.36 -60.23
CA TRP H 210 -35.40 -64.85 -59.34
C TRP H 210 -35.39 -64.09 -58.02
N THR H 211 -34.19 -63.90 -57.46
CA THR H 211 -34.02 -63.18 -56.19
C THR H 211 -34.24 -61.69 -56.36
N ASP H 212 -33.79 -61.16 -57.50
CA ASP H 212 -33.90 -59.73 -57.79
C ASP H 212 -35.36 -59.31 -57.95
N ALA H 213 -36.15 -60.17 -58.60
CA ALA H 213 -37.57 -59.92 -58.79
C ALA H 213 -38.35 -60.17 -57.51
N GLU H 214 -37.85 -61.12 -56.71
CA GLU H 214 -38.51 -61.50 -55.46
C GLU H 214 -38.10 -60.58 -54.31
N TYR H 215 -36.92 -60.84 -53.73
CA TYR H 215 -36.43 -60.05 -52.62
C TYR H 215 -36.01 -58.66 -53.09
N GLY H 216 -35.05 -58.64 -54.01
CA GLY H 216 -34.52 -57.40 -54.55
C GLY H 216 -33.09 -57.58 -55.04
N PHE H 217 -32.63 -56.63 -55.86
CA PHE H 217 -31.28 -56.66 -56.38
C PHE H 217 -30.27 -56.63 -55.23
N TRP H 218 -30.66 -56.00 -54.13
CA TRP H 218 -29.80 -55.89 -52.96
C TRP H 218 -29.72 -57.23 -52.22
N SER H 219 -30.65 -58.12 -52.49
CA SER H 219 -30.64 -59.45 -51.86
C SER H 219 -29.56 -60.31 -52.48
N SER H 220 -28.88 -61.10 -51.65
CA SER H 220 -27.84 -62.00 -52.13
C SER H 220 -28.48 -63.19 -52.85
N PRO H 221 -27.89 -63.63 -53.98
CA PRO H 221 -28.43 -64.74 -54.75
C PRO H 221 -28.08 -66.11 -54.15
N SER H 222 -26.94 -66.17 -53.45
CA SER H 222 -26.44 -67.42 -52.89
C SER H 222 -27.45 -68.10 -51.97
N ASN H 223 -27.25 -69.40 -51.75
CA ASN H 223 -28.12 -70.18 -50.85
C ASN H 223 -29.57 -70.19 -51.34
N LYS H 224 -29.75 -70.12 -52.66
CA LYS H 224 -31.07 -70.21 -53.26
C LYS H 224 -31.08 -71.37 -54.24
N GLU H 225 -32.10 -72.22 -54.13
CA GLU H 225 -32.17 -73.45 -54.90
C GLU H 225 -32.42 -73.19 -56.38
N ILE H 226 -31.71 -73.93 -57.23
CA ILE H 226 -31.84 -73.79 -58.67
C ILE H 226 -32.64 -74.97 -59.23
N LYS H 227 -33.57 -74.66 -60.15
CA LYS H 227 -34.40 -75.68 -60.78
C LYS H 227 -33.83 -76.08 -62.13
N GLY H 228 -34.41 -77.12 -62.74
CA GLY H 228 -33.97 -77.58 -64.04
C GLY H 228 -32.62 -78.24 -63.98
N VAL H 229 -32.45 -79.13 -63.02
CA VAL H 229 -31.19 -79.83 -62.78
C VAL H 229 -31.46 -81.31 -62.56
N THR H 230 -30.40 -82.10 -62.42
CA THR H 230 -30.54 -83.54 -62.21
C THR H 230 -29.20 -84.18 -61.85
N GLY H 231 -28.36 -83.44 -61.15
CA GLY H 231 -27.03 -83.91 -60.77
C GLY H 231 -26.01 -82.83 -61.07
N THR H 232 -24.79 -83.01 -60.57
CA THR H 232 -23.72 -82.03 -60.77
C THR H 232 -22.40 -82.72 -61.06
N SER H 233 -21.75 -82.30 -62.13
CA SER H 233 -20.44 -82.82 -62.51
C SER H 233 -19.45 -82.56 -61.38
N ARG H 234 -18.74 -83.61 -60.98
CA ARG H 234 -17.79 -83.54 -59.87
C ARG H 234 -18.51 -83.16 -58.58
N PRO H 235 -19.01 -84.16 -57.83
CA PRO H 235 -19.80 -83.87 -56.63
C PRO H 235 -18.99 -83.13 -55.57
N VAL H 236 -19.16 -81.81 -55.50
CA VAL H 236 -18.49 -81.00 -54.50
C VAL H 236 -19.07 -81.31 -53.12
N GLU H 237 -18.23 -81.81 -52.23
CA GLU H 237 -18.67 -82.25 -50.92
C GLU H 237 -19.00 -81.05 -50.02
N PHE H 238 -19.93 -81.26 -49.10
CA PHE H 238 -20.29 -80.23 -48.13
C PHE H 238 -20.82 -80.86 -46.85
N LEU H 239 -20.07 -80.70 -45.77
CA LEU H 239 -20.45 -81.25 -44.48
C LEU H 239 -21.53 -80.39 -43.84
N ASP H 240 -22.00 -80.79 -42.66
CA ASP H 240 -23.05 -80.07 -41.95
C ASP H 240 -22.55 -78.69 -41.51
N GLY H 241 -21.31 -78.65 -41.02
CA GLY H 241 -20.72 -77.40 -40.55
C GLY H 241 -19.26 -77.58 -40.21
N ASP H 242 -18.39 -77.46 -41.23
CA ASP H 242 -16.96 -77.57 -41.02
C ASP H 242 -16.20 -76.92 -42.18
N GLU H 243 -15.12 -76.22 -41.86
CA GLU H 243 -14.31 -75.55 -42.87
C GLU H 243 -13.49 -76.55 -43.69
N THR H 244 -13.50 -77.81 -43.27
CA THR H 244 -12.73 -78.85 -43.93
C THR H 244 -13.37 -79.27 -45.25
N CYS H 245 -14.66 -78.98 -45.40
CA CYS H 245 -15.38 -79.36 -46.61
C CYS H 245 -14.82 -78.62 -47.82
N ARG H 246 -14.93 -79.24 -48.98
CA ARG H 246 -14.31 -78.71 -50.19
C ARG H 246 -15.12 -77.55 -50.77
N ALA H 247 -16.42 -77.52 -50.48
CA ALA H 247 -17.29 -76.45 -50.96
C ALA H 247 -16.80 -75.10 -50.46
N ASN H 248 -16.20 -75.11 -49.26
CA ASN H 248 -15.70 -73.89 -48.64
C ASN H 248 -14.40 -73.41 -49.28
N LEU H 249 -13.52 -74.36 -49.59
CA LEU H 249 -12.20 -74.03 -50.14
C LEU H 249 -12.29 -73.28 -51.45
N LEU H 250 -13.29 -73.60 -52.26
CA LEU H 250 -13.49 -72.91 -53.53
C LEU H 250 -14.00 -71.48 -53.32
N ASN H 251 -14.77 -71.29 -52.26
CA ASN H 251 -15.29 -69.96 -51.91
C ASN H 251 -14.16 -69.04 -51.45
N ASN H 252 -13.10 -69.62 -50.88
CA ASN H 252 -11.93 -68.87 -50.47
C ASN H 252 -11.19 -68.32 -51.69
N ALA H 253 -11.31 -69.04 -52.81
CA ALA H 253 -10.72 -68.61 -54.07
C ALA H 253 -11.74 -67.81 -54.90
N ASN H 254 -12.78 -67.32 -54.23
CA ASN H 254 -13.82 -66.53 -54.88
C ASN H 254 -14.49 -67.33 -55.99
N ILE H 255 -15.19 -68.39 -55.61
CA ILE H 255 -15.87 -69.25 -56.58
C ILE H 255 -17.22 -69.72 -56.06
N ALA H 256 -18.23 -69.65 -56.92
CA ALA H 256 -19.55 -70.15 -56.60
C ALA H 256 -19.63 -71.65 -56.87
N THR H 257 -20.41 -72.36 -56.09
CA THR H 257 -20.53 -73.81 -56.23
C THR H 257 -21.94 -74.30 -55.91
N ILE H 258 -22.34 -75.37 -56.58
CA ILE H 258 -23.63 -76.01 -56.36
C ILE H 258 -23.43 -77.19 -55.43
N ILE H 259 -24.02 -77.12 -54.24
CA ILE H 259 -23.78 -78.11 -53.20
C ILE H 259 -24.85 -79.19 -53.16
N ARG H 260 -24.54 -80.27 -52.45
CA ARG H 260 -25.45 -81.39 -52.23
C ARG H 260 -25.83 -82.10 -53.53
N ASP H 261 -26.56 -83.21 -53.37
CA ASP H 261 -26.92 -84.07 -54.49
C ASP H 261 -27.83 -83.32 -55.46
N ASP H 262 -27.97 -83.88 -56.66
CA ASP H 262 -28.86 -83.32 -57.68
C ASP H 262 -28.47 -81.89 -58.06
N GLY H 263 -28.71 -80.96 -57.15
CA GLY H 263 -28.44 -79.54 -57.38
C GLY H 263 -29.27 -78.75 -56.39
N TYR H 264 -29.07 -79.04 -55.12
CA TYR H 264 -29.87 -78.45 -54.05
C TYR H 264 -29.86 -76.94 -54.09
N ARG H 265 -28.67 -76.35 -54.08
CA ARG H 265 -28.55 -74.90 -54.10
C ARG H 265 -27.14 -74.41 -54.45
N LEU H 266 -27.07 -73.16 -54.89
CA LEU H 266 -25.81 -72.51 -55.25
C LEU H 266 -25.46 -71.46 -54.20
N TRP H 267 -24.17 -71.30 -53.92
CA TRP H 267 -23.70 -70.22 -53.07
C TRP H 267 -22.24 -69.87 -53.33
N GLY H 268 -21.76 -68.82 -52.67
CA GLY H 268 -20.41 -68.33 -52.85
C GLY H 268 -20.46 -66.88 -53.28
N ASN H 269 -20.82 -66.01 -52.34
CA ASN H 269 -21.04 -64.60 -52.63
C ASN H 269 -19.78 -63.88 -53.09
N ARG H 270 -18.62 -64.43 -52.73
CA ARG H 270 -17.35 -63.81 -53.09
C ARG H 270 -17.17 -63.69 -54.60
N THR H 271 -17.12 -62.45 -55.08
CA THR H 271 -16.83 -62.18 -56.48
C THR H 271 -15.32 -62.17 -56.67
N LEU H 272 -14.87 -62.56 -57.86
CA LEU H 272 -13.43 -62.62 -58.15
C LEU H 272 -12.80 -61.23 -58.07
N SER H 273 -12.65 -60.72 -56.85
CA SER H 273 -12.12 -59.37 -56.64
C SER H 273 -11.02 -59.37 -55.58
N SER H 274 -9.94 -58.65 -55.88
CA SER H 274 -8.82 -58.51 -54.96
C SER H 274 -9.19 -57.57 -53.81
N ASP H 275 -9.78 -56.43 -54.14
CA ASP H 275 -10.19 -55.46 -53.13
C ASP H 275 -11.28 -56.05 -52.24
N SER H 276 -11.00 -56.19 -50.95
CA SER H 276 -11.93 -56.80 -50.00
C SER H 276 -13.15 -55.92 -49.78
N LYS H 277 -13.09 -54.66 -50.22
CA LYS H 277 -14.21 -53.75 -50.10
C LYS H 277 -15.38 -54.21 -50.96
N TRP H 278 -15.05 -54.74 -52.14
CA TRP H 278 -16.05 -55.23 -53.08
C TRP H 278 -16.02 -56.76 -53.11
N ALA H 279 -15.91 -57.36 -51.94
CA ALA H 279 -15.80 -58.80 -51.83
C ALA H 279 -17.10 -59.49 -52.20
N PHE H 280 -18.22 -58.93 -51.73
CA PHE H 280 -19.52 -59.50 -52.02
C PHE H 280 -20.01 -59.05 -53.39
N VAL H 281 -20.70 -59.95 -54.08
CA VAL H 281 -21.30 -59.64 -55.36
C VAL H 281 -22.48 -58.69 -55.15
N THR H 282 -23.02 -58.71 -53.93
CA THR H 282 -24.14 -57.84 -53.55
C THR H 282 -23.78 -56.37 -53.67
N ARG H 283 -22.69 -55.98 -53.02
CA ARG H 283 -22.25 -54.59 -53.01
C ARG H 283 -22.05 -54.05 -54.41
N VAL H 284 -21.42 -54.85 -55.27
CA VAL H 284 -21.17 -54.47 -56.65
C VAL H 284 -22.48 -54.30 -57.40
N ARG H 285 -23.49 -55.06 -56.98
CA ARG H 285 -24.78 -55.06 -57.65
C ARG H 285 -25.66 -53.88 -57.24
N THR H 286 -25.53 -53.46 -55.97
CA THR H 286 -26.29 -52.34 -55.43
C THR H 286 -25.67 -51.02 -55.85
N MET H 287 -24.34 -50.97 -55.83
CA MET H 287 -23.61 -49.75 -56.11
C MET H 287 -23.72 -49.38 -57.58
N ASP H 288 -23.59 -50.38 -58.45
CA ASP H 288 -23.72 -50.18 -59.89
C ASP H 288 -25.14 -49.75 -60.27
N LEU H 289 -26.09 -50.00 -59.35
CA LEU H 289 -27.49 -49.69 -59.60
C LEU H 289 -27.83 -48.25 -59.19
N VAL H 290 -27.47 -47.89 -57.95
CA VAL H 290 -27.76 -46.55 -57.44
C VAL H 290 -26.96 -45.50 -58.21
N MET H 291 -25.80 -45.90 -58.75
CA MET H 291 -24.99 -45.00 -59.56
C MET H 291 -25.70 -44.72 -60.87
N ASP H 292 -26.11 -45.78 -61.57
CA ASP H 292 -26.80 -45.65 -62.85
C ASP H 292 -28.16 -44.97 -62.67
N ALA H 293 -28.72 -45.05 -61.46
CA ALA H 293 -30.00 -44.43 -61.15
C ALA H 293 -29.83 -42.92 -60.99
N ILE H 294 -28.81 -42.52 -60.24
CA ILE H 294 -28.52 -41.11 -60.00
C ILE H 294 -28.07 -40.46 -61.30
N LEU H 295 -27.31 -41.21 -62.09
CA LEU H 295 -26.83 -40.73 -63.38
C LEU H 295 -27.99 -40.45 -64.32
N ALA H 296 -28.80 -41.48 -64.57
CA ALA H 296 -29.94 -41.38 -65.48
C ALA H 296 -31.11 -40.62 -64.85
N GLY H 297 -31.07 -40.45 -63.53
CA GLY H 297 -32.16 -39.83 -62.80
C GLY H 297 -32.14 -38.31 -62.89
N HIS H 298 -30.97 -37.74 -62.65
CA HIS H 298 -30.81 -36.28 -62.63
C HIS H 298 -30.39 -35.77 -64.01
N LYS H 299 -31.00 -36.33 -65.05
CA LYS H 299 -30.79 -35.88 -66.41
C LYS H 299 -31.67 -34.66 -66.70
N TRP H 300 -32.67 -34.45 -65.84
CA TRP H 300 -33.58 -33.31 -65.95
C TRP H 300 -32.90 -32.02 -65.52
N ALA H 301 -31.98 -32.15 -64.57
CA ALA H 301 -31.29 -30.99 -64.01
C ALA H 301 -30.32 -30.43 -65.04
N VAL H 302 -29.06 -30.90 -64.99
CA VAL H 302 -28.01 -30.42 -65.87
C VAL H 302 -27.95 -28.88 -65.79
N ASP H 303 -27.66 -28.21 -66.90
CA ASP H 303 -27.52 -26.77 -66.90
C ASP H 303 -28.85 -26.10 -66.51
N ARG H 304 -28.89 -25.57 -65.30
CA ARG H 304 -30.07 -24.90 -64.80
C ARG H 304 -29.67 -23.96 -63.67
N GLY H 305 -30.47 -22.93 -63.43
CA GLY H 305 -30.17 -21.93 -62.41
C GLY H 305 -29.86 -22.54 -61.06
N ILE H 306 -28.60 -22.43 -60.66
CA ILE H 306 -28.12 -23.05 -59.43
C ILE H 306 -28.46 -22.13 -58.25
N THR H 307 -29.75 -21.89 -58.06
CA THR H 307 -30.21 -21.12 -56.91
C THR H 307 -30.26 -22.02 -55.66
N LYS H 308 -30.32 -21.42 -54.48
CA LYS H 308 -30.42 -22.17 -53.23
C LYS H 308 -31.56 -23.18 -53.25
N THR H 309 -32.61 -22.86 -53.98
CA THR H 309 -33.76 -23.76 -54.13
C THR H 309 -33.35 -25.00 -54.90
N TYR H 310 -32.64 -24.79 -56.00
CA TYR H 310 -32.21 -25.88 -56.88
C TYR H 310 -31.36 -26.89 -56.13
N VAL H 311 -30.44 -26.40 -55.30
CA VAL H 311 -29.57 -27.27 -54.52
C VAL H 311 -30.39 -28.13 -53.56
N LYS H 312 -31.34 -27.49 -52.86
CA LYS H 312 -32.22 -28.20 -51.94
C LYS H 312 -33.15 -29.16 -52.69
N ASP H 313 -33.58 -28.77 -53.89
CA ASP H 313 -34.46 -29.62 -54.69
C ASP H 313 -33.76 -30.91 -55.06
N VAL H 314 -32.46 -30.81 -55.35
CA VAL H 314 -31.65 -31.98 -55.69
C VAL H 314 -31.26 -32.72 -54.41
N THR H 315 -30.94 -31.96 -53.37
CA THR H 315 -30.60 -32.56 -52.07
C THR H 315 -31.78 -33.35 -51.51
N GLU H 316 -32.97 -32.74 -51.53
CA GLU H 316 -34.18 -33.42 -51.07
C GLU H 316 -34.56 -34.56 -52.01
N GLY H 317 -34.04 -34.50 -53.24
CA GLY H 317 -34.29 -35.55 -54.21
C GLY H 317 -33.56 -36.81 -53.82
N LEU H 318 -32.38 -36.65 -53.22
CA LEU H 318 -31.59 -37.77 -52.73
C LEU H 318 -32.07 -38.22 -51.35
N ARG H 319 -32.49 -37.26 -50.54
CA ARG H 319 -33.05 -37.55 -49.22
C ARG H 319 -34.22 -38.54 -49.34
N ALA H 320 -35.20 -38.16 -50.15
CA ALA H 320 -36.39 -38.98 -50.35
C ALA H 320 -36.04 -40.27 -51.06
N PHE H 321 -35.15 -40.19 -52.04
CA PHE H 321 -34.77 -41.36 -52.82
C PHE H 321 -34.12 -42.44 -51.96
N MET H 322 -33.07 -42.07 -51.24
CA MET H 322 -32.35 -43.00 -50.38
C MET H 322 -33.23 -43.54 -49.27
N ARG H 323 -34.16 -42.72 -48.80
CA ARG H 323 -35.07 -43.14 -47.75
C ARG H 323 -36.04 -44.19 -48.26
N ASP H 324 -36.28 -44.19 -49.57
CA ASP H 324 -37.12 -45.21 -50.19
C ASP H 324 -36.36 -46.52 -50.32
N LEU H 325 -35.03 -46.45 -50.23
CA LEU H 325 -34.17 -47.62 -50.23
C LEU H 325 -33.97 -48.15 -48.82
N LYS H 326 -34.01 -47.25 -47.85
CA LYS H 326 -33.77 -47.61 -46.45
C LYS H 326 -34.93 -48.44 -45.90
N ASN H 327 -36.14 -47.87 -45.96
CA ASN H 327 -37.33 -48.56 -45.48
C ASN H 327 -37.62 -49.81 -46.30
N GLN H 328 -37.18 -49.80 -47.55
CA GLN H 328 -37.34 -50.95 -48.42
C GLN H 328 -36.36 -52.06 -48.03
N GLY H 329 -35.25 -51.66 -47.40
CA GLY H 329 -34.26 -52.60 -46.92
C GLY H 329 -33.06 -52.73 -47.83
N ALA H 330 -32.97 -51.86 -48.84
CA ALA H 330 -31.85 -51.89 -49.77
C ALA H 330 -30.57 -51.45 -49.08
N VAL H 331 -30.70 -50.50 -48.16
CA VAL H 331 -29.56 -49.96 -47.42
C VAL H 331 -29.93 -49.87 -45.94
N ILE H 332 -28.92 -49.95 -45.07
CA ILE H 332 -29.16 -49.84 -43.64
C ILE H 332 -29.41 -48.38 -43.28
N ASN H 333 -28.48 -47.51 -43.66
CA ASN H 333 -28.63 -46.08 -43.42
C ASN H 333 -27.78 -45.30 -44.41
N PHE H 334 -28.12 -44.02 -44.58
CA PHE H 334 -27.46 -43.17 -45.56
C PHE H 334 -27.23 -41.78 -45.03
N GLU H 335 -26.65 -40.94 -45.88
CA GLU H 335 -26.39 -39.54 -45.55
C GLU H 335 -25.95 -38.81 -46.81
N VAL H 336 -26.71 -37.78 -47.18
CA VAL H 336 -26.41 -37.03 -48.39
C VAL H 336 -26.44 -35.54 -48.10
N TYR H 337 -25.51 -34.80 -48.72
CA TYR H 337 -25.37 -33.37 -48.46
C TYR H 337 -24.38 -32.75 -49.44
N ALA H 338 -24.32 -31.42 -49.45
CA ALA H 338 -23.40 -30.69 -50.31
C ALA H 338 -22.13 -30.36 -49.53
N ASP H 339 -20.98 -30.83 -50.02
CA ASP H 339 -19.72 -30.62 -49.33
C ASP H 339 -19.33 -29.13 -49.34
N PRO H 340 -19.00 -28.57 -48.16
CA PRO H 340 -18.56 -27.17 -48.11
C PRO H 340 -17.27 -26.90 -48.89
N ASP H 341 -16.29 -27.79 -48.77
CA ASP H 341 -14.98 -27.57 -49.38
C ASP H 341 -15.02 -27.70 -50.89
N LEU H 342 -15.71 -28.72 -51.40
CA LEU H 342 -15.81 -28.96 -52.83
C LEU H 342 -16.56 -27.82 -53.52
N ASN H 343 -17.75 -27.52 -53.02
CA ASN H 343 -18.55 -26.44 -53.58
C ASN H 343 -17.92 -25.09 -53.30
N SER H 344 -16.79 -24.82 -53.97
CA SER H 344 -16.09 -23.55 -53.83
C SER H 344 -16.71 -22.51 -54.75
N ALA H 345 -16.42 -21.24 -54.47
CA ALA H 345 -16.96 -20.14 -55.26
C ALA H 345 -16.54 -20.24 -56.73
N SER H 346 -15.38 -20.87 -56.98
CA SER H 346 -14.85 -21.02 -58.33
C SER H 346 -15.42 -22.24 -59.03
N GLN H 347 -15.71 -23.30 -58.27
CA GLN H 347 -16.26 -24.52 -58.82
C GLN H 347 -17.69 -24.30 -59.33
N LEU H 348 -18.48 -23.60 -58.54
CA LEU H 348 -19.85 -23.27 -58.94
C LEU H 348 -19.87 -22.34 -60.15
N ALA H 349 -18.79 -21.57 -60.31
CA ALA H 349 -18.67 -20.63 -61.42
C ALA H 349 -18.29 -21.34 -62.72
N GLN H 350 -18.08 -22.66 -62.64
CA GLN H 350 -17.83 -23.50 -63.82
C GLN H 350 -18.99 -24.48 -64.02
N GLY H 351 -19.99 -24.42 -63.15
CA GLY H 351 -21.15 -25.28 -63.23
C GLY H 351 -21.06 -26.47 -62.30
N LYS H 352 -19.84 -26.81 -61.88
CA LYS H 352 -19.64 -27.93 -60.96
C LYS H 352 -20.37 -27.71 -59.64
N VAL H 353 -21.11 -28.73 -59.22
CA VAL H 353 -21.76 -28.73 -57.92
C VAL H 353 -21.85 -30.17 -57.42
N TYR H 354 -21.31 -30.41 -56.23
CA TYR H 354 -21.13 -31.77 -55.72
C TYR H 354 -22.14 -32.10 -54.61
N TRP H 355 -22.45 -33.40 -54.49
CA TRP H 355 -23.28 -33.90 -53.40
C TRP H 355 -22.69 -35.21 -52.88
N ASN H 356 -22.11 -35.14 -51.69
CA ASN H 356 -21.45 -36.31 -51.09
C ASN H 356 -22.45 -37.33 -50.59
N ILE H 357 -22.71 -38.35 -51.40
CA ILE H 357 -23.58 -39.46 -51.01
C ILE H 357 -22.74 -40.55 -50.34
N ARG H 358 -23.28 -41.12 -49.27
CA ARG H 358 -22.60 -42.19 -48.55
C ARG H 358 -23.60 -43.04 -47.78
N PHE H 359 -23.36 -44.35 -47.77
CA PHE H 359 -24.25 -45.29 -47.10
C PHE H 359 -23.58 -46.66 -46.95
N THR H 360 -24.32 -47.61 -46.41
CA THR H 360 -23.80 -48.97 -46.21
C THR H 360 -24.77 -49.99 -46.82
N ASP H 361 -24.39 -50.52 -47.99
CA ASP H 361 -25.18 -51.57 -48.63
C ASP H 361 -25.22 -52.79 -47.71
N VAL H 362 -26.35 -53.49 -47.68
CA VAL H 362 -26.54 -54.62 -46.78
C VAL H 362 -25.67 -55.82 -47.20
N PRO H 363 -24.76 -56.27 -46.31
CA PRO H 363 -23.95 -57.46 -46.62
C PRO H 363 -24.66 -58.75 -46.20
N PRO H 364 -24.56 -59.82 -47.02
CA PRO H 364 -25.18 -61.09 -46.64
C PRO H 364 -24.41 -61.78 -45.52
N ALA H 365 -25.10 -62.13 -44.44
CA ALA H 365 -24.49 -62.85 -43.32
C ALA H 365 -24.07 -64.24 -43.77
N GLU H 366 -22.93 -64.32 -44.47
CA GLU H 366 -22.48 -65.57 -45.07
C GLU H 366 -21.92 -66.56 -44.05
N ASN H 367 -21.85 -66.14 -42.78
CA ASN H 367 -21.30 -67.01 -41.74
C ASN H 367 -21.74 -66.55 -40.34
N PRO H 368 -23.00 -66.83 -39.97
CA PRO H 368 -23.50 -66.48 -38.63
C PRO H 368 -23.05 -67.50 -37.58
N ASN H 369 -22.29 -67.04 -36.59
CA ASN H 369 -21.78 -67.89 -35.53
C ASN H 369 -22.74 -67.95 -34.34
N PHE H 370 -22.55 -68.93 -33.47
CA PHE H 370 -23.40 -69.13 -32.29
C PHE H 370 -22.55 -69.58 -31.11
N ARG H 371 -21.93 -68.62 -30.44
CA ARG H 371 -21.07 -68.92 -29.30
C ARG H 371 -21.88 -69.46 -28.12
N VAL H 372 -22.35 -70.70 -28.25
CA VAL H 372 -23.10 -71.33 -27.17
C VAL H 372 -22.15 -71.88 -26.13
N GLU H 373 -22.55 -71.81 -24.86
CA GLU H 373 -21.70 -72.23 -23.77
C GLU H 373 -22.51 -72.38 -22.48
N VAL H 374 -22.48 -73.56 -21.89
CA VAL H 374 -23.15 -73.80 -20.62
C VAL H 374 -22.39 -73.15 -19.49
N THR H 375 -22.97 -73.22 -18.29
CA THR H 375 -22.32 -72.68 -17.10
C THR H 375 -23.04 -73.22 -15.86
N ASP H 376 -22.80 -72.57 -14.72
CA ASP H 376 -23.40 -72.97 -13.46
C ASP H 376 -23.95 -71.73 -12.75
N GLN H 377 -24.44 -70.79 -13.54
CA GLN H 377 -24.92 -69.52 -13.01
C GLN H 377 -26.33 -69.66 -12.43
N TRP H 378 -27.30 -69.99 -13.29
CA TRP H 378 -28.68 -70.14 -12.87
C TRP H 378 -28.95 -71.52 -12.27
N LEU H 379 -28.27 -71.81 -11.16
CA LEU H 379 -28.52 -73.05 -10.42
C LEU H 379 -29.16 -72.74 -9.07
N THR H 380 -28.76 -71.63 -8.47
CA THR H 380 -29.32 -71.19 -7.21
C THR H 380 -30.78 -70.76 -7.38
N GLU H 381 -31.19 -70.56 -8.63
CA GLU H 381 -32.57 -70.24 -8.94
C GLU H 381 -33.47 -71.39 -8.55
N VAL H 382 -32.93 -72.60 -8.65
CA VAL H 382 -33.65 -73.81 -8.25
C VAL H 382 -33.65 -73.90 -6.73
N LEU H 383 -34.46 -73.08 -6.09
CA LEU H 383 -34.49 -73.01 -4.64
C LEU H 383 -35.67 -72.17 -4.16
N ASP H 384 -35.80 -70.98 -4.73
CA ASP H 384 -36.89 -70.08 -4.38
C ASP H 384 -37.12 -69.07 -5.50
N SER I 2 0.42 -79.00 25.30
CA SER I 2 -1.02 -78.80 25.27
C SER I 2 -1.49 -78.05 26.51
N PHE I 3 -0.95 -78.45 27.65
CA PHE I 3 -1.29 -77.85 28.95
C PHE I 3 -2.72 -78.20 29.35
N PHE I 4 -2.83 -78.98 30.42
CA PHE I 4 -4.11 -79.44 30.97
C PHE I 4 -4.87 -80.33 29.98
N HIS I 5 -5.48 -79.72 28.97
CA HIS I 5 -6.31 -80.43 28.00
C HIS I 5 -7.48 -81.15 28.68
N GLY I 6 -8.51 -80.40 29.03
CA GLY I 6 -9.71 -80.97 29.63
C GLY I 6 -10.83 -79.97 29.66
N VAL I 7 -11.14 -79.46 30.85
CA VAL I 7 -12.17 -78.46 31.01
C VAL I 7 -12.06 -77.85 32.41
N THR I 8 -11.40 -76.69 32.48
CA THR I 8 -11.18 -76.02 33.76
C THR I 8 -12.42 -75.29 34.21
N VAL I 9 -12.34 -74.71 35.40
CA VAL I 9 -13.47 -73.97 35.98
C VAL I 9 -12.92 -73.17 37.17
N THR I 10 -11.91 -72.35 36.89
CA THR I 10 -11.27 -71.57 37.95
C THR I 10 -12.20 -70.55 38.57
N ASN I 11 -12.22 -70.51 39.89
CA ASN I 11 -13.04 -69.56 40.63
C ASN I 11 -12.27 -68.25 40.82
N VAL I 12 -12.66 -67.22 40.08
CA VAL I 12 -11.98 -65.92 40.18
C VAL I 12 -12.45 -65.20 41.45
N ASP I 13 -11.58 -65.20 42.45
CA ASP I 13 -11.90 -64.64 43.76
C ASP I 13 -11.64 -63.13 43.77
N ILE I 14 -12.56 -62.38 43.17
CA ILE I 14 -12.49 -60.92 43.18
C ILE I 14 -13.87 -60.33 43.42
N GLY I 15 -13.89 -59.05 43.83
CA GLY I 15 -15.13 -58.37 44.15
C GLY I 15 -15.00 -57.63 45.46
N ALA I 16 -15.85 -56.63 45.68
CA ALA I 16 -15.81 -55.84 46.89
C ALA I 16 -16.29 -56.65 48.09
N ARG I 17 -15.38 -56.92 49.02
CA ARG I 17 -15.73 -57.64 50.25
C ARG I 17 -16.58 -56.77 51.16
N THR I 18 -17.30 -57.41 52.06
CA THR I 18 -18.12 -56.71 53.05
C THR I 18 -17.30 -56.37 54.28
N ILE I 19 -17.74 -55.37 55.03
CA ILE I 19 -17.04 -54.92 56.23
C ILE I 19 -18.03 -54.70 57.36
N ALA I 20 -17.63 -55.06 58.57
CA ALA I 20 -18.48 -54.95 59.75
C ALA I 20 -17.90 -53.98 60.78
N LEU I 21 -18.64 -53.77 61.86
CA LEU I 21 -18.22 -52.89 62.95
C LEU I 21 -17.98 -53.70 64.22
N PRO I 22 -16.77 -54.24 64.38
CA PRO I 22 -16.48 -55.15 65.50
C PRO I 22 -16.46 -54.43 66.85
N ALA I 23 -16.46 -55.20 67.93
CA ALA I 23 -16.34 -54.67 69.29
C ALA I 23 -17.52 -53.78 69.68
N SER I 24 -17.68 -52.68 68.95
CA SER I 24 -18.78 -51.73 69.18
C SER I 24 -18.66 -51.07 70.55
N SER I 25 -18.98 -51.81 71.61
CA SER I 25 -18.96 -51.26 72.96
C SER I 25 -18.81 -52.36 74.01
N VAL I 26 -17.64 -53.00 74.04
CA VAL I 26 -17.34 -53.97 75.08
C VAL I 26 -16.64 -53.27 76.23
N ILE I 27 -17.11 -53.54 77.44
CA ILE I 27 -16.60 -52.89 78.63
C ILE I 27 -15.40 -53.65 79.20
N GLY I 28 -14.41 -52.90 79.65
CA GLY I 28 -13.20 -53.46 80.24
C GLY I 28 -13.04 -52.97 81.67
N LEU I 29 -13.62 -53.71 82.60
CA LEU I 29 -13.66 -53.31 84.01
C LEU I 29 -12.56 -54.00 84.81
N CYS I 30 -12.17 -53.39 85.92
CA CYS I 30 -11.13 -53.94 86.79
C CYS I 30 -11.22 -53.34 88.19
N ASP I 31 -12.06 -53.93 89.02
CA ASP I 31 -12.21 -53.51 90.41
C ASP I 31 -11.51 -54.54 91.30
N VAL I 32 -12.07 -54.81 92.48
CA VAL I 32 -11.50 -55.80 93.39
C VAL I 32 -12.57 -56.72 93.94
N PHE I 33 -12.14 -57.84 94.52
CA PHE I 33 -13.05 -58.78 95.15
C PHE I 33 -12.30 -59.65 96.15
N THR I 34 -12.97 -60.70 96.64
CA THR I 34 -12.40 -61.60 97.63
C THR I 34 -12.44 -63.04 97.10
N PRO I 35 -11.32 -63.52 96.54
CA PRO I 35 -11.29 -64.90 96.03
C PRO I 35 -11.29 -65.92 97.16
N GLY I 36 -12.00 -67.03 96.97
CA GLY I 36 -12.06 -68.07 97.97
C GLY I 36 -12.90 -69.24 97.53
N ALA I 37 -14.14 -69.30 98.04
CA ALA I 37 -15.04 -70.43 97.78
C ALA I 37 -15.96 -70.14 96.60
N GLN I 38 -16.97 -69.30 96.83
CA GLN I 38 -17.97 -69.01 95.82
C GLN I 38 -17.36 -68.28 94.62
N ALA I 39 -16.21 -67.65 94.83
CA ALA I 39 -15.53 -66.92 93.78
C ALA I 39 -14.87 -67.87 92.78
N SER I 40 -15.58 -68.16 91.68
CA SER I 40 -15.08 -69.07 90.66
C SER I 40 -13.92 -68.45 89.89
N ALA I 41 -14.03 -67.16 89.61
CA ALA I 41 -12.99 -66.45 88.85
C ALA I 41 -11.68 -66.43 89.62
N LYS I 42 -10.57 -66.61 88.92
CA LYS I 42 -9.26 -66.64 89.58
C LYS I 42 -8.90 -65.24 90.08
N PRO I 43 -7.91 -65.15 90.99
CA PRO I 43 -7.60 -63.87 91.65
C PRO I 43 -7.04 -62.77 90.74
N ASN I 44 -6.96 -63.00 89.43
CA ASN I 44 -6.34 -62.00 88.55
C ASN I 44 -6.66 -62.14 87.07
N VAL I 45 -6.91 -63.36 86.59
CA VAL I 45 -7.07 -63.57 85.15
C VAL I 45 -8.34 -62.90 84.62
N PRO I 46 -8.33 -62.48 83.34
CA PRO I 46 -9.56 -61.93 82.76
C PRO I 46 -10.68 -62.97 82.65
N VAL I 47 -11.90 -62.56 82.94
CA VAL I 47 -13.07 -63.43 82.82
C VAL I 47 -14.16 -62.71 82.09
N LEU I 48 -14.77 -63.38 81.11
CA LEU I 48 -15.83 -62.79 80.32
C LEU I 48 -17.17 -62.91 81.03
N LEU I 49 -18.00 -61.88 80.88
CA LEU I 49 -19.32 -61.85 81.51
C LEU I 49 -20.38 -61.61 80.44
N THR I 50 -21.65 -61.65 80.87
CA THR I 50 -22.77 -61.44 79.96
C THR I 50 -24.01 -61.01 80.73
N SER I 51 -24.15 -61.52 81.95
CA SER I 51 -25.28 -61.18 82.81
C SER I 51 -24.86 -61.26 84.27
N LYS I 52 -25.74 -60.83 85.16
CA LYS I 52 -25.47 -60.85 86.60
C LYS I 52 -25.19 -62.26 87.09
N LYS I 53 -25.91 -63.24 86.53
CA LYS I 53 -25.71 -64.63 86.90
C LYS I 53 -24.28 -65.09 86.64
N ASP I 54 -23.77 -64.76 85.45
CA ASP I 54 -22.42 -65.16 85.07
C ASP I 54 -21.37 -64.40 85.87
N ALA I 55 -21.77 -63.25 86.43
CA ALA I 55 -20.87 -62.41 87.21
C ALA I 55 -20.92 -62.77 88.69
N ALA I 56 -22.10 -63.15 89.16
CA ALA I 56 -22.31 -63.47 90.58
C ALA I 56 -21.49 -64.69 90.98
N ALA I 57 -21.66 -65.78 90.25
CA ALA I 57 -20.95 -67.02 90.52
C ALA I 57 -19.45 -66.88 90.28
N ALA I 58 -19.07 -65.84 89.53
CA ALA I 58 -17.67 -65.62 89.17
C ALA I 58 -16.90 -64.97 90.32
N PHE I 59 -17.33 -63.78 90.73
CA PHE I 59 -16.63 -63.00 91.74
C PHE I 59 -17.28 -63.16 93.11
N GLY I 60 -18.61 -63.20 93.13
CA GLY I 60 -19.36 -63.35 94.36
C GLY I 60 -20.19 -62.13 94.68
N ILE I 61 -21.15 -62.29 95.59
CA ILE I 61 -22.00 -61.18 96.00
C ILE I 61 -21.30 -60.38 97.10
N GLY I 62 -21.51 -59.06 97.08
CA GLY I 62 -20.89 -58.18 98.06
C GLY I 62 -19.52 -57.69 97.60
N SER I 63 -18.91 -58.42 96.67
CA SER I 63 -17.62 -58.03 96.11
C SER I 63 -17.76 -56.64 95.47
N SER I 64 -16.80 -55.77 95.76
CA SER I 64 -16.82 -54.39 95.25
C SER I 64 -16.90 -54.34 93.72
N ILE I 65 -16.46 -55.43 93.08
CA ILE I 65 -16.51 -55.52 91.62
C ILE I 65 -17.91 -55.85 91.14
N TYR I 66 -18.63 -56.64 91.93
CA TYR I 66 -19.98 -57.05 91.57
C TYR I 66 -20.95 -55.88 91.66
N LEU I 67 -20.70 -54.96 92.59
CA LEU I 67 -21.51 -53.75 92.73
C LEU I 67 -21.34 -52.84 91.51
N ALA I 68 -20.22 -53.02 90.81
CA ALA I 68 -19.92 -52.25 89.61
C ALA I 68 -20.55 -52.92 88.38
N CYS I 69 -20.45 -54.24 88.31
CA CYS I 69 -21.04 -55.01 87.21
C CYS I 69 -22.57 -54.93 87.28
N GLU I 70 -23.10 -55.07 88.50
CA GLU I 70 -24.54 -54.97 88.72
C GLU I 70 -25.05 -53.61 88.31
N ALA I 71 -24.23 -52.58 88.53
CA ALA I 71 -24.59 -51.21 88.18
C ALA I 71 -24.69 -51.06 86.66
N ILE I 72 -23.92 -51.86 85.94
CA ILE I 72 -23.92 -51.83 84.49
C ILE I 72 -25.11 -52.62 83.93
N TYR I 73 -25.32 -53.82 84.46
CA TYR I 73 -26.37 -54.70 83.96
C TYR I 73 -27.76 -54.19 84.34
N ASN I 74 -27.83 -53.48 85.47
CA ASN I 74 -29.07 -52.85 85.89
C ASN I 74 -29.47 -51.78 84.89
N ARG I 75 -28.47 -51.02 84.44
CA ARG I 75 -28.66 -50.00 83.42
C ARG I 75 -29.00 -50.65 82.07
N ALA I 76 -28.00 -51.27 81.45
CA ALA I 76 -28.19 -51.93 80.16
C ALA I 76 -27.19 -53.06 80.01
N GLN I 77 -27.68 -54.21 79.55
CA GLN I 77 -26.85 -55.40 79.42
C GLN I 77 -25.74 -55.21 78.39
N ALA I 78 -24.56 -55.74 78.69
CA ALA I 78 -23.41 -55.59 77.81
C ALA I 78 -22.33 -56.59 78.18
N VAL I 79 -21.40 -56.80 77.25
CA VAL I 79 -20.27 -57.68 77.48
C VAL I 79 -19.24 -56.98 78.34
N ILE I 80 -18.79 -57.66 79.39
CA ILE I 80 -17.79 -57.10 80.31
C ILE I 80 -16.66 -58.09 80.52
N VAL I 81 -15.55 -57.86 79.82
CA VAL I 81 -14.35 -58.66 80.02
C VAL I 81 -13.66 -58.17 81.31
N ALA I 82 -14.30 -58.44 82.45
CA ALA I 82 -13.82 -57.98 83.73
C ALA I 82 -12.55 -58.72 84.14
N VAL I 83 -11.72 -58.07 84.94
CA VAL I 83 -10.47 -58.65 85.42
C VAL I 83 -10.62 -58.99 86.90
N GLY I 84 -10.58 -57.96 87.75
CA GLY I 84 -10.73 -58.15 89.18
C GLY I 84 -9.44 -58.63 89.81
N VAL I 85 -9.04 -57.98 90.90
CA VAL I 85 -7.81 -58.32 91.61
C VAL I 85 -8.06 -58.37 93.11
N GLU I 86 -7.31 -59.22 93.81
CA GLU I 86 -7.46 -59.38 95.25
C GLU I 86 -7.17 -58.08 95.98
N THR I 87 -7.92 -57.81 97.04
CA THR I 87 -7.72 -56.62 97.84
C THR I 87 -6.39 -56.71 98.59
N ALA I 88 -5.68 -55.59 98.69
CA ALA I 88 -4.39 -55.53 99.36
C ALA I 88 -4.53 -54.94 100.76
N GLU I 89 -3.39 -54.78 101.44
CA GLU I 89 -3.38 -54.25 102.80
C GLU I 89 -3.72 -52.76 102.81
N THR I 90 -2.76 -51.94 102.39
CA THR I 90 -2.95 -50.50 102.33
C THR I 90 -3.64 -50.10 101.02
N PRO I 91 -4.39 -48.99 101.04
CA PRO I 91 -5.12 -48.55 99.84
C PRO I 91 -4.17 -48.10 98.73
N GLU I 92 -3.01 -47.56 99.13
CA GLU I 92 -2.03 -47.07 98.16
C GLU I 92 -1.42 -48.22 97.36
N ALA I 93 -0.93 -49.23 98.08
CA ALA I 93 -0.29 -50.38 97.45
C ALA I 93 -1.29 -51.24 96.69
N GLN I 94 -2.58 -51.04 96.99
CA GLN I 94 -3.63 -51.79 96.31
C GLN I 94 -3.72 -51.35 94.85
N ALA I 95 -3.40 -50.09 94.60
CA ALA I 95 -3.45 -49.54 93.24
C ALA I 95 -2.41 -50.21 92.35
N SER I 96 -1.37 -50.76 92.95
CA SER I 96 -0.33 -51.47 92.20
C SER I 96 -0.91 -52.72 91.55
N ALA I 97 -1.66 -53.49 92.33
CA ALA I 97 -2.31 -54.69 91.83
C ALA I 97 -3.37 -54.33 90.79
N VAL I 98 -3.97 -53.16 90.95
CA VAL I 98 -4.99 -52.68 90.02
C VAL I 98 -4.34 -52.35 88.68
N ILE I 99 -3.26 -51.57 88.71
CA ILE I 99 -2.52 -51.26 87.50
C ILE I 99 -1.91 -52.55 86.96
N GLY I 100 -1.15 -53.24 87.80
CA GLY I 100 -0.59 -54.53 87.44
C GLY I 100 0.60 -54.39 86.52
N GLY I 101 1.76 -54.88 86.98
CA GLY I 101 2.96 -54.83 86.18
C GLY I 101 2.94 -55.89 85.10
N ILE I 102 3.39 -57.10 85.44
CA ILE I 102 3.42 -58.20 84.48
C ILE I 102 3.68 -59.55 85.17
N SER I 103 4.30 -59.50 86.35
CA SER I 103 4.57 -60.69 87.17
C SER I 103 5.62 -61.58 86.52
N ALA I 104 6.19 -62.48 87.32
CA ALA I 104 7.21 -63.40 86.84
C ALA I 104 6.62 -64.45 85.90
N ALA I 105 5.32 -64.65 85.99
CA ALA I 105 4.63 -65.63 85.16
C ALA I 105 4.62 -65.20 83.70
N GLY I 106 4.77 -63.90 83.48
CA GLY I 106 4.80 -63.34 82.13
C GLY I 106 3.43 -62.85 81.70
N GLU I 107 2.39 -63.43 82.29
CA GLU I 107 1.01 -63.05 81.95
C GLU I 107 0.67 -61.67 82.51
N ARG I 108 0.15 -60.81 81.65
CA ARG I 108 -0.21 -59.45 82.04
C ARG I 108 -1.21 -59.45 83.19
N THR I 109 -0.81 -58.81 84.29
CA THR I 109 -1.65 -58.75 85.50
C THR I 109 -2.40 -57.43 85.60
N GLY I 110 -3.41 -57.41 86.46
CA GLY I 110 -4.14 -56.20 86.76
C GLY I 110 -4.83 -55.60 85.55
N LEU I 111 -4.94 -54.27 85.55
CA LEU I 111 -5.65 -53.53 84.51
C LEU I 111 -5.07 -53.78 83.12
N GLN I 112 -3.78 -54.09 83.05
CA GLN I 112 -3.12 -54.32 81.77
C GLN I 112 -3.51 -55.66 81.16
N ALA I 113 -4.23 -56.48 81.92
CA ALA I 113 -4.66 -57.79 81.46
C ALA I 113 -5.76 -57.67 80.39
N LEU I 114 -6.33 -56.48 80.26
CA LEU I 114 -7.41 -56.25 79.31
C LEU I 114 -6.96 -56.43 77.86
N LEU I 115 -5.67 -56.30 77.61
CA LEU I 115 -5.11 -56.48 76.27
C LEU I 115 -5.28 -57.93 75.80
N ASP I 116 -5.49 -58.83 76.75
CA ASP I 116 -5.66 -60.25 76.45
C ASP I 116 -7.11 -60.58 76.08
N GLY I 117 -8.02 -59.68 76.42
CA GLY I 117 -9.45 -59.89 76.18
C GLY I 117 -9.78 -60.05 74.71
N LYS I 118 -8.92 -59.51 73.85
CA LYS I 118 -9.13 -59.57 72.41
C LYS I 118 -8.72 -60.93 71.86
N SER I 119 -7.56 -61.42 72.30
CA SER I 119 -7.01 -62.68 71.80
C SER I 119 -7.40 -63.86 72.70
N ARG I 120 -8.58 -63.78 73.29
CA ARG I 120 -9.11 -64.87 74.12
C ARG I 120 -10.63 -64.97 74.03
N PHE I 121 -11.30 -63.83 73.96
CA PHE I 121 -12.76 -63.78 73.93
C PHE I 121 -13.28 -63.09 72.67
N ASN I 122 -12.37 -62.69 71.79
CA ASN I 122 -12.74 -61.97 70.57
C ASN I 122 -13.60 -60.74 70.88
N ALA I 123 -13.39 -60.16 72.05
CA ALA I 123 -14.16 -59.00 72.51
C ALA I 123 -13.19 -57.99 73.07
N GLN I 124 -12.63 -57.17 72.19
CA GLN I 124 -11.70 -56.13 72.60
C GLN I 124 -12.42 -55.09 73.47
N PRO I 125 -12.03 -54.98 74.75
CA PRO I 125 -12.71 -53.98 75.59
C PRO I 125 -12.48 -52.56 75.09
N ARG I 126 -13.43 -52.04 74.31
CA ARG I 126 -13.31 -50.71 73.74
C ARG I 126 -14.03 -49.69 74.61
N LEU I 127 -13.92 -49.89 75.93
CA LEU I 127 -14.55 -49.01 76.91
C LEU I 127 -14.03 -49.34 78.30
N LEU I 128 -12.89 -48.75 78.66
CA LEU I 128 -12.27 -49.02 79.95
C LEU I 128 -13.04 -48.36 81.09
N VAL I 129 -12.79 -48.85 82.30
CA VAL I 129 -13.45 -48.35 83.49
C VAL I 129 -12.80 -49.01 84.72
N ALA I 130 -12.61 -48.23 85.77
CA ALA I 130 -11.98 -48.73 87.00
C ALA I 130 -12.62 -48.05 88.21
N PRO I 131 -13.82 -48.51 88.62
CA PRO I 131 -14.55 -47.89 89.73
C PRO I 131 -13.77 -47.91 91.04
N GLY I 132 -13.73 -46.77 91.74
CA GLY I 132 -13.01 -46.67 93.00
C GLY I 132 -11.56 -46.29 92.77
N HIS I 133 -10.89 -47.04 91.91
CA HIS I 133 -9.49 -46.79 91.59
C HIS I 133 -9.34 -45.93 90.33
N SER I 134 -9.47 -44.63 90.49
CA SER I 134 -9.29 -43.68 89.40
C SER I 134 -8.99 -42.27 89.94
N ALA I 135 -9.44 -41.98 91.16
CA ALA I 135 -9.15 -40.71 91.80
C ALA I 135 -7.65 -40.55 92.05
N GLN I 136 -6.96 -41.69 92.15
CA GLN I 136 -5.51 -41.67 92.32
C GLN I 136 -4.82 -41.31 91.01
N GLN I 137 -3.87 -40.38 91.08
CA GLN I 137 -3.16 -39.90 89.91
C GLN I 137 -2.43 -41.02 89.18
N ALA I 138 -2.04 -42.05 89.92
CA ALA I 138 -1.24 -43.14 89.38
C ALA I 138 -2.01 -44.00 88.39
N VAL I 139 -3.04 -44.68 88.88
CA VAL I 139 -3.83 -45.61 88.08
C VAL I 139 -4.52 -44.92 86.92
N ALA I 140 -4.76 -43.62 87.05
CA ALA I 140 -5.47 -42.85 86.03
C ALA I 140 -4.67 -42.78 84.73
N THR I 141 -3.34 -42.67 84.85
CA THR I 141 -2.48 -42.59 83.69
C THR I 141 -2.39 -43.94 82.97
N ALA I 142 -2.43 -45.02 83.75
CA ALA I 142 -2.43 -46.37 83.18
C ALA I 142 -3.67 -46.58 82.32
N MET I 143 -4.78 -46.00 82.76
CA MET I 143 -6.03 -46.04 82.01
C MET I 143 -5.89 -45.26 80.70
N ASP I 144 -5.09 -44.20 80.75
CA ASP I 144 -4.85 -43.35 79.58
C ASP I 144 -4.00 -44.08 78.56
N GLY I 145 -2.90 -44.66 79.02
CA GLY I 145 -1.97 -45.34 78.13
C GLY I 145 -2.56 -46.60 77.55
N LEU I 146 -3.37 -47.29 78.35
CA LEU I 146 -3.99 -48.54 77.95
C LEU I 146 -5.07 -48.32 76.91
N ALA I 147 -5.77 -47.19 77.01
CA ALA I 147 -6.87 -46.86 76.11
C ALA I 147 -6.38 -46.73 74.67
N GLU I 148 -5.18 -46.19 74.51
CA GLU I 148 -4.60 -45.99 73.18
C GLU I 148 -4.21 -47.33 72.55
N LYS I 149 -3.93 -48.32 73.38
CA LYS I 149 -3.61 -49.66 72.90
C LYS I 149 -4.87 -50.37 72.42
N LEU I 150 -5.98 -50.06 73.07
CA LEU I 150 -7.27 -50.68 72.76
C LEU I 150 -8.17 -49.75 71.97
N ARG I 151 -7.72 -48.52 71.76
CA ARG I 151 -8.53 -47.50 71.08
C ARG I 151 -9.88 -47.33 71.79
N ALA I 152 -9.84 -47.40 73.12
CA ALA I 152 -11.05 -47.33 73.93
C ALA I 152 -11.26 -45.92 74.48
N ILE I 153 -12.20 -45.79 75.42
CA ILE I 153 -12.45 -44.51 76.07
C ILE I 153 -12.52 -44.74 77.58
N ALA I 154 -11.39 -44.55 78.25
CA ALA I 154 -11.28 -44.78 79.68
C ALA I 154 -12.12 -43.78 80.48
N ILE I 155 -13.12 -44.29 81.18
CA ILE I 155 -13.98 -43.46 82.02
C ILE I 155 -13.42 -43.39 83.44
N LEU I 156 -12.85 -42.23 83.79
CA LEU I 156 -12.33 -42.00 85.12
C LEU I 156 -13.43 -41.57 86.06
N ASP I 157 -13.08 -41.31 87.32
CA ASP I 157 -14.02 -40.82 88.30
C ASP I 157 -13.27 -40.05 89.39
N GLY I 158 -13.18 -38.73 89.23
CA GLY I 158 -12.44 -37.89 90.15
C GLY I 158 -13.03 -37.86 91.54
N PRO I 159 -12.26 -37.37 92.52
CA PRO I 159 -12.72 -37.32 93.91
C PRO I 159 -13.85 -36.32 94.12
N ASN I 160 -14.74 -36.63 95.06
CA ASN I 160 -15.84 -35.73 95.38
C ASN I 160 -15.33 -34.49 96.11
N SER I 161 -15.41 -34.50 97.43
CA SER I 161 -14.94 -33.37 98.25
C SER I 161 -15.58 -32.06 97.80
N THR I 162 -15.09 -31.53 96.68
CA THR I 162 -15.57 -30.27 96.14
C THR I 162 -15.25 -30.15 94.65
N ASP I 163 -15.74 -29.08 94.03
CA ASP I 163 -15.56 -28.86 92.60
C ASP I 163 -14.12 -28.40 92.29
N GLU I 164 -13.55 -27.65 93.22
CA GLU I 164 -12.19 -27.13 93.05
C GLU I 164 -11.19 -28.27 92.87
N ALA I 165 -11.42 -29.36 93.59
CA ALA I 165 -10.54 -30.52 93.55
C ALA I 165 -10.73 -31.33 92.25
N ALA I 166 -11.89 -31.18 91.64
CA ALA I 166 -12.22 -31.91 90.41
C ALA I 166 -11.58 -31.23 89.20
N VAL I 167 -11.61 -29.90 89.19
CA VAL I 167 -11.03 -29.14 88.09
C VAL I 167 -9.50 -29.26 88.12
N ALA I 168 -8.93 -29.20 89.31
CA ALA I 168 -7.47 -29.29 89.46
C ALA I 168 -6.96 -30.68 89.10
N TYR I 169 -7.87 -31.65 89.08
CA TYR I 169 -7.52 -33.03 88.75
C TYR I 169 -7.54 -33.26 87.25
N ALA I 170 -8.53 -32.67 86.58
CA ALA I 170 -8.68 -32.80 85.12
C ALA I 170 -7.58 -32.04 84.39
N LYS I 171 -7.08 -30.99 85.03
CA LYS I 171 -6.01 -30.17 84.44
C LYS I 171 -4.75 -30.97 84.17
N ASN I 172 -4.64 -32.14 84.78
CA ASN I 172 -3.48 -33.00 84.59
C ASN I 172 -3.47 -33.72 83.25
N PHE I 173 -4.62 -34.29 82.87
CA PHE I 173 -4.71 -35.07 81.64
C PHE I 173 -5.08 -34.19 80.45
N GLY I 174 -4.98 -34.75 79.25
CA GLY I 174 -5.35 -34.04 78.03
C GLY I 174 -5.44 -34.96 76.83
N SER I 175 -5.68 -36.25 77.07
CA SER I 175 -5.73 -37.23 75.99
C SER I 175 -7.14 -37.39 75.44
N LYS I 176 -7.24 -37.75 74.17
CA LYS I 176 -8.51 -37.96 73.50
C LYS I 176 -9.39 -38.98 74.24
N ARG I 177 -8.74 -39.97 74.85
CA ARG I 177 -9.43 -41.12 75.41
C ARG I 177 -9.55 -41.06 76.92
N LEU I 178 -10.21 -40.01 77.40
CA LEU I 178 -10.49 -39.87 78.83
C LEU I 178 -11.77 -39.10 79.03
N PHE I 179 -12.72 -39.74 79.72
CA PHE I 179 -14.04 -39.16 79.95
C PHE I 179 -14.37 -39.25 81.42
N MET I 180 -13.92 -38.26 82.19
CA MET I 180 -14.05 -38.29 83.64
C MET I 180 -15.40 -37.75 84.10
N VAL I 181 -15.88 -38.30 85.22
CA VAL I 181 -17.09 -37.82 85.86
C VAL I 181 -16.76 -37.51 87.33
N ASP I 182 -17.08 -36.29 87.75
CA ASP I 182 -16.65 -35.81 89.06
C ASP I 182 -17.61 -36.22 90.20
N PRO I 183 -18.86 -35.74 90.16
CA PRO I 183 -19.75 -36.00 91.30
C PRO I 183 -20.06 -37.49 91.50
N GLY I 184 -19.68 -38.04 92.64
CA GLY I 184 -19.88 -39.46 92.91
C GLY I 184 -21.30 -39.76 93.31
N VAL I 185 -22.05 -40.36 92.40
CA VAL I 185 -23.43 -40.76 92.67
C VAL I 185 -23.47 -41.78 93.81
N GLN I 186 -24.54 -41.74 94.60
CA GLN I 186 -24.70 -42.69 95.70
C GLN I 186 -25.83 -43.66 95.40
N VAL I 187 -25.52 -44.96 95.55
CA VAL I 187 -26.49 -46.02 95.29
C VAL I 187 -26.94 -46.65 96.60
N TRP I 188 -28.11 -47.27 96.59
CA TRP I 188 -28.62 -47.96 97.77
C TRP I 188 -28.07 -49.39 97.81
N ASP I 189 -27.01 -49.59 98.58
CA ASP I 189 -26.39 -50.91 98.71
C ASP I 189 -27.36 -51.89 99.39
N SER I 190 -27.40 -53.12 98.88
CA SER I 190 -28.28 -54.15 99.43
C SER I 190 -27.76 -54.71 100.74
N ALA I 191 -26.44 -54.85 100.83
CA ALA I 191 -25.79 -55.42 102.01
C ALA I 191 -25.85 -54.48 103.21
N THR I 192 -25.63 -53.20 102.95
CA THR I 192 -25.61 -52.19 104.01
C THR I 192 -27.03 -51.77 104.40
N ASN I 193 -27.97 -51.96 103.48
CA ASN I 193 -29.38 -51.60 103.68
C ASN I 193 -29.54 -50.12 103.99
N ALA I 194 -28.74 -49.29 103.31
CA ALA I 194 -28.81 -47.84 103.46
C ALA I 194 -28.05 -47.15 102.34
N ALA I 195 -27.90 -45.84 102.44
CA ALA I 195 -27.17 -45.06 101.43
C ALA I 195 -25.73 -45.51 101.38
N ARG I 196 -25.11 -45.34 100.20
CA ARG I 196 -23.74 -45.78 100.00
C ARG I 196 -23.15 -45.12 98.76
N ASN I 197 -22.13 -44.30 98.96
CA ASN I 197 -21.50 -43.57 97.87
C ASN I 197 -20.77 -44.50 96.91
N ALA I 198 -20.94 -44.25 95.62
CA ALA I 198 -20.31 -45.04 94.56
C ALA I 198 -19.39 -44.16 93.72
N PRO I 199 -18.45 -44.79 92.97
CA PRO I 199 -17.52 -44.01 92.13
C PRO I 199 -18.17 -43.43 90.88
N ALA I 200 -19.38 -43.87 90.55
CA ALA I 200 -20.12 -43.36 89.39
C ALA I 200 -19.39 -43.62 88.08
N SER I 201 -18.41 -44.52 88.11
CA SER I 201 -17.61 -44.85 86.95
C SER I 201 -18.32 -45.92 86.12
N ALA I 202 -18.71 -46.99 86.79
CA ALA I 202 -19.39 -48.11 86.14
C ALA I 202 -20.78 -47.71 85.65
N TYR I 203 -21.43 -46.81 86.39
CA TYR I 203 -22.76 -46.32 86.02
C TYR I 203 -22.69 -45.55 84.73
N ALA I 204 -21.63 -44.75 84.57
CA ALA I 204 -21.42 -43.97 83.36
C ALA I 204 -20.97 -44.88 82.22
N ALA I 205 -20.36 -46.02 82.56
CA ALA I 205 -19.91 -46.98 81.56
C ALA I 205 -21.10 -47.76 80.99
N GLY I 206 -21.93 -48.28 81.88
CA GLY I 206 -23.12 -49.01 81.48
C GLY I 206 -24.06 -48.12 80.71
N LEU I 207 -24.04 -46.84 81.06
CA LEU I 207 -24.87 -45.82 80.40
C LEU I 207 -24.53 -45.73 78.91
N PHE I 208 -23.23 -45.79 78.60
CA PHE I 208 -22.79 -45.78 77.20
C PHE I 208 -23.35 -47.00 76.47
N ALA I 209 -23.20 -48.17 77.09
CA ALA I 209 -23.60 -49.45 76.51
C ALA I 209 -25.09 -49.44 76.17
N TRP I 210 -25.85 -48.64 76.91
CA TRP I 210 -27.28 -48.51 76.68
C TRP I 210 -27.56 -47.74 75.39
N THR I 211 -26.85 -46.63 75.21
CA THR I 211 -27.02 -45.79 74.03
C THR I 211 -26.41 -46.44 72.78
N ASP I 212 -25.29 -47.13 72.98
CA ASP I 212 -24.59 -47.79 71.88
C ASP I 212 -25.42 -48.94 71.31
N ALA I 213 -26.08 -49.68 72.20
CA ALA I 213 -26.93 -50.79 71.77
C ALA I 213 -28.25 -50.27 71.21
N GLU I 214 -28.69 -49.13 71.73
CA GLU I 214 -29.96 -48.52 71.31
C GLU I 214 -29.79 -47.68 70.06
N TYR I 215 -29.31 -46.45 70.24
CA TYR I 215 -29.12 -45.52 69.13
C TYR I 215 -27.95 -45.97 68.27
N GLY I 216 -26.78 -46.05 68.90
CA GLY I 216 -25.56 -46.44 68.21
C GLY I 216 -24.33 -45.85 68.88
N PHE I 217 -23.16 -46.41 68.57
CA PHE I 217 -21.90 -45.91 69.12
C PHE I 217 -21.69 -44.46 68.75
N TRP I 218 -22.23 -44.06 67.59
CA TRP I 218 -22.11 -42.70 67.11
C TRP I 218 -23.01 -41.74 67.91
N SER I 219 -23.99 -42.30 68.62
CA SER I 219 -24.88 -41.48 69.43
C SER I 219 -24.16 -41.02 70.69
N SER I 220 -24.42 -39.78 71.10
CA SER I 220 -23.81 -39.24 72.31
C SER I 220 -24.48 -39.85 73.54
N PRO I 221 -23.70 -40.18 74.57
CA PRO I 221 -24.24 -40.79 75.80
C PRO I 221 -24.88 -39.77 76.74
N SER I 222 -24.40 -38.53 76.68
CA SER I 222 -24.86 -37.48 77.58
C SER I 222 -26.37 -37.26 77.51
N ASN I 223 -26.92 -36.63 78.54
CA ASN I 223 -28.35 -36.33 78.61
C ASN I 223 -29.20 -37.59 78.54
N LYS I 224 -28.68 -38.68 79.08
CA LYS I 224 -29.42 -39.94 79.19
C LYS I 224 -29.48 -40.35 80.65
N GLU I 225 -30.68 -40.69 81.10
CA GLU I 225 -30.92 -40.97 82.51
C GLU I 225 -30.27 -42.28 82.95
N ILE I 226 -29.66 -42.26 84.14
CA ILE I 226 -29.01 -43.43 84.70
C ILE I 226 -29.86 -44.04 85.80
N LYS I 227 -29.98 -45.36 85.80
CA LYS I 227 -30.75 -46.08 86.80
C LYS I 227 -29.86 -46.60 87.91
N GLY I 228 -30.46 -47.13 88.98
CA GLY I 228 -29.72 -47.69 90.09
C GLY I 228 -29.04 -46.62 90.90
N VAL I 229 -29.78 -45.57 91.22
CA VAL I 229 -29.27 -44.43 91.95
C VAL I 229 -30.26 -44.04 93.05
N THR I 230 -29.89 -43.06 93.87
CA THR I 230 -30.75 -42.62 94.97
C THR I 230 -30.21 -41.34 95.62
N GLY I 231 -29.59 -40.49 94.81
CA GLY I 231 -28.98 -39.25 95.30
C GLY I 231 -27.59 -39.11 94.74
N THR I 232 -26.98 -37.93 94.91
CA THR I 232 -25.66 -37.67 94.37
C THR I 232 -24.84 -36.86 95.38
N SER I 233 -23.64 -37.35 95.67
CA SER I 233 -22.72 -36.65 96.56
C SER I 233 -22.41 -35.27 96.00
N ARG I 234 -22.55 -34.25 96.84
CA ARG I 234 -22.34 -32.86 96.44
C ARG I 234 -23.33 -32.47 95.34
N PRO I 235 -24.53 -31.98 95.72
CA PRO I 235 -25.55 -31.69 94.73
C PRO I 235 -25.12 -30.59 93.76
N VAL I 236 -24.69 -31.00 92.57
CA VAL I 236 -24.30 -30.06 91.53
C VAL I 236 -25.54 -29.34 91.02
N GLU I 237 -25.56 -28.02 91.17
CA GLU I 237 -26.73 -27.23 90.82
C GLU I 237 -26.87 -27.09 89.31
N PHE I 238 -28.11 -26.97 88.84
CA PHE I 238 -28.37 -26.75 87.43
C PHE I 238 -29.67 -25.98 87.24
N LEU I 239 -29.56 -24.76 86.73
CA LEU I 239 -30.72 -23.91 86.50
C LEU I 239 -31.46 -24.36 85.23
N ASP I 240 -32.55 -23.69 84.92
CA ASP I 240 -33.35 -24.03 83.74
C ASP I 240 -32.56 -23.74 82.46
N GLY I 241 -31.86 -22.63 82.43
CA GLY I 241 -31.07 -22.24 81.27
C GLY I 241 -30.22 -21.02 81.54
N ASP I 242 -29.04 -21.25 82.11
CA ASP I 242 -28.11 -20.17 82.40
C ASP I 242 -26.68 -20.70 82.57
N GLU I 243 -25.71 -19.97 82.03
CA GLU I 243 -24.31 -20.37 82.12
C GLU I 243 -23.75 -20.19 83.53
N THR I 244 -24.54 -19.56 84.40
CA THR I 244 -24.13 -19.28 85.76
C THR I 244 -24.16 -20.53 86.63
N CYS I 245 -24.92 -21.53 86.20
CA CYS I 245 -25.04 -22.77 86.96
C CYS I 245 -23.70 -23.48 87.03
N ARG I 246 -23.51 -24.26 88.10
CA ARG I 246 -22.22 -24.88 88.35
C ARG I 246 -22.01 -26.12 87.48
N ALA I 247 -23.11 -26.73 87.05
CA ALA I 247 -23.05 -27.92 86.20
C ALA I 247 -22.31 -27.60 84.90
N ASN I 248 -22.45 -26.35 84.46
CA ASN I 248 -21.82 -25.89 83.23
C ASN I 248 -20.32 -25.66 83.38
N LEU I 249 -19.94 -25.09 84.52
CA LEU I 249 -18.54 -24.74 84.77
C LEU I 249 -17.63 -25.96 84.75
N LEU I 250 -18.13 -27.10 85.21
CA LEU I 250 -17.35 -28.33 85.20
C LEU I 250 -17.19 -28.87 83.78
N ASN I 251 -18.19 -28.64 82.94
CA ASN I 251 -18.13 -29.06 81.54
C ASN I 251 -17.10 -28.25 80.76
N ASN I 252 -16.85 -27.01 81.20
CA ASN I 252 -15.82 -26.17 80.60
C ASN I 252 -14.44 -26.75 80.88
N ALA I 253 -14.32 -27.45 82.01
CA ALA I 253 -13.07 -28.12 82.37
C ALA I 253 -13.06 -29.56 81.88
N ASN I 254 -13.95 -29.87 80.93
CA ASN I 254 -14.05 -31.20 80.36
C ASN I 254 -14.36 -32.23 81.44
N ILE I 255 -15.56 -32.12 82.02
CA ILE I 255 -15.99 -33.02 83.08
C ILE I 255 -17.47 -33.37 82.94
N ALA I 256 -17.77 -34.65 83.10
CA ALA I 256 -19.16 -35.12 83.10
C ALA I 256 -19.75 -34.98 84.49
N THR I 257 -21.05 -34.71 84.55
CA THR I 257 -21.72 -34.50 85.83
C THR I 257 -23.16 -35.03 85.81
N ILE I 258 -23.61 -35.50 86.97
CA ILE I 258 -24.98 -35.98 87.14
C ILE I 258 -25.81 -34.85 87.74
N ILE I 259 -26.80 -34.39 86.98
CA ILE I 259 -27.58 -33.21 87.37
C ILE I 259 -28.89 -33.57 88.05
N ARG I 260 -29.49 -32.57 88.68
CA ARG I 260 -30.78 -32.69 89.35
C ARG I 260 -30.77 -33.68 90.51
N ASP I 261 -31.88 -33.74 91.22
CA ASP I 261 -32.01 -34.56 92.42
C ASP I 261 -31.87 -36.04 92.07
N ASP I 262 -31.66 -36.86 93.09
CA ASP I 262 -31.58 -38.31 92.93
C ASP I 262 -30.45 -38.71 91.98
N GLY I 263 -30.65 -38.45 90.70
CA GLY I 263 -29.70 -38.81 89.66
C GLY I 263 -30.43 -38.83 88.33
N TYR I 264 -31.03 -37.69 88.00
CA TYR I 264 -31.88 -37.57 86.82
C TYR I 264 -31.16 -38.00 85.55
N ARG I 265 -30.00 -37.40 85.29
CA ARG I 265 -29.25 -37.72 84.09
C ARG I 265 -27.80 -37.23 84.15
N LEU I 266 -26.97 -37.82 83.30
CA LEU I 266 -25.56 -37.46 83.18
C LEU I 266 -25.32 -36.76 81.86
N TRP I 267 -24.42 -35.78 81.85
CA TRP I 267 -24.00 -35.14 80.61
C TRP I 267 -22.61 -34.51 80.74
N GLY I 268 -22.10 -33.99 79.62
CA GLY I 268 -20.77 -33.41 79.56
C GLY I 268 -19.95 -34.14 78.53
N ASN I 269 -20.28 -33.91 77.26
CA ASN I 269 -19.66 -34.63 76.15
C ASN I 269 -18.17 -34.36 76.02
N ARG I 270 -17.72 -33.22 76.55
CA ARG I 270 -16.32 -32.84 76.46
C ARG I 270 -15.40 -33.87 77.12
N THR I 271 -14.56 -34.50 76.31
CA THR I 271 -13.55 -35.42 76.83
C THR I 271 -12.32 -34.60 77.22
N LEU I 272 -11.58 -35.09 78.21
CA LEU I 272 -10.40 -34.38 78.69
C LEU I 272 -9.34 -34.28 77.60
N SER I 273 -9.57 -33.44 76.61
CA SER I 273 -8.67 -33.31 75.47
C SER I 273 -8.36 -31.85 75.18
N SER I 274 -7.08 -31.57 74.92
CA SER I 274 -6.63 -30.22 74.59
C SER I 274 -7.03 -29.86 73.17
N ASP I 275 -6.79 -30.78 72.23
CA ASP I 275 -7.15 -30.55 70.84
C ASP I 275 -8.66 -30.44 70.68
N SER I 276 -9.13 -29.28 70.24
CA SER I 276 -10.56 -29.02 70.10
C SER I 276 -11.20 -29.86 68.99
N LYS I 277 -10.36 -30.47 68.16
CA LYS I 277 -10.85 -31.33 67.08
C LYS I 277 -11.51 -32.58 67.66
N TRP I 278 -10.94 -33.09 68.74
CA TRP I 278 -11.45 -34.28 69.42
C TRP I 278 -12.11 -33.88 70.73
N ALA I 279 -12.86 -32.79 70.70
CA ALA I 279 -13.49 -32.27 71.90
C ALA I 279 -14.60 -33.18 72.39
N PHE I 280 -15.40 -33.68 71.47
CA PHE I 280 -16.50 -34.57 71.83
C PHE I 280 -16.01 -36.00 72.00
N VAL I 281 -16.59 -36.70 72.97
CA VAL I 281 -16.28 -38.10 73.19
C VAL I 281 -16.84 -38.93 72.04
N THR I 282 -17.84 -38.38 71.36
CA THR I 282 -18.47 -39.03 70.22
C THR I 282 -17.48 -39.28 69.09
N ARG I 283 -16.79 -38.23 68.68
CA ARG I 283 -15.84 -38.30 67.57
C ARG I 283 -14.76 -39.35 67.83
N VAL I 284 -14.24 -39.36 69.06
CA VAL I 284 -13.22 -40.32 69.45
C VAL I 284 -13.77 -41.74 69.40
N ARG I 285 -15.06 -41.86 69.64
CA ARG I 285 -15.70 -43.17 69.70
C ARG I 285 -16.04 -43.73 68.31
N THR I 286 -16.35 -42.84 67.38
CA THR I 286 -16.66 -43.23 66.01
C THR I 286 -15.39 -43.48 65.21
N MET I 287 -14.40 -42.64 65.43
CA MET I 287 -13.15 -42.70 64.67
C MET I 287 -12.36 -43.95 65.05
N ASP I 288 -12.31 -44.24 66.35
CA ASP I 288 -11.60 -45.42 66.84
C ASP I 288 -12.31 -46.70 66.38
N LEU I 289 -13.56 -46.57 65.95
CA LEU I 289 -14.35 -47.72 65.51
C LEU I 289 -14.14 -48.00 64.03
N VAL I 290 -14.31 -46.98 63.19
CA VAL I 290 -14.16 -47.14 61.75
C VAL I 290 -12.71 -47.47 61.39
N MET I 291 -11.78 -47.03 62.22
CA MET I 291 -10.38 -47.34 62.02
C MET I 291 -10.14 -48.83 62.27
N ASP I 292 -10.59 -49.31 63.43
CA ASP I 292 -10.43 -50.71 63.79
C ASP I 292 -11.23 -51.62 62.86
N ALA I 293 -12.26 -51.07 62.23
CA ALA I 293 -13.09 -51.82 61.29
C ALA I 293 -12.35 -51.99 59.96
N ILE I 294 -11.78 -50.91 59.46
CA ILE I 294 -11.04 -50.93 58.21
C ILE I 294 -9.76 -51.75 58.37
N LEU I 295 -9.16 -51.65 59.55
CA LEU I 295 -7.96 -52.42 59.86
C LEU I 295 -8.26 -53.91 59.83
N ALA I 296 -9.20 -54.33 60.68
CA ALA I 296 -9.57 -55.74 60.79
C ALA I 296 -10.41 -56.22 59.61
N GLY I 297 -10.94 -55.27 58.84
CA GLY I 297 -11.82 -55.59 57.73
C GLY I 297 -11.07 -56.04 56.49
N HIS I 298 -10.05 -55.28 56.11
CA HIS I 298 -9.28 -55.56 54.91
C HIS I 298 -8.07 -56.43 55.23
N LYS I 299 -8.27 -57.43 56.08
CA LYS I 299 -7.26 -58.42 56.39
C LYS I 299 -7.22 -59.49 55.31
N TRP I 300 -8.28 -59.55 54.51
CA TRP I 300 -8.40 -60.51 53.42
C TRP I 300 -7.51 -60.11 52.25
N ALA I 301 -7.34 -58.79 52.08
CA ALA I 301 -6.57 -58.26 50.97
C ALA I 301 -5.08 -58.54 51.19
N VAL I 302 -4.39 -57.60 51.82
CA VAL I 302 -2.95 -57.70 52.06
C VAL I 302 -2.25 -58.01 50.73
N ASP I 303 -1.20 -58.82 50.75
CA ASP I 303 -0.43 -59.10 49.54
C ASP I 303 -1.30 -59.84 48.52
N ARG I 304 -1.69 -59.12 47.47
CA ARG I 304 -2.51 -59.68 46.42
C ARG I 304 -2.33 -58.84 45.15
N GLY I 305 -2.57 -59.45 44.00
CA GLY I 305 -2.38 -58.78 42.72
C GLY I 305 -3.08 -57.44 42.65
N ILE I 306 -2.28 -56.38 42.60
CA ILE I 306 -2.80 -55.02 42.63
C ILE I 306 -3.23 -54.58 41.23
N THR I 307 -4.16 -55.34 40.65
CA THR I 307 -4.72 -55.00 39.35
C THR I 307 -5.76 -53.89 39.51
N LYS I 308 -6.10 -53.22 38.42
CA LYS I 308 -7.11 -52.17 38.43
C LYS I 308 -8.41 -52.64 39.07
N THR I 309 -8.71 -53.94 38.92
CA THR I 309 -9.90 -54.53 39.53
C THR I 309 -9.79 -54.50 41.05
N TYR I 310 -8.63 -54.90 41.55
CA TYR I 310 -8.39 -54.98 42.99
C TYR I 310 -8.57 -53.63 43.66
N VAL I 311 -8.06 -52.57 43.02
CA VAL I 311 -8.18 -51.22 43.56
C VAL I 311 -9.65 -50.82 43.65
N LYS I 312 -10.40 -51.08 42.59
CA LYS I 312 -11.82 -50.78 42.57
C LYS I 312 -12.60 -51.67 43.55
N ASP I 313 -12.16 -52.91 43.72
CA ASP I 313 -12.82 -53.83 44.64
C ASP I 313 -12.70 -53.31 46.07
N VAL I 314 -11.55 -52.73 46.38
CA VAL I 314 -11.31 -52.16 47.70
C VAL I 314 -11.97 -50.78 47.79
N THR I 315 -11.89 -50.01 46.71
CA THR I 315 -12.53 -48.71 46.66
C THR I 315 -14.05 -48.83 46.83
N GLU I 316 -14.65 -49.75 46.08
CA GLU I 316 -16.09 -50.00 46.19
C GLU I 316 -16.42 -50.62 47.53
N GLY I 317 -15.43 -51.22 48.18
CA GLY I 317 -15.62 -51.80 49.49
C GLY I 317 -15.84 -50.72 50.53
N LEU I 318 -15.17 -49.59 50.34
CA LEU I 318 -15.32 -48.43 51.22
C LEU I 318 -16.55 -47.61 50.84
N ARG I 319 -16.83 -47.53 49.55
CA ARG I 319 -18.02 -46.85 49.05
C ARG I 319 -19.28 -47.41 49.69
N ALA I 320 -19.45 -48.72 49.57
CA ALA I 320 -20.61 -49.41 50.12
C ALA I 320 -20.61 -49.36 51.63
N PHE I 321 -19.42 -49.53 52.22
CA PHE I 321 -19.29 -49.56 53.67
C PHE I 321 -19.71 -48.23 54.30
N MET I 322 -19.11 -47.14 53.85
CA MET I 322 -19.40 -45.81 54.39
C MET I 322 -20.85 -45.41 54.13
N ARG I 323 -21.39 -45.88 53.01
CA ARG I 323 -22.77 -45.57 52.67
C ARG I 323 -23.73 -46.30 53.61
N ASP I 324 -23.27 -47.40 54.19
CA ASP I 324 -24.07 -48.11 55.19
C ASP I 324 -24.04 -47.37 56.52
N LEU I 325 -23.04 -46.50 56.69
CA LEU I 325 -22.93 -45.64 57.87
C LEU I 325 -23.71 -44.34 57.67
N LYS I 326 -23.79 -43.89 56.43
CA LYS I 326 -24.46 -42.64 56.11
C LYS I 326 -25.97 -42.75 56.32
N ASN I 327 -26.58 -43.69 55.61
CA ASN I 327 -28.03 -43.92 55.71
C ASN I 327 -28.42 -44.37 57.11
N GLN I 328 -27.48 -45.00 57.81
CA GLN I 328 -27.70 -45.45 59.18
C GLN I 328 -27.65 -44.25 60.13
N GLY I 329 -26.95 -43.20 59.71
CA GLY I 329 -26.87 -41.97 60.49
C GLY I 329 -25.58 -41.83 61.28
N ALA I 330 -24.64 -42.74 61.05
CA ALA I 330 -23.36 -42.71 61.75
C ALA I 330 -22.53 -41.52 61.31
N VAL I 331 -22.64 -41.19 60.03
CA VAL I 331 -21.91 -40.06 59.44
C VAL I 331 -22.85 -39.25 58.57
N ILE I 332 -22.56 -37.96 58.42
CA ILE I 332 -23.37 -37.08 57.58
C ILE I 332 -23.07 -37.36 56.12
N ASN I 333 -21.80 -37.29 55.75
CA ASN I 333 -21.38 -37.57 54.39
C ASN I 333 -19.91 -37.97 54.38
N PHE I 334 -19.50 -38.64 53.31
CA PHE I 334 -18.15 -39.17 53.20
C PHE I 334 -17.59 -39.01 51.79
N GLU I 335 -16.36 -39.48 51.61
CA GLU I 335 -15.70 -39.44 50.32
C GLU I 335 -14.43 -40.28 50.39
N VAL I 336 -14.35 -41.30 49.54
CA VAL I 336 -13.21 -42.20 49.54
C VAL I 336 -12.69 -42.39 48.12
N TYR I 337 -11.36 -42.45 47.98
CA TYR I 337 -10.73 -42.55 46.68
C TYR I 337 -9.24 -42.80 46.82
N ALA I 338 -8.58 -43.13 45.72
CA ALA I 338 -7.14 -43.37 45.69
C ALA I 338 -6.42 -42.08 45.29
N ASP I 339 -5.54 -41.60 46.17
CA ASP I 339 -4.83 -40.35 45.91
C ASP I 339 -3.87 -40.50 44.73
N PRO I 340 -3.93 -39.57 43.75
CA PRO I 340 -2.99 -39.63 42.62
C PRO I 340 -1.52 -39.47 43.04
N ASP I 341 -1.25 -38.52 43.93
CA ASP I 341 0.13 -38.19 44.31
C ASP I 341 0.78 -39.29 45.14
N LEU I 342 0.03 -39.82 46.11
CA LEU I 342 0.54 -40.88 46.98
C LEU I 342 0.83 -42.15 46.20
N ASN I 343 -0.16 -42.62 45.47
CA ASN I 343 -0.01 -43.82 44.65
C ASN I 343 0.95 -43.57 43.50
N SER I 344 2.23 -43.42 43.83
CA SER I 344 3.27 -43.20 42.82
C SER I 344 3.71 -44.55 42.24
N ALA I 345 4.38 -44.49 41.09
CA ALA I 345 4.86 -45.70 40.43
C ALA I 345 5.84 -46.47 41.31
N SER I 346 6.53 -45.76 42.20
CA SER I 346 7.51 -46.37 43.08
C SER I 346 6.87 -46.93 44.35
N GLN I 347 5.82 -46.27 44.82
CA GLN I 347 5.12 -46.70 46.02
C GLN I 347 4.40 -48.03 45.79
N LEU I 348 3.73 -48.14 44.64
CA LEU I 348 3.05 -49.38 44.27
C LEU I 348 4.05 -50.52 44.06
N ALA I 349 5.28 -50.15 43.71
CA ALA I 349 6.33 -51.14 43.48
C ALA I 349 6.92 -51.67 44.79
N GLN I 350 6.44 -51.12 45.91
CA GLN I 350 6.80 -51.60 47.26
C GLN I 350 5.60 -52.22 47.96
N GLY I 351 4.46 -52.23 47.27
CA GLY I 351 3.23 -52.80 47.81
C GLY I 351 2.31 -51.74 48.38
N LYS I 352 2.87 -50.59 48.72
CA LYS I 352 2.07 -49.49 49.27
C LYS I 352 0.98 -49.04 48.29
N VAL I 353 -0.24 -48.94 48.80
CA VAL I 353 -1.36 -48.40 48.04
C VAL I 353 -2.31 -47.71 49.01
N TYR I 354 -2.61 -46.44 48.75
CA TYR I 354 -3.33 -45.61 49.69
C TYR I 354 -4.77 -45.34 49.24
N TRP I 355 -5.64 -45.10 50.21
CA TRP I 355 -7.02 -44.70 49.95
C TRP I 355 -7.42 -43.60 50.92
N ASN I 356 -7.54 -42.38 50.41
CA ASN I 356 -7.86 -41.23 51.25
C ASN I 356 -9.32 -41.22 51.68
N ILE I 357 -9.58 -41.70 52.89
CA ILE I 357 -10.93 -41.68 53.46
C ILE I 357 -11.11 -40.37 54.22
N ARG I 358 -12.29 -39.78 54.09
CA ARG I 358 -12.62 -38.55 54.79
C ARG I 358 -14.13 -38.39 54.95
N PHE I 359 -14.55 -37.88 56.10
CA PHE I 359 -15.96 -37.72 56.40
C PHE I 359 -16.16 -36.82 57.61
N THR I 360 -17.41 -36.64 58.02
CA THR I 360 -17.73 -35.81 59.18
C THR I 360 -18.62 -36.59 60.15
N ASP I 361 -18.02 -37.08 61.25
CA ASP I 361 -18.78 -37.76 62.29
C ASP I 361 -19.81 -36.79 62.88
N VAL I 362 -20.98 -37.30 63.21
CA VAL I 362 -22.07 -36.46 63.70
C VAL I 362 -21.76 -35.90 65.10
N PRO I 363 -21.72 -34.56 65.25
CA PRO I 363 -21.50 -33.96 66.57
C PRO I 363 -22.81 -33.76 67.33
N PRO I 364 -22.82 -34.01 68.65
CA PRO I 364 -24.06 -33.79 69.42
C PRO I 364 -24.34 -32.31 69.63
N ALA I 365 -25.53 -31.86 69.25
CA ALA I 365 -25.94 -30.46 69.45
C ALA I 365 -26.04 -30.17 70.94
N GLU I 366 -24.89 -29.94 71.58
CA GLU I 366 -24.84 -29.76 73.02
C GLU I 366 -25.36 -28.40 73.49
N ASN I 367 -25.73 -27.54 72.53
CA ASN I 367 -26.22 -26.20 72.88
C ASN I 367 -27.00 -25.59 71.71
N PRO I 368 -28.26 -26.05 71.52
CA PRO I 368 -29.13 -25.47 70.48
C PRO I 368 -29.76 -24.14 70.92
N ASN I 369 -29.45 -23.07 70.21
CA ASN I 369 -29.98 -21.75 70.52
C ASN I 369 -31.30 -21.48 69.81
N PHE I 370 -32.02 -20.46 70.26
CA PHE I 370 -33.31 -20.08 69.67
C PHE I 370 -33.45 -18.57 69.67
N ARG I 371 -32.88 -17.93 68.65
CA ARG I 371 -32.92 -16.48 68.53
C ARG I 371 -34.34 -15.99 68.26
N VAL I 372 -35.19 -16.05 69.27
CA VAL I 372 -36.56 -15.58 69.14
C VAL I 372 -36.59 -14.06 69.29
N GLU I 373 -37.48 -13.41 68.53
CA GLU I 373 -37.57 -11.97 68.54
C GLU I 373 -38.85 -11.50 67.88
N VAL I 374 -39.66 -10.74 68.62
CA VAL I 374 -40.88 -10.19 68.06
C VAL I 374 -40.57 -9.03 67.11
N THR I 375 -41.61 -8.51 66.48
CA THR I 375 -41.46 -7.38 65.58
C THR I 375 -42.84 -6.78 65.28
N ASP I 376 -42.91 -5.98 64.23
CA ASP I 376 -44.15 -5.33 63.83
C ASP I 376 -44.35 -5.49 62.33
N GLN I 377 -43.90 -6.62 61.81
CA GLN I 377 -43.94 -6.88 60.37
C GLN I 377 -45.34 -7.30 59.93
N TRP I 378 -45.80 -8.45 60.42
CA TRP I 378 -47.11 -8.98 60.06
C TRP I 378 -48.22 -8.34 60.89
N LEU I 379 -48.39 -7.03 60.74
CA LEU I 379 -49.48 -6.32 61.38
C LEU I 379 -50.48 -5.82 60.34
N THR I 380 -49.96 -5.42 59.19
CA THR I 380 -50.79 -4.96 58.08
C THR I 380 -51.60 -6.13 57.50
N GLU I 381 -51.23 -7.35 57.87
CA GLU I 381 -51.95 -8.54 57.44
C GLU I 381 -53.35 -8.53 58.06
N VAL I 382 -53.45 -7.94 59.25
CA VAL I 382 -54.73 -7.78 59.93
C VAL I 382 -55.49 -6.63 59.27
N LEU I 383 -56.04 -6.90 58.09
CA LEU I 383 -56.73 -5.87 57.33
C LEU I 383 -57.47 -6.50 56.16
N ASP I 384 -56.75 -7.30 55.38
CA ASP I 384 -57.32 -7.97 54.22
C ASP I 384 -56.50 -9.20 53.85
N SER J 2 -16.79 -26.09 76.97
CA SER J 2 -18.08 -26.39 76.35
C SER J 2 -18.92 -25.13 76.24
N PHE J 3 -18.92 -24.33 77.30
CA PHE J 3 -19.66 -23.08 77.36
C PHE J 3 -21.17 -23.36 77.43
N PHE J 4 -21.76 -23.03 78.57
CA PHE J 4 -23.18 -23.20 78.84
C PHE J 4 -23.59 -24.69 78.84
N HIS J 5 -23.69 -25.27 77.65
CA HIS J 5 -24.13 -26.66 77.50
C HIS J 5 -25.53 -26.87 78.07
N GLY J 6 -26.56 -26.44 77.34
CA GLY J 6 -27.93 -26.63 77.76
C GLY J 6 -28.89 -26.34 76.61
N VAL J 7 -29.58 -25.21 76.70
CA VAL J 7 -30.50 -24.78 75.67
C VAL J 7 -30.89 -23.32 75.92
N THR J 8 -30.21 -22.42 75.22
CA THR J 8 -30.44 -20.99 75.38
C THR J 8 -31.69 -20.55 74.64
N VAL J 9 -32.03 -19.28 74.79
CA VAL J 9 -33.21 -18.71 74.16
C VAL J 9 -33.11 -17.19 74.27
N THR J 10 -32.00 -16.65 73.75
CA THR J 10 -31.73 -15.22 73.85
C THR J 10 -32.76 -14.40 73.06
N ASN J 11 -33.28 -13.36 73.70
CA ASN J 11 -34.23 -12.46 73.04
C ASN J 11 -33.48 -11.36 72.31
N VAL J 12 -33.45 -11.43 70.98
CA VAL J 12 -32.76 -10.43 70.19
C VAL J 12 -33.60 -9.16 70.11
N ASP J 13 -33.20 -8.15 70.87
CA ASP J 13 -33.95 -6.90 70.97
C ASP J 13 -33.58 -5.95 69.83
N ILE J 14 -34.12 -6.23 68.65
CA ILE J 14 -33.92 -5.36 67.49
C ILE J 14 -35.23 -5.21 66.73
N GLY J 15 -35.29 -4.17 65.89
CA GLY J 15 -36.49 -3.86 65.14
C GLY J 15 -36.81 -2.38 65.24
N ALA J 16 -37.59 -1.88 64.28
CA ALA J 16 -37.95 -0.47 64.27
C ALA J 16 -38.93 -0.15 65.38
N ARG J 17 -38.49 0.67 66.34
CA ARG J 17 -39.35 1.09 67.43
C ARG J 17 -40.41 2.08 66.95
N THR J 18 -41.48 2.20 67.71
CA THR J 18 -42.55 3.15 67.39
C THR J 18 -42.25 4.52 67.99
N ILE J 19 -42.86 5.55 67.41
CA ILE J 19 -42.64 6.93 67.88
C ILE J 19 -43.97 7.66 67.96
N ALA J 20 -44.11 8.50 68.99
CA ALA J 20 -45.33 9.24 69.24
C ALA J 20 -45.11 10.74 69.14
N LEU J 21 -46.19 11.50 69.30
CA LEU J 21 -46.16 12.95 69.26
C LEU J 21 -46.51 13.53 70.63
N PRO J 22 -45.50 13.67 71.51
CA PRO J 22 -45.77 14.09 72.89
C PRO J 22 -46.21 15.55 73.00
N ALA J 23 -46.70 15.94 74.18
CA ALA J 23 -47.08 17.32 74.46
C ALA J 23 -48.23 17.81 73.59
N SER J 24 -47.99 17.85 72.27
CA SER J 24 -48.99 18.28 71.29
C SER J 24 -49.37 19.75 71.49
N SER J 25 -50.14 20.04 72.53
CA SER J 25 -50.59 21.41 72.77
C SER J 25 -50.97 21.62 74.23
N VAL J 26 -49.97 21.59 75.11
CA VAL J 26 -50.19 21.90 76.52
C VAL J 26 -49.93 23.38 76.75
N ILE J 27 -50.86 24.03 77.44
CA ILE J 27 -50.80 25.47 77.65
C ILE J 27 -49.98 25.79 78.91
N GLY J 28 -49.18 26.85 78.83
CA GLY J 28 -48.36 27.30 79.93
C GLY J 28 -48.73 28.73 80.30
N LEU J 29 -49.69 28.86 81.21
CA LEU J 29 -50.24 30.16 81.58
C LEU J 29 -49.60 30.68 82.87
N CYS J 30 -49.64 31.99 83.05
CA CYS J 30 -49.07 32.62 84.25
C CYS J 30 -49.64 34.01 84.44
N ASP J 31 -50.80 34.09 85.09
CA ASP J 31 -51.44 35.36 85.41
C ASP J 31 -51.23 35.64 86.90
N VAL J 32 -52.24 36.24 87.55
CA VAL J 32 -52.15 36.54 88.98
C VAL J 32 -53.44 36.13 89.68
N PHE J 33 -53.37 36.06 91.02
CA PHE J 33 -54.55 35.74 91.83
C PHE J 33 -54.33 36.21 93.25
N THR J 34 -55.22 35.80 94.14
CA THR J 34 -55.17 36.20 95.55
C THR J 34 -55.13 34.95 96.45
N PRO J 35 -53.93 34.54 96.88
CA PRO J 35 -53.83 33.36 97.74
C PRO J 35 -54.36 33.64 99.14
N GLY J 36 -55.05 32.67 99.74
CA GLY J 36 -55.58 32.82 101.07
C GLY J 36 -56.30 31.57 101.55
N ALA J 37 -57.62 31.59 101.48
CA ALA J 37 -58.45 30.51 101.99
C ALA J 37 -58.82 29.51 100.90
N GLN J 38 -59.75 29.89 100.04
CA GLN J 38 -60.24 29.01 98.98
C GLN J 38 -59.16 28.68 97.97
N ALA J 39 -58.13 29.51 97.92
CA ALA J 39 -57.02 29.31 96.98
C ALA J 39 -56.12 28.17 97.45
N SER J 40 -56.36 26.97 96.91
CA SER J 40 -55.59 25.80 97.29
C SER J 40 -54.17 25.86 96.75
N ALA J 41 -54.04 26.36 95.53
CA ALA J 41 -52.74 26.48 94.88
C ALA J 41 -51.84 27.44 95.64
N LYS J 42 -50.56 27.10 95.76
CA LYS J 42 -49.61 27.93 96.50
C LYS J 42 -49.34 29.23 95.73
N PRO J 43 -48.79 30.24 96.40
CA PRO J 43 -48.65 31.57 95.79
C PRO J 43 -47.68 31.66 94.62
N ASN J 44 -47.10 30.54 94.16
CA ASN J 44 -46.11 30.62 93.09
C ASN J 44 -45.84 29.30 92.36
N VAL J 45 -45.98 28.16 93.03
CA VAL J 45 -45.58 26.89 92.43
C VAL J 45 -46.48 26.54 91.24
N PRO J 46 -45.95 25.78 90.27
CA PRO J 46 -46.79 25.32 89.16
C PRO J 46 -47.87 24.34 89.62
N VAL J 47 -49.07 24.46 89.06
CA VAL J 47 -50.17 23.56 89.37
C VAL J 47 -50.82 23.11 88.07
N LEU J 48 -51.05 21.81 87.96
CA LEU J 48 -51.66 21.25 86.75
C LEU J 48 -53.17 21.38 86.82
N LEU J 49 -53.79 21.62 85.66
CA LEU J 49 -55.23 21.77 85.55
C LEU J 49 -55.77 20.80 84.51
N THR J 50 -57.09 20.76 84.38
CA THR J 50 -57.75 19.88 83.43
C THR J 50 -59.15 20.39 83.09
N SER J 51 -59.80 21.00 84.09
CA SER J 51 -61.14 21.55 83.91
C SER J 51 -61.33 22.74 84.83
N LYS J 52 -62.46 23.44 84.67
CA LYS J 52 -62.76 24.61 85.49
C LYS J 52 -62.83 24.24 86.97
N LYS J 53 -63.36 23.06 87.27
CA LYS J 53 -63.46 22.59 88.64
C LYS J 53 -62.08 22.51 89.30
N ASP J 54 -61.12 21.93 88.58
CA ASP J 54 -59.78 21.76 89.11
C ASP J 54 -59.05 23.10 89.22
N ALA J 55 -59.53 24.08 88.46
CA ALA J 55 -58.94 25.42 88.44
C ALA J 55 -59.60 26.33 89.46
N ALA J 56 -60.90 26.16 89.65
CA ALA J 56 -61.66 27.01 90.56
C ALA J 56 -61.18 26.83 92.00
N ALA J 57 -61.15 25.59 92.47
CA ALA J 57 -60.72 25.29 93.82
C ALA J 57 -59.24 25.58 94.03
N ALA J 58 -58.51 25.70 92.93
CA ALA J 58 -57.06 25.95 92.97
C ALA J 58 -56.75 27.41 93.26
N PHE J 59 -57.20 28.30 92.37
CA PHE J 59 -56.87 29.71 92.46
C PHE J 59 -58.02 30.50 93.08
N GLY J 60 -59.25 30.13 92.73
CA GLY J 60 -60.44 30.78 93.25
C GLY J 60 -61.20 31.52 92.18
N ILE J 61 -62.45 31.87 92.48
CA ILE J 61 -63.29 32.60 91.54
C ILE J 61 -63.00 34.09 91.64
N GLY J 62 -63.05 34.78 90.51
CA GLY J 62 -62.79 36.21 90.47
C GLY J 62 -61.33 36.51 90.25
N SER J 63 -60.46 35.54 90.55
CA SER J 63 -59.04 35.69 90.33
C SER J 63 -58.77 35.95 88.85
N SER J 64 -57.93 36.94 88.57
CA SER J 64 -57.63 37.33 87.20
C SER J 64 -57.09 36.16 86.36
N ILE J 65 -56.55 35.16 87.04
CA ILE J 65 -56.03 33.97 86.37
C ILE J 65 -57.16 33.03 85.98
N TYR J 66 -58.20 33.00 86.80
CA TYR J 66 -59.34 32.12 86.55
C TYR J 66 -60.15 32.59 85.36
N LEU J 67 -60.18 33.91 85.16
CA LEU J 67 -60.87 34.50 84.01
C LEU J 67 -60.16 34.13 82.70
N ALA J 68 -58.88 33.79 82.82
CA ALA J 68 -58.06 33.39 81.68
C ALA J 68 -58.22 31.89 81.42
N CYS J 69 -58.22 31.10 82.49
CA CYS J 69 -58.40 29.65 82.38
C CYS J 69 -59.82 29.34 81.90
N GLU J 70 -60.80 30.05 82.47
CA GLU J 70 -62.19 29.88 82.08
C GLU J 70 -62.39 30.23 80.61
N ALA J 71 -61.63 31.21 80.14
CA ALA J 71 -61.69 31.63 78.74
C ALA J 71 -61.18 30.53 77.82
N ILE J 72 -60.26 29.72 78.33
CA ILE J 72 -59.69 28.61 77.57
C ILE J 72 -60.64 27.41 77.58
N TYR J 73 -61.14 27.06 78.76
CA TYR J 73 -61.99 25.88 78.91
C TYR J 73 -63.36 26.10 78.28
N ASN J 74 -63.80 27.36 78.26
CA ASN J 74 -65.05 27.72 77.58
C ASN J 74 -64.92 27.45 76.09
N ARG J 75 -63.76 27.81 75.54
CA ARG J 75 -63.45 27.57 74.14
C ARG J 75 -63.29 26.07 73.88
N ALA J 76 -62.19 25.50 74.38
CA ALA J 76 -61.92 24.08 74.21
C ALA J 76 -61.05 23.58 75.35
N GLN J 77 -61.42 22.42 75.90
CA GLN J 77 -60.73 21.85 77.05
C GLN J 77 -59.29 21.47 76.70
N ALA J 78 -58.38 21.73 77.63
CA ALA J 78 -56.97 21.44 77.40
C ALA J 78 -56.21 21.43 78.73
N VAL J 79 -55.02 20.85 78.70
CA VAL J 79 -54.15 20.82 79.87
C VAL J 79 -53.48 22.17 80.04
N ILE J 80 -53.54 22.72 81.25
CA ILE J 80 -52.93 24.00 81.55
C ILE J 80 -52.07 23.89 82.80
N VAL J 81 -50.75 23.80 82.60
CA VAL J 81 -49.80 23.82 83.71
C VAL J 81 -49.64 25.27 84.15
N ALA J 82 -50.70 25.81 84.76
CA ALA J 82 -50.72 27.21 85.18
C ALA J 82 -49.78 27.43 86.37
N VAL J 83 -49.26 28.65 86.48
CA VAL J 83 -48.37 29.02 87.56
C VAL J 83 -49.11 29.93 88.55
N GLY J 84 -49.31 31.18 88.15
CA GLY J 84 -50.02 32.14 88.99
C GLY J 84 -49.14 32.69 90.08
N VAL J 85 -49.13 34.01 90.22
CA VAL J 85 -48.32 34.69 91.22
C VAL J 85 -49.14 35.75 91.94
N GLU J 86 -48.80 36.01 93.21
CA GLU J 86 -49.52 36.98 94.02
C GLU J 86 -49.41 38.38 93.42
N THR J 87 -50.50 39.14 93.50
CA THR J 87 -50.50 40.51 93.01
C THR J 87 -49.59 41.39 93.85
N ALA J 88 -48.88 42.30 93.19
CA ALA J 88 -47.95 43.20 93.88
C ALA J 88 -48.56 44.59 94.07
N GLU J 89 -47.78 45.51 94.62
CA GLU J 89 -48.24 46.86 94.87
C GLU J 89 -48.42 47.64 93.58
N THR J 90 -47.31 48.05 92.98
CA THR J 90 -47.33 48.79 91.72
C THR J 90 -47.41 47.83 90.54
N PRO J 91 -48.01 48.27 89.42
CA PRO J 91 -48.16 47.40 88.24
C PRO J 91 -46.81 47.07 87.60
N GLU J 92 -45.86 47.99 87.70
CA GLU J 92 -44.54 47.81 87.12
C GLU J 92 -43.77 46.70 87.82
N ALA J 93 -43.70 46.79 89.14
CA ALA J 93 -42.97 45.82 89.95
C ALA J 93 -43.67 44.46 89.97
N GLN J 94 -44.95 44.45 89.58
CA GLN J 94 -45.71 43.23 89.53
C GLN J 94 -45.20 42.32 88.41
N ALA J 95 -44.68 42.94 87.35
CA ALA J 95 -44.15 42.21 86.21
C ALA J 95 -42.91 41.40 86.61
N SER J 96 -42.25 41.84 87.68
CA SER J 96 -41.06 41.14 88.18
C SER J 96 -41.45 39.76 88.68
N ALA J 97 -42.51 39.71 89.48
CA ALA J 97 -43.02 38.45 90.01
C ALA J 97 -43.56 37.58 88.88
N VAL J 98 -44.07 38.22 87.84
CA VAL J 98 -44.58 37.50 86.68
C VAL J 98 -43.43 36.83 85.93
N ILE J 99 -42.40 37.60 85.63
CA ILE J 99 -41.21 37.04 84.99
C ILE J 99 -40.56 36.04 85.94
N GLY J 100 -40.27 36.49 87.15
CA GLY J 100 -39.72 35.63 88.17
C GLY J 100 -38.25 35.33 87.96
N GLY J 101 -37.43 35.71 88.92
CA GLY J 101 -36.00 35.44 88.84
C GLY J 101 -35.71 33.99 89.15
N ILE J 102 -35.53 33.67 90.43
CA ILE J 102 -35.24 32.31 90.86
C ILE J 102 -35.39 32.14 92.37
N SER J 103 -35.28 33.24 93.11
CA SER J 103 -35.46 33.25 94.56
C SER J 103 -34.33 32.52 95.27
N ALA J 104 -34.20 32.76 96.57
CA ALA J 104 -33.15 32.15 97.37
C ALA J 104 -33.42 30.66 97.59
N ALA J 105 -34.68 30.25 97.42
CA ALA J 105 -35.08 28.86 97.58
C ALA J 105 -34.47 27.98 96.49
N GLY J 106 -34.13 28.61 95.36
CA GLY J 106 -33.53 27.90 94.24
C GLY J 106 -34.57 27.48 93.23
N GLU J 107 -35.81 27.33 93.68
CA GLU J 107 -36.90 26.91 92.80
C GLU J 107 -37.30 28.04 91.86
N ARG J 108 -37.37 27.73 90.57
CA ARG J 108 -37.72 28.72 89.55
C ARG J 108 -39.08 29.35 89.84
N THR J 109 -39.09 30.67 89.99
CA THR J 109 -40.32 31.40 90.30
C THR J 109 -40.92 32.05 89.06
N GLY J 110 -42.18 32.45 89.18
CA GLY J 110 -42.86 33.18 88.13
C GLY J 110 -42.97 32.41 86.83
N LEU J 111 -42.95 33.15 85.72
CA LEU J 111 -43.12 32.59 84.39
C LEU J 111 -42.07 31.53 84.05
N GLN J 112 -40.89 31.64 84.66
CA GLN J 112 -39.81 30.70 84.39
C GLN J 112 -40.04 29.35 85.06
N ALA J 113 -41.08 29.27 85.90
CA ALA J 113 -41.42 28.04 86.59
C ALA J 113 -41.99 26.98 85.63
N LEU J 114 -42.35 27.43 84.43
CA LEU J 114 -42.96 26.53 83.44
C LEU J 114 -41.99 25.43 82.99
N LEU J 115 -40.70 25.67 83.15
CA LEU J 115 -39.68 24.68 82.78
C LEU J 115 -39.79 23.44 83.67
N ASP J 116 -40.44 23.59 84.82
CA ASP J 116 -40.61 22.49 85.77
C ASP J 116 -41.82 21.62 85.42
N GLY J 117 -42.70 22.16 84.59
CA GLY J 117 -43.93 21.46 84.21
C GLY J 117 -43.67 20.14 83.51
N LYS J 118 -42.51 20.04 82.87
CA LYS J 118 -42.14 18.83 82.14
C LYS J 118 -41.68 17.72 83.09
N SER J 119 -40.84 18.10 84.05
CA SER J 119 -40.25 17.15 84.99
C SER J 119 -41.07 17.04 86.27
N ARG J 120 -42.38 17.23 86.17
CA ARG J 120 -43.28 17.10 87.30
C ARG J 120 -44.64 16.55 86.90
N PHE J 121 -45.13 16.98 85.73
CA PHE J 121 -46.44 16.59 85.25
C PHE J 121 -46.37 15.88 83.90
N ASN J 122 -45.15 15.68 83.40
CA ASN J 122 -44.95 15.06 82.10
C ASN J 122 -45.74 15.77 81.00
N ALA J 123 -45.95 17.06 81.18
CA ALA J 123 -46.73 17.88 80.24
C ALA J 123 -45.97 19.17 79.99
N GLN J 124 -45.03 19.11 79.05
CA GLN J 124 -44.24 20.28 78.68
C GLN J 124 -45.16 21.35 78.07
N PRO J 125 -45.30 22.51 78.74
CA PRO J 125 -46.15 23.55 78.15
C PRO J 125 -45.61 24.04 76.82
N ARG J 126 -46.12 23.48 75.72
CA ARG J 126 -45.67 23.85 74.39
C ARG J 126 -46.58 24.93 73.80
N LEU J 127 -47.01 25.84 74.66
CA LEU J 127 -47.88 26.94 74.24
C LEU J 127 -47.99 27.96 75.37
N LEU J 128 -47.03 28.88 75.41
CA LEU J 128 -46.99 29.89 76.46
C LEU J 128 -48.08 30.94 76.28
N VAL J 129 -48.37 31.65 77.36
CA VAL J 129 -49.38 32.70 77.36
C VAL J 129 -49.34 33.43 78.71
N ALA J 130 -49.50 34.74 78.67
CA ALA J 130 -49.45 35.56 79.88
C ALA J 130 -50.44 36.72 79.76
N PRO J 131 -51.75 36.44 79.96
CA PRO J 131 -52.80 37.45 79.80
C PRO J 131 -52.59 38.66 80.71
N GLY J 132 -52.73 39.87 80.16
CA GLY J 132 -52.54 41.09 80.92
C GLY J 132 -51.09 41.53 80.92
N HIS J 133 -50.21 40.61 81.30
CA HIS J 133 -48.78 40.88 81.36
C HIS J 133 -48.06 40.45 80.07
N SER J 134 -48.13 41.31 79.05
CA SER J 134 -47.45 41.06 77.79
C SER J 134 -47.26 42.37 77.01
N ALA J 135 -48.12 43.36 77.26
CA ALA J 135 -47.99 44.66 76.63
C ALA J 135 -46.70 45.35 77.08
N GLN J 136 -46.21 44.96 78.26
CA GLN J 136 -44.95 45.49 78.75
C GLN J 136 -43.77 44.87 77.99
N GLN J 137 -42.85 45.72 77.57
CA GLN J 137 -41.69 45.29 76.80
C GLN J 137 -40.83 44.27 77.55
N ALA J 138 -40.86 44.35 78.87
CA ALA J 138 -40.02 43.53 79.73
C ALA J 138 -40.42 42.06 79.69
N VAL J 139 -41.62 41.77 80.19
CA VAL J 139 -42.12 40.40 80.31
C VAL J 139 -42.23 39.71 78.95
N ALA J 140 -42.38 40.51 77.90
CA ALA J 140 -42.56 39.97 76.55
C ALA J 140 -41.32 39.23 76.07
N THR J 141 -40.14 39.75 76.44
CA THR J 141 -38.88 39.13 76.04
C THR J 141 -38.65 37.82 76.81
N ALA J 142 -39.09 37.78 78.05
CA ALA J 142 -38.99 36.57 78.87
C ALA J 142 -39.81 35.45 78.23
N MET J 143 -40.95 35.83 77.65
CA MET J 143 -41.80 34.88 76.94
C MET J 143 -41.10 34.37 75.68
N ASP J 144 -40.28 35.24 75.08
CA ASP J 144 -39.53 34.89 73.88
C ASP J 144 -38.42 33.90 74.22
N GLY J 145 -37.64 34.23 75.25
CA GLY J 145 -36.50 33.41 75.62
C GLY J 145 -36.94 32.07 76.17
N LEU J 146 -38.05 32.07 76.90
CA LEU J 146 -38.58 30.86 77.53
C LEU J 146 -39.15 29.89 76.49
N ALA J 147 -39.72 30.44 75.43
CA ALA J 147 -40.35 29.64 74.38
C ALA J 147 -39.32 28.74 73.69
N GLU J 148 -38.11 29.25 73.53
CA GLU J 148 -37.04 28.50 72.87
C GLU J 148 -36.56 27.35 73.75
N LYS J 149 -36.72 27.48 75.05
CA LYS J 149 -36.36 26.44 76.00
C LYS J 149 -37.39 25.31 75.96
N LEU J 150 -38.64 25.69 75.71
CA LEU J 150 -39.75 24.75 75.67
C LEU J 150 -40.19 24.43 74.24
N ARG J 151 -39.58 25.10 73.27
CA ARG J 151 -39.96 24.95 71.87
C ARG J 151 -41.45 25.23 71.69
N ALA J 152 -41.94 26.23 72.42
CA ALA J 152 -43.37 26.56 72.43
C ALA J 152 -43.64 27.74 71.50
N ILE J 153 -44.84 28.29 71.58
CA ILE J 153 -45.22 29.46 70.80
C ILE J 153 -45.90 30.46 71.72
N ALA J 154 -45.10 31.40 72.24
CA ALA J 154 -45.59 32.39 73.18
C ALA J 154 -46.57 33.37 72.53
N ILE J 155 -47.82 33.34 73.01
CA ILE J 155 -48.86 34.23 72.50
C ILE J 155 -48.88 35.52 73.32
N LEU J 156 -48.40 36.61 72.72
CA LEU J 156 -48.41 37.91 73.37
C LEU J 156 -49.76 38.59 73.16
N ASP J 157 -49.89 39.80 73.69
CA ASP J 157 -51.11 40.59 73.51
C ASP J 157 -50.77 42.07 73.65
N GLY J 158 -50.50 42.74 72.54
CA GLY J 158 -50.10 44.13 72.54
C GLY J 158 -51.19 45.06 73.03
N PRO J 159 -50.81 46.31 73.36
CA PRO J 159 -51.76 47.29 73.90
C PRO J 159 -52.80 47.71 72.86
N ASN J 160 -54.00 48.03 73.31
CA ASN J 160 -55.06 48.49 72.42
C ASN J 160 -54.76 49.90 71.94
N SER J 161 -55.36 50.90 72.58
CA SER J 161 -55.14 52.30 72.22
C SER J 161 -55.42 52.55 70.74
N THR J 162 -54.50 52.11 69.90
CA THR J 162 -54.61 52.29 68.45
C THR J 162 -53.71 51.31 67.69
N ASP J 163 -53.83 51.32 66.38
CA ASP J 163 -53.08 50.41 65.52
C ASP J 163 -51.61 50.81 65.42
N GLU J 164 -51.37 52.12 65.45
CA GLU J 164 -50.01 52.66 65.35
C GLU J 164 -49.14 52.13 66.48
N ALA J 165 -49.73 51.99 67.66
CA ALA J 165 -49.01 51.52 68.84
C ALA J 165 -48.75 50.02 68.79
N ALA J 166 -49.56 49.30 68.01
CA ALA J 166 -49.45 47.86 67.88
C ALA J 166 -48.33 47.49 66.91
N VAL J 167 -48.23 48.23 65.83
CA VAL J 167 -47.20 47.99 64.82
C VAL J 167 -45.82 48.35 65.38
N ALA J 168 -45.75 49.46 66.11
CA ALA J 168 -44.49 49.92 66.69
C ALA J 168 -44.01 48.97 67.79
N TYR J 169 -44.93 48.15 68.30
CA TYR J 169 -44.60 47.19 69.35
C TYR J 169 -44.06 45.89 68.77
N ALA J 170 -44.65 45.45 67.66
CA ALA J 170 -44.23 44.22 67.00
C ALA J 170 -42.86 44.39 66.33
N LYS J 171 -42.54 45.63 65.95
CA LYS J 171 -41.27 45.94 65.30
C LYS J 171 -40.08 45.60 66.19
N ASN J 172 -40.32 45.43 67.48
CA ASN J 172 -39.27 45.10 68.43
C ASN J 172 -38.81 43.65 68.35
N PHE J 173 -39.75 42.72 68.27
CA PHE J 173 -39.43 41.31 68.24
C PHE J 173 -39.24 40.80 66.83
N GLY J 174 -38.73 39.57 66.70
CA GLY J 174 -38.52 38.95 65.41
C GLY J 174 -38.22 37.46 65.51
N SER J 175 -38.65 36.84 66.61
CA SER J 175 -38.37 35.42 66.85
C SER J 175 -39.46 34.53 66.28
N LYS J 176 -39.08 33.31 65.91
CA LYS J 176 -40.02 32.34 65.35
C LYS J 176 -41.19 32.07 66.29
N ARG J 177 -40.93 32.15 67.59
CA ARG J 177 -41.89 31.72 68.61
C ARG J 177 -42.57 32.89 69.28
N LEU J 178 -43.28 33.70 68.48
CA LEU J 178 -44.07 34.81 69.01
C LEU J 178 -45.27 35.05 68.10
N PHE J 179 -46.45 34.96 68.69
CA PHE J 179 -47.69 35.12 67.94
C PHE J 179 -48.59 36.11 68.66
N MET J 180 -48.38 37.39 68.39
CA MET J 180 -49.08 38.45 69.10
C MET J 180 -50.44 38.74 68.50
N VAL J 181 -51.36 39.17 69.36
CA VAL J 181 -52.68 39.61 68.94
C VAL J 181 -52.92 41.01 69.52
N ASP J 182 -53.27 41.96 68.65
CA ASP J 182 -53.35 43.36 69.06
C ASP J 182 -54.70 43.74 69.67
N PRO J 183 -55.79 43.65 68.89
CA PRO J 183 -57.07 44.14 69.42
C PRO J 183 -57.57 43.34 70.64
N GLY J 184 -57.72 44.01 71.78
CA GLY J 184 -58.13 43.35 73.00
C GLY J 184 -59.63 43.09 73.02
N VAL J 185 -60.01 41.84 72.84
CA VAL J 185 -61.42 41.45 72.88
C VAL J 185 -61.99 41.72 74.27
N GLN J 186 -63.28 42.06 74.33
CA GLN J 186 -63.94 42.32 75.59
C GLN J 186 -64.95 41.22 75.90
N VAL J 187 -64.85 40.67 77.11
CA VAL J 187 -65.73 39.60 77.56
C VAL J 187 -66.71 40.12 78.59
N TRP J 188 -67.83 39.44 78.75
CA TRP J 188 -68.82 39.81 79.74
C TRP J 188 -68.47 39.16 81.08
N ASP J 189 -67.82 39.93 81.96
CA ASP J 189 -67.43 39.43 83.28
C ASP J 189 -68.67 39.13 84.12
N SER J 190 -68.61 38.02 84.86
CA SER J 190 -69.73 37.60 85.70
C SER J 190 -69.82 38.43 86.97
N ALA J 191 -68.66 38.78 87.52
CA ALA J 191 -68.59 39.52 88.78
C ALA J 191 -69.01 40.98 88.60
N THR J 192 -68.59 41.59 87.49
CA THR J 192 -68.89 42.98 87.22
C THR J 192 -70.30 43.14 86.66
N ASN J 193 -70.82 42.07 86.06
CA ASN J 193 -72.16 42.05 85.46
C ASN J 193 -72.29 43.10 84.36
N ALA J 194 -71.22 43.27 83.59
CA ALA J 194 -71.21 44.21 82.47
C ALA J 194 -70.00 43.95 81.57
N ALA J 195 -69.79 44.82 80.59
CA ALA J 195 -68.67 44.69 79.68
C ALA J 195 -67.35 44.78 80.44
N ARG J 196 -66.32 44.15 79.90
CA ARG J 196 -65.02 44.10 80.55
C ARG J 196 -63.93 43.68 79.56
N ASN J 197 -63.01 44.60 79.30
CA ASN J 197 -61.93 44.35 78.34
C ASN J 197 -60.97 43.27 78.84
N ALA J 198 -60.60 42.37 77.93
CA ALA J 198 -59.69 41.27 78.22
C ALA J 198 -58.43 41.39 77.37
N PRO J 199 -57.35 40.69 77.76
CA PRO J 199 -56.09 40.75 76.99
C PRO J 199 -56.14 39.95 75.70
N ALA J 200 -57.17 39.11 75.53
CA ALA J 200 -57.34 38.32 74.31
C ALA J 200 -56.18 37.35 74.08
N SER J 201 -55.39 37.11 75.12
CA SER J 201 -54.23 36.24 75.02
C SER J 201 -54.65 34.79 75.27
N ALA J 202 -55.37 34.58 76.36
CA ALA J 202 -55.85 33.25 76.74
C ALA J 202 -56.90 32.74 75.75
N TYR J 203 -57.69 33.66 75.21
CA TYR J 203 -58.72 33.28 74.23
C TYR J 203 -58.08 32.76 72.96
N ALA J 204 -56.98 33.39 72.56
CA ALA J 204 -56.23 32.96 71.37
C ALA J 204 -55.46 31.68 71.67
N ALA J 205 -55.15 31.45 72.93
CA ALA J 205 -54.43 30.25 73.36
C ALA J 205 -55.36 29.04 73.36
N GLY J 206 -56.52 29.20 73.98
CA GLY J 206 -57.52 28.14 74.02
C GLY J 206 -58.01 27.82 72.62
N LEU J 207 -58.01 28.84 71.76
CA LEU J 207 -58.41 28.68 70.37
C LEU J 207 -57.50 27.69 69.63
N PHE J 208 -56.19 27.75 69.91
CA PHE J 208 -55.25 26.80 69.33
C PHE J 208 -55.59 25.39 69.78
N ALA J 209 -55.80 25.23 71.09
CA ALA J 209 -56.06 23.93 71.71
C ALA J 209 -57.30 23.28 71.09
N TRP J 210 -58.21 24.11 70.58
CA TRP J 210 -59.42 23.61 69.94
C TRP J 210 -59.09 22.99 68.59
N THR J 211 -58.28 23.68 67.82
CA THR J 211 -57.88 23.22 66.48
C THR J 211 -56.91 22.04 66.57
N ASP J 212 -56.02 22.09 67.56
CA ASP J 212 -55.01 21.07 67.74
C ASP J 212 -55.64 19.73 68.15
N ALA J 213 -56.67 19.81 68.99
CA ALA J 213 -57.38 18.61 69.42
C ALA J 213 -58.32 18.12 68.33
N GLU J 214 -58.82 19.07 67.53
CA GLU J 214 -59.77 18.75 66.46
C GLU J 214 -59.05 18.33 65.19
N TYR J 215 -58.57 19.30 64.42
CA TYR J 215 -57.87 19.03 63.17
C TYR J 215 -56.50 18.42 63.45
N GLY J 216 -55.68 19.17 64.17
CA GLY J 216 -54.33 18.75 64.50
C GLY J 216 -53.42 19.95 64.74
N PHE J 217 -52.28 19.71 65.37
CA PHE J 217 -51.29 20.75 65.62
C PHE J 217 -50.82 21.36 64.31
N TRP J 218 -50.84 20.55 63.25
CA TRP J 218 -50.40 21.01 61.94
C TRP J 218 -51.44 21.92 61.31
N SER J 219 -52.67 21.88 61.82
CA SER J 219 -53.74 22.74 61.30
C SER J 219 -53.53 24.17 61.78
N SER J 220 -53.82 25.13 60.90
CA SER J 220 -53.68 26.55 61.25
C SER J 220 -54.83 26.96 62.17
N PRO J 221 -54.54 27.77 63.20
CA PRO J 221 -55.57 28.21 64.14
C PRO J 221 -56.43 29.34 63.60
N SER J 222 -55.85 30.15 62.71
CA SER J 222 -56.52 31.33 62.17
C SER J 222 -57.87 31.00 61.51
N ASN J 223 -58.72 32.01 61.37
CA ASN J 223 -60.02 31.84 60.72
C ASN J 223 -60.89 30.84 61.47
N LYS J 224 -60.73 30.77 62.78
CA LYS J 224 -61.56 29.92 63.63
C LYS J 224 -62.22 30.79 64.69
N GLU J 225 -63.53 30.62 64.84
CA GLU J 225 -64.33 31.48 65.70
C GLU J 225 -64.02 31.24 67.17
N ILE J 226 -63.93 32.33 67.93
CA ILE J 226 -63.65 32.26 69.36
C ILE J 226 -64.92 32.53 70.15
N LYS J 227 -65.15 31.73 71.19
CA LYS J 227 -66.32 31.87 72.05
C LYS J 227 -65.98 32.67 73.31
N GLY J 228 -67.00 33.01 74.09
CA GLY J 228 -66.81 33.74 75.33
C GLY J 228 -66.40 35.17 75.07
N VAL J 229 -67.11 35.82 74.15
CA VAL J 229 -66.82 37.19 73.75
C VAL J 229 -68.12 38.00 73.70
N THR J 230 -68.01 39.30 73.43
CA THR J 230 -69.19 40.17 73.36
C THR J 230 -68.82 41.55 72.82
N GLY J 231 -67.86 41.59 71.90
CA GLY J 231 -67.39 42.84 71.33
C GLY J 231 -65.88 42.87 71.35
N THR J 232 -65.28 43.84 70.65
CA THR J 232 -63.83 43.94 70.57
C THR J 232 -63.40 45.40 70.66
N SER J 233 -62.47 45.67 71.56
CA SER J 233 -61.91 47.01 71.71
C SER J 233 -61.27 47.46 70.40
N ARG J 234 -61.63 48.66 69.97
CA ARG J 234 -61.16 49.21 68.70
C ARG J 234 -61.60 48.32 67.54
N PRO J 235 -62.80 48.58 66.97
CA PRO J 235 -63.33 47.71 65.92
C PRO J 235 -62.46 47.70 64.68
N VAL J 236 -61.63 46.67 64.53
CA VAL J 236 -60.78 46.52 63.36
C VAL J 236 -61.66 46.21 62.16
N GLU J 237 -61.62 47.09 61.16
CA GLU J 237 -62.47 46.95 59.98
C GLU J 237 -61.99 45.82 59.08
N PHE J 238 -62.93 45.21 58.37
CA PHE J 238 -62.61 44.17 57.41
C PHE J 238 -63.66 44.13 56.30
N LEU J 239 -63.24 44.47 55.09
CA LEU J 239 -64.13 44.45 53.94
C LEU J 239 -64.34 43.03 53.45
N ASP J 240 -65.17 42.88 52.41
CA ASP J 240 -65.47 41.56 51.86
C ASP J 240 -64.22 40.95 51.22
N GLY J 241 -63.47 41.77 50.50
CA GLY J 241 -62.25 41.31 49.84
C GLY J 241 -61.47 42.45 49.24
N ASP J 242 -60.63 43.08 50.07
CA ASP J 242 -59.79 44.18 49.61
C ASP J 242 -58.61 44.38 50.55
N GLU J 243 -57.43 44.65 49.98
CA GLU J 243 -56.22 44.87 50.76
C GLU J 243 -56.25 46.22 51.48
N THR J 244 -57.25 47.03 51.18
CA THR J 244 -57.37 48.36 51.77
C THR J 244 -57.86 48.29 53.21
N CYS J 245 -58.48 47.18 53.58
CA CYS J 245 -59.00 47.01 54.93
C CYS J 245 -57.87 47.01 55.94
N ARG J 246 -58.18 47.44 57.15
CA ARG J 246 -57.15 47.63 58.18
C ARG J 246 -56.74 46.30 58.81
N ALA J 247 -57.64 45.31 58.77
CA ALA J 247 -57.35 43.99 59.32
C ALA J 247 -56.15 43.37 58.61
N ASN J 248 -55.97 43.72 57.34
CA ASN J 248 -54.88 43.20 56.53
C ASN J 248 -53.55 43.86 56.87
N LEU J 249 -53.59 45.18 57.10
CA LEU J 249 -52.38 45.95 57.36
C LEU J 249 -51.64 45.47 58.61
N LEU J 250 -52.39 45.04 59.61
CA LEU J 250 -51.78 44.53 60.84
C LEU J 250 -51.13 43.17 60.60
N ASN J 251 -51.70 42.38 59.69
CA ASN J 251 -51.15 41.07 59.34
C ASN J 251 -49.81 41.22 58.60
N ASN J 252 -49.65 42.34 57.90
CA ASN J 252 -48.39 42.64 57.22
C ASN J 252 -47.28 42.90 58.24
N ALA J 253 -47.68 43.39 59.41
CA ALA J 253 -46.73 43.62 60.50
C ALA J 253 -46.67 42.41 61.43
N ASN J 254 -47.14 41.26 60.93
CA ASN J 254 -47.14 40.03 61.70
C ASN J 254 -47.94 40.19 62.98
N ILE J 255 -49.26 40.37 62.83
CA ILE J 255 -50.14 40.54 63.98
C ILE J 255 -51.47 39.84 63.74
N ALA J 256 -51.94 39.14 64.77
CA ALA J 256 -53.24 38.49 64.75
C ALA J 256 -54.32 39.48 65.15
N THR J 257 -55.51 39.34 64.58
CA THR J 257 -56.60 40.27 64.86
C THR J 257 -57.95 39.55 64.85
N ILE J 258 -58.88 40.06 65.68
CA ILE J 258 -60.23 39.53 65.75
C ILE J 258 -61.14 40.42 64.89
N ILE J 259 -61.69 39.83 63.84
CA ILE J 259 -62.44 40.60 62.85
C ILE J 259 -63.95 40.57 63.10
N ARG J 260 -64.66 41.47 62.42
CA ARG J 260 -66.11 41.57 62.47
C ARG J 260 -66.64 41.88 63.86
N ASP J 261 -67.95 42.11 63.94
CA ASP J 261 -68.61 42.52 65.17
C ASP J 261 -68.48 41.43 66.24
N ASP J 262 -68.76 41.80 67.48
CA ASP J 262 -68.76 40.87 68.60
C ASP J 262 -67.39 40.20 68.79
N GLY J 263 -67.05 39.31 67.86
CA GLY J 263 -65.81 38.56 67.92
C GLY J 263 -65.95 37.33 67.05
N TYR J 264 -66.28 37.57 65.78
CA TYR J 264 -66.58 36.50 64.83
C TYR J 264 -65.47 35.47 64.76
N ARG J 265 -64.25 35.93 64.48
CA ARG J 265 -63.11 35.02 64.35
C ARG J 265 -61.76 35.73 64.41
N LEU J 266 -60.73 34.97 64.72
CA LEU J 266 -59.36 35.47 64.78
C LEU J 266 -58.56 34.92 63.60
N TRP J 267 -57.64 35.72 63.08
CA TRP J 267 -56.71 35.25 62.06
C TRP J 267 -55.43 36.10 62.02
N GLY J 268 -54.48 35.67 61.20
CA GLY J 268 -53.19 36.33 61.08
C GLY J 268 -52.10 35.32 61.39
N ASN J 269 -51.88 34.39 60.47
CA ASN J 269 -50.95 33.28 60.68
C ASN J 269 -49.51 33.75 60.85
N ARG J 270 -49.20 34.93 60.32
CA ARG J 270 -47.85 35.47 60.38
C ARG J 270 -47.36 35.62 61.82
N THR J 271 -46.33 34.86 62.17
CA THR J 271 -45.68 35.00 63.47
C THR J 271 -44.64 36.10 63.38
N LEU J 272 -44.40 36.79 64.50
CA LEU J 272 -43.44 37.89 64.52
C LEU J 272 -42.03 37.40 64.21
N SER J 273 -41.78 37.05 62.95
CA SER J 273 -40.50 36.49 62.53
C SER J 273 -39.96 37.19 61.29
N SER J 274 -38.67 37.52 61.32
CA SER J 274 -38.00 38.15 60.19
C SER J 274 -37.78 37.15 59.06
N ASP J 275 -37.29 35.97 59.40
CA ASP J 275 -37.04 34.93 58.40
C ASP J 275 -38.35 34.47 57.80
N SER J 276 -38.51 34.67 56.49
CA SER J 276 -39.74 34.33 55.79
C SER J 276 -39.96 32.82 55.71
N LYS J 277 -38.93 32.05 56.04
CA LYS J 277 -39.03 30.59 56.05
C LYS J 277 -39.98 30.13 57.16
N TRP J 278 -39.93 30.84 58.29
CA TRP J 278 -40.77 30.52 59.44
C TRP J 278 -41.85 31.58 59.59
N ALA J 279 -42.43 31.99 58.47
CA ALA J 279 -43.42 33.06 58.45
C ALA J 279 -44.71 32.60 59.12
N PHE J 280 -45.13 31.38 58.82
CA PHE J 280 -46.36 30.84 59.40
C PHE J 280 -46.10 30.29 60.79
N VAL J 281 -47.08 30.47 61.67
CA VAL J 281 -47.02 29.92 63.01
C VAL J 281 -47.15 28.39 62.94
N THR J 282 -47.75 27.92 61.85
CA THR J 282 -47.94 26.49 61.62
C THR J 282 -46.61 25.75 61.55
N ARG J 283 -45.72 26.23 60.68
CA ARG J 283 -44.43 25.59 60.47
C ARG J 283 -43.64 25.48 61.77
N VAL J 284 -43.66 26.55 62.55
CA VAL J 284 -42.95 26.58 63.82
C VAL J 284 -43.57 25.58 64.79
N ARG J 285 -44.86 25.34 64.63
CA ARG J 285 -45.59 24.46 65.54
C ARG J 285 -45.41 22.98 65.19
N THR J 286 -45.25 22.68 63.91
CA THR J 286 -45.04 21.31 63.44
C THR J 286 -43.59 20.89 63.60
N MET J 287 -42.68 21.83 63.33
CA MET J 287 -41.25 21.54 63.37
C MET J 287 -40.78 21.32 64.80
N ASP J 288 -41.27 22.17 65.71
CA ASP J 288 -40.94 22.05 67.13
C ASP J 288 -41.51 20.78 67.73
N LEU J 289 -42.48 20.17 67.03
CA LEU J 289 -43.14 18.97 67.51
C LEU J 289 -42.39 17.71 67.06
N VAL J 290 -42.13 17.62 65.76
CA VAL J 290 -41.44 16.46 65.19
C VAL J 290 -40.01 16.37 65.71
N MET J 291 -39.44 17.53 66.05
CA MET J 291 -38.10 17.57 66.63
C MET J 291 -38.12 16.97 68.03
N ASP J 292 -39.03 17.46 68.86
CA ASP J 292 -39.15 16.97 70.23
C ASP J 292 -39.60 15.50 70.26
N ALA J 293 -40.25 15.07 69.18
CA ALA J 293 -40.71 13.68 69.07
C ALA J 293 -39.54 12.76 68.77
N ILE J 294 -38.72 13.17 67.81
CA ILE J 294 -37.54 12.38 67.41
C ILE J 294 -36.52 12.37 68.54
N LEU J 295 -36.42 13.50 69.24
CA LEU J 295 -35.51 13.63 70.36
C LEU J 295 -35.91 12.67 71.48
N ALA J 296 -37.14 12.81 71.96
CA ALA J 296 -37.65 11.98 73.06
C ALA J 296 -38.00 10.57 72.60
N GLY J 297 -38.09 10.38 71.28
CA GLY J 297 -38.50 9.10 70.72
C GLY J 297 -37.37 8.09 70.68
N HIS J 298 -36.22 8.51 70.17
CA HIS J 298 -35.07 7.64 70.01
C HIS J 298 -34.17 7.70 71.25
N LYS J 299 -34.78 7.72 72.42
CA LYS J 299 -34.06 7.66 73.69
C LYS J 299 -33.71 6.22 74.02
N TRP J 300 -34.37 5.29 73.34
CA TRP J 300 -34.15 3.86 73.55
C TRP J 300 -32.83 3.44 72.89
N ALA J 301 -32.49 4.11 71.79
CA ALA J 301 -31.30 3.78 71.02
C ALA J 301 -30.05 4.18 71.81
N VAL J 302 -29.58 5.40 71.56
CA VAL J 302 -28.36 5.91 72.19
C VAL J 302 -27.23 4.90 71.98
N ASP J 303 -26.34 4.74 72.96
CA ASP J 303 -25.20 3.85 72.81
C ASP J 303 -25.66 2.40 72.64
N ARG J 304 -25.54 1.90 71.41
CA ARG J 304 -25.94 0.54 71.08
C ARG J 304 -25.19 0.10 69.82
N GLY J 305 -25.03 -1.20 69.65
CA GLY J 305 -24.30 -1.75 68.53
C GLY J 305 -24.78 -1.21 67.20
N ILE J 306 -23.94 -0.42 66.55
CA ILE J 306 -24.29 0.26 65.31
C ILE J 306 -24.09 -0.72 64.14
N THR J 307 -24.79 -1.84 64.17
CA THR J 307 -24.76 -2.79 63.06
C THR J 307 -25.68 -2.30 61.94
N LYS J 308 -25.51 -2.86 60.74
CA LYS J 308 -26.34 -2.52 59.60
C LYS J 308 -27.83 -2.64 59.92
N THR J 309 -28.16 -3.58 60.80
CA THR J 309 -29.54 -3.77 61.23
C THR J 309 -30.03 -2.56 62.00
N TYR J 310 -29.20 -2.10 62.93
CA TYR J 310 -29.55 -0.97 63.80
C TYR J 310 -29.85 0.29 62.98
N VAL J 311 -29.04 0.53 61.97
CA VAL J 311 -29.23 1.71 61.11
C VAL J 311 -30.58 1.61 60.40
N LYS J 312 -30.87 0.43 59.84
CA LYS J 312 -32.15 0.20 59.16
C LYS J 312 -33.32 0.25 60.14
N ASP J 313 -33.10 -0.23 61.37
CA ASP J 313 -34.15 -0.22 62.38
C ASP J 313 -34.55 1.21 62.72
N VAL J 314 -33.57 2.09 62.75
CA VAL J 314 -33.81 3.50 63.02
C VAL J 314 -34.32 4.18 61.77
N THR J 315 -33.76 3.82 60.61
CA THR J 315 -34.21 4.37 59.33
C THR J 315 -35.66 4.02 59.07
N GLU J 316 -36.01 2.75 59.26
CA GLU J 316 -37.38 2.29 59.09
C GLU J 316 -38.28 2.88 60.18
N GLY J 317 -37.68 3.31 61.28
CA GLY J 317 -38.42 3.93 62.36
C GLY J 317 -38.93 5.29 61.94
N LEU J 318 -38.14 5.98 61.13
CA LEU J 318 -38.51 7.28 60.59
C LEU J 318 -39.41 7.13 59.37
N ARG J 319 -39.16 6.10 58.57
CA ARG J 319 -39.98 5.80 57.41
C ARG J 319 -41.44 5.63 57.81
N ALA J 320 -41.67 4.74 58.78
CA ALA J 320 -43.01 4.44 59.25
C ALA J 320 -43.60 5.64 59.98
N PHE J 321 -42.76 6.31 60.76
CA PHE J 321 -43.20 7.45 61.56
C PHE J 321 -43.72 8.59 60.68
N MET J 322 -42.88 9.03 59.74
CA MET J 322 -43.24 10.13 58.85
C MET J 322 -44.42 9.77 57.97
N ARG J 323 -44.53 8.49 57.62
CA ARG J 323 -45.63 8.04 56.78
C ARG J 323 -46.95 8.09 57.57
N ASP J 324 -46.86 8.02 58.89
CA ASP J 324 -48.04 8.16 59.74
C ASP J 324 -48.46 9.63 59.81
N LEU J 325 -47.53 10.52 59.48
CA LEU J 325 -47.82 11.96 59.42
C LEU J 325 -48.33 12.35 58.04
N LYS J 326 -47.89 11.63 57.02
CA LYS J 326 -48.25 11.93 55.65
C LYS J 326 -49.72 11.61 55.38
N ASN J 327 -50.11 10.35 55.61
CA ASN J 327 -51.48 9.92 55.42
C ASN J 327 -52.44 10.63 56.38
N GLN J 328 -51.91 11.05 57.52
CA GLN J 328 -52.68 11.80 58.51
C GLN J 328 -52.90 13.24 58.02
N GLY J 329 -51.99 13.71 57.18
CA GLY J 329 -52.11 15.03 56.60
C GLY J 329 -51.22 16.07 57.27
N ALA J 330 -50.36 15.62 58.17
CA ALA J 330 -49.46 16.53 58.88
C ALA J 330 -48.42 17.10 57.93
N VAL J 331 -47.99 16.28 56.97
CA VAL J 331 -46.99 16.67 55.99
C VAL J 331 -47.43 16.23 54.61
N ILE J 332 -46.98 16.94 53.58
CA ILE J 332 -47.33 16.57 52.20
C ILE J 332 -46.51 15.36 51.78
N ASN J 333 -45.19 15.46 51.92
CA ASN J 333 -44.30 14.36 51.58
C ASN J 333 -42.99 14.52 52.34
N PHE J 334 -42.24 13.42 52.46
CA PHE J 334 -41.02 13.40 53.24
C PHE J 334 -39.95 12.56 52.56
N GLU J 335 -38.80 12.48 53.21
CA GLU J 335 -37.68 11.67 52.74
C GLU J 335 -36.61 11.59 53.83
N VAL J 336 -36.30 10.37 54.25
CA VAL J 336 -35.34 10.16 55.32
C VAL J 336 -34.32 9.10 54.91
N TYR J 337 -33.07 9.31 55.28
CA TYR J 337 -31.99 8.43 54.89
C TYR J 337 -30.70 8.79 55.61
N ALA J 338 -29.70 7.93 55.50
CA ALA J 338 -28.40 8.16 56.11
C ALA J 338 -27.46 8.79 55.09
N ASP J 339 -26.95 9.98 55.39
CA ASP J 339 -26.08 10.70 54.46
C ASP J 339 -24.75 9.96 54.27
N PRO J 340 -24.34 9.73 53.02
CA PRO J 340 -23.04 9.08 52.77
C PRO J 340 -21.85 9.89 53.28
N ASP J 341 -21.86 11.20 53.06
CA ASP J 341 -20.72 12.04 53.38
C ASP J 341 -20.55 12.24 54.89
N LEU J 342 -21.66 12.47 55.59
CA LEU J 342 -21.62 12.68 57.03
C LEU J 342 -21.17 11.42 57.75
N ASN J 343 -21.84 10.30 57.47
CA ASN J 343 -21.49 9.02 58.07
C ASN J 343 -20.13 8.54 57.57
N SER J 344 -19.08 9.22 57.99
CA SER J 344 -17.72 8.86 57.62
C SER J 344 -17.21 7.76 58.55
N ALA J 345 -16.15 7.08 58.13
CA ALA J 345 -15.55 6.00 58.91
C ALA J 345 -15.08 6.51 60.28
N SER J 346 -14.73 7.79 60.35
CA SER J 346 -14.22 8.38 61.58
C SER J 346 -15.36 8.86 62.48
N GLN J 347 -16.45 9.31 61.87
CA GLN J 347 -17.61 9.80 62.63
C GLN J 347 -18.29 8.66 63.37
N LEU J 348 -18.47 7.54 62.69
CA LEU J 348 -19.05 6.35 63.30
C LEU J 348 -18.17 5.80 64.41
N ALA J 349 -16.87 6.07 64.31
CA ALA J 349 -15.91 5.61 65.30
C ALA J 349 -15.93 6.48 66.56
N GLN J 350 -16.76 7.52 66.55
CA GLN J 350 -16.99 8.37 67.72
C GLN J 350 -18.42 8.23 68.22
N GLY J 351 -19.20 7.39 67.53
CA GLY J 351 -20.58 7.14 67.91
C GLY J 351 -21.55 7.95 67.08
N LYS J 352 -21.07 9.03 66.47
CA LYS J 352 -21.92 9.86 65.63
C LYS J 352 -22.48 9.08 64.45
N VAL J 353 -23.80 9.20 64.26
CA VAL J 353 -24.47 8.62 63.10
C VAL J 353 -25.66 9.51 62.75
N TYR J 354 -25.71 9.96 61.50
CA TYR J 354 -26.67 10.98 61.08
C TYR J 354 -27.78 10.40 60.21
N TRP J 355 -28.94 11.05 60.24
CA TRP J 355 -30.07 10.70 59.38
C TRP J 355 -30.72 11.98 58.86
N ASN J 356 -30.51 12.26 57.57
CA ASN J 356 -31.02 13.48 56.97
C ASN J 356 -32.53 13.43 56.74
N ILE J 357 -33.28 14.00 57.67
CA ILE J 357 -34.73 14.10 57.54
C ILE J 357 -35.09 15.40 56.81
N ARG J 358 -36.07 15.31 55.92
CA ARG J 358 -36.52 16.47 55.17
C ARG J 358 -37.95 16.28 54.67
N PHE J 359 -38.73 17.35 54.72
CA PHE J 359 -40.13 17.29 54.32
C PHE J 359 -40.70 18.70 54.15
N THR J 360 -41.99 18.78 53.85
CA THR J 360 -42.66 20.06 53.65
C THR J 360 -43.92 20.12 54.52
N ASP J 361 -43.84 20.84 55.63
CA ASP J 361 -45.01 21.05 56.48
C ASP J 361 -46.10 21.79 55.69
N VAL J 362 -47.35 21.43 55.93
CA VAL J 362 -48.47 22.00 55.18
C VAL J 362 -48.68 23.48 55.52
N PRO J 363 -48.57 24.38 54.52
CA PRO J 363 -48.82 25.80 54.76
C PRO J 363 -50.31 26.15 54.59
N PRO J 364 -50.86 27.02 55.47
CA PRO J 364 -52.27 27.39 55.31
C PRO J 364 -52.47 28.34 54.13
N ALA J 365 -53.38 27.99 53.21
CA ALA J 365 -53.70 28.84 52.08
C ALA J 365 -54.34 30.13 52.55
N GLU J 366 -53.52 31.06 53.03
CA GLU J 366 -54.02 32.29 53.63
C GLU J 366 -54.55 33.29 52.60
N ASN J 367 -54.45 32.97 51.32
CA ASN J 367 -54.89 33.87 50.26
C ASN J 367 -55.11 33.12 48.94
N PRO J 368 -56.22 32.36 48.83
CA PRO J 368 -56.56 31.66 47.59
C PRO J 368 -57.19 32.59 46.56
N ASN J 369 -56.53 32.75 45.41
CA ASN J 369 -57.01 33.61 44.34
C ASN J 369 -57.92 32.86 43.37
N PHE J 370 -58.67 33.61 42.56
CA PHE J 370 -59.58 33.03 41.59
C PHE J 370 -59.57 33.85 40.31
N ARG J 371 -58.59 33.59 39.45
CA ARG J 371 -58.45 34.33 38.21
C ARG J 371 -59.58 34.02 37.25
N VAL J 372 -60.77 34.53 37.55
CA VAL J 372 -61.94 34.34 36.69
C VAL J 372 -61.89 35.32 35.53
N GLU J 373 -62.34 34.87 34.36
CA GLU J 373 -62.28 35.70 33.16
C GLU J 373 -63.16 35.10 32.07
N VAL J 374 -64.12 35.89 31.58
CA VAL J 374 -64.98 35.45 30.49
C VAL J 374 -64.21 35.48 29.17
N THR J 375 -64.86 35.01 28.12
CA THR J 375 -64.27 35.00 26.79
C THR J 375 -65.36 34.75 25.75
N ASP J 376 -64.95 34.39 24.54
CA ASP J 376 -65.88 34.13 23.45
C ASP J 376 -65.47 32.82 22.76
N GLN J 377 -64.97 31.89 23.55
CA GLN J 377 -64.47 30.62 23.02
C GLN J 377 -65.61 29.66 22.73
N TRP J 378 -66.34 29.25 23.77
CA TRP J 378 -67.45 28.31 23.63
C TRP J 378 -68.73 29.00 23.20
N LEU J 379 -68.70 29.61 22.01
CA LEU J 379 -69.89 30.22 21.43
C LEU J 379 -70.35 29.43 20.21
N THR J 380 -69.37 28.92 19.46
CA THR J 380 -69.67 28.11 18.29
C THR J 380 -70.30 26.77 18.70
N GLU J 381 -70.20 26.45 19.98
CA GLU J 381 -70.81 25.24 20.51
C GLU J 381 -72.33 25.35 20.40
N VAL J 382 -72.83 26.58 20.49
CA VAL J 382 -74.25 26.85 20.33
C VAL J 382 -74.60 26.80 18.84
N LEU J 383 -74.67 25.59 18.30
CA LEU J 383 -74.90 25.41 16.88
C LEU J 383 -75.17 23.94 16.57
N ASP J 384 -74.29 23.07 17.05
CA ASP J 384 -74.43 21.64 16.84
C ASP J 384 -73.64 20.87 17.89
N SER K 2 -47.85 39.56 55.03
CA SER K 2 -48.82 38.57 54.59
C SER K 2 -49.43 38.98 53.26
N PHE K 3 -49.77 40.26 53.15
CA PHE K 3 -50.36 40.84 51.94
C PHE K 3 -51.79 40.32 51.75
N PHE K 4 -52.74 41.24 51.88
CA PHE K 4 -54.16 40.96 51.75
C PHE K 4 -54.68 40.00 52.82
N HIS K 5 -54.35 38.71 52.66
CA HIS K 5 -54.83 37.67 53.57
C HIS K 5 -56.36 37.61 53.63
N GLY K 6 -56.97 37.02 52.61
CA GLY K 6 -58.41 36.86 52.56
C GLY K 6 -58.81 35.90 51.47
N VAL K 7 -59.38 36.44 50.39
CA VAL K 7 -59.78 35.65 49.24
C VAL K 7 -60.08 36.57 48.07
N THR K 8 -59.11 36.73 47.19
CA THR K 8 -59.26 37.63 46.05
C THR K 8 -60.08 36.97 44.94
N VAL K 9 -60.33 37.74 43.89
CA VAL K 9 -61.11 37.27 42.76
C VAL K 9 -60.92 38.25 41.60
N THR K 10 -59.65 38.48 41.24
CA THR K 10 -59.32 39.45 40.22
C THR K 10 -59.87 39.04 38.85
N ASN K 11 -60.50 39.99 38.17
CA ASN K 11 -61.03 39.76 36.83
C ASN K 11 -59.95 40.04 35.79
N VAL K 12 -59.42 38.98 35.18
CA VAL K 12 -58.38 39.13 34.17
C VAL K 12 -59.01 39.57 32.86
N ASP K 13 -58.84 40.86 32.54
CA ASP K 13 -59.46 41.45 31.37
C ASP K 13 -58.59 41.22 30.13
N ILE K 14 -58.64 40.01 29.60
CA ILE K 14 -57.93 39.67 28.36
C ILE K 14 -58.81 38.83 27.46
N GLY K 15 -58.45 38.77 26.18
CA GLY K 15 -59.23 38.04 25.19
C GLY K 15 -59.42 38.90 23.95
N ALA K 16 -59.71 38.24 22.84
CA ALA K 16 -59.91 38.94 21.57
C ALA K 16 -61.22 39.73 21.58
N ARG K 17 -61.10 41.05 21.55
CA ARG K 17 -62.28 41.91 21.50
C ARG K 17 -62.96 41.83 20.13
N THR K 18 -64.24 42.20 20.10
CA THR K 18 -65.01 42.21 18.86
C THR K 18 -64.83 43.54 18.14
N ILE K 19 -65.07 43.54 16.83
CA ILE K 19 -64.92 44.75 16.02
C ILE K 19 -66.11 44.88 15.07
N ALA K 20 -66.55 46.12 14.87
CA ALA K 20 -67.71 46.41 14.04
C ALA K 20 -67.33 47.27 12.83
N LEU K 21 -68.31 47.54 11.98
CA LEU K 21 -68.12 48.36 10.78
C LEU K 21 -68.92 49.65 10.91
N PRO K 22 -68.34 50.67 11.55
CA PRO K 22 -69.08 51.91 11.82
C PRO K 22 -69.39 52.73 10.57
N ALA K 23 -70.27 53.72 10.70
CA ALA K 23 -70.59 54.64 9.61
C ALA K 23 -71.25 53.94 8.43
N SER K 24 -70.53 53.02 7.80
CA SER K 24 -71.03 52.25 6.66
C SER K 24 -71.30 53.14 5.46
N SER K 25 -72.39 53.91 5.52
CA SER K 25 -72.78 54.76 4.39
C SER K 25 -73.68 55.92 4.85
N VAL K 26 -73.10 56.84 5.62
CA VAL K 26 -73.82 58.04 6.02
C VAL K 26 -73.54 59.14 5.00
N ILE K 27 -74.59 59.81 4.55
CA ILE K 27 -74.48 60.83 3.52
C ILE K 27 -74.21 62.20 4.14
N GLY K 28 -73.34 62.95 3.48
CA GLY K 28 -72.97 64.29 3.91
C GLY K 28 -73.32 65.30 2.84
N LEU K 29 -74.55 65.81 2.90
CA LEU K 29 -75.07 66.71 1.88
C LEU K 29 -74.95 68.17 2.30
N CYS K 30 -74.93 69.07 1.32
CA CYS K 30 -74.81 70.50 1.58
C CYS K 30 -75.28 71.30 0.38
N ASP K 31 -76.58 71.53 0.30
CA ASP K 31 -77.18 72.34 -0.76
C ASP K 31 -77.55 73.70 -0.17
N VAL K 32 -78.66 74.28 -0.63
CA VAL K 32 -79.11 75.57 -0.12
C VAL K 32 -80.60 75.55 0.19
N PHE K 33 -81.07 76.54 0.94
CA PHE K 33 -82.49 76.66 1.25
C PHE K 33 -82.81 78.10 1.66
N THR K 34 -84.01 78.30 2.18
CA THR K 34 -84.48 79.63 2.58
C THR K 34 -84.90 79.60 4.05
N PRO K 35 -84.01 80.02 4.97
CA PRO K 35 -84.37 80.03 6.38
C PRO K 35 -85.37 81.13 6.71
N GLY K 36 -86.31 80.83 7.59
CA GLY K 36 -87.32 81.81 7.98
C GLY K 36 -88.28 81.26 9.03
N ALA K 37 -89.46 80.87 8.58
CA ALA K 37 -90.52 80.41 9.48
C ALA K 37 -90.52 78.90 9.62
N GLN K 38 -91.01 78.20 8.59
CA GLN K 38 -91.13 76.75 8.63
C GLN K 38 -89.77 76.06 8.71
N ALA K 39 -88.73 76.79 8.31
CA ALA K 39 -87.37 76.25 8.33
C ALA K 39 -86.83 76.19 9.77
N SER K 40 -86.96 75.01 10.39
CA SER K 40 -86.52 74.84 11.77
C SER K 40 -84.98 74.84 11.85
N ALA K 41 -84.34 74.22 10.87
CA ALA K 41 -82.88 74.13 10.84
C ALA K 41 -82.26 75.53 10.71
N LYS K 42 -81.17 75.76 11.43
CA LYS K 42 -80.52 77.07 11.41
C LYS K 42 -79.86 77.29 10.05
N PRO K 43 -79.52 78.56 9.72
CA PRO K 43 -79.02 78.90 8.38
C PRO K 43 -77.67 78.30 8.01
N ASN K 44 -77.06 77.46 8.85
CA ASN K 44 -75.73 76.94 8.55
C ASN K 44 -75.32 75.69 9.32
N VAL K 45 -75.83 75.50 10.55
CA VAL K 45 -75.34 74.42 11.39
C VAL K 45 -75.73 73.05 10.81
N PRO K 46 -74.93 72.01 11.09
CA PRO K 46 -75.31 70.66 10.65
C PRO K 46 -76.57 70.15 11.35
N VAL K 47 -77.44 69.48 10.61
CA VAL K 47 -78.66 68.90 11.18
C VAL K 47 -78.79 67.47 10.70
N LEU K 48 -79.08 66.56 11.63
CA LEU K 48 -79.22 65.15 11.28
C LEU K 48 -80.62 64.86 10.77
N LEU K 49 -80.70 63.96 9.80
CA LEU K 49 -81.97 63.56 9.21
C LEU K 49 -82.15 62.06 9.30
N THR K 50 -83.31 61.58 8.87
CA THR K 50 -83.63 60.16 8.90
C THR K 50 -84.73 59.82 7.91
N SER K 51 -85.66 60.76 7.71
CA SER K 51 -86.77 60.58 6.79
C SER K 51 -87.20 61.93 6.24
N LYS K 52 -88.09 61.91 5.25
CA LYS K 52 -88.59 63.13 4.64
C LYS K 52 -89.26 64.05 5.65
N LYS K 53 -89.98 63.45 6.60
CA LYS K 53 -90.64 64.21 7.66
C LYS K 53 -89.64 65.04 8.46
N ASP K 54 -88.54 64.40 8.85
CA ASP K 54 -87.53 65.08 9.65
C ASP K 54 -86.78 66.13 8.83
N ALA K 55 -86.83 65.98 7.52
CA ALA K 55 -86.15 66.90 6.59
C ALA K 55 -87.07 68.05 6.17
N ALA K 56 -88.36 67.74 6.02
CA ALA K 56 -89.33 68.73 5.57
C ALA K 56 -89.47 69.86 6.59
N ALA K 57 -89.73 69.50 7.84
CA ALA K 57 -89.90 70.49 8.90
C ALA K 57 -88.60 71.22 9.20
N ALA K 58 -87.48 70.64 8.76
CA ALA K 58 -86.16 71.19 9.03
C ALA K 58 -85.84 72.35 8.07
N PHE K 59 -85.82 72.06 6.77
CA PHE K 59 -85.44 73.03 5.76
C PHE K 59 -86.65 73.66 5.10
N GLY K 60 -87.68 72.85 4.85
CA GLY K 60 -88.91 73.32 4.24
C GLY K 60 -89.12 72.71 2.87
N ILE K 61 -90.35 72.81 2.37
CA ILE K 61 -90.69 72.28 1.06
C ILE K 61 -90.33 73.30 -0.01
N GLY K 62 -89.88 72.81 -1.16
CA GLY K 62 -89.48 73.69 -2.26
C GLY K 62 -88.02 74.08 -2.18
N SER K 63 -87.45 73.98 -0.98
CA SER K 63 -86.03 74.28 -0.78
C SER K 63 -85.20 73.36 -1.67
N SER K 64 -84.21 73.94 -2.37
CA SER K 64 -83.36 73.19 -3.30
C SER K 64 -82.66 72.02 -2.61
N ILE K 65 -82.52 72.11 -1.30
CA ILE K 65 -81.89 71.05 -0.52
C ILE K 65 -82.85 69.90 -0.28
N TYR K 66 -84.13 70.23 -0.15
CA TYR K 66 -85.16 69.23 0.10
C TYR K 66 -85.40 68.37 -1.14
N LEU K 67 -85.24 68.96 -2.32
CA LEU K 67 -85.37 68.23 -3.57
C LEU K 67 -84.23 67.21 -3.72
N ALA K 68 -83.14 67.45 -3.01
CA ALA K 68 -81.98 66.55 -3.02
C ALA K 68 -82.16 65.45 -1.98
N CYS K 69 -82.66 65.81 -0.80
CA CYS K 69 -82.91 64.83 0.26
C CYS K 69 -84.06 63.91 -0.15
N GLU K 70 -85.10 64.49 -0.73
CA GLU K 70 -86.25 63.72 -1.21
C GLU K 70 -85.82 62.74 -2.28
N ALA K 71 -84.85 63.14 -3.09
CA ALA K 71 -84.32 62.30 -4.16
C ALA K 71 -83.60 61.09 -3.58
N ILE K 72 -83.03 61.27 -2.39
CA ILE K 72 -82.32 60.19 -1.71
C ILE K 72 -83.30 59.25 -1.00
N TYR K 73 -84.25 59.81 -0.28
CA TYR K 73 -85.20 59.02 0.49
C TYR K 73 -86.19 58.29 -0.41
N ASN K 74 -86.46 58.89 -1.57
CA ASN K 74 -87.31 58.24 -2.57
C ASN K 74 -86.64 56.97 -3.07
N ARG K 75 -85.33 57.07 -3.31
CA ARG K 75 -84.52 55.94 -3.71
C ARG K 75 -84.42 54.91 -2.58
N ALA K 76 -83.65 55.26 -1.54
CA ALA K 76 -83.47 54.37 -0.40
C ALA K 76 -83.16 55.19 0.84
N GLN K 77 -83.83 54.84 1.95
CA GLN K 77 -83.69 55.59 3.20
C GLN K 77 -82.27 55.49 3.76
N ALA K 78 -81.77 56.60 4.29
CA ALA K 78 -80.42 56.64 4.82
C ALA K 78 -80.24 57.85 5.72
N VAL K 79 -79.19 57.82 6.54
CA VAL K 79 -78.86 58.93 7.42
C VAL K 79 -78.17 60.03 6.60
N ILE K 80 -78.66 61.26 6.77
CA ILE K 80 -78.10 62.40 6.04
C ILE K 80 -77.80 63.53 7.01
N VAL K 81 -76.53 63.67 7.40
CA VAL K 81 -76.10 64.79 8.22
C VAL K 81 -75.98 66.02 7.31
N ALA K 82 -77.13 66.52 6.87
CA ALA K 82 -77.19 67.65 5.94
C ALA K 82 -76.77 68.94 6.64
N VAL K 83 -76.23 69.87 5.86
CA VAL K 83 -75.80 71.16 6.37
C VAL K 83 -76.78 72.24 5.92
N GLY K 84 -76.69 72.61 4.64
CA GLY K 84 -77.57 73.62 4.08
C GLY K 84 -77.14 75.01 4.45
N VAL K 85 -77.06 75.89 3.45
CA VAL K 85 -76.65 77.28 3.65
C VAL K 85 -77.59 78.22 2.91
N GLU K 86 -77.74 79.43 3.44
CA GLU K 86 -78.62 80.43 2.85
C GLU K 86 -78.16 80.80 1.45
N THR K 87 -79.12 81.01 0.55
CA THR K 87 -78.81 81.43 -0.81
C THR K 87 -78.22 82.84 -0.82
N ALA K 88 -77.22 83.06 -1.68
CA ALA K 88 -76.56 84.34 -1.78
C ALA K 88 -77.06 85.12 -3.00
N GLU K 89 -76.47 86.29 -3.23
CA GLU K 89 -76.88 87.15 -4.34
C GLU K 89 -76.46 86.55 -5.67
N THR K 90 -75.17 86.63 -5.98
CA THR K 90 -74.63 86.08 -7.22
C THR K 90 -74.33 84.60 -7.06
N PRO K 91 -74.41 83.84 -8.16
CA PRO K 91 -74.17 82.39 -8.10
C PRO K 91 -72.71 82.06 -7.76
N GLU K 92 -71.80 82.93 -8.16
CA GLU K 92 -70.37 82.72 -7.93
C GLU K 92 -70.04 82.83 -6.45
N ALA K 93 -70.48 83.92 -5.83
CA ALA K 93 -70.22 84.17 -4.41
C ALA K 93 -71.00 83.21 -3.52
N GLN K 94 -72.01 82.57 -4.09
CA GLN K 94 -72.82 81.62 -3.34
C GLN K 94 -71.99 80.36 -3.02
N ALA K 95 -71.05 80.05 -3.91
CA ALA K 95 -70.18 78.89 -3.73
C ALA K 95 -69.28 79.07 -2.51
N SER K 96 -69.04 80.32 -2.13
CA SER K 96 -68.22 80.61 -0.95
C SER K 96 -68.90 80.10 0.31
N ALA K 97 -70.19 80.40 0.43
CA ALA K 97 -70.98 79.94 1.57
C ALA K 97 -71.11 78.42 1.55
N VAL K 98 -71.11 77.84 0.34
CA VAL K 98 -71.20 76.39 0.19
C VAL K 98 -69.91 75.75 0.69
N ILE K 99 -68.77 76.24 0.23
CA ILE K 99 -67.48 75.74 0.71
C ILE K 99 -67.35 76.07 2.19
N GLY K 100 -67.51 77.34 2.52
CA GLY K 100 -67.50 77.78 3.90
C GLY K 100 -66.10 77.83 4.47
N GLY K 101 -65.67 79.02 4.91
CA GLY K 101 -64.37 79.18 5.50
C GLY K 101 -64.35 78.65 6.92
N ILE K 102 -64.71 79.50 7.87
CA ILE K 102 -64.74 79.13 9.28
C ILE K 102 -65.48 80.15 10.14
N SER K 103 -65.57 81.38 9.65
CA SER K 103 -66.30 82.45 10.32
C SER K 103 -65.61 82.89 11.61
N ALA K 104 -65.98 84.06 12.11
CA ALA K 104 -65.39 84.60 13.33
C ALA K 104 -65.86 83.84 14.56
N ALA K 105 -66.98 83.13 14.43
CA ALA K 105 -67.54 82.35 15.53
C ALA K 105 -66.63 81.16 15.86
N GLY K 106 -65.83 80.75 14.89
CA GLY K 106 -64.91 79.64 15.07
C GLY K 106 -65.50 78.33 14.58
N GLU K 107 -66.83 78.25 14.57
CA GLU K 107 -67.52 77.05 14.14
C GLU K 107 -67.42 76.87 12.63
N ARG K 108 -67.01 75.68 12.20
CA ARG K 108 -66.85 75.37 10.79
C ARG K 108 -68.15 75.59 10.02
N THR K 109 -68.10 76.47 9.02
CA THR K 109 -69.28 76.81 8.22
C THR K 109 -69.28 76.06 6.90
N GLY K 110 -70.44 76.05 6.25
CA GLY K 110 -70.59 75.48 4.92
C GLY K 110 -70.25 74.01 4.86
N LEU K 111 -69.73 73.59 3.71
CA LEU K 111 -69.42 72.19 3.45
C LEU K 111 -68.43 71.60 4.45
N GLN K 112 -67.57 72.44 5.01
CA GLN K 112 -66.56 72.00 5.95
C GLN K 112 -67.17 71.65 7.32
N ALA K 113 -68.44 71.97 7.50
CA ALA K 113 -69.15 71.71 8.75
C ALA K 113 -69.38 70.21 8.94
N LEU K 114 -69.21 69.43 7.88
CA LEU K 114 -69.46 68.00 7.92
C LEU K 114 -68.51 67.27 8.87
N LEU K 115 -67.36 67.87 9.14
CA LEU K 115 -66.38 67.29 10.05
C LEU K 115 -66.94 67.23 11.48
N ASP K 116 -67.97 68.03 11.75
CA ASP K 116 -68.58 68.07 13.06
C ASP K 116 -69.63 66.97 13.23
N GLY K 117 -70.08 66.41 12.11
CA GLY K 117 -71.13 65.40 12.13
C GLY K 117 -70.74 64.16 12.91
N LYS K 118 -69.44 63.92 13.03
CA LYS K 118 -68.92 62.75 13.74
C LYS K 118 -68.97 62.97 15.25
N SER K 119 -68.55 64.15 15.69
CA SER K 119 -68.45 64.47 17.11
C SER K 119 -69.72 65.19 17.60
N ARG K 120 -70.86 64.86 17.00
CA ARG K 120 -72.14 65.42 17.41
C ARG K 120 -73.29 64.43 17.24
N PHE K 121 -73.23 63.65 16.17
CA PHE K 121 -74.29 62.69 15.84
C PHE K 121 -73.75 61.26 15.76
N ASN K 122 -72.46 61.09 16.04
CA ASN K 122 -71.83 59.78 15.94
C ASN K 122 -72.06 59.13 14.57
N ALA K 123 -72.22 59.96 13.55
CA ALA K 123 -72.48 59.51 12.19
C ALA K 123 -71.56 60.26 11.24
N GLN K 124 -70.34 59.76 11.09
CA GLN K 124 -69.37 60.37 10.19
C GLN K 124 -69.86 60.27 8.75
N PRO K 125 -70.15 61.42 8.10
CA PRO K 125 -70.61 61.34 6.71
C PRO K 125 -69.54 60.74 5.79
N ARG K 126 -69.64 59.44 5.54
CA ARG K 126 -68.68 58.75 4.70
C ARG K 126 -69.18 58.67 3.27
N LEU K 127 -69.82 59.75 2.82
CA LEU K 127 -70.35 59.83 1.47
C LEU K 127 -70.80 61.26 1.19
N LEU K 128 -69.85 62.08 0.74
CA LEU K 128 -70.12 63.48 0.47
C LEU K 128 -70.96 63.66 -0.80
N VAL K 129 -71.58 64.83 -0.91
CA VAL K 129 -72.41 65.16 -2.06
C VAL K 129 -72.82 66.62 -1.96
N ALA K 130 -72.84 67.32 -3.09
CA ALA K 130 -73.18 68.73 -3.14
C ALA K 130 -73.94 69.04 -4.43
N PRO K 131 -75.24 68.70 -4.48
CA PRO K 131 -76.05 68.88 -5.70
C PRO K 131 -76.09 70.33 -6.16
N GLY K 132 -75.89 70.57 -7.45
CA GLY K 132 -75.91 71.91 -8.01
C GLY K 132 -74.54 72.55 -7.93
N HIS K 133 -73.97 72.56 -6.72
CA HIS K 133 -72.65 73.14 -6.49
C HIS K 133 -71.54 72.09 -6.58
N SER K 134 -71.12 71.79 -7.81
CA SER K 134 -70.03 70.85 -8.05
C SER K 134 -69.43 71.06 -9.44
N ALA K 135 -70.22 71.60 -10.37
CA ALA K 135 -69.73 71.90 -11.71
C ALA K 135 -68.66 72.99 -11.66
N GLN K 136 -68.70 73.80 -10.60
CA GLN K 136 -67.70 74.84 -10.40
C GLN K 136 -66.38 74.20 -9.93
N GLN K 137 -65.28 74.61 -10.55
CA GLN K 137 -63.95 74.08 -10.26
C GLN K 137 -63.57 74.31 -8.80
N ALA K 138 -64.12 75.36 -8.21
CA ALA K 138 -63.75 75.78 -6.85
C ALA K 138 -64.24 74.79 -5.80
N VAL K 139 -65.56 74.69 -5.68
CA VAL K 139 -66.19 73.85 -4.65
C VAL K 139 -65.82 72.38 -4.82
N ALA K 140 -65.48 71.98 -6.04
CA ALA K 140 -65.16 70.59 -6.33
C ALA K 140 -63.90 70.13 -5.61
N THR K 141 -62.93 71.02 -5.49
CA THR K 141 -61.67 70.69 -4.81
C THR K 141 -61.87 70.58 -3.30
N ALA K 142 -62.77 71.40 -2.77
CA ALA K 142 -63.12 71.35 -1.35
C ALA K 142 -63.73 70.00 -1.01
N MET K 143 -64.50 69.47 -1.94
CA MET K 143 -65.09 68.14 -1.79
C MET K 143 -64.01 67.07 -1.80
N ASP K 144 -62.94 67.34 -2.56
CA ASP K 144 -61.82 66.40 -2.67
C ASP K 144 -61.01 66.38 -1.37
N GLY K 145 -60.67 67.57 -0.89
CA GLY K 145 -59.86 67.70 0.30
C GLY K 145 -60.60 67.22 1.55
N LEU K 146 -61.90 67.49 1.57
CA LEU K 146 -62.74 67.13 2.71
C LEU K 146 -62.95 65.62 2.81
N ALA K 147 -63.01 64.97 1.65
CA ALA K 147 -63.25 63.53 1.59
C ALA K 147 -62.12 62.75 2.28
N GLU K 148 -60.90 63.24 2.14
CA GLU K 148 -59.74 62.59 2.73
C GLU K 148 -59.74 62.72 4.26
N LYS K 149 -60.40 63.78 4.75
CA LYS K 149 -60.53 63.98 6.18
C LYS K 149 -61.56 63.03 6.77
N LEU K 150 -62.58 62.72 5.97
CA LEU K 150 -63.66 61.84 6.38
C LEU K 150 -63.54 60.44 5.80
N ARG K 151 -62.53 60.24 4.94
CA ARG K 151 -62.35 58.97 4.24
C ARG K 151 -63.62 58.60 3.47
N ALA K 152 -64.27 59.61 2.89
CA ALA K 152 -65.54 59.42 2.20
C ALA K 152 -65.32 59.32 0.69
N ILE K 153 -66.41 59.38 -0.06
CA ILE K 153 -66.35 59.35 -1.52
C ILE K 153 -67.23 60.47 -2.07
N ALA K 154 -66.61 61.62 -2.32
CA ALA K 154 -67.33 62.80 -2.80
C ALA K 154 -67.89 62.59 -4.21
N ILE K 155 -69.22 62.61 -4.32
CA ILE K 155 -69.88 62.46 -5.61
C ILE K 155 -70.11 63.82 -6.24
N LEU K 156 -69.34 64.12 -7.28
CA LEU K 156 -69.48 65.37 -8.01
C LEU K 156 -70.58 65.24 -9.07
N ASP K 157 -70.79 66.31 -9.83
CA ASP K 157 -71.75 66.31 -10.91
C ASP K 157 -71.36 67.38 -11.94
N GLY K 158 -70.63 66.96 -12.97
CA GLY K 158 -70.12 67.88 -13.97
C GLY K 158 -71.23 68.51 -14.80
N PRO K 159 -70.90 69.58 -15.53
CA PRO K 159 -71.89 70.31 -16.35
C PRO K 159 -72.39 69.48 -17.52
N ASN K 160 -73.65 69.68 -17.90
CA ASN K 160 -74.22 68.97 -19.04
C ASN K 160 -73.63 69.51 -20.34
N SER K 161 -74.34 70.42 -21.00
CA SER K 161 -73.87 71.01 -22.25
C SER K 161 -73.52 69.94 -23.28
N THR K 162 -72.38 69.29 -23.08
CA THR K 162 -71.91 68.25 -23.99
C THR K 162 -70.89 67.34 -23.31
N ASP K 163 -70.47 66.30 -24.02
CA ASP K 163 -69.54 65.31 -23.48
C ASP K 163 -68.11 65.87 -23.44
N GLU K 164 -67.78 66.72 -24.41
CA GLU K 164 -66.45 67.31 -24.50
C GLU K 164 -66.14 68.11 -23.23
N ALA K 165 -67.15 68.77 -22.69
CA ALA K 165 -67.00 69.61 -21.50
C ALA K 165 -66.88 68.76 -20.23
N ALA K 166 -67.39 67.54 -20.30
CA ALA K 166 -67.37 66.62 -19.15
C ALA K 166 -66.00 65.96 -19.00
N VAL K 167 -65.41 65.59 -20.14
CA VAL K 167 -64.10 64.95 -20.14
C VAL K 167 -63.02 65.96 -19.74
N ALA K 168 -63.13 67.18 -20.25
CA ALA K 168 -62.16 68.24 -19.95
C ALA K 168 -62.24 68.66 -18.49
N TYR K 169 -63.35 68.33 -17.83
CA TYR K 169 -63.56 68.67 -16.43
C TYR K 169 -62.96 67.62 -15.50
N ALA K 170 -63.09 66.35 -15.89
CA ALA K 170 -62.58 65.24 -15.10
C ALA K 170 -61.05 65.19 -15.18
N LYS K 171 -60.50 65.71 -16.27
CA LYS K 171 -59.05 65.73 -16.48
C LYS K 171 -58.34 66.54 -15.39
N ASN K 172 -59.11 67.34 -14.66
CA ASN K 172 -58.55 68.19 -13.62
C ASN K 172 -58.20 67.39 -12.36
N PHE K 173 -59.12 66.55 -11.91
CA PHE K 173 -58.94 65.80 -10.68
C PHE K 173 -58.25 64.47 -10.93
N GLY K 174 -57.86 63.81 -9.85
CA GLY K 174 -57.21 62.50 -9.94
C GLY K 174 -57.12 61.80 -8.59
N SER K 175 -58.00 62.16 -7.66
CA SER K 175 -57.96 61.61 -6.31
C SER K 175 -58.83 60.36 -6.20
N LYS K 176 -58.44 59.47 -5.29
CA LYS K 176 -59.18 58.23 -5.05
C LYS K 176 -60.65 58.48 -4.72
N ARG K 177 -60.90 59.60 -4.04
CA ARG K 177 -62.22 59.87 -3.46
C ARG K 177 -63.01 60.90 -4.28
N LEU K 178 -63.26 60.55 -5.54
CA LEU K 178 -64.09 61.38 -6.41
C LEU K 178 -64.81 60.50 -7.42
N PHE K 179 -66.14 60.58 -7.41
CA PHE K 179 -66.96 59.76 -8.28
C PHE K 179 -67.97 60.66 -8.99
N MET K 180 -67.56 61.24 -10.10
CA MET K 180 -68.37 62.22 -10.81
C MET K 180 -69.36 61.56 -11.76
N VAL K 181 -70.50 62.22 -11.94
CA VAL K 181 -71.50 61.80 -12.91
C VAL K 181 -71.82 62.99 -13.81
N ASP K 182 -71.71 62.79 -15.12
CA ASP K 182 -71.82 63.88 -16.08
C ASP K 182 -73.26 64.21 -16.48
N PRO K 183 -73.97 63.27 -17.12
CA PRO K 183 -75.30 63.60 -17.63
C PRO K 183 -76.29 63.95 -16.51
N GLY K 184 -76.82 65.17 -16.52
CA GLY K 184 -77.74 65.62 -15.49
C GLY K 184 -79.13 65.08 -15.72
N VAL K 185 -79.54 64.11 -14.91
CA VAL K 185 -80.87 63.55 -15.00
C VAL K 185 -81.92 64.62 -14.68
N GLN K 186 -83.08 64.51 -15.31
CA GLN K 186 -84.17 65.46 -15.07
C GLN K 186 -85.32 64.79 -14.33
N VAL K 187 -85.75 65.43 -13.24
CA VAL K 187 -86.82 64.91 -12.41
C VAL K 187 -88.08 65.75 -12.60
N TRP K 188 -89.22 65.17 -12.30
CA TRP K 188 -90.49 65.89 -12.39
C TRP K 188 -90.75 66.65 -11.08
N ASP K 189 -90.42 67.94 -11.07
CA ASP K 189 -90.63 68.76 -9.88
C ASP K 189 -92.11 68.91 -9.58
N SER K 190 -92.46 68.84 -8.30
CA SER K 190 -93.84 68.94 -7.86
C SER K 190 -94.34 70.38 -7.91
N ALA K 191 -93.47 71.32 -7.58
CA ALA K 191 -93.82 72.73 -7.52
C ALA K 191 -94.01 73.33 -8.91
N THR K 192 -93.13 72.94 -9.84
CA THR K 192 -93.17 73.46 -11.20
C THR K 192 -94.23 72.74 -12.03
N ASN K 193 -94.58 71.52 -11.62
CA ASN K 193 -95.56 70.69 -12.31
C ASN K 193 -95.16 70.42 -13.76
N ALA K 194 -93.86 70.21 -13.97
CA ALA K 194 -93.33 69.89 -15.29
C ALA K 194 -91.91 69.37 -15.17
N ALA K 195 -91.25 69.19 -16.32
CA ALA K 195 -89.87 68.72 -16.34
C ALA K 195 -88.95 69.70 -15.64
N ARG K 196 -87.85 69.19 -15.08
CA ARG K 196 -86.92 70.02 -14.34
C ARG K 196 -85.58 69.32 -14.18
N ASN K 197 -84.54 69.89 -14.77
CA ASN K 197 -83.22 69.28 -14.73
C ASN K 197 -82.63 69.30 -13.32
N ALA K 198 -82.01 68.19 -12.94
CA ALA K 198 -81.39 68.02 -11.63
C ALA K 198 -79.89 67.77 -11.78
N PRO K 199 -79.12 67.96 -10.71
CA PRO K 199 -77.67 67.73 -10.76
C PRO K 199 -77.28 66.26 -10.79
N ALA K 200 -78.24 65.38 -10.50
CA ALA K 200 -77.99 63.93 -10.53
C ALA K 200 -76.93 63.50 -9.51
N SER K 201 -76.63 64.38 -8.57
CA SER K 201 -75.60 64.11 -7.56
C SER K 201 -76.22 63.35 -6.39
N ALA K 202 -77.33 63.88 -5.87
CA ALA K 202 -78.04 63.27 -4.75
C ALA K 202 -78.66 61.93 -5.15
N TYR K 203 -79.09 61.82 -6.39
CA TYR K 203 -79.69 60.59 -6.90
C TYR K 203 -78.66 59.48 -6.92
N ALA K 204 -77.42 59.82 -7.31
CA ALA K 204 -76.32 58.87 -7.33
C ALA K 204 -75.85 58.56 -5.92
N ALA K 205 -76.08 59.49 -5.00
CA ALA K 205 -75.70 59.30 -3.60
C ALA K 205 -76.66 58.35 -2.90
N GLY K 206 -77.96 58.61 -3.05
CA GLY K 206 -78.98 57.76 -2.48
C GLY K 206 -78.92 56.36 -3.07
N LEU K 207 -78.48 56.29 -4.32
CA LEU K 207 -78.33 55.02 -5.03
C LEU K 207 -77.30 54.13 -4.33
N PHE K 208 -76.21 54.73 -3.85
CA PHE K 208 -75.21 53.99 -3.09
C PHE K 208 -75.83 53.43 -1.81
N ALA K 209 -76.54 54.29 -1.10
CA ALA K 209 -77.14 53.94 0.19
C ALA K 209 -78.09 52.76 0.04
N TRP K 210 -78.65 52.60 -1.15
CA TRP K 210 -79.56 51.50 -1.43
C TRP K 210 -78.80 50.17 -1.52
N THR K 211 -77.67 50.20 -2.23
CA THR K 211 -76.84 49.01 -2.40
C THR K 211 -76.09 48.66 -1.13
N ASP K 212 -75.66 49.70 -0.41
CA ASP K 212 -74.89 49.51 0.82
C ASP K 212 -75.76 48.88 1.91
N ALA K 213 -77.02 49.30 1.97
CA ALA K 213 -77.96 48.75 2.95
C ALA K 213 -78.44 47.37 2.52
N GLU K 214 -78.50 47.16 1.20
CA GLU K 214 -78.98 45.90 0.63
C GLU K 214 -77.86 44.87 0.56
N TYR K 215 -77.02 44.98 -0.48
CA TYR K 215 -75.93 44.05 -0.69
C TYR K 215 -74.84 44.27 0.35
N GLY K 216 -74.29 45.49 0.35
CA GLY K 216 -73.22 45.86 1.26
C GLY K 216 -72.37 46.97 0.68
N PHE K 217 -71.60 47.63 1.54
CA PHE K 217 -70.70 48.70 1.11
C PHE K 217 -69.69 48.17 0.09
N TRP K 218 -69.37 46.88 0.21
CA TRP K 218 -68.41 46.24 -0.70
C TRP K 218 -69.04 46.01 -2.07
N SER K 219 -70.37 46.06 -2.14
CA SER K 219 -71.06 45.86 -3.41
C SER K 219 -70.93 47.12 -4.27
N SER K 220 -70.75 46.92 -5.57
CA SER K 220 -70.63 48.05 -6.50
C SER K 220 -72.01 48.69 -6.71
N PRO K 221 -72.07 50.02 -6.76
CA PRO K 221 -73.34 50.73 -6.95
C PRO K 221 -73.81 50.74 -8.40
N SER K 222 -72.86 50.68 -9.33
CA SER K 222 -73.17 50.76 -10.76
C SER K 222 -74.16 49.70 -11.22
N ASN K 223 -74.79 49.95 -12.36
CA ASN K 223 -75.75 49.00 -12.95
C ASN K 223 -76.94 48.75 -12.01
N LYS K 224 -77.30 49.77 -11.24
CA LYS K 224 -78.47 49.72 -10.37
C LYS K 224 -79.41 50.85 -10.74
N GLU K 225 -80.69 50.51 -10.92
CA GLU K 225 -81.67 51.47 -11.41
C GLU K 225 -81.98 52.54 -10.38
N ILE K 226 -82.10 53.78 -10.85
CA ILE K 226 -82.41 54.91 -10.00
C ILE K 226 -83.86 55.35 -10.20
N LYS K 227 -84.54 55.61 -9.08
CA LYS K 227 -85.94 56.04 -9.12
C LYS K 227 -86.04 57.56 -9.03
N GLY K 228 -87.25 58.08 -9.21
CA GLY K 228 -87.49 59.51 -9.11
C GLY K 228 -86.87 60.26 -10.29
N VAL K 229 -87.11 59.74 -11.48
CA VAL K 229 -86.56 60.30 -12.72
C VAL K 229 -87.67 60.38 -13.78
N THR K 230 -87.34 60.96 -14.93
CA THR K 230 -88.30 61.09 -16.01
C THR K 230 -87.64 61.57 -17.31
N GLY K 231 -86.39 61.15 -17.52
CA GLY K 231 -85.61 61.56 -18.68
C GLY K 231 -84.23 61.99 -18.24
N THR K 232 -83.33 62.18 -19.21
CA THR K 232 -81.96 62.57 -18.89
C THR K 232 -81.46 63.59 -19.91
N SER K 233 -80.93 64.70 -19.39
CA SER K 233 -80.35 65.74 -20.24
C SER K 233 -79.22 65.17 -21.07
N ARG K 234 -79.27 65.42 -22.37
CA ARG K 234 -78.30 64.89 -23.32
C ARG K 234 -78.33 63.36 -23.31
N PRO K 235 -79.18 62.76 -24.16
CA PRO K 235 -79.34 61.31 -24.15
C PRO K 235 -78.05 60.58 -24.51
N VAL K 236 -77.34 60.09 -23.51
CA VAL K 236 -76.11 59.33 -23.73
C VAL K 236 -76.47 57.99 -24.33
N GLU K 237 -75.96 57.74 -25.54
CA GLU K 237 -76.31 56.53 -26.28
C GLU K 237 -75.62 55.30 -25.69
N PHE K 238 -76.27 54.16 -25.83
CA PHE K 238 -75.69 52.89 -25.38
C PHE K 238 -76.22 51.74 -26.21
N LEU K 239 -75.33 51.11 -26.98
CA LEU K 239 -75.70 49.98 -27.81
C LEU K 239 -75.85 48.72 -26.97
N ASP K 240 -76.22 47.61 -27.61
CA ASP K 240 -76.39 46.35 -26.92
C ASP K 240 -75.06 45.83 -26.38
N GLY K 241 -74.00 45.96 -27.17
CA GLY K 241 -72.67 45.50 -26.78
C GLY K 241 -71.62 45.92 -27.78
N ASP K 242 -71.11 47.14 -27.62
CA ASP K 242 -70.06 47.66 -28.49
C ASP K 242 -69.33 48.81 -27.83
N GLU K 243 -68.01 48.85 -27.99
CA GLU K 243 -67.18 49.90 -27.40
C GLU K 243 -67.36 51.23 -28.14
N THR K 244 -68.09 51.20 -29.25
CA THR K 244 -68.31 52.39 -30.06
C THR K 244 -69.31 53.33 -29.42
N CYS K 245 -70.13 52.80 -28.52
CA CYS K 245 -71.15 53.60 -27.86
C CYS K 245 -70.51 54.68 -27.01
N ARG K 246 -71.23 55.79 -26.84
CA ARG K 246 -70.67 56.96 -26.16
C ARG K 246 -70.66 56.78 -24.64
N ALA K 247 -71.56 55.94 -24.14
CA ALA K 247 -71.63 55.67 -22.71
C ALA K 247 -70.32 55.10 -22.20
N ASN K 248 -69.63 54.36 -23.07
CA ASN K 248 -68.36 53.74 -22.74
C ASN K 248 -67.21 54.74 -22.70
N LEU K 249 -67.21 55.66 -23.67
CA LEU K 249 -66.13 56.63 -23.80
C LEU K 249 -65.98 57.51 -22.57
N LEU K 250 -67.10 57.83 -21.91
CA LEU K 250 -67.07 58.64 -20.71
C LEU K 250 -66.50 57.85 -19.54
N ASN K 251 -66.75 56.54 -19.52
CA ASN K 251 -66.22 55.67 -18.48
C ASN K 251 -64.70 55.54 -18.58
N ASN K 252 -64.18 55.69 -19.79
CA ASN K 252 -62.73 55.68 -20.00
C ASN K 252 -62.09 56.92 -19.37
N ALA K 253 -62.85 58.00 -19.29
CA ALA K 253 -62.39 59.22 -18.65
C ALA K 253 -62.81 59.25 -17.17
N ASN K 254 -63.15 58.08 -16.64
CA ASN K 254 -63.56 57.95 -15.24
C ASN K 254 -64.80 58.81 -14.97
N ILE K 255 -65.91 58.45 -15.58
CA ILE K 255 -67.16 59.20 -15.41
C ILE K 255 -68.36 58.26 -15.35
N ALA K 256 -69.24 58.52 -14.41
CA ALA K 256 -70.49 57.77 -14.28
C ALA K 256 -71.55 58.37 -15.21
N THR K 257 -72.43 57.53 -15.73
CA THR K 257 -73.45 57.98 -16.66
C THR K 257 -74.75 57.21 -16.50
N ILE K 258 -75.86 57.88 -16.75
CA ILE K 258 -77.19 57.27 -16.70
C ILE K 258 -77.61 56.88 -18.12
N ILE K 259 -77.76 55.58 -18.35
CA ILE K 259 -77.99 55.06 -19.68
C ILE K 259 -79.47 54.83 -19.98
N ARG K 260 -79.77 54.64 -21.25
CA ARG K 260 -81.11 54.34 -21.75
C ARG K 260 -82.11 55.46 -21.46
N ASP K 261 -83.32 55.30 -21.99
CA ASP K 261 -84.37 56.30 -21.89
C ASP K 261 -84.76 56.52 -20.44
N ASP K 262 -85.48 57.63 -20.19
CA ASP K 262 -85.98 57.94 -18.86
C ASP K 262 -84.87 58.07 -17.83
N GLY K 263 -84.28 56.93 -17.47
CA GLY K 263 -83.23 56.87 -16.47
C GLY K 263 -83.15 55.45 -15.95
N TYR K 264 -82.92 54.53 -16.88
CA TYR K 264 -82.93 53.10 -16.59
C TYR K 264 -81.97 52.75 -15.47
N ARG K 265 -80.71 53.13 -15.62
CA ARG K 265 -79.71 52.81 -14.61
C ARG K 265 -78.42 53.62 -14.76
N LEU K 266 -77.67 53.70 -13.66
CA LEU K 266 -76.39 54.40 -13.64
C LEU K 266 -75.24 53.40 -13.55
N TRP K 267 -74.12 53.71 -14.19
CA TRP K 267 -72.92 52.90 -14.04
C TRP K 267 -71.66 53.70 -14.37
N GLY K 268 -70.51 53.07 -14.15
CA GLY K 268 -69.22 53.71 -14.36
C GLY K 268 -68.43 53.67 -13.07
N ASN K 269 -67.96 52.47 -12.71
CA ASN K 269 -67.29 52.24 -11.43
C ASN K 269 -65.99 53.02 -11.30
N ARG K 270 -65.40 53.38 -12.43
CA ARG K 270 -64.12 54.11 -12.42
C ARG K 270 -64.22 55.44 -11.69
N THR K 271 -63.49 55.54 -10.58
CA THR K 271 -63.39 56.80 -9.85
C THR K 271 -62.30 57.65 -10.49
N LEU K 272 -62.45 58.96 -10.41
CA LEU K 272 -61.47 59.87 -11.00
C LEU K 272 -60.11 59.74 -10.33
N SER K 273 -59.42 58.63 -10.62
CA SER K 273 -58.13 58.33 -9.99
C SER K 273 -57.09 57.93 -11.04
N SER K 274 -55.89 58.48 -10.89
CA SER K 274 -54.78 58.17 -11.78
C SER K 274 -54.22 56.77 -11.48
N ASP K 275 -54.02 56.48 -10.19
CA ASP K 275 -53.50 55.19 -9.79
C ASP K 275 -54.51 54.09 -10.11
N SER K 276 -54.12 53.16 -10.98
CA SER K 276 -55.01 52.09 -11.43
C SER K 276 -55.32 51.11 -10.31
N LYS K 277 -54.58 51.19 -9.21
CA LYS K 277 -54.82 50.32 -8.06
C LYS K 277 -56.15 50.66 -7.40
N TRP K 278 -56.49 51.94 -7.39
CA TRP K 278 -57.73 52.43 -6.80
C TRP K 278 -58.68 52.87 -7.91
N ALA K 279 -58.73 52.08 -8.98
CA ALA K 279 -59.55 52.41 -10.15
C ALA K 279 -61.03 52.31 -9.81
N PHE K 280 -61.42 51.26 -9.11
CA PHE K 280 -62.81 51.07 -8.74
C PHE K 280 -63.17 51.89 -7.52
N VAL K 281 -64.39 52.40 -7.51
CA VAL K 281 -64.91 53.14 -6.37
C VAL K 281 -65.15 52.17 -5.21
N THR K 282 -65.32 50.89 -5.56
CA THR K 282 -65.53 49.84 -4.57
C THR K 282 -64.36 49.71 -3.61
N ARG K 283 -63.16 49.56 -4.17
CA ARG K 283 -61.95 49.37 -3.38
C ARG K 283 -61.75 50.52 -2.39
N VAL K 284 -61.96 51.74 -2.88
CA VAL K 284 -61.80 52.93 -2.04
C VAL K 284 -62.84 52.91 -0.92
N ARG K 285 -63.99 52.32 -1.19
CA ARG K 285 -65.10 52.30 -0.24
C ARG K 285 -64.93 51.23 0.84
N THR K 286 -64.30 50.11 0.46
CA THR K 286 -64.06 49.02 1.40
C THR K 286 -62.83 49.30 2.26
N MET K 287 -61.80 49.86 1.64
CA MET K 287 -60.54 50.11 2.31
C MET K 287 -60.69 51.22 3.35
N ASP K 288 -61.41 52.28 2.98
CA ASP K 288 -61.66 53.38 3.89
C ASP K 288 -62.55 52.96 5.06
N LEU K 289 -63.22 51.82 4.89
CA LEU K 289 -64.12 51.30 5.93
C LEU K 289 -63.37 50.43 6.93
N VAL K 290 -62.63 49.44 6.44
CA VAL K 290 -61.90 48.52 7.30
C VAL K 290 -60.79 49.25 8.05
N MET K 291 -60.30 50.33 7.46
CA MET K 291 -59.28 51.16 8.11
C MET K 291 -59.90 51.89 9.30
N ASP K 292 -61.02 52.58 9.06
CA ASP K 292 -61.71 53.31 10.11
C ASP K 292 -62.27 52.36 11.18
N ALA K 293 -62.49 51.10 10.80
CA ALA K 293 -63.00 50.09 11.72
C ALA K 293 -61.88 49.64 12.67
N ILE K 294 -60.72 49.36 12.10
CA ILE K 294 -59.57 48.92 12.88
C ILE K 294 -59.07 50.05 13.76
N LEU K 295 -59.14 51.27 13.23
CA LEU K 295 -58.73 52.45 13.97
C LEU K 295 -59.63 52.64 15.19
N ALA K 296 -60.93 52.77 14.95
CA ALA K 296 -61.90 53.01 16.02
C ALA K 296 -62.17 51.74 16.83
N GLY K 297 -61.77 50.59 16.28
CA GLY K 297 -62.04 49.31 16.92
C GLY K 297 -61.09 48.99 18.06
N HIS K 298 -59.79 49.16 17.79
CA HIS K 298 -58.76 48.84 18.76
C HIS K 298 -58.40 50.06 19.61
N LYS K 299 -59.42 50.81 20.00
CA LYS K 299 -59.27 51.95 20.89
C LYS K 299 -59.21 51.47 22.35
N TRP K 300 -59.64 50.23 22.56
CA TRP K 300 -59.63 49.62 23.90
C TRP K 300 -58.22 49.23 24.29
N ALA K 301 -57.41 48.86 23.29
CA ALA K 301 -56.05 48.39 23.53
C ALA K 301 -55.18 49.56 23.97
N VAL K 302 -54.54 50.21 23.00
CA VAL K 302 -53.62 51.32 23.27
C VAL K 302 -52.59 50.87 24.31
N ASP K 303 -52.18 51.77 25.21
CA ASP K 303 -51.16 51.45 26.20
C ASP K 303 -51.65 50.35 27.14
N ARG K 304 -51.10 49.15 26.95
CA ARG K 304 -51.46 48.00 27.76
C ARG K 304 -50.33 46.98 27.71
N GLY K 305 -50.24 46.14 28.74
CA GLY K 305 -49.18 45.15 28.83
C GLY K 305 -49.05 44.31 27.58
N ILE K 306 -47.95 44.50 26.86
CA ILE K 306 -47.73 43.83 25.58
C ILE K 306 -47.18 42.42 25.81
N THR K 307 -47.93 41.61 26.54
CA THR K 307 -47.57 40.22 26.76
C THR K 307 -47.93 39.39 25.54
N LYS K 308 -47.34 38.20 25.43
CA LYS K 308 -47.64 37.29 24.32
C LYS K 308 -49.14 37.06 24.14
N THR K 309 -49.88 37.12 25.25
CA THR K 309 -51.33 36.95 25.21
C THR K 309 -51.97 38.11 24.48
N TYR K 310 -51.53 39.32 24.82
CA TYR K 310 -52.07 40.55 24.24
C TYR K 310 -51.91 40.57 22.72
N VAL K 311 -50.75 40.15 22.24
CA VAL K 311 -50.48 40.12 20.81
C VAL K 311 -51.45 39.15 20.12
N LYS K 312 -51.62 37.97 20.70
CA LYS K 312 -52.54 36.97 20.18
C LYS K 312 -53.99 37.42 20.28
N ASP K 313 -54.31 38.15 21.36
CA ASP K 313 -55.67 38.66 21.56
C ASP K 313 -56.04 39.64 20.45
N VAL K 314 -55.06 40.44 20.03
CA VAL K 314 -55.26 41.40 18.96
C VAL K 314 -55.18 40.69 17.61
N THR K 315 -54.24 39.75 17.50
CA THR K 315 -54.10 38.96 16.27
C THR K 315 -55.37 38.16 16.00
N GLU K 316 -55.88 37.48 17.02
CA GLU K 316 -57.11 36.71 16.88
C GLU K 316 -58.31 37.64 16.69
N GLY K 317 -58.14 38.90 17.09
CA GLY K 317 -59.18 39.89 16.91
C GLY K 317 -59.36 40.23 15.44
N LEU K 318 -58.26 40.22 14.71
CA LEU K 318 -58.27 40.45 13.27
C LEU K 318 -58.63 39.18 12.51
N ARG K 319 -58.18 38.04 13.01
CA ARG K 319 -58.51 36.75 12.43
C ARG K 319 -60.03 36.58 12.34
N ALA K 320 -60.69 36.73 13.48
CA ALA K 320 -62.13 36.56 13.56
C ALA K 320 -62.84 37.67 12.79
N PHE K 321 -62.32 38.88 12.89
CA PHE K 321 -62.93 40.04 12.22
C PHE K 321 -62.95 39.88 10.71
N MET K 322 -61.78 39.64 10.13
CA MET K 322 -61.66 39.49 8.68
C MET K 322 -62.44 38.29 8.17
N ARG K 323 -62.52 37.25 9.00
CA ARG K 323 -63.25 36.05 8.61
C ARG K 323 -64.75 36.32 8.58
N ASP K 324 -65.19 37.33 9.33
CA ASP K 324 -66.59 37.74 9.29
C ASP K 324 -66.87 38.55 8.02
N LEU K 325 -65.80 39.05 7.40
CA LEU K 325 -65.90 39.76 6.12
C LEU K 325 -65.81 38.79 4.96
N LYS K 326 -65.07 37.70 5.16
CA LYS K 326 -64.85 36.72 4.11
C LYS K 326 -66.12 35.95 3.80
N ASN K 327 -66.67 35.29 4.82
CA ASN K 327 -67.89 34.52 4.67
C ASN K 327 -69.07 35.42 4.29
N GLN K 328 -69.00 36.68 4.69
CA GLN K 328 -70.02 37.67 4.35
C GLN K 328 -69.90 38.07 2.88
N GLY K 329 -68.70 37.93 2.33
CA GLY K 329 -68.45 38.22 0.93
C GLY K 329 -67.81 39.57 0.69
N ALA K 330 -67.41 40.24 1.77
CA ALA K 330 -66.79 41.55 1.67
C ALA K 330 -65.39 41.44 1.04
N VAL K 331 -64.71 40.35 1.35
CA VAL K 331 -63.38 40.08 0.82
C VAL K 331 -63.28 38.64 0.35
N ILE K 332 -62.40 38.37 -0.60
CA ILE K 332 -62.22 37.01 -1.11
C ILE K 332 -61.41 36.21 -0.10
N ASN K 333 -60.25 36.73 0.27
CA ASN K 333 -59.41 36.08 1.26
C ASN K 333 -58.48 37.09 1.91
N PHE K 334 -57.96 36.74 3.08
CA PHE K 334 -57.13 37.67 3.86
C PHE K 334 -55.97 36.95 4.51
N GLU K 335 -55.18 37.71 5.25
CA GLU K 335 -54.03 37.18 5.98
C GLU K 335 -53.51 38.26 6.91
N VAL K 336 -53.50 37.96 8.21
CA VAL K 336 -53.05 38.92 9.21
C VAL K 336 -52.06 38.26 10.17
N TYR K 337 -51.03 39.01 10.56
CA TYR K 337 -49.97 38.48 11.40
C TYR K 337 -49.03 39.60 11.85
N ALA K 338 -48.15 39.28 12.79
CA ALA K 338 -47.17 40.24 13.31
C ALA K 338 -45.86 40.07 12.55
N ASP K 339 -45.40 41.13 11.89
CA ASP K 339 -44.17 41.06 11.10
C ASP K 339 -42.95 40.85 12.00
N PRO K 340 -42.10 39.85 11.67
CA PRO K 340 -40.88 39.63 12.46
C PRO K 340 -39.92 40.82 12.41
N ASP K 341 -39.72 41.39 11.24
CA ASP K 341 -38.72 42.45 11.05
C ASP K 341 -39.14 43.76 11.71
N LEU K 342 -40.40 44.14 11.55
CA LEU K 342 -40.92 45.38 12.12
C LEU K 342 -40.89 45.33 13.64
N ASN K 343 -41.50 44.28 14.20
CA ASN K 343 -41.53 44.10 15.64
C ASN K 343 -40.15 43.80 16.19
N SER K 344 -39.27 44.81 16.16
CA SER K 344 -37.92 44.67 16.67
C SER K 344 -37.91 44.88 18.18
N ALA K 345 -36.84 44.45 18.82
CA ALA K 345 -36.70 44.59 20.28
C ALA K 345 -36.74 46.06 20.71
N SER K 346 -36.34 46.94 19.81
CA SER K 346 -36.30 48.38 20.10
C SER K 346 -37.65 49.05 19.83
N GLN K 347 -38.37 48.55 18.83
CA GLN K 347 -39.67 49.10 18.48
C GLN K 347 -40.71 48.83 19.57
N LEU K 348 -40.69 47.60 20.09
CA LEU K 348 -41.58 47.22 21.17
C LEU K 348 -41.25 48.00 22.45
N ALA K 349 -40.00 48.43 22.56
CA ALA K 349 -39.55 49.18 23.73
C ALA K 349 -39.98 50.66 23.65
N GLN K 350 -40.63 51.02 22.55
CA GLN K 350 -41.22 52.35 22.38
C GLN K 350 -42.75 52.27 22.34
N GLY K 351 -43.27 51.05 22.44
CA GLY K 351 -44.71 50.83 22.42
C GLY K 351 -45.20 50.39 21.06
N LYS K 352 -44.42 50.68 20.02
CA LYS K 352 -44.80 50.28 18.66
C LYS K 352 -44.92 48.77 18.53
N VAL K 353 -46.04 48.34 17.94
CA VAL K 353 -46.26 46.94 17.63
C VAL K 353 -47.14 46.86 16.38
N TYR K 354 -46.64 46.15 15.36
CA TYR K 354 -47.28 46.15 14.04
C TYR K 354 -48.00 44.85 13.74
N TRP K 355 -49.03 44.95 12.89
CA TRP K 355 -49.74 43.77 12.40
C TRP K 355 -50.02 43.94 10.91
N ASN K 356 -49.30 43.17 10.09
CA ASN K 356 -49.42 43.27 8.65
C ASN K 356 -50.72 42.67 8.13
N ILE K 357 -51.72 43.51 7.91
CA ILE K 357 -52.98 43.06 7.33
C ILE K 357 -52.92 43.17 5.81
N ARG K 358 -53.47 42.17 5.13
CA ARG K 358 -53.48 42.14 3.67
C ARG K 358 -54.61 41.27 3.16
N PHE K 359 -55.25 41.71 2.08
CA PHE K 359 -56.38 40.98 1.51
C PHE K 359 -56.70 41.52 0.12
N THR K 360 -57.76 40.98 -0.49
CA THR K 360 -58.19 41.40 -1.82
C THR K 360 -59.67 41.76 -1.80
N ASP K 361 -59.97 43.06 -1.80
CA ASP K 361 -61.35 43.52 -1.88
C ASP K 361 -61.97 43.05 -3.20
N VAL K 362 -63.25 42.68 -3.16
CA VAL K 362 -63.91 42.13 -4.34
C VAL K 362 -64.11 43.20 -5.43
N PRO K 363 -63.53 42.97 -6.63
CA PRO K 363 -63.73 43.91 -7.74
C PRO K 363 -64.99 43.60 -8.55
N PRO K 364 -65.76 44.61 -8.97
CA PRO K 364 -66.96 44.34 -9.78
C PRO K 364 -66.59 43.92 -11.20
N ALA K 365 -67.11 42.78 -11.65
CA ALA K 365 -66.87 42.30 -13.01
C ALA K 365 -67.52 43.25 -14.01
N GLU K 366 -66.87 44.37 -14.27
CA GLU K 366 -67.45 45.41 -15.11
C GLU K 366 -67.44 45.06 -16.60
N ASN K 367 -66.87 43.91 -16.95
CA ASN K 367 -66.79 43.50 -18.35
C ASN K 367 -66.54 41.99 -18.47
N PRO K 368 -67.59 41.18 -18.25
CA PRO K 368 -67.48 39.72 -18.41
C PRO K 368 -67.57 39.30 -19.88
N ASN K 369 -66.50 38.68 -20.39
CA ASN K 369 -66.45 38.23 -21.77
C ASN K 369 -66.97 36.80 -21.92
N PHE K 370 -67.27 36.40 -23.16
CA PHE K 370 -67.78 35.08 -23.45
C PHE K 370 -67.20 34.57 -24.76
N ARG K 371 -65.99 34.02 -24.70
CA ARG K 371 -65.31 33.54 -25.88
C ARG K 371 -66.00 32.31 -26.45
N VAL K 372 -67.16 32.53 -27.07
CA VAL K 372 -67.90 31.44 -27.69
C VAL K 372 -67.32 31.13 -29.06
N GLU K 373 -67.32 29.85 -29.42
CA GLU K 373 -66.73 29.41 -30.68
C GLU K 373 -67.17 27.99 -31.01
N VAL K 374 -67.77 27.82 -32.17
CA VAL K 374 -68.17 26.49 -32.64
C VAL K 374 -66.95 25.69 -33.09
N THR K 375 -67.19 24.44 -33.44
CA THR K 375 -66.14 23.58 -33.93
C THR K 375 -66.75 22.34 -34.57
N ASP K 376 -65.93 21.31 -34.77
CA ASP K 376 -66.38 20.06 -35.38
C ASP K 376 -65.87 18.89 -34.56
N GLN K 377 -65.79 19.08 -33.25
CA GLN K 377 -65.25 18.08 -32.35
C GLN K 377 -66.27 16.99 -32.05
N TRP K 378 -67.38 17.36 -31.42
CA TRP K 378 -68.42 16.41 -31.05
C TRP K 378 -69.37 16.15 -32.22
N LEU K 379 -68.83 15.58 -33.29
CA LEU K 379 -69.64 15.17 -34.44
C LEU K 379 -69.65 13.65 -34.56
N THR K 380 -68.51 13.04 -34.23
CA THR K 380 -68.41 11.58 -34.25
C THR K 380 -69.26 10.95 -33.15
N GLU K 381 -69.70 11.78 -32.21
CA GLU K 381 -70.60 11.33 -31.14
C GLU K 381 -71.92 10.90 -31.74
N VAL K 382 -72.30 11.54 -32.83
CA VAL K 382 -73.51 11.19 -33.56
C VAL K 382 -73.25 9.93 -34.37
N LEU K 383 -73.22 8.79 -33.68
CA LEU K 383 -72.90 7.53 -34.33
C LEU K 383 -73.17 6.37 -33.37
N ASP K 384 -72.62 6.48 -32.16
CA ASP K 384 -72.79 5.45 -31.16
C ASP K 384 -72.56 6.02 -29.76
N SER L 2 -61.60 52.37 -18.48
CA SER L 2 -62.40 51.20 -18.19
C SER L 2 -62.41 50.24 -19.37
N PHE L 3 -62.56 50.81 -20.57
CA PHE L 3 -62.58 50.05 -21.82
C PHE L 3 -63.86 49.22 -21.92
N PHE L 4 -64.70 49.60 -22.88
CA PHE L 4 -65.98 48.94 -23.13
C PHE L 4 -66.94 49.07 -21.97
N HIS L 5 -66.72 48.29 -20.91
CA HIS L 5 -67.60 48.27 -19.74
C HIS L 5 -69.03 47.87 -20.13
N GLY L 6 -69.24 46.57 -20.35
CA GLY L 6 -70.55 46.05 -20.67
C GLY L 6 -70.58 44.54 -20.56
N VAL L 7 -70.64 43.88 -21.71
CA VAL L 7 -70.63 42.43 -21.76
C VAL L 7 -70.38 41.98 -23.20
N THR L 8 -69.12 41.65 -23.49
CA THR L 8 -68.73 41.27 -24.84
C THR L 8 -69.11 39.81 -25.11
N VAL L 9 -68.85 39.38 -26.33
CA VAL L 9 -69.17 38.02 -26.76
C VAL L 9 -68.46 37.76 -28.08
N THR L 10 -67.14 37.94 -28.07
CA THR L 10 -66.34 37.81 -29.28
C THR L 10 -66.34 36.37 -29.80
N ASN L 11 -66.57 36.23 -31.10
CA ASN L 11 -66.55 34.92 -31.74
C ASN L 11 -65.14 34.57 -32.18
N VAL L 12 -64.51 33.63 -31.46
CA VAL L 12 -63.15 33.23 -31.79
C VAL L 12 -63.16 32.30 -33.00
N ASP L 13 -62.77 32.85 -34.15
CA ASP L 13 -62.83 32.12 -35.41
C ASP L 13 -61.57 31.27 -35.59
N ILE L 14 -61.52 30.14 -34.90
CA ILE L 14 -60.42 29.19 -35.04
C ILE L 14 -60.95 27.77 -35.07
N GLY L 15 -60.14 26.85 -35.56
CA GLY L 15 -60.52 25.46 -35.71
C GLY L 15 -60.13 24.94 -37.08
N ALA L 16 -60.02 23.62 -37.20
CA ALA L 16 -59.64 23.01 -38.46
C ALA L 16 -60.78 23.12 -39.48
N ARG L 17 -60.54 23.89 -40.55
CA ARG L 17 -61.53 24.03 -41.62
C ARG L 17 -61.62 22.74 -42.43
N THR L 18 -62.75 22.59 -43.12
CA THR L 18 -62.97 21.44 -43.99
C THR L 18 -62.39 21.70 -45.38
N ILE L 19 -62.11 20.63 -46.12
CA ILE L 19 -61.55 20.74 -47.45
C ILE L 19 -62.25 19.77 -48.40
N ALA L 20 -62.47 20.21 -49.63
CA ALA L 20 -63.18 19.43 -50.63
C ALA L 20 -62.28 19.10 -51.83
N LEU L 21 -62.83 18.33 -52.77
CA LEU L 21 -62.11 17.93 -53.98
C LEU L 21 -62.77 18.57 -55.21
N PRO L 22 -62.39 19.81 -55.54
CA PRO L 22 -63.07 20.54 -56.63
C PRO L 22 -62.78 19.96 -58.00
N ALA L 23 -63.54 20.41 -59.00
CA ALA L 23 -63.34 20.01 -60.39
C ALA L 23 -63.54 18.52 -60.62
N SER L 24 -62.72 17.69 -59.98
CA SER L 24 -62.81 16.23 -60.07
C SER L 24 -62.51 15.76 -61.49
N SER L 25 -63.45 15.95 -62.41
CA SER L 25 -63.29 15.48 -63.78
C SER L 25 -64.18 16.25 -64.74
N VAL L 26 -63.87 17.54 -64.93
CA VAL L 26 -64.58 18.34 -65.93
C VAL L 26 -63.82 18.27 -67.25
N ILE L 27 -64.56 18.03 -68.33
CA ILE L 27 -63.95 17.84 -69.65
C ILE L 27 -63.82 19.19 -70.36
N GLY L 28 -62.70 19.35 -71.05
CA GLY L 28 -62.41 20.57 -71.80
C GLY L 28 -62.22 20.22 -73.26
N LEU L 29 -63.31 20.24 -74.01
CA LEU L 29 -63.31 19.82 -75.41
C LEU L 29 -63.23 21.03 -76.35
N CYS L 30 -62.75 20.80 -77.57
CA CYS L 30 -62.61 21.86 -78.55
C CYS L 30 -62.50 21.28 -79.96
N ASP L 31 -63.64 21.00 -80.57
CA ASP L 31 -63.70 20.50 -81.94
C ASP L 31 -64.15 21.64 -82.86
N VAL L 32 -64.94 21.33 -83.88
CA VAL L 32 -65.43 22.34 -84.80
C VAL L 32 -66.92 22.15 -85.08
N PHE L 33 -67.55 23.19 -85.63
CA PHE L 33 -68.95 23.11 -85.99
C PHE L 33 -69.27 24.18 -87.05
N THR L 34 -70.57 24.37 -87.30
CA THR L 34 -71.01 25.32 -88.31
C THR L 34 -71.98 26.32 -87.67
N PRO L 35 -71.48 27.51 -87.29
CA PRO L 35 -72.37 28.51 -86.67
C PRO L 35 -73.32 29.12 -87.71
N GLY L 36 -74.56 29.38 -87.31
CA GLY L 36 -75.54 29.97 -88.19
C GLY L 36 -76.87 30.20 -87.50
N ALA L 37 -77.82 29.31 -87.77
CA ALA L 37 -79.18 29.45 -87.26
C ALA L 37 -79.37 28.68 -85.95
N GLN L 38 -79.49 27.36 -86.05
CA GLN L 38 -79.74 26.51 -84.89
C GLN L 38 -78.58 26.54 -83.90
N ALA L 39 -77.41 26.94 -84.37
CA ALA L 39 -76.22 27.01 -83.52
C ALA L 39 -76.31 28.22 -82.59
N SER L 40 -76.76 27.99 -81.37
CA SER L 40 -76.91 29.06 -80.39
C SER L 40 -75.55 29.54 -79.88
N ALA L 41 -74.63 28.60 -79.70
CA ALA L 41 -73.29 28.93 -79.21
C ALA L 41 -72.55 29.80 -80.22
N LYS L 42 -71.81 30.78 -79.72
CA LYS L 42 -71.08 31.69 -80.60
C LYS L 42 -69.92 30.96 -81.28
N PRO L 43 -69.37 31.53 -82.36
CA PRO L 43 -68.36 30.83 -83.16
C PRO L 43 -67.03 30.56 -82.47
N ASN L 44 -66.89 30.89 -81.19
CA ASN L 44 -65.60 30.71 -80.53
C ASN L 44 -65.63 30.70 -78.99
N VAL L 45 -66.58 31.39 -78.39
CA VAL L 45 -66.57 31.54 -76.93
C VAL L 45 -66.82 30.20 -76.24
N PRO L 46 -66.30 30.02 -75.02
CA PRO L 46 -66.60 28.80 -74.25
C PRO L 46 -68.07 28.71 -73.86
N VAL L 47 -68.65 27.52 -73.94
CA VAL L 47 -70.03 27.30 -73.54
C VAL L 47 -70.09 26.06 -72.67
N LEU L 48 -70.80 26.17 -71.55
CA LEU L 48 -70.93 25.05 -70.63
C LEU L 48 -72.03 24.11 -71.07
N LEU L 49 -71.82 22.82 -70.85
CA LEU L 49 -72.78 21.79 -71.21
C LEU L 49 -73.13 20.94 -70.00
N THR L 50 -74.07 20.02 -70.17
CA THR L 50 -74.50 19.14 -69.09
C THR L 50 -75.15 17.88 -69.65
N SER L 51 -75.85 18.02 -70.77
CA SER L 51 -76.51 16.91 -71.43
C SER L 51 -76.56 17.15 -72.93
N LYS L 52 -77.01 16.14 -73.69
CA LYS L 52 -77.10 16.24 -75.13
C LYS L 52 -78.04 17.37 -75.56
N LYS L 53 -79.11 17.57 -74.80
CA LYS L 53 -80.07 18.63 -75.08
C LYS L 53 -79.39 20.00 -75.05
N ASP L 54 -78.58 20.24 -74.01
CA ASP L 54 -77.91 21.52 -73.86
C ASP L 54 -76.81 21.70 -74.90
N ALA L 55 -76.35 20.58 -75.46
CA ALA L 55 -75.29 20.58 -76.47
C ALA L 55 -75.86 20.67 -77.88
N ALA L 56 -77.01 20.03 -78.09
CA ALA L 56 -77.64 20.00 -79.40
C ALA L 56 -78.06 21.40 -79.85
N ALA L 57 -78.82 22.08 -79.01
CA ALA L 57 -79.29 23.43 -79.32
C ALA L 57 -78.15 24.43 -79.37
N ALA L 58 -77.01 24.06 -78.79
CA ALA L 58 -75.85 24.94 -78.72
C ALA L 58 -75.08 24.96 -80.04
N PHE L 59 -74.58 23.80 -80.46
CA PHE L 59 -73.75 23.68 -81.64
C PHE L 59 -74.56 23.22 -82.85
N GLY L 60 -75.47 22.28 -82.62
CA GLY L 60 -76.31 21.75 -83.68
C GLY L 60 -76.03 20.28 -83.94
N ILE L 61 -76.94 19.63 -84.63
CA ILE L 61 -76.79 18.22 -84.96
C ILE L 61 -75.95 18.07 -86.23
N GLY L 62 -75.13 17.04 -86.28
CA GLY L 62 -74.27 16.80 -87.43
C GLY L 62 -72.92 17.49 -87.28
N SER L 63 -72.87 18.51 -86.42
CA SER L 63 -71.62 19.21 -86.13
C SER L 63 -70.60 18.22 -85.60
N SER L 64 -69.38 18.28 -86.13
CA SER L 64 -68.30 17.38 -85.74
C SER L 64 -68.03 17.41 -84.24
N ILE L 65 -68.40 18.51 -83.60
CA ILE L 65 -68.23 18.66 -82.16
C ILE L 65 -69.31 17.92 -81.39
N TYR L 66 -70.51 17.87 -81.98
CA TYR L 66 -71.64 17.20 -81.34
C TYR L 66 -71.45 15.68 -81.34
N LEU L 67 -70.78 15.18 -82.37
CA LEU L 67 -70.48 13.74 -82.45
C LEU L 67 -69.48 13.35 -81.36
N ALA L 68 -68.73 14.33 -80.87
CA ALA L 68 -67.75 14.11 -79.81
C ALA L 68 -68.43 14.22 -78.44
N CYS L 69 -69.30 15.21 -78.29
CA CYS L 69 -70.04 15.39 -77.03
C CYS L 69 -71.02 14.24 -76.83
N GLU L 70 -71.70 13.84 -77.90
CA GLU L 70 -72.63 12.72 -77.85
C GLU L 70 -71.91 11.43 -77.49
N ALA L 71 -70.66 11.31 -77.94
CA ALA L 71 -69.84 10.14 -77.64
C ALA L 71 -69.52 10.08 -76.14
N ILE L 72 -69.44 11.25 -75.51
CA ILE L 72 -69.15 11.34 -74.09
C ILE L 72 -70.40 11.07 -73.26
N TYR L 73 -71.52 11.71 -73.63
CA TYR L 73 -72.76 11.58 -72.88
C TYR L 73 -73.38 10.20 -73.05
N ASN L 74 -73.12 9.57 -74.19
CA ASN L 74 -73.57 8.21 -74.43
C ASN L 74 -72.87 7.27 -73.45
N ARG L 75 -71.58 7.50 -73.26
CA ARG L 75 -70.77 6.75 -72.31
C ARG L 75 -71.22 7.06 -70.88
N ALA L 76 -70.88 8.25 -70.41
CA ALA L 76 -71.24 8.67 -69.06
C ALA L 76 -71.38 10.19 -69.00
N GLN L 77 -72.45 10.66 -68.36
CA GLN L 77 -72.74 12.09 -68.28
C GLN L 77 -71.68 12.83 -67.50
N ALA L 78 -71.33 14.03 -67.98
CA ALA L 78 -70.29 14.83 -67.35
C ALA L 78 -70.36 16.27 -67.82
N VAL L 79 -69.73 17.16 -67.07
CA VAL L 79 -69.66 18.57 -67.44
C VAL L 79 -68.62 18.77 -68.53
N ILE L 80 -69.01 19.47 -69.59
CA ILE L 80 -68.12 19.73 -70.71
C ILE L 80 -68.11 21.22 -71.04
N VAL L 81 -67.08 21.92 -70.59
CA VAL L 81 -66.90 23.33 -70.96
C VAL L 81 -66.34 23.37 -72.38
N ALA L 82 -67.17 23.00 -73.35
CA ALA L 82 -66.75 22.94 -74.74
C ALA L 82 -66.53 24.33 -75.31
N VAL L 83 -65.64 24.41 -76.30
CA VAL L 83 -65.32 25.68 -76.96
C VAL L 83 -65.94 25.69 -78.36
N GLY L 84 -65.34 24.95 -79.27
CA GLY L 84 -65.83 24.85 -80.64
C GLY L 84 -65.45 26.07 -81.45
N VAL L 85 -64.91 25.82 -82.64
CA VAL L 85 -64.49 26.88 -83.54
C VAL L 85 -64.97 26.62 -84.96
N GLU L 86 -65.21 27.69 -85.72
CA GLU L 86 -65.69 27.56 -87.08
C GLU L 86 -64.69 26.82 -87.96
N THR L 87 -65.19 26.00 -88.88
CA THR L 87 -64.34 25.27 -89.81
C THR L 87 -63.67 26.24 -90.77
N ALA L 88 -62.41 25.97 -91.09
CA ALA L 88 -61.63 26.82 -92.00
C ALA L 88 -61.55 26.20 -93.38
N GLU L 89 -60.82 26.86 -94.27
CA GLU L 89 -60.67 26.39 -95.66
C GLU L 89 -59.82 25.13 -95.72
N THR L 90 -58.52 25.29 -95.56
CA THR L 90 -57.59 24.17 -95.59
C THR L 90 -57.51 23.51 -94.21
N PRO L 91 -57.22 22.20 -94.17
CA PRO L 91 -57.15 21.47 -92.89
C PRO L 91 -55.98 21.93 -92.03
N GLU L 92 -54.91 22.38 -92.67
CA GLU L 92 -53.72 22.82 -91.95
C GLU L 92 -53.99 24.12 -91.19
N ALA L 93 -54.53 25.11 -91.90
CA ALA L 93 -54.82 26.41 -91.31
C ALA L 93 -55.97 26.32 -90.31
N GLN L 94 -56.73 25.25 -90.37
CA GLN L 94 -57.85 25.05 -89.46
C GLN L 94 -57.32 24.81 -88.05
N ALA L 95 -56.15 24.19 -87.95
CA ALA L 95 -55.53 23.88 -86.67
C ALA L 95 -55.16 25.17 -85.92
N SER L 96 -54.98 26.26 -86.67
CA SER L 96 -54.66 27.55 -86.08
C SER L 96 -55.83 28.04 -85.22
N ALA L 97 -57.03 27.96 -85.79
CA ALA L 97 -58.24 28.36 -85.07
C ALA L 97 -58.48 27.43 -83.90
N VAL L 98 -58.07 26.16 -84.04
CA VAL L 98 -58.22 25.19 -82.96
C VAL L 98 -57.30 25.54 -81.81
N ILE L 99 -56.03 25.78 -82.11
CA ILE L 99 -55.08 26.20 -81.08
C ILE L 99 -55.52 27.57 -80.55
N GLY L 100 -55.67 28.52 -81.47
CA GLY L 100 -56.16 29.85 -81.12
C GLY L 100 -55.09 30.69 -80.46
N GLY L 101 -54.76 31.82 -81.08
CA GLY L 101 -53.78 32.73 -80.51
C GLY L 101 -54.36 33.52 -79.37
N ILE L 102 -54.99 34.65 -79.69
CA ILE L 102 -55.60 35.51 -78.67
C ILE L 102 -56.53 36.56 -79.29
N SER L 103 -56.31 36.87 -80.56
CA SER L 103 -57.14 37.81 -81.31
C SER L 103 -56.97 39.24 -80.79
N ALA L 104 -57.39 40.20 -81.61
CA ALA L 104 -57.28 41.62 -81.25
C ALA L 104 -58.26 41.99 -80.14
N ALA L 105 -59.29 41.18 -79.98
CA ALA L 105 -60.30 41.43 -78.96
C ALA L 105 -59.72 41.23 -77.56
N GLY L 106 -58.63 40.47 -77.47
CA GLY L 106 -57.97 40.21 -76.21
C GLY L 106 -58.44 38.92 -75.57
N GLU L 107 -59.67 38.51 -75.91
CA GLU L 107 -60.24 37.29 -75.35
C GLU L 107 -59.56 36.06 -75.94
N ARG L 108 -59.14 35.15 -75.07
CA ARG L 108 -58.47 33.92 -75.50
C ARG L 108 -59.34 33.11 -76.44
N THR L 109 -58.82 32.87 -77.65
CA THR L 109 -59.56 32.13 -78.66
C THR L 109 -59.11 30.67 -78.74
N GLY L 110 -59.93 29.86 -79.40
CA GLY L 110 -59.60 28.46 -79.65
C GLY L 110 -59.40 27.65 -78.39
N LEU L 111 -58.51 26.67 -78.47
CA LEU L 111 -58.24 25.74 -77.38
C LEU L 111 -57.78 26.43 -76.11
N GLN L 112 -57.14 27.59 -76.25
CA GLN L 112 -56.63 28.32 -75.11
C GLN L 112 -57.74 29.02 -74.32
N ALA L 113 -58.96 29.00 -74.88
CA ALA L 113 -60.11 29.62 -74.23
C ALA L 113 -60.55 28.83 -72.99
N LEU L 114 -60.03 27.61 -72.85
CA LEU L 114 -60.41 26.74 -71.74
C LEU L 114 -59.98 27.30 -70.39
N LEU L 115 -58.98 28.18 -70.40
CA LEU L 115 -58.49 28.81 -69.18
C LEU L 115 -59.56 29.72 -68.57
N ASP L 116 -60.54 30.11 -69.38
CA ASP L 116 -61.61 30.99 -68.94
C ASP L 116 -62.74 30.19 -68.28
N GLY L 117 -62.77 28.89 -68.52
CA GLY L 117 -63.82 28.03 -67.99
C GLY L 117 -63.88 28.01 -66.49
N LYS L 118 -62.76 28.32 -65.84
CA LYS L 118 -62.68 28.33 -64.39
C LYS L 118 -63.29 29.61 -63.81
N SER L 119 -62.95 30.74 -64.43
CA SER L 119 -63.40 32.05 -63.94
C SER L 119 -64.68 32.50 -64.64
N ARG L 120 -65.53 31.55 -65.02
CA ARG L 120 -66.81 31.84 -65.64
C ARG L 120 -67.88 30.82 -65.26
N PHE L 121 -67.48 29.55 -65.15
CA PHE L 121 -68.41 28.47 -64.87
C PHE L 121 -68.02 27.72 -63.59
N ASN L 122 -66.96 28.18 -62.93
CA ASN L 122 -66.47 27.52 -61.72
C ASN L 122 -66.20 26.03 -61.96
N ALA L 123 -65.87 25.69 -63.20
CA ALA L 123 -65.62 24.31 -63.60
C ALA L 123 -64.34 24.26 -64.42
N GLN L 124 -63.21 24.18 -63.73
CA GLN L 124 -61.92 24.10 -64.39
C GLN L 124 -61.82 22.79 -65.19
N PRO L 125 -61.72 22.89 -66.52
CA PRO L 125 -61.61 21.64 -67.30
C PRO L 125 -60.32 20.89 -66.96
N ARG L 126 -60.43 19.91 -66.06
CA ARG L 126 -59.28 19.13 -65.64
C ARG L 126 -59.19 17.84 -66.45
N LEU L 127 -59.50 17.95 -67.74
CA LEU L 127 -59.47 16.81 -68.64
C LEU L 127 -59.62 17.30 -70.08
N LEU L 128 -58.51 17.69 -70.69
CA LEU L 128 -58.53 18.22 -72.05
C LEU L 128 -58.78 17.13 -73.07
N VAL L 129 -59.19 17.55 -74.26
CA VAL L 129 -59.48 16.63 -75.36
C VAL L 129 -59.76 17.45 -76.62
N ALA L 130 -59.27 16.97 -77.75
CA ALA L 130 -59.44 17.66 -79.02
C ALA L 130 -59.61 16.64 -80.15
N PRO L 131 -60.81 16.05 -80.29
CA PRO L 131 -61.05 15.00 -81.30
C PRO L 131 -60.79 15.47 -82.72
N GLY L 132 -60.09 14.67 -83.51
CA GLY L 132 -59.76 15.02 -84.87
C GLY L 132 -58.47 15.82 -84.95
N HIS L 133 -58.42 16.90 -84.18
CA HIS L 133 -57.25 17.77 -84.14
C HIS L 133 -56.29 17.40 -83.00
N SER L 134 -55.46 16.39 -83.26
CA SER L 134 -54.45 15.96 -82.29
C SER L 134 -53.34 15.16 -82.99
N ALA L 135 -53.65 14.55 -84.13
CA ALA L 135 -52.66 13.83 -84.92
C ALA L 135 -51.60 14.79 -85.45
N GLN L 136 -51.97 16.06 -85.58
CA GLN L 136 -51.02 17.07 -86.02
C GLN L 136 -50.07 17.43 -84.89
N GLN L 137 -48.79 17.48 -85.22
CA GLN L 137 -47.74 17.76 -84.24
C GLN L 137 -47.92 19.11 -83.57
N ALA L 138 -48.55 20.04 -84.28
CA ALA L 138 -48.71 21.42 -83.82
C ALA L 138 -49.65 21.52 -82.63
N VAL L 139 -50.93 21.21 -82.88
CA VAL L 139 -51.98 21.34 -81.86
C VAL L 139 -51.72 20.45 -80.65
N ALA L 140 -50.96 19.38 -80.84
CA ALA L 140 -50.68 18.42 -79.77
C ALA L 140 -49.85 19.07 -78.66
N THR L 141 -48.92 19.93 -79.03
CA THR L 141 -48.06 20.60 -78.06
C THR L 141 -48.85 21.65 -77.26
N ALA L 142 -49.80 22.30 -77.93
CA ALA L 142 -50.68 23.27 -77.27
C ALA L 142 -51.49 22.58 -76.17
N MET L 143 -51.90 21.34 -76.44
CA MET L 143 -52.61 20.53 -75.47
C MET L 143 -51.70 20.19 -74.29
N ASP L 144 -50.42 20.06 -74.57
CA ASP L 144 -49.43 19.74 -73.54
C ASP L 144 -49.20 20.93 -72.63
N GLY L 145 -48.97 22.09 -73.24
CA GLY L 145 -48.68 23.30 -72.50
C GLY L 145 -49.88 23.78 -71.71
N LEU L 146 -51.06 23.60 -72.30
CA LEU L 146 -52.30 24.05 -71.67
C LEU L 146 -52.68 23.19 -70.47
N ALA L 147 -52.34 21.90 -70.53
CA ALA L 147 -52.67 20.96 -69.47
C ALA L 147 -51.98 21.34 -68.17
N GLU L 148 -50.76 21.85 -68.27
CA GLU L 148 -49.98 22.24 -67.10
C GLU L 148 -50.57 23.50 -66.44
N LYS L 149 -51.27 24.31 -67.23
CA LYS L 149 -51.93 25.50 -66.72
C LYS L 149 -53.19 25.12 -65.95
N LEU L 150 -53.83 24.05 -66.41
CA LEU L 150 -55.07 23.57 -65.81
C LEU L 150 -54.86 22.33 -64.94
N ARG L 151 -53.62 21.84 -64.91
CA ARG L 151 -53.29 20.61 -64.18
C ARG L 151 -54.19 19.46 -64.64
N ALA L 152 -54.47 19.42 -65.95
CA ALA L 152 -55.38 18.44 -66.53
C ALA L 152 -54.59 17.28 -67.14
N ILE L 153 -55.29 16.43 -67.88
CA ILE L 153 -54.66 15.32 -68.59
C ILE L 153 -55.16 15.30 -70.03
N ALA L 154 -54.40 15.93 -70.91
CA ALA L 154 -54.76 16.06 -72.32
C ALA L 154 -54.74 14.70 -73.02
N ILE L 155 -55.91 14.27 -73.48
CA ILE L 155 -56.04 13.01 -74.21
C ILE L 155 -55.87 13.25 -75.71
N LEU L 156 -54.72 12.84 -76.24
CA LEU L 156 -54.45 12.96 -77.67
C LEU L 156 -55.05 11.77 -78.43
N ASP L 157 -54.86 11.75 -79.73
CA ASP L 157 -55.32 10.66 -80.57
C ASP L 157 -54.46 10.58 -81.84
N GLY L 158 -53.43 9.76 -81.81
CA GLY L 158 -52.49 9.65 -82.91
C GLY L 158 -53.13 9.08 -84.17
N PRO L 159 -52.44 9.23 -85.31
CA PRO L 159 -52.96 8.75 -86.60
C PRO L 159 -53.04 7.24 -86.66
N ASN L 160 -54.02 6.72 -87.40
CA ASN L 160 -54.17 5.28 -87.57
C ASN L 160 -53.06 4.75 -88.48
N SER L 161 -53.38 4.58 -89.77
CA SER L 161 -52.40 4.09 -90.74
C SER L 161 -51.79 2.76 -90.29
N THR L 162 -50.87 2.85 -89.32
CA THR L 162 -50.18 1.67 -88.80
C THR L 162 -49.60 1.95 -87.42
N ASP L 163 -49.03 0.91 -86.81
CA ASP L 163 -48.47 1.00 -85.46
C ASP L 163 -47.14 1.74 -85.46
N GLU L 164 -46.38 1.58 -86.54
CA GLU L 164 -45.07 2.22 -86.68
C GLU L 164 -45.21 3.73 -86.60
N ALA L 165 -46.29 4.26 -87.16
CA ALA L 165 -46.53 5.69 -87.19
C ALA L 165 -46.99 6.22 -85.82
N ALA L 166 -47.55 5.32 -85.01
CA ALA L 166 -48.07 5.69 -83.70
C ALA L 166 -46.92 5.78 -82.69
N VAL L 167 -45.98 4.85 -82.77
CA VAL L 167 -44.83 4.83 -81.88
C VAL L 167 -43.91 6.02 -82.16
N ALA L 168 -43.71 6.31 -83.45
CA ALA L 168 -42.84 7.40 -83.87
C ALA L 168 -43.44 8.75 -83.49
N TYR L 169 -44.74 8.77 -83.22
CA TYR L 169 -45.45 9.98 -82.86
C TYR L 169 -45.34 10.26 -81.36
N ALA L 170 -45.45 9.18 -80.56
CA ALA L 170 -45.37 9.29 -79.11
C ALA L 170 -43.96 9.61 -78.65
N LYS L 171 -42.98 9.22 -79.45
CA LYS L 171 -41.57 9.46 -79.15
C LYS L 171 -41.26 10.96 -79.06
N ASN L 172 -42.15 11.78 -79.58
CA ASN L 172 -41.97 13.24 -79.54
C ASN L 172 -42.23 13.85 -78.17
N PHE L 173 -43.33 13.43 -77.54
CA PHE L 173 -43.72 13.99 -76.24
C PHE L 173 -43.12 13.23 -75.09
N GLY L 174 -43.23 13.78 -73.88
CA GLY L 174 -42.74 13.13 -72.68
C GLY L 174 -43.23 13.78 -71.41
N SER L 175 -44.37 14.47 -71.49
CA SER L 175 -44.92 15.20 -70.36
C SER L 175 -45.87 14.33 -69.54
N LYS L 176 -45.95 14.61 -68.25
CA LYS L 176 -46.83 13.88 -67.34
C LYS L 176 -48.28 13.89 -67.81
N ARG L 177 -48.68 14.99 -68.45
CA ARG L 177 -50.08 15.23 -68.77
C ARG L 177 -50.39 14.98 -70.24
N LEU L 178 -50.16 13.75 -70.67
CA LEU L 178 -50.51 13.33 -72.03
C LEU L 178 -50.85 11.86 -72.05
N PHE L 179 -52.06 11.55 -72.49
CA PHE L 179 -52.57 10.18 -72.52
C PHE L 179 -53.13 9.88 -73.89
N MET L 180 -52.25 9.48 -74.81
CA MET L 180 -52.64 9.28 -76.20
C MET L 180 -53.24 7.90 -76.44
N VAL L 181 -54.15 7.83 -77.40
CA VAL L 181 -54.73 6.57 -77.85
C VAL L 181 -54.56 6.49 -79.37
N ASP L 182 -53.97 5.39 -79.83
CA ASP L 182 -53.59 5.26 -81.23
C ASP L 182 -54.73 4.76 -82.14
N PRO L 183 -55.21 3.52 -81.90
CA PRO L 183 -56.21 2.97 -82.82
C PRO L 183 -57.52 3.76 -82.84
N GLY L 184 -57.88 4.31 -83.98
CA GLY L 184 -59.08 5.12 -84.10
C GLY L 184 -60.32 4.26 -84.20
N VAL L 185 -61.10 4.21 -83.12
CA VAL L 185 -62.35 3.45 -83.09
C VAL L 185 -63.32 4.03 -84.12
N GLN L 186 -64.15 3.17 -84.70
CA GLN L 186 -65.15 3.61 -85.67
C GLN L 186 -66.55 3.49 -85.09
N VAL L 187 -67.31 4.58 -85.18
CA VAL L 187 -68.67 4.63 -84.66
C VAL L 187 -69.67 4.63 -85.82
N TRP L 188 -70.90 4.22 -85.53
CA TRP L 188 -71.95 4.22 -86.52
C TRP L 188 -72.63 5.59 -86.56
N ASP L 189 -72.22 6.44 -87.50
CA ASP L 189 -72.79 7.78 -87.63
C ASP L 189 -74.26 7.70 -88.03
N SER L 190 -75.08 8.55 -87.44
CA SER L 190 -76.52 8.56 -87.71
C SER L 190 -76.82 9.23 -89.05
N ALA L 191 -76.05 10.26 -89.38
CA ALA L 191 -76.27 11.04 -90.60
C ALA L 191 -75.85 10.25 -91.84
N THR L 192 -74.73 9.56 -91.74
CA THR L 192 -74.18 8.80 -92.86
C THR L 192 -74.88 7.46 -93.00
N ASN L 193 -75.47 6.98 -91.91
CA ASN L 193 -76.18 5.72 -91.91
C ASN L 193 -75.27 4.55 -92.28
N ALA L 194 -74.03 4.60 -91.83
CA ALA L 194 -73.06 3.54 -92.08
C ALA L 194 -71.85 3.71 -91.18
N ALA L 195 -70.81 2.91 -91.42
CA ALA L 195 -69.58 2.98 -90.63
C ALA L 195 -68.92 4.35 -90.80
N ARG L 196 -68.18 4.77 -89.79
CA ARG L 196 -67.55 6.08 -89.80
C ARG L 196 -66.45 6.15 -88.75
N ASN L 197 -65.22 6.31 -89.21
CA ASN L 197 -64.07 6.34 -88.32
C ASN L 197 -64.07 7.60 -87.44
N ALA L 198 -63.76 7.41 -86.15
CA ALA L 198 -63.72 8.50 -85.18
C ALA L 198 -62.31 8.63 -84.60
N PRO L 199 -62.00 9.79 -83.99
CA PRO L 199 -60.67 10.01 -83.41
C PRO L 199 -60.44 9.24 -82.11
N ALA L 200 -61.51 8.69 -81.52
CA ALA L 200 -61.41 7.89 -80.29
C ALA L 200 -60.87 8.72 -79.12
N SER L 201 -60.88 10.03 -79.27
CA SER L 201 -60.37 10.94 -78.24
C SER L 201 -61.45 11.23 -77.22
N ALA L 202 -62.62 11.62 -77.71
CA ALA L 202 -63.76 11.95 -76.86
C ALA L 202 -64.31 10.70 -76.15
N TYR L 203 -64.22 9.56 -76.83
CA TYR L 203 -64.68 8.30 -76.26
C TYR L 203 -63.82 7.91 -75.06
N ALA L 204 -62.52 8.14 -75.17
CA ALA L 204 -61.59 7.86 -74.09
C ALA L 204 -61.73 8.90 -72.98
N ALA L 205 -62.22 10.09 -73.34
CA ALA L 205 -62.44 11.16 -72.38
C ALA L 205 -63.68 10.89 -71.53
N GLY L 206 -64.78 10.57 -72.20
CA GLY L 206 -66.02 10.25 -71.53
C GLY L 206 -65.86 9.01 -70.67
N LEU L 207 -64.97 8.12 -71.12
CA LEU L 207 -64.68 6.88 -70.40
C LEU L 207 -64.09 7.18 -69.02
N PHE L 208 -63.23 8.19 -68.94
CA PHE L 208 -62.67 8.61 -67.65
C PHE L 208 -63.78 9.10 -66.74
N ALA L 209 -64.64 9.96 -67.28
CA ALA L 209 -65.72 10.59 -66.53
C ALA L 209 -66.64 9.53 -65.92
N TRP L 210 -66.72 8.38 -66.57
CA TRP L 210 -67.53 7.27 -66.09
C TRP L 210 -66.92 6.65 -64.84
N THR L 211 -65.61 6.41 -64.88
CA THR L 211 -64.88 5.81 -63.76
C THR L 211 -64.73 6.81 -62.61
N ASP L 212 -64.52 8.07 -62.95
CA ASP L 212 -64.32 9.11 -61.96
C ASP L 212 -65.59 9.35 -61.16
N ALA L 213 -66.73 9.31 -61.83
CA ALA L 213 -68.02 9.49 -61.17
C ALA L 213 -68.41 8.22 -60.41
N GLU L 214 -67.99 7.08 -60.93
CA GLU L 214 -68.31 5.79 -60.34
C GLU L 214 -67.35 5.42 -59.21
N TYR L 215 -66.18 4.91 -59.57
CA TYR L 215 -65.17 4.51 -58.60
C TYR L 215 -64.56 5.73 -57.94
N GLY L 216 -63.95 6.58 -58.76
CA GLY L 216 -63.29 7.78 -58.29
C GLY L 216 -62.19 8.21 -59.23
N PHE L 217 -61.75 9.46 -59.10
CA PHE L 217 -60.66 10.00 -59.90
C PHE L 217 -59.39 9.18 -59.70
N TRP L 218 -59.25 8.61 -58.50
CA TRP L 218 -58.08 7.81 -58.17
C TRP L 218 -58.15 6.44 -58.85
N SER L 219 -59.34 6.06 -59.31
CA SER L 219 -59.49 4.79 -60.00
C SER L 219 -58.92 4.89 -61.42
N SER L 220 -58.26 3.81 -61.87
CA SER L 220 -57.70 3.79 -63.21
C SER L 220 -58.82 3.61 -64.25
N PRO L 221 -58.72 4.34 -65.38
CA PRO L 221 -59.75 4.26 -66.42
C PRO L 221 -59.61 3.02 -67.30
N SER L 222 -58.39 2.52 -67.45
CA SER L 222 -58.10 1.39 -68.32
C SER L 222 -58.93 0.15 -67.98
N ASN L 223 -59.04 -0.76 -68.95
CA ASN L 223 -59.77 -2.00 -68.76
C ASN L 223 -61.25 -1.75 -68.44
N LYS L 224 -61.79 -0.67 -68.99
CA LYS L 224 -63.21 -0.35 -68.85
C LYS L 224 -63.82 -0.23 -70.24
N GLU L 225 -64.95 -0.90 -70.43
CA GLU L 225 -65.58 -0.99 -71.74
C GLU L 225 -66.17 0.33 -72.18
N ILE L 226 -65.97 0.66 -73.45
CA ILE L 226 -66.48 1.89 -74.03
C ILE L 226 -67.70 1.59 -74.90
N LYS L 227 -68.73 2.42 -74.77
CA LYS L 227 -69.96 2.27 -75.55
C LYS L 227 -69.95 3.19 -76.77
N GLY L 228 -70.93 3.03 -77.64
CA GLY L 228 -71.05 3.86 -78.82
C GLY L 228 -69.97 3.55 -79.83
N VAL L 229 -69.77 2.26 -80.10
CA VAL L 229 -68.74 1.80 -81.01
C VAL L 229 -69.32 0.73 -81.93
N THR L 230 -68.52 0.26 -82.88
CA THR L 230 -68.97 -0.76 -83.83
C THR L 230 -67.81 -1.29 -84.68
N GLY L 231 -66.63 -1.37 -84.08
CA GLY L 231 -65.44 -1.82 -84.77
C GLY L 231 -64.30 -0.86 -84.48
N THR L 232 -63.07 -1.24 -84.85
CA THR L 232 -61.91 -0.41 -84.60
C THR L 232 -60.95 -0.46 -85.79
N SER L 233 -60.57 0.72 -86.27
CA SER L 233 -59.62 0.83 -87.37
C SER L 233 -58.30 0.17 -87.00
N ARG L 234 -57.83 -0.70 -87.87
CA ARG L 234 -56.61 -1.48 -87.63
C ARG L 234 -56.78 -2.37 -86.40
N PRO L 235 -57.28 -3.60 -86.60
CA PRO L 235 -57.57 -4.47 -85.46
C PRO L 235 -56.31 -4.83 -84.68
N VAL L 236 -56.10 -4.14 -83.55
CA VAL L 236 -54.96 -4.42 -82.69
C VAL L 236 -55.17 -5.77 -82.00
N GLU L 237 -54.26 -6.70 -82.27
CA GLU L 237 -54.38 -8.06 -81.76
C GLU L 237 -54.12 -8.13 -80.27
N PHE L 238 -54.76 -9.08 -79.60
CA PHE L 238 -54.52 -9.30 -78.18
C PHE L 238 -54.79 -10.76 -77.82
N LEU L 239 -53.73 -11.47 -77.45
CA LEU L 239 -53.85 -12.86 -77.05
C LEU L 239 -54.41 -12.99 -75.65
N ASP L 240 -54.60 -14.23 -75.19
CA ASP L 240 -55.16 -14.47 -73.86
C ASP L 240 -54.20 -13.99 -72.78
N GLY L 241 -52.90 -14.25 -72.98
CA GLY L 241 -51.89 -13.85 -72.01
C GLY L 241 -50.49 -14.09 -72.54
N ASP L 242 -49.97 -13.12 -73.30
CA ASP L 242 -48.62 -13.21 -73.84
C ASP L 242 -48.10 -11.84 -74.23
N GLU L 243 -46.83 -11.58 -73.94
CA GLU L 243 -46.21 -10.31 -74.25
C GLU L 243 -45.96 -10.14 -75.75
N THR L 244 -46.20 -11.21 -76.51
CA THR L 244 -45.96 -11.21 -77.95
C THR L 244 -47.06 -10.44 -78.69
N CYS L 245 -48.20 -10.27 -78.05
CA CYS L 245 -49.33 -9.58 -78.66
C CYS L 245 -48.97 -8.12 -78.92
N ARG L 246 -49.59 -7.55 -79.94
CA ARG L 246 -49.24 -6.20 -80.39
C ARG L 246 -49.83 -5.13 -79.47
N ALA L 247 -50.93 -5.47 -78.80
CA ALA L 247 -51.58 -4.54 -77.88
C ALA L 247 -50.62 -4.13 -76.77
N ASN L 248 -49.72 -5.05 -76.41
CA ASN L 248 -48.75 -4.80 -75.35
C ASN L 248 -47.61 -3.89 -75.81
N LEU L 249 -47.16 -4.09 -77.05
CA LEU L 249 -46.02 -3.34 -77.59
C LEU L 249 -46.30 -1.85 -77.64
N LEU L 250 -47.54 -1.46 -77.89
CA LEU L 250 -47.91 -0.06 -77.93
C LEU L 250 -47.93 0.54 -76.52
N ASN L 251 -48.27 -0.27 -75.53
CA ASN L 251 -48.28 0.16 -74.15
C ASN L 251 -46.86 0.42 -73.64
N ASN L 252 -45.88 -0.27 -74.21
CA ASN L 252 -44.48 -0.06 -73.89
C ASN L 252 -44.03 1.32 -74.37
N ALA L 253 -44.66 1.79 -75.43
CA ALA L 253 -44.38 3.12 -75.97
C ALA L 253 -45.33 4.16 -75.37
N ASN L 254 -45.97 3.81 -74.25
CA ASN L 254 -46.90 4.70 -73.57
C ASN L 254 -48.05 5.08 -74.49
N ILE L 255 -48.87 4.09 -74.84
CA ILE L 255 -50.01 4.31 -75.72
C ILE L 255 -51.22 3.50 -75.28
N ALA L 256 -52.38 4.14 -75.28
CA ALA L 256 -53.63 3.46 -74.98
C ALA L 256 -54.18 2.81 -76.24
N THR L 257 -54.87 1.68 -76.08
CA THR L 257 -55.40 0.95 -77.23
C THR L 257 -56.73 0.29 -76.90
N ILE L 258 -57.59 0.18 -77.91
CA ILE L 258 -58.88 -0.51 -77.78
C ILE L 258 -58.74 -1.92 -78.31
N ILE L 259 -58.90 -2.90 -77.41
CA ILE L 259 -58.64 -4.29 -77.74
C ILE L 259 -59.90 -5.04 -78.14
N ARG L 260 -59.70 -6.22 -78.73
CA ARG L 260 -60.76 -7.13 -79.13
C ARG L 260 -61.69 -6.53 -80.19
N ASP L 261 -62.61 -7.36 -80.67
CA ASP L 261 -63.51 -6.98 -81.74
C ASP L 261 -64.43 -5.85 -81.32
N ASP L 262 -65.06 -5.21 -82.29
CA ASP L 262 -66.03 -4.14 -82.03
C ASP L 262 -65.40 -2.98 -81.28
N GLY L 263 -65.09 -3.19 -80.01
CA GLY L 263 -64.53 -2.17 -79.14
C GLY L 263 -64.79 -2.58 -77.70
N TYR L 264 -64.31 -3.77 -77.36
CA TYR L 264 -64.56 -4.38 -76.05
C TYR L 264 -64.16 -3.46 -74.91
N ARG L 265 -62.91 -3.01 -74.92
CA ARG L 265 -62.41 -2.15 -73.86
C ARG L 265 -61.10 -1.44 -74.22
N LEU L 266 -60.82 -0.35 -73.50
CA LEU L 266 -59.60 0.42 -73.67
C LEU L 266 -58.68 0.22 -72.47
N TRP L 267 -57.38 0.20 -72.73
CA TRP L 267 -56.40 0.17 -71.63
C TRP L 267 -55.05 0.72 -72.07
N GLY L 268 -54.13 0.84 -71.11
CA GLY L 268 -52.81 1.39 -71.35
C GLY L 268 -52.60 2.58 -70.43
N ASN L 269 -52.42 2.28 -69.15
CA ASN L 269 -52.32 3.31 -68.12
C ASN L 269 -51.11 4.22 -68.29
N ARG L 270 -50.09 3.72 -68.99
CA ARG L 270 -48.86 4.48 -69.19
C ARG L 270 -49.12 5.79 -69.92
N THR L 271 -48.87 6.90 -69.24
CA THR L 271 -48.95 8.22 -69.85
C THR L 271 -47.62 8.52 -70.53
N LEU L 272 -47.67 9.30 -71.61
CA LEU L 272 -46.46 9.65 -72.36
C LEU L 272 -45.48 10.44 -71.50
N SER L 273 -44.84 9.76 -70.55
CA SER L 273 -43.94 10.42 -69.60
C SER L 273 -42.61 9.67 -69.50
N SER L 274 -41.51 10.42 -69.52
CA SER L 274 -40.18 9.85 -69.39
C SER L 274 -39.91 9.44 -67.94
N ASP L 275 -40.25 10.31 -67.00
CA ASP L 275 -40.05 10.01 -65.59
C ASP L 275 -40.96 8.85 -65.16
N SER L 276 -40.35 7.76 -64.74
CA SER L 276 -41.08 6.55 -64.36
C SER L 276 -41.90 6.75 -63.08
N LYS L 277 -41.63 7.84 -62.37
CA LYS L 277 -42.39 8.17 -61.16
C LYS L 277 -43.83 8.51 -61.49
N TRP L 278 -44.03 9.17 -62.63
CA TRP L 278 -45.35 9.57 -63.09
C TRP L 278 -45.76 8.71 -64.29
N ALA L 279 -45.45 7.42 -64.20
CA ALA L 279 -45.71 6.50 -65.31
C ALA L 279 -47.21 6.29 -65.50
N PHE L 280 -47.93 6.13 -64.41
CA PHE L 280 -49.37 5.91 -64.47
C PHE L 280 -50.10 7.24 -64.63
N VAL L 281 -51.18 7.22 -65.40
CA VAL L 281 -52.03 8.39 -65.58
C VAL L 281 -52.78 8.64 -64.28
N THR L 282 -52.93 7.59 -63.47
CA THR L 282 -53.61 7.68 -62.17
C THR L 282 -52.91 8.66 -61.24
N ARG L 283 -51.61 8.47 -61.04
CA ARG L 283 -50.83 9.31 -60.13
C ARG L 283 -50.92 10.78 -60.51
N VAL L 284 -50.82 11.06 -61.80
CA VAL L 284 -50.90 12.42 -62.30
C VAL L 284 -52.28 13.00 -62.03
N ARG L 285 -53.29 12.14 -62.03
CA ARG L 285 -54.67 12.56 -61.85
C ARG L 285 -55.03 12.82 -60.39
N THR L 286 -54.42 12.05 -59.48
CA THR L 286 -54.66 12.20 -58.05
C THR L 286 -53.85 13.36 -57.48
N MET L 287 -52.61 13.48 -57.95
CA MET L 287 -51.69 14.49 -57.45
C MET L 287 -52.14 15.89 -57.86
N ASP L 288 -52.55 16.02 -59.11
CA ASP L 288 -53.04 17.30 -59.63
C ASP L 288 -54.35 17.71 -58.96
N LEU L 289 -55.00 16.74 -58.30
CA LEU L 289 -56.28 16.99 -57.64
C LEU L 289 -56.07 17.46 -56.20
N VAL L 290 -55.29 16.70 -55.43
CA VAL L 290 -55.03 17.04 -54.03
C VAL L 290 -54.24 18.34 -53.93
N MET L 291 -53.46 18.65 -54.95
CA MET L 291 -52.71 19.90 -54.99
C MET L 291 -53.67 21.06 -55.16
N ASP L 292 -54.53 20.97 -56.16
CA ASP L 292 -55.51 22.02 -56.44
C ASP L 292 -56.53 22.15 -55.30
N ALA L 293 -56.70 21.07 -54.53
CA ALA L 293 -57.62 21.06 -53.40
C ALA L 293 -57.01 21.81 -52.23
N ILE L 294 -55.74 21.53 -51.94
CA ILE L 294 -55.03 22.18 -50.84
C ILE L 294 -54.82 23.65 -51.17
N LEU L 295 -54.57 23.93 -52.44
CA LEU L 295 -54.37 25.30 -52.91
C LEU L 295 -55.65 26.11 -52.71
N ALA L 296 -56.74 25.64 -53.32
CA ALA L 296 -58.02 26.34 -53.25
C ALA L 296 -58.71 26.15 -51.90
N GLY L 297 -58.22 25.18 -51.12
CA GLY L 297 -58.84 24.86 -49.84
C GLY L 297 -58.44 25.81 -48.73
N HIS L 298 -57.14 26.05 -48.62
CA HIS L 298 -56.60 26.89 -47.55
C HIS L 298 -56.49 28.34 -48.01
N LYS L 299 -57.50 28.81 -48.73
CA LYS L 299 -57.61 30.19 -49.16
C LYS L 299 -58.16 31.05 -48.01
N TRP L 300 -58.75 30.38 -47.03
CA TRP L 300 -59.32 31.05 -45.86
C TRP L 300 -58.22 31.51 -44.92
N ALA L 301 -57.13 30.75 -44.90
CA ALA L 301 -56.02 31.03 -43.99
C ALA L 301 -55.28 32.28 -44.46
N VAL L 302 -54.26 32.08 -45.28
CA VAL L 302 -53.42 33.18 -45.77
C VAL L 302 -52.92 34.00 -44.58
N ASP L 303 -52.81 35.31 -44.73
CA ASP L 303 -52.29 36.16 -43.67
C ASP L 303 -53.21 36.12 -42.45
N ARG L 304 -52.75 35.43 -41.41
CA ARG L 304 -53.50 35.30 -40.17
C ARG L 304 -52.54 34.97 -39.04
N GLY L 305 -52.92 35.30 -37.81
CA GLY L 305 -52.08 35.09 -36.65
C GLY L 305 -51.56 33.66 -36.55
N ILE L 306 -50.25 33.52 -36.76
CA ILE L 306 -49.61 32.20 -36.79
C ILE L 306 -49.32 31.71 -35.37
N THR L 307 -50.37 31.60 -34.56
CA THR L 307 -50.25 31.07 -33.21
C THR L 307 -50.18 29.55 -33.27
N LYS L 308 -49.71 28.93 -32.19
CA LYS L 308 -49.63 27.47 -32.10
C LYS L 308 -50.96 26.80 -32.45
N THR L 309 -52.06 27.49 -32.16
CA THR L 309 -53.39 26.98 -32.46
C THR L 309 -53.59 26.92 -33.97
N TYR L 310 -53.20 28.00 -34.65
CA TYR L 310 -53.36 28.11 -36.10
C TYR L 310 -52.62 27.00 -36.83
N VAL L 311 -51.41 26.70 -36.39
CA VAL L 311 -50.61 25.64 -37.02
C VAL L 311 -51.32 24.29 -36.86
N LYS L 312 -51.80 24.02 -35.65
CA LYS L 312 -52.53 22.77 -35.39
C LYS L 312 -53.86 22.74 -36.13
N ASP L 313 -54.51 23.90 -36.28
CA ASP L 313 -55.79 23.98 -36.98
C ASP L 313 -55.60 23.59 -38.45
N VAL L 314 -54.47 24.01 -39.02
CA VAL L 314 -54.14 23.67 -40.39
C VAL L 314 -53.62 22.25 -40.47
N THR L 315 -52.79 21.86 -39.49
CA THR L 315 -52.25 20.51 -39.43
C THR L 315 -53.39 19.49 -39.31
N GLU L 316 -54.31 19.74 -38.38
CA GLU L 316 -55.47 18.87 -38.20
C GLU L 316 -56.40 18.94 -39.40
N GLY L 317 -56.29 20.01 -40.17
CA GLY L 317 -57.08 20.17 -41.38
C GLY L 317 -56.64 19.19 -42.44
N LEU L 318 -55.34 18.91 -42.48
CA LEU L 318 -54.77 17.94 -43.41
C LEU L 318 -54.92 16.52 -42.87
N ARG L 319 -54.81 16.37 -41.55
CA ARG L 319 -55.01 15.07 -40.90
C ARG L 319 -56.37 14.50 -41.25
N ALA L 320 -57.41 15.28 -41.00
CA ALA L 320 -58.78 14.86 -41.25
C ALA L 320 -59.02 14.71 -42.75
N PHE L 321 -58.47 15.64 -43.52
CA PHE L 321 -58.68 15.63 -44.97
C PHE L 321 -58.11 14.37 -45.62
N MET L 322 -56.84 14.11 -45.37
CA MET L 322 -56.17 12.93 -45.95
C MET L 322 -56.80 11.64 -45.46
N ARG L 323 -57.29 11.65 -44.23
CA ARG L 323 -57.92 10.47 -43.66
C ARG L 323 -59.25 10.19 -44.34
N ASP L 324 -59.85 11.22 -44.91
CA ASP L 324 -61.08 11.06 -45.68
C ASP L 324 -60.77 10.47 -47.06
N LEU L 325 -59.52 10.57 -47.47
CA LEU L 325 -59.05 9.98 -48.71
C LEU L 325 -58.59 8.53 -48.49
N LYS L 326 -58.09 8.27 -47.29
CA LYS L 326 -57.57 6.95 -46.96
C LYS L 326 -58.68 5.92 -46.86
N ASN L 327 -59.65 6.19 -45.98
CA ASN L 327 -60.78 5.28 -45.80
C ASN L 327 -61.63 5.20 -47.06
N GLN L 328 -61.60 6.26 -47.86
CA GLN L 328 -62.31 6.29 -49.13
C GLN L 328 -61.60 5.42 -50.16
N GLY L 329 -60.29 5.25 -49.98
CA GLY L 329 -59.49 4.40 -50.84
C GLY L 329 -58.69 5.18 -51.87
N ALA L 330 -58.67 6.50 -51.75
CA ALA L 330 -57.94 7.35 -52.68
C ALA L 330 -56.43 7.16 -52.49
N VAL L 331 -56.03 6.96 -51.24
CA VAL L 331 -54.63 6.77 -50.90
C VAL L 331 -54.49 5.60 -49.94
N ILE L 332 -53.34 4.94 -49.95
CA ILE L 332 -53.09 3.82 -49.05
C ILE L 332 -52.82 4.33 -47.65
N ASN L 333 -51.86 5.24 -47.54
CA ASN L 333 -51.53 5.85 -46.26
C ASN L 333 -50.84 7.19 -46.48
N PHE L 334 -50.85 8.03 -45.46
CA PHE L 334 -50.31 9.39 -45.56
C PHE L 334 -49.57 9.79 -44.30
N GLU L 335 -49.05 11.01 -44.32
CA GLU L 335 -48.35 11.58 -43.17
C GLU L 335 -48.12 13.07 -43.41
N VAL L 336 -48.64 13.89 -42.52
CA VAL L 336 -48.54 15.34 -42.66
C VAL L 336 -48.07 15.96 -41.35
N TYR L 337 -47.21 16.96 -41.46
CA TYR L 337 -46.61 17.60 -40.29
C TYR L 337 -45.83 18.84 -40.69
N ALA L 338 -45.43 19.62 -39.69
CA ALA L 338 -44.64 20.83 -39.92
C ALA L 338 -43.16 20.50 -39.77
N ASP L 339 -42.38 20.75 -40.83
CA ASP L 339 -40.96 20.42 -40.82
C ASP L 339 -40.21 21.32 -39.83
N PRO L 340 -39.39 20.72 -38.93
CA PRO L 340 -38.60 21.53 -38.00
C PRO L 340 -37.58 22.44 -38.69
N ASP L 341 -36.89 21.92 -39.70
CA ASP L 341 -35.82 22.66 -40.34
C ASP L 341 -36.34 23.81 -41.19
N LEU L 342 -37.39 23.56 -41.96
CA LEU L 342 -37.96 24.59 -42.82
C LEU L 342 -38.55 25.73 -42.02
N ASN L 343 -39.42 25.39 -41.06
CA ASN L 343 -40.03 26.40 -40.20
C ASN L 343 -39.00 27.01 -39.26
N SER L 344 -38.10 27.80 -39.84
CA SER L 344 -37.07 28.49 -39.07
C SER L 344 -37.63 29.78 -38.47
N ALA L 345 -36.94 30.32 -37.48
CA ALA L 345 -37.37 31.55 -36.82
C ALA L 345 -37.44 32.72 -37.81
N SER L 346 -36.63 32.65 -38.86
CA SER L 346 -36.58 33.71 -39.86
C SER L 346 -37.65 33.53 -40.93
N GLN L 347 -37.96 32.27 -41.25
CA GLN L 347 -38.97 31.97 -42.27
C GLN L 347 -40.37 32.37 -41.79
N LEU L 348 -40.67 32.06 -40.54
CA LEU L 348 -41.96 32.44 -39.95
C LEU L 348 -42.08 33.96 -39.84
N ALA L 349 -40.93 34.64 -39.76
CA ALA L 349 -40.90 36.09 -39.64
C ALA L 349 -41.13 36.76 -41.00
N GLN L 350 -41.26 35.95 -42.05
CA GLN L 350 -41.63 36.45 -43.38
C GLN L 350 -43.01 35.94 -43.79
N GLY L 351 -43.64 35.17 -42.91
CA GLY L 351 -44.97 34.64 -43.16
C GLY L 351 -44.93 33.20 -43.64
N LYS L 352 -43.78 32.78 -44.17
CA LYS L 352 -43.62 31.41 -44.65
C LYS L 352 -43.83 30.40 -43.52
N VAL L 353 -44.66 29.40 -43.81
CA VAL L 353 -44.87 28.28 -42.90
C VAL L 353 -45.19 27.04 -43.73
N TYR L 354 -44.41 25.98 -43.51
CA TYR L 354 -44.48 24.80 -44.37
C TYR L 354 -45.14 23.61 -43.69
N TRP L 355 -45.74 22.74 -44.50
CA TRP L 355 -46.32 21.49 -44.02
C TRP L 355 -45.98 20.36 -44.98
N ASN L 356 -45.07 19.48 -44.56
CA ASN L 356 -44.60 18.40 -45.41
C ASN L 356 -45.64 17.30 -45.55
N ILE L 357 -46.40 17.35 -46.65
CA ILE L 357 -47.38 16.31 -46.96
C ILE L 357 -46.70 15.22 -47.79
N ARG L 358 -47.04 13.96 -47.48
CA ARG L 358 -46.48 12.83 -48.21
C ARG L 358 -47.40 11.62 -48.09
N PHE L 359 -47.54 10.86 -49.18
CA PHE L 359 -48.40 9.70 -49.21
C PHE L 359 -48.11 8.86 -50.45
N THR L 360 -48.89 7.79 -50.63
CA THR L 360 -48.72 6.90 -51.77
C THR L 360 -50.06 6.72 -52.49
N ASP L 361 -50.22 7.39 -53.63
CA ASP L 361 -51.41 7.22 -54.46
C ASP L 361 -51.50 5.77 -54.92
N VAL L 362 -52.72 5.24 -54.99
CA VAL L 362 -52.92 3.84 -55.34
C VAL L 362 -52.57 3.57 -56.81
N PRO L 363 -51.60 2.67 -57.07
CA PRO L 363 -51.26 2.30 -58.45
C PRO L 363 -52.13 1.15 -58.97
N PRO L 364 -52.58 1.22 -60.24
CA PRO L 364 -53.38 0.11 -60.78
C PRO L 364 -52.54 -1.13 -61.06
N ALA L 365 -52.93 -2.27 -60.50
CA ALA L 365 -52.23 -3.53 -60.73
C ALA L 365 -52.36 -3.93 -62.20
N GLU L 366 -51.54 -3.31 -63.05
CA GLU L 366 -51.66 -3.51 -64.49
C GLU L 366 -51.10 -4.85 -64.95
N ASN L 367 -50.55 -5.63 -64.03
CA ASN L 367 -49.97 -6.93 -64.38
C ASN L 367 -49.82 -7.83 -63.15
N PRO L 368 -50.95 -8.42 -62.68
CA PRO L 368 -50.91 -9.35 -61.56
C PRO L 368 -50.47 -10.75 -61.98
N ASN L 369 -49.35 -11.20 -61.42
CA ASN L 369 -48.80 -12.52 -61.74
C ASN L 369 -49.35 -13.60 -60.81
N PHE L 370 -49.17 -14.86 -61.21
CA PHE L 370 -49.65 -16.00 -60.42
C PHE L 370 -48.65 -17.15 -60.51
N ARG L 371 -47.61 -17.08 -59.67
CA ARG L 371 -46.57 -18.09 -59.67
C ARG L 371 -47.10 -19.43 -59.18
N VAL L 372 -47.91 -20.09 -60.01
CA VAL L 372 -48.45 -21.41 -59.66
C VAL L 372 -47.41 -22.48 -59.93
N GLU L 373 -47.38 -23.50 -59.08
CA GLU L 373 -46.39 -24.56 -59.18
C GLU L 373 -46.79 -25.75 -58.33
N VAL L 374 -46.90 -26.91 -58.95
CA VAL L 374 -47.21 -28.14 -58.23
C VAL L 374 -45.99 -28.62 -57.46
N THR L 375 -46.18 -29.68 -56.68
CA THR L 375 -45.10 -30.28 -55.92
C THR L 375 -45.53 -31.65 -55.43
N ASP L 376 -44.80 -32.18 -54.45
CA ASP L 376 -45.09 -33.49 -53.87
C ASP L 376 -45.05 -33.40 -52.35
N GLN L 377 -45.47 -32.26 -51.83
CA GLN L 377 -45.41 -32.00 -50.40
C GLN L 377 -46.57 -32.67 -49.66
N TRP L 378 -47.79 -32.26 -49.98
CA TRP L 378 -48.98 -32.82 -49.34
C TRP L 378 -49.42 -34.13 -49.98
N LEU L 379 -48.55 -35.14 -49.92
CA LEU L 379 -48.89 -36.48 -50.40
C LEU L 379 -49.00 -37.45 -49.24
N THR L 380 -48.14 -37.25 -48.23
CA THR L 380 -48.16 -38.07 -47.03
C THR L 380 -49.43 -37.83 -46.22
N GLU L 381 -50.13 -36.74 -46.55
CA GLU L 381 -51.39 -36.42 -45.90
C GLU L 381 -52.43 -37.48 -46.25
N VAL L 382 -52.28 -38.05 -47.44
CA VAL L 382 -53.15 -39.15 -47.88
C VAL L 382 -52.71 -40.43 -47.20
N LEU L 383 -53.04 -40.55 -45.92
CA LEU L 383 -52.62 -41.69 -45.12
C LEU L 383 -53.34 -41.70 -43.78
N ASP L 384 -53.30 -40.57 -43.09
CA ASP L 384 -53.95 -40.43 -41.80
C ASP L 384 -54.22 -38.96 -41.49
N SER M 2 -17.81 19.58 -71.11
CA SER M 2 -18.74 18.83 -70.27
C SER M 2 -18.39 17.35 -70.26
N PHE M 3 -18.06 16.83 -71.44
CA PHE M 3 -17.68 15.43 -71.62
C PHE M 3 -18.89 14.52 -71.42
N PHE M 4 -19.30 13.88 -72.51
CA PHE M 4 -20.44 12.97 -72.53
C PHE M 4 -21.76 13.67 -72.20
N HIS M 5 -21.97 13.98 -70.92
CA HIS M 5 -23.22 14.59 -70.45
C HIS M 5 -24.43 13.72 -70.78
N GLY M 6 -24.63 12.67 -69.99
CA GLY M 6 -25.78 11.80 -70.16
C GLY M 6 -25.95 10.88 -68.97
N VAL M 7 -25.63 9.60 -69.17
CA VAL M 7 -25.70 8.61 -68.11
C VAL M 7 -24.98 7.35 -68.56
N THR M 8 -23.72 7.22 -68.13
CA THR M 8 -22.90 6.08 -68.51
C THR M 8 -23.25 4.85 -67.69
N VAL M 9 -22.60 3.74 -68.03
CA VAL M 9 -22.83 2.47 -67.34
C VAL M 9 -21.70 1.50 -67.72
N THR M 10 -20.48 1.94 -67.49
CA THR M 10 -19.30 1.17 -67.89
C THR M 10 -19.21 -0.13 -67.11
N ASN M 11 -18.98 -1.22 -67.84
CA ASN M 11 -18.81 -2.53 -67.23
C ASN M 11 -17.35 -2.75 -66.84
N VAL M 12 -17.09 -2.70 -65.53
CA VAL M 12 -15.73 -2.89 -65.03
C VAL M 12 -15.38 -4.37 -65.06
N ASP M 13 -14.56 -4.75 -66.04
CA ASP M 13 -14.20 -6.14 -66.25
C ASP M 13 -13.02 -6.54 -65.37
N ILE M 14 -13.30 -6.77 -64.09
CA ILE M 14 -12.28 -7.24 -63.15
C ILE M 14 -12.86 -8.32 -62.25
N GLY M 15 -11.97 -9.09 -61.62
CA GLY M 15 -12.39 -10.19 -60.77
C GLY M 15 -11.57 -11.42 -61.09
N ALA M 16 -11.50 -12.35 -60.13
CA ALA M 16 -10.74 -13.57 -60.31
C ALA M 16 -11.42 -14.50 -61.32
N ARG M 17 -10.77 -14.70 -62.46
CA ARG M 17 -11.28 -15.60 -63.49
C ARG M 17 -11.17 -17.05 -63.03
N THR M 18 -11.97 -17.91 -63.64
CA THR M 18 -11.95 -19.35 -63.35
C THR M 18 -10.91 -20.05 -64.22
N ILE M 19 -10.44 -21.21 -63.76
CA ILE M 19 -9.43 -21.96 -64.49
C ILE M 19 -9.81 -23.44 -64.51
N ALA M 20 -9.54 -24.09 -65.64
CA ALA M 20 -9.89 -25.49 -65.85
C ALA M 20 -8.64 -26.35 -66.06
N LEU M 21 -8.87 -27.66 -66.18
CA LEU M 21 -7.79 -28.62 -66.41
C LEU M 21 -7.93 -29.25 -67.79
N PRO M 22 -7.38 -28.59 -68.83
CA PRO M 22 -7.56 -29.05 -70.21
C PRO M 22 -6.85 -30.37 -70.51
N ALA M 23 -7.17 -30.96 -71.66
CA ALA M 23 -6.49 -32.17 -72.13
C ALA M 23 -6.70 -33.37 -71.20
N SER M 24 -6.23 -33.24 -69.97
CA SER M 24 -6.37 -34.29 -68.95
C SER M 24 -5.61 -35.55 -69.35
N SER M 25 -6.15 -36.30 -70.30
CA SER M 25 -5.54 -37.56 -70.72
C SER M 25 -5.97 -37.96 -72.12
N VAL M 26 -5.53 -37.19 -73.11
CA VAL M 26 -5.77 -37.54 -74.50
C VAL M 26 -4.60 -38.35 -75.03
N ILE M 27 -4.91 -39.46 -75.68
CA ILE M 27 -3.90 -40.39 -76.16
C ILE M 27 -3.42 -40.00 -77.56
N GLY M 28 -2.12 -40.11 -77.79
CA GLY M 28 -1.51 -39.80 -79.06
C GLY M 28 -0.82 -41.04 -79.63
N LEU M 29 -1.58 -41.82 -80.39
CA LEU M 29 -1.09 -43.10 -80.91
C LEU M 29 -0.61 -42.96 -82.34
N CYS M 30 0.27 -43.88 -82.77
CA CYS M 30 0.82 -43.86 -84.12
C CYS M 30 1.39 -45.23 -84.48
N ASP M 31 0.52 -46.12 -84.95
CA ASP M 31 0.94 -47.45 -85.40
C ASP M 31 0.91 -47.46 -86.92
N VAL M 32 0.54 -48.59 -87.52
CA VAL M 32 0.47 -48.70 -88.97
C VAL M 32 -0.84 -49.37 -89.41
N PHE M 33 -1.15 -49.24 -90.70
CA PHE M 33 -2.34 -49.87 -91.26
C PHE M 33 -2.19 -50.00 -92.77
N THR M 34 -3.29 -50.37 -93.44
CA THR M 34 -3.28 -50.57 -94.88
C THR M 34 -4.35 -49.68 -95.53
N PRO M 35 -3.95 -48.51 -96.05
CA PRO M 35 -4.92 -47.62 -96.70
C PRO M 35 -5.40 -48.18 -98.04
N GLY M 36 -6.68 -48.01 -98.34
CA GLY M 36 -7.24 -48.49 -99.59
C GLY M 36 -8.71 -48.16 -99.73
N ALA M 37 -9.56 -49.14 -99.48
CA ALA M 37 -11.00 -49.00 -99.66
C ALA M 37 -11.70 -48.61 -98.36
N GLN M 38 -11.84 -49.58 -97.46
CA GLN M 38 -12.56 -49.36 -96.20
C GLN M 38 -11.84 -48.35 -95.31
N ALA M 39 -10.55 -48.16 -95.56
CA ALA M 39 -9.75 -47.22 -94.77
C ALA M 39 -10.07 -45.78 -95.15
N SER M 40 -10.95 -45.15 -94.38
CA SER M 40 -11.37 -43.78 -94.65
C SER M 40 -10.25 -42.79 -94.33
N ALA M 41 -9.53 -43.06 -93.26
CA ALA M 41 -8.43 -42.18 -92.83
C ALA M 41 -7.32 -42.18 -93.87
N LYS M 42 -6.74 -41.01 -94.11
CA LYS M 42 -5.70 -40.87 -95.12
C LYS M 42 -4.42 -41.56 -94.64
N PRO M 43 -3.48 -41.84 -95.56
CA PRO M 43 -2.29 -42.65 -95.23
C PRO M 43 -1.32 -42.01 -94.23
N ASN M 44 -1.63 -40.84 -93.68
CA ASN M 44 -0.67 -40.18 -92.79
C ASN M 44 -1.25 -39.10 -91.88
N VAL M 45 -2.33 -38.43 -92.31
CA VAL M 45 -2.82 -37.28 -91.55
C VAL M 45 -3.40 -37.71 -90.20
N PRO M 46 -3.35 -36.83 -89.19
CA PRO M 46 -3.99 -37.14 -87.90
C PRO M 46 -5.50 -37.26 -88.02
N VAL M 47 -6.08 -38.24 -87.33
CA VAL M 47 -7.54 -38.42 -87.31
C VAL M 47 -7.99 -38.62 -85.87
N LEU M 48 -9.05 -37.90 -85.50
CA LEU M 48 -9.56 -37.99 -84.14
C LEU M 48 -10.50 -39.19 -84.01
N LEU M 49 -10.46 -39.82 -82.83
CA LEU M 49 -11.29 -40.98 -82.55
C LEU M 49 -12.10 -40.74 -81.29
N THR M 50 -12.98 -41.69 -80.97
CA THR M 50 -13.82 -41.59 -79.79
C THR M 50 -14.32 -42.96 -79.35
N SER M 51 -14.54 -43.84 -80.32
CA SER M 51 -15.00 -45.20 -80.07
C SER M 51 -14.49 -46.13 -81.16
N LYS M 52 -14.70 -47.43 -80.96
CA LYS M 52 -14.27 -48.44 -81.92
C LYS M 52 -14.92 -48.21 -83.29
N LYS M 53 -16.17 -47.79 -83.29
CA LYS M 53 -16.89 -47.52 -84.52
C LYS M 53 -16.19 -46.45 -85.35
N ASP M 54 -15.80 -45.36 -84.69
CA ASP M 54 -15.14 -44.25 -85.36
C ASP M 54 -13.73 -44.63 -85.80
N ALA M 55 -13.17 -45.66 -85.18
CA ALA M 55 -11.83 -46.13 -85.48
C ALA M 55 -11.84 -47.22 -86.55
N ALA M 56 -12.88 -48.06 -86.51
CA ALA M 56 -13.00 -49.18 -87.44
C ALA M 56 -13.13 -48.69 -88.88
N ALA M 57 -14.10 -47.81 -89.11
CA ALA M 57 -14.35 -47.25 -90.44
C ALA M 57 -13.18 -46.37 -90.90
N ALA M 58 -12.36 -45.93 -89.96
CA ALA M 58 -11.25 -45.03 -90.25
C ALA M 58 -10.05 -45.79 -90.84
N PHE M 59 -9.53 -46.74 -90.07
CA PHE M 59 -8.32 -47.47 -90.46
C PHE M 59 -8.66 -48.84 -91.05
N GLY M 60 -9.66 -49.49 -90.47
CA GLY M 60 -10.11 -50.79 -90.92
C GLY M 60 -9.84 -51.87 -89.90
N ILE M 61 -10.49 -53.02 -90.07
CA ILE M 61 -10.33 -54.15 -89.16
C ILE M 61 -9.09 -54.95 -89.58
N GLY M 62 -8.38 -55.49 -88.59
CA GLY M 62 -7.18 -56.27 -88.86
C GLY M 62 -5.93 -55.39 -88.90
N SER M 63 -6.13 -54.10 -89.15
CA SER M 63 -5.03 -53.15 -89.16
C SER M 63 -4.32 -53.17 -87.81
N SER M 64 -3.00 -53.22 -87.84
CA SER M 64 -2.19 -53.29 -86.60
C SER M 64 -2.47 -52.13 -85.66
N ILE M 65 -2.98 -51.02 -86.22
CA ILE M 65 -3.33 -49.85 -85.44
C ILE M 65 -4.66 -50.04 -84.72
N TYR M 66 -5.57 -50.77 -85.36
CA TYR M 66 -6.89 -51.00 -84.81
C TYR M 66 -6.81 -51.96 -83.60
N LEU M 67 -5.86 -52.88 -83.65
CA LEU M 67 -5.64 -53.80 -82.52
C LEU M 67 -5.13 -53.05 -81.30
N ALA M 68 -4.54 -51.88 -81.54
CA ALA M 68 -4.03 -51.03 -80.47
C ALA M 68 -5.13 -50.13 -79.92
N CYS M 69 -5.95 -49.57 -80.83
CA CYS M 69 -7.07 -48.73 -80.42
C CYS M 69 -8.13 -49.56 -79.70
N GLU M 70 -8.40 -50.75 -80.24
CA GLU M 70 -9.35 -51.67 -79.64
C GLU M 70 -8.90 -52.07 -78.23
N ALA M 71 -7.58 -52.18 -78.06
CA ALA M 71 -7.01 -52.54 -76.76
C ALA M 71 -7.24 -51.44 -75.75
N ILE M 72 -7.33 -50.21 -76.23
CA ILE M 72 -7.56 -49.05 -75.38
C ILE M 72 -9.05 -48.92 -75.03
N TYR M 73 -9.90 -49.03 -76.04
CA TYR M 73 -11.34 -48.86 -75.86
C TYR M 73 -11.95 -50.03 -75.09
N ASN M 74 -11.33 -51.20 -75.23
CA ASN M 74 -11.76 -52.36 -74.46
C ASN M 74 -11.52 -52.11 -72.98
N ARG M 75 -10.37 -51.53 -72.68
CA ARG M 75 -10.02 -51.15 -71.31
C ARG M 75 -10.93 -50.02 -70.82
N ALA M 76 -10.70 -48.81 -71.35
CA ALA M 76 -11.49 -47.65 -70.96
C ALA M 76 -11.54 -46.66 -72.12
N GLN M 77 -12.73 -46.14 -72.38
CA GLN M 77 -12.94 -45.22 -73.50
C GLN M 77 -12.17 -43.92 -73.29
N ALA M 78 -11.60 -43.40 -74.38
CA ALA M 78 -10.82 -42.18 -74.31
C ALA M 78 -10.61 -41.59 -75.71
N VAL M 79 -10.24 -40.32 -75.75
CA VAL M 79 -9.95 -39.64 -77.01
C VAL M 79 -8.58 -40.06 -77.51
N ILE M 80 -8.51 -40.46 -78.78
CA ILE M 80 -7.26 -40.88 -79.40
C ILE M 80 -7.04 -40.16 -80.71
N VAL M 81 -6.20 -39.13 -80.69
CA VAL M 81 -5.81 -38.42 -81.90
C VAL M 81 -4.77 -39.29 -82.61
N ALA M 82 -5.22 -40.42 -83.15
CA ALA M 82 -4.35 -41.37 -83.82
C ALA M 82 -3.84 -40.82 -85.15
N VAL M 83 -2.65 -41.26 -85.55
CA VAL M 83 -2.04 -40.84 -86.80
C VAL M 83 -2.12 -41.98 -87.82
N GLY M 84 -1.26 -43.00 -87.63
CA GLY M 84 -1.24 -44.15 -88.51
C GLY M 84 -0.51 -43.86 -89.80
N VAL M 85 0.39 -44.75 -90.17
CA VAL M 85 1.19 -44.59 -91.38
C VAL M 85 1.23 -45.91 -92.16
N GLU M 86 1.35 -45.81 -93.49
CA GLU M 86 1.38 -46.98 -94.34
C GLU M 86 2.58 -47.87 -94.02
N THR M 87 2.38 -49.18 -94.09
CA THR M 87 3.47 -50.13 -93.85
C THR M 87 4.50 -50.03 -94.97
N ALA M 88 5.78 -50.15 -94.60
CA ALA M 88 6.87 -50.07 -95.56
C ALA M 88 7.41 -51.46 -95.88
N GLU M 89 8.45 -51.49 -96.71
CA GLU M 89 9.05 -52.75 -97.14
C GLU M 89 9.79 -53.44 -95.99
N THR M 90 10.96 -52.91 -95.64
CA THR M 90 11.75 -53.45 -94.55
C THR M 90 11.29 -52.87 -93.22
N PRO M 91 11.46 -53.64 -92.12
CA PRO M 91 11.02 -53.17 -90.79
C PRO M 91 11.83 -51.97 -90.30
N GLU M 92 13.09 -51.90 -90.72
CA GLU M 92 13.97 -50.81 -90.30
C GLU M 92 13.53 -49.48 -90.89
N ALA M 93 13.34 -49.47 -92.21
CA ALA M 93 12.95 -48.26 -92.92
C ALA M 93 11.51 -47.86 -92.59
N GLN M 94 10.75 -48.80 -92.03
CA GLN M 94 9.37 -48.52 -91.64
C GLN M 94 9.33 -47.54 -90.47
N ALA M 95 10.36 -47.60 -89.63
CA ALA M 95 10.46 -46.74 -88.45
C ALA M 95 10.62 -45.27 -88.88
N SER M 96 11.12 -45.06 -90.10
CA SER M 96 11.29 -43.71 -90.63
C SER M 96 9.94 -43.05 -90.82
N ALA M 97 9.01 -43.78 -91.44
CA ALA M 97 7.65 -43.29 -91.64
C ALA M 97 6.94 -43.11 -90.31
N VAL M 98 7.30 -43.94 -89.33
CA VAL M 98 6.71 -43.85 -88.00
C VAL M 98 7.17 -42.56 -87.32
N ILE M 99 8.48 -42.32 -87.32
CA ILE M 99 9.01 -41.09 -86.76
C ILE M 99 8.52 -39.92 -87.60
N GLY M 100 8.76 -39.99 -88.90
CA GLY M 100 8.27 -38.98 -89.83
C GLY M 100 9.08 -37.71 -89.77
N GLY M 101 9.68 -37.34 -90.89
CA GLY M 101 10.46 -36.12 -90.97
C GLY M 101 9.55 -34.90 -91.05
N ILE M 102 9.15 -34.54 -92.26
CA ILE M 102 8.27 -33.39 -92.49
C ILE M 102 7.70 -33.36 -93.90
N SER M 103 8.39 -34.03 -94.83
CA SER M 103 7.94 -34.14 -96.22
C SER M 103 8.00 -32.79 -96.95
N ALA M 104 7.96 -32.84 -98.28
CA ALA M 104 8.04 -31.64 -99.10
C ALA M 104 6.75 -30.82 -98.99
N ALA M 105 5.67 -31.47 -98.57
CA ALA M 105 4.39 -30.81 -98.43
C ALA M 105 4.41 -29.79 -97.29
N GLY M 106 5.35 -29.99 -96.36
CA GLY M 106 5.50 -29.09 -95.23
C GLY M 106 4.73 -29.58 -94.01
N GLU M 107 3.69 -30.37 -94.24
CA GLU M 107 2.88 -30.90 -93.16
C GLU M 107 3.64 -31.99 -92.39
N ARG M 108 3.66 -31.86 -91.07
CA ARG M 108 4.36 -32.80 -90.21
C ARG M 108 3.84 -34.22 -90.41
N THR M 109 4.74 -35.12 -90.80
CA THR M 109 4.37 -36.52 -91.05
C THR M 109 4.71 -37.42 -89.87
N GLY M 110 4.14 -38.61 -89.88
CA GLY M 110 4.45 -39.63 -88.88
C GLY M 110 4.13 -39.21 -87.47
N LEU M 111 4.92 -39.72 -86.53
CA LEU M 111 4.71 -39.47 -85.11
C LEU M 111 4.72 -37.99 -84.74
N GLN M 112 5.46 -37.19 -85.51
CA GLN M 112 5.57 -35.76 -85.24
C GLN M 112 4.29 -35.01 -85.61
N ALA M 113 3.37 -35.69 -86.27
CA ALA M 113 2.10 -35.10 -86.68
C ALA M 113 1.20 -34.82 -85.47
N LEU M 114 1.55 -35.40 -84.32
CA LEU M 114 0.73 -35.26 -83.11
C LEU M 114 0.69 -33.82 -82.62
N LEU M 115 1.69 -33.02 -83.00
CA LEU M 115 1.74 -31.62 -82.61
C LEU M 115 0.58 -30.83 -83.23
N ASP M 116 0.00 -31.38 -84.29
CA ASP M 116 -1.11 -30.74 -84.99
C ASP M 116 -2.45 -31.04 -84.31
N GLY M 117 -2.48 -32.08 -83.48
CA GLY M 117 -3.69 -32.51 -82.82
C GLY M 117 -4.30 -31.44 -81.93
N LYS M 118 -3.47 -30.52 -81.46
CA LYS M 118 -3.91 -29.45 -80.59
C LYS M 118 -4.60 -28.34 -81.38
N SER M 119 -4.00 -27.96 -82.50
CA SER M 119 -4.50 -26.86 -83.32
C SER M 119 -5.41 -27.37 -84.44
N ARG M 120 -6.13 -28.46 -84.18
CA ARG M 120 -7.08 -29.00 -85.14
C ARG M 120 -8.28 -29.65 -84.44
N PHE M 121 -8.02 -30.32 -83.32
CA PHE M 121 -9.07 -31.03 -82.59
C PHE M 121 -9.21 -30.51 -81.16
N ASN M 122 -8.43 -29.49 -80.81
CA ASN M 122 -8.45 -28.94 -79.45
C ASN M 122 -8.21 -30.02 -78.40
N ALA M 123 -7.48 -31.06 -78.78
CA ALA M 123 -7.20 -32.19 -77.91
C ALA M 123 -5.72 -32.52 -78.00
N GLN M 124 -4.92 -31.81 -77.21
CA GLN M 124 -3.48 -32.04 -77.18
C GLN M 124 -3.18 -33.44 -76.65
N PRO M 125 -2.61 -34.32 -77.48
CA PRO M 125 -2.29 -35.67 -76.97
C PRO M 125 -1.28 -35.62 -75.84
N ARG M 126 -1.76 -35.65 -74.60
CA ARG M 126 -0.89 -35.59 -73.44
C ARG M 126 -0.60 -36.99 -72.92
N LEU M 127 -0.43 -37.92 -73.85
CA LEU M 127 -0.14 -39.30 -73.53
C LEU M 127 0.26 -40.05 -74.79
N LEU M 128 1.54 -39.98 -75.14
CA LEU M 128 2.05 -40.62 -76.35
C LEU M 128 2.11 -42.13 -76.20
N VAL M 129 2.17 -42.80 -77.34
CA VAL M 129 2.23 -44.27 -77.39
C VAL M 129 2.48 -44.70 -78.83
N ALA M 130 3.31 -45.72 -79.00
CA ALA M 130 3.67 -46.22 -80.33
C ALA M 130 3.85 -47.74 -80.28
N PRO M 131 2.74 -48.50 -80.26
CA PRO M 131 2.81 -49.96 -80.13
C PRO M 131 3.59 -50.62 -81.26
N GLY M 132 4.48 -51.55 -80.92
CA GLY M 132 5.30 -52.23 -81.91
C GLY M 132 6.57 -51.46 -82.20
N HIS M 133 6.43 -50.18 -82.52
CA HIS M 133 7.55 -49.32 -82.83
C HIS M 133 8.01 -48.53 -81.61
N SER M 134 8.81 -49.17 -80.76
CA SER M 134 9.38 -48.53 -79.58
C SER M 134 10.61 -49.29 -79.09
N ALA M 135 10.69 -50.58 -79.39
CA ALA M 135 11.85 -51.39 -79.03
C ALA M 135 13.09 -50.90 -79.77
N GLN M 136 12.88 -50.25 -80.92
CA GLN M 136 13.97 -49.67 -81.68
C GLN M 136 14.48 -48.42 -81.01
N GLN M 137 15.80 -48.32 -80.88
CA GLN M 137 16.45 -47.19 -80.20
C GLN M 137 16.11 -45.86 -80.88
N ALA M 138 15.85 -45.92 -82.18
CA ALA M 138 15.62 -44.73 -82.98
C ALA M 138 14.32 -44.01 -82.62
N VAL M 139 13.21 -44.70 -82.90
CA VAL M 139 11.87 -44.12 -82.69
C VAL M 139 11.62 -43.76 -81.22
N ALA M 140 12.33 -44.43 -80.31
CA ALA M 140 12.13 -44.22 -78.88
C ALA M 140 12.55 -42.81 -78.47
N THR M 141 13.60 -42.29 -79.08
CA THR M 141 14.10 -40.95 -78.77
C THR M 141 13.15 -39.89 -79.31
N ALA M 142 12.54 -40.16 -80.45
CA ALA M 142 11.55 -39.26 -81.04
C ALA M 142 10.36 -39.11 -80.10
N MET M 143 10.01 -40.20 -79.44
CA MET M 143 8.93 -40.20 -78.45
C MET M 143 9.32 -39.35 -77.24
N ASP M 144 10.62 -39.35 -76.94
CA ASP M 144 11.15 -38.59 -75.81
C ASP M 144 11.12 -37.09 -76.12
N GLY M 145 11.62 -36.73 -77.29
CA GLY M 145 11.71 -35.33 -77.67
C GLY M 145 10.34 -34.73 -77.90
N LEU M 146 9.44 -35.54 -78.45
CA LEU M 146 8.09 -35.09 -78.77
C LEU M 146 7.25 -34.87 -77.51
N ALA M 147 7.51 -35.69 -76.49
CA ALA M 147 6.76 -35.61 -75.24
C ALA M 147 6.96 -34.26 -74.55
N GLU M 148 8.17 -33.72 -74.66
CA GLU M 148 8.48 -32.44 -74.03
C GLU M 148 7.79 -31.28 -74.75
N LYS M 149 7.47 -31.49 -76.03
CA LYS M 149 6.75 -30.48 -76.81
C LYS M 149 5.28 -30.48 -76.42
N LEU M 150 4.78 -31.65 -76.06
CA LEU M 150 3.37 -31.83 -75.69
C LEU M 150 3.19 -31.96 -74.19
N ARG M 151 4.29 -31.98 -73.44
CA ARG M 151 4.26 -32.18 -71.99
C ARG M 151 3.51 -33.48 -71.66
N ALA M 152 3.72 -34.50 -72.48
CA ALA M 152 3.01 -35.78 -72.34
C ALA M 152 3.88 -36.79 -71.61
N ILE M 153 3.45 -38.04 -71.62
CA ILE M 153 4.21 -39.13 -71.02
C ILE M 153 4.27 -40.30 -72.00
N ALA M 154 5.33 -40.33 -72.79
CA ALA M 154 5.51 -41.35 -73.82
C ALA M 154 5.69 -42.74 -73.21
N ILE M 155 4.74 -43.63 -73.48
CA ILE M 155 4.81 -45.00 -73.01
C ILE M 155 5.52 -45.88 -74.03
N LEU M 156 6.75 -46.28 -73.71
CA LEU M 156 7.52 -47.16 -74.58
C LEU M 156 7.15 -48.62 -74.30
N ASP M 157 7.80 -49.52 -75.02
CA ASP M 157 7.60 -50.95 -74.81
C ASP M 157 8.85 -51.72 -75.28
N GLY M 158 9.74 -52.00 -74.34
CA GLY M 158 11.01 -52.64 -74.65
C GLY M 158 10.83 -54.07 -75.15
N PRO M 159 11.89 -54.64 -75.74
CA PRO M 159 11.83 -55.99 -76.30
C PRO M 159 11.69 -57.05 -75.22
N ASN M 160 11.00 -58.15 -75.53
CA ASN M 160 10.83 -59.25 -74.60
C ASN M 160 12.15 -60.00 -74.43
N SER M 161 12.32 -61.10 -75.15
CA SER M 161 13.54 -61.90 -75.08
C SER M 161 13.86 -62.30 -73.65
N THR M 162 14.38 -61.34 -72.88
CA THR M 162 14.76 -61.58 -71.49
C THR M 162 14.82 -60.26 -70.71
N ASP M 163 15.06 -60.37 -69.41
CA ASP M 163 15.10 -59.21 -68.52
C ASP M 163 16.39 -58.42 -68.71
N GLU M 164 17.48 -59.13 -69.01
CA GLU M 164 18.79 -58.51 -69.20
C GLU M 164 18.73 -57.48 -70.33
N ALA M 165 17.96 -57.80 -71.37
CA ALA M 165 17.84 -56.93 -72.54
C ALA M 165 16.95 -55.72 -72.25
N ALA M 166 16.08 -55.85 -71.25
CA ALA M 166 15.16 -54.78 -70.88
C ALA M 166 15.86 -53.72 -70.03
N VAL M 167 16.71 -54.18 -69.12
CA VAL M 167 17.45 -53.28 -68.25
C VAL M 167 18.49 -52.50 -69.06
N ALA M 168 19.16 -53.19 -69.97
CA ALA M 168 20.19 -52.57 -70.80
C ALA M 168 19.59 -51.56 -71.76
N TYR M 169 18.28 -51.65 -71.99
CA TYR M 169 17.57 -50.75 -72.89
C TYR M 169 17.14 -49.48 -72.16
N ALA M 170 16.69 -49.63 -70.91
CA ALA M 170 16.25 -48.50 -70.11
C ALA M 170 17.43 -47.62 -69.70
N LYS M 171 18.59 -48.24 -69.58
CA LYS M 171 19.82 -47.52 -69.21
C LYS M 171 20.16 -46.40 -70.17
N ASN M 172 19.58 -46.45 -71.36
CA ASN M 172 19.83 -45.43 -72.38
C ASN M 172 19.14 -44.11 -72.10
N PHE M 173 17.86 -44.18 -71.72
CA PHE M 173 17.07 -42.97 -71.49
C PHE M 173 17.17 -42.50 -70.05
N GLY M 174 16.65 -41.31 -69.79
CA GLY M 174 16.65 -40.75 -68.44
C GLY M 174 15.77 -39.53 -68.31
N SER M 175 14.79 -39.40 -69.21
CA SER M 175 13.91 -38.22 -69.23
C SER M 175 12.69 -38.43 -68.35
N LYS M 176 12.16 -37.33 -67.83
CA LYS M 176 10.96 -37.36 -66.99
C LYS M 176 9.78 -38.03 -67.67
N ARG M 177 9.72 -37.86 -69.00
CA ARG M 177 8.55 -38.25 -69.78
C ARG M 177 8.77 -39.55 -70.54
N LEU M 178 9.05 -40.62 -69.81
CA LEU M 178 9.19 -41.95 -70.40
C LEU M 178 8.78 -43.01 -69.39
N PHE M 179 7.79 -43.80 -69.77
CA PHE M 179 7.25 -44.84 -68.90
C PHE M 179 7.19 -46.16 -69.65
N MET M 180 8.31 -46.87 -69.64
CA MET M 180 8.44 -48.09 -70.43
C MET M 180 7.87 -49.30 -69.70
N VAL M 181 7.37 -50.26 -70.47
CA VAL M 181 6.91 -51.54 -69.96
C VAL M 181 7.61 -52.65 -70.75
N ASP M 182 8.25 -53.56 -70.02
CA ASP M 182 9.10 -54.56 -70.65
C ASP M 182 8.33 -55.81 -71.12
N PRO M 183 7.72 -56.55 -70.19
CA PRO M 183 7.09 -57.82 -70.61
C PRO M 183 5.92 -57.62 -71.58
N GLY M 184 6.04 -58.17 -72.78
CA GLY M 184 5.00 -57.99 -73.80
C GLY M 184 3.83 -58.92 -73.55
N VAL M 185 2.72 -58.36 -73.10
CA VAL M 185 1.50 -59.11 -72.87
C VAL M 185 1.00 -59.70 -74.18
N GLN M 186 0.37 -60.87 -74.12
CA GLN M 186 -0.18 -61.52 -75.31
C GLN M 186 -1.70 -61.51 -75.27
N VAL M 187 -2.31 -61.03 -76.35
CA VAL M 187 -3.75 -60.94 -76.46
C VAL M 187 -4.27 -62.00 -77.43
N TRP M 188 -5.54 -62.35 -77.29
CA TRP M 188 -6.17 -63.31 -78.19
C TRP M 188 -6.70 -62.59 -79.43
N ASP M 189 -5.92 -62.63 -80.51
CA ASP M 189 -6.32 -61.98 -81.76
C ASP M 189 -7.55 -62.66 -82.36
N SER M 190 -8.48 -61.85 -82.88
CA SER M 190 -9.71 -62.38 -83.46
C SER M 190 -9.46 -62.98 -84.83
N ALA M 191 -8.57 -62.36 -85.59
CA ALA M 191 -8.29 -62.78 -86.97
C ALA M 191 -7.49 -64.09 -86.99
N THR M 192 -6.53 -64.21 -86.09
CA THR M 192 -5.67 -65.39 -86.02
C THR M 192 -6.37 -66.54 -85.30
N ASN M 193 -7.33 -66.19 -84.46
CA ASN M 193 -8.09 -67.18 -83.68
C ASN M 193 -7.18 -68.01 -82.78
N ALA M 194 -6.17 -67.36 -82.21
CA ALA M 194 -5.25 -68.01 -81.29
C ALA M 194 -4.42 -66.97 -80.54
N ALA M 195 -3.44 -67.42 -79.79
CA ALA M 195 -2.57 -66.52 -79.03
C ALA M 195 -1.80 -65.60 -79.97
N ARG M 196 -1.45 -64.42 -79.48
CA ARG M 196 -0.78 -63.44 -80.30
C ARG M 196 -0.12 -62.37 -79.42
N ASN M 197 1.21 -62.32 -79.47
CA ASN M 197 1.95 -61.37 -78.64
C ASN M 197 1.71 -59.92 -79.06
N ALA M 198 1.54 -59.06 -78.06
CA ALA M 198 1.30 -57.64 -78.30
C ALA M 198 2.41 -56.80 -77.66
N PRO M 199 2.56 -55.54 -78.07
CA PRO M 199 3.60 -54.67 -77.52
C PRO M 199 3.29 -54.18 -76.09
N ALA M 200 2.05 -54.36 -75.64
CA ALA M 200 1.66 -53.98 -74.28
C ALA M 200 1.79 -52.47 -74.06
N SER M 201 1.91 -51.71 -75.14
CA SER M 201 2.09 -50.26 -75.06
C SER M 201 0.72 -49.59 -74.98
N ALA M 202 -0.17 -49.96 -75.90
CA ALA M 202 -1.51 -49.39 -75.95
C ALA M 202 -2.35 -49.83 -74.75
N TYR M 203 -2.11 -51.05 -74.28
CA TYR M 203 -2.82 -51.57 -73.11
C TYR M 203 -2.48 -50.76 -71.86
N ALA M 204 -1.21 -50.39 -71.75
CA ALA M 204 -0.75 -49.58 -70.63
C ALA M 204 -1.21 -48.13 -70.79
N ALA M 205 -1.46 -47.73 -72.03
CA ALA M 205 -1.94 -46.38 -72.33
C ALA M 205 -3.41 -46.24 -71.97
N GLY M 206 -4.22 -47.19 -72.44
CA GLY M 206 -5.64 -47.20 -72.14
C GLY M 206 -5.87 -47.36 -70.66
N LEU M 207 -4.95 -48.06 -70.01
CA LEU M 207 -5.01 -48.28 -68.55
C LEU M 207 -4.94 -46.95 -67.80
N PHE M 208 -4.10 -46.04 -68.26
CA PHE M 208 -4.01 -44.71 -67.67
C PHE M 208 -5.34 -43.97 -67.81
N ALA M 209 -5.89 -44.01 -69.03
CA ALA M 209 -7.13 -43.31 -69.36
C ALA M 209 -8.27 -43.78 -68.46
N TRP M 210 -8.17 -45.02 -67.99
CA TRP M 210 -9.18 -45.59 -67.10
C TRP M 210 -9.10 -44.95 -65.71
N THR M 211 -7.89 -44.83 -65.19
CA THR M 211 -7.65 -44.25 -63.87
C THR M 211 -7.86 -42.74 -63.88
N ASP M 212 -7.46 -42.10 -64.99
CA ASP M 212 -7.56 -40.66 -65.12
C ASP M 212 -9.02 -40.21 -65.19
N ALA M 213 -9.85 -41.00 -65.87
CA ALA M 213 -11.27 -40.70 -65.99
C ALA M 213 -11.99 -41.08 -64.69
N GLU M 214 -11.47 -42.10 -64.02
CA GLU M 214 -12.07 -42.59 -62.78
C GLU M 214 -11.60 -41.80 -61.57
N TYR M 215 -10.42 -42.13 -61.06
CA TYR M 215 -9.86 -41.45 -59.90
C TYR M 215 -9.44 -40.03 -60.26
N GLY M 216 -8.53 -39.92 -61.21
CA GLY M 216 -8.01 -38.65 -61.66
C GLY M 216 -6.61 -38.79 -62.22
N PHE M 217 -6.17 -37.77 -62.97
CA PHE M 217 -4.83 -37.75 -63.54
C PHE M 217 -3.78 -37.84 -62.44
N TRP M 218 -4.11 -37.32 -61.27
CA TRP M 218 -3.21 -37.34 -60.12
C TRP M 218 -3.11 -38.74 -59.53
N SER M 219 -4.06 -39.60 -59.85
CA SER M 219 -4.05 -40.96 -59.34
C SER M 219 -3.00 -41.79 -60.08
N SER M 220 -2.30 -42.66 -59.37
CA SER M 220 -1.29 -43.51 -59.98
C SER M 220 -1.97 -44.62 -60.79
N PRO M 221 -1.42 -44.94 -61.98
CA PRO M 221 -2.02 -45.99 -62.83
C PRO M 221 -1.66 -47.40 -62.38
N SER M 222 -0.50 -47.54 -61.74
CA SER M 222 0.02 -48.85 -61.33
C SER M 222 -0.97 -49.61 -60.45
N ASN M 223 -0.78 -50.92 -60.36
CA ASN M 223 -1.61 -51.77 -59.51
C ASN M 223 -3.08 -51.72 -59.92
N LYS M 224 -3.32 -51.53 -61.22
CA LYS M 224 -4.67 -51.55 -61.78
C LYS M 224 -4.73 -52.61 -62.86
N GLU M 225 -5.76 -53.46 -62.79
CA GLU M 225 -5.88 -54.60 -63.67
C GLU M 225 -6.18 -54.18 -65.10
N ILE M 226 -5.52 -54.85 -66.05
CA ILE M 226 -5.72 -54.58 -67.47
C ILE M 226 -6.55 -55.69 -68.11
N LYS M 227 -7.50 -55.29 -68.95
CA LYS M 227 -8.38 -56.22 -69.64
C LYS M 227 -7.87 -56.49 -71.06
N GLY M 228 -8.49 -57.46 -71.73
CA GLY M 228 -8.13 -57.79 -73.10
C GLY M 228 -6.78 -58.47 -73.15
N VAL M 229 -6.59 -59.46 -72.28
CA VAL M 229 -5.32 -60.18 -72.17
C VAL M 229 -5.60 -61.69 -72.10
N THR M 230 -4.55 -62.49 -72.08
CA THR M 230 -4.68 -63.94 -72.00
C THR M 230 -3.34 -64.62 -71.77
N GLY M 231 -2.46 -63.96 -71.03
CA GLY M 231 -1.13 -64.47 -70.75
C GLY M 231 -0.10 -63.38 -70.99
N THR M 232 1.14 -63.61 -70.59
CA THR M 232 2.19 -62.62 -70.73
C THR M 232 3.50 -63.30 -71.14
N SER M 233 4.10 -62.78 -72.20
CA SER M 233 5.40 -63.27 -72.67
C SER M 233 6.44 -63.14 -71.57
N ARG M 234 7.15 -64.23 -71.31
CA ARG M 234 8.14 -64.28 -70.24
C ARG M 234 7.48 -64.02 -68.89
N PRO M 235 7.01 -65.09 -68.22
CA PRO M 235 6.27 -64.90 -66.96
C PRO M 235 7.14 -64.28 -65.87
N VAL M 236 6.98 -62.97 -65.66
CA VAL M 236 7.71 -62.27 -64.62
C VAL M 236 7.19 -62.71 -63.25
N GLU M 237 8.07 -63.29 -62.45
CA GLU M 237 7.68 -63.86 -61.17
C GLU M 237 7.39 -62.75 -60.14
N PHE M 238 6.49 -63.04 -59.21
CA PHE M 238 6.20 -62.11 -58.13
C PHE M 238 5.72 -62.87 -56.90
N LEU M 239 6.52 -62.82 -55.84
CA LEU M 239 6.18 -63.48 -54.59
C LEU M 239 5.13 -62.68 -53.83
N ASP M 240 4.72 -63.21 -52.67
CA ASP M 240 3.71 -62.53 -51.85
C ASP M 240 4.25 -61.22 -51.30
N GLY M 241 5.50 -61.23 -50.86
CA GLY M 241 6.14 -60.05 -50.30
C GLY M 241 7.61 -60.26 -50.04
N ASP M 242 8.43 -60.05 -51.07
CA ASP M 242 9.87 -60.19 -50.95
C ASP M 242 10.57 -59.43 -52.07
N GLU M 243 11.68 -58.78 -51.73
CA GLU M 243 12.46 -58.02 -52.71
C GLU M 243 13.24 -58.94 -53.65
N THR M 244 13.22 -60.24 -53.36
CA THR M 244 13.95 -61.22 -54.15
C THR M 244 13.25 -61.50 -55.47
N CYS M 245 11.96 -61.20 -55.54
CA CYS M 245 11.18 -61.44 -56.75
C CYS M 245 11.69 -60.59 -57.89
N ARG M 246 11.52 -61.09 -59.12
CA ARG M 246 12.10 -60.45 -60.29
C ARG M 246 11.29 -59.23 -60.72
N ALA M 247 10.00 -59.23 -60.37
CA ALA M 247 9.12 -58.11 -60.71
C ALA M 247 9.64 -56.81 -60.09
N ASN M 248 10.30 -56.94 -58.94
CA ASN M 248 10.84 -55.80 -58.22
C ASN M 248 12.12 -55.27 -58.85
N LEU M 249 12.97 -56.18 -59.31
CA LEU M 249 14.27 -55.82 -59.87
C LEU M 249 14.13 -54.93 -61.11
N LEU M 250 13.09 -55.17 -61.90
CA LEU M 250 12.86 -54.35 -63.09
C LEU M 250 12.37 -52.95 -62.70
N ASN M 251 11.64 -52.85 -61.60
CA ASN M 251 11.17 -51.56 -61.11
C ASN M 251 12.33 -50.70 -60.60
N ASN M 252 13.38 -51.35 -60.15
CA ASN M 252 14.59 -50.64 -59.72
C ASN M 252 15.27 -49.99 -60.91
N ALA M 253 15.10 -50.58 -62.08
CA ALA M 253 15.64 -50.05 -63.32
C ALA M 253 14.61 -49.16 -64.01
N ASN M 254 13.60 -48.72 -63.26
CA ASN M 254 12.54 -47.87 -63.78
C ASN M 254 11.83 -48.55 -64.94
N ILE M 255 11.12 -49.63 -64.64
CA ILE M 255 10.40 -50.38 -65.66
C ILE M 255 9.05 -50.89 -65.12
N ALA M 256 8.02 -50.73 -65.93
CA ALA M 256 6.69 -51.25 -65.59
C ALA M 256 6.59 -52.72 -66.02
N THR M 257 5.83 -53.50 -65.26
CA THR M 257 5.70 -54.92 -65.54
C THR M 257 4.30 -55.43 -65.21
N ILE M 258 3.85 -56.43 -65.98
CA ILE M 258 2.56 -57.07 -65.74
C ILE M 258 2.79 -58.35 -64.95
N ILE M 259 2.25 -58.38 -63.74
CA ILE M 259 2.52 -59.47 -62.82
C ILE M 259 1.43 -60.55 -62.83
N ARG M 260 1.77 -61.69 -62.23
CA ARG M 260 0.86 -62.82 -62.09
C ARG M 260 0.40 -63.40 -63.42
N ASP M 261 -0.32 -64.52 -63.36
CA ASP M 261 -0.75 -65.25 -64.53
C ASP M 261 -1.68 -64.40 -65.39
N ASP M 262 -1.89 -64.84 -66.62
CA ASP M 262 -2.81 -64.18 -67.55
C ASP M 262 -2.42 -62.72 -67.81
N GLY M 263 -2.61 -61.88 -66.79
CA GLY M 263 -2.34 -60.46 -66.89
C GLY M 263 -3.11 -59.75 -65.81
N TYR M 264 -2.86 -60.16 -64.57
CA TYR M 264 -3.60 -59.69 -63.41
C TYR M 264 -3.57 -58.17 -63.30
N ARG M 265 -2.37 -57.59 -63.30
CA ARG M 265 -2.24 -56.15 -63.18
C ARG M 265 -0.85 -55.64 -63.55
N LEU M 266 -0.78 -54.35 -63.87
CA LEU M 266 0.47 -53.68 -64.21
C LEU M 266 0.88 -52.75 -63.09
N TRP M 267 2.19 -52.62 -62.85
CA TRP M 267 2.70 -51.63 -61.91
C TRP M 267 4.16 -51.28 -62.20
N GLY M 268 4.68 -50.30 -61.46
CA GLY M 268 6.03 -49.80 -61.65
C GLY M 268 5.97 -48.32 -61.93
N ASN M 269 5.66 -47.54 -60.89
CA ASN M 269 5.45 -46.11 -61.04
C ASN M 269 6.70 -45.36 -61.49
N ARG M 270 7.87 -45.95 -61.24
CA ARG M 270 9.13 -45.31 -61.59
C ARG M 270 9.24 -45.04 -63.08
N THR M 271 9.30 -43.76 -63.43
CA THR M 271 9.53 -43.36 -64.81
C THR M 271 11.03 -43.35 -65.08
N LEU M 272 11.42 -43.62 -66.32
CA LEU M 272 12.84 -43.66 -66.68
C LEU M 272 13.49 -42.30 -66.49
N SER M 273 13.70 -41.90 -65.23
CA SER M 273 14.25 -40.58 -64.91
C SER M 273 15.40 -40.70 -63.91
N SER M 274 16.47 -39.96 -64.18
CA SER M 274 17.63 -39.92 -63.29
C SER M 274 17.33 -39.10 -62.04
N ASP M 275 16.73 -37.93 -62.24
CA ASP M 275 16.39 -37.06 -61.12
C ASP M 275 15.33 -37.73 -60.25
N SER M 276 15.67 -37.99 -58.99
CA SER M 276 14.77 -38.68 -58.07
C SER M 276 13.56 -37.82 -57.70
N LYS M 277 13.63 -36.52 -58.02
CA LYS M 277 12.52 -35.62 -57.76
C LYS M 277 11.31 -35.97 -58.62
N TRP M 278 11.58 -36.39 -59.85
CA TRP M 278 10.54 -36.79 -60.80
C TRP M 278 10.54 -38.30 -60.97
N ALA M 279 10.70 -39.01 -59.87
CA ALA M 279 10.80 -40.47 -59.90
C ALA M 279 9.47 -41.09 -60.28
N PHE M 280 8.38 -40.58 -59.71
CA PHE M 280 7.06 -41.10 -60.01
C PHE M 280 6.51 -40.52 -61.30
N VAL M 281 5.79 -41.34 -62.04
CA VAL M 281 5.14 -40.90 -63.26
C VAL M 281 3.98 -39.96 -62.89
N THR M 282 3.49 -40.10 -61.67
CA THR M 282 2.40 -39.28 -61.15
C THR M 282 2.77 -37.79 -61.15
N ARG M 283 3.90 -37.48 -60.52
CA ARG M 283 4.36 -36.10 -60.38
C ARG M 283 4.50 -35.42 -61.74
N VAL M 284 5.08 -36.15 -62.69
CA VAL M 284 5.28 -35.63 -64.03
C VAL M 284 3.93 -35.37 -64.69
N ARG M 285 2.94 -36.16 -64.32
CA ARG M 285 1.62 -36.09 -64.94
C ARG M 285 0.77 -34.95 -64.37
N THR M 286 0.96 -34.66 -63.08
CA THR M 286 0.23 -33.59 -62.41
C THR M 286 0.86 -32.23 -62.70
N MET M 287 2.19 -32.21 -62.74
CA MET M 287 2.92 -30.97 -62.94
C MET M 287 2.75 -30.45 -64.36
N ASP M 288 2.83 -31.36 -65.32
CA ASP M 288 2.64 -31.02 -66.73
C ASP M 288 1.20 -30.56 -66.99
N LEU M 289 0.31 -30.88 -66.08
CA LEU M 289 -1.11 -30.53 -66.22
C LEU M 289 -1.40 -29.14 -65.66
N VAL M 290 -1.00 -28.90 -64.42
CA VAL M 290 -1.24 -27.62 -63.77
C VAL M 290 -0.46 -26.50 -64.46
N MET M 291 0.66 -26.86 -65.07
CA MET M 291 1.45 -25.90 -65.84
C MET M 291 0.69 -25.48 -67.08
N ASP M 292 0.25 -26.46 -67.86
CA ASP M 292 -0.51 -26.20 -69.09
C ASP M 292 -1.85 -25.53 -68.78
N ALA M 293 -2.35 -25.72 -67.57
CA ALA M 293 -3.62 -25.13 -67.14
C ALA M 293 -3.42 -23.65 -66.85
N ILE M 294 -2.36 -23.34 -66.10
CA ILE M 294 -2.05 -21.95 -65.75
C ILE M 294 -1.64 -21.18 -66.99
N LEU M 295 -0.92 -21.86 -67.88
CA LEU M 295 -0.49 -21.26 -69.14
C LEU M 295 -1.70 -20.88 -69.99
N ALA M 296 -2.53 -21.86 -70.31
CA ALA M 296 -3.70 -21.66 -71.15
C ALA M 296 -4.84 -20.97 -70.39
N GLY M 297 -4.73 -20.92 -69.07
CA GLY M 297 -5.78 -20.36 -68.24
C GLY M 297 -5.74 -18.86 -68.18
N HIS M 298 -4.56 -18.31 -67.93
CA HIS M 298 -4.38 -16.87 -67.78
C HIS M 298 -4.02 -16.22 -69.12
N LYS M 299 -4.68 -16.67 -70.18
CA LYS M 299 -4.53 -16.08 -71.51
C LYS M 299 -5.41 -14.84 -71.63
N TRP M 300 -6.36 -14.71 -70.71
CA TRP M 300 -7.26 -13.56 -70.68
C TRP M 300 -6.53 -12.32 -70.16
N ALA M 301 -5.59 -12.55 -69.25
CA ALA M 301 -4.85 -11.46 -68.61
C ALA M 301 -3.92 -10.81 -69.63
N VAL M 302 -2.68 -11.29 -69.68
CA VAL M 302 -1.65 -10.73 -70.56
C VAL M 302 -1.57 -9.22 -70.33
N ASP M 303 -1.32 -8.45 -71.39
CA ASP M 303 -1.16 -7.00 -71.23
C ASP M 303 -2.46 -6.37 -70.74
N ARG M 304 -2.45 -5.96 -69.48
CA ARG M 304 -3.61 -5.32 -68.85
C ARG M 304 -3.13 -4.50 -67.66
N GLY M 305 -3.92 -3.50 -67.29
CA GLY M 305 -3.57 -2.60 -66.20
C GLY M 305 -3.19 -3.34 -64.93
N ILE M 306 -1.92 -3.28 -64.56
CA ILE M 306 -1.39 -4.02 -63.42
C ILE M 306 -1.67 -3.25 -62.12
N THR M 307 -2.94 -2.99 -61.86
CA THR M 307 -3.35 -2.34 -60.62
C THR M 307 -3.36 -3.36 -59.49
N LYS M 308 -3.36 -2.88 -58.25
CA LYS M 308 -3.41 -3.75 -57.07
C LYS M 308 -4.56 -4.74 -57.15
N THR M 309 -5.65 -4.34 -57.79
CA THR M 309 -6.81 -5.21 -57.97
C THR M 309 -6.45 -6.38 -58.88
N TYR M 310 -5.78 -6.07 -59.98
CA TYR M 310 -5.41 -7.08 -60.98
C TYR M 310 -4.53 -8.16 -60.37
N VAL M 311 -3.57 -7.76 -59.54
CA VAL M 311 -2.68 -8.71 -58.88
C VAL M 311 -3.48 -9.64 -57.98
N LYS M 312 -4.38 -9.08 -57.19
CA LYS M 312 -5.23 -9.86 -56.30
C LYS M 312 -6.21 -10.73 -57.10
N ASP M 313 -6.69 -10.23 -58.23
CA ASP M 313 -7.61 -10.98 -59.08
C ASP M 313 -6.93 -12.24 -59.61
N VAL M 314 -5.65 -12.12 -59.94
CA VAL M 314 -4.87 -13.25 -60.42
C VAL M 314 -4.44 -14.12 -59.24
N THR M 315 -4.07 -13.47 -58.14
CA THR M 315 -3.68 -14.19 -56.92
C THR M 315 -4.84 -15.03 -56.39
N GLU M 316 -6.01 -14.42 -56.30
CA GLU M 316 -7.21 -15.12 -55.86
C GLU M 316 -7.65 -16.16 -56.89
N GLY M 317 -7.19 -15.98 -58.13
CA GLY M 317 -7.49 -16.93 -59.19
C GLY M 317 -6.76 -18.24 -58.96
N LEU M 318 -5.56 -18.14 -58.40
CA LEU M 318 -4.76 -19.31 -58.06
C LEU M 318 -5.18 -19.89 -56.71
N ARG M 319 -5.56 -19.01 -55.78
CA ARG M 319 -6.06 -19.43 -54.48
C ARG M 319 -7.24 -20.38 -54.64
N ALA M 320 -8.26 -19.93 -55.37
CA ALA M 320 -9.47 -20.71 -55.59
C ALA M 320 -9.17 -21.94 -56.44
N PHE M 321 -8.32 -21.76 -57.44
CA PHE M 321 -7.98 -22.86 -58.36
C PHE M 321 -7.30 -24.01 -57.63
N MET M 322 -6.22 -23.72 -56.92
CA MET M 322 -5.48 -24.75 -56.20
C MET M 322 -6.31 -25.39 -55.10
N ARG M 323 -7.21 -24.60 -54.51
CA ARG M 323 -8.08 -25.12 -53.47
C ARG M 323 -9.10 -26.10 -54.04
N ASP M 324 -9.39 -25.97 -55.33
CA ASP M 324 -10.26 -26.92 -56.01
C ASP M 324 -9.52 -28.23 -56.29
N LEU M 325 -8.20 -28.16 -56.26
CA LEU M 325 -7.35 -29.34 -56.42
C LEU M 325 -7.09 -30.01 -55.08
N LYS M 326 -7.09 -29.21 -54.02
CA LYS M 326 -6.80 -29.70 -52.67
C LYS M 326 -7.94 -30.57 -52.16
N ASN M 327 -9.13 -30.00 -52.10
CA ASN M 327 -10.32 -30.71 -51.64
C ASN M 327 -10.66 -31.87 -52.57
N GLN M 328 -10.27 -31.76 -53.83
CA GLN M 328 -10.48 -32.81 -54.80
C GLN M 328 -9.50 -33.96 -54.57
N GLY M 329 -8.37 -33.63 -53.95
CA GLY M 329 -7.37 -34.62 -53.60
C GLY M 329 -6.19 -34.67 -54.57
N ALA M 330 -6.14 -33.71 -55.50
CA ALA M 330 -5.07 -33.65 -56.48
C ALA M 330 -3.75 -33.29 -55.82
N VAL M 331 -3.84 -32.44 -54.80
CA VAL M 331 -2.67 -31.99 -54.06
C VAL M 331 -2.95 -32.04 -52.56
N ILE M 332 -1.92 -32.21 -51.75
CA ILE M 332 -2.08 -32.24 -50.31
C ILE M 332 -2.30 -30.82 -49.78
N ASN M 333 -1.38 -29.93 -50.13
CA ASN M 333 -1.50 -28.53 -49.74
C ASN M 333 -0.69 -27.66 -50.69
N PHE M 334 -1.01 -26.37 -50.71
CA PHE M 334 -0.39 -25.44 -51.64
C PHE M 334 -0.11 -24.09 -50.99
N GLU M 335 0.44 -23.18 -51.77
CA GLU M 335 0.74 -21.83 -51.32
C GLU M 335 1.11 -20.98 -52.53
N VAL M 336 0.37 -19.91 -52.76
CA VAL M 336 0.61 -19.04 -53.90
C VAL M 336 0.62 -17.58 -53.46
N TYR M 337 1.53 -16.80 -54.04
CA TYR M 337 1.70 -15.41 -53.65
C TYR M 337 2.66 -14.71 -54.61
N ALA M 338 2.73 -13.38 -54.49
CA ALA M 338 3.62 -12.57 -55.32
C ALA M 338 4.93 -12.33 -54.56
N ASP M 339 6.04 -12.75 -55.15
CA ASP M 339 7.34 -12.63 -54.49
C ASP M 339 7.75 -11.15 -54.37
N PRO M 340 8.14 -10.72 -53.16
CA PRO M 340 8.60 -9.32 -52.99
C PRO M 340 9.84 -9.00 -53.80
N ASP M 341 10.83 -9.90 -53.82
CA ASP M 341 12.11 -9.64 -54.45
C ASP M 341 12.00 -9.61 -55.97
N LEU M 342 11.27 -10.57 -56.54
CA LEU M 342 11.12 -10.66 -57.99
C LEU M 342 10.36 -9.46 -58.52
N ASN M 343 9.19 -9.19 -57.95
CA ASN M 343 8.37 -8.06 -58.36
C ASN M 343 9.03 -6.75 -57.98
N SER M 344 10.13 -6.43 -58.67
CA SER M 344 10.86 -5.19 -58.44
C SER M 344 10.21 -4.05 -59.21
N ALA M 345 10.53 -2.82 -58.84
CA ALA M 345 9.98 -1.64 -59.49
C ALA M 345 10.33 -1.61 -60.98
N SER M 346 11.46 -2.21 -61.32
CA SER M 346 11.93 -2.23 -62.71
C SER M 346 11.31 -3.38 -63.50
N GLN M 347 11.05 -4.49 -62.84
CA GLN M 347 10.46 -5.66 -63.49
C GLN M 347 9.02 -5.37 -63.90
N LEU M 348 8.26 -4.75 -63.02
CA LEU M 348 6.89 -4.37 -63.31
C LEU M 348 6.83 -3.32 -64.43
N ALA M 349 7.91 -2.56 -64.56
CA ALA M 349 7.99 -1.51 -65.58
C ALA M 349 8.31 -2.10 -66.97
N GLN M 350 8.51 -3.42 -67.01
CA GLN M 350 8.69 -4.14 -68.28
C GLN M 350 7.51 -5.09 -68.54
N GLY M 351 6.56 -5.10 -67.61
CA GLY M 351 5.38 -5.94 -67.73
C GLY M 351 5.49 -7.21 -66.92
N LYS M 352 6.72 -7.61 -66.59
CA LYS M 352 6.95 -8.80 -65.80
C LYS M 352 6.29 -8.72 -64.43
N VAL M 353 5.55 -9.76 -64.07
CA VAL M 353 4.95 -9.88 -62.75
C VAL M 353 4.87 -11.37 -62.40
N TYR M 354 5.45 -11.73 -61.26
CA TYR M 354 5.63 -13.13 -60.89
C TYR M 354 4.67 -13.57 -59.79
N TRP M 355 4.36 -14.86 -59.77
CA TRP M 355 3.57 -15.47 -58.71
C TRP M 355 4.16 -16.82 -58.33
N ASN M 356 4.79 -16.89 -57.17
CA ASN M 356 5.46 -18.10 -56.73
C ASN M 356 4.47 -19.16 -56.28
N ILE M 357 4.17 -20.10 -57.18
CA ILE M 357 3.30 -21.23 -56.86
C ILE M 357 4.15 -22.39 -56.33
N ARG M 358 3.65 -23.05 -55.30
CA ARG M 358 4.36 -24.19 -54.72
C ARG M 358 3.38 -25.12 -54.00
N PHE M 359 3.60 -26.41 -54.12
CA PHE M 359 2.73 -27.42 -53.52
C PHE M 359 3.39 -28.78 -53.53
N THR M 360 2.66 -29.79 -53.05
CA THR M 360 3.16 -31.16 -53.01
C THR M 360 2.17 -32.11 -53.68
N ASP M 361 2.47 -32.53 -54.90
CA ASP M 361 1.65 -33.51 -55.59
C ASP M 361 1.64 -34.82 -54.81
N VAL M 362 0.50 -35.50 -54.79
CA VAL M 362 0.34 -36.71 -53.99
C VAL M 362 1.17 -37.86 -54.57
N PRO M 363 2.11 -38.41 -53.78
CA PRO M 363 2.90 -39.56 -54.22
C PRO M 363 2.20 -40.89 -53.91
N PRO M 364 2.24 -41.87 -54.84
CA PRO M 364 1.61 -43.16 -54.55
C PRO M 364 2.42 -43.99 -53.55
N ALA M 365 1.78 -44.42 -52.47
CA ALA M 365 2.43 -45.25 -51.46
C ALA M 365 2.83 -46.60 -52.04
N GLU M 366 3.92 -46.61 -52.81
CA GLU M 366 4.33 -47.81 -53.55
C GLU M 366 4.92 -48.89 -52.65
N ASN M 367 5.05 -48.60 -51.36
CA ASN M 367 5.63 -49.57 -50.42
C ASN M 367 5.26 -49.25 -48.97
N PRO M 368 4.01 -49.53 -48.58
CA PRO M 368 3.57 -49.34 -47.20
C PRO M 368 4.05 -50.46 -46.26
N ASN M 369 4.86 -50.09 -45.29
CA ASN M 369 5.40 -51.05 -44.32
C ASN M 369 4.48 -51.23 -43.11
N PHE M 370 4.71 -52.30 -42.35
CA PHE M 370 3.91 -52.59 -41.16
C PHE M 370 4.80 -53.17 -40.07
N ARG M 371 5.46 -52.29 -39.33
CA ARG M 371 6.38 -52.70 -38.27
C ARG M 371 5.61 -53.34 -37.12
N VAL M 372 5.12 -54.57 -37.33
CA VAL M 372 4.40 -55.29 -36.30
C VAL M 372 5.40 -55.95 -35.36
N GLU M 373 5.06 -55.99 -34.08
CA GLU M 373 5.94 -56.54 -33.06
C GLU M 373 5.19 -56.80 -31.76
N VAL M 374 5.23 -58.04 -31.29
CA VAL M 374 4.61 -58.40 -30.03
C VAL M 374 5.43 -57.87 -28.86
N THR M 375 4.90 -58.04 -27.66
CA THR M 375 5.59 -57.64 -26.45
C THR M 375 4.93 -58.29 -25.24
N ASP M 376 5.22 -57.76 -24.06
CA ASP M 376 4.67 -58.27 -22.81
C ASP M 376 4.18 -57.10 -21.96
N GLN M 377 3.66 -56.08 -22.63
CA GLN M 377 3.21 -54.86 -21.96
C GLN M 377 1.83 -55.05 -21.34
N TRP M 378 0.83 -55.29 -22.18
CA TRP M 378 -0.54 -55.47 -21.71
C TRP M 378 -0.80 -56.89 -21.24
N LEU M 379 -0.08 -57.30 -20.20
CA LEU M 379 -0.31 -58.61 -19.57
C LEU M 379 -0.89 -58.42 -18.17
N THR M 380 -0.44 -57.37 -17.49
CA THR M 380 -0.94 -57.05 -16.15
C THR M 380 -2.40 -56.61 -16.22
N GLU M 381 -2.86 -56.28 -17.43
CA GLU M 381 -4.25 -55.91 -17.65
C GLU M 381 -5.16 -57.10 -17.34
N VAL M 382 -4.64 -58.30 -17.57
CA VAL M 382 -5.35 -59.53 -17.26
C VAL M 382 -5.28 -59.77 -15.75
N LEU M 383 -6.06 -59.01 -15.00
CA LEU M 383 -6.02 -59.08 -13.55
C LEU M 383 -7.17 -58.29 -12.95
N ASP M 384 -7.30 -57.04 -13.39
CA ASP M 384 -8.36 -56.17 -12.91
C ASP M 384 -8.64 -55.05 -13.91
N SER N 2 -32.16 67.31 -13.90
CA SER N 2 -32.96 66.11 -13.69
C SER N 2 -33.04 65.28 -14.97
N PHE N 3 -33.22 65.97 -16.09
CA PHE N 3 -33.30 65.34 -17.41
C PHE N 3 -34.60 64.53 -17.54
N PHE N 4 -35.47 65.01 -18.42
CA PHE N 4 -36.77 64.39 -18.68
C PHE N 4 -37.69 64.42 -17.47
N HIS N 5 -37.42 63.53 -16.50
CA HIS N 5 -38.26 63.39 -15.31
C HIS N 5 -39.70 63.04 -15.67
N GLY N 6 -39.94 61.78 -16.00
CA GLY N 6 -41.27 61.30 -16.31
C GLY N 6 -41.32 59.79 -16.35
N VAL N 7 -41.43 59.24 -17.56
CA VAL N 7 -41.45 57.80 -17.75
C VAL N 7 -41.26 57.50 -19.23
N THR N 8 -40.02 57.19 -19.61
CA THR N 8 -39.68 56.93 -21.00
C THR N 8 -40.09 55.52 -21.40
N VAL N 9 -39.90 55.21 -22.67
CA VAL N 9 -40.24 53.90 -23.22
C VAL N 9 -39.59 53.75 -24.58
N THR N 10 -38.28 53.93 -24.62
CA THR N 10 -37.52 53.91 -25.87
C THR N 10 -37.56 52.53 -26.51
N ASN N 11 -37.86 52.52 -27.81
CA ASN N 11 -37.88 51.28 -28.58
C ASN N 11 -36.48 50.97 -29.10
N VAL N 12 -35.84 49.96 -28.52
CA VAL N 12 -34.50 49.58 -28.94
C VAL N 12 -34.58 48.78 -30.24
N ASP N 13 -34.23 49.42 -31.34
CA ASP N 13 -34.33 48.82 -32.67
C ASP N 13 -33.10 47.99 -32.99
N ILE N 14 -33.04 46.79 -32.41
CA ILE N 14 -31.95 45.85 -32.68
C ILE N 14 -32.51 44.44 -32.83
N GLY N 15 -31.72 43.57 -33.44
CA GLY N 15 -32.13 42.21 -33.71
C GLY N 15 -31.81 41.83 -35.14
N ALA N 16 -31.72 40.52 -35.39
CA ALA N 16 -31.40 40.03 -36.73
C ALA N 16 -32.58 40.25 -37.69
N ARG N 17 -32.38 41.12 -38.67
CA ARG N 17 -33.39 41.38 -39.69
C ARG N 17 -33.55 40.18 -40.61
N THR N 18 -34.69 40.10 -41.28
CA THR N 18 -34.97 39.04 -42.24
C THR N 18 -34.46 39.43 -43.62
N ILE N 19 -34.21 38.43 -44.47
CA ILE N 19 -33.71 38.68 -45.81
C ILE N 19 -34.46 37.81 -46.81
N ALA N 20 -34.73 38.37 -47.98
CA ALA N 20 -35.48 37.70 -49.03
C ALA N 20 -34.64 37.48 -50.28
N LEU N 21 -35.22 36.81 -51.27
CA LEU N 21 -34.57 36.52 -52.54
C LEU N 21 -35.28 37.28 -53.68
N PRO N 22 -34.90 38.55 -53.90
CA PRO N 22 -35.61 39.38 -54.88
C PRO N 22 -35.40 38.93 -56.32
N ALA N 23 -36.19 39.49 -57.23
CA ALA N 23 -36.04 39.23 -58.67
C ALA N 23 -36.28 37.77 -59.03
N SER N 24 -35.44 36.88 -58.50
CA SER N 24 -35.55 35.44 -58.74
C SER N 24 -35.31 35.10 -60.21
N SER N 25 -36.29 35.39 -61.06
CA SER N 25 -36.20 35.05 -62.48
C SER N 25 -37.12 35.93 -63.33
N VAL N 26 -36.80 37.22 -63.41
CA VAL N 26 -37.54 38.12 -64.28
C VAL N 26 -36.83 38.18 -65.63
N ILE N 27 -37.62 38.04 -66.69
CA ILE N 27 -37.08 37.99 -68.06
C ILE N 27 -36.95 39.39 -68.64
N GLY N 28 -35.85 39.63 -69.35
CA GLY N 28 -35.59 40.90 -70.00
C GLY N 28 -35.46 40.71 -71.49
N LEU N 29 -36.59 40.80 -72.19
CA LEU N 29 -36.64 40.53 -73.62
C LEU N 29 -36.59 41.81 -74.44
N CYS N 30 -36.17 41.70 -75.69
CA CYS N 30 -36.06 42.85 -76.57
C CYS N 30 -36.00 42.41 -78.03
N ASP N 31 -37.18 42.20 -78.61
CA ASP N 31 -37.29 41.83 -80.03
C ASP N 31 -37.77 43.07 -80.81
N VAL N 32 -38.60 42.86 -81.82
CA VAL N 32 -39.12 43.96 -82.62
C VAL N 32 -40.63 43.81 -82.85
N PHE N 33 -41.26 44.90 -83.27
CA PHE N 33 -42.69 44.88 -83.58
C PHE N 33 -43.03 46.04 -84.51
N THR N 34 -44.33 46.26 -84.69
CA THR N 34 -44.82 47.32 -85.57
C THR N 34 -45.74 48.26 -84.80
N PRO N 35 -45.22 49.40 -84.32
CA PRO N 35 -46.06 50.34 -83.58
C PRO N 35 -47.05 51.06 -84.50
N GLY N 36 -48.27 51.29 -84.03
CA GLY N 36 -49.28 51.97 -84.81
C GLY N 36 -50.58 52.14 -84.05
N ALA N 37 -51.55 51.29 -84.35
CA ALA N 37 -52.88 51.38 -83.77
C ALA N 37 -53.03 50.50 -82.54
N GLN N 38 -53.16 49.19 -82.77
CA GLN N 38 -53.38 48.23 -81.69
C GLN N 38 -52.18 48.16 -80.74
N ALA N 39 -51.02 48.59 -81.23
CA ALA N 39 -49.80 48.57 -80.42
C ALA N 39 -49.82 49.68 -79.38
N SER N 40 -50.24 49.34 -78.16
CA SER N 40 -50.33 50.30 -77.08
C SER N 40 -48.95 50.73 -76.60
N ALA N 41 -48.03 49.77 -76.55
CA ALA N 41 -46.67 50.03 -76.08
C ALA N 41 -45.96 50.98 -77.03
N LYS N 42 -45.18 51.91 -76.48
CA LYS N 42 -44.49 52.90 -77.29
C LYS N 42 -43.36 52.22 -78.08
N PRO N 43 -42.85 52.90 -79.12
CA PRO N 43 -41.88 52.28 -80.03
C PRO N 43 -40.52 51.93 -79.43
N ASN N 44 -40.32 52.13 -78.13
CA ASN N 44 -39.01 51.88 -77.54
C ASN N 44 -38.98 51.71 -76.02
N VAL N 45 -39.90 52.35 -75.30
CA VAL N 45 -39.82 52.35 -73.84
C VAL N 45 -40.06 50.94 -73.28
N PRO N 46 -39.49 50.65 -72.10
CA PRO N 46 -39.77 49.36 -71.45
C PRO N 46 -41.22 49.25 -71.00
N VAL N 47 -41.81 48.08 -71.18
CA VAL N 47 -43.19 47.82 -70.75
C VAL N 47 -43.23 46.50 -69.99
N LEU N 48 -43.90 46.51 -68.84
CA LEU N 48 -43.99 45.31 -68.02
C LEU N 48 -45.13 44.42 -68.50
N LEU N 49 -44.92 43.11 -68.42
CA LEU N 49 -45.91 42.14 -68.84
C LEU N 49 -46.22 41.17 -67.69
N THR N 50 -47.17 40.28 -67.92
CA THR N 50 -47.57 39.32 -66.92
C THR N 50 -48.26 38.11 -67.57
N SER N 51 -48.99 38.38 -68.65
CA SER N 51 -49.70 37.34 -69.38
C SER N 51 -49.81 37.72 -70.85
N LYS N 52 -50.30 36.79 -71.67
CA LYS N 52 -50.46 37.04 -73.10
C LYS N 52 -51.40 38.21 -73.37
N LYS N 53 -52.43 38.34 -72.55
CA LYS N 53 -53.39 39.44 -72.69
C LYS N 53 -52.70 40.79 -72.55
N ASP N 54 -51.85 40.91 -71.54
CA ASP N 54 -51.15 42.16 -71.28
C ASP N 54 -50.09 42.43 -72.34
N ALA N 55 -49.68 41.38 -73.03
CA ALA N 55 -48.65 41.47 -74.08
C ALA N 55 -49.28 41.71 -75.46
N ALA N 56 -50.44 41.10 -75.68
CA ALA N 56 -51.12 41.20 -76.96
C ALA N 56 -51.55 42.63 -77.26
N ALA N 57 -52.27 43.24 -76.31
CA ALA N 57 -52.74 44.61 -76.47
C ALA N 57 -51.58 45.61 -76.47
N ALA N 58 -50.42 45.17 -75.98
CA ALA N 58 -49.24 46.03 -75.87
C ALA N 58 -48.53 46.19 -77.22
N PHE N 59 -48.08 45.06 -77.76
CA PHE N 59 -47.29 45.06 -79.00
C PHE N 59 -48.15 44.72 -80.20
N GLY N 60 -49.05 43.77 -80.03
CA GLY N 60 -49.95 43.35 -81.09
C GLY N 60 -49.70 41.91 -81.50
N ILE N 61 -50.66 41.33 -82.22
CA ILE N 61 -50.54 39.97 -82.70
C ILE N 61 -49.75 39.95 -84.01
N GLY N 62 -48.95 38.90 -84.20
CA GLY N 62 -48.13 38.78 -85.39
C GLY N 62 -46.78 39.44 -85.23
N SER N 63 -46.68 40.36 -84.29
CA SER N 63 -45.41 41.02 -83.99
C SER N 63 -44.38 39.98 -83.59
N SER N 64 -43.17 40.09 -84.17
CA SER N 64 -42.10 39.14 -83.92
C SER N 64 -41.76 39.01 -82.43
N ILE N 65 -42.10 40.06 -81.67
CA ILE N 65 -41.86 40.06 -80.23
C ILE N 65 -42.92 39.26 -79.51
N TYR N 66 -44.14 39.28 -80.03
CA TYR N 66 -45.25 38.56 -79.41
C TYR N 66 -45.08 37.05 -79.57
N LEU N 67 -44.47 36.63 -80.68
CA LEU N 67 -44.18 35.22 -80.91
C LEU N 67 -43.14 34.71 -79.91
N ALA N 68 -42.36 35.63 -79.35
CA ALA N 68 -41.34 35.30 -78.36
C ALA N 68 -41.95 35.27 -76.96
N CYS N 69 -42.81 36.25 -76.67
CA CYS N 69 -43.49 36.32 -75.38
C CYS N 69 -44.48 35.15 -75.25
N GLU N 70 -45.20 34.87 -76.33
CA GLU N 70 -46.14 33.77 -76.36
C GLU N 70 -45.42 32.45 -76.13
N ALA N 71 -44.20 32.35 -76.65
CA ALA N 71 -43.38 31.16 -76.49
C ALA N 71 -42.99 30.94 -75.03
N ILE N 72 -42.88 32.04 -74.29
CA ILE N 72 -42.53 32.00 -72.88
C ILE N 72 -43.76 31.66 -72.03
N TYR N 73 -44.87 32.33 -72.29
CA TYR N 73 -46.09 32.15 -71.50
C TYR N 73 -46.73 30.80 -71.77
N ASN N 74 -46.53 30.28 -72.99
CA ASN N 74 -47.00 28.95 -73.34
C ASN N 74 -46.27 27.90 -72.49
N ARG N 75 -44.97 28.11 -72.33
CA ARG N 75 -44.14 27.27 -71.49
C ARG N 75 -44.52 27.43 -70.02
N ALA N 76 -44.15 28.57 -69.45
CA ALA N 76 -44.44 28.87 -68.05
C ALA N 76 -44.56 30.38 -67.85
N GLN N 77 -45.59 30.78 -67.12
CA GLN N 77 -45.87 32.19 -66.88
C GLN N 77 -44.75 32.85 -66.08
N ALA N 78 -44.41 34.08 -66.46
CA ALA N 78 -43.34 34.82 -65.78
C ALA N 78 -43.41 36.30 -66.12
N VAL N 79 -42.74 37.10 -65.31
CA VAL N 79 -42.67 38.54 -65.54
C VAL N 79 -41.67 38.84 -66.64
N ILE N 80 -42.10 39.64 -67.62
CA ILE N 80 -41.26 40.01 -68.75
C ILE N 80 -41.24 41.51 -68.94
N VAL N 81 -40.19 42.17 -68.46
CA VAL N 81 -40.00 43.59 -68.69
C VAL N 81 -39.50 43.78 -70.13
N ALA N 82 -40.38 43.51 -71.09
CA ALA N 82 -40.02 43.58 -72.50
C ALA N 82 -39.81 45.02 -72.94
N VAL N 83 -38.97 45.20 -73.96
CA VAL N 83 -38.65 46.51 -74.50
C VAL N 83 -39.33 46.66 -75.86
N GLY N 84 -38.77 46.01 -76.87
CA GLY N 84 -39.33 46.05 -78.21
C GLY N 84 -38.96 47.34 -78.93
N VAL N 85 -38.48 47.21 -80.15
CA VAL N 85 -38.07 48.35 -80.96
C VAL N 85 -38.62 48.22 -82.38
N GLU N 86 -38.88 49.37 -83.01
CA GLU N 86 -39.43 49.38 -84.37
C GLU N 86 -38.47 48.73 -85.36
N THR N 87 -39.03 48.00 -86.33
CA THR N 87 -38.22 47.36 -87.36
C THR N 87 -37.57 48.42 -88.25
N ALA N 88 -36.32 48.17 -88.66
CA ALA N 88 -35.58 49.09 -89.50
C ALA N 88 -35.56 48.61 -90.94
N GLU N 89 -34.86 49.35 -91.80
CA GLU N 89 -34.77 49.03 -93.22
C GLU N 89 -33.95 47.76 -93.45
N THR N 90 -32.64 47.90 -93.32
CA THR N 90 -31.72 46.77 -93.50
C THR N 90 -31.60 45.98 -92.20
N PRO N 91 -31.32 44.67 -92.30
CA PRO N 91 -31.21 43.82 -91.10
C PRO N 91 -30.00 44.19 -90.25
N GLU N 92 -28.95 44.69 -90.88
CA GLU N 92 -27.72 45.06 -90.19
C GLU N 92 -27.94 46.27 -89.29
N ALA N 93 -28.50 47.32 -89.87
CA ALA N 93 -28.75 48.56 -89.14
C ALA N 93 -29.86 48.40 -88.11
N GLN N 94 -30.64 47.33 -88.25
CA GLN N 94 -31.72 47.05 -87.31
C GLN N 94 -31.14 46.66 -85.95
N ALA N 95 -29.96 46.04 -85.97
CA ALA N 95 -29.29 45.60 -84.74
C ALA N 95 -28.88 46.80 -83.90
N SER N 96 -28.71 47.96 -84.54
CA SER N 96 -28.36 49.19 -83.84
C SER N 96 -29.48 49.60 -82.89
N ALA N 97 -30.71 49.58 -83.41
CA ALA N 97 -31.88 49.92 -82.61
C ALA N 97 -32.08 48.88 -81.52
N VAL N 98 -31.70 47.64 -81.80
CA VAL N 98 -31.82 46.56 -80.83
C VAL N 98 -30.85 46.79 -79.68
N ILE N 99 -29.58 47.04 -80.00
CA ILE N 99 -28.59 47.36 -78.99
C ILE N 99 -28.97 48.68 -78.31
N GLY N 100 -29.16 49.71 -79.12
CA GLY N 100 -29.62 51.00 -78.62
C GLY N 100 -28.51 51.76 -77.93
N GLY N 101 -28.20 52.94 -78.45
CA GLY N 101 -27.18 53.78 -77.85
C GLY N 101 -27.70 54.46 -76.60
N ILE N 102 -28.34 55.62 -76.78
CA ILE N 102 -28.89 56.38 -75.66
C ILE N 102 -29.83 57.50 -76.12
N SER N 103 -29.65 57.93 -77.37
CA SER N 103 -30.50 58.95 -77.99
C SER N 103 -30.30 60.32 -77.35
N ALA N 104 -30.73 61.36 -78.04
CA ALA N 104 -30.60 62.73 -77.56
C ALA N 104 -31.52 63.00 -76.37
N ALA N 105 -32.57 62.18 -76.25
CA ALA N 105 -33.52 62.34 -75.15
C ALA N 105 -32.89 62.00 -73.81
N GLY N 106 -31.81 61.23 -73.85
CA GLY N 106 -31.09 60.85 -72.65
C GLY N 106 -31.55 59.50 -72.12
N GLU N 107 -32.80 59.13 -72.44
CA GLU N 107 -33.36 57.88 -71.99
C GLU N 107 -32.72 56.69 -72.72
N ARG N 108 -32.28 55.71 -71.96
CA ARG N 108 -31.64 54.52 -72.52
C ARG N 108 -32.55 53.81 -73.52
N THR N 109 -32.09 53.69 -74.75
CA THR N 109 -32.88 53.05 -75.82
C THR N 109 -32.45 51.61 -76.05
N GLY N 110 -33.31 50.88 -76.75
CA GLY N 110 -33.01 49.51 -77.15
C GLY N 110 -32.77 48.57 -75.98
N LEU N 111 -31.90 47.60 -76.20
CA LEU N 111 -31.60 46.56 -75.22
C LEU N 111 -31.08 47.12 -73.90
N GLN N 112 -30.43 48.27 -73.96
CA GLN N 112 -29.85 48.90 -72.77
C GLN N 112 -30.93 49.51 -71.88
N ALA N 113 -32.16 49.56 -72.37
CA ALA N 113 -33.28 50.12 -71.62
C ALA N 113 -33.67 49.23 -70.46
N LEU N 114 -33.17 47.99 -70.45
CA LEU N 114 -33.52 47.02 -69.42
C LEU N 114 -33.02 47.44 -68.04
N LEU N 115 -32.00 48.31 -68.01
CA LEU N 115 -31.46 48.81 -66.75
C LEU N 115 -32.49 49.65 -66.01
N ASP N 116 -33.49 50.14 -66.74
CA ASP N 116 -34.55 50.98 -66.17
C ASP N 116 -35.65 50.13 -65.54
N GLY N 117 -35.71 48.85 -65.91
CA GLY N 117 -36.74 47.96 -65.43
C GLY N 117 -36.75 47.80 -63.92
N LYS N 118 -35.58 48.03 -63.30
CA LYS N 118 -35.45 47.90 -61.85
C LYS N 118 -36.02 49.11 -61.13
N SER N 119 -35.70 50.30 -61.64
CA SER N 119 -36.11 51.55 -61.01
C SER N 119 -37.42 52.09 -61.62
N ARG N 120 -38.28 51.17 -62.04
CA ARG N 120 -39.59 51.54 -62.58
C ARG N 120 -40.65 50.50 -62.25
N PHE N 121 -40.27 49.22 -62.30
CA PHE N 121 -41.20 48.13 -62.07
C PHE N 121 -40.77 47.26 -60.89
N ASN N 122 -39.67 47.63 -60.23
CA ASN N 122 -39.13 46.86 -59.12
C ASN N 122 -38.89 45.40 -59.51
N ALA N 123 -38.62 45.17 -60.80
CA ALA N 123 -38.41 43.84 -61.34
C ALA N 123 -37.17 43.86 -62.21
N GLN N 124 -36.01 43.70 -61.58
CA GLN N 124 -34.74 43.68 -62.29
C GLN N 124 -34.69 42.47 -63.22
N PRO N 125 -34.65 42.69 -64.55
CA PRO N 125 -34.57 41.53 -65.44
C PRO N 125 -33.30 40.73 -65.24
N ARG N 126 -33.38 39.67 -64.44
CA ARG N 126 -32.23 38.83 -64.14
C ARG N 126 -32.18 37.63 -65.08
N LEU N 127 -32.55 37.87 -66.33
CA LEU N 127 -32.57 36.82 -67.35
C LEU N 127 -32.77 37.45 -68.72
N LEU N 128 -31.68 37.90 -69.34
CA LEU N 128 -31.74 38.55 -70.64
C LEU N 128 -32.06 37.57 -71.75
N VAL N 129 -32.51 38.10 -72.88
CA VAL N 129 -32.86 37.30 -74.04
C VAL N 129 -33.18 38.24 -75.20
N ALA N 130 -32.74 37.87 -76.40
CA ALA N 130 -32.95 38.69 -77.58
C ALA N 130 -33.18 37.79 -78.81
N PRO N 131 -34.40 37.22 -78.94
CA PRO N 131 -34.70 36.27 -80.03
C PRO N 131 -34.49 36.89 -81.42
N GLY N 132 -33.82 36.15 -82.31
CA GLY N 132 -33.55 36.64 -83.65
C GLY N 132 -32.26 37.44 -83.70
N HIS N 133 -32.15 38.43 -82.82
CA HIS N 133 -30.98 39.28 -82.76
C HIS N 133 -29.97 38.79 -81.71
N SER N 134 -29.17 37.81 -82.09
CA SER N 134 -28.12 37.27 -81.22
C SER N 134 -27.05 36.55 -82.03
N ALA N 135 -27.43 36.05 -83.21
CA ALA N 135 -26.47 35.40 -84.11
C ALA N 135 -25.42 36.40 -84.59
N GLN N 136 -25.78 37.68 -84.60
CA GLN N 136 -24.84 38.73 -84.97
C GLN N 136 -23.83 38.97 -83.84
N GLN N 137 -22.56 39.04 -84.21
CA GLN N 137 -21.46 39.20 -83.25
C GLN N 137 -21.61 40.50 -82.45
N ALA N 138 -22.27 41.49 -83.05
CA ALA N 138 -22.39 42.81 -82.45
C ALA N 138 -23.29 42.81 -81.22
N VAL N 139 -24.57 42.53 -81.43
CA VAL N 139 -25.57 42.57 -80.37
C VAL N 139 -25.27 41.57 -79.26
N ALA N 140 -24.54 40.52 -79.60
CA ALA N 140 -24.23 39.46 -78.63
C ALA N 140 -23.35 39.97 -77.50
N THR N 141 -22.42 40.88 -77.82
CA THR N 141 -21.52 41.44 -76.82
C THR N 141 -22.26 42.40 -75.90
N ALA N 142 -23.23 43.11 -76.46
CA ALA N 142 -24.07 44.02 -75.67
C ALA N 142 -24.85 43.24 -74.62
N MET N 143 -25.26 42.03 -74.99
CA MET N 143 -25.95 41.14 -74.06
C MET N 143 -25.00 40.68 -72.96
N ASP N 144 -23.73 40.55 -73.31
CA ASP N 144 -22.70 40.13 -72.36
C ASP N 144 -22.42 41.24 -71.35
N GLY N 145 -22.21 42.45 -71.85
CA GLY N 145 -21.87 43.57 -71.00
C GLY N 145 -23.02 43.98 -70.13
N LEU N 146 -24.23 43.88 -70.67
CA LEU N 146 -25.44 44.27 -69.96
C LEU N 146 -25.77 43.30 -68.83
N ALA N 147 -25.46 42.02 -69.04
CA ALA N 147 -25.75 40.98 -68.06
C ALA N 147 -25.00 41.23 -66.76
N GLU N 148 -23.78 41.74 -66.86
CA GLU N 148 -22.96 42.00 -65.68
C GLU N 148 -23.50 43.19 -64.89
N LYS N 149 -24.22 44.07 -65.56
CA LYS N 149 -24.84 45.22 -64.91
C LYS N 149 -26.07 44.77 -64.13
N LEU N 150 -26.74 43.75 -64.66
CA LEU N 150 -27.96 43.23 -64.06
C LEU N 150 -27.72 41.92 -63.32
N ARG N 151 -26.50 41.41 -63.41
CA ARG N 151 -26.16 40.12 -62.81
C ARG N 151 -27.09 39.02 -63.34
N ALA N 152 -27.42 39.11 -64.63
CA ALA N 152 -28.37 38.20 -65.26
C ALA N 152 -27.63 37.10 -66.02
N ILE N 153 -28.36 36.34 -66.81
CA ILE N 153 -27.78 35.30 -67.65
C ILE N 153 -28.33 35.42 -69.06
N ALA N 154 -27.60 36.14 -69.91
CA ALA N 154 -28.02 36.40 -71.27
C ALA N 154 -28.05 35.12 -72.10
N ILE N 155 -29.24 34.74 -72.56
CA ILE N 155 -29.41 33.56 -73.41
C ILE N 155 -29.31 33.95 -74.88
N LEU N 156 -28.19 33.57 -75.49
CA LEU N 156 -27.97 33.83 -76.91
C LEU N 156 -28.62 32.74 -77.75
N ASP N 157 -28.49 32.85 -79.07
CA ASP N 157 -28.99 31.83 -79.99
C ASP N 157 -28.19 31.88 -81.29
N GLY N 158 -27.16 31.04 -81.39
CA GLY N 158 -26.28 31.04 -82.53
C GLY N 158 -26.97 30.60 -83.81
N PRO N 159 -26.33 30.86 -84.96
CA PRO N 159 -26.91 30.52 -86.26
C PRO N 159 -27.01 29.02 -86.48
N ASN N 160 -28.03 28.58 -87.21
CA ASN N 160 -28.20 27.17 -87.53
C ASN N 160 -27.14 26.72 -88.53
N SER N 161 -27.51 26.67 -89.81
CA SER N 161 -26.59 26.28 -90.87
C SER N 161 -25.96 24.92 -90.58
N THR N 162 -25.01 24.89 -89.64
CA THR N 162 -24.32 23.66 -89.28
C THR N 162 -23.66 23.80 -87.89
N ASP N 163 -23.09 22.69 -87.41
CA ASP N 163 -22.48 22.65 -86.09
C ASP N 163 -21.14 23.38 -86.07
N GLU N 164 -20.43 23.32 -87.20
CA GLU N 164 -19.11 23.95 -87.32
C GLU N 164 -19.22 25.46 -87.09
N ALA N 165 -20.33 26.05 -87.56
CA ALA N 165 -20.55 27.48 -87.44
C ALA N 165 -20.95 27.87 -86.01
N ALA N 166 -21.48 26.91 -85.26
CA ALA N 166 -21.94 27.14 -83.89
C ALA N 166 -20.75 27.12 -82.92
N VAL N 167 -19.82 26.20 -83.14
CA VAL N 167 -18.64 26.09 -82.30
C VAL N 167 -17.71 27.29 -82.52
N ALA N 168 -17.56 27.69 -83.77
CA ALA N 168 -16.70 28.82 -84.11
C ALA N 168 -17.27 30.14 -83.58
N TYR N 169 -18.55 30.13 -83.26
CA TYR N 169 -19.23 31.32 -82.75
C TYR N 169 -19.07 31.43 -81.23
N ALA N 170 -19.15 30.30 -80.55
CA ALA N 170 -19.02 30.25 -79.10
C ALA N 170 -17.58 30.53 -78.67
N LYS N 171 -16.63 30.22 -79.55
CA LYS N 171 -15.21 30.40 -79.28
C LYS N 171 -14.88 31.87 -79.05
N ASN N 172 -15.81 32.75 -79.44
CA ASN N 172 -15.62 34.18 -79.29
C ASN N 172 -15.78 34.65 -77.84
N PHE N 173 -16.86 34.22 -77.21
CA PHE N 173 -17.19 34.65 -75.86
C PHE N 173 -16.53 33.76 -74.81
N GLY N 174 -16.60 34.19 -73.56
CA GLY N 174 -16.07 33.42 -72.45
C GLY N 174 -16.50 33.95 -71.09
N SER N 175 -17.62 34.65 -71.06
CA SER N 175 -18.11 35.27 -69.83
C SER N 175 -19.04 34.33 -69.07
N LYS N 176 -19.07 34.50 -67.74
CA LYS N 176 -19.91 33.68 -66.88
C LYS N 176 -21.39 33.74 -67.29
N ARG N 177 -21.79 34.90 -67.80
CA ARG N 177 -23.20 35.19 -68.04
C ARG N 177 -23.58 35.09 -69.50
N LEU N 178 -23.40 33.90 -70.06
CA LEU N 178 -23.79 33.62 -71.44
C LEU N 178 -24.16 32.16 -71.59
N PHE N 179 -25.39 31.92 -72.01
CA PHE N 179 -25.91 30.56 -72.15
C PHE N 179 -26.53 30.40 -73.53
N MET N 180 -25.70 30.08 -74.51
CA MET N 180 -26.16 30.02 -75.89
C MET N 180 -26.77 28.68 -76.24
N VAL N 181 -27.72 28.70 -77.17
CA VAL N 181 -28.33 27.51 -77.72
C VAL N 181 -28.23 27.56 -79.23
N ASP N 182 -27.68 26.51 -79.82
CA ASP N 182 -27.36 26.52 -81.25
C ASP N 182 -28.53 26.12 -82.15
N PRO N 183 -29.03 24.87 -82.01
CA PRO N 183 -30.06 24.41 -82.95
C PRO N 183 -31.36 25.21 -82.82
N GLY N 184 -31.77 25.88 -83.90
CA GLY N 184 -32.96 26.70 -83.88
C GLY N 184 -34.22 25.87 -84.01
N VAL N 185 -34.95 25.72 -82.91
CA VAL N 185 -36.20 24.98 -82.90
C VAL N 185 -37.22 25.66 -83.82
N GLN N 186 -38.08 24.87 -84.45
CA GLN N 186 -39.11 25.41 -85.33
C GLN N 186 -40.49 25.24 -84.70
N VAL N 187 -41.24 26.35 -84.66
CA VAL N 187 -42.58 26.35 -84.07
C VAL N 187 -43.62 26.47 -85.17
N TRP N 188 -44.84 26.03 -84.88
CA TRP N 188 -45.93 26.16 -85.83
C TRP N 188 -46.60 27.52 -85.69
N ASP N 189 -46.22 28.46 -86.57
CA ASP N 189 -46.78 29.81 -86.54
C ASP N 189 -48.26 29.78 -86.89
N SER N 190 -49.05 30.58 -86.17
CA SER N 190 -50.50 30.63 -86.38
C SER N 190 -50.84 31.42 -87.64
N ALA N 191 -50.08 32.49 -87.90
CA ALA N 191 -50.34 33.37 -89.03
C ALA N 191 -49.98 32.71 -90.35
N THR N 192 -48.86 32.00 -90.37
CA THR N 192 -48.37 31.34 -91.58
C THR N 192 -49.10 30.03 -91.83
N ASN N 193 -49.65 29.45 -90.76
CA ASN N 193 -50.37 28.17 -90.83
C ASN N 193 -49.50 27.05 -91.37
N ALA N 194 -48.23 27.06 -90.96
CA ALA N 194 -47.28 26.03 -91.36
C ALA N 194 -46.03 26.11 -90.50
N ALA N 195 -45.01 25.32 -90.86
CA ALA N 195 -43.75 25.31 -90.13
C ALA N 195 -43.09 26.67 -90.20
N ARG N 196 -42.31 26.99 -89.18
CA ARG N 196 -41.65 28.28 -89.09
C ARG N 196 -40.51 28.25 -88.09
N ASN N 197 -39.29 28.44 -88.58
CA ASN N 197 -38.10 28.38 -87.74
C ASN N 197 -38.06 29.54 -86.74
N ALA N 198 -37.69 29.23 -85.50
CA ALA N 198 -37.61 30.21 -84.43
C ALA N 198 -36.17 30.27 -83.89
N PRO N 199 -35.82 31.37 -83.18
CA PRO N 199 -34.47 31.51 -82.64
C PRO N 199 -34.19 30.61 -81.43
N ALA N 200 -35.24 30.02 -80.86
CA ALA N 200 -35.10 29.12 -79.72
C ALA N 200 -34.50 29.80 -78.49
N SER N 201 -34.50 31.14 -78.51
CA SER N 201 -33.93 31.92 -77.43
C SER N 201 -34.97 32.12 -76.34
N ALA N 202 -36.15 32.58 -76.73
CA ALA N 202 -37.25 32.82 -75.81
C ALA N 202 -37.78 31.52 -75.21
N TYR N 203 -37.74 30.45 -75.99
CA TYR N 203 -38.20 29.14 -75.53
C TYR N 203 -37.29 28.63 -74.41
N ALA N 204 -36.00 28.87 -74.56
CA ALA N 204 -35.02 28.48 -73.55
C ALA N 204 -35.11 29.41 -72.34
N ALA N 205 -35.59 30.62 -72.56
CA ALA N 205 -35.75 31.59 -71.48
C ALA N 205 -36.96 31.25 -70.62
N GLY N 206 -38.09 31.01 -71.27
CA GLY N 206 -39.31 30.63 -70.57
C GLY N 206 -39.12 29.31 -69.85
N LEU N 207 -38.27 28.46 -70.43
CA LEU N 207 -37.96 27.16 -69.84
C LEU N 207 -37.31 27.32 -68.46
N PHE N 208 -36.44 28.31 -68.33
CA PHE N 208 -35.82 28.60 -67.03
C PHE N 208 -36.89 29.00 -66.02
N ALA N 209 -37.75 29.92 -66.45
CA ALA N 209 -38.80 30.48 -65.59
C ALA N 209 -39.71 29.38 -65.05
N TRP N 210 -39.82 28.28 -65.81
CA TRP N 210 -40.62 27.15 -65.40
C TRP N 210 -39.96 26.40 -64.24
N THR N 211 -38.66 26.16 -64.36
CA THR N 211 -37.90 25.44 -63.34
C THR N 211 -37.69 26.31 -62.10
N ASP N 212 -37.48 27.61 -62.33
CA ASP N 212 -37.22 28.55 -61.25
C ASP N 212 -38.46 28.72 -60.36
N ALA N 213 -39.63 28.75 -60.99
CA ALA N 213 -40.89 28.87 -60.27
C ALA N 213 -41.27 27.54 -59.62
N GLU N 214 -40.87 26.45 -60.27
CA GLU N 214 -41.18 25.11 -59.79
C GLU N 214 -40.18 24.63 -58.75
N TYR N 215 -39.03 24.14 -59.21
CA TYR N 215 -37.99 23.64 -58.32
C TYR N 215 -37.33 24.79 -57.57
N GLY N 216 -36.75 25.71 -58.33
CA GLY N 216 -36.06 26.85 -57.77
C GLY N 216 -34.98 27.37 -58.71
N PHE N 217 -34.53 28.60 -58.48
CA PHE N 217 -33.47 29.20 -59.28
C PHE N 217 -32.20 28.35 -59.20
N TRP N 218 -32.02 27.67 -58.07
CA TRP N 218 -30.86 26.82 -57.86
C TRP N 218 -30.96 25.54 -58.68
N SER N 219 -32.17 25.20 -59.14
CA SER N 219 -32.37 24.01 -59.94
C SER N 219 -31.86 24.23 -61.35
N SER N 220 -31.24 23.22 -61.94
CA SER N 220 -30.72 23.32 -63.30
C SER N 220 -31.88 23.26 -64.29
N PRO N 221 -31.83 24.09 -65.35
CA PRO N 221 -32.90 24.12 -66.35
C PRO N 221 -32.82 22.96 -67.35
N SER N 222 -31.61 22.48 -67.60
CA SER N 222 -31.36 21.44 -68.59
C SER N 222 -32.20 20.18 -68.35
N ASN N 223 -32.36 19.37 -69.39
CA ASN N 223 -33.09 18.11 -69.29
C ASN N 223 -34.56 18.35 -68.89
N LYS N 224 -35.11 19.48 -69.29
CA LYS N 224 -36.52 19.79 -69.07
C LYS N 224 -37.18 20.06 -70.42
N GLU N 225 -38.33 19.42 -70.61
CA GLU N 225 -39.01 19.45 -71.90
C GLU N 225 -39.60 20.83 -72.19
N ILE N 226 -39.45 21.27 -73.44
CA ILE N 226 -39.98 22.56 -73.86
C ILE N 226 -41.24 22.37 -74.71
N LYS N 227 -42.25 23.18 -74.45
CA LYS N 227 -43.51 23.12 -75.19
C LYS N 227 -43.55 24.16 -76.31
N GLY N 228 -44.57 24.08 -77.15
CA GLY N 228 -44.74 25.03 -78.24
C GLY N 228 -43.69 24.81 -79.31
N VAL N 229 -43.52 23.56 -79.71
CA VAL N 229 -42.54 23.17 -80.71
C VAL N 229 -43.17 22.21 -81.72
N THR N 230 -42.42 21.82 -82.74
CA THR N 230 -42.91 20.91 -83.76
C THR N 230 -41.80 20.45 -84.70
N GLY N 231 -40.60 20.32 -84.15
CA GLY N 231 -39.43 19.92 -84.93
C GLY N 231 -38.27 20.84 -84.61
N THR N 232 -37.07 20.49 -85.07
CA THR N 232 -35.88 21.28 -84.80
C THR N 232 -34.99 21.34 -86.03
N SER N 233 -34.60 22.56 -86.40
CA SER N 233 -33.69 22.77 -87.53
C SER N 233 -32.37 22.05 -87.27
N ARG N 234 -31.93 21.27 -88.25
CA ARG N 234 -30.72 20.47 -88.14
C ARG N 234 -30.85 19.47 -87.00
N PRO N 235 -31.38 18.26 -87.30
CA PRO N 235 -31.63 17.28 -86.23
C PRO N 235 -30.34 16.83 -85.54
N VAL N 236 -30.07 17.42 -84.37
CA VAL N 236 -28.90 17.05 -83.59
C VAL N 236 -29.11 15.64 -83.03
N GLU N 237 -28.22 14.73 -83.42
CA GLU N 237 -28.34 13.32 -83.06
C GLU N 237 -28.00 13.11 -81.59
N PHE N 238 -28.62 12.10 -80.97
CA PHE N 238 -28.33 11.73 -79.60
C PHE N 238 -28.60 10.25 -79.37
N LEU N 239 -27.54 9.50 -79.11
CA LEU N 239 -27.66 8.08 -78.85
C LEU N 239 -28.17 7.82 -77.44
N ASP N 240 -28.36 6.55 -77.10
CA ASP N 240 -28.86 6.18 -75.79
C ASP N 240 -27.85 6.54 -74.70
N GLY N 241 -26.56 6.29 -74.97
CA GLY N 241 -25.51 6.58 -74.03
C GLY N 241 -24.13 6.39 -74.63
N ASP N 242 -23.63 7.41 -75.31
CA ASP N 242 -22.31 7.37 -75.92
C ASP N 242 -21.79 8.78 -76.19
N GLU N 243 -20.51 8.99 -75.93
CA GLU N 243 -19.88 10.29 -76.15
C GLU N 243 -19.70 10.60 -77.64
N THR N 244 -19.97 9.60 -78.48
CA THR N 244 -19.80 9.75 -79.92
C THR N 244 -20.92 10.59 -80.53
N CYS N 245 -22.04 10.70 -79.82
CA CYS N 245 -23.17 11.46 -80.32
C CYS N 245 -22.81 12.93 -80.45
N ARG N 246 -23.46 13.62 -81.39
CA ARG N 246 -23.11 15.00 -81.71
C ARG N 246 -23.66 15.97 -80.68
N ALA N 247 -24.73 15.58 -79.99
CA ALA N 247 -25.34 16.42 -78.96
C ALA N 247 -24.32 16.71 -77.85
N ASN N 248 -23.42 15.76 -77.62
CA ASN N 248 -22.40 15.88 -76.59
C ASN N 248 -21.28 16.83 -77.01
N LEU N 249 -20.88 16.75 -78.27
CA LEU N 249 -19.76 17.54 -78.78
C LEU N 249 -20.01 19.03 -78.68
N LEU N 250 -21.26 19.45 -78.84
CA LEU N 250 -21.61 20.86 -78.73
C LEU N 250 -21.56 21.31 -77.27
N ASN N 251 -21.87 20.41 -76.35
CA ASN N 251 -21.81 20.71 -74.92
C ASN N 251 -20.38 20.91 -74.46
N ASN N 252 -19.44 20.27 -75.14
CA ASN N 252 -18.01 20.44 -74.85
C ASN N 252 -17.57 21.84 -75.21
N ALA N 253 -18.24 22.43 -76.20
CA ALA N 253 -17.96 23.81 -76.62
C ALA N 253 -18.88 24.78 -75.88
N ASN N 254 -19.46 24.33 -74.77
CA ASN N 254 -20.36 25.15 -73.97
C ASN N 254 -21.54 25.62 -74.80
N ILE N 255 -22.39 24.69 -75.21
CA ILE N 255 -23.56 25.01 -76.01
C ILE N 255 -24.76 24.16 -75.60
N ALA N 256 -25.91 24.81 -75.49
CA ALA N 256 -27.16 24.12 -75.20
C ALA N 256 -27.77 23.60 -76.50
N THR N 257 -28.46 22.46 -76.42
CA THR N 257 -29.05 21.85 -77.61
C THR N 257 -30.38 21.17 -77.29
N ILE N 258 -31.27 21.16 -78.27
CA ILE N 258 -32.57 20.49 -78.15
C ILE N 258 -32.46 19.12 -78.82
N ILE N 259 -32.61 18.07 -78.02
CA ILE N 259 -32.38 16.71 -78.49
C ILE N 259 -33.66 16.00 -78.90
N ARG N 260 -33.49 14.89 -79.61
CA ARG N 260 -34.59 14.04 -80.06
C ARG N 260 -35.55 14.75 -81.01
N ASP N 261 -36.49 13.98 -81.54
CA ASP N 261 -37.44 14.47 -82.53
C ASP N 261 -38.31 15.56 -81.95
N ASP N 262 -38.99 16.29 -82.83
CA ASP N 262 -39.93 17.34 -82.43
C ASP N 262 -39.26 18.42 -81.59
N GLY N 263 -38.91 18.07 -80.36
CA GLY N 263 -38.30 19.00 -79.42
C GLY N 263 -38.49 18.46 -78.02
N TYR N 264 -38.00 17.24 -77.81
CA TYR N 264 -38.22 16.51 -76.57
C TYR N 264 -37.75 17.30 -75.36
N ARG N 265 -36.50 17.75 -75.38
CA ARG N 265 -35.95 18.50 -74.26
C ARG N 265 -34.65 19.23 -74.61
N LEU N 266 -34.32 20.23 -73.80
CA LEU N 266 -33.10 21.01 -73.94
C LEU N 266 -32.14 20.68 -72.82
N TRP N 267 -30.85 20.69 -73.11
CA TRP N 267 -29.82 20.54 -72.08
C TRP N 267 -28.48 21.12 -72.52
N GLY N 268 -27.52 21.14 -71.60
CA GLY N 268 -26.20 21.70 -71.84
C GLY N 268 -25.95 22.78 -70.81
N ASN N 269 -25.71 22.37 -69.57
CA ASN N 269 -25.56 23.28 -68.45
C ASN N 269 -24.35 24.20 -68.60
N ARG N 270 -23.36 23.76 -69.38
CA ARG N 270 -22.14 24.53 -69.56
C ARG N 270 -22.41 25.91 -70.15
N THR N 271 -22.11 26.94 -69.36
CA THR N 271 -22.21 28.31 -69.84
C THR N 271 -20.90 28.67 -70.54
N LEU N 272 -20.99 29.55 -71.54
CA LEU N 272 -19.82 29.96 -72.30
C LEU N 272 -18.78 30.66 -71.41
N SER N 273 -18.11 29.88 -70.56
CA SER N 273 -17.16 30.44 -69.60
C SER N 273 -15.84 29.67 -69.63
N SER N 274 -14.74 30.41 -69.62
CA SER N 274 -13.41 29.83 -69.59
C SER N 274 -13.09 29.26 -68.21
N ASP N 275 -13.38 30.03 -67.17
CA ASP N 275 -13.12 29.60 -65.80
C ASP N 275 -14.03 28.41 -65.46
N SER N 276 -13.40 27.28 -65.16
CA SER N 276 -14.14 26.04 -64.88
C SER N 276 -14.91 26.13 -63.56
N LYS N 277 -14.60 27.14 -62.75
CA LYS N 277 -15.28 27.35 -61.49
C LYS N 277 -16.74 27.73 -61.72
N TRP N 278 -16.98 28.51 -62.77
CA TRP N 278 -18.32 28.96 -63.15
C TRP N 278 -18.77 28.23 -64.40
N ALA N 279 -18.49 26.93 -64.46
CA ALA N 279 -18.81 26.12 -65.64
C ALA N 279 -20.31 25.95 -65.78
N PHE N 280 -20.98 25.68 -64.67
CA PHE N 280 -22.43 25.49 -64.71
C PHE N 280 -23.16 26.84 -64.70
N VAL N 281 -24.27 26.89 -65.43
CA VAL N 281 -25.11 28.08 -65.45
C VAL N 281 -25.81 28.21 -64.09
N THR N 282 -25.93 27.09 -63.38
CA THR N 282 -26.55 27.07 -62.06
C THR N 282 -25.80 27.94 -61.06
N ARG N 283 -24.50 27.71 -60.94
CA ARG N 283 -23.67 28.45 -59.99
C ARG N 283 -23.76 29.95 -60.22
N VAL N 284 -23.70 30.36 -61.48
CA VAL N 284 -23.79 31.77 -61.83
C VAL N 284 -25.15 32.32 -61.46
N ARG N 285 -26.16 31.47 -61.49
CA ARG N 285 -27.53 31.88 -61.22
C ARG N 285 -27.83 32.00 -59.73
N THR N 286 -27.19 31.14 -58.93
CA THR N 286 -27.37 31.15 -57.48
C THR N 286 -26.52 32.23 -56.83
N MET N 287 -25.31 32.41 -57.34
CA MET N 287 -24.35 33.35 -56.77
C MET N 287 -24.79 34.79 -57.03
N ASP N 288 -25.26 35.05 -58.24
CA ASP N 288 -25.76 36.37 -58.61
C ASP N 288 -27.03 36.72 -57.84
N LEU N 289 -27.66 35.71 -57.26
CA LEU N 289 -28.90 35.90 -56.53
C LEU N 289 -28.64 36.22 -55.06
N VAL N 290 -27.83 35.39 -54.41
CA VAL N 290 -27.51 35.58 -52.99
C VAL N 290 -26.71 36.86 -52.78
N MET N 291 -25.97 37.25 -53.81
CA MET N 291 -25.21 38.50 -53.76
C MET N 291 -26.16 39.69 -53.77
N ASP N 292 -27.06 39.71 -54.75
CA ASP N 292 -28.03 40.78 -54.87
C ASP N 292 -29.00 40.79 -53.68
N ALA N 293 -29.15 39.65 -53.03
CA ALA N 293 -30.02 39.54 -51.85
C ALA N 293 -29.36 40.17 -50.64
N ILE N 294 -28.09 39.85 -50.43
CA ILE N 294 -27.32 40.39 -49.31
C ILE N 294 -27.10 41.88 -49.50
N LEU N 295 -26.90 42.28 -50.76
CA LEU N 295 -26.71 43.69 -51.10
C LEU N 295 -27.96 44.49 -50.76
N ALA N 296 -29.08 44.09 -51.36
CA ALA N 296 -30.36 44.79 -51.18
C ALA N 296 -30.99 44.46 -49.83
N GLY N 297 -30.49 43.43 -49.16
CA GLY N 297 -31.05 42.98 -47.90
C GLY N 297 -30.59 43.81 -46.72
N HIS N 298 -29.29 44.03 -46.63
CA HIS N 298 -28.69 44.76 -45.53
C HIS N 298 -28.58 46.26 -45.85
N LYS N 299 -29.62 46.79 -46.46
CA LYS N 299 -29.72 48.22 -46.74
C LYS N 299 -30.22 48.96 -45.50
N TRP N 300 -30.78 48.20 -44.56
CA TRP N 300 -31.29 48.76 -43.31
C TRP N 300 -30.14 49.11 -42.38
N ALA N 301 -29.06 48.34 -42.47
CA ALA N 301 -27.91 48.53 -41.59
C ALA N 301 -27.18 49.81 -41.97
N VAL N 302 -26.19 49.69 -42.84
CA VAL N 302 -25.36 50.82 -43.27
C VAL N 302 -24.80 51.51 -42.02
N ASP N 303 -24.68 52.84 -42.05
CA ASP N 303 -24.10 53.57 -40.93
C ASP N 303 -24.97 53.42 -39.69
N ARG N 304 -24.48 52.63 -38.73
CA ARG N 304 -25.18 52.37 -37.48
C ARG N 304 -24.17 51.93 -36.44
N GLY N 305 -24.51 52.14 -35.17
CA GLY N 305 -23.62 51.81 -34.07
C GLY N 305 -23.11 50.38 -34.14
N ILE N 306 -21.81 50.24 -34.41
CA ILE N 306 -21.19 48.94 -34.60
C ILE N 306 -20.86 48.34 -33.23
N THR N 307 -21.89 48.14 -32.41
CA THR N 307 -21.70 47.47 -31.13
C THR N 307 -21.65 45.95 -31.34
N LYS N 308 -21.15 45.23 -30.34
CA LYS N 308 -21.08 43.78 -30.39
C LYS N 308 -22.43 43.14 -30.75
N THR N 309 -23.50 43.80 -30.34
CA THR N 309 -24.85 43.34 -30.64
C THR N 309 -25.11 43.43 -32.15
N TYR N 310 -24.74 44.57 -32.72
CA TYR N 310 -24.97 44.82 -34.15
C TYR N 310 -24.28 43.79 -35.02
N VAL N 311 -23.05 43.43 -34.66
CA VAL N 311 -22.28 42.44 -35.42
C VAL N 311 -22.99 41.08 -35.37
N LYS N 312 -23.43 40.69 -34.17
CA LYS N 312 -24.17 39.45 -33.99
C LYS N 312 -25.53 39.49 -34.68
N ASP N 313 -26.17 40.66 -34.69
CA ASP N 313 -27.48 40.81 -35.33
C ASP N 313 -27.35 40.58 -36.83
N VAL N 314 -26.25 41.03 -37.40
CA VAL N 314 -25.98 40.84 -38.82
C VAL N 314 -25.47 39.42 -39.05
N THR N 315 -24.62 38.94 -38.16
CA THR N 315 -24.09 37.58 -38.25
C THR N 315 -25.23 36.55 -38.18
N GLU N 316 -26.12 36.73 -37.19
CA GLU N 316 -27.27 35.85 -37.05
C GLU N 316 -28.25 36.04 -38.20
N GLY N 317 -28.16 37.20 -38.87
CA GLY N 317 -29.00 37.47 -40.01
C GLY N 317 -28.62 36.59 -41.19
N LEU N 318 -27.32 36.32 -41.30
CA LEU N 318 -26.80 35.44 -42.34
C LEU N 318 -26.95 33.97 -41.94
N ARG N 319 -26.78 33.69 -40.65
CA ARG N 319 -26.97 32.34 -40.12
C ARG N 319 -28.36 31.81 -40.47
N ALA N 320 -29.37 32.58 -40.10
CA ALA N 320 -30.76 32.19 -40.32
C ALA N 320 -31.07 32.20 -41.82
N PHE N 321 -30.53 33.19 -42.53
CA PHE N 321 -30.80 33.33 -43.96
C PHE N 321 -30.28 32.13 -44.75
N MET N 322 -29.00 31.83 -44.60
CA MET N 322 -28.38 30.72 -45.30
C MET N 322 -28.99 29.38 -44.92
N ARG N 323 -29.43 29.28 -43.66
CA ARG N 323 -30.05 28.05 -43.19
C ARG N 323 -31.41 27.85 -43.84
N ASP N 324 -32.03 28.94 -44.28
CA ASP N 324 -33.29 28.86 -45.01
C ASP N 324 -33.04 28.40 -46.45
N LEU N 325 -31.81 28.54 -46.90
CA LEU N 325 -31.38 28.06 -48.22
C LEU N 325 -30.94 26.61 -48.16
N LYS N 326 -30.40 26.22 -47.00
CA LYS N 326 -29.87 24.87 -46.83
C LYS N 326 -31.00 23.84 -46.79
N ASN N 327 -31.91 24.02 -45.84
CA ASN N 327 -33.05 23.13 -45.70
C ASN N 327 -33.96 23.16 -46.93
N GLN N 328 -33.95 24.30 -47.63
CA GLN N 328 -34.71 24.46 -48.86
C GLN N 328 -34.06 23.69 -50.00
N GLY N 329 -32.74 23.50 -49.88
CA GLY N 329 -31.99 22.73 -50.86
C GLY N 329 -31.23 23.59 -51.84
N ALA N 330 -31.19 24.90 -51.59
CA ALA N 330 -30.48 25.83 -52.46
C ALA N 330 -28.98 25.62 -52.36
N VAL N 331 -28.52 25.28 -51.16
CA VAL N 331 -27.10 25.04 -50.90
C VAL N 331 -26.95 23.79 -50.07
N ILE N 332 -25.80 23.12 -50.18
CA ILE N 332 -25.53 21.92 -49.42
C ILE N 332 -25.20 22.29 -47.98
N ASN N 333 -24.22 23.18 -47.82
CA ASN N 333 -23.83 23.66 -46.50
C ASN N 333 -23.13 25.01 -46.62
N PHE N 334 -23.09 25.74 -45.52
CA PHE N 334 -22.55 27.10 -45.52
C PHE N 334 -21.74 27.37 -44.26
N GLU N 335 -21.21 28.58 -44.17
CA GLU N 335 -20.45 29.03 -43.01
C GLU N 335 -20.22 30.53 -43.12
N VAL N 336 -20.70 31.27 -42.12
CA VAL N 336 -20.58 32.72 -42.13
C VAL N 336 -20.04 33.21 -40.79
N TYR N 337 -19.18 34.21 -40.83
CA TYR N 337 -18.52 34.72 -39.64
C TYR N 337 -17.75 35.99 -39.95
N ALA N 338 -17.29 36.67 -38.90
CA ALA N 338 -16.50 37.88 -39.04
C ALA N 338 -15.01 37.54 -38.98
N ASP N 339 -14.28 37.87 -40.04
CA ASP N 339 -12.86 37.53 -40.12
C ASP N 339 -12.06 38.32 -39.08
N PRO N 340 -11.21 37.63 -38.29
CA PRO N 340 -10.38 38.34 -37.31
C PRO N 340 -9.38 39.31 -37.95
N ASP N 341 -8.73 38.88 -39.04
CA ASP N 341 -7.68 39.67 -39.66
C ASP N 341 -8.22 40.91 -40.36
N LEU N 342 -9.31 40.75 -41.11
CA LEU N 342 -9.91 41.86 -41.85
C LEU N 342 -10.44 42.92 -40.90
N ASN N 343 -11.27 42.50 -39.94
CA ASN N 343 -11.84 43.41 -38.97
C ASN N 343 -10.76 43.93 -38.02
N SER N 344 -9.87 44.77 -38.55
CA SER N 344 -8.80 45.36 -37.76
C SER N 344 -9.33 46.58 -37.03
N ALA N 345 -8.58 47.02 -36.00
CA ALA N 345 -8.97 48.19 -35.21
C ALA N 345 -9.07 49.45 -36.07
N SER N 346 -8.31 49.48 -37.17
CA SER N 346 -8.29 50.63 -38.06
C SER N 346 -9.40 50.56 -39.10
N GLN N 347 -9.74 49.35 -39.52
CA GLN N 347 -10.80 49.16 -40.52
C GLN N 347 -12.17 49.51 -39.95
N LEU N 348 -12.42 49.09 -38.72
CA LEU N 348 -13.67 49.42 -38.03
C LEU N 348 -13.77 50.92 -37.78
N ALA N 349 -12.61 51.58 -37.68
CA ALA N 349 -12.56 53.02 -37.42
C ALA N 349 -12.85 53.82 -38.70
N GLN N 350 -13.03 53.12 -39.82
CA GLN N 350 -13.44 53.74 -41.08
C GLN N 350 -14.85 53.29 -41.47
N GLY N 351 -15.45 52.44 -40.65
CA GLY N 351 -16.79 51.95 -40.88
C GLY N 351 -16.79 50.57 -41.51
N LYS N 352 -15.67 50.19 -42.13
CA LYS N 352 -15.55 48.87 -42.73
C LYS N 352 -15.72 47.75 -41.72
N VAL N 353 -16.58 46.79 -42.06
CA VAL N 353 -16.77 45.60 -41.24
C VAL N 353 -17.14 44.44 -42.18
N TYR N 354 -16.36 43.36 -42.11
CA TYR N 354 -16.47 42.27 -43.08
C TYR N 354 -17.13 41.03 -42.48
N TRP N 355 -17.76 40.24 -43.34
CA TRP N 355 -18.34 38.96 -42.96
C TRP N 355 -18.05 37.93 -44.05
N ASN N 356 -17.14 37.01 -43.76
CA ASN N 356 -16.72 36.01 -44.73
C ASN N 356 -17.78 34.94 -44.94
N ILE N 357 -18.58 35.09 -45.98
CA ILE N 357 -19.57 34.09 -46.36
C ILE N 357 -18.95 33.09 -47.32
N ARG N 358 -19.29 31.81 -47.12
CA ARG N 358 -18.78 30.75 -47.97
C ARG N 358 -19.71 29.54 -47.94
N PHE N 359 -19.90 28.91 -49.09
CA PHE N 359 -20.78 27.76 -49.20
C PHE N 359 -20.55 27.03 -50.53
N THR N 360 -21.34 25.99 -50.78
CA THR N 360 -21.24 25.22 -52.00
C THR N 360 -22.61 25.12 -52.69
N ASP N 361 -22.81 25.90 -53.75
CA ASP N 361 -24.03 25.82 -54.53
C ASP N 361 -24.16 24.42 -55.13
N VAL N 362 -25.38 23.91 -55.20
CA VAL N 362 -25.62 22.55 -55.67
C VAL N 362 -25.34 22.42 -57.17
N PRO N 363 -24.39 21.55 -57.55
CA PRO N 363 -24.12 21.32 -58.98
C PRO N 363 -25.03 20.23 -59.57
N PRO N 364 -25.52 20.41 -60.81
CA PRO N 364 -26.36 19.38 -61.42
C PRO N 364 -25.54 18.16 -61.85
N ALA N 365 -25.93 16.98 -61.39
CA ALA N 365 -25.25 15.74 -61.78
C ALA N 365 -25.42 15.48 -63.28
N GLU N 366 -24.65 16.18 -64.09
CA GLU N 366 -24.83 16.13 -65.54
C GLU N 366 -24.31 14.84 -66.15
N ASN N 367 -23.73 13.97 -65.34
CA ASN N 367 -23.18 12.70 -65.83
C ASN N 367 -22.99 11.67 -64.71
N PRO N 368 -24.11 11.08 -64.24
CA PRO N 368 -24.04 10.03 -63.21
C PRO N 368 -23.63 8.67 -63.79
N ASN N 369 -22.48 8.15 -63.33
CA ASN N 369 -21.97 6.88 -63.80
C ASN N 369 -22.50 5.71 -62.96
N PHE N 370 -22.36 4.50 -63.49
CA PHE N 370 -22.81 3.29 -62.81
C PHE N 370 -21.83 2.15 -63.05
N ARG N 371 -20.76 2.12 -62.26
CA ARG N 371 -19.73 1.11 -62.39
C ARG N 371 -20.26 -0.28 -62.01
N VAL N 372 -21.09 -0.84 -62.86
CA VAL N 372 -21.64 -2.16 -62.62
C VAL N 372 -20.62 -3.23 -63.04
N GLU N 373 -20.58 -4.33 -62.29
CA GLU N 373 -19.60 -5.37 -62.54
C GLU N 373 -19.98 -6.65 -61.79
N VAL N 374 -20.14 -7.73 -62.53
CA VAL N 374 -20.43 -9.03 -61.92
C VAL N 374 -19.19 -9.59 -61.25
N THR N 375 -19.37 -10.72 -60.57
CA THR N 375 -18.26 -11.40 -59.92
C THR N 375 -18.68 -12.82 -59.54
N ASP N 376 -17.92 -13.44 -58.65
CA ASP N 376 -18.20 -14.80 -58.20
C ASP N 376 -18.09 -14.86 -56.68
N GLN N 377 -18.48 -13.77 -56.03
CA GLN N 377 -18.36 -13.65 -54.58
C GLN N 377 -19.49 -14.39 -53.87
N TRP N 378 -20.73 -13.94 -54.09
CA TRP N 378 -21.89 -14.55 -53.45
C TRP N 378 -22.36 -15.78 -54.20
N LEU N 379 -21.51 -16.80 -54.27
CA LEU N 379 -21.88 -18.08 -54.87
C LEU N 379 -21.95 -19.16 -53.81
N THR N 380 -21.05 -19.07 -52.83
CA THR N 380 -21.03 -20.01 -51.71
C THR N 380 -22.26 -19.82 -50.82
N GLU N 381 -22.96 -18.71 -51.02
CA GLU N 381 -24.20 -18.44 -50.29
C GLU N 381 -25.26 -19.47 -50.70
N VAL N 382 -25.18 -19.92 -51.95
CA VAL N 382 -26.07 -20.96 -52.45
C VAL N 382 -25.61 -22.30 -51.91
N LEU N 383 -25.89 -22.54 -50.62
CA LEU N 383 -25.45 -23.77 -49.97
C LEU N 383 -26.12 -23.90 -48.61
N ASP N 384 -26.04 -22.83 -47.82
CA ASP N 384 -26.63 -22.82 -46.49
C ASP N 384 -26.88 -21.39 -46.03
N SER O 2 13.27 -48.24 -57.11
CA SER O 2 12.02 -48.28 -56.35
C SER O 2 12.21 -49.03 -55.04
N PHE O 3 12.92 -50.16 -55.12
CA PHE O 3 13.21 -51.00 -53.97
C PHE O 3 11.94 -51.70 -53.48
N PHE O 4 11.92 -53.02 -53.63
CA PHE O 4 10.80 -53.86 -53.24
C PHE O 4 9.54 -53.56 -54.05
N HIS O 5 8.88 -52.46 -53.71
CA HIS O 5 7.60 -52.09 -54.34
C HIS O 5 6.53 -53.16 -54.16
N GLY O 6 5.95 -53.23 -52.97
CA GLY O 6 4.88 -54.18 -52.69
C GLY O 6 4.18 -53.83 -51.39
N VAL O 7 4.43 -54.63 -50.36
CA VAL O 7 3.86 -54.40 -49.04
C VAL O 7 4.58 -55.28 -48.03
N THR O 8 5.55 -54.69 -47.34
CA THR O 8 6.35 -55.42 -46.37
C THR O 8 5.60 -55.59 -45.05
N VAL O 9 6.22 -56.33 -44.13
CA VAL O 9 5.62 -56.59 -42.83
C VAL O 9 6.71 -57.14 -41.91
N THR O 10 7.79 -56.37 -41.78
CA THR O 10 8.94 -56.80 -41.01
C THR O 10 8.60 -56.95 -39.53
N ASN O 11 9.01 -58.07 -38.94
CA ASN O 11 8.80 -58.32 -37.53
C ASN O 11 9.94 -57.75 -36.71
N VAL O 12 9.69 -56.64 -36.02
CA VAL O 12 10.72 -56.00 -35.21
C VAL O 12 10.92 -56.79 -33.92
N ASP O 13 12.01 -57.54 -33.86
CA ASP O 13 12.30 -58.41 -32.73
C ASP O 13 13.00 -57.64 -31.61
N ILE O 14 12.22 -56.87 -30.87
CA ILE O 14 12.74 -56.13 -29.71
C ILE O 14 11.75 -56.21 -28.55
N GLY O 15 12.24 -55.94 -27.35
CA GLY O 15 11.44 -56.03 -26.14
C GLY O 15 12.20 -56.77 -25.06
N ALA O 16 11.81 -56.55 -23.81
CA ALA O 16 12.46 -57.19 -22.68
C ALA O 16 12.15 -58.69 -22.63
N ARG O 17 13.17 -59.51 -22.85
CA ARG O 17 13.01 -60.96 -22.80
C ARG O 17 12.80 -61.41 -21.36
N THR O 18 12.23 -62.60 -21.21
CA THR O 18 12.00 -63.20 -19.89
C THR O 18 13.23 -63.99 -19.46
N ILE O 19 13.37 -64.18 -18.15
CA ILE O 19 14.51 -64.91 -17.60
C ILE O 19 14.04 -65.88 -16.53
N ALA O 20 14.67 -67.06 -16.50
CA ALA O 20 14.29 -68.12 -15.56
C ALA O 20 15.44 -68.44 -14.60
N LEU O 21 15.16 -69.35 -13.67
CA LEU O 21 16.14 -69.80 -12.67
C LEU O 21 16.50 -71.26 -12.91
N PRO O 22 17.47 -71.53 -13.81
CA PRO O 22 17.79 -72.91 -14.19
C PRO O 22 18.44 -73.70 -13.07
N ALA O 23 18.55 -75.02 -13.25
CA ALA O 23 19.23 -75.91 -12.31
C ALA O 23 18.57 -75.94 -10.93
N SER O 24 18.54 -74.79 -10.26
CA SER O 24 17.91 -74.65 -8.95
C SER O 24 18.64 -75.48 -7.90
N SER O 25 18.45 -76.79 -7.93
CA SER O 25 19.06 -77.67 -6.94
C SER O 25 19.17 -79.10 -7.45
N VAL O 26 20.04 -79.30 -8.45
CA VAL O 26 20.31 -80.65 -8.95
C VAL O 26 21.52 -81.20 -8.20
N ILE O 27 21.39 -82.43 -7.72
CA ILE O 27 22.43 -83.07 -6.92
C ILE O 27 23.44 -83.79 -7.81
N GLY O 28 24.72 -83.68 -7.43
CA GLY O 28 25.80 -84.32 -8.14
C GLY O 28 26.53 -85.28 -7.23
N LEU O 29 26.07 -86.52 -7.19
CA LEU O 29 26.59 -87.52 -6.28
C LEU O 29 27.61 -88.43 -6.97
N CYS O 30 28.49 -89.04 -6.18
CA CYS O 30 29.53 -89.91 -6.72
C CYS O 30 30.06 -90.83 -5.61
N ASP O 31 29.37 -91.95 -5.39
CA ASP O 31 29.80 -92.95 -4.42
C ASP O 31 30.39 -94.14 -5.18
N VAL O 32 30.16 -95.36 -4.69
CA VAL O 32 30.66 -96.56 -5.34
C VAL O 32 29.57 -97.63 -5.42
N PHE O 33 29.79 -98.63 -6.26
CA PHE O 33 28.87 -99.75 -6.38
C PHE O 33 29.59 -100.95 -6.99
N THR O 34 28.80 -101.97 -7.36
CA THR O 34 29.35 -103.20 -7.93
C THR O 34 28.70 -103.47 -9.29
N PRO O 35 29.39 -103.09 -10.38
CA PRO O 35 28.83 -103.33 -11.72
C PRO O 35 28.86 -104.81 -12.08
N GLY O 36 27.82 -105.28 -12.75
CA GLY O 36 27.76 -106.68 -13.17
C GLY O 36 26.49 -107.00 -13.94
N ALA O 37 25.53 -107.60 -13.26
CA ALA O 37 24.29 -108.05 -13.90
C ALA O 37 23.18 -107.01 -13.77
N GLN O 38 22.60 -106.92 -12.58
CA GLN O 38 21.48 -106.02 -12.33
C GLN O 38 21.89 -104.55 -12.49
N ALA O 39 23.19 -104.28 -12.37
CA ALA O 39 23.70 -102.92 -12.50
C ALA O 39 23.69 -102.47 -13.96
N SER O 40 22.63 -101.74 -14.35
CA SER O 40 22.48 -101.27 -15.71
C SER O 40 23.47 -100.16 -16.02
N ALA O 41 23.69 -99.28 -15.05
CA ALA O 41 24.61 -98.16 -15.21
C ALA O 41 26.03 -98.66 -15.42
N LYS O 42 26.77 -98.01 -16.32
CA LYS O 42 28.13 -98.42 -16.63
C LYS O 42 29.05 -98.11 -15.44
N PRO O 43 30.24 -98.73 -15.40
CA PRO O 43 31.12 -98.61 -14.24
C PRO O 43 31.69 -97.22 -13.96
N ASN O 44 31.29 -96.20 -14.71
CA ASN O 44 31.88 -94.87 -14.51
C ASN O 44 31.09 -93.71 -15.11
N VAL O 45 30.35 -93.93 -16.18
CA VAL O 45 29.71 -92.81 -16.87
C VAL O 45 28.61 -92.18 -16.00
N PRO O 46 28.34 -90.88 -16.21
CA PRO O 46 27.23 -90.25 -15.48
C PRO O 46 25.87 -90.83 -15.91
N VAL O 47 24.98 -91.02 -14.94
CA VAL O 47 23.63 -91.49 -15.21
C VAL O 47 22.64 -90.63 -14.47
N LEU O 48 21.58 -90.20 -15.17
CA LEU O 48 20.58 -89.34 -14.56
C LEU O 48 19.55 -90.19 -13.81
N LEU O 49 19.07 -89.64 -12.69
CA LEU O 49 18.09 -90.32 -11.85
C LEU O 49 16.87 -89.43 -11.66
N THR O 50 15.86 -89.96 -10.98
CA THR O 50 14.63 -89.21 -10.72
C THR O 50 13.89 -89.82 -9.53
N SER O 51 13.99 -91.13 -9.38
CA SER O 51 13.33 -91.84 -8.28
C SER O 51 14.13 -93.09 -7.92
N LYS O 52 13.75 -93.74 -6.83
CA LYS O 52 14.43 -94.95 -6.38
C LYS O 52 14.39 -96.05 -7.44
N LYS O 53 13.28 -96.14 -8.15
CA LYS O 53 13.13 -97.13 -9.22
C LYS O 53 14.19 -96.95 -10.29
N ASP O 54 14.39 -95.71 -10.72
CA ASP O 54 15.36 -95.40 -11.77
C ASP O 54 16.79 -95.59 -11.27
N ALA O 55 16.95 -95.55 -9.95
CA ALA O 55 18.27 -95.70 -9.32
C ALA O 55 18.57 -97.15 -8.97
N ALA O 56 17.53 -97.89 -8.59
CA ALA O 56 17.69 -99.29 -8.19
C ALA O 56 18.17 -100.15 -9.35
N ALA O 57 17.45 -100.07 -10.47
CA ALA O 57 17.79 -100.84 -11.65
C ALA O 57 19.11 -100.38 -12.26
N ALA O 58 19.54 -99.18 -11.90
CA ALA O 58 20.75 -98.58 -12.44
C ALA O 58 22.01 -99.15 -11.78
N PHE O 59 22.11 -98.97 -10.46
CA PHE O 59 23.29 -99.36 -9.70
C PHE O 59 23.08 -100.69 -9.00
N GLY O 60 21.88 -100.89 -8.46
CA GLY O 60 21.53 -102.12 -7.78
C GLY O 60 21.27 -101.88 -6.30
N ILE O 61 20.63 -102.86 -5.66
CA ILE O 61 20.33 -102.77 -4.24
C ILE O 61 21.54 -103.22 -3.42
N GLY O 62 21.77 -102.56 -2.28
CA GLY O 62 22.90 -102.89 -1.43
C GLY O 62 24.13 -102.10 -1.79
N SER O 63 24.17 -101.59 -3.01
CA SER O 63 25.28 -100.75 -3.47
C SER O 63 25.40 -99.53 -2.55
N SER O 64 26.61 -99.22 -2.13
CA SER O 64 26.87 -98.11 -1.22
C SER O 64 26.34 -96.78 -1.77
N ILE O 65 26.19 -96.71 -3.09
CA ILE O 65 25.68 -95.52 -3.74
C ILE O 65 24.17 -95.44 -3.63
N TYR O 66 23.52 -96.60 -3.64
CA TYR O 66 22.06 -96.66 -3.55
C TYR O 66 21.58 -96.27 -2.15
N LEU O 67 22.38 -96.57 -1.14
CA LEU O 67 22.06 -96.20 0.23
C LEU O 67 22.13 -94.67 0.39
N ALA O 68 22.86 -94.02 -0.51
CA ALA O 68 23.00 -92.56 -0.50
C ALA O 68 21.85 -91.92 -1.28
N CYS O 69 21.52 -92.51 -2.42
CA CYS O 69 20.41 -92.03 -3.25
C CYS O 69 19.08 -92.24 -2.52
N GLU O 70 18.93 -93.41 -1.91
CA GLU O 70 17.73 -93.73 -1.15
C GLU O 70 17.57 -92.76 0.02
N ALA O 71 18.69 -92.35 0.60
CA ALA O 71 18.68 -91.40 1.71
C ALA O 71 18.17 -90.04 1.26
N ILE O 72 18.40 -89.72 -0.01
CA ILE O 72 17.96 -88.45 -0.59
C ILE O 72 16.47 -88.51 -0.96
N TYR O 73 16.07 -89.58 -1.63
CA TYR O 73 14.69 -89.73 -2.11
C TYR O 73 13.73 -89.97 -0.95
N ASN O 74 14.23 -90.60 0.11
CA ASN O 74 13.45 -90.79 1.32
C ASN O 74 13.10 -89.45 1.94
N ARG O 75 14.10 -88.57 1.96
CA ARG O 75 13.92 -87.20 2.43
C ARG O 75 13.01 -86.41 1.50
N ALA O 76 13.53 -86.07 0.32
CA ALA O 76 12.76 -85.31 -0.66
C ALA O 76 13.27 -85.64 -2.06
N GLN O 77 12.32 -85.86 -2.98
CA GLN O 77 12.65 -86.24 -4.34
C GLN O 77 13.40 -85.13 -5.06
N ALA O 78 14.40 -85.50 -5.86
CA ALA O 78 15.20 -84.54 -6.58
C ALA O 78 15.98 -85.22 -7.70
N VAL O 79 16.46 -84.42 -8.64
CA VAL O 79 17.28 -84.92 -9.74
C VAL O 79 18.70 -85.17 -9.25
N ILE O 80 19.21 -86.36 -9.55
CA ILE O 80 20.56 -86.75 -9.14
C ILE O 80 21.34 -87.28 -10.34
N VAL O 81 22.20 -86.44 -10.90
CA VAL O 81 23.10 -86.87 -11.97
C VAL O 81 24.25 -87.63 -11.31
N ALA O 82 23.94 -88.83 -10.81
CA ALA O 82 24.91 -89.65 -10.11
C ALA O 82 25.95 -90.21 -11.07
N VAL O 83 27.15 -90.47 -10.56
CA VAL O 83 28.24 -91.02 -11.36
C VAL O 83 28.46 -92.48 -10.96
N GLY O 84 29.07 -92.68 -9.80
CA GLY O 84 29.33 -94.03 -9.30
C GLY O 84 30.52 -94.65 -9.98
N VAL O 85 31.42 -95.22 -9.16
CA VAL O 85 32.63 -95.85 -9.67
C VAL O 85 32.85 -97.19 -8.99
N GLU O 86 33.49 -98.12 -9.70
CA GLU O 86 33.75 -99.46 -9.17
C GLU O 86 34.63 -99.39 -7.93
N THR O 87 34.36 -100.26 -6.97
CA THR O 87 35.16 -100.33 -5.75
C THR O 87 36.57 -100.86 -6.08
N ALA O 88 37.58 -100.29 -5.42
CA ALA O 88 38.96 -100.68 -5.65
C ALA O 88 39.45 -101.60 -4.54
N GLU O 89 40.73 -101.99 -4.61
CA GLU O 89 41.33 -102.87 -3.63
C GLU O 89 41.48 -102.18 -2.28
N THR O 90 42.46 -101.30 -2.18
CA THR O 90 42.73 -100.55 -0.95
C THR O 90 41.83 -99.31 -0.88
N PRO O 91 41.49 -98.87 0.34
CA PRO O 91 40.61 -97.70 0.50
C PRO O 91 41.27 -96.41 0.02
N GLU O 92 42.60 -96.35 0.13
CA GLU O 92 43.34 -95.15 -0.28
C GLU O 92 43.29 -94.96 -1.79
N ALA O 93 43.63 -96.02 -2.52
CA ALA O 93 43.65 -95.98 -3.98
C ALA O 93 42.25 -95.88 -4.56
N GLN O 94 41.25 -96.19 -3.74
CA GLN O 94 39.86 -96.11 -4.19
C GLN O 94 39.47 -94.65 -4.40
N ALA O 95 40.06 -93.76 -3.62
CA ALA O 95 39.78 -92.33 -3.71
C ALA O 95 40.22 -91.77 -5.05
N SER O 96 41.18 -92.44 -5.69
CA SER O 96 41.67 -92.02 -7.00
C SER O 96 40.56 -92.15 -8.04
N ALA O 97 39.90 -93.30 -8.03
CA ALA O 97 38.77 -93.54 -8.93
C ALA O 97 37.62 -92.61 -8.62
N VAL O 98 37.49 -92.23 -7.35
CA VAL O 98 36.44 -91.32 -6.93
C VAL O 98 36.71 -89.93 -7.48
N ILE O 99 37.93 -89.44 -7.29
CA ILE O 99 38.32 -88.15 -7.85
C ILE O 99 38.30 -88.25 -9.37
N GLY O 100 39.03 -89.24 -9.90
CA GLY O 100 39.04 -89.50 -11.33
C GLY O 100 39.87 -88.49 -12.09
N GLY O 101 40.89 -88.98 -12.79
CA GLY O 101 41.75 -88.13 -13.58
C GLY O 101 41.05 -87.73 -14.87
N ILE O 102 41.20 -88.57 -15.90
CA ILE O 102 40.59 -88.30 -17.20
C ILE O 102 40.62 -89.53 -18.11
N SER O 103 41.55 -90.45 -17.84
CA SER O 103 41.67 -91.70 -18.58
C SER O 103 42.14 -91.46 -20.02
N ALA O 104 42.62 -92.53 -20.65
CA ALA O 104 43.12 -92.44 -22.02
C ALA O 104 41.98 -92.23 -23.02
N ALA O 105 40.76 -92.58 -22.60
CA ALA O 105 39.59 -92.44 -23.45
C ALA O 105 39.27 -90.96 -23.69
N GLY O 106 39.73 -90.11 -22.79
CA GLY O 106 39.51 -88.68 -22.90
C GLY O 106 38.30 -88.23 -22.11
N GLU O 107 37.36 -89.15 -21.90
CA GLU O 107 36.15 -88.84 -21.16
C GLU O 107 36.43 -88.68 -19.68
N ARG O 108 35.97 -87.56 -19.10
CA ARG O 108 36.18 -87.27 -17.69
C ARG O 108 35.65 -88.38 -16.79
N THR O 109 36.54 -88.95 -15.99
CA THR O 109 36.17 -90.05 -15.10
C THR O 109 35.94 -89.58 -13.68
N GLY O 110 35.30 -90.43 -12.88
CA GLY O 110 35.11 -90.17 -11.47
C GLY O 110 34.30 -88.92 -11.19
N LEU O 111 34.61 -88.28 -10.07
CA LEU O 111 33.89 -87.10 -9.61
C LEU O 111 33.90 -85.95 -10.62
N GLN O 112 34.94 -85.89 -11.44
CA GLN O 112 35.07 -84.83 -12.43
C GLN O 112 34.11 -85.01 -13.60
N ALA O 113 33.46 -86.17 -13.65
CA ALA O 113 32.51 -86.48 -14.73
C ALA O 113 31.25 -85.64 -14.60
N LEU O 114 31.06 -84.99 -13.46
CA LEU O 114 29.86 -84.20 -13.21
C LEU O 114 29.76 -83.00 -14.14
N LEU O 115 30.90 -82.56 -14.67
CA LEU O 115 30.92 -81.44 -15.60
C LEU O 115 30.17 -81.77 -16.89
N ASP O 116 30.00 -83.07 -17.15
CA ASP O 116 29.32 -83.53 -18.35
C ASP O 116 27.80 -83.55 -18.17
N GLY O 117 27.36 -83.51 -16.91
CA GLY O 117 25.94 -83.58 -16.60
C GLY O 117 25.13 -82.43 -17.19
N LYS O 118 25.81 -81.32 -17.45
CA LYS O 118 25.15 -80.14 -18.01
C LYS O 118 24.93 -80.30 -19.52
N SER O 119 25.95 -80.78 -20.21
CA SER O 119 25.92 -80.92 -21.67
C SER O 119 25.48 -82.31 -22.09
N ARG O 120 24.62 -82.93 -21.28
CA ARG O 120 24.07 -84.25 -21.60
C ARG O 120 22.64 -84.41 -21.09
N PHE O 121 22.37 -83.86 -19.91
CA PHE O 121 21.06 -83.99 -19.27
C PHE O 121 20.42 -82.63 -19.01
N ASN O 122 21.10 -81.56 -19.44
CA ASN O 122 20.60 -80.20 -19.21
C ASN O 122 20.31 -79.95 -17.73
N ALA O 123 21.03 -80.65 -16.86
CA ALA O 123 20.84 -80.55 -15.42
C ALA O 123 22.21 -80.42 -14.75
N GLN O 124 22.69 -79.18 -14.70
CA GLN O 124 23.98 -78.91 -14.07
C GLN O 124 23.91 -79.22 -12.57
N PRO O 125 24.69 -80.22 -12.11
CA PRO O 125 24.65 -80.52 -10.67
C PRO O 125 25.14 -79.35 -9.83
N ARG O 126 24.21 -78.54 -9.33
CA ARG O 126 24.55 -77.37 -8.54
C ARG O 126 24.49 -77.71 -7.05
N LEU O 127 24.93 -78.92 -6.73
CA LEU O 127 24.93 -79.40 -5.34
C LEU O 127 25.72 -80.69 -5.25
N LEU O 128 27.03 -80.57 -5.11
CA LEU O 128 27.92 -81.74 -5.06
C LEU O 128 27.78 -82.48 -3.73
N VAL O 129 28.22 -83.73 -3.74
CA VAL O 129 28.16 -84.59 -2.56
C VAL O 129 28.91 -85.89 -2.87
N ALA O 130 29.64 -86.39 -1.88
CA ALA O 130 30.43 -87.61 -2.05
C ALA O 130 30.45 -88.40 -0.73
N PRO O 131 29.35 -89.11 -0.43
CA PRO O 131 29.22 -89.85 0.84
C PRO O 131 30.33 -90.89 1.03
N GLY O 132 30.92 -90.92 2.22
CA GLY O 132 31.99 -91.84 2.52
C GLY O 132 33.34 -91.29 2.14
N HIS O 133 33.46 -90.84 0.88
CA HIS O 133 34.69 -90.27 0.36
C HIS O 133 34.70 -88.75 0.48
N SER O 134 35.05 -88.25 1.66
CA SER O 134 35.16 -86.82 1.90
C SER O 134 36.03 -86.55 3.14
N ALA O 135 36.09 -87.50 4.06
CA ALA O 135 36.95 -87.39 5.24
C ALA O 135 38.42 -87.34 4.84
N GLN O 136 38.72 -87.91 3.67
CA GLN O 136 40.09 -87.87 3.15
C GLN O 136 40.41 -86.47 2.61
N GLN O 137 41.57 -85.94 2.99
CA GLN O 137 42.01 -84.60 2.61
C GLN O 137 42.09 -84.46 1.10
N ALA O 138 42.35 -85.57 0.41
CA ALA O 138 42.56 -85.56 -1.04
C ALA O 138 41.30 -85.22 -1.82
N VAL O 139 40.32 -86.12 -1.73
CA VAL O 139 39.07 -85.99 -2.49
C VAL O 139 38.30 -84.73 -2.12
N ALA O 140 38.54 -84.23 -0.91
CA ALA O 140 37.82 -83.06 -0.41
C ALA O 140 38.16 -81.81 -1.22
N THR O 141 39.42 -81.69 -1.64
CA THR O 141 39.87 -80.54 -2.42
C THR O 141 39.31 -80.60 -3.84
N ALA O 142 39.17 -81.80 -4.38
CA ALA O 142 38.59 -82.00 -5.69
C ALA O 142 37.13 -81.51 -5.70
N MET O 143 36.46 -81.73 -4.59
CA MET O 143 35.09 -81.25 -4.41
C MET O 143 35.05 -79.73 -4.36
N ASP O 144 36.12 -79.15 -3.83
CA ASP O 144 36.24 -77.70 -3.72
C ASP O 144 36.46 -77.08 -5.09
N GLY O 145 37.42 -77.63 -5.83
CA GLY O 145 37.77 -77.09 -7.13
C GLY O 145 36.67 -77.29 -8.14
N LEU O 146 35.98 -78.42 -8.03
CA LEU O 146 34.91 -78.77 -8.95
C LEU O 146 33.68 -77.90 -8.74
N ALA O 147 33.43 -77.52 -7.49
CA ALA O 147 32.25 -76.71 -7.14
C ALA O 147 32.30 -75.36 -7.84
N GLU O 148 33.50 -74.80 -7.97
CA GLU O 148 33.67 -73.49 -8.59
C GLU O 148 33.42 -73.56 -10.10
N LYS O 149 33.61 -74.74 -10.68
CA LYS O 149 33.35 -74.96 -12.09
C LYS O 149 31.85 -75.05 -12.34
N LEU O 150 31.14 -75.59 -11.36
CA LEU O 150 29.70 -75.79 -11.45
C LEU O 150 28.92 -74.75 -10.64
N ARG O 151 29.64 -73.89 -9.92
CA ARG O 151 29.02 -72.91 -9.03
C ARG O 151 28.09 -73.59 -8.04
N ALA O 152 28.50 -74.78 -7.56
CA ALA O 152 27.68 -75.58 -6.67
C ALA O 152 28.11 -75.38 -5.22
N ILE O 153 27.60 -76.23 -4.33
CA ILE O 153 27.96 -76.19 -2.93
C ILE O 153 28.29 -77.60 -2.46
N ALA O 154 29.57 -77.94 -2.51
CA ALA O 154 30.04 -79.27 -2.15
C ALA O 154 29.83 -79.56 -0.66
N ILE O 155 28.99 -80.55 -0.36
CA ILE O 155 28.73 -80.96 1.02
C ILE O 155 29.70 -82.07 1.42
N LEU O 156 30.67 -81.71 2.26
CA LEU O 156 31.63 -82.68 2.78
C LEU O 156 31.06 -83.41 3.98
N ASP O 157 31.85 -84.31 4.55
CA ASP O 157 31.45 -85.04 5.76
C ASP O 157 32.69 -85.49 6.51
N GLY O 158 33.13 -84.69 7.48
CA GLY O 158 34.34 -84.97 8.22
C GLY O 158 34.25 -86.22 9.07
N PRO O 159 35.39 -86.72 9.55
CA PRO O 159 35.44 -87.95 10.35
C PRO O 159 34.78 -87.77 11.70
N ASN O 160 34.18 -88.83 12.23
CA ASN O 160 33.56 -88.80 13.54
C ASN O 160 34.62 -88.74 14.64
N SER O 161 34.95 -89.89 15.21
CA SER O 161 35.97 -89.97 16.25
C SER O 161 35.68 -89.00 17.39
N THR O 162 35.93 -87.73 17.15
CA THR O 162 35.71 -86.69 18.17
C THR O 162 35.60 -85.31 17.52
N ASP O 163 35.28 -84.31 18.33
CA ASP O 163 35.09 -82.94 17.86
C ASP O 163 36.41 -82.28 17.49
N GLU O 164 37.46 -82.63 18.24
CA GLU O 164 38.79 -82.06 18.03
C GLU O 164 39.28 -82.36 16.62
N ALA O 165 38.95 -83.55 16.12
CA ALA O 165 39.37 -83.98 14.78
C ALA O 165 38.56 -83.29 13.68
N ALA O 166 37.36 -82.83 14.04
CA ALA O 166 36.47 -82.18 13.08
C ALA O 166 36.88 -80.73 12.87
N VAL O 167 37.26 -80.06 13.95
CA VAL O 167 37.69 -78.66 13.87
C VAL O 167 39.03 -78.55 13.15
N ALA O 168 39.94 -79.48 13.45
CA ALA O 168 41.26 -79.48 12.83
C ALA O 168 41.18 -79.79 11.34
N TYR O 169 40.06 -80.38 10.92
CA TYR O 169 39.84 -80.74 9.53
C TYR O 169 39.28 -79.56 8.73
N ALA O 170 38.38 -78.81 9.34
CA ALA O 170 37.75 -77.66 8.70
C ALA O 170 38.75 -76.52 8.56
N LYS O 171 39.73 -76.48 9.46
CA LYS O 171 40.76 -75.44 9.44
C LYS O 171 41.55 -75.45 8.13
N ASN O 172 41.45 -76.55 7.39
CA ASN O 172 42.18 -76.70 6.14
C ASN O 172 41.57 -75.87 5.02
N PHE O 173 40.26 -75.97 4.86
CA PHE O 173 39.55 -75.32 3.77
C PHE O 173 39.14 -73.90 4.15
N GLY O 174 38.67 -73.14 3.17
CA GLY O 174 38.19 -71.79 3.39
C GLY O 174 37.45 -71.21 2.19
N SER O 175 36.92 -72.09 1.35
CA SER O 175 36.23 -71.66 0.13
C SER O 175 34.74 -71.45 0.37
N LYS O 176 34.16 -70.54 -0.41
CA LYS O 176 32.73 -70.24 -0.32
C LYS O 176 31.86 -71.47 -0.47
N ARG O 177 32.33 -72.41 -1.30
CA ARG O 177 31.52 -73.56 -1.72
C ARG O 177 31.90 -74.84 -0.99
N LEU O 178 31.77 -74.82 0.33
CA LEU O 178 32.01 -75.99 1.15
C LEU O 178 31.14 -75.94 2.39
N PHE O 179 30.31 -76.96 2.55
CA PHE O 179 29.38 -77.03 3.67
C PHE O 179 29.50 -78.39 4.34
N MET O 180 30.45 -78.50 5.27
CA MET O 180 30.76 -79.78 5.90
C MET O 180 29.86 -80.06 7.08
N VAL O 181 29.61 -81.35 7.31
CA VAL O 181 28.86 -81.82 8.47
C VAL O 181 29.71 -82.87 9.18
N ASP O 182 29.92 -82.67 10.47
CA ASP O 182 30.85 -83.51 11.22
C ASP O 182 30.23 -84.80 11.77
N PRO O 183 29.23 -84.69 12.66
CA PRO O 183 28.70 -85.91 13.29
C PRO O 183 28.03 -86.85 12.28
N GLY O 184 28.54 -88.06 12.15
CA GLY O 184 28.02 -89.02 11.19
C GLY O 184 26.76 -89.69 11.72
N VAL O 185 25.62 -89.31 11.16
CA VAL O 185 24.34 -89.90 11.53
C VAL O 185 24.32 -91.39 11.18
N GLN O 186 23.63 -92.18 11.99
CA GLN O 186 23.54 -93.62 11.75
C GLN O 186 22.12 -93.99 11.30
N VAL O 187 22.03 -94.72 10.20
CA VAL O 187 20.76 -95.14 9.63
C VAL O 187 20.57 -96.64 9.85
N TRP O 188 19.32 -97.08 9.84
CA TRP O 188 19.01 -98.49 9.97
C TRP O 188 19.07 -99.18 8.60
N ASP O 189 20.20 -99.82 8.31
CA ASP O 189 20.38 -100.51 7.04
C ASP O 189 19.43 -101.69 6.92
N SER O 190 18.86 -101.88 5.74
CA SER O 190 17.90 -102.96 5.51
C SER O 190 18.62 -104.31 5.37
N ALA O 191 19.79 -104.29 4.75
CA ALA O 191 20.54 -105.51 4.49
C ALA O 191 21.15 -106.08 5.77
N THR O 192 21.67 -105.19 6.61
CA THR O 192 22.33 -105.59 7.85
C THR O 192 21.30 -105.89 8.93
N ASN O 193 20.11 -105.30 8.80
CA ASN O 193 19.02 -105.48 9.77
C ASN O 193 19.43 -105.02 11.17
N ALA O 194 20.19 -103.93 11.22
CA ALA O 194 20.62 -103.35 12.49
C ALA O 194 21.17 -101.94 12.26
N ALA O 195 21.75 -101.36 13.31
CA ALA O 195 22.33 -100.03 13.22
C ALA O 195 23.48 -100.02 12.23
N ARG O 196 23.72 -98.86 11.63
CA ARG O 196 24.76 -98.73 10.61
C ARG O 196 25.11 -97.26 10.39
N ASN O 197 26.35 -96.91 10.71
CA ASN O 197 26.80 -95.52 10.59
C ASN O 197 26.88 -95.07 9.13
N ALA O 198 26.41 -93.86 8.88
CA ALA O 198 26.40 -93.28 7.54
C ALA O 198 27.25 -92.00 7.52
N PRO O 199 27.67 -91.56 6.32
CA PRO O 199 28.48 -90.34 6.20
C PRO O 199 27.70 -89.05 6.43
N ALA O 200 26.37 -89.13 6.45
CA ALA O 200 25.50 -87.97 6.70
C ALA O 200 25.68 -86.89 5.64
N SER O 201 26.29 -87.26 4.52
CA SER O 201 26.55 -86.32 3.43
C SER O 201 25.33 -86.23 2.52
N ALA O 202 24.84 -87.39 2.09
CA ALA O 202 23.69 -87.47 1.21
C ALA O 202 22.42 -87.02 1.91
N TYR O 203 22.34 -87.29 3.22
CA TYR O 203 21.18 -86.88 4.01
C TYR O 203 21.08 -85.37 4.08
N ALA O 204 22.23 -84.71 4.23
CA ALA O 204 22.29 -83.26 4.26
C ALA O 204 22.06 -82.68 2.87
N ALA O 205 22.36 -83.46 1.84
CA ALA O 205 22.16 -83.04 0.46
C ALA O 205 20.69 -83.08 0.08
N GLY O 206 20.05 -84.21 0.38
CA GLY O 206 18.63 -84.38 0.12
C GLY O 206 17.82 -83.38 0.93
N LEU O 207 18.35 -83.04 2.10
CA LEU O 207 17.71 -82.06 2.99
C LEU O 207 17.60 -80.70 2.31
N PHE O 208 18.64 -80.31 1.59
CA PHE O 208 18.61 -79.05 0.84
C PHE O 208 17.50 -79.10 -0.22
N ALA O 209 17.47 -80.20 -0.97
CA ALA O 209 16.53 -80.38 -2.07
C ALA O 209 15.09 -80.27 -1.58
N TRP O 210 14.88 -80.59 -0.31
CA TRP O 210 13.56 -80.52 0.31
C TRP O 210 13.15 -79.06 0.51
N THR O 211 14.07 -78.25 1.03
CA THR O 211 13.83 -76.84 1.30
C THR O 211 13.78 -76.03 0.01
N ASP O 212 14.64 -76.41 -0.94
CA ASP O 212 14.73 -75.71 -2.21
C ASP O 212 13.46 -75.89 -3.04
N ALA O 213 12.90 -77.09 -2.99
CA ALA O 213 11.67 -77.39 -3.71
C ALA O 213 10.47 -76.81 -2.97
N GLU O 214 10.58 -76.73 -1.64
CA GLU O 214 9.51 -76.24 -0.80
C GLU O 214 9.53 -74.71 -0.70
N TYR O 215 10.40 -74.20 0.17
CA TYR O 215 10.52 -72.76 0.39
C TYR O 215 11.16 -72.11 -0.82
N GLY O 216 12.39 -72.54 -1.12
CA GLY O 216 13.16 -71.99 -2.22
C GLY O 216 14.65 -72.13 -1.98
N PHE O 217 15.43 -72.00 -3.05
CA PHE O 217 16.88 -72.07 -2.95
C PHE O 217 17.42 -71.00 -2.01
N TRP O 218 16.69 -69.88 -1.95
CA TRP O 218 17.08 -68.77 -1.09
C TRP O 218 16.81 -69.09 0.38
N SER O 219 15.97 -70.09 0.64
CA SER O 219 15.67 -70.48 2.00
C SER O 219 16.84 -71.25 2.60
N SER O 220 17.12 -71.02 3.88
CA SER O 220 18.20 -71.71 4.56
C SER O 220 17.79 -73.16 4.85
N PRO O 221 18.72 -74.11 4.67
CA PRO O 221 18.41 -75.53 4.91
C PRO O 221 18.44 -75.90 6.39
N SER O 222 19.24 -75.18 7.18
CA SER O 222 19.44 -75.48 8.59
C SER O 222 18.11 -75.51 9.36
N ASN O 223 18.13 -76.14 10.53
CA ASN O 223 16.96 -76.21 11.40
C ASN O 223 15.78 -76.89 10.71
N LYS O 224 16.09 -77.85 9.83
CA LYS O 224 15.05 -78.64 9.17
C LYS O 224 15.32 -80.12 9.46
N GLU O 225 14.28 -80.82 9.87
CA GLU O 225 14.41 -82.20 10.33
C GLU O 225 14.73 -83.14 9.17
N ILE O 226 15.64 -84.08 9.43
CA ILE O 226 16.04 -85.06 8.44
C ILE O 226 15.43 -86.42 8.75
N LYS O 227 14.92 -87.09 7.73
CA LYS O 227 14.30 -88.40 7.88
C LYS O 227 15.28 -89.52 7.54
N GLY O 228 14.90 -90.75 7.80
CA GLY O 228 15.74 -91.90 7.50
C GLY O 228 16.94 -91.98 8.41
N VAL O 229 16.67 -91.83 9.70
CA VAL O 229 17.73 -91.83 10.72
C VAL O 229 17.30 -92.70 11.89
N THR O 230 18.18 -92.87 12.87
CA THR O 230 17.88 -93.69 14.05
C THR O 230 18.96 -93.55 15.12
N GLY O 231 19.55 -92.35 15.21
CA GLY O 231 20.61 -92.09 16.17
C GLY O 231 21.74 -91.36 15.46
N THR O 232 22.70 -90.84 16.23
CA THR O 232 23.81 -90.09 15.67
C THR O 232 25.11 -90.44 16.39
N SER O 233 26.13 -90.80 15.62
CA SER O 233 27.44 -91.10 16.16
C SER O 233 27.98 -89.89 16.92
N ARG O 234 28.43 -90.13 18.15
CA ARG O 234 28.93 -89.07 19.03
C ARG O 234 27.81 -88.05 19.30
N PRO O 235 27.01 -88.28 20.36
CA PRO O 235 25.87 -87.40 20.62
C PRO O 235 26.29 -85.98 20.93
N VAL O 236 26.20 -85.10 19.93
CA VAL O 236 26.52 -83.70 20.09
C VAL O 236 25.46 -83.04 20.99
N GLU O 237 25.90 -82.52 22.13
CA GLU O 237 24.99 -81.97 23.12
C GLU O 237 24.44 -80.62 22.66
N PHE O 238 23.21 -80.31 23.09
CA PHE O 238 22.61 -79.02 22.79
C PHE O 238 21.62 -78.63 23.89
N LEU O 239 21.94 -77.58 24.62
CA LEU O 239 21.08 -77.09 25.69
C LEU O 239 19.90 -76.31 25.12
N ASP O 240 19.02 -75.85 26.00
CA ASP O 240 17.84 -75.10 25.57
C ASP O 240 18.24 -73.77 24.94
N GLY O 241 19.22 -73.10 25.54
CA GLY O 241 19.68 -71.82 25.05
C GLY O 241 20.92 -71.34 25.80
N ASP O 242 22.08 -71.79 25.35
CA ASP O 242 23.34 -71.38 25.95
C ASP O 242 24.50 -71.62 24.99
N GLU O 243 25.44 -70.69 24.96
CA GLU O 243 26.60 -70.79 24.09
C GLU O 243 27.60 -71.84 24.58
N THR O 244 27.35 -72.36 25.77
CA THR O 244 28.24 -73.34 26.38
C THR O 244 28.08 -74.71 25.74
N CYS O 245 26.95 -74.94 25.07
CA CYS O 245 26.69 -76.22 24.44
C CYS O 245 27.69 -76.48 23.32
N ARG O 246 27.97 -77.74 23.05
CA ARG O 246 29.02 -78.13 22.11
C ARG O 246 28.55 -77.97 20.67
N ALA O 247 27.24 -78.05 20.45
CA ALA O 247 26.67 -77.91 19.11
C ALA O 247 27.02 -76.53 18.54
N ASN O 248 27.16 -75.56 19.42
CA ASN O 248 27.48 -74.18 19.03
C ASN O 248 28.95 -74.02 18.64
N LEU O 249 29.83 -74.67 19.41
CA LEU O 249 31.27 -74.55 19.22
C LEU O 249 31.70 -75.02 17.84
N LEU O 250 31.04 -76.04 17.32
CA LEU O 250 31.36 -76.55 15.99
C LEU O 250 30.91 -75.58 14.90
N ASN O 251 29.80 -74.87 15.16
CA ASN O 251 29.31 -73.86 14.22
C ASN O 251 30.25 -72.67 14.12
N ASN O 252 30.98 -72.41 15.19
CA ASN O 252 31.99 -71.35 15.20
C ASN O 252 33.14 -71.70 14.27
N ALA O 253 33.38 -73.00 14.11
CA ALA O 253 34.41 -73.48 13.20
C ALA O 253 33.82 -73.79 11.83
N ASN O 254 32.63 -73.23 11.56
CA ASN O 254 31.95 -73.42 10.28
C ASN O 254 31.68 -74.91 10.04
N ILE O 255 30.82 -75.49 10.86
CA ILE O 255 30.48 -76.91 10.74
C ILE O 255 29.00 -77.14 11.03
N ALA O 256 28.38 -77.95 10.19
CA ALA O 256 26.99 -78.35 10.37
C ALA O 256 26.92 -79.54 11.32
N THR O 257 25.85 -79.62 12.11
CA THR O 257 25.71 -80.70 13.08
C THR O 257 24.25 -81.12 13.24
N ILE O 258 24.05 -82.40 13.54
CA ILE O 258 22.72 -82.95 13.79
C ILE O 258 22.50 -83.01 15.29
N ILE O 259 21.53 -82.24 15.78
CA ILE O 259 21.31 -82.09 17.20
C ILE O 259 20.23 -83.01 17.74
N ARG O 260 20.20 -83.13 19.06
CA ARG O 260 19.20 -83.92 19.79
C ARG O 260 19.26 -85.40 19.45
N ASP O 261 18.46 -86.18 20.17
CA ASP O 261 18.45 -87.63 20.04
C ASP O 261 18.02 -88.06 18.65
N ASP O 262 18.27 -89.32 18.31
CA ASP O 262 17.85 -89.89 17.04
C ASP O 262 18.44 -89.14 15.85
N GLY O 263 17.94 -87.93 15.62
CA GLY O 263 18.37 -87.11 14.50
C GLY O 263 17.30 -86.07 14.24
N TYR O 264 17.01 -85.29 15.27
CA TYR O 264 15.92 -84.33 15.25
C TYR O 264 16.05 -83.36 14.08
N ARG O 265 17.19 -82.69 13.98
CA ARG O 265 17.40 -81.73 12.91
C ARG O 265 18.87 -81.35 12.72
N LEU O 266 19.18 -80.83 11.54
CA LEU O 266 20.52 -80.37 11.20
C LEU O 266 20.55 -78.85 11.12
N TRP O 267 21.66 -78.25 11.53
CA TRP O 267 21.86 -76.81 11.36
C TRP O 267 23.34 -76.43 11.36
N GLY O 268 23.61 -75.16 11.09
CA GLY O 268 24.97 -74.66 10.99
C GLY O 268 25.17 -74.03 9.63
N ASN O 269 24.56 -72.87 9.44
CA ASN O 269 24.55 -72.20 8.14
C ASN O 269 25.94 -71.78 7.68
N ARG O 270 26.85 -71.61 8.63
CA ARG O 270 28.21 -71.17 8.31
C ARG O 270 28.91 -72.14 7.37
N THR O 271 29.22 -71.65 6.18
CA THR O 271 30.01 -72.43 5.22
C THR O 271 31.49 -72.21 5.52
N LEU O 272 32.30 -73.22 5.23
CA LEU O 272 33.74 -73.14 5.50
C LEU O 272 34.39 -72.03 4.69
N SER O 273 34.13 -70.78 5.07
CA SER O 273 34.63 -69.63 4.32
C SER O 273 35.28 -68.60 5.26
N SER O 274 36.44 -68.09 4.84
CA SER O 274 37.16 -67.08 5.60
C SER O 274 36.47 -65.72 5.48
N ASP O 275 36.11 -65.35 4.26
CA ASP O 275 35.44 -64.08 4.01
C ASP O 275 34.06 -64.08 4.67
N SER O 276 33.86 -63.18 5.63
CA SER O 276 32.62 -63.11 6.39
C SER O 276 31.44 -62.65 5.51
N LYS O 277 31.75 -62.13 4.33
CA LYS O 277 30.72 -61.70 3.39
C LYS O 277 29.91 -62.90 2.89
N TRP O 278 30.61 -64.02 2.69
CA TRP O 278 29.98 -65.25 2.21
C TRP O 278 29.90 -66.26 3.35
N ALA O 279 29.56 -65.78 4.54
CA ALA O 279 29.53 -66.62 5.73
C ALA O 279 28.40 -67.64 5.64
N PHE O 280 27.23 -67.19 5.19
CA PHE O 280 26.08 -68.07 5.08
C PHE O 280 26.14 -68.88 3.78
N VAL O 281 25.69 -70.13 3.87
CA VAL O 281 25.60 -70.99 2.69
C VAL O 281 24.49 -70.48 1.78
N THR O 282 23.55 -69.73 2.37
CA THR O 282 22.43 -69.17 1.62
C THR O 282 22.91 -68.20 0.54
N ARG O 283 23.73 -67.22 0.95
CA ARG O 283 24.22 -66.20 0.03
C ARG O 283 24.95 -66.82 -1.16
N VAL O 284 25.78 -67.81 -0.87
CA VAL O 284 26.53 -68.50 -1.92
C VAL O 284 25.59 -69.23 -2.86
N ARG O 285 24.46 -69.67 -2.33
CA ARG O 285 23.49 -70.45 -3.09
C ARG O 285 22.59 -69.58 -3.97
N THR O 286 22.30 -68.37 -3.50
CA THR O 286 21.47 -67.43 -4.24
C THR O 286 22.28 -66.70 -5.31
N MET O 287 23.51 -66.36 -4.96
CA MET O 287 24.38 -65.59 -5.84
C MET O 287 24.82 -66.43 -7.04
N ASP O 288 25.18 -67.69 -6.75
CA ASP O 288 25.60 -68.61 -7.81
C ASP O 288 24.43 -68.94 -8.73
N LEU O 289 23.22 -68.65 -8.28
CA LEU O 289 22.01 -68.96 -9.06
C LEU O 289 21.65 -67.79 -9.99
N VAL O 290 21.56 -66.60 -9.43
CA VAL O 290 21.21 -65.41 -10.21
C VAL O 290 22.29 -65.09 -11.25
N MET O 291 23.52 -65.47 -10.93
CA MET O 291 24.63 -65.29 -11.86
C MET O 291 24.46 -66.21 -13.05
N ASP O 292 24.26 -67.50 -12.78
CA ASP O 292 24.08 -68.49 -13.83
C ASP O 292 22.80 -68.23 -14.62
N ALA O 293 21.85 -67.55 -14.00
CA ALA O 293 20.59 -67.21 -14.64
C ALA O 293 20.78 -66.07 -15.64
N ILE O 294 21.48 -65.04 -15.21
CA ILE O 294 21.76 -63.88 -16.05
C ILE O 294 22.70 -64.28 -17.18
N LEU O 295 23.63 -65.17 -16.88
CA LEU O 295 24.57 -65.67 -17.87
C LEU O 295 23.84 -66.42 -18.96
N ALA O 296 23.11 -67.47 -18.57
CA ALA O 296 22.39 -68.32 -19.51
C ALA O 296 21.11 -67.64 -20.02
N GLY O 297 20.70 -66.57 -19.36
CA GLY O 297 19.47 -65.89 -19.70
C GLY O 297 19.62 -64.95 -20.89
N HIS O 298 20.66 -64.13 -20.85
CA HIS O 298 20.90 -63.14 -21.89
C HIS O 298 21.81 -63.70 -22.98
N LYS O 299 21.57 -64.95 -23.35
CA LYS O 299 22.28 -65.59 -24.45
C LYS O 299 21.64 -65.20 -25.78
N TRP O 300 20.42 -64.67 -25.71
CA TRP O 300 19.69 -64.22 -26.89
C TRP O 300 20.27 -62.91 -27.41
N ALA O 301 20.77 -62.10 -26.49
CA ALA O 301 21.28 -60.78 -26.83
C ALA O 301 22.59 -60.92 -27.60
N VAL O 302 23.71 -60.90 -26.86
CA VAL O 302 25.05 -60.99 -27.45
C VAL O 302 25.17 -59.92 -28.54
N ASP O 303 25.88 -60.21 -29.62
CA ASP O 303 26.11 -59.23 -30.67
C ASP O 303 24.78 -58.83 -31.33
N ARG O 304 24.34 -57.62 -31.01
CA ARG O 304 23.09 -57.08 -31.54
C ARG O 304 23.13 -55.56 -31.48
N GLY O 305 22.36 -54.90 -32.34
CA GLY O 305 22.34 -53.45 -32.40
C GLY O 305 22.12 -52.80 -31.05
N ILE O 306 23.16 -52.14 -30.55
CA ILE O 306 23.11 -51.55 -29.21
C ILE O 306 22.43 -50.17 -29.26
N THR O 307 21.18 -50.16 -29.72
CA THR O 307 20.39 -48.94 -29.74
C THR O 307 19.84 -48.66 -28.35
N LYS O 308 19.40 -47.43 -28.11
CA LYS O 308 18.82 -47.04 -26.83
C LYS O 308 17.70 -47.99 -26.40
N THR O 309 17.00 -48.54 -27.39
CA THR O 309 15.92 -49.50 -27.11
C THR O 309 16.49 -50.77 -26.52
N TYR O 310 17.57 -51.27 -27.13
CA TYR O 310 18.20 -52.52 -26.70
C TYR O 310 18.67 -52.44 -25.25
N VAL O 311 19.26 -51.30 -24.87
CA VAL O 311 19.74 -51.11 -23.50
C VAL O 311 18.57 -51.17 -22.53
N LYS O 312 17.48 -50.47 -22.86
CA LYS O 312 16.28 -50.48 -22.04
C LYS O 312 15.61 -51.86 -22.01
N ASP O 313 15.67 -52.57 -23.14
CA ASP O 313 15.08 -53.90 -23.22
C ASP O 313 15.79 -54.86 -22.27
N VAL O 314 17.10 -54.69 -22.16
CA VAL O 314 17.90 -55.51 -21.25
C VAL O 314 17.75 -54.98 -19.82
N THR O 315 17.73 -53.66 -19.68
CA THR O 315 17.54 -53.04 -18.37
C THR O 315 16.20 -53.43 -17.77
N GLU O 316 15.14 -53.32 -18.57
CA GLU O 316 13.80 -53.71 -18.13
C GLU O 316 13.72 -55.22 -17.93
N GLY O 317 14.62 -55.95 -18.57
CA GLY O 317 14.69 -57.40 -18.42
C GLY O 317 15.14 -57.78 -17.03
N LEU O 318 16.03 -56.97 -16.47
CA LEU O 318 16.52 -57.16 -15.11
C LEU O 318 15.56 -56.57 -14.09
N ARG O 319 14.92 -55.46 -14.45
CA ARG O 319 13.91 -54.83 -13.60
C ARG O 319 12.81 -55.82 -13.26
N ALA O 320 12.21 -56.40 -14.30
CA ALA O 320 11.12 -57.34 -14.14
C ALA O 320 11.61 -58.62 -13.48
N PHE O 321 12.80 -59.07 -13.87
CA PHE O 321 13.36 -60.31 -13.35
C PHE O 321 13.58 -60.24 -11.84
N MET O 322 14.33 -59.23 -11.41
CA MET O 322 14.63 -59.06 -9.98
C MET O 322 13.38 -58.82 -9.16
N ARG O 323 12.40 -58.16 -9.77
CA ARG O 323 11.14 -57.89 -9.08
C ARG O 323 10.35 -59.17 -8.87
N ASP O 324 10.59 -60.17 -9.72
CA ASP O 324 9.97 -61.48 -9.56
C ASP O 324 10.65 -62.24 -8.41
N LEU O 325 11.85 -61.82 -8.06
CA LEU O 325 12.58 -62.40 -6.93
C LEU O 325 12.22 -61.68 -5.63
N LYS O 326 11.90 -60.40 -5.74
CA LYS O 326 11.59 -59.58 -4.59
C LYS O 326 10.26 -59.99 -3.96
N ASN O 327 9.20 -59.94 -4.76
CA ASN O 327 7.87 -60.31 -4.29
C ASN O 327 7.80 -61.79 -3.92
N GLN O 328 8.66 -62.58 -4.54
CA GLN O 328 8.76 -64.01 -4.23
C GLN O 328 9.46 -64.22 -2.89
N GLY O 329 10.29 -63.26 -2.50
CA GLY O 329 10.98 -63.29 -1.22
C GLY O 329 12.43 -63.76 -1.33
N ALA O 330 12.92 -63.89 -2.56
CA ALA O 330 14.29 -64.33 -2.78
C ALA O 330 15.28 -63.25 -2.36
N VAL O 331 14.88 -62.00 -2.56
CA VAL O 331 15.70 -60.85 -2.20
C VAL O 331 14.84 -59.80 -1.49
N ILE O 332 15.46 -58.99 -0.63
CA ILE O 332 14.74 -57.95 0.07
C ILE O 332 14.48 -56.79 -0.88
N ASN O 333 15.53 -56.29 -1.51
CA ASN O 333 15.41 -55.21 -2.47
C ASN O 333 16.60 -55.22 -3.42
N PHE O 334 16.43 -54.58 -4.57
CA PHE O 334 17.45 -54.58 -5.62
C PHE O 334 17.57 -53.23 -6.29
N GLU O 335 18.47 -53.16 -7.26
CA GLU O 335 18.69 -51.95 -8.04
C GLU O 335 19.59 -52.28 -9.22
N VAL O 336 19.10 -52.05 -10.43
CA VAL O 336 19.85 -52.37 -11.64
C VAL O 336 19.82 -51.16 -12.59
N TYR O 337 20.94 -50.92 -13.25
CA TYR O 337 21.08 -49.77 -14.13
C TYR O 337 22.39 -49.84 -14.90
N ALA O 338 22.54 -48.97 -15.90
CA ALA O 338 23.75 -48.89 -16.70
C ALA O 338 24.68 -47.82 -16.13
N ASP O 339 25.88 -48.22 -15.74
CA ASP O 339 26.83 -47.29 -15.13
C ASP O 339 27.29 -46.23 -16.14
N PRO O 340 27.23 -44.95 -15.77
CA PRO O 340 27.71 -43.89 -16.68
C PRO O 340 29.19 -43.98 -16.99
N ASP O 341 30.01 -44.25 -15.97
CA ASP O 341 31.46 -44.24 -16.12
C ASP O 341 31.96 -45.43 -16.95
N LEU O 342 31.43 -46.61 -16.66
CA LEU O 342 31.84 -47.82 -17.38
C LEU O 342 31.47 -47.75 -18.85
N ASN O 343 30.19 -47.47 -19.11
CA ASN O 343 29.71 -47.35 -20.48
C ASN O 343 30.29 -46.12 -21.16
N SER O 344 31.60 -46.17 -21.44
CA SER O 344 32.29 -45.08 -22.11
C SER O 344 32.10 -45.20 -23.61
N ALA O 345 32.36 -44.10 -24.32
CA ALA O 345 32.22 -44.07 -25.78
C ALA O 345 33.13 -45.10 -26.45
N SER O 346 34.24 -45.42 -25.80
CA SER O 346 35.21 -46.36 -26.34
C SER O 346 34.85 -47.81 -26.00
N GLN O 347 34.25 -48.01 -24.84
CA GLN O 347 33.85 -49.35 -24.40
C GLN O 347 32.72 -49.90 -25.26
N LEU O 348 31.73 -49.05 -25.55
CA LEU O 348 30.63 -49.43 -26.42
C LEU O 348 31.11 -49.69 -27.85
N ALA O 349 32.22 -49.06 -28.21
CA ALA O 349 32.79 -49.23 -29.54
C ALA O 349 33.56 -50.54 -29.67
N GLN O 350 33.64 -51.30 -28.57
CA GLN O 350 34.24 -52.63 -28.57
C GLN O 350 33.17 -53.70 -28.28
N GLY O 351 31.94 -53.25 -28.09
CA GLY O 351 30.82 -54.15 -27.82
C GLY O 351 30.50 -54.23 -26.34
N LYS O 352 31.46 -53.87 -25.49
CA LYS O 352 31.25 -53.90 -24.06
C LYS O 352 30.11 -52.97 -23.63
N VAL O 353 29.20 -53.51 -22.83
CA VAL O 353 28.12 -52.71 -22.24
C VAL O 353 27.78 -53.32 -20.88
N TYR O 354 27.83 -52.49 -19.84
CA TYR O 354 27.71 -52.98 -18.46
C TYR O 354 26.37 -52.63 -17.83
N TRP O 355 25.96 -53.46 -16.88
CA TRP O 355 24.76 -53.20 -16.08
C TRP O 355 25.03 -53.54 -14.62
N ASN O 356 25.15 -52.50 -13.79
CA ASN O 356 25.48 -52.69 -12.38
C ASN O 356 24.29 -53.23 -11.59
N ILE O 357 24.28 -54.53 -11.38
CA ILE O 357 23.26 -55.17 -10.56
C ILE O 357 23.72 -55.21 -9.11
N ARG O 358 22.81 -54.94 -8.19
CA ARG O 358 23.11 -54.96 -6.76
C ARG O 358 21.85 -55.20 -5.95
N PHE O 359 21.98 -55.99 -4.88
CA PHE O 359 20.85 -56.33 -4.03
C PHE O 359 21.34 -56.96 -2.72
N THR O 360 20.39 -57.37 -1.89
CA THR O 360 20.70 -58.00 -0.61
C THR O 360 19.97 -59.33 -0.47
N ASP O 361 20.69 -60.43 -0.66
CA ASP O 361 20.11 -61.75 -0.46
C ASP O 361 19.67 -61.90 0.99
N VAL O 362 18.55 -62.60 1.21
CA VAL O 362 17.99 -62.72 2.54
C VAL O 362 18.87 -63.60 3.45
N PRO O 363 19.37 -63.06 4.57
CA PRO O 363 20.16 -63.87 5.51
C PRO O 363 19.27 -64.58 6.53
N PRO O 364 19.58 -65.84 6.87
CA PRO O 364 18.77 -66.54 7.88
C PRO O 364 19.04 -66.03 9.30
N ALA O 365 17.99 -65.63 10.00
CA ALA O 365 18.12 -65.14 11.38
C ALA O 365 18.59 -66.27 12.29
N GLU O 366 19.89 -66.57 12.24
CA GLU O 366 20.43 -67.73 12.95
C GLU O 366 20.52 -67.49 14.46
N ASN O 367 20.16 -66.30 14.92
CA ASN O 367 20.24 -65.99 16.34
C ASN O 367 19.37 -64.78 16.71
N PRO O 368 18.04 -64.98 16.77
CA PRO O 368 17.12 -63.91 17.18
C PRO O 368 17.09 -63.72 18.69
N ASN O 369 17.49 -62.53 19.14
CA ASN O 369 17.52 -62.20 20.56
C ASN O 369 16.19 -61.62 21.05
N PHE O 370 16.00 -61.59 22.35
CA PHE O 370 14.78 -61.06 22.96
C PHE O 370 15.11 -60.31 24.25
N ARG O 371 15.52 -59.06 24.11
CA ARG O 371 15.89 -58.24 25.25
C ARG O 371 14.68 -57.93 26.13
N VAL O 372 14.21 -58.94 26.85
CA VAL O 372 13.07 -58.74 27.76
C VAL O 372 13.56 -58.13 29.06
N GLU O 373 12.74 -57.27 29.64
CA GLU O 373 13.10 -56.56 30.86
C GLU O 373 11.88 -55.91 31.49
N VAL O 374 11.62 -56.26 32.75
CA VAL O 374 10.52 -55.66 33.50
C VAL O 374 10.87 -54.23 33.90
N THR O 375 9.90 -53.55 34.49
CA THR O 375 10.10 -52.20 34.98
C THR O 375 8.96 -51.82 35.92
N ASP O 376 8.82 -50.53 36.18
CA ASP O 376 7.78 -50.00 37.05
C ASP O 376 7.10 -48.82 36.38
N GLN O 377 6.99 -48.88 35.07
CA GLN O 377 6.42 -47.78 34.29
C GLN O 377 4.90 -47.78 34.35
N TRP O 378 4.29 -48.84 33.82
CA TRP O 378 2.83 -48.95 33.78
C TRP O 378 2.28 -49.48 35.10
N LEU O 379 2.49 -48.72 36.17
CA LEU O 379 1.92 -49.06 37.48
C LEU O 379 0.86 -48.03 37.86
N THR O 380 1.10 -46.77 37.49
CA THR O 380 0.15 -45.70 37.76
C THR O 380 -1.12 -45.89 36.93
N GLU O 381 -1.04 -46.76 35.92
CA GLU O 381 -2.20 -47.08 35.09
C GLU O 381 -3.25 -47.76 35.95
N VAL O 382 -2.79 -48.51 36.95
CA VAL O 382 -3.69 -49.17 37.90
C VAL O 382 -4.23 -48.13 38.87
N LEU O 383 -5.17 -47.32 38.40
CA LEU O 383 -5.71 -46.23 39.21
C LEU O 383 -6.92 -45.63 38.52
N ASP O 384 -6.76 -45.28 37.25
CA ASP O 384 -7.84 -44.68 36.47
C ASP O 384 -7.60 -44.89 34.98
N SER P 2 29.91 -68.28 14.15
CA SER P 2 28.46 -68.05 14.20
C SER P 2 28.06 -67.43 15.53
N PHE P 3 28.64 -67.95 16.60
CA PHE P 3 28.37 -67.48 17.96
C PHE P 3 26.96 -67.85 18.39
N PHE P 4 26.88 -68.73 19.38
CA PHE P 4 25.62 -69.22 19.93
C PHE P 4 24.80 -70.01 18.91
N HIS P 5 24.16 -69.29 17.98
CA HIS P 5 23.29 -69.90 16.99
C HIS P 5 22.14 -70.67 17.64
N GLY P 6 21.13 -69.95 18.11
CA GLY P 6 19.95 -70.56 18.70
C GLY P 6 18.83 -69.56 18.87
N VAL P 7 18.58 -69.17 20.12
CA VAL P 7 17.57 -68.17 20.43
C VAL P 7 17.76 -67.70 21.87
N THR P 8 18.43 -66.57 22.03
CA THR P 8 18.72 -66.03 23.35
C THR P 8 17.50 -65.33 23.93
N VAL P 9 17.64 -64.87 25.17
CA VAL P 9 16.56 -64.19 25.86
C VAL P 9 17.16 -63.50 27.09
N THR P 10 18.16 -62.67 26.86
CA THR P 10 18.87 -62.01 27.94
C THR P 10 17.97 -61.04 28.71
N ASN P 11 18.01 -61.14 30.03
CA ASN P 11 17.24 -60.24 30.89
C ASN P 11 18.04 -58.98 31.17
N VAL P 12 17.63 -57.87 30.55
CA VAL P 12 18.31 -56.60 30.75
C VAL P 12 17.92 -56.01 32.10
N ASP P 13 18.84 -56.10 33.06
CA ASP P 13 18.58 -55.66 34.43
C ASP P 13 18.86 -54.17 34.58
N ILE P 14 17.92 -53.35 34.09
CA ILE P 14 18.02 -51.90 34.24
C ILE P 14 16.66 -51.32 34.60
N GLY P 15 16.66 -50.11 35.13
CA GLY P 15 15.45 -49.44 35.57
C GLY P 15 15.65 -48.83 36.94
N ALA P 16 14.83 -47.85 37.29
CA ALA P 16 14.92 -47.18 38.57
C ALA P 16 14.48 -48.10 39.70
N ARG P 17 15.43 -48.47 40.57
CA ARG P 17 15.12 -49.30 41.73
C ARG P 17 14.34 -48.52 42.76
N THR P 18 13.64 -49.24 43.64
CA THR P 18 12.86 -48.63 44.71
C THR P 18 13.75 -48.42 45.94
N ILE P 19 13.35 -47.50 46.80
CA ILE P 19 14.11 -47.18 48.00
C ILE P 19 13.17 -47.05 49.19
N ALA P 20 13.61 -47.53 50.34
CA ALA P 20 12.82 -47.54 51.57
C ALA P 20 13.46 -46.68 52.65
N LEU P 21 12.76 -46.56 53.78
CA LEU P 21 13.23 -45.78 54.93
C LEU P 21 13.52 -46.72 56.11
N PRO P 22 14.73 -47.30 56.15
CA PRO P 22 15.04 -48.31 57.17
C PRO P 22 15.13 -47.72 58.58
N ALA P 23 15.18 -48.61 59.58
CA ALA P 23 15.36 -48.21 60.98
C ALA P 23 14.21 -47.34 61.51
N SER P 24 14.03 -46.17 60.90
CA SER P 24 12.95 -45.25 61.27
C SER P 24 13.14 -44.72 62.69
N SER P 25 12.86 -45.56 63.68
CA SER P 25 12.94 -45.14 65.07
C SER P 25 13.12 -46.34 66.01
N VAL P 26 14.28 -46.99 65.92
CA VAL P 26 14.61 -48.07 66.85
C VAL P 26 15.37 -47.49 68.03
N ILE P 27 14.95 -47.87 69.23
CA ILE P 27 15.53 -47.33 70.46
C ILE P 27 16.74 -48.16 70.89
N GLY P 28 17.76 -47.47 71.38
CA GLY P 28 18.98 -48.10 71.85
C GLY P 28 19.20 -47.74 73.31
N LEU P 29 18.65 -48.58 74.19
CA LEU P 29 18.68 -48.31 75.62
C LEU P 29 19.81 -49.09 76.31
N CYS P 30 20.23 -48.59 77.47
CA CYS P 30 21.31 -49.24 78.22
C CYS P 30 21.30 -48.78 79.68
N ASP P 31 20.47 -49.44 80.49
CA ASP P 31 20.40 -49.16 81.92
C ASP P 31 21.11 -50.28 82.67
N VAL P 32 20.59 -50.65 83.83
CA VAL P 32 21.20 -51.72 84.62
C VAL P 32 20.13 -52.69 85.14
N PHE P 33 20.59 -53.86 85.59
CA PHE P 33 19.68 -54.86 86.16
C PHE P 33 20.45 -55.82 87.03
N THR P 34 19.79 -56.91 87.44
CA THR P 34 20.39 -57.91 88.31
C THR P 34 20.32 -59.29 87.66
N PRO P 35 21.41 -59.73 86.99
CA PRO P 35 21.39 -61.04 86.35
C PRO P 35 21.43 -62.17 87.38
N GLY P 36 20.70 -63.25 87.12
CA GLY P 36 20.66 -64.38 88.02
C GLY P 36 19.78 -65.51 87.50
N ALA P 37 18.57 -65.59 88.05
CA ALA P 37 17.65 -66.68 87.73
C ALA P 37 16.68 -66.27 86.62
N GLN P 38 15.69 -65.46 86.98
CA GLN P 38 14.65 -65.04 86.04
C GLN P 38 15.22 -64.21 84.89
N ALA P 39 16.39 -63.62 85.11
CA ALA P 39 17.03 -62.79 84.10
C ALA P 39 17.63 -63.65 82.99
N SER P 40 16.88 -63.82 81.90
CA SER P 40 17.32 -64.63 80.77
C SER P 40 18.46 -63.96 80.01
N ALA P 41 18.36 -62.64 79.86
CA ALA P 41 19.36 -61.87 79.13
C ALA P 41 20.71 -61.94 79.86
N LYS P 42 21.79 -62.05 79.09
CA LYS P 42 23.12 -62.17 79.68
C LYS P 42 23.53 -60.83 80.30
N PRO P 43 24.55 -60.84 81.17
CA PRO P 43 24.90 -59.63 81.93
C PRO P 43 25.44 -58.45 81.12
N ASN P 44 25.48 -58.56 79.79
CA ASN P 44 26.06 -57.48 78.99
C ASN P 44 25.68 -57.47 77.50
N VAL P 45 25.40 -58.63 76.93
CA VAL P 45 25.17 -58.69 75.48
C VAL P 45 23.90 -57.95 75.09
N PRO P 46 23.84 -57.43 73.85
CA PRO P 46 22.60 -56.80 73.36
C PRO P 46 21.47 -57.81 73.21
N VAL P 47 20.26 -57.42 73.60
CA VAL P 47 19.08 -58.28 73.44
C VAL P 47 17.95 -57.47 72.83
N LEU P 48 17.30 -58.05 71.82
CA LEU P 48 16.22 -57.36 71.13
C LEU P 48 14.91 -57.54 71.89
N LEU P 49 14.09 -56.49 71.88
CA LEU P 49 12.80 -56.51 72.55
C LEU P 49 11.69 -56.16 71.56
N THR P 50 10.45 -56.22 72.04
CA THR P 50 9.29 -55.93 71.20
C THR P 50 8.09 -55.56 72.07
N SER P 51 8.00 -56.18 73.24
CA SER P 51 6.91 -55.91 74.18
C SER P 51 7.39 -56.14 75.61
N LYS P 52 6.55 -55.80 76.57
CA LYS P 52 6.88 -55.96 77.98
C LYS P 52 7.17 -57.42 78.32
N LYS P 53 6.41 -58.33 77.70
CA LYS P 53 6.59 -59.76 77.94
C LYS P 53 8.01 -60.19 77.55
N ASP P 54 8.48 -59.74 76.39
CA ASP P 54 9.79 -60.12 75.91
C ASP P 54 10.89 -59.45 76.74
N ALA P 55 10.54 -58.37 77.42
CA ALA P 55 11.48 -57.62 78.24
C ALA P 55 11.49 -58.11 79.68
N ALA P 56 10.32 -58.52 80.17
CA ALA P 56 10.17 -58.99 81.55
C ALA P 56 10.99 -60.25 81.80
N ALA P 57 10.78 -61.26 80.96
CA ALA P 57 11.49 -62.53 81.09
C ALA P 57 12.97 -62.36 80.80
N ALA P 58 13.33 -61.28 80.13
CA ALA P 58 14.71 -61.02 79.74
C ALA P 58 15.55 -60.50 80.91
N PHE P 59 15.15 -59.35 81.46
CA PHE P 59 15.90 -58.68 82.51
C PHE P 59 15.30 -58.97 83.89
N GLY P 60 13.98 -59.00 83.96
CA GLY P 60 13.28 -59.27 85.20
C GLY P 60 12.48 -58.07 85.67
N ILE P 61 11.57 -58.30 86.60
CA ILE P 61 10.74 -57.24 87.15
C ILE P 61 11.49 -56.55 88.29
N GLY P 62 11.31 -55.24 88.41
CA GLY P 62 11.98 -54.47 89.43
C GLY P 62 13.33 -53.95 88.97
N SER P 63 13.89 -54.59 87.94
CA SER P 63 15.16 -54.16 87.38
C SER P 63 15.01 -52.71 86.89
N SER P 64 16.00 -51.88 87.21
CA SER P 64 15.98 -50.46 86.84
C SER P 64 15.83 -50.27 85.33
N ILE P 65 16.23 -51.27 84.56
CA ILE P 65 16.12 -51.23 83.11
C ILE P 65 14.69 -51.50 82.66
N TYR P 66 13.99 -52.35 83.40
CA TYR P 66 12.62 -52.72 83.06
C TYR P 66 11.67 -51.55 83.31
N LEU P 67 11.98 -50.72 84.31
CA LEU P 67 11.20 -49.53 84.60
C LEU P 67 11.33 -48.51 83.46
N ALA P 68 12.42 -48.63 82.70
CA ALA P 68 12.67 -47.74 81.57
C ALA P 68 11.99 -48.28 80.31
N CYS P 69 12.06 -49.59 80.11
CA CYS P 69 11.42 -50.24 78.97
C CYS P 69 9.90 -50.17 79.12
N GLU P 70 9.42 -50.41 80.34
CA GLU P 70 7.99 -50.33 80.62
C GLU P 70 7.47 -48.91 80.39
N ALA P 71 8.31 -47.93 80.66
CA ALA P 71 7.96 -46.53 80.46
C ALA P 71 7.80 -46.23 78.98
N ILE P 72 8.53 -46.96 78.14
CA ILE P 72 8.46 -46.78 76.69
C ILE P 72 7.24 -47.50 76.12
N TYR P 73 7.04 -48.75 76.53
CA TYR P 73 5.96 -49.57 75.99
C TYR P 73 4.60 -49.08 76.50
N ASN P 74 4.58 -48.49 77.68
CA ASN P 74 3.37 -47.89 78.22
C ASN P 74 2.94 -46.72 77.34
N ARG P 75 3.93 -45.93 76.93
CA ARG P 75 3.71 -44.82 76.02
C ARG P 75 3.31 -45.33 74.64
N ALA P 76 4.27 -45.90 73.91
CA ALA P 76 4.02 -46.42 72.58
C ALA P 76 4.99 -47.55 72.27
N GLN P 77 4.47 -48.63 71.72
CA GLN P 77 5.27 -49.83 71.43
C GLN P 77 6.33 -49.53 70.39
N ALA P 78 7.53 -50.10 70.58
CA ALA P 78 8.64 -49.88 69.67
C ALA P 78 9.72 -50.92 69.89
N VAL P 79 10.61 -51.05 68.91
CA VAL P 79 11.73 -51.97 69.00
C VAL P 79 12.82 -51.36 69.88
N ILE P 80 13.31 -52.13 70.84
CA ILE P 80 14.34 -51.68 71.76
C ILE P 80 15.47 -52.70 71.82
N VAL P 81 16.56 -52.41 71.10
CA VAL P 81 17.75 -53.24 71.18
C VAL P 81 18.50 -52.90 72.48
N ALA P 82 17.90 -53.27 73.60
CA ALA P 82 18.44 -52.93 74.92
C ALA P 82 19.71 -53.73 75.19
N VAL P 83 20.59 -53.16 76.00
CA VAL P 83 21.85 -53.79 76.38
C VAL P 83 21.76 -54.27 77.82
N GLY P 84 21.84 -53.34 78.77
CA GLY P 84 21.76 -53.66 80.19
C GLY P 84 23.06 -54.23 80.70
N VAL P 85 23.52 -53.68 81.83
CA VAL P 85 24.77 -54.11 82.45
C VAL P 85 24.57 -54.31 83.95
N GLU P 86 25.35 -55.22 84.53
CA GLU P 86 25.26 -55.52 85.95
C GLU P 86 25.60 -54.30 86.79
N THR P 87 24.89 -54.12 87.90
CA THR P 87 25.15 -53.01 88.81
C THR P 87 26.51 -53.19 89.49
N ALA P 88 27.23 -52.09 89.66
CA ALA P 88 28.55 -52.12 90.28
C ALA P 88 28.49 -51.66 91.74
N GLU P 89 29.65 -51.59 92.38
CA GLU P 89 29.73 -51.18 93.78
C GLU P 89 29.41 -49.71 93.95
N THR P 90 30.36 -48.85 93.57
CA THR P 90 30.19 -47.41 93.67
C THR P 90 29.45 -46.89 92.43
N PRO P 91 28.71 -45.78 92.59
CA PRO P 91 27.95 -45.21 91.46
C PRO P 91 28.85 -44.66 90.36
N GLU P 92 30.03 -44.18 90.75
CA GLU P 92 30.98 -43.60 89.80
C GLU P 92 31.54 -44.67 88.87
N ALA P 93 32.04 -45.75 89.46
CA ALA P 93 32.64 -46.84 88.70
C ALA P 93 31.60 -47.61 87.91
N GLN P 94 30.32 -47.43 88.27
CA GLN P 94 29.24 -48.10 87.58
C GLN P 94 29.09 -47.53 86.17
N ALA P 95 29.42 -46.24 86.02
CA ALA P 95 29.32 -45.56 84.74
C ALA P 95 30.31 -46.15 83.73
N SER P 96 31.37 -46.77 84.24
CA SER P 96 32.36 -47.41 83.38
C SER P 96 31.74 -48.59 82.63
N ALA P 97 31.01 -49.42 83.37
CA ALA P 97 30.32 -50.56 82.78
C ALA P 97 29.22 -50.09 81.83
N VAL P 98 28.64 -48.93 82.14
CA VAL P 98 27.60 -48.36 81.29
C VAL P 98 28.20 -47.91 79.97
N ILE P 99 29.29 -47.14 80.03
CA ILE P 99 29.98 -46.73 78.81
C ILE P 99 30.55 -47.96 78.12
N GLY P 100 31.33 -48.74 78.87
CA GLY P 100 31.86 -49.99 78.36
C GLY P 100 33.02 -49.77 77.41
N GLY P 101 34.18 -50.31 77.76
CA GLY P 101 35.36 -50.21 76.92
C GLY P 101 35.26 -51.15 75.74
N ILE P 102 35.72 -52.38 75.95
CA ILE P 102 35.68 -53.39 74.89
C ILE P 102 35.96 -54.80 75.43
N SER P 103 36.63 -54.87 76.59
CA SER P 103 36.91 -56.14 77.27
C SER P 103 37.91 -56.98 76.49
N ALA P 104 38.51 -57.95 77.17
CA ALA P 104 39.51 -58.83 76.56
C ALA P 104 38.86 -59.78 75.55
N ALA P 105 37.55 -59.98 75.68
CA ALA P 105 36.82 -60.88 74.78
C ALA P 105 36.76 -60.29 73.37
N GLY P 106 36.92 -58.98 73.27
CA GLY P 106 36.90 -58.29 71.99
C GLY P 106 35.51 -57.76 71.67
N GLU P 107 34.48 -58.38 72.24
CA GLU P 107 33.11 -57.95 72.01
C GLU P 107 32.82 -56.63 72.70
N ARG P 108 32.26 -55.69 71.96
CA ARG P 108 31.93 -54.37 72.49
C ARG P 108 30.99 -54.46 73.69
N THR P 109 31.44 -53.94 74.82
CA THR P 109 30.66 -53.99 76.05
C THR P 109 29.94 -52.68 76.32
N GLY P 110 28.97 -52.73 77.22
CA GLY P 110 28.26 -51.55 77.68
C GLY P 110 27.53 -50.82 76.56
N LEU P 111 27.44 -49.51 76.70
CA LEU P 111 26.69 -48.66 75.76
C LEU P 111 27.21 -48.77 74.33
N GLN P 112 28.49 -49.09 74.17
CA GLN P 112 29.09 -49.20 72.85
C GLN P 112 28.67 -50.47 72.13
N ALA P 113 27.97 -51.36 72.84
CA ALA P 113 27.49 -52.60 72.27
C ALA P 113 26.36 -52.37 71.26
N LEU P 114 25.80 -51.17 71.27
CA LEU P 114 24.67 -50.84 70.40
C LEU P 114 25.06 -50.87 68.92
N LEU P 115 26.35 -50.74 68.64
CA LEU P 115 26.84 -50.80 67.26
C LEU P 115 26.63 -52.19 66.66
N ASP P 116 26.45 -53.18 67.53
CA ASP P 116 26.25 -54.56 67.09
C ASP P 116 24.79 -54.83 66.75
N GLY P 117 23.89 -53.97 67.23
CA GLY P 117 22.47 -54.14 67.02
C GLY P 117 22.07 -54.16 65.56
N LYS P 118 22.88 -53.53 64.72
CA LYS P 118 22.62 -53.46 63.28
C LYS P 118 22.98 -54.76 62.58
N SER P 119 24.15 -55.29 62.93
CA SER P 119 24.67 -56.51 62.30
C SER P 119 24.30 -57.77 63.08
N ARG P 120 23.15 -57.74 63.74
CA ARG P 120 22.64 -58.89 64.47
C ARG P 120 21.12 -58.97 64.44
N PHE P 121 20.46 -57.81 64.52
CA PHE P 121 19.00 -57.75 64.56
C PHE P 121 18.44 -56.94 63.39
N ASN P 122 19.31 -56.47 62.51
CA ASN P 122 18.91 -55.63 61.38
C ASN P 122 18.08 -54.42 61.84
N ALA P 123 18.34 -53.97 63.06
CA ALA P 123 17.62 -52.86 63.66
C ALA P 123 18.62 -51.90 64.29
N GLN P 124 19.16 -51.01 63.46
CA GLN P 124 20.12 -50.01 63.93
C GLN P 124 19.44 -49.07 64.92
N PRO P 125 19.88 -49.08 66.20
CA PRO P 125 19.25 -48.16 67.16
C PRO P 125 19.49 -46.70 66.77
N ARG P 126 18.51 -46.10 66.10
CA ARG P 126 18.63 -44.72 65.66
C ARG P 126 17.96 -43.80 66.67
N LEU P 127 18.12 -44.12 67.94
CA LEU P 127 17.55 -43.33 69.03
C LEU P 127 18.12 -43.80 70.35
N LEU P 128 19.27 -43.26 70.72
CA LEU P 128 19.95 -43.66 71.95
C LEU P 128 19.25 -43.11 73.18
N VAL P 129 19.54 -43.72 74.32
CA VAL P 129 18.94 -43.33 75.60
C VAL P 129 19.63 -44.11 76.72
N ALA P 130 19.88 -43.44 77.83
CA ALA P 130 20.54 -44.06 78.97
C ALA P 130 19.97 -43.50 80.28
N PRO P 131 18.78 -43.99 80.69
CA PRO P 131 18.09 -43.47 81.88
C PRO P 131 18.94 -43.62 83.15
N GLY P 132 19.01 -42.56 83.96
CA GLY P 132 19.80 -42.58 85.19
C GLY P 132 21.23 -42.19 84.93
N HIS P 133 21.87 -42.87 83.98
CA HIS P 133 23.26 -42.61 83.61
C HIS P 133 23.37 -41.64 82.45
N SER P 134 23.26 -40.35 82.74
CA SER P 134 23.41 -39.30 81.74
C SER P 134 23.75 -37.96 82.40
N ALA P 135 23.36 -37.78 83.66
CA ALA P 135 23.69 -36.58 84.41
C ALA P 135 25.19 -36.46 84.60
N GLN P 136 25.88 -37.61 84.57
CA GLN P 136 27.33 -37.63 84.67
C GLN P 136 27.96 -37.15 83.37
N GLN P 137 28.93 -36.24 83.50
CA GLN P 137 29.60 -35.65 82.34
C GLN P 137 30.28 -36.70 81.47
N ALA P 138 30.69 -37.79 82.10
CA ALA P 138 31.45 -38.84 81.42
C ALA P 138 30.62 -39.59 80.38
N VAL P 139 29.62 -40.32 80.86
CA VAL P 139 28.78 -41.14 80.01
C VAL P 139 28.04 -40.34 78.94
N ALA P 140 27.83 -39.05 79.21
CA ALA P 140 27.09 -38.19 78.30
C ALA P 140 27.84 -38.00 76.98
N THR P 141 29.17 -37.91 77.06
CA THR P 141 29.98 -37.72 75.87
C THR P 141 30.03 -39.00 75.02
N ALA P 142 30.00 -40.15 75.69
CA ALA P 142 29.95 -41.43 75.00
C ALA P 142 28.67 -41.54 74.18
N MET P 143 27.58 -41.00 74.72
CA MET P 143 26.31 -40.96 74.02
C MET P 143 26.41 -40.04 72.80
N ASP P 144 27.23 -39.01 72.91
CA ASP P 144 27.43 -38.06 71.82
C ASP P 144 28.22 -38.69 70.68
N GLY P 145 29.34 -39.32 71.05
CA GLY P 145 30.22 -39.91 70.07
C GLY P 145 29.58 -41.11 69.39
N LEU P 146 28.80 -41.87 70.16
CA LEU P 146 28.15 -43.07 69.66
C LEU P 146 27.02 -42.73 68.68
N ALA P 147 26.35 -41.61 68.93
CA ALA P 147 25.21 -41.19 68.11
C ALA P 147 25.65 -40.93 66.68
N GLU P 148 26.85 -40.38 66.50
CA GLU P 148 27.37 -40.06 65.19
C GLU P 148 27.71 -41.33 64.40
N LYS P 149 28.01 -42.40 65.13
CA LYS P 149 28.29 -43.69 64.51
C LYS P 149 27.01 -44.34 64.01
N LEU P 150 25.93 -44.09 64.74
CA LEU P 150 24.62 -44.66 64.43
C LEU P 150 23.70 -43.64 63.77
N ARG P 151 24.15 -42.40 63.65
CA ARG P 151 23.33 -41.31 63.12
C ARG P 151 22.02 -41.20 63.90
N ALA P 152 22.12 -41.40 65.22
CA ALA P 152 20.94 -41.41 66.09
C ALA P 152 20.78 -40.05 66.77
N ILE P 153 19.89 -40.01 67.76
CA ILE P 153 19.67 -38.79 68.55
C ILE P 153 19.65 -39.17 70.02
N ALA P 154 20.82 -39.05 70.66
CA ALA P 154 20.99 -39.42 72.05
C ALA P 154 20.20 -38.50 72.97
N ILE P 155 19.22 -39.07 73.68
CA ILE P 155 18.41 -38.32 74.63
C ILE P 155 19.03 -38.39 76.02
N LEU P 156 19.62 -37.28 76.45
CA LEU P 156 20.21 -37.18 77.77
C LEU P 156 19.15 -36.83 78.81
N ASP P 157 19.57 -36.70 80.06
CA ASP P 157 18.67 -36.29 81.13
C ASP P 157 19.48 -35.65 82.26
N GLY P 158 19.57 -34.32 82.23
CA GLY P 158 20.37 -33.58 83.19
C GLY P 158 19.83 -33.68 84.60
N PRO P 159 20.65 -33.30 85.59
CA PRO P 159 20.26 -33.38 87.00
C PRO P 159 19.15 -32.40 87.35
N ASN P 160 18.29 -32.78 88.30
CA ASN P 160 17.22 -31.91 88.75
C ASN P 160 17.78 -30.75 89.57
N SER P 161 17.75 -30.88 90.89
CA SER P 161 18.28 -29.86 91.79
C SER P 161 17.64 -28.49 91.49
N THR P 162 18.08 -27.88 90.41
CA THR P 162 17.59 -26.56 90.02
C THR P 162 17.85 -26.29 88.54
N ASP P 163 17.37 -25.15 88.05
CA ASP P 163 17.48 -24.79 86.64
C ASP P 163 18.90 -24.33 86.31
N GLU P 164 19.54 -23.68 87.28
CA GLU P 164 20.89 -23.16 87.11
C GLU P 164 21.87 -24.28 86.77
N ALA P 165 21.65 -25.44 87.39
CA ALA P 165 22.51 -26.60 87.20
C ALA P 165 22.27 -27.27 85.85
N ALA P 166 21.07 -27.06 85.29
CA ALA P 166 20.68 -27.66 84.02
C ALA P 166 21.27 -26.87 82.85
N VAL P 167 21.27 -25.54 82.97
CA VAL P 167 21.82 -24.68 81.93
C VAL P 167 23.33 -24.83 81.87
N ALA P 168 23.97 -24.89 83.04
CA ALA P 168 25.42 -24.99 83.12
C ALA P 168 25.90 -26.35 82.61
N TYR P 169 24.98 -27.30 82.53
CA TYR P 169 25.29 -28.65 82.06
C TYR P 169 25.20 -28.74 80.53
N ALA P 170 24.19 -28.07 79.97
CA ALA P 170 23.98 -28.06 78.52
C ALA P 170 25.06 -27.24 77.82
N LYS P 171 25.61 -26.27 78.52
CA LYS P 171 26.65 -25.40 77.98
C LYS P 171 27.90 -26.19 77.57
N ASN P 172 28.01 -27.41 78.07
CA ASN P 172 29.16 -28.26 77.74
C ASN P 172 29.10 -28.85 76.35
N PHE P 173 27.93 -29.36 75.96
CA PHE P 173 27.77 -30.01 74.65
C PHE P 173 27.37 -29.02 73.58
N GLY P 174 27.40 -29.47 72.34
CA GLY P 174 26.99 -28.64 71.21
C GLY P 174 26.84 -29.42 69.92
N SER P 175 26.60 -30.73 70.05
CA SER P 175 26.49 -31.61 68.89
C SER P 175 25.05 -31.70 68.38
N LYS P 176 24.90 -31.93 67.08
CA LYS P 176 23.59 -32.06 66.46
C LYS P 176 22.73 -33.14 67.12
N ARG P 177 23.39 -34.18 67.61
CA ARG P 177 22.71 -35.39 68.08
C ARG P 177 22.65 -35.46 69.60
N LEU P 178 22.03 -34.47 70.21
CA LEU P 178 21.82 -34.46 71.65
C LEU P 178 20.54 -33.71 71.98
N PHE P 179 19.62 -34.39 72.64
CA PHE P 179 18.33 -33.82 72.99
C PHE P 179 18.05 -34.06 74.47
N MET P 180 18.55 -33.16 75.30
CA MET P 180 18.48 -33.33 76.74
C MET P 180 17.15 -32.83 77.30
N VAL P 181 16.72 -33.47 78.39
CA VAL P 181 15.54 -33.04 79.14
C VAL P 181 15.94 -32.88 80.60
N ASP P 182 15.66 -31.71 81.16
CA ASP P 182 16.13 -31.37 82.49
C ASP P 182 15.23 -31.87 83.63
N PRO P 183 13.98 -31.38 83.68
CA PRO P 183 13.14 -31.75 84.84
C PRO P 183 12.83 -33.24 84.88
N GLY P 184 13.24 -33.91 85.96
CA GLY P 184 13.03 -35.34 86.10
C GLY P 184 11.62 -35.66 86.53
N VAL P 185 10.83 -36.18 85.60
CA VAL P 185 9.46 -36.58 85.89
C VAL P 185 9.45 -37.71 86.92
N GLN P 186 8.42 -37.74 87.76
CA GLN P 186 8.29 -38.78 88.77
C GLN P 186 7.14 -39.71 88.43
N VAL P 187 7.42 -41.02 88.44
CA VAL P 187 6.44 -42.03 88.11
C VAL P 187 6.03 -42.79 89.38
N TRP P 188 4.85 -43.39 89.35
CA TRP P 188 4.38 -44.19 90.47
C TRP P 188 4.91 -45.62 90.36
N ASP P 189 6.01 -45.91 91.07
CA ASP P 189 6.61 -47.24 91.04
C ASP P 189 5.67 -48.27 91.66
N SER P 190 5.58 -49.45 91.04
CA SER P 190 4.71 -50.51 91.52
C SER P 190 5.28 -51.21 92.75
N ALA P 191 6.61 -51.36 92.77
CA ALA P 191 7.28 -52.06 93.85
C ALA P 191 7.29 -51.23 95.14
N THR P 192 7.52 -49.94 95.00
CA THR P 192 7.60 -49.04 96.14
C THR P 192 6.21 -48.65 96.64
N ASN P 193 5.23 -48.74 95.74
CA ASN P 193 3.83 -48.38 96.03
C ASN P 193 3.71 -46.94 96.50
N ALA P 194 4.48 -46.06 95.87
CA ALA P 194 4.43 -44.63 96.16
C ALA P 194 5.16 -43.85 95.07
N ALA P 195 5.33 -42.54 95.30
CA ALA P 195 6.03 -41.68 94.34
C ALA P 195 7.47 -42.13 94.19
N ARG P 196 8.03 -41.86 93.01
CA ARG P 196 9.38 -42.29 92.70
C ARG P 196 9.93 -41.52 91.50
N ASN P 197 10.97 -40.73 91.75
CA ASN P 197 11.56 -39.90 90.70
C ASN P 197 12.25 -40.74 89.62
N ALA P 198 12.03 -40.35 88.37
CA ALA P 198 12.60 -41.06 87.22
C ALA P 198 13.50 -40.10 86.42
N PRO P 199 14.39 -40.65 85.58
CA PRO P 199 15.29 -39.82 84.78
C PRO P 199 14.60 -39.11 83.62
N ALA P 200 13.37 -39.50 83.31
CA ALA P 200 12.59 -38.87 82.23
C ALA P 200 13.27 -39.01 80.87
N SER P 201 14.22 -39.92 80.78
CA SER P 201 14.97 -40.15 79.54
C SER P 201 14.22 -41.12 78.65
N ALA P 202 13.84 -42.25 79.23
CA ALA P 202 13.11 -43.29 78.50
C ALA P 202 11.70 -42.83 78.12
N TYR P 203 11.10 -42.00 78.97
CA TYR P 203 9.77 -41.47 78.71
C TYR P 203 9.79 -40.56 77.48
N ALA P 204 10.85 -39.77 77.36
CA ALA P 204 11.03 -38.88 76.23
C ALA P 204 11.41 -39.68 74.99
N ALA P 205 12.01 -40.84 75.19
CA ALA P 205 12.41 -41.72 74.09
C ALA P 205 11.20 -42.43 73.50
N GLY P 206 10.39 -43.02 74.37
CA GLY P 206 9.17 -43.71 73.95
C GLY P 206 8.22 -42.72 73.32
N LEU P 207 8.27 -41.48 73.79
CA LEU P 207 7.43 -40.41 73.26
C LEU P 207 7.72 -40.16 71.78
N PHE P 208 8.99 -40.21 71.39
CA PHE P 208 9.38 -40.07 69.99
C PHE P 208 8.77 -41.21 69.17
N ALA P 209 8.93 -42.43 69.67
CA ALA P 209 8.48 -43.64 68.98
C ALA P 209 6.98 -43.58 68.71
N TRP P 210 6.26 -42.85 69.55
CA TRP P 210 4.82 -42.69 69.40
C TRP P 210 4.50 -41.80 68.21
N THR P 211 5.22 -40.68 68.10
CA THR P 211 5.02 -39.72 67.01
C THR P 211 5.56 -40.27 65.69
N ASP P 212 6.68 -40.98 65.77
CA ASP P 212 7.32 -41.53 64.59
C ASP P 212 6.46 -42.61 63.95
N ALA P 213 5.82 -43.42 64.78
CA ALA P 213 4.94 -44.48 64.29
C ALA P 213 3.61 -43.89 63.84
N GLU P 214 3.20 -42.81 64.48
CA GLU P 214 1.93 -42.15 64.19
C GLU P 214 2.05 -41.18 63.01
N TYR P 215 2.56 -39.98 63.29
CA TYR P 215 2.71 -38.96 62.27
C TYR P 215 3.84 -39.34 61.31
N GLY P 216 5.03 -39.48 61.88
CA GLY P 216 6.22 -39.81 61.11
C GLY P 216 7.48 -39.31 61.78
N PHE P 217 8.63 -39.84 61.37
CA PHE P 217 9.92 -39.42 61.91
C PHE P 217 10.13 -37.93 61.67
N TRP P 218 9.55 -37.42 60.59
CA TRP P 218 9.68 -36.01 60.23
C TRP P 218 8.82 -35.14 61.15
N SER P 219 7.87 -35.75 61.84
CA SER P 219 7.01 -35.01 62.77
C SER P 219 7.79 -34.68 64.04
N SER P 220 7.57 -33.48 64.58
CA SER P 220 8.23 -33.07 65.81
C SER P 220 7.60 -33.79 67.00
N PRO P 221 8.44 -34.24 67.96
CA PRO P 221 7.93 -34.95 69.14
C PRO P 221 7.35 -34.02 70.20
N SER P 222 7.85 -32.79 70.25
CA SER P 222 7.44 -31.82 71.26
C SER P 222 5.93 -31.59 71.27
N ASN P 223 5.42 -31.05 72.39
CA ASN P 223 4.01 -30.74 72.53
C ASN P 223 3.13 -31.98 72.39
N LYS P 224 3.67 -33.14 72.81
CA LYS P 224 2.92 -34.38 72.82
C LYS P 224 2.91 -34.94 74.24
N GLU P 225 1.72 -35.31 74.71
CA GLU P 225 1.55 -35.73 76.09
C GLU P 225 2.20 -37.07 76.38
N ILE P 226 2.85 -37.16 77.52
CA ILE P 226 3.51 -38.39 77.94
C ILE P 226 2.69 -39.10 79.02
N LYS P 227 2.56 -40.42 78.89
CA LYS P 227 1.82 -41.23 79.85
C LYS P 227 2.76 -41.86 80.87
N GLY P 228 2.18 -42.49 81.89
CA GLY P 228 2.95 -43.17 82.91
C GLY P 228 3.69 -42.18 83.79
N VAL P 229 2.96 -41.16 84.25
CA VAL P 229 3.54 -40.10 85.08
C VAL P 229 2.60 -39.82 86.25
N THR P 230 3.01 -38.93 87.14
CA THR P 230 2.21 -38.57 88.32
C THR P 230 2.79 -37.38 89.06
N GLY P 231 3.41 -36.46 88.31
CA GLY P 231 4.04 -35.29 88.89
C GLY P 231 5.41 -35.09 88.29
N THR P 232 6.03 -33.95 88.54
CA THR P 232 7.35 -33.65 87.98
C THR P 232 8.22 -32.95 89.02
N SER P 233 9.42 -33.47 89.22
CA SER P 233 10.38 -32.87 90.12
C SER P 233 10.70 -31.45 89.69
N ARG P 234 10.61 -30.51 90.63
CA ARG P 234 10.81 -29.09 90.35
C ARG P 234 9.78 -28.59 89.34
N PRO P 235 8.61 -28.13 89.84
CA PRO P 235 7.55 -27.73 88.92
C PRO P 235 7.95 -26.54 88.04
N VAL P 236 8.33 -26.84 86.80
CA VAL P 236 8.69 -25.81 85.84
C VAL P 236 7.43 -25.03 85.46
N GLU P 237 7.44 -23.74 85.73
CA GLU P 237 6.28 -22.89 85.51
C GLU P 237 6.07 -22.62 84.03
N PHE P 238 4.82 -22.44 83.63
CA PHE P 238 4.49 -22.07 82.26
C PHE P 238 3.19 -21.28 82.21
N LEU P 239 3.30 -20.01 81.81
CA LEU P 239 2.14 -19.15 81.70
C LEU P 239 1.35 -19.45 80.43
N ASP P 240 0.25 -18.74 80.24
CA ASP P 240 -0.60 -18.96 79.07
C ASP P 240 0.14 -18.56 77.79
N GLY P 241 0.86 -17.44 77.84
CA GLY P 241 1.59 -16.96 76.69
C GLY P 241 2.48 -15.77 77.05
N ASP P 242 3.68 -16.07 77.52
CA ASP P 242 4.64 -15.03 77.88
C ASP P 242 6.05 -15.60 77.93
N GLU P 243 7.01 -14.83 77.43
CA GLU P 243 8.41 -15.24 77.42
C GLU P 243 9.03 -15.21 78.82
N THR P 244 8.28 -14.66 79.77
CA THR P 244 8.77 -14.52 81.14
C THR P 244 8.75 -15.85 81.88
N CYS P 245 7.96 -16.79 81.39
CA CYS P 245 7.85 -18.10 82.03
C CYS P 245 9.18 -18.83 81.96
N ARG P 246 9.42 -19.70 82.94
CA ARG P 246 10.71 -20.36 83.08
C ARG P 246 10.86 -21.52 82.09
N ALA P 247 9.73 -22.07 81.66
CA ALA P 247 9.74 -23.17 80.70
C ALA P 247 10.42 -22.73 79.39
N ASN P 248 10.29 -21.44 79.08
CA ASN P 248 10.87 -20.87 77.86
C ASN P 248 12.38 -20.67 77.98
N LEU P 249 12.82 -20.23 79.16
CA LEU P 249 14.23 -19.91 79.39
C LEU P 249 15.13 -21.14 79.21
N LEU P 250 14.62 -22.31 79.57
CA LEU P 250 15.39 -23.54 79.40
C LEU P 250 15.48 -23.93 77.93
N ASN P 251 14.44 -23.61 77.16
CA ASN P 251 14.44 -23.89 75.73
C ASN P 251 15.45 -23.02 74.99
N ASN P 252 15.74 -21.84 75.54
CA ASN P 252 16.75 -20.96 74.98
C ASN P 252 18.13 -21.57 75.14
N ALA P 253 18.30 -22.38 76.19
CA ALA P 253 19.55 -23.09 76.43
C ALA P 253 19.51 -24.48 75.80
N ASN P 254 18.58 -24.68 74.85
CA ASN P 254 18.44 -25.96 74.17
C ASN P 254 18.16 -27.08 75.16
N ILE P 255 16.98 -27.01 75.79
CA ILE P 255 16.59 -28.02 76.78
C ILE P 255 15.10 -28.33 76.67
N ALA P 256 14.78 -29.62 76.73
CA ALA P 256 13.40 -30.07 76.73
C ALA P 256 12.86 -30.06 78.16
N THR P 257 11.57 -29.78 78.30
CA THR P 257 10.96 -29.69 79.62
C THR P 257 9.52 -30.20 79.62
N ILE P 258 9.10 -30.78 80.75
CA ILE P 258 7.74 -31.25 80.92
C ILE P 258 6.94 -30.19 81.67
N ILE P 259 5.94 -29.64 80.99
CA ILE P 259 5.19 -28.50 81.52
C ILE P 259 3.91 -28.92 82.23
N ARG P 260 3.34 -27.97 82.98
CA ARG P 260 2.08 -28.15 83.69
C ARG P 260 2.13 -29.25 84.74
N ASP P 261 1.05 -29.36 85.50
CA ASP P 261 0.96 -30.30 86.61
C ASP P 261 1.06 -31.74 86.12
N ASP P 262 1.30 -32.66 87.04
CA ASP P 262 1.36 -34.08 86.74
C ASP P 262 2.44 -34.41 85.70
N GLY P 263 2.19 -34.02 84.46
CA GLY P 263 3.09 -34.28 83.36
C GLY P 263 2.30 -34.17 82.07
N TYR P 264 1.71 -32.99 81.87
CA TYR P 264 0.80 -32.75 80.75
C TYR P 264 1.47 -33.06 79.42
N ARG P 265 2.62 -32.45 79.17
CA ARG P 265 3.32 -32.65 77.91
C ARG P 265 4.77 -32.19 77.94
N LEU P 266 5.56 -32.71 77.01
CA LEU P 266 6.97 -32.34 76.87
C LEU P 266 7.16 -31.52 75.61
N TRP P 267 8.08 -30.56 75.65
CA TRP P 267 8.45 -29.80 74.46
C TRP P 267 9.85 -29.19 74.60
N GLY P 268 10.33 -28.58 73.51
CA GLY P 268 11.66 -28.00 73.46
C GLY P 268 12.42 -28.64 72.32
N ASN P 269 12.04 -28.28 71.09
CA ASN P 269 12.61 -28.90 69.90
C ASN P 269 14.09 -28.63 69.74
N ARG P 270 14.58 -27.55 70.35
CA ARG P 270 15.98 -27.18 70.23
C ARG P 270 16.91 -28.27 70.75
N THR P 271 17.71 -28.83 69.84
CA THR P 271 18.74 -29.80 70.22
C THR P 271 19.99 -29.05 70.63
N LEU P 272 20.76 -29.63 71.55
CA LEU P 272 21.97 -28.99 72.04
C LEU P 272 22.99 -28.80 70.92
N SER P 273 22.72 -27.85 70.03
CA SER P 273 23.58 -27.62 68.86
C SER P 273 23.90 -26.14 68.70
N SER P 274 25.17 -25.85 68.43
CA SER P 274 25.62 -24.48 68.21
C SER P 274 25.16 -23.98 66.84
N ASP P 275 25.35 -24.81 65.82
CA ASP P 275 24.95 -24.44 64.46
C ASP P 275 23.42 -24.30 64.40
N SER P 276 22.95 -23.10 64.08
CA SER P 276 21.53 -22.81 64.03
C SER P 276 20.83 -23.53 62.88
N LYS P 277 21.62 -24.07 61.95
CA LYS P 277 21.07 -24.82 60.82
C LYS P 277 20.42 -26.11 61.30
N TRP P 278 21.03 -26.73 62.31
CA TRP P 278 20.53 -27.97 62.89
C TRP P 278 19.93 -27.70 64.26
N ALA P 279 19.19 -26.60 64.37
CA ALA P 279 18.62 -26.19 65.64
C ALA P 279 17.52 -27.14 66.08
N PHE P 280 16.67 -27.54 65.14
CA PHE P 280 15.57 -28.45 65.46
C PHE P 280 16.07 -29.88 65.48
N VAL P 281 15.51 -30.67 66.39
CA VAL P 281 15.81 -32.09 66.47
C VAL P 281 15.19 -32.80 65.27
N THR P 282 14.17 -32.18 64.70
CA THR P 282 13.49 -32.72 63.52
C THR P 282 14.43 -32.86 62.33
N ARG P 283 15.11 -31.77 61.99
CA ARG P 283 16.01 -31.75 60.84
C ARG P 283 17.09 -32.83 60.96
N VAL P 284 17.65 -32.96 62.15
CA VAL P 284 18.69 -33.96 62.40
C VAL P 284 18.11 -35.36 62.23
N ARG P 285 16.83 -35.51 62.53
CA ARG P 285 16.17 -36.81 62.48
C ARG P 285 15.78 -37.22 61.07
N THR P 286 15.43 -36.24 60.24
CA THR P 286 15.05 -36.49 58.85
C THR P 286 16.28 -36.68 57.97
N MET P 287 17.30 -35.86 58.23
CA MET P 287 18.51 -35.87 57.42
C MET P 287 19.30 -37.16 57.63
N ASP P 288 19.41 -37.57 58.89
CA ASP P 288 20.11 -38.80 59.24
C ASP P 288 19.37 -40.03 58.69
N LEU P 289 18.11 -39.84 58.33
CA LEU P 289 17.28 -40.93 57.81
C LEU P 289 17.43 -41.08 56.31
N VAL P 290 17.23 -39.98 55.58
CA VAL P 290 17.31 -39.99 54.13
C VAL P 290 18.74 -40.31 53.67
N MET P 291 19.71 -39.95 54.50
CA MET P 291 21.11 -40.26 54.22
C MET P 291 21.34 -41.77 54.30
N ASP P 292 20.93 -42.35 55.43
CA ASP P 292 21.08 -43.78 55.64
C ASP P 292 20.23 -44.58 54.66
N ALA P 293 19.18 -43.96 54.14
CA ALA P 293 18.30 -44.61 53.16
C ALA P 293 18.98 -44.67 51.80
N ILE P 294 19.56 -43.54 51.38
CA ILE P 294 20.24 -43.45 50.10
C ILE P 294 21.50 -44.29 50.13
N LEU P 295 22.17 -44.32 51.28
CA LEU P 295 23.37 -45.12 51.46
C LEU P 295 23.05 -46.60 51.31
N ALA P 296 22.13 -47.09 52.14
CA ALA P 296 21.76 -48.51 52.14
C ALA P 296 20.85 -48.85 50.95
N GLY P 297 20.32 -47.83 50.30
CA GLY P 297 19.37 -48.03 49.20
C GLY P 297 20.06 -48.36 47.89
N HIS P 298 21.07 -47.58 47.55
CA HIS P 298 21.79 -47.75 46.29
C HIS P 298 23.01 -48.66 46.46
N LYS P 299 22.82 -49.73 47.22
CA LYS P 299 23.83 -50.76 47.40
C LYS P 299 23.80 -51.73 46.22
N TRP P 300 22.70 -51.69 45.46
CA TRP P 300 22.54 -52.55 44.29
C TRP P 300 23.38 -52.04 43.13
N ALA P 301 23.57 -50.72 43.08
CA ALA P 301 24.29 -50.08 41.99
C ALA P 301 25.78 -50.40 42.12
N VAL P 302 26.52 -49.53 42.81
CA VAL P 302 27.97 -49.66 42.97
C VAL P 302 28.61 -49.85 41.59
N ASP P 303 29.65 -50.67 41.49
CA ASP P 303 30.35 -50.84 40.22
C ASP P 303 29.43 -51.46 39.18
N ARG P 304 29.01 -50.65 38.22
CA ARG P 304 28.13 -51.08 37.15
C ARG P 304 28.28 -50.12 35.97
N GLY P 305 27.98 -50.61 34.77
CA GLY P 305 28.12 -49.83 33.55
C GLY P 305 27.44 -48.48 33.65
N ILE P 306 28.25 -47.43 33.68
CA ILE P 306 27.76 -46.07 33.86
C ILE P 306 27.29 -45.53 32.51
N THR P 307 26.31 -46.20 31.91
CA THR P 307 25.71 -45.72 30.68
C THR P 307 24.69 -44.62 30.99
N LYS P 308 24.30 -43.85 29.97
CA LYS P 308 23.31 -42.78 30.13
C LYS P 308 22.02 -43.30 30.78
N THR P 309 21.71 -44.57 30.53
CA THR P 309 20.54 -45.21 31.12
C THR P 309 20.70 -45.33 32.63
N TYR P 310 21.89 -45.80 33.04
CA TYR P 310 22.19 -46.02 34.45
C TYR P 310 22.06 -44.74 35.26
N VAL P 311 22.54 -43.63 34.71
CA VAL P 311 22.47 -42.34 35.38
C VAL P 311 21.02 -41.94 35.58
N LYS P 312 20.22 -42.08 34.53
CA LYS P 312 18.79 -41.76 34.59
C LYS P 312 18.06 -42.73 35.52
N ASP P 313 18.47 -43.99 35.54
CA ASP P 313 17.85 -44.99 36.40
C ASP P 313 18.03 -44.61 37.86
N VAL P 314 19.20 -44.08 38.19
CA VAL P 314 19.50 -43.64 39.53
C VAL P 314 18.86 -42.28 39.79
N THR P 315 18.91 -41.41 38.79
CA THR P 315 18.29 -40.09 38.89
C THR P 315 16.78 -40.22 39.12
N GLU P 316 16.13 -41.05 38.31
CA GLU P 316 14.70 -41.30 38.44
C GLU P 316 14.40 -42.05 39.74
N GLY P 317 15.43 -42.72 40.28
CA GLY P 317 15.28 -43.43 41.55
C GLY P 317 15.12 -42.44 42.69
N LEU P 318 15.80 -41.31 42.59
CA LEU P 318 15.70 -40.24 43.57
C LEU P 318 14.47 -39.38 43.33
N ARG P 319 14.14 -39.17 42.05
CA ARG P 319 12.94 -38.43 41.68
C ARG P 319 11.70 -39.04 42.32
N ALA P 320 11.51 -40.34 42.09
CA ALA P 320 10.35 -41.05 42.61
C ALA P 320 10.43 -41.16 44.12
N PHE P 321 11.63 -41.39 44.65
CA PHE P 321 11.82 -41.56 46.08
C PHE P 321 11.45 -40.30 46.85
N MET P 322 12.05 -39.18 46.48
CA MET P 322 11.79 -37.91 47.16
C MET P 322 10.34 -37.47 46.99
N ARG P 323 9.75 -37.81 45.86
CA ARG P 323 8.36 -37.47 45.62
C ARG P 323 7.43 -38.26 46.53
N ASP P 324 7.89 -39.42 46.97
CA ASP P 324 7.13 -40.22 47.93
C ASP P 324 7.23 -39.61 49.33
N LEU P 325 8.24 -38.77 49.53
CA LEU P 325 8.42 -38.04 50.78
C LEU P 325 7.65 -36.71 50.76
N LYS P 326 7.51 -36.15 49.56
CA LYS P 326 6.86 -34.86 49.40
C LYS P 326 5.36 -34.97 49.65
N ASN P 327 4.69 -35.84 48.89
CA ASN P 327 3.26 -36.06 49.03
C ASN P 327 2.92 -36.65 50.39
N GLN P 328 3.88 -37.36 50.99
CA GLN P 328 3.71 -37.92 52.32
C GLN P 328 3.81 -36.82 53.38
N GLY P 329 4.51 -35.74 53.03
CA GLY P 329 4.65 -34.60 53.91
C GLY P 329 5.96 -34.56 54.67
N ALA P 330 6.88 -35.45 54.31
CA ALA P 330 8.20 -35.51 54.95
C ALA P 330 9.03 -34.28 54.59
N VAL P 331 8.86 -33.82 53.35
CA VAL P 331 9.58 -32.65 52.85
C VAL P 331 8.61 -31.74 52.10
N ILE P 332 8.92 -30.44 52.07
CA ILE P 332 8.08 -29.49 51.36
C ILE P 332 8.31 -29.63 49.86
N ASN P 333 9.57 -29.53 49.45
CA ASN P 333 9.93 -29.68 48.04
C ASN P 333 11.39 -30.09 47.93
N PHE P 334 11.75 -30.65 46.78
CA PHE P 334 13.09 -31.19 46.57
C PHE P 334 13.58 -30.90 45.16
N GLU P 335 14.79 -31.36 44.88
CA GLU P 335 15.40 -31.20 43.57
C GLU P 335 16.66 -32.06 43.51
N VAL P 336 16.71 -32.98 42.56
CA VAL P 336 17.84 -33.90 42.43
C VAL P 336 18.29 -33.95 40.97
N TYR P 337 19.60 -34.01 40.77
CA TYR P 337 20.17 -33.98 39.44
C TYR P 337 21.67 -34.27 39.49
N ALA P 338 22.27 -34.49 38.32
CA ALA P 338 23.71 -34.74 38.22
C ALA P 338 24.43 -33.42 37.92
N ASP P 339 25.35 -33.04 38.79
CA ASP P 339 26.07 -31.77 38.63
C ASP P 339 26.98 -31.81 37.40
N PRO P 340 26.89 -30.80 36.52
CA PRO P 340 27.78 -30.76 35.34
C PRO P 340 29.27 -30.65 35.71
N ASP P 341 29.59 -29.80 36.68
CA ASP P 341 30.97 -29.52 37.03
C ASP P 341 31.64 -30.71 37.72
N LEU P 342 30.94 -31.32 38.67
CA LEU P 342 31.48 -32.46 39.42
C LEU P 342 31.72 -33.65 38.50
N ASN P 343 30.68 -34.04 37.75
CA ASN P 343 30.78 -35.16 36.83
C ASN P 343 31.70 -34.80 35.66
N SER P 344 32.99 -34.70 35.94
CA SER P 344 33.98 -34.39 34.93
C SER P 344 34.39 -35.67 34.21
N ALA P 345 35.01 -35.52 33.03
CA ALA P 345 35.45 -36.66 32.23
C ALA P 345 36.45 -37.53 32.99
N SER P 346 37.18 -36.91 33.92
CA SER P 346 38.20 -37.61 34.70
C SER P 346 37.60 -38.29 35.93
N GLN P 347 36.57 -37.66 36.51
CA GLN P 347 35.92 -38.21 37.69
C GLN P 347 35.18 -39.50 37.36
N LEU P 348 34.45 -39.49 36.24
CA LEU P 348 33.75 -40.68 35.78
C LEU P 348 34.72 -41.80 35.42
N ALA P 349 35.94 -41.42 35.05
CA ALA P 349 36.96 -42.39 34.68
C ALA P 349 37.61 -43.04 35.91
N GLN P 350 37.17 -42.60 37.10
CA GLN P 350 37.59 -43.21 38.36
C GLN P 350 36.41 -43.89 39.05
N GLY P 351 35.24 -43.82 38.41
CA GLY P 351 34.03 -44.43 38.94
C GLY P 351 33.15 -43.43 39.67
N LYS P 352 33.73 -42.31 40.09
CA LYS P 352 32.98 -41.28 40.78
C LYS P 352 31.85 -40.71 39.90
N VAL P 353 30.66 -40.65 40.47
CA VAL P 353 29.52 -40.04 39.81
C VAL P 353 28.61 -39.43 40.89
N TYR P 354 28.33 -38.14 40.76
CA TYR P 354 27.65 -37.39 41.82
C TYR P 354 26.20 -37.07 41.45
N TRP P 355 25.37 -36.91 42.48
CA TRP P 355 23.99 -36.48 42.32
C TRP P 355 23.63 -35.48 43.41
N ASN P 356 23.52 -34.21 43.03
CA ASN P 356 23.25 -33.15 43.98
C ASN P 356 21.81 -33.17 44.47
N ILE P 357 21.60 -33.76 45.64
CA ILE P 357 20.28 -33.77 46.27
C ILE P 357 20.14 -32.55 47.17
N ARG P 358 18.96 -31.94 47.14
CA ARG P 358 18.69 -30.77 47.97
C ARG P 358 17.19 -30.62 48.21
N PHE P 359 16.82 -30.23 49.42
CA PHE P 359 15.43 -30.07 49.79
C PHE P 359 15.30 -29.30 51.10
N THR P 360 14.06 -29.14 51.58
CA THR P 360 13.80 -28.44 52.83
C THR P 360 12.95 -29.30 53.75
N ASP P 361 13.58 -29.89 54.76
CA ASP P 361 12.86 -30.66 55.77
C ASP P 361 11.87 -29.74 56.49
N VAL P 362 10.70 -30.27 56.83
CA VAL P 362 9.64 -29.47 57.44
C VAL P 362 10.02 -29.06 58.87
N PRO P 363 10.09 -27.74 59.14
CA PRO P 363 10.38 -27.27 60.51
C PRO P 363 9.09 -27.13 61.34
N PRO P 364 9.12 -27.52 62.62
CA PRO P 364 7.93 -27.36 63.47
C PRO P 364 7.68 -25.91 63.85
N ALA P 365 6.48 -25.41 63.56
CA ALA P 365 6.11 -24.04 63.91
C ALA P 365 6.08 -23.87 65.42
N GLU P 366 7.26 -23.73 66.03
CA GLU P 366 7.37 -23.71 67.48
C GLU P 366 6.90 -22.39 68.09
N ASN P 367 6.50 -21.44 67.25
CA ASN P 367 6.04 -20.13 67.73
C ASN P 367 5.21 -19.39 66.69
N PRO P 368 3.94 -19.82 66.48
CA PRO P 368 3.04 -19.13 65.55
C PRO P 368 2.45 -17.86 66.14
N ASN P 369 2.74 -16.72 65.53
CA ASN P 369 2.24 -15.43 66.00
C ASN P 369 0.89 -15.07 65.37
N PHE P 370 0.21 -14.10 65.95
CA PHE P 370 -1.10 -13.66 65.46
C PHE P 370 -1.22 -12.15 65.61
N ARG P 371 -0.68 -11.42 64.64
CA ARG P 371 -0.71 -9.97 64.67
C ARG P 371 -2.12 -9.44 64.50
N VAL P 372 -2.94 -9.58 65.54
CA VAL P 372 -4.31 -9.09 65.51
C VAL P 372 -4.32 -7.60 65.81
N GLU P 373 -5.22 -6.87 65.16
CA GLU P 373 -5.29 -5.42 65.31
C GLU P 373 -6.60 -4.88 64.75
N VAL P 374 -7.36 -4.20 65.59
CA VAL P 374 -8.60 -3.57 65.16
C VAL P 374 -8.31 -2.34 64.31
N THR P 375 -9.36 -1.75 63.77
CA THR P 375 -9.24 -0.53 62.98
C THR P 375 -10.63 0.10 62.81
N ASP P 376 -10.73 1.01 61.84
CA ASP P 376 -11.98 1.70 61.56
C ASP P 376 -12.23 1.70 60.05
N GLN P 377 -11.82 0.61 59.41
CA GLN P 377 -11.93 0.50 57.96
C GLN P 377 -13.35 0.13 57.53
N TRP P 378 -13.80 -1.06 57.94
CA TRP P 378 -15.14 -1.53 57.59
C TRP P 378 -16.21 -0.97 58.51
N LEU P 379 -16.36 0.36 58.50
CA LEU P 379 -17.43 1.01 59.26
C LEU P 379 -18.45 1.61 58.31
N THR P 380 -17.97 2.13 57.17
CA THR P 380 -18.84 2.69 56.16
C THR P 380 -19.70 1.60 55.51
N GLU P 381 -19.32 0.34 55.73
CA GLU P 381 -20.08 -0.80 55.23
C GLU P 381 -21.45 -0.83 55.91
N VAL P 382 -21.48 -0.36 57.15
CA VAL P 382 -22.73 -0.25 57.90
C VAL P 382 -23.51 0.96 57.38
N LEU P 383 -24.11 0.81 56.22
CA LEU P 383 -24.83 1.91 55.59
C LEU P 383 -25.61 1.41 54.39
N ASP P 384 -24.94 0.69 53.51
CA ASP P 384 -25.57 0.14 52.31
C ASP P 384 -24.78 -1.06 51.80
N SER Q 2 15.59 -20.55 71.38
CA SER Q 2 14.27 -20.78 70.79
C SER Q 2 13.44 -19.51 70.84
N PHE Q 3 13.51 -18.82 71.98
CA PHE Q 3 12.77 -17.57 72.20
C PHE Q 3 11.27 -17.84 72.30
N PHE Q 4 10.74 -17.61 73.49
CA PHE Q 4 9.32 -17.81 73.80
C PHE Q 4 8.90 -19.28 73.67
N HIS Q 5 8.74 -19.73 72.44
CA HIS Q 5 8.27 -21.10 72.15
C HIS Q 5 6.89 -21.36 72.77
N GLY Q 6 5.85 -20.84 72.13
CA GLY Q 6 4.49 -21.07 72.57
C GLY Q 6 3.49 -20.65 71.51
N VAL Q 7 2.81 -19.53 71.75
CA VAL Q 7 1.85 -18.99 70.79
C VAL Q 7 1.51 -17.56 71.20
N THR Q 8 2.17 -16.60 70.56
CA THR Q 8 1.96 -15.19 70.88
C THR Q 8 0.68 -14.67 70.24
N VAL Q 9 0.36 -13.41 70.53
CA VAL Q 9 -0.83 -12.78 70.00
C VAL Q 9 -0.70 -11.27 70.26
N THR Q 10 0.40 -10.70 69.76
CA THR Q 10 0.69 -9.29 69.98
C THR Q 10 -0.35 -8.38 69.32
N ASN Q 11 -0.85 -7.41 70.07
CA ASN Q 11 -1.80 -6.43 69.55
C ASN Q 11 -1.07 -5.27 68.92
N VAL Q 12 -1.09 -5.21 67.58
CA VAL Q 12 -0.42 -4.14 66.85
C VAL Q 12 -1.25 -2.87 66.94
N ASP Q 13 -0.81 -1.94 67.79
CA ASP Q 13 -1.54 -0.70 68.04
C ASP Q 13 -1.20 0.35 66.98
N ILE Q 14 -1.79 0.20 65.79
CA ILE Q 14 -1.63 1.17 64.72
C ILE Q 14 -2.96 1.42 64.03
N GLY Q 15 -3.05 2.53 63.32
CA GLY Q 15 -4.28 2.93 62.64
C GLY Q 15 -4.57 4.40 62.91
N ALA Q 16 -5.37 5.00 62.03
CA ALA Q 16 -5.72 6.40 62.17
C ALA Q 16 -6.65 6.63 63.35
N ARG Q 17 -6.15 7.33 64.37
CA ARG Q 17 -6.97 7.66 65.54
C ARG Q 17 -8.02 8.70 65.19
N THR Q 18 -9.07 8.76 66.01
CA THR Q 18 -10.14 9.73 65.83
C THR Q 18 -9.79 11.04 66.54
N ILE Q 19 -10.40 12.13 66.10
CA ILE Q 19 -10.15 13.45 66.69
C ILE Q 19 -11.47 14.18 66.90
N ALA Q 20 -11.55 14.91 68.01
CA ALA Q 20 -12.76 15.63 68.39
C ALA Q 20 -12.52 17.14 68.43
N LEU Q 21 -13.58 17.89 68.70
CA LEU Q 21 -13.53 19.35 68.80
C LEU Q 21 -13.82 19.78 70.23
N PRO Q 22 -12.78 19.82 71.09
CA PRO Q 22 -12.98 20.11 72.51
C PRO Q 22 -13.40 21.55 72.78
N ALA Q 23 -13.84 21.82 74.00
CA ALA Q 23 -14.18 23.17 74.45
C ALA Q 23 -15.36 23.77 73.67
N SER Q 24 -15.18 23.93 72.36
CA SER Q 24 -16.21 24.47 71.47
C SER Q 24 -16.56 25.91 71.82
N SER Q 25 -17.28 26.11 72.92
CA SER Q 25 -17.71 27.45 73.31
C SER Q 25 -18.02 27.52 74.81
N VAL Q 26 -16.99 27.39 75.63
CA VAL Q 26 -17.14 27.56 77.07
C VAL Q 26 -16.85 29.01 77.43
N ILE Q 27 -17.75 29.61 78.22
CA ILE Q 27 -17.65 31.01 78.57
C ILE Q 27 -16.79 31.19 79.83
N GLY Q 28 -15.98 32.24 79.81
CA GLY Q 28 -15.10 32.58 80.92
C GLY Q 28 -15.43 33.96 81.45
N LEU Q 29 -16.36 34.02 82.39
CA LEU Q 29 -16.87 35.27 82.92
C LEU Q 29 -16.18 35.66 84.22
N CYS Q 30 -16.19 36.95 84.54
CA CYS Q 30 -15.56 37.45 85.77
C CYS Q 30 -16.11 38.83 86.12
N ASP Q 31 -17.23 38.85 86.82
CA ASP Q 31 -17.84 40.09 87.29
C ASP Q 31 -17.58 40.21 88.79
N VAL Q 32 -18.54 40.76 89.54
CA VAL Q 32 -18.40 40.90 90.98
C VAL Q 32 -19.66 40.45 91.71
N PHE Q 33 -19.54 40.23 93.01
CA PHE Q 33 -20.68 39.86 93.83
C PHE Q 33 -20.40 40.18 95.29
N THR Q 34 -21.27 39.70 96.18
CA THR Q 34 -21.15 39.94 97.61
C THR Q 34 -21.09 38.62 98.37
N PRO Q 35 -19.88 38.15 98.71
CA PRO Q 35 -19.77 36.89 99.45
C PRO Q 35 -20.23 37.03 100.90
N GLY Q 36 -20.91 36.01 101.41
CA GLY Q 36 -21.39 36.03 102.79
C GLY Q 36 -22.10 34.76 103.16
N ALA Q 37 -23.43 34.80 103.17
CA ALA Q 37 -24.25 33.67 103.59
C ALA Q 37 -24.67 32.80 102.43
N GLN Q 38 -25.63 33.27 101.65
CA GLN Q 38 -26.19 32.51 100.53
C GLN Q 38 -25.14 32.27 99.43
N ALA Q 39 -24.09 33.09 99.42
CA ALA Q 39 -23.04 32.97 98.43
C ALA Q 39 -22.14 31.78 98.75
N SER Q 40 -22.41 30.65 98.10
CA SER Q 40 -21.65 29.42 98.33
C SER Q 40 -20.24 29.53 97.74
N ALA Q 41 -20.15 30.15 96.56
CA ALA Q 41 -18.87 30.31 95.88
C ALA Q 41 -17.94 31.19 96.70
N LYS Q 42 -16.66 30.83 96.73
CA LYS Q 42 -15.68 31.57 97.51
C LYS Q 42 -15.42 32.94 96.86
N PRO Q 43 -14.83 33.89 97.61
CA PRO Q 43 -14.69 35.26 97.13
C PRO Q 43 -13.77 35.45 95.92
N ASN Q 44 -13.23 34.38 95.34
CA ASN Q 44 -12.27 34.55 94.24
C ASN Q 44 -12.05 33.31 93.37
N VAL Q 45 -12.19 32.11 93.93
CA VAL Q 45 -11.84 30.91 93.19
C VAL Q 45 -12.78 30.67 92.01
N PRO Q 46 -12.30 30.02 90.95
CA PRO Q 46 -13.19 29.67 89.83
C PRO Q 46 -14.26 28.66 90.24
N VAL Q 47 -15.48 28.86 89.74
CA VAL Q 47 -16.58 27.94 90.01
C VAL Q 47 -17.29 27.62 88.70
N LEU Q 48 -17.55 26.34 88.47
CA LEU Q 48 -18.20 25.92 87.24
C LEU Q 48 -19.71 26.04 87.38
N LEU Q 49 -20.37 26.41 86.28
CA LEU Q 49 -21.81 26.58 86.25
C LEU Q 49 -22.41 25.72 85.14
N THR Q 50 -23.73 25.72 85.07
CA THR Q 50 -24.45 24.93 84.06
C THR Q 50 -25.85 25.49 83.84
N SER Q 51 -26.45 26.01 84.91
CA SER Q 51 -27.78 26.59 84.84
C SER Q 51 -27.93 27.69 85.89
N LYS Q 52 -29.04 28.40 85.84
CA LYS Q 52 -29.31 29.48 86.78
C LYS Q 52 -29.32 28.97 88.22
N LYS Q 53 -29.85 27.77 88.42
CA LYS Q 53 -29.90 27.17 89.75
C LYS Q 53 -28.49 27.01 90.33
N ASP Q 54 -27.58 26.49 89.52
CA ASP Q 54 -26.21 26.26 89.98
C ASP Q 54 -25.47 27.58 90.19
N ALA Q 55 -25.96 28.64 89.54
CA ALA Q 55 -25.35 29.96 89.63
C ALA Q 55 -25.96 30.79 90.77
N ALA Q 56 -27.25 30.60 90.99
CA ALA Q 56 -27.97 31.36 92.02
C ALA Q 56 -27.44 31.04 93.41
N ALA Q 57 -27.40 29.75 93.74
CA ALA Q 57 -26.92 29.31 95.05
C ALA Q 57 -25.42 29.57 95.22
N ALA Q 58 -24.74 29.80 94.11
CA ALA Q 58 -23.28 30.02 94.11
C ALA Q 58 -22.94 31.44 94.53
N PHE Q 59 -23.41 32.41 93.75
CA PHE Q 59 -23.07 33.82 93.96
C PHE Q 59 -24.18 34.55 94.72
N GLY Q 60 -25.43 34.23 94.38
CA GLY Q 60 -26.58 34.84 95.02
C GLY Q 60 -27.38 35.68 94.05
N ILE Q 61 -28.61 36.02 94.44
CA ILE Q 61 -29.48 36.84 93.61
C ILE Q 61 -29.17 38.31 93.85
N GLY Q 62 -29.26 39.11 92.79
CA GLY Q 62 -28.97 40.53 92.89
C GLY Q 62 -27.51 40.84 92.63
N SER Q 63 -26.66 39.84 92.80
CA SER Q 63 -25.24 39.99 92.53
C SER Q 63 -25.03 40.41 91.08
N SER Q 64 -24.18 41.40 90.86
CA SER Q 64 -23.93 41.93 89.52
C SER Q 64 -23.44 40.85 88.55
N ILE Q 65 -22.88 39.78 89.11
CA ILE Q 65 -22.41 38.66 88.30
C ILE Q 65 -23.57 37.76 87.86
N TYR Q 66 -24.57 37.66 88.72
CA TYR Q 66 -25.73 36.82 88.44
C TYR Q 66 -26.59 37.42 87.33
N LEU Q 67 -26.62 38.75 87.27
CA LEU Q 67 -27.34 39.45 86.21
C LEU Q 67 -26.69 39.21 84.85
N ALA Q 68 -25.41 38.85 84.88
CA ALA Q 68 -24.65 38.55 83.66
C ALA Q 68 -24.82 37.09 83.27
N CYS Q 69 -24.80 36.20 84.25
CA CYS Q 69 -25.01 34.78 84.00
C CYS Q 69 -26.45 34.52 83.57
N GLU Q 70 -27.39 35.19 84.23
CA GLU Q 70 -28.80 35.06 83.90
C GLU Q 70 -29.06 35.56 82.47
N ALA Q 71 -28.30 36.58 82.07
CA ALA Q 71 -28.42 37.13 80.73
C ALA Q 71 -27.95 36.12 79.68
N ILE Q 72 -27.03 35.26 80.07
CA ILE Q 72 -26.50 34.23 79.18
C ILE Q 72 -27.46 33.04 79.11
N TYR Q 73 -27.92 32.58 80.27
CA TYR Q 73 -28.78 31.40 80.34
C TYR Q 73 -30.18 31.69 79.79
N ASN Q 74 -30.60 32.96 79.90
CA ASN Q 74 -31.87 33.39 79.32
C ASN Q 74 -31.80 33.27 77.81
N ARG Q 75 -30.66 33.67 77.26
CA ARG Q 75 -30.40 33.56 75.82
C ARG Q 75 -30.28 32.09 75.42
N ALA Q 76 -29.16 31.46 75.80
CA ALA Q 76 -28.92 30.07 75.48
C ALA Q 76 -28.02 29.45 76.54
N GLN Q 77 -28.38 28.25 76.97
CA GLN Q 77 -27.65 27.55 78.03
C GLN Q 77 -26.24 27.21 77.58
N ALA Q 78 -25.27 27.35 78.49
CA ALA Q 78 -23.89 27.07 78.18
C ALA Q 78 -23.07 26.93 79.46
N VAL Q 79 -21.89 26.34 79.34
CA VAL Q 79 -20.98 26.19 80.47
C VAL Q 79 -20.27 27.51 80.74
N ILE Q 80 -20.28 27.93 82.00
CA ILE Q 80 -19.65 29.19 82.40
C ILE Q 80 -18.73 28.94 83.59
N VAL Q 81 -17.43 28.85 83.33
CA VAL Q 81 -16.45 28.76 84.40
C VAL Q 81 -16.24 30.16 84.97
N ALA Q 82 -17.27 30.64 85.68
CA ALA Q 82 -17.24 31.98 86.24
C ALA Q 82 -16.26 32.08 87.40
N VAL Q 83 -15.72 33.27 87.61
CA VAL Q 83 -14.78 33.53 88.69
C VAL Q 83 -15.47 34.34 89.78
N GLY Q 84 -15.66 35.63 89.52
CA GLY Q 84 -16.33 36.52 90.47
C GLY Q 84 -15.39 36.94 91.58
N VAL Q 85 -15.37 38.25 91.84
CA VAL Q 85 -14.50 38.82 92.88
C VAL Q 85 -15.28 39.81 93.74
N GLU Q 86 -14.88 39.93 95.00
CA GLU Q 86 -15.56 40.83 95.93
C GLU Q 86 -15.45 42.27 95.46
N THR Q 87 -16.53 43.04 95.67
CA THR Q 87 -16.54 44.45 95.32
C THR Q 87 -15.57 45.23 96.20
N ALA Q 88 -14.89 46.20 95.61
CA ALA Q 88 -13.91 47.01 96.34
C ALA Q 88 -14.50 48.38 96.69
N GLU Q 89 -13.68 49.23 97.30
CA GLU Q 89 -14.12 50.56 97.71
C GLU Q 89 -14.34 51.46 96.50
N THR Q 90 -13.24 51.91 95.90
CA THR Q 90 -13.30 52.78 94.73
C THR Q 90 -13.45 51.94 93.45
N PRO Q 91 -14.08 52.50 92.41
CA PRO Q 91 -14.29 51.75 91.17
C PRO Q 91 -12.99 51.48 90.43
N GLU Q 92 -12.01 52.37 90.60
CA GLU Q 92 -10.72 52.24 89.93
C GLU Q 92 -9.93 51.05 90.49
N ALA Q 93 -9.81 51.01 91.81
CA ALA Q 93 -9.05 49.96 92.49
C ALA Q 93 -9.79 48.62 92.40
N GLN Q 94 -11.07 48.66 92.06
CA GLN Q 94 -11.86 47.44 91.93
C GLN Q 94 -11.40 46.66 90.70
N ALA Q 95 -10.91 47.37 89.70
CA ALA Q 95 -10.43 46.75 88.46
C ALA Q 95 -9.20 45.90 88.72
N SER Q 96 -8.47 46.22 89.81
CA SER Q 96 -7.29 45.46 90.19
C SER Q 96 -7.68 44.04 90.56
N ALA Q 97 -8.71 43.91 91.40
CA ALA Q 97 -9.21 42.62 91.83
C ALA Q 97 -9.80 41.87 90.63
N VAL Q 98 -10.34 42.62 89.67
CA VAL Q 98 -10.92 42.02 88.47
C VAL Q 98 -9.81 41.42 87.62
N ILE Q 99 -8.77 42.20 87.36
CA ILE Q 99 -7.62 41.70 86.61
C ILE Q 99 -6.95 40.61 87.43
N GLY Q 100 -6.60 40.93 88.67
CA GLY Q 100 -6.02 39.97 89.58
C GLY Q 100 -4.57 39.68 89.27
N GLY Q 101 -3.70 39.95 90.23
CA GLY Q 101 -2.29 39.68 90.07
C GLY Q 101 -1.99 38.20 90.22
N ILE Q 102 -1.77 37.76 91.46
CA ILE Q 102 -1.48 36.36 91.74
C ILE Q 102 -1.58 36.03 93.23
N SER Q 103 -1.43 37.06 94.06
CA SER Q 103 -1.55 36.93 95.52
C SER Q 103 -0.39 36.11 96.10
N ALA Q 104 -0.21 36.23 97.42
CA ALA Q 104 0.86 35.52 98.11
C ALA Q 104 0.58 34.02 98.18
N ALA Q 105 -0.69 33.66 98.02
CA ALA Q 105 -1.09 32.25 98.07
C ALA Q 105 -0.54 31.49 96.87
N GLY Q 106 -0.24 32.21 95.79
CA GLY Q 106 0.30 31.62 94.60
C GLY Q 106 -0.79 31.31 93.58
N GLU Q 107 -2.01 31.12 94.07
CA GLU Q 107 -3.13 30.80 93.19
C GLU Q 107 -3.56 32.04 92.40
N ARG Q 108 -3.69 31.85 91.09
CA ARG Q 108 -4.07 32.94 90.18
C ARG Q 108 -5.41 33.55 90.59
N THR Q 109 -5.39 34.85 90.88
CA THR Q 109 -6.60 35.56 91.30
C THR Q 109 -7.24 36.32 90.15
N GLY Q 110 -8.49 36.73 90.37
CA GLY Q 110 -9.20 37.56 89.43
C GLY Q 110 -9.38 36.93 88.06
N LEU Q 111 -9.39 37.78 87.03
CA LEU Q 111 -9.61 37.34 85.66
C LEU Q 111 -8.59 36.31 85.17
N GLN Q 112 -7.39 36.36 85.74
CA GLN Q 112 -6.33 35.44 85.34
C GLN Q 112 -6.56 34.03 85.87
N ALA Q 113 -7.56 33.88 86.74
CA ALA Q 113 -7.88 32.58 87.32
C ALA Q 113 -8.51 31.64 86.29
N LEU Q 114 -8.91 32.20 85.15
CA LEU Q 114 -9.58 31.41 84.11
C LEU Q 114 -8.65 30.35 83.51
N LEU Q 115 -7.34 30.56 83.64
CA LEU Q 115 -6.37 29.60 83.13
C LEU Q 115 -6.44 28.29 83.89
N ASP Q 116 -7.04 28.32 85.08
CA ASP Q 116 -7.17 27.14 85.92
C ASP Q 116 -8.42 26.32 85.54
N GLY Q 117 -9.33 26.95 84.81
CA GLY Q 117 -10.58 26.29 84.42
C GLY Q 117 -10.37 25.06 83.58
N LYS Q 118 -9.24 25.00 82.89
CA LYS Q 118 -8.92 23.87 82.02
C LYS Q 118 -8.43 22.67 82.84
N SER Q 119 -7.55 22.94 83.79
CA SER Q 119 -6.93 21.88 84.60
C SER Q 119 -7.70 21.66 85.92
N ARG Q 120 -9.01 21.87 85.87
CA ARG Q 120 -9.86 21.64 87.04
C ARG Q 120 -11.26 21.16 86.63
N PHE Q 121 -11.77 21.71 85.53
CA PHE Q 121 -13.12 21.38 85.07
C PHE Q 121 -13.11 20.80 83.65
N ASN Q 122 -11.91 20.64 83.08
CA ASN Q 122 -11.77 20.15 81.72
C ASN Q 122 -12.59 20.97 80.73
N ALA Q 123 -12.79 22.25 81.06
CA ALA Q 123 -13.58 23.15 80.24
C ALA Q 123 -12.82 24.46 80.07
N GLN Q 124 -11.92 24.48 79.10
CA GLN Q 124 -11.14 25.68 78.82
C GLN Q 124 -12.06 26.81 78.35
N PRO Q 125 -12.16 27.90 79.14
CA PRO Q 125 -13.03 29.00 78.68
C PRO Q 125 -12.52 29.62 77.38
N ARG Q 126 -13.09 29.18 76.27
CA ARG Q 126 -12.68 29.67 74.96
C ARG Q 126 -13.61 30.80 74.51
N LEU Q 127 -13.99 31.65 75.48
CA LEU Q 127 -14.86 32.78 75.21
C LEU Q 127 -14.91 33.68 76.43
N LEU Q 128 -13.93 34.59 76.52
CA LEU Q 128 -13.83 35.49 77.67
C LEU Q 128 -14.92 36.56 77.64
N VAL Q 129 -15.15 37.17 78.80
CA VAL Q 129 -16.16 38.21 78.95
C VAL Q 129 -16.04 38.80 80.35
N ALA Q 130 -16.19 40.11 80.44
CA ALA Q 130 -16.08 40.81 81.72
C ALA Q 130 -17.06 41.99 81.76
N PRO Q 131 -18.36 41.70 82.00
CA PRO Q 131 -19.40 42.74 81.98
C PRO Q 131 -19.13 43.85 83.00
N GLY Q 132 -19.29 45.10 82.57
CA GLY Q 132 -19.05 46.25 83.44
C GLY Q 132 -17.59 46.66 83.42
N HIS Q 133 -16.71 45.71 83.67
CA HIS Q 133 -15.27 45.96 83.69
C HIS Q 133 -14.63 45.65 82.35
N SER Q 134 -14.72 46.60 81.42
CA SER Q 134 -14.10 46.48 80.11
C SER Q 134 -13.91 47.85 79.46
N ALA Q 135 -14.75 48.81 79.84
CA ALA Q 135 -14.62 50.18 79.34
C ALA Q 135 -13.31 50.81 79.80
N GLN Q 136 -12.78 50.30 80.90
CA GLN Q 136 -11.49 50.76 81.41
C GLN Q 136 -10.35 50.20 80.55
N GLN Q 137 -9.42 51.08 80.16
CA GLN Q 137 -8.30 50.73 79.28
C GLN Q 137 -7.44 49.64 79.91
N ALA Q 138 -7.43 49.58 81.24
CA ALA Q 138 -6.56 48.68 81.98
C ALA Q 138 -6.98 47.21 81.81
N VAL Q 139 -8.16 46.88 82.34
CA VAL Q 139 -8.67 45.51 82.33
C VAL Q 139 -8.86 44.97 80.92
N ALA Q 140 -9.03 45.87 79.95
CA ALA Q 140 -9.27 45.47 78.57
C ALA Q 140 -8.06 44.77 77.96
N THR Q 141 -6.87 45.22 78.34
CA THR Q 141 -5.63 44.64 77.83
C THR Q 141 -5.38 43.27 78.44
N ALA Q 142 -5.77 43.10 79.70
CA ALA Q 142 -5.66 41.82 80.39
C ALA Q 142 -6.53 40.78 79.68
N MET Q 143 -7.68 41.21 79.19
CA MET Q 143 -8.57 40.36 78.42
C MET Q 143 -7.92 39.97 77.09
N ASP Q 144 -7.12 40.88 76.54
CA ASP Q 144 -6.42 40.64 75.29
C ASP Q 144 -5.31 39.62 75.47
N GLY Q 145 -4.49 39.83 76.49
CA GLY Q 145 -3.35 38.97 76.75
C GLY Q 145 -3.78 37.59 77.18
N LEU Q 146 -4.86 37.54 77.95
CA LEU Q 146 -5.38 36.27 78.47
C LEU Q 146 -6.00 35.42 77.37
N ALA Q 147 -6.61 36.08 76.39
CA ALA Q 147 -7.29 35.38 75.30
C ALA Q 147 -6.31 34.55 74.48
N GLU Q 148 -5.09 35.06 74.32
CA GLU Q 148 -4.07 34.36 73.55
C GLU Q 148 -3.56 33.13 74.29
N LYS Q 149 -3.68 33.14 75.62
CA LYS Q 149 -3.29 31.99 76.43
C LYS Q 149 -4.33 30.88 76.31
N LEU Q 150 -5.58 31.30 76.15
CA LEU Q 150 -6.71 30.37 76.08
C LEU Q 150 -7.21 30.21 74.65
N ARG Q 151 -6.63 30.96 73.72
CA ARG Q 151 -7.07 30.96 72.32
C ARG Q 151 -8.56 31.27 72.23
N ALA Q 152 -9.01 32.20 73.08
CA ALA Q 152 -10.42 32.54 73.18
C ALA Q 152 -10.72 33.80 72.38
N ILE Q 153 -11.92 34.36 72.57
CA ILE Q 153 -12.31 35.60 71.93
C ILE Q 153 -12.93 36.52 72.97
N ALA Q 154 -12.11 37.39 73.55
CA ALA Q 154 -12.54 38.29 74.60
C ALA Q 154 -13.54 39.32 74.09
N ILE Q 155 -14.76 39.28 74.61
CA ILE Q 155 -15.81 40.22 74.24
C ILE Q 155 -15.78 41.42 75.18
N LEU Q 156 -15.30 42.55 74.67
CA LEU Q 156 -15.27 43.79 75.45
C LEU Q 156 -16.62 44.50 75.36
N ASP Q 157 -16.71 45.66 76.01
CA ASP Q 157 -17.91 46.47 75.96
C ASP Q 157 -17.55 47.93 76.24
N GLY Q 158 -17.34 48.69 75.19
CA GLY Q 158 -16.92 50.08 75.31
C GLY Q 158 -17.96 50.96 75.94
N PRO Q 159 -17.56 52.17 76.37
CA PRO Q 159 -18.48 53.10 77.04
C PRO Q 159 -19.55 53.63 76.09
N ASN Q 160 -20.73 53.91 76.62
CA ASN Q 160 -21.82 54.47 75.83
C ASN Q 160 -21.51 55.92 75.47
N SER Q 161 -22.07 56.86 76.24
CA SER Q 161 -21.85 58.28 76.01
C SER Q 161 -22.18 58.67 74.57
N THR Q 162 -21.30 58.32 73.65
CA THR Q 162 -21.48 58.65 72.23
C THR Q 162 -20.62 57.74 71.36
N ASP Q 163 -20.79 57.88 70.05
CA ASP Q 163 -20.09 57.04 69.07
C ASP Q 163 -18.62 57.44 68.95
N GLU Q 164 -18.35 58.74 69.10
CA GLU Q 164 -16.99 59.27 69.00
C GLU Q 164 -16.08 58.63 70.03
N ALA Q 165 -16.63 58.37 71.22
CA ALA Q 165 -15.87 57.79 72.32
C ALA Q 165 -15.64 56.29 72.10
N ALA Q 166 -16.49 55.67 71.29
CA ALA Q 166 -16.40 54.24 71.02
C ALA Q 166 -15.33 53.95 69.97
N VAL Q 167 -15.26 54.81 68.95
CA VAL Q 167 -14.28 54.65 67.89
C VAL Q 167 -12.87 54.94 68.43
N ALA Q 168 -12.75 55.97 69.26
CA ALA Q 168 -11.47 56.36 69.82
C ALA Q 168 -10.96 55.31 70.80
N TYR Q 169 -11.86 54.45 71.27
CA TYR Q 169 -11.51 53.39 72.21
C TYR Q 169 -11.00 52.15 71.48
N ALA Q 170 -11.64 51.82 70.35
CA ALA Q 170 -11.28 50.66 69.56
C ALA Q 170 -9.93 50.88 68.86
N LYS Q 171 -9.61 52.14 68.59
CA LYS Q 171 -8.37 52.52 67.92
C LYS Q 171 -7.15 52.06 68.73
N ASN Q 172 -7.37 51.74 70.01
CA ASN Q 172 -6.28 51.33 70.88
C ASN Q 172 -5.81 49.91 70.60
N PHE Q 173 -6.78 48.99 70.50
CA PHE Q 173 -6.46 47.57 70.32
C PHE Q 173 -6.33 47.22 68.85
N GLY Q 174 -5.84 46.01 68.58
CA GLY Q 174 -5.70 45.51 67.23
C GLY Q 174 -5.42 44.02 67.17
N SER Q 175 -5.81 43.29 68.21
CA SER Q 175 -5.53 41.86 68.30
C SER Q 175 -6.66 41.04 67.69
N LYS Q 176 -6.32 39.87 67.18
CA LYS Q 176 -7.29 38.96 66.58
C LYS Q 176 -8.43 38.61 67.54
N ARG Q 177 -8.11 38.56 68.83
CA ARG Q 177 -9.03 38.04 69.83
C ARG Q 177 -9.68 39.15 70.65
N LEU Q 178 -10.40 40.03 69.96
CA LEU Q 178 -11.16 41.08 70.63
C LEU Q 178 -12.39 41.43 69.80
N PHE Q 179 -13.55 41.29 70.42
CA PHE Q 179 -14.82 41.54 69.75
C PHE Q 179 -15.67 42.47 70.60
N MET Q 180 -15.45 43.77 70.44
CA MET Q 180 -16.10 44.76 71.29
C MET Q 180 -17.48 45.12 70.77
N VAL Q 181 -18.36 45.48 71.70
CA VAL Q 181 -19.70 45.97 71.39
C VAL Q 181 -19.90 47.30 72.11
N ASP Q 182 -20.26 48.34 71.37
CA ASP Q 182 -20.32 49.68 71.90
C ASP Q 182 -21.63 50.02 72.61
N PRO Q 183 -22.75 50.01 71.88
CA PRO Q 183 -24.01 50.46 72.50
C PRO Q 183 -24.46 49.55 73.64
N GLY Q 184 -24.55 50.11 74.85
CA GLY Q 184 -24.93 49.32 76.02
C GLY Q 184 -26.42 49.09 76.07
N VAL Q 185 -26.84 47.86 75.79
CA VAL Q 185 -28.25 47.48 75.85
C VAL Q 185 -28.76 47.62 77.28
N GLN Q 186 -30.04 47.97 77.43
CA GLN Q 186 -30.64 48.11 78.74
C GLN Q 186 -31.65 46.99 78.98
N VAL Q 187 -31.50 46.32 80.13
CA VAL Q 187 -32.38 45.21 80.50
C VAL Q 187 -33.31 45.65 81.62
N TRP Q 188 -34.45 44.96 81.75
CA TRP Q 188 -35.39 45.23 82.82
C TRP Q 188 -34.99 44.46 84.08
N ASP Q 189 -34.29 45.13 85.00
CA ASP Q 189 -33.85 44.50 86.23
C ASP Q 189 -35.05 44.12 87.10
N SER Q 190 -34.99 42.94 87.72
CA SER Q 190 -36.08 42.46 88.56
C SER Q 190 -36.11 43.16 89.92
N ALA Q 191 -34.92 43.44 90.44
CA ALA Q 191 -34.78 44.05 91.76
C ALA Q 191 -35.20 45.52 91.75
N THR Q 192 -34.82 46.23 90.70
CA THR Q 192 -35.10 47.65 90.57
C THR Q 192 -36.54 47.88 90.09
N ASN Q 193 -37.10 46.87 89.41
CA ASN Q 193 -38.45 46.93 88.86
C ASN Q 193 -38.61 48.09 87.89
N ALA Q 194 -37.58 48.32 87.08
CA ALA Q 194 -37.60 49.37 86.07
C ALA Q 194 -36.44 49.18 85.10
N ALA Q 195 -36.25 50.15 84.21
CA ALA Q 195 -35.17 50.10 83.24
C ALA Q 195 -33.82 50.11 83.94
N ARG Q 196 -32.82 49.51 83.30
CA ARG Q 196 -31.50 49.39 83.89
C ARG Q 196 -30.46 49.07 82.83
N ASN Q 197 -29.52 49.99 82.61
CA ASN Q 197 -28.50 49.82 81.60
C ASN Q 197 -27.53 48.69 81.93
N ALA Q 198 -27.21 47.89 80.92
CA ALA Q 198 -26.30 46.76 81.08
C ALA Q 198 -25.08 46.94 80.18
N PRO Q 199 -23.98 46.21 80.46
CA PRO Q 199 -22.77 46.32 79.65
C PRO Q 199 -22.88 45.66 78.28
N ALA Q 200 -23.91 44.85 78.08
CA ALA Q 200 -24.15 44.19 76.79
C ALA Q 200 -23.02 43.23 76.42
N SER Q 201 -22.18 42.89 77.40
CA SER Q 201 -21.04 42.02 77.18
C SER Q 201 -21.47 40.56 77.29
N ALA Q 202 -22.16 40.25 78.39
CA ALA Q 202 -22.63 38.90 78.65
C ALA Q 202 -23.72 38.48 77.66
N TYR Q 203 -24.53 39.46 77.25
CA TYR Q 203 -25.60 39.21 76.28
C TYR Q 203 -25.02 38.80 74.93
N ALA Q 204 -23.93 39.45 74.55
CA ALA Q 204 -23.24 39.14 73.31
C ALA Q 204 -22.47 37.83 73.43
N ALA Q 205 -22.11 37.47 74.66
CA ALA Q 205 -21.40 36.22 74.93
C ALA Q 205 -22.35 35.03 74.84
N GLY Q 206 -23.48 35.13 75.53
CA GLY Q 206 -24.49 34.09 75.51
C GLY Q 206 -25.03 33.90 74.11
N LEU Q 207 -25.05 35.00 73.36
CA LEU Q 207 -25.51 34.99 71.97
C LEU Q 207 -24.65 34.07 71.10
N PHE Q 208 -23.34 34.09 71.34
CA PHE Q 208 -22.42 33.21 70.62
C PHE Q 208 -22.76 31.74 70.95
N ALA Q 209 -22.92 31.47 72.24
CA ALA Q 209 -23.18 30.12 72.74
C ALA Q 209 -24.44 29.54 72.11
N TRP Q 210 -25.36 30.42 71.73
CA TRP Q 210 -26.60 30.01 71.10
C TRP Q 210 -26.35 29.51 69.67
N THR Q 211 -25.55 30.28 68.93
CA THR Q 211 -25.22 29.94 67.54
C THR Q 211 -24.26 28.75 67.47
N ASP Q 212 -23.33 28.70 68.42
CA ASP Q 212 -22.33 27.65 68.47
C ASP Q 212 -22.97 26.29 68.76
N ALA Q 213 -23.95 26.28 69.65
CA ALA Q 213 -24.66 25.06 70.00
C ALA Q 213 -25.66 24.70 68.90
N GLU Q 214 -26.18 25.72 68.22
CA GLU Q 214 -27.17 25.52 67.16
C GLU Q 214 -26.50 25.21 65.83
N TYR Q 215 -26.04 26.25 65.14
CA TYR Q 215 -25.40 26.11 63.83
C TYR Q 215 -24.03 25.46 64.00
N GLY Q 216 -23.17 26.13 64.76
CA GLY Q 216 -21.81 25.67 64.99
C GLY Q 216 -20.87 26.82 65.30
N PHE Q 217 -19.72 26.50 65.86
CA PHE Q 217 -18.71 27.51 66.18
C PHE Q 217 -18.27 28.25 64.91
N TRP Q 218 -18.34 27.55 63.78
CA TRP Q 218 -17.96 28.12 62.49
C TRP Q 218 -19.02 29.11 62.00
N SER Q 219 -20.22 29.03 62.56
CA SER Q 219 -21.29 29.94 62.17
C SER Q 219 -21.05 31.32 62.78
N SER Q 220 -21.35 32.36 62.01
CA SER Q 220 -21.19 33.72 62.50
C SER Q 220 -22.29 34.06 63.51
N PRO Q 221 -21.94 34.76 64.59
CA PRO Q 221 -22.94 35.12 65.61
C PRO Q 221 -23.80 36.32 65.22
N SER Q 222 -23.24 37.20 64.40
CA SER Q 222 -23.92 38.44 64.00
C SER Q 222 -25.29 38.17 63.38
N ASN Q 223 -26.14 39.20 63.36
CA ASN Q 223 -27.46 39.11 62.75
C ASN Q 223 -28.33 38.05 63.43
N LYS Q 224 -28.11 37.85 64.73
CA LYS Q 224 -28.91 36.94 65.52
C LYS Q 224 -29.52 37.71 66.69
N GLU Q 225 -30.83 37.53 66.87
CA GLU Q 225 -31.58 38.30 67.85
C GLU Q 225 -31.21 37.91 69.28
N ILE Q 226 -31.08 38.92 70.14
CA ILE Q 226 -30.75 38.70 71.53
C ILE Q 226 -31.98 38.91 72.41
N LYS Q 227 -32.18 38.01 73.37
CA LYS Q 227 -33.31 38.08 74.29
C LYS Q 227 -32.90 38.75 75.61
N GLY Q 228 -33.89 39.02 76.45
CA GLY Q 228 -33.64 39.62 77.75
C GLY Q 228 -33.22 41.07 77.61
N VAL Q 229 -33.97 41.82 76.81
CA VAL Q 229 -33.68 43.22 76.54
C VAL Q 229 -34.97 44.03 76.62
N THR Q 230 -34.84 45.35 76.47
CA THR Q 230 -36.01 46.23 76.54
C THR Q 230 -35.65 47.66 76.11
N GLY Q 231 -34.72 47.78 75.18
CA GLY Q 231 -34.25 49.07 74.70
C GLY Q 231 -32.74 49.09 74.66
N THR Q 232 -32.16 50.12 74.03
CA THR Q 232 -30.71 50.21 73.90
C THR Q 232 -30.26 51.66 74.12
N SER Q 233 -29.29 51.82 75.00
CA SER Q 233 -28.70 53.13 75.26
C SER Q 233 -28.11 53.70 73.98
N ARG Q 234 -28.48 54.94 73.67
CA ARG Q 234 -28.05 55.62 72.45
C ARG Q 234 -28.56 54.85 71.22
N PRO Q 235 -29.76 55.18 70.74
CA PRO Q 235 -30.35 54.42 69.64
C PRO Q 235 -29.53 54.53 68.36
N VAL Q 236 -28.72 53.51 68.08
CA VAL Q 236 -27.92 53.47 66.87
C VAL Q 236 -28.85 53.28 65.67
N GLU Q 237 -28.84 54.26 64.76
CA GLU Q 237 -29.73 54.25 63.61
C GLU Q 237 -29.32 53.21 62.59
N PHE Q 238 -30.29 52.68 61.87
CA PHE Q 238 -30.03 51.74 60.79
C PHE Q 238 -31.12 51.81 59.72
N LEU Q 239 -30.74 52.27 58.53
CA LEU Q 239 -31.68 52.38 57.43
C LEU Q 239 -31.94 51.01 56.81
N ASP Q 240 -32.80 50.97 55.80
CA ASP Q 240 -33.15 49.72 55.13
C ASP Q 240 -31.94 49.16 54.39
N GLY Q 241 -31.20 50.05 53.73
CA GLY Q 241 -30.02 49.64 52.97
C GLY Q 241 -29.24 50.84 52.45
N ASP Q 242 -28.36 51.36 53.29
CA ASP Q 242 -27.52 52.50 52.91
C ASP Q 242 -26.30 52.59 53.82
N GLU Q 243 -25.15 52.91 53.23
CA GLU Q 243 -23.91 53.03 53.98
C GLU Q 243 -23.88 54.30 54.84
N THR Q 244 -24.89 55.16 54.66
CA THR Q 244 -24.96 56.41 55.37
C THR Q 244 -25.39 56.21 56.82
N CYS Q 245 -26.01 55.07 57.11
CA CYS Q 245 -26.48 54.77 58.45
C CYS Q 245 -25.31 54.66 59.42
N ARG Q 246 -25.56 54.97 60.68
CA ARG Q 246 -24.49 55.05 61.68
C ARG Q 246 -24.08 53.66 62.14
N ALA Q 247 -24.99 52.69 62.05
CA ALA Q 247 -24.71 51.32 62.45
C ALA Q 247 -23.53 50.77 61.64
N ASN Q 248 -23.41 51.23 60.40
CA ASN Q 248 -22.36 50.79 59.50
C ASN Q 248 -20.99 51.40 59.85
N LEU Q 249 -21.01 52.68 60.20
CA LEU Q 249 -19.77 53.42 60.49
C LEU Q 249 -19.00 52.81 61.66
N LEU Q 250 -19.71 52.27 62.64
CA LEU Q 250 -19.06 51.65 63.78
C LEU Q 250 -18.44 50.31 63.38
N ASN Q 251 -19.06 49.63 62.43
CA ASN Q 251 -18.53 48.35 61.92
C ASN Q 251 -17.23 48.56 61.15
N ASN Q 252 -17.08 49.74 60.55
CA ASN Q 252 -15.84 50.09 59.85
C ASN Q 252 -14.70 50.24 60.85
N ALA Q 253 -15.03 50.61 62.07
CA ALA Q 253 -14.04 50.73 63.14
C ALA Q 253 -13.96 49.43 63.94
N ASN Q 254 -14.46 48.34 63.36
CA ASN Q 254 -14.45 47.04 64.00
C ASN Q 254 -15.20 47.08 65.32
N ILE Q 255 -16.51 47.29 65.24
CA ILE Q 255 -17.35 47.36 66.44
C ILE Q 255 -18.70 46.69 66.19
N ALA Q 256 -19.13 45.90 67.17
CA ALA Q 256 -20.44 45.27 67.13
C ALA Q 256 -21.49 46.23 67.67
N THR Q 257 -22.71 46.15 67.14
CA THR Q 257 -23.78 47.05 67.56
C THR Q 257 -25.14 46.36 67.54
N ILE Q 258 -26.02 46.78 68.45
CA ILE Q 258 -27.38 46.27 68.51
C ILE Q 258 -28.30 47.25 67.80
N ILE Q 259 -28.91 46.78 66.72
CA ILE Q 259 -29.69 47.64 65.84
C ILE Q 259 -31.18 47.60 66.14
N ARG Q 260 -31.90 48.58 65.59
CA ARG Q 260 -33.35 48.68 65.72
C ARG Q 260 -33.82 48.86 67.15
N ASP Q 261 -35.12 49.09 67.30
CA ASP Q 261 -35.72 49.37 68.60
C ASP Q 261 -35.56 48.19 69.54
N ASP Q 262 -35.79 48.44 70.83
CA ASP Q 262 -35.75 47.40 71.85
C ASP Q 262 -34.39 46.70 71.91
N GLY Q 263 -34.10 45.90 70.88
CA GLY Q 263 -32.87 45.14 70.82
C GLY Q 263 -33.07 44.00 69.84
N TYR Q 264 -33.43 44.36 68.61
CA TYR Q 264 -33.80 43.41 67.58
C TYR Q 264 -32.70 42.38 67.35
N ARG Q 265 -31.49 42.85 67.07
CA ARG Q 265 -30.37 41.95 66.81
C ARG Q 265 -29.02 42.64 66.88
N LEU Q 266 -27.97 41.83 67.07
CA LEU Q 266 -26.59 42.31 67.12
C LEU Q 266 -25.85 41.87 65.86
N TRP Q 267 -24.94 42.71 65.39
CA TRP Q 267 -24.05 42.34 64.29
C TRP Q 267 -22.77 43.17 64.28
N GLY Q 268 -21.87 42.82 63.38
CA GLY Q 268 -20.57 43.47 63.28
C GLY Q 268 -19.48 42.44 63.44
N ASN Q 269 -19.31 41.60 62.43
CA ASN Q 269 -18.39 40.47 62.48
C ASN Q 269 -16.93 40.90 62.63
N ARG Q 270 -16.63 42.13 62.21
CA ARG Q 270 -15.27 42.64 62.27
C ARG Q 270 -14.73 42.65 63.69
N THR Q 271 -13.69 41.84 63.93
CA THR Q 271 -13.00 41.85 65.21
C THR Q 271 -11.93 42.95 65.18
N LEU Q 272 -11.64 43.52 66.35
CA LEU Q 272 -10.67 44.60 66.44
C LEU Q 272 -9.28 44.12 66.02
N SER Q 273 -9.09 43.91 64.72
CA SER Q 273 -7.83 43.37 64.21
C SER Q 273 -7.33 44.20 63.02
N SER Q 274 -6.04 44.49 63.02
CA SER Q 274 -5.40 45.24 61.94
C SER Q 274 -5.24 44.35 60.71
N ASP Q 275 -4.75 43.13 60.91
CA ASP Q 275 -4.56 42.20 59.80
C ASP Q 275 -5.90 41.82 59.21
N SER Q 276 -6.10 42.15 57.94
CA SER Q 276 -7.37 41.89 57.25
C SER Q 276 -7.62 40.39 57.04
N LYS Q 277 -6.58 39.59 57.25
CA LYS Q 277 -6.71 38.14 57.11
C LYS Q 277 -7.61 37.58 58.21
N TRP Q 278 -7.50 38.16 59.40
CA TRP Q 278 -8.30 37.75 60.56
C TRP Q 278 -9.36 38.81 60.86
N ALA Q 279 -9.98 39.32 59.80
CA ALA Q 279 -10.96 40.40 59.93
C ALA Q 279 -12.23 39.88 60.60
N PHE Q 280 -12.68 38.70 60.20
CA PHE Q 280 -13.89 38.12 60.77
C PHE Q 280 -13.58 37.43 62.10
N VAL Q 281 -14.52 37.53 63.03
CA VAL Q 281 -14.42 36.85 64.30
C VAL Q 281 -14.57 35.35 64.08
N THR Q 282 -15.23 34.99 62.98
CA THR Q 282 -15.45 33.59 62.62
C THR Q 282 -14.13 32.85 62.42
N ARG Q 283 -13.27 33.40 61.57
CA ARG Q 283 -11.99 32.77 61.24
C ARG Q 283 -11.15 32.53 62.48
N VAL Q 284 -11.11 33.52 63.37
CA VAL Q 284 -10.36 33.41 64.61
C VAL Q 284 -10.94 32.32 65.49
N ARG Q 285 -12.25 32.11 65.38
CA ARG Q 285 -12.96 31.15 66.21
C ARG Q 285 -12.80 29.72 65.71
N THR Q 286 -12.70 29.56 64.40
CA THR Q 286 -12.54 28.24 63.78
C THR Q 286 -11.08 27.78 63.85
N MET Q 287 -10.17 28.73 63.63
CA MET Q 287 -8.75 28.43 63.59
C MET Q 287 -8.23 28.06 64.98
N ASP Q 288 -8.66 28.82 65.99
CA ASP Q 288 -8.27 28.56 67.37
C ASP Q 288 -8.84 27.23 67.86
N LEU Q 289 -9.85 26.72 67.15
CA LEU Q 289 -10.50 25.47 67.53
C LEU Q 289 -9.79 24.26 66.92
N VAL Q 290 -9.59 24.29 65.61
CA VAL Q 290 -8.93 23.19 64.91
C VAL Q 290 -7.48 23.04 65.36
N MET Q 291 -6.89 24.14 65.78
CA MET Q 291 -5.52 24.12 66.30
C MET Q 291 -5.49 23.38 67.63
N ASP Q 292 -6.36 23.80 68.56
CA ASP Q 292 -6.43 23.17 69.88
C ASP Q 292 -6.90 21.72 69.78
N ALA Q 293 -7.60 21.40 68.69
CA ALA Q 293 -8.09 20.04 68.46
C ALA Q 293 -6.93 19.14 68.01
N ILE Q 294 -6.15 19.63 67.07
CA ILE Q 294 -5.00 18.88 66.55
C ILE Q 294 -3.94 18.75 67.63
N LEU Q 295 -3.80 19.80 68.43
CA LEU Q 295 -2.84 19.81 69.52
C LEU Q 295 -3.21 18.74 70.55
N ALA Q 296 -4.41 18.84 71.10
CA ALA Q 296 -4.88 17.92 72.12
C ALA Q 296 -5.28 16.57 71.54
N GLY Q 297 -5.42 16.50 70.22
CA GLY Q 297 -5.88 15.30 69.55
C GLY Q 297 -4.77 14.28 69.37
N HIS Q 298 -3.62 14.74 68.86
CA HIS Q 298 -2.49 13.88 68.56
C HIS Q 298 -1.53 13.80 69.76
N LYS Q 299 -2.11 13.72 70.96
CA LYS Q 299 -1.33 13.53 72.18
C LYS Q 299 -1.00 12.05 72.37
N TRP Q 300 -1.71 11.20 71.62
CA TRP Q 300 -1.48 9.76 71.67
C TRP Q 300 -0.20 9.39 70.93
N ALA Q 301 0.11 10.16 69.88
CA ALA Q 301 1.26 9.89 69.04
C ALA Q 301 2.55 10.20 69.80
N VAL Q 302 3.02 11.44 69.66
CA VAL Q 302 4.27 11.87 70.28
C VAL Q 302 5.39 10.88 69.92
N ASP Q 303 6.30 10.61 70.84
CA ASP Q 303 7.43 9.73 70.56
C ASP Q 303 6.94 8.31 70.26
N ARG Q 304 7.01 7.93 68.99
CA ARG Q 304 6.57 6.62 68.54
C ARG Q 304 7.26 6.30 67.22
N GLY Q 305 7.40 5.01 66.92
CA GLY Q 305 8.08 4.57 65.72
C GLY Q 305 7.55 5.23 64.47
N ILE Q 306 8.39 6.09 63.86
CA ILE Q 306 7.99 6.88 62.70
C ILE Q 306 8.11 6.06 61.42
N THR Q 307 7.41 4.92 61.38
CA THR Q 307 7.38 4.09 60.20
C THR Q 307 6.43 4.69 59.17
N LYS Q 308 6.55 4.26 57.92
CA LYS Q 308 5.67 4.72 56.84
C LYS Q 308 4.19 4.57 57.21
N THR Q 309 3.89 3.56 58.01
CA THR Q 309 2.52 3.33 58.47
C THR Q 309 2.08 4.47 59.39
N TYR Q 310 2.94 4.83 60.32
CA TYR Q 310 2.65 5.87 61.31
C TYR Q 310 2.34 7.20 60.64
N VAL Q 311 3.11 7.55 59.61
CA VAL Q 311 2.90 8.80 58.89
C VAL Q 311 1.52 8.78 58.22
N LYS Q 312 1.19 7.68 57.56
CA LYS Q 312 -0.11 7.53 56.93
C LYS Q 312 -1.25 7.48 57.95
N ASP Q 313 -0.99 6.88 59.11
CA ASP Q 313 -2.00 6.80 60.17
C ASP Q 313 -2.36 8.19 60.66
N VAL Q 314 -1.36 9.06 60.73
CA VAL Q 314 -1.58 10.45 61.15
C VAL Q 314 -2.13 11.26 59.98
N THR Q 315 -1.62 10.99 58.79
CA THR Q 315 -2.10 11.67 57.58
C THR Q 315 -3.58 11.35 57.35
N GLU Q 316 -3.94 10.07 57.42
CA GLU Q 316 -5.33 9.65 57.27
C GLU Q 316 -6.17 10.14 58.45
N GLY Q 317 -5.51 10.45 59.56
CA GLY Q 317 -6.20 10.97 60.74
C GLY Q 317 -6.71 12.37 60.47
N LEU Q 318 -5.93 13.13 59.70
CA LEU Q 318 -6.31 14.49 59.30
C LEU Q 318 -7.27 14.46 58.11
N ARG Q 319 -7.06 13.52 57.20
CA ARG Q 319 -7.94 13.34 56.06
C ARG Q 319 -9.38 13.15 56.51
N ALA Q 320 -9.58 12.16 57.37
CA ALA Q 320 -10.91 11.83 57.87
C ALA Q 320 -11.44 12.96 58.75
N PHE Q 321 -10.57 13.54 59.56
CA PHE Q 321 -10.97 14.61 60.48
C PHE Q 321 -11.50 15.83 59.74
N MET Q 322 -10.69 16.36 58.81
CA MET Q 322 -11.07 17.55 58.05
C MET Q 322 -12.30 17.28 57.19
N ARG Q 323 -12.43 16.04 56.71
CA ARG Q 323 -13.58 15.68 55.90
C ARG Q 323 -14.86 15.67 56.73
N ASP Q 324 -14.72 15.47 58.03
CA ASP Q 324 -15.87 15.54 58.94
C ASP Q 324 -16.26 16.99 59.18
N LEU Q 325 -15.35 17.91 58.89
CA LEU Q 325 -15.61 19.35 58.99
C LEU Q 325 -16.17 19.87 57.67
N LYS Q 326 -15.77 19.25 56.58
CA LYS Q 326 -16.20 19.69 55.25
C LYS Q 326 -17.68 19.42 55.04
N ASN Q 327 -18.06 18.15 55.16
CA ASN Q 327 -19.45 17.74 54.97
C ASN Q 327 -20.36 18.36 56.03
N GLN Q 328 -19.77 18.67 57.19
CA GLN Q 328 -20.49 19.32 58.27
C GLN Q 328 -20.71 20.80 57.95
N GLY Q 329 -19.84 21.35 57.11
CA GLY Q 329 -19.96 22.73 56.66
C GLY Q 329 -19.04 23.69 57.40
N ALA Q 330 -18.14 23.14 58.22
CA ALA Q 330 -17.20 23.96 58.97
C ALA Q 330 -16.19 24.62 58.03
N VAL Q 331 -15.81 23.88 56.99
CA VAL Q 331 -14.85 24.36 56.02
C VAL Q 331 -15.36 24.06 54.61
N ILE Q 332 -14.94 24.87 53.64
CA ILE Q 332 -15.34 24.65 52.25
C ILE Q 332 -14.55 23.47 51.68
N ASN Q 333 -13.23 23.55 51.77
CA ASN Q 333 -12.37 22.49 51.30
C ASN Q 333 -11.02 22.55 52.00
N PHE Q 334 -10.30 21.44 51.98
CA PHE Q 334 -9.04 21.33 52.70
C PHE Q 334 -8.00 20.55 51.90
N GLU Q 335 -6.82 20.39 52.50
CA GLU Q 335 -5.74 19.63 51.89
C GLU Q 335 -4.65 19.43 52.93
N VAL Q 336 -4.33 18.17 53.21
CA VAL Q 336 -3.33 17.84 54.22
C VAL Q 336 -2.35 16.82 53.67
N TYR Q 337 -1.08 16.99 54.00
CA TYR Q 337 -0.02 16.13 53.47
C TYR Q 337 1.31 16.42 54.18
N ALA Q 338 2.28 15.55 53.95
CA ALA Q 338 3.61 15.71 54.52
C ALA Q 338 4.52 16.43 53.52
N ASP Q 339 5.06 17.58 53.92
CA ASP Q 339 5.90 18.37 53.03
C ASP Q 339 7.22 17.65 52.71
N PRO Q 340 7.57 17.54 51.42
CA PRO Q 340 8.85 16.90 51.07
C PRO Q 340 10.06 17.65 51.60
N ASP Q 341 10.06 18.98 51.51
CA ASP Q 341 11.23 19.78 51.86
C ASP Q 341 11.46 19.81 53.37
N LEU Q 342 10.38 19.99 54.14
CA LEU Q 342 10.49 20.05 55.59
C LEU Q 342 10.94 18.72 56.17
N ASN Q 343 10.25 17.64 55.81
CA ASN Q 343 10.60 16.31 56.26
C ASN Q 343 11.93 15.86 55.67
N SER Q 344 13.01 16.49 56.11
CA SER Q 344 14.36 16.15 55.64
C SER Q 344 14.89 14.97 56.44
N ALA Q 345 15.93 14.32 55.90
CA ALA Q 345 16.54 13.17 56.55
C ALA Q 345 17.07 13.52 57.94
N SER Q 346 17.44 14.78 58.13
CA SER Q 346 18.01 15.25 59.39
C SER Q 346 16.91 15.65 60.37
N GLN Q 347 15.80 16.17 59.87
CA GLN Q 347 14.69 16.59 60.71
C GLN Q 347 14.01 15.39 61.36
N LEU Q 348 13.80 14.34 60.58
CA LEU Q 348 13.21 13.11 61.09
C LEU Q 348 14.14 12.44 62.11
N ALA Q 349 15.44 12.71 61.98
CA ALA Q 349 16.43 12.13 62.88
C ALA Q 349 16.47 12.88 64.22
N GLN Q 350 15.66 13.93 64.34
CA GLN Q 350 15.50 14.66 65.60
C GLN Q 350 14.08 14.48 66.14
N GLY Q 351 13.26 13.71 65.41
CA GLY Q 351 11.89 13.44 65.82
C GLY Q 351 10.89 14.34 65.11
N LYS Q 352 11.37 15.47 64.59
CA LYS Q 352 10.49 16.39 63.87
C LYS Q 352 9.87 15.74 62.65
N VAL Q 353 8.56 15.89 62.52
CA VAL Q 353 7.83 15.44 61.34
C VAL Q 353 6.63 16.37 61.13
N TYR Q 354 6.55 16.94 59.95
CA TYR Q 354 5.58 18.01 59.66
C TYR Q 354 4.42 17.52 58.78
N TRP Q 355 3.28 18.18 58.93
CA TRP Q 355 2.12 17.93 58.09
C TRP Q 355 1.46 19.26 57.73
N ASN Q 356 1.62 19.66 56.47
CA ASN Q 356 1.10 20.95 56.01
C ASN Q 356 -0.41 20.92 55.84
N ILE Q 357 -1.12 21.41 56.85
CA ILE Q 357 -2.57 21.54 56.79
C ILE Q 357 -2.94 22.90 56.21
N ARG Q 358 -3.96 22.92 55.35
CA ARG Q 358 -4.42 24.16 54.74
C ARG Q 358 -5.87 24.02 54.28
N PHE Q 359 -6.64 25.09 54.48
CA PHE Q 359 -8.06 25.08 54.13
C PHE Q 359 -8.60 26.51 54.11
N THR Q 360 -9.91 26.63 53.87
CA THR Q 360 -10.58 27.92 53.84
C THR Q 360 -11.80 27.91 54.76
N ASP Q 361 -11.67 28.52 55.93
CA ASP Q 361 -12.80 28.66 56.85
C ASP Q 361 -13.90 29.48 56.18
N VAL Q 362 -15.15 29.10 56.43
CA VAL Q 362 -16.28 29.76 55.78
C VAL Q 362 -16.46 31.21 56.28
N PRO Q 363 -16.37 32.19 55.37
CA PRO Q 363 -16.61 33.59 55.76
C PRO Q 363 -18.09 33.96 55.69
N PRO Q 364 -18.61 34.73 56.67
CA PRO Q 364 -20.01 35.15 56.61
C PRO Q 364 -20.25 36.21 55.55
N ALA Q 365 -21.20 35.96 54.63
CA ALA Q 365 -21.55 36.92 53.59
C ALA Q 365 -22.15 38.18 54.21
N GLU Q 366 -21.30 39.04 54.75
CA GLU Q 366 -21.76 40.21 55.50
C GLU Q 366 -22.31 41.31 54.59
N ASN Q 367 -22.26 41.11 53.28
CA ASN Q 367 -22.75 42.11 52.34
C ASN Q 367 -23.03 41.51 50.96
N PRO Q 368 -24.14 40.76 50.83
CA PRO Q 368 -24.54 40.20 49.53
C PRO Q 368 -25.21 41.24 48.63
N ASN Q 369 -24.58 41.50 47.48
CA ASN Q 369 -25.10 42.47 46.52
C ASN Q 369 -26.06 41.82 45.52
N PHE Q 370 -26.82 42.66 44.81
CA PHE Q 370 -27.78 42.19 43.82
C PHE Q 370 -27.82 43.14 42.64
N ARG Q 371 -26.88 42.95 41.73
CA ARG Q 371 -26.77 43.81 40.55
C ARG Q 371 -27.96 43.61 39.61
N VAL Q 372 -29.12 44.11 40.01
CA VAL Q 372 -30.32 43.99 39.19
C VAL Q 372 -30.31 45.09 38.12
N GLU Q 373 -30.81 44.77 36.95
CA GLU Q 373 -30.80 45.71 35.83
C GLU Q 373 -31.73 45.23 34.71
N VAL Q 374 -32.69 46.07 34.36
CA VAL Q 374 -33.60 45.77 33.26
C VAL Q 374 -32.89 45.90 31.92
N THR Q 375 -33.59 45.55 30.86
CA THR Q 375 -33.06 45.67 29.51
C THR Q 375 -34.19 45.54 28.50
N ASP Q 376 -33.84 45.29 27.24
CA ASP Q 376 -34.80 45.14 26.16
C ASP Q 376 -34.45 43.91 25.33
N GLN Q 377 -33.92 42.89 26.01
CA GLN Q 377 -33.46 41.69 25.33
C GLN Q 377 -34.63 40.76 24.99
N TRP Q 378 -35.31 40.27 26.03
CA TRP Q 378 -36.43 39.36 25.83
C TRP Q 378 -37.73 40.11 25.53
N LEU Q 379 -37.75 40.82 24.42
CA LEU Q 379 -38.94 41.49 23.95
C LEU Q 379 -39.46 40.85 22.67
N THR Q 380 -38.54 40.39 21.83
CA THR Q 380 -38.89 39.70 20.60
C THR Q 380 -39.51 38.34 20.90
N GLU Q 381 -39.36 37.88 22.14
CA GLU Q 381 -39.98 36.65 22.59
C GLU Q 381 -41.50 36.78 22.53
N VAL Q 382 -41.97 38.00 22.76
CA VAL Q 382 -43.39 38.30 22.69
C VAL Q 382 -43.81 38.39 21.23
N LEU Q 383 -43.91 37.25 20.57
CA LEU Q 383 -44.20 37.20 19.15
C LEU Q 383 -44.51 35.78 18.71
N ASP Q 384 -43.62 34.86 19.07
CA ASP Q 384 -43.78 33.45 18.72
C ASP Q 384 -42.96 32.57 19.66
N SER R 2 -15.47 47.25 57.36
CA SER R 2 -16.47 46.33 56.86
C SER R 2 -17.13 46.88 55.60
N PHE R 3 -17.46 48.16 55.64
CA PHE R 3 -18.09 48.85 54.52
C PHE R 3 -19.54 48.37 54.34
N PHE R 4 -20.47 49.28 54.60
CA PHE R 4 -21.91 49.02 54.50
C PHE R 4 -22.37 47.96 55.49
N HIS R 5 -22.08 46.69 55.19
CA HIS R 5 -22.54 45.56 56.02
C HIS R 5 -24.06 45.52 56.13
N GLY R 6 -24.71 45.03 55.08
CA GLY R 6 -26.16 44.88 55.08
C GLY R 6 -26.61 44.04 53.91
N VAL R 7 -27.23 44.69 52.91
CA VAL R 7 -27.68 44.01 51.71
C VAL R 7 -28.03 45.05 50.66
N THR R 8 -27.09 45.30 49.75
CA THR R 8 -27.27 46.30 48.72
C THR R 8 -28.14 45.77 47.59
N VAL R 9 -28.43 46.63 46.62
CA VAL R 9 -29.26 46.27 45.49
C VAL R 9 -29.09 47.37 44.43
N THR R 10 -27.85 47.62 44.04
CA THR R 10 -27.54 48.68 43.09
C THR R 10 -28.15 48.41 41.72
N ASN R 11 -28.81 49.43 41.16
CA ASN R 11 -29.38 49.33 39.84
C ASN R 11 -28.36 49.70 38.78
N VAL R 12 -27.85 48.71 38.06
CA VAL R 12 -26.86 48.95 37.02
C VAL R 12 -27.53 49.53 35.78
N ASP R 13 -27.36 50.83 35.58
CA ASP R 13 -28.02 51.55 34.49
C ASP R 13 -27.20 51.43 33.21
N ILE R 14 -27.29 50.28 32.56
CA ILE R 14 -26.64 50.06 31.27
C ILE R 14 -27.57 49.31 30.33
N GLY R 15 -27.26 49.38 29.04
CA GLY R 15 -28.08 48.76 28.00
C GLY R 15 -28.32 49.73 26.87
N ALA R 16 -28.66 49.20 25.70
CA ALA R 16 -28.91 50.02 24.53
C ALA R 16 -30.20 50.81 24.67
N ARG R 17 -30.07 52.13 24.76
CA ARG R 17 -31.24 53.00 24.85
C ARG R 17 -31.98 53.05 23.51
N THR R 18 -33.25 53.43 23.56
CA THR R 18 -34.07 53.57 22.37
C THR R 18 -33.91 54.96 21.77
N ILE R 19 -34.20 55.09 20.49
CA ILE R 19 -34.08 56.38 19.79
C ILE R 19 -35.30 56.61 18.91
N ALA R 20 -35.74 57.86 18.85
CA ALA R 20 -36.92 58.25 18.10
C ALA R 20 -36.58 59.22 16.97
N LEU R 21 -37.59 59.57 16.18
CA LEU R 21 -37.45 60.50 15.07
C LEU R 21 -38.23 61.78 15.35
N PRO R 22 -37.60 62.74 16.07
CA PRO R 22 -38.32 63.94 16.49
C PRO R 22 -38.68 64.87 15.33
N ALA R 23 -39.53 65.86 15.60
CA ALA R 23 -39.89 66.89 14.63
C ALA R 23 -40.61 66.32 13.40
N SER R 24 -39.92 65.45 12.66
CA SER R 24 -40.48 64.79 11.48
C SER R 24 -40.79 65.81 10.38
N SER R 25 -41.86 66.58 10.56
CA SER R 25 -42.28 67.54 9.54
C SER R 25 -43.15 68.64 10.14
N VAL R 26 -42.54 69.48 10.98
CA VAL R 26 -43.23 70.65 11.52
C VAL R 26 -42.96 71.85 10.60
N ILE R 27 -44.03 72.55 10.26
CA ILE R 27 -43.95 73.67 9.34
C ILE R 27 -43.64 74.97 10.07
N GLY R 28 -42.79 75.79 9.46
CA GLY R 28 -42.39 77.07 10.01
C GLY R 28 -42.78 78.17 9.04
N LEU R 29 -43.99 78.69 9.21
CA LEU R 29 -44.54 79.69 8.29
C LEU R 29 -44.39 81.10 8.86
N CYS R 30 -44.40 82.08 7.96
CA CYS R 30 -44.24 83.49 8.36
C CYS R 30 -44.76 84.41 7.27
N ASP R 31 -46.07 84.66 7.26
CA ASP R 31 -46.70 85.57 6.32
C ASP R 31 -47.03 86.87 7.05
N VAL R 32 -48.15 87.50 6.71
CA VAL R 32 -48.57 88.73 7.36
C VAL R 32 -50.05 88.69 7.71
N PHE R 33 -50.46 89.60 8.58
CA PHE R 33 -51.87 89.72 8.96
C PHE R 33 -52.15 91.10 9.52
N THR R 34 -53.33 91.26 10.10
CA THR R 34 -53.76 92.54 10.66
C THR R 34 -54.13 92.38 12.13
N PRO R 35 -53.19 92.70 13.05
CA PRO R 35 -53.50 92.57 14.47
C PRO R 35 -54.48 93.64 14.95
N GLY R 36 -55.39 93.27 15.84
CA GLY R 36 -56.36 94.20 16.36
C GLY R 36 -57.29 93.56 17.39
N ALA R 37 -58.49 93.22 16.95
CA ALA R 37 -59.52 92.69 17.85
C ALA R 37 -59.53 91.16 17.84
N GLN R 38 -60.06 90.58 16.77
CA GLN R 38 -60.20 89.14 16.67
C GLN R 38 -58.85 88.43 16.62
N ALA R 39 -57.81 89.18 16.26
CA ALA R 39 -56.46 88.63 16.17
C ALA R 39 -55.87 88.43 17.56
N SER R 40 -55.97 87.21 18.07
CA SER R 40 -55.47 86.89 19.41
C SER R 40 -53.95 86.86 19.43
N ALA R 41 -53.35 86.35 18.36
CA ALA R 41 -51.89 86.25 18.27
C ALA R 41 -51.27 87.64 18.25
N LYS R 42 -50.15 87.80 18.94
CA LYS R 42 -49.48 89.10 19.02
C LYS R 42 -48.87 89.46 17.66
N PRO R 43 -48.53 90.74 17.45
CA PRO R 43 -48.09 91.21 16.14
C PRO R 43 -46.76 90.64 15.65
N ASN R 44 -46.14 89.72 16.38
CA ASN R 44 -44.82 89.22 15.97
C ASN R 44 -44.39 87.90 16.60
N VAL R 45 -44.84 87.60 17.81
CA VAL R 45 -44.34 86.42 18.52
C VAL R 45 -44.77 85.13 17.84
N PRO R 46 -43.97 84.07 17.97
CA PRO R 46 -44.38 82.76 17.42
C PRO R 46 -45.61 82.21 18.12
N VAL R 47 -46.52 81.61 17.36
CA VAL R 47 -47.72 80.98 17.91
C VAL R 47 -47.89 79.60 17.29
N LEU R 48 -48.16 78.62 18.14
CA LEU R 48 -48.31 77.24 17.67
C LEU R 48 -49.75 77.02 17.18
N LEU R 49 -49.88 76.21 16.14
CA LEU R 49 -51.17 75.89 15.56
C LEU R 49 -51.37 74.38 15.51
N THR R 50 -52.56 73.96 15.10
CA THR R 50 -52.88 72.55 15.00
C THR R 50 -54.03 72.32 14.03
N SER R 51 -54.95 73.27 13.96
CA SER R 51 -56.09 73.20 13.07
C SER R 51 -56.53 74.61 12.67
N LYS R 52 -57.47 74.68 11.72
CA LYS R 52 -57.98 75.96 11.25
C LYS R 52 -58.60 76.77 12.39
N LYS R 53 -59.28 76.08 13.30
CA LYS R 53 -59.89 76.74 14.45
C LYS R 53 -58.86 77.48 15.29
N ASP R 54 -57.74 76.81 15.57
CA ASP R 54 -56.69 77.39 16.39
C ASP R 54 -55.96 78.51 15.65
N ALA R 55 -56.07 78.49 14.32
CA ALA R 55 -55.42 79.50 13.47
C ALA R 55 -56.34 80.68 13.20
N ALA R 56 -57.64 80.41 13.08
CA ALA R 56 -58.62 81.44 12.77
C ALA R 56 -58.71 82.47 13.89
N ALA R 57 -58.92 81.99 15.11
CA ALA R 57 -59.03 82.87 16.27
C ALA R 57 -57.70 83.55 16.59
N ALA R 58 -56.62 83.01 16.05
CA ALA R 58 -55.28 83.54 16.31
C ALA R 58 -54.98 84.77 15.46
N PHE R 59 -55.03 84.61 14.14
CA PHE R 59 -54.67 85.68 13.21
C PHE R 59 -55.91 86.39 12.67
N GLY R 60 -56.95 85.60 12.39
CA GLY R 60 -58.20 86.13 11.88
C GLY R 60 -58.47 85.66 10.46
N ILE R 61 -59.72 85.82 10.03
CA ILE R 61 -60.12 85.42 8.69
C ILE R 61 -59.79 86.54 7.70
N GLY R 62 -59.39 86.17 6.50
CA GLY R 62 -59.03 87.14 5.48
C GLY R 62 -57.56 87.52 5.53
N SER R 63 -56.94 87.30 6.69
CA SER R 63 -55.51 87.56 6.85
C SER R 63 -54.73 86.73 5.84
N SER R 64 -53.77 87.38 5.17
CA SER R 64 -52.97 86.72 4.14
C SER R 64 -52.25 85.48 4.67
N ILE R 65 -52.05 85.43 5.99
CA ILE R 65 -51.41 84.29 6.63
C ILE R 65 -52.38 83.13 6.79
N TYR R 66 -53.65 83.46 7.01
CA TYR R 66 -54.67 82.44 7.21
C TYR R 66 -54.96 81.71 5.90
N LEU R 67 -54.85 82.42 4.78
CA LEU R 67 -55.04 81.81 3.46
C LEU R 67 -53.92 80.81 3.17
N ALA R 68 -52.80 80.97 3.86
CA ALA R 68 -51.65 80.06 3.71
C ALA R 68 -51.80 78.86 4.64
N CYS R 69 -52.25 79.11 5.87
CA CYS R 69 -52.47 78.04 6.83
C CYS R 69 -53.63 77.17 6.38
N GLU R 70 -54.70 77.81 5.91
CA GLU R 70 -55.87 77.10 5.42
C GLU R 70 -55.50 76.22 4.22
N ALA R 71 -54.55 76.71 3.41
CA ALA R 71 -54.08 75.96 2.25
C ALA R 71 -53.35 74.69 2.68
N ILE R 72 -52.73 74.75 3.86
CA ILE R 72 -52.00 73.60 4.40
C ILE R 72 -52.96 72.60 5.04
N TYR R 73 -53.87 73.11 5.87
CA TYR R 73 -54.81 72.25 6.60
C TYR R 73 -55.84 71.62 5.67
N ASN R 74 -56.16 72.32 4.58
CA ASN R 74 -57.05 71.79 3.56
C ASN R 74 -56.42 70.57 2.90
N ARG R 75 -55.11 70.68 2.65
CA ARG R 75 -54.33 69.58 2.09
C ARG R 75 -54.19 68.46 3.11
N ALA R 76 -53.39 68.69 4.13
CA ALA R 76 -53.16 67.69 5.18
C ALA R 76 -52.80 68.39 6.49
N GLN R 77 -53.42 67.94 7.57
CA GLN R 77 -53.22 68.55 8.89
C GLN R 77 -51.78 68.39 9.37
N ALA R 78 -51.26 69.44 9.99
CA ALA R 78 -49.88 69.42 10.47
C ALA R 78 -49.64 70.53 11.47
N VAL R 79 -48.57 70.41 12.24
CA VAL R 79 -48.18 71.44 13.20
C VAL R 79 -47.52 72.59 12.48
N ILE R 80 -47.98 73.81 12.77
CA ILE R 80 -47.45 75.01 12.15
C ILE R 80 -47.10 76.04 13.21
N VAL R 81 -45.80 76.14 13.55
CA VAL R 81 -45.33 77.18 14.45
C VAL R 81 -45.23 78.49 13.68
N ALA R 82 -46.41 79.03 13.33
CA ALA R 82 -46.48 80.24 12.52
C ALA R 82 -46.03 81.45 13.32
N VAL R 83 -45.50 82.45 12.62
CA VAL R 83 -45.04 83.69 13.24
C VAL R 83 -46.02 84.81 12.93
N GLY R 84 -45.99 85.30 11.69
CA GLY R 84 -46.88 86.36 11.26
C GLY R 84 -46.41 87.72 11.76
N VAL R 85 -46.37 88.68 10.85
CA VAL R 85 -45.93 90.04 11.16
C VAL R 85 -46.89 91.06 10.56
N GLU R 86 -47.01 92.22 11.21
CA GLU R 86 -47.90 93.26 10.76
C GLU R 86 -47.49 93.77 9.38
N THR R 87 -48.48 94.09 8.55
CA THR R 87 -48.22 94.63 7.22
C THR R 87 -47.62 96.02 7.32
N ALA R 88 -46.66 96.31 6.44
CA ALA R 88 -45.99 97.61 6.45
C ALA R 88 -46.52 98.50 5.33
N GLU R 89 -45.94 99.69 5.19
CA GLU R 89 -46.37 100.66 4.19
C GLU R 89 -46.01 100.18 2.79
N THR R 90 -44.74 100.29 2.45
CA THR R 90 -44.26 99.86 1.14
C THR R 90 -43.97 98.37 1.13
N PRO R 91 -44.10 97.71 -0.04
CA PRO R 91 -43.87 96.27 -0.13
C PRO R 91 -42.41 95.89 0.11
N GLU R 92 -41.51 96.80 -0.24
CA GLU R 92 -40.07 96.55 -0.08
C GLU R 92 -39.68 96.51 1.40
N ALA R 93 -40.08 97.54 2.13
CA ALA R 93 -39.77 97.66 3.55
C ALA R 93 -40.51 96.62 4.37
N GLN R 94 -41.56 96.04 3.79
CA GLN R 94 -42.34 95.02 4.48
C GLN R 94 -41.52 93.74 4.63
N ALA R 95 -40.61 93.51 3.68
CA ALA R 95 -39.74 92.33 3.71
C ALA R 95 -38.80 92.37 4.90
N SER R 96 -38.53 93.58 5.40
CA SER R 96 -37.66 93.76 6.56
C SER R 96 -38.29 93.12 7.79
N ALA R 97 -39.57 93.42 8.00
CA ALA R 97 -40.32 92.85 9.12
C ALA R 97 -40.47 91.34 8.95
N VAL R 98 -40.52 90.89 7.70
CA VAL R 98 -40.64 89.47 7.40
C VAL R 98 -39.35 88.77 7.79
N ILE R 99 -38.21 89.29 7.32
CA ILE R 99 -36.91 88.74 7.70
C ILE R 99 -36.72 88.92 9.20
N GLY R 100 -36.85 90.16 9.67
CA GLY R 100 -36.77 90.47 11.08
C GLY R 100 -35.34 90.44 11.60
N GLY R 101 -34.90 91.58 12.12
CA GLY R 101 -33.56 91.68 12.67
C GLY R 101 -33.49 91.01 14.03
N ILE R 102 -33.81 91.77 15.08
CA ILE R 102 -33.78 91.25 16.45
C ILE R 102 -34.48 92.18 17.43
N SER R 103 -34.58 93.46 17.07
CA SER R 103 -35.27 94.47 17.88
C SER R 103 -34.51 94.77 19.17
N ALA R 104 -34.85 95.89 19.80
CA ALA R 104 -34.21 96.30 21.04
C ALA R 104 -34.63 95.42 22.20
N ALA R 105 -35.76 94.74 22.05
CA ALA R 105 -36.28 93.85 23.08
C ALA R 105 -35.38 92.64 23.26
N GLY R 106 -34.62 92.32 22.23
CA GLY R 106 -33.71 91.19 22.26
C GLY R 106 -34.33 89.94 21.68
N GLU R 107 -35.66 89.87 21.72
CA GLU R 107 -36.39 88.72 21.19
C GLU R 107 -36.34 88.69 19.67
N ARG R 108 -35.96 87.55 19.11
CA ARG R 108 -35.87 87.39 17.67
C ARG R 108 -37.19 87.69 16.98
N THR R 109 -37.18 88.65 16.08
CA THR R 109 -38.37 89.08 15.36
C THR R 109 -38.45 88.47 13.96
N GLY R 110 -39.64 88.52 13.37
CA GLY R 110 -39.84 88.09 12.00
C GLY R 110 -39.53 86.62 11.78
N LEU R 111 -39.06 86.32 10.57
CA LEU R 111 -38.77 84.95 10.16
C LEU R 111 -37.75 84.26 11.06
N GLN R 112 -36.85 85.03 11.66
CA GLN R 112 -35.81 84.48 12.52
C GLN R 112 -36.36 84.02 13.87
N ALA R 113 -37.63 84.33 14.12
CA ALA R 113 -38.29 83.94 15.38
C ALA R 113 -38.54 82.44 15.44
N LEU R 114 -38.41 81.77 14.29
CA LEU R 114 -38.68 80.34 14.20
C LEU R 114 -37.69 79.52 15.03
N LEU R 115 -36.53 80.08 15.31
CA LEU R 115 -35.53 79.40 16.12
C LEU R 115 -36.02 79.20 17.56
N ASP R 116 -37.03 79.98 17.95
CA ASP R 116 -37.60 79.91 19.29
C ASP R 116 -38.65 78.80 19.39
N GLY R 117 -39.15 78.35 18.24
CA GLY R 117 -40.20 77.35 18.20
C GLY R 117 -39.79 76.04 18.83
N LYS R 118 -38.49 75.78 18.88
CA LYS R 118 -37.96 74.55 19.44
C LYS R 118 -37.94 74.61 20.97
N SER R 119 -37.48 75.74 21.51
CA SER R 119 -37.34 75.93 22.95
C SER R 119 -38.57 76.60 23.57
N ARG R 120 -39.74 76.33 22.99
CA ARG R 120 -40.99 76.86 23.51
C ARG R 120 -42.16 75.89 23.27
N PHE R 121 -42.15 75.23 22.12
CA PHE R 121 -43.24 74.31 21.76
C PHE R 121 -42.72 72.89 21.52
N ASN R 122 -41.42 72.69 21.72
CA ASN R 122 -40.80 71.39 21.47
C ASN R 122 -41.09 70.88 20.06
N ALA R 123 -41.29 71.82 19.13
CA ALA R 123 -41.61 71.50 17.74
C ALA R 123 -40.72 72.33 16.83
N GLN R 124 -39.52 71.84 16.58
CA GLN R 124 -38.58 72.52 15.71
C GLN R 124 -39.14 72.56 14.28
N PRO R 125 -39.43 73.78 13.76
CA PRO R 125 -39.95 73.83 12.39
C PRO R 125 -38.92 73.33 11.38
N ARG R 126 -39.04 72.06 11.00
CA ARG R 126 -38.12 71.45 10.07
C ARG R 126 -38.69 71.51 8.64
N LEU R 127 -39.33 72.64 8.34
CA LEU R 127 -39.92 72.85 7.03
C LEU R 127 -40.36 74.31 6.90
N LEU R 128 -39.43 75.16 6.50
CA LEU R 128 -39.69 76.59 6.38
C LEU R 128 -40.57 76.89 5.18
N VAL R 129 -41.18 78.07 5.20
CA VAL R 129 -42.06 78.52 4.12
C VAL R 129 -42.46 79.97 4.39
N ALA R 130 -42.51 80.77 3.33
CA ALA R 130 -42.84 82.19 3.44
C ALA R 130 -43.65 82.62 2.21
N PRO R 131 -44.96 82.30 2.19
CA PRO R 131 -45.80 82.61 1.03
C PRO R 131 -45.86 84.10 0.72
N GLY R 132 -45.71 84.46 -0.56
CA GLY R 132 -45.72 85.85 -0.98
C GLY R 132 -44.35 86.48 -0.89
N HIS R 133 -43.72 86.35 0.28
CA HIS R 133 -42.39 86.90 0.50
C HIS R 133 -41.30 85.86 0.27
N SER R 134 -40.94 85.67 -1.00
CA SER R 134 -39.86 84.75 -1.37
C SER R 134 -39.32 85.09 -2.77
N ALA R 135 -40.15 85.72 -3.59
CA ALA R 135 -39.71 86.16 -4.93
C ALA R 135 -38.63 87.23 -4.81
N GLN R 136 -38.61 87.93 -3.68
CA GLN R 136 -37.59 88.92 -3.41
C GLN R 136 -36.27 88.26 -3.07
N GLN R 137 -35.20 88.72 -3.70
CA GLN R 137 -33.87 88.14 -3.51
C GLN R 137 -33.41 88.22 -2.05
N ALA R 138 -33.91 89.22 -1.34
CA ALA R 138 -33.49 89.49 0.02
C ALA R 138 -33.94 88.40 1.00
N VAL R 139 -35.26 88.31 1.18
CA VAL R 139 -35.85 87.37 2.14
C VAL R 139 -35.52 85.91 1.81
N ALA R 140 -35.23 85.64 0.54
CA ALA R 140 -34.94 84.28 0.10
C ALA R 140 -33.66 83.75 0.72
N THR R 141 -32.67 84.61 0.89
CA THR R 141 -31.39 84.22 1.48
C THR R 141 -31.54 83.96 2.98
N ALA R 142 -32.40 84.74 3.63
CA ALA R 142 -32.68 84.55 5.04
C ALA R 142 -33.29 83.16 5.28
N MET R 143 -34.11 82.72 4.33
CA MET R 143 -34.72 81.40 4.38
C MET R 143 -33.63 80.33 4.21
N ASP R 144 -32.60 80.65 3.44
CA ASP R 144 -31.50 79.74 3.19
C ASP R 144 -30.64 79.59 4.45
N GLY R 145 -30.27 80.72 5.03
CA GLY R 145 -29.40 80.72 6.20
C GLY R 145 -30.10 80.13 7.42
N LEU R 146 -31.40 80.40 7.53
CA LEU R 146 -32.19 79.93 8.66
C LEU R 146 -32.41 78.43 8.62
N ALA R 147 -32.52 77.89 7.41
CA ALA R 147 -32.79 76.46 7.22
C ALA R 147 -31.64 75.61 7.77
N GLU R 148 -30.42 76.12 7.63
CA GLU R 148 -29.24 75.40 8.11
C GLU R 148 -29.18 75.39 9.64
N LYS R 149 -29.80 76.38 10.26
CA LYS R 149 -29.87 76.45 11.72
C LYS R 149 -30.89 75.45 12.24
N LEU R 150 -31.93 75.22 11.45
CA LEU R 150 -33.02 74.33 11.83
C LEU R 150 -32.94 72.99 11.10
N ARG R 151 -31.96 72.86 10.19
CA ARG R 151 -31.82 71.68 9.36
C ARG R 151 -33.13 71.38 8.62
N ALA R 152 -33.80 72.45 8.16
CA ALA R 152 -35.10 72.34 7.51
C ALA R 152 -34.93 72.38 5.99
N ILE R 153 -36.05 72.52 5.29
CA ILE R 153 -36.05 72.65 3.83
C ILE R 153 -36.94 73.81 3.43
N ALA R 154 -36.32 74.98 3.26
CA ALA R 154 -37.05 76.20 2.93
C ALA R 154 -37.66 76.13 1.54
N ILE R 155 -38.99 76.18 1.49
CA ILE R 155 -39.72 76.15 0.23
C ILE R 155 -39.95 77.58 -0.26
N LEU R 156 -39.22 77.97 -1.29
CA LEU R 156 -39.38 79.29 -1.90
C LEU R 156 -40.50 79.27 -2.92
N ASP R 157 -40.73 80.42 -3.55
CA ASP R 157 -41.74 80.53 -4.60
C ASP R 157 -41.40 81.69 -5.53
N GLY R 158 -40.70 81.37 -6.62
CA GLY R 158 -40.24 82.38 -7.55
C GLY R 158 -41.36 83.09 -8.27
N PRO R 159 -41.05 84.24 -8.90
CA PRO R 159 -42.07 85.03 -9.60
C PRO R 159 -42.63 84.33 -10.82
N ASN R 160 -43.90 84.58 -11.13
CA ASN R 160 -44.52 83.99 -12.31
C ASN R 160 -43.98 84.64 -13.57
N SER R 161 -44.70 85.63 -14.11
CA SER R 161 -44.28 86.34 -15.32
C SER R 161 -43.99 85.36 -16.46
N THR R 162 -42.84 84.69 -16.38
CA THR R 162 -42.43 83.75 -17.40
C THR R 162 -41.39 82.76 -16.86
N ASP R 163 -41.02 81.79 -17.68
CA ASP R 163 -40.07 80.75 -17.29
C ASP R 163 -38.64 81.29 -17.24
N GLU R 164 -38.34 82.23 -18.13
CA GLU R 164 -37.01 82.82 -18.23
C GLU R 164 -36.63 83.49 -16.90
N ALA R 165 -37.62 84.11 -16.26
CA ALA R 165 -37.40 84.81 -15.00
C ALA R 165 -37.24 83.85 -13.83
N ALA R 166 -37.77 82.63 -13.99
CA ALA R 166 -37.71 81.62 -12.93
C ALA R 166 -36.35 80.94 -12.91
N VAL R 167 -35.81 80.67 -14.11
CA VAL R 167 -34.50 80.03 -14.23
C VAL R 167 -33.40 80.99 -13.77
N ALA R 168 -33.52 82.25 -14.15
CA ALA R 168 -32.53 83.26 -13.80
C ALA R 168 -32.54 83.54 -12.30
N TYR R 169 -33.62 83.16 -11.63
CA TYR R 169 -33.77 83.36 -10.20
C TYR R 169 -33.14 82.21 -9.41
N ALA R 170 -33.32 81.00 -9.90
CA ALA R 170 -32.78 79.81 -9.25
C ALA R 170 -31.26 79.76 -9.38
N LYS R 171 -30.74 80.37 -10.45
CA LYS R 171 -29.31 80.40 -10.71
C LYS R 171 -28.53 81.10 -9.59
N ASN R 172 -29.24 81.86 -8.77
CA ASN R 172 -28.61 82.57 -7.65
C ASN R 172 -28.24 81.67 -6.48
N PHE R 173 -29.16 80.78 -6.10
CA PHE R 173 -28.95 79.91 -4.95
C PHE R 173 -28.28 78.60 -5.36
N GLY R 174 -27.86 77.83 -4.36
CA GLY R 174 -27.24 76.53 -4.61
C GLY R 174 -27.10 75.71 -3.34
N SER R 175 -27.93 75.99 -2.35
CA SER R 175 -27.85 75.30 -1.06
C SER R 175 -28.71 74.05 -1.03
N LYS R 176 -28.31 73.07 -0.24
CA LYS R 176 -29.04 71.83 -0.08
C LYS R 176 -30.50 72.05 0.33
N ARG R 177 -30.71 73.10 1.13
CA ARG R 177 -31.99 73.33 1.77
C ARG R 177 -32.80 74.42 1.09
N LEU R 178 -33.12 74.21 -0.18
CA LEU R 178 -33.97 75.12 -0.92
C LEU R 178 -34.74 74.35 -1.99
N PHE R 179 -36.06 74.44 -1.91
CA PHE R 179 -36.94 73.72 -2.82
C PHE R 179 -37.96 74.69 -3.39
N MET R 180 -37.59 75.37 -4.47
CA MET R 180 -38.42 76.43 -5.03
C MET R 180 -39.46 75.86 -6.00
N VAL R 181 -40.59 76.55 -6.07
CA VAL R 181 -41.64 76.23 -7.04
C VAL R 181 -41.98 77.51 -7.80
N ASP R 182 -41.93 77.43 -9.12
CA ASP R 182 -42.06 78.61 -9.97
C ASP R 182 -43.51 79.00 -10.27
N PRO R 183 -44.25 78.13 -10.97
CA PRO R 183 -45.61 78.52 -11.39
C PRO R 183 -46.55 78.77 -10.21
N GLY R 184 -47.06 79.98 -10.08
CA GLY R 184 -47.92 80.33 -8.97
C GLY R 184 -49.35 79.84 -9.19
N VAL R 185 -49.72 78.79 -8.46
CA VAL R 185 -51.07 78.25 -8.54
C VAL R 185 -52.08 79.29 -8.08
N GLN R 186 -53.28 79.26 -8.67
CA GLN R 186 -54.34 80.18 -8.30
C GLN R 186 -55.46 79.45 -7.57
N VAL R 187 -55.84 79.98 -6.41
CA VAL R 187 -56.88 79.39 -5.59
C VAL R 187 -58.14 80.26 -5.65
N TRP R 188 -59.28 79.65 -5.35
CA TRP R 188 -60.54 80.38 -5.32
C TRP R 188 -60.74 81.01 -3.94
N ASP R 189 -60.40 82.29 -3.81
CA ASP R 189 -60.54 83.00 -2.54
C ASP R 189 -62.01 83.12 -2.16
N SER R 190 -62.31 82.94 -0.88
CA SER R 190 -63.68 83.01 -0.39
C SER R 190 -64.16 84.45 -0.27
N ALA R 191 -63.25 85.34 0.12
CA ALA R 191 -63.60 86.75 0.33
C ALA R 191 -63.83 87.47 -0.99
N THR R 192 -63.00 87.17 -1.99
CA THR R 192 -63.09 87.82 -3.29
C THR R 192 -64.18 87.20 -4.14
N ASN R 193 -64.52 85.94 -3.83
CA ASN R 193 -65.55 85.20 -4.56
C ASN R 193 -65.21 85.07 -6.05
N ALA R 194 -63.93 84.86 -6.33
CA ALA R 194 -63.46 84.67 -7.70
C ALA R 194 -62.03 84.13 -7.69
N ALA R 195 -61.42 84.06 -8.87
CA ALA R 195 -60.05 83.58 -9.00
C ALA R 195 -59.10 84.49 -8.24
N ARG R 196 -57.98 83.93 -7.79
CA ARG R 196 -57.01 84.67 -6.99
C ARG R 196 -55.68 83.93 -6.96
N ASN R 197 -54.66 84.56 -7.55
CA ASN R 197 -53.34 83.95 -7.62
C ASN R 197 -52.68 83.82 -6.25
N ALA R 198 -52.07 82.66 -6.00
CA ALA R 198 -51.40 82.38 -4.74
C ALA R 198 -49.91 82.11 -4.98
N PRO R 199 -49.09 82.20 -3.92
CA PRO R 199 -47.64 81.98 -4.06
C PRO R 199 -47.27 80.51 -4.24
N ALA R 200 -48.22 79.60 -4.00
CA ALA R 200 -48.00 78.16 -4.18
C ALA R 200 -46.90 77.63 -3.26
N SER R 201 -46.56 78.41 -2.24
CA SER R 201 -45.50 78.04 -1.30
C SER R 201 -46.07 77.18 -0.20
N ALA R 202 -47.16 77.65 0.41
CA ALA R 202 -47.82 76.94 1.50
C ALA R 202 -48.48 75.65 1.01
N TYR R 203 -48.96 75.68 -0.23
CA TYR R 203 -49.59 74.50 -0.83
C TYR R 203 -48.57 73.38 -1.01
N ALA R 204 -47.35 73.76 -1.41
CA ALA R 204 -46.27 72.80 -1.58
C ALA R 204 -45.74 72.34 -0.22
N ALA R 205 -45.92 73.19 0.80
CA ALA R 205 -45.48 72.87 2.16
C ALA R 205 -46.43 71.85 2.80
N GLY R 206 -47.72 72.13 2.72
CA GLY R 206 -48.73 71.25 3.26
C GLY R 206 -48.70 69.91 2.53
N LEU R 207 -48.32 69.96 1.26
CA LEU R 207 -48.21 68.77 0.43
C LEU R 207 -47.17 67.80 0.99
N PHE R 208 -46.06 68.34 1.48
CA PHE R 208 -45.02 67.52 2.12
C PHE R 208 -45.59 66.84 3.36
N ALA R 209 -46.27 67.64 4.19
CA ALA R 209 -46.82 67.17 5.46
C ALA R 209 -47.79 66.01 5.24
N TRP R 210 -48.40 65.97 4.06
CA TRP R 210 -49.34 64.92 3.69
C TRP R 210 -48.58 63.60 3.46
N THR R 211 -47.49 63.68 2.71
CA THR R 211 -46.69 62.51 2.38
C THR R 211 -45.88 62.04 3.59
N ASP R 212 -45.42 62.99 4.39
CA ASP R 212 -44.61 62.68 5.56
C ASP R 212 -45.43 61.95 6.62
N ALA R 213 -46.68 62.37 6.78
CA ALA R 213 -47.59 61.73 7.73
C ALA R 213 -48.10 60.41 7.18
N GLU R 214 -48.22 60.33 5.86
CA GLU R 214 -48.73 59.14 5.19
C GLU R 214 -47.63 58.11 4.96
N TYR R 215 -46.84 58.31 3.91
CA TYR R 215 -45.75 57.40 3.56
C TYR R 215 -44.63 57.51 4.57
N GLY R 216 -44.07 58.72 4.67
CA GLY R 216 -42.96 58.99 5.56
C GLY R 216 -42.11 60.15 5.06
N PHE R 217 -41.31 60.72 5.95
CA PHE R 217 -40.41 61.81 5.59
C PHE R 217 -39.45 61.38 4.49
N TRP R 218 -39.14 60.09 4.46
CA TRP R 218 -38.23 59.53 3.46
C TRP R 218 -38.91 59.44 2.10
N SER R 219 -40.24 59.50 2.09
CA SER R 219 -40.98 59.44 0.83
C SER R 219 -40.88 60.77 0.09
N SER R 220 -40.76 60.70 -1.23
CA SER R 220 -40.67 61.91 -2.04
C SER R 220 -42.04 62.57 -2.13
N PRO R 221 -42.08 63.92 -2.05
CA PRO R 221 -43.36 64.65 -2.11
C PRO R 221 -43.89 64.79 -3.54
N SER R 222 -42.98 64.82 -4.50
CA SER R 222 -43.33 65.05 -5.91
C SER R 222 -44.37 64.05 -6.41
N ASN R 223 -45.03 64.41 -7.51
CA ASN R 223 -46.02 63.54 -8.14
C ASN R 223 -47.18 63.20 -7.19
N LYS R 224 -47.50 64.14 -6.31
CA LYS R 224 -48.63 64.00 -5.40
C LYS R 224 -49.58 65.18 -5.62
N GLU R 225 -50.86 64.87 -5.77
CA GLU R 225 -51.85 65.88 -6.13
C GLU R 225 -52.11 66.84 -4.98
N ILE R 226 -52.23 68.13 -5.33
CA ILE R 226 -52.49 69.17 -4.35
C ILE R 226 -53.94 69.63 -4.44
N LYS R 227 -54.58 69.80 -3.29
CA LYS R 227 -55.97 70.24 -3.22
C LYS R 227 -56.06 71.74 -2.97
N GLY R 228 -57.27 72.29 -3.06
CA GLY R 228 -57.48 73.70 -2.81
C GLY R 228 -56.91 74.54 -3.93
N VAL R 229 -57.21 74.15 -5.17
CA VAL R 229 -56.71 74.84 -6.35
C VAL R 229 -57.85 75.03 -7.35
N THR R 230 -57.56 75.70 -8.47
CA THR R 230 -58.57 75.96 -9.49
C THR R 230 -57.95 76.55 -10.75
N GLY R 231 -56.72 76.15 -11.05
CA GLY R 231 -55.98 76.65 -12.19
C GLY R 231 -54.58 77.04 -11.78
N THR R 232 -53.71 77.31 -12.75
CA THR R 232 -52.32 77.66 -12.47
C THR R 232 -51.85 78.78 -13.40
N SER R 233 -51.30 79.82 -12.80
CA SER R 233 -50.74 80.94 -13.56
C SER R 233 -49.64 80.44 -14.49
N ARG R 234 -49.74 80.82 -15.76
CA ARG R 234 -48.81 80.38 -16.79
C ARG R 234 -48.87 78.86 -16.94
N PRO R 235 -49.76 78.35 -17.81
CA PRO R 235 -49.94 76.91 -17.93
C PRO R 235 -48.68 76.20 -18.42
N VAL R 236 -47.92 75.62 -17.49
CA VAL R 236 -46.72 74.87 -17.84
C VAL R 236 -47.12 73.59 -18.56
N GLU R 237 -46.65 73.47 -19.81
CA GLU R 237 -47.03 72.33 -20.65
C GLU R 237 -46.35 71.05 -20.19
N PHE R 238 -47.01 69.93 -20.42
CA PHE R 238 -46.43 68.62 -20.12
C PHE R 238 -47.01 67.55 -21.04
N LEU R 239 -46.16 67.01 -21.91
CA LEU R 239 -46.58 65.96 -22.83
C LEU R 239 -46.69 64.62 -22.11
N ASP R 240 -47.11 63.59 -22.85
CA ASP R 240 -47.26 62.27 -22.27
C ASP R 240 -45.92 61.69 -21.83
N GLY R 241 -44.90 61.89 -22.66
CA GLY R 241 -43.57 61.39 -22.37
C GLY R 241 -42.55 61.90 -23.37
N ASP R 242 -42.02 63.09 -23.11
CA ASP R 242 -41.00 63.68 -23.97
C ASP R 242 -40.22 64.76 -23.22
N GLU R 243 -38.91 64.79 -23.44
CA GLU R 243 -38.05 65.78 -22.79
C GLU R 243 -38.25 67.18 -23.38
N THR R 244 -39.02 67.26 -24.46
CA THR R 244 -39.25 68.53 -25.14
C THR R 244 -40.22 69.42 -24.37
N CYS R 245 -41.00 68.80 -23.49
CA CYS R 245 -41.99 69.54 -22.71
C CYS R 245 -41.30 70.53 -21.78
N ARG R 246 -42.00 71.62 -21.48
CA ARG R 246 -41.40 72.71 -20.72
C ARG R 246 -41.33 72.39 -19.23
N ALA R 247 -42.22 71.50 -18.77
CA ALA R 247 -42.24 71.10 -17.36
C ALA R 247 -40.90 70.47 -16.98
N ASN R 248 -40.27 69.82 -17.94
CA ASN R 248 -38.99 69.15 -17.72
C ASN R 248 -37.83 70.14 -17.64
N LEU R 249 -37.86 71.15 -18.50
CA LEU R 249 -36.77 72.13 -18.60
C LEU R 249 -36.57 72.88 -17.28
N LEU R 250 -37.66 73.14 -16.57
CA LEU R 250 -37.57 73.83 -15.28
C LEU R 250 -36.97 72.92 -14.22
N ASN R 251 -37.22 71.62 -14.33
CA ASN R 251 -36.66 70.64 -13.39
C ASN R 251 -35.15 70.52 -13.57
N ASN R 252 -34.66 70.78 -14.78
CA ASN R 252 -33.23 70.79 -15.06
C ASN R 252 -32.55 71.94 -14.32
N ALA R 253 -33.30 73.01 -14.11
CA ALA R 253 -32.81 74.17 -13.38
C ALA R 253 -33.17 74.06 -11.89
N ASN R 254 -33.49 72.84 -11.45
CA ASN R 254 -33.85 72.57 -10.06
C ASN R 254 -35.05 73.42 -9.66
N ILE R 255 -36.20 73.12 -10.25
CA ILE R 255 -37.42 73.86 -9.95
C ILE R 255 -38.64 72.92 -9.93
N ALA R 256 -39.49 73.10 -8.93
CA ALA R 256 -40.73 72.35 -8.83
C ALA R 256 -41.81 73.04 -9.65
N THR R 257 -42.72 72.26 -10.21
CA THR R 257 -43.78 72.81 -11.06
C THR R 257 -45.08 72.03 -10.91
N ILE R 258 -46.20 72.74 -11.05
CA ILE R 258 -47.52 72.13 -11.01
C ILE R 258 -48.00 71.88 -12.43
N ILE R 259 -48.18 70.62 -12.79
CA ILE R 259 -48.47 70.24 -14.16
C ILE R 259 -49.97 70.04 -14.41
N ARG R 260 -50.32 70.00 -15.69
CA ARG R 260 -51.69 69.75 -16.15
C ARG R 260 -52.66 70.84 -15.71
N ASP R 261 -53.89 70.74 -16.20
CA ASP R 261 -54.91 71.74 -15.96
C ASP R 261 -55.25 71.82 -14.48
N ASP R 262 -55.94 72.90 -14.09
CA ASP R 262 -56.39 73.09 -12.72
C ASP R 262 -55.23 73.09 -11.72
N GLY R 263 -54.64 71.93 -11.51
CA GLY R 263 -53.55 71.77 -10.56
C GLY R 263 -53.46 70.30 -10.19
N TYR R 264 -53.28 69.47 -11.22
CA TYR R 264 -53.31 68.02 -11.07
C TYR R 264 -52.30 67.55 -10.03
N ARG R 265 -51.04 67.93 -10.18
CA ARG R 265 -50.01 67.51 -9.25
C ARG R 265 -48.72 68.33 -9.38
N LEU R 266 -47.92 68.29 -8.32
CA LEU R 266 -46.63 68.98 -8.27
C LEU R 266 -45.50 67.96 -8.32
N TRP R 267 -44.40 68.32 -8.98
CA TRP R 267 -43.20 67.49 -8.96
C TRP R 267 -41.95 68.30 -9.27
N GLY R 268 -40.79 67.66 -9.17
CA GLY R 268 -39.50 68.31 -9.36
C GLY R 268 -38.66 68.13 -8.11
N ASN R 269 -38.19 66.91 -7.90
CA ASN R 269 -37.48 66.54 -6.68
C ASN R 269 -36.16 67.31 -6.53
N ARG R 270 -35.61 67.77 -7.63
CA ARG R 270 -34.33 68.48 -7.61
C ARG R 270 -34.39 69.74 -6.74
N THR R 271 -33.61 69.73 -5.66
CA THR R 271 -33.47 70.90 -4.82
C THR R 271 -32.39 71.80 -5.40
N LEU R 272 -32.52 73.10 -5.20
CA LEU R 272 -31.56 74.07 -5.74
C LEU R 272 -30.17 73.85 -5.15
N SER R 273 -29.51 72.77 -5.57
CA SER R 273 -28.20 72.40 -5.04
C SER R 273 -27.21 72.09 -6.15
N SER R 274 -25.99 72.62 -6.00
CA SER R 274 -24.92 72.38 -6.96
C SER R 274 -24.37 70.97 -6.82
N ASP R 275 -24.12 70.55 -5.59
CA ASP R 275 -23.60 69.22 -5.33
C ASP R 275 -24.64 68.17 -5.72
N SER R 276 -24.28 67.32 -6.69
CA SER R 276 -25.21 66.32 -7.20
C SER R 276 -25.49 65.22 -6.17
N LYS R 277 -24.69 65.19 -5.10
CA LYS R 277 -24.89 64.22 -4.03
C LYS R 277 -26.20 64.49 -3.29
N TRP R 278 -26.52 65.78 -3.13
CA TRP R 278 -27.73 66.21 -2.45
C TRP R 278 -28.73 66.76 -3.47
N ALA R 279 -28.83 66.09 -4.61
CA ALA R 279 -29.68 66.54 -5.70
C ALA R 279 -31.15 66.42 -5.33
N PHE R 280 -31.51 65.30 -4.71
CA PHE R 280 -32.90 65.08 -4.30
C PHE R 280 -33.20 65.79 -2.98
N VAL R 281 -34.42 66.31 -2.88
CA VAL R 281 -34.88 66.93 -1.65
C VAL R 281 -35.08 65.84 -0.59
N THR R 282 -35.28 64.62 -1.05
CA THR R 282 -35.47 63.48 -0.16
C THR R 282 -34.25 63.24 0.73
N ARG R 283 -33.08 63.14 0.11
CA ARG R 283 -31.84 62.87 0.83
C ARG R 283 -31.58 63.91 1.91
N VAL R 284 -31.81 65.17 1.56
CA VAL R 284 -31.61 66.26 2.49
C VAL R 284 -32.59 66.15 3.66
N ARG R 285 -33.76 65.59 3.38
CA ARG R 285 -34.82 65.49 4.37
C ARG R 285 -34.62 64.32 5.33
N THR R 286 -34.02 63.24 4.83
CA THR R 286 -33.75 62.05 5.63
C THR R 286 -32.49 62.23 6.46
N MET R 287 -31.49 62.85 5.86
CA MET R 287 -30.19 63.03 6.50
C MET R 287 -30.29 64.03 7.65
N ASP R 288 -31.01 65.13 7.42
CA ASP R 288 -31.22 66.14 8.44
C ASP R 288 -32.06 65.61 9.60
N LEU R 289 -32.74 64.49 9.36
CA LEU R 289 -33.61 63.89 10.36
C LEU R 289 -32.83 62.91 11.25
N VAL R 290 -32.13 61.97 10.62
CA VAL R 290 -31.37 60.96 11.36
C VAL R 290 -30.22 61.62 12.13
N MET R 291 -29.74 62.74 11.63
CA MET R 291 -28.69 63.49 12.32
C MET R 291 -29.25 64.11 13.59
N ASP R 292 -30.37 64.82 13.48
CA ASP R 292 -31.01 65.46 14.62
C ASP R 292 -31.53 64.41 15.61
N ALA R 293 -31.78 63.20 15.12
CA ALA R 293 -32.26 62.11 15.96
C ALA R 293 -31.13 61.55 16.81
N ILE R 294 -29.98 61.32 16.17
CA ILE R 294 -28.81 60.79 16.86
C ILE R 294 -28.26 61.83 17.82
N LEU R 295 -28.34 63.10 17.40
CA LEU R 295 -27.89 64.20 18.24
C LEU R 295 -28.72 64.29 19.51
N ALA R 296 -30.04 64.44 19.35
CA ALA R 296 -30.96 64.56 20.48
C ALA R 296 -31.21 63.23 21.16
N GLY R 297 -30.84 62.14 20.49
CA GLY R 297 -31.11 60.80 21.01
C GLY R 297 -30.11 60.37 22.07
N HIS R 298 -28.82 60.56 21.77
CA HIS R 298 -27.75 60.13 22.67
C HIS R 298 -27.35 61.27 23.61
N LYS R 299 -28.35 61.98 24.11
CA LYS R 299 -28.14 63.03 25.11
C LYS R 299 -28.02 62.40 26.50
N TRP R 300 -28.46 61.15 26.61
CA TRP R 300 -28.41 60.41 27.88
C TRP R 300 -26.99 59.97 28.17
N ALA R 301 -26.22 59.70 27.10
CA ALA R 301 -24.87 59.20 27.25
C ALA R 301 -23.96 60.32 27.76
N VAL R 302 -23.35 61.05 26.83
CA VAL R 302 -22.41 62.12 27.16
C VAL R 302 -21.34 61.57 28.12
N ASP R 303 -20.88 62.37 29.07
CA ASP R 303 -19.82 61.94 29.98
C ASP R 303 -20.29 60.76 30.84
N ARG R 304 -19.77 59.58 30.51
CA ARG R 304 -20.11 58.36 31.22
C ARG R 304 -18.99 57.35 31.02
N GLY R 305 -18.87 56.40 31.95
CA GLY R 305 -17.82 55.41 31.92
C GLY R 305 -17.74 54.69 30.57
N ILE R 306 -16.68 54.95 29.83
CA ILE R 306 -16.51 54.40 28.48
C ILE R 306 -15.97 52.96 28.55
N THR R 307 -16.71 52.09 29.23
CA THR R 307 -16.34 50.69 29.31
C THR R 307 -16.76 49.99 28.01
N LYS R 308 -16.20 48.82 27.77
CA LYS R 308 -16.55 48.02 26.58
C LYS R 308 -18.05 47.80 26.45
N THR R 309 -18.75 47.76 27.58
CA THR R 309 -20.19 47.61 27.61
C THR R 309 -20.85 48.86 27.02
N TYR R 310 -20.38 50.03 27.45
CA TYR R 310 -20.94 51.30 27.02
C TYR R 310 -20.85 51.47 25.51
N VAL R 311 -19.71 51.09 24.93
CA VAL R 311 -19.51 51.20 23.48
C VAL R 311 -20.50 50.31 22.75
N LYS R 312 -20.66 49.08 23.22
CA LYS R 312 -21.61 48.14 22.64
C LYS R 312 -23.06 48.60 22.86
N ASP R 313 -23.33 49.22 24.01
CA ASP R 313 -24.67 49.71 24.31
C ASP R 313 -25.07 50.79 23.31
N VAL R 314 -24.10 51.62 22.94
CA VAL R 314 -24.33 52.69 21.98
C VAL R 314 -24.32 52.11 20.57
N THR R 315 -23.40 51.18 20.33
CA THR R 315 -23.31 50.51 19.02
C THR R 315 -24.61 49.75 18.72
N GLU R 316 -25.08 48.97 19.69
CA GLU R 316 -26.33 48.24 19.54
C GLU R 316 -27.52 49.19 19.49
N GLY R 317 -27.32 50.41 20.00
CA GLY R 317 -28.36 51.42 19.96
C GLY R 317 -28.60 51.90 18.54
N LEU R 318 -27.51 51.95 17.77
CA LEU R 318 -27.58 52.33 16.36
C LEU R 318 -27.99 51.14 15.50
N ARG R 319 -27.53 49.94 15.87
CA ARG R 319 -27.91 48.72 15.17
C ARG R 319 -29.43 48.57 15.12
N ALA R 320 -30.04 48.61 16.30
CA ALA R 320 -31.48 48.45 16.43
C ALA R 320 -32.20 49.63 15.79
N PHE R 321 -31.66 50.83 15.99
CA PHE R 321 -32.29 52.05 15.47
C PHE R 321 -32.37 52.05 13.95
N MET R 322 -31.24 51.85 13.30
CA MET R 322 -31.18 51.85 11.84
C MET R 322 -31.98 50.69 11.25
N ARG R 323 -32.03 49.58 11.97
CA ARG R 323 -32.80 48.43 11.52
C ARG R 323 -34.30 48.72 11.56
N ASP R 324 -34.69 49.65 12.43
CA ASP R 324 -36.09 50.08 12.49
C ASP R 324 -36.41 51.00 11.30
N LEU R 325 -35.38 51.56 10.70
CA LEU R 325 -35.52 52.38 9.50
C LEU R 325 -35.48 51.54 8.24
N LYS R 326 -34.74 50.43 8.31
CA LYS R 326 -34.57 49.55 7.16
C LYS R 326 -35.87 48.83 6.83
N ASN R 327 -36.38 48.07 7.80
CA ASN R 327 -37.62 47.33 7.62
C ASN R 327 -38.81 48.26 7.39
N GLN R 328 -38.69 49.49 7.90
CA GLN R 328 -39.72 50.51 7.71
C GLN R 328 -39.66 51.05 6.28
N GLY R 329 -38.48 50.96 5.66
CA GLY R 329 -38.29 51.38 4.29
C GLY R 329 -37.65 52.75 4.16
N ALA R 330 -37.19 53.30 5.28
CA ALA R 330 -36.55 54.62 5.28
C ALA R 330 -35.19 54.56 4.59
N VAL R 331 -34.51 53.43 4.76
CA VAL R 331 -33.20 53.21 4.16
C VAL R 331 -33.14 51.81 3.54
N ILE R 332 -32.31 51.64 2.52
CA ILE R 332 -32.15 50.34 1.88
C ILE R 332 -31.31 49.43 2.77
N ASN R 333 -30.14 49.90 3.14
CA ASN R 333 -29.26 49.16 4.02
C ASN R 333 -28.31 50.10 4.73
N PHE R 334 -27.73 49.63 5.84
CA PHE R 334 -26.87 50.46 6.67
C PHE R 334 -25.68 49.67 7.21
N GLU R 335 -24.85 50.36 7.98
CA GLU R 335 -23.69 49.75 8.61
C GLU R 335 -23.11 50.73 9.62
N VAL R 336 -23.05 50.30 10.88
CA VAL R 336 -22.55 51.16 11.96
C VAL R 336 -21.53 50.40 12.79
N TYR R 337 -20.47 51.11 13.21
CA TYR R 337 -19.39 50.49 13.95
C TYR R 337 -18.43 51.54 14.47
N ALA R 338 -17.52 51.14 15.35
CA ALA R 338 -16.51 52.03 15.90
C ALA R 338 -15.23 51.92 15.08
N ASP R 339 -14.78 53.04 14.51
CA ASP R 339 -13.59 53.04 13.66
C ASP R 339 -12.33 52.73 14.48
N PRO R 340 -11.50 51.77 14.02
CA PRO R 340 -10.26 51.46 14.74
C PRO R 340 -9.28 52.64 14.77
N ASP R 341 -9.12 53.33 13.64
CA ASP R 341 -8.12 54.38 13.52
C ASP R 341 -8.49 55.63 14.33
N LEU R 342 -9.76 56.03 14.26
CA LEU R 342 -10.24 57.21 14.97
C LEU R 342 -10.16 57.01 16.48
N ASN R 343 -10.75 55.92 16.96
CA ASN R 343 -10.73 55.60 18.38
C ASN R 343 -9.32 55.24 18.83
N SER R 344 -8.44 56.24 18.86
CA SER R 344 -7.06 56.04 19.30
C SER R 344 -7.00 56.10 20.82
N ALA R 345 -5.89 55.60 21.38
CA ALA R 345 -5.70 55.60 22.83
C ALA R 345 -5.71 57.02 23.40
N SER R 346 -5.34 57.99 22.58
CA SER R 346 -5.27 59.38 23.01
C SER R 346 -6.62 60.09 22.86
N GLN R 347 -7.39 59.69 21.84
CA GLN R 347 -8.70 60.29 21.60
C GLN R 347 -9.68 59.92 22.70
N LEU R 348 -9.67 58.64 23.10
CA LEU R 348 -10.52 58.17 24.18
C LEU R 348 -10.13 58.81 25.50
N ALA R 349 -8.87 59.22 25.61
CA ALA R 349 -8.36 59.85 26.83
C ALA R 349 -8.77 61.32 26.91
N GLN R 350 -9.47 61.80 25.88
CA GLN R 350 -10.05 63.15 25.87
C GLN R 350 -11.57 63.08 25.87
N GLY R 351 -12.11 61.87 25.88
CA GLY R 351 -13.54 61.65 25.90
C GLY R 351 -14.09 61.35 24.53
N LYS R 352 -13.36 61.74 23.48
CA LYS R 352 -13.79 61.48 22.12
C LYS R 352 -13.94 59.99 21.84
N VAL R 353 -15.08 59.63 21.26
CA VAL R 353 -15.34 58.26 20.82
C VAL R 353 -16.26 58.32 19.61
N TYR R 354 -15.82 57.70 18.51
CA TYR R 354 -16.50 57.85 17.22
C TYR R 354 -17.26 56.58 16.82
N TRP R 355 -18.31 56.77 16.03
CA TRP R 355 -19.07 55.66 15.46
C TRP R 355 -19.41 55.97 14.00
N ASN R 356 -18.73 55.28 13.09
CA ASN R 356 -18.91 55.53 11.66
C ASN R 356 -20.23 54.98 11.14
N ILE R 357 -21.23 55.84 11.05
CA ILE R 357 -22.52 55.48 10.48
C ILE R 357 -22.51 55.73 8.98
N ARG R 358 -23.09 54.79 8.23
CA ARG R 358 -23.17 54.92 6.77
C ARG R 358 -24.33 54.10 6.23
N PHE R 359 -25.01 54.66 5.23
CA PHE R 359 -26.18 54.00 4.64
C PHE R 359 -26.55 54.67 3.32
N THR R 360 -27.63 54.20 2.71
CA THR R 360 -28.11 54.75 1.44
C THR R 360 -29.59 55.12 1.55
N ASP R 361 -29.88 56.41 1.69
CA ASP R 361 -31.26 56.89 1.71
C ASP R 361 -31.92 56.54 0.38
N VAL R 362 -33.21 56.20 0.43
CA VAL R 362 -33.93 55.77 -0.76
C VAL R 362 -34.15 56.94 -1.72
N PRO R 363 -33.63 56.83 -2.97
CA PRO R 363 -33.86 57.87 -3.97
C PRO R 363 -35.16 57.63 -4.75
N PRO R 364 -35.93 58.70 -5.04
CA PRO R 364 -37.16 58.52 -5.82
C PRO R 364 -36.87 58.24 -7.30
N ALA R 365 -37.40 57.15 -7.82
CA ALA R 365 -37.24 56.81 -9.24
C ALA R 365 -37.91 57.84 -10.12
N GLU R 366 -37.25 58.99 -10.29
CA GLU R 366 -37.86 60.11 -10.99
C GLU R 366 -37.91 59.91 -12.50
N ASN R 367 -37.37 58.80 -12.98
CA ASN R 367 -37.36 58.52 -14.43
C ASN R 367 -37.12 57.03 -14.72
N PRO R 368 -38.16 56.19 -14.51
CA PRO R 368 -38.08 54.76 -14.82
C PRO R 368 -38.24 54.49 -16.32
N ASN R 369 -37.19 53.92 -16.93
CA ASN R 369 -37.20 53.60 -18.35
C ASN R 369 -37.75 52.20 -18.63
N PHE R 370 -38.10 51.95 -19.88
CA PHE R 370 -38.64 50.65 -20.28
C PHE R 370 -38.12 50.27 -21.67
N ARG R 371 -36.92 49.72 -21.71
CA ARG R 371 -36.29 49.33 -22.96
C ARG R 371 -37.02 48.18 -23.62
N VAL R 372 -38.20 48.46 -24.16
CA VAL R 372 -38.99 47.44 -24.85
C VAL R 372 -38.47 47.27 -26.27
N GLU R 373 -38.49 46.03 -26.75
CA GLU R 373 -37.96 45.71 -28.07
C GLU R 373 -38.42 44.33 -28.52
N VAL R 374 -39.08 44.28 -29.67
CA VAL R 374 -39.51 43.02 -30.24
C VAL R 374 -38.32 42.26 -30.82
N THR R 375 -38.59 41.04 -31.28
CA THR R 375 -37.56 40.22 -31.90
C THR R 375 -38.22 39.06 -32.64
N ASP R 376 -37.42 38.05 -32.97
CA ASP R 376 -37.90 36.88 -33.68
C ASP R 376 -37.37 35.61 -33.00
N GLN R 377 -37.24 35.68 -31.68
CA GLN R 377 -36.67 34.59 -30.90
C GLN R 377 -37.69 33.47 -30.67
N TRP R 378 -38.76 33.80 -29.95
CA TRP R 378 -39.82 32.82 -29.64
C TRP R 378 -40.81 32.68 -30.79
N LEU R 379 -40.32 32.22 -31.94
CA LEU R 379 -41.18 31.94 -33.08
C LEU R 379 -41.21 30.44 -33.35
N THR R 380 -40.07 29.78 -33.13
CA THR R 380 -39.97 28.34 -33.29
C THR R 380 -40.79 27.61 -32.22
N GLU R 381 -41.19 28.34 -31.19
CA GLU R 381 -42.03 27.79 -30.14
C GLU R 381 -43.39 27.44 -30.72
N VAL R 382 -43.81 28.19 -31.73
CA VAL R 382 -45.05 27.91 -32.44
C VAL R 382 -44.86 26.74 -33.38
N LEU R 383 -44.80 25.54 -32.81
CA LEU R 383 -44.52 24.34 -33.59
C LEU R 383 -44.76 23.10 -32.74
N ASP R 384 -44.16 23.09 -31.55
CA ASP R 384 -44.30 21.96 -30.63
C ASP R 384 -44.01 22.38 -29.21
N SER S 2 -14.67 59.14 -47.62
CA SER S 2 -15.49 58.07 -47.07
C SER S 2 -15.31 56.79 -47.87
N PHE S 3 -15.28 56.94 -49.20
CA PHE S 3 -15.11 55.82 -50.12
C PHE S 3 -16.35 54.92 -50.12
N PHE S 4 -17.04 54.92 -51.26
CA PHE S 4 -18.27 54.13 -51.45
C PHE S 4 -19.40 54.58 -50.53
N HIS S 5 -19.31 54.20 -49.26
CA HIS S 5 -20.36 54.49 -48.28
C HIS S 5 -21.71 53.90 -48.70
N GLY S 6 -21.86 52.59 -48.50
CA GLY S 6 -23.12 51.92 -48.81
C GLY S 6 -23.14 50.52 -48.22
N VAL S 7 -23.02 49.52 -49.09
CA VAL S 7 -22.99 48.13 -48.67
C VAL S 7 -22.52 47.27 -49.83
N THR S 8 -21.23 46.95 -49.83
CA THR S 8 -20.63 46.17 -50.90
C THR S 8 -20.95 44.68 -50.74
N VAL S 9 -20.52 43.89 -51.70
CA VAL S 9 -20.75 42.45 -51.69
C VAL S 9 -19.84 41.83 -52.76
N THR S 10 -18.54 42.09 -52.63
CA THR S 10 -17.57 41.62 -53.61
C THR S 10 -17.47 40.09 -53.62
N ASN S 11 -17.51 39.53 -54.83
CA ASN S 11 -17.38 38.08 -55.00
C ASN S 11 -15.91 37.70 -55.10
N VAL S 12 -15.38 37.09 -54.05
CA VAL S 12 -13.99 36.68 -54.04
C VAL S 12 -13.82 35.41 -54.87
N ASP S 13 -13.27 35.58 -56.07
CA ASP S 13 -13.12 34.48 -57.02
C ASP S 13 -11.83 33.70 -56.74
N ILE S 14 -11.88 32.86 -55.71
CA ILE S 14 -10.75 31.98 -55.39
C ILE S 14 -11.26 30.59 -55.03
N GLY S 15 -10.36 29.61 -55.07
CA GLY S 15 -10.71 28.23 -54.81
C GLY S 15 -10.12 27.33 -55.87
N ALA S 16 -9.96 26.06 -55.54
CA ALA S 16 -9.41 25.09 -56.47
C ALA S 16 -10.37 24.79 -57.62
N ARG S 17 -9.99 25.19 -58.83
CA ARG S 17 -10.81 24.93 -60.01
C ARG S 17 -10.77 23.45 -60.36
N THR S 18 -11.77 23.01 -61.12
CA THR S 18 -11.84 21.62 -61.58
C THR S 18 -11.08 21.46 -62.89
N ILE S 19 -10.67 20.23 -63.19
CA ILE S 19 -9.93 19.94 -64.41
C ILE S 19 -10.47 18.68 -65.06
N ALA S 20 -10.51 18.69 -66.39
CA ALA S 20 -11.05 17.58 -67.17
C ALA S 20 -9.98 16.95 -68.06
N LEU S 21 -10.36 15.89 -68.75
CA LEU S 21 -9.48 15.16 -69.67
C LEU S 21 -9.96 15.32 -71.11
N PRO S 22 -9.55 16.42 -71.78
CA PRO S 22 -10.07 16.72 -73.11
C PRO S 22 -9.59 15.74 -74.18
N ALA S 23 -10.19 15.79 -75.36
CA ALA S 23 -9.78 14.99 -76.51
C ALA S 23 -9.93 13.49 -76.27
N SER S 24 -9.20 12.98 -75.28
CA SER S 24 -9.25 11.57 -74.90
C SER S 24 -8.73 10.67 -76.04
N SER S 25 -9.54 10.50 -77.09
CA SER S 25 -9.17 9.62 -78.19
C SER S 25 -9.92 9.98 -79.47
N VAL S 26 -9.61 11.16 -80.03
CA VAL S 26 -10.17 11.56 -81.31
C VAL S 26 -9.22 11.12 -82.42
N ILE S 27 -9.78 10.50 -83.45
CA ILE S 27 -8.99 9.95 -84.54
C ILE S 27 -8.77 10.99 -85.62
N GLY S 28 -7.57 11.00 -86.18
CA GLY S 28 -7.19 11.92 -87.24
C GLY S 28 -6.77 11.14 -88.47
N LEU S 29 -7.75 10.84 -89.32
CA LEU S 29 -7.54 10.00 -90.50
C LEU S 29 -7.33 10.84 -91.76
N CYS S 30 -6.68 10.27 -92.75
CA CYS S 30 -6.40 10.97 -94.01
C CYS S 30 -6.08 9.96 -95.11
N ASP S 31 -7.12 9.44 -95.74
CA ASP S 31 -6.97 8.52 -96.87
C ASP S 31 -7.29 9.27 -98.16
N VAL S 32 -7.91 8.60 -99.12
CA VAL S 32 -8.28 9.22 -100.39
C VAL S 32 -9.71 8.88 -100.78
N PHE S 33 -10.26 9.63 -101.72
CA PHE S 33 -11.60 9.36 -102.23
C PHE S 33 -11.78 10.01 -103.60
N THR S 34 -13.01 10.03 -104.08
CA THR S 34 -13.33 10.59 -105.40
C THR S 34 -14.40 11.67 -105.26
N PRO S 35 -13.97 12.95 -105.21
CA PRO S 35 -14.95 14.04 -105.09
C PRO S 35 -15.75 14.24 -106.38
N GLY S 36 -17.04 14.53 -106.26
CA GLY S 36 -17.88 14.75 -107.41
C GLY S 36 -19.31 15.09 -107.02
N ALA S 37 -20.19 14.11 -107.11
CA ALA S 37 -21.62 14.33 -106.86
C ALA S 37 -21.99 14.01 -105.41
N GLN S 38 -22.07 12.72 -105.09
CA GLN S 38 -22.48 12.26 -103.77
C GLN S 38 -21.48 12.70 -102.69
N ALA S 39 -20.25 12.99 -103.10
CA ALA S 39 -19.21 13.40 -102.17
C ALA S 39 -19.44 14.83 -101.70
N SER S 40 -20.07 14.98 -100.54
CA SER S 40 -20.37 16.30 -100.00
C SER S 40 -19.11 17.00 -99.50
N ALA S 41 -18.21 16.23 -98.90
CA ALA S 41 -16.96 16.77 -98.36
C ALA S 41 -16.10 17.31 -99.49
N LYS S 42 -15.45 18.45 -99.25
CA LYS S 42 -14.62 19.07 -100.27
C LYS S 42 -13.36 18.23 -100.50
N PRO S 43 -12.66 18.46 -101.63
CA PRO S 43 -11.54 17.60 -102.03
C PRO S 43 -10.32 17.65 -101.10
N ASN S 44 -10.37 18.38 -99.99
CA ASN S 44 -9.19 18.51 -99.14
C ASN S 44 -9.45 18.99 -97.71
N VAL S 45 -10.49 19.77 -97.49
CA VAL S 45 -10.69 20.38 -96.18
C VAL S 45 -11.04 19.33 -95.13
N PRO S 46 -10.68 19.58 -93.85
CA PRO S 46 -11.08 18.66 -92.78
C PRO S 46 -12.59 18.61 -92.58
N VAL S 47 -13.13 17.42 -92.35
CA VAL S 47 -14.55 17.25 -92.09
C VAL S 47 -14.74 16.35 -90.88
N LEU S 48 -15.60 16.77 -89.97
CA LEU S 48 -15.84 16.00 -88.75
C LEU S 48 -16.86 14.91 -89.00
N LEU S 49 -16.66 13.78 -88.34
CA LEU S 49 -17.55 12.62 -88.47
C LEU S 49 -18.05 12.19 -87.11
N THR S 50 -18.95 11.21 -87.10
CA THR S 50 -19.53 10.71 -85.86
C THR S 50 -20.07 9.29 -86.06
N SER S 51 -20.58 9.02 -87.26
CA SER S 51 -21.14 7.72 -87.60
C SER S 51 -20.96 7.46 -89.10
N LYS S 52 -21.28 6.24 -89.51
CA LYS S 52 -21.17 5.86 -90.92
C LYS S 52 -22.04 6.74 -91.81
N LYS S 53 -23.22 7.09 -91.31
CA LYS S 53 -24.14 7.96 -92.06
C LYS S 53 -23.49 9.30 -92.38
N ASP S 54 -22.85 9.90 -91.38
CA ASP S 54 -22.23 11.21 -91.55
C ASP S 54 -20.98 11.11 -92.44
N ALA S 55 -20.44 9.91 -92.55
CA ALA S 55 -19.24 9.65 -93.34
C ALA S 55 -19.60 9.24 -94.77
N ALA S 56 -20.69 8.51 -94.92
CA ALA S 56 -21.12 8.01 -96.23
C ALA S 56 -21.49 9.16 -97.16
N ALA S 57 -22.37 10.03 -96.70
CA ALA S 57 -22.82 11.17 -97.49
C ALA S 57 -21.69 12.18 -97.70
N ALA S 58 -20.64 12.08 -96.88
CA ALA S 58 -19.51 13.01 -96.96
C ALA S 58 -18.56 12.65 -98.10
N PHE S 59 -18.00 11.45 -98.03
CA PHE S 59 -16.98 11.01 -98.99
C PHE S 59 -17.60 10.14 -100.08
N GLY S 60 -18.53 9.27 -99.68
CA GLY S 60 -19.21 8.37 -100.60
C GLY S 60 -18.86 6.92 -100.33
N ILE S 61 -19.65 6.02 -100.90
CA ILE S 61 -19.44 4.59 -100.73
C ILE S 61 -18.42 4.10 -101.75
N GLY S 62 -17.59 3.16 -101.35
CA GLY S 62 -16.56 2.61 -102.22
C GLY S 62 -15.26 3.39 -102.13
N SER S 63 -15.35 4.63 -101.66
CA SER S 63 -14.17 5.47 -101.45
C SER S 63 -13.21 4.77 -100.49
N SER S 64 -11.93 4.74 -100.84
CA SER S 64 -10.92 4.06 -100.04
C SER S 64 -10.87 4.59 -98.60
N ILE S 65 -11.35 5.82 -98.41
CA ILE S 65 -11.39 6.43 -97.09
C ILE S 65 -12.56 5.91 -96.28
N TYR S 66 -13.66 5.60 -96.97
CA TYR S 66 -14.86 5.11 -96.31
C TYR S 66 -14.66 3.69 -95.79
N LEU S 67 -13.84 2.92 -96.49
CA LEU S 67 -13.51 1.55 -96.06
C LEU S 67 -12.68 1.59 -94.78
N ALA S 68 -12.02 2.72 -94.54
CA ALA S 68 -11.21 2.92 -93.35
C ALA S 68 -12.07 3.42 -92.19
N CYS S 69 -12.97 4.35 -92.48
CA CYS S 69 -13.90 4.87 -91.47
C CYS S 69 -14.87 3.79 -91.03
N GLU S 70 -15.38 3.02 -92.00
CA GLU S 70 -16.30 1.93 -91.72
C GLU S 70 -15.62 0.87 -90.87
N ALA S 71 -14.32 0.69 -91.07
CA ALA S 71 -13.54 -0.27 -90.29
C ALA S 71 -13.43 0.18 -88.83
N ILE S 72 -13.47 1.49 -88.62
CA ILE S 72 -13.39 2.05 -87.27
C ILE S 72 -14.75 1.99 -86.58
N TYR S 73 -15.81 2.40 -87.28
CA TYR S 73 -17.15 2.45 -86.72
C TYR S 73 -17.71 1.05 -86.50
N ASN S 74 -17.28 0.11 -87.34
CA ASN S 74 -17.67 -1.28 -87.16
C ASN S 74 -17.11 -1.82 -85.85
N ARG S 75 -15.87 -1.46 -85.57
CA ARG S 75 -15.20 -1.82 -84.33
C ARG S 75 -15.86 -1.09 -83.15
N ALA S 76 -15.61 0.21 -83.06
CA ALA S 76 -16.17 1.02 -81.98
C ALA S 76 -16.33 2.46 -82.44
N GLN S 77 -17.49 3.05 -82.14
CA GLN S 77 -17.82 4.40 -82.57
C GLN S 77 -16.88 5.42 -81.95
N ALA S 78 -16.48 6.42 -82.73
CA ALA S 78 -15.55 7.44 -82.26
C ALA S 78 -15.58 8.65 -83.18
N VAL S 79 -15.07 9.77 -82.69
CA VAL S 79 -14.97 10.99 -83.48
C VAL S 79 -13.79 10.88 -84.43
N ILE S 80 -14.02 11.19 -85.69
CA ILE S 80 -12.97 11.12 -86.71
C ILE S 80 -12.95 12.42 -87.51
N VAL S 81 -12.00 13.30 -87.18
CA VAL S 81 -11.79 14.52 -87.96
C VAL S 81 -11.02 14.14 -89.23
N ALA S 82 -11.70 13.43 -90.12
CA ALA S 82 -11.08 12.94 -91.34
C ALA S 82 -10.79 14.10 -92.30
N VAL S 83 -9.77 13.91 -93.14
CA VAL S 83 -9.38 14.91 -94.12
C VAL S 83 -9.78 14.43 -95.52
N GLY S 84 -9.04 13.47 -96.05
CA GLY S 84 -9.33 12.91 -97.36
C GLY S 84 -8.85 13.82 -98.48
N VAL S 85 -8.14 13.24 -99.43
CA VAL S 85 -7.59 13.99 -100.57
C VAL S 85 -7.86 13.24 -101.87
N GLU S 86 -7.99 14.00 -102.95
CA GLU S 86 -8.28 13.42 -104.26
C GLU S 86 -7.14 12.50 -104.70
N THR S 87 -7.50 11.40 -105.36
CA THR S 87 -6.51 10.46 -105.88
C THR S 87 -5.71 11.11 -107.01
N ALA S 88 -4.42 10.83 -107.05
CA ALA S 88 -3.52 11.38 -108.06
C ALA S 88 -3.23 10.35 -109.15
N GLU S 89 -2.38 10.73 -110.10
CA GLU S 89 -2.03 9.87 -111.22
C GLU S 89 -1.17 8.70 -110.76
N THR S 90 0.10 8.99 -110.47
CA THR S 90 1.04 7.97 -110.01
C THR S 90 0.92 7.80 -108.50
N PRO S 91 1.22 6.59 -107.99
CA PRO S 91 1.11 6.32 -106.55
C PRO S 91 2.13 7.10 -105.73
N GLU S 92 3.28 7.38 -106.33
CA GLU S 92 4.35 8.10 -105.65
C GLU S 92 3.95 9.56 -105.39
N ALA S 93 3.51 10.23 -106.45
CA ALA S 93 3.11 11.63 -106.37
C ALA S 93 1.83 11.80 -105.56
N GLN S 94 1.10 10.72 -105.37
CA GLN S 94 -0.14 10.76 -104.60
C GLN S 94 0.17 11.00 -103.12
N ALA S 95 1.34 10.53 -102.69
CA ALA S 95 1.76 10.70 -101.30
C ALA S 95 2.00 12.17 -100.97
N SER S 96 2.27 12.97 -102.01
CA SER S 96 2.49 14.40 -101.82
C SER S 96 1.20 15.07 -101.35
N ALA S 97 0.10 14.73 -102.01
CA ALA S 97 -1.21 15.27 -101.63
C ALA S 97 -1.62 14.75 -100.26
N VAL S 98 -1.16 13.54 -99.92
CA VAL S 98 -1.46 12.95 -98.62
C VAL S 98 -0.73 13.71 -97.53
N ILE S 99 0.57 13.92 -97.71
CA ILE S 99 1.35 14.71 -96.76
C ILE S 99 0.83 16.15 -96.78
N GLY S 100 0.80 16.74 -97.97
CA GLY S 100 0.24 18.07 -98.14
C GLY S 100 1.19 19.14 -97.65
N GLY S 101 1.59 20.03 -98.55
CA GLY S 101 2.47 21.13 -98.20
C GLY S 101 1.71 22.21 -97.45
N ILE S 102 1.12 23.14 -98.21
CA ILE S 102 0.36 24.24 -97.62
C ILE S 102 -0.48 24.98 -98.67
N SER S 103 -0.08 24.88 -99.93
CA SER S 103 -0.80 25.48 -101.04
C SER S 103 -0.73 27.01 -101.01
N ALA S 104 -1.04 27.63 -102.14
CA ALA S 104 -1.00 29.08 -102.26
C ALA S 104 -2.13 29.74 -101.47
N ALA S 105 -3.17 28.95 -101.19
CA ALA S 105 -4.33 29.46 -100.45
C ALA S 105 -3.95 29.76 -99.00
N GLY S 106 -2.89 29.12 -98.53
CA GLY S 106 -2.41 29.34 -97.17
C GLY S 106 -2.96 28.29 -96.21
N GLU S 107 -4.11 27.73 -96.56
CA GLU S 107 -4.75 26.71 -95.73
C GLU S 107 -3.97 25.40 -95.78
N ARG S 108 -3.67 24.84 -94.61
CA ARG S 108 -2.92 23.59 -94.52
C ARG S 108 -3.63 22.46 -95.25
N THR S 109 -2.94 21.88 -96.24
CA THR S 109 -3.50 20.81 -97.05
C THR S 109 -3.03 19.43 -96.58
N GLY S 110 -3.74 18.40 -97.04
CA GLY S 110 -3.35 17.03 -96.78
C GLY S 110 -3.33 16.68 -95.31
N LEU S 111 -2.42 15.77 -94.95
CA LEU S 111 -2.32 15.26 -93.59
C LEU S 111 -2.06 16.36 -92.56
N GLN S 112 -1.41 17.43 -92.98
CA GLN S 112 -1.08 18.54 -92.08
C GLN S 112 -2.31 19.37 -91.72
N ALA S 113 -3.42 19.10 -92.40
CA ALA S 113 -4.67 19.82 -92.15
C ALA S 113 -5.27 19.46 -90.80
N LEU S 114 -4.78 18.38 -90.20
CA LEU S 114 -5.30 17.89 -88.92
C LEU S 114 -5.08 18.89 -87.79
N LEU S 115 -4.10 19.76 -87.95
CA LEU S 115 -3.81 20.79 -86.95
C LEU S 115 -4.96 21.77 -86.81
N ASP S 116 -5.81 21.82 -87.84
CA ASP S 116 -6.95 22.72 -87.85
C ASP S 116 -8.17 22.12 -87.13
N GLY S 117 -8.13 20.81 -86.93
CA GLY S 117 -9.25 20.10 -86.31
C GLY S 117 -9.52 20.57 -84.89
N LYS S 118 -8.51 21.13 -84.24
CA LYS S 118 -8.65 21.62 -82.87
C LYS S 118 -9.36 22.97 -82.82
N SER S 119 -8.95 23.86 -83.73
CA SER S 119 -9.48 25.22 -83.76
C SER S 119 -10.64 25.35 -84.74
N ARG S 120 -11.41 24.28 -84.89
CA ARG S 120 -12.60 24.28 -85.75
C ARG S 120 -13.70 23.37 -85.20
N PHE S 121 -13.30 22.23 -84.64
CA PHE S 121 -14.25 21.24 -84.13
C PHE S 121 -14.05 20.97 -82.64
N ASN S 122 -13.09 21.67 -82.03
CA ASN S 122 -12.78 21.47 -80.62
C ASN S 122 -12.46 20.00 -80.32
N ALA S 123 -11.94 19.30 -81.33
CA ALA S 123 -11.62 17.88 -81.21
C ALA S 123 -10.24 17.65 -81.79
N GLN S 124 -9.22 17.86 -80.97
CA GLN S 124 -7.84 17.66 -81.39
C GLN S 124 -7.61 16.18 -81.70
N PRO S 125 -7.31 15.84 -82.96
CA PRO S 125 -7.06 14.43 -83.27
C PRO S 125 -5.84 13.89 -82.52
N ARG S 126 -6.07 13.25 -81.39
CA ARG S 126 -4.98 12.72 -80.57
C ARG S 126 -4.75 11.26 -80.91
N LEU S 127 -4.87 10.92 -82.19
CA LEU S 127 -4.69 9.55 -82.66
C LEU S 127 -4.64 9.55 -84.18
N LEU S 128 -3.45 9.78 -84.73
CA LEU S 128 -3.28 9.85 -86.17
C LEU S 128 -3.36 8.47 -86.81
N VAL S 129 -3.61 8.46 -88.12
CA VAL S 129 -3.72 7.23 -88.88
C VAL S 129 -3.82 7.57 -90.37
N ALA S 130 -3.16 6.78 -91.20
CA ALA S 130 -3.15 7.03 -92.65
C ALA S 130 -3.12 5.69 -93.39
N PRO S 131 -4.29 5.02 -93.49
CA PRO S 131 -4.37 3.68 -94.11
C PRO S 131 -3.91 3.69 -95.58
N GLY S 132 -3.08 2.72 -95.95
CA GLY S 132 -2.56 2.63 -97.30
C GLY S 132 -1.29 3.45 -97.46
N HIS S 133 -1.36 4.72 -97.08
CA HIS S 133 -0.22 5.63 -97.17
C HIS S 133 0.56 5.68 -95.86
N SER S 134 1.44 4.71 -95.65
CA SER S 134 2.30 4.67 -94.47
C SER S 134 3.52 3.77 -94.72
N ALA S 135 3.38 2.80 -95.63
CA ALA S 135 4.49 1.92 -95.99
C ALA S 135 5.60 2.72 -96.65
N GLN S 136 5.24 3.85 -97.25
CA GLN S 136 6.21 4.75 -97.87
C GLN S 136 6.99 5.50 -96.79
N GLN S 137 8.32 5.53 -96.93
CA GLN S 137 9.22 6.16 -95.97
C GLN S 137 8.90 7.64 -95.81
N ALA S 138 8.37 8.25 -96.87
CA ALA S 138 8.13 9.69 -96.91
C ALA S 138 7.01 10.11 -95.96
N VAL S 139 5.79 9.66 -96.26
CA VAL S 139 4.60 10.05 -95.49
C VAL S 139 4.69 9.62 -94.03
N ALA S 140 5.49 8.58 -93.76
CA ALA S 140 5.62 8.05 -92.41
C ALA S 140 6.26 9.05 -91.46
N THR S 141 7.23 9.81 -91.97
CA THR S 141 7.92 10.81 -91.16
C THR S 141 7.02 12.01 -90.87
N ALA S 142 6.16 12.35 -91.83
CA ALA S 142 5.19 13.42 -91.64
C ALA S 142 4.23 13.07 -90.52
N MET S 143 3.88 11.79 -90.41
CA MET S 143 3.04 11.29 -89.33
C MET S 143 3.76 11.41 -87.99
N ASP S 144 5.09 11.27 -88.04
CA ASP S 144 5.92 11.36 -86.83
C ASP S 144 5.99 12.80 -86.35
N GLY S 145 6.30 13.71 -87.27
CA GLY S 145 6.46 15.10 -86.93
C GLY S 145 5.15 15.74 -86.51
N LEU S 146 4.07 15.31 -87.16
CA LEU S 146 2.74 15.85 -86.90
C LEU S 146 2.21 15.41 -85.54
N ALA S 147 2.57 14.20 -85.13
CA ALA S 147 2.10 13.62 -83.88
C ALA S 147 2.59 14.44 -82.68
N GLU S 148 3.81 14.97 -82.79
CA GLU S 148 4.39 15.76 -81.72
C GLU S 148 3.70 17.11 -81.58
N LYS S 149 3.12 17.59 -82.68
CA LYS S 149 2.37 18.84 -82.67
C LYS S 149 1.02 18.65 -82.00
N LEU S 150 0.46 17.45 -82.17
CA LEU S 150 -0.85 17.12 -81.62
C LEU S 150 -0.74 16.23 -80.37
N ARG S 151 0.48 15.85 -80.02
CA ARG S 151 0.71 14.95 -78.89
C ARG S 151 -0.10 13.65 -79.07
N ALA S 152 -0.18 13.19 -80.31
CA ALA S 152 -0.98 12.02 -80.65
C ALA S 152 -0.10 10.77 -80.75
N ILE S 153 -0.67 9.69 -81.27
CA ILE S 153 0.07 8.45 -81.47
C ILE S 153 -0.21 7.94 -82.88
N ALA S 154 0.67 8.31 -83.81
CA ALA S 154 0.52 7.94 -85.21
C ALA S 154 0.65 6.44 -85.43
N ILE S 155 -0.43 5.81 -85.88
CA ILE S 155 -0.42 4.38 -86.17
C ILE S 155 -0.04 4.14 -87.63
N LEU S 156 1.17 3.64 -87.84
CA LEU S 156 1.65 3.31 -89.17
C LEU S 156 1.18 1.92 -89.57
N ASP S 157 1.57 1.50 -90.77
CA ASP S 157 1.26 0.16 -91.24
C ASP S 157 2.28 -0.26 -92.30
N GLY S 158 3.32 -0.97 -91.85
CA GLY S 158 4.41 -1.37 -92.73
C GLY S 158 3.97 -2.36 -93.80
N PRO S 159 4.81 -2.54 -94.83
CA PRO S 159 4.49 -3.43 -95.95
C PRO S 159 4.44 -4.89 -95.52
N ASN S 160 3.59 -5.67 -96.17
CA ASN S 160 3.49 -7.10 -95.89
C ASN S 160 4.72 -7.83 -96.42
N SER S 161 4.60 -8.42 -97.61
CA SER S 161 5.72 -9.14 -98.23
C SER S 161 6.28 -10.21 -97.29
N THR S 162 7.04 -9.76 -96.29
CA THR S 162 7.67 -10.66 -95.33
C THR S 162 8.04 -9.93 -94.04
N ASP S 163 8.52 -10.68 -93.06
CA ASP S 163 8.86 -10.12 -91.75
C ASP S 163 10.18 -9.34 -91.82
N GLU S 164 11.09 -9.79 -92.67
CA GLU S 164 12.40 -9.15 -92.83
C GLU S 164 12.23 -7.70 -93.26
N ALA S 165 11.24 -7.45 -94.11
CA ALA S 165 10.98 -6.12 -94.64
C ALA S 165 10.31 -5.22 -93.60
N ALA S 166 9.66 -5.84 -92.62
CA ALA S 166 8.96 -5.10 -91.57
C ALA S 166 9.93 -4.62 -90.50
N VAL S 167 10.89 -5.47 -90.15
CA VAL S 167 11.89 -5.13 -89.15
C VAL S 167 12.83 -4.05 -89.69
N ALA S 168 13.21 -4.17 -90.95
CA ALA S 168 14.12 -3.22 -91.58
C ALA S 168 13.46 -1.86 -91.75
N TYR S 169 12.13 -1.84 -91.68
CA TYR S 169 11.37 -0.61 -91.83
C TYR S 169 11.24 0.13 -90.51
N ALA S 170 11.03 -0.63 -89.43
CA ALA S 170 10.89 -0.06 -88.09
C ALA S 170 12.22 0.48 -87.58
N LYS S 171 13.31 -0.09 -88.08
CA LYS S 171 14.66 0.32 -87.68
C LYS S 171 14.91 1.79 -88.02
N ASN S 172 14.07 2.35 -88.90
CA ASN S 172 14.24 3.72 -89.34
C ASN S 172 13.80 4.72 -88.26
N PHE S 173 12.62 4.49 -87.70
CA PHE S 173 12.03 5.41 -86.73
C PHE S 173 12.48 5.08 -85.31
N GLY S 174 12.17 5.98 -84.38
CA GLY S 174 12.50 5.79 -82.98
C GLY S 174 11.81 6.78 -82.07
N SER S 175 10.69 7.34 -82.53
CA SER S 175 9.97 8.36 -81.77
C SER S 175 8.93 7.74 -80.85
N LYS S 176 8.65 8.42 -79.74
CA LYS S 176 7.65 7.96 -78.77
C LYS S 176 6.29 7.74 -79.41
N ARG S 177 5.98 8.54 -80.42
CA ARG S 177 4.64 8.60 -81.00
C ARG S 177 4.55 7.87 -82.33
N LEU S 178 4.85 6.57 -82.30
CA LEU S 178 4.71 5.72 -83.48
C LEU S 178 4.40 4.29 -83.07
N PHE S 179 3.27 3.79 -83.55
CA PHE S 179 2.80 2.47 -83.19
C PHE S 179 2.45 1.70 -84.46
N MET S 180 3.45 1.08 -85.06
CA MET S 180 3.28 0.43 -86.35
C MET S 180 2.74 -0.99 -86.20
N VAL S 181 1.98 -1.43 -87.21
CA VAL S 181 1.49 -2.80 -87.30
C VAL S 181 1.89 -3.35 -88.67
N ASP S 182 2.55 -4.50 -88.66
CA ASP S 182 3.14 -5.05 -89.87
C ASP S 182 2.15 -5.89 -90.70
N PRO S 183 1.65 -7.00 -90.15
CA PRO S 183 0.82 -7.88 -90.97
C PRO S 183 -0.49 -7.23 -91.42
N GLY S 184 -0.69 -7.09 -92.72
CA GLY S 184 -1.88 -6.44 -93.25
C GLY S 184 -3.08 -7.36 -93.24
N VAL S 185 -3.99 -7.10 -92.31
CA VAL S 185 -5.22 -7.88 -92.21
C VAL S 185 -6.06 -7.72 -93.48
N GLN S 186 -6.77 -8.77 -93.86
CA GLN S 186 -7.63 -8.73 -95.05
C GLN S 186 -9.10 -8.74 -94.65
N VAL S 187 -9.85 -7.79 -95.20
CA VAL S 187 -11.28 -7.66 -94.92
C VAL S 187 -12.08 -8.09 -96.12
N TRP S 188 -13.33 -8.47 -95.89
CA TRP S 188 -14.24 -8.84 -96.97
C TRP S 188 -14.92 -7.59 -97.53
N ASP S 189 -14.38 -7.07 -98.64
CA ASP S 189 -14.95 -5.88 -99.27
C ASP S 189 -16.34 -6.19 -99.82
N SER S 190 -17.26 -5.23 -99.66
CA SER S 190 -18.63 -5.39 -100.11
C SER S 190 -18.74 -5.21 -101.62
N ALA S 191 -17.95 -4.30 -102.16
CA ALA S 191 -18.00 -3.97 -103.59
C ALA S 191 -17.39 -5.08 -104.43
N THR S 192 -16.28 -5.64 -103.95
CA THR S 192 -15.57 -6.69 -104.68
C THR S 192 -16.23 -8.05 -104.48
N ASN S 193 -16.96 -8.18 -103.38
CA ASN S 193 -17.65 -9.42 -103.03
C ASN S 193 -16.68 -10.60 -102.90
N ALA S 194 -15.52 -10.32 -102.32
CA ALA S 194 -14.50 -11.34 -102.09
C ALA S 194 -13.44 -10.81 -101.14
N ALA S 195 -12.37 -11.58 -100.96
CA ALA S 195 -11.28 -11.18 -100.08
C ALA S 195 -10.62 -9.91 -100.60
N ARG S 196 -10.04 -9.14 -99.69
CA ARG S 196 -9.42 -7.87 -100.05
C ARG S 196 -8.50 -7.39 -98.94
N ASN S 197 -7.20 -7.32 -99.24
CA ASN S 197 -6.20 -6.93 -98.27
C ASN S 197 -6.34 -5.46 -97.86
N ALA S 198 -6.23 -5.21 -96.55
CA ALA S 198 -6.35 -3.87 -95.99
C ALA S 198 -5.04 -3.48 -95.30
N PRO S 199 -4.85 -2.17 -95.06
CA PRO S 199 -3.61 -1.69 -94.41
C PRO S 199 -3.57 -1.98 -92.91
N ALA S 200 -4.70 -2.38 -92.33
CA ALA S 200 -4.77 -2.73 -90.90
C ALA S 200 -4.42 -1.55 -90.01
N SER S 201 -4.43 -0.35 -90.57
CA SER S 201 -4.09 0.86 -89.84
C SER S 201 -5.32 1.40 -89.12
N ALA S 202 -6.41 1.54 -89.87
CA ALA S 202 -7.66 2.05 -89.33
C ALA S 202 -8.29 1.06 -88.35
N TYR S 203 -8.09 -0.23 -88.60
CA TYR S 203 -8.61 -1.26 -87.71
C TYR S 203 -7.94 -1.19 -86.34
N ALA S 204 -6.63 -0.92 -86.35
CA ALA S 204 -5.86 -0.78 -85.12
C ALA S 204 -6.19 0.55 -84.44
N ALA S 205 -6.64 1.52 -85.23
CA ALA S 205 -7.00 2.84 -84.70
C ALA S 205 -8.35 2.78 -83.99
N GLY S 206 -9.33 2.19 -84.67
CA GLY S 206 -10.66 2.02 -84.10
C GLY S 206 -10.61 1.14 -82.87
N LEU S 207 -9.66 0.20 -82.88
CA LEU S 207 -9.45 -0.71 -81.77
C LEU S 207 -9.08 0.05 -80.49
N PHE S 208 -8.24 1.08 -80.63
CA PHE S 208 -7.89 1.93 -79.50
C PHE S 208 -9.13 2.62 -78.95
N ALA S 209 -9.91 3.20 -79.85
CA ALA S 209 -11.10 3.96 -79.50
C ALA S 209 -12.09 3.11 -78.72
N TRP S 210 -12.04 1.80 -78.94
CA TRP S 210 -12.91 0.86 -78.24
C TRP S 210 -12.48 0.72 -76.79
N THR S 211 -11.18 0.56 -76.58
CA THR S 211 -10.62 0.40 -75.24
C THR S 211 -10.65 1.71 -74.46
N ASP S 212 -10.41 2.80 -75.17
CA ASP S 212 -10.37 4.14 -74.55
C ASP S 212 -11.75 4.54 -74.04
N ALA S 213 -12.78 4.21 -74.82
CA ALA S 213 -14.16 4.51 -74.43
C ALA S 213 -14.64 3.53 -73.37
N GLU S 214 -14.12 2.31 -73.41
CA GLU S 214 -14.51 1.26 -72.48
C GLU S 214 -13.72 1.34 -71.19
N TYR S 215 -12.50 0.81 -71.20
CA TYR S 215 -11.64 0.80 -70.02
C TYR S 215 -11.15 2.21 -69.71
N GLY S 216 -10.44 2.78 -70.68
CA GLY S 216 -9.88 4.11 -70.54
C GLY S 216 -8.65 4.29 -71.42
N PHE S 217 -8.25 5.54 -71.64
CA PHE S 217 -7.06 5.85 -72.42
C PHE S 217 -5.83 5.22 -71.79
N TRP S 218 -5.86 5.07 -70.47
CA TRP S 218 -4.76 4.49 -69.72
C TRP S 218 -4.69 2.98 -69.93
N SER S 219 -5.79 2.39 -70.40
CA SER S 219 -5.82 0.96 -70.66
C SER S 219 -5.05 0.63 -71.93
N SER S 220 -4.33 -0.49 -71.91
CA SER S 220 -3.57 -0.91 -73.09
C SER S 220 -4.51 -1.46 -74.15
N PRO S 221 -4.27 -1.15 -75.43
CA PRO S 221 -5.14 -1.61 -76.52
C PRO S 221 -4.85 -3.06 -76.92
N SER S 222 -3.61 -3.50 -76.73
CA SER S 222 -3.17 -4.83 -77.14
C SER S 222 -4.05 -5.94 -76.54
N ASN S 223 -3.99 -7.12 -77.15
CA ASN S 223 -4.72 -8.28 -76.67
C ASN S 223 -6.23 -8.03 -76.65
N LYS S 224 -6.70 -7.21 -77.59
CA LYS S 224 -8.13 -6.95 -77.75
C LYS S 224 -8.53 -7.33 -79.17
N GLU S 225 -9.61 -8.10 -79.28
CA GLU S 225 -10.04 -8.64 -80.57
C GLU S 225 -10.57 -7.56 -81.50
N ILE S 226 -10.19 -7.65 -82.76
CA ILE S 226 -10.64 -6.70 -83.77
C ILE S 226 -11.71 -7.34 -84.67
N LYS S 227 -12.76 -6.58 -84.94
CA LYS S 227 -13.86 -7.04 -85.78
C LYS S 227 -13.68 -6.56 -87.23
N GLY S 228 -14.53 -7.06 -88.12
CA GLY S 228 -14.49 -6.65 -89.52
C GLY S 228 -13.26 -7.21 -90.21
N VAL S 229 -13.02 -8.49 -90.01
CA VAL S 229 -11.84 -9.17 -90.58
C VAL S 229 -12.27 -10.51 -91.18
N THR S 230 -11.33 -11.21 -91.81
CA THR S 230 -11.62 -12.50 -92.42
C THR S 230 -10.35 -13.21 -92.87
N GLY S 231 -9.27 -13.00 -92.13
CA GLY S 231 -7.97 -13.57 -92.46
C GLY S 231 -6.90 -12.51 -92.36
N THR S 232 -5.63 -12.92 -92.41
CA THR S 232 -4.52 -11.99 -92.29
C THR S 232 -3.41 -12.36 -93.27
N SER S 233 -2.96 -11.38 -94.05
CA SER S 233 -1.87 -11.56 -94.99
C SER S 233 -0.61 -11.99 -94.23
N ARG S 234 0.00 -13.07 -94.71
CA ARG S 234 1.18 -13.65 -94.07
C ARG S 234 0.84 -14.11 -92.65
N PRO S 235 0.39 -15.37 -92.51
CA PRO S 235 -0.05 -15.85 -91.19
C PRO S 235 1.09 -15.86 -90.17
N VAL S 236 1.12 -14.83 -89.32
CA VAL S 236 2.12 -14.75 -88.26
C VAL S 236 1.83 -15.82 -87.22
N GLU S 237 2.78 -16.73 -87.04
CA GLU S 237 2.60 -17.86 -86.13
C GLU S 237 2.64 -17.42 -84.67
N PHE S 238 1.93 -18.15 -83.83
CA PHE S 238 1.96 -17.89 -82.40
C PHE S 238 1.66 -19.16 -81.61
N LEU S 239 2.66 -19.65 -80.88
CA LEU S 239 2.50 -20.86 -80.08
C LEU S 239 1.73 -20.55 -78.81
N ASP S 240 1.50 -21.59 -77.99
CA ASP S 240 0.76 -21.41 -76.75
C ASP S 240 1.55 -20.57 -75.76
N GLY S 241 2.86 -20.79 -75.69
CA GLY S 241 3.71 -20.04 -74.79
C GLY S 241 5.18 -20.36 -75.01
N ASP S 242 5.78 -19.65 -75.96
CA ASP S 242 7.20 -19.84 -76.26
C ASP S 242 7.75 -18.62 -77.00
N GLU S 243 8.96 -18.22 -76.65
CA GLU S 243 9.62 -17.07 -77.27
C GLU S 243 10.07 -17.39 -78.69
N THR S 244 9.97 -18.66 -79.08
CA THR S 244 10.41 -19.10 -80.40
C THR S 244 9.43 -18.68 -81.49
N CYS S 245 8.20 -18.38 -81.10
CA CYS S 245 7.18 -17.99 -82.04
C CYS S 245 7.55 -16.67 -82.72
N ARG S 246 7.07 -16.49 -83.95
CA ARG S 246 7.46 -15.34 -84.75
C ARG S 246 6.72 -14.08 -84.32
N ALA S 247 5.55 -14.25 -83.74
CA ALA S 247 4.74 -13.12 -83.27
C ALA S 247 5.53 -12.31 -82.23
N ASN S 248 6.38 -13.01 -81.48
CA ASN S 248 7.19 -12.38 -80.44
C ASN S 248 8.37 -11.59 -81.02
N LEU S 249 9.00 -12.15 -82.04
CA LEU S 249 10.19 -11.55 -82.63
C LEU S 249 9.91 -10.17 -83.20
N LEU S 250 8.70 -9.97 -83.74
CA LEU S 250 8.33 -8.67 -84.29
C LEU S 250 8.10 -7.65 -83.16
N ASN S 251 7.62 -8.12 -82.01
CA ASN S 251 7.41 -7.26 -80.86
C ASN S 251 8.74 -6.77 -80.28
N ASN S 252 9.79 -7.56 -80.46
CA ASN S 252 11.13 -7.16 -80.04
C ASN S 252 11.63 -5.99 -80.87
N ALA S 253 11.16 -5.92 -82.11
CA ALA S 253 11.49 -4.82 -83.01
C ALA S 253 10.45 -3.71 -82.91
N ASN S 254 9.66 -3.72 -81.83
CA ASN S 254 8.63 -2.72 -81.61
C ASN S 254 7.62 -2.73 -82.75
N ILE S 255 6.87 -3.82 -82.87
CA ILE S 255 5.87 -3.95 -83.93
C ILE S 255 4.63 -4.67 -83.41
N ALA S 256 3.46 -4.13 -83.78
CA ALA S 256 2.19 -4.74 -83.44
C ALA S 256 1.84 -5.79 -84.49
N THR S 257 1.16 -6.86 -84.06
CA THR S 257 0.81 -7.94 -84.97
C THR S 257 -0.54 -8.55 -84.63
N ILE S 258 -1.25 -9.03 -85.65
CA ILE S 258 -2.52 -9.71 -85.48
C ILE S 258 -2.30 -11.21 -85.49
N ILE S 259 -2.58 -11.85 -84.35
CA ILE S 259 -2.26 -13.26 -84.17
C ILE S 259 -3.43 -14.18 -84.46
N ARG S 260 -3.12 -15.46 -84.61
CA ARG S 260 -4.11 -16.52 -84.83
C ARG S 260 -4.88 -16.34 -86.13
N ASP S 261 -5.70 -17.34 -86.45
CA ASP S 261 -6.43 -17.39 -87.70
C ASP S 261 -7.42 -16.23 -87.79
N ASP S 262 -7.92 -15.99 -89.00
CA ASP S 262 -8.93 -14.95 -89.23
C ASP S 262 -8.43 -13.56 -88.82
N GLY S 263 -8.32 -13.35 -87.51
CA GLY S 263 -7.91 -12.07 -86.96
C GLY S 263 -8.36 -12.01 -85.52
N TYR S 264 -7.91 -12.99 -84.74
CA TYR S 264 -8.35 -13.15 -83.37
C TYR S 264 -8.13 -11.89 -82.54
N ARG S 265 -6.89 -11.40 -82.53
CA ARG S 265 -6.58 -10.22 -81.74
C ARG S 265 -5.24 -9.59 -82.13
N LEU S 266 -5.08 -8.31 -81.78
CA LEU S 266 -3.86 -7.56 -82.03
C LEU S 266 -3.13 -7.31 -80.72
N TRP S 267 -1.80 -7.32 -80.76
CA TRP S 267 -0.99 -6.95 -79.61
C TRP S 267 0.40 -6.49 -80.02
N GLY S 268 1.17 -6.01 -79.03
CA GLY S 268 2.51 -5.49 -79.27
C GLY S 268 2.56 -4.07 -78.76
N ASN S 269 2.56 -3.92 -77.44
CA ASN S 269 2.48 -2.61 -76.79
C ASN S 269 3.70 -1.73 -77.10
N ARG S 270 4.82 -2.36 -77.45
CA ARG S 270 6.05 -1.63 -77.71
C ARG S 270 5.88 -0.64 -78.87
N THR S 271 6.02 0.64 -78.55
CA THR S 271 6.01 1.68 -79.57
C THR S 271 7.42 1.82 -80.13
N LEU S 272 7.52 2.22 -81.39
CA LEU S 272 8.82 2.38 -82.04
C LEU S 272 9.65 3.46 -81.37
N SER S 273 10.15 3.17 -80.16
CA SER S 273 10.90 4.14 -79.38
C SER S 273 12.21 3.55 -78.85
N SER S 274 13.28 4.32 -78.97
CA SER S 274 14.59 3.91 -78.48
C SER S 274 14.64 3.99 -76.95
N ASP S 275 14.15 5.10 -76.40
CA ASP S 275 14.15 5.28 -74.96
C ASP S 275 13.21 4.27 -74.31
N SER S 276 13.77 3.40 -73.46
CA SER S 276 13.00 2.34 -72.82
C SER S 276 11.99 2.90 -71.80
N LYS S 277 12.15 4.17 -71.45
CA LYS S 277 11.22 4.83 -70.53
C LYS S 277 9.83 4.94 -71.15
N TRP S 278 9.80 5.20 -72.45
CA TRP S 278 8.55 5.34 -73.20
C TRP S 278 8.34 4.12 -74.09
N ALA S 279 8.64 2.95 -73.55
CA ALA S 279 8.57 1.71 -74.33
C ALA S 279 7.12 1.36 -74.64
N PHE S 280 6.24 1.51 -73.65
CA PHE S 280 4.83 1.21 -73.84
C PHE S 280 4.11 2.36 -74.52
N VAL S 281 3.16 2.03 -75.38
CA VAL S 281 2.33 3.02 -76.03
C VAL S 281 1.38 3.63 -75.01
N THR S 282 1.14 2.89 -73.92
CA THR S 282 0.27 3.36 -72.84
C THR S 282 0.81 4.63 -72.19
N ARG S 283 2.07 4.58 -71.76
CA ARG S 283 2.70 5.71 -71.08
C ARG S 283 2.64 6.97 -71.92
N VAL S 284 2.93 6.83 -73.22
CA VAL S 284 2.91 7.95 -74.13
C VAL S 284 1.49 8.51 -74.25
N ARG S 285 0.51 7.63 -74.10
CA ARG S 285 -0.89 8.01 -74.27
C ARG S 285 -1.46 8.69 -73.03
N THR S 286 -0.98 8.29 -71.85
CA THR S 286 -1.42 8.88 -70.60
C THR S 286 -0.73 10.21 -70.33
N MET S 287 0.56 10.25 -70.64
CA MET S 287 1.38 11.43 -70.37
C MET S 287 0.98 12.59 -71.28
N ASP S 288 0.75 12.29 -72.56
CA ASP S 288 0.33 13.29 -73.52
C ASP S 288 -1.07 13.82 -73.19
N LEU S 289 -1.79 13.07 -72.37
CA LEU S 289 -3.15 13.45 -71.99
C LEU S 289 -3.18 14.37 -70.77
N VAL S 290 -2.51 13.95 -69.70
CA VAL S 290 -2.46 14.72 -68.47
C VAL S 290 -1.71 16.04 -68.68
N MET S 291 -0.79 16.04 -69.63
CA MET S 291 -0.06 17.25 -69.98
C MET S 291 -1.00 18.25 -70.65
N ASP S 292 -1.70 17.79 -71.68
CA ASP S 292 -2.66 18.63 -72.41
C ASP S 292 -3.83 19.05 -71.52
N ALA S 293 -4.08 18.28 -70.47
CA ALA S 293 -5.16 18.58 -69.53
C ALA S 293 -4.75 19.70 -68.60
N ILE S 294 -3.52 19.60 -68.07
CA ILE S 294 -3.00 20.61 -67.15
C ILE S 294 -2.76 21.91 -67.91
N LEU S 295 -2.32 21.78 -69.17
CA LEU S 295 -2.08 22.93 -70.03
C LEU S 295 -3.39 23.68 -70.28
N ALA S 296 -4.37 22.98 -70.84
CA ALA S 296 -5.66 23.59 -71.18
C ALA S 296 -6.54 23.80 -69.94
N GLY S 297 -6.16 23.17 -68.83
CA GLY S 297 -6.95 23.23 -67.62
C GLY S 297 -6.73 24.51 -66.83
N HIS S 298 -5.46 24.86 -66.63
CA HIS S 298 -5.09 26.02 -65.83
C HIS S 298 -4.93 27.26 -66.72
N LYS S 299 -5.84 27.40 -67.68
CA LYS S 299 -5.90 28.57 -68.55
C LYS S 299 -6.63 29.71 -67.83
N TRP S 300 -7.35 29.36 -66.77
CA TRP S 300 -8.09 30.33 -65.97
C TRP S 300 -7.15 31.14 -65.09
N ALA S 301 -6.07 30.50 -64.67
CA ALA S 301 -5.10 31.12 -63.77
C ALA S 301 -4.33 32.19 -64.51
N VAL S 302 -3.18 31.80 -65.08
CA VAL S 302 -2.29 32.73 -65.78
C VAL S 302 -1.98 33.92 -64.87
N ASP S 303 -1.87 35.12 -65.43
CA ASP S 303 -1.52 36.30 -64.64
C ASP S 303 -2.61 36.59 -63.60
N ARG S 304 -2.30 36.30 -62.34
CA ARG S 304 -3.23 36.53 -61.24
C ARG S 304 -2.44 36.64 -59.95
N GLY S 305 -3.01 37.32 -58.95
CA GLY S 305 -2.34 37.54 -57.69
C GLY S 305 -1.81 36.26 -57.07
N ILE S 306 -0.49 36.14 -57.03
CA ILE S 306 0.15 34.92 -56.56
C ILE S 306 0.23 34.96 -55.04
N THR S 307 -0.93 35.02 -54.39
CA THR S 307 -0.99 34.96 -52.93
C THR S 307 -0.88 33.51 -52.48
N LYS S 308 -0.58 33.30 -51.20
CA LYS S 308 -0.48 31.96 -50.62
C LYS S 308 -1.74 31.13 -50.89
N THR S 309 -2.88 31.81 -51.00
CA THR S 309 -4.14 31.15 -51.31
C THR S 309 -4.11 30.59 -52.73
N TYR S 310 -3.65 31.41 -53.67
CA TYR S 310 -3.61 31.05 -55.08
C TYR S 310 -2.75 29.80 -55.30
N VAL S 311 -1.61 29.74 -54.62
CA VAL S 311 -0.72 28.59 -54.75
C VAL S 311 -1.41 27.32 -54.27
N LYS S 312 -2.07 27.41 -53.11
CA LYS S 312 -2.81 26.29 -52.56
C LYS S 312 -4.02 25.93 -53.42
N ASP S 313 -4.65 26.93 -54.02
CA ASP S 313 -5.81 26.71 -54.88
C ASP S 313 -5.40 25.89 -56.10
N VAL S 314 -4.21 26.16 -56.62
CA VAL S 314 -3.68 25.43 -57.76
C VAL S 314 -3.12 24.09 -57.29
N THR S 315 -2.45 24.09 -56.14
CA THR S 315 -1.92 22.86 -55.56
C THR S 315 -3.03 21.87 -55.26
N GLU S 316 -4.09 22.35 -54.61
CA GLU S 316 -5.25 21.51 -54.30
C GLU S 316 -6.00 21.13 -55.58
N GLY S 317 -5.78 21.91 -56.64
CA GLY S 317 -6.40 21.63 -57.93
C GLY S 317 -5.79 20.37 -58.54
N LEU S 318 -4.50 20.19 -58.31
CA LEU S 318 -3.77 19.01 -58.78
C LEU S 318 -3.99 17.83 -57.83
N ARG S 319 -4.07 18.12 -56.53
CA ARG S 319 -4.35 17.09 -55.53
C ARG S 319 -5.64 16.35 -55.87
N ALA S 320 -6.72 17.11 -56.02
CA ALA S 320 -8.03 16.55 -56.30
C ALA S 320 -8.05 15.91 -57.69
N PHE S 321 -7.40 16.57 -58.64
CA PHE S 321 -7.38 16.09 -60.03
C PHE S 321 -6.72 14.73 -60.14
N MET S 322 -5.48 14.62 -59.65
CA MET S 322 -4.73 13.38 -59.72
C MET S 322 -5.39 12.27 -58.92
N ARG S 323 -6.07 12.65 -57.83
CA ARG S 323 -6.75 11.67 -57.00
C ARG S 323 -7.97 11.12 -57.73
N ASP S 324 -8.50 11.88 -58.68
CA ASP S 324 -9.60 11.39 -59.52
C ASP S 324 -9.08 10.41 -60.57
N LEU S 325 -7.78 10.45 -60.82
CA LEU S 325 -7.12 9.51 -61.72
C LEU S 325 -6.68 8.26 -60.98
N LYS S 326 -6.37 8.42 -59.70
CA LYS S 326 -5.88 7.31 -58.88
C LYS S 326 -6.99 6.30 -58.62
N ASN S 327 -8.06 6.76 -58.01
CA ASN S 327 -9.20 5.91 -57.69
C ASN S 327 -9.86 5.37 -58.96
N GLN S 328 -9.72 6.11 -60.06
CA GLN S 328 -10.24 5.69 -61.36
C GLN S 328 -9.37 4.59 -61.94
N GLY S 329 -8.10 4.57 -61.53
CA GLY S 329 -7.17 3.54 -61.96
C GLY S 329 -6.24 3.99 -63.07
N ALA S 330 -6.26 5.27 -63.38
CA ALA S 330 -5.40 5.83 -64.43
C ALA S 330 -3.95 5.79 -63.99
N VAL S 331 -3.72 6.03 -62.70
CA VAL S 331 -2.38 6.05 -62.13
C VAL S 331 -2.37 5.25 -60.83
N ILE S 332 -1.22 4.69 -60.47
CA ILE S 332 -1.10 3.94 -59.22
C ILE S 332 -1.05 4.91 -58.06
N ASN S 333 -0.12 5.86 -58.11
CA ASN S 333 0.01 6.86 -57.07
C ASN S 333 0.71 8.10 -57.62
N PHE S 334 0.53 9.22 -56.94
CA PHE S 334 1.06 10.50 -57.41
C PHE S 334 1.61 11.33 -56.26
N GLU S 335 2.10 12.52 -56.60
CA GLU S 335 2.62 13.46 -55.63
C GLU S 335 2.86 14.80 -56.31
N VAL S 336 2.20 15.83 -55.80
CA VAL S 336 2.31 17.16 -56.40
C VAL S 336 2.58 18.20 -55.31
N TYR S 337 3.43 19.17 -55.62
CA TYR S 337 3.83 20.17 -54.65
C TYR S 337 4.65 21.27 -55.33
N ALA S 338 4.90 22.35 -54.60
CA ALA S 338 5.69 23.47 -55.10
C ALA S 338 7.14 23.31 -54.65
N ASP S 339 8.05 23.23 -55.61
CA ASP S 339 9.47 23.02 -55.30
C ASP S 339 10.06 24.23 -54.57
N PRO S 340 10.74 24.00 -53.43
CA PRO S 340 11.37 25.11 -52.71
C PRO S 340 12.46 25.82 -53.51
N ASP S 341 13.30 25.04 -54.20
CA ASP S 341 14.46 25.60 -54.89
C ASP S 341 14.05 26.39 -56.14
N LEU S 342 13.12 25.84 -56.92
CA LEU S 342 12.66 26.49 -58.15
C LEU S 342 11.95 27.80 -57.83
N ASN S 343 10.97 27.73 -56.95
CA ASN S 343 10.21 28.91 -56.55
C ASN S 343 11.09 29.86 -55.74
N SER S 344 12.05 30.48 -56.41
CA SER S 344 12.95 31.44 -55.78
C SER S 344 12.29 32.81 -55.72
N ALA S 345 12.82 33.68 -54.87
CA ALA S 345 12.28 35.03 -54.71
C ALA S 345 12.33 35.82 -56.02
N SER S 346 13.29 35.47 -56.88
CA SER S 346 13.47 36.15 -58.16
C SER S 346 12.58 35.57 -59.25
N GLN S 347 12.34 34.26 -59.17
CA GLN S 347 11.49 33.59 -60.16
C GLN S 347 10.04 34.03 -60.04
N LEU S 348 9.55 34.13 -58.80
CA LEU S 348 8.19 34.60 -58.55
C LEU S 348 8.04 36.06 -58.96
N ALA S 349 9.14 36.80 -58.95
CA ALA S 349 9.13 38.22 -59.31
C ALA S 349 9.10 38.40 -60.83
N GLN S 350 9.13 37.29 -61.57
CA GLN S 350 8.97 37.30 -63.02
C GLN S 350 7.67 36.60 -63.43
N GLY S 351 6.93 36.12 -62.44
CA GLY S 351 5.65 35.46 -62.68
C GLY S 351 5.79 33.95 -62.66
N LYS S 352 7.01 33.45 -62.85
CA LYS S 352 7.25 32.01 -62.83
C LYS S 352 6.89 31.40 -61.48
N VAL S 353 6.13 30.32 -61.53
CA VAL S 353 5.78 29.54 -60.35
C VAL S 353 5.62 28.09 -60.75
N TYR S 354 6.37 27.19 -60.11
CA TYR S 354 6.46 25.80 -60.54
C TYR S 354 5.70 24.86 -59.60
N TRP S 355 5.25 23.74 -60.15
CA TRP S 355 4.63 22.68 -59.37
C TRP S 355 5.12 21.32 -59.86
N ASN S 356 5.97 20.68 -59.05
CA ASN S 356 6.57 19.41 -59.43
C ASN S 356 5.57 18.26 -59.35
N ILE S 357 4.99 17.91 -60.49
CA ILE S 357 4.08 16.77 -60.58
C ILE S 357 4.89 15.52 -60.90
N ARG S 358 4.53 14.41 -60.26
CA ARG S 358 5.19 13.13 -60.48
C ARG S 358 4.28 11.97 -60.10
N PHE S 359 4.33 10.91 -60.90
CA PHE S 359 3.49 9.74 -60.68
C PHE S 359 3.97 8.56 -61.51
N THR S 360 3.25 7.46 -61.43
CA THR S 360 3.58 6.26 -62.19
C THR S 360 2.38 5.77 -62.98
N ASP S 361 2.39 6.03 -64.29
CA ASP S 361 1.32 5.53 -65.17
C ASP S 361 1.32 4.00 -65.14
N VAL S 362 0.14 3.40 -65.20
CA VAL S 362 0.00 1.95 -65.09
C VAL S 362 0.57 1.25 -66.33
N PRO S 363 1.58 0.38 -66.15
CA PRO S 363 2.12 -0.39 -67.28
C PRO S 363 1.34 -1.70 -67.50
N PRO S 364 1.09 -2.08 -68.77
CA PRO S 364 0.39 -3.34 -69.02
C PRO S 364 1.28 -4.56 -68.77
N ALA S 365 0.83 -5.49 -67.93
CA ALA S 365 1.58 -6.70 -67.63
C ALA S 365 1.69 -7.56 -68.88
N GLU S 366 2.60 -7.19 -69.79
CA GLU S 366 2.69 -7.84 -71.09
C GLU S 366 3.33 -9.23 -71.00
N ASN S 367 3.75 -9.64 -69.81
CA ASN S 367 4.39 -10.94 -69.63
C ASN S 367 4.37 -11.40 -68.17
N PRO S 368 3.20 -11.85 -67.68
CA PRO S 368 3.07 -12.38 -66.32
C PRO S 368 3.60 -13.80 -66.20
N ASN S 369 4.63 -13.99 -65.38
CA ASN S 369 5.24 -15.30 -65.18
C ASN S 369 4.57 -16.06 -64.03
N PHE S 370 4.83 -17.37 -63.97
CA PHE S 370 4.25 -18.22 -62.94
C PHE S 370 5.26 -19.28 -62.51
N ARG S 371 6.16 -18.89 -61.61
CA ARG S 371 7.21 -19.77 -61.13
C ARG S 371 6.63 -20.91 -60.31
N VAL S 372 5.98 -21.86 -60.97
CA VAL S 372 5.39 -23.02 -60.29
C VAL S 372 6.49 -24.05 -60.04
N GLU S 373 6.39 -24.74 -58.92
CA GLU S 373 7.40 -25.72 -58.54
C GLU S 373 6.90 -26.60 -57.40
N VAL S 374 6.90 -27.91 -57.63
CA VAL S 374 6.50 -28.85 -56.60
C VAL S 374 7.59 -28.99 -55.55
N THR S 375 7.30 -29.74 -54.50
CA THR S 375 8.26 -29.99 -53.45
C THR S 375 7.79 -31.17 -52.60
N ASP S 376 8.37 -31.31 -51.41
CA ASP S 376 8.03 -32.38 -50.49
C ASP S 376 7.85 -31.80 -49.08
N GLN S 377 7.34 -30.58 -49.03
CA GLN S 377 7.17 -29.87 -47.76
C GLN S 377 5.93 -30.35 -47.01
N TRP S 378 4.76 -30.13 -47.60
CA TRP S 378 3.49 -30.52 -46.98
C TRP S 378 3.18 -32.00 -47.22
N LEU S 379 4.04 -32.87 -46.71
CA LEU S 379 3.80 -34.31 -46.77
C LEU S 379 3.53 -34.87 -45.38
N THR S 380 4.23 -34.30 -44.39
CA THR S 380 4.04 -34.70 -43.00
C THR S 380 2.66 -34.28 -42.50
N GLU S 381 2.01 -33.40 -43.25
CA GLU S 381 0.66 -32.96 -42.92
C GLU S 381 -0.30 -34.14 -43.04
N VAL S 382 0.02 -35.07 -43.95
CA VAL S 382 -0.75 -36.29 -44.12
C VAL S 382 -0.41 -37.26 -43.00
N LEU S 383 -0.91 -36.98 -41.81
CA LEU S 383 -0.60 -37.78 -40.63
C LEU S 383 -1.51 -37.40 -39.48
N ASP S 384 -1.58 -36.10 -39.20
CA ASP S 384 -2.42 -35.59 -38.11
C ASP S 384 -2.76 -34.13 -38.35
N SER T 2 -11.65 71.50 27.20
CA SER T 2 -12.53 70.35 26.98
C SER T 2 -12.95 70.28 25.51
N PHE T 3 -13.28 71.44 24.95
CA PHE T 3 -13.70 71.56 23.55
C PHE T 3 -15.08 70.92 23.34
N PHE T 4 -16.05 71.77 23.05
CA PHE T 4 -17.44 71.37 22.82
C PHE T 4 -18.09 70.76 24.06
N HIS T 5 -17.73 69.52 24.38
CA HIS T 5 -18.32 68.80 25.51
C HIS T 5 -19.84 68.67 25.37
N GLY T 6 -20.28 67.75 24.52
CA GLY T 6 -21.70 67.49 24.34
C GLY T 6 -21.92 66.20 23.57
N VAL T 7 -22.33 66.34 22.32
CA VAL T 7 -22.55 65.19 21.45
C VAL T 7 -22.70 65.68 20.01
N THR T 8 -21.61 65.60 19.25
CA THR T 8 -21.59 66.09 17.88
C THR T 8 -22.23 65.06 16.95
N VAL T 9 -22.33 65.43 15.68
CA VAL T 9 -22.93 64.57 14.67
C VAL T 9 -22.58 65.15 13.30
N THR T 10 -21.28 65.32 13.06
CA THR T 10 -20.81 65.94 11.82
C THR T 10 -21.15 65.07 10.61
N ASN T 11 -21.68 65.71 9.57
CA ASN T 11 -22.01 65.03 8.33
C ASN T 11 -20.80 65.03 7.41
N VAL T 12 -20.17 63.87 7.26
CA VAL T 12 -18.99 63.76 6.40
C VAL T 12 -19.42 63.70 4.94
N ASP T 13 -19.22 64.83 4.25
CA ASP T 13 -19.66 64.98 2.86
C ASP T 13 -18.63 64.42 1.91
N ILE T 14 -18.58 63.09 1.79
CA ILE T 14 -17.68 62.43 0.85
C ILE T 14 -18.42 61.28 0.16
N GLY T 15 -17.88 60.84 -0.98
CA GLY T 15 -18.48 59.79 -1.77
C GLY T 15 -18.50 60.18 -3.23
N ALA T 16 -18.61 59.19 -4.11
CA ALA T 16 -18.63 59.43 -5.54
C ALA T 16 -19.94 60.10 -5.97
N ARG T 17 -19.84 61.35 -6.41
CA ARG T 17 -21.01 62.07 -6.90
C ARG T 17 -21.48 61.52 -8.23
N THR T 18 -22.74 61.78 -8.56
CA THR T 18 -23.33 61.35 -9.83
C THR T 18 -23.06 62.39 -10.91
N ILE T 19 -23.10 61.94 -12.17
CA ILE T 19 -22.85 62.84 -13.30
C ILE T 19 -23.89 62.58 -14.39
N ALA T 20 -24.32 63.67 -15.04
CA ALA T 20 -25.35 63.61 -16.07
C ALA T 20 -24.81 64.06 -17.42
N LEU T 21 -25.65 63.96 -18.45
CA LEU T 21 -25.30 64.37 -19.81
C LEU T 21 -26.13 65.59 -20.22
N PRO T 22 -25.66 66.80 -19.89
CA PRO T 22 -26.45 68.01 -20.12
C PRO T 22 -26.59 68.35 -21.61
N ALA T 23 -27.48 69.29 -21.93
CA ALA T 23 -27.66 69.79 -23.29
C ALA T 23 -28.12 68.71 -24.26
N SER T 24 -27.30 67.68 -24.45
CA SER T 24 -27.62 66.55 -25.32
C SER T 24 -27.73 67.00 -26.77
N SER T 25 -28.82 67.68 -27.12
CA SER T 25 -29.05 68.09 -28.50
C SER T 25 -30.02 69.27 -28.57
N VAL T 26 -29.58 70.43 -28.08
CA VAL T 26 -30.37 71.66 -28.20
C VAL T 26 -29.96 72.39 -29.46
N ILE T 27 -30.94 72.81 -30.25
CA ILE T 27 -30.69 73.44 -31.53
C ILE T 27 -30.53 74.95 -31.36
N GLY T 28 -29.58 75.52 -32.11
CA GLY T 28 -29.31 76.94 -32.08
C GLY T 28 -29.51 77.52 -33.46
N LEU T 29 -30.74 77.95 -33.74
CA LEU T 29 -31.11 78.44 -35.06
C LEU T 29 -31.08 79.96 -35.13
N CYS T 30 -30.92 80.50 -36.34
CA CYS T 30 -30.86 81.95 -36.54
C CYS T 30 -31.16 82.29 -37.99
N ASP T 31 -32.45 82.40 -38.32
CA ASP T 31 -32.88 82.80 -39.65
C ASP T 31 -33.36 84.26 -39.60
N VAL T 32 -34.40 84.58 -40.37
CA VAL T 32 -34.94 85.94 -40.38
C VAL T 32 -36.47 85.91 -40.28
N PHE T 33 -37.05 87.06 -39.96
CA PHE T 33 -38.50 87.20 -39.91
C PHE T 33 -38.90 88.66 -40.03
N THR T 34 -40.17 88.95 -39.77
CA THR T 34 -40.70 90.30 -39.88
C THR T 34 -41.34 90.73 -38.56
N PRO T 35 -40.59 91.47 -37.72
CA PRO T 35 -41.16 91.91 -36.44
C PRO T 35 -42.22 92.99 -36.63
N GLY T 36 -43.28 92.94 -35.84
CA GLY T 36 -44.35 93.93 -35.93
C GLY T 36 -45.44 93.68 -34.89
N ALA T 37 -46.54 93.09 -35.35
CA ALA T 37 -47.71 92.89 -34.51
C ALA T 37 -47.71 91.49 -33.88
N GLN T 38 -48.03 90.48 -34.68
CA GLN T 38 -48.14 89.11 -34.19
C GLN T 38 -46.79 88.57 -33.71
N ALA T 39 -45.71 89.19 -34.17
CA ALA T 39 -44.36 88.77 -33.79
C ALA T 39 -44.05 89.20 -32.37
N SER T 40 -44.24 88.30 -31.41
CA SER T 40 -44.00 88.58 -30.00
C SER T 40 -42.51 88.71 -29.71
N ALA T 41 -41.71 87.86 -30.35
CA ALA T 41 -40.27 87.86 -30.14
C ALA T 41 -39.66 89.17 -30.64
N LYS T 42 -38.68 89.69 -29.90
CA LYS T 42 -38.06 90.96 -30.26
C LYS T 42 -37.21 90.77 -31.51
N PRO T 43 -36.84 91.89 -32.18
CA PRO T 43 -36.16 91.81 -33.48
C PRO T 43 -34.75 91.21 -33.45
N ASN T 44 -34.28 90.72 -32.31
CA ASN T 44 -32.90 90.22 -32.25
C ASN T 44 -32.59 89.30 -31.06
N VAL T 45 -33.27 89.48 -29.93
CA VAL T 45 -32.90 88.75 -28.71
C VAL T 45 -33.18 87.27 -28.87
N PRO T 46 -32.41 86.41 -28.16
CA PRO T 46 -32.71 84.97 -28.17
C PRO T 46 -34.04 84.65 -27.52
N VAL T 47 -34.79 83.72 -28.12
CA VAL T 47 -36.07 83.28 -27.56
C VAL T 47 -36.11 81.75 -27.57
N LEU T 48 -36.51 81.18 -26.45
CA LEU T 48 -36.58 79.72 -26.32
C LEU T 48 -37.88 79.20 -26.90
N LEU T 49 -37.81 78.03 -27.52
CA LEU T 49 -38.97 77.39 -28.12
C LEU T 49 -39.15 75.99 -27.56
N THR T 50 -40.23 75.33 -27.97
CA THR T 50 -40.52 73.98 -27.51
C THR T 50 -41.46 73.27 -28.48
N SER T 51 -42.36 74.04 -29.10
CA SER T 51 -43.32 73.50 -30.06
C SER T 51 -43.68 74.58 -31.08
N LYS T 52 -44.42 74.20 -32.11
CA LYS T 52 -44.84 75.12 -33.15
C LYS T 52 -45.67 76.26 -32.58
N LYS T 53 -46.50 75.96 -31.59
CA LYS T 53 -47.33 76.97 -30.95
C LYS T 53 -46.48 78.08 -30.33
N ASP T 54 -45.44 77.67 -29.61
CA ASP T 54 -44.56 78.63 -28.94
C ASP T 54 -43.72 79.41 -29.95
N ALA T 55 -43.56 78.84 -31.14
CA ALA T 55 -42.77 79.45 -32.21
C ALA T 55 -43.64 80.35 -33.10
N ALA T 56 -44.88 79.93 -33.32
CA ALA T 56 -45.80 80.65 -34.19
C ALA T 56 -46.10 82.04 -33.64
N ALA T 57 -46.54 82.09 -32.38
CA ALA T 57 -46.87 83.36 -31.73
C ALA T 57 -45.64 84.22 -31.51
N ALA T 58 -44.45 83.59 -31.58
CA ALA T 58 -43.19 84.29 -31.34
C ALA T 58 -42.75 85.10 -32.55
N PHE T 59 -42.55 84.41 -33.67
CA PHE T 59 -42.03 85.04 -34.89
C PHE T 59 -43.14 85.34 -35.88
N GLY T 60 -44.10 84.44 -35.98
CA GLY T 60 -45.24 84.60 -36.88
C GLY T 60 -45.24 83.57 -37.99
N ILE T 61 -46.38 83.42 -38.65
CA ILE T 61 -46.52 82.49 -39.75
C ILE T 61 -46.02 83.12 -41.04
N GLY T 62 -45.39 82.33 -41.90
CA GLY T 62 -44.85 82.83 -43.16
C GLY T 62 -43.43 83.31 -43.01
N SER T 63 -43.04 83.64 -41.79
CA SER T 63 -41.67 84.07 -41.51
C SER T 63 -40.69 82.97 -41.92
N SER T 64 -39.63 83.36 -42.63
CA SER T 64 -38.64 82.42 -43.14
C SER T 64 -38.03 81.57 -42.03
N ILE T 65 -38.08 82.08 -40.80
CA ILE T 65 -37.56 81.36 -39.64
C ILE T 65 -38.54 80.28 -39.17
N TYR T 66 -39.83 80.56 -39.34
CA TYR T 66 -40.86 79.63 -38.91
C TYR T 66 -40.90 78.41 -39.82
N LEU T 67 -40.58 78.60 -41.09
CA LEU T 67 -40.50 77.50 -42.05
C LEU T 67 -39.36 76.57 -41.70
N ALA T 68 -38.38 77.08 -40.96
CA ALA T 68 -37.23 76.30 -40.53
C ALA T 68 -37.54 75.58 -39.21
N CYS T 69 -38.21 76.27 -38.30
CA CYS T 69 -38.61 75.67 -37.03
C CYS T 69 -39.67 74.59 -37.26
N GLU T 70 -40.62 74.89 -38.14
CA GLU T 70 -41.67 73.94 -38.47
C GLU T 70 -41.08 72.70 -39.12
N ALA T 71 -40.01 72.88 -39.88
CA ALA T 71 -39.31 71.77 -40.53
C ALA T 71 -38.66 70.85 -39.49
N ILE T 72 -38.28 71.44 -38.36
CA ILE T 72 -37.65 70.68 -37.27
C ILE T 72 -38.71 69.96 -36.44
N TYR T 73 -39.78 70.66 -36.08
CA TYR T 73 -40.82 70.11 -35.22
C TYR T 73 -41.65 69.07 -35.96
N ASN T 74 -41.76 69.24 -37.28
CA ASN T 74 -42.44 68.26 -38.12
C ASN T 74 -41.68 66.94 -38.08
N ARG T 75 -40.35 67.04 -38.16
CA ARG T 75 -39.48 65.89 -38.06
C ARG T 75 -39.54 65.30 -36.65
N ALA T 76 -38.93 65.99 -35.69
CA ALA T 76 -38.91 65.53 -34.30
C ALA T 76 -38.81 66.74 -33.37
N GLN T 77 -39.61 66.71 -32.32
CA GLN T 77 -39.67 67.82 -31.36
C GLN T 77 -38.34 67.99 -30.63
N ALA T 78 -37.95 69.24 -30.41
CA ALA T 78 -36.69 69.54 -29.75
C ALA T 78 -36.66 70.98 -29.27
N VAL T 79 -35.75 71.28 -28.36
CA VAL T 79 -35.56 72.64 -27.86
C VAL T 79 -34.79 73.45 -28.88
N ILE T 80 -35.30 74.63 -29.20
CA ILE T 80 -34.66 75.52 -30.17
C ILE T 80 -34.53 76.92 -29.58
N VAL T 81 -33.33 77.24 -29.11
CA VAL T 81 -33.04 78.60 -28.65
C VAL T 81 -32.81 79.47 -29.88
N ALA T 82 -33.89 79.74 -30.61
CA ALA T 82 -33.81 80.50 -31.85
C ALA T 82 -33.53 81.96 -31.56
N VAL T 83 -32.89 82.63 -32.51
CA VAL T 83 -32.55 84.04 -32.41
C VAL T 83 -33.48 84.86 -33.31
N GLY T 84 -33.21 84.81 -34.62
CA GLY T 84 -34.01 85.52 -35.60
C GLY T 84 -33.65 86.99 -35.64
N VAL T 85 -33.44 87.50 -36.86
CA VAL T 85 -33.09 88.90 -37.06
C VAL T 85 -33.92 89.51 -38.19
N GLU T 86 -34.16 90.80 -38.11
CA GLU T 86 -34.96 91.50 -39.10
C GLU T 86 -34.31 91.43 -40.47
N THR T 87 -35.13 91.29 -41.51
CA THR T 87 -34.63 91.26 -42.89
C THR T 87 -34.05 92.62 -43.27
N ALA T 88 -32.96 92.62 -44.02
CA ALA T 88 -32.30 93.85 -44.45
C ALA T 88 -32.63 94.16 -45.90
N GLU T 89 -32.03 95.23 -46.42
CA GLU T 89 -32.28 95.66 -47.79
C GLU T 89 -31.66 94.69 -48.78
N THR T 90 -30.34 94.74 -48.92
CA THR T 90 -29.61 93.87 -49.84
C THR T 90 -29.32 92.52 -49.16
N PRO T 91 -29.22 91.44 -49.95
CA PRO T 91 -28.97 90.11 -49.39
C PRO T 91 -27.58 90.00 -48.77
N GLU T 92 -26.62 90.76 -49.31
CA GLU T 92 -25.24 90.72 -48.82
C GLU T 92 -25.14 91.32 -47.43
N ALA T 93 -25.69 92.52 -47.27
CA ALA T 93 -25.64 93.23 -45.99
C ALA T 93 -26.53 92.57 -44.95
N GLN T 94 -27.44 91.71 -45.40
CA GLN T 94 -28.33 90.99 -44.50
C GLN T 94 -27.53 89.97 -43.68
N ALA T 95 -26.47 89.44 -44.27
CA ALA T 95 -25.62 88.46 -43.62
C ALA T 95 -24.91 89.07 -42.41
N SER T 96 -24.76 90.39 -42.43
CA SER T 96 -24.12 91.10 -41.32
C SER T 96 -24.98 90.98 -40.06
N ALA T 97 -26.27 91.22 -40.22
CA ALA T 97 -27.21 91.10 -39.11
C ALA T 97 -27.31 89.65 -38.66
N VAL T 98 -27.13 88.72 -39.60
CA VAL T 98 -27.17 87.30 -39.28
C VAL T 98 -25.97 86.92 -38.42
N ILE T 99 -24.78 87.31 -38.86
CA ILE T 99 -23.57 87.07 -38.08
C ILE T 99 -23.66 87.87 -36.78
N GLY T 100 -23.89 89.17 -36.91
CA GLY T 100 -24.08 90.03 -35.76
C GLY T 100 -22.78 90.34 -35.05
N GLY T 101 -22.45 91.62 -34.98
CA GLY T 101 -21.24 92.06 -34.30
C GLY T 101 -21.42 92.01 -32.80
N ILE T 102 -21.94 93.09 -32.24
CA ILE T 102 -22.17 93.18 -30.79
C ILE T 102 -23.04 94.38 -30.42
N SER T 103 -23.08 95.38 -31.30
CA SER T 103 -23.92 96.58 -31.12
C SER T 103 -23.43 97.44 -29.95
N ALA T 104 -23.88 98.68 -29.92
CA ALA T 104 -23.49 99.63 -28.88
C ALA T 104 -24.12 99.26 -27.54
N ALA T 105 -25.20 98.48 -27.58
CA ALA T 105 -25.90 98.06 -26.38
C ALA T 105 -25.04 97.10 -25.56
N GLY T 106 -24.10 96.45 -26.22
CA GLY T 106 -23.20 95.52 -25.56
C GLY T 106 -23.70 94.09 -25.67
N GLU T 107 -25.01 93.93 -25.83
CA GLU T 107 -25.60 92.60 -25.93
C GLU T 107 -25.29 91.96 -27.28
N ARG T 108 -24.80 90.73 -27.24
CA ARG T 108 -24.42 90.00 -28.44
C ARG T 108 -25.59 89.87 -29.40
N THR T 109 -25.41 90.40 -30.61
CA THR T 109 -26.46 90.38 -31.63
C THR T 109 -26.26 89.24 -32.64
N GLY T 110 -27.32 88.96 -33.39
CA GLY T 110 -27.26 87.99 -34.47
C GLY T 110 -26.88 86.59 -34.00
N LEU T 111 -26.20 85.86 -34.87
CA LEU T 111 -25.83 84.47 -34.62
C LEU T 111 -24.99 84.30 -33.35
N GLN T 112 -24.25 85.33 -32.99
CA GLN T 112 -23.37 85.27 -31.82
C GLN T 112 -24.16 85.34 -30.51
N ALA T 113 -25.47 85.63 -30.63
CA ALA T 113 -26.33 85.73 -29.46
C ALA T 113 -26.59 84.37 -28.83
N LEU T 114 -26.24 83.31 -29.55
CA LEU T 114 -26.48 81.94 -29.08
C LEU T 114 -25.66 81.61 -27.82
N LEU T 115 -24.58 82.35 -27.61
CA LEU T 115 -23.74 82.15 -26.43
C LEU T 115 -24.49 82.51 -25.15
N ASP T 116 -25.56 83.29 -25.30
CA ASP T 116 -26.37 83.72 -24.16
C ASP T 116 -27.42 82.67 -23.79
N GLY T 117 -27.69 81.75 -24.72
CA GLY T 117 -28.70 80.73 -24.51
C GLY T 117 -28.42 79.83 -23.32
N LYS T 118 -27.15 79.73 -22.96
CA LYS T 118 -26.73 78.88 -21.84
C LYS T 118 -27.00 79.57 -20.51
N SER T 119 -26.66 80.85 -20.42
CA SER T 119 -26.79 81.61 -19.19
C SER T 119 -28.12 82.37 -19.14
N ARG T 120 -29.16 81.80 -19.75
CA ARG T 120 -30.50 82.39 -19.71
C ARG T 120 -31.58 81.31 -19.70
N PHE T 121 -31.36 80.24 -20.46
CA PHE T 121 -32.34 79.17 -20.58
C PHE T 121 -31.79 77.82 -20.12
N ASN T 122 -30.54 77.83 -19.64
CA ASN T 122 -29.88 76.59 -19.21
C ASN T 122 -29.90 75.53 -20.31
N ALA T 123 -29.91 75.98 -21.56
CA ALA T 123 -29.97 75.10 -22.72
C ALA T 123 -28.94 75.56 -23.73
N GLN T 124 -27.71 75.11 -23.55
CA GLN T 124 -26.62 75.46 -24.45
C GLN T 124 -26.89 74.88 -25.84
N PRO T 125 -27.10 75.73 -26.86
CA PRO T 125 -27.33 75.18 -28.20
C PRO T 125 -26.14 74.39 -28.71
N ARG T 126 -26.17 73.08 -28.54
CA ARG T 126 -25.09 72.21 -28.96
C ARG T 126 -25.37 71.66 -30.35
N LEU T 127 -25.95 72.49 -31.20
CA LEU T 127 -26.29 72.10 -32.56
C LEU T 127 -26.70 73.34 -33.36
N LEU T 128 -25.71 74.02 -33.91
CA LEU T 128 -25.96 75.25 -34.66
C LEU T 128 -26.60 74.96 -36.02
N VAL T 129 -27.22 75.98 -36.59
CA VAL T 129 -27.88 75.88 -37.88
C VAL T 129 -28.32 77.27 -38.32
N ALA T 130 -28.18 77.56 -39.61
CA ALA T 130 -28.53 78.87 -40.16
C ALA T 130 -29.10 78.70 -41.57
N PRO T 131 -30.38 78.28 -41.69
CA PRO T 131 -30.99 78.01 -42.99
C PRO T 131 -31.00 79.24 -43.90
N GLY T 132 -30.61 79.06 -45.16
CA GLY T 132 -30.56 80.14 -46.12
C GLY T 132 -29.23 80.87 -46.07
N HIS T 133 -28.84 81.28 -44.87
CA HIS T 133 -27.58 81.99 -44.66
C HIS T 133 -26.45 81.04 -44.26
N SER T 134 -25.85 80.39 -45.25
CA SER T 134 -24.72 79.49 -45.02
C SER T 134 -23.93 79.28 -46.31
N ALA T 135 -24.58 79.44 -47.46
CA ALA T 135 -23.91 79.33 -48.75
C ALA T 135 -22.87 80.44 -48.90
N GLN T 136 -23.07 81.54 -48.20
CA GLN T 136 -22.12 82.64 -48.20
C GLN T 136 -20.88 82.28 -47.38
N GLN T 137 -19.71 82.54 -47.95
CA GLN T 137 -18.43 82.20 -47.32
C GLN T 137 -18.27 82.91 -45.98
N ALA T 138 -18.92 84.06 -45.84
CA ALA T 138 -18.76 84.91 -44.66
C ALA T 138 -19.38 84.28 -43.42
N VAL T 139 -20.71 84.15 -43.44
CA VAL T 139 -21.47 83.65 -42.30
C VAL T 139 -21.07 82.22 -41.93
N ALA T 140 -20.53 81.47 -42.90
CA ALA T 140 -20.17 80.08 -42.67
C ALA T 140 -19.01 79.96 -41.67
N THR T 141 -18.08 80.90 -41.72
CA THR T 141 -16.93 80.89 -40.81
C THR T 141 -17.35 81.26 -39.40
N ALA T 142 -18.33 82.15 -39.28
CA ALA T 142 -18.88 82.53 -37.98
C ALA T 142 -19.52 81.33 -37.30
N MET T 143 -20.14 80.47 -38.11
CA MET T 143 -20.73 79.23 -37.62
C MET T 143 -19.63 78.28 -37.14
N ASP T 144 -18.47 78.35 -37.79
CA ASP T 144 -17.33 77.51 -37.43
C ASP T 144 -16.73 77.96 -36.11
N GLY T 145 -16.48 79.26 -35.98
CA GLY T 145 -15.86 79.81 -34.80
C GLY T 145 -16.76 79.71 -33.59
N LEU T 146 -18.06 79.89 -33.83
CA LEU T 146 -19.05 79.87 -32.76
C LEU T 146 -19.25 78.46 -32.21
N ALA T 147 -19.13 77.46 -33.07
CA ALA T 147 -19.34 76.07 -32.70
C ALA T 147 -18.32 75.62 -31.65
N GLU T 148 -17.09 76.12 -31.78
CA GLU T 148 -16.02 75.76 -30.86
C GLU T 148 -16.25 76.38 -29.47
N LYS T 149 -16.99 77.48 -29.44
CA LYS T 149 -17.33 78.14 -28.18
C LYS T 149 -18.42 77.36 -27.46
N LEU T 150 -19.30 76.75 -28.25
CA LEU T 150 -20.43 75.99 -27.72
C LEU T 150 -20.20 74.48 -27.80
N ARG T 151 -19.08 74.09 -28.41
CA ARG T 151 -18.78 72.67 -28.62
C ARG T 151 -19.91 72.00 -29.38
N ALA T 152 -20.48 72.72 -30.34
CA ALA T 152 -21.63 72.24 -31.10
C ALA T 152 -21.19 71.68 -32.45
N ILE T 153 -22.16 71.43 -33.32
CA ILE T 153 -21.87 70.94 -34.67
C ILE T 153 -22.69 71.76 -35.66
N ALA T 154 -22.06 72.81 -36.19
CA ALA T 154 -22.72 73.72 -37.12
C ALA T 154 -23.06 73.03 -38.45
N ILE T 155 -24.36 72.93 -38.74
CA ILE T 155 -24.82 72.35 -39.98
C ILE T 155 -24.97 73.42 -41.05
N LEU T 156 -24.05 73.41 -42.02
CA LEU T 156 -24.10 74.35 -43.13
C LEU T 156 -25.03 73.82 -44.22
N ASP T 157 -25.14 74.58 -45.31
CA ASP T 157 -25.93 74.17 -46.46
C ASP T 157 -25.41 74.87 -47.71
N GLY T 158 -24.53 74.20 -48.43
CA GLY T 158 -23.89 74.77 -49.60
C GLY T 158 -24.88 75.04 -50.74
N PRO T 159 -24.46 75.84 -51.72
CA PRO T 159 -25.33 76.20 -52.85
C PRO T 159 -25.64 75.01 -53.75
N ASN T 160 -26.82 75.00 -54.34
CA ASN T 160 -27.22 73.94 -55.26
C ASN T 160 -26.44 74.06 -56.57
N SER T 161 -27.06 74.66 -57.58
CA SER T 161 -26.42 74.86 -58.88
C SER T 161 -25.91 73.53 -59.44
N THR T 162 -24.80 73.05 -58.89
CA THR T 162 -24.19 71.81 -59.34
C THR T 162 -23.26 71.22 -58.27
N ASP T 163 -22.73 70.03 -58.55
CA ASP T 163 -21.87 69.34 -57.59
C ASP T 163 -20.48 69.96 -57.53
N GLU T 164 -20.03 70.48 -58.68
CA GLU T 164 -18.70 71.09 -58.76
C GLU T 164 -18.59 72.27 -57.81
N ALA T 165 -19.69 73.01 -57.66
CA ALA T 165 -19.72 74.19 -56.80
C ALA T 165 -19.78 73.80 -55.31
N ALA T 166 -20.25 72.59 -55.04
CA ALA T 166 -20.39 72.10 -53.67
C ALA T 166 -19.05 71.60 -53.14
N VAL T 167 -18.29 70.93 -54.00
CA VAL T 167 -16.98 70.40 -53.62
C VAL T 167 -16.00 71.54 -53.42
N ALA T 168 -16.05 72.53 -54.31
CA ALA T 168 -15.15 73.69 -54.25
C ALA T 168 -15.45 74.55 -53.02
N TYR T 169 -16.64 74.38 -52.45
CA TYR T 169 -17.05 75.14 -51.29
C TYR T 169 -16.58 74.48 -49.99
N ALA T 170 -16.65 73.15 -49.96
CA ALA T 170 -16.23 72.38 -48.79
C ALA T 170 -14.71 72.41 -48.63
N LYS T 171 -14.01 72.58 -49.75
CA LYS T 171 -12.55 72.62 -49.77
C LYS T 171 -12.02 73.77 -48.90
N ASN T 172 -12.90 74.73 -48.60
CA ASN T 172 -12.52 75.89 -47.81
C ASN T 172 -12.33 75.56 -46.33
N PHE T 173 -13.31 74.86 -45.76
CA PHE T 173 -13.30 74.56 -44.34
C PHE T 173 -12.56 73.25 -44.05
N GLY T 174 -12.31 73.00 -42.76
CA GLY T 174 -11.66 71.77 -42.33
C GLY T 174 -11.74 71.55 -40.84
N SER T 175 -12.76 72.14 -40.20
CA SER T 175 -12.91 72.05 -38.76
C SER T 175 -13.77 70.85 -38.36
N LYS T 176 -13.51 70.33 -37.17
CA LYS T 176 -14.26 69.19 -36.64
C LYS T 176 -15.76 69.44 -36.61
N ARG T 177 -16.13 70.70 -36.38
CA ARG T 177 -17.52 71.07 -36.10
C ARG T 177 -18.19 71.71 -37.31
N LEU T 178 -18.26 70.97 -38.41
CA LEU T 178 -18.96 71.42 -39.59
C LEU T 178 -19.50 70.23 -40.36
N PHE T 179 -20.82 70.23 -40.55
CA PHE T 179 -21.50 69.12 -41.21
C PHE T 179 -22.41 69.67 -42.30
N MET T 180 -21.83 69.90 -43.48
CA MET T 180 -22.56 70.55 -44.56
C MET T 180 -23.38 69.56 -45.37
N VAL T 181 -24.50 70.05 -45.91
CA VAL T 181 -25.34 69.28 -46.82
C VAL T 181 -25.53 70.10 -48.09
N ASP T 182 -25.23 69.49 -49.23
CA ASP T 182 -25.20 70.21 -50.51
C ASP T 182 -26.57 70.31 -51.18
N PRO T 183 -27.17 69.17 -51.57
CA PRO T 183 -28.42 69.24 -52.34
C PRO T 183 -29.57 69.86 -51.55
N GLY T 184 -30.10 70.99 -52.02
CA GLY T 184 -31.17 71.68 -51.32
C GLY T 184 -32.51 71.02 -51.56
N VAL T 185 -33.02 70.33 -50.54
CA VAL T 185 -34.32 69.68 -50.60
C VAL T 185 -35.42 70.73 -50.80
N GLN T 186 -36.47 70.37 -51.52
CA GLN T 186 -37.59 71.28 -51.75
C GLN T 186 -38.82 70.81 -50.99
N VAL T 187 -39.41 71.73 -50.23
CA VAL T 187 -40.60 71.44 -49.43
C VAL T 187 -41.82 72.10 -50.06
N TRP T 188 -43.00 71.57 -49.74
CA TRP T 188 -44.24 72.15 -50.22
C TRP T 188 -44.70 73.26 -49.29
N ASP T 189 -44.40 74.50 -49.65
CA ASP T 189 -44.79 75.66 -48.83
C ASP T 189 -46.31 75.81 -48.80
N SER T 190 -46.83 76.13 -47.62
CA SER T 190 -48.27 76.28 -47.44
C SER T 190 -48.78 77.60 -48.03
N ALA T 191 -47.97 78.64 -47.90
CA ALA T 191 -48.35 79.98 -48.35
C ALA T 191 -48.34 80.08 -49.87
N THR T 192 -47.34 79.47 -50.50
CA THR T 192 -47.18 79.52 -51.94
C THR T 192 -48.09 78.51 -52.63
N ASN T 193 -48.47 77.46 -51.89
CA ASN T 193 -49.34 76.40 -52.40
C ASN T 193 -48.73 75.71 -53.62
N ALA T 194 -47.41 75.51 -53.57
CA ALA T 194 -46.69 74.83 -54.63
C ALA T 194 -45.28 74.46 -54.16
N ALA T 195 -44.46 73.97 -55.08
CA ALA T 195 -43.09 73.59 -54.76
C ALA T 195 -42.30 74.80 -54.30
N ARG T 196 -41.29 74.57 -53.48
CA ARG T 196 -40.49 75.65 -52.91
C ARG T 196 -39.18 75.11 -52.34
N ASN T 197 -38.07 75.53 -52.95
CA ASN T 197 -36.76 75.06 -52.55
C ASN T 197 -36.38 75.56 -51.15
N ALA T 198 -35.81 74.66 -50.35
CA ALA T 198 -35.39 74.97 -48.99
C ALA T 198 -33.88 74.77 -48.83
N PRO T 199 -33.28 75.35 -47.79
CA PRO T 199 -31.83 75.20 -47.57
C PRO T 199 -31.42 73.82 -47.07
N ALA T 200 -32.39 73.02 -46.63
CA ALA T 200 -32.13 71.67 -46.15
C ALA T 200 -31.22 71.65 -44.92
N SER T 201 -31.08 72.80 -44.28
CA SER T 201 -30.22 72.93 -43.11
C SER T 201 -30.99 72.55 -41.86
N ALA T 202 -32.17 73.14 -41.70
CA ALA T 202 -33.02 72.88 -40.54
C ALA T 202 -33.56 71.46 -40.55
N TYR T 203 -33.80 70.93 -41.76
CA TYR T 203 -34.30 69.57 -41.90
C TYR T 203 -33.26 68.56 -41.42
N ALA T 204 -31.99 68.84 -41.73
CA ALA T 204 -30.88 68.00 -41.30
C ALA T 204 -30.62 68.19 -39.81
N ALA T 205 -31.00 69.35 -39.28
CA ALA T 205 -30.82 69.65 -37.87
C ALA T 205 -31.87 68.92 -37.03
N GLY T 206 -33.13 69.03 -37.44
CA GLY T 206 -34.22 68.35 -36.76
C GLY T 206 -34.05 66.84 -36.84
N LEU T 207 -33.43 66.40 -37.93
CA LEU T 207 -33.14 64.99 -38.16
C LEU T 207 -32.22 64.43 -37.07
N PHE T 208 -31.23 65.22 -36.68
CA PHE T 208 -30.33 64.83 -35.59
C PHE T 208 -31.12 64.66 -34.29
N ALA T 209 -31.95 65.66 -33.99
CA ALA T 209 -32.74 65.71 -32.76
C ALA T 209 -33.63 64.48 -32.64
N TRP T 210 -34.01 63.92 -33.78
CA TRP T 210 -34.85 62.73 -33.81
C TRP T 210 -34.06 61.50 -33.36
N THR T 211 -32.84 61.36 -33.87
CA THR T 211 -31.97 60.23 -33.55
C THR T 211 -31.42 60.36 -32.13
N ASP T 212 -31.11 61.59 -31.73
CA ASP T 212 -30.54 61.86 -30.42
C ASP T 212 -31.55 61.56 -29.31
N ALA T 213 -32.81 61.89 -29.55
CA ALA T 213 -33.87 61.63 -28.59
C ALA T 213 -34.26 60.16 -28.62
N GLU T 214 -34.12 59.53 -29.79
CA GLU T 214 -34.49 58.14 -29.97
C GLU T 214 -33.36 57.20 -29.56
N TYR T 215 -32.39 57.03 -30.45
CA TYR T 215 -31.26 56.14 -30.19
C TYR T 215 -30.33 56.76 -29.15
N GLY T 216 -29.82 57.94 -29.47
CA GLY T 216 -28.90 58.65 -28.60
C GLY T 216 -27.99 59.57 -29.39
N PHE T 217 -27.35 60.51 -28.70
CA PHE T 217 -26.42 61.44 -29.32
C PHE T 217 -25.27 60.67 -29.96
N TRP T 218 -24.94 59.52 -29.39
CA TRP T 218 -23.87 58.68 -29.90
C TRP T 218 -24.27 57.98 -31.19
N SER T 219 -25.58 57.92 -31.46
CA SER T 219 -26.07 57.28 -32.68
C SER T 219 -25.83 58.20 -33.87
N SER T 220 -25.46 57.61 -35.00
CA SER T 220 -25.23 58.38 -36.22
C SER T 220 -26.56 58.84 -36.81
N PRO T 221 -26.63 60.09 -37.31
CA PRO T 221 -27.88 60.61 -37.89
C PRO T 221 -28.13 60.13 -39.31
N SER T 222 -27.06 59.83 -40.03
CA SER T 222 -27.14 59.44 -41.44
C SER T 222 -28.05 58.23 -41.65
N ASN T 223 -28.50 58.05 -42.89
CA ASN T 223 -29.34 56.92 -43.25
C ASN T 223 -30.65 56.90 -42.46
N LYS T 224 -31.14 58.09 -42.12
CA LYS T 224 -32.43 58.23 -41.45
C LYS T 224 -33.31 59.14 -42.29
N GLU T 225 -34.54 58.69 -42.51
CA GLU T 225 -35.47 59.37 -43.42
C GLU T 225 -35.94 60.70 -42.86
N ILE T 226 -36.00 61.71 -43.71
CA ILE T 226 -36.45 63.04 -43.31
C ILE T 226 -37.86 63.28 -43.84
N LYS T 227 -38.71 63.86 -42.98
CA LYS T 227 -40.09 64.17 -43.33
C LYS T 227 -40.23 65.63 -43.77
N GLY T 228 -41.40 65.99 -44.27
CA GLY T 228 -41.67 67.36 -44.69
C GLY T 228 -40.90 67.72 -45.94
N VAL T 229 -40.96 66.84 -46.93
CA VAL T 229 -40.24 67.01 -48.18
C VAL T 229 -41.17 66.68 -49.35
N THR T 230 -40.69 66.87 -50.57
CA THR T 230 -41.48 66.59 -51.77
C THR T 230 -40.64 66.66 -53.03
N GLY T 231 -39.37 66.28 -52.92
CA GLY T 231 -38.44 66.34 -54.03
C GLY T 231 -37.14 66.98 -53.59
N THR T 232 -36.11 66.89 -54.43
CA THR T 232 -34.80 67.45 -54.08
C THR T 232 -34.18 68.12 -55.29
N SER T 233 -33.74 69.36 -55.10
CA SER T 233 -33.06 70.12 -56.15
C SER T 233 -31.81 69.37 -56.58
N ARG T 234 -31.67 69.19 -57.89
CA ARG T 234 -30.56 68.46 -58.48
C ARG T 234 -30.57 67.00 -57.98
N PRO T 235 -31.27 66.11 -58.70
CA PRO T 235 -31.41 64.73 -58.23
C PRO T 235 -30.08 64.00 -58.17
N VAL T 236 -29.52 63.91 -56.97
CA VAL T 236 -28.26 63.20 -56.76
C VAL T 236 -28.51 61.71 -56.94
N GLU T 237 -27.82 61.12 -57.92
CA GLU T 237 -28.03 59.72 -58.26
C GLU T 237 -27.43 58.79 -57.21
N PHE T 238 -28.02 57.63 -57.05
CA PHE T 238 -27.50 56.61 -56.15
C PHE T 238 -27.90 55.22 -56.61
N LEU T 239 -26.89 54.43 -57.01
CA LEU T 239 -27.12 53.07 -57.47
C LEU T 239 -27.36 52.14 -56.30
N ASP T 240 -27.62 50.87 -56.59
CA ASP T 240 -27.88 49.88 -55.54
C ASP T 240 -26.64 49.65 -54.70
N GLY T 241 -25.47 49.59 -55.34
CA GLY T 241 -24.23 49.36 -54.65
C GLY T 241 -23.03 49.51 -55.57
N ASP T 242 -22.57 50.74 -55.75
CA ASP T 242 -21.41 51.01 -56.59
C ASP T 242 -20.80 52.36 -56.24
N GLU T 243 -19.47 52.41 -56.24
CA GLU T 243 -18.75 53.65 -55.92
C GLU T 243 -18.84 54.67 -57.06
N THR T 244 -19.39 54.23 -58.19
CA THR T 244 -19.50 55.08 -59.37
C THR T 244 -20.60 56.12 -59.22
N CYS T 245 -21.54 55.86 -58.30
CA CYS T 245 -22.66 56.76 -58.09
C CYS T 245 -22.17 58.10 -57.55
N ARG T 246 -22.91 59.15 -57.85
CA ARG T 246 -22.49 60.51 -57.52
C ARG T 246 -22.70 60.83 -56.05
N ALA T 247 -23.64 60.14 -55.42
CA ALA T 247 -23.93 60.34 -54.00
C ALA T 247 -22.69 60.04 -53.17
N ASN T 248 -21.87 59.11 -53.65
CA ASN T 248 -20.66 58.70 -52.96
C ASN T 248 -19.53 59.74 -53.10
N LEU T 249 -19.40 60.30 -54.30
CA LEU T 249 -18.34 61.24 -54.60
C LEU T 249 -18.39 62.48 -53.71
N LEU T 250 -19.59 62.92 -53.36
CA LEU T 250 -19.75 64.07 -52.49
C LEU T 250 -19.35 63.73 -51.06
N ASN T 251 -19.58 62.48 -50.65
CA ASN T 251 -19.20 62.03 -49.32
C ASN T 251 -17.68 61.97 -49.16
N ASN T 252 -16.98 61.76 -50.27
CA ASN T 252 -15.52 61.77 -50.28
C ASN T 252 -15.00 63.17 -50.00
N ALA T 253 -15.79 64.17 -50.38
CA ALA T 253 -15.44 65.56 -50.12
C ALA T 253 -16.07 66.04 -48.81
N ASN T 254 -16.47 65.08 -47.97
CA ASN T 254 -17.09 65.38 -46.68
C ASN T 254 -18.35 66.22 -46.87
N ILE T 255 -19.36 65.60 -47.48
CA ILE T 255 -20.63 66.29 -47.73
C ILE T 255 -21.81 65.34 -47.52
N ALA T 256 -22.84 65.85 -46.84
CA ALA T 256 -24.07 65.10 -46.65
C ALA T 256 -24.99 65.30 -47.85
N THR T 257 -25.77 64.27 -48.18
CA THR T 257 -26.65 64.35 -49.34
C THR T 257 -27.95 63.59 -49.11
N ILE T 258 -29.02 64.08 -49.72
CA ILE T 258 -30.33 63.43 -49.66
C ILE T 258 -30.52 62.59 -50.91
N ILE T 259 -30.62 61.27 -50.72
CA ILE T 259 -30.65 60.35 -51.84
C ILE T 259 -32.06 59.93 -52.24
N ARG T 260 -32.17 59.33 -53.42
CA ARG T 260 -33.42 58.81 -53.96
C ARG T 260 -34.48 59.90 -54.18
N ASP T 261 -35.59 59.50 -54.78
CA ASP T 261 -36.65 60.42 -55.17
C ASP T 261 -37.25 61.08 -53.93
N ASP T 262 -38.01 62.15 -54.16
CA ASP T 262 -38.73 62.85 -53.08
C ASP T 262 -37.78 63.36 -52.00
N GLY T 263 -37.22 62.43 -51.22
CA GLY T 263 -36.33 62.76 -50.13
C GLY T 263 -36.31 61.59 -49.17
N TYR T 264 -35.93 60.43 -49.70
CA TYR T 264 -35.97 59.18 -48.97
C TYR T 264 -35.18 59.26 -47.67
N ARG T 265 -33.92 59.66 -47.77
CA ARG T 265 -33.06 59.73 -46.58
C ARG T 265 -31.79 60.54 -46.81
N LEU T 266 -31.20 61.00 -45.72
CA LEU T 266 -29.95 61.75 -45.74
C LEU T 266 -28.82 60.91 -45.17
N TRP T 267 -27.62 61.06 -45.72
CA TRP T 267 -26.44 60.42 -45.16
C TRP T 267 -25.15 61.15 -45.56
N GLY T 268 -24.04 60.69 -45.00
CA GLY T 268 -22.75 61.32 -45.23
C GLY T 268 -22.16 61.74 -43.90
N ASN T 269 -21.72 60.74 -43.12
CA ASN T 269 -21.25 60.98 -41.76
C ASN T 269 -19.99 61.84 -41.71
N ARG T 270 -19.25 61.86 -42.81
CA ARG T 270 -18.00 62.62 -42.86
C ARG T 270 -18.23 64.11 -42.62
N THR T 271 -17.67 64.61 -41.53
CA THR T 271 -17.70 66.03 -41.24
C THR T 271 -16.53 66.71 -41.95
N LEU T 272 -16.71 67.97 -42.33
CA LEU T 272 -15.67 68.69 -43.05
C LEU T 272 -14.41 68.85 -42.20
N SER T 273 -13.68 67.76 -42.02
CA SER T 273 -12.49 67.76 -41.16
C SER T 273 -11.30 67.12 -41.86
N SER T 274 -10.14 67.75 -41.74
CA SER T 274 -8.90 67.24 -42.32
C SER T 274 -8.39 66.06 -41.51
N ASP T 275 -8.37 66.20 -40.19
CA ASP T 275 -7.90 65.14 -39.31
C ASP T 275 -8.83 63.94 -39.40
N SER T 276 -8.30 62.81 -39.85
CA SER T 276 -9.10 61.60 -40.04
C SER T 276 -9.57 61.00 -38.71
N LYS T 277 -8.99 61.48 -37.62
CA LYS T 277 -9.38 61.01 -36.29
C LYS T 277 -10.81 61.46 -35.96
N TRP T 278 -11.15 62.66 -36.41
CA TRP T 278 -12.48 63.22 -36.20
C TRP T 278 -13.27 63.23 -37.50
N ALA T 279 -13.15 62.14 -38.26
CA ALA T 279 -13.78 62.04 -39.56
C ALA T 279 -15.29 61.95 -39.42
N PHE T 280 -15.76 61.15 -38.47
CA PHE T 280 -17.19 61.00 -38.25
C PHE T 280 -17.74 62.16 -37.42
N VAL T 281 -18.96 62.57 -37.75
CA VAL T 281 -19.65 63.60 -36.99
C VAL T 281 -20.04 63.04 -35.62
N THR T 282 -20.15 61.71 -35.54
CA THR T 282 -20.50 61.01 -34.32
C THR T 282 -19.47 61.28 -33.21
N ARG T 283 -18.20 61.02 -33.52
CA ARG T 283 -17.12 61.18 -32.56
C ARG T 283 -17.07 62.59 -31.98
N VAL T 284 -17.23 63.57 -32.86
CA VAL T 284 -17.22 64.98 -32.44
C VAL T 284 -18.41 65.26 -31.54
N ARG T 285 -19.49 64.54 -31.75
CA ARG T 285 -20.72 64.76 -31.00
C ARG T 285 -20.70 64.10 -29.63
N THR T 286 -20.02 62.96 -29.52
CA THR T 286 -19.90 62.24 -28.25
C THR T 286 -18.82 62.86 -27.38
N MET T 287 -17.72 63.26 -28.00
CA MET T 287 -16.58 63.79 -27.28
C MET T 287 -16.90 65.16 -26.69
N ASP T 288 -17.57 66.00 -27.48
CA ASP T 288 -17.97 67.32 -27.03
C ASP T 288 -19.01 67.24 -25.92
N LEU T 289 -19.63 66.06 -25.78
CA LEU T 289 -20.67 65.85 -24.78
C LEU T 289 -20.07 65.40 -23.45
N VAL T 290 -19.25 64.34 -23.49
CA VAL T 290 -18.63 63.80 -22.28
C VAL T 290 -17.66 64.80 -21.67
N MET T 291 -17.09 65.67 -22.51
CA MET T 291 -16.20 66.72 -22.03
C MET T 291 -17.01 67.74 -21.24
N ASP T 292 -18.07 68.25 -21.84
CA ASP T 292 -18.93 69.24 -21.19
C ASP T 292 -19.63 68.65 -19.96
N ALA T 293 -19.77 67.33 -19.94
CA ALA T 293 -20.38 66.64 -18.81
C ALA T 293 -19.43 66.58 -17.63
N ILE T 294 -18.18 66.20 -17.91
CA ILE T 294 -17.15 66.10 -16.88
C ILE T 294 -16.81 67.48 -16.36
N LEU T 295 -16.82 68.46 -17.27
CA LEU T 295 -16.55 69.84 -16.91
C LEU T 295 -17.61 70.37 -15.93
N ALA T 296 -18.87 70.32 -16.38
CA ALA T 296 -19.98 70.83 -15.58
C ALA T 296 -20.36 69.87 -14.46
N GLY T 297 -19.86 68.64 -14.52
CA GLY T 297 -20.20 67.62 -13.56
C GLY T 297 -19.42 67.74 -12.26
N HIS T 298 -18.11 67.89 -12.39
CA HIS T 298 -17.22 67.97 -11.23
C HIS T 298 -17.00 69.42 -10.79
N LYS T 299 -18.09 70.19 -10.81
CA LYS T 299 -18.08 71.57 -10.32
C LYS T 299 -18.23 71.57 -8.80
N TRP T 300 -18.67 70.44 -8.25
CA TRP T 300 -18.86 70.29 -6.81
C TRP T 300 -17.51 70.14 -6.12
N ALA T 301 -16.56 69.52 -6.83
CA ALA T 301 -15.25 69.24 -6.27
C ALA T 301 -14.47 70.54 -6.11
N VAL T 302 -13.69 70.88 -7.14
CA VAL T 302 -12.84 72.07 -7.13
C VAL T 302 -11.96 72.05 -5.88
N ASP T 303 -11.71 73.20 -5.28
CA ASP T 303 -10.83 73.28 -4.11
C ASP T 303 -11.44 72.51 -2.93
N ARG T 304 -10.86 71.35 -2.64
CA ARG T 304 -11.32 70.50 -1.55
C ARG T 304 -10.18 69.59 -1.12
N GLY T 305 -10.23 69.13 0.13
CA GLY T 305 -9.18 68.30 0.68
C GLY T 305 -8.86 67.10 -0.19
N ILE T 306 -7.66 67.12 -0.79
CA ILE T 306 -7.25 66.09 -1.73
C ILE T 306 -6.72 64.86 -0.99
N THR T 307 -7.56 64.29 -0.15
CA THR T 307 -7.21 63.07 0.57
C THR T 307 -7.38 61.87 -0.37
N LYS T 308 -6.77 60.74 0.01
CA LYS T 308 -6.88 59.51 -0.77
C LYS T 308 -8.33 59.14 -1.07
N THR T 309 -9.23 59.50 -0.14
CA THR T 309 -10.65 59.26 -0.32
C THR T 309 -11.20 60.08 -1.48
N TYR T 310 -10.83 61.36 -1.49
CA TYR T 310 -11.31 62.30 -2.51
C TYR T 310 -10.92 61.84 -3.91
N VAL T 311 -9.70 61.36 -4.07
CA VAL T 311 -9.22 60.88 -5.36
C VAL T 311 -10.07 59.69 -5.82
N LYS T 312 -10.29 58.74 -4.91
CA LYS T 312 -11.11 57.58 -5.21
C LYS T 312 -12.57 57.96 -5.46
N ASP T 313 -13.06 58.96 -4.72
CA ASP T 313 -14.44 59.42 -4.89
C ASP T 313 -14.65 59.97 -6.29
N VAL T 314 -13.64 60.66 -6.81
CA VAL T 314 -13.69 61.21 -8.16
C VAL T 314 -13.40 60.11 -9.17
N THR T 315 -12.45 59.24 -8.85
CA THR T 315 -12.11 58.11 -9.71
C THR T 315 -13.32 57.19 -9.89
N GLU T 316 -13.95 56.84 -8.78
CA GLU T 316 -15.14 56.00 -8.82
C GLU T 316 -16.31 56.75 -9.46
N GLY T 317 -16.23 58.08 -9.48
CA GLY T 317 -17.25 58.89 -10.11
C GLY T 317 -17.20 58.73 -11.62
N LEU T 318 -16.00 58.55 -12.15
CA LEU T 318 -15.80 58.30 -13.58
C LEU T 318 -16.04 56.85 -13.92
N ARG T 319 -15.65 55.95 -13.02
CA ARG T 319 -15.88 54.52 -13.19
C ARG T 319 -17.35 54.23 -13.42
N ALA T 320 -18.18 54.71 -12.49
CA ALA T 320 -19.62 54.49 -12.55
C ALA T 320 -20.22 55.24 -13.74
N PHE T 321 -19.73 56.46 -13.97
CA PHE T 321 -20.26 57.30 -15.04
C PHE T 321 -20.05 56.66 -16.42
N MET T 322 -18.81 56.31 -16.73
CA MET T 322 -18.48 55.72 -18.02
C MET T 322 -19.14 54.36 -18.20
N ARG T 323 -19.32 53.65 -17.10
CA ARG T 323 -19.98 52.35 -17.16
C ARG T 323 -21.47 52.50 -17.49
N ASP T 324 -22.03 53.67 -17.18
CA ASP T 324 -23.41 53.96 -17.54
C ASP T 324 -23.51 54.29 -19.03
N LEU T 325 -22.38 54.64 -19.62
CA LEU T 325 -22.30 54.88 -21.07
C LEU T 325 -22.01 53.60 -21.83
N LYS T 326 -21.30 52.69 -21.18
CA LYS T 326 -20.90 51.43 -21.81
C LYS T 326 -22.11 50.52 -22.02
N ASN T 327 -22.80 50.20 -20.93
CA ASN T 327 -23.98 49.34 -20.99
C ASN T 327 -25.10 50.00 -21.79
N GLN T 328 -25.10 51.33 -21.83
CA GLN T 328 -26.08 52.09 -22.60
C GLN T 328 -25.75 52.00 -24.09
N GLY T 329 -24.48 51.77 -24.39
CA GLY T 329 -24.02 51.61 -25.77
C GLY T 329 -23.38 52.86 -26.35
N ALA T 330 -23.15 53.86 -25.50
CA ALA T 330 -22.52 55.10 -25.95
C ALA T 330 -21.06 54.87 -26.31
N VAL T 331 -20.42 53.99 -25.57
CA VAL T 331 -19.02 53.66 -25.79
C VAL T 331 -18.83 52.13 -25.75
N ILE T 332 -17.82 51.64 -26.44
CA ILE T 332 -17.54 50.20 -26.45
C ILE T 332 -16.88 49.81 -25.13
N ASN T 333 -15.80 50.50 -24.80
CA ASN T 333 -15.09 50.26 -23.54
C ASN T 333 -14.30 51.48 -23.14
N PHE T 334 -13.94 51.56 -21.86
CA PHE T 334 -13.25 52.72 -21.33
C PHE T 334 -12.19 52.33 -20.31
N GLU T 335 -11.53 53.34 -19.77
CA GLU T 335 -10.50 53.13 -18.76
C GLU T 335 -10.12 54.48 -18.16
N VAL T 336 -10.30 54.62 -16.86
CA VAL T 336 -10.03 55.88 -16.17
C VAL T 336 -9.17 55.62 -14.92
N TYR T 337 -8.23 56.52 -14.67
CA TYR T 337 -7.29 56.35 -13.57
C TYR T 337 -6.45 57.61 -13.38
N ALA T 338 -5.72 57.67 -12.27
CA ALA T 338 -4.84 58.80 -11.98
C ALA T 338 -3.42 58.46 -12.45
N ASP T 339 -2.89 59.29 -13.35
CA ASP T 339 -1.56 59.04 -13.91
C ASP T 339 -0.48 59.21 -12.83
N PRO T 340 0.43 58.22 -12.70
CA PRO T 340 1.52 58.35 -11.73
C PRO T 340 2.47 59.50 -12.02
N ASP T 341 2.83 59.68 -13.29
CA ASP T 341 3.83 60.68 -13.67
C ASP T 341 3.29 62.11 -13.53
N LEU T 342 2.07 62.33 -13.98
CA LEU T 342 1.45 63.66 -13.91
C LEU T 342 1.25 64.10 -12.47
N ASN T 343 0.58 63.25 -11.69
CA ASN T 343 0.34 63.55 -10.29
C ASN T 343 1.64 63.52 -9.49
N SER T 344 2.49 64.52 -9.72
CA SER T 344 3.76 64.63 -9.02
C SER T 344 3.54 65.31 -7.68
N ALA T 345 4.51 65.19 -6.78
CA ALA T 345 4.43 65.79 -5.46
C ALA T 345 4.30 67.31 -5.54
N SER T 346 4.82 67.89 -6.62
CA SER T 346 4.80 69.34 -6.80
C SER T 346 3.50 69.80 -7.45
N GLN T 347 2.94 68.96 -8.32
CA GLN T 347 1.70 69.29 -9.02
C GLN T 347 0.52 69.32 -8.04
N LEU T 348 0.46 68.33 -7.16
CA LEU T 348 -0.58 68.26 -6.13
C LEU T 348 -0.45 69.43 -5.15
N ALA T 349 0.77 69.95 -5.01
CA ALA T 349 1.04 71.06 -4.11
C ALA T 349 0.60 72.40 -4.72
N GLN T 350 0.11 72.35 -5.96
CA GLN T 350 -0.47 73.53 -6.63
C GLN T 350 -1.97 73.34 -6.86
N GLY T 351 -2.48 72.18 -6.43
CA GLY T 351 -3.90 71.87 -6.57
C GLY T 351 -4.18 71.00 -7.77
N LYS T 352 -3.26 70.98 -8.73
CA LYS T 352 -3.41 70.15 -9.92
C LYS T 352 -3.50 68.67 -9.57
N VAL T 353 -4.51 68.01 -10.12
CA VAL T 353 -4.67 66.57 -10.00
C VAL T 353 -5.35 66.05 -11.26
N TYR T 354 -4.71 65.08 -11.91
CA TYR T 354 -5.13 64.62 -13.22
C TYR T 354 -5.79 63.25 -13.18
N TRP T 355 -6.67 62.99 -14.15
CA TRP T 355 -7.30 61.69 -14.33
C TRP T 355 -7.36 61.35 -15.81
N ASN T 356 -6.51 60.41 -16.22
CA ASN T 356 -6.42 60.03 -17.63
C ASN T 356 -7.62 59.22 -18.09
N ILE T 357 -8.58 59.88 -18.70
CA ILE T 357 -9.74 59.20 -19.27
C ILE T 357 -9.44 58.81 -20.72
N ARG T 358 -9.87 57.61 -21.10
CA ARG T 358 -9.67 57.13 -22.46
C ARG T 358 -10.71 56.06 -22.81
N PHE T 359 -11.19 56.10 -24.05
CA PHE T 359 -12.21 55.16 -24.50
C PHE T 359 -12.33 55.20 -26.02
N THR T 360 -13.28 54.43 -26.56
CA THR T 360 -13.51 54.37 -28.00
C THR T 360 -14.99 54.62 -28.30
N ASP T 361 -15.30 55.83 -28.76
CA ASP T 361 -16.66 56.15 -29.17
C ASP T 361 -17.07 55.24 -30.33
N VAL T 362 -18.33 54.84 -30.36
CA VAL T 362 -18.81 53.90 -31.37
C VAL T 362 -18.86 54.55 -32.75
N PRO T 363 -18.11 53.99 -33.73
CA PRO T 363 -18.16 54.51 -35.10
C PRO T 363 -19.28 53.86 -35.92
N PRO T 364 -19.99 54.64 -36.75
CA PRO T 364 -21.06 54.06 -37.58
C PRO T 364 -20.48 53.23 -38.74
N ALA T 365 -20.90 51.98 -38.85
CA ALA T 365 -20.46 51.09 -39.93
C ALA T 365 -20.96 51.62 -41.27
N GLU T 366 -20.29 52.66 -41.79
CA GLU T 366 -20.77 53.33 -42.99
C GLU T 366 -20.54 52.52 -44.27
N ASN T 367 -19.90 51.37 -44.13
CA ASN T 367 -19.61 50.52 -45.30
C ASN T 367 -19.32 49.07 -44.90
N PRO T 368 -20.37 48.32 -44.55
CA PRO T 368 -20.22 46.88 -44.22
C PRO T 368 -20.09 46.01 -45.46
N ASN T 369 -18.95 45.34 -45.59
CA ASN T 369 -18.69 44.47 -46.73
C ASN T 369 -19.16 43.04 -46.49
N PHE T 370 -19.27 42.26 -47.55
CA PHE T 370 -19.71 40.87 -47.47
C PHE T 370 -18.93 40.00 -48.46
N ARG T 371 -17.74 39.59 -48.05
CA ARG T 371 -16.88 38.79 -48.91
C ARG T 371 -17.47 37.40 -49.13
N VAL T 372 -18.53 37.33 -49.94
CA VAL T 372 -19.16 36.06 -50.27
C VAL T 372 -18.37 35.37 -51.36
N GLU T 373 -18.30 34.05 -51.29
CA GLU T 373 -17.53 33.27 -52.24
C GLU T 373 -17.89 31.79 -52.16
N VAL T 374 -18.31 31.22 -53.27
CA VAL T 374 -18.62 29.79 -53.32
C VAL T 374 -17.34 28.97 -53.32
N THR T 375 -17.51 27.65 -53.26
CA THR T 375 -16.38 26.73 -53.30
C THR T 375 -16.87 25.32 -53.60
N ASP T 376 -16.02 24.34 -53.32
CA ASP T 376 -16.35 22.94 -53.55
C ASP T 376 -15.95 22.13 -52.32
N GLN T 377 -16.08 22.74 -51.15
CA GLN T 377 -15.65 22.11 -49.90
C GLN T 377 -16.70 21.11 -49.41
N TRP T 378 -17.89 21.61 -49.09
CA TRP T 378 -18.96 20.75 -48.58
C TRP T 378 -19.72 20.07 -49.71
N LEU T 379 -19.01 19.23 -50.47
CA LEU T 379 -19.64 18.42 -51.52
C LEU T 379 -19.62 16.95 -51.13
N THR T 380 -18.54 16.54 -50.47
CA THR T 380 -18.41 15.17 -50.00
C THR T 380 -19.41 14.88 -48.88
N GLU T 381 -19.99 15.93 -48.32
CA GLU T 381 -21.02 15.79 -47.29
C GLU T 381 -22.24 15.11 -47.89
N VAL T 382 -22.46 15.35 -49.19
CA VAL T 382 -23.55 14.71 -49.92
C VAL T 382 -23.17 13.27 -50.23
N LEU T 383 -23.21 12.42 -49.21
CA LEU T 383 -22.77 11.03 -49.36
C LEU T 383 -23.16 10.23 -48.12
N ASP T 384 -22.81 10.75 -46.95
CA ASP T 384 -23.11 10.08 -45.69
C ASP T 384 -23.10 11.10 -44.55
N SER U 2 10.67 -6.37 -76.38
CA SER U 2 9.60 -6.78 -75.48
C SER U 2 9.97 -8.10 -74.79
N PHE U 3 10.51 -9.02 -75.57
CA PHE U 3 10.92 -10.33 -75.08
C PHE U 3 9.70 -11.18 -74.72
N PHE U 4 9.51 -12.24 -75.50
CA PHE U 4 8.40 -13.18 -75.33
C PHE U 4 7.04 -12.52 -75.55
N HIS U 5 6.59 -11.73 -74.58
CA HIS U 5 5.27 -11.10 -74.63
C HIS U 5 4.14 -12.12 -74.76
N GLY U 6 3.81 -12.78 -73.66
CA GLY U 6 2.72 -13.73 -73.64
C GLY U 6 2.34 -14.09 -72.22
N VAL U 7 2.69 -15.30 -71.81
CA VAL U 7 2.42 -15.78 -70.45
C VAL U 7 3.23 -17.04 -70.20
N THR U 8 4.39 -16.88 -69.56
CA THR U 8 5.27 -18.01 -69.29
C THR U 8 4.78 -18.81 -68.10
N VAL U 9 5.48 -19.90 -67.82
CA VAL U 9 5.13 -20.79 -66.72
C VAL U 9 6.32 -21.72 -66.47
N THR U 10 7.48 -21.13 -66.23
CA THR U 10 8.71 -21.89 -66.07
C THR U 10 8.66 -22.76 -64.81
N ASN U 11 9.05 -24.02 -64.96
CA ASN U 11 9.10 -24.96 -63.85
C ASN U 11 10.45 -24.86 -63.15
N VAL U 12 10.46 -24.26 -61.97
CA VAL U 12 11.70 -24.11 -61.21
C VAL U 12 12.07 -25.45 -60.56
N ASP U 13 13.05 -26.12 -61.13
CA ASP U 13 13.46 -27.45 -60.68
C ASP U 13 14.46 -27.34 -59.52
N ILE U 14 13.93 -27.05 -58.33
CA ILE U 14 14.76 -27.00 -57.13
C ILE U 14 14.01 -27.66 -55.97
N GLY U 15 14.77 -28.02 -54.93
CA GLY U 15 14.22 -28.71 -53.78
C GLY U 15 15.09 -29.89 -53.41
N ALA U 16 14.98 -30.34 -52.17
CA ALA U 16 15.76 -31.46 -51.69
C ALA U 16 15.30 -32.77 -52.31
N ARG U 17 16.16 -33.37 -53.14
CA ARG U 17 15.85 -34.65 -53.75
C ARG U 17 15.89 -35.77 -52.72
N THR U 18 15.22 -36.87 -53.04
CA THR U 18 15.20 -38.05 -52.19
C THR U 18 16.39 -38.95 -52.48
N ILE U 19 16.77 -39.78 -51.51
CA ILE U 19 17.90 -40.69 -51.68
C ILE U 19 17.54 -42.06 -51.15
N ALA U 20 18.03 -43.10 -51.84
CA ALA U 20 17.74 -44.49 -51.49
C ALA U 20 19.00 -45.25 -51.11
N LEU U 21 18.82 -46.50 -50.71
CA LEU U 21 19.92 -47.38 -50.32
C LEU U 21 20.05 -48.53 -51.32
N PRO U 22 20.78 -48.30 -52.42
CA PRO U 22 20.87 -49.30 -53.49
C PRO U 22 21.63 -50.55 -53.10
N ALA U 23 21.54 -51.59 -53.92
CA ALA U 23 22.29 -52.84 -53.73
C ALA U 23 21.92 -53.56 -52.43
N SER U 24 22.15 -52.90 -51.30
CA SER U 24 21.82 -53.44 -49.98
C SER U 24 22.66 -54.69 -49.68
N SER U 25 22.31 -55.81 -50.31
CA SER U 25 23.00 -57.07 -50.04
C SER U 25 22.84 -58.04 -51.21
N VAL U 26 23.46 -57.72 -52.34
CA VAL U 26 23.49 -58.62 -53.48
C VAL U 26 24.74 -59.48 -53.41
N ILE U 27 24.57 -60.77 -53.58
CA ILE U 27 25.66 -61.73 -53.45
C ILE U 27 26.39 -61.90 -54.79
N GLY U 28 27.71 -62.00 -54.71
CA GLY U 28 28.56 -62.19 -55.87
C GLY U 28 29.35 -63.47 -55.74
N LEU U 29 28.76 -64.56 -56.22
CA LEU U 29 29.33 -65.89 -56.07
C LEU U 29 30.09 -66.32 -57.34
N CYS U 30 31.03 -67.25 -57.17
CA CYS U 30 31.83 -67.74 -58.29
C CYS U 30 32.46 -69.08 -57.94
N ASP U 31 31.70 -70.16 -58.14
CA ASP U 31 32.19 -71.51 -57.92
C ASP U 31 32.48 -72.15 -59.28
N VAL U 32 32.23 -73.45 -59.41
CA VAL U 32 32.44 -74.17 -60.67
C VAL U 32 31.24 -75.05 -61.01
N PHE U 33 31.17 -75.48 -62.25
CA PHE U 33 30.12 -76.39 -62.70
C PHE U 33 30.55 -77.12 -63.96
N THR U 34 29.61 -77.81 -64.58
CA THR U 34 29.88 -78.59 -65.79
C THR U 34 28.95 -78.14 -66.92
N PRO U 35 29.44 -77.25 -67.80
CA PRO U 35 28.60 -76.79 -68.92
C PRO U 35 28.39 -77.88 -69.96
N GLY U 36 27.19 -77.97 -70.52
CA GLY U 36 26.89 -78.96 -71.53
C GLY U 36 25.46 -78.83 -72.05
N ALA U 37 24.59 -79.71 -71.56
CA ALA U 37 23.21 -79.78 -72.02
C ALA U 37 22.28 -78.95 -71.14
N GLN U 38 21.95 -79.47 -69.97
CA GLN U 38 21.03 -78.82 -69.05
C GLN U 38 21.55 -77.48 -68.56
N ALA U 39 22.87 -77.29 -68.63
CA ALA U 39 23.50 -76.06 -68.19
C ALA U 39 23.24 -74.93 -69.18
N SER U 40 22.23 -74.11 -68.91
CA SER U 40 21.86 -73.01 -69.79
C SER U 40 22.89 -71.89 -69.74
N ALA U 41 23.41 -71.63 -68.54
CA ALA U 41 24.39 -70.57 -68.33
C ALA U 41 25.68 -70.89 -69.08
N LYS U 42 26.29 -69.88 -69.69
CA LYS U 42 27.50 -70.08 -70.47
C LYS U 42 28.67 -70.40 -69.53
N PRO U 43 29.77 -70.95 -70.08
CA PRO U 43 30.87 -71.45 -69.25
C PRO U 43 31.63 -70.38 -68.46
N ASN U 44 31.22 -69.11 -68.51
CA ASN U 44 31.98 -68.07 -67.82
C ASN U 44 31.23 -66.76 -67.56
N VAL U 45 30.26 -66.42 -68.41
CA VAL U 45 29.62 -65.12 -68.29
C VAL U 45 28.81 -65.01 -67.00
N PRO U 46 28.64 -63.78 -66.47
CA PRO U 46 27.79 -63.60 -65.29
C PRO U 46 26.32 -63.87 -65.61
N VAL U 47 25.62 -64.54 -64.69
CA VAL U 47 24.20 -64.82 -64.84
C VAL U 47 23.48 -64.45 -63.56
N LEU U 48 22.37 -63.73 -63.69
CA LEU U 48 21.61 -63.30 -62.53
C LEU U 48 20.66 -64.41 -62.07
N LEU U 49 20.49 -64.51 -60.76
CA LEU U 49 19.62 -65.51 -60.16
C LEU U 49 18.58 -64.85 -59.26
N THR U 50 17.67 -65.64 -58.73
CA THR U 50 16.61 -65.13 -57.87
C THR U 50 16.06 -66.26 -56.98
N SER U 51 16.02 -67.48 -57.53
CA SER U 51 15.54 -68.64 -56.80
C SER U 51 16.24 -69.89 -57.30
N LYS U 52 16.01 -71.02 -56.62
CA LYS U 52 16.62 -72.28 -56.98
C LYS U 52 16.25 -72.69 -58.41
N LYS U 53 15.01 -72.42 -58.79
CA LYS U 53 14.53 -72.74 -60.13
C LYS U 53 15.38 -72.03 -61.20
N ASP U 54 15.63 -70.75 -60.99
CA ASP U 54 16.39 -69.96 -61.96
C ASP U 54 17.87 -70.36 -61.95
N ALA U 55 18.30 -70.99 -60.87
CA ALA U 55 19.68 -71.44 -60.71
C ALA U 55 19.87 -72.86 -61.21
N ALA U 56 18.87 -73.70 -61.00
CA ALA U 56 18.93 -75.10 -61.39
C ALA U 56 19.06 -75.26 -62.90
N ALA U 57 18.16 -74.64 -63.63
CA ALA U 57 18.16 -74.71 -65.09
C ALA U 57 19.38 -73.99 -65.68
N ALA U 58 20.01 -73.13 -64.88
CA ALA U 58 21.15 -72.35 -65.33
C ALA U 58 22.44 -73.17 -65.33
N PHE U 59 22.81 -73.68 -64.16
CA PHE U 59 24.07 -74.39 -64.00
C PHE U 59 23.86 -75.90 -64.01
N GLY U 60 22.78 -76.34 -63.38
CA GLY U 60 22.43 -77.75 -63.32
C GLY U 60 22.50 -78.30 -61.91
N ILE U 61 21.90 -79.46 -61.70
CA ILE U 61 21.91 -80.10 -60.39
C ILE U 61 23.19 -80.89 -60.21
N GLY U 62 23.71 -80.91 -58.99
CA GLY U 62 24.94 -81.62 -58.69
C GLY U 62 26.17 -80.75 -58.89
N SER U 63 26.02 -79.69 -59.67
CA SER U 63 27.10 -78.74 -59.90
C SER U 63 27.54 -78.14 -58.57
N SER U 64 28.85 -78.09 -58.34
CA SER U 64 29.40 -77.58 -57.08
C SER U 64 28.93 -76.16 -56.77
N ILE U 65 28.54 -75.43 -57.81
CA ILE U 65 28.04 -74.07 -57.65
C ILE U 65 26.59 -74.07 -57.18
N TYR U 66 25.83 -75.07 -57.59
CA TYR U 66 24.43 -75.16 -57.22
C TYR U 66 24.29 -75.53 -55.75
N LEU U 67 25.23 -76.30 -55.23
CA LEU U 67 25.25 -76.67 -53.82
C LEU U 67 25.51 -75.44 -52.94
N ALA U 68 26.12 -74.42 -53.55
CA ALA U 68 26.42 -73.17 -52.87
C ALA U 68 25.22 -72.22 -52.94
N CYS U 69 24.60 -72.15 -54.11
CA CYS U 69 23.41 -71.31 -54.30
C CYS U 69 22.24 -71.87 -53.49
N GLU U 70 22.08 -73.20 -53.52
CA GLU U 70 21.03 -73.86 -52.76
C GLU U 70 21.21 -73.61 -51.27
N ALA U 71 22.48 -73.54 -50.84
CA ALA U 71 22.80 -73.28 -49.44
C ALA U 71 22.37 -71.88 -49.03
N ILE U 72 22.37 -70.96 -49.99
CA ILE U 72 21.97 -69.58 -49.75
C ILE U 72 20.45 -69.45 -49.74
N TYR U 73 19.81 -70.04 -50.75
CA TYR U 73 18.35 -69.93 -50.90
C TYR U 73 17.62 -70.72 -49.82
N ASN U 74 18.24 -71.79 -49.35
CA ASN U 74 17.69 -72.58 -48.25
C ASN U 74 17.65 -71.73 -47.00
N ARG U 75 18.72 -70.96 -46.78
CA ARG U 75 18.81 -70.04 -45.66
C ARG U 75 17.81 -68.89 -45.85
N ALA U 76 18.12 -68.00 -46.78
CA ALA U 76 17.26 -66.85 -47.07
C ALA U 76 17.43 -66.42 -48.52
N GLN U 77 16.31 -66.16 -49.17
CA GLN U 77 16.31 -65.79 -50.59
C GLN U 77 17.02 -64.47 -50.82
N ALA U 78 17.79 -64.39 -51.91
CA ALA U 78 18.54 -63.18 -52.22
C ALA U 78 18.99 -63.20 -53.68
N VAL U 79 19.37 -62.03 -54.19
CA VAL U 79 19.87 -61.91 -55.54
C VAL U 79 21.33 -62.38 -55.58
N ILE U 80 21.64 -63.25 -56.54
CA ILE U 80 22.98 -63.78 -56.69
C ILE U 80 23.44 -63.64 -58.14
N VAL U 81 24.25 -62.63 -58.40
CA VAL U 81 24.86 -62.47 -59.72
C VAL U 81 26.02 -63.46 -59.80
N ALA U 82 25.68 -64.73 -59.90
CA ALA U 82 26.69 -65.80 -59.94
C ALA U 82 27.43 -65.79 -61.28
N VAL U 83 28.68 -66.27 -61.24
CA VAL U 83 29.52 -66.35 -62.43
C VAL U 83 29.65 -67.81 -62.87
N GLY U 84 30.44 -68.57 -62.14
CA GLY U 84 30.64 -69.97 -62.43
C GLY U 84 31.59 -70.18 -63.59
N VAL U 85 32.57 -71.07 -63.39
CA VAL U 85 33.57 -71.36 -64.41
C VAL U 85 33.76 -72.87 -64.55
N GLU U 86 34.14 -73.30 -65.74
CA GLU U 86 34.33 -74.72 -66.02
C GLU U 86 35.46 -75.29 -65.16
N THR U 87 35.28 -76.53 -64.70
CA THR U 87 36.31 -77.19 -63.91
C THR U 87 37.54 -77.48 -64.76
N ALA U 88 38.72 -77.33 -64.17
CA ALA U 88 39.98 -77.55 -64.87
C ALA U 88 40.58 -78.90 -64.50
N GLU U 89 41.76 -79.18 -65.04
CA GLU U 89 42.44 -80.45 -64.79
C GLU U 89 42.94 -80.54 -63.36
N THR U 90 44.02 -79.82 -63.07
CA THR U 90 44.60 -79.79 -61.74
C THR U 90 43.89 -78.76 -60.86
N PRO U 91 43.85 -78.99 -59.53
CA PRO U 91 43.17 -78.07 -58.63
C PRO U 91 43.86 -76.71 -58.54
N GLU U 92 45.18 -76.70 -58.73
CA GLU U 92 45.96 -75.46 -58.65
C GLU U 92 45.62 -74.54 -59.83
N ALA U 93 45.69 -75.08 -61.03
CA ALA U 93 45.43 -74.31 -62.24
C ALA U 93 43.96 -73.94 -62.36
N GLN U 94 43.11 -74.61 -61.60
CA GLN U 94 41.68 -74.33 -61.61
C GLN U 94 41.42 -72.96 -60.98
N ALA U 95 42.26 -72.58 -60.02
CA ALA U 95 42.13 -71.31 -59.33
C ALA U 95 42.35 -70.14 -60.29
N SER U 96 43.08 -70.40 -61.37
CA SER U 96 43.34 -69.38 -62.38
C SER U 96 42.05 -68.97 -63.06
N ALA U 97 41.25 -69.97 -63.46
CA ALA U 97 39.96 -69.72 -64.09
C ALA U 97 39.01 -69.07 -63.09
N VAL U 98 39.18 -69.40 -61.81
CA VAL U 98 38.35 -68.82 -60.76
C VAL U 98 38.66 -67.34 -60.61
N ILE U 99 39.95 -67.01 -60.49
CA ILE U 99 40.35 -65.61 -60.41
C ILE U 99 40.02 -64.94 -61.74
N GLY U 100 40.51 -65.51 -62.84
CA GLY U 100 40.20 -65.03 -64.16
C GLY U 100 40.97 -63.77 -64.50
N GLY U 101 41.77 -63.84 -65.57
CA GLY U 101 42.54 -62.70 -66.01
C GLY U 101 41.65 -61.70 -66.74
N ILE U 102 41.50 -61.91 -68.05
CA ILE U 102 40.67 -61.03 -68.86
C ILE U 102 40.37 -61.63 -70.24
N SER U 103 41.23 -62.55 -70.68
CA SER U 103 41.06 -63.26 -71.95
C SER U 103 41.25 -62.33 -73.15
N ALA U 104 41.47 -62.92 -74.31
CA ALA U 104 41.68 -62.16 -75.54
C ALA U 104 40.39 -61.49 -76.00
N ALA U 105 39.26 -62.00 -75.55
CA ALA U 105 37.96 -61.45 -75.91
C ALA U 105 37.77 -60.05 -75.32
N GLY U 106 38.50 -59.77 -74.25
CA GLY U 106 38.43 -58.47 -73.59
C GLY U 106 37.46 -58.49 -72.42
N GLU U 107 36.49 -59.39 -72.48
CA GLU U 107 35.48 -59.51 -71.42
C GLU U 107 36.09 -60.11 -70.16
N ARG U 108 35.87 -59.44 -69.03
CA ARG U 108 36.40 -59.89 -67.74
C ARG U 108 35.93 -61.30 -67.42
N THR U 109 36.88 -62.21 -67.23
CA THR U 109 36.58 -63.61 -66.94
C THR U 109 36.71 -63.92 -65.46
N GLY U 110 36.15 -65.05 -65.06
CA GLY U 110 36.27 -65.54 -63.70
C GLY U 110 35.69 -64.61 -62.67
N LEU U 111 36.29 -64.60 -61.48
CA LEU U 111 35.81 -63.83 -60.35
C LEU U 111 35.74 -62.33 -60.64
N GLN U 112 36.61 -61.87 -61.53
CA GLN U 112 36.66 -60.44 -61.88
C GLN U 112 35.47 -60.02 -62.73
N ALA U 113 34.69 -60.98 -63.19
CA ALA U 113 33.51 -60.72 -64.03
C ALA U 113 32.40 -60.05 -63.22
N LEU U 114 32.53 -60.08 -61.89
CA LEU U 114 31.50 -59.52 -61.01
C LEU U 114 31.35 -58.02 -61.18
N LEU U 115 32.40 -57.36 -61.68
CA LEU U 115 32.37 -55.92 -61.91
C LEU U 115 31.34 -55.56 -62.99
N ASP U 116 30.97 -56.54 -63.80
CA ASP U 116 30.02 -56.35 -64.88
C ASP U 116 28.57 -56.46 -64.39
N GLY U 117 28.40 -57.06 -63.20
CA GLY U 117 27.08 -57.29 -62.64
C GLY U 117 26.31 -56.00 -62.40
N LYS U 118 27.04 -54.90 -62.23
CA LYS U 118 26.43 -53.60 -61.96
C LYS U 118 25.89 -52.98 -63.26
N SER U 119 26.69 -53.04 -64.31
CA SER U 119 26.35 -52.43 -65.59
C SER U 119 25.66 -53.42 -66.53
N ARG U 120 24.92 -54.37 -65.97
CA ARG U 120 24.17 -55.34 -66.75
C ARG U 120 22.87 -55.74 -66.06
N PHE U 121 22.91 -55.87 -64.74
CA PHE U 121 21.75 -56.30 -63.97
C PHE U 121 21.33 -55.26 -62.93
N ASN U 122 22.03 -54.12 -62.92
CA ASN U 122 21.76 -53.07 -61.94
C ASN U 122 21.79 -53.60 -60.51
N ALA U 123 22.59 -54.64 -60.29
CA ALA U 123 22.70 -55.28 -58.99
C ALA U 123 24.17 -55.49 -58.68
N GLN U 124 24.81 -54.46 -58.14
CA GLN U 124 26.21 -54.53 -57.78
C GLN U 124 26.41 -55.56 -56.66
N PRO U 125 27.14 -56.65 -56.94
CA PRO U 125 27.36 -57.63 -55.87
C PRO U 125 28.15 -57.04 -54.71
N ARG U 126 27.43 -56.60 -53.67
CA ARG U 126 28.06 -56.00 -52.51
C ARG U 126 28.26 -57.04 -51.42
N LEU U 127 28.62 -58.25 -51.84
CA LEU U 127 28.85 -59.34 -50.92
C LEU U 127 29.48 -60.51 -51.66
N LEU U 128 30.80 -60.48 -51.78
CA LEU U 128 31.54 -61.51 -52.51
C LEU U 128 31.58 -62.82 -51.74
N VAL U 129 31.86 -63.90 -52.46
CA VAL U 129 31.95 -65.23 -51.87
C VAL U 129 32.46 -66.20 -52.94
N ALA U 130 33.32 -67.12 -52.53
CA ALA U 130 33.91 -68.08 -53.44
C ALA U 130 34.10 -69.43 -52.73
N PRO U 131 33.00 -70.21 -52.58
CA PRO U 131 33.06 -71.48 -51.85
C PRO U 131 34.05 -72.47 -52.45
N GLY U 132 34.85 -73.10 -51.60
CA GLY U 132 35.85 -74.06 -52.06
C GLY U 132 37.16 -73.37 -52.42
N HIS U 133 37.06 -72.36 -53.28
CA HIS U 133 38.23 -71.60 -53.72
C HIS U 133 38.44 -70.34 -52.88
N SER U 134 39.06 -70.51 -51.72
CA SER U 134 39.39 -69.40 -50.83
C SER U 134 40.52 -69.78 -49.87
N ALA U 135 40.66 -71.08 -49.58
CA ALA U 135 41.74 -71.56 -48.73
C ALA U 135 43.09 -71.31 -49.38
N GLN U 136 43.09 -71.21 -50.71
CA GLN U 136 44.31 -70.91 -51.45
C GLN U 136 44.67 -69.44 -51.29
N GLN U 137 45.95 -69.18 -50.98
CA GLN U 137 46.44 -67.84 -50.75
C GLN U 137 46.24 -66.93 -51.97
N ALA U 138 46.23 -67.54 -53.15
CA ALA U 138 46.15 -66.80 -54.41
C ALA U 138 44.80 -66.12 -54.60
N VAL U 139 43.76 -66.94 -54.74
CA VAL U 139 42.41 -66.46 -55.03
C VAL U 139 41.88 -65.55 -53.91
N ALA U 140 42.41 -65.73 -52.70
CA ALA U 140 41.94 -64.97 -51.55
C ALA U 140 42.26 -63.47 -51.69
N THR U 141 43.41 -63.17 -52.28
CA THR U 141 43.83 -61.78 -52.48
C THR U 141 43.00 -61.11 -53.56
N ALA U 142 42.62 -61.88 -54.58
CA ALA U 142 41.76 -61.38 -55.65
C ALA U 142 40.40 -60.97 -55.08
N MET U 143 39.93 -61.73 -54.09
CA MET U 143 38.69 -61.41 -53.39
C MET U 143 38.85 -60.11 -52.59
N ASP U 144 40.06 -59.87 -52.11
CA ASP U 144 40.36 -58.67 -51.32
C ASP U 144 40.37 -57.45 -52.23
N GLY U 145 41.09 -57.55 -53.34
CA GLY U 145 41.24 -56.43 -54.26
C GLY U 145 39.93 -56.09 -54.94
N LEU U 146 39.16 -57.13 -55.25
CA LEU U 146 37.89 -56.96 -55.95
C LEU U 146 36.84 -56.32 -55.06
N ALA U 147 36.90 -56.61 -53.76
CA ALA U 147 35.92 -56.11 -52.80
C ALA U 147 35.98 -54.58 -52.73
N GLU U 148 37.18 -54.03 -52.84
CA GLU U 148 37.38 -52.59 -52.76
C GLU U 148 36.81 -51.89 -54.00
N LYS U 149 36.75 -52.62 -55.12
CA LYS U 149 36.18 -52.09 -56.35
C LYS U 149 34.66 -52.05 -56.25
N LEU U 150 34.11 -53.02 -55.53
CA LEU U 150 32.67 -53.15 -55.37
C LEU U 150 32.20 -52.66 -54.00
N ARG U 151 33.13 -52.28 -53.14
CA ARG U 151 32.83 -51.88 -51.78
C ARG U 151 32.04 -52.98 -51.06
N ALA U 152 32.41 -54.23 -51.33
CA ALA U 152 31.69 -55.39 -50.79
C ALA U 152 32.41 -55.93 -49.57
N ILE U 153 32.00 -57.12 -49.13
CA ILE U 153 32.64 -57.79 -48.00
C ILE U 153 32.89 -59.25 -48.38
N ALA U 154 34.09 -59.51 -48.89
CA ALA U 154 34.46 -60.85 -49.35
C ALA U 154 34.53 -61.83 -48.20
N ILE U 155 33.66 -62.84 -48.24
CA ILE U 155 33.64 -63.90 -47.22
C ILE U 155 34.54 -65.06 -47.65
N LEU U 156 35.68 -65.18 -46.99
CA LEU U 156 36.61 -66.27 -47.25
C LEU U 156 36.21 -67.51 -46.47
N ASP U 157 36.99 -68.57 -46.61
CA ASP U 157 36.77 -69.80 -45.86
C ASP U 157 38.07 -70.57 -45.75
N GLY U 158 38.78 -70.37 -44.65
CA GLY U 158 40.08 -70.98 -44.43
C GLY U 158 40.02 -72.49 -44.31
N PRO U 159 41.17 -73.16 -44.42
CA PRO U 159 41.24 -74.62 -44.37
C PRO U 159 40.89 -75.15 -42.98
N ASN U 160 40.28 -76.34 -42.93
CA ASN U 160 39.94 -76.97 -41.66
C ASN U 160 41.21 -77.47 -40.97
N SER U 161 41.51 -78.76 -41.13
CA SER U 161 42.71 -79.35 -40.53
C SER U 161 42.76 -79.10 -39.03
N THR U 162 43.11 -77.86 -38.65
CA THR U 162 43.22 -77.47 -37.25
C THR U 162 43.13 -75.96 -37.09
N ASP U 163 43.11 -75.50 -35.85
CA ASP U 163 42.97 -74.08 -35.52
C ASP U 163 44.27 -73.33 -35.80
N GLU U 164 45.40 -74.00 -35.59
CA GLU U 164 46.72 -73.40 -35.80
C GLU U 164 46.87 -72.94 -37.25
N ALA U 165 46.32 -73.73 -38.18
CA ALA U 165 46.41 -73.43 -39.60
C ALA U 165 45.48 -72.28 -40.01
N ALA U 166 44.45 -72.06 -39.20
CA ALA U 166 43.45 -71.02 -39.48
C ALA U 166 43.98 -69.65 -39.04
N VAL U 167 44.64 -69.62 -37.89
CA VAL U 167 45.20 -68.38 -37.36
C VAL U 167 46.37 -67.91 -38.24
N ALA U 168 47.21 -68.86 -38.65
CA ALA U 168 48.37 -68.56 -39.47
C ALA U 168 47.96 -68.08 -40.86
N TYR U 169 46.71 -68.37 -41.24
CA TYR U 169 46.18 -67.98 -42.55
C TYR U 169 45.61 -66.56 -42.51
N ALA U 170 44.94 -66.23 -41.41
CA ALA U 170 44.33 -64.91 -41.23
C ALA U 170 45.40 -63.84 -41.03
N LYS U 171 46.55 -64.26 -40.47
CA LYS U 171 47.66 -63.36 -40.21
C LYS U 171 48.19 -62.71 -41.49
N ASN U 172 47.84 -63.28 -42.64
CA ASN U 172 48.28 -62.75 -43.93
C ASN U 172 47.53 -61.49 -44.35
N PHE U 173 46.21 -61.51 -44.20
CA PHE U 173 45.37 -60.38 -44.63
C PHE U 173 45.19 -59.36 -43.52
N GLY U 174 44.64 -58.20 -43.88
CA GLY U 174 44.37 -57.16 -42.91
C GLY U 174 43.48 -56.06 -43.47
N SER U 175 42.69 -56.39 -44.48
CA SER U 175 41.82 -55.41 -45.15
C SER U 175 40.45 -55.34 -44.49
N LYS U 176 39.82 -54.17 -44.56
CA LYS U 176 38.50 -53.96 -44.00
C LYS U 176 37.47 -54.95 -44.54
N ARG U 177 37.65 -55.34 -45.79
CA ARG U 177 36.65 -56.12 -46.53
C ARG U 177 37.02 -57.59 -46.63
N LEU U 178 37.16 -58.24 -45.48
CA LEU U 178 37.42 -59.68 -45.42
C LEU U 178 36.84 -60.25 -44.16
N PHE U 179 35.95 -61.22 -44.33
CA PHE U 179 35.25 -61.85 -43.21
C PHE U 179 35.35 -63.36 -43.34
N MET U 180 36.45 -63.91 -42.83
CA MET U 180 36.73 -65.33 -43.01
C MET U 180 36.05 -66.18 -41.95
N VAL U 181 35.70 -67.41 -42.33
CA VAL U 181 35.16 -68.40 -41.41
C VAL U 181 36.01 -69.66 -41.53
N ASP U 182 36.51 -70.14 -40.40
CA ASP U 182 37.46 -71.25 -40.39
C ASP U 182 36.81 -72.63 -40.43
N PRO U 183 36.03 -72.99 -39.39
CA PRO U 183 35.50 -74.36 -39.33
C PRO U 183 34.54 -74.66 -40.49
N GLY U 184 34.88 -75.65 -41.31
CA GLY U 184 34.06 -76.00 -42.46
C GLY U 184 32.87 -76.84 -42.06
N VAL U 185 31.69 -76.23 -42.08
CA VAL U 185 30.45 -76.93 -41.76
C VAL U 185 30.20 -78.04 -42.78
N GLN U 186 29.59 -79.14 -42.34
CA GLN U 186 29.29 -80.25 -43.22
C GLN U 186 27.78 -80.35 -43.44
N VAL U 187 27.39 -80.43 -44.72
CA VAL U 187 25.99 -80.51 -45.11
C VAL U 187 25.67 -81.91 -45.61
N TRP U 188 24.41 -82.28 -45.56
CA TRP U 188 23.96 -83.57 -46.06
C TRP U 188 23.67 -83.47 -47.55
N ASP U 189 24.64 -83.87 -48.38
CA ASP U 189 24.48 -83.83 -49.83
C ASP U 189 23.38 -84.80 -50.28
N SER U 190 22.57 -84.37 -51.24
CA SER U 190 21.48 -85.19 -51.75
C SER U 190 21.98 -86.28 -52.68
N ALA U 191 23.00 -85.95 -53.47
CA ALA U 191 23.54 -86.86 -54.46
C ALA U 191 24.33 -88.00 -53.81
N THR U 192 25.11 -87.65 -52.79
CA THR U 192 25.95 -88.62 -52.09
C THR U 192 25.14 -89.44 -51.09
N ASN U 193 24.02 -88.87 -50.63
CA ASN U 193 23.13 -89.51 -49.65
C ASN U 193 23.86 -89.81 -48.35
N ALA U 194 24.74 -88.90 -47.95
CA ALA U 194 25.48 -89.03 -46.69
C ALA U 194 26.13 -87.71 -46.34
N ALA U 195 26.97 -87.73 -45.30
CA ALA U 195 27.67 -86.53 -44.85
C ALA U 195 28.60 -86.02 -45.95
N ARG U 196 28.84 -84.72 -45.95
CA ARG U 196 29.66 -84.09 -46.97
C ARG U 196 30.12 -82.71 -46.52
N ASN U 197 31.43 -82.56 -46.35
CA ASN U 197 32.01 -81.30 -45.88
C ASN U 197 31.85 -80.18 -46.90
N ALA U 198 31.48 -79.00 -46.41
CA ALA U 198 31.27 -77.83 -47.26
C ALA U 198 32.23 -76.71 -46.84
N PRO U 199 32.45 -75.72 -47.73
CA PRO U 199 33.36 -74.62 -47.41
C PRO U 199 32.79 -73.62 -46.40
N ALA U 200 31.48 -73.70 -46.13
CA ALA U 200 30.83 -72.83 -45.15
C ALA U 200 30.92 -71.36 -45.54
N SER U 201 31.25 -71.11 -46.81
CA SER U 201 31.38 -69.74 -47.32
C SER U 201 30.03 -69.21 -47.75
N ALA U 202 29.33 -69.99 -48.57
CA ALA U 202 28.02 -69.62 -49.09
C ALA U 202 26.97 -69.60 -47.98
N TYR U 203 27.13 -70.49 -46.99
CA TYR U 203 26.21 -70.54 -45.86
C TYR U 203 26.30 -69.27 -45.04
N ALA U 204 27.53 -68.77 -44.86
CA ALA U 204 27.77 -67.54 -44.13
C ALA U 204 27.32 -66.33 -44.95
N ALA U 205 27.32 -66.49 -46.28
CA ALA U 205 26.90 -65.43 -47.19
C ALA U 205 25.38 -65.28 -47.18
N GLY U 206 24.69 -66.40 -47.34
CA GLY U 206 23.24 -66.41 -47.31
C GLY U 206 22.72 -65.96 -45.95
N LEU U 207 23.51 -66.26 -44.92
CA LEU U 207 23.18 -65.87 -43.56
C LEU U 207 23.09 -64.35 -43.42
N PHE U 208 24.01 -63.64 -44.07
CA PHE U 208 23.97 -62.18 -44.08
C PHE U 208 22.68 -61.69 -44.74
N ALA U 209 22.38 -62.26 -45.90
CA ALA U 209 21.22 -61.86 -46.69
C ALA U 209 19.93 -62.02 -45.90
N TRP U 210 19.93 -62.94 -44.94
CA TRP U 210 18.78 -63.18 -44.08
C TRP U 210 18.60 -62.03 -43.10
N THR U 211 19.69 -61.61 -42.48
CA THR U 211 19.67 -60.52 -41.50
C THR U 211 19.46 -59.16 -42.19
N ASP U 212 20.05 -59.01 -43.36
CA ASP U 212 19.98 -57.76 -44.10
C ASP U 212 18.55 -57.51 -44.59
N ALA U 213 17.88 -58.57 -45.03
CA ALA U 213 16.49 -58.48 -45.48
C ALA U 213 15.55 -58.35 -44.30
N GLU U 214 15.93 -58.95 -43.17
CA GLU U 214 15.11 -58.95 -41.96
C GLU U 214 15.33 -57.69 -41.14
N TYR U 215 16.41 -57.68 -40.36
CA TYR U 215 16.73 -56.55 -39.50
C TYR U 215 17.19 -55.36 -40.34
N GLY U 216 18.28 -55.58 -41.09
CA GLY U 216 18.87 -54.55 -41.94
C GLY U 216 20.35 -54.79 -42.14
N PHE U 217 20.91 -54.14 -43.15
CA PHE U 217 22.33 -54.24 -43.45
C PHE U 217 23.16 -53.79 -42.24
N TRP U 218 22.60 -52.87 -41.47
CA TRP U 218 23.28 -52.33 -40.29
C TRP U 218 23.28 -53.35 -39.16
N SER U 219 22.40 -54.34 -39.24
CA SER U 219 22.34 -55.38 -38.21
C SER U 219 23.51 -56.34 -38.36
N SER U 220 24.05 -56.78 -37.25
CA SER U 220 25.17 -57.72 -37.26
C SER U 220 24.66 -59.11 -37.63
N PRO U 221 25.42 -59.85 -38.46
CA PRO U 221 25.00 -61.20 -38.89
C PRO U 221 25.29 -62.26 -37.84
N SER U 222 26.31 -62.03 -37.02
CA SER U 222 26.74 -63.01 -36.01
C SER U 222 25.60 -63.42 -35.07
N ASN U 223 25.79 -64.56 -34.40
CA ASN U 223 24.81 -65.06 -33.44
C ASN U 223 23.45 -65.30 -34.08
N LYS U 224 23.46 -65.67 -35.35
CA LYS U 224 22.24 -66.04 -36.07
C LYS U 224 22.39 -67.46 -36.61
N GLU U 225 21.38 -68.27 -36.37
CA GLU U 225 21.43 -69.69 -36.70
C GLU U 225 21.40 -69.93 -38.20
N ILE U 226 22.24 -70.86 -38.65
CA ILE U 226 22.31 -71.21 -40.06
C ILE U 226 21.62 -72.55 -40.32
N LYS U 227 20.84 -72.61 -41.40
CA LYS U 227 20.12 -73.82 -41.76
C LYS U 227 20.88 -74.61 -42.83
N GLY U 228 20.41 -75.81 -43.13
CA GLY U 228 21.04 -76.64 -44.15
C GLY U 228 22.38 -77.17 -43.69
N VAL U 229 22.40 -77.69 -42.47
CA VAL U 229 23.63 -78.20 -41.86
C VAL U 229 23.35 -79.56 -41.21
N THR U 230 24.38 -80.19 -40.68
CA THR U 230 24.24 -81.49 -40.01
C THR U 230 25.52 -81.90 -39.30
N GLY U 231 26.23 -80.91 -38.77
CA GLY U 231 27.50 -81.15 -38.09
C GLY U 231 28.55 -80.18 -38.58
N THR U 232 29.69 -80.11 -37.90
CA THR U 232 30.75 -79.18 -38.27
C THR U 232 32.11 -79.86 -38.13
N SER U 233 32.90 -79.76 -39.18
CA SER U 233 34.27 -80.30 -39.17
C SER U 233 35.09 -79.63 -38.08
N ARG U 234 35.73 -80.45 -37.27
CA ARG U 234 36.51 -79.99 -36.12
C ARG U 234 35.60 -79.24 -35.13
N PRO U 235 35.01 -79.98 -34.18
CA PRO U 235 34.06 -79.36 -33.25
C PRO U 235 34.69 -78.28 -32.39
N VAL U 236 34.50 -77.02 -32.78
CA VAL U 236 35.01 -75.88 -32.02
C VAL U 236 34.23 -75.78 -30.71
N GLU U 237 34.95 -75.90 -29.60
CA GLU U 237 34.32 -75.92 -28.29
C GLU U 237 33.85 -74.53 -27.88
N PHE U 238 32.79 -74.48 -27.08
CA PHE U 238 32.28 -73.22 -26.56
C PHE U 238 31.58 -73.44 -25.22
N LEU U 239 32.17 -72.89 -24.16
CA LEU U 239 31.60 -73.01 -22.83
C LEU U 239 30.43 -72.06 -22.65
N ASP U 240 29.80 -72.11 -21.48
CA ASP U 240 28.65 -71.24 -21.20
C ASP U 240 29.07 -69.77 -21.17
N GLY U 241 30.22 -69.50 -20.55
CA GLY U 241 30.72 -68.14 -20.45
C GLY U 241 32.12 -68.10 -19.87
N ASP U 242 33.11 -68.27 -20.74
CA ASP U 242 34.51 -68.22 -20.33
C ASP U 242 35.41 -67.94 -21.53
N GLU U 243 36.43 -67.10 -21.31
CA GLU U 243 37.38 -66.75 -22.36
C GLU U 243 38.32 -67.91 -22.70
N THR U 244 38.25 -68.97 -21.89
CA THR U 244 39.13 -70.12 -22.06
C THR U 244 38.70 -70.98 -23.25
N CYS U 245 37.44 -70.83 -23.65
CA CYS U 245 36.90 -71.62 -24.76
C CYS U 245 37.63 -71.28 -26.06
N ARG U 246 37.70 -72.24 -26.96
CA ARG U 246 38.48 -72.09 -28.18
C ARG U 246 37.75 -71.23 -29.21
N ALA U 247 36.42 -71.18 -29.12
CA ALA U 247 35.61 -70.38 -30.04
C ALA U 247 36.00 -68.91 -29.93
N ASN U 248 36.43 -68.50 -28.74
CA ASN U 248 36.82 -67.13 -28.48
C ASN U 248 38.19 -66.80 -29.07
N LEU U 249 39.12 -67.74 -28.93
CA LEU U 249 40.51 -67.53 -29.37
C LEU U 249 40.60 -67.25 -30.87
N LEU U 250 39.72 -67.87 -31.65
CA LEU U 250 39.71 -67.64 -33.09
C LEU U 250 39.16 -66.25 -33.42
N ASN U 251 38.23 -65.77 -32.59
CA ASN U 251 37.66 -64.44 -32.78
C ASN U 251 38.70 -63.34 -32.49
N ASN U 252 39.66 -63.65 -31.63
CA ASN U 252 40.76 -62.74 -31.34
C ASN U 252 41.66 -62.58 -32.57
N ALA U 253 41.71 -63.62 -33.39
CA ALA U 253 42.47 -63.58 -34.63
C ALA U 253 41.58 -63.15 -35.79
N ASN U 254 40.44 -62.53 -35.48
CA ASN U 254 39.49 -62.06 -36.48
C ASN U 254 39.02 -63.21 -37.35
N ILE U 255 38.27 -64.14 -36.74
CA ILE U 255 37.75 -65.30 -37.46
C ILE U 255 36.36 -65.64 -36.99
N ALA U 256 35.48 -65.92 -37.96
CA ALA U 256 34.13 -66.36 -37.67
C ALA U 256 34.11 -67.88 -37.45
N THR U 257 33.22 -68.35 -36.59
CA THR U 257 33.15 -69.76 -36.26
C THR U 257 31.72 -70.22 -35.99
N ILE U 258 31.43 -71.47 -36.34
CA ILE U 258 30.13 -72.07 -36.07
C ILE U 258 30.21 -72.88 -34.80
N ILE U 259 29.45 -72.47 -33.79
CA ILE U 259 29.55 -73.05 -32.46
C ILE U 259 28.49 -74.13 -32.22
N ARG U 260 28.71 -74.89 -31.15
CA ARG U 260 27.79 -75.94 -30.70
C ARG U 260 27.61 -77.05 -31.72
N ASP U 261 26.90 -78.09 -31.32
CA ASP U 261 26.70 -79.28 -32.14
C ASP U 261 25.95 -78.94 -33.41
N ASP U 262 25.97 -79.86 -34.38
CA ASP U 262 25.25 -79.72 -35.63
C ASP U 262 25.67 -78.46 -36.40
N GLY U 263 25.27 -77.30 -35.88
CA GLY U 263 25.56 -76.04 -36.51
C GLY U 263 24.59 -75.01 -35.97
N TYR U 264 24.61 -74.85 -34.65
CA TYR U 264 23.65 -74.01 -33.94
C TYR U 264 23.65 -72.58 -34.48
N ARG U 265 24.82 -71.96 -34.51
CA ARG U 265 24.92 -70.58 -34.98
C ARG U 265 26.35 -70.16 -35.29
N LEU U 266 26.47 -69.10 -36.10
CA LEU U 266 27.76 -68.54 -36.48
C LEU U 266 27.95 -67.19 -35.80
N TRP U 267 29.19 -66.88 -35.42
CA TRP U 267 29.50 -65.55 -34.90
C TRP U 267 30.98 -65.22 -35.07
N GLY U 268 31.35 -63.98 -34.72
CA GLY U 268 32.71 -63.50 -34.88
C GLY U 268 32.70 -62.27 -35.76
N ASN U 269 32.19 -61.17 -35.21
CA ASN U 269 32.00 -59.94 -35.96
C ASN U 269 33.31 -59.34 -36.47
N ARG U 270 34.41 -59.67 -35.80
CA ARG U 270 35.72 -59.12 -36.17
C ARG U 270 36.10 -59.48 -37.59
N THR U 271 36.22 -58.45 -38.44
CA THR U 271 36.70 -58.65 -39.79
C THR U 271 38.22 -58.61 -39.78
N LEU U 272 38.85 -59.33 -40.71
CA LEU U 272 40.31 -59.39 -40.77
C LEU U 272 40.91 -58.01 -41.06
N SER U 273 40.87 -57.13 -40.06
CA SER U 273 41.35 -55.75 -40.24
C SER U 273 42.28 -55.34 -39.11
N SER U 274 43.39 -54.70 -39.47
CA SER U 274 44.36 -54.21 -38.50
C SER U 274 43.82 -52.98 -37.78
N ASP U 275 43.26 -52.04 -38.54
CA ASP U 275 42.71 -50.82 -37.96
C ASP U 275 41.50 -51.16 -37.09
N SER U 276 41.60 -50.86 -35.80
CA SER U 276 40.54 -51.18 -34.84
C SER U 276 39.28 -50.35 -35.08
N LYS U 277 39.40 -49.31 -35.90
CA LYS U 277 38.26 -48.46 -36.23
C LYS U 277 37.24 -49.24 -37.06
N TRP U 278 37.74 -50.11 -37.93
CA TRP U 278 36.90 -50.94 -38.79
C TRP U 278 36.94 -52.39 -38.32
N ALA U 279 36.90 -52.57 -37.00
CA ALA U 279 37.01 -53.90 -36.41
C ALA U 279 35.77 -54.73 -36.72
N PHE U 280 34.60 -54.12 -36.60
CA PHE U 280 33.35 -54.83 -36.87
C PHE U 280 33.06 -54.87 -38.36
N VAL U 281 32.50 -55.99 -38.81
CA VAL U 281 32.08 -56.14 -40.18
C VAL U 281 30.87 -55.24 -40.45
N THR U 282 30.16 -54.90 -39.37
CA THR U 282 28.99 -54.03 -39.46
C THR U 282 29.34 -52.66 -40.00
N ARG U 283 30.33 -52.01 -39.37
CA ARG U 283 30.74 -50.67 -39.75
C ARG U 283 31.13 -50.59 -41.23
N VAL U 284 31.89 -51.60 -41.67
CA VAL U 284 32.34 -51.66 -43.05
C VAL U 284 31.14 -51.82 -43.98
N ARG U 285 30.10 -52.47 -43.49
CA ARG U 285 28.92 -52.76 -44.29
C ARG U 285 27.97 -51.57 -44.40
N THR U 286 27.92 -50.75 -43.35
CA THR U 286 27.07 -49.57 -43.31
C THR U 286 27.73 -48.41 -44.04
N MET U 287 29.03 -48.28 -43.86
CA MET U 287 29.79 -47.17 -44.43
C MET U 287 29.89 -47.30 -45.95
N ASP U 288 30.15 -48.52 -46.41
CA ASP U 288 30.23 -48.80 -47.84
C ASP U 288 28.88 -48.61 -48.51
N LEU U 289 27.81 -48.61 -47.71
CA LEU U 289 26.46 -48.47 -48.22
C LEU U 289 26.05 -47.00 -48.36
N VAL U 290 26.21 -46.24 -47.28
CA VAL U 290 25.84 -44.82 -47.27
C VAL U 290 26.73 -44.03 -48.23
N MET U 291 27.95 -44.51 -48.43
CA MET U 291 28.86 -43.89 -49.38
C MET U 291 28.36 -44.08 -50.80
N ASP U 292 28.06 -45.33 -51.16
CA ASP U 292 27.56 -45.65 -52.49
C ASP U 292 26.18 -45.04 -52.73
N ALA U 293 25.46 -44.75 -51.65
CA ALA U 293 24.14 -44.15 -51.73
C ALA U 293 24.26 -42.66 -52.05
N ILE U 294 25.15 -41.98 -51.34
CA ILE U 294 25.38 -40.56 -51.54
C ILE U 294 26.02 -40.33 -52.92
N LEU U 295 26.89 -41.25 -53.31
CA LEU U 295 27.56 -41.18 -54.60
C LEU U 295 26.54 -41.28 -55.73
N ALA U 296 25.79 -42.39 -55.74
CA ALA U 296 24.79 -42.64 -56.78
C ALA U 296 23.53 -41.80 -56.58
N GLY U 297 23.39 -41.22 -55.41
CA GLY U 297 22.19 -40.45 -55.07
C GLY U 297 22.21 -39.05 -55.64
N HIS U 298 23.32 -38.35 -55.45
CA HIS U 298 23.46 -36.97 -55.89
C HIS U 298 24.06 -36.90 -57.29
N LYS U 299 23.61 -37.80 -58.16
CA LYS U 299 24.01 -37.80 -59.57
C LYS U 299 23.16 -36.79 -60.34
N TRP U 300 22.06 -36.38 -59.74
CA TRP U 300 21.16 -35.40 -60.34
C TRP U 300 21.76 -34.00 -60.27
N ALA U 301 22.53 -33.75 -59.21
CA ALA U 301 23.10 -32.44 -58.97
C ALA U 301 24.22 -32.18 -59.99
N VAL U 302 25.45 -32.54 -59.62
CA VAL U 302 26.62 -32.31 -60.47
C VAL U 302 26.65 -30.84 -60.88
N ASP U 303 27.09 -30.54 -62.10
CA ASP U 303 27.21 -29.15 -62.55
C ASP U 303 25.84 -28.48 -62.59
N ARG U 304 25.61 -27.59 -61.63
CA ARG U 304 24.35 -26.86 -61.53
C ARG U 304 24.57 -25.59 -60.74
N GLY U 305 23.73 -24.58 -60.96
CA GLY U 305 23.87 -23.30 -60.30
C GLY U 305 23.99 -23.42 -58.79
N ILE U 306 25.18 -23.10 -58.28
CA ILE U 306 25.47 -23.26 -56.86
C ILE U 306 24.95 -22.06 -56.06
N THR U 307 23.65 -21.82 -56.16
CA THR U 307 23.01 -20.75 -55.40
C THR U 307 22.80 -21.22 -53.96
N LYS U 308 22.56 -20.28 -53.06
CA LYS U 308 22.30 -20.59 -51.65
C LYS U 308 21.17 -21.62 -51.49
N THR U 309 20.23 -21.61 -52.43
CA THR U 309 19.14 -22.57 -52.43
C THR U 309 19.66 -23.97 -52.68
N TYR U 310 20.54 -24.09 -53.69
CA TYR U 310 21.09 -25.38 -54.08
C TYR U 310 21.85 -26.04 -52.95
N VAL U 311 22.62 -25.26 -52.20
CA VAL U 311 23.39 -25.78 -51.07
C VAL U 311 22.44 -26.32 -50.00
N LYS U 312 21.40 -25.55 -49.69
CA LYS U 312 20.40 -25.98 -48.72
C LYS U 312 19.59 -27.18 -49.23
N ASP U 313 19.33 -27.23 -50.54
CA ASP U 313 18.59 -28.34 -51.13
C ASP U 313 19.36 -29.64 -50.96
N VAL U 314 20.68 -29.55 -51.08
CA VAL U 314 21.54 -30.71 -50.91
C VAL U 314 21.76 -30.98 -49.42
N THR U 315 21.91 -29.92 -48.65
CA THR U 315 22.07 -30.04 -47.20
C THR U 315 20.83 -30.68 -46.57
N GLU U 316 19.65 -30.18 -46.95
CA GLU U 316 18.39 -30.74 -46.46
C GLU U 316 18.17 -32.15 -47.02
N GLY U 317 18.85 -32.46 -48.12
CA GLY U 317 18.77 -33.78 -48.72
C GLY U 317 19.45 -34.81 -47.85
N LEU U 318 20.52 -34.38 -47.19
CA LEU U 318 21.26 -35.24 -46.25
C LEU U 318 20.58 -35.25 -44.87
N ARG U 319 20.03 -34.10 -44.48
CA ARG U 319 19.29 -34.00 -43.23
C ARG U 319 18.17 -35.02 -43.17
N ALA U 320 17.31 -35.00 -44.20
CA ALA U 320 16.17 -35.90 -44.27
C ALA U 320 16.63 -37.34 -44.46
N PHE U 321 17.66 -37.52 -45.28
CA PHE U 321 18.17 -38.85 -45.58
C PHE U 321 18.70 -39.56 -44.33
N MET U 322 19.62 -38.91 -43.64
CA MET U 322 20.23 -39.48 -42.44
C MET U 322 19.19 -39.68 -41.33
N ARG U 323 18.20 -38.80 -41.29
CA ARG U 323 17.15 -38.91 -40.29
C ARG U 323 16.28 -40.14 -40.57
N ASP U 324 16.22 -40.56 -41.83
CA ASP U 324 15.50 -41.78 -42.18
C ASP U 324 16.29 -43.02 -41.76
N LEU U 325 17.59 -42.83 -41.53
CA LEU U 325 18.45 -43.90 -41.04
C LEU U 325 18.45 -43.94 -39.51
N LYS U 326 18.26 -42.77 -38.90
CA LYS U 326 18.29 -42.65 -37.44
C LYS U 326 17.08 -43.33 -36.82
N ASN U 327 15.89 -42.87 -37.22
CA ASN U 327 14.64 -43.44 -36.70
C ASN U 327 14.48 -44.90 -37.10
N GLN U 328 15.10 -45.28 -38.21
CA GLN U 328 15.10 -46.66 -38.67
C GLN U 328 16.02 -47.51 -37.82
N GLY U 329 17.02 -46.88 -37.22
CA GLY U 329 17.95 -47.54 -36.32
C GLY U 329 19.28 -47.89 -36.97
N ALA U 330 19.50 -47.39 -38.18
CA ALA U 330 20.74 -47.65 -38.90
C ALA U 330 21.90 -46.94 -38.22
N VAL U 331 21.63 -45.75 -37.69
CA VAL U 331 22.63 -44.94 -37.02
C VAL U 331 22.06 -44.40 -35.72
N ILE U 332 22.93 -44.13 -34.74
CA ILE U 332 22.48 -43.58 -33.47
C ILE U 332 22.17 -42.10 -33.64
N ASN U 333 23.12 -41.35 -34.17
CA ASN U 333 22.93 -39.93 -34.42
C ASN U 333 23.89 -39.46 -35.49
N PHE U 334 23.58 -38.32 -36.10
CA PHE U 334 24.36 -37.80 -37.22
C PHE U 334 24.49 -36.29 -37.16
N GLU U 335 25.19 -35.74 -38.14
CA GLU U 335 25.38 -34.30 -38.25
C GLU U 335 25.98 -33.99 -39.61
N VAL U 336 25.28 -33.17 -40.40
CA VAL U 336 25.73 -32.84 -41.74
C VAL U 336 25.65 -31.33 -41.95
N TYR U 337 26.64 -30.79 -42.65
CA TYR U 337 26.73 -29.34 -42.85
C TYR U 337 27.84 -29.00 -43.84
N ALA U 338 27.88 -27.76 -44.28
CA ALA U 338 28.91 -27.28 -45.20
C ALA U 338 30.05 -26.64 -44.40
N ASP U 339 31.26 -27.18 -44.56
CA ASP U 339 32.41 -26.68 -43.81
C ASP U 339 32.78 -25.26 -44.25
N PRO U 340 32.93 -24.33 -43.28
CA PRO U 340 33.33 -22.96 -43.64
C PRO U 340 34.72 -22.89 -44.28
N ASP U 341 35.69 -23.63 -43.76
CA ASP U 341 37.07 -23.54 -44.21
C ASP U 341 37.25 -24.15 -45.60
N LEU U 342 36.65 -25.32 -45.82
CA LEU U 342 36.77 -26.01 -47.11
C LEU U 342 36.12 -25.20 -48.22
N ASN U 343 34.86 -24.82 -48.02
CA ASN U 343 34.12 -24.04 -48.99
C ASN U 343 34.71 -22.63 -49.10
N SER U 344 35.90 -22.53 -49.66
CA SER U 344 36.58 -21.24 -49.84
C SER U 344 36.07 -20.58 -51.13
N ALA U 345 36.30 -19.28 -51.24
CA ALA U 345 35.88 -18.52 -52.42
C ALA U 345 36.51 -19.06 -53.70
N SER U 346 37.69 -19.67 -53.57
CA SER U 346 38.42 -20.21 -54.71
C SER U 346 37.97 -21.63 -55.05
N GLN U 347 37.60 -22.40 -54.03
CA GLN U 347 37.14 -23.77 -54.24
C GLN U 347 35.80 -23.80 -54.96
N LEU U 348 34.89 -22.94 -54.56
CA LEU U 348 33.58 -22.83 -55.21
C LEU U 348 33.74 -22.34 -56.65
N ALA U 349 34.82 -21.61 -56.92
CA ALA U 349 35.09 -21.08 -58.25
C ALA U 349 35.66 -22.15 -59.17
N GLN U 350 35.88 -23.35 -58.64
CA GLN U 350 36.30 -24.51 -59.43
C GLN U 350 35.20 -25.57 -59.46
N GLY U 351 34.09 -25.28 -58.79
CA GLY U 351 32.95 -26.19 -58.75
C GLY U 351 32.93 -27.01 -57.47
N LYS U 352 34.07 -27.13 -56.81
CA LYS U 352 34.15 -27.88 -55.56
C LYS U 352 33.24 -27.29 -54.49
N VAL U 353 32.46 -28.16 -53.86
CA VAL U 353 31.61 -27.78 -52.73
C VAL U 353 31.47 -28.98 -51.81
N TYR U 354 31.84 -28.80 -50.55
CA TYR U 354 31.94 -29.91 -49.60
C TYR U 354 30.81 -29.94 -48.59
N TRP U 355 30.50 -31.13 -48.09
CA TRP U 355 29.53 -31.31 -47.02
C TRP U 355 30.04 -32.34 -46.03
N ASN U 356 30.45 -31.86 -44.86
CA ASN U 356 31.03 -32.73 -43.84
C ASN U 356 29.97 -33.60 -43.16
N ILE U 357 29.86 -34.84 -43.62
CA ILE U 357 28.95 -35.81 -43.01
C ILE U 357 29.69 -36.57 -41.92
N ARG U 358 29.01 -36.80 -40.80
CA ARG U 358 29.59 -37.54 -39.69
C ARG U 358 28.50 -38.16 -38.82
N PHE U 359 28.76 -39.38 -38.35
CA PHE U 359 27.78 -40.11 -37.54
C PHE U 359 28.45 -41.30 -36.86
N THR U 360 27.65 -42.09 -36.14
CA THR U 360 28.14 -43.27 -35.45
C THR U 360 27.30 -44.49 -35.81
N ASP U 361 27.83 -45.34 -36.69
CA ASP U 361 27.16 -46.59 -37.04
C ASP U 361 27.01 -47.45 -35.78
N VAL U 362 25.89 -48.15 -35.68
CA VAL U 362 25.59 -48.94 -34.49
C VAL U 362 26.53 -50.16 -34.37
N PRO U 363 27.30 -50.25 -33.28
CA PRO U 363 28.16 -51.42 -33.07
C PRO U 363 27.42 -52.55 -32.35
N PRO U 364 27.64 -53.81 -32.75
CA PRO U 364 26.99 -54.93 -32.07
C PRO U 364 27.59 -55.20 -30.69
N ALA U 365 26.76 -55.21 -29.65
CA ALA U 365 27.21 -55.49 -28.29
C ALA U 365 27.73 -56.93 -28.19
N GLU U 366 28.94 -57.15 -28.68
CA GLU U 366 29.48 -58.51 -28.77
C GLU U 366 29.90 -59.08 -27.42
N ASN U 367 29.79 -58.27 -26.36
CA ASN U 367 30.19 -58.72 -25.03
C ASN U 367 29.54 -57.86 -23.92
N PRO U 368 28.25 -58.07 -23.66
CA PRO U 368 27.54 -57.35 -22.59
C PRO U 368 27.86 -57.95 -21.21
N ASN U 369 28.46 -57.15 -20.33
CA ASN U 369 28.81 -57.59 -18.99
C ASN U 369 27.68 -57.32 -18.00
N PHE U 370 27.77 -57.97 -16.83
CA PHE U 370 26.76 -57.81 -15.79
C PHE U 370 27.43 -57.82 -14.42
N ARG U 371 27.94 -56.66 -14.02
CA ARG U 371 28.62 -56.52 -12.73
C ARG U 371 27.67 -56.70 -11.57
N VAL U 372 27.23 -57.94 -11.34
CA VAL U 372 26.34 -58.23 -10.23
C VAL U 372 27.14 -58.36 -8.95
N GLU U 373 26.55 -57.91 -7.84
CA GLU U 373 27.24 -57.91 -6.56
C GLU U 373 26.26 -57.67 -5.42
N VAL U 374 26.21 -58.61 -4.47
CA VAL U 374 25.36 -58.47 -3.31
C VAL U 374 25.94 -57.44 -2.34
N THR U 375 25.20 -57.17 -1.28
CA THR U 375 25.64 -56.24 -0.25
C THR U 375 24.77 -56.39 0.99
N ASP U 376 24.83 -55.39 1.87
CA ASP U 376 24.05 -55.40 3.10
C ASP U 376 23.40 -54.03 3.28
N GLN U 377 23.02 -53.42 2.17
CA GLN U 377 22.44 -52.08 2.18
C GLN U 377 20.97 -52.11 2.58
N TRP U 378 20.15 -52.75 1.75
CA TRP U 378 18.71 -52.83 2.01
C TRP U 378 18.38 -53.95 2.99
N LEU U 379 18.89 -53.85 4.22
CA LEU U 379 18.56 -54.79 5.28
C LEU U 379 17.72 -54.10 6.35
N THR U 380 18.02 -52.83 6.60
CA THR U 380 17.27 -52.04 7.57
C THR U 380 15.85 -51.78 7.07
N GLU U 381 15.63 -52.03 5.78
CA GLU U 381 14.30 -51.90 5.20
C GLU U 381 13.36 -52.93 5.82
N VAL U 382 13.92 -54.07 6.19
CA VAL U 382 13.17 -55.12 6.87
C VAL U 382 12.95 -54.72 8.33
N LEU U 383 12.05 -53.77 8.55
CA LEU U 383 11.81 -53.25 9.88
C LEU U 383 10.56 -52.38 9.88
N ASP U 384 10.50 -51.44 8.95
CA ASP U 384 9.36 -50.54 8.84
C ASP U 384 9.28 -49.96 7.44
N SER V 2 38.93 -59.59 -30.26
CA SER V 2 37.56 -59.42 -29.78
C SER V 2 37.49 -59.56 -28.26
N PHE V 3 38.22 -60.55 -27.74
CA PHE V 3 38.29 -60.82 -26.30
C PHE V 3 36.95 -61.37 -25.80
N PHE V 4 36.98 -62.62 -25.39
CA PHE V 4 35.81 -63.33 -24.88
C PHE V 4 34.72 -63.49 -25.93
N HIS V 5 33.99 -62.42 -26.21
CA HIS V 5 32.87 -62.44 -27.14
C HIS V 5 31.79 -63.45 -26.71
N GLY V 6 30.99 -63.05 -25.73
CA GLY V 6 29.90 -63.88 -25.26
C GLY V 6 28.96 -63.11 -24.36
N VAL V 7 29.02 -63.41 -23.07
CA VAL V 7 28.21 -62.70 -22.08
C VAL V 7 28.72 -63.02 -20.68
N THR V 8 29.54 -62.12 -20.15
CA THR V 8 30.15 -62.32 -18.84
C THR V 8 29.16 -62.01 -17.72
N VAL V 9 29.59 -62.24 -16.49
CA VAL V 9 28.76 -62.00 -15.32
C VAL V 9 29.67 -62.03 -14.09
N THR V 10 30.70 -61.19 -14.11
CA THR V 10 31.68 -61.17 -13.03
C THR V 10 31.07 -60.72 -11.71
N ASN V 11 31.37 -61.47 -10.66
CA ASN V 11 30.89 -61.14 -9.32
C ASN V 11 31.87 -60.18 -8.64
N VAL V 12 31.47 -58.92 -8.52
CA VAL V 12 32.34 -57.92 -7.89
C VAL V 12 32.28 -58.09 -6.38
N ASP V 13 33.35 -58.66 -5.83
CA ASP V 13 33.42 -58.97 -4.41
C ASP V 13 33.89 -57.75 -3.61
N ILE V 14 32.99 -56.80 -3.40
CA ILE V 14 33.27 -55.61 -2.59
C ILE V 14 32.08 -55.31 -1.68
N GLY V 15 32.34 -54.52 -0.65
CA GLY V 15 31.32 -54.18 0.34
C GLY V 15 31.86 -54.35 1.73
N ALA V 16 31.23 -53.67 2.69
CA ALA V 16 31.67 -53.74 4.08
C ALA V 16 31.36 -55.11 4.69
N ARG V 17 32.41 -55.86 5.01
CA ARG V 17 32.25 -57.17 5.64
C ARG V 17 31.79 -57.01 7.08
N THR V 18 31.20 -58.08 7.61
CA THR V 18 30.73 -58.10 9.00
C THR V 18 31.87 -58.53 9.93
N ILE V 19 31.75 -58.17 11.20
CA ILE V 19 32.77 -58.49 12.19
C ILE V 19 32.11 -58.99 13.47
N ALA V 20 32.73 -59.99 14.10
CA ALA V 20 32.19 -60.61 15.31
C ALA V 20 33.13 -60.41 16.49
N LEU V 21 32.69 -60.89 17.67
CA LEU V 21 33.47 -60.79 18.89
C LEU V 21 33.88 -62.20 19.36
N PRO V 22 35.01 -62.71 18.84
CA PRO V 22 35.41 -64.10 19.12
C PRO V 22 35.83 -64.30 20.57
N ALA V 23 35.99 -65.57 20.97
CA ALA V 23 36.48 -65.94 22.29
C ALA V 23 35.57 -65.46 23.43
N SER V 24 35.40 -64.13 23.54
CA SER V 24 34.55 -63.52 24.55
C SER V 24 35.07 -63.79 25.96
N SER V 25 34.89 -65.02 26.45
CA SER V 25 35.29 -65.36 27.81
C SER V 25 35.52 -66.86 27.96
N VAL V 26 36.56 -67.37 27.30
CA VAL V 26 36.95 -68.77 27.46
C VAL V 26 37.99 -68.87 28.56
N ILE V 27 37.79 -69.80 29.48
CA ILE V 27 38.65 -69.96 30.64
C ILE V 27 39.82 -70.89 30.31
N GLY V 28 40.99 -70.53 30.83
CA GLY V 28 42.20 -71.31 30.63
C GLY V 28 42.75 -71.75 31.98
N LEU V 29 42.29 -72.90 32.45
CA LEU V 29 42.65 -73.40 33.77
C LEU V 29 43.78 -74.42 33.71
N CYS V 30 44.50 -74.57 34.82
CA CYS V 30 45.63 -75.50 34.89
C CYS V 30 45.95 -75.84 36.34
N ASP V 31 45.23 -76.82 36.89
CA ASP V 31 45.48 -77.30 38.24
C ASP V 31 46.21 -78.64 38.16
N VAL V 32 45.90 -79.56 39.07
CA VAL V 32 46.52 -80.89 39.07
C VAL V 32 45.48 -81.98 39.27
N PHE V 33 45.86 -83.22 38.96
CA PHE V 33 44.98 -84.36 39.17
C PHE V 33 45.81 -85.64 39.24
N THR V 34 45.12 -86.78 39.20
CA THR V 34 45.77 -88.08 39.31
C THR V 34 45.40 -88.94 38.10
N PRO V 35 46.28 -88.98 37.08
CA PRO V 35 45.98 -89.79 35.89
C PRO V 35 46.11 -91.29 36.19
N GLY V 36 45.21 -92.09 35.61
CA GLY V 36 45.23 -93.53 35.82
C GLY V 36 44.14 -94.23 35.04
N ALA V 37 43.06 -94.59 35.73
CA ALA V 37 41.97 -95.36 35.14
C ALA V 37 40.85 -94.45 34.63
N GLN V 38 40.05 -93.94 35.57
CA GLN V 38 38.91 -93.11 35.22
C GLN V 38 39.32 -91.81 34.54
N ALA V 39 40.57 -91.41 34.74
CA ALA V 39 41.09 -90.18 34.16
C ALA V 39 41.35 -90.36 32.66
N SER V 40 40.38 -89.95 31.84
CA SER V 40 40.49 -90.10 30.39
C SER V 40 41.52 -89.12 29.81
N ALA V 41 41.55 -87.91 30.36
CA ALA V 41 42.47 -86.88 29.90
C ALA V 41 43.91 -87.29 30.16
N LYS V 42 44.80 -87.01 29.21
CA LYS V 42 46.20 -87.39 29.34
C LYS V 42 46.88 -86.55 30.42
N PRO V 43 48.03 -86.99 30.92
CA PRO V 43 48.68 -86.34 32.07
C PRO V 43 49.17 -84.91 31.83
N ASN V 44 48.93 -84.32 30.66
CA ASN V 44 49.46 -82.99 30.39
C ASN V 44 48.78 -82.24 29.24
N VAL V 45 48.26 -82.95 28.24
CA VAL V 45 47.75 -82.27 27.05
C VAL V 45 46.51 -81.45 27.37
N PRO V 46 46.27 -80.37 26.60
CA PRO V 46 45.03 -79.59 26.79
C PRO V 46 43.79 -80.39 26.43
N VAL V 47 42.73 -80.24 27.22
CA VAL V 47 41.46 -80.91 26.95
C VAL V 47 40.33 -79.90 27.08
N LEU V 48 39.44 -79.89 26.11
CA LEU V 48 38.32 -78.96 26.12
C LEU V 48 37.18 -79.49 26.98
N LEU V 49 36.49 -78.59 27.66
CA LEU V 49 35.37 -78.93 28.52
C LEU V 49 34.14 -78.14 28.12
N THR V 50 33.01 -78.45 28.77
CA THR V 50 31.76 -77.77 28.48
C THR V 50 30.80 -77.89 29.68
N SER V 51 30.88 -79.02 30.38
CA SER V 51 30.03 -79.27 31.54
C SER V 51 30.77 -80.19 32.52
N LYS V 52 30.18 -80.37 33.69
CA LYS V 52 30.77 -81.22 34.72
C LYS V 52 30.95 -82.65 34.22
N LYS V 53 29.98 -83.13 33.44
CA LYS V 53 30.05 -84.48 32.88
C LYS V 53 31.29 -84.66 32.03
N ASP V 54 31.56 -83.70 31.15
CA ASP V 54 32.71 -83.77 30.26
C ASP V 54 34.02 -83.60 31.03
N ALA V 55 33.94 -83.01 32.22
CA ALA V 55 35.10 -82.78 33.07
C ALA V 55 35.34 -83.93 34.02
N ALA V 56 34.25 -84.53 34.50
CA ALA V 56 34.34 -85.62 35.47
C ALA V 56 35.04 -86.85 34.87
N ALA V 57 34.55 -87.29 33.72
CA ALA V 57 35.11 -88.45 33.04
C ALA V 57 36.53 -88.16 32.52
N ALA V 58 36.87 -86.88 32.42
CA ALA V 58 38.17 -86.46 31.89
C ALA V 58 39.28 -86.60 32.94
N PHE V 59 39.11 -85.89 34.05
CA PHE V 59 40.14 -85.83 35.10
C PHE V 59 39.81 -86.78 36.25
N GLY V 60 38.53 -86.84 36.60
CA GLY V 60 38.06 -87.70 37.67
C GLY V 60 37.53 -86.91 38.84
N ILE V 61 36.79 -87.59 39.72
CA ILE V 61 36.22 -86.95 40.91
C ILE V 61 37.25 -86.93 42.02
N GLY V 62 37.26 -85.85 42.80
CA GLY V 62 38.20 -85.70 43.89
C GLY V 62 39.48 -85.02 43.45
N SER V 63 39.76 -85.06 42.15
CA SER V 63 40.91 -84.39 41.59
C SER V 63 40.85 -82.89 41.90
N SER V 64 41.96 -82.34 42.37
CA SER V 64 42.03 -80.93 42.75
C SER V 64 41.61 -79.99 41.62
N ILE V 65 41.72 -80.48 40.39
CA ILE V 65 41.33 -79.71 39.22
C ILE V 65 39.82 -79.71 39.03
N TYR V 66 39.20 -80.83 39.40
CA TYR V 66 37.75 -80.97 39.26
C TYR V 66 37.01 -80.09 40.25
N LEU V 67 37.61 -79.88 41.43
CA LEU V 67 37.03 -79.00 42.43
C LEU V 67 37.05 -77.55 41.96
N ALA V 68 37.94 -77.26 41.01
CA ALA V 68 38.06 -75.93 40.43
C ALA V 68 37.08 -75.76 39.27
N CYS V 69 36.97 -76.79 38.44
CA CYS V 69 36.02 -76.77 37.31
C CYS V 69 34.59 -76.79 37.83
N GLU V 70 34.33 -77.61 38.84
CA GLU V 70 33.02 -77.70 39.44
C GLU V 70 32.63 -76.36 40.07
N ALA V 71 33.62 -75.65 40.59
CA ALA V 71 33.39 -74.33 41.18
C ALA V 71 32.96 -73.32 40.13
N ILE V 72 33.43 -73.53 38.89
CA ILE V 72 33.10 -72.65 37.78
C ILE V 72 31.72 -72.99 37.23
N TYR V 73 31.45 -74.27 37.00
CA TYR V 73 30.20 -74.72 36.41
C TYR V 73 29.03 -74.54 37.38
N ASN V 74 29.33 -74.63 38.67
CA ASN V 74 28.33 -74.39 39.70
C ASN V 74 27.86 -72.94 39.63
N ARG V 75 28.84 -72.04 39.44
CA ARG V 75 28.56 -70.62 39.28
C ARG V 75 27.83 -70.37 37.96
N ALA V 76 28.56 -70.49 36.86
CA ALA V 76 27.99 -70.27 35.53
C ALA V 76 28.75 -71.10 34.49
N GLN V 77 28.00 -71.75 33.61
CA GLN V 77 28.59 -72.63 32.60
C GLN V 77 29.45 -71.84 31.62
N ALA V 78 30.58 -72.43 31.24
CA ALA V 78 31.50 -71.77 30.32
C ALA V 78 32.49 -72.78 29.74
N VAL V 79 33.13 -72.40 28.65
CA VAL V 79 34.14 -73.23 28.01
C VAL V 79 35.44 -73.15 28.80
N ILE V 80 36.02 -74.30 29.12
CA ILE V 80 37.26 -74.37 29.88
C ILE V 80 38.26 -75.27 29.16
N VAL V 81 39.20 -74.67 28.45
CA VAL V 81 40.29 -75.42 27.82
C VAL V 81 41.30 -75.75 28.93
N ALA V 82 40.91 -76.66 29.82
CA ALA V 82 41.74 -77.04 30.95
C ALA V 82 42.94 -77.86 30.50
N VAL V 83 44.03 -77.77 31.27
CA VAL V 83 45.25 -78.51 30.98
C VAL V 83 45.40 -79.66 31.98
N GLY V 84 45.79 -79.32 33.20
CA GLY V 84 45.95 -80.31 34.26
C GLY V 84 47.26 -81.06 34.12
N VAL V 85 47.99 -81.15 35.22
CA VAL V 85 49.28 -81.84 35.24
C VAL V 85 49.38 -82.76 36.45
N GLU V 86 50.14 -83.84 36.31
CA GLU V 86 50.30 -84.81 37.38
C GLU V 86 50.94 -84.18 38.61
N THR V 87 50.49 -84.59 39.79
CA THR V 87 51.06 -84.09 41.04
C THR V 87 52.49 -84.59 41.20
N ALA V 88 53.36 -83.73 41.72
CA ALA V 88 54.76 -84.05 41.92
C ALA V 88 55.04 -84.39 43.38
N GLU V 89 56.30 -84.65 43.69
CA GLU V 89 56.72 -85.01 45.04
C GLU V 89 56.62 -83.82 45.98
N THR V 90 57.56 -82.89 45.87
CA THR V 90 57.57 -81.69 46.70
C THR V 90 56.67 -80.62 46.09
N PRO V 91 56.10 -79.74 46.94
CA PRO V 91 55.20 -78.68 46.45
C PRO V 91 55.93 -77.66 45.60
N GLU V 92 57.20 -77.44 45.88
CA GLU V 92 58.00 -76.46 45.15
C GLU V 92 58.24 -76.90 43.71
N ALA V 93 58.72 -78.13 43.56
CA ALA V 93 59.03 -78.68 42.24
C ALA V 93 57.76 -78.96 41.44
N GLN V 94 56.63 -78.99 42.13
CA GLN V 94 55.35 -79.22 41.47
C GLN V 94 54.97 -78.01 40.61
N ALA V 95 55.41 -76.84 41.03
CA ALA V 95 55.15 -75.60 40.31
C ALA V 95 55.84 -75.60 38.95
N SER V 96 56.90 -76.39 38.83
CA SER V 96 57.62 -76.50 37.56
C SER V 96 56.74 -77.14 36.50
N ALA V 97 56.07 -78.24 36.87
CA ALA V 97 55.15 -78.92 35.98
C ALA V 97 53.95 -78.04 35.67
N VAL V 98 53.58 -77.19 36.63
CA VAL V 98 52.46 -76.27 36.45
C VAL V 98 52.83 -75.22 35.41
N ILE V 99 53.99 -74.59 35.59
CA ILE V 99 54.46 -73.60 34.62
C ILE V 99 54.74 -74.32 33.30
N GLY V 100 55.55 -75.38 33.36
CA GLY V 100 55.84 -76.20 32.20
C GLY V 100 56.79 -75.52 31.24
N GLY V 101 57.92 -76.17 31.00
CA GLY V 101 58.92 -75.64 30.08
C GLY V 101 58.48 -75.86 28.64
N ILE V 102 58.82 -77.03 28.10
CA ILE V 102 58.47 -77.38 26.72
C ILE V 102 58.68 -78.86 26.43
N SER V 103 59.55 -79.50 27.20
CA SER V 103 59.81 -80.93 27.08
C SER V 103 60.54 -81.26 25.78
N ALA V 104 61.15 -82.45 25.74
CA ALA V 104 61.89 -82.89 24.56
C ALA V 104 60.96 -83.21 23.40
N ALA V 105 59.69 -83.45 23.71
CA ALA V 105 58.69 -83.78 22.70
C ALA V 105 58.42 -82.56 21.81
N GLY V 106 58.70 -81.36 22.33
CA GLY V 106 58.50 -80.13 21.59
C GLY V 106 57.16 -79.51 21.91
N GLU V 107 56.19 -80.34 22.33
CA GLU V 107 54.86 -79.86 22.66
C GLU V 107 54.86 -79.08 23.96
N ARG V 108 54.28 -77.87 23.93
CA ARG V 108 54.22 -77.01 25.09
C ARG V 108 53.53 -77.70 26.27
N THR V 109 54.26 -77.82 27.38
CA THR V 109 53.74 -78.49 28.57
C THR V 109 53.24 -77.49 29.61
N GLY V 110 52.47 -78.00 30.56
CA GLY V 110 52.02 -77.20 31.68
C GLY V 110 51.16 -76.01 31.27
N LEU V 111 51.24 -74.95 32.06
CA LEU V 111 50.44 -73.75 31.86
C LEU V 111 50.63 -73.12 30.48
N GLN V 112 51.81 -73.32 29.90
CA GLN V 112 52.13 -72.74 28.60
C GLN V 112 51.41 -73.47 27.45
N ALA V 113 50.78 -74.60 27.79
CA ALA V 113 50.05 -75.40 26.80
C ALA V 113 48.78 -74.69 26.34
N LEU V 114 48.38 -73.65 27.07
CA LEU V 114 47.14 -72.93 26.76
C LEU V 114 47.22 -72.22 25.40
N LEU V 115 48.43 -71.95 24.93
CA LEU V 115 48.62 -71.30 23.65
C LEU V 115 48.13 -72.20 22.50
N ASP V 116 48.02 -73.50 22.78
CA ASP V 116 47.58 -74.47 21.79
C ASP V 116 46.06 -74.54 21.71
N GLY V 117 45.38 -74.03 22.73
CA GLY V 117 43.93 -74.09 22.81
C GLY V 117 43.25 -73.35 21.66
N LYS V 118 43.96 -72.39 21.08
CA LYS V 118 43.40 -71.60 19.97
C LYS V 118 43.47 -72.38 18.66
N SER V 119 44.62 -73.01 18.41
CA SER V 119 44.86 -73.73 17.16
C SER V 119 44.51 -75.22 17.30
N ARG V 120 43.52 -75.53 18.13
CA ARG V 120 43.05 -76.90 18.30
C ARG V 120 41.55 -76.95 18.58
N PHE V 121 41.06 -76.00 19.37
CA PHE V 121 39.65 -75.96 19.76
C PHE V 121 38.96 -74.67 19.31
N ASN V 122 39.70 -73.82 18.60
CA ASN V 122 39.17 -72.54 18.17
C ASN V 122 38.59 -71.72 19.33
N ALA V 123 39.14 -71.95 20.52
CA ALA V 123 38.68 -71.29 21.74
C ALA V 123 39.89 -70.77 22.50
N GLN V 124 40.36 -69.59 22.12
CA GLN V 124 41.50 -68.96 22.78
C GLN V 124 41.14 -68.66 24.24
N PRO V 125 41.83 -69.31 25.20
CA PRO V 125 41.52 -69.00 26.60
C PRO V 125 41.84 -67.55 26.95
N ARG V 126 40.82 -66.69 26.89
CA ARG V 126 41.01 -65.27 27.18
C ARG V 126 40.66 -64.98 28.64
N LEU V 127 41.04 -65.91 29.52
CA LEU V 127 40.79 -65.77 30.94
C LEU V 127 41.56 -66.85 31.69
N LEU V 128 42.82 -66.57 32.00
CA LEU V 128 43.68 -67.53 32.68
C LEU V 128 43.29 -67.68 34.15
N VAL V 129 43.74 -68.78 34.73
CA VAL V 129 43.47 -69.08 36.13
C VAL V 129 44.26 -70.32 36.53
N ALA V 130 44.80 -70.31 37.74
CA ALA V 130 45.62 -71.42 38.24
C ALA V 130 45.38 -71.60 39.75
N PRO V 131 44.25 -72.22 40.12
CA PRO V 131 43.90 -72.38 41.54
C PRO V 131 44.95 -73.16 42.34
N GLY V 132 45.30 -72.64 43.52
CA GLY V 132 46.31 -73.28 44.35
C GLY V 132 47.71 -72.80 44.00
N HIS V 133 48.05 -72.91 42.72
CA HIS V 133 49.36 -72.50 42.23
C HIS V 133 49.34 -71.07 41.69
N SER V 134 49.44 -70.10 42.60
CA SER V 134 49.50 -68.68 42.24
C SER V 134 50.12 -67.85 43.38
N ALA V 135 50.02 -68.36 44.61
CA ALA V 135 50.63 -67.69 45.76
C ALA V 135 52.15 -67.69 45.63
N GLN V 136 52.67 -68.65 44.87
CA GLN V 136 54.11 -68.71 44.61
C GLN V 136 54.52 -67.64 43.62
N GLN V 137 55.58 -66.92 43.94
CA GLN V 137 56.07 -65.82 43.11
C GLN V 137 56.44 -66.29 41.70
N ALA V 138 56.83 -67.56 41.60
CA ALA V 138 57.32 -68.11 40.34
C ALA V 138 56.22 -68.23 39.29
N VAL V 139 55.25 -69.10 39.57
CA VAL V 139 54.17 -69.40 38.63
C VAL V 139 53.34 -68.16 38.31
N ALA V 140 53.33 -67.19 39.22
CA ALA V 140 52.53 -65.98 39.04
C ALA V 140 53.01 -65.15 37.86
N THR V 141 54.32 -65.12 37.65
CA THR V 141 54.90 -64.34 36.56
C THR V 141 54.63 -65.02 35.21
N ALA V 142 54.61 -66.35 35.22
CA ALA V 142 54.28 -67.11 34.01
C ALA V 142 52.85 -66.80 33.57
N MET V 143 51.97 -66.60 34.54
CA MET V 143 50.59 -66.22 34.27
C MET V 143 50.53 -64.82 33.67
N ASP V 144 51.48 -63.97 34.08
CA ASP V 144 51.56 -62.59 33.59
C ASP V 144 52.04 -62.58 32.15
N GLY V 145 53.13 -63.30 31.87
CA GLY V 145 53.72 -63.31 30.56
C GLY V 145 52.82 -64.00 29.54
N LEU V 146 52.13 -65.05 30.00
CA LEU V 146 51.26 -65.84 29.14
C LEU V 146 50.00 -65.06 28.76
N ALA V 147 49.53 -64.22 29.67
CA ALA V 147 48.30 -63.44 29.45
C ALA V 147 48.47 -62.48 28.27
N GLU V 148 49.67 -61.93 28.12
CA GLU V 148 49.95 -60.99 27.05
C GLU V 148 49.98 -61.69 25.69
N LYS V 149 50.29 -62.98 25.70
CA LYS V 149 50.30 -63.78 24.48
C LYS V 149 48.87 -64.08 24.05
N LEU V 150 47.99 -64.24 25.03
CA LEU V 150 46.60 -64.58 24.78
C LEU V 150 45.68 -63.38 24.95
N ARG V 151 46.25 -62.24 25.36
CA ARG V 151 45.46 -61.04 25.63
C ARG V 151 44.35 -61.34 26.64
N ALA V 152 44.69 -62.17 27.63
CA ALA V 152 43.72 -62.62 28.63
C ALA V 152 43.86 -61.80 29.91
N ILE V 153 43.19 -62.26 30.97
CA ILE V 153 43.28 -61.61 32.27
C ILE V 153 43.52 -62.68 33.34
N ALA V 154 44.79 -62.90 33.65
CA ALA V 154 45.18 -63.92 34.60
C ALA V 154 44.71 -63.60 36.01
N ILE V 155 43.83 -64.44 36.55
CA ILE V 155 43.33 -64.27 37.91
C ILE V 155 44.21 -65.03 38.90
N LEU V 156 44.99 -64.29 39.67
CA LEU V 156 45.84 -64.87 40.69
C LEU V 156 45.05 -65.10 41.98
N ASP V 157 45.73 -65.61 42.99
CA ASP V 157 45.12 -65.81 44.31
C ASP V 157 46.20 -65.81 45.38
N GLY V 158 46.44 -64.65 45.98
CA GLY V 158 47.49 -64.49 46.97
C GLY V 158 47.25 -65.29 48.23
N PRO V 159 48.29 -65.46 49.06
CA PRO V 159 48.18 -66.24 50.30
C PRO V 159 47.28 -65.57 51.32
N ASN V 160 46.59 -66.38 52.13
CA ASN V 160 45.74 -65.87 53.18
C ASN V 160 46.59 -65.28 54.32
N SER V 161 46.81 -66.07 55.37
CA SER V 161 47.61 -65.63 56.51
C SER V 161 47.10 -64.31 57.07
N THR V 162 47.38 -63.21 56.37
CA THR V 162 46.97 -61.88 56.80
C THR V 162 46.96 -60.91 55.63
N ASP V 163 46.51 -59.68 55.89
CA ASP V 163 46.39 -58.66 54.85
C ASP V 163 47.75 -58.08 54.48
N GLU V 164 48.64 -58.02 55.47
CA GLU V 164 49.98 -57.47 55.27
C GLU V 164 50.73 -58.27 54.21
N ALA V 165 50.51 -59.59 54.20
CA ALA V 165 51.18 -60.49 53.27
C ALA V 165 50.59 -60.38 51.87
N ALA V 166 49.34 -59.92 51.79
CA ALA V 166 48.64 -59.79 50.51
C ALA V 166 49.07 -58.53 49.77
N VAL V 167 49.24 -57.44 50.52
CA VAL V 167 49.67 -56.17 49.96
C VAL V 167 51.12 -56.25 49.48
N ALA V 168 51.96 -56.90 50.29
CA ALA V 168 53.38 -57.03 49.97
C ALA V 168 53.58 -57.94 48.75
N TYR V 169 52.56 -58.73 48.43
CA TYR V 169 52.62 -59.66 47.30
C TYR V 169 52.21 -58.95 46.00
N ALA V 170 51.20 -58.10 46.08
CA ALA V 170 50.70 -57.37 44.93
C ALA V 170 51.70 -56.30 44.49
N LYS V 171 52.50 -55.82 45.44
CA LYS V 171 53.49 -54.79 45.16
C LYS V 171 54.54 -55.25 44.15
N ASN V 172 54.61 -56.56 43.93
CA ASN V 172 55.56 -57.13 42.98
C ASN V 172 55.15 -56.93 41.53
N PHE V 173 53.89 -57.18 41.22
CA PHE V 173 53.39 -57.09 39.85
C PHE V 173 52.89 -55.69 39.53
N GLY V 174 52.62 -55.44 38.25
CA GLY V 174 52.10 -54.16 37.81
C GLY V 174 51.60 -54.19 36.38
N SER V 175 51.23 -55.39 35.90
CA SER V 175 50.80 -55.55 34.52
C SER V 175 49.28 -55.38 34.39
N LYS V 176 48.84 -54.93 33.21
CA LYS V 176 47.43 -54.73 32.93
C LYS V 176 46.62 -56.00 33.14
N ARG V 177 47.24 -57.14 32.89
CA ARG V 177 46.53 -58.42 32.85
C ARG V 177 46.77 -59.26 34.10
N LEU V 178 46.40 -58.70 35.25
CA LEU V 178 46.48 -59.43 36.52
C LEU V 178 45.40 -58.95 37.46
N PHE V 179 44.56 -59.88 37.89
CA PHE V 179 43.43 -59.57 38.76
C PHE V 179 43.43 -60.52 39.94
N MET V 180 44.19 -60.15 40.97
CA MET V 180 44.38 -61.03 42.12
C MET V 180 43.27 -60.88 43.15
N VAL V 181 43.00 -61.99 43.84
CA VAL V 181 42.05 -61.99 44.95
C VAL V 181 42.74 -62.59 46.16
N ASP V 182 42.72 -61.86 47.27
CA ASP V 182 43.49 -62.24 48.45
C ASP V 182 42.78 -63.24 49.36
N PRO V 183 41.63 -62.87 49.94
CA PRO V 183 41.00 -63.76 50.93
C PRO V 183 40.54 -65.07 50.31
N GLY V 184 41.08 -66.19 50.79
CA GLY V 184 40.75 -67.50 50.24
C GLY V 184 39.42 -68.00 50.78
N VAL V 185 38.40 -67.98 49.93
CA VAL V 185 37.08 -68.47 50.29
C VAL V 185 37.14 -69.97 50.59
N GLN V 186 36.31 -70.42 51.53
CA GLN V 186 36.27 -71.84 51.90
C GLN V 186 34.98 -72.47 51.42
N VAL V 187 35.10 -73.59 50.71
CA VAL V 187 33.97 -74.32 50.17
C VAL V 187 33.75 -75.61 50.96
N TRP V 188 32.52 -76.12 50.91
CA TRP V 188 32.19 -77.37 51.57
C TRP V 188 32.52 -78.55 50.64
N ASP V 189 33.70 -79.15 50.85
CA ASP V 189 34.12 -80.29 50.03
C ASP V 189 33.21 -81.49 50.26
N SER V 190 32.87 -82.19 49.19
CA SER V 190 31.99 -83.35 49.26
C SER V 190 32.72 -84.57 49.83
N ALA V 191 33.99 -84.72 49.46
CA ALA V 191 34.79 -85.87 49.86
C ALA V 191 35.15 -85.80 51.35
N THR V 192 35.50 -84.61 51.81
CA THR V 192 35.91 -84.41 53.21
C THR V 192 34.69 -84.32 54.13
N ASN V 193 33.55 -83.94 53.56
CA ASN V 193 32.30 -83.80 54.30
C ASN V 193 32.44 -82.79 55.43
N ALA V 194 33.16 -81.70 55.16
CA ALA V 194 33.34 -80.62 56.12
C ALA V 194 33.92 -79.40 55.42
N ALA V 195 34.27 -78.39 56.22
CA ALA V 195 34.85 -77.17 55.68
C ALA V 195 36.17 -77.46 54.98
N ARG V 196 36.53 -76.63 54.00
CA ARG V 196 37.73 -76.84 53.22
C ARG V 196 38.11 -75.57 52.47
N ASN V 197 39.26 -75.00 52.82
CA ASN V 197 39.72 -73.76 52.21
C ASN V 197 40.06 -73.93 50.74
N ALA V 198 39.64 -72.97 49.92
CA ALA V 198 39.89 -73.00 48.48
C ALA V 198 40.71 -71.78 48.07
N PRO V 199 41.35 -71.82 46.88
CA PRO V 199 42.16 -70.70 46.41
C PRO V 199 41.33 -69.49 45.95
N ALA V 200 40.03 -69.68 45.77
CA ALA V 200 39.13 -68.60 45.37
C ALA V 200 39.49 -68.03 44.00
N SER V 201 40.30 -68.77 43.25
CA SER V 201 40.75 -68.34 41.93
C SER V 201 39.73 -68.73 40.87
N ALA V 202 39.35 -70.00 40.89
CA ALA V 202 38.38 -70.54 39.94
C ALA V 202 36.99 -69.95 40.17
N TYR V 203 36.67 -69.66 41.43
CA TYR V 203 35.38 -69.07 41.78
C TYR V 203 35.26 -67.68 41.20
N ALA V 204 36.36 -66.93 41.24
CA ALA V 204 36.40 -65.58 40.68
C ALA V 204 36.43 -65.64 39.16
N ALA V 205 36.92 -66.76 38.62
CA ALA V 205 37.00 -66.95 37.17
C ALA V 205 35.62 -67.27 36.61
N GLY V 206 34.93 -68.23 37.23
CA GLY V 206 33.59 -68.61 36.82
C GLY V 206 32.63 -67.44 37.00
N LEU V 207 32.93 -66.61 37.98
CA LEU V 207 32.13 -65.42 38.26
C LEU V 207 32.14 -64.45 37.08
N PHE V 208 33.30 -64.31 36.44
CA PHE V 208 33.40 -63.47 35.24
C PHE V 208 32.52 -64.04 34.13
N ALA V 209 32.64 -65.35 33.92
CA ALA V 209 31.92 -66.04 32.85
C ALA V 209 30.41 -65.87 33.00
N TRP V 210 29.97 -65.66 34.23
CA TRP V 210 28.55 -65.45 34.52
C TRP V 210 28.11 -64.08 34.02
N THR V 211 28.91 -63.06 34.31
CA THR V 211 28.61 -61.68 33.92
C THR V 211 28.81 -61.48 32.43
N ASP V 212 29.83 -62.13 31.88
CA ASP V 212 30.15 -62.01 30.46
C ASP V 212 29.06 -62.62 29.59
N ALA V 213 28.51 -63.74 30.04
CA ALA V 213 27.44 -64.42 29.32
C ALA V 213 26.12 -63.68 29.53
N GLU V 214 25.98 -63.06 30.70
CA GLU V 214 24.75 -62.36 31.07
C GLU V 214 24.75 -60.93 30.53
N TYR V 215 25.43 -60.03 31.24
CA TYR V 215 25.49 -58.63 30.85
C TYR V 215 26.36 -58.47 29.60
N GLY V 216 27.62 -58.88 29.72
CA GLY V 216 28.59 -58.78 28.64
C GLY V 216 30.00 -58.68 29.17
N PHE V 217 30.97 -58.92 28.29
CA PHE V 217 32.38 -58.83 28.65
C PHE V 217 32.71 -57.42 29.13
N TRP V 218 31.98 -56.44 28.61
CA TRP V 218 32.19 -55.04 28.97
C TRP V 218 31.66 -54.75 30.37
N SER V 219 30.79 -55.64 30.88
CA SER V 219 30.23 -55.46 32.22
C SER V 219 31.28 -55.82 33.26
N SER V 220 31.31 -55.05 34.35
CA SER V 220 32.25 -55.31 35.44
C SER V 220 31.80 -56.54 36.23
N PRO V 221 32.75 -57.40 36.62
CA PRO V 221 32.41 -58.62 37.38
C PRO V 221 32.16 -58.35 38.85
N SER V 222 32.79 -57.32 39.40
CA SER V 222 32.71 -57.00 40.81
C SER V 222 31.28 -56.82 41.29
N ASN V 223 31.08 -56.91 42.60
CA ASN V 223 29.77 -56.71 43.20
C ASN V 223 28.74 -57.72 42.68
N LYS V 224 29.21 -58.91 42.34
CA LYS V 224 28.34 -60.00 41.91
C LYS V 224 28.56 -61.20 42.83
N GLU V 225 27.46 -61.76 43.31
CA GLU V 225 27.50 -62.82 44.31
C GLU V 225 28.05 -64.11 43.74
N ILE V 226 28.90 -64.78 44.51
CA ILE V 226 29.49 -66.05 44.09
C ILE V 226 28.84 -67.21 44.85
N LYS V 227 28.52 -68.27 44.12
CA LYS V 227 27.90 -69.46 44.70
C LYS V 227 28.94 -70.53 45.03
N GLY V 228 28.51 -71.58 45.71
CA GLY V 228 29.40 -72.68 46.05
C GLY V 228 30.40 -72.27 47.11
N VAL V 229 29.90 -71.62 48.16
CA VAL V 229 30.75 -71.12 49.24
C VAL V 229 30.11 -71.48 50.59
N THR V 230 30.79 -71.16 51.68
CA THR V 230 30.29 -71.44 53.02
C THR V 230 31.15 -70.79 54.10
N GLY V 231 31.68 -69.61 53.78
CA GLY V 231 32.56 -68.89 54.69
C GLY V 231 33.80 -68.42 53.96
N THR V 232 34.58 -67.55 54.59
CA THR V 232 35.79 -67.01 53.96
C THR V 232 36.92 -66.92 54.98
N SER V 233 38.07 -67.47 54.61
CA SER V 233 39.26 -67.41 55.45
C SER V 233 39.64 -65.96 55.70
N ARG V 234 39.84 -65.63 56.99
CA ARG V 234 40.15 -64.27 57.40
C ARG V 234 39.01 -63.33 57.05
N PRO V 235 38.03 -63.17 57.96
CA PRO V 235 36.84 -62.36 57.63
C PRO V 235 37.19 -60.89 57.37
N VAL V 236 37.27 -60.52 56.10
CA VAL V 236 37.55 -59.15 55.71
C VAL V 236 36.34 -58.29 56.07
N GLU V 237 36.55 -57.31 56.94
CA GLU V 237 35.46 -56.47 57.43
C GLU V 237 35.00 -55.48 56.37
N PHE V 238 33.72 -55.13 56.42
CA PHE V 238 33.17 -54.13 55.52
C PHE V 238 31.99 -53.42 56.16
N LEU V 239 32.16 -52.14 56.43
CA LEU V 239 31.11 -51.33 57.04
C LEU V 239 30.06 -50.96 55.99
N ASP V 240 29.02 -50.24 56.43
CA ASP V 240 27.94 -49.84 55.54
C ASP V 240 28.44 -48.86 54.49
N GLY V 241 29.28 -47.92 54.92
CA GLY V 241 29.83 -46.91 54.03
C GLY V 241 30.89 -46.07 54.70
N ASP V 242 32.12 -46.57 54.69
CA ASP V 242 33.24 -45.85 55.27
C ASP V 242 34.56 -46.36 54.70
N GLU V 243 35.48 -45.44 54.45
CA GLU V 243 36.80 -45.79 53.90
C GLU V 243 37.68 -46.46 54.95
N THR V 244 37.22 -46.46 56.20
CA THR V 244 37.97 -47.03 57.30
C THR V 244 37.96 -48.55 57.28
N CYS V 245 36.98 -49.12 56.58
CA CYS V 245 36.85 -50.58 56.49
C CYS V 245 38.05 -51.17 55.78
N ARG V 246 38.37 -52.41 56.13
CA ARG V 246 39.58 -53.05 55.61
C ARG V 246 39.40 -53.56 54.18
N ALA V 247 38.15 -53.81 53.79
CA ALA V 247 37.84 -54.27 52.45
C ALA V 247 38.30 -53.24 51.42
N ASN V 248 38.25 -51.97 51.82
CA ASN V 248 38.64 -50.87 50.95
C ASN V 248 40.16 -50.75 50.79
N LEU V 249 40.87 -50.95 51.89
CA LEU V 249 42.32 -50.80 51.91
C LEU V 249 43.02 -51.75 50.96
N LEU V 250 42.47 -52.95 50.80
CA LEU V 250 43.04 -53.93 49.89
C LEU V 250 42.79 -53.52 48.43
N ASN V 251 41.66 -52.86 48.19
CA ASN V 251 41.33 -52.38 46.84
C ASN V 251 42.27 -51.26 46.41
N ASN V 252 42.79 -50.52 47.39
CA ASN V 252 43.77 -49.46 47.12
C ASN V 252 45.08 -50.07 46.63
N ALA V 253 45.35 -51.29 47.07
CA ALA V 253 46.54 -52.03 46.64
C ALA V 253 46.22 -52.90 45.44
N ASN V 254 45.10 -52.61 44.76
CA ASN V 254 44.68 -53.36 43.59
C ASN V 254 44.47 -54.84 43.94
N ILE V 255 43.47 -55.10 44.78
CA ILE V 255 43.17 -56.47 45.20
C ILE V 255 41.67 -56.69 45.30
N ALA V 256 41.22 -57.83 44.78
CA ALA V 256 39.82 -58.22 44.88
C ALA V 256 39.59 -58.94 46.21
N THR V 257 38.38 -58.77 46.77
CA THR V 257 38.07 -59.37 48.06
C THR V 257 36.61 -59.81 48.14
N ILE V 258 36.37 -60.87 48.91
CA ILE V 258 35.01 -61.38 49.14
C ILE V 258 34.51 -60.84 50.47
N ILE V 259 33.46 -60.02 50.40
CA ILE V 259 32.98 -59.32 51.58
C ILE V 259 31.82 -60.04 52.26
N ARG V 260 31.54 -59.60 53.49
CA ARG V 260 30.42 -60.10 54.29
C ARG V 260 30.56 -61.59 54.61
N ASP V 261 29.65 -62.08 55.45
CA ASP V 261 29.67 -63.45 55.94
C ASP V 261 29.51 -64.43 54.80
N ASP V 262 29.83 -65.70 55.08
CA ASP V 262 29.66 -66.77 54.10
C ASP V 262 30.46 -66.53 52.82
N GLY V 263 30.01 -65.56 52.03
CA GLY V 263 30.64 -65.23 50.76
C GLY V 263 29.63 -64.49 49.92
N TYR V 264 29.15 -63.38 50.47
CA TYR V 264 28.06 -62.60 49.85
C TYR V 264 28.41 -62.19 48.43
N ARG V 265 29.55 -61.54 48.26
CA ARG V 265 29.96 -61.08 46.93
C ARG V 265 31.43 -60.68 46.85
N LEU V 266 31.95 -60.66 45.63
CA LEU V 266 33.33 -60.27 45.36
C LEU V 266 33.36 -58.92 44.66
N TRP V 267 34.38 -58.11 44.97
CA TRP V 267 34.59 -56.86 44.25
C TRP V 267 36.04 -56.40 44.35
N GLY V 268 36.36 -55.32 43.63
CA GLY V 268 37.71 -54.79 43.56
C GLY V 268 38.15 -54.76 42.11
N ASN V 269 37.57 -53.83 41.35
CA ASN V 269 37.81 -53.76 39.91
C ASN V 269 39.25 -53.45 39.55
N ARG V 270 39.96 -52.83 40.49
CA ARG V 270 41.36 -52.44 40.25
C ARG V 270 42.23 -53.65 39.93
N THR V 271 42.76 -53.67 38.71
CA THR V 271 43.72 -54.70 38.32
C THR V 271 45.12 -54.24 38.75
N LEU V 272 45.98 -55.21 39.05
CA LEU V 272 47.33 -54.90 39.51
C LEU V 272 48.13 -54.17 38.42
N SER V 273 47.79 -52.90 38.19
CA SER V 273 48.41 -52.11 37.13
C SER V 273 48.86 -50.75 37.65
N SER V 274 50.08 -50.36 37.27
CA SER V 274 50.63 -49.07 37.64
C SER V 274 49.97 -47.94 36.85
N ASP V 275 49.85 -48.14 35.54
CA ASP V 275 49.23 -47.13 34.69
C ASP V 275 47.74 -46.99 35.05
N SER V 276 47.37 -45.79 35.48
CA SER V 276 45.99 -45.53 35.91
C SER V 276 45.01 -45.57 34.75
N LYS V 277 45.53 -45.56 33.53
CA LYS V 277 44.69 -45.63 32.34
C LYS V 277 44.00 -46.99 32.24
N TRP V 278 44.72 -48.04 32.65
CA TRP V 278 44.22 -49.40 32.65
C TRP V 278 43.93 -49.87 34.07
N ALA V 279 43.37 -48.97 34.86
CA ALA V 279 43.11 -49.26 36.27
C ALA V 279 42.03 -50.30 36.43
N PHE V 280 40.96 -50.17 35.65
CA PHE V 280 39.86 -51.13 35.72
C PHE V 280 40.18 -52.38 34.91
N VAL V 281 39.72 -53.52 35.43
CA VAL V 281 39.86 -54.78 34.73
C VAL V 281 38.94 -54.80 33.51
N THR V 282 37.91 -53.96 33.57
CA THR V 282 36.94 -53.83 32.47
C THR V 282 37.61 -53.36 31.18
N ARG V 283 38.33 -52.25 31.27
CA ARG V 283 38.98 -51.65 30.12
C ARG V 283 39.92 -52.64 29.43
N VAL V 284 40.70 -53.35 30.24
CA VAL V 284 41.64 -54.34 29.72
C VAL V 284 40.88 -55.46 29.02
N ARG V 285 39.67 -55.74 29.49
CA ARG V 285 38.88 -56.85 28.97
C ARG V 285 38.16 -56.49 27.66
N THR V 286 37.78 -55.22 27.53
CA THR V 286 37.10 -54.74 26.33
C THR V 286 38.08 -54.45 25.22
N MET V 287 39.23 -53.88 25.60
CA MET V 287 40.25 -53.48 24.64
C MET V 287 40.91 -54.69 24.00
N ASP V 288 41.22 -55.68 24.83
CA ASP V 288 41.83 -56.92 24.36
C ASP V 288 40.86 -57.71 23.47
N LEU V 289 39.58 -57.36 23.55
CA LEU V 289 38.55 -58.05 22.77
C LEU V 289 38.36 -57.41 21.40
N VAL V 290 38.16 -56.10 21.37
CA VAL V 290 37.96 -55.37 20.12
C VAL V 290 39.20 -55.41 19.26
N MET V 291 40.37 -55.52 19.90
CA MET V 291 41.63 -55.63 19.19
C MET V 291 41.70 -56.98 18.47
N ASP V 292 41.46 -58.05 19.22
CA ASP V 292 41.48 -59.40 18.66
C ASP V 292 40.37 -59.61 17.64
N ALA V 293 39.32 -58.80 17.75
CA ALA V 293 38.19 -58.87 16.81
C ALA V 293 38.56 -58.23 15.48
N ILE V 294 39.17 -57.04 15.55
CA ILE V 294 39.59 -56.31 14.36
C ILE V 294 40.73 -57.06 13.68
N LEU V 295 41.59 -57.66 14.49
CA LEU V 295 42.72 -58.44 13.98
C LEU V 295 42.21 -59.64 13.18
N ALA V 296 41.42 -60.48 13.85
CA ALA V 296 40.90 -61.71 13.24
C ALA V 296 39.74 -61.41 12.28
N GLY V 297 39.19 -60.20 12.37
CA GLY V 297 38.04 -59.83 11.57
C GLY V 297 38.41 -59.45 10.14
N HIS V 298 39.42 -58.60 10.00
CA HIS V 298 39.84 -58.10 8.70
C HIS V 298 40.96 -58.97 8.11
N LYS V 299 40.80 -60.29 8.27
CA LYS V 299 41.71 -61.26 7.67
C LYS V 299 41.33 -61.50 6.21
N TRP V 300 40.12 -61.08 5.85
CA TRP V 300 39.62 -61.23 4.49
C TRP V 300 40.27 -60.21 3.57
N ALA V 301 40.59 -59.04 4.14
CA ALA V 301 41.15 -57.94 3.37
C ALA V 301 42.58 -58.28 2.97
N VAL V 302 43.53 -57.87 3.80
CA VAL V 302 44.96 -58.07 3.54
C VAL V 302 45.29 -57.51 2.14
N ASP V 303 46.18 -58.17 1.41
CA ASP V 303 46.60 -57.68 0.10
C ASP V 303 45.43 -57.70 -0.87
N ARG V 304 44.92 -56.51 -1.17
CA ARG V 304 43.79 -56.35 -2.09
C ARG V 304 43.81 -54.93 -2.65
N GLY V 305 43.21 -54.75 -3.81
CA GLY V 305 43.20 -53.46 -4.49
C GLY V 305 42.71 -52.35 -3.59
N ILE V 306 43.62 -51.44 -3.23
CA ILE V 306 43.33 -50.37 -2.29
C ILE V 306 42.66 -49.22 -3.05
N THR V 307 41.52 -49.50 -3.66
CA THR V 307 40.73 -48.46 -4.33
C THR V 307 39.94 -47.67 -3.29
N LYS V 308 39.45 -46.50 -3.67
CA LYS V 308 38.64 -45.67 -2.78
C LYS V 308 37.45 -46.44 -2.20
N THR V 309 36.96 -47.41 -2.96
CA THR V 309 35.86 -48.26 -2.50
C THR V 309 36.32 -49.13 -1.34
N TYR V 310 37.50 -49.73 -1.49
CA TYR V 310 38.04 -50.63 -0.48
C TYR V 310 38.23 -49.94 0.86
N VAL V 311 38.72 -48.70 0.82
CA VAL V 311 38.94 -47.93 2.04
C VAL V 311 37.60 -47.68 2.74
N LYS V 312 36.59 -47.27 1.97
CA LYS V 312 35.26 -47.04 2.51
C LYS V 312 34.61 -48.34 2.98
N ASP V 313 34.88 -49.45 2.28
CA ASP V 313 34.33 -50.75 2.67
C ASP V 313 34.84 -51.16 4.04
N VAL V 314 36.11 -50.86 4.30
CA VAL V 314 36.73 -51.17 5.58
C VAL V 314 36.31 -50.11 6.61
N THR V 315 36.25 -48.86 6.18
CA THR V 315 35.82 -47.77 7.06
C THR V 315 34.38 -47.99 7.54
N GLU V 316 33.50 -48.32 6.59
CA GLU V 316 32.10 -48.60 6.92
C GLU V 316 31.99 -49.91 7.70
N GLY V 317 33.01 -50.75 7.60
CA GLY V 317 33.05 -51.99 8.34
C GLY V 317 33.24 -51.74 9.82
N LEU V 318 34.00 -50.69 10.13
CA LEU V 318 34.23 -50.27 11.51
C LEU V 318 33.08 -49.40 12.02
N ARG V 319 32.52 -48.59 11.12
CA ARG V 319 31.36 -47.76 11.46
C ARG V 319 30.22 -48.62 11.98
N ALA V 320 29.84 -49.61 11.20
CA ALA V 320 28.73 -50.50 11.54
C ALA V 320 29.10 -51.35 12.75
N PHE V 321 30.35 -51.81 12.78
CA PHE V 321 30.80 -52.68 13.87
C PHE V 321 30.74 -51.99 15.22
N MET V 322 31.39 -50.83 15.32
CA MET V 322 31.42 -50.06 16.57
C MET V 322 30.02 -49.62 16.99
N ARG V 323 29.17 -49.34 16.00
CA ARG V 323 27.81 -48.92 16.29
C ARG V 323 27.00 -50.07 16.87
N ASP V 324 27.40 -51.30 16.57
CA ASP V 324 26.76 -52.47 17.16
C ASP V 324 27.22 -52.66 18.62
N LEU V 325 28.34 -52.03 18.97
CA LEU V 325 28.84 -52.02 20.34
C LEU V 325 28.23 -50.87 21.14
N LYS V 326 27.93 -49.78 20.45
CA LYS V 326 27.40 -48.59 21.10
C LYS V 326 25.98 -48.82 21.60
N ASN V 327 25.09 -49.18 20.68
CA ASN V 327 23.70 -49.45 21.02
C ASN V 327 23.57 -50.65 21.96
N GLN V 328 24.55 -51.55 21.89
CA GLN V 328 24.59 -52.72 22.77
C GLN V 328 25.03 -52.30 24.17
N GLY V 329 25.76 -51.19 24.26
CA GLY V 329 26.19 -50.65 25.53
C GLY V 329 27.63 -50.99 25.87
N ALA V 330 28.35 -51.57 24.91
CA ALA V 330 29.75 -51.94 25.14
C ALA V 330 30.62 -50.70 25.24
N VAL V 331 30.27 -49.68 24.46
CA VAL V 331 31.00 -48.41 24.46
C VAL V 331 30.02 -47.25 24.50
N ILE V 332 30.46 -46.11 25.03
CA ILE V 332 29.61 -44.93 25.10
C ILE V 332 29.52 -44.29 23.72
N ASN V 333 30.67 -44.00 23.13
CA ASN V 333 30.72 -43.42 21.79
C ASN V 333 32.06 -43.72 21.15
N PHE V 334 32.12 -43.62 19.83
CA PHE V 334 33.32 -43.97 19.08
C PHE V 334 33.55 -43.01 17.94
N GLU V 335 34.62 -43.26 17.19
CA GLU V 335 34.97 -42.46 16.02
C GLU V 335 36.09 -43.17 15.26
N VAL V 336 35.83 -43.49 14.00
CA VAL V 336 36.80 -44.20 13.17
C VAL V 336 36.94 -43.52 11.82
N TYR V 337 38.16 -43.47 11.32
CA TYR V 337 38.47 -42.77 10.08
C TYR V 337 39.89 -43.04 9.64
N ALA V 338 40.22 -42.64 8.42
CA ALA V 338 41.56 -42.79 7.87
C ALA V 338 42.35 -41.50 8.09
N ASP V 339 43.47 -41.60 8.80
CA ASP V 339 44.28 -40.43 9.12
C ASP V 339 44.92 -39.85 7.86
N PRO V 340 44.78 -38.53 7.64
CA PRO V 340 45.41 -37.91 6.47
C PRO V 340 46.93 -37.98 6.49
N ASP V 341 47.54 -37.74 7.65
CA ASP V 341 49.00 -37.67 7.75
C ASP V 341 49.66 -39.04 7.60
N LEU V 342 49.09 -40.05 8.26
CA LEU V 342 49.63 -41.41 8.19
C LEU V 342 49.54 -41.97 6.78
N ASN V 343 48.34 -41.93 6.21
CA ASN V 343 48.13 -42.43 4.86
C ASN V 343 48.82 -41.54 3.83
N SER V 344 50.15 -41.59 3.83
CA SER V 344 50.94 -40.80 2.90
C SER V 344 51.05 -41.54 1.57
N ALA V 345 51.43 -40.82 0.52
CA ALA V 345 51.57 -41.39 -0.81
C ALA V 345 52.60 -42.53 -0.83
N SER V 346 53.57 -42.46 0.08
CA SER V 346 54.64 -43.45 0.15
C SER V 346 54.22 -44.66 1.00
N GLN V 347 53.41 -44.42 2.02
CA GLN V 347 52.95 -45.49 2.90
C GLN V 347 52.00 -46.43 2.16
N LEU V 348 51.09 -45.87 1.39
CA LEU V 348 50.16 -46.66 0.58
C LEU V 348 50.91 -47.45 -0.49
N ALA V 349 52.07 -46.93 -0.90
CA ALA V 349 52.89 -47.58 -1.93
C ALA V 349 53.67 -48.76 -1.36
N GLN V 350 53.54 -48.98 -0.05
CA GLN V 350 54.13 -50.14 0.61
C GLN V 350 53.04 -51.08 1.13
N GLY V 351 51.79 -50.71 0.91
CA GLY V 351 50.65 -51.51 1.32
C GLY V 351 50.05 -51.00 2.63
N LYS V 352 50.83 -50.25 3.40
CA LYS V 352 50.35 -49.70 4.66
C LYS V 352 49.15 -48.78 4.46
N VAL V 353 48.11 -49.02 5.24
CA VAL V 353 46.93 -48.15 5.26
C VAL V 353 46.35 -48.18 6.66
N TYR V 354 46.19 -47.00 7.26
CA TYR V 354 45.83 -46.89 8.67
C TYR V 354 44.38 -46.44 8.86
N TRP V 355 43.79 -46.82 9.99
CA TRP V 355 42.47 -46.36 10.38
C TRP V 355 42.46 -46.05 11.88
N ASN V 356 42.41 -44.77 12.20
CA ASN V 356 42.47 -44.33 13.60
C ASN V 356 41.16 -44.59 14.34
N ILE V 357 41.12 -45.70 15.06
CA ILE V 357 39.96 -46.02 15.90
C ILE V 357 40.15 -45.43 17.28
N ARG V 358 39.06 -44.89 17.83
CA ARG V 358 39.10 -44.30 19.17
C ARG V 358 37.70 -44.29 19.78
N PHE V 359 37.64 -44.57 21.08
CA PHE V 359 36.38 -44.62 21.80
C PHE V 359 36.61 -44.62 23.30
N THR V 360 35.52 -44.74 24.07
CA THR V 360 35.60 -44.75 25.53
C THR V 360 34.85 -45.96 26.08
N ASP V 361 35.60 -46.98 26.49
CA ASP V 361 35.01 -48.16 27.12
C ASP V 361 34.30 -47.73 28.41
N VAL V 362 33.17 -48.36 28.70
CA VAL V 362 32.36 -47.99 29.86
C VAL V 362 33.06 -48.35 31.17
N PRO V 363 33.33 -47.35 32.03
CA PRO V 363 33.93 -47.63 33.35
C PRO V 363 32.87 -47.94 34.41
N PRO V 364 33.11 -48.92 35.29
CA PRO V 364 32.14 -49.21 36.34
C PRO V 364 32.14 -48.15 37.44
N ALA V 365 30.97 -47.58 37.72
CA ALA V 365 30.83 -46.57 38.77
C ALA V 365 31.13 -47.18 40.13
N GLU V 366 32.42 -47.37 40.44
CA GLU V 366 32.82 -48.07 41.65
C GLU V 366 32.62 -47.25 42.91
N ASN V 367 32.19 -46.00 42.76
CA ASN V 367 31.99 -45.12 43.92
C ASN V 367 31.05 -43.96 43.59
N PRO V 368 29.73 -44.23 43.51
CA PRO V 368 28.74 -43.17 43.27
C PRO V 368 28.42 -42.37 44.53
N ASN V 369 28.72 -41.07 44.50
CA ASN V 369 28.48 -40.20 45.64
C ASN V 369 27.08 -39.58 45.60
N PHE V 370 26.65 -39.03 46.74
CA PHE V 370 25.33 -38.41 46.84
C PHE V 370 25.41 -37.18 47.74
N ARG V 371 25.82 -36.06 47.15
CA ARG V 371 25.96 -34.82 47.89
C ARG V 371 24.62 -34.28 48.34
N VAL V 372 24.01 -34.93 49.34
CA VAL V 372 22.73 -34.50 49.87
C VAL V 372 22.96 -33.35 50.85
N GLU V 373 22.03 -32.40 50.88
CA GLU V 373 22.16 -31.23 51.73
C GLU V 373 20.84 -30.49 51.83
N VAL V 374 20.34 -30.32 53.05
CA VAL V 374 19.13 -29.57 53.27
C VAL V 374 19.38 -28.07 53.10
N THR V 375 18.30 -27.29 53.18
CA THR V 375 18.40 -25.85 53.08
C THR V 375 17.09 -25.22 53.58
N ASP V 376 16.91 -23.94 53.24
CA ASP V 376 15.71 -23.20 53.62
C ASP V 376 15.16 -22.46 52.43
N GLN V 377 15.30 -23.06 51.25
CA GLN V 377 14.89 -22.43 50.00
C GLN V 377 13.39 -22.53 49.79
N TRP V 378 12.89 -23.76 49.66
CA TRP V 378 11.46 -24.00 49.43
C TRP V 378 10.68 -23.99 50.73
N LEU V 379 10.68 -22.85 51.41
CA LEU V 379 9.88 -22.67 52.62
C LEU V 379 8.76 -21.67 52.36
N THR V 380 9.05 -20.65 51.55
CA THR V 380 8.06 -19.66 51.16
C THR V 380 6.98 -20.27 50.28
N GLU V 381 7.24 -21.47 49.76
CA GLU V 381 6.28 -22.20 48.96
C GLU V 381 5.07 -22.56 49.84
N VAL V 382 5.34 -22.79 51.12
CA VAL V 382 4.29 -23.07 52.09
C VAL V 382 3.57 -21.78 52.44
N LEU V 383 2.73 -21.31 51.52
CA LEU V 383 2.04 -20.05 51.70
C LEU V 383 0.97 -19.87 50.62
N ASP V 384 1.37 -20.06 49.37
CA ASP V 384 0.45 -19.93 48.24
C ASP V 384 0.97 -20.71 47.04
N SER W 2 41.95 -47.27 44.55
CA SER W 2 40.52 -47.17 44.26
C SER W 2 39.87 -46.11 45.12
N PHE W 3 40.23 -46.09 46.40
CA PHE W 3 39.71 -45.12 47.36
C PHE W 3 38.25 -45.40 47.66
N PHE W 4 37.99 -45.82 48.90
CA PHE W 4 36.65 -46.14 49.39
C PHE W 4 36.05 -47.34 48.66
N HIS W 5 35.59 -47.12 47.43
CA HIS W 5 34.92 -48.15 46.63
C HIS W 5 33.67 -48.70 47.35
N GLY W 6 32.59 -47.93 47.29
CA GLY W 6 31.33 -48.35 47.88
C GLY W 6 30.19 -47.46 47.43
N VAL W 7 29.71 -46.62 48.34
CA VAL W 7 28.65 -45.67 48.02
C VAL W 7 28.55 -44.64 49.14
N THR W 8 29.17 -43.50 48.93
CA THR W 8 29.20 -42.44 49.94
C THR W 8 27.89 -41.67 49.95
N VAL W 9 27.78 -40.73 50.89
CA VAL W 9 26.59 -39.92 51.05
C VAL W 9 26.93 -38.73 51.96
N THR W 10 27.95 -38.00 51.57
CA THR W 10 28.45 -36.89 52.39
C THR W 10 27.41 -35.78 52.51
N ASN W 11 27.20 -35.32 53.74
CA ASN W 11 26.28 -34.23 54.00
C ASN W 11 26.99 -32.90 53.86
N VAL W 12 26.70 -32.18 52.78
CA VAL W 12 27.33 -30.88 52.54
C VAL W 12 26.68 -29.83 53.43
N ASP W 13 27.40 -29.45 54.49
CA ASP W 13 26.88 -28.50 55.47
C ASP W 13 27.11 -27.07 55.03
N ILE W 14 26.28 -26.60 54.10
CA ILE W 14 26.33 -25.21 53.64
C ILE W 14 24.92 -24.66 53.49
N GLY W 15 24.81 -23.34 53.46
CA GLY W 15 23.53 -22.66 53.37
C GLY W 15 23.47 -21.53 54.38
N ALA W 16 22.59 -20.56 54.13
CA ALA W 16 22.43 -19.42 55.02
C ALA W 16 21.79 -19.83 56.33
N ARG W 17 22.56 -19.74 57.42
CA ARG W 17 22.05 -20.05 58.75
C ARG W 17 21.07 -18.97 59.22
N THR W 18 20.23 -19.34 60.17
CA THR W 18 19.26 -18.42 60.75
C THR W 18 19.90 -17.64 61.91
N ILE W 19 19.33 -16.49 62.22
CA ILE W 19 19.85 -15.64 63.30
C ILE W 19 18.70 -15.12 64.15
N ALA W 20 18.92 -15.04 65.46
CA ALA W 20 17.91 -14.62 66.42
C ALA W 20 18.32 -13.34 67.13
N LEU W 21 17.43 -12.83 67.97
CA LEU W 21 17.66 -11.63 68.75
C LEU W 21 17.72 -11.96 70.24
N PRO W 22 18.91 -12.36 70.73
CA PRO W 22 19.03 -12.84 72.12
C PRO W 22 18.85 -11.72 73.15
N ALA W 23 18.70 -12.11 74.41
CA ALA W 23 18.61 -11.17 75.53
C ALA W 23 17.37 -10.26 75.44
N SER W 24 17.30 -9.46 74.38
CA SER W 24 16.18 -8.56 74.13
C SER W 24 16.09 -7.49 75.22
N SER W 25 15.62 -7.88 76.42
CA SER W 25 15.44 -6.92 77.50
C SER W 25 15.44 -7.61 78.85
N VAL W 26 16.60 -8.13 79.25
CA VAL W 26 16.76 -8.71 80.58
C VAL W 26 17.28 -7.64 81.52
N ILE W 27 16.64 -7.53 82.68
CA ILE W 27 16.97 -6.49 83.66
C ILE W 27 18.08 -6.96 84.59
N GLY W 28 18.99 -6.05 84.91
CA GLY W 28 20.11 -6.32 85.80
C GLY W 28 20.03 -5.39 86.99
N LEU W 29 19.34 -5.82 88.03
CA LEU W 29 19.09 -5.00 89.21
C LEU W 29 20.07 -5.32 90.33
N CYS W 30 20.27 -4.37 91.24
CA CYS W 30 21.19 -4.55 92.36
C CYS W 30 20.90 -3.55 93.46
N ASP W 31 19.93 -3.88 94.32
CA ASP W 31 19.58 -3.06 95.47
C ASP W 31 20.16 -3.70 96.73
N VAL W 32 19.43 -3.61 97.85
CA VAL W 32 19.89 -4.21 99.10
C VAL W 32 18.76 -4.97 99.77
N PHE W 33 19.11 -5.82 100.74
CA PHE W 33 18.12 -6.55 101.52
C PHE W 33 18.73 -7.02 102.83
N THR W 34 18.02 -7.89 103.53
CA THR W 34 18.44 -8.39 104.83
C THR W 34 18.50 -9.92 104.81
N PRO W 35 19.70 -10.49 104.58
CA PRO W 35 19.81 -11.95 104.55
C PRO W 35 19.67 -12.56 105.94
N GLY W 36 19.00 -13.70 106.04
CA GLY W 36 18.81 -14.37 107.31
C GLY W 36 18.05 -15.68 107.16
N ALA W 37 16.77 -15.64 107.50
CA ALA W 37 15.93 -16.84 107.50
C ALA W 37 15.18 -17.00 106.17
N GLN W 38 14.13 -16.20 105.98
CA GLN W 38 13.29 -16.30 104.79
C GLN W 38 14.06 -15.96 103.52
N ALA W 39 15.16 -15.23 103.67
CA ALA W 39 15.97 -14.83 102.53
C ALA W 39 16.78 -16.02 102.01
N SER W 40 16.25 -16.67 100.97
CA SER W 40 16.91 -17.84 100.39
C SER W 40 18.16 -17.45 99.61
N ALA W 41 18.08 -16.31 98.91
CA ALA W 41 19.21 -15.83 98.12
C ALA W 41 20.38 -15.47 99.01
N LYS W 42 21.59 -15.80 98.57
CA LYS W 42 22.79 -15.54 99.36
C LYS W 42 23.06 -14.04 99.43
N PRO W 43 23.90 -13.61 100.38
CA PRO W 43 24.09 -12.17 100.62
C PRO W 43 24.77 -11.40 99.49
N ASN W 44 25.06 -12.02 98.35
CA ASN W 44 25.77 -11.32 97.29
C ASN W 44 25.68 -11.94 95.90
N VAL W 45 25.52 -13.27 95.82
CA VAL W 45 25.57 -13.92 94.51
C VAL W 45 24.38 -13.52 93.63
N PRO W 46 24.57 -13.56 92.30
CA PRO W 46 23.44 -13.30 91.40
C PRO W 46 22.36 -14.38 91.49
N VAL W 47 21.10 -13.97 91.46
CA VAL W 47 19.98 -14.91 91.49
C VAL W 47 18.99 -14.53 90.41
N LEU W 48 18.54 -15.51 89.64
CA LEU W 48 17.61 -15.27 88.56
C LEU W 48 16.17 -15.23 89.09
N LEU W 49 15.37 -14.36 88.49
CA LEU W 49 13.97 -14.21 88.89
C LEU W 49 13.06 -14.39 87.67
N THR W 50 11.76 -14.36 87.92
CA THR W 50 10.78 -14.53 86.85
C THR W 50 9.43 -13.94 87.25
N SER W 51 9.12 -14.04 88.55
CA SER W 51 7.88 -13.52 89.10
C SER W 51 8.07 -13.09 90.54
N LYS W 52 7.07 -12.45 91.12
CA LYS W 52 7.12 -12.00 92.51
C LYS W 52 7.34 -13.16 93.47
N LYS W 53 6.72 -14.30 93.17
CA LYS W 53 6.88 -15.50 93.99
C LYS W 53 8.34 -15.92 94.09
N ASP W 54 9.02 -15.96 92.93
CA ASP W 54 10.41 -16.38 92.88
C ASP W 54 11.32 -15.34 93.53
N ALA W 55 10.83 -14.11 93.62
CA ALA W 55 11.60 -13.01 94.20
C ALA W 55 11.34 -12.87 95.71
N ALA W 56 10.10 -13.14 96.11
CA ALA W 56 9.69 -13.01 97.51
C ALA W 56 10.46 -13.98 98.39
N ALA W 57 10.41 -15.26 98.04
CA ALA W 57 11.10 -16.30 98.79
C ALA W 57 12.62 -16.15 98.72
N ALA W 58 13.09 -15.40 97.74
CA ALA W 58 14.52 -15.21 97.51
C ALA W 58 15.11 -14.19 98.48
N PHE W 59 14.61 -12.96 98.42
CA PHE W 59 15.13 -11.85 99.21
C PHE W 59 14.30 -11.60 100.45
N GLY W 60 12.98 -11.70 100.31
CA GLY W 60 12.06 -11.52 101.41
C GLY W 60 11.18 -10.29 101.20
N ILE W 61 10.10 -10.20 101.97
CA ILE W 61 9.18 -9.09 101.88
C ILE W 61 9.69 -7.93 102.74
N GLY W 62 9.48 -6.70 102.27
CA GLY W 62 9.94 -5.52 102.98
C GLY W 62 11.35 -5.13 102.58
N SER W 63 12.09 -6.08 102.03
CA SER W 63 13.45 -5.81 101.55
C SER W 63 13.40 -4.72 100.48
N SER W 64 14.29 -3.74 100.59
CA SER W 64 14.33 -2.61 99.66
C SER W 64 14.47 -3.06 98.20
N ILE W 65 15.01 -4.25 98.02
CA ILE W 65 15.18 -4.82 96.67
C ILE W 65 13.87 -5.37 96.14
N TYR W 66 13.05 -5.90 97.04
CA TYR W 66 11.77 -6.49 96.66
C TYR W 66 10.78 -5.40 96.23
N LEU W 67 10.89 -4.22 96.83
CA LEU W 67 10.05 -3.09 96.46
C LEU W 67 10.39 -2.61 95.04
N ALA W 68 11.61 -2.94 94.60
CA ALA W 68 12.07 -2.57 93.26
C ALA W 68 11.63 -3.63 92.24
N CYS W 69 11.76 -4.91 92.63
CA CYS W 69 11.34 -6.01 91.76
C CYS W 69 9.82 -6.01 91.60
N GLU W 70 9.12 -5.78 92.71
CA GLU W 70 7.67 -5.71 92.70
C GLU W 70 7.19 -4.57 91.81
N ALA W 71 7.96 -3.49 91.79
CA ALA W 71 7.63 -2.32 90.96
C ALA W 71 7.76 -2.66 89.48
N ILE W 72 8.64 -3.61 89.16
CA ILE W 72 8.85 -4.05 87.80
C ILE W 72 7.77 -5.05 87.36
N TYR W 73 7.49 -6.03 88.22
CA TYR W 73 6.54 -7.09 87.91
C TYR W 73 5.11 -6.55 87.92
N ASN W 74 4.87 -5.53 88.73
CA ASN W 74 3.56 -4.88 88.76
C ASN W 74 3.31 -4.21 87.41
N ARG W 75 4.35 -3.58 86.88
CA ARG W 75 4.29 -2.96 85.56
C ARG W 75 4.17 -4.02 84.48
N ALA W 76 5.26 -4.74 84.23
CA ALA W 76 5.27 -5.79 83.20
C ALA W 76 6.29 -6.86 83.58
N GLN W 77 5.89 -8.11 83.44
CA GLN W 77 6.74 -9.24 83.82
C GLN W 77 7.98 -9.31 82.95
N ALA W 78 9.11 -9.65 83.56
CA ALA W 78 10.38 -9.71 82.84
C ALA W 78 11.42 -10.48 83.66
N VAL W 79 12.47 -10.93 82.98
CA VAL W 79 13.57 -11.62 83.64
C VAL W 79 14.45 -10.61 84.35
N ILE W 80 14.75 -10.89 85.62
CA ILE W 80 15.59 -10.01 86.42
C ILE W 80 16.69 -10.81 87.09
N VAL W 81 17.90 -10.75 86.52
CA VAL W 81 19.07 -11.37 87.15
C VAL W 81 19.54 -10.46 88.28
N ALA W 82 18.75 -10.39 89.34
CA ALA W 82 19.02 -9.50 90.46
C ALA W 82 20.23 -10.00 91.25
N VAL W 83 20.93 -9.07 91.89
CA VAL W 83 22.10 -9.40 92.70
C VAL W 83 21.74 -9.25 94.19
N GLY W 84 21.65 -8.01 94.65
CA GLY W 84 21.29 -7.73 96.03
C GLY W 84 22.48 -7.92 96.96
N VAL W 85 22.71 -6.93 97.81
CA VAL W 85 23.82 -6.96 98.76
C VAL W 85 23.35 -6.54 100.14
N GLU W 86 24.00 -7.07 101.17
CA GLU W 86 23.64 -6.76 102.55
C GLU W 86 23.81 -5.27 102.85
N THR W 87 22.90 -4.73 103.65
CA THR W 87 22.97 -3.33 104.05
C THR W 87 24.18 -3.10 104.95
N ALA W 88 24.85 -1.96 104.76
CA ALA W 88 26.03 -1.62 105.55
C ALA W 88 25.69 -0.62 106.65
N GLU W 89 26.70 -0.19 107.39
CA GLU W 89 26.52 0.75 108.49
C GLU W 89 26.16 2.14 107.97
N THR W 90 27.16 2.84 107.43
CA THR W 90 26.96 4.17 106.89
C THR W 90 26.47 4.09 105.44
N PRO W 91 25.70 5.09 104.99
CA PRO W 91 25.16 5.08 103.63
C PRO W 91 26.25 5.22 102.57
N GLU W 92 27.34 5.91 102.93
CA GLU W 92 28.43 6.13 101.99
C GLU W 92 29.18 4.84 101.70
N ALA W 93 29.56 4.13 102.76
CA ALA W 93 30.30 2.88 102.64
C ALA W 93 29.43 1.76 102.07
N GLN W 94 28.11 1.97 102.11
CA GLN W 94 27.18 0.99 101.58
C GLN W 94 27.30 0.92 100.06
N ALA W 95 27.64 2.05 99.45
CA ALA W 95 27.79 2.14 98.00
C ALA W 95 28.95 1.27 97.51
N SER W 96 29.90 1.00 98.41
CA SER W 96 31.05 0.17 98.08
C SER W 96 30.59 -1.26 97.79
N ALA W 97 29.75 -1.78 98.68
CA ALA W 97 29.19 -3.12 98.51
C ALA W 97 28.29 -3.17 97.28
N VAL W 98 27.65 -2.04 96.96
CA VAL W 98 26.77 -1.95 95.80
C VAL W 98 27.62 -2.04 94.53
N ILE W 99 28.66 -1.22 94.45
CA ILE W 99 29.57 -1.27 93.31
C ILE W 99 30.26 -2.63 93.31
N GLY W 100 30.90 -2.98 94.43
CA GLY W 100 31.53 -4.28 94.59
C GLY W 100 32.85 -4.36 93.85
N GLY W 101 33.92 -4.61 94.59
CA GLY W 101 35.23 -4.75 93.99
C GLY W 101 35.38 -6.10 93.31
N ILE W 102 35.79 -7.10 94.08
CA ILE W 102 35.97 -8.45 93.56
C ILE W 102 36.15 -9.49 94.68
N SER W 103 36.58 -9.02 95.85
CA SER W 103 36.74 -9.87 97.03
C SER W 103 37.89 -10.86 96.85
N ALA W 104 38.35 -11.42 97.97
CA ALA W 104 39.44 -12.38 97.96
C ALA W 104 39.02 -13.71 97.35
N ALA W 105 37.71 -13.95 97.33
CA ALA W 105 37.17 -15.20 96.78
C ALA W 105 37.36 -15.25 95.26
N GLY W 106 37.53 -14.08 94.65
CA GLY W 106 37.75 -13.99 93.22
C GLY W 106 36.45 -13.74 92.47
N GLU W 107 35.33 -14.17 93.07
CA GLU W 107 34.02 -13.99 92.45
C GLU W 107 33.59 -12.53 92.47
N ARG W 108 33.18 -12.03 91.31
CA ARG W 108 32.75 -10.64 91.18
C ARG W 108 31.60 -10.32 92.13
N THR W 109 31.82 -9.34 93.01
CA THR W 109 30.82 -8.95 93.99
C THR W 109 30.05 -7.70 93.56
N GLY W 110 28.92 -7.47 94.23
CA GLY W 110 28.13 -6.28 94.01
C GLY W 110 27.62 -6.14 92.59
N LEU W 111 27.50 -4.89 92.15
CA LEU W 111 26.95 -4.56 90.84
C LEU W 111 27.71 -5.22 89.69
N GLN W 112 29.00 -5.45 89.90
CA GLN W 112 29.85 -6.04 88.87
C GLN W 112 29.57 -7.53 88.68
N ALA W 113 28.77 -8.10 89.57
CA ALA W 113 28.42 -9.52 89.50
C ALA W 113 27.49 -9.80 88.32
N LEU W 114 26.94 -8.76 87.72
CA LEU W 114 25.99 -8.90 86.62
C LEU W 114 26.65 -9.52 85.38
N LEU W 115 27.97 -9.39 85.28
CA LEU W 115 28.71 -9.96 84.16
C LEU W 115 28.63 -11.49 84.17
N ASP W 116 28.30 -12.06 85.33
CA ASP W 116 28.20 -13.51 85.48
C ASP W 116 26.83 -14.02 85.04
N GLY W 117 25.85 -13.12 84.95
CA GLY W 117 24.49 -13.49 84.60
C GLY W 117 24.38 -14.13 83.23
N LYS W 118 25.33 -13.82 82.36
CA LYS W 118 25.34 -14.37 81.01
C LYS W 118 25.85 -15.81 80.99
N SER W 119 26.93 -16.06 81.72
CA SER W 119 27.57 -17.38 81.74
C SER W 119 27.07 -18.23 82.91
N ARG W 120 25.81 -18.03 83.28
CA ARG W 120 25.18 -18.82 84.34
C ARG W 120 23.70 -19.04 84.09
N PHE W 121 23.02 -18.01 83.56
CA PHE W 121 21.59 -18.07 83.32
C PHE W 121 21.25 -17.86 81.84
N ASN W 122 22.28 -17.70 81.01
CA ASN W 122 22.08 -17.45 79.58
C ASN W 122 21.17 -16.23 79.35
N ALA W 123 21.19 -15.30 80.30
CA ALA W 123 20.35 -14.10 80.24
C ALA W 123 21.21 -12.90 80.57
N GLN W 124 21.90 -12.37 79.55
CA GLN W 124 22.73 -11.20 79.72
C GLN W 124 21.88 -9.99 80.10
N PRO W 125 22.07 -9.44 81.32
CA PRO W 125 21.26 -8.27 81.68
C PRO W 125 21.55 -7.08 80.78
N ARG W 126 20.72 -6.90 79.75
CA ARG W 126 20.91 -5.81 78.80
C ARG W 126 20.05 -4.61 79.20
N LEU W 127 19.98 -4.37 80.51
CA LEU W 127 19.20 -3.26 81.04
C LEU W 127 19.51 -3.09 82.52
N LEU W 128 20.57 -2.36 82.82
CA LEU W 128 21.00 -2.16 84.20
C LEU W 128 20.06 -1.22 84.95
N VAL W 129 20.14 -1.29 86.28
CA VAL W 129 19.32 -0.46 87.15
C VAL W 129 19.78 -0.66 88.59
N ALA W 130 19.80 0.43 89.36
CA ALA W 130 20.25 0.39 90.74
C ALA W 130 19.44 1.39 91.58
N PRO W 131 18.20 1.01 91.93
CA PRO W 131 17.30 1.91 92.68
C PRO W 131 17.88 2.36 94.02
N GLY W 132 17.79 3.66 94.30
CA GLY W 132 18.33 4.20 95.54
C GLY W 132 19.79 4.58 95.40
N HIS W 133 20.60 3.63 94.93
CA HIS W 133 22.03 3.84 94.74
C HIS W 133 22.34 4.25 93.31
N SER W 134 22.18 5.55 93.02
CA SER W 134 22.50 6.10 91.71
C SER W 134 22.70 7.62 91.79
N ALA W 135 22.08 8.25 92.79
CA ALA W 135 22.25 9.69 93.01
C ALA W 135 23.69 9.99 93.39
N GLN W 136 24.38 9.00 93.94
CA GLN W 136 25.79 9.16 94.30
C GLN W 136 26.64 9.12 93.04
N GLN W 137 27.57 10.07 92.94
CA GLN W 137 28.43 10.19 91.77
C GLN W 137 29.28 8.95 91.55
N ALA W 138 29.57 8.24 92.64
CA ALA W 138 30.46 7.09 92.60
C ALA W 138 29.85 5.91 91.84
N VAL W 139 28.77 5.35 92.39
CA VAL W 139 28.11 4.18 91.84
C VAL W 139 27.60 4.42 90.42
N ALA W 140 27.33 5.67 90.10
CA ALA W 140 26.77 6.03 88.80
C ALA W 140 27.75 5.73 87.66
N THR W 141 29.03 5.94 87.92
CA THR W 141 30.07 5.69 86.91
C THR W 141 30.28 4.20 86.71
N ALA W 142 30.13 3.43 87.78
CA ALA W 142 30.23 1.97 87.69
C ALA W 142 29.13 1.42 86.79
N MET W 143 27.96 2.04 86.86
CA MET W 143 26.84 1.69 86.00
C MET W 143 27.16 2.03 84.55
N ASP W 144 27.93 3.09 84.35
CA ASP W 144 28.33 3.53 83.01
C ASP W 144 29.33 2.56 82.41
N GLY W 145 30.36 2.22 83.18
CA GLY W 145 31.42 1.35 82.70
C GLY W 145 30.92 -0.06 82.48
N LEU W 146 30.03 -0.50 83.36
CA LEU W 146 29.48 -1.85 83.30
C LEU W 146 28.55 -2.04 82.10
N ALA W 147 27.84 -0.98 81.74
CA ALA W 147 26.88 -1.03 80.64
C ALA W 147 27.57 -1.34 79.31
N GLU W 148 28.78 -0.81 79.14
CA GLU W 148 29.54 -1.01 77.92
C GLU W 148 30.04 -2.46 77.81
N LYS W 149 30.20 -3.11 78.95
CA LYS W 149 30.62 -4.51 78.99
C LYS W 149 29.45 -5.41 78.60
N LEU W 150 28.24 -4.98 78.97
CA LEU W 150 27.03 -5.74 78.70
C LEU W 150 26.23 -5.17 77.52
N ARG W 151 26.70 -4.04 76.98
CA ARG W 151 25.98 -3.34 75.91
C ARG W 151 24.55 -3.04 76.34
N ALA W 152 24.39 -2.67 77.61
CA ALA W 152 23.07 -2.42 78.19
C ALA W 152 22.78 -0.93 78.21
N ILE W 153 21.71 -0.56 78.92
CA ILE W 153 21.34 0.85 79.09
C ILE W 153 21.05 1.11 80.56
N ALA W 154 22.07 1.57 81.27
CA ALA W 154 21.96 1.82 82.71
C ALA W 154 21.00 2.97 83.01
N ILE W 155 19.92 2.65 83.71
CA ILE W 155 18.93 3.66 84.11
C ILE W 155 19.29 4.22 85.49
N LEU W 156 19.78 5.45 85.51
CA LEU W 156 20.10 6.13 86.75
C LEU W 156 18.86 6.78 87.33
N ASP W 157 19.03 7.45 88.48
CA ASP W 157 17.95 8.17 89.11
C ASP W 157 18.52 9.29 89.98
N GLY W 158 18.60 10.49 89.41
CA GLY W 158 19.20 11.63 90.10
C GLY W 158 18.40 12.07 91.31
N PRO W 159 19.02 12.89 92.17
CA PRO W 159 18.37 13.36 93.40
C PRO W 159 17.20 14.29 93.11
N ASN W 160 16.19 14.26 93.97
CA ASN W 160 15.04 15.14 93.83
C ASN W 160 15.43 16.57 94.17
N SER W 161 15.14 16.99 95.41
CA SER W 161 15.48 18.34 95.87
C SER W 161 14.91 19.40 94.93
N THR W 162 15.54 19.56 93.77
CA THR W 162 15.12 20.55 92.80
C THR W 162 15.67 20.22 91.40
N ASP W 163 15.25 21.00 90.41
CA ASP W 163 15.65 20.77 89.02
C ASP W 163 17.09 21.18 88.78
N GLU W 164 17.53 22.23 89.48
CA GLU W 164 18.90 22.75 89.34
C GLU W 164 19.91 21.66 89.68
N ALA W 165 19.60 20.85 90.67
CA ALA W 165 20.49 19.79 91.13
C ALA W 165 20.51 18.61 90.17
N ALA W 166 19.44 18.48 89.37
CA ALA W 166 19.31 17.38 88.42
C ALA W 166 20.10 17.67 87.15
N VAL W 167 20.06 18.92 86.70
CA VAL W 167 20.79 19.33 85.51
C VAL W 167 22.30 19.31 85.77
N ALA W 168 22.70 19.78 86.95
CA ALA W 168 24.11 19.83 87.32
C ALA W 168 24.68 18.43 87.50
N TYR W 169 23.80 17.45 87.68
CA TYR W 169 24.20 16.06 87.87
C TYR W 169 24.41 15.36 86.52
N ALA W 170 23.53 15.64 85.58
CA ALA W 170 23.59 15.04 84.24
C ALA W 170 24.77 15.59 83.45
N LYS W 171 25.17 16.82 83.77
CA LYS W 171 26.29 17.47 83.10
C LYS W 171 27.60 16.71 83.28
N ASN W 172 27.63 15.80 84.25
CA ASN W 172 28.82 14.99 84.51
C ASN W 172 29.04 13.88 83.49
N PHE W 173 27.97 13.17 83.16
CA PHE W 173 28.06 12.03 82.25
C PHE W 173 27.86 12.45 80.81
N GLY W 174 28.13 11.54 79.88
CA GLY W 174 27.95 11.79 78.47
C GLY W 174 28.04 10.54 77.62
N SER W 175 27.78 9.39 78.22
CA SER W 175 27.90 8.11 77.54
C SER W 175 26.59 7.70 76.88
N LYS W 176 26.69 6.94 75.80
CA LYS W 176 25.52 6.45 75.07
C LYS W 176 24.57 5.67 75.97
N ARG W 177 25.13 4.97 76.95
CA ARG W 177 24.39 4.02 77.76
C ARG W 177 24.04 4.56 79.14
N LEU W 178 23.30 5.66 79.16
CA LEU W 178 22.82 6.24 80.41
C LEU W 178 21.50 6.96 80.18
N PHE W 179 20.48 6.52 80.90
CA PHE W 179 19.14 7.06 80.75
C PHE W 179 18.59 7.42 82.12
N MET W 180 18.92 8.63 82.57
CA MET W 180 18.57 9.06 83.92
C MET W 180 17.15 9.63 83.99
N VAL W 181 16.53 9.46 85.15
CA VAL W 181 15.23 10.04 85.44
C VAL W 181 15.34 10.82 86.75
N ASP W 182 14.95 12.09 86.71
CA ASP W 182 15.16 12.99 87.84
C ASP W 182 14.06 12.91 88.90
N PRO W 183 12.81 13.28 88.55
CA PRO W 183 11.77 13.34 89.58
C PRO W 183 11.47 11.97 90.20
N GLY W 184 11.68 11.85 91.50
CA GLY W 184 11.46 10.58 92.19
C GLY W 184 10.00 10.35 92.47
N VAL W 185 9.39 9.43 91.73
CA VAL W 185 7.99 9.06 91.91
C VAL W 185 7.80 8.45 93.29
N GLN W 186 6.63 8.68 93.89
CA GLN W 186 6.32 8.13 95.21
C GLN W 186 5.26 7.05 95.10
N VAL W 187 5.55 5.90 95.69
CA VAL W 187 4.65 4.75 95.66
C VAL W 187 4.03 4.55 97.04
N TRP W 188 2.87 3.89 97.07
CA TRP W 188 2.21 3.58 98.32
C TRP W 188 2.76 2.28 98.91
N ASP W 189 3.70 2.39 99.84
CA ASP W 189 4.30 1.23 100.47
C ASP W 189 3.27 0.46 101.30
N SER W 190 3.31 -0.87 101.23
CA SER W 190 2.37 -1.72 101.94
C SER W 190 2.71 -1.79 103.43
N ALA W 191 4.00 -1.80 103.73
CA ALA W 191 4.47 -1.95 105.12
C ALA W 191 4.22 -0.67 105.92
N THR W 192 4.47 0.47 105.29
CA THR W 192 4.32 1.76 105.95
C THR W 192 2.86 2.20 105.99
N ASN W 193 2.07 1.67 105.05
CA ASN W 193 0.64 2.00 104.95
C ASN W 193 0.42 3.48 104.73
N ALA W 194 1.29 4.09 103.93
CA ALA W 194 1.17 5.51 103.60
C ALA W 194 2.10 5.84 102.42
N ALA W 195 2.20 7.13 102.10
CA ALA W 195 3.06 7.58 101.02
C ALA W 195 4.51 7.23 101.30
N ARG W 196 5.28 7.05 100.24
CA ARG W 196 6.68 6.65 100.37
C ARG W 196 7.44 6.91 99.07
N ASN W 197 8.40 7.81 99.12
CA ASN W 197 9.17 8.19 97.95
C ASN W 197 10.06 7.05 97.46
N ALA W 198 10.07 6.86 96.14
CA ALA W 198 10.86 5.81 95.50
C ALA W 198 11.89 6.42 94.54
N PRO W 199 12.92 5.66 94.17
CA PRO W 199 13.96 6.16 93.27
C PRO W 199 13.50 6.29 91.81
N ALA W 200 12.36 5.68 91.48
CA ALA W 200 11.79 5.76 90.14
C ALA W 200 12.70 5.13 89.09
N SER W 201 13.67 4.34 89.56
CA SER W 201 14.64 3.71 88.67
C SER W 201 14.08 2.39 88.16
N ALA W 202 13.60 1.56 89.08
CA ALA W 202 13.04 0.26 88.75
C ALA W 202 11.73 0.40 87.97
N TYR W 203 10.97 1.45 88.28
CA TYR W 203 9.71 1.72 87.60
C TYR W 203 9.95 2.04 86.13
N ALA W 204 11.01 2.80 85.88
CA ALA W 204 11.40 3.16 84.52
C ALA W 204 12.02 1.96 83.80
N ALA W 205 12.57 1.04 84.58
CA ALA W 205 13.19 -0.17 84.02
C ALA W 205 12.11 -1.16 83.58
N GLY W 206 11.15 -1.42 84.48
CA GLY W 206 10.05 -2.31 84.18
C GLY W 206 9.21 -1.76 83.04
N LEU W 207 9.17 -0.44 82.95
CA LEU W 207 8.44 0.25 81.89
C LEU W 207 9.00 -0.11 80.51
N PHE W 208 10.33 -0.20 80.41
CA PHE W 208 10.96 -0.61 79.16
C PHE W 208 10.53 -2.03 78.79
N ALA W 209 10.61 -2.92 79.78
CA ALA W 209 10.31 -4.34 79.59
C ALA W 209 8.88 -4.53 79.08
N TRP W 210 8.02 -3.58 79.41
CA TRP W 210 6.62 -3.62 78.96
C TRP W 210 6.54 -3.32 77.46
N THR W 211 7.26 -2.30 77.02
CA THR W 211 7.25 -1.88 75.61
C THR W 211 8.03 -2.86 74.76
N ASP W 212 9.12 -3.39 75.31
CA ASP W 212 9.99 -4.31 74.60
C ASP W 212 9.27 -5.64 74.33
N ALA W 213 8.50 -6.09 75.30
CA ALA W 213 7.73 -7.33 75.16
C ALA W 213 6.50 -7.10 74.28
N GLU W 214 5.97 -5.87 74.34
CA GLU W 214 4.77 -5.51 73.58
C GLU W 214 5.11 -5.10 72.15
N TYR W 215 5.54 -3.86 71.99
CA TYR W 215 5.88 -3.32 70.67
C TYR W 215 7.17 -3.96 70.17
N GLY W 216 8.24 -3.76 70.94
CA GLY W 216 9.56 -4.27 70.59
C GLY W 216 10.66 -3.42 71.20
N PHE W 217 11.87 -3.98 71.24
CA PHE W 217 13.03 -3.27 71.77
C PHE W 217 13.28 -1.99 70.96
N TRP W 218 12.90 -2.03 69.69
CA TRP W 218 13.08 -0.89 68.80
C TRP W 218 12.07 0.21 69.12
N SER W 219 10.99 -0.14 69.83
CA SER W 219 9.97 0.84 70.20
C SER W 219 10.50 1.72 71.33
N SER W 220 10.17 3.01 71.27
CA SER W 220 10.58 3.95 72.31
C SER W 220 9.75 3.72 73.57
N PRO W 221 10.38 3.79 74.76
CA PRO W 221 9.67 3.57 76.02
C PRO W 221 8.89 4.80 76.48
N SER W 222 9.35 5.98 76.10
CA SER W 222 8.75 7.24 76.53
C SER W 222 7.26 7.32 76.19
N ASN W 223 6.57 8.22 76.87
CA ASN W 223 5.14 8.44 76.63
C ASN W 223 4.31 7.18 76.88
N LYS W 224 4.78 6.36 77.81
CA LYS W 224 4.04 5.16 78.23
C LYS W 224 3.78 5.24 79.72
N GLU W 225 2.52 4.99 80.09
CA GLU W 225 2.08 5.16 81.47
C GLU W 225 2.68 4.11 82.39
N ILE W 226 3.10 4.55 83.57
CA ILE W 226 3.68 3.65 84.56
C ILE W 226 2.68 3.39 85.69
N LYS W 227 2.59 2.12 86.10
CA LYS W 227 1.68 1.71 87.16
C LYS W 227 2.41 1.63 88.50
N GLY W 228 1.66 1.43 89.58
CA GLY W 228 2.22 1.30 90.90
C GLY W 228 2.78 2.62 91.40
N VAL W 229 1.97 3.67 91.26
CA VAL W 229 2.36 5.02 91.65
C VAL W 229 1.22 5.68 92.43
N THR W 230 1.46 6.89 92.93
CA THR W 230 0.43 7.61 93.68
C THR W 230 0.86 9.05 93.95
N GLY W 231 1.60 9.63 93.00
CA GLY W 231 2.10 10.99 93.13
C GLY W 231 3.57 11.03 92.75
N THR W 232 4.11 12.24 92.60
CA THR W 232 5.51 12.39 92.20
C THR W 232 6.16 13.53 92.99
N SER W 233 7.31 13.24 93.58
CA SER W 233 8.08 14.24 94.31
C SER W 233 8.46 15.38 93.37
N ARG W 234 8.18 16.61 93.81
CA ARG W 234 8.42 17.81 93.01
C ARG W 234 7.60 17.76 91.72
N PRO W 235 6.36 18.28 91.77
CA PRO W 235 5.48 18.19 90.60
C PRO W 235 6.03 18.92 89.39
N VAL W 236 6.63 18.18 88.47
CA VAL W 236 7.17 18.77 87.24
C VAL W 236 6.00 19.21 86.36
N GLU W 237 5.95 20.50 86.08
CA GLU W 237 4.84 21.07 85.32
C GLU W 237 4.91 20.70 83.85
N PHE W 238 3.75 20.60 83.20
CA PHE W 238 3.69 20.33 81.78
C PHE W 238 2.42 20.92 81.18
N LEU W 239 2.59 21.92 80.32
CA LEU W 239 1.47 22.56 79.66
C LEU W 239 0.94 21.70 78.53
N ASP W 240 -0.11 22.17 77.86
CA ASP W 240 -0.71 21.42 76.76
C ASP W 240 0.25 21.32 75.58
N GLY W 241 0.94 22.42 75.29
CA GLY W 241 1.88 22.46 74.18
C GLY W 241 2.66 23.75 74.15
N ASP W 242 3.75 23.79 74.91
CA ASP W 242 4.62 24.96 74.96
C ASP W 242 6.00 24.58 75.47
N GLU W 243 7.04 25.17 74.88
CA GLU W 243 8.42 24.90 75.27
C GLU W 243 8.75 25.56 76.61
N THR W 244 7.84 26.39 77.10
CA THR W 244 8.05 27.11 78.36
C THR W 244 7.91 26.21 79.57
N CYS W 245 7.23 25.08 79.38
CA CYS W 245 7.02 24.14 80.48
C CYS W 245 8.34 23.56 80.96
N ARG W 246 8.39 23.20 82.23
CA ARG W 246 9.63 22.76 82.85
C ARG W 246 9.98 21.33 82.48
N ALA W 247 8.96 20.53 82.13
CA ALA W 247 9.16 19.15 81.72
C ALA W 247 10.07 19.08 80.50
N ASN W 248 9.99 20.11 79.66
CA ASN W 248 10.79 20.19 78.44
C ASN W 248 12.24 20.54 78.72
N LEU W 249 12.46 21.47 79.65
CA LEU W 249 13.79 21.96 79.97
C LEU W 249 14.72 20.85 80.46
N LEU W 250 14.16 19.90 81.19
CA LEU W 250 14.96 18.78 81.69
C LEU W 250 15.33 17.83 80.56
N ASN W 251 14.46 17.72 79.56
CA ASN W 251 14.73 16.87 78.39
C ASN W 251 15.85 17.45 77.54
N ASN W 252 16.01 18.77 77.58
CA ASN W 252 17.12 19.43 76.89
C ASN W 252 18.44 19.06 77.52
N ALA W 253 18.41 18.77 78.82
CA ALA W 253 19.60 18.33 79.55
C ALA W 253 19.70 16.81 79.56
N ASN W 254 18.96 16.16 78.65
CA ASN W 254 18.96 14.71 78.54
C ASN W 254 18.50 14.07 79.84
N ILE W 255 17.23 14.29 80.18
CA ILE W 255 16.67 13.74 81.42
C ILE W 255 15.23 13.29 81.20
N ALA W 256 14.91 12.11 81.73
CA ALA W 256 13.56 11.57 81.69
C ALA W 256 12.76 12.12 82.86
N THR W 257 11.46 12.32 82.67
CA THR W 257 10.60 12.89 83.70
C THR W 257 9.20 12.30 83.67
N ILE W 258 8.59 12.21 84.85
CA ILE W 258 7.21 11.72 84.97
C ILE W 258 6.28 12.92 85.06
N ILE W 259 5.42 13.06 84.05
CA ILE W 259 4.58 14.25 83.93
C ILE W 259 3.19 14.05 84.51
N ARG W 260 2.49 15.17 84.69
CA ARG W 260 1.11 15.20 85.18
C ARG W 260 0.97 14.62 86.59
N ASP W 261 -0.24 14.74 87.13
CA ASP W 261 -0.53 14.33 88.50
C ASP W 261 -0.32 12.83 88.67
N ASP W 262 -0.26 12.40 89.93
CA ASP W 262 -0.13 10.97 90.26
C ASP W 262 1.13 10.36 89.65
N GLY W 263 1.12 10.19 88.34
CA GLY W 263 2.21 9.56 87.62
C GLY W 263 1.69 9.08 86.28
N TYR W 264 1.13 10.01 85.52
CA TYR W 264 0.45 9.70 84.26
C TYR W 264 1.36 8.93 83.32
N ARG W 265 2.53 9.48 83.03
CA ARG W 265 3.46 8.84 82.11
C ARG W 265 4.88 9.40 82.18
N LEU W 266 5.84 8.62 81.71
CA LEU W 266 7.24 9.01 81.66
C LEU W 266 7.66 9.27 80.23
N TRP W 267 8.54 10.24 80.03
CA TRP W 267 9.14 10.47 78.71
C TRP W 267 10.48 11.20 78.81
N GLY W 268 11.15 11.36 77.67
CA GLY W 268 12.46 11.98 77.62
C GLY W 268 13.43 11.00 76.98
N ASN W 269 13.29 10.79 75.68
CA ASN W 269 14.07 9.79 74.96
C ASN W 269 15.56 10.09 74.96
N ARG W 270 15.91 11.36 75.14
CA ARG W 270 17.31 11.78 75.12
C ARG W 270 18.12 11.07 76.19
N THR W 271 19.08 10.26 75.76
CA THR W 271 20.03 9.63 76.67
C THR W 271 21.17 10.60 76.94
N LEU W 272 21.76 10.50 78.13
CA LEU W 272 22.85 11.38 78.51
C LEU W 272 24.07 11.19 77.61
N SER W 273 23.96 11.65 76.36
CA SER W 273 25.02 11.47 75.37
C SER W 273 25.35 12.77 74.66
N SER W 274 26.65 13.03 74.52
CA SER W 274 27.13 14.22 73.82
C SER W 274 26.94 14.08 72.31
N ASP W 275 27.32 12.93 71.77
CA ASP W 275 27.18 12.69 70.34
C ASP W 275 25.70 12.65 69.96
N SER W 276 25.28 13.57 69.10
CA SER W 276 23.88 13.69 68.71
C SER W 276 23.43 12.50 67.85
N LYS W 277 24.39 11.70 67.38
CA LYS W 277 24.07 10.52 66.59
C LYS W 277 23.36 9.48 67.44
N TRP W 278 23.76 9.38 68.71
CA TRP W 278 23.18 8.45 69.66
C TRP W 278 22.32 9.20 70.68
N ALA W 279 21.57 10.19 70.18
CA ALA W 279 20.76 11.04 71.05
C ALA W 279 19.61 10.26 71.65
N PHE W 280 18.96 9.43 70.84
CA PHE W 280 17.83 8.64 71.31
C PHE W 280 18.32 7.38 72.02
N VAL W 281 17.59 6.99 73.06
CA VAL W 281 17.88 5.75 73.79
C VAL W 281 17.52 4.57 72.90
N THR W 282 16.62 4.81 71.95
CA THR W 282 16.17 3.78 71.01
C THR W 282 17.33 3.25 70.17
N ARG W 283 18.06 4.16 69.52
CA ARG W 283 19.16 3.78 68.64
C ARG W 283 20.20 2.95 69.38
N VAL W 284 20.53 3.37 70.60
CA VAL W 284 21.50 2.64 71.40
C VAL W 284 20.99 1.25 71.76
N ARG W 285 19.67 1.13 71.85
CA ARG W 285 19.04 -0.12 72.24
C ARG W 285 18.92 -1.11 71.09
N THR W 286 18.74 -0.59 69.88
CA THR W 286 18.63 -1.42 68.68
C THR W 286 20.00 -1.84 68.17
N MET W 287 20.94 -0.91 68.25
CA MET W 287 22.29 -1.14 67.73
C MET W 287 23.04 -2.15 68.60
N ASP W 288 22.91 -2.00 69.91
CA ASP W 288 23.53 -2.92 70.86
C ASP W 288 22.92 -4.32 70.75
N LEU W 289 21.75 -4.42 70.14
CA LEU W 289 21.04 -5.68 69.99
C LEU W 289 21.48 -6.42 68.73
N VAL W 290 21.41 -5.73 67.59
CA VAL W 290 21.78 -6.33 66.30
C VAL W 290 23.26 -6.67 66.27
N MET W 291 24.05 -5.93 67.03
CA MET W 291 25.48 -6.21 67.14
C MET W 291 25.71 -7.52 67.89
N ASP W 292 25.10 -7.63 69.06
CA ASP W 292 25.22 -8.83 69.89
C ASP W 292 24.57 -10.05 69.20
N ALA W 293 23.64 -9.78 68.29
CA ALA W 293 22.97 -10.84 67.55
C ALA W 293 23.89 -11.39 66.46
N ILE W 294 24.53 -10.48 65.71
CA ILE W 294 25.44 -10.87 64.65
C ILE W 294 26.68 -11.51 65.24
N LEU W 295 27.10 -11.01 66.40
CA LEU W 295 28.26 -11.55 67.09
C LEU W 295 27.99 -12.99 67.52
N ALA W 296 26.93 -13.18 68.31
CA ALA W 296 26.58 -14.50 68.83
C ALA W 296 25.92 -15.38 67.77
N GLY W 297 25.50 -14.77 66.67
CA GLY W 297 24.79 -15.48 65.62
C GLY W 297 25.72 -16.25 64.71
N HIS W 298 26.78 -15.59 64.24
CA HIS W 298 27.72 -16.19 63.30
C HIS W 298 28.89 -16.85 64.05
N LYS W 299 28.56 -17.53 65.14
CA LYS W 299 29.54 -18.30 65.90
C LYS W 299 29.73 -19.67 65.25
N TRP W 300 28.81 -20.03 64.37
CA TRP W 300 28.87 -21.31 63.64
C TRP W 300 29.92 -21.24 62.55
N ALA W 301 30.09 -20.05 61.99
CA ALA W 301 31.01 -19.85 60.87
C ALA W 301 32.45 -19.97 61.36
N VAL W 302 33.04 -18.82 61.74
CA VAL W 302 34.42 -18.76 62.19
C VAL W 302 35.32 -19.43 61.14
N ASP W 303 36.37 -20.13 61.57
CA ASP W 303 37.30 -20.75 60.63
C ASP W 303 36.60 -21.82 59.80
N ARG W 304 36.36 -21.49 58.53
CA ARG W 304 35.70 -22.40 57.61
C ARG W 304 36.08 -22.01 56.18
N GLY W 305 36.00 -22.97 55.26
CA GLY W 305 36.37 -22.74 53.88
C GLY W 305 35.67 -21.53 53.28
N ILE W 306 36.45 -20.49 53.01
CA ILE W 306 35.92 -19.22 52.53
C ILE W 306 35.71 -19.33 51.01
N THR W 307 34.87 -20.27 50.59
CA THR W 307 34.51 -20.39 49.19
C THR W 307 33.45 -19.34 48.83
N LYS W 308 33.26 -19.09 47.53
CA LYS W 308 32.23 -18.15 47.07
C LYS W 308 30.86 -18.47 47.64
N THR W 309 30.61 -19.75 47.90
CA THR W 309 29.35 -20.19 48.49
C THR W 309 29.23 -19.67 49.91
N TYR W 310 30.31 -19.82 50.68
CA TYR W 310 30.35 -19.43 52.08
C TYR W 310 30.05 -17.94 52.25
N VAL W 311 30.63 -17.12 51.37
CA VAL W 311 30.43 -15.67 51.42
C VAL W 311 28.95 -15.35 51.18
N LYS W 312 28.37 -15.97 50.16
CA LYS W 312 26.95 -15.79 49.86
C LYS W 312 26.06 -16.35 50.96
N ASP W 313 26.47 -17.45 51.57
CA ASP W 313 25.70 -18.07 52.66
C ASP W 313 25.60 -17.11 53.84
N VAL W 314 26.69 -16.40 54.10
CA VAL W 314 26.72 -15.41 55.19
C VAL W 314 26.03 -14.12 54.73
N THR W 315 26.26 -13.74 53.48
CA THR W 315 25.62 -12.56 52.92
C THR W 315 24.11 -12.71 52.91
N GLU W 316 23.63 -13.86 52.42
CA GLU W 316 22.20 -14.14 52.41
C GLU W 316 21.67 -14.32 53.83
N GLY W 317 22.57 -14.62 54.77
CA GLY W 317 22.20 -14.76 56.17
C GLY W 317 21.81 -13.41 56.76
N LEU W 318 22.49 -12.37 56.30
CA LEU W 318 22.20 -11.00 56.72
C LEU W 318 21.03 -10.42 55.93
N ARG W 319 20.94 -10.79 54.65
CA ARG W 319 19.83 -10.37 53.80
C ARG W 319 18.50 -10.77 54.43
N ALA W 320 18.36 -12.06 54.72
CA ALA W 320 17.14 -12.60 55.29
C ALA W 320 16.92 -12.07 56.70
N PHE W 321 18.00 -11.96 57.46
CA PHE W 321 17.93 -11.51 58.85
C PHE W 321 17.40 -10.09 58.95
N MET W 322 18.05 -9.16 58.25
CA MET W 322 17.67 -7.76 58.27
C MET W 322 16.26 -7.55 57.71
N ARG W 323 15.90 -8.38 56.73
CA ARG W 323 14.58 -8.29 56.13
C ARG W 323 13.50 -8.71 57.13
N ASP W 324 13.87 -9.55 58.09
CA ASP W 324 12.95 -9.94 59.15
C ASP W 324 12.79 -8.81 60.16
N LEU W 325 13.73 -7.88 60.17
CA LEU W 325 13.65 -6.68 61.00
C LEU W 325 12.90 -5.56 60.29
N LYS W 326 12.99 -5.55 58.97
CA LYS W 326 12.36 -4.51 58.17
C LYS W 326 10.84 -4.64 58.20
N ASN W 327 10.34 -5.80 57.76
CA ASN W 327 8.91 -6.06 57.74
C ASN W 327 8.32 -6.06 59.14
N GLN W 328 9.16 -6.37 60.13
CA GLN W 328 8.75 -6.36 61.52
C GLN W 328 8.64 -4.92 62.02
N GLY W 329 9.38 -4.02 61.39
CA GLY W 329 9.33 -2.61 61.73
C GLY W 329 10.48 -2.15 62.60
N ALA W 330 11.47 -3.03 62.81
CA ALA W 330 12.62 -2.70 63.63
C ALA W 330 13.50 -1.67 62.94
N VAL W 331 13.57 -1.77 61.61
CA VAL W 331 14.36 -0.85 60.79
C VAL W 331 13.55 -0.40 59.59
N ILE W 332 13.85 0.78 59.07
CA ILE W 332 13.16 1.29 57.89
C ILE W 332 13.66 0.57 56.65
N ASN W 333 14.98 0.60 56.46
CA ASN W 333 15.60 -0.08 55.34
C ASN W 333 17.05 -0.37 55.65
N PHE W 334 17.64 -1.33 54.91
CA PHE W 334 18.99 -1.78 55.18
C PHE W 334 19.74 -2.05 53.87
N GLU W 335 20.99 -2.48 54.03
CA GLU W 335 21.83 -2.82 52.89
C GLU W 335 23.09 -3.51 53.40
N VAL W 336 23.32 -4.74 52.95
CA VAL W 336 24.46 -5.52 53.41
C VAL W 336 25.18 -6.13 52.21
N TYR W 337 26.50 -6.15 52.27
CA TYR W 337 27.33 -6.62 51.17
C TYR W 337 28.79 -6.73 51.59
N ALA W 338 29.60 -7.35 50.75
CA ALA W 338 31.03 -7.50 51.00
C ALA W 338 31.79 -6.37 50.30
N ASP W 339 32.52 -5.58 51.07
CA ASP W 339 33.24 -4.43 50.52
C ASP W 339 34.38 -4.90 49.60
N PRO W 340 34.45 -4.34 48.37
CA PRO W 340 35.55 -4.71 47.47
C PRO W 340 36.93 -4.33 47.99
N ASP W 341 37.05 -3.14 48.57
CA ASP W 341 38.35 -2.62 48.99
C ASP W 341 38.89 -3.36 50.22
N LEU W 342 38.02 -3.60 51.20
CA LEU W 342 38.42 -4.27 52.43
C LEU W 342 38.84 -5.71 52.15
N ASN W 343 37.97 -6.45 51.48
CA ASN W 343 38.24 -7.84 51.13
C ASN W 343 39.37 -7.91 50.10
N SER W 344 40.58 -7.59 50.53
CA SER W 344 41.74 -7.64 49.66
C SER W 344 42.29 -9.06 49.61
N ALA W 345 43.11 -9.35 48.61
CA ALA W 345 43.71 -10.67 48.44
C ALA W 345 44.56 -11.06 49.66
N SER W 346 45.09 -10.07 50.35
CA SER W 346 45.96 -10.30 51.51
C SER W 346 45.14 -10.46 52.79
N GLN W 347 44.02 -9.75 52.87
CA GLN W 347 43.15 -9.82 54.05
C GLN W 347 42.49 -11.19 54.17
N LEU W 348 42.00 -11.70 53.03
CA LEU W 348 41.39 -13.03 53.00
C LEU W 348 42.43 -14.12 53.31
N ALA W 349 43.69 -13.82 53.04
CA ALA W 349 44.78 -14.76 53.28
C ALA W 349 45.17 -14.79 54.76
N GLN W 350 44.52 -13.95 55.57
CA GLN W 350 44.70 -13.95 57.02
C GLN W 350 43.41 -14.39 57.72
N GLY W 351 42.38 -14.68 56.92
CA GLY W 351 41.11 -15.12 57.44
C GLY W 351 40.09 -14.00 57.51
N LYS W 352 40.58 -12.75 57.52
CA LYS W 352 39.69 -11.60 57.59
C LYS W 352 38.77 -11.55 56.38
N VAL W 353 37.48 -11.36 56.66
CA VAL W 353 36.48 -11.16 55.61
C VAL W 353 35.38 -10.26 56.17
N TYR W 354 35.12 -9.16 55.47
CA TYR W 354 34.25 -8.11 55.98
C TYR W 354 32.89 -8.09 55.28
N TRP W 355 31.87 -7.59 56.00
CA TRP W 355 30.55 -7.38 55.43
C TRP W 355 29.98 -6.06 55.93
N ASN W 356 29.93 -5.07 55.04
CA ASN W 356 29.48 -3.74 55.40
C ASN W 356 27.97 -3.68 55.61
N ILE W 357 27.54 -3.77 56.86
CA ILE W 357 26.13 -3.63 57.20
C ILE W 357 25.81 -2.17 57.47
N ARG W 358 24.66 -1.72 56.99
CA ARG W 358 24.22 -0.35 57.20
C ARG W 358 22.70 -0.24 57.09
N PHE W 359 22.11 0.59 57.95
CA PHE W 359 20.66 0.75 57.99
C PHE W 359 20.28 1.98 58.80
N THR W 360 18.98 2.21 58.96
CA THR W 360 18.48 3.34 59.74
C THR W 360 17.48 2.86 60.77
N ASP W 361 17.91 2.79 62.03
CA ASP W 361 17.02 2.44 63.12
C ASP W 361 15.90 3.49 63.22
N VAL W 362 14.69 3.03 63.55
CA VAL W 362 13.54 3.92 63.58
C VAL W 362 13.63 4.91 64.76
N PRO W 363 13.63 6.23 64.45
CA PRO W 363 13.64 7.24 65.52
C PRO W 363 12.23 7.58 65.99
N PRO W 364 12.02 7.77 67.31
CA PRO W 364 10.68 8.15 67.80
C PRO W 364 10.36 9.61 67.48
N ALA W 365 9.23 9.84 66.81
CA ALA W 365 8.78 11.20 66.49
C ALA W 365 8.47 11.97 67.77
N GLU W 366 9.51 12.44 68.44
CA GLU W 366 9.35 13.07 69.75
C GLU W 366 8.75 14.48 69.67
N ASN W 367 8.52 14.95 68.44
CA ASN W 367 7.97 16.29 68.26
C ASN W 367 7.34 16.48 66.88
N PRO W 368 6.14 15.90 66.66
CA PRO W 368 5.42 16.06 65.39
C PRO W 368 4.72 17.40 65.28
N ASN W 369 5.12 18.22 64.31
CA ASN W 369 4.54 19.53 64.10
C ASN W 369 3.33 19.48 63.17
N PHE W 370 2.54 20.56 63.16
CA PHE W 370 1.35 20.64 62.33
C PHE W 370 1.17 22.06 61.80
N ARG W 371 1.89 22.38 60.73
CA ARG W 371 1.85 23.71 60.14
C ARG W 371 0.48 23.99 59.53
N VAL W 372 -0.52 24.21 60.37
CA VAL W 372 -1.86 24.53 59.92
C VAL W 372 -1.94 26.01 59.57
N GLU W 373 -2.71 26.33 58.53
CA GLU W 373 -2.81 27.71 58.05
C GLU W 373 -3.99 27.85 57.10
N VAL W 374 -4.90 28.75 57.43
CA VAL W 374 -6.04 29.04 56.56
C VAL W 374 -5.61 29.84 55.35
N THR W 375 -6.55 30.06 54.44
CA THR W 375 -6.29 30.85 53.25
C THR W 375 -7.61 31.24 52.59
N ASP W 376 -7.54 31.66 51.34
CA ASP W 376 -8.72 32.07 50.58
C ASP W 376 -8.69 31.43 49.20
N GLN W 377 -8.15 30.21 49.14
CA GLN W 377 -7.98 29.51 47.88
C GLN W 377 -9.29 28.88 47.41
N TRP W 378 -9.81 27.93 48.19
CA TRP W 378 -11.05 27.24 47.85
C TRP W 378 -12.27 28.04 48.26
N LEU W 379 -12.43 29.21 47.68
CA LEU W 379 -13.62 30.03 47.90
C LEU W 379 -14.45 30.10 46.62
N THR W 380 -13.77 30.15 45.49
CA THR W 380 -14.44 30.17 44.19
C THR W 380 -15.14 28.84 43.93
N GLU W 381 -14.80 27.83 44.71
CA GLU W 381 -15.45 26.52 44.61
C GLU W 381 -16.93 26.66 44.99
N VAL W 382 -17.21 27.59 45.89
CA VAL W 382 -18.57 27.88 46.31
C VAL W 382 -19.26 28.70 45.23
N LEU W 383 -19.61 28.04 44.13
CA LEU W 383 -20.20 28.72 42.99
C LEU W 383 -20.74 27.71 42.00
N ASP W 384 -19.90 26.74 41.62
CA ASP W 384 -20.29 25.71 40.68
C ASP W 384 -19.41 24.47 40.85
N SER X 2 16.68 18.25 73.28
CA SER X 2 15.50 17.69 72.64
C SER X 2 14.65 18.80 72.01
N PHE X 3 14.50 19.89 72.74
CA PHE X 3 13.73 21.05 72.30
C PHE X 3 12.23 20.72 72.23
N PHE X 4 11.47 21.37 73.12
CA PHE X 4 10.03 21.19 73.23
C PHE X 4 9.65 19.77 73.66
N HIS X 5 9.74 18.83 72.73
CA HIS X 5 9.34 17.45 72.97
C HIS X 5 7.87 17.34 73.39
N GLY X 6 6.96 17.45 72.43
CA GLY X 6 5.55 17.32 72.68
C GLY X 6 4.76 17.18 71.40
N VAL X 7 4.04 18.24 71.03
CA VAL X 7 3.28 18.25 69.78
C VAL X 7 2.85 19.69 69.50
N THR X 8 3.61 20.35 68.63
CA THR X 8 3.34 21.75 68.29
C THR X 8 2.20 21.86 67.29
N VAL X 9 1.83 23.08 66.97
CA VAL X 9 0.75 23.36 66.03
C VAL X 9 0.81 24.83 65.64
N THR X 10 1.98 25.25 65.15
CA THR X 10 2.21 26.65 64.82
C THR X 10 1.31 27.11 63.67
N ASN X 11 0.68 28.26 63.85
CA ASN X 11 -0.17 28.84 62.82
C ASN X 11 0.67 29.70 61.89
N VAL X 12 0.89 29.21 60.67
CA VAL X 12 1.67 29.94 59.69
C VAL X 12 0.84 31.06 59.09
N ASP X 13 1.11 32.29 59.53
CA ASP X 13 0.34 33.45 59.12
C ASP X 13 0.85 34.01 57.79
N ILE X 14 0.50 33.33 56.70
CA ILE X 14 0.86 33.80 55.36
C ILE X 14 -0.32 33.63 54.42
N GLY X 15 -0.28 34.34 53.29
CA GLY X 15 -1.36 34.31 52.33
C GLY X 15 -1.70 35.72 51.90
N ALA X 16 -2.33 35.86 50.73
CA ALA X 16 -2.71 37.15 50.21
C ALA X 16 -3.85 37.77 51.02
N ARG X 17 -3.57 38.86 51.71
CA ARG X 17 -4.58 39.57 52.48
C ARG X 17 -5.57 40.28 51.56
N THR X 18 -6.74 40.58 52.09
CA THR X 18 -7.76 41.30 51.34
C THR X 18 -7.57 42.80 51.49
N ILE X 19 -8.10 43.56 50.54
CA ILE X 19 -7.97 45.02 50.56
C ILE X 19 -9.31 45.67 50.21
N ALA X 20 -9.60 46.77 50.89
CA ALA X 20 -10.86 47.48 50.72
C ALA X 20 -10.65 48.89 50.17
N LEU X 21 -11.76 49.58 49.91
CA LEU X 21 -11.73 50.96 49.41
C LEU X 21 -12.28 51.92 50.46
N PRO X 22 -11.43 52.39 51.38
CA PRO X 22 -11.90 53.21 52.49
C PRO X 22 -12.37 54.59 52.06
N ALA X 23 -13.03 55.31 52.97
CA ALA X 23 -13.47 56.69 52.74
C ALA X 23 -14.47 56.81 51.60
N SER X 24 -14.05 56.44 50.40
CA SER X 24 -14.91 56.47 49.21
C SER X 24 -15.32 57.90 48.86
N SER X 25 -16.24 58.46 49.63
CA SER X 25 -16.75 59.80 49.34
C SER X 25 -17.34 60.45 50.60
N VAL X 26 -16.48 60.76 51.56
CA VAL X 26 -16.91 61.50 52.75
C VAL X 26 -16.69 62.98 52.52
N ILE X 27 -17.72 63.77 52.83
CA ILE X 27 -17.71 65.20 52.57
C ILE X 27 -17.10 65.96 53.76
N GLY X 28 -16.31 66.98 53.44
CA GLY X 28 -15.66 67.80 54.44
C GLY X 28 -16.10 69.25 54.28
N LEU X 29 -17.20 69.60 54.95
CA LEU X 29 -17.81 70.92 54.80
C LEU X 29 -17.38 71.86 55.92
N CYS X 30 -17.45 73.17 55.66
CA CYS X 30 -17.06 74.17 56.65
C CYS X 30 -17.68 75.52 56.30
N ASP X 31 -18.92 75.73 56.72
CA ASP X 31 -19.61 77.00 56.53
C ASP X 31 -19.64 77.75 57.86
N VAL X 32 -20.73 78.46 58.14
CA VAL X 32 -20.86 79.20 59.39
C VAL X 32 -22.23 78.98 60.01
N PHE X 33 -22.36 79.32 61.29
CA PHE X 33 -23.64 79.22 61.99
C PHE X 33 -23.64 80.13 63.21
N THR X 34 -24.66 79.97 64.06
CA THR X 34 -24.81 80.80 65.24
C THR X 34 -24.88 79.91 66.49
N PRO X 35 -23.75 79.73 67.19
CA PRO X 35 -23.78 78.89 68.40
C PRO X 35 -24.51 79.58 69.55
N GLY X 36 -25.26 78.80 70.33
CA GLY X 36 -26.00 79.34 71.46
C GLY X 36 -26.75 78.27 72.21
N ALA X 37 -28.06 78.20 71.97
CA ALA X 37 -28.94 77.28 72.69
C ALA X 37 -29.12 75.96 71.93
N GLN X 38 -29.93 76.00 70.88
CA GLN X 38 -30.25 74.81 70.10
C GLN X 38 -29.02 74.23 69.41
N ALA X 39 -27.99 75.06 69.23
CA ALA X 39 -26.76 74.64 68.57
C ALA X 39 -25.94 73.76 69.51
N SER X 40 -26.07 72.44 69.36
CA SER X 40 -25.36 71.50 70.21
C SER X 40 -23.87 71.47 69.86
N ALA X 41 -23.56 71.56 68.58
CA ALA X 41 -22.18 71.53 68.11
C ALA X 41 -21.42 72.74 68.62
N LYS X 42 -20.17 72.54 69.03
CA LYS X 42 -19.36 73.62 69.57
C LYS X 42 -18.99 74.62 68.47
N PRO X 43 -18.56 75.83 68.85
CA PRO X 43 -18.34 76.90 67.86
C PRO X 43 -17.21 76.65 66.86
N ASN X 44 -16.56 75.50 66.88
CA ASN X 44 -15.42 75.27 65.98
C ASN X 44 -15.02 73.81 65.76
N VAL X 45 -15.26 72.94 66.74
CA VAL X 45 -14.76 71.57 66.64
C VAL X 45 -15.46 70.81 65.52
N PRO X 46 -14.79 69.81 64.93
CA PRO X 46 -15.44 68.97 63.92
C PRO X 46 -16.57 68.12 64.53
N VAL X 47 -17.68 68.00 63.81
CA VAL X 47 -18.79 67.17 64.24
C VAL X 47 -19.24 66.29 63.10
N LEU X 48 -19.44 65.01 63.37
CA LEU X 48 -19.86 64.07 62.34
C LEU X 48 -21.37 64.11 62.16
N LEU X 49 -21.80 63.94 60.91
CA LEU X 49 -23.22 63.96 60.57
C LEU X 49 -23.59 62.68 59.84
N THR X 50 -24.87 62.52 59.55
CA THR X 50 -25.37 61.33 58.86
C THR X 50 -26.71 61.63 58.18
N SER X 51 -27.51 62.49 58.82
CA SER X 51 -28.82 62.87 58.30
C SER X 51 -29.16 64.29 58.75
N LYS X 52 -30.25 64.83 58.23
CA LYS X 52 -30.70 66.17 58.58
C LYS X 52 -30.97 66.30 60.07
N LYS X 53 -31.53 65.24 60.66
CA LYS X 53 -31.83 65.23 62.09
C LYS X 53 -30.55 65.44 62.91
N ASP X 54 -29.50 64.71 62.56
CA ASP X 54 -28.24 64.81 63.29
C ASP X 54 -27.55 66.16 63.05
N ALA X 55 -27.93 66.82 61.96
CA ALA X 55 -27.36 68.11 61.57
C ALA X 55 -28.17 69.27 62.15
N ALA X 56 -29.49 69.08 62.21
CA ALA X 56 -30.38 70.13 62.68
C ALA X 56 -30.12 70.45 64.16
N ALA X 57 -30.14 69.43 65.00
CA ALA X 57 -29.92 69.59 66.43
C ALA X 57 -28.48 70.03 66.72
N ALA X 58 -27.59 69.84 65.75
CA ALA X 58 -26.18 70.16 65.90
C ALA X 58 -25.92 71.66 65.74
N PHE X 59 -26.24 72.19 64.56
CA PHE X 59 -25.97 73.58 64.22
C PHE X 59 -27.20 74.46 64.40
N GLY X 60 -28.35 73.92 64.02
CA GLY X 60 -29.61 74.63 64.14
C GLY X 60 -30.22 74.94 62.79
N ILE X 61 -31.50 75.29 62.79
CA ILE X 61 -32.21 75.63 61.57
C ILE X 61 -31.96 77.09 61.22
N GLY X 62 -31.86 77.38 59.93
CA GLY X 62 -31.61 78.74 59.46
C GLY X 62 -30.13 79.04 59.35
N SER X 63 -29.31 78.26 60.07
CA SER X 63 -27.86 78.42 60.00
C SER X 63 -27.39 78.21 58.57
N SER X 64 -26.53 79.11 58.10
CA SER X 64 -26.03 79.05 56.72
C SER X 64 -25.37 77.72 56.39
N ILE X 65 -24.90 77.02 57.43
CA ILE X 65 -24.28 75.72 57.26
C ILE X 65 -25.32 74.63 57.05
N TYR X 66 -26.47 74.80 57.68
CA TYR X 66 -27.55 73.82 57.59
C TYR X 66 -28.19 73.85 56.20
N LEU X 67 -28.22 75.02 55.58
CA LEU X 67 -28.73 75.16 54.22
C LEU X 67 -27.83 74.45 53.23
N ALA X 68 -26.57 74.24 53.61
CA ALA X 68 -25.60 73.54 52.79
C ALA X 68 -25.69 72.03 53.01
N CYS X 69 -25.85 71.62 54.27
CA CYS X 69 -25.99 70.20 54.61
C CYS X 69 -27.32 69.67 54.07
N GLU X 70 -28.37 70.47 54.24
CA GLU X 70 -29.69 70.10 53.74
C GLU X 70 -29.68 69.95 52.22
N ALA X 71 -28.86 70.78 51.57
CA ALA X 71 -28.73 70.72 50.11
C ALA X 71 -28.07 69.41 49.68
N ILE X 72 -27.23 68.87 50.55
CA ILE X 72 -26.54 67.61 50.27
C ILE X 72 -27.46 66.42 50.55
N TYR X 73 -28.13 66.43 51.70
CA TYR X 73 -28.98 65.32 52.10
C TYR X 73 -30.24 65.25 51.26
N ASN X 74 -30.69 66.40 50.76
CA ASN X 74 -31.83 66.45 49.86
C ASN X 74 -31.48 65.73 48.55
N ARG X 75 -30.26 65.97 48.09
CA ARG X 75 -29.73 65.31 46.89
C ARG X 75 -29.52 63.81 47.17
N ALA X 76 -28.50 63.50 47.96
CA ALA X 76 -28.19 62.12 48.30
C ALA X 76 -27.49 62.05 49.65
N GLN X 77 -27.92 61.11 50.49
CA GLN X 77 -27.40 60.99 51.84
C GLN X 77 -25.92 60.60 51.82
N ALA X 78 -25.17 61.20 52.74
CA ALA X 78 -23.73 60.94 52.81
C ALA X 78 -23.17 61.41 54.16
N VAL X 79 -21.98 60.91 54.48
CA VAL X 79 -21.30 61.31 55.71
C VAL X 79 -20.68 62.68 55.52
N ILE X 80 -20.91 63.57 56.47
CA ILE X 80 -20.38 64.94 56.41
C ILE X 80 -19.71 65.28 57.74
N VAL X 81 -18.37 65.19 57.75
CA VAL X 81 -17.61 65.63 58.91
C VAL X 81 -17.53 67.16 58.88
N ALA X 82 -18.67 67.79 59.13
CA ALA X 82 -18.76 69.25 59.07
C ALA X 82 -18.02 69.89 60.23
N VAL X 83 -17.54 71.12 60.01
CA VAL X 83 -16.81 71.87 61.02
C VAL X 83 -17.70 73.00 61.55
N GLY X 84 -17.86 74.04 60.75
CA GLY X 84 -18.70 75.18 61.12
C GLY X 84 -18.00 76.10 62.09
N VAL X 85 -18.02 77.40 61.78
CA VAL X 85 -17.38 78.40 62.61
C VAL X 85 -18.31 79.58 62.84
N GLU X 86 -18.17 80.25 63.97
CA GLU X 86 -19.01 81.39 64.33
C GLU X 86 -18.83 82.52 63.31
N THR X 87 -19.92 83.21 63.00
CA THR X 87 -19.88 84.34 62.09
C THR X 87 -19.11 85.50 62.72
N ALA X 88 -18.32 86.20 61.91
CA ALA X 88 -17.51 87.32 62.38
C ALA X 88 -18.17 88.65 62.02
N GLU X 89 -17.49 89.74 62.36
CA GLU X 89 -18.00 91.08 62.08
C GLU X 89 -18.00 91.39 60.59
N THR X 90 -16.81 91.66 60.05
CA THR X 90 -16.65 91.96 58.63
C THR X 90 -16.54 90.66 57.83
N PRO X 91 -16.98 90.69 56.56
CA PRO X 91 -16.94 89.48 55.72
C PRO X 91 -15.52 89.04 55.40
N GLU X 92 -14.60 90.00 55.33
CA GLU X 92 -13.20 89.72 55.02
C GLU X 92 -12.53 88.94 56.15
N ALA X 93 -12.66 89.45 57.36
CA ALA X 93 -12.04 88.84 58.53
C ALA X 93 -12.73 87.52 58.89
N GLN X 94 -13.93 87.31 58.36
CA GLN X 94 -14.67 86.08 58.61
C GLN X 94 -13.99 84.91 57.92
N ALA X 95 -13.32 85.19 56.81
CA ALA X 95 -12.61 84.16 56.04
C ALA X 95 -11.44 83.60 56.85
N SER X 96 -10.93 84.39 57.79
CA SER X 96 -9.84 83.95 58.65
C SER X 96 -10.27 82.79 59.52
N ALA X 97 -11.44 82.94 60.14
CA ALA X 97 -12.01 81.89 60.98
C ALA X 97 -12.36 80.67 60.13
N VAL X 98 -12.72 80.91 58.87
CA VAL X 98 -13.05 79.82 57.95
C VAL X 98 -11.80 79.02 57.63
N ILE X 99 -10.73 79.72 57.23
CA ILE X 99 -9.46 79.05 56.98
C ILE X 99 -8.94 78.45 58.28
N GLY X 100 -8.84 79.29 59.31
CA GLY X 100 -8.44 78.83 60.62
C GLY X 100 -6.96 78.57 60.71
N GLY X 101 -6.28 79.29 61.61
CA GLY X 101 -4.86 79.09 61.81
C GLY X 101 -4.59 77.82 62.60
N ILE X 102 -4.60 77.96 63.92
CA ILE X 102 -4.36 76.82 64.81
C ILE X 102 -4.73 77.13 66.26
N SER X 103 -4.75 78.41 66.62
CA SER X 103 -5.14 78.88 67.95
C SER X 103 -4.11 78.48 69.01
N ALA X 104 -4.18 79.13 70.16
CA ALA X 104 -3.26 78.87 71.26
C ALA X 104 -3.54 77.51 71.90
N ALA X 105 -4.75 77.00 71.69
CA ALA X 105 -5.15 75.71 72.26
C ALA X 105 -4.37 74.57 71.59
N GLY X 106 -3.88 74.82 70.38
CA GLY X 106 -3.12 73.83 69.65
C GLY X 106 -3.99 73.05 68.69
N GLU X 107 -5.28 72.96 69.00
CA GLU X 107 -6.21 72.23 68.16
C GLU X 107 -6.50 72.98 66.87
N ARG X 108 -6.37 72.27 65.75
CA ARG X 108 -6.59 72.85 64.42
C ARG X 108 -7.98 73.47 64.30
N THR X 109 -8.02 74.76 64.02
CA THR X 109 -9.29 75.48 63.90
C THR X 109 -9.71 75.65 62.45
N GLY X 110 -10.98 76.00 62.26
CA GLY X 110 -11.51 76.31 60.95
C GLY X 110 -11.41 75.16 59.96
N LEU X 111 -11.24 75.52 58.69
CA LEU X 111 -11.21 74.54 57.60
C LEU X 111 -10.11 73.49 57.78
N GLN X 112 -9.03 73.86 58.46
CA GLN X 112 -7.90 72.96 58.67
C GLN X 112 -8.22 71.87 59.69
N ALA X 113 -9.37 72.00 60.37
CA ALA X 113 -9.79 71.04 61.38
C ALA X 113 -10.20 69.72 60.74
N LEU X 114 -10.37 69.71 59.42
CA LEU X 114 -10.82 68.52 58.71
C LEU X 114 -9.80 67.39 58.77
N LEU X 115 -8.53 67.75 59.01
CA LEU X 115 -7.47 66.75 59.13
C LEU X 115 -7.69 65.85 60.35
N ASP X 116 -8.50 66.32 61.29
CA ASP X 116 -8.79 65.58 62.51
C ASP X 116 -9.92 64.58 62.30
N GLY X 117 -10.69 64.77 61.23
CA GLY X 117 -11.83 63.91 60.95
C GLY X 117 -11.47 62.46 60.74
N LYS X 118 -10.22 62.22 60.34
CA LYS X 118 -9.74 60.86 60.11
C LYS X 118 -9.40 60.15 61.41
N SER X 119 -8.71 60.86 62.30
CA SER X 119 -8.26 60.30 63.57
C SER X 119 -9.26 60.56 64.70
N ARG X 120 -10.54 60.63 64.36
CA ARG X 120 -11.59 60.81 65.35
C ARG X 120 -12.88 60.09 64.95
N PHE X 121 -13.19 60.10 63.65
CA PHE X 121 -14.42 59.49 63.15
C PHE X 121 -14.13 58.39 62.13
N ASN X 122 -12.86 58.11 61.90
CA ASN X 122 -12.46 57.11 60.90
C ASN X 122 -13.08 57.39 59.55
N ALA X 123 -13.35 58.67 59.26
CA ALA X 123 -13.99 59.08 58.02
C ALA X 123 -13.21 60.26 57.46
N GLN X 124 -12.14 59.97 56.73
CA GLN X 124 -11.33 61.01 56.11
C GLN X 124 -12.15 61.77 55.07
N PRO X 125 -12.40 63.08 55.29
CA PRO X 125 -13.17 63.81 54.29
C PRO X 125 -12.44 63.88 52.96
N ARG X 126 -12.79 62.98 52.04
CA ARG X 126 -12.14 62.93 50.74
C ARG X 126 -12.97 63.70 49.71
N LEU X 127 -13.52 64.82 50.16
CA LEU X 127 -14.35 65.66 49.30
C LEU X 127 -14.63 66.99 50.01
N LEU X 128 -13.70 67.93 49.88
CA LEU X 128 -13.83 69.22 50.54
C LEU X 128 -14.89 70.09 49.87
N VAL X 129 -15.35 71.09 50.62
CA VAL X 129 -16.36 72.02 50.15
C VAL X 129 -16.52 73.13 51.17
N ALA X 130 -16.70 74.37 50.68
CA ALA X 130 -16.83 75.52 51.55
C ALA X 130 -17.82 76.53 50.93
N PRO X 131 -19.13 76.25 51.05
CA PRO X 131 -20.16 77.10 50.42
C PRO X 131 -20.10 78.55 50.91
N GLY X 132 -20.18 79.50 49.99
CA GLY X 132 -20.12 80.91 50.32
C GLY X 132 -18.69 81.42 50.37
N HIS X 133 -17.86 80.72 51.15
CA HIS X 133 -16.46 81.08 51.30
C HIS X 133 -15.57 80.30 50.34
N SER X 134 -15.49 80.78 49.10
CA SER X 134 -14.62 80.19 48.08
C SER X 134 -14.34 81.18 46.95
N ALA X 135 -15.24 82.15 46.75
CA ALA X 135 -15.03 83.19 45.76
C ALA X 135 -13.83 84.06 46.13
N GLN X 136 -13.51 84.10 47.41
CA GLN X 136 -12.34 84.83 47.89
C GLN X 136 -11.06 84.08 47.55
N GLN X 137 -10.08 84.79 46.99
CA GLN X 137 -8.82 84.21 46.54
C GLN X 137 -8.08 83.54 47.71
N ALA X 138 -8.31 84.04 48.93
CA ALA X 138 -7.60 83.59 50.11
C ALA X 138 -7.96 82.15 50.50
N VAL X 139 -9.22 81.97 50.90
CA VAL X 139 -9.71 80.69 51.38
C VAL X 139 -9.62 79.60 50.32
N ALA X 140 -9.62 80.00 49.05
CA ALA X 140 -9.59 79.05 47.94
C ALA X 140 -8.27 78.27 47.91
N THR X 141 -7.18 78.94 48.25
CA THR X 141 -5.86 78.31 48.25
C THR X 141 -5.72 77.33 49.40
N ALA X 142 -6.35 77.66 50.53
CA ALA X 142 -6.36 76.79 51.70
C ALA X 142 -7.06 75.48 51.36
N MET X 143 -8.11 75.58 50.54
CA MET X 143 -8.83 74.40 50.07
C MET X 143 -7.94 73.57 49.15
N ASP X 144 -7.05 74.24 48.42
CA ASP X 144 -6.13 73.58 47.51
C ASP X 144 -5.06 72.81 48.29
N GLY X 145 -4.45 73.49 49.25
CA GLY X 145 -3.38 72.91 50.03
C GLY X 145 -3.88 71.80 50.92
N LEU X 146 -5.09 71.96 51.45
CA LEU X 146 -5.68 70.99 52.35
C LEU X 146 -6.08 69.71 51.63
N ALA X 147 -6.49 69.85 50.37
CA ALA X 147 -6.95 68.72 49.57
C ALA X 147 -5.83 67.71 49.36
N GLU X 148 -4.61 68.22 49.20
CA GLU X 148 -3.45 67.35 48.97
C GLU X 148 -3.08 66.58 50.24
N LYS X 149 -3.44 67.12 51.40
CA LYS X 149 -3.21 66.45 52.67
C LYS X 149 -4.20 65.30 52.85
N LEU X 150 -5.41 65.51 52.33
CA LEU X 150 -6.49 64.54 52.45
C LEU X 150 -6.71 63.76 51.16
N ARG X 151 -5.97 64.12 50.11
CA ARG X 151 -6.14 63.49 48.80
C ARG X 151 -7.59 63.62 48.34
N ALA X 152 -8.20 64.77 48.63
CA ALA X 152 -9.61 65.00 48.33
C ALA X 152 -9.75 65.81 47.04
N ILE X 153 -10.97 66.28 46.78
CA ILE X 153 -11.25 67.11 45.62
C ILE X 153 -12.06 68.32 46.06
N ALA X 154 -11.37 69.41 46.35
CA ALA X 154 -11.99 70.62 46.84
C ALA X 154 -12.89 71.27 45.79
N ILE X 155 -14.18 71.33 46.07
CA ILE X 155 -15.15 71.96 45.17
C ILE X 155 -15.31 73.43 45.51
N LEU X 156 -14.76 74.29 44.67
CA LEU X 156 -14.88 75.73 44.84
C LEU X 156 -16.19 76.23 44.24
N ASP X 157 -16.41 77.54 44.33
CA ASP X 157 -17.59 78.16 43.74
C ASP X 157 -17.30 79.62 43.44
N GLY X 158 -16.89 79.90 42.21
CA GLY X 158 -16.51 81.25 41.82
C GLY X 158 -17.67 82.23 41.83
N PRO X 159 -17.36 83.53 41.79
CA PRO X 159 -18.39 84.58 41.84
C PRO X 159 -19.27 84.58 40.58
N ASN X 160 -20.54 84.95 40.75
CA ASN X 160 -21.45 85.03 39.61
C ASN X 160 -21.10 86.24 38.75
N SER X 161 -21.80 87.36 38.95
CA SER X 161 -21.55 88.57 38.19
C SER X 161 -21.61 88.32 36.69
N THR X 162 -20.56 87.69 36.15
CA THR X 162 -20.47 87.40 34.73
C THR X 162 -19.46 86.27 34.46
N ASP X 163 -19.38 85.85 33.21
CA ASP X 163 -18.49 84.76 32.81
C ASP X 163 -17.04 85.21 32.78
N GLU X 164 -16.81 86.46 32.41
CA GLU X 164 -15.47 87.03 32.33
C GLU X 164 -14.76 86.93 33.68
N ALA X 165 -15.52 87.14 34.75
CA ALA X 165 -14.98 87.12 36.10
C ALA X 165 -14.69 85.70 36.58
N ALA X 166 -15.37 84.72 35.97
CA ALA X 166 -15.22 83.32 36.34
C ALA X 166 -13.97 82.72 35.71
N VAL X 167 -13.71 83.09 34.45
CA VAL X 167 -12.54 82.61 33.73
C VAL X 167 -11.28 83.20 34.33
N ALA X 168 -11.32 84.50 34.66
CA ALA X 168 -10.17 85.19 35.22
C ALA X 168 -9.84 84.67 36.62
N TYR X 169 -10.81 84.01 37.24
CA TYR X 169 -10.64 83.46 38.58
C TYR X 169 -10.00 82.08 38.54
N ALA X 170 -10.40 81.27 37.56
CA ALA X 170 -9.88 79.91 37.39
C ALA X 170 -8.44 79.94 36.90
N LYS X 171 -8.08 81.01 36.19
CA LYS X 171 -6.74 81.18 35.65
C LYS X 171 -5.69 81.20 36.76
N ASN X 172 -6.14 81.42 38.00
CA ASN X 172 -5.25 81.49 39.13
C ASN X 172 -4.73 80.12 39.56
N PHE X 173 -5.63 79.16 39.68
CA PHE X 173 -5.29 77.83 40.17
C PHE X 173 -4.87 76.92 39.02
N GLY X 174 -4.35 75.75 39.38
CA GLY X 174 -3.94 74.76 38.39
C GLY X 174 -3.64 73.41 39.01
N SER X 175 -4.21 73.14 40.19
CA SER X 175 -3.95 71.90 40.91
C SER X 175 -4.94 70.81 40.52
N LYS X 176 -4.49 69.56 40.62
CA LYS X 176 -5.32 68.40 40.30
C LYS X 176 -6.63 68.38 41.09
N ARG X 177 -6.56 68.89 42.33
CA ARG X 177 -7.64 68.75 43.28
C ARG X 177 -8.45 70.04 43.44
N LEU X 178 -9.03 70.50 42.34
CA LEU X 178 -9.91 71.66 42.36
C LEU X 178 -10.96 71.53 41.27
N PHE X 179 -12.22 71.56 41.68
CA PHE X 179 -13.34 71.40 40.78
C PHE X 179 -14.35 72.52 41.00
N MET X 180 -14.11 73.65 40.35
CA MET X 180 -14.91 74.84 40.59
C MET X 180 -16.18 74.84 39.74
N VAL X 181 -17.22 75.47 40.27
CA VAL X 181 -18.47 75.68 39.56
C VAL X 181 -18.81 77.17 39.63
N ASP X 182 -19.04 77.77 38.46
CA ASP X 182 -19.20 79.21 38.37
C ASP X 182 -20.64 79.69 38.64
N PRO X 183 -21.60 79.29 37.80
CA PRO X 183 -22.95 79.85 37.95
C PRO X 183 -23.60 79.45 39.28
N GLY X 184 -23.93 80.44 40.11
CA GLY X 184 -24.51 80.18 41.41
C GLY X 184 -25.99 79.85 41.32
N VAL X 185 -26.32 78.59 41.50
CA VAL X 185 -27.72 78.15 41.47
C VAL X 185 -28.50 78.80 42.61
N GLN X 186 -29.77 79.08 42.38
CA GLN X 186 -30.63 79.69 43.39
C GLN X 186 -31.65 78.68 43.90
N VAL X 187 -31.73 78.56 45.23
CA VAL X 187 -32.64 77.63 45.87
C VAL X 187 -33.77 78.41 46.54
N TRP X 188 -34.91 77.74 46.75
CA TRP X 188 -36.02 78.34 47.43
C TRP X 188 -35.88 78.19 48.95
N ASP X 189 -35.37 79.24 49.60
CA ASP X 189 -35.17 79.19 51.05
C ASP X 189 -36.51 79.11 51.78
N SER X 190 -36.56 78.30 52.83
CA SER X 190 -37.78 78.10 53.60
C SER X 190 -38.06 79.30 54.51
N ALA X 191 -37.00 79.87 55.07
CA ALA X 191 -37.13 80.97 56.02
C ALA X 191 -37.54 82.27 55.31
N THR X 192 -36.97 82.51 54.14
CA THR X 192 -37.24 83.74 53.39
C THR X 192 -38.56 83.61 52.61
N ASN X 193 -38.96 82.38 52.34
CA ASN X 193 -40.20 82.10 51.60
C ASN X 193 -40.18 82.74 50.21
N ALA X 194 -39.01 82.72 49.58
CA ALA X 194 -38.86 83.24 48.22
C ALA X 194 -37.52 82.77 47.64
N ALA X 195 -37.18 83.31 46.47
CA ALA X 195 -35.93 82.96 45.81
C ALA X 195 -34.74 83.36 46.66
N ARG X 196 -33.64 82.65 46.51
CA ARG X 196 -32.45 82.90 47.31
C ARG X 196 -31.22 82.25 46.67
N ASN X 197 -30.28 83.09 46.25
CA ASN X 197 -29.07 82.60 45.58
C ASN X 197 -28.18 81.79 46.52
N ALA X 198 -27.67 80.68 46.01
CA ALA X 198 -26.79 79.79 46.77
C ALA X 198 -25.43 79.70 46.10
N PRO X 199 -24.41 79.23 46.85
CA PRO X 199 -23.06 79.11 46.27
C PRO X 199 -22.90 77.94 45.31
N ALA X 200 -23.87 77.02 45.29
CA ALA X 200 -23.86 75.88 44.38
C ALA X 200 -22.66 74.96 44.64
N SER X 201 -22.03 75.13 45.79
CA SER X 201 -20.86 74.34 46.15
C SER X 201 -21.29 73.03 46.79
N ALA X 202 -22.16 73.13 47.78
CA ALA X 202 -22.67 71.97 48.50
C ALA X 202 -23.56 71.10 47.61
N TYR X 203 -24.28 71.74 46.69
CA TYR X 203 -25.15 71.03 45.76
C TYR X 203 -24.32 70.16 44.83
N ALA X 204 -23.18 70.69 44.40
CA ALA X 204 -22.26 69.95 43.53
C ALA X 204 -21.52 68.88 44.32
N ALA X 205 -21.40 69.09 45.63
CA ALA X 205 -20.73 68.13 46.51
C ALA X 205 -21.64 66.93 46.77
N GLY X 206 -22.89 67.20 47.15
CA GLY X 206 -23.87 66.16 47.39
C GLY X 206 -24.14 65.37 46.12
N LEU X 207 -24.02 66.06 44.99
CA LEU X 207 -24.21 65.44 43.69
C LEU X 207 -23.20 64.33 43.44
N PHE X 208 -21.94 64.56 43.85
CA PHE X 208 -20.92 63.53 43.75
C PHE X 208 -21.29 62.32 44.59
N ALA X 209 -21.69 62.57 45.84
CA ALA X 209 -22.03 61.53 46.79
C ALA X 209 -23.15 60.64 46.27
N TRP X 210 -23.98 61.21 45.40
CA TRP X 210 -25.09 60.46 44.80
C TRP X 210 -24.56 59.46 43.78
N THR X 211 -23.63 59.91 42.92
CA THR X 211 -23.05 59.07 41.88
C THR X 211 -22.09 58.05 42.48
N ASP X 212 -21.35 58.47 43.51
CA ASP X 212 -20.37 57.61 44.16
C ASP X 212 -21.04 56.45 44.88
N ALA X 213 -22.17 56.72 45.51
CA ALA X 213 -22.93 55.69 46.21
C ALA X 213 -23.69 54.82 45.21
N GLU X 214 -24.08 55.43 44.09
CA GLU X 214 -24.86 54.73 43.07
C GLU X 214 -23.95 53.96 42.11
N TYR X 215 -23.37 54.67 41.15
CA TYR X 215 -22.50 54.05 40.15
C TYR X 215 -21.18 53.66 40.80
N GLY X 216 -20.49 54.64 41.34
CA GLY X 216 -19.19 54.44 41.97
C GLY X 216 -18.34 55.69 41.92
N PHE X 217 -17.30 55.72 42.75
CA PHE X 217 -16.38 56.86 42.78
C PHE X 217 -15.71 57.05 41.42
N TRP X 218 -15.57 55.94 40.69
CA TRP X 218 -14.95 55.97 39.37
C TRP X 218 -15.90 56.57 38.33
N SER X 219 -17.19 56.64 38.67
CA SER X 219 -18.17 57.21 37.76
C SER X 219 -18.06 58.73 37.76
N SER X 220 -18.23 59.34 36.59
CA SER X 220 -18.16 60.80 36.48
C SER X 220 -19.44 61.41 37.05
N PRO X 221 -19.32 62.54 37.79
CA PRO X 221 -20.48 63.19 38.39
C PRO X 221 -21.27 64.04 37.39
N SER X 222 -20.57 64.56 36.38
CA SER X 222 -21.17 65.46 35.40
C SER X 222 -22.40 64.84 34.72
N ASN X 223 -23.23 65.70 34.14
CA ASN X 223 -24.42 65.27 33.41
C ASN X 223 -25.38 64.49 34.31
N LYS X 224 -25.41 64.86 35.59
CA LYS X 224 -26.34 64.28 36.55
C LYS X 224 -27.17 65.40 37.16
N GLU X 225 -28.49 65.21 37.18
CA GLU X 225 -29.42 66.25 37.60
C GLU X 225 -29.32 66.51 39.10
N ILE X 226 -29.35 67.79 39.46
CA ILE X 226 -29.30 68.20 40.86
C ILE X 226 -30.67 68.64 41.35
N LYS X 227 -31.04 68.19 42.55
CA LYS X 227 -32.32 68.53 43.15
C LYS X 227 -32.19 69.71 44.11
N GLY X 228 -33.31 70.22 44.59
CA GLY X 228 -33.32 71.32 45.55
C GLY X 228 -32.88 72.61 44.88
N VAL X 229 -33.48 72.89 43.72
CA VAL X 229 -33.15 74.08 42.94
C VAL X 229 -34.44 74.75 42.46
N THR X 230 -34.31 75.89 41.80
CA THR X 230 -35.46 76.63 41.29
C THR X 230 -35.05 77.78 40.39
N GLY X 231 -33.96 77.59 39.65
CA GLY X 231 -33.41 78.60 38.77
C GLY X 231 -31.92 78.73 38.98
N THR X 232 -31.24 79.46 38.09
CA THR X 232 -29.80 79.62 38.18
C THR X 232 -29.41 81.06 37.84
N SER X 233 -28.61 81.66 38.73
CA SER X 233 -28.10 83.00 38.52
C SER X 233 -27.27 83.05 37.23
N ARG X 234 -27.60 84.02 36.38
CA ARG X 234 -26.95 84.16 35.08
C ARG X 234 -27.20 82.92 34.21
N PRO X 235 -28.30 82.92 33.44
CA PRO X 235 -28.66 81.74 32.67
C PRO X 235 -27.62 81.38 31.62
N VAL X 236 -26.77 80.40 31.94
CA VAL X 236 -25.75 79.95 31.01
C VAL X 236 -26.44 79.21 29.86
N GLU X 237 -26.25 79.72 28.65
CA GLU X 237 -26.93 79.17 27.48
C GLU X 237 -26.31 77.85 27.06
N PHE X 238 -27.13 76.98 26.47
CA PHE X 238 -26.65 75.71 25.94
C PHE X 238 -27.53 75.24 24.78
N LEU X 239 -26.94 75.21 23.60
CA LEU X 239 -27.64 74.77 22.40
C LEU X 239 -27.78 73.25 22.38
N ASP X 240 -28.43 72.73 21.35
CA ASP X 240 -28.63 71.29 21.22
C ASP X 240 -27.30 70.58 20.98
N GLY X 241 -26.45 71.18 20.16
CA GLY X 241 -25.15 70.60 19.84
C GLY X 241 -24.30 71.55 19.02
N ASP X 242 -23.59 72.45 19.69
CA ASP X 242 -22.71 73.39 19.02
C ASP X 242 -21.68 73.95 20.00
N GLU X 243 -20.45 74.09 19.54
CA GLU X 243 -19.37 74.62 20.36
C GLU X 243 -19.51 76.13 20.61
N THR X 244 -20.47 76.74 19.91
CA THR X 244 -20.70 78.17 20.02
C THR X 244 -21.38 78.55 21.32
N CYS X 245 -22.04 77.57 21.94
CA CYS X 245 -22.75 77.82 23.18
C CYS X 245 -21.79 78.20 24.30
N ARG X 246 -22.28 78.98 25.25
CA ARG X 246 -21.42 79.54 26.29
C ARG X 246 -21.08 78.51 27.36
N ALA X 247 -21.94 77.52 27.52
CA ALA X 247 -21.73 76.46 28.50
C ALA X 247 -20.43 75.72 28.21
N ASN X 248 -20.07 75.66 26.93
CA ASN X 248 -18.87 74.97 26.49
C ASN X 248 -17.61 75.79 26.78
N LEU X 249 -17.70 77.09 26.55
CA LEU X 249 -16.55 77.98 26.71
C LEU X 249 -16.00 77.97 28.14
N LEU X 250 -16.88 77.83 29.11
CA LEU X 250 -16.45 77.78 30.51
C LEU X 250 -15.75 76.46 30.81
N ASN X 251 -16.17 75.39 30.15
CA ASN X 251 -15.55 74.08 30.31
C ASN X 251 -14.13 74.06 29.76
N ASN X 252 -13.88 74.91 28.76
CA ASN X 252 -12.54 75.05 28.19
C ASN X 252 -11.60 75.68 29.21
N ALA X 253 -12.17 76.50 30.09
CA ALA X 253 -11.40 77.13 31.17
C ALA X 253 -11.46 76.28 32.44
N ASN X 254 -11.83 75.00 32.29
CA ASN X 254 -11.93 74.07 33.41
C ASN X 254 -12.92 74.59 34.45
N ILE X 255 -14.19 74.64 34.07
CA ILE X 255 -15.24 75.12 34.96
C ILE X 255 -16.52 74.30 34.79
N ALA X 256 -17.12 73.93 35.93
CA ALA X 256 -18.39 73.23 35.93
C ALA X 256 -19.53 74.24 35.83
N THR X 257 -20.63 73.85 35.19
CA THR X 257 -21.76 74.74 35.01
C THR X 257 -23.09 74.00 35.04
N ILE X 258 -24.12 74.68 35.52
CA ILE X 258 -25.47 74.12 35.57
C ILE X 258 -26.25 74.64 34.37
N ILE X 259 -26.64 73.72 33.50
CA ILE X 259 -27.25 74.09 32.22
C ILE X 259 -28.76 74.03 32.26
N ARG X 260 -29.38 74.63 31.25
CA ARG X 260 -30.83 74.66 31.06
C ARG X 260 -31.57 75.37 32.19
N ASP X 261 -32.87 75.53 32.02
CA ASP X 261 -33.70 76.26 32.94
C ASP X 261 -33.73 75.59 34.31
N ASP X 262 -34.19 76.33 35.32
CA ASP X 262 -34.34 75.79 36.67
C ASP X 262 -33.01 75.30 37.24
N GLY X 263 -32.52 74.19 36.71
CA GLY X 263 -31.29 73.57 37.17
C GLY X 263 -31.30 72.12 36.74
N TYR X 264 -31.43 71.92 35.43
CA TYR X 264 -31.58 70.58 34.86
C TYR X 264 -30.45 69.66 35.27
N ARG X 265 -29.21 70.08 35.03
CA ARG X 265 -28.06 69.25 35.35
C ARG X 265 -26.74 70.02 35.35
N LEU X 266 -25.75 69.45 36.03
CA LEU X 266 -24.41 70.02 36.12
C LEU X 266 -23.44 69.17 35.30
N TRP X 267 -22.46 69.83 34.68
CA TRP X 267 -21.38 69.10 34.01
C TRP X 267 -20.13 69.97 33.86
N GLY X 268 -19.06 69.36 33.35
CA GLY X 268 -17.77 70.03 33.21
C GLY X 268 -16.73 69.24 33.98
N ASN X 269 -16.37 68.08 33.45
CA ASN X 269 -15.47 67.15 34.12
C ASN X 269 -14.07 67.73 34.33
N ARG X 270 -13.70 68.71 33.50
CA ARG X 270 -12.38 69.31 33.56
C ARG X 270 -12.11 69.95 34.92
N THR X 271 -11.13 69.40 35.64
CA THR X 271 -10.69 69.99 36.89
C THR X 271 -9.65 71.06 36.59
N LEU X 272 -9.59 72.08 37.44
CA LEU X 272 -8.65 73.18 37.24
C LEU X 272 -7.21 72.70 37.30
N SER X 273 -6.77 71.98 36.27
CA SER X 273 -5.43 71.39 36.23
C SER X 273 -4.73 71.71 34.91
N SER X 274 -3.46 72.09 35.02
CA SER X 274 -2.64 72.37 33.84
C SER X 274 -2.25 71.08 33.13
N ASP X 275 -1.79 70.10 33.91
CA ASP X 275 -1.38 68.82 33.35
C ASP X 275 -2.59 68.11 32.75
N SER X 276 -2.55 67.87 31.44
CA SER X 276 -3.67 67.25 30.72
C SER X 276 -3.86 65.78 31.12
N LYS X 277 -2.87 65.22 31.81
CA LYS X 277 -2.95 63.84 32.28
C LYS X 277 -4.05 63.71 33.34
N TRP X 278 -4.18 64.73 34.17
CA TRP X 278 -5.17 64.76 35.24
C TRP X 278 -6.28 65.75 34.89
N ALA X 279 -6.69 65.73 33.63
CA ALA X 279 -7.68 66.68 33.14
C ALA X 279 -9.06 66.38 33.73
N PHE X 280 -9.42 65.10 33.78
CA PHE X 280 -10.70 64.70 34.34
C PHE X 280 -10.64 64.65 35.86
N VAL X 281 -11.75 65.04 36.48
CA VAL X 281 -11.88 64.95 37.93
C VAL X 281 -11.98 63.48 38.34
N THR X 282 -12.41 62.65 37.39
CA THR X 282 -12.55 61.21 37.62
C THR X 282 -11.21 60.56 37.97
N ARG X 283 -10.21 60.80 37.12
CA ARG X 283 -8.88 60.20 37.31
C ARG X 283 -8.29 60.55 38.67
N VAL X 284 -8.43 61.82 39.05
CA VAL X 284 -7.92 62.30 40.33
C VAL X 284 -8.66 61.62 41.48
N ARG X 285 -9.93 61.26 41.23
CA ARG X 285 -10.77 60.67 42.26
C ARG X 285 -10.51 59.18 42.44
N THR X 286 -10.16 58.50 41.35
CA THR X 286 -9.87 57.07 41.38
C THR X 286 -8.46 56.82 41.88
N MET X 287 -7.53 57.65 41.45
CA MET X 287 -6.12 57.49 41.78
C MET X 287 -5.87 57.77 43.25
N ASP X 288 -6.49 58.83 43.76
CA ASP X 288 -6.37 59.19 45.17
C ASP X 288 -7.01 58.14 46.07
N LEU X 289 -7.86 57.30 45.47
CA LEU X 289 -8.57 56.27 46.23
C LEU X 289 -7.74 54.97 46.31
N VAL X 290 -7.30 54.48 45.16
CA VAL X 290 -6.51 53.25 45.11
C VAL X 290 -5.17 53.42 45.81
N MET X 291 -4.67 54.65 45.83
CA MET X 291 -3.43 54.95 46.54
C MET X 291 -3.64 54.83 48.04
N ASP X 292 -4.67 55.52 48.54
CA ASP X 292 -5.00 55.48 49.96
C ASP X 292 -5.42 54.08 50.41
N ALA X 293 -5.90 53.28 49.45
CA ALA X 293 -6.32 51.91 49.74
C ALA X 293 -5.11 51.00 49.91
N ILE X 294 -4.16 51.13 48.99
CA ILE X 294 -2.93 50.34 49.03
C ILE X 294 -2.09 50.75 50.23
N LEU X 295 -2.10 52.05 50.53
CA LEU X 295 -1.37 52.58 51.66
C LEU X 295 -1.91 52.01 52.97
N ALA X 296 -3.21 52.22 53.21
CA ALA X 296 -3.86 51.76 54.43
C ALA X 296 -4.13 50.25 54.41
N GLY X 297 -4.02 49.65 53.22
CA GLY X 297 -4.33 48.24 53.06
C GLY X 297 -3.20 47.33 53.51
N HIS X 298 -1.98 47.64 53.05
CA HIS X 298 -0.81 46.84 53.35
C HIS X 298 -0.09 47.34 54.60
N LYS X 299 -0.88 47.70 55.61
CA LYS X 299 -0.35 48.09 56.91
C LYS X 299 -0.04 46.85 57.74
N TRP X 300 -0.59 45.72 57.32
CA TRP X 300 -0.36 44.45 58.00
C TRP X 300 1.03 43.92 57.71
N ALA X 301 1.52 44.22 56.52
CA ALA X 301 2.81 43.73 56.05
C ALA X 301 3.93 44.43 56.82
N VAL X 302 4.43 45.54 56.26
CA VAL X 302 5.53 46.30 56.86
C VAL X 302 6.70 45.33 57.13
N ASP X 303 7.43 45.55 58.23
CA ASP X 303 8.60 44.72 58.53
C ASP X 303 8.17 43.28 58.78
N ARG X 304 8.48 42.42 57.80
CA ARG X 304 8.15 41.00 57.88
C ARG X 304 9.08 40.24 56.95
N GLY X 305 9.29 38.96 57.24
CA GLY X 305 10.19 38.12 56.46
C GLY X 305 9.89 38.17 54.98
N ILE X 306 10.81 38.77 54.23
CA ILE X 306 10.63 38.99 52.80
C ILE X 306 11.02 37.71 52.05
N THR X 307 10.34 36.62 52.35
CA THR X 307 10.54 35.37 51.62
C THR X 307 9.80 35.41 50.29
N LYS X 308 10.15 34.51 49.38
CA LYS X 308 9.49 34.42 48.07
C LYS X 308 7.97 34.31 48.21
N THR X 309 7.53 33.70 49.31
CA THR X 309 6.10 33.56 49.58
C THR X 309 5.49 34.93 49.85
N TYR X 310 6.16 35.72 50.68
CA TYR X 310 5.67 37.03 51.08
C TYR X 310 5.48 37.95 49.87
N VAL X 311 6.43 37.90 48.93
CA VAL X 311 6.35 38.72 47.73
C VAL X 311 5.13 38.32 46.90
N LYS X 312 4.93 37.02 46.73
CA LYS X 312 3.77 36.51 46.00
C LYS X 312 2.47 36.79 46.74
N ASP X 313 2.51 36.74 48.07
CA ASP X 313 1.32 37.02 48.88
C ASP X 313 0.86 38.45 48.68
N VAL X 314 1.82 39.36 48.56
CA VAL X 314 1.52 40.76 48.32
C VAL X 314 1.19 40.98 46.84
N THR X 315 1.93 40.30 45.96
CA THR X 315 1.67 40.37 44.53
C THR X 315 0.26 39.87 44.20
N GLU X 316 -0.09 38.71 44.74
CA GLU X 316 -1.42 38.15 44.55
C GLU X 316 -2.48 38.99 45.25
N GLY X 317 -2.05 39.78 46.23
CA GLY X 317 -2.94 40.68 46.93
C GLY X 317 -3.40 41.80 46.03
N LEU X 318 -2.51 42.24 45.15
CA LEU X 318 -2.82 43.28 44.18
C LEU X 318 -3.53 42.69 42.96
N ARG X 319 -3.14 41.47 42.58
CA ARG X 319 -3.79 40.76 41.48
C ARG X 319 -5.29 40.66 41.72
N ALA X 320 -5.64 40.10 42.88
CA ALA X 320 -7.04 39.89 43.23
C ALA X 320 -7.74 41.23 43.45
N PHE X 321 -7.04 42.16 44.09
CA PHE X 321 -7.61 43.47 44.39
C PHE X 321 -7.99 44.23 43.13
N MET X 322 -7.04 44.40 42.23
CA MET X 322 -7.28 45.13 40.98
C MET X 322 -8.31 44.44 40.11
N ARG X 323 -8.35 43.11 40.19
CA ARG X 323 -9.32 42.35 39.41
C ARG X 323 -10.73 42.57 39.94
N ASP X 324 -10.84 42.94 41.21
CA ASP X 324 -12.13 43.27 41.80
C ASP X 324 -12.58 44.66 41.34
N LEU X 325 -11.63 45.45 40.86
CA LEU X 325 -11.91 46.77 40.29
C LEU X 325 -12.23 46.67 38.81
N LYS X 326 -11.63 45.69 38.15
CA LYS X 326 -11.79 45.51 36.71
C LYS X 326 -13.20 45.04 36.37
N ASN X 327 -13.60 43.90 36.95
CA ASN X 327 -14.92 43.34 36.73
C ASN X 327 -16.02 44.26 37.27
N GLN X 328 -15.66 45.06 38.27
CA GLN X 328 -16.58 46.04 38.84
C GLN X 328 -16.75 47.23 37.89
N GLY X 329 -15.74 47.46 37.07
CA GLY X 329 -15.77 48.51 36.07
C GLY X 329 -15.02 49.77 36.49
N ALA X 330 -14.28 49.68 37.60
CA ALA X 330 -13.51 50.82 38.09
C ALA X 330 -12.35 51.11 37.15
N VAL X 331 -11.78 50.06 36.58
CA VAL X 331 -10.64 50.18 35.68
C VAL X 331 -10.87 49.29 34.46
N ILE X 332 -10.29 49.65 33.33
CA ILE X 332 -10.42 48.85 32.12
C ILE X 332 -9.53 47.62 32.22
N ASN X 333 -8.25 47.84 32.49
CA ASN X 333 -7.30 46.75 32.66
C ASN X 333 -6.12 47.21 33.50
N PHE X 334 -5.40 46.26 34.07
CA PHE X 334 -4.30 46.56 34.97
C PHE X 334 -3.12 45.62 34.75
N GLU X 335 -2.08 45.81 35.55
CA GLU X 335 -0.89 44.97 35.50
C GLU X 335 -0.02 45.30 36.70
N VAL X 336 0.25 44.30 37.53
CA VAL X 336 1.05 44.50 38.73
C VAL X 336 2.12 43.43 38.84
N TYR X 337 3.31 43.83 39.28
CA TYR X 337 4.45 42.93 39.35
C TYR X 337 5.61 43.59 40.08
N ALA X 338 6.63 42.79 40.40
CA ALA X 338 7.83 43.28 41.07
C ALA X 338 8.90 43.61 40.04
N ASP X 339 9.35 44.86 40.00
CA ASP X 339 10.33 45.29 39.01
C ASP X 339 11.68 44.62 39.26
N PRO X 340 12.29 44.02 38.21
CA PRO X 340 13.60 43.41 38.37
C PRO X 340 14.70 44.40 38.74
N ASP X 341 14.70 45.57 38.10
CA ASP X 341 15.78 46.55 38.28
C ASP X 341 15.72 47.21 39.67
N LEU X 342 14.52 47.59 40.09
CA LEU X 342 14.33 48.24 41.38
C LEU X 342 14.69 47.31 42.53
N ASN X 343 14.09 46.13 42.52
CA ASN X 343 14.36 45.13 43.55
C ASN X 343 15.78 44.59 43.44
N SER X 344 16.76 45.45 43.75
CA SER X 344 18.16 45.06 43.70
C SER X 344 18.55 44.35 44.99
N ALA X 345 19.67 43.64 44.96
CA ALA X 345 20.15 42.90 46.12
C ALA X 345 20.41 43.83 47.31
N SER X 346 20.73 45.09 47.00
CA SER X 346 21.04 46.08 48.03
C SER X 346 19.77 46.76 48.56
N GLN X 347 18.78 46.92 47.70
CA GLN X 347 17.53 47.56 48.09
C GLN X 347 16.75 46.67 49.07
N LEU X 348 16.69 45.37 48.77
CA LEU X 348 16.03 44.42 49.64
C LEU X 348 16.76 44.32 50.99
N ALA X 349 18.05 44.61 50.98
CA ALA X 349 18.86 44.55 52.19
C ALA X 349 18.64 45.78 53.08
N GLN X 350 17.81 46.70 52.61
CA GLN X 350 17.41 47.87 53.40
C GLN X 350 15.92 47.81 53.73
N GLY X 351 15.26 46.75 53.26
CA GLY X 351 13.84 46.56 53.50
C GLY X 351 12.99 46.99 52.32
N LYS X 352 13.54 47.85 51.46
CA LYS X 352 12.81 48.32 50.29
C LYS X 352 12.44 47.17 49.36
N VAL X 353 11.17 47.14 48.97
CA VAL X 353 10.68 46.18 47.99
C VAL X 353 9.53 46.84 47.21
N TYR X 354 9.67 46.87 45.88
CA TYR X 354 8.77 47.64 45.04
C TYR X 354 7.80 46.74 44.26
N TRP X 355 6.64 47.30 43.93
CA TRP X 355 5.67 46.63 43.08
C TRP X 355 5.08 47.64 42.09
N ASN X 356 5.47 47.50 40.83
CA ASN X 356 5.04 48.43 39.80
C ASN X 356 3.59 48.22 39.40
N ILE X 357 2.70 49.02 39.97
CA ILE X 357 1.28 48.98 39.62
C ILE X 357 1.02 49.95 38.48
N ARG X 358 0.19 49.52 37.53
CA ARG X 358 -0.17 50.36 36.39
C ARG X 358 -1.50 49.93 35.80
N PHE X 359 -2.31 50.91 35.39
CA PHE X 359 -3.62 50.64 34.83
C PHE X 359 -4.18 51.89 34.14
N THR X 360 -5.40 51.78 33.65
CA THR X 360 -6.06 52.90 32.97
C THR X 360 -7.44 53.15 33.59
N ASP X 361 -7.54 54.20 34.41
CA ASP X 361 -8.82 54.59 34.98
C ASP X 361 -9.78 54.97 33.85
N VAL X 362 -11.05 54.64 34.03
CA VAL X 362 -12.05 54.86 32.98
C VAL X 362 -12.33 56.37 32.79
N PRO X 363 -12.09 56.89 31.58
CA PRO X 363 -12.40 58.31 31.30
C PRO X 363 -13.84 58.49 30.83
N PRO X 364 -14.54 59.55 31.29
CA PRO X 364 -15.91 59.78 30.83
C PRO X 364 -15.95 60.29 29.39
N ALA X 365 -16.71 59.61 28.53
CA ALA X 365 -16.87 60.03 27.13
C ALA X 365 -17.58 61.37 27.06
N GLU X 366 -16.84 62.45 27.33
CA GLU X 366 -17.45 63.77 27.43
C GLU X 366 -17.84 64.36 26.08
N ASN X 367 -17.53 63.65 25.00
CA ASN X 367 -17.83 64.12 23.65
C ASN X 367 -17.85 62.99 22.62
N PRO X 368 -18.91 62.17 22.63
CA PRO X 368 -19.06 61.09 21.65
C PRO X 368 -19.54 61.60 20.29
N ASN X 369 -18.72 61.42 19.26
CA ASN X 369 -19.05 61.87 17.90
C ASN X 369 -19.80 60.80 17.13
N PHE X 370 -20.43 61.20 16.03
CA PHE X 370 -21.18 60.28 15.17
C PHE X 370 -20.99 60.67 13.70
N ARG X 371 -19.89 60.20 13.12
CA ARG X 371 -19.57 60.50 11.73
C ARG X 371 -20.56 59.84 10.78
N VAL X 372 -21.78 60.35 10.73
CA VAL X 372 -22.81 59.82 9.84
C VAL X 372 -22.60 60.38 8.44
N GLU X 373 -22.87 59.57 7.43
CA GLU X 373 -22.66 59.95 6.05
C GLU X 373 -23.35 58.99 5.10
N VAL X 374 -24.24 59.53 4.26
CA VAL X 374 -24.92 58.72 3.26
C VAL X 374 -23.97 58.36 2.13
N THR X 375 -24.45 57.54 1.20
CA THR X 375 -23.68 57.15 0.04
C THR X 375 -24.60 56.52 -1.01
N ASP X 376 -24.00 55.80 -1.96
CA ASP X 376 -24.75 55.15 -3.02
C ASP X 376 -24.24 53.73 -3.19
N GLN X 377 -23.84 53.12 -2.07
CA GLN X 377 -23.25 51.79 -2.09
C GLN X 377 -24.33 50.71 -2.20
N TRP X 378 -25.18 50.62 -1.19
CA TRP X 378 -26.25 49.62 -1.17
C TRP X 378 -27.46 50.07 -1.97
N LEU X 379 -27.28 50.26 -3.27
CA LEU X 379 -28.37 50.59 -4.18
C LEU X 379 -28.63 49.42 -5.13
N THR X 380 -27.56 48.75 -5.53
CA THR X 380 -27.66 47.58 -6.41
C THR X 380 -28.33 46.42 -5.68
N GLU X 381 -28.42 46.53 -4.36
CA GLU X 381 -29.09 45.52 -3.55
C GLU X 381 -30.58 45.50 -3.89
N VAL X 382 -31.10 46.65 -4.27
CA VAL X 382 -32.49 46.78 -4.71
C VAL X 382 -32.59 46.23 -6.13
N LEU X 383 -32.57 44.90 -6.25
CA LEU X 383 -32.60 44.27 -7.56
C LEU X 383 -32.81 42.77 -7.40
N ASP X 384 -31.99 42.15 -6.55
CA ASP X 384 -32.06 40.72 -6.30
C ASP X 384 -31.43 40.38 -4.96
N SER Y 2 -2.36 81.49 -9.19
CA SER Y 2 -3.17 80.28 -9.07
C SER Y 2 -3.32 79.58 -10.41
N PHE Y 3 -3.54 80.38 -11.46
CA PHE Y 3 -3.68 79.88 -12.82
C PHE Y 3 -4.99 79.10 -12.98
N PHE Y 4 -5.90 79.67 -13.76
CA PHE Y 4 -7.21 79.08 -14.03
C PHE Y 4 -8.08 79.01 -12.78
N HIS Y 5 -7.79 78.04 -11.92
CA HIS Y 5 -8.58 77.79 -10.71
C HIS Y 5 -10.04 77.48 -11.04
N GLY Y 6 -10.30 76.25 -11.49
CA GLY Y 6 -11.65 75.83 -11.78
C GLY Y 6 -11.72 74.32 -11.98
N VAL Y 7 -11.89 73.89 -13.21
CA VAL Y 7 -11.92 72.47 -13.55
C VAL Y 7 -11.80 72.31 -15.07
N THR Y 8 -10.59 72.05 -15.52
CA THR Y 8 -10.31 71.91 -16.94
C THR Y 8 -10.75 70.55 -17.46
N VAL Y 9 -10.62 70.35 -18.76
CA VAL Y 9 -11.00 69.11 -19.41
C VAL Y 9 -10.41 69.12 -20.82
N THR Y 10 -9.09 69.28 -20.88
CA THR Y 10 -8.40 69.36 -22.16
C THR Y 10 -8.48 68.06 -22.94
N ASN Y 11 -8.82 68.17 -24.22
CA ASN Y 11 -8.90 67.02 -25.11
C ASN Y 11 -7.54 66.74 -25.72
N VAL Y 12 -6.87 65.69 -25.25
CA VAL Y 12 -5.56 65.33 -25.77
C VAL Y 12 -5.70 64.65 -27.14
N ASP Y 13 -5.39 65.41 -28.19
CA ASP Y 13 -5.56 64.94 -29.56
C ASP Y 13 -4.34 64.13 -30.01
N ILE Y 14 -4.28 62.88 -29.55
CA ILE Y 14 -3.21 61.97 -29.96
C ILE Y 14 -3.79 60.58 -30.22
N GLY Y 15 -3.04 59.76 -30.95
CA GLY Y 15 -3.48 58.44 -31.33
C GLY Y 15 -3.23 58.19 -32.80
N ALA Y 16 -3.16 56.93 -33.19
CA ALA Y 16 -2.91 56.56 -34.57
C ALA Y 16 -4.11 56.88 -35.46
N ARG Y 17 -3.94 57.84 -36.37
CA ARG Y 17 -5.00 58.20 -37.30
C ARG Y 17 -5.21 57.11 -38.33
N THR Y 18 -6.39 57.10 -38.95
CA THR Y 18 -6.71 56.14 -39.99
C THR Y 18 -6.26 56.66 -41.35
N ILE Y 19 -6.05 55.75 -42.30
CA ILE Y 19 -5.61 56.12 -43.64
C ILE Y 19 -6.41 55.35 -44.68
N ALA Y 20 -6.71 56.04 -45.78
CA ALA Y 20 -7.53 55.48 -46.86
C ALA Y 20 -6.73 55.38 -48.16
N LEU Y 21 -7.37 54.80 -49.18
CA LEU Y 21 -6.78 54.65 -50.51
C LEU Y 21 -7.52 55.51 -51.53
N PRO Y 22 -7.13 56.79 -51.65
CA PRO Y 22 -7.87 57.73 -52.50
C PRO Y 22 -7.71 57.42 -53.99
N ALA Y 23 -8.55 58.06 -54.81
CA ALA Y 23 -8.46 57.95 -56.27
C ALA Y 23 -8.73 56.53 -56.77
N SER Y 24 -7.88 55.59 -56.36
CA SER Y 24 -8.02 54.17 -56.73
C SER Y 24 -7.85 53.98 -58.23
N SER Y 25 -8.86 54.36 -59.00
CA SER Y 25 -8.83 54.16 -60.46
C SER Y 25 -9.78 55.12 -61.18
N VAL Y 26 -9.44 56.40 -61.14
CA VAL Y 26 -10.20 57.40 -61.90
C VAL Y 26 -9.55 57.59 -63.27
N ILE Y 27 -10.37 57.56 -64.30
CA ILE Y 27 -9.89 57.64 -65.68
C ILE Y 27 -9.78 59.09 -66.12
N GLY Y 28 -8.71 59.37 -66.87
CA GLY Y 28 -8.46 60.71 -67.39
C GLY Y 28 -8.40 60.66 -68.90
N LEU Y 29 -9.55 60.83 -69.54
CA LEU Y 29 -9.67 60.70 -70.98
C LEU Y 29 -9.63 62.07 -71.67
N CYS Y 30 -9.26 62.07 -72.95
CA CYS Y 30 -9.17 63.30 -73.72
C CYS Y 30 -9.19 62.99 -75.22
N ASP Y 31 -10.39 62.85 -75.77
CA ASP Y 31 -10.57 62.63 -77.20
C ASP Y 31 -11.05 63.93 -77.84
N VAL Y 32 -11.94 63.84 -78.83
CA VAL Y 32 -12.48 65.01 -79.49
C VAL Y 32 -13.98 64.90 -79.67
N PHE Y 33 -14.63 66.03 -79.96
CA PHE Y 33 -16.06 66.06 -80.21
C PHE Y 33 -16.44 67.30 -81.00
N THR Y 34 -17.74 67.56 -81.11
CA THR Y 34 -18.25 68.69 -81.86
C THR Y 34 -19.13 69.57 -80.97
N PRO Y 35 -18.57 70.65 -80.40
CA PRO Y 35 -19.37 71.52 -79.54
C PRO Y 35 -20.38 72.34 -80.35
N GLY Y 36 -21.58 72.52 -79.80
CA GLY Y 36 -22.61 73.28 -80.46
C GLY Y 36 -23.87 73.40 -79.63
N ALA Y 37 -24.87 72.58 -79.98
CA ALA Y 37 -26.18 72.63 -79.34
C ALA Y 37 -26.28 71.63 -78.19
N GLN Y 38 -26.44 70.35 -78.54
CA GLN Y 38 -26.62 69.29 -77.55
C GLN Y 38 -25.39 69.12 -76.67
N ALA Y 39 -24.25 69.58 -77.15
CA ALA Y 39 -23.00 69.47 -76.42
C ALA Y 39 -22.96 70.49 -75.27
N SER Y 40 -23.33 70.02 -74.08
CA SER Y 40 -23.36 70.89 -72.90
C SER Y 40 -21.95 71.24 -72.43
N ALA Y 41 -21.05 70.27 -72.51
CA ALA Y 41 -19.66 70.48 -72.08
C ALA Y 41 -18.97 71.52 -72.97
N LYS Y 42 -18.17 72.38 -72.36
CA LYS Y 42 -17.50 73.44 -73.09
C LYS Y 42 -16.41 72.84 -73.99
N PRO Y 43 -15.93 73.61 -75.00
CA PRO Y 43 -15.02 73.06 -76.00
C PRO Y 43 -13.64 72.64 -75.49
N ASN Y 44 -13.38 72.72 -74.18
CA ASN Y 44 -12.05 72.39 -73.68
C ASN Y 44 -11.96 72.09 -72.19
N VAL Y 45 -12.83 72.66 -71.37
CA VAL Y 45 -12.70 72.52 -69.92
C VAL Y 45 -12.94 71.06 -69.49
N PRO Y 46 -12.31 70.65 -68.37
CA PRO Y 46 -12.58 69.31 -67.84
C PRO Y 46 -14.02 69.17 -67.35
N VAL Y 47 -14.64 68.02 -67.61
CA VAL Y 47 -15.99 67.73 -67.14
C VAL Y 47 -16.02 66.35 -66.52
N LEU Y 48 -16.63 66.24 -65.35
CA LEU Y 48 -16.71 64.98 -64.64
C LEU Y 48 -17.88 64.14 -65.16
N LEU Y 49 -17.68 62.83 -65.21
CA LEU Y 49 -18.70 61.91 -65.68
C LEU Y 49 -18.97 60.85 -64.63
N THR Y 50 -19.95 59.99 -64.90
CA THR Y 50 -20.32 58.93 -63.97
C THR Y 50 -21.05 57.81 -64.71
N SER Y 51 -21.82 58.18 -65.73
CA SER Y 51 -22.58 57.22 -66.53
C SER Y 51 -22.74 57.75 -67.95
N LYS Y 52 -23.27 56.91 -68.83
CA LYS Y 52 -23.50 57.29 -70.22
C LYS Y 52 -24.42 58.49 -70.34
N LYS Y 53 -25.43 58.55 -69.46
CA LYS Y 53 -26.37 59.66 -69.45
C LYS Y 53 -25.65 60.99 -69.22
N ASP Y 54 -24.77 61.00 -68.23
CA ASP Y 54 -24.04 62.22 -67.88
C ASP Y 54 -23.03 62.59 -68.96
N ALA Y 55 -22.64 61.60 -69.77
CA ALA Y 55 -21.67 61.79 -70.84
C ALA Y 55 -22.35 62.16 -72.16
N ALA Y 56 -23.52 61.59 -72.39
CA ALA Y 56 -24.27 61.82 -73.63
C ALA Y 56 -24.68 63.28 -73.76
N ALA Y 57 -25.34 63.79 -72.74
CA ALA Y 57 -25.82 65.18 -72.74
C ALA Y 57 -24.64 66.16 -72.70
N ALA Y 58 -23.47 65.67 -72.29
CA ALA Y 58 -22.28 66.50 -72.16
C ALA Y 58 -21.62 66.78 -73.51
N PHE Y 59 -21.20 65.72 -74.18
CA PHE Y 59 -20.47 65.83 -75.43
C PHE Y 59 -21.37 65.61 -76.64
N GLY Y 60 -22.29 64.65 -76.52
CA GLY Y 60 -23.24 64.34 -77.57
C GLY Y 60 -23.02 62.96 -78.14
N ILE Y 61 -24.02 62.46 -78.86
CA ILE Y 61 -23.93 61.14 -79.48
C ILE Y 61 -23.20 61.25 -80.82
N GLY Y 62 -22.42 60.22 -81.14
CA GLY Y 62 -21.65 60.20 -82.37
C GLY Y 62 -20.28 60.83 -82.20
N SER Y 63 -20.13 61.66 -81.18
CA SER Y 63 -18.85 62.28 -80.88
C SER Y 63 -17.80 61.20 -80.63
N SER Y 64 -16.63 61.36 -81.25
CA SER Y 64 -15.55 60.37 -81.13
C SER Y 64 -15.16 60.10 -79.68
N ILE Y 65 -15.45 61.06 -78.80
CA ILE Y 65 -15.16 60.93 -77.38
C ILE Y 65 -16.19 60.06 -76.69
N TYR Y 66 -17.43 60.14 -77.17
CA TYR Y 66 -18.53 59.38 -76.57
C TYR Y 66 -18.38 57.89 -76.88
N LEU Y 67 -17.82 57.58 -78.05
CA LEU Y 67 -17.57 56.19 -78.43
C LEU Y 67 -16.48 55.58 -77.52
N ALA Y 68 -15.67 56.44 -76.92
CA ALA Y 68 -14.61 56.00 -76.01
C ALA Y 68 -15.17 55.85 -74.59
N CYS Y 69 -16.01 56.80 -74.17
CA CYS Y 69 -16.63 56.74 -72.85
C CYS Y 69 -17.62 55.58 -72.79
N GLU Y 70 -18.39 55.41 -73.86
CA GLU Y 70 -19.35 54.32 -73.96
C GLU Y 70 -18.64 52.98 -73.89
N ALA Y 71 -17.44 52.92 -74.47
CA ALA Y 71 -16.63 51.71 -74.47
C ALA Y 71 -16.19 51.36 -73.05
N ILE Y 72 -16.03 52.38 -72.22
CA ILE Y 72 -15.62 52.19 -70.83
C ILE Y 72 -16.82 51.78 -69.97
N TYR Y 73 -17.93 52.49 -70.12
CA TYR Y 73 -19.12 52.24 -69.30
C TYR Y 73 -19.79 50.92 -69.67
N ASN Y 74 -19.64 50.52 -70.93
CA ASN Y 74 -20.14 49.24 -71.39
C ASN Y 74 -19.40 48.11 -70.67
N ARG Y 75 -18.09 48.30 -70.55
CA ARG Y 75 -17.23 47.35 -69.84
C ARG Y 75 -17.55 47.39 -68.34
N ALA Y 76 -17.15 48.46 -67.68
CA ALA Y 76 -17.38 48.62 -66.25
C ALA Y 76 -17.47 50.10 -65.89
N GLN Y 77 -18.46 50.45 -65.08
CA GLN Y 77 -18.71 51.82 -64.70
C GLN Y 77 -17.55 52.40 -63.89
N ALA Y 78 -17.21 53.66 -64.16
CA ALA Y 78 -16.10 54.31 -63.47
C ALA Y 78 -16.18 55.82 -63.65
N VAL Y 79 -15.45 56.53 -62.80
CA VAL Y 79 -15.38 57.98 -62.89
C VAL Y 79 -14.43 58.38 -64.01
N ILE Y 80 -14.87 59.28 -64.87
CA ILE Y 80 -14.07 59.74 -66.00
C ILE Y 80 -14.05 61.26 -66.03
N VAL Y 81 -12.97 61.86 -65.55
CA VAL Y 81 -12.78 63.29 -65.64
C VAL Y 81 -12.33 63.60 -67.07
N ALA Y 82 -13.26 63.45 -68.02
CA ALA Y 82 -12.96 63.66 -69.43
C ALA Y 82 -12.74 65.13 -69.74
N VAL Y 83 -11.93 65.40 -70.76
CA VAL Y 83 -11.64 66.75 -71.19
C VAL Y 83 -12.37 67.05 -72.51
N GLY Y 84 -11.86 66.49 -73.60
CA GLY Y 84 -12.47 66.66 -74.91
C GLY Y 84 -12.12 68.01 -75.50
N VAL Y 85 -11.68 68.00 -76.76
CA VAL Y 85 -11.31 69.22 -77.46
C VAL Y 85 -11.91 69.23 -78.86
N GLU Y 86 -12.17 70.43 -79.38
CA GLU Y 86 -12.78 70.59 -80.69
C GLU Y 86 -11.87 70.02 -81.78
N THR Y 87 -12.48 69.41 -82.79
CA THR Y 87 -11.72 68.86 -83.91
C THR Y 87 -11.10 69.98 -84.73
N ALA Y 88 -9.88 69.76 -85.20
CA ALA Y 88 -9.16 70.76 -85.98
C ALA Y 88 -9.20 70.42 -87.47
N GLU Y 89 -8.53 71.24 -88.28
CA GLU Y 89 -8.51 71.05 -89.72
C GLU Y 89 -7.71 69.81 -90.11
N THR Y 90 -6.39 69.92 -90.03
CA THR Y 90 -5.49 68.82 -90.35
C THR Y 90 -5.33 67.90 -89.14
N PRO Y 91 -5.07 66.59 -89.38
CA PRO Y 91 -4.92 65.64 -88.27
C PRO Y 91 -3.67 65.91 -87.45
N GLU Y 92 -2.63 66.46 -88.07
CA GLU Y 92 -1.37 66.74 -87.39
C GLU Y 92 -1.54 67.87 -86.38
N ALA Y 93 -2.12 68.98 -86.83
CA ALA Y 93 -2.33 70.15 -85.98
C ALA Y 93 -3.39 69.89 -84.92
N GLN Y 94 -4.19 68.84 -85.13
CA GLN Y 94 -5.23 68.49 -84.17
C GLN Y 94 -4.60 67.97 -82.88
N ALA Y 95 -3.43 67.33 -83.02
CA ALA Y 95 -2.71 66.78 -81.86
C ALA Y 95 -2.26 67.89 -80.92
N SER Y 96 -2.11 69.09 -81.46
CA SER Y 96 -1.70 70.24 -80.66
C SER Y 96 -2.78 70.57 -79.63
N ALA Y 97 -4.02 70.62 -80.10
CA ALA Y 97 -5.16 70.89 -79.22
C ALA Y 97 -5.34 69.74 -78.22
N VAL Y 98 -4.97 68.53 -78.65
CA VAL Y 98 -5.06 67.36 -77.78
C VAL Y 98 -4.04 67.47 -76.64
N ILE Y 99 -2.79 67.75 -77.00
CA ILE Y 99 -1.76 67.95 -76.00
C ILE Y 99 -2.10 69.20 -75.19
N GLY Y 100 -2.30 70.31 -75.88
CA GLY Y 100 -2.72 71.55 -75.24
C GLY Y 100 -1.58 72.23 -74.52
N GLY Y 101 -1.27 73.46 -74.93
CA GLY Y 101 -0.22 74.23 -74.31
C GLY Y 101 -0.69 74.78 -72.97
N ILE Y 102 -1.31 75.96 -73.02
CA ILE Y 102 -1.81 76.61 -71.80
C ILE Y 102 -2.76 77.77 -72.12
N SER Y 103 -2.63 78.33 -73.33
CA SER Y 103 -3.49 79.40 -73.80
C SER Y 103 -3.23 80.70 -73.03
N ALA Y 104 -3.69 81.81 -73.61
CA ALA Y 104 -3.51 83.13 -73.01
C ALA Y 104 -4.38 83.29 -71.77
N ALA Y 105 -5.43 82.47 -71.66
CA ALA Y 105 -6.35 82.53 -70.53
C ALA Y 105 -5.65 82.06 -69.25
N GLY Y 106 -4.58 81.28 -69.41
CA GLY Y 106 -3.83 80.77 -68.28
C GLY Y 106 -4.29 79.39 -67.86
N GLU Y 107 -5.54 79.07 -68.16
CA GLU Y 107 -6.10 77.77 -67.80
C GLU Y 107 -5.53 76.67 -68.69
N ARG Y 108 -5.05 75.60 -68.05
CA ARG Y 108 -4.44 74.48 -68.75
C ARG Y 108 -5.41 73.87 -69.76
N THR Y 109 -5.00 73.87 -71.04
CA THR Y 109 -5.84 73.35 -72.11
C THR Y 109 -5.45 71.93 -72.50
N GLY Y 110 -6.34 71.26 -73.24
CA GLY Y 110 -6.07 69.94 -73.78
C GLY Y 110 -5.78 68.91 -72.72
N LEU Y 111 -4.93 67.94 -73.07
CA LEU Y 111 -4.62 66.81 -72.21
C LEU Y 111 -4.03 67.25 -70.86
N GLN Y 112 -3.37 68.39 -70.84
CA GLN Y 112 -2.74 68.88 -69.62
C GLN Y 112 -3.78 69.42 -68.63
N ALA Y 113 -5.02 69.53 -69.07
CA ALA Y 113 -6.10 70.03 -68.21
C ALA Y 113 -6.46 69.01 -67.12
N LEU Y 114 -5.97 67.79 -67.26
CA LEU Y 114 -6.29 66.72 -66.31
C LEU Y 114 -5.72 67.01 -64.92
N LEU Y 115 -4.70 67.86 -64.85
CA LEU Y 115 -4.10 68.23 -63.57
C LEU Y 115 -5.09 69.01 -62.70
N ASP Y 116 -6.12 69.57 -63.34
CA ASP Y 116 -7.13 70.35 -62.65
C ASP Y 116 -8.22 69.46 -62.06
N GLY Y 117 -8.31 68.22 -62.54
CA GLY Y 117 -9.33 67.29 -62.11
C GLY Y 117 -9.27 66.99 -60.62
N LYS Y 118 -8.09 67.14 -60.04
CA LYS Y 118 -7.89 66.87 -58.62
C LYS Y 118 -8.42 68.02 -57.76
N SER Y 119 -8.10 69.25 -58.17
CA SER Y 119 -8.47 70.43 -57.40
C SER Y 119 -9.79 71.04 -57.89
N ARG Y 120 -10.69 70.18 -58.37
CA ARG Y 120 -12.01 70.61 -58.81
C ARG Y 120 -13.07 69.55 -58.55
N PHE Y 121 -12.71 68.28 -58.73
CA PHE Y 121 -13.64 67.18 -58.57
C PHE Y 121 -13.17 66.19 -57.50
N ASN Y 122 -12.05 66.49 -56.85
CA ASN Y 122 -11.47 65.61 -55.85
C ASN Y 122 -11.27 64.19 -56.39
N ALA Y 123 -11.05 64.09 -57.70
CA ALA Y 123 -10.88 62.81 -58.37
C ALA Y 123 -9.67 62.90 -59.30
N GLN Y 124 -8.50 62.68 -58.73
CA GLN Y 124 -7.26 62.72 -59.50
C GLN Y 124 -7.26 61.59 -60.54
N PRO Y 125 -7.27 61.94 -61.84
CA PRO Y 125 -7.25 60.88 -62.85
C PRO Y 125 -5.97 60.05 -62.77
N ARG Y 126 -6.03 58.93 -62.08
CA ARG Y 126 -4.87 58.05 -61.92
C ARG Y 126 -4.90 56.95 -62.96
N LEU Y 127 -5.30 57.31 -64.17
CA LEU Y 127 -5.37 56.37 -65.29
C LEU Y 127 -5.63 57.13 -66.58
N LEU Y 128 -4.56 57.61 -67.19
CA LEU Y 128 -4.67 58.40 -68.42
C LEU Y 128 -5.04 57.53 -69.61
N VAL Y 129 -5.54 58.18 -70.66
CA VAL Y 129 -5.95 57.50 -71.88
C VAL Y 129 -6.31 58.54 -72.93
N ALA Y 130 -5.92 58.29 -74.17
CA ALA Y 130 -6.18 59.23 -75.27
C ALA Y 130 -6.45 58.44 -76.56
N PRO Y 131 -7.68 57.91 -76.70
CA PRO Y 131 -8.05 57.08 -77.86
C PRO Y 131 -7.88 57.82 -79.19
N GLY Y 132 -7.27 57.17 -80.16
CA GLY Y 132 -7.04 57.78 -81.46
C GLY Y 132 -5.74 58.57 -81.50
N HIS Y 133 -5.59 59.47 -80.53
CA HIS Y 133 -4.40 60.31 -80.44
C HIS Y 133 -3.37 59.70 -79.48
N SER Y 134 -2.59 58.75 -79.99
CA SER Y 134 -1.52 58.13 -79.22
C SER Y 134 -0.48 57.47 -80.15
N ALA Y 135 -0.91 57.10 -81.35
CA ALA Y 135 0.00 56.54 -82.35
C ALA Y 135 1.04 57.56 -82.77
N GLN Y 136 0.69 58.84 -82.63
CA GLN Y 136 1.62 59.92 -82.93
C GLN Y 136 2.68 60.04 -81.84
N GLN Y 137 3.93 60.12 -82.27
CA GLN Y 137 5.06 60.20 -81.35
C GLN Y 137 4.97 61.41 -80.41
N ALA Y 138 4.31 62.45 -80.89
CA ALA Y 138 4.24 63.72 -80.15
C ALA Y 138 3.39 63.59 -78.89
N VAL Y 139 2.09 63.35 -79.08
CA VAL Y 139 1.14 63.29 -77.97
C VAL Y 139 1.47 62.18 -76.97
N ALA Y 140 2.18 61.16 -77.44
CA ALA Y 140 2.51 60.01 -76.60
C ALA Y 140 3.45 60.41 -75.46
N THR Y 141 4.37 61.33 -75.74
CA THR Y 141 5.32 61.79 -74.72
C THR Y 141 4.64 62.67 -73.69
N ALA Y 142 3.64 63.44 -74.13
CA ALA Y 142 2.86 64.27 -73.22
C ALA Y 142 2.12 63.39 -72.22
N MET Y 143 1.66 62.24 -72.69
CA MET Y 143 1.01 61.26 -71.82
C MET Y 143 1.99 60.69 -70.81
N ASP Y 144 3.25 60.59 -71.22
CA ASP Y 144 4.31 60.07 -70.36
C ASP Y 144 4.65 61.06 -69.26
N GLY Y 145 4.86 62.32 -69.66
CA GLY Y 145 5.24 63.36 -68.72
C GLY Y 145 4.12 63.69 -67.76
N LEU Y 146 2.89 63.64 -68.26
CA LEU Y 146 1.72 63.98 -67.46
C LEU Y 146 1.43 62.90 -66.42
N ALA Y 147 1.72 61.65 -66.76
CA ALA Y 147 1.45 60.51 -65.88
C ALA Y 147 2.26 60.63 -64.59
N GLU Y 148 3.48 61.14 -64.70
CA GLU Y 148 4.36 61.28 -63.53
C GLU Y 148 3.86 62.38 -62.60
N LYS Y 149 3.13 63.35 -63.16
CA LYS Y 149 2.54 64.42 -62.36
C LYS Y 149 1.34 63.90 -61.58
N LEU Y 150 0.63 62.96 -62.18
CA LEU Y 150 -0.56 62.39 -61.59
C LEU Y 150 -0.31 61.00 -61.00
N ARG Y 151 0.91 60.49 -61.17
CA ARG Y 151 1.25 59.15 -60.72
C ARG Y 151 0.28 58.12 -61.31
N ALA Y 152 -0.10 58.34 -62.57
CA ALA Y 152 -1.08 57.50 -63.25
C ALA Y 152 -0.38 56.47 -64.14
N ILE Y 153 -1.16 55.80 -64.98
CA ILE Y 153 -0.62 54.83 -65.93
C ILE Y 153 -1.23 55.10 -67.30
N ALA Y 154 -0.53 55.89 -68.10
CA ALA Y 154 -1.01 56.28 -69.42
C ALA Y 154 -1.08 55.09 -70.37
N ILE Y 155 -2.30 54.78 -70.81
CA ILE Y 155 -2.52 53.69 -71.76
C ILE Y 155 -2.47 54.21 -73.19
N LEU Y 156 -1.39 53.89 -73.89
CA LEU Y 156 -1.22 54.29 -75.28
C LEU Y 156 -1.92 53.28 -76.19
N ASP Y 157 -1.83 53.52 -77.50
CA ASP Y 157 -2.39 52.61 -78.48
C ASP Y 157 -1.65 52.78 -79.82
N GLY Y 158 -0.64 51.94 -80.03
CA GLY Y 158 0.21 52.04 -81.21
C GLY Y 158 -0.55 51.74 -82.50
N PRO Y 159 0.05 52.09 -83.64
CA PRO Y 159 -0.60 51.90 -84.94
C PRO Y 159 -0.71 50.42 -85.29
N ASN Y 160 -1.77 50.06 -86.03
CA ASN Y 160 -1.98 48.69 -86.47
C ASN Y 160 -0.97 48.32 -87.55
N SER Y 161 -1.38 48.42 -88.82
CA SER Y 161 -0.51 48.12 -89.95
C SER Y 161 0.11 46.73 -89.81
N THR Y 162 1.10 46.60 -88.93
CA THR Y 162 1.79 45.35 -88.71
C THR Y 162 2.49 45.33 -87.35
N ASP Y 163 3.08 44.18 -87.01
CA ASP Y 163 3.75 44.01 -85.72
C ASP Y 163 5.09 44.72 -85.70
N GLU Y 164 5.76 44.77 -86.85
CA GLU Y 164 7.07 45.40 -86.96
C GLU Y 164 6.99 46.87 -86.58
N ALA Y 165 5.88 47.51 -86.95
CA ALA Y 165 5.67 48.93 -86.67
C ALA Y 165 5.33 49.18 -85.20
N ALA Y 166 4.83 48.15 -84.53
CA ALA Y 166 4.43 48.26 -83.13
C ALA Y 166 5.65 48.14 -82.21
N VAL Y 167 6.56 47.23 -82.56
CA VAL Y 167 7.78 47.02 -81.78
C VAL Y 167 8.70 48.24 -81.92
N ALA Y 168 8.81 48.76 -83.13
CA ALA Y 168 9.68 49.91 -83.41
C ALA Y 168 9.15 51.17 -82.73
N TYR Y 169 7.87 51.14 -82.35
CA TYR Y 169 7.24 52.28 -81.69
C TYR Y 169 7.46 52.24 -80.19
N ALA Y 170 7.40 51.04 -79.61
CA ALA Y 170 7.59 50.85 -78.18
C ALA Y 170 9.05 51.08 -77.79
N LYS Y 171 9.95 50.84 -78.74
CA LYS Y 171 11.38 50.99 -78.52
C LYS Y 171 11.74 52.44 -78.14
N ASN Y 172 10.81 53.34 -78.41
CA ASN Y 172 11.03 54.76 -78.13
C ASN Y 172 10.93 55.08 -76.64
N PHE Y 173 9.87 54.60 -76.01
CA PHE Y 173 9.61 54.91 -74.61
C PHE Y 173 10.29 53.91 -73.69
N GLY Y 174 10.28 54.22 -72.39
CA GLY Y 174 10.86 53.34 -71.39
C GLY Y 174 10.48 53.74 -69.96
N SER Y 175 9.36 54.45 -69.82
CA SER Y 175 8.93 54.95 -68.51
C SER Y 175 8.03 53.94 -67.81
N LYS Y 176 8.05 53.97 -66.48
CA LYS Y 176 7.24 53.08 -65.66
C LYS Y 176 5.76 53.20 -65.99
N ARG Y 177 5.34 54.41 -66.37
CA ARG Y 177 3.92 54.73 -66.52
C ARG Y 177 3.49 54.78 -67.98
N LEU Y 178 3.63 53.64 -68.65
CA LEU Y 178 3.18 53.51 -70.03
C LEU Y 178 2.79 52.07 -70.31
N PHE Y 179 1.53 51.87 -70.69
CA PHE Y 179 1.00 50.55 -70.95
C PHE Y 179 0.31 50.52 -72.30
N MET Y 180 1.09 50.29 -73.35
CA MET Y 180 0.60 50.38 -74.71
C MET Y 180 -0.06 49.08 -75.16
N VAL Y 181 -1.05 49.21 -76.04
CA VAL Y 181 -1.70 48.07 -76.67
C VAL Y 181 -1.66 48.28 -78.18
N ASP Y 182 -1.14 47.29 -78.89
CA ASP Y 182 -0.88 47.42 -80.33
C ASP Y 182 -2.10 47.12 -81.21
N PRO Y 183 -2.59 45.87 -81.17
CA PRO Y 183 -3.68 45.52 -82.11
C PRO Y 183 -4.97 46.31 -81.85
N GLY Y 184 -5.40 47.08 -82.83
CA GLY Y 184 -6.59 47.91 -82.67
C GLY Y 184 -7.85 47.09 -82.84
N VAL Y 185 -8.55 46.86 -81.73
CA VAL Y 185 -9.81 46.13 -81.74
C VAL Y 185 -10.85 46.90 -82.54
N GLN Y 186 -11.74 46.18 -83.21
CA GLN Y 186 -12.81 46.82 -83.99
C GLN Y 186 -14.16 46.60 -83.32
N VAL Y 187 -14.89 47.70 -83.14
CA VAL Y 187 -16.21 47.66 -82.50
C VAL Y 187 -17.29 47.90 -83.54
N TRP Y 188 -18.50 47.45 -83.24
CA TRP Y 188 -19.63 47.66 -84.12
C TRP Y 188 -20.28 49.02 -83.83
N ASP Y 189 -19.92 50.03 -84.63
CA ASP Y 189 -20.46 51.37 -84.44
C ASP Y 189 -21.96 51.40 -84.73
N SER Y 190 -22.70 52.13 -83.90
CA SER Y 190 -24.16 52.21 -84.06
C SER Y 190 -24.54 53.12 -85.21
N ALA Y 191 -23.78 54.20 -85.40
CA ALA Y 191 -24.08 55.19 -86.42
C ALA Y 191 -23.78 54.66 -87.82
N THR Y 192 -22.67 53.94 -87.95
CA THR Y 192 -22.23 53.41 -89.24
C THR Y 192 -23.00 52.14 -89.58
N ASN Y 193 -23.51 51.45 -88.55
CA ASN Y 193 -24.25 50.20 -88.71
C ASN Y 193 -23.41 49.14 -89.40
N ALA Y 194 -22.13 49.09 -89.05
CA ALA Y 194 -21.21 48.09 -89.59
C ALA Y 194 -19.93 48.07 -88.77
N ALA Y 195 -18.94 47.32 -89.25
CA ALA Y 195 -17.65 47.22 -88.57
C ALA Y 195 -16.98 48.58 -88.54
N ARG Y 196 -16.13 48.80 -87.53
CA ARG Y 196 -15.47 50.07 -87.35
C ARG Y 196 -14.28 49.92 -86.40
N ASN Y 197 -13.08 50.15 -86.92
CA ASN Y 197 -11.87 50.00 -86.13
C ASN Y 197 -11.76 51.05 -85.04
N ALA Y 198 -11.35 50.61 -83.85
CA ALA Y 198 -11.21 51.49 -82.69
C ALA Y 198 -9.75 51.49 -82.22
N PRO Y 199 -9.36 52.51 -81.42
CA PRO Y 199 -7.98 52.58 -80.93
C PRO Y 199 -7.67 51.58 -79.82
N ALA Y 200 -8.69 50.95 -79.27
CA ALA Y 200 -8.51 49.92 -78.22
C ALA Y 200 -7.86 50.48 -76.96
N SER Y 201 -7.84 51.81 -76.86
CA SER Y 201 -7.22 52.49 -75.72
C SER Y 201 -8.22 52.58 -74.56
N ALA Y 202 -9.41 53.09 -74.87
CA ALA Y 202 -10.47 53.25 -73.88
C ALA Y 202 -10.98 51.90 -73.39
N TYR Y 203 -10.99 50.91 -74.28
CA TYR Y 203 -11.44 49.57 -73.92
C TYR Y 203 -10.50 48.95 -72.90
N ALA Y 204 -9.21 49.18 -73.08
CA ALA Y 204 -8.19 48.68 -72.15
C ALA Y 204 -8.22 49.48 -70.85
N ALA Y 205 -8.70 50.72 -70.93
CA ALA Y 205 -8.80 51.59 -69.76
C ALA Y 205 -9.98 51.18 -68.89
N GLY Y 206 -11.14 51.00 -69.52
CA GLY Y 206 -12.34 50.57 -68.81
C GLY Y 206 -12.14 49.18 -68.22
N LEU Y 207 -11.32 48.39 -68.92
CA LEU Y 207 -10.99 47.04 -68.47
C LEU Y 207 -10.28 47.05 -67.11
N PHE Y 208 -9.39 48.01 -66.91
CA PHE Y 208 -8.71 48.18 -65.63
C PHE Y 208 -9.74 48.49 -64.54
N ALA Y 209 -10.62 49.46 -64.84
CA ALA Y 209 -11.61 49.93 -63.88
C ALA Y 209 -12.52 48.80 -63.42
N TRP Y 210 -12.66 47.78 -64.27
CA TRP Y 210 -13.47 46.61 -63.95
C TRP Y 210 -12.77 45.76 -62.89
N THR Y 211 -11.48 45.51 -63.09
CA THR Y 211 -10.68 44.70 -62.17
C THR Y 211 -10.41 45.44 -60.87
N ASP Y 212 -10.19 46.75 -60.98
CA ASP Y 212 -9.88 47.58 -59.82
C ASP Y 212 -11.08 47.67 -58.87
N ALA Y 213 -12.27 47.77 -59.45
CA ALA Y 213 -13.50 47.84 -58.66
C ALA Y 213 -13.87 46.45 -58.14
N GLU Y 214 -13.50 45.42 -58.90
CA GLU Y 214 -13.83 44.04 -58.54
C GLU Y 214 -12.77 43.46 -57.59
N TYR Y 215 -11.66 43.01 -58.15
CA TYR Y 215 -10.60 42.41 -57.36
C TYR Y 215 -9.89 43.47 -56.53
N GLY Y 216 -9.33 44.47 -57.22
CA GLY Y 216 -8.59 45.55 -56.58
C GLY Y 216 -7.55 46.14 -57.51
N PHE Y 217 -7.08 47.33 -57.17
CA PHE Y 217 -6.04 48.00 -57.96
C PHE Y 217 -4.79 47.14 -58.02
N TRP Y 218 -4.57 46.35 -56.98
CA TRP Y 218 -3.40 45.47 -56.90
C TRP Y 218 -3.55 44.27 -57.83
N SER Y 219 -4.79 44.00 -58.25
CA SER Y 219 -5.04 42.88 -59.16
C SER Y 219 -4.58 43.25 -60.57
N SER Y 220 -3.99 42.28 -61.28
CA SER Y 220 -3.54 42.50 -62.64
C SER Y 220 -4.75 42.56 -63.59
N PRO Y 221 -4.72 43.49 -64.57
CA PRO Y 221 -5.84 43.62 -65.51
C PRO Y 221 -5.81 42.58 -66.62
N SER Y 222 -4.61 42.11 -66.96
CA SER Y 222 -4.42 41.16 -68.06
C SER Y 222 -5.27 39.91 -67.90
N ASN Y 223 -5.48 39.20 -69.02
CA ASN Y 223 -6.23 37.94 -69.01
C ASN Y 223 -7.66 38.14 -68.52
N LYS Y 224 -8.22 39.32 -68.80
CA LYS Y 224 -9.61 39.62 -68.48
C LYS Y 224 -10.33 40.02 -69.76
N GLU Y 225 -11.49 39.41 -69.98
CA GLU Y 225 -12.23 39.58 -71.22
C GLU Y 225 -12.81 40.98 -71.35
N ILE Y 226 -12.71 41.54 -72.55
CA ILE Y 226 -13.24 42.87 -72.83
C ILE Y 226 -14.52 42.77 -73.64
N LYS Y 227 -15.52 43.56 -73.26
CA LYS Y 227 -16.81 43.59 -73.93
C LYS Y 227 -16.87 44.73 -74.95
N GLY Y 228 -17.93 44.75 -75.76
CA GLY Y 228 -18.13 45.79 -76.74
C GLY Y 228 -17.14 45.68 -77.88
N VAL Y 229 -17.00 44.46 -78.40
CA VAL Y 229 -16.06 44.17 -79.48
C VAL Y 229 -16.75 43.32 -80.54
N THR Y 230 -16.04 43.02 -81.62
CA THR Y 230 -16.59 42.22 -82.71
C THR Y 230 -15.52 41.84 -83.74
N GLY Y 231 -14.30 41.65 -83.26
CA GLY Y 231 -13.17 41.33 -84.12
C GLY Y 231 -11.98 42.19 -83.76
N THR Y 232 -10.82 41.87 -84.30
CA THR Y 232 -9.60 42.62 -84.00
C THR Y 232 -8.76 42.79 -85.26
N SER Y 233 -8.38 44.04 -85.53
CA SER Y 233 -7.51 44.35 -86.66
C SER Y 233 -6.20 43.61 -86.53
N ARG Y 234 -5.81 42.92 -87.60
CA ARG Y 234 -4.60 42.11 -87.62
C ARG Y 234 -4.71 40.99 -86.58
N PRO Y 235 -5.25 39.83 -86.97
CA PRO Y 235 -5.47 38.76 -86.00
C PRO Y 235 -4.17 38.24 -85.40
N VAL Y 236 -3.84 38.69 -84.21
CA VAL Y 236 -2.65 38.23 -83.50
C VAL Y 236 -2.83 36.78 -83.08
N GLU Y 237 -1.98 35.91 -83.60
CA GLU Y 237 -2.09 34.48 -83.35
C GLU Y 237 -1.71 34.12 -81.92
N PHE Y 238 -2.32 33.07 -81.40
CA PHE Y 238 -1.97 32.56 -80.07
C PHE Y 238 -2.25 31.07 -79.98
N LEU Y 239 -1.19 30.28 -79.84
CA LEU Y 239 -1.32 28.84 -79.73
C LEU Y 239 -1.77 28.45 -78.33
N ASP Y 240 -1.96 27.16 -78.10
CA ASP Y 240 -2.41 26.66 -76.80
C ASP Y 240 -1.34 26.90 -75.73
N GLY Y 241 -0.08 26.68 -76.09
CA GLY Y 241 1.02 26.87 -75.15
C GLY Y 241 2.36 26.72 -75.84
N ASP Y 242 2.84 27.81 -76.44
CA ASP Y 242 4.14 27.81 -77.10
C ASP Y 242 4.66 29.23 -77.25
N GLU Y 243 5.96 29.41 -77.04
CA GLU Y 243 6.60 30.71 -77.15
C GLU Y 243 6.72 31.16 -78.61
N THR Y 244 6.40 30.25 -79.54
CA THR Y 244 6.51 30.54 -80.95
C THR Y 244 5.38 31.45 -81.44
N CYS Y 245 4.29 31.50 -80.68
CA CYS Y 245 3.15 32.32 -81.05
C CYS Y 245 3.52 33.79 -81.05
N ARG Y 246 2.84 34.57 -81.88
CA ARG Y 246 3.19 35.97 -82.08
C ARG Y 246 2.71 36.85 -80.93
N ALA Y 247 1.65 36.39 -80.25
CA ALA Y 247 1.11 37.13 -79.12
C ALA Y 247 2.16 37.30 -78.03
N ASN Y 248 3.06 36.34 -77.94
CA ASN Y 248 4.14 36.35 -76.94
C ASN Y 248 5.25 37.32 -77.31
N LEU Y 249 5.60 37.35 -78.59
CA LEU Y 249 6.71 38.18 -79.07
C LEU Y 249 6.47 39.67 -78.81
N LEU Y 250 5.22 40.10 -78.88
CA LEU Y 250 4.90 41.50 -78.61
C LEU Y 250 5.01 41.81 -77.12
N ASN Y 251 4.72 40.82 -76.28
CA ASN Y 251 4.84 40.98 -74.84
C ASN Y 251 6.31 41.12 -74.42
N ASN Y 252 7.21 40.54 -75.20
CA ASN Y 252 8.64 40.66 -74.95
C ASN Y 252 9.10 42.10 -75.20
N ALA Y 253 8.39 42.79 -76.10
CA ALA Y 253 8.66 44.19 -76.39
C ALA Y 253 7.79 45.10 -75.52
N ASN Y 254 7.25 44.55 -74.44
CA ASN Y 254 6.40 45.29 -73.52
C ASN Y 254 5.18 45.85 -74.24
N ILE Y 255 4.31 44.97 -74.71
CA ILE Y 255 3.12 45.38 -75.43
C ILE Y 255 1.92 44.50 -75.05
N ALA Y 256 0.78 45.15 -74.84
CA ALA Y 256 -0.47 44.44 -74.55
C ALA Y 256 -1.14 44.06 -75.87
N THR Y 257 -1.83 42.93 -75.88
CA THR Y 257 -2.48 42.44 -77.09
C THR Y 257 -3.79 41.74 -76.79
N ILE Y 258 -4.74 41.84 -77.72
CA ILE Y 258 -6.03 41.17 -77.61
C ILE Y 258 -5.98 39.87 -78.41
N ILE Y 259 -6.10 38.75 -77.71
CA ILE Y 259 -5.90 37.44 -78.33
C ILE Y 259 -7.22 36.78 -78.75
N ARG Y 260 -7.09 35.75 -79.57
CA ARG Y 260 -8.22 34.94 -80.04
C ARG Y 260 -9.21 35.75 -80.88
N ASP Y 261 -10.18 35.04 -81.45
CA ASP Y 261 -11.16 35.64 -82.35
C ASP Y 261 -12.00 36.68 -81.62
N ASP Y 262 -12.70 37.51 -82.40
CA ASP Y 262 -13.61 38.51 -81.86
C ASP Y 262 -12.89 39.50 -80.94
N GLY Y 263 -12.49 39.03 -79.78
CA GLY Y 263 -11.83 39.86 -78.78
C GLY Y 263 -11.97 39.18 -77.43
N TYR Y 264 -11.49 37.95 -77.36
CA TYR Y 264 -11.66 37.10 -76.19
C TYR Y 264 -11.13 37.77 -74.92
N ARG Y 265 -9.87 38.20 -74.95
CA ARG Y 265 -9.27 38.82 -73.79
C ARG Y 265 -7.98 39.57 -74.12
N LEU Y 266 -7.61 40.50 -73.24
CA LEU Y 266 -6.39 41.28 -73.36
C LEU Y 266 -5.37 40.83 -72.31
N TRP Y 267 -4.10 40.85 -72.66
CA TRP Y 267 -3.04 40.60 -71.68
C TRP Y 267 -1.71 41.20 -72.12
N GLY Y 268 -0.71 41.12 -71.25
CA GLY Y 268 0.60 41.70 -71.49
C GLY Y 268 0.91 42.67 -70.37
N ASN Y 269 1.19 42.13 -69.19
CA ASN Y 269 1.40 42.94 -68.00
C ASN Y 269 2.62 43.85 -68.09
N ARG Y 270 3.57 43.49 -68.96
CA ARG Y 270 4.79 44.26 -69.11
C ARG Y 270 4.51 45.68 -69.55
N THR Y 271 4.85 46.65 -68.69
CA THR Y 271 4.76 48.06 -69.03
C THR Y 271 6.03 48.47 -69.75
N LEU Y 272 5.93 49.45 -70.64
CA LEU Y 272 7.08 49.91 -71.41
C LEU Y 272 8.15 50.51 -70.51
N SER Y 273 8.84 49.65 -69.76
CA SER Y 273 9.84 50.10 -68.79
C SER Y 273 11.14 49.33 -68.95
N SER Y 274 12.26 50.06 -68.92
CA SER Y 274 13.58 49.46 -69.00
C SER Y 274 13.95 48.75 -67.70
N ASP Y 275 13.71 49.43 -66.57
CA ASP Y 275 14.02 48.86 -65.27
C ASP Y 275 13.11 47.66 -65.00
N SER Y 276 13.74 46.49 -64.85
CA SER Y 276 13.00 45.24 -64.66
C SER Y 276 12.29 45.21 -63.29
N LYS Y 277 12.64 46.13 -62.42
CA LYS Y 277 12.02 46.22 -61.10
C LYS Y 277 10.55 46.63 -61.25
N TRP Y 278 10.29 47.52 -62.20
CA TRP Y 278 8.94 48.01 -62.48
C TRP Y 278 8.42 47.41 -63.77
N ALA Y 279 8.68 46.12 -63.97
CA ALA Y 279 8.31 45.44 -65.21
C ALA Y 279 6.80 45.29 -65.30
N PHE Y 280 6.16 44.92 -64.20
CA PHE Y 280 4.72 44.75 -64.19
C PHE Y 280 4.01 46.08 -64.01
N VAL Y 281 2.88 46.23 -64.69
CA VAL Y 281 2.04 47.41 -64.55
C VAL Y 281 1.41 47.43 -63.17
N THR Y 282 1.30 46.23 -62.57
CA THR Y 282 0.73 46.08 -61.24
C THR Y 282 1.53 46.86 -60.18
N ARG Y 283 2.83 46.61 -60.14
CA ARG Y 283 3.71 47.24 -59.16
C ARG Y 283 3.63 48.75 -59.23
N VAL Y 284 3.64 49.28 -60.45
CA VAL Y 284 3.56 50.72 -60.67
C VAL Y 284 2.22 51.26 -60.18
N ARG Y 285 1.19 50.41 -60.25
CA ARG Y 285 -0.16 50.81 -59.88
C ARG Y 285 -0.38 50.79 -58.37
N THR Y 286 0.27 49.85 -57.69
CA THR Y 286 0.15 49.72 -56.24
C THR Y 286 1.04 50.73 -55.53
N MET Y 287 2.23 50.93 -56.07
CA MET Y 287 3.22 51.82 -55.45
C MET Y 287 2.78 53.27 -55.55
N ASP Y 288 2.27 53.65 -56.72
CA ASP Y 288 1.77 55.01 -56.93
C ASP Y 288 0.54 55.29 -56.07
N LEU Y 289 -0.08 54.22 -55.58
CA LEU Y 289 -1.28 54.36 -54.77
C LEU Y 289 -0.95 54.54 -53.29
N VAL Y 290 -0.13 53.64 -52.75
CA VAL Y 290 0.25 53.68 -51.34
C VAL Y 290 1.07 54.93 -51.05
N MET Y 291 1.79 55.42 -52.06
CA MET Y 291 2.57 56.64 -51.93
C MET Y 291 1.62 57.84 -51.78
N ASP Y 292 0.68 57.96 -52.71
CA ASP Y 292 -0.28 59.05 -52.68
C ASP Y 292 -1.20 58.95 -51.46
N ALA Y 293 -1.33 57.75 -50.90
CA ALA Y 293 -2.16 57.54 -49.72
C ALA Y 293 -1.44 58.04 -48.48
N ILE Y 294 -0.16 57.70 -48.36
CA ILE Y 294 0.66 58.11 -47.23
C ILE Y 294 0.89 59.61 -47.28
N LEU Y 295 1.04 60.13 -48.50
CA LEU Y 295 1.24 61.56 -48.71
C LEU Y 295 0.00 62.34 -48.24
N ALA Y 296 -1.15 62.01 -48.83
CA ALA Y 296 -2.40 62.69 -48.53
C ALA Y 296 -2.98 62.25 -47.18
N GLY Y 297 -2.46 61.14 -46.64
CA GLY Y 297 -2.98 60.58 -45.41
C GLY Y 297 -2.46 61.29 -44.18
N HIS Y 298 -1.14 61.49 -44.12
CA HIS Y 298 -0.50 62.11 -42.97
C HIS Y 298 -0.38 63.62 -43.15
N LYS Y 299 -1.44 64.23 -43.68
CA LYS Y 299 -1.54 65.67 -43.80
C LYS Y 299 -1.98 66.30 -42.48
N TRP Y 300 -2.51 65.45 -41.60
CA TRP Y 300 -2.96 65.89 -40.28
C TRP Y 300 -1.77 66.14 -39.36
N ALA Y 301 -0.70 65.38 -39.58
CA ALA Y 301 0.48 65.46 -38.73
C ALA Y 301 1.22 66.77 -39.01
N VAL Y 302 2.17 66.73 -39.94
CA VAL Y 302 2.99 67.89 -40.28
C VAL Y 302 3.61 68.45 -39.00
N ASP Y 303 3.75 69.77 -38.91
CA ASP Y 303 4.38 70.39 -37.74
C ASP Y 303 3.56 70.12 -36.48
N ARG Y 304 4.08 69.24 -35.64
CA ARG Y 304 3.43 68.86 -34.38
C ARG Y 304 4.48 68.32 -33.43
N GLY Y 305 4.19 68.40 -32.13
CA GLY Y 305 5.13 67.96 -31.11
C GLY Y 305 5.62 66.54 -31.33
N ILE Y 306 6.90 66.42 -31.67
CA ILE Y 306 7.49 65.13 -32.02
C ILE Y 306 7.88 64.36 -30.75
N THR Y 307 6.90 64.12 -29.90
CA THR Y 307 7.11 63.33 -28.69
C THR Y 307 7.15 61.85 -29.05
N LYS Y 308 7.67 61.03 -28.15
CA LYS Y 308 7.72 59.58 -28.35
C LYS Y 308 6.35 59.00 -28.70
N THR Y 309 5.29 59.63 -28.19
CA THR Y 309 3.93 59.21 -28.47
C THR Y 309 3.61 59.45 -29.95
N TYR Y 310 3.97 60.63 -30.43
CA TYR Y 310 3.69 61.03 -31.81
C TYR Y 310 4.33 60.07 -32.81
N VAL Y 311 5.58 59.67 -32.54
CA VAL Y 311 6.29 58.75 -33.42
C VAL Y 311 5.56 57.41 -33.48
N LYS Y 312 5.17 56.90 -32.31
CA LYS Y 312 4.43 55.65 -32.22
C LYS Y 312 3.03 55.77 -32.84
N ASP Y 313 2.42 56.94 -32.70
CA ASP Y 313 1.09 57.17 -33.28
C ASP Y 313 1.15 57.08 -34.79
N VAL Y 314 2.23 57.58 -35.37
CA VAL Y 314 2.44 57.53 -36.81
C VAL Y 314 2.92 56.13 -37.20
N THR Y 315 3.80 55.56 -36.39
CA THR Y 315 4.30 54.21 -36.64
C THR Y 315 3.16 53.20 -36.62
N GLU Y 316 2.32 53.28 -35.58
CA GLU Y 316 1.16 52.40 -35.47
C GLU Y 316 0.13 52.71 -36.56
N GLY Y 317 0.21 53.92 -37.11
CA GLY Y 317 -0.67 54.32 -38.19
C GLY Y 317 -0.35 53.55 -39.46
N LEU Y 318 0.93 53.27 -39.65
CA LEU Y 318 1.41 52.50 -40.80
C LEU Y 318 1.25 51.00 -40.54
N ARG Y 319 1.47 50.59 -39.28
CA ARG Y 319 1.28 49.20 -38.88
C ARG Y 319 -0.12 48.72 -39.22
N ALA Y 320 -1.12 49.45 -38.73
CA ALA Y 320 -2.51 49.11 -38.94
C ALA Y 320 -2.88 49.25 -40.41
N PHE Y 321 -2.37 50.31 -41.04
CA PHE Y 321 -2.68 50.59 -42.44
C PHE Y 321 -2.21 49.47 -43.37
N MET Y 322 -0.93 49.14 -43.29
CA MET Y 322 -0.36 48.10 -44.13
C MET Y 322 -0.97 46.74 -43.85
N ARG Y 323 -1.35 46.51 -42.59
CA ARG Y 323 -1.97 45.26 -42.22
C ARG Y 323 -3.37 45.13 -42.84
N ASP Y 324 -3.98 46.27 -43.14
CA ASP Y 324 -5.28 46.26 -43.81
C ASP Y 324 -5.10 45.95 -45.29
N LEU Y 325 -3.87 46.12 -45.79
CA LEU Y 325 -3.52 45.77 -47.16
C LEU Y 325 -3.09 44.31 -47.26
N LYS Y 326 -2.50 43.81 -46.18
CA LYS Y 326 -1.99 42.44 -46.16
C LYS Y 326 -3.13 41.43 -46.17
N ASN Y 327 -4.00 41.52 -45.17
CA ASN Y 327 -5.15 40.63 -45.06
C ASN Y 327 -6.11 40.80 -46.24
N GLN Y 328 -6.10 41.99 -46.83
CA GLN Y 328 -6.92 42.28 -48.00
C GLN Y 328 -6.30 41.62 -49.24
N GLY Y 329 -5.00 41.39 -49.20
CA GLY Y 329 -4.30 40.72 -50.28
C GLY Y 329 -3.56 41.68 -51.21
N ALA Y 330 -3.50 42.95 -50.84
CA ALA Y 330 -2.82 43.96 -51.64
C ALA Y 330 -1.32 43.72 -51.62
N VAL Y 331 -0.82 43.27 -50.48
CA VAL Y 331 0.61 42.99 -50.30
C VAL Y 331 0.79 41.65 -49.61
N ILE Y 332 1.92 41.00 -49.84
CA ILE Y 332 2.21 39.72 -49.20
C ILE Y 332 2.60 39.96 -47.75
N ASN Y 333 3.61 40.81 -47.55
CA ASN Y 333 4.05 41.16 -46.21
C ASN Y 333 4.75 42.51 -46.22
N PHE Y 334 4.85 43.13 -45.05
CA PHE Y 334 5.41 44.47 -44.94
C PHE Y 334 6.28 44.62 -43.70
N GLU Y 335 6.81 45.82 -43.52
CA GLU Y 335 7.63 46.13 -42.36
C GLU Y 335 7.88 47.63 -42.33
N VAL Y 336 7.46 48.27 -41.24
CA VAL Y 336 7.59 49.72 -41.11
C VAL Y 336 8.18 50.07 -39.75
N TYR Y 337 9.06 51.07 -39.74
CA TYR Y 337 9.77 51.44 -38.52
C TYR Y 337 10.56 52.73 -38.74
N ALA Y 338 11.07 53.30 -37.65
CA ALA Y 338 11.86 54.53 -37.71
C ALA Y 338 13.34 54.16 -37.76
N ASP Y 339 14.04 54.59 -38.81
CA ASP Y 339 15.45 54.25 -38.98
C ASP Y 339 16.30 54.93 -37.91
N PRO Y 340 17.17 54.15 -37.21
CA PRO Y 340 18.06 54.76 -36.21
C PRO Y 340 19.04 55.78 -36.80
N ASP Y 341 19.62 55.45 -37.95
CA ASP Y 341 20.67 56.29 -38.53
C ASP Y 341 20.13 57.60 -39.09
N LEU Y 342 19.00 57.51 -39.80
CA LEU Y 342 18.38 58.69 -40.40
C LEU Y 342 17.90 59.66 -39.33
N ASN Y 343 17.11 59.15 -38.38
CA ASN Y 343 16.59 59.97 -37.29
C ASN Y 343 17.71 60.39 -36.35
N SER Y 344 18.59 61.27 -36.83
CA SER Y 344 19.70 61.77 -36.04
C SER Y 344 19.23 62.92 -35.17
N ALA Y 345 20.01 63.26 -34.15
CA ALA Y 345 19.68 64.33 -33.23
C ALA Y 345 19.55 65.68 -33.96
N SER Y 346 20.26 65.81 -35.07
CA SER Y 346 20.27 67.04 -35.85
C SER Y 346 19.11 67.08 -36.84
N GLN Y 347 18.73 65.92 -37.36
CA GLN Y 347 17.64 65.83 -38.33
C GLN Y 347 16.30 66.15 -37.67
N LEU Y 348 16.08 65.60 -36.48
CA LEU Y 348 14.87 65.88 -35.72
C LEU Y 348 14.80 67.35 -35.31
N ALA Y 349 15.97 67.99 -35.20
CA ALA Y 349 16.04 69.39 -34.80
C ALA Y 349 15.72 70.32 -35.98
N GLN Y 350 15.47 69.74 -37.14
CA GLN Y 350 15.04 70.48 -38.33
C GLN Y 350 13.61 70.08 -38.71
N GLY Y 351 13.03 69.16 -37.95
CA GLY Y 351 11.67 68.70 -38.18
C GLY Y 351 11.64 67.39 -38.92
N LYS Y 352 12.72 67.06 -39.62
CA LYS Y 352 12.79 65.82 -40.36
C LYS Y 352 12.65 64.60 -39.45
N VAL Y 353 11.77 63.69 -39.85
CA VAL Y 353 11.59 62.42 -39.15
C VAL Y 353 11.18 61.36 -40.18
N TYR Y 354 11.94 60.27 -40.24
CA TYR Y 354 11.78 59.29 -41.30
C TYR Y 354 11.13 57.99 -40.80
N TRP Y 355 10.45 57.30 -41.71
CA TRP Y 355 9.88 55.99 -41.44
C TRP Y 355 10.10 55.07 -42.63
N ASN Y 356 11.02 54.11 -42.46
CA ASN Y 356 11.38 53.22 -43.54
C ASN Y 356 10.30 52.18 -43.81
N ILE Y 357 9.46 52.44 -44.80
CA ILE Y 357 8.44 51.50 -45.22
C ILE Y 357 9.00 50.58 -46.30
N ARG Y 358 8.66 49.30 -46.21
CA ARG Y 358 9.12 48.31 -47.19
C ARG Y 358 8.18 47.11 -47.23
N PHE Y 359 7.94 46.60 -48.43
CA PHE Y 359 7.03 45.47 -48.62
C PHE Y 359 7.21 44.89 -50.01
N THR Y 360 6.38 43.89 -50.33
CA THR Y 360 6.42 43.23 -51.64
C THR Y 360 5.03 43.20 -52.26
N ASP Y 361 4.80 44.09 -53.23
CA ASP Y 361 3.55 44.09 -53.96
C ASP Y 361 3.37 42.77 -54.70
N VAL Y 362 2.13 42.27 -54.76
CA VAL Y 362 1.87 40.96 -55.35
C VAL Y 362 2.08 40.98 -56.86
N PRO Y 363 3.01 40.14 -57.38
CA PRO Y 363 3.21 40.05 -58.83
C PRO Y 363 2.27 39.03 -59.48
N PRO Y 364 1.73 39.34 -60.67
CA PRO Y 364 0.84 38.37 -61.34
C PRO Y 364 1.64 37.20 -61.93
N ALA Y 365 1.26 35.97 -61.57
CA ALA Y 365 1.90 34.78 -62.11
C ALA Y 365 1.66 34.66 -63.60
N GLU Y 366 2.40 35.45 -64.38
CA GLU Y 366 2.16 35.53 -65.82
C GLU Y 366 2.64 34.29 -66.58
N ASN Y 367 3.25 33.35 -65.87
CA ASN Y 367 3.76 32.14 -66.51
C ASN Y 367 3.98 31.01 -65.50
N PRO Y 368 2.88 30.37 -65.05
CA PRO Y 368 2.98 29.23 -64.14
C PRO Y 368 3.35 27.93 -64.85
N ASN Y 369 4.49 27.36 -64.50
CA ASN Y 369 4.98 26.13 -65.11
C ASN Y 369 4.46 24.89 -64.37
N PHE Y 370 4.58 23.73 -65.02
CA PHE Y 370 4.14 22.47 -64.44
C PHE Y 370 5.09 21.35 -64.83
N ARG Y 371 6.19 21.23 -64.09
CA ARG Y 371 7.20 20.23 -64.38
C ARG Y 371 6.67 18.82 -64.10
N VAL Y 372 5.80 18.35 -64.97
CA VAL Y 372 5.23 17.01 -64.83
C VAL Y 372 6.23 15.99 -65.39
N GLU Y 373 6.29 14.83 -64.76
CA GLU Y 373 7.24 13.79 -65.16
C GLU Y 373 6.89 12.46 -64.51
N VAL Y 374 6.68 11.44 -65.35
CA VAL Y 374 6.40 10.10 -64.85
C VAL Y 374 7.66 9.46 -64.29
N THR Y 375 7.49 8.28 -63.72
CA THR Y 375 8.61 7.52 -63.18
C THR Y 375 8.19 6.08 -62.93
N ASP Y 376 8.98 5.38 -62.14
CA ASP Y 376 8.71 3.98 -61.80
C ASP Y 376 8.88 3.77 -60.31
N GLN Y 377 8.54 4.80 -59.54
CA GLN Y 377 8.71 4.78 -58.09
C GLN Y 377 7.60 3.98 -57.41
N TRP Y 378 6.37 4.46 -57.53
CA TRP Y 378 5.22 3.80 -56.91
C TRP Y 378 4.70 2.64 -57.76
N LEU Y 379 5.53 1.64 -57.96
CA LEU Y 379 5.12 0.42 -58.67
C LEU Y 379 5.09 -0.75 -57.70
N THR Y 380 6.02 -0.77 -56.76
CA THR Y 380 6.07 -1.82 -55.74
C THR Y 380 4.88 -1.70 -54.80
N GLU Y 381 4.20 -0.57 -54.84
CA GLU Y 381 2.99 -0.36 -54.05
C GLU Y 381 1.91 -1.35 -54.50
N VAL Y 382 1.94 -1.66 -55.79
CA VAL Y 382 1.01 -2.64 -56.35
C VAL Y 382 1.46 -4.04 -55.97
N LEU Y 383 1.23 -4.40 -54.71
CA LEU Y 383 1.68 -5.69 -54.20
C LEU Y 383 1.08 -5.94 -52.83
N ASP Y 384 1.21 -4.96 -51.93
CA ASP Y 384 0.67 -5.07 -50.59
C ASP Y 384 0.45 -3.69 -49.98
N SER Z 2 17.09 54.36 58.99
CA SER Z 2 16.06 53.48 58.43
C SER Z 2 15.35 54.16 57.27
N PHE Z 3 15.05 55.44 57.45
CA PHE Z 3 14.37 56.24 56.43
C PHE Z 3 12.92 55.80 56.26
N PHE Z 4 12.01 56.69 56.66
CA PHE Z 4 10.57 56.45 56.58
C PHE Z 4 10.12 55.30 57.50
N HIS Z 5 10.39 54.07 57.06
CA HIS Z 5 9.96 52.88 57.79
C HIS Z 5 8.44 52.83 57.96
N GLY Z 6 7.74 52.46 56.90
CA GLY Z 6 6.29 52.33 56.94
C GLY Z 6 5.76 51.60 55.73
N VAL Z 7 5.13 52.34 54.83
CA VAL Z 7 4.61 51.79 53.58
C VAL Z 7 4.22 52.94 52.65
N THR Z 8 5.13 53.26 51.74
CA THR Z 8 4.92 54.37 50.81
C THR Z 8 4.00 53.95 49.68
N VAL Z 9 3.69 54.92 48.81
CA VAL Z 9 2.80 54.68 47.68
C VAL Z 9 2.93 55.88 46.73
N THR Z 10 4.16 56.15 46.31
CA THR Z 10 4.44 57.29 45.47
C THR Z 10 3.77 57.17 44.10
N ASN Z 11 3.12 58.24 43.68
CA ASN Z 11 2.47 58.28 42.37
C ASN Z 11 3.46 58.75 41.31
N VAL Z 12 3.92 57.82 40.48
CA VAL Z 12 4.88 58.16 39.42
C VAL Z 12 4.15 58.86 38.27
N ASP Z 13 4.33 60.17 38.20
CA ASP Z 13 3.64 61.00 37.22
C ASP Z 13 4.40 61.00 35.90
N ILE Z 14 4.27 59.92 35.14
CA ILE Z 14 4.87 59.82 33.81
C ILE Z 14 3.88 59.18 32.84
N GLY Z 15 4.14 59.37 31.54
CA GLY Z 15 3.27 58.86 30.50
C GLY Z 15 2.99 59.94 29.48
N ALA Z 16 2.60 59.53 28.28
CA ALA Z 16 2.31 60.46 27.20
C ALA Z 16 1.03 61.25 27.47
N ARG Z 17 1.18 62.55 27.69
CA ARG Z 17 0.03 63.43 27.91
C ARG Z 17 -0.76 63.62 26.62
N THR Z 18 -2.02 64.01 26.77
CA THR Z 18 -2.89 64.26 25.62
C THR Z 18 -2.74 65.71 25.16
N ILE Z 19 -3.08 65.97 23.91
CA ILE Z 19 -2.97 67.30 23.34
C ILE Z 19 -4.22 67.65 22.54
N ALA Z 20 -4.65 68.90 22.62
CA ALA Z 20 -5.86 69.38 21.97
C ALA Z 20 -5.55 70.44 20.93
N LEU Z 21 -6.59 70.88 20.22
CA LEU Z 21 -6.47 71.91 19.20
C LEU Z 21 -7.23 73.17 19.64
N PRO Z 22 -6.56 74.05 20.41
CA PRO Z 22 -7.24 75.21 20.99
C PRO Z 22 -7.63 76.26 19.94
N ALA Z 23 -8.45 77.22 20.34
CA ALA Z 23 -8.85 78.34 19.49
C ALA Z 23 -9.63 77.89 18.25
N SER Z 24 -8.98 77.10 17.40
CA SER Z 24 -9.59 76.58 16.18
C SER Z 24 -9.94 77.70 15.21
N SER Z 25 -10.99 78.45 15.50
CA SER Z 25 -11.45 79.50 14.60
C SER Z 25 -12.27 80.55 15.35
N VAL Z 26 -11.61 81.31 16.23
CA VAL Z 26 -12.26 82.43 16.91
C VAL Z 26 -12.02 83.70 16.11
N ILE Z 27 -13.09 84.44 15.89
CA ILE Z 27 -13.04 85.65 15.07
C ILE Z 27 -12.67 86.87 15.91
N GLY Z 28 -11.83 87.74 15.35
CA GLY Z 28 -11.40 88.95 16.01
C GLY Z 28 -11.80 90.15 15.18
N LEU Z 29 -13.01 90.66 15.44
CA LEU Z 29 -13.58 91.75 14.65
C LEU Z 29 -13.38 93.10 15.34
N CYS Z 30 -13.42 94.17 14.55
CA CYS Z 30 -13.23 95.52 15.08
C CYS Z 30 -13.78 96.55 14.10
N ASP Z 31 -15.08 96.81 14.18
CA ASP Z 31 -15.73 97.82 13.35
C ASP Z 31 -16.01 99.05 14.23
N VAL Z 32 -17.14 99.71 13.99
CA VAL Z 32 -17.52 100.88 14.78
C VAL Z 32 -18.98 100.82 15.20
N PHE Z 33 -19.35 101.65 16.17
CA PHE Z 33 -20.73 101.73 16.62
C PHE Z 33 -20.97 103.06 17.32
N THR Z 34 -22.13 103.18 17.97
CA THR Z 34 -22.51 104.39 18.66
C THR Z 34 -22.82 104.09 20.14
N PRO Z 35 -21.84 104.31 21.03
CA PRO Z 35 -22.08 104.05 22.45
C PRO Z 35 -23.02 105.07 23.08
N GLY Z 36 -23.91 104.62 23.96
CA GLY Z 36 -24.84 105.52 24.62
C GLY Z 36 -25.72 104.79 25.61
N ALA Z 37 -26.96 104.51 25.21
CA ALA Z 37 -27.96 103.90 26.08
C ALA Z 37 -27.98 102.37 25.93
N GLN Z 38 -28.57 101.92 24.83
CA GLN Z 38 -28.74 100.48 24.59
C GLN Z 38 -27.39 99.77 24.42
N ALA Z 39 -26.36 100.54 24.09
CA ALA Z 39 -25.02 99.99 23.88
C ALA Z 39 -24.37 99.65 25.22
N SER Z 40 -24.48 98.38 25.61
CA SER Z 40 -23.93 97.92 26.89
C SER Z 40 -22.41 97.89 26.84
N ALA Z 41 -21.86 97.47 25.71
CA ALA Z 41 -20.41 97.37 25.54
C ALA Z 41 -19.77 98.75 25.63
N LYS Z 42 -18.61 98.83 26.28
CA LYS Z 42 -17.93 100.10 26.45
C LYS Z 42 -17.37 100.58 25.11
N PRO Z 43 -17.02 101.88 25.02
CA PRO Z 43 -16.62 102.47 23.73
C PRO Z 43 -15.32 101.94 23.13
N ASN Z 44 -14.69 100.94 23.75
CA ASN Z 44 -13.39 100.48 23.22
C ASN Z 44 -12.95 99.09 23.70
N VAL Z 45 -13.37 98.69 24.90
CA VAL Z 45 -12.85 97.44 25.47
C VAL Z 45 -13.33 96.23 24.68
N PRO Z 46 -12.54 95.13 24.67
CA PRO Z 46 -12.99 93.90 24.02
C PRO Z 46 -14.20 93.29 24.72
N VAL Z 47 -15.15 92.79 23.94
CA VAL Z 47 -16.33 92.12 24.49
C VAL Z 47 -16.54 90.81 23.74
N LEU Z 48 -16.78 89.74 24.49
CA LEU Z 48 -16.99 88.43 23.91
C LEU Z 48 -18.43 88.26 23.46
N LEU Z 49 -18.63 87.57 22.34
CA LEU Z 49 -19.95 87.32 21.80
C LEU Z 49 -20.16 85.82 21.61
N THR Z 50 -21.38 85.46 21.20
CA THR Z 50 -21.72 84.05 21.00
C THR Z 50 -22.92 83.94 20.05
N SER Z 51 -23.82 84.91 20.13
CA SER Z 51 -25.01 84.93 19.27
C SER Z 51 -25.45 86.37 19.03
N LYS Z 52 -26.42 86.55 18.15
CA LYS Z 52 -26.93 87.88 17.82
C LYS Z 52 -27.49 88.59 19.06
N LYS Z 53 -28.14 87.82 19.93
CA LYS Z 53 -28.70 88.36 21.16
C LYS Z 53 -27.61 89.01 22.02
N ASP Z 54 -26.49 88.30 22.19
CA ASP Z 54 -25.40 88.78 23.01
C ASP Z 54 -24.70 89.96 22.36
N ALA Z 55 -24.86 90.08 21.03
CA ALA Z 55 -24.23 91.15 20.26
C ALA Z 55 -25.15 92.37 20.15
N ALA Z 56 -26.45 92.12 20.05
CA ALA Z 56 -27.43 93.19 19.89
C ALA Z 56 -27.45 94.10 21.11
N ALA Z 57 -27.62 93.51 22.28
CA ALA Z 57 -27.67 94.27 23.53
C ALA Z 57 -26.32 94.91 23.85
N ALA Z 58 -25.27 94.41 23.21
CA ALA Z 58 -23.91 94.88 23.47
C ALA Z 58 -23.64 96.21 22.74
N PHE Z 59 -23.74 96.17 21.41
CA PHE Z 59 -23.40 97.32 20.58
C PHE Z 59 -24.66 98.09 20.16
N GLY Z 60 -25.72 97.35 19.85
CA GLY Z 60 -26.97 97.95 19.45
C GLY Z 60 -27.32 97.61 18.01
N ILE Z 61 -28.58 97.82 17.64
CA ILE Z 61 -29.04 97.57 16.29
C ILE Z 61 -28.74 98.78 15.40
N GLY Z 62 -28.40 98.52 14.15
CA GLY Z 62 -28.08 99.58 13.21
C GLY Z 62 -26.60 99.94 13.25
N SER Z 63 -25.93 99.60 14.34
CA SER Z 63 -24.50 99.84 14.47
C SER Z 63 -23.76 99.10 13.36
N SER Z 64 -22.82 99.80 12.71
CA SER Z 64 -22.08 99.24 11.58
C SER Z 64 -21.36 97.94 11.96
N ILE Z 65 -21.10 97.76 13.25
CA ILE Z 65 -20.44 96.56 13.76
C ILE Z 65 -21.43 95.40 13.84
N TYR Z 66 -22.67 95.71 14.14
CA TYR Z 66 -23.71 94.70 14.28
C TYR Z 66 -24.07 94.10 12.92
N LEU Z 67 -23.98 94.91 11.87
CA LEU Z 67 -24.23 94.44 10.52
C LEU Z 67 -23.15 93.45 10.08
N ALA Z 68 -22.00 93.54 10.72
CA ALA Z 68 -20.88 92.65 10.44
C ALA Z 68 -21.00 91.35 11.25
N CYS Z 69 -21.38 91.49 12.52
CA CYS Z 69 -21.58 90.33 13.38
C CYS Z 69 -22.79 89.52 12.91
N GLU Z 70 -23.86 90.22 12.54
CA GLU Z 70 -25.06 89.57 12.04
C GLU Z 70 -24.76 88.82 10.75
N ALA Z 71 -23.84 89.35 9.95
CA ALA Z 71 -23.43 88.72 8.70
C ALA Z 71 -22.69 87.42 8.97
N ILE Z 72 -22.03 87.35 10.12
CA ILE Z 72 -21.29 86.15 10.51
C ILE Z 72 -22.23 85.10 11.10
N TYR Z 73 -23.11 85.53 12.00
CA TYR Z 73 -24.01 84.61 12.69
C TYR Z 73 -25.10 84.09 11.74
N ASN Z 74 -25.45 84.90 10.75
CA ASN Z 74 -26.39 84.48 9.72
C ASN Z 74 -25.80 83.32 8.92
N ARG Z 75 -24.51 83.45 8.61
CA ARG Z 75 -23.77 82.40 7.92
C ARG Z 75 -23.61 81.18 8.83
N ALA Z 76 -22.75 81.30 9.83
CA ALA Z 76 -22.50 80.21 10.76
C ALA Z 76 -22.08 80.77 12.11
N GLN Z 77 -22.65 80.22 13.18
CA GLN Z 77 -22.39 80.70 14.53
C GLN Z 77 -20.93 80.47 14.92
N ALA Z 78 -20.36 81.44 15.63
CA ALA Z 78 -18.97 81.36 16.04
C ALA Z 78 -18.67 82.38 17.14
N VAL Z 79 -17.57 82.16 17.84
CA VAL Z 79 -17.13 83.08 18.88
C VAL Z 79 -16.48 84.31 18.25
N ILE Z 80 -16.92 85.49 18.68
CA ILE Z 80 -16.39 86.75 18.16
C ILE Z 80 -15.97 87.66 19.30
N VAL Z 81 -14.68 87.70 19.58
CA VAL Z 81 -14.14 88.65 20.57
C VAL Z 81 -14.07 90.02 19.91
N ALA Z 82 -15.24 90.61 19.67
CA ALA Z 82 -15.33 91.90 19.00
C ALA Z 82 -14.83 93.02 19.89
N VAL Z 83 -14.32 94.08 19.27
CA VAL Z 83 -13.80 95.24 19.98
C VAL Z 83 -14.78 96.40 19.83
N GLY Z 84 -14.80 97.02 18.65
CA GLY Z 84 -15.69 98.11 18.37
C GLY Z 84 -15.19 99.41 18.97
N VAL Z 85 -15.17 100.46 18.14
CA VAL Z 85 -14.70 101.78 18.58
C VAL Z 85 -15.67 102.86 18.13
N GLU Z 86 -15.74 103.95 18.90
CA GLU Z 86 -16.64 105.05 18.58
C GLU Z 86 -16.28 105.69 17.24
N THR Z 87 -17.30 106.09 16.49
CA THR Z 87 -17.10 106.76 15.21
C THR Z 87 -16.46 108.13 15.42
N ALA Z 88 -15.55 108.49 14.54
CA ALA Z 88 -14.84 109.77 14.63
C ALA Z 88 -15.43 110.78 13.64
N GLU Z 89 -14.83 111.97 13.60
CA GLU Z 89 -15.28 113.03 12.71
C GLU Z 89 -15.01 112.70 11.25
N THR Z 90 -13.73 112.82 10.85
CA THR Z 90 -13.32 112.53 9.49
C THR Z 90 -13.05 111.03 9.33
N PRO Z 91 -13.24 110.50 8.12
CA PRO Z 91 -13.04 109.07 7.87
C PRO Z 91 -11.57 108.65 8.01
N GLU Z 92 -10.67 109.58 7.72
CA GLU Z 92 -9.23 109.32 7.79
C GLU Z 92 -8.78 109.12 9.22
N ALA Z 93 -9.14 110.07 10.08
CA ALA Z 93 -8.75 110.05 11.48
C ALA Z 93 -9.49 108.94 12.24
N GLN Z 94 -10.56 108.43 11.65
CA GLN Z 94 -11.33 107.35 12.26
C GLN Z 94 -10.52 106.06 12.26
N ALA Z 95 -9.65 105.92 11.25
CA ALA Z 95 -8.81 104.73 11.12
C ALA Z 95 -7.81 104.65 12.27
N SER Z 96 -7.50 105.80 12.87
CA SER Z 96 -6.57 105.84 14.00
C SER Z 96 -7.16 105.11 15.20
N ALA Z 97 -8.44 105.39 15.49
CA ALA Z 97 -9.14 104.72 16.57
C ALA Z 97 -9.32 103.24 16.27
N VAL Z 98 -9.43 102.91 14.99
CA VAL Z 98 -9.58 101.53 14.55
C VAL Z 98 -8.28 100.77 14.82
N ILE Z 99 -7.16 101.34 14.36
CA ILE Z 99 -5.86 100.73 14.62
C ILE Z 99 -5.59 100.76 16.12
N GLY Z 100 -5.70 101.95 16.71
CA GLY Z 100 -5.55 102.11 18.14
C GLY Z 100 -4.11 102.03 18.58
N GLY Z 101 -3.62 103.11 19.20
CA GLY Z 101 -2.26 103.13 19.70
C GLY Z 101 -2.14 102.34 20.98
N ILE Z 102 -2.39 102.98 22.11
CA ILE Z 102 -2.33 102.34 23.42
C ILE Z 102 -2.97 103.18 24.52
N SER Z 103 -3.06 104.49 24.29
CA SER Z 103 -3.70 105.42 25.23
C SER Z 103 -2.89 105.57 26.50
N ALA Z 104 -3.17 106.64 27.25
CA ALA Z 104 -2.48 106.93 28.49
C ALA Z 104 -2.86 105.93 29.59
N ALA Z 105 -4.01 105.28 29.42
CA ALA Z 105 -4.50 104.31 30.38
C ALA Z 105 -3.61 103.07 30.41
N GLY Z 106 -2.90 102.84 29.31
CA GLY Z 106 -2.00 101.71 29.19
C GLY Z 106 -2.67 100.52 28.52
N GLU Z 107 -4.00 100.47 28.61
CA GLU Z 107 -4.76 99.38 28.01
C GLU Z 107 -4.78 99.50 26.48
N ARG Z 108 -4.44 98.41 25.80
CA ARG Z 108 -4.41 98.39 24.34
C ARG Z 108 -5.76 98.77 23.75
N THR Z 109 -5.76 99.83 22.94
CA THR Z 109 -6.99 100.32 22.33
C THR Z 109 -7.13 99.86 20.88
N GLY Z 110 -8.34 99.99 20.35
CA GLY Z 110 -8.61 99.69 18.95
C GLY Z 110 -8.32 98.26 18.58
N LEU Z 111 -7.90 98.07 17.33
CA LEU Z 111 -7.66 96.74 16.77
C LEU Z 111 -6.62 95.94 17.55
N GLN Z 112 -5.68 96.66 18.19
CA GLN Z 112 -4.61 96.02 18.94
C GLN Z 112 -5.11 95.43 20.26
N ALA Z 113 -6.37 95.73 20.61
CA ALA Z 113 -6.96 95.22 21.84
C ALA Z 113 -7.24 93.72 21.76
N LEU Z 114 -7.17 93.17 20.55
CA LEU Z 114 -7.47 91.76 20.33
C LEU Z 114 -6.46 90.84 21.03
N LEU Z 115 -5.27 91.37 21.32
CA LEU Z 115 -4.25 90.61 22.02
C LEU Z 115 -4.68 90.27 23.44
N ASP Z 116 -5.65 91.01 23.95
CA ASP Z 116 -6.17 90.81 25.31
C ASP Z 116 -7.23 89.71 25.35
N GLY Z 117 -7.79 89.39 24.18
CA GLY Z 117 -8.85 88.40 24.08
C GLY Z 117 -8.44 87.03 24.57
N LYS Z 118 -7.14 86.75 24.52
CA LYS Z 118 -6.60 85.47 24.96
C LYS Z 118 -6.52 85.38 26.47
N SER Z 119 -6.02 86.45 27.09
CA SER Z 119 -5.81 86.48 28.54
C SER Z 119 -7.01 87.10 29.27
N ARG Z 120 -8.20 86.92 28.72
CA ARG Z 120 -9.43 87.39 29.35
C ARG Z 120 -10.61 86.47 29.07
N PHE Z 121 -10.66 85.92 27.87
CA PHE Z 121 -11.77 85.06 27.46
C PHE Z 121 -11.29 83.66 27.06
N ASN Z 122 -9.99 83.42 27.18
CA ASN Z 122 -9.41 82.15 26.78
C ASN Z 122 -9.76 81.78 25.33
N ALA Z 123 -9.98 82.81 24.51
CA ALA Z 123 -10.36 82.63 23.11
C ALA Z 123 -9.51 83.55 22.25
N GLN Z 124 -8.32 83.07 21.89
CA GLN Z 124 -7.41 83.83 21.05
C GLN Z 124 -8.03 84.02 19.67
N PRO Z 125 -8.33 85.28 19.28
CA PRO Z 125 -8.89 85.48 17.95
C PRO Z 125 -7.92 85.06 16.85
N ARG Z 126 -8.08 83.84 16.35
CA ARG Z 126 -7.21 83.31 15.32
C ARG Z 126 -7.83 83.52 13.94
N LEU Z 127 -8.47 84.67 13.78
CA LEU Z 127 -9.12 85.02 12.52
C LEU Z 127 -9.54 86.48 12.55
N LEU Z 128 -8.61 87.36 12.20
CA LEU Z 128 -8.86 88.80 12.23
C LEU Z 128 -9.79 89.23 11.10
N VAL Z 129 -10.38 90.41 11.27
CA VAL Z 129 -11.31 90.97 10.28
C VAL Z 129 -11.66 92.39 10.70
N ALA Z 130 -11.75 93.29 9.73
CA ALA Z 130 -12.06 94.69 9.99
C ALA Z 130 -12.91 95.26 8.86
N PRO Z 131 -14.21 94.94 8.85
CA PRO Z 131 -15.11 95.38 7.77
C PRO Z 131 -15.16 96.89 7.60
N GLY Z 132 -15.06 97.38 6.37
CA GLY Z 132 -15.07 98.80 6.09
C GLY Z 132 -13.68 99.40 6.17
N HIS Z 133 -13.01 99.16 7.30
CA HIS Z 133 -11.66 99.67 7.53
C HIS Z 133 -10.60 98.64 7.13
N SER Z 134 -10.29 98.58 5.85
CA SER Z 134 -9.25 97.70 5.33
C SER Z 134 -8.76 98.15 3.95
N ALA Z 135 -9.61 98.87 3.23
CA ALA Z 135 -9.23 99.44 1.93
C ALA Z 135 -8.12 100.48 2.11
N GLN Z 136 -8.05 101.07 3.30
CA GLN Z 136 -7.00 102.03 3.60
C GLN Z 136 -5.68 101.30 3.83
N GLN Z 137 -4.62 101.81 3.19
CA GLN Z 137 -3.30 101.20 3.27
C GLN Z 137 -2.78 101.15 4.71
N ALA Z 138 -3.24 102.08 5.54
CA ALA Z 138 -2.76 102.20 6.92
C ALA Z 138 -3.18 101.03 7.79
N VAL Z 139 -4.49 100.92 8.02
CA VAL Z 139 -5.06 99.91 8.91
C VAL Z 139 -4.75 98.49 8.42
N ALA Z 140 -4.52 98.34 7.12
CA ALA Z 140 -4.28 97.03 6.54
C ALA Z 140 -2.97 96.41 7.05
N THR Z 141 -1.97 97.25 7.26
CA THR Z 141 -0.67 96.79 7.74
C THR Z 141 -0.75 96.40 9.21
N ALA Z 142 -1.58 97.10 9.98
CA ALA Z 142 -1.81 96.78 11.37
C ALA Z 142 -2.43 95.39 11.50
N MET Z 143 -3.29 95.06 10.55
CA MET Z 143 -3.90 93.74 10.49
C MET Z 143 -2.85 92.67 10.18
N ASP Z 144 -1.85 93.07 9.41
CA ASP Z 144 -0.77 92.17 9.02
C ASP Z 144 0.14 91.88 10.21
N GLY Z 145 0.55 92.95 10.90
CA GLY Z 145 1.48 92.82 12.01
C GLY Z 145 0.81 92.13 13.19
N LEU Z 146 -0.47 92.40 13.39
CA LEU Z 146 -1.22 91.84 14.50
C LEU Z 146 -1.47 90.34 14.32
N ALA Z 147 -1.64 89.93 13.07
CA ALA Z 147 -1.93 88.53 12.75
C ALA Z 147 -0.78 87.62 13.17
N GLU Z 148 0.45 88.12 13.03
CA GLU Z 148 1.64 87.34 13.37
C GLU Z 148 1.77 87.18 14.89
N LYS Z 149 1.18 88.12 15.64
CA LYS Z 149 1.18 88.04 17.09
C LYS Z 149 0.17 87.00 17.56
N LEU Z 150 -0.91 86.87 16.80
CA LEU Z 150 -2.00 85.95 17.14
C LEU Z 150 -1.96 84.69 16.27
N ARG Z 151 -1.03 84.65 15.31
CA ARG Z 151 -0.95 83.54 14.37
C ARG Z 151 -2.29 83.33 13.66
N ALA Z 152 -2.95 84.45 13.34
CA ALA Z 152 -4.28 84.42 12.73
C ALA Z 152 -4.18 84.61 11.23
N ILE Z 153 -5.33 84.83 10.60
CA ILE Z 153 -5.38 85.10 9.15
C ILE Z 153 -6.27 86.30 8.91
N ALA Z 154 -5.65 87.47 8.83
CA ALA Z 154 -6.38 88.73 8.66
C ALA Z 154 -7.05 88.79 7.29
N ILE Z 155 -8.37 88.86 7.30
CA ILE Z 155 -9.16 88.98 6.07
C ILE Z 155 -9.40 90.45 5.74
N LEU Z 156 -8.70 90.93 4.71
CA LEU Z 156 -8.86 92.31 4.24
C LEU Z 156 -10.03 92.39 3.29
N ASP Z 157 -10.28 93.60 2.78
CA ASP Z 157 -11.33 93.83 1.80
C ASP Z 157 -11.00 95.06 0.97
N GLY Z 158 -10.36 94.85 -0.18
CA GLY Z 158 -9.91 95.94 -1.02
C GLY Z 158 -11.07 96.73 -1.62
N PRO Z 159 -10.77 97.93 -2.15
CA PRO Z 159 -11.79 98.80 -2.72
C PRO Z 159 -12.42 98.23 -3.98
N ASN Z 160 -13.69 98.52 -4.21
CA ASN Z 160 -14.39 98.06 -5.41
C ASN Z 160 -13.89 98.83 -6.63
N SER Z 161 -14.61 99.86 -7.03
CA SER Z 161 -14.23 100.68 -8.18
C SER Z 161 -14.00 99.83 -9.42
N THR Z 162 -12.87 99.13 -9.45
CA THR Z 162 -12.51 98.29 -10.60
C THR Z 162 -11.46 97.26 -10.19
N ASP Z 163 -11.13 96.36 -11.12
CA ASP Z 163 -10.18 95.27 -10.87
C ASP Z 163 -8.75 95.80 -10.83
N GLU Z 164 -8.48 96.82 -11.64
CA GLU Z 164 -7.14 97.39 -11.73
C GLU Z 164 -6.70 97.93 -10.37
N ALA Z 165 -7.65 98.49 -9.63
CA ALA Z 165 -7.37 99.07 -8.32
C ALA Z 165 -7.18 97.99 -7.26
N ALA Z 166 -7.72 96.81 -7.51
CA ALA Z 166 -7.64 95.69 -6.57
C ALA Z 166 -6.28 95.00 -6.68
N VAL Z 167 -5.79 94.84 -7.90
CA VAL Z 167 -4.51 94.20 -8.14
C VAL Z 167 -3.38 95.10 -7.64
N ALA Z 168 -3.49 96.39 -7.90
CA ALA Z 168 -2.47 97.36 -7.49
C ALA Z 168 -2.41 97.48 -5.97
N TYR Z 169 -3.47 97.05 -5.30
CA TYR Z 169 -3.56 97.12 -3.85
C TYR Z 169 -2.91 95.90 -3.20
N ALA Z 170 -3.12 94.74 -3.80
CA ALA Z 170 -2.57 93.48 -3.30
C ALA Z 170 -1.06 93.42 -3.50
N LYS Z 171 -0.58 94.14 -4.52
CA LYS Z 171 0.84 94.18 -4.85
C LYS Z 171 1.66 94.75 -3.69
N ASN Z 172 0.98 95.41 -2.75
CA ASN Z 172 1.64 96.02 -1.62
C ASN Z 172 2.08 94.99 -0.58
N PHE Z 173 1.18 94.10 -0.21
CA PHE Z 173 1.43 93.11 0.83
C PHE Z 173 2.06 91.85 0.26
N GLY Z 174 2.52 90.97 1.15
CA GLY Z 174 3.12 89.71 0.76
C GLY Z 174 3.30 88.76 1.93
N SER Z 175 2.51 88.94 2.98
CA SER Z 175 2.63 88.14 4.19
C SER Z 175 1.75 86.90 4.14
N LYS Z 176 2.17 85.84 4.81
CA LYS Z 176 1.43 84.59 4.87
C LYS Z 176 0.00 84.78 5.37
N ARG Z 177 -0.16 85.75 6.27
CA ARG Z 177 -1.41 85.93 7.00
C ARG Z 177 -2.24 87.09 6.47
N LEU Z 178 -2.61 87.01 5.20
CA LEU Z 178 -3.48 88.00 4.57
C LEU Z 178 -4.30 87.36 3.48
N PHE Z 179 -5.62 87.45 3.62
CA PHE Z 179 -6.55 86.83 2.69
C PHE Z 179 -7.58 87.85 2.26
N MET Z 180 -7.24 88.64 1.24
CA MET Z 180 -8.08 89.75 0.82
C MET Z 180 -9.16 89.30 -0.16
N VAL Z 181 -10.29 90.00 -0.11
CA VAL Z 181 -11.39 89.78 -1.05
C VAL Z 181 -11.74 91.14 -1.67
N ASP Z 182 -11.75 91.19 -3.00
CA ASP Z 182 -11.89 92.45 -3.72
C ASP Z 182 -13.36 92.87 -3.91
N PRO Z 183 -14.14 92.08 -4.67
CA PRO Z 183 -15.50 92.53 -4.99
C PRO Z 183 -16.39 92.66 -3.74
N GLY Z 184 -16.88 93.87 -3.47
CA GLY Z 184 -17.69 94.12 -2.30
C GLY Z 184 -19.13 93.66 -2.51
N VAL Z 185 -19.48 92.56 -1.86
CA VAL Z 185 -20.84 92.03 -1.94
C VAL Z 185 -21.83 93.02 -1.33
N GLN Z 186 -23.04 93.07 -1.87
CA GLN Z 186 -24.07 93.97 -1.37
C GLN Z 186 -25.17 93.18 -0.67
N VAL Z 187 -25.49 93.60 0.55
CA VAL Z 187 -26.51 92.94 1.36
C VAL Z 187 -27.75 93.82 1.44
N TRP Z 188 -28.89 93.21 1.72
CA TRP Z 188 -30.13 93.93 1.89
C TRP Z 188 -30.26 94.43 3.33
N ASP Z 189 -29.91 95.68 3.57
CA ASP Z 189 -29.99 96.26 4.90
C ASP Z 189 -31.44 96.37 5.36
N SER Z 190 -31.68 96.06 6.63
CA SER Z 190 -33.02 96.09 7.20
C SER Z 190 -33.48 97.52 7.47
N ALA Z 191 -32.55 98.36 7.90
CA ALA Z 191 -32.85 99.74 8.26
C ALA Z 191 -33.13 100.60 7.03
N THR Z 192 -32.35 100.39 5.98
CA THR Z 192 -32.48 101.16 4.75
C THR Z 192 -33.63 100.63 3.88
N ASN Z 193 -33.98 99.35 4.08
CA ASN Z 193 -35.04 98.70 3.33
C ASN Z 193 -34.76 98.72 1.83
N ALA Z 194 -33.50 98.53 1.47
CA ALA Z 194 -33.09 98.47 0.08
C ALA Z 194 -31.68 97.92 -0.03
N ALA Z 195 -31.12 97.96 -1.24
CA ALA Z 195 -29.76 97.47 -1.47
C ALA Z 195 -28.76 98.29 -0.67
N ARG Z 196 -27.64 97.68 -0.33
CA ARG Z 196 -26.63 98.33 0.49
C ARG Z 196 -25.30 97.58 0.39
N ASN Z 197 -24.29 98.25 -0.17
CA ASN Z 197 -22.99 97.64 -0.37
C ASN Z 197 -22.28 97.37 0.96
N ALA Z 198 -21.67 96.19 1.06
CA ALA Z 198 -20.96 95.77 2.26
C ALA Z 198 -19.48 95.52 1.93
N PRO Z 199 -18.61 95.50 2.96
CA PRO Z 199 -17.18 95.27 2.73
C PRO Z 199 -16.83 93.81 2.39
N ALA Z 200 -17.79 92.90 2.58
CA ALA Z 200 -17.58 91.49 2.25
C ALA Z 200 -16.46 90.85 3.07
N SER Z 201 -16.06 91.54 4.14
CA SER Z 201 -14.96 91.06 4.99
C SER Z 201 -15.51 90.09 6.03
N ALA Z 202 -16.55 90.52 6.73
CA ALA Z 202 -17.18 89.71 7.77
C ALA Z 202 -17.88 88.49 7.18
N TYR Z 203 -18.42 88.64 5.97
CA TYR Z 203 -19.08 87.53 5.29
C TYR Z 203 -18.09 86.43 4.97
N ALA Z 204 -16.89 86.83 4.55
CA ALA Z 204 -15.82 85.88 4.24
C ALA Z 204 -15.24 85.29 5.52
N ALA Z 205 -15.37 86.03 6.62
CA ALA Z 205 -14.88 85.58 7.92
C ALA Z 205 -15.81 84.51 8.51
N GLY Z 206 -17.10 84.81 8.51
CA GLY Z 206 -18.10 83.89 9.00
C GLY Z 206 -18.13 82.63 8.14
N LEU Z 207 -17.80 82.80 6.87
CA LEU Z 207 -17.73 81.69 5.92
C LEU Z 207 -16.69 80.66 6.35
N PHE Z 208 -15.54 81.15 6.84
CA PHE Z 208 -14.49 80.25 7.35
C PHE Z 208 -15.02 79.46 8.54
N ALA Z 209 -15.66 80.17 9.47
CA ALA Z 209 -16.15 79.59 10.71
C ALA Z 209 -17.15 78.47 10.42
N TRP Z 210 -17.81 78.56 9.27
CA TRP Z 210 -18.78 77.54 8.85
C TRP Z 210 -18.06 76.25 8.45
N THR Z 211 -16.99 76.40 7.66
CA THR Z 211 -16.22 75.26 7.18
C THR Z 211 -15.38 74.65 8.30
N ASP Z 212 -14.85 75.52 9.16
CA ASP Z 212 -14.00 75.09 10.27
C ASP Z 212 -14.79 74.26 11.29
N ALA Z 213 -16.03 74.68 11.54
CA ALA Z 213 -16.91 73.96 12.47
C ALA Z 213 -17.46 72.71 11.81
N GLU Z 214 -17.63 72.76 10.50
CA GLU Z 214 -18.18 71.64 9.73
C GLU Z 214 -17.11 70.63 9.37
N TYR Z 215 -16.37 70.93 8.29
CA TYR Z 215 -15.31 70.04 7.81
C TYR Z 215 -14.14 70.05 8.77
N GLY Z 216 -13.57 71.23 8.97
CA GLY Z 216 -12.41 71.40 9.84
C GLY Z 216 -11.58 72.60 9.42
N PHE Z 217 -10.71 73.06 10.32
CA PHE Z 217 -9.82 74.18 10.04
C PHE Z 217 -8.92 73.85 8.84
N TRP Z 218 -8.62 72.57 8.68
CA TRP Z 218 -7.77 72.10 7.60
C TRP Z 218 -8.51 72.14 6.26
N SER Z 219 -9.84 72.22 6.32
CA SER Z 219 -10.64 72.30 5.09
C SER Z 219 -10.54 73.69 4.49
N SER Z 220 -10.48 73.75 3.16
CA SER Z 220 -10.41 75.04 2.47
C SER Z 220 -11.78 75.71 2.50
N PRO Z 221 -11.80 77.05 2.72
CA PRO Z 221 -13.06 77.79 2.79
C PRO Z 221 -13.64 78.09 1.41
N SER Z 222 -12.78 78.20 0.40
CA SER Z 222 -13.19 78.56 -0.95
C SER Z 222 -14.27 77.63 -1.51
N ASN Z 223 -14.97 78.10 -2.53
CA ASN Z 223 -15.99 77.30 -3.21
C ASN Z 223 -17.11 76.89 -2.24
N LYS Z 224 -17.38 77.75 -1.26
CA LYS Z 224 -18.48 77.54 -0.32
C LYS Z 224 -19.41 78.74 -0.39
N GLU Z 225 -20.70 78.45 -0.51
CA GLU Z 225 -21.70 79.50 -0.72
C GLU Z 225 -21.90 80.35 0.53
N ILE Z 226 -22.01 81.65 0.31
CA ILE Z 226 -22.21 82.60 1.40
C ILE Z 226 -23.67 83.08 1.41
N LYS Z 227 -24.25 83.14 2.61
CA LYS Z 227 -25.62 83.59 2.79
C LYS Z 227 -25.68 85.06 3.18
N GLY Z 228 -26.88 85.62 3.19
CA GLY Z 228 -27.06 87.02 3.58
C GLY Z 228 -26.53 87.96 2.53
N VAL Z 229 -26.89 87.69 1.28
CA VAL Z 229 -26.42 88.48 0.14
C VAL Z 229 -27.60 88.79 -0.78
N THR Z 230 -27.35 89.56 -1.83
CA THR Z 230 -28.41 89.92 -2.78
C THR Z 230 -27.83 90.63 -4.01
N GLY Z 231 -26.61 90.25 -4.40
CA GLY Z 231 -25.93 90.86 -5.52
C GLY Z 231 -24.50 91.18 -5.13
N THR Z 232 -23.68 91.54 -6.11
CA THR Z 232 -22.27 91.85 -5.85
C THR Z 232 -21.83 93.05 -6.68
N SER Z 233 -21.22 94.02 -6.01
CA SER Z 233 -20.69 95.20 -6.68
C SER Z 233 -19.64 94.79 -7.70
N ARG Z 234 -19.79 95.30 -8.92
CA ARG Z 234 -18.91 94.95 -10.03
C ARG Z 234 -19.00 93.45 -10.33
N PRO Z 235 -19.93 93.04 -11.21
CA PRO Z 235 -20.12 91.61 -11.46
C PRO Z 235 -18.90 90.95 -12.07
N VAL Z 236 -18.12 90.26 -11.24
CA VAL Z 236 -16.94 89.55 -11.70
C VAL Z 236 -17.39 88.35 -12.53
N GLU Z 237 -16.99 88.34 -13.80
CA GLU Z 237 -17.41 87.31 -14.73
C GLU Z 237 -16.72 85.98 -14.44
N PHE Z 238 -17.41 84.88 -14.74
CA PHE Z 238 -16.84 83.55 -14.60
C PHE Z 238 -17.47 82.59 -15.59
N LEU Z 239 -16.67 82.12 -16.54
CA LEU Z 239 -17.14 81.18 -17.54
C LEU Z 239 -17.25 79.78 -16.96
N ASP Z 240 -17.70 78.82 -17.77
CA ASP Z 240 -17.86 77.45 -17.32
C ASP Z 240 -16.50 76.82 -17.00
N GLY Z 241 -15.52 77.09 -17.86
CA GLY Z 241 -14.18 76.55 -17.67
C GLY Z 241 -13.20 77.14 -18.66
N ASP Z 242 -12.63 78.30 -18.31
CA ASP Z 242 -11.64 78.96 -19.15
C ASP Z 242 -10.82 79.96 -18.34
N GLU Z 243 -9.52 80.00 -18.60
CA GLU Z 243 -8.62 80.91 -17.90
C GLU Z 243 -8.82 82.36 -18.34
N THR Z 244 -9.63 82.55 -19.37
CA THR Z 244 -9.88 83.88 -19.92
C THR Z 244 -10.81 84.69 -19.03
N CYS Z 245 -11.57 84.00 -18.17
CA CYS Z 245 -12.51 84.67 -17.28
C CYS Z 245 -11.76 85.56 -16.29
N ARG Z 246 -12.43 86.63 -15.85
CA ARG Z 246 -11.78 87.63 -15.01
C ARG Z 246 -11.66 87.16 -13.57
N ALA Z 247 -12.53 86.24 -13.16
CA ALA Z 247 -12.50 85.70 -11.81
C ALA Z 247 -11.16 85.02 -11.54
N ASN Z 248 -10.57 84.46 -12.59
CA ASN Z 248 -9.29 83.76 -12.49
C ASN Z 248 -8.11 84.74 -12.37
N LEU Z 249 -8.17 85.83 -13.12
CA LEU Z 249 -7.08 86.79 -13.16
C LEU Z 249 -6.80 87.41 -11.80
N LEU Z 250 -7.85 87.61 -11.01
CA LEU Z 250 -7.69 88.17 -9.67
C LEU Z 250 -7.07 87.15 -8.72
N ASN Z 251 -7.35 85.87 -8.95
CA ASN Z 251 -6.76 84.81 -8.14
C ASN Z 251 -5.26 84.68 -8.39
N ASN Z 252 -4.83 85.06 -9.59
CA ASN Z 252 -3.40 85.07 -9.92
C ASN Z 252 -2.68 86.14 -9.12
N ALA Z 253 -3.41 87.19 -8.77
CA ALA Z 253 -2.86 88.27 -7.95
C ALA Z 253 -3.16 88.01 -6.47
N ASN Z 254 -3.48 86.77 -6.14
CA ASN Z 254 -3.79 86.37 -4.76
C ASN Z 254 -4.95 87.18 -4.22
N ILE Z 255 -6.14 86.96 -4.80
CA ILE Z 255 -7.33 87.67 -4.37
C ILE Z 255 -8.56 86.75 -4.40
N ALA Z 256 -9.36 86.84 -3.34
CA ALA Z 256 -10.61 86.09 -3.25
C ALA Z 256 -11.72 86.87 -3.95
N THR Z 257 -12.66 86.17 -4.55
CA THR Z 257 -13.75 86.80 -5.29
C THR Z 257 -15.05 86.03 -5.16
N ILE Z 258 -16.17 86.75 -5.19
CA ILE Z 258 -17.49 86.15 -5.15
C ILE Z 258 -18.04 86.06 -6.56
N ILE Z 259 -18.24 84.84 -7.03
CA ILE Z 259 -18.60 84.60 -8.43
C ILE Z 259 -20.10 84.43 -8.62
N ARG Z 260 -20.51 84.52 -9.89
CA ARG Z 260 -21.90 84.33 -10.31
C ARG Z 260 -22.84 85.39 -9.72
N ASP Z 261 -24.09 85.34 -10.18
CA ASP Z 261 -25.09 86.32 -9.79
C ASP Z 261 -25.36 86.27 -8.29
N ASP Z 262 -26.02 87.31 -7.78
CA ASP Z 262 -26.41 87.36 -6.38
C ASP Z 262 -25.21 87.26 -5.43
N GLY Z 263 -24.63 86.07 -5.35
CA GLY Z 263 -23.51 85.81 -4.47
C GLY Z 263 -23.42 84.32 -4.26
N TYR Z 264 -23.30 83.59 -5.37
CA TYR Z 264 -23.33 82.13 -5.35
C TYR Z 264 -22.29 81.55 -4.41
N ARG Z 265 -21.03 81.93 -4.59
CA ARG Z 265 -19.96 81.41 -3.74
C ARG Z 265 -18.67 82.22 -3.84
N LEU Z 266 -17.82 82.07 -2.83
CA LEU Z 266 -16.53 82.74 -2.77
C LEU Z 266 -15.41 81.73 -2.98
N TRP Z 267 -14.34 82.15 -3.64
CA TRP Z 267 -13.15 81.30 -3.76
C TRP Z 267 -11.90 82.13 -4.03
N GLY Z 268 -10.75 81.46 -4.05
CA GLY Z 268 -9.46 82.12 -4.24
C GLY Z 268 -8.58 81.80 -3.05
N ASN Z 269 -8.12 80.56 -2.98
CA ASN Z 269 -7.35 80.08 -1.84
C ASN Z 269 -6.02 80.80 -1.66
N ARG Z 270 -5.51 81.37 -2.75
CA ARG Z 270 -4.22 82.05 -2.71
C ARG Z 270 -4.22 83.22 -1.72
N THR Z 271 -3.40 83.10 -0.68
CA THR Z 271 -3.20 84.18 0.27
C THR Z 271 -2.14 85.12 -0.28
N LEU Z 272 -2.24 86.40 0.06
CA LEU Z 272 -1.29 87.40 -0.41
C LEU Z 272 0.12 87.11 0.08
N SER Z 273 0.75 86.08 -0.47
CA SER Z 273 2.07 85.64 -0.03
C SER Z 273 3.01 85.44 -1.22
N SER Z 274 4.24 85.94 -1.07
CA SER Z 274 5.25 85.78 -2.10
C SER Z 274 5.79 84.36 -2.12
N ASP Z 275 6.09 83.82 -0.94
CA ASP Z 275 6.61 82.46 -0.84
C ASP Z 275 5.54 81.46 -1.28
N SER Z 276 5.83 80.72 -2.34
CA SER Z 276 4.87 79.77 -2.91
C SER Z 276 4.63 78.59 -1.98
N LYS Z 277 5.46 78.44 -0.96
CA LYS Z 277 5.30 77.37 0.02
C LYS Z 277 4.03 77.59 0.84
N TRP Z 278 3.74 78.85 1.13
CA TRP Z 278 2.56 79.22 1.90
C TRP Z 278 1.52 79.88 0.99
N ALA Z 279 1.37 79.32 -0.20
CA ALA Z 279 0.48 79.89 -1.20
C ALA Z 279 -0.97 79.75 -0.78
N PHE Z 280 -1.33 78.58 -0.26
CA PHE Z 280 -2.70 78.34 0.19
C PHE Z 280 -2.93 78.91 1.58
N VAL Z 281 -4.14 79.43 1.78
CA VAL Z 281 -4.54 79.94 3.09
C VAL Z 281 -4.71 78.76 4.05
N THR Z 282 -4.95 77.57 3.48
CA THR Z 282 -5.12 76.35 4.26
C THR Z 282 -3.86 76.02 5.07
N ARG Z 283 -2.72 75.97 4.39
CA ARG Z 283 -1.45 75.61 5.03
C ARG Z 283 -1.13 76.54 6.19
N VAL Z 284 -1.35 77.83 5.98
CA VAL Z 284 -1.10 78.84 7.01
C VAL Z 284 -2.03 78.62 8.19
N ARG Z 285 -3.22 78.10 7.90
CA ARG Z 285 -4.24 77.91 8.93
C ARG Z 285 -4.01 76.64 9.76
N THR Z 286 -3.46 75.61 9.12
CA THR Z 286 -3.17 74.34 9.80
C THR Z 286 -1.87 74.43 10.59
N MET Z 287 -0.88 75.10 10.01
CA MET Z 287 0.44 75.21 10.62
C MET Z 287 0.40 76.09 11.86
N ASP Z 288 -0.31 77.21 11.77
CA ASP Z 288 -0.46 78.12 12.89
C ASP Z 288 -1.26 77.48 14.02
N LEU Z 289 -1.96 76.40 13.70
CA LEU Z 289 -2.80 75.70 14.68
C LEU Z 289 -2.00 74.64 15.43
N VAL Z 290 -1.34 73.76 14.69
CA VAL Z 290 -0.55 72.68 15.29
C VAL Z 290 0.63 73.24 16.07
N MET Z 291 1.12 74.41 15.67
CA MET Z 291 2.19 75.08 16.36
C MET Z 291 1.69 75.56 17.73
N ASP Z 292 0.59 76.30 17.72
CA ASP Z 292 0.00 76.83 18.95
C ASP Z 292 -0.50 75.69 19.85
N ALA Z 293 -0.78 74.54 19.26
CA ALA Z 293 -1.24 73.37 20.01
C ALA Z 293 -0.07 72.72 20.75
N ILE Z 294 1.05 72.54 20.03
CA ILE Z 294 2.24 71.95 20.61
C ILE Z 294 2.84 72.89 21.65
N LEU Z 295 2.75 74.18 21.38
CA LEU Z 295 3.26 75.19 22.29
C LEU Z 295 2.48 75.16 23.61
N ALA Z 296 1.17 75.33 23.51
CA ALA Z 296 0.29 75.37 24.68
C ALA Z 296 0.04 73.96 25.24
N GLY Z 297 0.38 72.94 24.47
CA GLY Z 297 0.11 71.57 24.85
C GLY Z 297 1.15 71.03 25.82
N HIS Z 298 2.43 71.22 25.48
CA HIS Z 298 3.52 70.70 26.28
C HIS Z 298 3.99 71.74 27.32
N LYS Z 299 3.02 72.41 27.93
CA LYS Z 299 3.28 73.34 29.02
C LYS Z 299 3.45 72.58 30.33
N TRP Z 300 3.00 71.34 30.34
CA TRP Z 300 3.10 70.48 31.52
C TRP Z 300 4.53 69.99 31.72
N ALA Z 301 5.23 69.82 30.60
CA ALA Z 301 6.59 69.30 30.62
C ALA Z 301 7.54 70.35 31.20
N VAL Z 302 8.12 71.17 30.32
CA VAL Z 302 9.08 72.19 30.73
C VAL Z 302 10.19 71.54 31.57
N ASP Z 303 10.70 72.24 32.58
CA ASP Z 303 11.78 71.71 33.39
C ASP Z 303 11.34 70.45 34.14
N ARG Z 304 11.83 69.30 33.69
CA ARG Z 304 11.50 68.02 34.28
C ARG Z 304 12.59 67.01 33.94
N GLY Z 305 12.75 65.99 34.77
CA GLY Z 305 13.79 64.99 34.59
C GLY Z 305 13.79 64.40 33.19
N ILE Z 306 14.83 64.72 32.42
CA ILE Z 306 14.92 64.31 31.02
C ILE Z 306 15.45 62.88 30.92
N THR Z 307 14.73 61.95 31.55
CA THR Z 307 15.07 60.53 31.46
C THR Z 307 14.59 59.97 30.13
N LYS Z 308 15.12 58.82 29.74
CA LYS Z 308 14.71 58.15 28.50
C LYS Z 308 13.20 57.97 28.42
N THR Z 309 12.56 57.81 29.57
CA THR Z 309 11.11 57.69 29.64
C THR Z 309 10.44 58.99 29.20
N TYR Z 310 10.95 60.09 29.73
CA TYR Z 310 10.38 61.41 29.45
C TYR Z 310 10.42 61.73 27.96
N VAL Z 311 11.53 61.41 27.30
CA VAL Z 311 11.67 61.65 25.87
C VAL Z 311 10.63 60.85 25.10
N LYS Z 312 10.48 59.57 25.45
CA LYS Z 312 9.48 58.70 24.82
C LYS Z 312 8.06 59.16 25.15
N ASP Z 313 7.84 59.66 26.36
CA ASP Z 313 6.53 60.14 26.76
C ASP Z 313 6.10 61.31 25.90
N VAL Z 314 7.06 62.17 25.58
CA VAL Z 314 6.80 63.32 24.72
C VAL Z 314 6.75 62.88 23.26
N THR Z 315 7.65 61.98 22.90
CA THR Z 315 7.67 61.44 21.54
C THR Z 315 6.36 60.73 21.21
N GLU Z 316 5.92 59.86 22.12
CA GLU Z 316 4.65 59.16 21.96
C GLU Z 316 3.47 60.13 22.05
N GLY Z 317 3.71 61.28 22.66
CA GLY Z 317 2.68 62.31 22.77
C GLY Z 317 2.39 62.92 21.42
N LEU Z 318 3.44 63.04 20.60
CA LEU Z 318 3.32 63.55 19.24
C LEU Z 318 2.86 62.46 18.28
N ARG Z 319 3.31 61.24 18.52
CA ARG Z 319 2.89 60.09 17.72
C ARG Z 319 1.36 59.95 17.73
N ALA Z 320 0.80 59.89 18.93
CA ALA Z 320 -0.63 59.73 19.10
C ALA Z 320 -1.37 60.97 18.62
N PHE Z 321 -0.80 62.14 18.92
CA PHE Z 321 -1.43 63.41 18.55
C PHE Z 321 -1.58 63.56 17.03
N MET Z 322 -0.47 63.43 16.32
CA MET Z 322 -0.47 63.55 14.86
C MET Z 322 -1.32 62.48 14.20
N ARG Z 323 -1.36 61.30 14.81
CA ARG Z 323 -2.16 60.21 14.27
C ARG Z 323 -3.64 60.51 14.42
N ASP Z 324 -4.00 61.35 15.38
CA ASP Z 324 -5.38 61.78 15.54
C ASP Z 324 -5.75 62.82 14.48
N LEU Z 325 -4.72 63.43 13.88
CA LEU Z 325 -4.90 64.37 12.79
C LEU Z 325 -4.92 63.65 11.44
N LYS Z 326 -4.21 62.54 11.38
CA LYS Z 326 -4.09 61.77 10.13
C LYS Z 326 -5.41 61.09 9.79
N ASN Z 327 -5.90 60.26 10.71
CA ASN Z 327 -7.16 59.54 10.51
C ASN Z 327 -8.34 60.51 10.42
N GLN Z 328 -8.19 61.67 11.05
CA GLN Z 328 -9.21 62.72 10.99
C GLN Z 328 -9.19 63.40 9.63
N GLY Z 329 -8.05 63.35 8.96
CA GLY Z 329 -7.91 63.90 7.62
C GLY Z 329 -7.25 65.28 7.61
N ALA Z 330 -6.74 65.72 8.75
CA ALA Z 330 -6.09 67.02 8.85
C ALA Z 330 -4.76 67.01 8.09
N VAL Z 331 -4.08 65.87 8.13
CA VAL Z 331 -2.81 65.69 7.45
C VAL Z 331 -2.80 64.37 6.70
N ILE Z 332 -2.01 64.29 5.63
CA ILE Z 332 -1.90 63.06 4.86
C ILE Z 332 -1.04 62.06 5.62
N ASN Z 333 0.17 62.48 5.98
CA ASN Z 333 1.08 61.62 6.75
C ASN Z 333 2.07 62.49 7.50
N PHE Z 334 2.68 61.91 8.53
CA PHE Z 334 3.59 62.65 9.40
C PHE Z 334 4.78 61.81 9.81
N GLU Z 335 5.66 62.39 10.61
CA GLU Z 335 6.83 61.72 11.12
C GLU Z 335 7.48 62.58 12.20
N VAL Z 336 7.58 62.04 13.40
CA VAL Z 336 8.14 62.79 14.53
C VAL Z 336 9.18 61.93 15.25
N TYR Z 337 10.26 62.58 15.68
CA TYR Z 337 11.37 61.89 16.31
C TYR Z 337 12.37 62.87 16.90
N ALA Z 338 13.31 62.37 17.68
CA ALA Z 338 14.35 63.20 18.27
C ALA Z 338 15.60 63.15 17.39
N ASP Z 339 16.04 64.32 16.92
CA ASP Z 339 17.19 64.39 16.02
C ASP Z 339 18.48 64.00 16.75
N PRO Z 340 19.26 63.06 16.17
CA PRO Z 340 20.54 62.68 16.79
C PRO Z 340 21.54 63.84 16.89
N ASP Z 341 21.65 64.64 15.84
CA ASP Z 341 22.67 65.69 15.78
C ASP Z 341 22.35 66.85 16.72
N LEU Z 342 21.08 67.27 16.73
CA LEU Z 342 20.66 68.38 17.58
C LEU Z 342 20.80 68.04 19.05
N ASN Z 343 20.20 66.91 19.44
CA ASN Z 343 20.29 66.45 20.83
C ASN Z 343 21.70 66.02 21.18
N SER Z 344 22.60 67.01 21.27
CA SER Z 344 23.99 66.76 21.63
C SER Z 344 24.12 66.67 23.15
N ALA Z 345 25.24 66.12 23.61
CA ALA Z 345 25.50 65.96 25.03
C ALA Z 345 25.53 67.31 25.75
N SER Z 346 25.89 68.36 25.01
CA SER Z 346 25.99 69.70 25.57
C SER Z 346 24.64 70.43 25.55
N GLN Z 347 23.83 70.14 24.53
CA GLN Z 347 22.52 70.77 24.40
C GLN Z 347 21.58 70.30 25.51
N LEU Z 348 21.58 69.00 25.78
CA LEU Z 348 20.78 68.43 26.85
C LEU Z 348 21.24 68.93 28.21
N ALA Z 349 22.50 69.32 28.30
CA ALA Z 349 23.07 69.82 29.55
C ALA Z 349 22.68 71.28 29.80
N GLN Z 350 21.96 71.87 28.84
CA GLN Z 350 21.39 73.22 29.01
C GLN Z 350 19.86 73.16 29.07
N GLY Z 351 19.32 71.95 28.97
CA GLY Z 351 17.88 71.75 29.03
C GLY Z 351 17.27 71.59 27.65
N LYS Z 352 17.96 72.07 26.63
CA LYS Z 352 17.47 71.96 25.25
C LYS Z 352 17.28 70.50 24.84
N VAL Z 353 16.12 70.21 24.29
CA VAL Z 353 15.82 68.90 23.73
C VAL Z 353 14.85 69.08 22.56
N TYR Z 354 15.24 68.58 21.40
CA TYR Z 354 14.49 68.85 20.16
C TYR Z 354 13.70 67.65 19.68
N TRP Z 355 12.63 67.91 18.94
CA TRP Z 355 11.83 66.88 18.30
C TRP Z 355 11.44 67.33 16.90
N ASN Z 356 12.06 66.72 15.90
CA ASN Z 356 11.83 67.12 14.51
C ASN Z 356 10.48 66.64 14.00
N ILE Z 357 9.49 67.52 14.03
CA ILE Z 357 8.17 67.22 13.49
C ILE Z 357 8.12 67.61 12.02
N ARG Z 358 7.49 66.77 11.21
CA ARG Z 358 7.35 67.03 9.78
C ARG Z 358 6.15 66.29 9.20
N PHE Z 359 5.44 66.94 8.30
CA PHE Z 359 4.25 66.36 7.69
C PHE Z 359 3.82 67.16 6.46
N THR Z 360 2.71 66.76 5.86
CA THR Z 360 2.18 67.44 4.68
C THR Z 360 0.72 67.81 4.89
N ASP Z 361 0.46 69.08 5.17
CA ASP Z 361 -0.91 69.56 5.29
C ASP Z 361 -1.64 69.37 3.97
N VAL Z 362 -2.93 69.03 4.04
CA VAL Z 362 -3.70 68.73 2.84
C VAL Z 362 -3.95 69.99 2.01
N PRO Z 363 -3.48 70.00 0.74
CA PRO Z 363 -3.75 71.14 -0.14
C PRO Z 363 -5.08 70.99 -0.89
N PRO Z 364 -5.85 72.08 -1.04
CA PRO Z 364 -7.12 71.99 -1.78
C PRO Z 364 -6.89 71.86 -3.28
N ALA Z 365 -7.46 70.83 -3.90
CA ALA Z 365 -7.35 70.62 -5.34
C ALA Z 365 -8.05 71.76 -6.09
N GLU Z 366 -7.39 72.91 -6.17
CA GLU Z 366 -8.01 74.10 -6.74
C GLU Z 366 -8.13 74.04 -8.25
N ASN Z 367 -7.63 72.98 -8.86
CA ASN Z 367 -7.67 72.84 -10.32
C ASN Z 367 -7.48 71.39 -10.77
N PRO Z 368 -8.52 70.56 -10.60
CA PRO Z 368 -8.47 69.16 -11.05
C PRO Z 368 -8.70 69.03 -12.56
N ASN Z 369 -7.69 68.52 -13.27
CA ASN Z 369 -7.76 68.35 -14.72
C ASN Z 369 -8.34 66.98 -15.10
N PHE Z 370 -8.75 66.85 -16.36
CA PHE Z 370 -9.32 65.60 -16.87
C PHE Z 370 -8.86 65.36 -18.30
N ARG Z 371 -7.67 64.80 -18.44
CA ARG Z 371 -7.10 64.54 -19.75
C ARG Z 371 -7.89 63.46 -20.49
N VAL Z 372 -9.08 63.81 -20.95
CA VAL Z 372 -9.92 62.87 -21.70
C VAL Z 372 -9.44 62.82 -23.15
N GLU Z 373 -9.51 61.64 -23.75
CA GLU Z 373 -9.04 61.45 -25.12
C GLU Z 373 -9.54 60.13 -25.68
N VAL Z 374 -10.26 60.20 -26.81
CA VAL Z 374 -10.73 59.00 -27.48
C VAL Z 374 -9.58 58.29 -28.18
N THR Z 375 -9.88 57.12 -28.74
CA THR Z 375 -8.89 56.36 -29.49
C THR Z 375 -9.60 55.28 -30.31
N ASP Z 376 -8.83 54.30 -30.77
CA ASP Z 376 -9.36 53.20 -31.56
C ASP Z 376 -8.81 51.88 -31.03
N GLN Z 377 -8.63 51.82 -29.72
CA GLN Z 377 -8.04 50.65 -29.08
C GLN Z 377 -9.06 49.53 -28.91
N TRP Z 378 -10.10 49.80 -28.12
CA TRP Z 378 -11.14 48.80 -27.87
C TRP Z 378 -12.19 48.78 -28.98
N LEU Z 379 -11.75 48.43 -30.18
CA LEU Z 379 -12.66 48.27 -31.31
C LEU Z 379 -12.73 46.80 -31.71
N THR Z 380 -11.60 46.11 -31.62
CA THR Z 380 -11.53 44.69 -31.93
C THR Z 380 -12.31 43.87 -30.91
N GLU Z 381 -12.64 44.51 -29.78
CA GLU Z 381 -13.46 43.87 -28.76
C GLU Z 381 -14.85 43.59 -29.30
N VAL Z 382 -15.30 44.43 -30.22
CA VAL Z 382 -16.58 44.24 -30.89
C VAL Z 382 -16.41 43.15 -31.95
N LEU Z 383 -16.35 41.91 -31.50
CA LEU Z 383 -16.13 40.79 -32.40
C LEU Z 383 -16.36 39.48 -31.68
N ASP Z 384 -15.71 39.33 -30.52
CA ASP Z 384 -15.82 38.13 -29.72
C ASP Z 384 -15.47 38.42 -28.26
N SER AA 2 8.99 39.47 -71.32
CA SER AA 2 8.10 38.65 -70.52
C SER AA 2 8.42 37.17 -70.68
N PHE AA 3 8.70 36.77 -71.91
CA PHE AA 3 9.05 35.39 -72.24
C PHE AA 3 7.84 34.47 -72.08
N PHE AA 4 7.37 33.95 -73.21
CA PHE AA 4 6.22 33.06 -73.27
C PHE AA 4 4.92 33.74 -72.82
N HIS AA 5 4.77 33.91 -71.51
CA HIS AA 5 3.56 34.49 -70.93
C HIS AA 5 2.31 33.67 -71.29
N GLY AA 6 2.13 32.55 -70.60
CA GLY AA 6 0.97 31.70 -70.80
C GLY AA 6 0.84 30.68 -69.70
N VAL AA 7 1.13 29.41 -70.03
CA VAL AA 7 1.09 28.33 -69.07
C VAL AA 7 1.78 27.11 -69.66
N THR AA 8 3.05 26.92 -69.31
CA THR AA 8 3.84 25.83 -69.85
C THR AA 8 3.51 24.52 -69.13
N VAL AA 9 4.14 23.44 -69.60
CA VAL AA 9 3.91 22.12 -69.03
C VAL AA 9 5.00 21.19 -69.55
N THR AA 10 6.25 21.59 -69.34
CA THR AA 10 7.40 20.86 -69.85
C THR AA 10 7.51 19.47 -69.22
N ASN AA 11 7.70 18.46 -70.05
CA ASN AA 11 7.87 17.09 -69.59
C ASN AA 11 9.33 16.82 -69.28
N VAL AA 12 9.65 16.75 -67.99
CA VAL AA 12 11.03 16.49 -67.56
C VAL AA 12 11.36 15.02 -67.76
N ASP AA 13 12.13 14.73 -68.80
CA ASP AA 13 12.46 13.36 -69.17
C ASP AA 13 13.67 12.87 -68.39
N ILE AA 14 13.45 12.52 -67.11
CA ILE AA 14 14.49 11.96 -66.27
C ILE AA 14 13.94 10.80 -65.46
N GLY AA 15 14.83 9.96 -64.93
CA GLY AA 15 14.45 8.78 -64.17
C GLY AA 15 15.24 7.58 -64.66
N ALA AA 16 15.34 6.57 -63.80
CA ALA AA 16 16.07 5.36 -64.13
C ALA AA 16 15.33 4.54 -65.20
N ARG AA 17 15.93 4.44 -66.37
CA ARG AA 17 15.36 3.65 -67.46
C ARG AA 17 15.48 2.16 -67.15
N THR AA 18 14.64 1.37 -67.82
CA THR AA 18 14.67 -0.08 -67.66
C THR AA 18 15.66 -0.70 -68.64
N ILE AA 19 16.12 -1.91 -68.32
CA ILE AA 19 17.09 -2.60 -69.16
C ILE AA 19 16.69 -4.06 -69.31
N ALA AA 20 16.90 -4.60 -70.51
CA ALA AA 20 16.53 -5.97 -70.83
C ALA AA 20 17.75 -6.82 -71.18
N LEU AA 21 17.51 -8.11 -71.42
CA LEU AA 21 18.56 -9.05 -71.79
C LEU AA 21 18.36 -9.54 -73.22
N PRO AA 22 18.87 -8.78 -74.21
CA PRO AA 22 18.62 -9.10 -75.61
C PRO AA 22 19.30 -10.39 -76.07
N ALA AA 23 18.93 -10.87 -77.26
CA ALA AA 23 19.57 -12.03 -77.88
C ALA AA 23 19.38 -13.32 -77.06
N SER AA 24 19.91 -13.32 -75.84
CA SER AA 24 19.80 -14.46 -74.92
C SER AA 24 20.52 -15.68 -75.48
N SER AA 25 19.94 -16.33 -76.48
CA SER AA 25 20.50 -17.55 -77.04
C SER AA 25 20.01 -17.80 -78.46
N VAL AA 26 20.41 -16.94 -79.39
CA VAL AA 26 20.11 -17.15 -80.80
C VAL AA 26 21.25 -17.91 -81.45
N ILE AA 27 20.90 -18.95 -82.20
CA ILE AA 27 21.88 -19.84 -82.81
C ILE AA 27 22.30 -19.31 -84.18
N GLY AA 28 23.59 -19.43 -84.48
CA GLY AA 28 24.16 -18.99 -85.74
C GLY AA 28 24.79 -20.17 -86.44
N LEU AA 29 24.00 -20.87 -87.24
CA LEU AA 29 24.44 -22.09 -87.91
C LEU AA 29 24.87 -21.82 -89.35
N CYS AA 30 25.71 -22.70 -89.88
CA CYS AA 30 26.21 -22.56 -91.25
C CYS AA 30 26.74 -23.89 -91.77
N ASP AA 31 25.84 -24.72 -92.29
CA ASP AA 31 26.22 -26.00 -92.88
C ASP AA 31 26.13 -25.86 -94.41
N VAL AA 32 25.72 -26.92 -95.09
CA VAL AA 32 25.59 -26.90 -96.54
C VAL AA 32 24.25 -27.50 -96.98
N PHE AA 33 23.89 -27.24 -98.24
CA PHE AA 33 22.67 -27.81 -98.81
C PHE AA 33 22.76 -27.80 -100.33
N THR AA 34 21.63 -28.08 -100.98
CA THR AA 34 21.56 -28.14 -102.43
C THR AA 34 20.48 -27.19 -102.95
N PRO AA 35 20.88 -25.97 -103.37
CA PRO AA 35 19.89 -25.01 -103.88
C PRO AA 35 19.35 -25.43 -105.24
N GLY AA 36 18.06 -25.22 -105.48
CA GLY AA 36 17.45 -25.57 -106.74
C GLY AA 36 15.97 -25.21 -106.78
N ALA AA 37 15.12 -26.21 -106.60
CA ALA AA 37 13.68 -26.04 -106.70
C ALA AA 37 13.04 -25.77 -105.34
N GLN AA 38 12.91 -26.82 -104.53
CA GLN AA 38 12.26 -26.72 -103.23
C GLN AA 38 13.03 -25.81 -102.27
N ALA AA 39 14.31 -25.60 -102.55
CA ALA AA 39 15.16 -24.76 -101.72
C ALA AA 39 14.84 -23.29 -101.94
N SER AA 40 14.00 -22.73 -101.07
CA SER AA 40 13.59 -21.34 -101.19
C SER AA 40 14.74 -20.39 -100.83
N ALA AA 41 15.51 -20.77 -99.81
CA ALA AA 41 16.62 -19.96 -99.35
C ALA AA 41 17.69 -19.85 -100.43
N LYS AA 42 18.27 -18.67 -100.59
CA LYS AA 42 19.27 -18.44 -101.62
C LYS AA 42 20.57 -19.19 -101.27
N PRO AA 43 21.46 -19.38 -102.25
CA PRO AA 43 22.64 -20.23 -102.05
C PRO AA 43 23.66 -19.70 -101.04
N ASN AA 44 23.40 -18.60 -100.36
CA ASN AA 44 24.40 -18.03 -99.46
C ASN AA 44 23.87 -17.04 -98.41
N VAL AA 45 22.80 -16.31 -98.74
CA VAL AA 45 22.34 -15.24 -97.85
C VAL AA 45 21.82 -15.81 -96.53
N PRO AA 46 21.92 -15.02 -95.43
CA PRO AA 46 21.34 -15.46 -94.16
C PRO AA 46 19.82 -15.55 -94.21
N VAL AA 47 19.25 -16.58 -93.60
CA VAL AA 47 17.81 -16.75 -93.54
C VAL AA 47 17.41 -17.09 -92.12
N LEU AA 48 16.38 -16.41 -91.61
CA LEU AA 48 15.91 -16.62 -90.25
C LEU AA 48 14.97 -17.82 -90.20
N LEU AA 49 15.05 -18.56 -89.10
CA LEU AA 49 14.22 -19.73 -88.89
C LEU AA 49 13.46 -19.61 -87.57
N THR AA 50 12.59 -20.57 -87.31
CA THR AA 50 11.79 -20.59 -86.09
C THR AA 50 11.30 -22.00 -85.77
N SER AA 51 11.02 -22.77 -86.82
CA SER AA 51 10.56 -24.14 -86.67
C SER AA 51 11.01 -24.97 -87.87
N LYS AA 52 10.79 -26.28 -87.80
CA LYS AA 52 11.16 -27.19 -88.87
C LYS AA 52 10.47 -26.83 -90.18
N LYS AA 53 9.21 -26.39 -90.07
CA LYS AA 53 8.45 -26.00 -91.25
C LYS AA 53 9.14 -24.85 -92.00
N ASP AA 54 9.56 -23.85 -91.24
CA ASP AA 54 10.20 -22.67 -91.83
C ASP AA 54 11.59 -23.03 -92.37
N ALA AA 55 12.16 -24.12 -91.88
CA ALA AA 55 13.49 -24.57 -92.29
C ALA AA 55 13.41 -25.55 -93.45
N ALA AA 56 12.36 -26.37 -93.45
CA ALA AA 56 12.20 -27.40 -94.48
C ALA AA 56 12.01 -26.76 -95.86
N ALA AA 57 11.05 -25.85 -95.96
CA ALA AA 57 10.76 -25.18 -97.22
C ALA AA 57 11.90 -24.25 -97.64
N ALA AA 58 12.77 -23.93 -96.70
CA ALA AA 58 13.88 -23.02 -96.95
C ALA AA 58 15.03 -23.71 -97.66
N PHE AA 59 15.59 -24.74 -97.02
CA PHE AA 59 16.76 -25.44 -97.52
C PHE AA 59 16.37 -26.74 -98.22
N GLY AA 60 15.40 -27.44 -97.66
CA GLY AA 60 14.91 -28.69 -98.23
C GLY AA 60 15.21 -29.87 -97.32
N ILE AA 61 14.53 -30.98 -97.58
CA ILE AA 61 14.72 -32.19 -96.80
C ILE AA 61 15.92 -32.97 -97.34
N GLY AA 62 16.68 -33.60 -96.44
CA GLY AA 62 17.85 -34.36 -96.83
C GLY AA 62 19.10 -33.50 -96.85
N SER AA 63 18.91 -32.19 -96.95
CA SER AA 63 20.03 -31.25 -96.92
C SER AA 63 20.79 -31.41 -95.61
N SER AA 64 22.11 -31.47 -95.69
CA SER AA 64 22.97 -31.67 -94.53
C SER AA 64 22.73 -30.60 -93.45
N ILE AA 65 22.23 -29.45 -93.88
CA ILE AA 65 21.93 -28.35 -92.97
C ILE AA 65 20.63 -28.60 -92.21
N TYR AA 66 19.68 -29.25 -92.89
CA TYR AA 66 18.39 -29.53 -92.29
C TYR AA 66 18.50 -30.60 -91.20
N LEU AA 67 19.43 -31.52 -91.37
CA LEU AA 67 19.69 -32.55 -90.37
C LEU AA 67 20.27 -31.92 -89.09
N ALA AA 68 20.85 -30.74 -89.25
CA ALA AA 68 21.43 -30.01 -88.12
C ALA AA 68 20.35 -29.15 -87.44
N CYS AA 69 19.52 -28.50 -88.24
CA CYS AA 69 18.43 -27.69 -87.71
C CYS AA 69 17.38 -28.58 -87.04
N GLU AA 70 17.07 -29.71 -87.67
CA GLU AA 70 16.13 -30.67 -87.13
C GLU AA 70 16.64 -31.21 -85.79
N ALA AA 71 17.96 -31.36 -85.68
CA ALA AA 71 18.58 -31.84 -84.46
C ALA AA 71 18.41 -30.84 -83.32
N ILE AA 72 18.32 -29.56 -83.69
CA ILE AA 72 18.14 -28.50 -82.71
C ILE AA 72 16.67 -28.39 -82.29
N TYR AA 73 15.78 -28.39 -83.27
CA TYR AA 73 14.34 -28.23 -83.01
C TYR AA 73 13.76 -29.46 -82.33
N ASN AA 74 14.34 -30.62 -82.60
CA ASN AA 74 13.94 -31.85 -81.94
C ASN AA 74 14.24 -31.76 -80.44
N ARG AA 75 15.41 -31.20 -80.14
CA ARG AA 75 15.83 -30.97 -78.77
C ARG AA 75 14.96 -29.88 -78.13
N ALA AA 76 15.17 -28.64 -78.54
CA ALA AA 76 14.41 -27.51 -78.01
C ALA AA 76 14.33 -26.41 -79.05
N GLN AA 77 13.13 -25.84 -79.22
CA GLN AA 77 12.89 -24.82 -80.23
C GLN AA 77 13.69 -23.55 -79.94
N ALA AA 78 14.22 -22.93 -80.99
CA ALA AA 78 15.02 -21.73 -80.83
C ALA AA 78 15.18 -21.02 -82.17
N VAL AA 79 15.57 -19.75 -82.11
CA VAL AA 79 15.81 -18.96 -83.31
C VAL AA 79 17.16 -19.33 -83.90
N ILE AA 80 17.16 -19.60 -85.21
CA ILE AA 80 18.38 -19.99 -85.92
C ILE AA 80 18.55 -19.13 -87.16
N VAL AA 81 19.41 -18.12 -87.08
CA VAL AA 81 19.75 -17.31 -88.24
C VAL AA 81 20.76 -18.11 -89.09
N ALA AA 82 20.26 -19.18 -89.70
CA ALA AA 82 21.10 -20.06 -90.49
C ALA AA 82 21.56 -19.38 -91.79
N VAL AA 83 22.72 -19.81 -92.28
CA VAL AA 83 23.29 -19.26 -93.51
C VAL AA 83 23.15 -20.30 -94.62
N GLY AA 84 23.99 -21.34 -94.57
CA GLY AA 84 23.96 -22.40 -95.55
C GLY AA 84 24.63 -21.98 -96.84
N VAL AA 85 25.52 -22.84 -97.35
CA VAL AA 85 26.27 -22.58 -98.57
C VAL AA 85 26.25 -23.81 -99.47
N GLU AA 86 26.31 -23.58 -100.78
CA GLU AA 86 26.29 -24.67 -101.76
C GLU AA 86 27.49 -25.59 -101.57
N THR AA 87 27.28 -26.88 -101.76
CA THR AA 87 28.35 -27.87 -101.66
C THR AA 87 29.35 -27.68 -102.80
N ALA AA 88 30.64 -27.84 -102.50
CA ALA AA 88 31.69 -27.66 -103.49
C ALA AA 88 32.19 -29.02 -103.99
N GLU AA 89 33.20 -28.99 -104.85
CA GLU AA 89 33.76 -30.21 -105.43
C GLU AA 89 34.53 -31.00 -104.38
N THR AA 90 35.72 -30.51 -104.03
CA THR AA 90 36.57 -31.18 -103.04
C THR AA 90 36.16 -30.73 -101.63
N PRO AA 91 36.37 -31.59 -100.63
CA PRO AA 91 35.99 -31.27 -99.25
C PRO AA 91 36.83 -30.13 -98.68
N GLU AA 92 38.08 -30.02 -99.13
CA GLU AA 92 38.99 -28.99 -98.64
C GLU AA 92 38.55 -27.60 -99.09
N ALA AA 93 38.30 -27.46 -100.39
CA ALA AA 93 37.90 -26.19 -100.97
C ALA AA 93 36.48 -25.80 -100.53
N GLN AA 94 35.73 -26.78 -100.03
CA GLN AA 94 34.38 -26.53 -99.57
C GLN AA 94 34.39 -25.68 -98.30
N ALA AA 95 35.45 -25.83 -97.51
CA ALA AA 95 35.62 -25.08 -96.28
C ALA AA 95 35.78 -23.59 -96.56
N SER AA 96 36.24 -23.26 -97.77
CA SER AA 96 36.41 -21.87 -98.16
C SER AA 96 35.05 -21.18 -98.23
N ALA AA 97 34.08 -21.84 -98.87
CA ALA AA 97 32.72 -21.31 -98.98
C ALA AA 97 32.07 -21.26 -97.61
N VAL AA 98 32.45 -22.19 -96.73
CA VAL AA 98 31.93 -22.21 -95.37
C VAL AA 98 32.43 -21.01 -94.59
N ILE AA 99 33.74 -20.79 -94.62
CA ILE AA 99 34.32 -19.62 -93.97
C ILE AA 99 33.81 -18.36 -94.66
N GLY AA 100 33.99 -18.31 -95.98
CA GLY AA 100 33.48 -17.22 -96.78
C GLY AA 100 34.30 -15.96 -96.63
N GLY AA 101 34.86 -15.48 -97.74
CA GLY AA 101 35.65 -14.26 -97.74
C GLY AA 101 34.75 -13.05 -97.65
N ILE AA 102 34.31 -12.56 -98.81
CA ILE AA 102 33.44 -11.40 -98.87
C ILE AA 102 32.81 -11.22 -100.25
N SER AA 103 33.45 -11.78 -101.28
CA SER AA 103 32.94 -11.76 -102.65
C SER AA 103 33.00 -10.34 -103.24
N ALA AA 104 32.90 -10.27 -104.56
CA ALA AA 104 32.95 -8.99 -105.27
C ALA AA 104 31.68 -8.18 -105.03
N ALA AA 105 30.62 -8.86 -104.63
CA ALA AA 105 29.34 -8.20 -104.37
C ALA AA 105 29.43 -7.31 -103.14
N GLY AA 106 30.40 -7.59 -102.27
CA GLY AA 106 30.61 -6.81 -101.06
C GLY AA 106 29.89 -7.41 -99.87
N GLU AA 107 28.84 -8.17 -100.14
CA GLU AA 107 28.05 -8.79 -99.07
C GLU AA 107 28.83 -9.96 -98.45
N ARG AA 108 28.92 -9.96 -97.13
CA ARG AA 108 29.64 -10.99 -96.38
C ARG AA 108 29.09 -12.38 -96.69
N THR AA 109 29.96 -13.25 -97.21
CA THR AA 109 29.56 -14.60 -97.58
C THR AA 109 29.95 -15.61 -96.52
N GLY AA 110 29.35 -16.80 -96.61
CA GLY AA 110 29.69 -17.91 -95.75
C GLY AA 110 29.44 -17.63 -94.27
N LEU AA 111 30.27 -18.23 -93.43
CA LEU AA 111 30.11 -18.13 -91.98
C LEU AA 111 30.17 -16.70 -91.47
N GLN AA 112 30.87 -15.83 -92.20
CA GLN AA 112 31.02 -14.43 -91.80
C GLN AA 112 29.74 -13.63 -92.03
N ALA AA 113 28.78 -14.24 -92.71
CA ALA AA 113 27.50 -13.60 -93.00
C ALA AA 113 26.66 -13.43 -91.74
N LEU AA 114 27.04 -14.13 -90.67
CA LEU AA 114 26.28 -14.09 -89.42
C LEU AA 114 26.28 -12.71 -88.78
N LEU AA 115 27.27 -11.89 -89.13
CA LEU AA 115 27.36 -10.53 -88.60
C LEU AA 115 26.19 -9.68 -89.10
N ASP AA 116 25.55 -10.12 -90.17
CA ASP AA 116 24.42 -9.40 -90.76
C ASP AA 116 23.11 -9.75 -90.06
N GLY AA 117 23.11 -10.87 -89.32
CA GLY AA 117 21.91 -11.34 -88.66
C GLY AA 117 21.35 -10.37 -87.64
N LYS AA 118 22.22 -9.50 -87.12
CA LYS AA 118 21.83 -8.52 -86.13
C LYS AA 118 21.12 -7.33 -86.78
N SER AA 119 21.67 -6.85 -87.88
CA SER AA 119 21.15 -5.68 -88.57
C SER AA 119 20.19 -6.05 -89.69
N ARG AA 120 19.48 -7.16 -89.51
CA ARG AA 120 18.47 -7.61 -90.47
C ARG AA 120 17.30 -8.30 -89.80
N PHE AA 121 17.59 -9.08 -88.75
CA PHE AA 121 16.57 -9.85 -88.05
C PHE AA 121 16.49 -9.47 -86.57
N ASN AA 122 17.30 -8.50 -86.16
CA ASN AA 122 17.35 -8.08 -84.76
C ASN AA 122 17.62 -9.27 -83.83
N ALA AA 123 18.32 -10.27 -84.34
CA ALA AA 123 18.62 -11.49 -83.60
C ALA AA 123 20.09 -11.82 -83.77
N GLN AA 124 20.93 -11.19 -82.97
CA GLN AA 124 22.37 -11.43 -83.01
C GLN AA 124 22.66 -12.89 -82.63
N PRO AA 125 23.20 -13.68 -83.58
CA PRO AA 125 23.51 -15.08 -83.22
C PRO AA 125 24.58 -15.15 -82.13
N ARG AA 126 24.14 -15.29 -80.89
CA ARG AA 126 25.05 -15.36 -79.75
C ARG AA 126 25.35 -16.81 -79.40
N LEU AA 127 25.48 -17.63 -80.42
CA LEU AA 127 25.76 -19.05 -80.24
C LEU AA 127 26.09 -19.68 -81.59
N LEU AA 128 27.36 -19.59 -81.99
CA LEU AA 128 27.80 -20.10 -83.27
C LEU AA 128 27.86 -21.62 -83.27
N VAL AA 129 27.86 -22.19 -84.47
CA VAL AA 129 27.91 -23.64 -84.66
C VAL AA 129 28.08 -23.93 -86.14
N ALA AA 130 28.90 -24.94 -86.46
CA ALA AA 130 29.18 -25.30 -87.84
C ALA AA 130 29.34 -26.82 -87.95
N PRO AA 131 28.22 -27.56 -87.95
CA PRO AA 131 28.28 -29.04 -87.98
C PRO AA 131 29.01 -29.59 -89.19
N GLY AA 132 29.90 -30.55 -88.98
CA GLY AA 132 30.67 -31.14 -90.06
C GLY AA 132 31.93 -30.36 -90.33
N HIS AA 133 31.79 -29.05 -90.54
CA HIS AA 133 32.92 -28.17 -90.80
C HIS AA 133 33.44 -27.51 -89.53
N SER AA 134 34.27 -28.25 -88.79
CA SER AA 134 34.89 -27.72 -87.57
C SER AA 134 36.13 -28.54 -87.21
N ALA AA 135 36.18 -29.80 -87.64
CA ALA AA 135 37.34 -30.65 -87.41
C ALA AA 135 38.56 -30.10 -88.16
N GLN AA 136 38.29 -29.35 -89.22
CA GLN AA 136 39.37 -28.71 -89.97
C GLN AA 136 39.92 -27.51 -89.20
N GLN AA 137 41.25 -27.46 -89.11
CA GLN AA 137 41.93 -26.40 -88.36
C GLN AA 137 41.59 -25.01 -88.89
N ALA AA 138 41.28 -24.93 -90.19
CA ALA AA 138 41.04 -23.67 -90.86
C ALA AA 138 39.76 -22.98 -90.37
N VAL AA 139 38.62 -23.62 -90.66
CA VAL AA 139 37.31 -23.07 -90.34
C VAL AA 139 37.12 -22.85 -88.83
N ALA AA 140 37.86 -23.61 -88.03
CA ALA AA 140 37.73 -23.54 -86.57
C ALA AA 140 38.17 -22.17 -86.04
N THR AA 141 39.22 -21.61 -86.65
CA THR AA 141 39.74 -20.31 -86.23
C THR AA 141 38.78 -19.19 -86.61
N ALA AA 142 38.12 -19.35 -87.76
CA ALA AA 142 37.13 -18.37 -88.21
C ALA AA 142 35.98 -18.31 -87.21
N MET AA 143 35.63 -19.46 -86.64
CA MET AA 143 34.61 -19.54 -85.62
C MET AA 143 35.06 -18.83 -84.36
N ASP AA 144 36.37 -18.87 -84.10
CA ASP AA 144 36.95 -18.22 -82.93
C ASP AA 144 36.92 -16.71 -83.08
N GLY AA 145 37.38 -16.22 -84.24
CA GLY AA 145 37.47 -14.79 -84.49
C GLY AA 145 36.10 -14.17 -84.60
N LEU AA 146 35.17 -14.91 -85.19
CA LEU AA 146 33.81 -14.42 -85.39
C LEU AA 146 33.03 -14.32 -84.09
N ALA AA 147 33.32 -15.23 -83.17
CA ALA AA 147 32.62 -15.27 -81.88
C ALA AA 147 32.87 -14.01 -81.07
N GLU AA 148 34.08 -13.46 -81.17
CA GLU AA 148 34.45 -12.26 -80.44
C GLU AA 148 33.74 -11.02 -81.01
N LYS AA 149 33.37 -11.10 -82.29
CA LYS AA 149 32.62 -10.01 -82.94
C LYS AA 149 31.17 -10.04 -82.48
N LEU AA 150 30.67 -11.24 -82.22
CA LEU AA 150 29.28 -11.43 -81.82
C LEU AA 150 29.15 -11.72 -80.32
N ARG AA 151 30.29 -11.82 -79.63
CA ARG AA 151 30.31 -12.16 -78.22
C ARG AA 151 29.55 -13.47 -77.97
N ALA AA 152 29.72 -14.41 -78.90
CA ALA AA 152 29.01 -15.69 -78.85
C ALA AA 152 29.89 -16.77 -78.26
N ILE AA 153 29.45 -18.02 -78.38
CA ILE AA 153 30.22 -19.16 -77.92
C ILE AA 153 30.21 -20.24 -79.01
N ALA AA 154 31.25 -20.19 -79.84
CA ALA AA 154 31.36 -21.12 -80.97
C ALA AA 154 31.56 -22.56 -80.51
N ILE AA 155 30.59 -23.41 -80.84
CA ILE AA 155 30.65 -24.83 -80.50
C ILE AA 155 31.30 -25.61 -81.63
N LEU AA 156 32.53 -26.03 -81.41
CA LEU AA 156 33.25 -26.84 -82.39
C LEU AA 156 32.88 -28.31 -82.24
N ASP AA 157 33.49 -29.15 -83.06
CA ASP AA 157 33.28 -30.59 -82.99
C ASP AA 157 34.50 -31.32 -83.58
N GLY AA 158 35.43 -31.69 -82.71
CA GLY AA 158 36.67 -32.32 -83.14
C GLY AA 158 36.45 -33.69 -83.76
N PRO AA 159 37.48 -34.21 -84.46
CA PRO AA 159 37.38 -35.50 -85.14
C PRO AA 159 37.27 -36.66 -84.16
N ASN AA 160 36.55 -37.70 -84.56
CA ASN AA 160 36.41 -38.89 -83.73
C ASN AA 160 37.73 -39.67 -83.69
N SER AA 161 37.84 -40.70 -84.52
CA SER AA 161 39.05 -41.52 -84.59
C SER AA 161 39.44 -42.05 -83.21
N THR AA 162 39.98 -41.18 -82.38
CA THR AA 162 40.42 -41.56 -81.03
C THR AA 162 40.55 -40.33 -80.13
N ASP AA 163 40.83 -40.56 -78.85
CA ASP AA 163 40.92 -39.49 -77.86
C ASP AA 163 42.22 -38.69 -78.03
N GLU AA 164 43.28 -39.38 -78.44
CA GLU AA 164 44.58 -38.76 -78.63
C GLU AA 164 44.50 -37.62 -79.65
N ALA AA 165 43.69 -37.84 -80.68
CA ALA AA 165 43.52 -36.85 -81.76
C ALA AA 165 42.66 -35.67 -81.31
N ALA AA 166 41.84 -35.88 -80.29
CA ALA AA 166 40.94 -34.85 -79.78
C ALA AA 166 41.69 -33.90 -78.86
N VAL AA 167 42.58 -34.45 -78.04
CA VAL AA 167 43.37 -33.64 -77.12
C VAL AA 167 44.38 -32.79 -77.89
N ALA AA 168 45.00 -33.39 -78.89
CA ALA AA 168 46.01 -32.71 -79.70
C ALA AA 168 45.38 -31.59 -80.54
N TYR AA 169 44.06 -31.66 -80.71
CA TYR AA 169 43.33 -30.67 -81.48
C TYR AA 169 42.95 -29.46 -80.62
N ALA AA 170 42.55 -29.74 -79.38
CA ALA AA 170 42.15 -28.69 -78.44
C ALA AA 170 43.36 -27.87 -78.00
N LYS AA 171 44.53 -28.50 -78.02
CA LYS AA 171 45.77 -27.85 -77.60
C LYS AA 171 46.08 -26.64 -78.48
N ASN AA 172 45.42 -26.56 -79.63
CA ASN AA 172 45.64 -25.47 -80.58
C ASN AA 172 45.00 -24.16 -80.11
N PHE AA 173 43.75 -24.24 -79.71
CA PHE AA 173 42.98 -23.07 -79.32
C PHE AA 173 43.15 -22.75 -77.84
N GLY AA 174 42.67 -21.57 -77.44
CA GLY AA 174 42.73 -21.14 -76.05
C GLY AA 174 41.88 -19.92 -75.77
N SER AA 175 40.85 -19.71 -76.60
CA SER AA 175 40.00 -18.52 -76.48
C SER AA 175 38.79 -18.80 -75.57
N LYS AA 176 38.31 -17.75 -74.91
CA LYS AA 176 37.16 -17.86 -74.03
C LYS AA 176 35.94 -18.44 -74.73
N ARG AA 177 35.82 -18.16 -76.02
CA ARG AA 177 34.61 -18.45 -76.78
C ARG AA 177 34.77 -19.68 -77.68
N LEU AA 178 35.07 -20.81 -77.06
CA LEU AA 178 35.17 -22.08 -77.79
C LEU AA 178 34.79 -23.22 -76.87
N PHE AA 179 33.78 -23.98 -77.29
CA PHE AA 179 33.25 -25.08 -76.50
C PHE AA 179 33.16 -26.31 -77.37
N MET AA 180 34.26 -27.04 -77.48
CA MET AA 180 34.34 -28.18 -78.39
C MET AA 180 33.80 -29.45 -77.76
N VAL AA 181 33.25 -30.32 -78.60
CA VAL AA 181 32.79 -31.64 -78.19
C VAL AA 181 33.44 -32.67 -79.11
N ASP AA 182 34.10 -33.66 -78.51
CA ASP AA 182 34.91 -34.61 -79.27
C ASP AA 182 34.10 -35.79 -79.83
N PRO AA 183 33.52 -36.61 -78.95
CA PRO AA 183 32.86 -37.82 -79.46
C PRO AA 183 31.65 -37.52 -80.35
N GLY AA 184 31.70 -37.95 -81.61
CA GLY AA 184 30.63 -37.67 -82.55
C GLY AA 184 29.46 -38.60 -82.35
N VAL AA 185 28.38 -38.08 -81.80
CA VAL AA 185 27.16 -38.85 -81.59
C VAL AA 185 26.58 -39.29 -82.93
N GLN AA 186 25.95 -40.46 -82.95
CA GLN AA 186 25.35 -40.98 -84.18
C GLN AA 186 23.83 -40.96 -84.07
N VAL AA 187 23.18 -40.37 -85.07
CA VAL AA 187 21.73 -40.26 -85.11
C VAL AA 187 21.16 -41.22 -86.15
N TRP AA 188 19.90 -41.57 -86.00
CA TRP AA 188 19.22 -42.43 -86.95
C TRP AA 188 18.64 -41.59 -88.10
N ASP AA 189 19.38 -41.52 -89.21
CA ASP AA 189 18.93 -40.74 -90.37
C ASP AA 189 17.67 -41.36 -90.97
N SER AA 190 16.74 -40.50 -91.37
CA SER AA 190 15.47 -40.94 -91.95
C SER AA 190 15.65 -41.42 -93.39
N ALA AA 191 16.52 -40.73 -94.12
CA ALA AA 191 16.74 -41.02 -95.54
C ALA AA 191 17.51 -42.34 -95.73
N THR AA 192 18.51 -42.55 -94.88
CA THR AA 192 19.36 -43.74 -94.97
C THR AA 192 18.67 -44.95 -94.34
N ASN AA 193 17.74 -44.68 -93.42
CA ASN AA 193 17.01 -45.73 -92.70
C ASN AA 193 17.95 -46.65 -91.94
N ALA AA 194 18.99 -46.06 -91.34
CA ALA AA 194 19.94 -46.82 -90.54
C ALA AA 194 20.81 -45.85 -89.73
N ALA AA 195 21.83 -46.39 -89.07
CA ALA AA 195 22.73 -45.58 -88.26
C ALA AA 195 23.46 -44.58 -89.15
N ARG AA 196 23.85 -43.46 -88.55
CA ARG AA 196 24.52 -42.40 -89.30
C ARG AA 196 25.22 -41.43 -88.35
N ASN AA 197 26.55 -41.38 -88.44
CA ASN AA 197 27.34 -40.53 -87.56
C ASN AA 197 27.10 -39.05 -87.83
N ALA AA 198 26.98 -38.28 -86.75
CA ALA AA 198 26.74 -36.85 -86.83
C ALA AA 198 27.89 -36.09 -86.16
N PRO AA 199 28.03 -34.79 -86.46
CA PRO AA 199 29.11 -33.99 -85.86
C PRO AA 199 28.88 -33.63 -84.40
N ALA AA 200 27.66 -33.85 -83.90
CA ALA AA 200 27.32 -33.60 -82.50
C ALA AA 200 27.48 -32.13 -82.13
N SER AA 201 27.57 -31.26 -83.14
CA SER AA 201 27.77 -29.84 -82.93
C SER AA 201 26.42 -29.16 -82.72
N ALA AA 202 25.49 -29.42 -83.64
CA ALA AA 202 24.15 -28.84 -83.58
C ALA AA 202 23.35 -29.39 -82.39
N TYR AA 203 23.61 -30.65 -82.04
CA TYR AA 203 22.94 -31.27 -80.91
C TYR AA 203 23.34 -30.60 -79.60
N ALA AA 204 24.62 -30.25 -79.50
CA ALA AA 204 25.14 -29.55 -78.32
C ALA AA 204 24.68 -28.09 -78.33
N ALA AA 205 24.39 -27.57 -79.52
CA ALA AA 205 23.92 -26.18 -79.66
C ALA AA 205 22.46 -26.07 -79.23
N GLY AA 206 21.62 -26.96 -79.75
CA GLY AA 206 20.21 -26.99 -79.40
C GLY AA 206 20.05 -27.29 -77.92
N LEU AA 207 20.98 -28.07 -77.39
CA LEU AA 207 20.99 -28.42 -75.97
C LEU AA 207 21.10 -27.18 -75.09
N PHE AA 208 21.94 -26.23 -75.50
CA PHE AA 208 22.07 -24.96 -74.78
C PHE AA 208 20.74 -24.22 -74.79
N ALA AA 209 20.14 -24.13 -75.97
CA ALA AA 209 18.90 -23.38 -76.18
C ALA AA 209 17.78 -23.92 -75.29
N TRP AA 210 17.89 -25.21 -74.94
CA TRP AA 210 16.91 -25.85 -74.07
C TRP AA 210 17.06 -25.35 -72.63
N THR AA 211 18.30 -25.29 -72.15
CA THR AA 211 18.60 -24.85 -70.80
C THR AA 211 18.41 -23.34 -70.66
N ASP AA 212 18.77 -22.60 -71.70
CA ASP AA 212 18.69 -21.15 -71.70
C ASP AA 212 17.24 -20.70 -71.65
N ALA AA 213 16.36 -21.40 -72.37
CA ALA AA 213 14.94 -21.08 -72.39
C ALA AA 213 14.27 -21.58 -71.12
N GLU AA 214 14.80 -22.67 -70.56
CA GLU AA 214 14.25 -23.27 -69.35
C GLU AA 214 14.78 -22.60 -68.09
N TYR AA 215 15.98 -22.99 -67.67
CA TYR AA 215 16.60 -22.44 -66.48
C TYR AA 215 17.02 -20.99 -66.71
N GLY AA 216 17.89 -20.81 -67.69
CA GLY AA 216 18.41 -19.49 -68.03
C GLY AA 216 19.78 -19.58 -68.66
N PHE AA 217 20.20 -18.50 -69.32
CA PHE AA 217 21.52 -18.45 -69.96
C PHE AA 217 22.61 -18.65 -68.92
N TRP AA 218 22.34 -18.25 -67.68
CA TRP AA 218 23.28 -18.38 -66.59
C TRP AA 218 23.40 -19.84 -66.14
N SER AA 219 22.41 -20.65 -66.50
CA SER AA 219 22.44 -22.06 -66.13
C SER AA 219 23.44 -22.82 -67.00
N SER AA 220 24.15 -23.76 -66.40
CA SER AA 220 25.12 -24.56 -67.13
C SER AA 220 24.39 -25.58 -68.01
N PRO AA 221 24.88 -25.79 -69.26
CA PRO AA 221 24.24 -26.74 -70.17
C PRO AA 221 24.61 -28.19 -69.87
N SER AA 222 25.79 -28.40 -69.32
CA SER AA 222 26.30 -29.75 -69.05
C SER AA 222 25.34 -30.59 -68.20
N ASN AA 223 25.52 -31.90 -68.26
CA ASN AA 223 24.71 -32.82 -67.46
C ASN AA 223 23.23 -32.72 -67.80
N LYS AA 224 22.94 -32.39 -69.05
CA LYS AA 224 21.56 -32.35 -69.55
C LYS AA 224 21.44 -33.30 -70.74
N GLU AA 225 20.41 -34.13 -70.70
CA GLU AA 225 20.24 -35.19 -71.68
C GLU AA 225 19.88 -34.64 -73.05
N ILE AA 226 20.49 -35.20 -74.09
CA ILE AA 226 20.23 -34.79 -75.46
C ILE AA 226 19.36 -35.82 -76.17
N LYS AA 227 18.38 -35.34 -76.92
CA LYS AA 227 17.46 -36.20 -77.67
C LYS AA 227 17.91 -36.33 -79.12
N GLY AA 228 17.25 -37.22 -79.86
CA GLY AA 228 17.55 -37.42 -81.26
C GLY AA 228 18.89 -38.10 -81.45
N VAL AA 229 19.10 -39.17 -80.69
CA VAL AA 229 20.35 -39.92 -80.71
C VAL AA 229 20.05 -41.41 -80.77
N THR AA 230 21.11 -42.23 -80.87
CA THR AA 230 20.94 -43.68 -80.93
C THR AA 230 22.30 -44.39 -80.82
N GLY AA 231 23.21 -43.81 -80.06
CA GLY AA 231 24.55 -44.35 -79.90
C GLY AA 231 25.58 -43.26 -80.08
N THR AA 232 26.83 -43.55 -79.74
CA THR AA 232 27.90 -42.56 -79.83
C THR AA 232 29.17 -43.20 -80.36
N SER AA 233 29.74 -42.58 -81.39
CA SER AA 233 31.01 -43.04 -81.96
C SER AA 233 32.09 -43.02 -80.90
N ARG AA 234 32.80 -44.14 -80.78
CA ARG AA 234 33.84 -44.31 -79.76
C ARG AA 234 33.24 -44.17 -78.36
N PRO AA 235 32.79 -45.30 -77.78
CA PRO AA 235 32.11 -45.22 -76.48
C PRO AA 235 33.03 -44.72 -75.37
N VAL AA 236 32.89 -43.45 -75.03
CA VAL AA 236 33.68 -42.85 -73.96
C VAL AA 236 33.20 -43.42 -72.62
N GLU AA 237 34.10 -44.09 -71.93
CA GLU AA 237 33.76 -44.77 -70.68
C GLU AA 237 33.54 -43.78 -69.55
N PHE AA 238 32.68 -44.14 -68.61
CA PHE AA 238 32.43 -43.32 -67.43
C PHE AA 238 31.99 -44.19 -66.26
N LEU AA 239 32.84 -44.24 -65.24
CA LEU AA 239 32.55 -45.02 -64.04
C LEU AA 239 31.55 -44.30 -63.16
N ASP AA 240 31.17 -44.92 -62.05
CA ASP AA 240 30.20 -44.33 -61.13
C ASP AA 240 30.79 -43.08 -60.47
N GLY AA 241 32.05 -43.15 -60.09
CA GLY AA 241 32.73 -42.03 -59.44
C GLY AA 241 34.22 -42.29 -59.27
N ASP AA 242 34.99 -41.98 -60.31
CA ASP AA 242 36.42 -42.15 -60.26
C ASP AA 242 37.11 -41.29 -61.33
N GLU AA 243 38.23 -40.68 -60.98
CA GLU AA 243 38.97 -39.84 -61.91
C GLU AA 243 39.69 -40.67 -62.97
N THR AA 244 39.66 -41.98 -62.80
CA THR AA 244 40.35 -42.89 -63.72
C THR AA 244 39.59 -43.04 -65.03
N CYS AA 245 38.31 -42.71 -65.01
CA CYS AA 245 37.48 -42.83 -66.20
C CYS AA 245 37.95 -41.87 -67.29
N ARG AA 246 37.73 -42.26 -68.54
CA ARG AA 246 38.26 -41.50 -69.67
C ARG AA 246 37.45 -40.24 -69.94
N ALA AA 247 36.18 -40.26 -69.55
CA ALA AA 247 35.30 -39.11 -69.73
C ALA AA 247 35.86 -37.89 -69.01
N ASN AA 248 36.56 -38.13 -67.91
CA ASN AA 248 37.15 -37.07 -67.10
C ASN AA 248 38.41 -36.50 -67.75
N LEU AA 249 39.23 -37.37 -68.32
CA LEU AA 249 40.51 -36.96 -68.90
C LEU AA 249 40.33 -35.96 -70.03
N LEU AA 250 39.26 -36.09 -70.80
CA LEU AA 250 38.97 -35.17 -71.89
C LEU AA 250 38.53 -33.81 -71.35
N ASN AA 251 37.85 -33.81 -70.21
CA ASN AA 251 37.41 -32.58 -69.57
C ASN AA 251 38.60 -31.78 -69.04
N ASN AA 252 39.67 -32.48 -68.69
CA ASN AA 252 40.91 -31.83 -68.26
C ASN AA 252 41.55 -31.06 -69.40
N ALA AA 253 41.32 -31.55 -70.63
CA ALA AA 253 41.82 -30.89 -71.83
C ALA AA 253 40.77 -29.93 -72.39
N ASN AA 254 39.79 -29.56 -71.54
CA ASN AA 254 38.73 -28.64 -71.94
C ASN AA 254 37.95 -29.21 -73.13
N ILE AA 255 37.24 -30.31 -72.90
CA ILE AA 255 36.47 -30.95 -73.96
C ILE AA 255 35.15 -31.49 -73.41
N ALA AA 256 34.08 -31.25 -74.15
CA ALA AA 256 32.76 -31.78 -73.82
C ALA AA 256 32.63 -33.19 -74.37
N THR AA 257 31.88 -34.04 -73.66
CA THR AA 257 31.72 -35.43 -74.08
C THR AA 257 30.33 -35.95 -73.74
N ILE AA 258 29.83 -36.88 -74.57
CA ILE AA 258 28.55 -37.52 -74.36
C ILE AA 258 28.79 -38.88 -73.70
N ILE AA 259 28.29 -39.02 -72.48
CA ILE AA 259 28.59 -40.21 -71.67
C ILE AA 259 27.49 -41.25 -71.74
N ARG AA 260 27.84 -42.46 -71.28
CA ARG AA 260 26.91 -43.59 -71.21
C ARG AA 260 26.41 -44.03 -72.57
N ASP AA 261 25.67 -45.14 -72.58
CA ASP AA 261 25.18 -45.75 -73.80
C ASP AA 261 24.23 -44.82 -74.53
N ASP AA 262 23.95 -45.12 -75.80
CA ASP AA 262 23.01 -44.37 -76.60
C ASP AA 262 23.41 -42.90 -76.74
N GLY AA 263 23.27 -42.16 -75.64
CA GLY AA 263 23.57 -40.74 -75.61
C GLY AA 263 22.85 -40.13 -74.43
N TYR AA 264 23.15 -40.67 -73.25
CA TYR AA 264 22.46 -40.30 -72.02
C TYR AA 264 22.51 -38.79 -71.77
N ARG AA 265 23.71 -38.23 -71.76
CA ARG AA 265 23.88 -36.81 -71.50
C ARG AA 265 25.25 -36.28 -71.88
N LEU AA 266 25.33 -34.97 -72.07
CA LEU AA 266 26.57 -34.28 -72.41
C LEU AA 266 27.05 -33.46 -71.22
N TRP AA 267 28.36 -33.37 -71.02
CA TRP AA 267 28.93 -32.49 -70.01
C TRP AA 267 30.38 -32.12 -70.33
N GLY AA 268 30.94 -31.23 -69.53
CA GLY AA 268 32.28 -30.73 -69.72
C GLY AA 268 32.23 -29.21 -69.85
N ASN AA 269 31.98 -28.55 -68.74
CA ASN AA 269 31.78 -27.10 -68.73
C ASN AA 269 33.02 -26.32 -69.15
N ARG AA 270 34.18 -26.95 -69.01
CA ARG AA 270 35.44 -26.28 -69.35
C ARG AA 270 35.49 -25.87 -70.82
N THR AA 271 35.55 -24.56 -71.05
CA THR AA 271 35.73 -24.03 -72.39
C THR AA 271 37.22 -24.02 -72.71
N LEU AA 272 37.55 -24.16 -73.99
CA LEU AA 272 38.95 -24.18 -74.41
C LEU AA 272 39.63 -22.85 -74.12
N SER AA 273 39.90 -22.58 -72.85
CA SER AA 273 40.48 -21.30 -72.43
C SER AA 273 41.66 -21.52 -71.49
N SER AA 274 42.74 -20.78 -71.73
CA SER AA 274 43.93 -20.83 -70.89
C SER AA 274 43.70 -20.13 -69.56
N ASP AA 275 43.11 -18.94 -69.61
CA ASP AA 275 42.83 -18.19 -68.39
C ASP AA 275 41.78 -18.92 -67.55
N SER AA 276 42.18 -19.32 -66.35
CA SER AA 276 41.32 -20.09 -65.46
C SER AA 276 40.14 -19.25 -64.95
N LYS AA 277 40.20 -17.94 -65.16
CA LYS AA 277 39.12 -17.05 -64.75
C LYS AA 277 37.87 -17.31 -65.58
N TRP AA 278 38.08 -17.62 -66.86
CA TRP AA 278 37.00 -17.89 -67.80
C TRP AA 278 36.98 -19.38 -68.12
N ALA AA 279 37.17 -20.20 -67.10
CA ALA AA 279 37.25 -21.65 -67.28
C ALA AA 279 35.89 -22.22 -67.66
N PHE AA 280 34.84 -21.75 -67.00
CA PHE AA 280 33.50 -22.23 -67.28
C PHE AA 280 32.91 -21.52 -68.49
N VAL AA 281 32.15 -22.26 -69.28
CA VAL AA 281 31.43 -21.70 -70.41
C VAL AA 281 30.31 -20.79 -69.91
N THR AA 282 29.87 -21.04 -68.68
CA THR AA 282 28.81 -20.26 -68.05
C THR AA 282 29.21 -18.79 -67.91
N ARG AA 283 30.37 -18.55 -67.30
CA ARG AA 283 30.85 -17.19 -67.06
C ARG AA 283 30.95 -16.39 -68.34
N VAL AA 284 31.48 -17.02 -69.39
CA VAL AA 284 31.62 -16.37 -70.68
C VAL AA 284 30.25 -16.04 -71.25
N ARG AA 285 29.25 -16.86 -70.91
CA ARG AA 285 27.92 -16.71 -71.47
C ARG AA 285 27.12 -15.63 -70.74
N THR AA 286 27.36 -15.47 -69.45
CA THR AA 286 26.68 -14.46 -68.64
C THR AA 286 27.31 -13.09 -68.83
N MET AA 287 28.64 -13.07 -68.92
CA MET AA 287 29.38 -11.82 -69.03
C MET AA 287 29.15 -11.17 -70.39
N ASP AA 288 29.18 -11.99 -71.43
CA ASP AA 288 28.94 -11.50 -72.79
C ASP AA 288 27.50 -11.01 -72.95
N LEU AA 289 26.63 -11.39 -72.02
CA LEU AA 289 25.22 -11.04 -72.08
C LEU AA 289 24.97 -9.70 -71.38
N VAL AA 290 25.42 -9.59 -70.13
CA VAL AA 290 25.23 -8.38 -69.35
C VAL AA 290 25.99 -7.20 -69.97
N MET AA 291 27.08 -7.50 -70.66
CA MET AA 291 27.86 -6.49 -71.35
C MET AA 291 27.05 -5.93 -72.52
N ASP AA 292 26.55 -6.83 -73.37
CA ASP AA 292 25.75 -6.44 -74.53
C ASP AA 292 24.43 -5.79 -74.11
N ALA AA 293 23.99 -6.11 -72.89
CA ALA AA 293 22.75 -5.54 -72.36
C ALA AA 293 22.97 -4.09 -71.93
N ILE AA 294 24.07 -3.86 -71.20
CA ILE AA 294 24.41 -2.53 -70.72
C ILE AA 294 24.78 -1.64 -71.91
N LEU AA 295 25.44 -2.24 -72.89
CA LEU AA 295 25.84 -1.52 -74.10
C LEU AA 295 24.59 -1.04 -74.86
N ALA AA 296 23.75 -1.99 -75.23
CA ALA AA 296 22.54 -1.70 -76.01
C ALA AA 296 21.45 -1.07 -75.14
N GLY AA 297 21.62 -1.16 -73.82
CA GLY AA 297 20.61 -0.67 -72.89
C GLY AA 297 20.66 0.82 -72.68
N HIS AA 298 21.87 1.33 -72.43
CA HIS AA 298 22.07 2.75 -72.16
C HIS AA 298 22.38 3.52 -73.44
N LYS AA 299 21.66 3.19 -74.51
CA LYS AA 299 21.77 3.90 -75.78
C LYS AA 299 20.91 5.16 -75.73
N TRP AA 300 20.00 5.21 -74.77
CA TRP AA 300 19.12 6.35 -74.58
C TRP AA 300 19.87 7.52 -73.97
N ALA AA 301 20.86 7.20 -73.15
CA ALA AA 301 21.62 8.22 -72.44
C ALA AA 301 22.53 8.96 -73.42
N VAL AA 302 23.76 8.48 -73.56
CA VAL AA 302 24.76 9.10 -74.44
C VAL AA 302 24.87 10.58 -74.07
N ASP AA 303 25.09 11.46 -75.04
CA ASP AA 303 25.27 12.88 -74.77
C ASP AA 303 24.00 13.48 -74.16
N ARG AA 304 24.07 13.76 -72.85
CA ARG AA 304 22.96 14.33 -72.12
C ARG AA 304 23.48 15.03 -70.87
N GLY AA 305 22.73 16.00 -70.37
CA GLY AA 305 23.15 16.78 -69.23
C GLY AA 305 23.56 15.92 -68.05
N ILE AA 306 24.84 15.93 -67.74
CA ILE AA 306 25.41 15.08 -66.69
C ILE AA 306 25.20 15.71 -65.31
N THR AA 307 23.94 15.96 -64.97
CA THR AA 307 23.59 16.50 -63.66
C THR AA 307 23.62 15.37 -62.63
N LYS AA 308 23.69 15.73 -61.35
CA LYS AA 308 23.67 14.75 -60.27
C LYS AA 308 22.49 13.78 -60.39
N THR AA 309 21.39 14.25 -60.95
CA THR AA 309 20.21 13.41 -61.16
C THR AA 309 20.52 12.33 -62.19
N TYR AA 310 21.14 12.74 -63.29
CA TYR AA 310 21.45 11.84 -64.40
C TYR AA 310 22.35 10.69 -63.93
N VAL AA 311 23.35 11.00 -63.10
CA VAL AA 311 24.25 9.98 -62.59
C VAL AA 311 23.48 8.97 -61.74
N LYS AA 312 22.62 9.46 -60.86
CA LYS AA 312 21.79 8.61 -60.02
C LYS AA 312 20.77 7.82 -60.86
N ASP AA 313 20.25 8.44 -61.91
CA ASP AA 313 19.29 7.78 -62.79
C ASP AA 313 19.92 6.57 -63.46
N VAL AA 314 21.19 6.72 -63.84
CA VAL AA 314 21.93 5.63 -64.46
C VAL AA 314 22.40 4.64 -63.39
N THR AA 315 22.84 5.18 -62.25
CA THR AA 315 23.27 4.34 -61.13
C THR AA 315 22.12 3.47 -60.64
N GLU AA 316 20.95 4.08 -60.43
CA GLU AA 316 19.76 3.35 -60.00
C GLU AA 316 19.28 2.42 -61.11
N GLY AA 317 19.68 2.71 -62.35
CA GLY AA 317 19.33 1.87 -63.47
C GLY AA 317 20.05 0.54 -63.41
N LEU AA 318 21.27 0.57 -62.90
CA LEU AA 318 22.08 -0.63 -62.70
C LEU AA 318 21.69 -1.33 -61.40
N ARG AA 319 21.36 -0.55 -60.38
CA ARG AA 319 20.91 -1.10 -59.11
C ARG AA 319 19.71 -2.01 -59.30
N ALA AA 320 18.68 -1.48 -59.94
CA ALA AA 320 17.45 -2.21 -60.18
C ALA AA 320 17.69 -3.36 -61.16
N PHE AA 321 18.51 -3.10 -62.19
CA PHE AA 321 18.79 -4.10 -63.21
C PHE AA 321 19.48 -5.34 -62.63
N MET AA 322 20.59 -5.12 -61.95
CA MET AA 322 21.35 -6.22 -61.36
C MET AA 322 20.55 -6.95 -60.29
N ARG AA 323 19.69 -6.21 -59.59
CA ARG AA 323 18.86 -6.82 -58.56
C ARG AA 323 17.82 -7.74 -59.19
N ASP AA 324 17.46 -7.48 -60.45
CA ASP AA 324 16.54 -8.35 -61.17
C ASP AA 324 17.26 -9.63 -61.62
N LEU AA 325 18.59 -9.58 -61.64
CA LEU AA 325 19.42 -10.74 -61.94
C LEU AA 325 19.71 -11.55 -60.69
N LYS AA 326 19.78 -10.86 -59.55
CA LYS AA 326 20.11 -11.48 -58.29
C LYS AA 326 18.98 -12.39 -57.80
N ASN AA 327 17.80 -11.80 -57.64
CA ASN AA 327 16.63 -12.55 -57.20
C ASN AA 327 16.23 -13.61 -58.21
N GLN AA 328 16.57 -13.37 -59.48
CA GLN AA 328 16.31 -14.33 -60.54
C GLN AA 328 17.29 -15.50 -60.46
N GLY AA 329 18.45 -15.25 -59.87
CA GLY AA 329 19.45 -16.28 -59.67
C GLY AA 329 20.57 -16.25 -60.69
N ALA AA 330 20.60 -15.20 -61.50
CA ALA AA 330 21.63 -15.06 -62.53
C ALA AA 330 22.99 -14.78 -61.88
N VAL AA 331 22.96 -14.02 -60.79
CA VAL AA 331 24.17 -13.66 -60.06
C VAL AA 331 23.93 -13.86 -58.56
N ILE AA 332 25.00 -14.12 -57.82
CA ILE AA 332 24.89 -14.28 -56.37
C ILE AA 332 24.71 -12.92 -55.71
N ASN AA 333 25.63 -12.01 -56.01
CA ASN AA 333 25.56 -10.64 -55.47
C ASN AA 333 26.33 -9.70 -56.36
N PHE AA 334 26.02 -8.41 -56.25
CA PHE AA 334 26.62 -7.39 -57.11
C PHE AA 334 26.94 -6.12 -56.34
N GLU AA 335 27.47 -5.15 -57.06
CA GLU AA 335 27.80 -3.84 -56.49
C GLU AA 335 28.15 -2.89 -57.63
N VAL AA 336 27.40 -1.80 -57.72
CA VAL AA 336 27.61 -0.82 -58.78
C VAL AA 336 27.66 0.58 -58.20
N TYR AA 337 28.55 1.42 -58.74
CA TYR AA 337 28.76 2.76 -58.22
C TYR AA 337 29.67 3.54 -59.14
N ALA AA 338 29.76 4.86 -58.91
CA ALA AA 338 30.64 5.72 -59.68
C ALA AA 338 31.98 5.88 -58.97
N ASP AA 339 33.06 5.50 -59.64
CA ASP AA 339 34.39 5.56 -59.03
C ASP AA 339 34.83 7.01 -58.79
N PRO AA 340 35.27 7.33 -57.56
CA PRO AA 340 35.76 8.69 -57.28
C PRO AA 340 36.97 9.08 -58.11
N ASP AA 341 37.93 8.17 -58.24
CA ASP AA 341 39.20 8.49 -58.90
C ASP AA 341 39.04 8.66 -60.42
N LEU AA 342 38.27 7.77 -61.03
CA LEU AA 342 38.05 7.83 -62.48
C LEU AA 342 37.28 9.08 -62.87
N ASN AA 343 36.13 9.30 -62.22
CA ASN AA 343 35.32 10.47 -62.49
C ASN AA 343 36.01 11.74 -62.02
N SER AA 344 37.09 12.10 -62.71
CA SER AA 344 37.84 13.31 -62.39
C SER AA 344 37.18 14.53 -63.02
N ALA AA 345 37.53 15.71 -62.54
CA ALA AA 345 36.96 16.96 -63.05
C ALA AA 345 37.25 17.14 -64.54
N SER AA 346 38.36 16.55 -65.00
CA SER AA 346 38.77 16.67 -66.39
C SER AA 346 38.11 15.61 -67.27
N GLN AA 347 37.86 14.44 -66.70
CA GLN AA 347 37.23 13.35 -67.44
C GLN AA 347 35.77 13.69 -67.77
N LEU AA 348 35.06 14.22 -66.79
CA LEU AA 348 33.68 14.65 -66.98
C LEU AA 348 33.59 15.80 -67.98
N ALA AA 349 34.67 16.56 -68.09
CA ALA AA 349 34.72 17.70 -69.01
C ALA AA 349 34.97 17.25 -70.45
N GLN AA 350 35.15 15.94 -70.64
CA GLN AA 350 35.26 15.34 -71.98
C GLN AA 350 34.07 14.43 -72.27
N GLY AA 351 33.15 14.34 -71.30
CA GLY AA 351 31.96 13.53 -71.45
C GLY AA 351 32.09 12.18 -70.78
N LYS AA 352 33.33 11.75 -70.55
CA LYS AA 352 33.57 10.47 -69.89
C LYS AA 352 32.97 10.44 -68.49
N VAL AA 353 32.23 9.36 -68.21
CA VAL AA 353 31.69 9.12 -66.87
C VAL AA 353 31.61 7.61 -66.67
N TYR AA 354 32.24 7.13 -65.60
CA TYR AA 354 32.40 5.69 -65.38
C TYR AA 354 31.50 5.17 -64.28
N TRP AA 355 31.16 3.88 -64.37
CA TRP AA 355 30.41 3.18 -63.33
C TRP AA 355 31.00 1.79 -63.13
N ASN AA 356 31.68 1.61 -62.00
CA ASN AA 356 32.34 0.35 -61.71
C ASN AA 356 31.36 -0.75 -61.32
N ILE AA 357 31.00 -1.58 -62.30
CA ILE AA 357 30.15 -2.73 -62.05
C ILE AA 357 31.00 -3.93 -61.68
N ARG AA 358 30.54 -4.71 -60.70
CA ARG AA 358 31.25 -5.90 -60.26
C ARG AA 358 30.29 -6.88 -59.59
N PHE AA 359 30.48 -8.17 -59.85
CA PHE AA 359 29.63 -9.22 -59.30
C PHE AA 359 30.27 -10.58 -59.48
N THR AA 360 29.55 -11.62 -59.07
CA THR AA 360 30.03 -13.00 -59.20
C THR AA 360 28.99 -13.86 -59.90
N ASP AA 361 29.25 -14.17 -61.17
CA ASP AA 361 28.38 -15.06 -61.93
C ASP AA 361 28.38 -16.44 -61.26
N VAL AA 362 27.24 -17.10 -61.27
CA VAL AA 362 27.09 -18.39 -60.59
C VAL AA 362 27.89 -19.49 -61.31
N PRO AA 363 28.85 -20.12 -60.61
CA PRO AA 363 29.60 -21.24 -61.21
C PRO AA 363 28.89 -22.58 -60.99
N PRO AA 364 28.89 -23.46 -62.01
CA PRO AA 364 28.25 -24.78 -61.83
C PRO AA 364 29.09 -25.70 -60.94
N ALA AA 365 28.49 -26.24 -59.88
CA ALA AA 365 29.18 -27.16 -58.99
C ALA AA 365 29.54 -28.44 -59.72
N GLU AA 366 30.59 -28.40 -60.54
CA GLU AA 366 30.94 -29.51 -61.40
C GLU AA 366 31.56 -30.69 -60.64
N ASN AA 367 31.76 -30.52 -59.33
CA ASN AA 367 32.36 -31.58 -58.52
C ASN AA 367 32.06 -31.40 -57.03
N PRO AA 368 30.81 -31.71 -56.61
CA PRO AA 368 30.44 -31.65 -55.20
C PRO AA 368 30.94 -32.86 -54.40
N ASN AA 369 31.81 -32.60 -53.42
CA ASN AA 369 32.37 -33.66 -52.58
C ASN AA 369 31.50 -33.94 -51.36
N PHE AA 370 31.75 -35.07 -50.72
CA PHE AA 370 31.00 -35.48 -49.54
C PHE AA 370 31.93 -36.18 -48.54
N ARG AA 371 32.63 -35.38 -47.75
CA ARG AA 371 33.57 -35.91 -46.78
C ARG AA 371 32.85 -36.66 -45.66
N VAL AA 372 32.34 -37.84 -45.97
CA VAL AA 372 31.66 -38.66 -44.98
C VAL AA 372 32.69 -39.41 -44.14
N GLU AA 373 32.38 -39.58 -42.87
CA GLU AA 373 33.32 -40.22 -41.95
C GLU AA 373 32.61 -40.61 -40.65
N VAL AA 374 32.66 -41.89 -40.31
CA VAL AA 374 32.08 -42.36 -39.06
C VAL AA 374 32.96 -41.96 -37.89
N THR AA 375 32.48 -42.24 -36.68
CA THR AA 375 33.23 -41.97 -35.47
C THR AA 375 32.61 -42.72 -34.30
N ASP AA 376 32.96 -42.32 -33.07
CA ASP AA 376 32.45 -42.95 -31.86
C ASP AA 376 32.00 -41.87 -30.89
N GLN AA 377 31.49 -40.77 -31.44
CA GLN AA 377 31.08 -39.63 -30.64
C GLN AA 377 29.72 -39.86 -29.97
N TRP AA 378 28.68 -40.01 -30.78
CA TRP AA 378 27.33 -40.22 -30.28
C TRP AA 378 27.07 -41.68 -29.93
N LEU AA 379 27.83 -42.20 -28.97
CA LEU AA 379 27.61 -43.55 -28.47
C LEU AA 379 27.09 -43.50 -27.04
N THR AA 380 27.59 -42.53 -26.28
CA THR AA 380 27.13 -42.33 -24.90
C THR AA 380 25.68 -41.87 -24.86
N GLU AA 381 25.18 -41.43 -26.00
CA GLU AA 381 23.79 -41.01 -26.12
C GLU AA 381 22.88 -42.22 -25.89
N VAL AA 382 23.37 -43.40 -26.27
CA VAL AA 382 22.66 -44.65 -26.03
C VAL AA 382 22.79 -45.04 -24.57
N LEU AA 383 22.06 -44.34 -23.72
CA LEU AA 383 22.16 -44.56 -22.27
C LEU AA 383 21.04 -43.82 -21.56
N ASP AA 384 20.89 -42.54 -21.86
CA ASP AA 384 19.87 -41.71 -21.25
C ASP AA 384 19.57 -40.50 -22.13
N SER BA 2 39.74 -29.65 -65.35
CA SER BA 2 38.52 -29.75 -64.55
C SER BA 2 38.74 -30.63 -63.32
N PHE BA 3 39.45 -31.75 -63.54
CA PHE BA 3 39.77 -32.70 -62.49
C PHE BA 3 38.51 -33.43 -62.02
N PHE BA 4 38.48 -34.74 -62.31
CA PHE BA 4 37.36 -35.61 -61.95
C PHE BA 4 36.07 -35.22 -62.67
N HIS BA 5 35.42 -34.15 -62.20
CA HIS BA 5 34.14 -33.70 -62.73
C HIS BA 5 33.07 -34.78 -62.61
N GLY BA 6 32.53 -34.95 -61.41
CA GLY BA 6 31.46 -35.91 -61.17
C GLY BA 6 30.82 -35.70 -59.82
N VAL BA 7 31.10 -36.60 -58.89
CA VAL BA 7 30.59 -36.50 -57.52
C VAL BA 7 31.34 -37.48 -56.64
N THR BA 8 32.34 -36.97 -55.93
CA THR BA 8 33.18 -37.80 -55.07
C THR BA 8 32.48 -38.10 -53.76
N VAL BA 9 33.13 -38.91 -52.93
CA VAL BA 9 32.58 -39.30 -51.64
C VAL BA 9 33.69 -39.94 -50.82
N THR BA 10 34.79 -39.21 -50.67
CA THR BA 10 35.97 -39.73 -50.00
C THR BA 10 35.69 -40.01 -48.53
N ASN BA 11 36.11 -41.18 -48.07
CA ASN BA 11 35.95 -41.57 -46.68
C ASN BA 11 37.15 -41.09 -45.86
N VAL BA 12 36.93 -40.05 -45.05
CA VAL BA 12 38.00 -39.51 -44.23
C VAL BA 12 38.25 -40.42 -43.03
N ASP BA 13 39.33 -41.19 -43.09
CA ASP BA 13 39.65 -42.17 -42.06
C ASP BA 13 40.41 -41.52 -40.90
N ILE BA 14 39.67 -40.81 -40.05
CA ILE BA 14 40.25 -40.20 -38.86
C ILE BA 14 39.31 -40.39 -37.67
N GLY BA 15 39.86 -40.24 -36.47
CA GLY BA 15 39.10 -40.44 -35.25
C GLY BA 15 39.90 -41.28 -34.28
N ALA BA 16 39.55 -41.19 -32.99
CA ALA BA 16 40.25 -41.94 -31.96
C ALA BA 16 39.91 -43.44 -32.05
N ARG BA 17 40.91 -44.24 -32.40
CA ARG BA 17 40.74 -45.69 -32.47
C ARG BA 17 40.59 -46.29 -31.08
N THR BA 18 40.01 -47.48 -31.02
CA THR BA 18 39.83 -48.18 -29.76
C THR BA 18 41.06 -49.03 -29.45
N ILE BA 19 41.26 -49.36 -28.18
CA ILE BA 19 42.41 -50.15 -27.75
C ILE BA 19 41.97 -51.22 -26.76
N ALA BA 20 42.58 -52.39 -26.87
CA ALA BA 20 42.24 -53.54 -26.03
C ALA BA 20 43.41 -53.97 -25.16
N LEU BA 21 43.17 -54.97 -24.31
CA LEU BA 21 44.19 -55.51 -23.42
C LEU BA 21 44.51 -56.95 -23.80
N PRO BA 22 45.45 -57.13 -24.76
CA PRO BA 22 45.73 -58.47 -25.29
C PRO BA 22 46.42 -59.38 -24.27
N ALA BA 23 46.50 -60.67 -24.60
CA ALA BA 23 47.20 -61.65 -23.78
C ALA BA 23 46.60 -61.81 -22.39
N SER BA 24 46.61 -60.73 -21.60
CA SER BA 24 46.05 -60.71 -20.26
C SER BA 24 46.80 -61.65 -19.33
N SER BA 25 46.60 -62.96 -19.48
CA SER BA 25 47.23 -63.94 -18.60
C SER BA 25 47.31 -65.31 -19.27
N VAL BA 26 48.12 -65.42 -20.31
CA VAL BA 26 48.37 -66.71 -20.95
C VAL BA 26 49.60 -67.35 -20.32
N ILE BA 27 49.48 -68.62 -19.96
CA ILE BA 27 50.53 -69.33 -19.26
C ILE BA 27 51.50 -69.98 -20.26
N GLY BA 28 52.79 -69.92 -19.92
CA GLY BA 28 53.84 -70.48 -20.75
C GLY BA 28 54.59 -71.53 -19.96
N LEU BA 29 54.12 -72.77 -20.03
CA LEU BA 29 54.66 -73.87 -19.24
C LEU BA 29 55.64 -74.70 -20.06
N CYS BA 30 56.54 -75.40 -19.36
CA CYS BA 30 57.54 -76.23 -20.03
C CYS BA 30 58.12 -77.26 -19.05
N ASP BA 31 57.42 -78.38 -18.91
CA ASP BA 31 57.87 -79.48 -18.06
C ASP BA 31 58.41 -80.60 -18.97
N VAL BA 32 58.18 -81.85 -18.57
CA VAL BA 32 58.64 -83.00 -19.36
C VAL BA 32 57.54 -84.04 -19.50
N PHE BA 33 57.71 -84.95 -20.45
CA PHE BA 33 56.77 -86.04 -20.64
C PHE BA 33 57.45 -87.18 -21.40
N THR BA 34 56.64 -88.16 -21.83
CA THR BA 34 57.14 -89.32 -22.53
C THR BA 34 56.45 -89.46 -23.88
N PRO BA 35 57.08 -88.98 -24.96
CA PRO BA 35 56.47 -89.08 -26.29
C PRO BA 35 56.47 -90.51 -26.80
N GLY BA 36 55.39 -90.92 -27.47
CA GLY BA 36 55.29 -92.27 -28.02
C GLY BA 36 53.99 -92.48 -28.77
N ALA BA 37 53.04 -93.15 -28.12
CA ALA BA 37 51.78 -93.53 -28.74
C ALA BA 37 50.69 -92.50 -28.46
N GLN BA 38 50.17 -92.51 -27.23
CA GLN BA 38 49.07 -91.63 -26.85
C GLN BA 38 49.48 -90.16 -26.88
N ALA BA 39 50.79 -89.91 -26.80
CA ALA BA 39 51.31 -88.55 -26.81
C ALA BA 39 51.24 -87.95 -28.22
N SER BA 40 50.19 -87.19 -28.48
CA SER BA 40 49.98 -86.59 -29.79
C SER BA 40 50.97 -85.45 -30.03
N ALA BA 41 51.25 -84.68 -28.99
CA ALA BA 41 52.17 -83.55 -29.08
C ALA BA 41 53.58 -84.04 -29.40
N LYS BA 42 54.28 -83.31 -30.26
CA LYS BA 42 55.63 -83.70 -30.66
C LYS BA 42 56.60 -83.52 -29.49
N PRO BA 43 57.79 -84.14 -29.56
CA PRO BA 43 58.71 -84.16 -28.42
C PRO BA 43 59.31 -82.80 -28.04
N ASN BA 44 58.90 -81.71 -28.68
CA ASN BA 44 59.51 -80.41 -28.37
C ASN BA 44 58.71 -79.19 -28.81
N VAL BA 45 57.92 -79.30 -29.88
CA VAL BA 45 57.26 -78.12 -30.43
C VAL BA 45 56.21 -77.57 -29.45
N PRO BA 46 55.95 -76.25 -29.52
CA PRO BA 46 54.87 -75.68 -28.69
C PRO BA 46 53.50 -76.18 -29.10
N VAL BA 47 52.65 -76.47 -28.12
CA VAL BA 47 51.27 -76.90 -28.38
C VAL BA 47 50.33 -76.11 -27.51
N LEU BA 48 49.26 -75.61 -28.12
CA LEU BA 48 48.28 -74.81 -27.40
C LEU BA 48 47.27 -75.71 -26.68
N LEU BA 49 46.86 -75.28 -25.49
CA LEU BA 49 45.90 -76.02 -24.69
C LEU BA 49 44.70 -75.15 -24.36
N THR BA 50 43.71 -75.73 -23.69
CA THR BA 50 42.51 -75.01 -23.31
C THR BA 50 41.80 -75.72 -22.15
N SER BA 51 41.88 -77.04 -22.14
CA SER BA 51 41.27 -77.85 -21.08
C SER BA 51 42.07 -79.13 -20.88
N LYS BA 52 41.72 -79.89 -19.85
CA LYS BA 52 42.40 -81.15 -19.54
C LYS BA 52 42.31 -82.13 -20.71
N LYS BA 53 41.16 -82.14 -21.38
CA LYS BA 53 40.96 -83.02 -22.53
C LYS BA 53 41.99 -82.74 -23.62
N ASP BA 54 42.18 -81.47 -23.93
CA ASP BA 54 43.11 -81.07 -24.99
C ASP BA 54 44.55 -81.32 -24.57
N ALA BA 55 44.78 -81.41 -23.25
CA ALA BA 55 46.11 -81.62 -22.70
C ALA BA 55 46.41 -83.11 -22.52
N ALA BA 56 45.38 -83.88 -22.16
CA ALA BA 56 45.53 -85.31 -21.90
C ALA BA 56 45.95 -86.05 -23.17
N ALA BA 57 45.19 -85.86 -24.24
CA ALA BA 57 45.47 -86.52 -25.51
C ALA BA 57 46.78 -86.00 -26.14
N ALA BA 58 47.24 -84.84 -25.66
CA ALA BA 58 48.44 -84.22 -26.20
C ALA BA 58 49.71 -84.85 -25.64
N PHE BA 59 49.86 -84.81 -24.32
CA PHE BA 59 51.07 -85.29 -23.66
C PHE BA 59 50.88 -86.68 -23.08
N GLY BA 60 49.69 -86.91 -22.52
CA GLY BA 60 49.36 -88.20 -21.94
C GLY BA 60 49.15 -88.11 -20.44
N ILE BA 61 48.55 -89.13 -19.87
CA ILE BA 61 48.30 -89.19 -18.43
C ILE BA 61 49.54 -89.72 -17.72
N GLY BA 62 49.81 -89.20 -16.54
CA GLY BA 62 50.98 -89.61 -15.77
C GLY BA 62 52.21 -88.79 -16.10
N SER BA 63 52.20 -88.16 -17.27
CA SER BA 63 53.30 -87.30 -17.69
C SER BA 63 53.47 -86.18 -16.67
N SER BA 64 54.71 -85.92 -16.26
CA SER BA 64 55.02 -84.90 -15.26
C SER BA 64 54.48 -83.53 -15.65
N ILE BA 65 54.28 -83.32 -16.95
CA ILE BA 65 53.75 -82.06 -17.46
C ILE BA 65 52.25 -81.99 -17.28
N TYR BA 66 51.59 -83.13 -17.37
CA TYR BA 66 50.13 -83.19 -17.24
C TYR BA 66 49.72 -82.93 -15.78
N LEU BA 67 50.56 -83.35 -14.84
CA LEU BA 67 50.30 -83.09 -13.43
C LEU BA 67 50.39 -81.60 -13.11
N ALA BA 68 51.10 -80.87 -13.98
CA ALA BA 68 51.26 -79.42 -13.83
C ALA BA 68 50.09 -78.69 -14.49
N CYS BA 69 49.69 -79.17 -15.68
CA CYS BA 69 48.56 -78.58 -16.39
C CYS BA 69 47.26 -78.87 -15.64
N GLU BA 70 47.12 -80.08 -15.14
CA GLU BA 70 45.94 -80.47 -14.37
C GLU BA 70 45.84 -79.64 -13.09
N ALA BA 71 47.00 -79.27 -12.53
CA ALA BA 71 47.04 -78.44 -11.33
C ALA BA 71 46.53 -77.03 -11.63
N ILE BA 72 46.72 -76.60 -12.87
CA ILE BA 72 46.26 -75.27 -13.30
C ILE BA 72 44.76 -75.29 -13.61
N TYR BA 73 44.32 -76.28 -14.37
CA TYR BA 73 42.92 -76.37 -14.80
C TYR BA 73 42.00 -76.73 -13.63
N ASN BA 74 42.54 -77.46 -12.66
CA ASN BA 74 41.80 -77.76 -11.44
C ASN BA 74 41.50 -76.47 -10.68
N ARG BA 75 42.51 -75.61 -10.62
CA ARG BA 75 42.37 -74.30 -10.00
C ARG BA 75 41.44 -73.41 -10.81
N ALA BA 76 41.90 -72.96 -11.97
CA ALA BA 76 41.11 -72.10 -12.84
C ALA BA 76 41.54 -72.28 -14.29
N GLN BA 77 40.57 -72.42 -15.18
CA GLN BA 77 40.83 -72.66 -16.59
C GLN BA 77 41.56 -71.49 -17.23
N ALA BA 78 42.52 -71.79 -18.11
CA ALA BA 78 43.31 -70.77 -18.76
C ALA BA 78 44.03 -71.34 -19.97
N VAL BA 79 44.48 -70.45 -20.85
CA VAL BA 79 45.24 -70.85 -22.03
C VAL BA 79 46.67 -71.17 -21.62
N ILE BA 80 47.17 -72.32 -22.06
CA ILE BA 80 48.53 -72.76 -21.74
C ILE BA 80 49.25 -73.18 -23.02
N VAL BA 81 50.09 -72.29 -23.54
CA VAL BA 81 50.93 -72.63 -24.68
C VAL BA 81 52.11 -73.46 -24.16
N ALA BA 82 51.80 -74.69 -23.76
CA ALA BA 82 52.80 -75.59 -23.18
C ALA BA 82 53.78 -76.06 -24.24
N VAL BA 83 55.00 -76.38 -23.81
CA VAL BA 83 56.05 -76.86 -24.70
C VAL BA 83 56.27 -78.36 -24.46
N GLY BA 84 56.93 -78.68 -23.35
CA GLY BA 84 57.17 -80.06 -23.00
C GLY BA 84 58.35 -80.64 -23.78
N VAL BA 85 59.26 -81.28 -23.07
CA VAL BA 85 60.45 -81.87 -23.68
C VAL BA 85 60.67 -83.28 -23.15
N GLU BA 86 61.27 -84.13 -23.97
CA GLU BA 86 61.53 -85.52 -23.59
C GLU BA 86 62.47 -85.58 -22.39
N THR BA 87 62.23 -86.53 -21.50
CA THR BA 87 63.08 -86.74 -20.34
C THR BA 87 64.46 -87.24 -20.78
N ALA BA 88 65.50 -86.75 -20.11
CA ALA BA 88 66.88 -87.14 -20.44
C ALA BA 88 67.40 -88.17 -19.44
N GLU BA 89 68.67 -88.54 -19.60
CA GLU BA 89 69.29 -89.54 -18.74
C GLU BA 89 69.52 -88.98 -17.33
N THR BA 90 70.52 -88.11 -17.20
CA THR BA 90 70.84 -87.50 -15.91
C THR BA 90 69.97 -86.27 -15.68
N PRO BA 91 69.68 -85.93 -14.41
CA PRO BA 91 68.82 -84.79 -14.10
C PRO BA 91 69.47 -83.46 -14.48
N GLU BA 92 70.79 -83.41 -14.42
CA GLU BA 92 71.55 -82.20 -14.74
C GLU BA 92 71.44 -81.85 -16.22
N ALA BA 93 71.74 -82.84 -17.07
CA ALA BA 93 71.70 -82.65 -18.52
C ALA BA 93 70.28 -82.48 -19.03
N GLN BA 94 69.30 -82.87 -18.21
CA GLN BA 94 67.90 -82.74 -18.57
C GLN BA 94 67.51 -81.26 -18.61
N ALA BA 95 68.16 -80.46 -17.79
CA ALA BA 95 67.89 -79.02 -17.72
C ALA BA 95 68.28 -78.33 -19.02
N SER BA 96 69.20 -78.94 -19.76
CA SER BA 96 69.64 -78.41 -21.04
C SER BA 96 68.50 -78.43 -22.04
N ALA BA 97 67.80 -79.56 -22.12
CA ALA BA 97 66.65 -79.71 -22.99
C ALA BA 97 65.52 -78.79 -22.54
N VAL BA 98 65.44 -78.55 -21.24
CA VAL BA 98 64.42 -77.67 -20.68
C VAL BA 98 64.69 -76.23 -21.11
N ILE BA 99 65.92 -75.77 -20.91
CA ILE BA 99 66.30 -74.44 -21.37
C ILE BA 99 66.23 -74.39 -22.89
N GLY BA 100 66.91 -75.32 -23.54
CA GLY BA 100 66.86 -75.44 -24.99
C GLY BA 100 67.67 -74.37 -25.69
N GLY BA 101 68.65 -74.81 -26.47
CA GLY BA 101 69.50 -73.88 -27.20
C GLY BA 101 68.76 -73.36 -28.42
N ILE BA 102 68.84 -74.08 -29.53
CA ILE BA 102 68.18 -73.69 -30.77
C ILE BA 102 68.15 -74.82 -31.80
N SER BA 103 69.09 -75.76 -31.67
CA SER BA 103 69.16 -76.95 -32.53
C SER BA 103 69.58 -76.57 -33.96
N ALA BA 104 70.02 -77.57 -34.71
CA ALA BA 104 70.45 -77.36 -36.08
C ALA BA 104 69.28 -77.04 -37.01
N ALA BA 105 68.08 -77.42 -36.57
CA ALA BA 105 66.87 -77.18 -37.35
C ALA BA 105 66.56 -75.68 -37.43
N GLY BA 106 67.07 -74.93 -36.47
CA GLY BA 106 66.87 -73.49 -36.43
C GLY BA 106 65.69 -73.11 -35.55
N GLU BA 107 64.76 -74.04 -35.39
CA GLU BA 107 63.57 -73.79 -34.58
C GLU BA 107 63.92 -73.79 -33.09
N ARG BA 108 63.49 -72.73 -32.40
CA ARG BA 108 63.76 -72.57 -30.98
C ARG BA 108 63.26 -73.76 -30.17
N THR BA 109 64.17 -74.42 -29.46
CA THR BA 109 63.83 -75.60 -28.67
C THR BA 109 63.66 -75.27 -27.19
N GLY BA 110 63.05 -76.19 -26.47
CA GLY BA 110 62.92 -76.07 -25.03
C GLY BA 110 62.14 -74.84 -24.59
N LEU BA 111 62.51 -74.32 -23.43
CA LEU BA 111 61.82 -73.18 -22.81
C LEU BA 111 61.80 -71.95 -23.72
N GLN BA 112 62.81 -71.81 -24.57
CA GLN BA 112 62.91 -70.65 -25.45
C GLN BA 112 61.90 -70.72 -26.60
N ALA BA 113 61.23 -71.86 -26.73
CA ALA BA 113 60.24 -72.05 -27.79
C ALA BA 113 58.99 -71.21 -27.53
N LEU BA 114 58.86 -70.68 -26.31
CA LEU BA 114 57.68 -69.91 -25.94
C LEU BA 114 57.55 -68.61 -26.74
N LEU BA 115 58.67 -68.14 -27.28
CA LEU BA 115 58.67 -66.93 -28.10
C LEU BA 115 57.87 -67.12 -29.38
N ASP BA 116 57.67 -68.39 -29.76
CA ASP BA 116 56.93 -68.73 -30.97
C ASP BA 116 55.42 -68.75 -30.73
N GLY BA 117 55.03 -68.83 -29.45
CA GLY BA 117 53.63 -68.92 -29.08
C GLY BA 117 52.82 -67.72 -29.53
N LYS BA 118 53.49 -66.58 -29.70
CA LYS BA 118 52.83 -65.35 -30.12
C LYS BA 118 52.54 -65.36 -31.62
N SER BA 119 53.53 -65.77 -32.40
CA SER BA 119 53.43 -65.77 -33.85
C SER BA 119 52.95 -67.12 -34.40
N ARG BA 120 52.12 -67.81 -33.63
CA ARG BA 120 51.54 -69.07 -34.05
C ARG BA 120 50.13 -69.27 -33.50
N PHE BA 121 49.92 -68.85 -32.25
CA PHE BA 121 48.64 -69.02 -31.58
C PHE BA 121 48.03 -67.69 -31.15
N ASN BA 122 48.69 -66.58 -31.50
CA ASN BA 122 48.24 -65.26 -31.12
C ASN BA 122 48.01 -65.15 -29.61
N ALA BA 123 48.75 -65.94 -28.84
CA ALA BA 123 48.63 -65.98 -27.39
C ALA BA 123 50.02 -65.92 -26.78
N GLN BA 124 50.53 -64.71 -26.62
CA GLN BA 124 51.83 -64.50 -26.02
C GLN BA 124 51.83 -64.97 -24.56
N PRO BA 125 52.61 -66.01 -24.24
CA PRO BA 125 52.63 -66.44 -22.83
C PRO BA 125 53.17 -65.37 -21.90
N ARG BA 126 52.28 -64.61 -21.30
CA ARG BA 126 52.66 -63.53 -20.40
C ARG BA 126 52.66 -64.02 -18.96
N LEU BA 127 53.10 -65.25 -18.77
CA LEU BA 127 53.15 -65.86 -17.44
C LEU BA 127 53.93 -67.16 -17.51
N LEU BA 128 55.25 -67.06 -17.41
CA LEU BA 128 56.11 -68.24 -17.51
C LEU BA 128 56.01 -69.11 -16.27
N VAL BA 129 56.44 -70.36 -16.41
CA VAL BA 129 56.43 -71.33 -15.32
C VAL BA 129 57.14 -72.60 -15.78
N ALA BA 130 57.91 -73.20 -14.89
CA ALA BA 130 58.67 -74.40 -15.20
C ALA BA 130 58.74 -75.31 -13.97
N PRO BA 131 57.64 -76.05 -13.70
CA PRO BA 131 57.55 -76.90 -12.50
C PRO BA 131 58.66 -77.96 -12.46
N GLY BA 132 59.29 -78.12 -11.30
CA GLY BA 132 60.37 -79.09 -11.15
C GLY BA 132 61.71 -78.49 -11.54
N HIS BA 133 61.77 -77.94 -12.73
CA HIS BA 133 62.99 -77.32 -13.25
C HIS BA 133 63.03 -75.83 -12.99
N SER BA 134 63.42 -75.45 -11.77
CA SER BA 134 63.58 -74.05 -11.39
C SER BA 134 64.49 -73.90 -10.18
N ALA BA 135 64.58 -74.96 -9.37
CA ALA BA 135 65.49 -74.96 -8.22
C ALA BA 135 66.94 -74.89 -8.67
N GLN BA 136 67.19 -75.33 -9.90
CA GLN BA 136 68.52 -75.26 -10.47
C GLN BA 136 68.84 -73.83 -10.89
N GLN BA 137 70.03 -73.36 -10.50
CA GLN BA 137 70.46 -71.99 -10.78
C GLN BA 137 70.48 -71.69 -12.28
N ALA BA 138 70.70 -72.72 -13.08
CA ALA BA 138 70.86 -72.57 -14.51
C ALA BA 138 69.57 -72.15 -15.20
N VAL BA 139 68.58 -73.04 -15.17
CA VAL BA 139 67.30 -72.83 -15.85
C VAL BA 139 66.56 -71.59 -15.33
N ALA BA 140 66.85 -71.22 -14.09
CA ALA BA 140 66.18 -70.10 -13.45
C ALA BA 140 66.50 -68.78 -14.14
N THR BA 141 67.75 -68.64 -14.60
CA THR BA 141 68.17 -67.43 -15.28
C THR BA 141 67.57 -67.32 -16.67
N ALA BA 142 67.38 -68.48 -17.32
CA ALA BA 142 66.74 -68.52 -18.63
C ALA BA 142 65.30 -68.03 -18.52
N MET BA 143 64.66 -68.36 -17.41
CA MET BA 143 63.30 -67.89 -17.12
C MET BA 143 63.29 -66.38 -16.92
N ASP BA 144 64.40 -65.86 -16.39
CA ASP BA 144 64.53 -64.42 -16.14
C ASP BA 144 64.71 -63.67 -17.45
N GLY BA 145 65.63 -64.16 -18.29
CA GLY BA 145 65.93 -63.50 -19.54
C GLY BA 145 64.78 -63.59 -20.52
N LEU BA 146 64.08 -64.73 -20.49
CA LEU BA 146 62.97 -64.97 -21.40
C LEU BA 146 61.75 -64.11 -21.05
N ALA BA 147 61.58 -63.85 -19.76
CA ALA BA 147 60.43 -63.07 -19.29
C ALA BA 147 60.46 -61.66 -19.84
N GLU BA 148 61.66 -61.09 -19.97
CA GLU BA 148 61.82 -59.73 -20.47
C GLU BA 148 61.50 -59.65 -21.96
N LYS BA 149 61.66 -60.77 -22.66
CA LYS BA 149 61.34 -60.85 -24.07
C LYS BA 149 59.82 -60.90 -24.27
N LEU BA 150 59.14 -61.54 -23.32
CA LEU BA 150 57.70 -61.71 -23.36
C LEU BA 150 56.97 -60.76 -22.42
N ARG BA 151 57.73 -59.98 -21.65
CA ARG BA 151 57.17 -59.08 -20.65
C ARG BA 151 56.26 -59.85 -19.69
N ALA BA 152 56.69 -61.07 -19.34
CA ALA BA 152 55.89 -61.97 -18.51
C ALA BA 152 56.37 -61.90 -17.06
N ILE BA 153 55.89 -62.83 -16.24
CA ILE BA 153 56.31 -62.93 -14.84
C ILE BA 153 56.64 -64.39 -14.54
N ALA BA 154 57.91 -64.73 -14.67
CA ALA BA 154 58.38 -66.10 -14.47
C ALA BA 154 58.24 -66.53 -13.01
N ILE BA 155 57.39 -67.53 -12.77
CA ILE BA 155 57.19 -68.07 -11.44
C ILE BA 155 58.17 -69.23 -11.18
N LEU BA 156 59.17 -68.96 -10.35
CA LEU BA 156 60.13 -69.99 -9.98
C LEU BA 156 59.60 -70.82 -8.82
N ASP BA 157 60.40 -71.78 -8.38
CA ASP BA 157 60.05 -72.63 -7.24
C ASP BA 157 61.32 -73.16 -6.58
N GLY BA 158 61.80 -72.46 -5.57
CA GLY BA 158 63.05 -72.81 -4.91
C GLY BA 158 62.97 -74.15 -4.18
N PRO BA 159 64.13 -74.70 -3.80
CA PRO BA 159 64.19 -76.01 -3.13
C PRO BA 159 63.59 -75.95 -1.72
N ASN BA 160 63.00 -77.06 -1.29
CA ASN BA 160 62.43 -77.14 0.04
C ASN BA 160 63.55 -77.21 1.09
N SER BA 161 63.88 -78.41 1.54
CA SER BA 161 64.94 -78.61 2.52
C SER BA 161 64.71 -77.75 3.76
N THR BA 162 64.96 -76.45 3.64
CA THR BA 162 64.81 -75.53 4.75
C THR BA 162 64.67 -74.09 4.25
N ASP BA 163 64.42 -73.16 5.17
CA ASP BA 163 64.22 -71.76 4.84
C ASP BA 163 65.54 -71.07 4.49
N GLU BA 164 66.61 -71.51 5.15
CA GLU BA 164 67.94 -70.93 4.95
C GLU BA 164 68.36 -71.09 3.48
N ALA BA 165 68.00 -72.23 2.89
CA ALA BA 165 68.36 -72.53 1.51
C ALA BA 165 67.52 -71.74 0.51
N ALA BA 166 66.34 -71.30 0.97
CA ALA BA 166 65.41 -70.55 0.11
C ALA BA 166 65.83 -69.09 0.02
N VAL BA 167 66.27 -68.52 1.15
CA VAL BA 167 66.71 -67.14 1.19
C VAL BA 167 68.01 -66.97 0.42
N ALA BA 168 68.92 -67.92 0.59
CA ALA BA 168 70.22 -67.88 -0.08
C ALA BA 168 70.07 -68.04 -1.59
N TYR BA 169 68.93 -68.57 -2.01
CA TYR BA 169 68.65 -68.80 -3.42
C TYR BA 169 68.07 -67.54 -4.08
N ALA BA 170 67.21 -66.85 -3.36
CA ALA BA 170 66.57 -65.63 -3.85
C ALA BA 170 67.57 -64.48 -3.93
N LYS BA 171 68.59 -64.55 -3.08
CA LYS BA 171 69.63 -63.51 -3.02
C LYS BA 171 70.37 -63.40 -4.35
N ASN BA 172 70.23 -64.42 -5.20
CA ASN BA 172 70.90 -64.46 -6.50
C ASN BA 172 70.25 -63.53 -7.51
N PHE BA 173 68.93 -63.60 -7.61
CA PHE BA 173 68.19 -62.82 -8.60
C PHE BA 173 67.80 -61.45 -8.07
N GLY BA 174 67.31 -60.59 -8.96
CA GLY BA 174 66.86 -59.26 -8.58
C GLY BA 174 66.09 -58.57 -9.69
N SER BA 175 65.49 -59.36 -10.59
CA SER BA 175 64.77 -58.81 -11.72
C SER BA 175 63.30 -58.59 -11.40
N LYS BA 176 62.69 -57.62 -12.06
CA LYS BA 176 61.27 -57.31 -11.87
C LYS BA 176 60.37 -58.52 -12.13
N ARG BA 177 60.80 -59.38 -13.05
CA ARG BA 177 59.96 -60.46 -13.55
C ARG BA 177 60.35 -61.81 -12.97
N LEU BA 178 60.27 -61.92 -11.64
CA LEU BA 178 60.54 -63.18 -10.96
C LEU BA 178 59.72 -63.24 -9.68
N PHE BA 179 58.89 -64.26 -9.57
CA PHE BA 179 58.00 -64.43 -8.44
C PHE BA 179 58.14 -65.85 -7.90
N MET BA 180 59.13 -66.05 -7.04
CA MET BA 180 59.45 -67.40 -6.56
C MET BA 180 58.58 -67.79 -5.36
N VAL BA 181 58.32 -69.09 -5.26
CA VAL BA 181 57.61 -69.66 -4.11
C VAL BA 181 58.48 -70.79 -3.54
N ASP BA 182 58.77 -70.72 -2.25
CA ASP BA 182 59.71 -71.64 -1.62
C ASP BA 182 59.08 -72.97 -1.19
N PRO BA 183 58.12 -72.94 -0.25
CA PRO BA 183 57.60 -74.20 0.28
C PRO BA 183 56.88 -75.03 -0.77
N GLY BA 184 57.38 -76.24 -1.05
CA GLY BA 184 56.80 -77.10 -2.07
C GLY BA 184 55.55 -77.80 -1.56
N VAL BA 185 54.40 -77.36 -2.03
CA VAL BA 185 53.12 -77.97 -1.66
C VAL BA 185 53.08 -79.41 -2.15
N GLN BA 186 52.41 -80.28 -1.40
CA GLN BA 186 52.28 -81.68 -1.78
C GLN BA 186 50.85 -81.99 -2.20
N VAL BA 187 50.71 -82.61 -3.37
CA VAL BA 187 49.40 -82.97 -3.92
C VAL BA 187 49.20 -84.48 -3.84
N TRP BA 188 47.95 -84.90 -3.84
CA TRP BA 188 47.62 -86.32 -3.83
C TRP BA 188 47.63 -86.87 -5.26
N ASP BA 189 48.73 -87.48 -5.66
CA ASP BA 189 48.86 -88.05 -7.01
C ASP BA 189 47.87 -89.21 -7.18
N SER BA 190 47.25 -89.27 -8.36
CA SER BA 190 46.28 -90.31 -8.67
C SER BA 190 46.97 -91.65 -8.96
N ALA BA 191 48.11 -91.58 -9.63
CA ALA BA 191 48.84 -92.78 -10.04
C ALA BA 191 49.50 -93.47 -8.85
N THR BA 192 50.06 -92.68 -7.95
CA THR BA 192 50.76 -93.20 -6.79
C THR BA 192 49.77 -93.60 -5.68
N ASN BA 193 48.59 -92.99 -5.71
CA ASN BA 193 47.55 -93.25 -4.72
C ASN BA 193 48.02 -92.93 -3.31
N ALA BA 194 48.78 -91.86 -3.17
CA ALA BA 194 49.28 -91.41 -1.87
C ALA BA 194 49.84 -90.00 -1.99
N ALA BA 195 50.46 -89.53 -0.92
CA ALA BA 195 51.06 -88.19 -0.90
C ALA BA 195 52.16 -88.10 -1.93
N ARG BA 196 52.39 -86.89 -2.43
CA ARG BA 196 53.39 -86.67 -3.47
C ARG BA 196 53.75 -85.19 -3.56
N ASN BA 197 55.01 -84.88 -3.26
CA ASN BA 197 55.47 -83.49 -3.26
C ASN BA 197 55.49 -82.90 -4.66
N ALA BA 198 55.03 -81.67 -4.78
CA ALA BA 198 54.99 -80.96 -6.06
C ALA BA 198 55.85 -79.69 -5.98
N PRO BA 199 56.21 -79.13 -7.15
CA PRO BA 199 57.04 -77.92 -7.18
C PRO BA 199 56.29 -76.65 -6.79
N ALA BA 200 54.96 -76.73 -6.73
CA ALA BA 200 54.12 -75.59 -6.33
C ALA BA 200 54.26 -74.40 -7.29
N SER BA 201 54.82 -74.66 -8.47
CA SER BA 201 55.04 -73.62 -9.46
C SER BA 201 53.79 -73.43 -10.31
N ALA BA 202 53.27 -74.54 -10.83
CA ALA BA 202 52.08 -74.52 -11.67
C ALA BA 202 50.84 -74.14 -10.86
N TYR BA 203 50.81 -74.53 -9.59
CA TYR BA 203 49.69 -74.20 -8.71
C TYR BA 203 49.62 -72.70 -8.49
N ALA BA 204 50.78 -72.07 -8.34
CA ALA BA 204 50.86 -70.63 -8.15
C ALA BA 204 50.59 -69.91 -9.47
N ALA BA 205 50.83 -70.60 -10.58
CA ALA BA 205 50.58 -70.04 -11.91
C ALA BA 205 49.09 -70.03 -12.22
N GLY BA 206 48.44 -71.17 -12.01
CA GLY BA 206 47.01 -71.29 -12.23
C GLY BA 206 46.25 -70.38 -11.28
N LEU BA 207 46.83 -70.16 -10.12
CA LEU BA 207 46.24 -69.28 -9.10
C LEU BA 207 46.12 -67.85 -9.64
N PHE BA 208 47.13 -67.39 -10.37
CA PHE BA 208 47.09 -66.07 -10.98
C PHE BA 208 45.94 -66.00 -11.99
N ALA BA 209 45.87 -67.02 -12.85
CA ALA BA 209 44.88 -67.08 -13.92
C ALA BA 209 43.46 -67.01 -13.37
N TRP BA 210 43.30 -67.45 -12.12
CA TRP BA 210 42.01 -67.42 -11.45
C TRP BA 210 41.62 -65.99 -11.08
N THR BA 211 42.58 -65.26 -10.52
CA THR BA 211 42.37 -63.87 -10.10
C THR BA 211 42.28 -62.94 -11.30
N ASP BA 212 43.08 -63.22 -12.32
CA ASP BA 212 43.14 -62.41 -13.52
C ASP BA 212 41.83 -62.49 -14.30
N ALA BA 213 41.26 -63.69 -14.36
CA ALA BA 213 39.99 -63.92 -15.05
C ALA BA 213 38.83 -63.40 -14.20
N GLU BA 214 39.00 -63.45 -12.88
CA GLU BA 214 37.96 -63.04 -11.95
C GLU BA 214 38.02 -61.52 -11.70
N TYR BA 215 38.92 -61.11 -10.82
CA TYR BA 215 39.07 -59.69 -10.48
C TYR BA 215 39.68 -58.92 -11.64
N GLY BA 216 40.88 -59.34 -12.02
CA GLY BA 216 41.61 -58.70 -13.10
C GLY BA 216 43.11 -58.88 -12.94
N PHE BA 217 43.85 -58.65 -14.03
CA PHE BA 217 45.31 -58.74 -14.00
C PHE BA 217 45.88 -57.76 -12.98
N TRP BA 218 45.17 -56.65 -12.77
CA TRP BA 218 45.61 -55.63 -11.83
C TRP BA 218 45.41 -56.09 -10.39
N SER BA 219 44.56 -57.10 -10.20
CA SER BA 219 44.32 -57.63 -8.86
C SER BA 219 45.50 -58.47 -8.40
N SER BA 220 45.84 -58.36 -7.12
CA SER BA 220 46.94 -59.13 -6.55
C SER BA 220 46.52 -60.60 -6.39
N PRO BA 221 47.43 -61.53 -6.70
CA PRO BA 221 47.11 -62.97 -6.59
C PRO BA 221 47.20 -63.48 -5.15
N SER BA 222 48.05 -62.85 -4.34
CA SER BA 222 48.28 -63.29 -2.96
C SER BA 222 47.00 -63.38 -2.15
N ASN BA 223 47.05 -64.13 -1.05
CA ASN BA 223 45.92 -64.26 -0.14
C ASN BA 223 44.70 -64.87 -0.84
N LYS BA 224 44.97 -65.73 -1.82
CA LYS BA 224 43.90 -66.46 -2.52
C LYS BA 224 44.16 -67.95 -2.38
N GLU BA 225 43.13 -68.69 -1.99
CA GLU BA 225 43.25 -70.10 -1.69
C GLU BA 225 43.52 -70.93 -2.94
N ILE BA 226 44.42 -71.90 -2.81
CA ILE BA 226 44.77 -72.78 -3.92
C ILE BA 226 44.15 -74.16 -3.70
N LYS BA 227 43.59 -74.71 -4.77
CA LYS BA 227 42.96 -76.04 -4.72
C LYS BA 227 43.92 -77.12 -5.21
N GLY BA 228 43.53 -78.37 -5.05
CA GLY BA 228 44.33 -79.49 -5.51
C GLY BA 228 45.57 -79.66 -4.66
N VAL BA 229 45.36 -79.64 -3.35
CA VAL BA 229 46.46 -79.76 -2.38
C VAL BA 229 46.06 -80.74 -1.28
N THR BA 230 46.98 -81.01 -0.37
CA THR BA 230 46.73 -81.94 0.74
C THR BA 230 47.86 -81.91 1.77
N GLY BA 231 48.45 -80.73 1.95
CA GLY BA 231 49.56 -80.56 2.87
C GLY BA 231 50.69 -79.78 2.20
N THR BA 232 51.67 -79.35 2.98
CA THR BA 232 52.78 -78.56 2.45
C THR BA 232 54.09 -78.99 3.08
N SER BA 233 55.07 -79.28 2.23
CA SER BA 233 56.41 -79.65 2.69
C SER BA 233 57.00 -78.52 3.53
N ARG BA 234 57.49 -78.88 4.72
CA ARG BA 234 58.03 -77.92 5.67
C ARG BA 234 56.95 -76.92 6.09
N PRO BA 235 56.19 -77.25 7.16
CA PRO BA 235 55.07 -76.40 7.56
C PRO BA 235 55.52 -75.00 7.98
N VAL BA 236 55.40 -74.04 7.07
CA VAL BA 236 55.75 -72.66 7.37
C VAL BA 236 54.74 -72.09 8.36
N GLU BA 237 55.23 -71.69 9.53
CA GLU BA 237 54.36 -71.22 10.60
C GLU BA 237 53.81 -69.83 10.31
N PHE BA 238 52.62 -69.55 10.82
CA PHE BA 238 52.00 -68.23 10.67
C PHE BA 238 51.07 -67.96 11.84
N LEU BA 239 51.44 -66.98 12.66
CA LEU BA 239 50.63 -66.59 13.80
C LEU BA 239 49.44 -65.76 13.36
N ASP BA 240 48.60 -65.36 14.32
CA ASP BA 240 47.42 -64.57 14.02
C ASP BA 240 47.80 -63.18 13.51
N GLY BA 241 48.81 -62.58 14.13
CA GLY BA 241 49.27 -61.27 13.75
C GLY BA 241 50.54 -60.88 14.48
N ASP BA 242 51.68 -61.28 13.94
CA ASP BA 242 52.97 -60.96 14.53
C ASP BA 242 54.09 -61.11 13.49
N GLU BA 243 55.03 -60.18 13.52
CA GLU BA 243 56.16 -60.21 12.59
C GLU BA 243 57.16 -61.31 12.94
N THR BA 244 56.95 -61.95 14.08
CA THR BA 244 57.85 -62.99 14.55
C THR BA 244 57.65 -64.30 13.79
N CYS BA 245 56.50 -64.43 13.15
CA CYS BA 245 56.20 -65.65 12.40
C CYS BA 245 57.15 -65.80 11.22
N ARG BA 246 57.39 -67.04 10.83
CA ARG BA 246 58.39 -67.34 9.80
C ARG BA 246 57.87 -67.04 8.40
N ALA BA 247 56.55 -67.08 8.24
CA ALA BA 247 55.93 -66.79 6.96
C ALA BA 247 56.27 -65.38 6.50
N ASN BA 248 56.46 -64.49 7.46
CA ASN BA 248 56.79 -63.10 7.18
C ASN BA 248 58.24 -62.92 6.76
N LEU BA 249 59.13 -63.64 7.43
CA LEU BA 249 60.58 -63.51 7.18
C LEU BA 249 60.94 -63.85 5.74
N LEU BA 250 60.24 -64.80 5.16
CA LEU BA 250 60.50 -65.18 3.76
C LEU BA 250 60.01 -64.11 2.80
N ASN BA 251 58.93 -63.41 3.19
CA ASN BA 251 58.40 -62.32 2.37
C ASN BA 251 59.36 -61.13 2.34
N ASN BA 252 60.15 -60.98 3.41
CA ASN BA 252 61.16 -59.94 3.47
C ASN BA 252 62.27 -60.20 2.47
N ALA BA 253 62.49 -61.49 2.17
CA ALA BA 253 63.47 -61.89 1.18
C ALA BA 253 62.82 -62.05 -0.20
N ASN BA 254 61.63 -61.45 -0.36
CA ASN BA 254 60.89 -61.52 -1.62
C ASN BA 254 60.59 -62.97 -1.99
N ILE BA 255 59.76 -63.62 -1.19
CA ILE BA 255 59.40 -65.01 -1.44
C ILE BA 255 57.93 -65.26 -1.12
N ALA BA 256 57.26 -65.99 -2.01
CA ALA BA 256 55.88 -66.39 -1.79
C ALA BA 256 55.83 -67.66 -0.98
N THR BA 257 54.80 -67.81 -0.15
CA THR BA 257 54.68 -68.98 0.72
C THR BA 257 53.22 -69.40 0.90
N ILE BA 258 53.02 -70.70 1.07
CA ILE BA 258 51.70 -71.27 1.33
C ILE BA 258 51.54 -71.47 2.83
N ILE BA 259 50.60 -70.74 3.42
CA ILE BA 259 50.44 -70.73 4.87
C ILE BA 259 49.36 -71.69 5.37
N ARG BA 260 49.38 -71.94 6.67
CA ARG BA 260 48.40 -72.79 7.35
C ARG BA 260 48.43 -74.24 6.86
N ASP BA 261 47.66 -75.08 7.54
CA ASP BA 261 47.63 -76.51 7.27
C ASP BA 261 47.14 -76.78 5.86
N ASP BA 262 47.35 -78.01 5.39
CA ASP BA 262 46.87 -78.45 4.09
C ASP BA 262 47.42 -77.58 2.94
N GLY BA 263 46.93 -76.35 2.86
CA GLY BA 263 47.33 -75.43 1.82
C GLY BA 263 46.26 -74.37 1.71
N TYR BA 264 46.02 -73.69 2.83
CA TYR BA 264 44.94 -72.71 2.95
C TYR BA 264 45.03 -71.64 1.87
N ARG BA 265 46.18 -70.98 1.78
CA ARG BA 265 46.37 -69.91 0.80
C ARG BA 265 47.82 -69.53 0.59
N LEU BA 266 48.08 -68.89 -0.55
CA LEU BA 266 49.42 -68.42 -0.90
C LEU BA 266 49.47 -66.90 -0.82
N TRP BA 267 50.60 -66.35 -0.41
CA TRP BA 267 50.80 -64.91 -0.45
C TRP BA 267 52.30 -64.55 -0.48
N GLY BA 268 52.57 -63.26 -0.63
CA GLY BA 268 53.93 -62.75 -0.74
C GLY BA 268 54.08 -62.00 -2.03
N ASN BA 269 53.47 -60.82 -2.09
CA ASN BA 269 53.41 -60.02 -3.31
C ASN BA 269 54.79 -59.57 -3.79
N ARG BA 270 55.75 -59.51 -2.87
CA ARG BA 270 57.10 -59.04 -3.20
C ARG BA 270 57.75 -59.93 -4.26
N THR BA 271 58.02 -59.32 -5.42
CA THR BA 271 58.76 -60.01 -6.49
C THR BA 271 60.25 -59.83 -6.21
N LEU BA 272 61.05 -60.81 -6.63
CA LEU BA 272 62.48 -60.77 -6.41
C LEU BA 272 63.12 -59.59 -7.15
N SER BA 273 62.89 -58.39 -6.64
CA SER BA 273 63.37 -57.17 -7.28
C SER BA 273 64.07 -56.25 -6.28
N SER BA 274 65.21 -55.71 -6.69
CA SER BA 274 65.98 -54.79 -5.87
C SER BA 274 65.31 -53.42 -5.83
N ASP BA 275 64.90 -52.93 -7.00
CA ASP BA 275 64.24 -51.63 -7.08
C ASP BA 275 62.88 -51.69 -6.37
N SER BA 276 62.74 -50.88 -5.32
CA SER BA 276 61.52 -50.87 -4.51
C SER BA 276 60.32 -50.32 -5.28
N LYS BA 277 60.58 -49.69 -6.43
CA LYS BA 277 59.51 -49.17 -7.27
C LYS BA 277 58.68 -50.29 -7.85
N TRP BA 278 59.34 -51.39 -8.19
CA TRP BA 278 58.69 -52.57 -8.75
C TRP BA 278 58.65 -53.69 -7.73
N ALA BA 279 58.36 -53.33 -6.47
CA ALA BA 279 58.37 -54.28 -5.37
C ALA BA 279 57.23 -55.28 -5.51
N PHE BA 280 56.05 -54.77 -5.87
CA PHE BA 280 54.88 -55.63 -6.02
C PHE BA 280 54.88 -56.30 -7.38
N VAL BA 281 54.42 -57.54 -7.41
CA VAL BA 281 54.26 -58.29 -8.65
C VAL BA 281 53.12 -57.69 -9.46
N THR BA 282 52.22 -57.00 -8.76
CA THR BA 282 51.07 -56.34 -9.40
C THR BA 282 51.52 -55.28 -10.40
N ARG BA 283 52.36 -54.36 -9.94
CA ARG BA 283 52.83 -53.25 -10.77
C ARG BA 283 53.50 -53.76 -12.05
N VAL BA 284 54.33 -54.78 -11.91
CA VAL BA 284 55.03 -55.37 -13.04
C VAL BA 284 54.03 -55.98 -14.00
N ARG BA 285 52.91 -56.47 -13.47
CA ARG BA 285 51.92 -57.16 -14.26
C ARG BA 285 51.00 -56.20 -15.01
N THR BA 286 50.74 -55.04 -14.41
CA THR BA 286 49.88 -54.02 -15.03
C THR BA 286 50.66 -53.20 -16.05
N MET BA 287 51.92 -52.90 -15.72
CA MET BA 287 52.75 -52.07 -16.57
C MET BA 287 53.14 -52.80 -17.85
N ASP BA 288 53.50 -54.07 -17.71
CA ASP BA 288 53.85 -54.90 -18.86
C ASP BA 288 52.64 -55.12 -19.77
N LEU BA 289 51.45 -54.87 -19.24
CA LEU BA 289 50.21 -55.08 -19.98
C LEU BA 289 49.83 -53.83 -20.78
N VAL BA 290 49.77 -52.69 -20.10
CA VAL BA 290 49.40 -51.43 -20.75
C VAL BA 290 50.44 -51.02 -21.79
N MET BA 291 51.69 -51.44 -21.57
CA MET BA 291 52.76 -51.17 -22.51
C MET BA 291 52.53 -51.97 -23.80
N ASP BA 292 52.33 -53.28 -23.64
CA ASP BA 292 52.09 -54.17 -24.78
C ASP BA 292 50.78 -53.82 -25.48
N ALA BA 293 49.86 -53.19 -24.75
CA ALA BA 293 48.57 -52.78 -25.31
C ALA BA 293 48.73 -51.55 -26.19
N ILE BA 294 49.48 -50.56 -25.69
CA ILE BA 294 49.73 -49.34 -26.43
C ILE BA 294 50.61 -49.63 -27.63
N LEU BA 295 51.55 -50.55 -27.45
CA LEU BA 295 52.44 -50.96 -28.52
C LEU BA 295 51.66 -51.61 -29.66
N ALA BA 296 50.93 -52.68 -29.34
CA ALA BA 296 50.16 -53.42 -30.33
C ALA BA 296 48.87 -52.69 -30.72
N GLY BA 297 48.50 -51.67 -29.93
CA GLY BA 297 47.26 -50.96 -30.15
C GLY BA 297 47.37 -49.92 -31.25
N HIS BA 298 48.43 -49.10 -31.17
CA HIS BA 298 48.64 -48.02 -32.13
C HIS BA 298 49.49 -48.47 -33.30
N LYS BA 299 49.22 -49.68 -33.78
CA LYS BA 299 49.88 -50.22 -34.96
C LYS BA 299 49.19 -49.69 -36.23
N TRP BA 300 47.98 -49.16 -36.05
CA TRP BA 300 47.21 -48.60 -37.15
C TRP BA 300 47.77 -47.25 -37.56
N ALA BA 301 48.32 -46.53 -36.59
CA ALA BA 301 48.84 -45.19 -36.82
C ALA BA 301 50.12 -45.27 -37.65
N VAL BA 302 51.27 -45.33 -36.97
CA VAL BA 302 52.58 -45.37 -37.62
C VAL BA 302 52.67 -44.19 -38.60
N ASP BA 303 53.33 -44.38 -39.74
CA ASP BA 303 53.53 -43.29 -40.70
C ASP BA 303 52.17 -42.82 -41.25
N ARG BA 304 51.76 -41.64 -40.80
CA ARG BA 304 50.51 -41.05 -41.23
C ARG BA 304 50.57 -39.55 -41.01
N GLY BA 305 49.77 -38.81 -41.76
CA GLY BA 305 49.77 -37.35 -41.69
C GLY BA 305 49.60 -36.83 -40.27
N ILE BA 306 50.67 -36.23 -39.74
CA ILE BA 306 50.69 -35.77 -38.36
C ILE BA 306 50.02 -34.40 -38.24
N THR BA 307 48.76 -34.34 -38.64
CA THR BA 307 47.98 -33.11 -38.53
C THR BA 307 47.50 -32.97 -37.07
N LYS BA 308 47.09 -31.75 -36.70
CA LYS BA 308 46.57 -31.50 -35.37
C LYS BA 308 45.44 -32.47 -34.99
N THR BA 309 44.69 -32.91 -35.98
CA THR BA 309 43.62 -33.88 -35.77
C THR BA 309 44.20 -35.22 -35.32
N TYR BA 310 45.25 -35.66 -36.02
CA TYR BA 310 45.88 -36.94 -35.75
C TYR BA 310 46.41 -37.01 -34.32
N VAL BA 311 47.02 -35.93 -33.85
CA VAL BA 311 47.57 -35.87 -32.50
C VAL BA 311 46.43 -36.03 -31.48
N LYS BA 312 45.35 -35.28 -31.70
CA LYS BA 312 44.18 -35.36 -30.82
C LYS BA 312 43.50 -36.73 -30.91
N ASP BA 313 43.49 -37.32 -32.11
CA ASP BA 313 42.88 -38.64 -32.30
C ASP BA 313 43.62 -39.68 -31.46
N VAL BA 314 44.94 -39.55 -31.39
CA VAL BA 314 45.76 -40.46 -30.61
C VAL BA 314 45.68 -40.08 -29.14
N THR BA 315 45.68 -38.77 -28.86
CA THR BA 315 45.57 -38.29 -27.49
C THR BA 315 44.24 -38.72 -26.87
N GLU BA 316 43.15 -38.52 -27.61
CA GLU BA 316 41.82 -38.94 -27.16
C GLU BA 316 41.73 -40.47 -27.11
N GLY BA 317 42.60 -41.14 -27.84
CA GLY BA 317 42.64 -42.59 -27.84
C GLY BA 317 43.16 -43.10 -26.52
N LEU BA 318 44.09 -42.36 -25.92
CA LEU BA 318 44.63 -42.69 -24.61
C LEU BA 318 43.71 -42.20 -23.49
N ARG BA 319 43.08 -41.05 -23.71
CA ARG BA 319 42.12 -40.51 -22.76
C ARG BA 319 41.01 -41.52 -22.48
N ALA BA 320 40.36 -41.98 -23.55
CA ALA BA 320 39.26 -42.92 -23.43
C ALA BA 320 39.76 -44.27 -22.92
N PHE BA 321 40.93 -44.68 -23.41
CA PHE BA 321 41.50 -45.98 -23.03
C PHE BA 321 41.78 -46.06 -21.54
N MET BA 322 42.56 -45.11 -21.03
CA MET BA 322 42.93 -45.08 -19.61
C MET BA 322 41.71 -44.90 -18.72
N ARG BA 323 40.71 -44.17 -19.22
CA ARG BA 323 39.49 -43.96 -18.45
C ARG BA 323 38.69 -45.25 -18.34
N ASP BA 324 38.89 -46.17 -19.29
CA ASP BA 324 38.26 -47.48 -19.22
C ASP BA 324 38.97 -48.36 -18.20
N LEU BA 325 40.19 -47.99 -17.85
CA LEU BA 325 40.96 -48.68 -16.82
C LEU BA 325 40.67 -48.10 -15.44
N LYS BA 326 40.35 -46.80 -15.41
CA LYS BA 326 40.11 -46.10 -14.17
C LYS BA 326 38.80 -46.56 -13.53
N ASN BA 327 37.70 -46.41 -14.27
CA ASN BA 327 36.39 -46.82 -13.79
C ASN BA 327 36.31 -48.33 -13.56
N GLN BA 328 37.15 -49.07 -14.29
CA GLN BA 328 37.23 -50.51 -14.14
C GLN BA 328 37.99 -50.87 -12.85
N GLY BA 329 38.84 -49.95 -12.41
CA GLY BA 329 39.59 -50.11 -11.17
C GLY BA 329 41.02 -50.58 -11.39
N ALA BA 330 41.46 -50.60 -12.64
CA ALA BA 330 42.82 -51.02 -12.96
C ALA BA 330 43.83 -50.00 -12.46
N VAL BA 331 43.44 -48.73 -12.53
CA VAL BA 331 44.31 -47.63 -12.09
C VAL BA 331 43.48 -46.65 -11.25
N ILE BA 332 44.15 -45.94 -10.35
CA ILE BA 332 43.48 -44.96 -9.52
C ILE BA 332 43.18 -43.71 -10.34
N ASN BA 333 44.22 -43.16 -10.95
CA ASN BA 333 44.07 -41.99 -11.80
C ASN BA 333 45.20 -41.91 -12.79
N PHE BA 334 45.01 -41.16 -13.86
CA PHE BA 334 45.98 -41.08 -14.95
C PHE BA 334 46.08 -39.67 -15.50
N GLU BA 335 46.95 -39.51 -16.49
CA GLU BA 335 47.14 -38.24 -17.16
C GLU BA 335 48.00 -38.44 -18.40
N VAL BA 336 47.45 -38.08 -19.56
CA VAL BA 336 48.15 -38.29 -20.83
C VAL BA 336 48.09 -37.02 -21.66
N TYR BA 337 49.20 -36.70 -22.34
CA TYR BA 337 49.31 -35.48 -23.11
C TYR BA 337 50.59 -35.48 -23.94
N ALA BA 338 50.70 -34.52 -24.85
CA ALA BA 338 51.88 -34.38 -25.68
C ALA BA 338 52.84 -33.38 -25.05
N ASP BA 339 54.07 -33.82 -24.76
CA ASP BA 339 55.05 -32.96 -24.11
C ASP BA 339 55.48 -31.82 -25.03
N PRO BA 340 55.44 -30.56 -24.53
CA PRO BA 340 55.90 -29.43 -25.34
C PRO BA 340 57.38 -29.51 -25.72
N ASP BA 341 58.22 -29.89 -24.77
CA ASP BA 341 59.67 -29.87 -24.99
C ASP BA 341 60.13 -30.98 -25.94
N LEU BA 342 59.59 -32.18 -25.75
CA LEU BA 342 59.95 -33.32 -26.60
C LEU BA 342 59.52 -33.09 -28.04
N ASN BA 343 58.24 -32.78 -28.22
CA ASN BA 343 57.70 -32.52 -29.55
C ASN BA 343 58.28 -31.23 -30.14
N SER BA 344 59.56 -31.27 -30.46
CA SER BA 344 60.24 -30.12 -31.06
C SER BA 344 59.98 -30.09 -32.55
N ALA BA 345 60.23 -28.94 -33.17
CA ALA BA 345 60.02 -28.76 -34.60
C ALA BA 345 60.89 -29.73 -35.42
N SER BA 346 62.02 -30.12 -34.84
CA SER BA 346 62.97 -31.00 -35.52
C SER BA 346 62.60 -32.48 -35.31
N GLN BA 347 62.04 -32.79 -34.15
CA GLN BA 347 61.66 -34.16 -33.82
C GLN BA 347 60.47 -34.60 -34.69
N LEU BA 348 59.49 -33.73 -34.85
CA LEU BA 348 58.35 -34.01 -35.70
C LEU BA 348 58.76 -34.14 -37.16
N ALA BA 349 59.87 -33.49 -37.51
CA ALA BA 349 60.38 -33.53 -38.88
C ALA BA 349 61.12 -34.83 -39.17
N GLN BA 350 61.23 -35.69 -38.16
CA GLN BA 350 61.81 -37.03 -38.30
C GLN BA 350 60.76 -38.10 -38.08
N GLY BA 351 59.53 -37.66 -37.79
CA GLY BA 351 58.42 -38.57 -37.56
C GLY BA 351 58.15 -38.80 -36.09
N LYS BA 352 59.15 -38.52 -35.25
CA LYS BA 352 59.00 -38.70 -33.81
C LYS BA 352 57.90 -37.80 -33.25
N VAL BA 353 57.01 -38.40 -32.46
CA VAL BA 353 55.97 -37.67 -31.76
C VAL BA 353 55.67 -38.40 -30.45
N TYR BA 354 55.78 -37.69 -29.34
CA TYR BA 354 55.72 -38.30 -28.02
C TYR BA 354 54.41 -38.01 -27.30
N TRP BA 355 54.03 -38.93 -26.40
CA TRP BA 355 52.87 -38.73 -25.54
C TRP BA 355 53.19 -39.21 -24.13
N ASN BA 356 53.36 -38.26 -23.22
CA ASN BA 356 53.74 -38.59 -21.84
C ASN BA 356 52.59 -39.20 -21.06
N ILE BA 357 52.56 -40.52 -20.98
CA ILE BA 357 51.57 -41.23 -20.17
C ILE BA 357 52.10 -41.41 -18.76
N ARG BA 358 51.22 -41.22 -17.78
CA ARG BA 358 51.58 -41.39 -16.37
C ARG BA 358 50.35 -41.69 -15.53
N PHE BA 359 50.52 -42.59 -14.56
CA PHE BA 359 49.42 -43.01 -13.70
C PHE BA 359 49.95 -43.76 -12.48
N THR BA 360 49.03 -44.24 -11.64
CA THR BA 360 49.40 -45.00 -10.45
C THR BA 360 48.65 -46.32 -10.41
N ASP BA 361 49.35 -47.41 -10.74
CA ASP BA 361 48.77 -48.74 -10.65
C ASP BA 361 48.38 -49.03 -9.20
N VAL BA 362 47.26 -49.73 -9.00
CA VAL BA 362 46.76 -49.99 -7.65
C VAL BA 362 47.66 -50.96 -6.89
N PRO BA 363 48.22 -50.53 -5.74
CA PRO BA 363 49.03 -51.43 -4.92
C PRO BA 363 48.18 -52.23 -3.94
N PRO BA 364 48.49 -53.53 -3.73
CA PRO BA 364 47.71 -54.32 -2.77
C PRO BA 364 48.05 -53.94 -1.32
N ALA BA 365 47.03 -53.60 -0.54
CA ALA BA 365 47.22 -53.26 0.88
C ALA BA 365 47.72 -54.49 1.66
N GLU BA 366 49.01 -54.79 1.52
CA GLU BA 366 49.56 -56.01 2.08
C GLU BA 366 49.73 -55.94 3.61
N ASN BA 367 49.41 -54.79 4.19
CA ASN BA 367 49.55 -54.61 5.64
C ASN BA 367 48.70 -53.45 6.16
N PRO BA 368 47.37 -53.64 6.26
CA PRO BA 368 46.48 -52.61 6.80
C PRO BA 368 46.52 -52.56 8.33
N ASN BA 369 46.96 -51.42 8.88
CA ASN BA 369 47.05 -51.24 10.33
C ASN BA 369 45.75 -50.69 10.92
N PHE BA 370 45.61 -50.79 12.24
CA PHE BA 370 44.43 -50.31 12.94
C PHE BA 370 44.82 -49.70 14.28
N ARG BA 371 45.23 -48.44 14.24
CA ARG BA 371 45.67 -47.74 15.44
C ARG BA 371 44.50 -47.50 16.39
N VAL BA 372 44.04 -48.57 17.04
CA VAL BA 372 42.95 -48.47 18.00
C VAL BA 372 43.50 -47.99 19.34
N GLU BA 373 42.71 -47.18 20.04
CA GLU BA 373 43.14 -46.60 21.30
C GLU BA 373 41.96 -46.01 22.05
N VAL BA 374 41.74 -46.48 23.27
CA VAL BA 374 40.69 -45.95 24.12
C VAL BA 374 41.06 -44.56 24.65
N THR BA 375 40.13 -43.94 25.36
CA THR BA 375 40.37 -42.64 25.97
C THR BA 375 39.26 -42.35 26.98
N ASP BA 376 39.15 -41.08 27.36
CA ASP BA 376 38.16 -40.65 28.34
C ASP BA 376 37.47 -39.39 27.82
N GLN BA 377 37.30 -39.33 26.50
CA GLN BA 377 36.72 -38.14 25.86
C GLN BA 377 35.21 -38.14 25.98
N TRP BA 378 34.55 -39.13 25.38
CA TRP BA 378 33.09 -39.23 25.41
C TRP BA 378 32.59 -39.88 26.69
N LEU BA 379 32.86 -39.23 27.81
CA LEU BA 379 32.35 -39.68 29.10
C LEU BA 379 31.31 -38.69 29.63
N THR BA 380 31.55 -37.41 29.37
CA THR BA 380 30.63 -36.36 29.78
C THR BA 380 29.32 -36.46 28.99
N GLU BA 381 29.35 -37.22 27.90
CA GLU BA 381 28.16 -37.45 27.09
C GLU BA 381 27.13 -38.22 27.91
N VAL BA 382 27.61 -39.05 28.83
CA VAL BA 382 26.75 -39.79 29.75
C VAL BA 382 26.27 -38.85 30.84
N LEU BA 383 25.32 -37.98 30.49
CA LEU BA 383 24.82 -36.99 31.43
C LEU BA 383 23.59 -36.30 30.86
N ASP BA 384 23.71 -35.83 29.62
CA ASP BA 384 22.61 -35.16 28.95
C ASP BA 384 22.78 -35.21 27.44
N SER CA 2 59.13 -56.78 2.81
CA SER CA 2 57.69 -56.54 2.94
C SER CA 2 57.35 -56.05 4.33
N PHE CA 3 57.97 -56.67 5.33
CA PHE CA 3 57.76 -56.34 6.73
C PHE CA 3 56.36 -56.73 7.19
N PHE CA 4 56.32 -57.71 8.09
CA PHE CA 4 55.07 -58.25 8.65
C PHE CA 4 54.21 -58.93 7.58
N HIS CA 5 53.54 -58.11 6.77
CA HIS CA 5 52.62 -58.61 5.75
C HIS CA 5 51.48 -59.44 6.37
N GLY CA 6 50.50 -58.75 6.96
CA GLY CA 6 49.35 -59.41 7.53
C GLY CA 6 48.25 -58.42 7.85
N VAL CA 7 48.06 -58.15 9.14
CA VAL CA 7 47.07 -57.18 9.58
C VAL CA 7 47.32 -56.86 11.06
N THR CA 8 48.01 -55.75 11.30
CA THR CA 8 48.36 -55.35 12.65
C THR CA 8 47.18 -54.70 13.36
N VAL CA 9 47.37 -54.36 14.62
CA VAL CA 9 46.34 -53.74 15.42
C VAL CA 9 47.00 -53.19 16.68
N THR CA 10 48.00 -52.34 16.49
CA THR CA 10 48.77 -51.79 17.60
C THR CA 10 47.91 -50.90 18.50
N ASN CA 11 48.00 -51.13 19.81
CA ASN CA 11 47.29 -50.31 20.78
C ASN CA 11 48.10 -49.08 21.15
N VAL CA 12 47.69 -47.92 20.66
CA VAL CA 12 48.40 -46.68 20.95
C VAL CA 12 48.07 -46.22 22.36
N ASP CA 13 49.02 -46.42 23.27
CA ASP CA 13 48.83 -46.11 24.69
C ASP CA 13 49.13 -44.64 24.96
N ILE CA 14 48.18 -43.77 24.60
CA ILE CA 14 48.30 -42.34 24.89
C ILE CA 14 46.96 -41.79 25.36
N GLY CA 15 47.00 -40.63 26.00
CA GLY CA 15 45.82 -40.01 26.57
C GLY CA 15 46.09 -39.54 27.98
N ALA CA 16 45.29 -38.59 28.44
CA ALA CA 16 45.45 -38.05 29.79
C ALA CA 16 45.04 -39.06 30.85
N ARG CA 17 46.02 -39.54 31.62
CA ARG CA 17 45.75 -40.47 32.70
C ARG CA 17 45.01 -39.78 33.85
N THR CA 18 44.35 -40.58 34.68
CA THR CA 18 43.63 -40.07 35.83
C THR CA 18 44.56 -39.99 37.04
N ILE CA 19 44.21 -39.14 38.00
CA ILE CA 19 45.03 -38.97 39.20
C ILE CA 19 44.13 -38.94 40.44
N ALA CA 20 44.64 -39.54 41.51
CA ALA CA 20 43.88 -39.65 42.76
C ALA CA 20 44.59 -38.91 43.91
N LEU CA 21 43.93 -38.90 45.06
CA LEU CA 21 44.46 -38.25 46.27
C LEU CA 21 44.79 -39.30 47.33
N PRO CA 22 46.00 -39.88 47.27
CA PRO CA 22 46.34 -40.98 48.17
C PRO CA 22 46.49 -40.54 49.62
N ALA CA 23 46.57 -41.51 50.53
CA ALA CA 23 46.81 -41.27 51.95
C ALA CA 23 45.70 -40.44 52.60
N SER CA 24 45.51 -39.22 52.13
CA SER CA 24 44.46 -38.32 52.63
C SER CA 24 44.71 -37.95 54.09
N SER CA 25 44.46 -38.87 55.00
CA SER CA 25 44.60 -38.60 56.43
C SER CA 25 44.80 -39.89 57.23
N VAL CA 26 45.94 -40.52 57.03
CA VAL CA 26 46.31 -41.71 57.83
C VAL CA 26 47.13 -41.24 59.03
N ILE CA 27 46.75 -41.74 60.20
CA ILE CA 27 47.38 -41.34 61.45
C ILE CA 27 48.60 -42.21 61.75
N GLY CA 28 49.65 -41.57 62.26
CA GLY CA 28 50.88 -42.25 62.61
C GLY CA 28 51.17 -42.06 64.09
N LEU CA 29 50.65 -42.96 64.91
CA LEU CA 29 50.74 -42.83 66.35
C LEU CA 29 51.89 -43.68 66.91
N CYS CA 30 52.37 -43.31 68.09
CA CYS CA 30 53.47 -44.03 68.74
C CYS CA 30 53.51 -43.72 70.23
N ASP CA 31 52.72 -44.44 71.01
CA ASP CA 31 52.70 -44.31 72.45
C ASP CA 31 53.45 -45.51 73.07
N VAL CA 32 52.97 -45.99 74.21
CA VAL CA 32 53.59 -47.14 74.87
C VAL CA 32 52.54 -48.14 75.32
N PHE CA 33 52.98 -49.35 75.63
CA PHE CA 33 52.10 -50.39 76.15
C PHE CA 33 52.90 -51.44 76.89
N THR CA 34 52.24 -52.55 77.22
CA THR CA 34 52.87 -53.65 77.96
C THR CA 34 52.74 -54.95 77.18
N PRO CA 35 53.80 -55.33 76.43
CA PRO CA 35 53.74 -56.58 75.66
C PRO CA 35 53.81 -57.80 76.57
N GLY CA 36 53.05 -58.85 76.24
CA GLY CA 36 53.04 -60.06 77.03
C GLY CA 36 52.12 -61.12 76.44
N ALA CA 37 50.94 -61.25 77.03
CA ALA CA 37 49.99 -62.28 76.64
C ALA CA 37 48.98 -61.76 75.62
N GLN CA 38 48.01 -60.98 76.10
CA GLN CA 38 46.94 -60.47 75.25
C GLN CA 38 47.47 -59.53 74.16
N ALA CA 39 48.65 -58.97 74.39
CA ALA CA 39 49.27 -58.06 73.44
C ALA CA 39 49.80 -58.82 72.23
N SER CA 40 49.01 -58.86 71.16
CA SER CA 40 49.39 -59.57 69.94
C SER CA 40 50.50 -58.83 69.20
N ALA CA 41 50.42 -57.50 69.19
CA ALA CA 41 51.40 -56.68 68.50
C ALA CA 41 52.77 -56.83 69.15
N LYS CA 42 53.82 -56.87 68.33
CA LYS CA 42 55.17 -57.05 68.85
C LYS CA 42 55.62 -55.79 69.57
N PRO CA 43 56.68 -55.89 70.40
CA PRO CA 43 57.08 -54.77 71.27
C PRO CA 43 57.60 -53.53 70.54
N ASN CA 44 57.57 -53.49 69.21
CA ASN CA 44 58.14 -52.35 68.50
C ASN CA 44 57.70 -52.19 67.04
N VAL CA 45 57.37 -53.29 66.36
CA VAL CA 45 57.09 -53.21 64.93
C VAL CA 45 55.80 -52.43 64.65
N PRO CA 46 55.71 -51.78 63.48
CA PRO CA 46 54.46 -51.10 63.11
C PRO CA 46 53.31 -52.08 62.92
N VAL CA 47 52.11 -51.72 63.38
CA VAL CA 47 50.93 -52.54 63.20
C VAL CA 47 49.78 -51.67 62.71
N LEU CA 48 49.09 -52.13 61.68
CA LEU CA 48 47.99 -51.38 61.11
C LEU CA 48 46.71 -51.61 61.90
N LEU CA 49 45.89 -50.56 62.02
CA LEU CA 49 44.63 -50.63 62.75
C LEU CA 49 43.49 -50.18 61.86
N THR CA 50 42.27 -50.29 62.37
CA THR CA 50 41.08 -49.89 61.62
C THR CA 50 39.92 -49.61 62.57
N SER CA 51 39.87 -50.33 63.68
CA SER CA 51 38.82 -50.16 64.68
C SER CA 51 39.37 -50.53 66.06
N LYS CA 52 38.57 -50.27 67.09
CA LYS CA 52 38.96 -50.57 68.46
C LYS CA 52 39.24 -52.06 68.65
N LYS CA 53 38.44 -52.90 67.98
CA LYS CA 53 38.62 -54.35 68.05
C LYS CA 53 40.01 -54.75 67.58
N ASP CA 54 40.43 -54.20 66.45
CA ASP CA 54 41.73 -54.54 65.87
C ASP CA 54 42.87 -53.97 66.71
N ALA CA 55 42.56 -52.95 67.51
CA ALA CA 55 43.54 -52.28 68.36
C ALA CA 55 43.60 -52.92 69.75
N ALA CA 56 42.45 -53.37 70.24
CA ALA CA 56 42.35 -53.96 71.57
C ALA CA 56 43.17 -55.25 71.67
N ALA CA 57 42.91 -56.17 70.75
CA ALA CA 57 43.60 -57.45 70.72
C ALA CA 57 45.08 -57.28 70.37
N ALA CA 58 45.42 -56.13 69.81
CA ALA CA 58 46.79 -55.86 69.39
C ALA CA 58 47.68 -55.45 70.56
N PHE CA 59 47.31 -54.36 71.23
CA PHE CA 59 48.11 -53.81 72.31
C PHE CA 59 47.58 -54.22 73.68
N GLY CA 60 46.26 -54.24 73.80
CA GLY CA 60 45.61 -54.62 75.04
C GLY CA 60 44.85 -53.47 75.66
N ILE CA 61 43.97 -53.79 76.60
CA ILE CA 61 43.18 -52.78 77.29
C ILE CA 61 43.99 -52.21 78.46
N GLY CA 62 43.82 -50.91 78.71
CA GLY CA 62 44.56 -50.26 79.78
C GLY CA 62 45.89 -49.71 79.32
N SER CA 63 46.40 -50.25 78.22
CA SER CA 63 47.64 -49.76 77.63
C SER CA 63 47.50 -48.29 77.28
N SER CA 64 48.51 -47.50 77.64
CA SER CA 64 48.48 -46.06 77.41
C SER CA 64 48.28 -45.70 75.94
N ILE CA 65 48.63 -46.64 75.07
CA ILE CA 65 48.46 -46.45 73.63
C ILE CA 65 47.01 -46.66 73.21
N TYR CA 66 46.34 -47.58 73.89
CA TYR CA 66 44.95 -47.90 73.58
C TYR CA 66 44.02 -46.74 73.98
N LEU CA 67 44.39 -46.03 75.04
CA LEU CA 67 43.62 -44.86 75.48
C LEU CA 67 43.72 -43.74 74.45
N ALA CA 68 44.77 -43.78 73.64
CA ALA CA 68 44.99 -42.80 72.58
C ALA CA 68 44.25 -43.21 71.31
N CYS CA 69 44.31 -44.49 70.98
CA CYS CA 69 43.60 -45.01 69.81
C CYS CA 69 42.09 -44.94 70.02
N GLU CA 70 41.66 -45.30 71.24
CA GLU CA 70 40.25 -45.24 71.59
C GLU CA 70 39.74 -43.81 71.51
N ALA CA 71 40.61 -42.86 71.85
CA ALA CA 71 40.26 -41.44 71.80
C ALA CA 71 40.03 -41.00 70.35
N ILE CA 72 40.73 -41.65 69.43
CA ILE CA 72 40.60 -41.34 68.01
C ILE CA 72 39.34 -41.98 67.42
N TYR CA 73 39.14 -43.26 67.71
CA TYR CA 73 38.03 -44.02 67.15
C TYR CA 73 36.69 -43.57 67.75
N ASN CA 74 36.75 -43.09 68.99
CA ASN CA 74 35.56 -42.54 69.63
C ASN CA 74 35.12 -41.29 68.89
N ARG CA 75 36.09 -40.47 68.52
CA ARG CA 75 35.85 -39.26 67.73
C ARG CA 75 35.39 -39.64 66.32
N ALA CA 76 36.31 -40.13 65.51
CA ALA CA 76 35.99 -40.54 64.14
C ALA CA 76 36.94 -41.63 63.68
N GLN CA 77 36.37 -42.66 63.05
CA GLN CA 77 37.15 -43.82 62.61
C GLN CA 77 38.18 -43.44 61.56
N ALA CA 78 39.37 -44.02 61.65
CA ALA CA 78 40.44 -43.72 60.71
C ALA CA 78 41.52 -44.79 60.78
N VAL CA 79 42.36 -44.84 59.76
CA VAL CA 79 43.48 -45.77 59.71
C VAL CA 79 44.61 -45.25 60.60
N ILE CA 80 45.12 -46.13 61.46
CA ILE CA 80 46.20 -45.77 62.37
C ILE CA 80 47.32 -46.80 62.29
N VAL CA 81 48.38 -46.46 61.56
CA VAL CA 81 49.57 -47.30 61.50
C VAL CA 81 50.36 -47.07 62.79
N ALA CA 82 49.81 -47.56 63.90
CA ALA CA 82 50.42 -47.36 65.21
C ALA CA 82 51.68 -48.20 65.36
N VAL CA 83 52.60 -47.71 66.19
CA VAL CA 83 53.87 -48.39 66.44
C VAL CA 83 53.83 -49.01 67.83
N GLY CA 84 53.97 -48.17 68.86
CA GLY CA 84 53.94 -48.63 70.23
C GLY CA 84 55.26 -49.26 70.64
N VAL CA 85 55.77 -48.82 71.80
CA VAL CA 85 57.04 -49.33 72.32
C VAL CA 85 56.90 -49.66 73.80
N GLU CA 86 57.69 -50.63 74.25
CA GLU CA 86 57.66 -51.07 75.64
C GLU CA 86 58.05 -49.94 76.58
N THR CA 87 57.39 -49.87 77.73
CA THR CA 87 57.70 -48.86 78.73
C THR CA 87 59.08 -49.11 79.33
N ALA CA 88 59.82 -48.04 79.58
CA ALA CA 88 61.17 -48.14 80.14
C ALA CA 88 61.17 -47.82 81.63
N GLU CA 89 62.36 -47.83 82.23
CA GLU CA 89 62.51 -47.57 83.65
C GLU CA 89 62.22 -46.10 83.98
N THR CA 90 63.16 -45.23 83.64
CA THR CA 90 63.00 -43.80 83.89
C THR CA 90 62.23 -43.15 82.74
N PRO CA 91 61.50 -42.05 83.04
CA PRO CA 91 60.70 -41.38 82.00
C PRO CA 91 61.57 -40.73 80.93
N GLU CA 92 62.76 -40.31 81.31
CA GLU CA 92 63.69 -39.65 80.39
C GLU CA 92 64.20 -40.61 79.33
N ALA CA 93 64.71 -41.75 79.80
CA ALA CA 93 65.26 -42.77 78.90
C ALA CA 93 64.17 -43.44 78.09
N GLN CA 94 62.92 -43.30 78.52
CA GLN CA 94 61.79 -43.89 77.82
C GLN CA 94 61.58 -43.17 76.48
N ALA CA 95 61.93 -41.89 76.44
CA ALA CA 95 61.80 -41.09 75.23
C ALA CA 95 62.72 -41.59 74.13
N SER CA 96 63.81 -42.26 74.52
CA SER CA 96 64.75 -42.81 73.57
C SER CA 96 64.08 -43.90 72.74
N ALA CA 97 63.37 -44.80 73.41
CA ALA CA 97 62.65 -45.88 72.75
C ALA CA 97 61.51 -45.30 71.90
N VAL CA 98 60.97 -44.18 72.34
CA VAL CA 98 59.89 -43.51 71.60
C VAL CA 98 60.44 -42.95 70.30
N ILE CA 99 61.54 -42.19 70.39
CA ILE CA 99 62.18 -41.66 69.20
C ILE CA 99 62.71 -42.83 68.37
N GLY CA 100 63.50 -43.69 69.00
CA GLY CA 100 64.01 -44.89 68.35
C GLY CA 100 65.13 -44.59 67.37
N GLY CA 101 66.30 -45.17 67.62
CA GLY CA 101 67.43 -44.99 66.75
C GLY CA 101 67.28 -45.81 65.48
N ILE CA 102 67.72 -47.06 65.55
CA ILE CA 102 67.64 -47.97 64.40
C ILE CA 102 67.92 -49.42 64.79
N SER CA 103 68.63 -49.62 65.90
CA SER CA 103 68.93 -50.94 66.44
C SER CA 103 69.90 -51.71 65.54
N ALA CA 104 70.50 -52.76 66.10
CA ALA CA 104 71.45 -53.57 65.36
C ALA CA 104 70.77 -54.42 64.29
N ALA CA 105 69.46 -54.61 64.46
CA ALA CA 105 68.68 -55.41 63.52
C ALA CA 105 68.56 -54.69 62.17
N GLY CA 106 68.73 -53.37 62.20
CA GLY CA 106 68.66 -52.57 60.99
C GLY CA 106 67.28 -51.99 60.78
N GLU CA 107 66.27 -52.65 61.33
CA GLU CA 107 64.88 -52.20 61.19
C GLU CA 107 64.63 -50.96 62.04
N ARG CA 108 64.06 -49.93 61.42
CA ARG CA 108 63.78 -48.67 62.09
C ARG CA 108 62.88 -48.87 63.31
N THR CA 109 63.39 -48.47 64.47
CA THR CA 109 62.66 -48.63 65.72
C THR CA 109 61.97 -47.34 66.15
N GLY CA 110 61.03 -47.47 67.07
CA GLY CA 110 60.35 -46.34 67.67
C GLY CA 110 59.59 -45.50 66.66
N LEU CA 111 59.52 -44.21 66.93
CA LEU CA 111 58.75 -43.26 66.12
C LEU CA 111 59.19 -43.24 64.65
N GLN CA 112 60.48 -43.55 64.42
CA GLN CA 112 61.02 -43.54 63.07
C GLN CA 112 60.54 -44.72 62.24
N ALA CA 113 59.86 -45.66 62.89
CA ALA CA 113 59.35 -46.86 62.22
C ALA CA 113 58.18 -46.52 61.31
N LEU CA 114 57.64 -45.31 61.45
CA LEU CA 114 56.48 -44.88 60.66
C LEU CA 114 56.80 -44.79 59.17
N LEU CA 115 58.08 -44.64 58.84
CA LEU CA 115 58.51 -44.56 57.45
C LEU CA 115 58.26 -45.88 56.73
N ASP CA 116 58.10 -46.95 57.49
CA ASP CA 116 57.87 -48.28 56.94
C ASP CA 116 56.39 -48.51 56.64
N GLY CA 117 55.53 -47.69 57.23
CA GLY CA 117 54.09 -47.83 57.07
C GLY CA 117 53.63 -47.69 55.64
N LYS CA 118 54.42 -47.00 54.83
CA LYS CA 118 54.09 -46.77 53.42
C LYS CA 118 54.41 -48.01 52.58
N SER CA 119 55.58 -48.59 52.82
CA SER CA 119 56.06 -49.74 52.04
C SER CA 119 55.71 -51.06 52.72
N ARG CA 120 54.59 -51.09 53.43
CA ARG CA 120 54.09 -52.30 54.08
C ARG CA 120 52.58 -52.37 54.10
N PHE CA 121 51.93 -51.21 54.30
CA PHE CA 121 50.48 -51.15 54.41
C PHE CA 121 49.88 -50.22 53.36
N ASN CA 122 50.73 -49.67 52.50
CA ASN CA 122 50.28 -48.72 51.47
C ASN CA 122 49.49 -47.56 52.08
N ALA CA 123 49.81 -47.23 53.33
CA ALA CA 123 49.12 -46.17 54.06
C ALA CA 123 50.16 -45.29 54.73
N GLN CA 124 50.68 -44.33 53.98
CA GLN CA 124 51.66 -43.40 54.50
C GLN CA 124 51.04 -42.55 55.61
N PRO CA 125 51.53 -42.68 56.86
CA PRO CA 125 50.96 -41.86 57.93
C PRO CA 125 51.20 -40.38 57.68
N ARG CA 126 50.21 -39.70 57.11
CA ARG CA 126 50.32 -38.28 56.80
C ARG CA 126 49.71 -37.45 57.93
N LEU CA 127 49.92 -37.90 59.15
CA LEU CA 127 49.40 -37.22 60.33
C LEU CA 127 50.01 -37.82 61.59
N LEU CA 128 51.20 -37.32 61.95
CA LEU CA 128 51.92 -37.85 63.11
C LEU CA 128 51.26 -37.42 64.41
N VAL CA 129 51.60 -38.15 65.48
CA VAL CA 129 51.06 -37.87 66.81
C VAL CA 129 51.78 -38.77 67.81
N ALA CA 130 52.09 -38.21 68.98
CA ALA CA 130 52.80 -38.95 70.02
C ALA CA 130 52.29 -38.52 71.40
N PRO CA 131 51.11 -39.03 71.81
CA PRO CA 131 50.49 -38.63 73.08
C PRO CA 131 51.38 -38.91 74.29
N GLY CA 132 51.50 -37.94 75.19
CA GLY CA 132 52.33 -38.08 76.38
C GLY CA 132 53.77 -37.68 76.09
N HIS CA 133 54.34 -38.27 75.05
CA HIS CA 133 55.72 -37.98 74.66
C HIS CA 133 55.79 -36.90 73.58
N SER CA 134 55.72 -35.64 74.01
CA SER CA 134 55.83 -34.50 73.12
C SER CA 134 56.22 -33.23 73.88
N ALA CA 135 55.89 -33.19 75.17
CA ALA CA 135 56.26 -32.07 76.02
C ALA CA 135 57.78 -31.98 76.16
N GLN CA 136 58.45 -33.12 75.98
CA GLN CA 136 59.90 -33.16 76.03
C GLN CA 136 60.49 -32.56 74.75
N GLN CA 137 61.46 -31.67 74.92
CA GLN CA 137 62.09 -30.97 73.79
C GLN CA 137 62.72 -31.94 72.80
N ALA CA 138 63.14 -33.11 73.31
CA ALA CA 138 63.87 -34.08 72.50
C ALA CA 138 62.98 -34.72 71.43
N VAL CA 139 61.98 -35.47 71.88
CA VAL CA 139 61.10 -36.22 70.98
C VAL CA 139 60.33 -35.31 70.03
N ALA CA 140 60.15 -34.05 70.43
CA ALA CA 140 59.38 -33.10 69.64
C ALA CA 140 60.08 -32.78 68.32
N THR CA 141 61.41 -32.71 68.34
CA THR CA 141 62.18 -32.42 67.14
C THR CA 141 62.17 -33.60 66.18
N ALA CA 142 62.15 -34.81 66.73
CA ALA CA 142 62.07 -36.02 65.92
C ALA CA 142 60.76 -36.05 65.16
N MET CA 143 59.70 -35.54 65.79
CA MET CA 143 58.39 -35.43 65.14
C MET CA 143 58.45 -34.39 64.02
N ASP CA 144 59.29 -33.38 64.19
CA ASP CA 144 59.46 -32.33 63.20
C ASP CA 144 60.20 -32.86 61.98
N GLY CA 145 61.32 -33.53 62.22
CA GLY CA 145 62.15 -34.03 61.15
C GLY CA 145 61.47 -35.15 60.39
N LEU CA 146 60.71 -35.98 61.11
CA LEU CA 146 60.02 -37.11 60.52
C LEU CA 146 58.85 -36.68 59.64
N ALA CA 147 58.20 -35.58 60.02
CA ALA CA 147 57.05 -35.07 59.31
C ALA CA 147 57.43 -34.67 57.88
N GLU CA 148 58.62 -34.12 57.72
CA GLU CA 148 59.08 -33.67 56.41
C GLU CA 148 59.38 -34.86 55.49
N LYS CA 149 59.69 -36.01 56.10
CA LYS CA 149 59.94 -37.23 55.34
C LYS CA 149 58.63 -37.81 54.84
N LEU CA 150 57.58 -37.63 55.64
CA LEU CA 150 56.25 -38.15 55.32
C LEU CA 150 55.31 -37.07 54.81
N ARG CA 151 55.78 -35.82 54.80
CA ARG CA 151 54.95 -34.69 54.41
C ARG CA 151 53.68 -34.65 55.25
N ALA CA 152 53.82 -34.96 56.53
CA ALA CA 152 52.69 -35.05 57.45
C ALA CA 152 52.57 -33.77 58.28
N ILE CA 153 51.73 -33.81 59.29
CA ILE CA 153 51.56 -32.68 60.21
C ILE CA 153 51.60 -33.19 61.64
N ALA CA 154 52.79 -33.15 62.23
CA ALA CA 154 53.01 -33.66 63.58
C ALA CA 154 52.27 -32.83 64.62
N ILE CA 155 51.31 -33.45 65.29
CA ILE CA 155 50.55 -32.79 66.36
C ILE CA 155 51.24 -33.00 67.71
N LEU CA 156 51.86 -31.94 68.21
CA LEU CA 156 52.50 -31.98 69.52
C LEU CA 156 51.49 -31.73 70.62
N ASP CA 157 51.96 -31.72 71.86
CA ASP CA 157 51.11 -31.42 73.01
C ASP CA 157 51.98 -30.89 74.16
N GLY CA 158 52.09 -29.56 74.24
CA GLY CA 158 52.94 -28.94 75.24
C GLY CA 158 52.46 -29.16 76.66
N PRO CA 159 53.32 -28.88 77.64
CA PRO CA 159 52.99 -29.10 79.06
C PRO CA 159 51.90 -28.15 79.54
N ASN CA 160 51.08 -28.61 80.48
CA ASN CA 160 50.04 -27.79 81.06
C ASN CA 160 50.65 -26.73 81.97
N SER CA 161 50.67 -26.98 83.27
CA SER CA 161 51.24 -26.05 84.25
C SER CA 161 50.62 -24.66 84.11
N THR CA 162 51.03 -23.95 83.07
CA THR CA 162 50.53 -22.59 82.83
C THR CA 162 50.74 -22.18 81.37
N ASP CA 163 50.23 -21.00 81.01
CA ASP CA 163 50.31 -20.50 79.65
C ASP CA 163 51.72 -20.02 79.31
N GLU CA 164 52.40 -19.47 80.31
CA GLU CA 164 53.75 -18.94 80.14
C GLU CA 164 54.69 -20.04 79.65
N ALA CA 165 54.49 -21.25 80.16
CA ALA CA 165 55.33 -22.39 79.82
C ALA CA 165 55.02 -22.93 78.42
N ALA CA 166 53.80 -22.65 77.94
CA ALA CA 166 53.36 -23.12 76.63
C ALA CA 166 53.91 -22.23 75.53
N VAL CA 167 53.93 -20.92 75.77
CA VAL CA 167 54.44 -19.96 74.80
C VAL CA 167 55.95 -20.11 74.66
N ALA CA 168 56.64 -20.29 75.79
CA ALA CA 168 58.09 -20.42 75.80
C ALA CA 168 58.53 -21.73 75.13
N TYR CA 169 57.59 -22.66 75.00
CA TYR CA 169 57.87 -23.96 74.38
C TYR CA 169 57.71 -23.89 72.86
N ALA CA 170 56.70 -23.16 72.41
CA ALA CA 170 56.42 -23.02 70.99
C ALA CA 170 57.48 -22.14 70.32
N LYS CA 171 58.08 -21.25 71.10
CA LYS CA 171 59.10 -20.33 70.60
C LYS CA 171 60.30 -21.10 70.06
N ASN CA 172 60.40 -22.37 70.41
CA ASN CA 172 61.52 -23.20 69.99
C ASN CA 172 61.41 -23.61 68.52
N PHE CA 173 60.23 -24.10 68.14
CA PHE CA 173 60.02 -24.61 66.79
C PHE CA 173 59.58 -23.51 65.83
N GLY CA 174 59.55 -23.84 64.54
CA GLY CA 174 59.12 -22.88 63.53
C GLY CA 174 58.90 -23.55 62.17
N SER CA 175 58.64 -24.86 62.18
CA SER CA 175 58.47 -25.62 60.95
C SER CA 175 57.01 -25.64 60.50
N LYS CA 176 56.80 -25.75 59.19
CA LYS CA 176 55.46 -25.80 58.62
C LYS CA 176 54.62 -26.93 59.20
N ARG CA 177 55.30 -28.03 59.56
CA ARG CA 177 54.61 -29.26 59.94
C ARG CA 177 54.63 -29.49 61.44
N LEU CA 178 54.04 -28.55 62.18
CA LEU CA 178 53.89 -28.69 63.62
C LEU CA 178 52.63 -27.96 64.07
N PHE CA 179 51.73 -28.70 64.71
CA PHE CA 179 50.47 -28.16 65.16
C PHE CA 179 50.24 -28.53 66.62
N MET CA 180 50.79 -27.72 67.51
CA MET CA 180 50.78 -28.03 68.94
C MET CA 180 49.48 -27.58 69.61
N VAL CA 181 49.08 -28.32 70.63
CA VAL CA 181 47.95 -27.96 71.47
C VAL CA 181 48.41 -27.94 72.93
N ASP CA 182 48.17 -26.83 73.61
CA ASP CA 182 48.70 -26.63 74.95
C ASP CA 182 47.84 -27.23 76.06
N PRO CA 183 46.60 -26.74 76.23
CA PRO CA 183 45.80 -27.20 77.36
C PRO CA 183 45.47 -28.69 77.29
N GLY CA 184 45.92 -29.47 78.27
CA GLY CA 184 45.70 -30.90 78.28
C GLY CA 184 44.31 -31.25 78.74
N VAL CA 185 43.47 -31.66 77.80
CA VAL CA 185 42.11 -32.09 78.10
C VAL CA 185 42.12 -33.32 79.01
N GLN CA 186 41.13 -33.42 79.89
CA GLN CA 186 41.04 -34.55 80.81
C GLN CA 186 39.85 -35.44 80.43
N VAL CA 187 40.12 -36.74 80.29
CA VAL CA 187 39.11 -37.71 79.91
C VAL CA 187 38.75 -38.57 81.11
N TRP CA 188 37.57 -39.17 81.08
CA TRP CA 188 37.13 -40.06 82.15
C TRP CA 188 37.64 -41.48 81.87
N ASP CA 189 38.76 -41.85 82.49
CA ASP CA 189 39.34 -43.18 82.30
C ASP CA 189 38.41 -44.26 82.86
N SER CA 190 38.29 -45.37 82.13
CA SER CA 190 37.42 -46.46 82.55
C SER CA 190 38.04 -47.27 83.67
N ALA CA 191 39.36 -47.44 83.62
CA ALA CA 191 40.07 -48.25 84.61
C ALA CA 191 40.14 -47.56 85.97
N THR CA 192 40.38 -46.26 85.95
CA THR CA 192 40.52 -45.47 87.17
C THR CA 192 39.15 -45.12 87.75
N ASN CA 193 38.13 -45.11 86.89
CA ASN CA 193 36.76 -44.78 87.28
C ASN CA 193 36.68 -43.38 87.89
N ALA CA 194 37.43 -42.45 87.31
CA ALA CA 194 37.41 -41.06 87.75
C ALA CA 194 38.11 -40.18 86.71
N ALA CA 195 38.30 -38.91 87.06
CA ALA CA 195 38.96 -37.97 86.16
C ALA CA 195 40.39 -38.41 85.90
N ARG CA 196 40.91 -38.03 84.73
CA ARG CA 196 42.24 -38.43 84.33
C ARG CA 196 42.75 -37.55 83.19
N ASN CA 197 43.82 -36.80 83.46
CA ASN CA 197 44.37 -35.88 82.48
C ASN CA 197 44.99 -36.61 81.29
N ALA CA 198 44.72 -36.11 80.09
CA ALA CA 198 45.24 -36.69 78.86
C ALA CA 198 46.12 -35.68 78.12
N PRO CA 199 46.96 -36.16 77.19
CA PRO CA 199 47.84 -35.25 76.44
C PRO CA 199 47.12 -34.42 75.38
N ALA CA 200 45.87 -34.78 75.08
CA ALA CA 200 45.05 -34.03 74.11
C ALA CA 200 45.66 -34.05 72.71
N SER CA 201 46.61 -34.95 72.49
CA SER CA 201 47.30 -35.06 71.21
C SER CA 201 46.50 -35.94 70.26
N ALA CA 202 46.13 -37.12 70.74
CA ALA CA 202 45.36 -38.08 69.95
C ALA CA 202 43.95 -37.57 69.67
N TYR CA 203 43.39 -36.82 70.62
CA TYR CA 203 42.05 -36.26 70.47
C TYR CA 203 42.04 -35.23 69.34
N ALA CA 204 43.10 -34.45 69.26
CA ALA CA 204 43.24 -33.45 68.21
C ALA CA 204 43.57 -34.12 66.87
N ALA CA 205 44.16 -35.31 66.94
CA ALA CA 205 44.50 -36.07 65.74
C ALA CA 205 43.25 -36.71 65.14
N GLY CA 206 42.48 -37.38 65.98
CA GLY CA 206 41.24 -38.01 65.55
C GLY CA 206 40.26 -36.96 65.06
N LEU CA 207 40.35 -35.77 65.64
CA LEU CA 207 39.50 -34.64 65.25
C LEU CA 207 39.73 -34.26 63.79
N PHE CA 208 40.99 -34.28 63.36
CA PHE CA 208 41.31 -34.00 61.96
C PHE CA 208 40.67 -35.04 61.05
N ALA CA 209 40.82 -36.32 61.44
CA ALA CA 209 40.34 -37.45 60.64
C ALA CA 209 38.82 -37.36 60.45
N TRP CA 210 38.16 -36.70 61.39
CA TRP CA 210 36.71 -36.51 61.32
C TRP CA 210 36.35 -35.50 60.23
N THR CA 211 37.07 -34.38 60.19
CA THR CA 211 36.84 -33.32 59.22
C THR CA 211 37.32 -33.74 57.83
N ASP CA 212 38.43 -34.47 57.80
CA ASP CA 212 39.03 -34.90 56.54
C ASP CA 212 38.11 -35.91 55.83
N ALA CA 213 37.50 -36.79 56.60
CA ALA CA 213 36.59 -37.79 56.05
C ALA CA 213 35.24 -37.16 55.72
N GLU CA 214 34.88 -36.13 56.48
CA GLU CA 214 33.60 -35.44 56.30
C GLU CA 214 33.69 -34.37 55.23
N TYR CA 215 34.22 -33.20 55.60
CA TYR CA 215 34.35 -32.08 54.68
C TYR CA 215 35.43 -32.37 53.65
N GLY CA 216 36.65 -32.58 54.14
CA GLY CA 216 37.80 -32.84 53.29
C GLY CA 216 39.09 -32.42 53.96
N PHE CA 217 40.21 -32.92 53.45
CA PHE CA 217 41.52 -32.56 53.97
C PHE CA 217 41.76 -31.06 53.86
N TRP CA 218 41.13 -30.45 52.86
CA TRP CA 218 41.25 -29.01 52.64
C TRP CA 218 40.46 -28.23 53.67
N SER CA 219 39.52 -28.89 54.34
CA SER CA 219 38.71 -28.24 55.37
C SER CA 219 39.54 -28.04 56.64
N SER CA 220 39.36 -26.89 57.30
CA SER CA 220 40.08 -26.61 58.53
C SER CA 220 39.51 -27.44 59.68
N PRO CA 221 40.37 -27.98 60.56
CA PRO CA 221 39.91 -28.81 61.67
C PRO CA 221 39.37 -27.98 62.84
N SER CA 222 39.89 -26.76 62.99
CA SER CA 222 39.54 -25.90 64.11
C SER CA 222 38.04 -25.67 64.21
N ASN CA 223 37.59 -25.24 65.39
CA ASN CA 223 36.18 -24.93 65.63
C ASN CA 223 35.28 -26.13 65.41
N LYS CA 224 35.82 -27.32 65.68
CA LYS CA 224 35.05 -28.56 65.60
C LYS CA 224 35.10 -29.25 66.96
N GLU CA 225 33.93 -29.66 67.45
CA GLU CA 225 33.79 -30.21 68.79
C GLU CA 225 34.45 -31.58 68.91
N ILE CA 226 35.15 -31.80 70.01
CA ILE CA 226 35.81 -33.06 70.28
C ILE CA 226 35.03 -33.87 71.32
N LYS CA 227 34.88 -35.16 71.06
CA LYS CA 227 34.16 -36.05 71.97
C LYS CA 227 35.13 -36.80 72.88
N GLY CA 228 34.59 -37.52 73.86
CA GLY CA 228 35.41 -38.30 74.77
C GLY CA 228 36.18 -37.40 75.72
N VAL CA 229 35.49 -36.44 76.30
CA VAL CA 229 36.10 -35.47 77.21
C VAL CA 229 35.23 -35.29 78.45
N THR CA 230 35.69 -34.48 79.40
CA THR CA 230 34.95 -34.25 80.63
C THR CA 230 35.57 -33.13 81.47
N GLY CA 231 36.17 -32.15 80.79
CA GLY CA 231 36.83 -31.05 81.45
C GLY CA 231 38.18 -30.81 80.80
N THR CA 232 38.83 -29.69 81.14
CA THR CA 232 40.13 -29.35 80.56
C THR CA 232 41.04 -28.77 81.62
N SER CA 233 42.25 -29.32 81.71
CA SER CA 233 43.26 -28.82 82.64
C SER CA 233 43.57 -27.36 82.32
N ARG CA 234 43.53 -26.53 83.36
CA ARG CA 234 43.75 -25.08 83.22
C ARG CA 234 42.68 -24.48 82.31
N PRO CA 235 41.54 -24.05 82.89
CA PRO CA 235 40.44 -23.55 82.07
C PRO CA 235 40.81 -22.29 81.28
N VAL CA 236 41.14 -22.47 80.00
CA VAL CA 236 41.47 -21.36 79.14
C VAL CA 236 40.22 -20.53 78.88
N GLU CA 237 40.25 -19.26 79.29
CA GLU CA 237 39.08 -18.40 79.20
C GLU CA 237 38.83 -17.97 77.76
N PHE CA 238 37.55 -17.74 77.44
CA PHE CA 238 37.17 -17.26 76.12
C PHE CA 238 35.88 -16.44 76.20
N LEU CA 239 36.00 -15.15 75.93
CA LEU CA 239 34.84 -14.26 75.96
C LEU CA 239 34.00 -14.44 74.70
N ASP CA 240 32.90 -13.70 74.62
CA ASP CA 240 32.00 -13.80 73.47
C ASP CA 240 32.68 -13.29 72.20
N GLY CA 241 33.42 -12.19 72.33
CA GLY CA 241 34.12 -11.60 71.21
C GLY CA 241 35.03 -10.47 71.64
N ASP CA 242 36.25 -10.82 72.05
CA ASP CA 242 37.24 -9.83 72.45
C ASP CA 242 38.64 -10.41 72.39
N GLU CA 243 39.59 -9.60 71.93
CA GLU CA 243 40.98 -10.02 71.81
C GLU CA 243 41.66 -10.12 73.18
N THR CA 244 40.96 -9.66 74.22
CA THR CA 244 41.51 -9.66 75.57
C THR CA 244 41.50 -11.06 76.18
N CYS CA 245 40.68 -11.94 75.62
CA CYS CA 245 40.58 -13.30 76.13
C CYS CA 245 41.89 -14.05 75.94
N ARG CA 246 42.15 -15.00 76.83
CA ARG CA 246 43.44 -15.69 76.84
C ARG CA 246 43.54 -16.73 75.74
N ALA CA 247 42.39 -17.24 75.29
CA ALA CA 247 42.35 -18.24 74.23
C ALA CA 247 42.97 -17.67 72.96
N ASN CA 248 42.85 -16.36 72.78
CA ASN CA 248 43.38 -15.68 71.60
C ASN CA 248 44.90 -15.51 71.68
N LEU CA 249 45.39 -15.18 72.86
CA LEU CA 249 46.82 -14.90 73.06
C LEU CA 249 47.69 -16.11 72.73
N LEU CA 250 47.19 -17.30 72.99
CA LEU CA 250 47.93 -18.52 72.67
C LEU CA 250 47.95 -18.77 71.17
N ASN CA 251 46.89 -18.37 70.48
CA ASN CA 251 46.82 -18.51 69.03
C ASN CA 251 47.82 -17.58 68.33
N ASN CA 252 48.13 -16.47 68.98
CA ASN CA 252 49.13 -15.53 68.47
C ASN CA 252 50.51 -16.18 68.50
N ALA CA 253 50.72 -17.08 69.46
CA ALA CA 253 51.96 -17.82 69.58
C ALA CA 253 51.88 -19.14 68.82
N ASN CA 254 50.92 -19.24 67.91
CA ASN CA 254 50.72 -20.45 67.10
C ASN CA 254 50.47 -21.65 67.99
N ILE CA 255 49.33 -21.64 68.68
CA ILE CA 255 48.97 -22.73 69.58
C ILE CA 255 47.46 -23.02 69.51
N ALA CA 256 47.14 -24.31 69.44
CA ALA CA 256 45.75 -24.75 69.47
C ALA CA 256 45.27 -24.87 70.90
N THR CA 257 43.99 -24.59 71.13
CA THR CA 257 43.44 -24.64 72.49
C THR CA 257 41.99 -25.13 72.48
N ILE CA 258 41.61 -25.81 73.57
CA ILE CA 258 40.25 -26.28 73.76
C ILE CA 258 39.50 -25.29 74.63
N ILE CA 259 38.47 -24.67 74.07
CA ILE CA 259 37.77 -23.59 74.75
C ILE CA 259 36.50 -24.06 75.45
N ARG CA 260 35.99 -23.18 76.32
CA ARG CA 260 34.75 -23.41 77.06
C ARG CA 260 34.83 -24.63 77.99
N ASP CA 261 33.77 -24.80 78.78
CA ASP CA 261 33.73 -25.84 79.80
C ASP CA 261 33.79 -27.22 79.15
N ASP CA 262 34.06 -28.23 79.99
CA ASP CA 262 34.09 -29.61 79.54
C ASP CA 262 35.12 -29.84 78.43
N GLY CA 263 34.82 -29.33 77.25
CA GLY CA 263 35.67 -29.50 76.08
C GLY CA 263 34.83 -29.25 74.85
N TYR CA 264 34.24 -28.06 74.79
CA TYR CA 264 33.30 -27.70 73.74
C TYR CA 264 33.90 -27.88 72.36
N ARG CA 265 35.05 -27.25 72.12
CA ARG CA 265 35.69 -27.35 70.81
C ARG CA 265 37.15 -26.89 70.83
N LEU CA 266 37.90 -27.33 69.82
CA LEU CA 266 39.30 -26.96 69.65
C LEU CA 266 39.44 -26.02 68.47
N TRP CA 267 40.39 -25.08 68.57
CA TRP CA 267 40.71 -24.21 67.44
C TRP CA 267 42.12 -23.63 67.58
N GLY CA 268 42.56 -22.92 66.54
CA GLY CA 268 43.89 -22.35 66.48
C GLY CA 268 44.60 -22.87 65.26
N ASN CA 269 44.18 -22.40 64.09
CA ASN CA 269 44.68 -22.90 62.81
C ASN CA 269 46.16 -22.63 62.61
N ARG CA 270 46.69 -21.62 63.31
CA ARG CA 270 48.09 -21.25 63.17
C ARG CA 270 49.03 -22.40 63.54
N THR CA 271 49.78 -22.88 62.56
CA THR CA 271 50.80 -23.88 62.79
C THR CA 271 52.08 -23.18 63.22
N LEU CA 272 52.89 -23.86 64.03
CA LEU CA 272 54.13 -23.28 64.54
C LEU CA 272 55.10 -22.99 63.41
N SER CA 273 54.81 -21.97 62.61
CA SER CA 273 55.60 -21.62 61.44
C SER CA 273 55.94 -20.14 61.42
N SER CA 274 57.21 -19.83 61.11
CA SER CA 274 57.66 -18.46 61.01
C SER CA 274 57.16 -17.82 59.72
N ASP CA 275 57.29 -18.54 58.61
CA ASP CA 275 56.84 -18.04 57.32
C ASP CA 275 55.31 -17.88 57.32
N SER CA 276 54.84 -16.65 57.15
CA SER CA 276 53.41 -16.35 57.20
C SER CA 276 52.67 -16.93 56.01
N LYS CA 277 53.41 -17.39 55.00
CA LYS CA 277 52.81 -18.02 53.82
C LYS CA 277 52.17 -19.34 54.21
N TRP CA 278 52.80 -20.06 55.12
CA TRP CA 278 52.32 -21.36 55.60
C TRP CA 278 51.78 -21.22 57.02
N ALA CA 279 51.06 -20.13 57.26
CA ALA CA 279 50.55 -19.83 58.59
C ALA CA 279 49.46 -20.81 58.99
N PHE CA 280 48.56 -21.11 58.05
CA PHE CA 280 47.48 -22.04 58.32
C PHE CA 280 47.94 -23.48 58.18
N VAL CA 281 47.42 -24.35 59.04
CA VAL CA 281 47.69 -25.77 58.96
C VAL CA 281 47.03 -26.35 57.72
N THR CA 282 45.98 -25.67 57.25
CA THR CA 282 45.24 -26.08 56.07
C THR CA 282 46.14 -26.12 54.82
N ARG CA 283 46.82 -25.01 54.56
CA ARG CA 283 47.67 -24.88 53.39
C ARG CA 283 48.74 -25.97 53.35
N VAL CA 284 49.35 -26.23 54.49
CA VAL CA 284 50.38 -27.25 54.60
C VAL CA 284 49.79 -28.63 54.33
N ARG CA 285 48.50 -28.79 54.65
CA ARG CA 285 47.83 -30.08 54.53
C ARG CA 285 47.37 -30.35 53.09
N THR CA 286 47.01 -29.29 52.37
CA THR CA 286 46.56 -29.39 50.99
C THR CA 286 47.75 -29.50 50.03
N MET CA 287 48.79 -28.73 50.32
CA MET CA 287 49.96 -28.67 49.48
C MET CA 287 50.75 -29.98 49.53
N ASP CA 288 50.90 -30.51 50.74
CA ASP CA 288 51.60 -31.78 50.93
C ASP CA 288 50.83 -32.94 50.30
N LEU CA 289 49.55 -32.71 50.01
CA LEU CA 289 48.70 -33.74 49.43
C LEU CA 289 48.78 -33.73 47.91
N VAL CA 290 48.56 -32.56 47.30
CA VAL CA 290 48.59 -32.44 45.85
C VAL CA 290 49.98 -32.71 45.31
N MET CA 291 51.00 -32.45 46.13
CA MET CA 291 52.38 -32.74 45.75
C MET CA 291 52.59 -34.25 45.68
N ASP CA 292 52.22 -34.94 46.76
CA ASP CA 292 52.37 -36.39 46.83
C ASP CA 292 51.47 -37.09 45.80
N ALA CA 293 50.40 -36.41 45.39
CA ALA CA 293 49.47 -36.94 44.40
C ALA CA 293 50.09 -36.88 43.00
N ILE CA 294 50.67 -35.72 42.68
CA ILE CA 294 51.29 -35.50 41.39
C ILE CA 294 52.54 -36.36 41.27
N LEU CA 295 53.25 -36.51 42.40
CA LEU CA 295 54.45 -37.32 42.44
C LEU CA 295 54.12 -38.79 42.16
N ALA CA 296 53.22 -39.35 42.98
CA ALA CA 296 52.83 -40.75 42.85
C ALA CA 296 51.88 -40.97 41.68
N GLY CA 297 51.32 -39.89 41.14
CA GLY CA 297 50.33 -39.97 40.08
C GLY CA 297 50.96 -40.18 38.72
N HIS CA 298 51.97 -39.37 38.41
CA HIS CA 298 52.63 -39.42 37.11
C HIS CA 298 53.84 -40.36 37.13
N LYS CA 299 53.67 -41.50 37.79
CA LYS CA 299 54.68 -42.54 37.83
C LYS CA 299 54.59 -43.40 36.56
N TRP CA 300 53.46 -43.28 35.87
CA TRP CA 300 53.23 -44.01 34.63
C TRP CA 300 54.04 -43.39 33.48
N ALA CA 301 54.24 -42.08 33.56
CA ALA CA 301 54.93 -41.34 32.51
C ALA CA 301 56.41 -41.69 32.54
N VAL CA 302 57.18 -40.89 33.27
CA VAL CA 302 58.64 -41.07 33.36
C VAL CA 302 59.21 -41.11 31.94
N ASP CA 303 60.24 -41.92 31.72
CA ASP CA 303 60.89 -41.97 30.41
C ASP CA 303 59.91 -42.49 29.34
N ARG CA 304 59.48 -41.57 28.49
CA ARG CA 304 58.54 -41.90 27.42
C ARG CA 304 58.65 -40.84 26.33
N GLY CA 305 58.28 -41.21 25.11
CA GLY CA 305 58.40 -40.31 23.97
C GLY CA 305 57.74 -38.96 24.21
N ILE CA 306 58.57 -37.93 24.31
CA ILE CA 306 58.09 -36.58 24.65
C ILE CA 306 57.55 -35.88 23.40
N THR CA 307 56.56 -36.49 22.76
CA THR CA 307 55.91 -35.90 21.61
C THR CA 307 54.93 -34.83 22.08
N LYS CA 308 54.51 -33.96 21.16
CA LYS CA 308 53.53 -32.92 21.47
C LYS CA 308 52.26 -33.49 22.11
N THR CA 309 51.93 -34.72 21.75
CA THR CA 309 50.76 -35.40 22.33
C THR CA 309 51.00 -35.67 23.81
N TYR CA 310 52.18 -36.19 24.12
CA TYR CA 310 52.55 -36.55 25.49
C TYR CA 310 52.47 -35.35 26.43
N VAL CA 311 52.95 -34.20 25.97
CA VAL CA 311 52.93 -32.98 26.77
C VAL CA 311 51.48 -32.58 27.06
N LYS CA 312 50.64 -32.62 26.03
CA LYS CA 312 49.22 -32.30 26.19
C LYS CA 312 48.50 -33.34 27.05
N ASP CA 313 48.91 -34.61 26.94
CA ASP CA 313 48.30 -35.69 27.72
C ASP CA 313 48.55 -35.45 29.20
N VAL CA 314 49.74 -34.96 29.53
CA VAL CA 314 50.11 -34.66 30.89
C VAL CA 314 49.49 -33.32 31.31
N THR CA 315 49.51 -32.36 30.40
CA THR CA 315 48.91 -31.05 30.66
C THR CA 315 47.41 -31.19 30.93
N GLU CA 316 46.73 -31.93 30.07
CA GLU CA 316 45.30 -32.17 30.24
C GLU CA 316 45.05 -33.05 31.48
N GLY CA 317 46.08 -33.77 31.90
CA GLY CA 317 45.98 -34.60 33.10
C GLY CA 317 45.88 -33.74 34.34
N LEU CA 318 46.57 -32.60 34.31
CA LEU CA 318 46.53 -31.64 35.41
C LEU CA 318 45.30 -30.74 35.30
N ARG CA 319 44.92 -30.41 34.07
CA ARG CA 319 43.71 -29.63 33.82
C ARG CA 319 42.49 -30.28 34.46
N ALA CA 320 42.27 -31.54 34.09
CA ALA CA 320 41.13 -32.30 34.59
C ALA CA 320 41.26 -32.55 36.08
N PHE CA 321 42.48 -32.85 36.53
CA PHE CA 321 42.74 -33.16 37.94
C PHE CA 321 42.41 -31.98 38.84
N MET CA 322 43.01 -30.83 38.55
CA MET CA 322 42.80 -29.63 39.36
C MET CA 322 41.36 -29.17 39.31
N ARG CA 323 40.70 -29.40 38.17
CA ARG CA 323 39.31 -29.01 38.02
C ARG CA 323 38.41 -29.88 38.88
N ASP CA 324 38.88 -31.09 39.20
CA ASP CA 324 38.15 -31.97 40.11
C ASP CA 324 38.31 -31.50 41.55
N LEU CA 325 39.34 -30.69 41.80
CA LEU CA 325 39.58 -30.08 43.10
C LEU CA 325 38.82 -28.76 43.24
N LYS CA 326 38.65 -28.08 42.11
CA LYS CA 326 38.00 -26.78 42.09
C LYS CA 326 36.51 -26.91 42.40
N ASN CA 327 35.80 -27.69 41.59
CA ASN CA 327 34.38 -27.91 41.77
C ASN CA 327 34.09 -28.62 43.09
N GLN CA 328 35.06 -29.40 43.56
CA GLN CA 328 34.94 -30.09 44.84
C GLN CA 328 35.10 -29.09 46.00
N GLY CA 329 35.80 -27.99 45.73
CA GLY CA 329 35.99 -26.94 46.72
C GLY CA 329 37.34 -26.98 47.41
N ALA CA 330 38.23 -27.85 46.92
CA ALA CA 330 39.56 -27.98 47.51
C ALA CA 330 40.39 -26.72 47.22
N VAL CA 331 40.18 -26.13 46.05
CA VAL CA 331 40.89 -24.93 45.63
C VAL CA 331 39.91 -23.94 45.03
N ILE CA 332 40.23 -22.66 45.10
CA ILE CA 332 39.37 -21.63 44.52
C ILE CA 332 39.54 -21.62 43.01
N ASN CA 333 40.78 -21.50 42.56
CA ASN CA 333 41.08 -21.52 41.13
C ASN CA 333 42.52 -21.93 40.91
N PHE CA 334 42.83 -22.38 39.69
CA PHE CA 334 44.15 -22.89 39.38
C PHE CA 334 44.60 -22.48 37.98
N GLU CA 335 45.79 -22.92 37.61
CA GLU CA 335 46.35 -22.64 36.29
C GLU CA 335 47.59 -23.50 36.10
N VAL CA 336 47.57 -24.33 35.06
CA VAL CA 336 48.68 -25.23 34.79
C VAL CA 336 49.08 -25.15 33.32
N TYR CA 337 50.38 -25.20 33.06
CA TYR CA 337 50.90 -25.04 31.70
C TYR CA 337 52.40 -25.34 31.67
N ALA CA 338 52.94 -25.45 30.46
CA ALA CA 338 54.36 -25.71 30.27
C ALA CA 338 55.09 -24.37 30.07
N ASP CA 339 56.06 -24.08 30.94
CA ASP CA 339 56.78 -22.82 30.87
C ASP CA 339 57.64 -22.74 29.60
N PRO CA 340 57.53 -21.64 28.83
CA PRO CA 340 58.36 -21.50 27.63
C PRO CA 340 59.86 -21.43 27.94
N ASP CA 341 60.24 -20.69 28.98
CA ASP CA 341 61.65 -20.46 29.29
C ASP CA 341 62.33 -21.71 29.84
N LEU CA 342 61.65 -22.41 30.75
CA LEU CA 342 62.21 -23.61 31.35
C LEU CA 342 62.40 -24.71 30.31
N ASN CA 343 61.32 -25.02 29.58
CA ASN CA 343 61.38 -26.04 28.54
C ASN CA 343 62.24 -25.59 27.38
N SER CA 344 63.56 -25.52 27.62
CA SER CA 344 64.51 -25.12 26.59
C SER CA 344 64.87 -26.32 25.73
N ALA CA 345 65.43 -26.07 24.56
CA ALA CA 345 65.83 -27.13 23.64
C ALA CA 345 66.84 -28.07 24.26
N SER CA 346 67.62 -27.56 25.21
CA SER CA 346 68.67 -28.34 25.87
C SER CA 346 68.11 -29.13 27.07
N GLN CA 347 67.11 -28.55 27.73
CA GLN CA 347 66.51 -29.21 28.89
C GLN CA 347 65.73 -30.46 28.46
N LEU CA 348 64.97 -30.34 27.38
CA LEU CA 348 64.22 -31.46 26.84
C LEU CA 348 65.17 -32.55 26.33
N ALA CA 349 66.38 -32.16 25.95
CA ALA CA 349 67.37 -33.09 25.44
C ALA CA 349 68.04 -33.86 26.57
N GLN CA 350 67.68 -33.54 27.81
CA GLN CA 350 68.14 -34.27 28.99
C GLN CA 350 66.98 -35.01 29.66
N GLY CA 351 65.79 -34.86 29.10
CA GLY CA 351 64.59 -35.51 29.61
C GLY CA 351 63.76 -34.57 30.46
N LYS CA 352 64.37 -33.51 30.96
CA LYS CA 352 63.65 -32.54 31.78
C LYS CA 352 62.51 -31.89 31.01
N VAL CA 353 61.34 -31.87 31.63
CA VAL CA 353 60.18 -31.18 31.09
C VAL CA 353 59.33 -30.69 32.25
N TYR CA 354 59.06 -29.38 32.27
CA TYR CA 354 58.43 -28.74 33.41
C TYR CA 354 56.97 -28.36 33.15
N TRP CA 355 56.19 -28.30 34.23
CA TRP CA 355 54.81 -27.84 34.17
C TRP CA 355 54.51 -26.95 35.37
N ASN CA 356 54.40 -25.65 35.11
CA ASN CA 356 54.18 -24.68 36.17
C ASN CA 356 52.76 -24.73 36.72
N ILE CA 357 52.58 -25.44 37.83
CA ILE CA 357 51.29 -25.51 38.51
C ILE CA 357 51.21 -24.38 39.54
N ARG CA 358 50.04 -23.75 39.62
CA ARG CA 358 49.81 -22.67 40.57
C ARG CA 358 48.33 -22.52 40.88
N PHE CA 359 48.02 -22.25 42.14
CA PHE CA 359 46.64 -22.13 42.59
C PHE CA 359 46.58 -21.48 43.97
N THR CA 360 45.37 -21.36 44.52
CA THR CA 360 45.17 -20.78 45.84
C THR CA 360 44.35 -21.72 46.71
N ASP CA 361 45.01 -22.41 47.63
CA ASP CA 361 44.31 -23.27 48.59
C ASP CA 361 43.37 -22.42 49.44
N VAL CA 362 42.21 -22.97 49.77
CA VAL CA 362 41.20 -22.22 50.51
C VAL CA 362 41.64 -21.96 51.95
N PRO CA 363 41.73 -20.67 52.35
CA PRO CA 363 42.08 -20.34 53.73
C PRO CA 363 40.83 -20.27 54.63
N PRO CA 364 40.91 -20.79 55.87
CA PRO CA 364 39.76 -20.71 56.78
C PRO CA 364 39.54 -19.29 57.30
N ALA CA 365 38.34 -18.76 57.12
CA ALA CA 365 38.00 -17.42 57.62
C ALA CA 365 38.04 -17.40 59.15
N GLU CA 366 39.24 -17.34 59.70
CA GLU CA 366 39.41 -17.45 61.14
C GLU CA 366 38.98 -16.20 61.91
N ASN CA 367 38.56 -15.16 61.17
CA ASN CA 367 38.13 -13.91 61.80
C ASN CA 367 37.28 -13.06 60.86
N PRO CA 368 36.00 -13.45 60.68
CA PRO CA 368 35.07 -12.68 59.86
C PRO CA 368 34.51 -11.46 60.60
N ASN CA 369 34.79 -10.27 60.09
CA ASN CA 369 34.34 -9.03 60.69
C ASN CA 369 32.97 -8.61 60.16
N PHE CA 370 32.32 -7.69 60.87
CA PHE CA 370 31.00 -7.18 60.48
C PHE CA 370 30.89 -5.70 60.78
N ARG CA 371 31.41 -4.89 59.86
CA ARG CA 371 31.41 -3.44 60.03
C ARG CA 371 29.99 -2.88 59.98
N VAL CA 372 29.22 -3.12 61.03
CA VAL CA 372 27.85 -2.62 61.11
C VAL CA 372 27.87 -1.15 61.56
N GLU CA 373 26.96 -0.37 61.03
CA GLU CA 373 26.91 1.05 61.32
C GLU CA 373 25.59 1.66 60.87
N VAL CA 374 24.88 2.28 61.80
CA VAL CA 374 23.62 2.95 61.48
C VAL CA 374 23.90 4.26 60.74
N THR CA 375 22.82 4.90 60.32
CA THR CA 375 22.92 6.19 59.64
C THR CA 375 21.54 6.85 59.60
N ASP CA 376 21.41 7.85 58.72
CA ASP CA 376 20.16 8.58 58.57
C ASP CA 376 19.85 8.72 57.09
N GLN CA 377 20.21 7.71 56.31
CA GLN CA 377 20.04 7.74 54.87
C GLN CA 377 18.60 7.41 54.46
N TRP CA 378 18.15 6.20 54.77
CA TRP CA 378 16.80 5.78 54.44
C TRP CA 378 15.77 6.25 55.46
N LEU CA 379 15.63 7.56 55.58
CA LEU CA 379 14.61 8.16 56.45
C LEU CA 379 13.56 8.86 55.61
N THR CA 380 14.00 9.48 54.51
CA THR CA 380 13.08 10.14 53.59
C THR CA 380 12.19 9.13 52.87
N GLU CA 381 12.57 7.86 52.95
CA GLU CA 381 11.78 6.78 52.37
C GLU CA 381 10.44 6.69 53.11
N VAL CA 382 10.45 7.05 54.39
CA VAL CA 382 9.24 7.09 55.20
C VAL CA 382 8.45 8.34 54.85
N LEU CA 383 7.80 8.33 53.69
CA LEU CA 383 7.08 9.49 53.20
C LEU CA 383 6.23 9.12 52.00
N ASP CA 384 6.86 8.46 51.02
CA ASP CA 384 6.17 8.04 49.81
C ASP CA 384 6.92 6.90 49.15
N SER DA 2 47.79 -14.77 64.96
CA SER DA 2 46.44 -14.93 64.41
C SER DA 2 45.63 -13.66 64.61
N PHE DA 3 45.74 -13.09 65.81
CA PHE DA 3 45.04 -11.86 66.18
C PHE DA 3 43.55 -12.11 66.31
N PHE DA 4 43.07 -12.00 67.55
CA PHE DA 4 41.66 -12.23 67.90
C PHE DA 4 41.21 -13.66 67.65
N HIS DA 5 41.00 -14.00 66.39
CA HIS DA 5 40.50 -15.32 65.99
C HIS DA 5 39.14 -15.62 66.64
N GLY DA 6 38.08 -15.04 66.09
CA GLY DA 6 36.74 -15.29 66.57
C GLY DA 6 35.70 -14.76 65.60
N VAL DA 7 35.04 -13.67 65.97
CA VAL DA 7 34.06 -13.03 65.13
C VAL DA 7 33.75 -11.65 65.68
N THR DA 8 34.38 -10.63 65.11
CA THR DA 8 34.22 -9.26 65.57
C THR DA 8 32.92 -8.66 65.05
N VAL DA 9 32.64 -7.44 65.47
CA VAL DA 9 31.43 -6.73 65.07
C VAL DA 9 31.57 -5.25 65.45
N THR DA 10 32.65 -4.66 64.98
CA THR DA 10 32.98 -3.28 65.33
C THR DA 10 31.93 -2.31 64.80
N ASN DA 11 31.49 -1.40 65.66
CA ASN DA 11 30.52 -0.38 65.29
C ASN DA 11 31.24 0.83 64.72
N VAL DA 12 31.16 1.02 63.41
CA VAL DA 12 31.82 2.16 62.76
C VAL DA 12 31.00 3.42 63.01
N ASP DA 13 31.50 4.25 63.92
CA ASP DA 13 30.79 5.47 64.32
C ASP DA 13 31.10 6.61 63.36
N ILE DA 14 30.47 6.59 62.20
CA ILE DA 14 30.59 7.66 61.21
C ILE DA 14 29.23 7.99 60.61
N GLY DA 15 29.13 9.17 60.01
CA GLY DA 15 27.88 9.65 59.43
C GLY DA 15 27.63 11.08 59.86
N ALA DA 16 26.80 11.77 59.08
CA ALA DA 16 26.47 13.16 59.36
C ALA DA 16 25.59 13.27 60.61
N ARG DA 17 26.14 13.88 61.66
CA ARG DA 17 25.39 14.08 62.90
C ARG DA 17 24.33 15.17 62.69
N THR DA 18 23.33 15.15 63.56
CA THR DA 18 22.26 16.15 63.53
C THR DA 18 22.65 17.38 64.35
N ILE DA 19 22.03 18.51 64.05
CA ILE DA 19 22.33 19.76 64.74
C ILE DA 19 21.04 20.49 65.08
N ALA DA 20 21.01 21.10 66.26
CA ALA DA 20 19.83 21.80 66.76
C ALA DA 20 20.09 23.29 66.94
N LEU DA 21 19.05 24.02 67.33
CA LEU DA 21 19.12 25.45 67.57
C LEU DA 21 18.90 25.76 69.04
N PRO DA 22 19.98 25.70 69.86
CA PRO DA 22 19.84 25.85 71.30
C PRO DA 22 19.46 27.26 71.73
N ALA DA 23 19.08 27.42 73.00
CA ALA DA 23 18.77 28.71 73.59
C ALA DA 23 17.57 29.39 72.93
N SER DA 24 17.70 29.69 71.62
CA SER DA 24 16.63 30.31 70.85
C SER DA 24 16.33 31.72 71.36
N SER DA 25 15.65 31.82 72.49
CA SER DA 25 15.26 33.12 73.03
C SER DA 25 15.01 33.05 74.54
N VAL DA 26 16.07 32.82 75.30
CA VAL DA 26 15.98 32.85 76.76
C VAL DA 26 16.30 34.26 77.24
N ILE DA 27 15.46 34.78 78.13
CA ILE DA 27 15.58 36.15 78.62
C ILE DA 27 16.50 36.20 79.83
N GLY DA 28 17.32 37.24 79.89
CA GLY DA 28 18.26 37.44 81.00
C GLY DA 28 17.96 38.77 81.65
N LEU DA 29 17.08 38.74 82.65
CA LEU DA 29 16.61 39.96 83.32
C LEU DA 29 17.35 40.20 84.62
N CYS DA 30 17.39 41.45 85.06
CA CYS DA 30 18.07 41.83 86.29
C CYS DA 30 17.56 43.16 86.81
N ASP DA 31 16.45 43.12 87.56
CA ASP DA 31 15.89 44.32 88.17
C ASP DA 31 16.22 44.29 89.66
N VAL DA 32 15.30 44.77 90.50
CA VAL DA 32 15.50 44.77 91.95
C VAL DA 32 14.26 44.26 92.67
N PHE DA 33 14.44 43.92 93.95
CA PHE DA 33 13.33 43.48 94.78
C PHE DA 33 13.68 43.65 96.25
N THR DA 34 12.84 43.08 97.12
CA THR DA 34 13.02 43.19 98.56
C THR DA 34 13.09 41.79 99.19
N PRO DA 35 14.32 41.29 99.42
CA PRO DA 35 14.45 39.96 100.04
C PRO DA 35 14.04 39.96 101.50
N GLY DA 36 13.38 38.91 101.96
CA GLY DA 36 12.95 38.80 103.34
C GLY DA 36 12.24 37.49 103.62
N ALA DA 37 10.91 37.55 103.68
CA ALA DA 37 10.09 36.39 104.04
C ALA DA 37 9.61 35.64 102.80
N GLN DA 38 8.62 36.20 102.12
CA GLN DA 38 8.02 35.55 100.95
C GLN DA 38 9.01 35.41 99.81
N ALA DA 39 10.06 36.22 99.83
CA ALA DA 39 11.08 36.19 98.78
C ALA DA 39 11.97 34.96 98.94
N SER DA 40 11.66 33.90 98.20
CA SER DA 40 12.42 32.65 98.28
C SER DA 40 13.79 32.81 97.64
N ALA DA 41 13.84 33.54 96.53
CA ALA DA 41 15.09 33.76 95.80
C ALA DA 41 16.07 34.55 96.66
N LYS DA 42 17.34 34.16 96.60
CA LYS DA 42 18.37 34.83 97.41
C LYS DA 42 18.62 36.24 96.88
N PRO DA 43 19.25 37.10 97.69
CA PRO DA 43 19.39 38.52 97.34
C PRO DA 43 20.26 38.82 96.12
N ASN DA 44 20.76 37.80 95.41
CA ASN DA 44 21.67 38.07 94.29
C ASN DA 44 21.84 36.93 93.30
N VAL DA 45 21.71 35.68 93.75
CA VAL DA 45 22.02 34.55 92.87
C VAL DA 45 21.01 34.45 91.72
N PRO DA 46 21.44 33.89 90.57
CA PRO DA 46 20.51 33.67 89.47
C PRO DA 46 19.44 32.64 89.83
N VAL DA 47 18.20 32.89 89.41
CA VAL DA 47 17.10 31.95 89.63
C VAL DA 47 16.33 31.77 88.34
N LEU DA 48 16.05 30.52 87.98
CA LEU DA 48 15.33 30.23 86.75
C LEU DA 48 13.83 30.35 86.97
N LEU DA 49 13.13 30.83 85.94
CA LEU DA 49 11.69 31.01 85.99
C LEU DA 49 11.04 30.28 84.82
N THR DA 50 9.72 30.29 84.81
CA THR DA 50 8.95 29.62 83.77
C THR DA 50 7.55 30.21 83.66
N SER DA 51 7.00 30.62 84.79
CA SER DA 51 5.67 31.21 84.85
C SER DA 51 5.58 32.21 86.00
N LYS DA 52 4.47 32.94 86.08
CA LYS DA 52 4.28 33.92 87.14
C LYS DA 52 4.32 33.27 88.51
N LYS DA 53 3.78 32.07 88.62
CA LYS DA 53 3.77 31.32 89.88
C LYS DA 53 5.20 31.10 90.39
N ASP DA 54 6.08 30.66 89.50
CA ASP DA 54 7.45 30.37 89.86
C ASP DA 54 8.23 31.66 90.16
N ALA DA 55 7.72 32.77 89.65
CA ALA DA 55 8.35 34.08 89.84
C ALA DA 55 7.81 34.79 91.07
N ALA DA 56 6.52 34.60 91.34
CA ALA DA 56 5.85 35.26 92.46
C ALA DA 56 6.44 34.80 93.79
N ALA DA 57 6.48 33.49 94.00
CA ALA DA 57 7.01 32.92 95.23
C ALA DA 57 8.51 33.15 95.36
N ALA DA 58 9.15 33.47 94.24
CA ALA DA 58 10.61 33.68 94.20
C ALA DA 58 10.99 35.05 94.74
N PHE DA 59 10.49 36.10 94.09
CA PHE DA 59 10.87 37.47 94.42
C PHE DA 59 9.80 38.14 95.30
N GLY DA 60 8.53 37.86 94.98
CA GLY DA 60 7.42 38.42 95.72
C GLY DA 60 6.60 39.37 94.88
N ILE DA 61 5.39 39.66 95.35
CA ILE DA 61 4.49 40.58 94.65
C ILE DA 61 4.83 42.02 95.02
N GLY DA 62 4.71 42.92 94.04
CA GLY DA 62 5.01 44.32 94.27
C GLY DA 62 6.46 44.64 93.98
N SER DA 63 7.32 43.61 94.02
CA SER DA 63 8.72 43.78 93.70
C SER DA 63 8.87 44.32 92.29
N SER DA 64 9.72 45.34 92.14
CA SER DA 64 9.93 45.99 90.84
C SER DA 64 10.35 45.00 89.75
N ILE DA 65 10.92 43.87 90.17
CA ILE DA 65 11.35 42.84 89.24
C ILE DA 65 10.16 42.01 88.77
N TYR DA 66 9.19 41.82 89.66
CA TYR DA 66 8.02 41.03 89.33
C TYR DA 66 7.12 41.75 88.33
N LEU DA 67 7.11 43.08 88.40
CA LEU DA 67 6.34 43.88 87.45
C LEU DA 67 6.94 43.77 86.05
N ALA DA 68 8.21 43.40 85.99
CA ALA DA 68 8.92 43.22 84.72
C ALA DA 68 8.70 41.80 84.19
N CYS DA 69 8.75 40.81 85.07
CA CYS DA 69 8.53 39.42 84.70
C CYS DA 69 7.05 39.22 84.30
N GLU DA 70 6.15 39.83 85.08
CA GLU DA 70 4.73 39.76 84.79
C GLU DA 70 4.42 40.40 83.43
N ALA DA 71 5.18 41.44 83.10
CA ALA DA 71 5.01 42.12 81.82
C ALA DA 71 5.41 41.22 80.66
N ILE DA 72 6.34 40.30 80.92
CA ILE DA 72 6.81 39.36 79.91
C ILE DA 72 5.84 38.20 79.77
N TYR DA 73 5.42 37.63 80.90
CA TYR DA 73 4.54 36.46 80.88
C TYR DA 73 3.13 36.83 80.44
N ASN DA 74 2.73 38.07 80.69
CA ASN DA 74 1.45 38.56 80.22
C ASN DA 74 1.45 38.60 78.69
N ARG DA 75 2.56 39.05 78.12
CA ARG DA 75 2.76 39.07 76.68
C ARG DA 75 2.85 37.65 76.14
N ALA DA 76 3.97 36.98 76.41
CA ALA DA 76 4.18 35.62 75.93
C ALA DA 76 5.12 34.88 76.88
N GLN DA 77 4.76 33.65 77.22
CA GLN DA 77 5.52 32.85 78.17
C GLN DA 77 6.92 32.53 77.63
N ALA DA 78 7.91 32.58 78.51
CA ALA DA 78 9.29 32.32 78.12
C ALA DA 78 10.16 32.05 79.33
N VAL DA 79 11.32 31.46 79.10
CA VAL DA 79 12.28 31.19 80.16
C VAL DA 79 13.00 32.47 80.53
N ILE DA 80 13.06 32.76 81.83
CA ILE DA 80 13.73 33.96 82.32
C ILE DA 80 14.69 33.59 83.44
N VAL DA 81 15.98 33.53 83.11
CA VAL DA 81 17.01 33.31 84.13
C VAL DA 81 17.26 34.65 84.83
N ALA DA 82 16.28 35.07 85.62
CA ALA DA 82 16.33 36.35 86.30
C ALA DA 82 17.37 36.32 87.42
N VAL DA 83 17.92 37.50 87.72
CA VAL DA 83 18.92 37.64 88.78
C VAL DA 83 18.29 38.33 89.98
N GLY DA 84 18.09 39.64 89.86
CA GLY DA 84 17.49 40.44 90.91
C GLY DA 84 18.48 40.74 92.02
N VAL DA 85 18.53 42.01 92.41
CA VAL DA 85 19.45 42.47 93.45
C VAL DA 85 18.72 43.38 94.44
N GLU DA 86 19.17 43.37 95.69
CA GLU DA 86 18.55 44.19 96.74
C GLU DA 86 18.65 45.67 96.41
N THR DA 87 17.61 46.41 96.74
CA THR DA 87 17.59 47.85 96.52
C THR DA 87 18.60 48.54 97.43
N ALA DA 88 19.29 49.55 96.91
CA ALA DA 88 20.30 50.28 97.68
C ALA DA 88 19.75 51.61 98.18
N GLU DA 89 20.60 52.39 98.83
CA GLU DA 89 20.19 53.68 99.40
C GLU DA 89 19.94 54.70 98.28
N THR DA 90 21.02 55.20 97.68
CA THR DA 90 20.91 56.17 96.61
C THR DA 90 20.71 55.47 95.27
N PRO DA 91 20.03 56.13 94.32
CA PRO DA 91 19.76 55.52 93.01
C PRO DA 91 21.04 55.31 92.20
N GLU DA 92 22.03 56.17 92.41
CA GLU DA 92 23.28 56.08 91.67
C GLU DA 92 24.07 54.84 92.08
N ALA DA 93 24.26 54.68 93.39
CA ALA DA 93 25.02 53.55 93.92
C ALA DA 93 24.28 52.23 93.74
N GLN DA 94 22.98 52.32 93.46
CA GLN DA 94 22.17 51.13 93.25
C GLN DA 94 22.56 50.46 91.93
N ALA DA 95 23.01 51.26 90.98
CA ALA DA 95 23.43 50.77 89.66
C ALA DA 95 24.67 49.89 89.79
N SER DA 96 25.44 50.09 90.86
CA SER DA 96 26.63 49.29 91.10
C SER DA 96 26.24 47.84 91.38
N ALA DA 97 25.24 47.64 92.24
CA ALA DA 97 24.74 46.31 92.56
C ALA DA 97 24.09 45.69 91.32
N VAL DA 98 23.51 46.53 90.47
CA VAL DA 98 22.89 46.06 89.24
C VAL DA 98 23.94 45.54 88.28
N ILE DA 99 24.98 46.33 88.04
CA ILE DA 99 26.10 45.89 87.20
C ILE DA 99 26.78 44.72 87.89
N GLY DA 100 27.20 44.92 89.14
CA GLY DA 100 27.79 43.86 89.93
C GLY DA 100 29.22 43.59 89.52
N GLY DA 101 30.14 43.76 90.47
CA GLY DA 101 31.54 43.49 90.22
C GLY DA 101 31.82 42.00 90.20
N ILE DA 102 32.10 41.44 91.38
CA ILE DA 102 32.37 40.01 91.51
C ILE DA 102 32.34 39.55 92.96
N SER DA 103 32.54 40.48 93.89
CA SER DA 103 32.47 40.20 95.33
C SER DA 103 33.64 39.33 95.79
N ALA DA 104 33.88 39.31 97.10
CA ALA DA 104 34.97 38.53 97.66
C ALA DA 104 34.67 37.04 97.60
N ALA DA 105 33.39 36.70 97.46
CA ALA DA 105 32.97 35.30 97.39
C ALA DA 105 33.46 34.65 96.10
N GLY DA 106 33.73 35.48 95.09
CA GLY DA 106 34.22 35.00 93.81
C GLY DA 106 33.07 34.80 92.82
N GLU DA 107 31.87 34.57 93.34
CA GLU DA 107 30.70 34.36 92.49
C GLU DA 107 30.27 35.66 91.83
N ARG DA 108 30.08 35.62 90.52
CA ARG DA 108 29.67 36.79 89.75
C ARG DA 108 28.36 37.36 90.26
N THR DA 109 28.41 38.63 90.68
CA THR DA 109 27.23 39.31 91.23
C THR DA 109 26.55 40.19 90.20
N GLY DA 110 25.32 40.58 90.50
CA GLY DA 110 24.58 41.52 89.67
C GLY DA 110 24.34 41.02 88.26
N LEU DA 111 24.30 41.97 87.33
CA LEU DA 111 24.00 41.68 85.93
C LEU DA 111 24.98 40.68 85.30
N GLN DA 112 26.21 40.66 85.81
CA GLN DA 112 27.25 39.77 85.27
C GLN DA 112 27.02 38.32 85.68
N ALA DA 113 26.05 38.10 86.57
CA ALA DA 113 25.73 36.75 87.04
C ALA DA 113 25.05 35.93 85.95
N LEU DA 114 24.61 36.59 84.89
CA LEU DA 114 23.90 35.92 83.80
C LEU DA 114 24.78 34.92 83.06
N LEU DA 115 26.10 35.10 83.15
CA LEU DA 115 27.04 34.19 82.51
C LEU DA 115 26.97 32.79 83.14
N ASP DA 116 26.43 32.73 84.36
CA ASP DA 116 26.30 31.47 85.08
C ASP DA 116 25.04 30.70 84.67
N GLY DA 117 24.11 31.41 84.04
CA GLY DA 117 22.83 30.82 83.65
C GLY DA 117 22.98 29.66 82.68
N LYS DA 118 24.09 29.66 81.94
CA LYS DA 118 24.36 28.62 80.96
C LYS DA 118 24.86 27.33 81.62
N SER DA 119 25.79 27.51 82.57
CA SER DA 119 26.42 26.37 83.24
C SER DA 119 25.72 26.03 84.56
N ARG DA 120 24.40 26.26 84.60
CA ARG DA 120 23.60 25.91 85.77
C ARG DA 120 22.18 25.49 85.38
N PHE DA 121 21.62 26.14 84.37
CA PHE DA 121 20.25 25.88 83.93
C PHE DA 121 20.20 25.44 82.46
N ASN DA 122 21.36 25.33 81.83
CA ASN DA 122 21.44 24.96 80.42
C ASN DA 122 20.59 25.89 79.55
N ALA DA 123 20.42 27.13 80.01
CA ALA DA 123 19.60 28.13 79.31
C ALA DA 123 20.38 29.42 79.25
N GLN DA 124 21.23 29.54 78.24
CA GLN DA 124 22.02 30.75 78.05
C GLN DA 124 21.10 31.93 77.74
N PRO DA 125 21.06 32.94 78.62
CA PRO DA 125 20.19 34.09 78.32
C PRO DA 125 20.64 34.83 77.07
N ARG DA 126 20.02 34.51 75.94
CA ARG DA 126 20.38 35.13 74.67
C ARG DA 126 19.45 36.30 74.38
N LEU DA 127 19.12 37.04 75.43
CA LEU DA 127 18.26 38.20 75.31
C LEU DA 127 18.27 38.99 76.62
N LEU DA 128 19.26 39.87 76.76
CA LEU DA 128 19.42 40.65 77.98
C LEU DA 128 18.35 41.73 78.10
N VAL DA 129 18.17 42.22 79.32
CA VAL DA 129 17.19 43.26 79.62
C VAL DA 129 17.37 43.70 81.06
N ALA DA 130 17.25 45.01 81.29
CA ALA DA 130 17.42 45.57 82.62
C ALA DA 130 16.46 46.76 82.82
N PRO DA 131 15.17 46.45 83.10
CA PRO DA 131 14.14 47.50 83.22
C PRO DA 131 14.47 48.50 84.33
N GLY DA 132 14.31 49.78 84.04
CA GLY DA 132 14.60 50.84 85.00
C GLY DA 132 16.06 51.24 84.96
N HIS DA 133 16.95 50.25 85.08
CA HIS DA 133 18.39 50.49 85.06
C HIS DA 133 18.97 50.30 83.66
N SER DA 134 18.85 51.35 82.84
CA SER DA 134 19.41 51.35 81.49
C SER DA 134 19.58 52.78 80.97
N ALA DA 135 18.78 53.71 81.49
CA ALA DA 135 18.90 55.12 81.12
C ALA DA 135 20.23 55.68 81.58
N GLN DA 136 20.81 55.06 82.61
CA GLN DA 136 22.13 55.46 83.09
C GLN DA 136 23.22 54.98 82.13
N GLN DA 137 24.12 55.89 81.80
CA GLN DA 137 25.20 55.59 80.85
C GLN DA 137 26.08 54.45 81.32
N ALA DA 138 26.16 54.27 82.63
CA ALA DA 138 27.05 53.28 83.24
C ALA DA 138 26.60 51.85 82.95
N VAL DA 139 25.44 51.49 83.49
CA VAL DA 139 24.91 50.12 83.37
C VAL DA 139 24.66 49.72 81.93
N ALA DA 140 24.45 50.71 81.06
CA ALA DA 140 24.15 50.45 79.66
C ALA DA 140 25.33 49.80 78.94
N THR DA 141 26.54 50.22 79.30
CA THR DA 141 27.74 49.66 78.68
C THR DA 141 28.00 48.23 79.14
N ALA DA 142 27.66 47.95 80.40
CA ALA DA 142 27.78 46.61 80.94
C ALA DA 142 26.88 45.64 80.18
N MET DA 143 25.72 46.14 79.78
CA MET DA 143 24.78 45.37 78.97
C MET DA 143 25.36 45.11 77.59
N ASP DA 144 26.16 46.06 77.11
CA ASP DA 144 26.80 45.95 75.80
C ASP DA 144 27.91 44.90 75.84
N GLY DA 145 28.78 45.00 76.84
CA GLY DA 145 29.91 44.11 76.95
C GLY DA 145 29.47 42.69 77.26
N LEU DA 146 28.43 42.57 78.06
CA LEU DA 146 27.91 41.27 78.49
C LEU DA 146 27.23 40.53 77.34
N ALA DA 147 26.59 41.29 76.45
CA ALA DA 147 25.86 40.71 75.34
C ALA DA 147 26.80 39.96 74.39
N GLU DA 148 28.01 40.47 74.23
CA GLU DA 148 28.99 39.84 73.34
C GLU DA 148 29.50 38.54 73.94
N LYS DA 149 29.45 38.42 75.26
CA LYS DA 149 29.86 37.20 75.95
C LYS DA 149 28.80 36.11 75.77
N LEU DA 150 27.53 36.56 75.71
CA LEU DA 150 26.40 35.66 75.59
C LEU DA 150 25.83 35.63 74.16
N ARG DA 151 26.39 36.48 73.29
CA ARG DA 151 25.89 36.60 71.92
C ARG DA 151 24.40 36.94 71.94
N ALA DA 152 24.00 37.78 72.89
CA ALA DA 152 22.60 38.14 73.08
C ALA DA 152 22.29 39.48 72.42
N ILE DA 153 21.10 40.01 72.72
CA ILE DA 153 20.70 41.32 72.22
C ILE DA 153 20.13 42.14 73.37
N ALA DA 154 20.99 42.93 73.99
CA ALA DA 154 20.62 43.73 75.15
C ALA DA 154 19.62 44.82 74.78
N ILE DA 155 18.42 44.72 75.35
CA ILE DA 155 17.37 45.72 75.13
C ILE DA 155 17.46 46.82 76.17
N LEU DA 156 17.92 47.99 75.76
CA LEU DA 156 18.00 49.14 76.64
C LEU DA 156 16.67 49.87 76.69
N ASP DA 157 16.62 50.96 77.46
CA ASP DA 157 15.43 51.78 77.54
C ASP DA 157 15.81 53.20 77.95
N GLY DA 158 16.00 54.07 76.95
CA GLY DA 158 16.44 55.43 77.20
C GLY DA 158 15.43 56.26 77.96
N PRO DA 159 15.87 57.41 78.49
CA PRO DA 159 15.00 58.28 79.29
C PRO DA 159 13.89 58.92 78.44
N ASN DA 160 12.74 59.16 79.04
CA ASN DA 160 11.63 59.79 78.36
C ASN DA 160 11.93 61.28 78.13
N SER DA 161 11.41 62.14 79.01
CA SER DA 161 11.65 63.58 78.92
C SER DA 161 11.26 64.11 77.54
N THR DA 162 12.11 63.84 76.55
CA THR DA 162 11.88 64.30 75.19
C THR DA 162 12.67 63.47 74.18
N ASP DA 163 12.45 63.74 72.89
CA ASP DA 163 13.11 63.00 71.82
C ASP DA 163 14.57 63.40 71.67
N GLU DA 164 14.86 64.67 71.94
CA GLU DA 164 16.22 65.20 71.82
C GLU DA 164 17.16 64.45 72.75
N ALA DA 165 16.67 64.08 73.93
CA ALA DA 165 17.46 63.39 74.94
C ALA DA 165 17.67 61.91 74.56
N ALA DA 166 16.77 61.38 73.73
CA ALA DA 166 16.83 59.99 73.31
C ALA DA 166 17.86 59.79 72.21
N VAL DA 167 17.88 60.75 71.27
CA VAL DA 167 18.82 60.69 70.16
C VAL DA 167 20.26 60.90 70.66
N ALA DA 168 20.42 61.85 71.57
CA ALA DA 168 21.73 62.18 72.13
C ALA DA 168 22.27 61.02 72.97
N TYR DA 169 21.38 60.13 73.39
CA TYR DA 169 21.76 58.99 74.20
C TYR DA 169 22.21 57.81 73.33
N ALA DA 170 21.53 57.60 72.21
CA ALA DA 170 21.84 56.52 71.29
C ALA DA 170 23.15 56.80 70.56
N LYS DA 171 23.48 58.08 70.41
CA LYS DA 171 24.70 58.50 69.72
C LYS DA 171 25.95 57.96 70.41
N ASN DA 172 25.80 57.55 71.67
CA ASN DA 172 26.93 57.02 72.44
C ASN DA 172 27.34 55.62 72.04
N PHE DA 173 26.36 54.74 71.85
CA PHE DA 173 26.63 53.35 71.53
C PHE DA 173 26.71 53.12 70.02
N GLY DA 174 27.15 51.94 69.63
CA GLY DA 174 27.24 51.58 68.22
C GLY DA 174 27.50 50.10 68.01
N SER DA 175 27.14 49.28 69.00
CA SER DA 175 27.40 47.84 68.93
C SER DA 175 26.23 47.09 68.30
N LYS DA 176 26.54 45.96 67.66
CA LYS DA 176 25.54 45.13 67.01
C LYS DA 176 24.43 44.70 67.97
N ARG DA 177 24.80 44.52 69.24
CA ARG DA 177 23.93 43.92 70.23
C ARG DA 177 23.32 44.95 71.18
N LEU DA 178 22.58 45.90 70.61
CA LEU DA 178 21.87 46.88 71.40
C LEU DA 178 20.62 47.33 70.68
N PHE DA 179 19.48 47.14 71.33
CA PHE DA 179 18.18 47.46 70.75
C PHE DA 179 17.38 48.31 71.71
N MET DA 180 17.61 49.61 71.68
CA MET DA 180 17.00 50.52 72.64
C MET DA 180 15.61 50.95 72.23
N VAL DA 181 14.76 51.21 73.23
CA VAL DA 181 13.43 51.75 73.02
C VAL DA 181 13.29 53.00 73.88
N ASP DA 182 12.91 54.12 73.25
CA ASP DA 182 12.90 55.41 73.92
C ASP DA 182 11.61 55.68 74.71
N PRO DA 183 10.46 55.76 74.03
CA PRO DA 183 9.24 56.15 74.75
C PRO DA 183 8.83 55.14 75.83
N GLY DA 184 8.79 55.57 77.08
CA GLY DA 184 8.46 54.68 78.19
C GLY DA 184 6.96 54.47 78.28
N VAL DA 185 6.52 53.26 77.89
CA VAL DA 185 5.12 52.89 77.98
C VAL DA 185 4.66 52.89 79.43
N GLN DA 186 3.41 53.25 79.67
CA GLN DA 186 2.85 53.26 81.03
C GLN DA 186 1.84 52.13 81.19
N VAL DA 187 2.02 51.36 82.25
CA VAL DA 187 1.14 50.22 82.56
C VAL DA 187 0.27 50.56 83.76
N TRP DA 188 -0.86 49.87 83.87
CA TRP DA 188 -1.75 50.04 85.00
C TRP DA 188 -1.32 49.15 86.16
N ASP DA 189 -0.57 49.72 87.11
CA ASP DA 189 -0.09 48.95 88.27
C ASP DA 189 -1.26 48.51 89.13
N SER DA 190 -1.19 47.28 89.63
CA SER DA 190 -2.25 46.72 90.47
C SER DA 190 -2.20 47.30 91.88
N ALA DA 191 -0.98 47.51 92.39
CA ALA DA 191 -0.79 47.99 93.75
C ALA DA 191 -1.19 49.45 93.90
N THR DA 192 -0.84 50.26 92.90
CA THR DA 192 -1.12 51.69 92.93
C THR DA 192 -2.57 51.97 92.53
N ASN DA 193 -3.16 51.05 91.79
CA ASN DA 193 -4.54 51.17 91.31
C ASN DA 193 -4.73 52.42 90.45
N ALA DA 194 -3.72 52.72 89.63
CA ALA DA 194 -3.77 53.86 88.72
C ALA DA 194 -2.66 53.76 87.70
N ALA DA 195 -2.49 54.81 86.90
CA ALA DA 195 -1.46 54.86 85.88
C ALA DA 195 -0.08 54.77 86.53
N ARG DA 196 0.89 54.24 85.78
CA ARG DA 196 2.22 54.04 86.30
C ARG DA 196 3.22 53.81 85.17
N ASN DA 197 4.16 54.74 85.01
CA ASN DA 197 5.13 54.67 83.93
C ASN DA 197 6.09 53.50 84.12
N ALA DA 198 6.37 52.79 83.02
CA ALA DA 198 7.26 51.65 83.02
C ALA DA 198 8.45 51.91 82.09
N PRO DA 199 9.54 51.13 82.25
CA PRO DA 199 10.73 51.32 81.41
C PRO DA 199 10.55 50.80 79.98
N ALA DA 200 9.49 50.03 79.75
CA ALA DA 200 9.19 49.49 78.41
C ALA DA 200 10.30 48.56 77.90
N SER DA 201 11.16 48.12 78.80
CA SER DA 201 12.28 47.27 78.44
C SER DA 201 11.84 45.81 78.43
N ALA DA 202 11.20 45.39 79.53
CA ALA DA 202 10.72 44.02 79.67
C ALA DA 202 9.58 43.72 78.70
N TYR DA 203 8.77 44.74 78.41
CA TYR DA 203 7.66 44.59 77.49
C TYR DA 203 8.17 44.31 76.07
N ALA DA 204 9.26 44.99 75.71
CA ALA DA 204 9.89 44.80 74.41
C ALA DA 204 10.64 43.47 74.37
N ALA DA 205 11.05 42.99 75.55
CA ALA DA 205 11.77 41.72 75.66
C ALA DA 205 10.80 40.55 75.50
N GLY DA 206 9.69 40.60 76.25
CA GLY DA 206 8.67 39.57 76.16
C GLY DA 206 8.06 39.54 74.78
N LEU DA 207 8.03 40.70 74.13
CA LEU DA 207 7.51 40.83 72.77
C LEU DA 207 8.31 39.99 71.79
N PHE DA 208 9.64 39.98 71.96
CA PHE DA 208 10.51 39.14 71.14
C PHE DA 208 10.17 37.67 71.33
N ALA DA 209 10.06 37.28 72.59
CA ALA DA 209 9.80 35.88 72.97
C ALA DA 209 8.51 35.38 72.34
N TRP DA 210 7.58 36.30 72.08
CA TRP DA 210 6.30 35.97 71.46
C TRP DA 210 6.50 35.62 69.99
N THR DA 211 7.28 36.44 69.29
CA THR DA 211 7.54 36.24 67.86
C THR DA 211 8.47 35.06 67.65
N ASP DA 212 9.45 34.91 68.54
CA ASP DA 212 10.44 33.84 68.43
C ASP DA 212 9.80 32.47 68.62
N ALA DA 213 8.85 32.38 69.55
CA ALA DA 213 8.13 31.14 69.81
C ALA DA 213 7.09 30.89 68.72
N GLU DA 214 6.55 31.97 68.17
CA GLU DA 214 5.52 31.89 67.14
C GLU DA 214 6.12 31.71 65.75
N TYR DA 215 6.56 32.81 65.15
CA TYR DA 215 7.15 32.78 63.81
C TYR DA 215 8.52 32.11 63.86
N GLY DA 216 9.41 32.70 64.64
CA GLY DA 216 10.77 32.21 64.77
C GLY DA 216 11.74 33.31 65.14
N PHE DA 217 12.92 32.93 65.62
CA PHE DA 217 13.96 33.89 65.99
C PHE DA 217 14.34 34.74 64.79
N TRP DA 218 14.22 34.15 63.59
CA TRP DA 218 14.55 34.86 62.36
C TRP DA 218 13.49 35.89 62.01
N SER DA 219 12.31 35.77 62.61
CA SER DA 219 11.23 36.72 62.35
C SER DA 219 11.51 38.03 63.09
N SER DA 220 11.21 39.15 62.43
CA SER DA 220 11.41 40.46 63.05
C SER DA 220 10.35 40.71 64.12
N PRO DA 221 10.75 41.30 65.26
CA PRO DA 221 9.81 41.56 66.36
C PRO DA 221 8.95 42.79 66.13
N SER DA 222 9.47 43.75 65.37
CA SER DA 222 8.79 45.02 65.13
C SER DA 222 7.39 44.83 64.54
N ASN DA 223 6.57 45.87 64.66
CA ASN DA 223 5.22 45.85 64.10
C ASN DA 223 4.37 44.74 64.71
N LYS DA 224 4.64 44.41 65.96
CA LYS DA 224 3.85 43.43 66.70
C LYS DA 224 3.30 44.09 67.97
N GLU DA 225 2.01 43.91 68.19
CA GLU DA 225 1.31 44.58 69.28
C GLU DA 225 1.74 44.06 70.64
N ILE DA 226 1.91 44.97 71.58
CA ILE DA 226 2.31 44.62 72.94
C ILE DA 226 1.11 44.75 73.88
N LYS DA 227 0.95 43.76 74.76
CA LYS DA 227 -0.14 43.74 75.73
C LYS DA 227 0.32 44.28 77.09
N GLY DA 228 -0.62 44.47 78.00
CA GLY DA 228 -0.31 44.94 79.34
C GLY DA 228 0.14 46.39 79.32
N VAL DA 229 -0.64 47.22 78.62
CA VAL DA 229 -0.35 48.64 78.47
C VAL DA 229 -1.61 49.46 78.69
N THR DA 230 -1.49 50.78 78.67
CA THR DA 230 -2.63 51.66 78.88
C THR DA 230 -2.27 53.12 78.59
N GLY DA 231 -1.39 53.33 77.62
CA GLY DA 231 -0.93 54.66 77.26
C GLY DA 231 0.59 54.66 77.14
N THR DA 232 1.15 55.73 76.60
CA THR DA 232 2.60 55.83 76.42
C THR DA 232 3.08 57.24 76.75
N SER DA 233 4.09 57.32 77.61
CA SER DA 233 4.71 58.58 77.96
C SER DA 233 5.25 59.27 76.72
N ARG DA 234 4.89 60.55 76.56
CA ARG DA 234 5.27 61.32 75.39
C ARG DA 234 4.70 60.69 74.12
N PRO DA 235 3.48 61.08 73.72
CA PRO DA 235 2.84 60.44 72.57
C PRO DA 235 3.60 60.67 71.28
N VAL DA 236 4.39 59.67 70.87
CA VAL DA 236 5.14 59.74 69.62
C VAL DA 236 4.16 59.68 68.45
N GLU DA 237 4.14 60.73 67.64
CA GLU DA 237 3.19 60.86 66.55
C GLU DA 237 3.55 59.92 65.39
N PHE DA 238 2.54 59.47 64.67
CA PHE DA 238 2.75 58.64 63.49
C PHE DA 238 1.61 58.82 62.49
N LEU DA 239 1.94 59.38 61.34
CA LEU DA 239 0.96 59.62 60.30
C LEU DA 239 0.66 58.31 59.56
N ASP DA 240 -0.25 58.38 58.59
CA ASP DA 240 -0.64 57.21 57.81
C ASP DA 240 0.53 56.72 56.97
N GLY DA 241 1.26 57.65 56.36
CA GLY DA 241 2.39 57.31 55.52
C GLY DA 241 3.16 58.55 55.09
N ASP DA 242 4.09 58.98 55.95
CA ASP DA 242 4.92 60.13 55.64
C ASP DA 242 6.18 60.13 56.50
N GLU DA 243 7.31 60.49 55.90
CA GLU DA 243 8.59 60.54 56.60
C GLU DA 243 8.67 61.71 57.57
N THR DA 244 7.67 62.59 57.52
CA THR DA 244 7.65 63.78 58.36
C THR DA 244 7.27 63.43 59.79
N CYS DA 245 6.65 62.27 59.99
CA CYS DA 245 6.23 61.85 61.31
C CYS DA 245 7.44 61.63 62.21
N ARG DA 246 7.25 61.83 63.51
CA ARG DA 246 8.35 61.78 64.46
C ARG DA 246 8.78 60.36 64.78
N ALA DA 247 7.84 59.41 64.62
CA ALA DA 247 8.13 58.00 64.87
C ALA DA 247 9.25 57.52 63.96
N ASN DA 248 9.33 58.11 62.77
CA ASN DA 248 10.35 57.75 61.79
C ASN DA 248 11.72 58.31 62.14
N LEU DA 249 11.74 59.55 62.62
CA LEU DA 249 12.99 60.24 62.92
C LEU DA 249 13.81 59.51 63.98
N LEU DA 250 13.14 58.89 64.94
CA LEU DA 250 13.82 58.14 65.99
C LEU DA 250 14.41 56.84 65.43
N ASN DA 251 13.74 56.27 64.43
CA ASN DA 251 14.23 55.05 63.80
C ASN DA 251 15.50 55.31 62.99
N ASN DA 252 15.64 56.54 62.50
CA ASN DA 252 16.85 56.96 61.79
C ASN DA 252 18.04 56.99 62.74
N ALA DA 253 17.77 57.25 64.01
CA ALA DA 253 18.79 57.26 65.04
C ALA DA 253 18.90 55.88 65.70
N ASN DA 254 18.37 54.86 65.04
CA ASN DA 254 18.38 53.49 65.55
C ASN DA 254 17.68 53.41 66.90
N ILE DA 255 16.38 53.64 66.90
CA ILE DA 255 15.59 53.60 68.14
C ILE DA 255 14.22 52.97 67.89
N ALA DA 256 13.82 52.09 68.79
CA ALA DA 256 12.50 51.48 68.75
C ALA DA 256 11.49 52.39 69.43
N THR DA 257 10.25 52.37 68.96
CA THR DA 257 9.22 53.25 69.49
C THR DA 257 7.84 52.57 69.47
N ILE DA 258 7.02 52.91 70.45
CA ILE DA 258 5.65 52.41 70.53
C ILE DA 258 4.70 53.46 69.95
N ILE DA 259 4.06 53.10 68.85
CA ILE DA 259 3.24 54.06 68.10
C ILE DA 259 1.76 54.00 68.47
N ARG DA 260 1.03 55.03 68.04
CA ARG DA 260 -0.41 55.13 68.24
C ARG DA 260 -0.82 55.18 69.71
N ASP DA 261 -2.10 55.40 69.94
CA ASP DA 261 -2.64 55.56 71.28
C ASP DA 261 -2.47 54.29 72.09
N ASP DA 262 -2.62 54.41 73.41
CA ASP DA 262 -2.57 53.28 74.32
C ASP DA 262 -1.21 52.57 74.25
N GLY DA 263 -0.97 51.87 73.15
CA GLY DA 263 0.25 51.11 72.94
C GLY DA 263 -0.01 50.07 71.87
N TYR DA 264 -0.42 50.56 70.70
CA TYR DA 264 -0.84 49.71 69.59
C TYR DA 264 0.24 48.70 69.23
N ARG DA 265 1.44 49.19 68.94
CA ARG DA 265 2.53 48.30 68.54
C ARG DA 265 3.90 48.98 68.62
N LEU DA 266 4.93 48.14 68.68
CA LEU DA 266 6.32 48.60 68.72
C LEU DA 266 7.00 48.29 67.40
N TRP DA 267 7.91 49.17 66.97
CA TRP DA 267 8.73 48.88 65.80
C TRP DA 267 10.02 49.70 65.81
N GLY DA 268 10.90 49.43 64.85
CA GLY DA 268 12.19 50.08 64.75
C GLY DA 268 13.27 49.02 64.76
N ASN DA 269 13.38 48.28 63.65
CA ASN DA 269 14.29 47.15 63.57
C ASN DA 269 15.75 47.54 63.69
N ARG DA 270 16.06 48.80 63.39
CA ARG DA 270 17.43 49.30 63.43
C ARG DA 270 18.03 49.16 64.83
N THR DA 271 19.07 48.34 64.94
CA THR DA 271 19.81 48.20 66.18
C THR DA 271 20.89 49.28 66.21
N LEU DA 272 21.25 49.74 67.42
CA LEU DA 272 22.23 50.79 67.58
C LEU DA 272 23.60 50.36 67.04
N SER DA 273 23.73 50.26 65.73
CA SER DA 273 24.95 49.77 65.11
C SER DA 273 25.41 50.70 63.98
N SER DA 274 26.71 50.98 63.95
CA SER DA 274 27.30 51.82 62.93
C SER DA 274 27.41 51.06 61.61
N ASP DA 275 27.89 49.82 61.66
CA ASP DA 275 28.02 49.00 60.47
C ASP DA 275 26.64 48.69 59.90
N SER DA 276 26.39 49.14 58.67
CA SER DA 276 25.09 48.97 58.02
C SER DA 276 24.82 47.50 57.68
N LYS DA 277 25.85 46.67 57.76
CA LYS DA 277 25.70 45.24 57.49
C LYS DA 277 24.84 44.59 58.57
N TRP DA 278 25.00 45.05 59.81
CA TRP DA 278 24.25 44.54 60.95
C TRP DA 278 23.21 45.56 61.39
N ALA DA 279 22.57 46.19 60.42
CA ALA DA 279 21.60 47.25 60.70
C ALA DA 279 20.36 46.69 61.37
N PHE DA 280 19.88 45.56 60.87
CA PHE DA 280 18.68 44.94 61.44
C PHE DA 280 19.04 44.12 62.67
N VAL DA 281 18.13 44.13 63.65
CA VAL DA 281 18.29 43.33 64.85
C VAL DA 281 18.10 41.86 64.49
N THR DA 282 17.39 41.61 63.40
CA THR DA 282 17.15 40.26 62.91
C THR DA 282 18.44 39.52 62.58
N ARG DA 283 19.27 40.15 61.74
CA ARG DA 283 20.52 39.54 61.30
C ARG DA 283 21.41 39.17 62.49
N VAL DA 284 21.50 40.07 63.45
CA VAL DA 284 22.31 39.83 64.64
C VAL DA 284 21.74 38.67 65.44
N ARG DA 285 20.43 38.48 65.36
CA ARG DA 285 19.74 37.46 66.13
C ARG DA 285 19.86 36.07 65.49
N THR DA 286 19.91 36.04 64.16
CA THR DA 286 20.02 34.79 63.41
C THR DA 286 21.47 34.31 63.38
N MET DA 287 22.38 35.27 63.21
CA MET DA 287 23.80 34.97 63.08
C MET DA 287 24.38 34.45 64.39
N ASP DA 288 23.99 35.12 65.49
CA ASP DA 288 24.43 34.72 66.82
C ASP DA 288 23.88 33.35 67.20
N LEU DA 289 22.83 32.92 66.49
CA LEU DA 289 22.18 31.66 66.78
C LEU DA 289 22.85 30.50 66.02
N VAL DA 290 23.00 30.65 64.71
CA VAL DA 290 23.60 29.62 63.88
C VAL DA 290 25.06 29.41 64.25
N MET DA 291 25.70 30.47 64.75
CA MET DA 291 27.08 30.38 65.20
C MET DA 291 27.16 29.52 66.45
N ASP DA 292 26.34 29.84 67.44
CA ASP DA 292 26.31 29.09 68.70
C ASP DA 292 25.82 27.67 68.48
N ALA DA 293 25.07 27.45 67.40
CA ALA DA 293 24.56 26.12 67.07
C ALA DA 293 25.67 25.26 66.48
N ILE DA 294 26.44 25.84 65.55
CA ILE DA 294 27.54 25.13 64.91
C ILE DA 294 28.65 24.88 65.92
N LEU DA 295 28.84 25.85 66.81
CA LEU DA 295 29.85 25.74 67.86
C LEU DA 295 29.51 24.58 68.80
N ALA DA 296 28.33 24.64 69.40
CA ALA DA 296 27.88 23.63 70.36
C ALA DA 296 27.44 22.34 69.65
N GLY DA 297 27.24 22.41 68.35
CA GLY DA 297 26.75 21.28 67.59
C GLY DA 297 27.84 20.28 67.25
N HIS DA 298 28.96 20.78 66.74
CA HIS DA 298 30.07 19.93 66.33
C HIS DA 298 31.08 19.74 67.46
N LYS DA 299 30.55 19.54 68.66
CA LYS DA 299 31.37 19.22 69.82
C LYS DA 299 31.70 17.74 69.84
N TRP DA 300 30.95 16.96 69.05
CA TRP DA 300 31.16 15.52 68.96
C TRP DA 300 32.40 15.22 68.13
N ALA DA 301 32.67 16.09 67.16
CA ALA DA 301 33.78 15.89 66.23
C ALA DA 301 35.10 16.11 66.97
N VAL DA 302 35.60 17.35 66.92
CA VAL DA 302 36.88 17.71 67.53
C VAL DA 302 37.96 16.74 67.03
N ASP DA 303 38.91 16.38 67.88
CA ASP DA 303 40.01 15.51 67.46
C ASP DA 303 39.49 14.14 67.05
N ARG DA 304 39.49 13.89 65.74
CA ARG DA 304 39.02 12.63 65.19
C ARG DA 304 39.66 12.44 63.81
N GLY DA 305 39.76 11.18 63.38
CA GLY DA 305 40.39 10.85 62.11
C GLY DA 305 39.81 11.65 60.95
N ILE DA 306 40.63 12.54 60.40
CA ILE DA 306 40.19 13.45 59.34
C ILE DA 306 40.25 12.76 57.98
N THR DA 307 39.53 11.65 57.87
CA THR DA 307 39.44 10.93 56.61
C THR DA 307 38.46 11.64 55.68
N LYS DA 308 38.51 11.33 54.39
CA LYS DA 308 37.60 11.90 53.41
C LYS DA 308 36.14 11.74 53.83
N THR DA 309 35.85 10.65 54.55
CA THR DA 309 34.50 10.39 55.03
C THR DA 309 34.11 11.43 56.07
N TYR DA 310 35.03 11.69 57.00
CA TYR DA 310 34.79 12.63 58.09
C TYR DA 310 34.46 14.03 57.57
N VAL DA 311 35.20 14.47 56.55
CA VAL DA 311 34.96 15.78 55.95
C VAL DA 311 33.57 15.85 55.36
N LYS DA 312 33.19 14.81 54.61
CA LYS DA 312 31.86 14.74 54.02
C LYS DA 312 30.77 14.59 55.08
N ASP DA 313 31.07 13.89 56.17
CA ASP DA 313 30.11 13.71 57.25
C ASP DA 313 29.79 15.05 57.90
N VAL DA 314 30.80 15.90 58.01
CA VAL DA 314 30.62 17.24 58.57
C VAL DA 314 30.03 18.16 57.52
N THR DA 315 30.49 18.02 56.27
CA THR DA 315 29.96 18.81 55.17
C THR DA 315 28.47 18.55 54.97
N GLU DA 316 28.10 17.27 54.94
CA GLU DA 316 26.70 16.88 54.80
C GLU DA 316 25.91 17.24 56.06
N GLY DA 317 26.62 17.44 57.17
CA GLY DA 317 25.99 17.84 58.40
C GLY DA 317 25.50 19.28 58.31
N LEU DA 318 26.24 20.10 57.57
CA LEU DA 318 25.86 21.49 57.33
C LEU DA 318 24.86 21.59 56.19
N ARG DA 319 25.02 20.74 55.19
CA ARG DA 319 24.08 20.68 54.06
C ARG DA 319 22.66 20.45 54.56
N ALA DA 320 22.49 19.39 55.34
CA ALA DA 320 21.18 19.02 55.86
C ALA DA 320 20.69 20.07 56.86
N PHE DA 321 21.61 20.56 57.69
CA PHE DA 321 21.27 21.54 58.72
C PHE DA 321 20.72 22.82 58.13
N MET DA 322 21.49 23.43 57.23
CA MET DA 322 21.09 24.69 56.60
C MET DA 322 19.83 24.52 55.77
N ARG DA 323 19.66 23.35 55.18
CA ARG DA 323 18.47 23.08 54.38
C ARG DA 323 17.23 23.00 55.26
N ASP DA 324 17.42 22.67 56.54
CA ASP DA 324 16.32 22.66 57.50
C ASP DA 324 15.95 24.09 57.90
N LEU DA 325 16.88 25.02 57.66
CA LEU DA 325 16.64 26.44 57.90
C LEU DA 325 16.02 27.11 56.68
N LYS DA 326 16.36 26.59 55.50
CA LYS DA 326 15.89 27.16 54.25
C LYS DA 326 14.40 26.92 54.06
N ASN DA 327 14.00 25.65 54.08
CA ASN DA 327 12.59 25.28 53.92
C ASN DA 327 11.75 25.80 55.08
N GLN DA 328 12.38 25.99 56.23
CA GLN DA 328 11.71 26.54 57.40
C GLN DA 328 11.50 28.04 57.24
N GLY DA 329 12.35 28.66 56.42
CA GLY DA 329 12.23 30.08 56.12
C GLY DA 329 13.19 30.95 56.90
N ALA DA 330 14.12 30.32 57.62
CA ALA DA 330 15.10 31.05 58.41
C ALA DA 330 16.09 31.78 57.51
N VAL DA 331 16.41 31.16 56.38
CA VAL DA 331 17.33 31.73 55.41
C VAL DA 331 16.76 31.57 54.00
N ILE DA 332 17.15 32.46 53.10
CA ILE DA 332 16.69 32.38 51.71
C ILE DA 332 17.42 31.27 51.00
N ASN DA 333 18.76 31.32 51.04
CA ASN DA 333 19.58 30.29 50.42
C ASN DA 333 20.96 30.27 51.07
N PHE DA 334 21.66 29.16 50.91
CA PHE DA 334 22.95 28.97 51.56
C PHE DA 334 23.94 28.26 50.64
N GLU DA 335 25.14 28.04 51.17
CA GLU DA 335 26.19 27.34 50.44
C GLU DA 335 27.32 27.02 51.41
N VAL DA 336 27.63 25.73 51.55
CA VAL DA 336 28.67 25.30 52.47
C VAL DA 336 29.62 24.33 51.78
N TYR DA 337 30.90 24.45 52.08
CA TYR DA 337 31.93 23.64 51.43
C TYR DA 337 33.28 23.84 52.10
N ALA DA 338 34.24 23.00 51.74
CA ALA DA 338 35.59 23.09 52.27
C ALA DA 338 36.46 23.89 51.30
N ASP DA 339 37.04 24.99 51.79
CA ASP DA 339 37.85 25.87 50.95
C ASP DA 339 39.13 25.16 50.51
N PRO DA 340 39.43 25.17 49.20
CA PRO DA 340 40.68 24.56 48.72
C PRO DA 340 41.94 25.24 49.27
N ASP DA 341 41.95 26.57 49.31
CA ASP DA 341 43.13 27.32 49.69
C ASP DA 341 43.44 27.21 51.19
N LEU DA 342 42.40 27.31 52.00
CA LEU DA 342 42.56 27.23 53.46
C LEU DA 342 43.03 25.85 53.88
N ASN DA 343 42.30 24.82 53.44
CA ASN DA 343 42.65 23.45 53.75
C ASN DA 343 43.96 23.05 53.06
N SER DA 344 45.06 23.62 53.52
CA SER DA 344 46.37 23.32 52.96
C SER DA 344 46.93 22.05 53.61
N ALA DA 345 47.93 21.45 52.96
CA ALA DA 345 48.55 20.23 53.47
C ALA DA 345 49.15 20.44 54.86
N SER DA 346 49.55 21.67 55.15
CA SER DA 346 50.17 22.01 56.43
C SER DA 346 49.12 22.32 57.51
N GLN DA 347 48.00 22.90 57.09
CA GLN DA 347 46.93 23.26 58.02
C GLN DA 347 46.27 22.00 58.58
N LEU DA 348 46.00 21.03 57.71
CA LEU DA 348 45.43 19.76 58.12
C LEU DA 348 46.39 18.99 59.03
N ALA DA 349 47.68 19.25 58.88
CA ALA DA 349 48.70 18.58 59.67
C ALA DA 349 48.81 19.19 61.07
N GLN DA 350 48.02 20.22 61.33
CA GLN DA 350 47.92 20.84 62.66
C GLN DA 350 46.53 20.61 63.25
N GLY DA 351 45.67 19.95 62.49
CA GLY DA 351 44.32 19.64 62.93
C GLY DA 351 43.30 20.61 62.34
N LYS DA 352 43.77 21.78 61.92
CA LYS DA 352 42.88 22.78 61.33
C LYS DA 352 42.19 22.25 60.08
N VAL DA 353 40.88 22.44 60.02
CA VAL DA 353 40.09 22.10 58.84
C VAL DA 353 38.90 23.06 58.77
N TYR DA 354 38.77 23.75 57.65
CA TYR DA 354 37.81 24.84 57.52
C TYR DA 354 36.62 24.47 56.66
N TRP DA 355 35.48 25.11 56.92
CA TRP DA 355 34.28 24.96 56.10
C TRP DA 355 33.63 26.32 55.90
N ASN DA 356 33.74 26.85 54.68
CA ASN DA 356 33.22 28.18 54.37
C ASN DA 356 31.70 28.18 54.27
N ILE DA 357 31.04 28.57 55.36
CA ILE DA 357 29.59 28.71 55.36
C ILE DA 357 29.21 30.13 54.94
N ARG DA 358 28.16 30.25 54.13
CA ARG DA 358 27.69 31.54 53.67
C ARG DA 358 26.22 31.46 53.26
N PHE DA 359 25.47 32.52 53.59
CA PHE DA 359 24.04 32.57 53.30
C PHE DA 359 23.51 33.98 53.46
N THR DA 360 22.20 34.14 53.29
CA THR DA 360 21.56 35.44 53.41
C THR DA 360 20.37 35.35 54.37
N ASP DA 361 20.57 35.83 55.59
CA ASP DA 361 19.47 35.88 56.56
C ASP DA 361 18.35 36.78 56.03
N VAL DA 362 17.11 36.40 56.31
CA VAL DA 362 15.96 37.13 55.76
C VAL DA 362 15.83 38.52 56.41
N PRO DA 363 15.87 39.59 55.61
CA PRO DA 363 15.69 40.94 56.14
C PRO DA 363 14.20 41.34 56.17
N PRO DA 364 13.75 42.02 57.23
CA PRO DA 364 12.34 42.45 57.28
C PRO DA 364 12.07 43.61 56.34
N ALA DA 365 11.08 43.46 55.45
CA ALA DA 365 10.70 44.53 54.53
C ALA DA 365 10.15 45.72 55.29
N GLU DA 366 11.04 46.51 55.87
CA GLU DA 366 10.62 47.60 56.74
C GLU DA 366 10.05 48.79 55.99
N ASN DA 367 10.04 48.72 54.65
CA ASN DA 367 9.53 49.81 53.83
C ASN DA 367 9.18 49.35 52.42
N PRO DA 368 8.06 48.64 52.27
CA PRO DA 368 7.58 48.20 50.94
C PRO DA 368 6.90 49.33 50.16
N ASN DA 369 7.47 49.70 49.02
CA ASN DA 369 6.93 50.78 48.19
C ASN DA 369 5.93 50.24 47.17
N PHE DA 370 5.14 51.14 46.59
CA PHE DA 370 4.13 50.78 45.59
C PHE DA 370 4.06 51.85 44.51
N ARG DA 371 4.96 51.75 43.54
CA ARG DA 371 5.02 52.71 42.45
C ARG DA 371 3.79 52.61 41.55
N VAL DA 372 2.66 53.08 42.05
CA VAL DA 372 1.43 53.07 41.28
C VAL DA 372 1.40 54.26 40.33
N GLU DA 373 0.84 54.06 39.15
CA GLU DA 373 0.83 55.10 38.12
C GLU DA 373 -0.16 54.73 37.02
N VAL DA 374 -1.12 55.62 36.78
CA VAL DA 374 -2.08 55.43 35.70
C VAL DA 374 -1.42 55.70 34.35
N THR DA 375 -2.17 55.45 33.29
CA THR DA 375 -1.70 55.70 31.94
C THR DA 375 -2.87 55.68 30.97
N ASP DA 376 -2.57 55.55 29.68
CA ASP DA 376 -3.59 55.52 28.64
C ASP DA 376 -3.28 54.38 27.68
N GLN DA 377 -2.74 53.29 28.23
CA GLN DA 377 -2.33 52.15 27.41
C GLN DA 377 -3.53 51.27 27.04
N TRP DA 378 -4.17 50.69 28.04
CA TRP DA 378 -5.32 49.82 27.82
C TRP DA 378 -6.61 50.60 27.64
N LEU DA 379 -6.66 51.43 26.60
CA LEU DA 379 -7.88 52.16 26.25
C LEU DA 379 -8.46 51.63 24.95
N THR DA 380 -7.57 51.26 24.02
CA THR DA 380 -7.99 50.69 22.75
C THR DA 380 -8.62 49.31 22.94
N GLU DA 381 -8.42 48.74 24.12
CA GLU DA 381 -9.03 47.46 24.47
C GLU DA 381 -10.54 47.62 24.50
N VAL DA 382 -11.00 48.81 24.88
CA VAL DA 382 -12.42 49.13 24.89
C VAL DA 382 -12.89 49.37 23.46
N LEU DA 383 -13.03 48.30 22.70
CA LEU DA 383 -13.39 48.40 21.30
C LEU DA 383 -13.74 47.03 20.73
N ASP DA 384 -12.84 46.06 20.96
CA ASP DA 384 -13.04 44.70 20.48
C ASP DA 384 -12.20 43.74 21.30
N SER EA 2 19.95 81.37 31.23
CA SER EA 2 19.06 80.26 30.93
C SER EA 2 18.58 80.33 29.49
N PHE EA 3 18.23 81.55 29.06
CA PHE EA 3 17.76 81.81 27.69
C PHE EA 3 16.36 81.21 27.49
N PHE EA 4 15.39 82.09 27.32
CA PHE EA 4 13.99 81.72 27.10
C PHE EA 4 13.39 81.02 28.33
N HIS EA 5 13.75 79.74 28.50
CA HIS EA 5 13.19 78.91 29.58
C HIS EA 5 11.67 78.81 29.49
N GLY EA 6 11.18 77.98 28.58
CA GLY EA 6 9.75 77.75 28.43
C GLY EA 6 9.47 76.55 27.55
N VAL EA 7 9.01 76.81 26.33
CA VAL EA 7 8.75 75.76 25.36
C VAL EA 7 8.55 76.38 23.99
N THR EA 8 9.61 76.38 23.18
CA THR EA 8 9.57 76.99 21.86
C THR EA 8 8.88 76.07 20.87
N VAL EA 9 8.73 76.56 19.64
CA VAL EA 9 8.07 75.80 18.58
C VAL EA 9 8.37 76.53 17.26
N THR EA 10 9.66 76.69 16.98
CA THR EA 10 10.09 77.43 15.79
C THR EA 10 9.69 76.69 14.51
N ASN EA 11 9.12 77.44 13.57
CA ASN EA 11 8.73 76.89 12.28
C ASN EA 11 9.91 76.97 11.31
N VAL EA 12 10.52 75.82 11.03
CA VAL EA 12 11.65 75.78 10.12
C VAL EA 12 11.16 75.88 8.67
N ASP EA 13 11.33 77.07 8.09
CA ASP EA 13 10.84 77.35 6.75
C ASP EA 13 11.84 76.88 5.70
N ILE EA 14 11.86 75.57 5.44
CA ILE EA 14 12.70 74.99 4.40
C ILE EA 14 11.93 73.93 3.63
N GLY EA 15 12.41 73.59 2.44
CA GLY EA 15 11.76 72.63 1.58
C GLY EA 15 11.68 73.17 0.16
N ALA EA 16 11.53 72.27 -0.81
CA ALA EA 16 11.44 72.66 -2.20
C ALA EA 16 10.13 73.37 -2.51
N ARG EA 17 10.23 74.66 -2.83
CA ARG EA 17 9.05 75.44 -3.19
C ARG EA 17 8.52 75.02 -4.55
N THR EA 18 7.24 75.33 -4.79
CA THR EA 18 6.61 75.02 -6.07
C THR EA 18 6.83 76.16 -7.06
N ILE EA 19 6.74 75.85 -8.35
CA ILE EA 19 6.94 76.84 -9.40
C ILE EA 19 5.86 76.72 -10.46
N ALA EA 20 5.42 77.86 -10.98
CA ALA EA 20 4.35 77.91 -11.98
C ALA EA 20 4.84 78.48 -13.30
N LEU EA 21 3.96 78.50 -14.29
CA LEU EA 21 4.24 79.03 -15.61
C LEU EA 21 3.41 80.30 -15.87
N PRO EA 22 3.92 81.46 -15.43
CA PRO EA 22 3.13 82.70 -15.52
C PRO EA 22 2.93 83.18 -16.96
N ALA EA 23 2.04 84.16 -17.14
CA ALA EA 23 1.82 84.79 -18.44
C ALA EA 23 1.29 83.81 -19.49
N SER EA 24 2.09 82.80 -19.81
CA SER EA 24 1.73 81.76 -20.78
C SER EA 24 1.56 82.35 -22.18
N SER EA 25 0.47 83.07 -22.40
CA SER EA 25 0.19 83.63 -23.72
C SER EA 25 -0.77 84.81 -23.64
N VAL EA 26 -0.30 85.91 -23.06
CA VAL EA 26 -1.08 87.15 -23.01
C VAL EA 26 -0.70 88.00 -24.23
N ILE EA 27 -1.72 88.50 -24.92
CA ILE EA 27 -1.51 89.26 -26.15
C ILE EA 27 -1.33 90.75 -25.84
N GLY EA 28 -0.41 91.37 -26.56
CA GLY EA 28 -0.11 92.79 -26.42
C GLY EA 28 -0.36 93.50 -27.72
N LEU EA 29 -1.59 93.97 -27.90
CA LEU EA 29 -2.02 94.59 -29.15
C LEU EA 29 -1.97 96.11 -29.07
N CYS EA 30 -1.86 96.76 -30.23
CA CYS EA 30 -1.78 98.21 -30.29
C CYS EA 30 -2.14 98.70 -31.69
N ASP EA 31 -3.45 98.86 -31.95
CA ASP EA 31 -3.94 99.39 -33.21
C ASP EA 31 -4.39 100.83 -32.99
N VAL EA 32 -5.45 101.24 -33.67
CA VAL EA 32 -5.98 102.60 -33.52
C VAL EA 32 -7.49 102.58 -33.37
N PHE EA 33 -8.05 103.70 -32.90
CA PHE EA 33 -9.50 103.84 -32.78
C PHE EA 33 -9.87 105.32 -32.75
N THR EA 34 -11.14 105.59 -32.40
CA THR EA 34 -11.65 106.94 -32.36
C THR EA 34 -12.24 107.24 -30.98
N PRO EA 35 -11.44 107.89 -30.10
CA PRO EA 35 -11.95 108.21 -28.76
C PRO EA 35 -13.00 109.31 -28.80
N GLY EA 36 -14.03 109.19 -27.97
CA GLY EA 36 -15.08 110.19 -27.91
C GLY EA 36 -16.13 109.85 -26.87
N ALA EA 37 -17.26 109.33 -27.32
CA ALA EA 37 -18.40 109.05 -26.46
C ALA EA 37 -18.39 107.61 -25.97
N GLN EA 38 -18.75 106.67 -26.85
CA GLN EA 38 -18.85 105.26 -26.49
C GLN EA 38 -17.50 104.67 -26.12
N ALA EA 39 -16.43 105.32 -26.57
CA ALA EA 39 -15.08 104.85 -26.30
C ALA EA 39 -14.69 105.15 -24.85
N SER EA 40 -14.85 104.14 -23.99
CA SER EA 40 -14.55 104.30 -22.56
C SER EA 40 -13.05 104.38 -22.33
N ALA EA 41 -12.29 103.59 -23.08
CA ALA EA 41 -10.84 103.56 -22.94
C ALA EA 41 -10.24 104.90 -23.33
N LYS EA 42 -9.23 105.33 -22.58
CA LYS EA 42 -8.60 106.62 -22.84
C LYS EA 42 -7.80 106.56 -24.15
N PRO EA 43 -7.45 107.74 -24.71
CA PRO EA 43 -6.83 107.77 -26.04
C PRO EA 43 -5.43 107.15 -26.14
N ASN EA 44 -4.91 106.56 -25.07
CA ASN EA 44 -3.54 106.03 -25.11
C ASN EA 44 -3.19 105.01 -24.04
N VAL EA 45 -3.81 105.09 -22.86
CA VAL EA 45 -3.41 104.24 -21.75
C VAL EA 45 -3.71 102.77 -22.05
N PRO EA 46 -2.92 101.85 -21.44
CA PRO EA 46 -3.24 100.41 -21.59
C PRO EA 46 -4.56 100.04 -20.92
N VAL EA 47 -5.34 99.18 -21.56
CA VAL EA 47 -6.59 98.70 -21.00
C VAL EA 47 -6.65 97.19 -21.15
N LEU EA 48 -7.02 96.51 -20.07
CA LEU EA 48 -7.10 95.05 -20.09
C LEU EA 48 -8.43 94.60 -20.66
N LEU EA 49 -8.40 93.49 -21.39
CA LEU EA 49 -9.60 92.93 -22.01
C LEU EA 49 -9.76 91.47 -21.59
N THR EA 50 -10.87 90.87 -22.01
CA THR EA 50 -11.16 89.48 -21.67
C THR EA 50 -12.15 88.88 -22.66
N SER EA 51 -13.06 89.71 -23.16
CA SER EA 51 -14.07 89.29 -24.13
C SER EA 51 -14.45 90.47 -25.02
N LYS EA 52 -15.25 90.18 -26.05
CA LYS EA 52 -15.70 91.21 -26.97
C LYS EA 52 -16.49 92.30 -26.27
N LYS EA 53 -17.29 91.90 -25.27
CA LYS EA 53 -18.07 92.86 -24.50
C LYS EA 53 -17.18 93.89 -23.82
N ASP EA 54 -16.11 93.41 -23.18
CA ASP EA 54 -15.19 94.28 -22.45
C ASP EA 54 -14.38 95.15 -23.42
N ALA EA 55 -14.29 94.70 -24.67
CA ALA EA 55 -13.54 95.41 -25.71
C ALA EA 55 -14.42 96.40 -26.48
N ALA EA 56 -15.68 96.02 -26.67
CA ALA EA 56 -16.63 96.83 -27.42
C ALA EA 56 -16.89 98.16 -26.72
N ALA EA 57 -17.27 98.09 -25.46
CA ALA EA 57 -17.56 99.29 -24.67
C ALA EA 57 -16.30 100.11 -24.42
N ALA EA 58 -15.14 99.49 -24.60
CA ALA EA 58 -13.87 100.15 -24.34
C ALA EA 58 -13.46 101.06 -25.50
N PHE EA 59 -13.31 100.49 -26.69
CA PHE EA 59 -12.83 101.22 -27.86
C PHE EA 59 -13.99 101.64 -28.77
N GLY EA 60 -14.97 100.75 -28.92
CA GLY EA 60 -16.14 101.01 -29.74
C GLY EA 60 -16.19 100.10 -30.94
N ILE EA 61 -17.36 100.03 -31.57
CA ILE EA 61 -17.55 99.21 -32.75
C ILE EA 61 -17.10 99.97 -33.99
N GLY EA 62 -16.52 99.25 -34.94
CA GLY EA 62 -16.03 99.86 -36.16
C GLY EA 62 -14.59 100.33 -36.04
N SER EA 63 -14.15 100.52 -34.80
CA SER EA 63 -12.77 100.92 -34.54
C SER EA 63 -11.83 99.85 -35.11
N SER EA 64 -10.79 100.31 -35.82
CA SER EA 64 -9.84 99.40 -36.46
C SER EA 64 -9.19 98.44 -35.46
N ILE EA 65 -9.19 98.83 -34.19
CA ILE EA 65 -8.63 98.00 -33.13
C ILE EA 65 -9.60 96.89 -32.74
N TYR EA 66 -10.89 97.20 -32.81
CA TYR EA 66 -11.92 96.23 -32.43
C TYR EA 66 -12.00 95.11 -33.46
N LEU EA 67 -11.73 95.43 -34.72
CA LEU EA 67 -11.71 94.42 -35.78
C LEU EA 67 -10.56 93.44 -35.58
N ALA EA 68 -9.55 93.88 -34.83
CA ALA EA 68 -8.39 93.05 -34.52
C ALA EA 68 -8.66 92.20 -33.28
N CYS EA 69 -9.28 92.81 -32.27
CA CYS EA 69 -9.63 92.08 -31.05
C CYS EA 69 -10.71 91.05 -31.34
N GLU EA 70 -11.70 91.45 -32.14
CA GLU EA 70 -12.78 90.55 -32.54
C GLU EA 70 -12.21 89.36 -33.31
N ALA EA 71 -11.17 89.61 -34.10
CA ALA EA 71 -10.53 88.56 -34.88
C ALA EA 71 -9.84 87.54 -33.96
N ILE EA 72 -9.41 88.00 -32.80
CA ILE EA 72 -8.75 87.14 -31.83
C ILE EA 72 -9.78 86.35 -31.02
N TYR EA 73 -10.81 87.03 -30.54
CA TYR EA 73 -11.84 86.39 -29.70
C TYR EA 73 -12.71 85.45 -30.51
N ASN EA 74 -12.87 85.74 -31.79
CA ASN EA 74 -13.60 84.86 -32.69
C ASN EA 74 -12.86 83.53 -32.82
N ARG EA 75 -11.53 83.63 -32.94
CA ARG EA 75 -10.67 82.46 -32.99
C ARG EA 75 -10.67 81.73 -31.64
N ALA EA 76 -10.02 82.33 -30.66
CA ALA EA 76 -9.95 81.74 -29.32
C ALA EA 76 -9.79 82.84 -28.28
N GLN EA 77 -10.55 82.72 -27.20
CA GLN EA 77 -10.55 83.72 -26.13
C GLN EA 77 -9.19 83.81 -25.45
N ALA EA 78 -8.77 85.03 -25.13
CA ALA EA 78 -7.49 85.24 -24.49
C ALA EA 78 -7.41 86.64 -23.89
N VAL EA 79 -6.46 86.84 -22.98
CA VAL EA 79 -6.24 88.13 -22.36
C VAL EA 79 -5.50 89.04 -23.33
N ILE EA 80 -6.01 90.25 -23.51
CA ILE EA 80 -5.40 91.23 -24.41
C ILE EA 80 -5.22 92.56 -23.71
N VAL EA 81 -4.00 92.83 -23.25
CA VAL EA 81 -3.67 94.13 -22.68
C VAL EA 81 -3.48 95.14 -23.81
N ALA EA 82 -4.59 95.46 -24.47
CA ALA EA 82 -4.56 96.35 -25.64
C ALA EA 82 -4.25 97.77 -25.21
N VAL EA 83 -3.64 98.52 -26.13
CA VAL EA 83 -3.28 99.92 -25.89
C VAL EA 83 -4.22 100.82 -26.68
N GLY EA 84 -4.01 100.90 -27.99
CA GLY EA 84 -4.84 101.71 -28.85
C GLY EA 84 -4.48 103.17 -28.77
N VAL EA 85 -4.31 103.79 -29.94
CA VAL EA 85 -3.94 105.21 -30.03
C VAL EA 85 -4.82 105.93 -31.05
N GLU EA 86 -5.05 107.22 -30.82
CA GLU EA 86 -5.88 108.01 -31.72
C GLU EA 86 -5.27 108.07 -33.12
N THR EA 87 -6.14 108.04 -34.13
CA THR EA 87 -5.70 108.15 -35.51
C THR EA 87 -5.13 109.54 -35.79
N ALA EA 88 -4.06 109.59 -36.58
CA ALA EA 88 -3.41 110.85 -36.92
C ALA EA 88 -3.79 111.32 -38.32
N GLU EA 89 -3.20 112.43 -38.75
CA GLU EA 89 -3.50 112.99 -40.06
C GLU EA 89 -2.93 112.11 -41.18
N THR EA 90 -1.62 112.18 -41.36
CA THR EA 90 -0.95 111.39 -42.38
C THR EA 90 -0.65 109.98 -41.86
N PRO EA 91 -0.58 108.98 -42.76
CA PRO EA 91 -0.33 107.61 -42.34
C PRO EA 91 1.08 107.41 -41.80
N GLU EA 92 2.02 108.21 -42.30
CA GLU EA 92 3.42 108.12 -41.88
C GLU EA 92 3.58 108.57 -40.43
N ALA EA 93 3.07 109.76 -40.13
CA ALA EA 93 3.17 110.33 -38.79
C ALA EA 93 2.32 109.57 -37.79
N GLN EA 94 1.38 108.78 -38.29
CA GLN EA 94 0.52 107.98 -37.43
C GLN EA 94 1.32 106.88 -36.75
N ALA EA 95 2.37 106.41 -37.43
CA ALA EA 95 3.24 105.35 -36.91
C ALA EA 95 4.00 105.83 -35.69
N SER EA 96 4.18 107.16 -35.58
CA SER EA 96 4.87 107.74 -34.43
C SER EA 96 4.07 107.50 -33.15
N ALA EA 97 2.76 107.77 -33.23
CA ALA EA 97 1.86 107.55 -32.10
C ALA EA 97 1.76 106.06 -31.79
N VAL EA 98 1.90 105.23 -32.82
CA VAL EA 98 1.84 103.78 -32.64
C VAL EA 98 3.07 103.32 -31.88
N ILE EA 99 4.26 103.73 -32.33
CA ILE EA 99 5.50 103.41 -31.63
C ILE EA 99 5.46 104.07 -30.25
N GLY EA 100 5.25 105.39 -30.24
CA GLY EA 100 5.11 106.12 -29.00
C GLY EA 100 6.45 106.36 -28.33
N GLY EA 101 6.80 107.62 -28.14
CA GLY EA 101 8.04 107.98 -27.48
C GLY EA 101 7.92 107.78 -25.98
N ILE EA 102 7.45 108.81 -25.29
CA ILE EA 102 7.27 108.76 -23.84
C ILE EA 102 6.43 109.93 -23.31
N SER EA 103 6.37 111.01 -24.08
CA SER EA 103 5.56 112.18 -23.75
C SER EA 103 6.12 112.92 -22.53
N ALA EA 104 5.68 114.16 -22.36
CA ALA EA 104 6.13 114.99 -21.25
C ALA EA 104 5.54 114.50 -19.92
N ALA EA 105 4.46 113.74 -20.00
CA ALA EA 105 3.81 113.21 -18.81
C ALA EA 105 4.68 112.16 -18.13
N GLY EA 106 5.59 111.58 -18.90
CA GLY EA 106 6.50 110.58 -18.37
C GLY EA 106 5.98 109.17 -18.59
N GLU EA 107 4.66 109.05 -18.71
CA GLU EA 107 4.04 107.74 -18.92
C GLU EA 107 4.31 107.23 -20.34
N ARG EA 108 4.78 105.99 -20.43
CA ARG EA 108 5.09 105.38 -21.72
C ARG EA 108 3.87 105.35 -22.64
N THR EA 109 4.01 105.99 -23.80
CA THR EA 109 2.93 106.09 -24.77
C THR EA 109 3.06 105.06 -25.88
N GLY EA 110 1.97 104.86 -26.61
CA GLY EA 110 1.98 104.00 -27.78
C GLY EA 110 2.34 102.56 -27.47
N LEU EA 111 2.99 101.91 -28.44
CA LEU EA 111 3.35 100.50 -28.35
C LEU EA 111 4.23 100.19 -27.14
N GLN EA 112 5.01 101.17 -26.71
CA GLN EA 112 5.93 100.99 -25.58
C GLN EA 112 5.19 100.95 -24.24
N ALA EA 113 3.90 101.25 -24.27
CA ALA EA 113 3.08 101.25 -23.06
C ALA EA 113 2.84 99.83 -22.56
N LEU EA 114 3.14 98.84 -23.40
CA LEU EA 114 2.90 97.44 -23.05
C LEU EA 114 3.77 96.98 -21.88
N LEU EA 115 4.87 97.68 -21.64
CA LEU EA 115 5.75 97.36 -20.52
C LEU EA 115 5.05 97.60 -19.18
N ASP EA 116 4.00 98.40 -19.21
CA ASP EA 116 3.24 98.72 -18.00
C ASP EA 116 2.19 97.65 -17.69
N GLY EA 117 1.87 96.82 -18.68
CA GLY EA 117 0.85 95.81 -18.54
C GLY EA 117 1.17 94.79 -17.46
N LYS EA 118 2.47 94.64 -17.17
CA LYS EA 118 2.92 93.69 -16.15
C LYS EA 118 2.70 94.24 -14.74
N SER EA 119 3.07 95.50 -14.55
CA SER EA 119 3.00 96.15 -13.24
C SER EA 119 1.69 96.90 -13.06
N ARG EA 120 0.62 96.40 -13.67
CA ARG EA 120 -0.70 96.99 -13.52
C ARG EA 120 -1.81 95.94 -13.57
N PHE EA 121 -1.62 94.94 -14.43
CA PHE EA 121 -2.63 93.90 -14.63
C PHE EA 121 -2.07 92.50 -14.32
N ASN EA 122 -0.81 92.45 -13.89
CA ASN EA 122 -0.15 91.18 -13.62
C ASN EA 122 -0.23 90.23 -14.82
N ALA EA 123 -0.28 90.80 -16.02
CA ALA EA 123 -0.41 90.04 -17.25
C ALA EA 123 0.59 90.59 -18.25
N GLN EA 124 1.83 90.11 -18.17
CA GLN EA 124 2.87 90.54 -19.08
C GLN EA 124 2.55 90.10 -20.50
N PRO EA 125 2.31 91.06 -21.42
CA PRO EA 125 2.01 90.64 -22.80
C PRO EA 125 3.17 89.90 -23.44
N ARG EA 126 3.12 88.57 -23.40
CA ARG EA 126 4.17 87.73 -23.95
C ARG EA 126 3.82 87.32 -25.38
N LEU EA 127 3.22 88.24 -26.11
CA LEU EA 127 2.82 87.99 -27.49
C LEU EA 127 2.39 89.30 -28.15
N LEU EA 128 3.36 90.03 -28.67
CA LEU EA 128 3.09 91.32 -29.29
C LEU EA 128 2.40 91.17 -30.62
N VAL EA 129 1.78 92.26 -31.07
CA VAL EA 129 1.06 92.29 -32.34
C VAL EA 129 0.61 93.72 -32.62
N ALA EA 130 0.71 94.13 -33.88
CA ALA EA 130 0.35 95.49 -34.28
C ALA EA 130 -0.28 95.47 -35.67
N PRO EA 131 -1.57 95.07 -35.77
CA PRO EA 131 -2.24 94.94 -37.08
C PRO EA 131 -2.27 96.24 -37.86
N GLY EA 132 -1.94 96.19 -39.15
CA GLY EA 132 -1.92 97.36 -39.99
C GLY EA 132 -0.57 98.06 -39.93
N HIS EA 133 -0.13 98.36 -38.72
CA HIS EA 133 1.15 99.04 -38.50
C HIS EA 133 2.28 98.04 -38.23
N SER EA 134 2.83 97.48 -39.31
CA SER EA 134 3.96 96.56 -39.22
C SER EA 134 4.69 96.46 -40.56
N ALA EA 135 3.99 96.74 -41.65
CA ALA EA 135 4.61 96.77 -42.98
C ALA EA 135 5.65 97.87 -43.07
N GLN EA 136 5.49 98.90 -42.24
CA GLN EA 136 6.45 99.99 -42.19
C GLN EA 136 7.71 99.54 -41.46
N GLN EA 137 8.87 99.84 -42.06
CA GLN EA 137 10.15 99.43 -41.52
C GLN EA 137 10.39 100.00 -40.13
N ALA EA 138 9.78 101.14 -39.85
CA ALA EA 138 9.99 101.87 -38.59
C ALA EA 138 9.42 101.12 -37.39
N VAL EA 139 8.09 101.01 -37.37
CA VAL EA 139 7.38 100.40 -36.25
C VAL EA 139 7.77 98.93 -36.03
N ALA EA 140 8.25 98.29 -37.09
CA ALA EA 140 8.61 96.87 -37.02
C ALA EA 140 9.80 96.65 -36.09
N THR EA 141 10.75 97.58 -36.09
CA THR EA 141 11.92 97.46 -35.24
C THR EA 141 11.57 97.70 -33.77
N ALA EA 142 10.61 98.58 -33.53
CA ALA EA 142 10.13 98.84 -32.18
C ALA EA 142 9.51 97.58 -31.59
N MET EA 143 8.84 96.81 -32.45
CA MET EA 143 8.25 95.53 -32.06
C MET EA 143 9.36 94.53 -31.72
N ASP EA 144 10.49 94.66 -32.41
CA ASP EA 144 11.63 93.77 -32.19
C ASP EA 144 12.29 94.09 -30.85
N GLY EA 145 12.56 95.37 -30.61
CA GLY EA 145 13.25 95.79 -29.41
C GLY EA 145 12.39 95.59 -28.18
N LEU EA 146 11.08 95.80 -28.34
CA LEU EA 146 10.14 95.68 -27.23
C LEU EA 146 9.95 94.22 -26.81
N ALA EA 147 10.02 93.31 -27.79
CA ALA EA 147 9.81 91.89 -27.54
C ALA EA 147 10.87 91.35 -26.59
N GLU EA 148 12.09 91.84 -26.71
CA GLU EA 148 13.19 91.38 -25.88
C GLU EA 148 13.03 91.85 -24.43
N LYS EA 149 12.31 92.96 -24.26
CA LYS EA 149 12.03 93.49 -22.92
C LYS EA 149 10.96 92.65 -22.24
N LEU EA 150 10.05 92.13 -23.05
CA LEU EA 150 8.93 91.33 -22.56
C LEU EA 150 9.13 89.84 -22.79
N ARG EA 151 10.22 89.50 -23.48
CA ARG EA 151 10.50 88.10 -23.84
C ARG EA 151 9.33 87.51 -24.62
N ALA EA 152 8.73 88.34 -25.48
CA ALA EA 152 7.53 87.95 -26.23
C ALA EA 152 7.91 87.52 -27.64
N ILE EA 153 6.91 87.35 -28.49
CA ILE EA 153 7.13 87.01 -29.89
C ILE EA 153 6.29 87.92 -30.77
N ALA EA 154 6.90 89.01 -31.22
CA ALA EA 154 6.22 90.02 -32.02
C ALA EA 154 5.82 89.47 -33.39
N ILE EA 155 4.51 89.41 -33.64
CA ILE EA 155 3.98 88.95 -34.91
C ILE EA 155 3.79 90.13 -35.86
N LEU EA 156 4.67 90.21 -36.86
CA LEU EA 156 4.58 91.25 -37.87
C LEU EA 156 3.61 90.84 -38.97
N ASP EA 157 3.46 91.71 -39.97
CA ASP EA 157 2.61 91.42 -41.12
C ASP EA 157 3.09 92.24 -42.32
N GLY EA 158 3.94 91.63 -43.14
CA GLY EA 158 4.52 92.31 -44.28
C GLY EA 158 3.50 92.69 -45.34
N PRO EA 159 3.88 93.58 -46.26
CA PRO EA 159 2.97 94.06 -47.31
C PRO EA 159 2.62 92.96 -48.30
N ASN EA 160 1.40 93.03 -48.84
CA ASN EA 160 0.95 92.06 -49.83
C ASN EA 160 1.67 92.30 -51.16
N SER EA 161 1.02 93.01 -52.08
CA SER EA 161 1.62 93.32 -53.38
C SER EA 161 2.08 92.06 -54.09
N THR EA 162 3.21 91.52 -53.64
CA THR EA 162 3.79 90.31 -54.24
C THR EA 162 4.74 89.63 -53.27
N ASP EA 163 5.25 88.46 -53.68
CA ASP EA 163 6.14 87.66 -52.84
C ASP EA 163 7.53 88.27 -52.78
N GLU EA 164 7.95 88.89 -53.88
CA GLU EA 164 9.28 89.51 -53.97
C GLU EA 164 9.44 90.58 -52.91
N ALA EA 165 8.36 91.31 -52.64
CA ALA EA 165 8.39 92.40 -51.67
C ALA EA 165 8.39 91.88 -50.23
N ALA EA 166 7.90 90.64 -50.06
CA ALA EA 166 7.82 90.02 -48.74
C ALA EA 166 9.17 89.46 -48.31
N VAL EA 167 9.88 88.87 -49.26
CA VAL EA 167 11.20 88.30 -48.99
C VAL EA 167 12.22 89.41 -48.73
N ALA EA 168 12.14 90.47 -49.51
CA ALA EA 168 13.05 91.61 -49.38
C ALA EA 168 12.82 92.35 -48.06
N TYR EA 169 11.66 92.13 -47.47
CA TYR EA 169 11.29 92.78 -46.21
C TYR EA 169 11.82 91.99 -45.01
N ALA EA 170 11.73 90.67 -45.10
CA ALA EA 170 12.19 89.78 -44.03
C ALA EA 170 13.71 89.78 -43.94
N LYS EA 171 14.37 90.05 -45.06
CA LYS EA 171 15.83 90.08 -45.13
C LYS EA 171 16.40 91.13 -44.19
N ASN EA 172 15.55 92.06 -43.75
CA ASN EA 172 15.99 93.15 -42.88
C ASN EA 172 16.23 92.67 -41.44
N PHE EA 173 15.27 91.93 -40.91
CA PHE EA 173 15.33 91.48 -39.52
C PHE EA 173 16.07 90.15 -39.39
N GLY EA 174 16.36 89.76 -38.15
CA GLY EA 174 17.03 88.51 -37.88
C GLY EA 174 17.00 88.14 -36.41
N SER EA 175 16.02 88.66 -35.67
CA SER EA 175 15.92 88.44 -34.23
C SER EA 175 15.06 87.21 -33.93
N LYS EA 176 15.37 86.56 -32.79
CA LYS EA 176 14.64 85.38 -32.36
C LYS EA 176 13.13 85.65 -32.23
N ARG EA 177 12.79 86.88 -31.87
CA ARG EA 177 11.42 87.23 -31.50
C ARG EA 177 10.71 88.00 -32.60
N LEU EA 178 10.59 87.38 -33.76
CA LEU EA 178 9.84 87.95 -34.87
C LEU EA 178 9.24 86.84 -35.72
N PHE EA 179 7.93 86.86 -35.85
CA PHE EA 179 7.20 85.84 -36.60
C PHE EA 179 6.25 86.51 -37.58
N MET EA 180 6.78 86.83 -38.76
CA MET EA 180 6.03 87.60 -39.74
C MET EA 180 5.15 86.70 -40.60
N VAL EA 181 4.03 87.25 -41.05
CA VAL EA 181 3.14 86.58 -42.00
C VAL EA 181 2.90 87.53 -43.17
N ASP EA 182 3.15 87.03 -44.37
CA ASP EA 182 3.12 87.87 -45.57
C ASP EA 182 1.73 88.05 -46.17
N PRO EA 183 1.10 86.95 -46.64
CA PRO EA 183 -0.18 87.12 -47.34
C PRO EA 183 -1.29 87.66 -46.44
N GLY EA 184 -1.83 88.83 -46.78
CA GLY EA 184 -2.86 89.46 -45.97
C GLY EA 184 -4.21 88.83 -46.21
N VAL EA 185 -4.68 88.06 -45.24
CA VAL EA 185 -6.00 87.43 -45.31
C VAL EA 185 -7.08 88.50 -45.35
N GLN EA 186 -8.18 88.22 -46.06
CA GLN EA 186 -9.29 89.16 -46.16
C GLN EA 186 -10.49 88.62 -45.39
N VAL EA 187 -11.04 89.48 -44.53
CA VAL EA 187 -12.20 89.12 -43.71
C VAL EA 187 -13.44 89.85 -44.21
N TRP EA 188 -14.60 89.30 -43.89
CA TRP EA 188 -15.86 89.93 -44.27
C TRP EA 188 -16.27 90.95 -43.21
N ASP EA 189 -15.97 92.23 -43.46
CA ASP EA 189 -16.30 93.29 -42.52
C ASP EA 189 -17.82 93.45 -42.41
N SER EA 190 -18.30 93.66 -41.18
CA SER EA 190 -19.73 93.81 -40.92
C SER EA 190 -20.23 95.18 -41.36
N ALA EA 191 -19.40 96.20 -41.16
CA ALA EA 191 -19.79 97.57 -41.46
C ALA EA 191 -19.84 97.82 -42.97
N THR EA 192 -18.87 97.27 -43.69
CA THR EA 192 -18.77 97.46 -45.13
C THR EA 192 -19.73 96.53 -45.88
N ASN EA 193 -20.09 95.42 -45.23
CA ASN EA 193 -20.99 94.42 -45.80
C ASN EA 193 -20.43 93.85 -47.10
N ALA EA 194 -19.12 93.64 -47.13
CA ALA EA 194 -18.46 93.05 -48.29
C ALA EA 194 -17.04 92.63 -47.91
N ALA EA 195 -16.26 92.23 -48.90
CA ALA EA 195 -14.88 91.81 -48.69
C ALA EA 195 -14.06 92.96 -48.15
N ARG EA 196 -13.02 92.63 -47.39
CA ARG EA 196 -12.19 93.66 -46.76
C ARG EA 196 -10.86 93.05 -46.31
N ASN EA 197 -9.77 93.52 -46.92
CA ASN EA 197 -8.44 93.00 -46.61
C ASN EA 197 -8.00 93.35 -45.20
N ALA EA 198 -7.41 92.38 -44.51
CA ALA EA 198 -6.94 92.54 -43.15
C ALA EA 198 -5.42 92.31 -43.08
N PRO EA 199 -4.77 92.78 -42.01
CA PRO EA 199 -3.31 92.60 -41.87
C PRO EA 199 -2.90 91.18 -41.52
N ALA EA 200 -3.86 90.34 -41.12
CA ALA EA 200 -3.60 88.94 -40.80
C ALA EA 200 -2.65 88.80 -39.61
N SER EA 201 -2.45 89.89 -38.87
CA SER EA 201 -1.54 89.89 -37.74
C SER EA 201 -2.26 89.39 -36.49
N ALA EA 202 -3.42 89.98 -36.22
CA ALA EA 202 -4.23 89.61 -35.05
C ALA EA 202 -4.79 88.19 -35.19
N TYR EA 203 -5.09 87.80 -36.42
CA TYR EA 203 -5.61 86.46 -36.68
C TYR EA 203 -4.56 85.39 -36.35
N ALA EA 204 -3.31 85.71 -36.68
CA ALA EA 204 -2.19 84.81 -36.38
C ALA EA 204 -1.87 84.85 -34.89
N ALA EA 205 -2.20 85.96 -34.23
CA ALA EA 205 -1.97 86.11 -32.81
C ALA EA 205 -2.98 85.30 -32.00
N GLY EA 206 -4.25 85.47 -32.34
CA GLY EA 206 -5.32 84.74 -31.69
C GLY EA 206 -5.17 83.25 -31.93
N LEU EA 207 -4.60 82.91 -33.08
CA LEU EA 207 -4.36 81.52 -33.46
C LEU EA 207 -3.40 80.86 -32.46
N PHE EA 208 -2.36 81.58 -32.04
CA PHE EA 208 -1.44 81.08 -31.03
C PHE EA 208 -2.17 80.80 -29.73
N ALA EA 209 -2.97 81.77 -29.30
CA ALA EA 209 -3.70 81.70 -28.03
C ALA EA 209 -4.61 80.48 -28.00
N TRP EA 210 -5.04 80.03 -29.17
CA TRP EA 210 -5.90 78.85 -29.29
C TRP EA 210 -5.11 77.59 -28.99
N THR EA 211 -3.91 77.48 -29.57
CA THR EA 211 -3.06 76.32 -29.39
C THR EA 211 -2.44 76.31 -27.99
N ASP EA 212 -2.10 77.49 -27.50
CA ASP EA 212 -1.47 77.62 -26.19
C ASP EA 212 -2.43 77.23 -25.07
N ALA EA 213 -3.69 77.59 -25.22
CA ALA EA 213 -4.72 77.24 -24.25
C ALA EA 213 -5.13 75.79 -24.40
N GLU EA 214 -5.05 75.28 -25.63
CA GLU EA 214 -5.45 73.91 -25.93
C GLU EA 214 -4.31 72.93 -25.66
N TYR EA 215 -3.37 72.83 -26.61
CA TYR EA 215 -2.25 71.92 -26.50
C TYR EA 215 -1.28 72.41 -25.44
N GLY EA 216 -0.76 73.62 -25.67
CA GLY EA 216 0.21 74.25 -24.76
C GLY EA 216 1.10 75.22 -25.49
N PHE EA 217 1.76 76.09 -24.74
CA PHE EA 217 2.69 77.06 -25.31
C PHE EA 217 3.80 76.36 -26.08
N TRP EA 218 4.13 75.15 -25.64
CA TRP EA 218 5.19 74.35 -26.27
C TRP EA 218 4.71 73.78 -27.61
N SER EA 219 3.40 73.76 -27.82
CA SER EA 219 2.84 73.25 -29.07
C SER EA 219 3.05 74.28 -30.18
N SER EA 220 3.36 73.81 -31.38
CA SER EA 220 3.55 74.69 -32.52
C SER EA 220 2.20 75.21 -33.01
N PRO EA 221 2.13 76.50 -33.38
CA PRO EA 221 0.87 77.09 -33.84
C PRO EA 221 0.54 76.76 -35.29
N SER EA 222 1.59 76.52 -36.09
CA SER EA 222 1.44 76.27 -37.52
C SER EA 222 0.49 75.09 -37.81
N ASN EA 223 -0.01 75.05 -39.04
CA ASN EA 223 -0.87 73.95 -39.48
C ASN EA 223 -2.15 73.87 -38.63
N LYS EA 224 -2.60 75.03 -38.16
CA LYS EA 224 -3.86 75.13 -37.42
C LYS EA 224 -4.78 76.12 -38.14
N GLU EA 225 -6.02 75.70 -38.35
CA GLU EA 225 -6.97 76.46 -39.14
C GLU EA 225 -7.40 77.74 -38.43
N ILE EA 226 -7.48 78.83 -39.18
CA ILE EA 226 -7.90 80.12 -38.63
C ILE EA 226 -9.33 80.43 -39.07
N LYS EA 227 -10.13 80.93 -38.12
CA LYS EA 227 -11.52 81.29 -38.38
C LYS EA 227 -11.66 82.78 -38.66
N GLY EA 228 -12.84 83.20 -39.08
CA GLY EA 228 -13.11 84.60 -39.34
C GLY EA 228 -12.39 85.08 -40.59
N VAL EA 229 -12.51 84.29 -41.65
CA VAL EA 229 -11.85 84.58 -42.92
C VAL EA 229 -12.83 84.38 -44.07
N THR EA 230 -12.40 84.68 -45.29
CA THR EA 230 -13.24 84.53 -46.47
C THR EA 230 -12.45 84.72 -47.76
N GLY EA 231 -11.19 84.32 -47.74
CA GLY EA 231 -10.30 84.48 -48.88
C GLY EA 231 -8.98 85.06 -48.43
N THR EA 232 -7.98 85.06 -49.31
CA THR EA 232 -6.65 85.55 -48.97
C THR EA 232 -6.06 86.34 -50.14
N SER EA 233 -5.62 87.56 -49.84
CA SER EA 233 -4.96 88.39 -50.84
C SER EA 233 -3.74 87.70 -51.41
N ARG EA 234 -3.67 87.65 -52.74
CA ARG EA 234 -2.59 86.95 -53.44
C ARG EA 234 -2.59 85.46 -53.08
N PRO EA 235 -3.35 84.66 -53.85
CA PRO EA 235 -3.48 83.23 -53.52
C PRO EA 235 -2.15 82.49 -53.57
N VAL EA 236 -1.54 82.28 -52.42
CA VAL EA 236 -0.29 81.54 -52.34
C VAL EA 236 -0.56 80.07 -52.65
N GLU EA 237 0.08 79.58 -53.72
CA GLU EA 237 -0.16 78.22 -54.18
C GLU EA 237 0.47 77.19 -53.25
N PHE EA 238 -0.13 76.01 -53.18
CA PHE EA 238 0.42 74.92 -52.40
C PHE EA 238 -0.01 73.57 -53.00
N LEU EA 239 0.96 72.83 -53.51
CA LEU EA 239 0.70 71.52 -54.09
C LEU EA 239 0.49 70.48 -53.00
N ASP EA 240 0.21 69.25 -53.40
CA ASP EA 240 -0.02 68.17 -52.45
C ASP EA 240 1.26 67.83 -51.68
N GLY EA 241 2.39 67.83 -52.39
CA GLY EA 241 3.66 67.53 -51.78
C GLY EA 241 4.82 67.74 -52.74
N ASP EA 242 5.29 68.99 -52.81
CA ASP EA 242 6.41 69.33 -53.67
C ASP EA 242 7.06 70.64 -53.22
N GLU EA 243 8.38 70.68 -53.26
CA GLU EA 243 9.13 71.87 -52.85
C GLU EA 243 9.00 72.99 -53.88
N THR EA 244 8.40 72.68 -55.03
CA THR EA 244 8.25 73.64 -56.10
C THR EA 244 7.16 74.67 -55.80
N CYS EA 245 6.27 74.32 -54.89
CA CYS EA 245 5.17 75.22 -54.53
C CYS EA 245 5.71 76.49 -53.89
N ARG EA 246 4.96 77.58 -54.05
CA ARG EA 246 5.42 78.89 -53.61
C ARG EA 246 5.28 79.07 -52.10
N ALA EA 247 4.34 78.32 -51.51
CA ALA EA 247 4.13 78.38 -50.06
C ALA EA 247 5.40 77.99 -49.31
N ASN EA 248 6.18 77.11 -49.92
CA ASN EA 248 7.42 76.63 -49.33
C ASN EA 248 8.54 77.65 -49.41
N LEU EA 249 8.62 78.33 -50.56
CA LEU EA 249 9.70 79.29 -50.81
C LEU EA 249 9.70 80.44 -49.80
N LEU EA 250 8.52 80.84 -49.36
CA LEU EA 250 8.42 81.91 -48.38
C LEU EA 250 8.85 81.43 -47.00
N ASN EA 251 8.63 80.15 -46.71
CA ASN EA 251 9.06 79.56 -45.45
C ASN EA 251 10.59 79.47 -45.37
N ASN EA 252 11.24 79.36 -46.53
CA ASN EA 252 12.69 79.36 -46.59
C ASN EA 252 13.25 80.73 -46.19
N ALA EA 253 12.46 81.76 -46.44
CA ALA EA 253 12.83 83.12 -46.06
C ALA EA 253 12.26 83.47 -44.68
N ASN EA 254 11.88 82.44 -43.92
CA ASN EA 254 11.33 82.62 -42.58
C ASN EA 254 10.07 83.48 -42.64
N ILE EA 255 9.02 82.94 -43.26
CA ILE EA 255 7.76 83.65 -43.38
C ILE EA 255 6.58 82.70 -43.23
N ALA EA 256 5.59 83.14 -42.45
CA ALA EA 256 4.35 82.39 -42.28
C ALA EA 256 3.39 82.72 -43.42
N THR EA 257 2.58 81.75 -43.82
CA THR EA 257 1.65 81.94 -44.92
C THR EA 257 0.35 81.17 -44.70
N ILE EA 258 -0.74 81.72 -45.22
CA ILE EA 258 -2.04 81.08 -45.16
C ILE EA 258 -2.31 80.37 -46.48
N ILE EA 259 -2.42 79.04 -46.42
CA ILE EA 259 -2.51 78.23 -47.62
C ILE EA 259 -3.94 77.88 -47.99
N ARG EA 260 -4.10 77.39 -49.22
CA ARG EA 260 -5.38 76.94 -49.75
C ARG EA 260 -6.42 78.05 -49.83
N ASP EA 261 -7.56 77.72 -50.42
CA ASP EA 261 -8.63 78.68 -50.66
C ASP EA 261 -9.18 79.22 -49.35
N ASP EA 262 -9.93 80.31 -49.43
CA ASP EA 262 -10.59 80.91 -48.27
C ASP EA 262 -9.58 81.30 -47.18
N GLY EA 263 -9.01 80.31 -46.53
CA GLY EA 263 -8.08 80.52 -45.43
C GLY EA 263 -8.02 79.26 -44.60
N TYR EA 264 -7.68 78.16 -45.26
CA TYR EA 264 -7.71 76.83 -44.66
C TYR EA 264 -6.86 76.78 -43.39
N ARG EA 265 -5.59 77.16 -43.50
CA ARG EA 265 -4.70 77.12 -42.35
C ARG EA 265 -3.42 77.94 -42.55
N LEU EA 266 -2.78 78.28 -41.44
CA LEU EA 266 -1.53 79.02 -41.45
C LEU EA 266 -0.38 78.12 -41.02
N TRP EA 267 0.79 78.32 -41.61
CA TRP EA 267 1.99 77.60 -41.16
C TRP EA 267 3.27 78.37 -41.54
N GLY EA 268 4.40 77.84 -41.08
CA GLY EA 268 5.69 78.47 -41.30
C GLY EA 268 6.34 78.76 -39.96
N ASN EA 269 6.79 77.69 -39.30
CA ASN EA 269 7.33 77.78 -37.95
C ASN EA 269 8.60 78.63 -37.87
N ARG EA 270 9.30 78.75 -38.99
CA ARG EA 270 10.54 79.50 -39.02
C ARG EA 270 10.35 80.96 -38.62
N THR EA 271 10.96 81.34 -37.51
CA THR EA 271 10.97 82.73 -37.08
C THR EA 271 12.10 83.46 -37.79
N LEU EA 272 11.93 84.75 -38.02
CA LEU EA 272 12.95 85.55 -38.71
C LEU EA 272 14.24 85.61 -37.90
N SER EA 273 14.97 84.49 -37.86
CA SER EA 273 16.18 84.40 -37.06
C SER EA 273 17.33 83.81 -37.88
N SER EA 274 18.51 84.43 -37.74
CA SER EA 274 19.71 83.96 -38.42
C SER EA 274 20.25 82.71 -37.76
N ASP EA 275 20.33 82.72 -36.43
CA ASP EA 275 20.83 81.57 -35.68
C ASP EA 275 19.86 80.39 -35.84
N SER EA 276 20.36 79.30 -36.43
CA SER EA 276 19.54 78.13 -36.71
C SER EA 276 19.12 77.41 -35.43
N LYS EA 277 19.75 77.76 -34.30
CA LYS EA 277 19.41 77.18 -33.01
C LYS EA 277 18.01 77.60 -32.60
N TRP EA 278 17.65 78.84 -32.90
CA TRP EA 278 16.35 79.40 -32.57
C TRP EA 278 15.50 79.54 -33.84
N ALA EA 279 15.58 78.53 -34.69
CA ALA EA 279 14.89 78.56 -35.98
C ALA EA 279 13.39 78.48 -35.79
N PHE EA 280 12.95 77.60 -34.89
CA PHE EA 280 11.53 77.43 -34.63
C PHE EA 280 11.03 78.51 -33.67
N VAL EA 281 9.80 78.95 -33.90
CA VAL EA 281 9.15 79.91 -33.01
C VAL EA 281 8.81 79.21 -31.70
N THR EA 282 8.70 77.89 -31.75
CA THR EA 282 8.40 77.08 -30.57
C THR EA 282 9.47 77.23 -29.50
N ARG EA 283 10.72 77.00 -29.89
CA ARG EA 283 11.85 77.05 -28.96
C ARG EA 283 11.93 78.39 -28.25
N VAL EA 284 11.75 79.45 -29.02
CA VAL EA 284 11.79 80.81 -28.48
C VAL EA 284 10.65 81.01 -27.49
N ARG EA 285 9.54 80.32 -27.72
CA ARG EA 285 8.35 80.48 -26.90
C ARG EA 285 8.42 79.69 -25.60
N THR EA 286 9.10 78.54 -25.64
CA THR EA 286 9.26 77.70 -24.46
C THR EA 286 10.39 78.21 -23.57
N MET EA 287 11.47 78.67 -24.20
CA MET EA 287 12.64 79.12 -23.47
C MET EA 287 12.37 80.43 -22.74
N ASP EA 288 11.67 81.35 -23.41
CA ASP EA 288 11.31 82.62 -22.81
C ASP EA 288 10.31 82.43 -21.67
N LEU EA 289 9.69 81.26 -21.63
CA LEU EA 289 8.69 80.96 -20.61
C LEU EA 289 9.34 80.37 -19.36
N VAL EA 290 10.14 79.31 -19.54
CA VAL EA 290 10.79 78.65 -18.43
C VAL EA 290 11.80 79.58 -17.75
N MET EA 291 12.35 80.52 -18.53
CA MET EA 291 13.27 81.51 -17.99
C MET EA 291 12.52 82.47 -17.07
N ASP EA 292 11.43 83.03 -17.56
CA ASP EA 292 10.61 83.96 -16.78
C ASP EA 292 9.96 83.26 -15.59
N ALA EA 293 9.81 81.94 -15.69
CA ALA EA 293 9.23 81.14 -14.61
C ALA EA 293 10.24 80.97 -13.48
N ILE EA 294 11.46 80.61 -13.85
CA ILE EA 294 12.53 80.39 -12.89
C ILE EA 294 12.91 81.72 -12.25
N LEU EA 295 12.88 82.78 -13.04
CA LEU EA 295 13.19 84.12 -12.57
C LEU EA 295 12.17 84.55 -11.51
N ALA EA 296 10.89 84.56 -11.90
CA ALA EA 296 9.82 85.00 -11.00
C ALA EA 296 9.49 83.93 -9.96
N GLY EA 297 9.97 82.71 -10.18
CA GLY EA 297 9.64 81.60 -9.31
C GLY EA 297 10.48 81.59 -8.03
N HIS EA 298 11.79 81.74 -8.20
CA HIS EA 298 12.72 81.69 -7.08
C HIS EA 298 12.98 83.09 -6.51
N LYS EA 299 11.90 83.88 -6.41
CA LYS EA 299 11.95 85.19 -5.79
C LYS EA 299 11.86 85.05 -4.27
N TRP EA 300 11.43 83.88 -3.82
CA TRP EA 300 11.31 83.59 -2.39
C TRP EA 300 12.68 83.35 -1.78
N ALA EA 301 13.59 82.80 -2.58
CA ALA EA 301 14.92 82.45 -2.11
C ALA EA 301 15.74 83.72 -1.86
N VAL EA 302 16.46 84.16 -2.88
CA VAL EA 302 17.33 85.33 -2.79
C VAL EA 302 18.27 85.18 -1.59
N ASP EA 303 18.56 86.27 -0.89
CA ASP EA 303 19.48 86.22 0.25
C ASP EA 303 18.91 85.35 1.36
N ARG EA 304 19.48 84.17 1.51
CA ARG EA 304 19.06 83.21 2.53
C ARG EA 304 20.21 82.26 2.82
N GLY EA 305 20.21 81.67 4.02
CA GLY EA 305 21.26 80.77 4.44
C GLY EA 305 21.53 79.67 3.44
N ILE EA 306 22.70 79.74 2.79
CA ILE EA 306 23.06 78.80 1.74
C ILE EA 306 23.62 77.50 2.34
N THR EA 307 22.79 76.85 3.16
CA THR EA 307 23.15 75.57 3.74
C THR EA 307 22.94 74.47 2.70
N LYS EA 308 23.55 73.31 2.93
CA LYS EA 308 23.39 72.16 2.04
C LYS EA 308 21.93 71.84 1.77
N THR EA 309 21.07 72.11 2.76
CA THR EA 309 19.64 71.89 2.63
C THR EA 309 19.06 72.84 1.58
N TYR EA 310 19.45 74.11 1.67
CA TYR EA 310 18.94 75.15 0.78
C TYR EA 310 19.25 74.83 -0.68
N VAL EA 311 20.46 74.35 -0.93
CA VAL EA 311 20.88 74.00 -2.29
C VAL EA 311 20.00 72.86 -2.83
N LYS EA 312 19.80 71.84 -2.00
CA LYS EA 312 18.96 70.72 -2.38
C LYS EA 312 17.49 71.13 -2.52
N ASP EA 313 17.05 72.06 -1.68
CA ASP EA 313 15.67 72.55 -1.74
C ASP EA 313 15.40 73.24 -3.07
N VAL EA 314 16.40 73.97 -3.56
CA VAL EA 314 16.30 74.64 -4.85
C VAL EA 314 16.54 73.65 -5.98
N THR EA 315 17.50 72.74 -5.77
CA THR EA 315 17.78 71.70 -6.76
C THR EA 315 16.55 70.81 -6.97
N GLU EA 316 15.95 70.35 -5.88
CA GLU EA 316 14.74 69.53 -5.94
C GLU EA 316 13.56 70.35 -6.46
N GLY EA 317 13.67 71.68 -6.35
CA GLY EA 317 12.63 72.56 -6.86
C GLY EA 317 12.60 72.54 -8.37
N LEU EA 318 13.78 72.40 -8.96
CA LEU EA 318 13.92 72.31 -10.42
C LEU EA 318 13.66 70.88 -10.90
N ARG EA 319 14.07 69.90 -10.11
CA ARG EA 319 13.82 68.49 -10.40
C ARG EA 319 12.32 68.25 -10.60
N ALA EA 320 11.55 68.63 -9.59
CA ALA EA 320 10.11 68.43 -9.62
C ALA EA 320 9.47 69.30 -10.70
N PHE EA 321 9.96 70.54 -10.83
CA PHE EA 321 9.40 71.47 -11.79
C PHE EA 321 9.53 70.97 -13.22
N MET EA 322 10.76 70.66 -13.62
CA MET EA 322 11.03 70.19 -14.97
C MET EA 322 10.34 68.86 -15.27
N ARG EA 323 10.20 68.05 -14.24
CA ARG EA 323 9.52 66.77 -14.39
C ARG EA 323 8.03 66.96 -14.64
N ASP EA 324 7.50 68.09 -14.19
CA ASP EA 324 6.10 68.43 -14.46
C ASP EA 324 5.94 68.91 -15.91
N LEU EA 325 7.05 69.31 -16.52
CA LEU EA 325 7.07 69.69 -17.92
C LEU EA 325 7.31 68.49 -18.82
N LYS EA 326 8.05 67.51 -18.31
CA LYS EA 326 8.39 66.32 -19.07
C LYS EA 326 7.16 65.45 -19.31
N ASN EA 327 6.53 65.02 -18.23
CA ASN EA 327 5.32 64.19 -18.32
C ASN EA 327 4.18 64.93 -19.00
N GLN EA 328 4.21 66.26 -18.90
CA GLN EA 328 3.21 67.10 -19.56
C GLN EA 328 3.47 67.15 -21.07
N GLY EA 329 4.73 66.94 -21.45
CA GLY EA 329 5.11 66.91 -22.84
C GLY EA 329 5.75 68.21 -23.33
N ALA EA 330 6.02 69.11 -22.40
CA ALA EA 330 6.65 70.39 -22.74
C ALA EA 330 8.09 70.19 -23.19
N VAL EA 331 8.75 69.22 -22.57
CA VAL EA 331 10.14 68.90 -22.88
C VAL EA 331 10.30 67.40 -23.00
N ILE EA 332 11.28 66.95 -23.78
CA ILE EA 332 11.55 65.52 -23.94
C ILE EA 332 12.24 65.00 -22.69
N ASN EA 333 13.35 65.64 -22.33
CA ASN EA 333 14.11 65.26 -21.16
C ASN EA 333 14.93 66.44 -20.67
N PHE EA 334 15.35 66.38 -19.41
CA PHE EA 334 16.07 67.49 -18.79
C PHE EA 334 17.18 66.99 -17.87
N GLU EA 335 17.88 67.93 -17.25
CA GLU EA 335 18.94 67.62 -16.31
C GLU EA 335 19.35 68.91 -15.60
N VAL EA 336 19.23 68.91 -14.28
CA VAL EA 336 19.55 70.09 -13.50
C VAL EA 336 20.45 69.71 -12.32
N TYR EA 337 21.42 70.57 -12.02
CA TYR EA 337 22.40 70.29 -10.97
C TYR EA 337 23.26 71.51 -10.71
N ALA EA 338 24.04 71.45 -9.62
CA ALA EA 338 24.95 72.54 -9.27
C ALA EA 338 26.34 72.25 -9.83
N ASP EA 339 26.85 73.15 -10.66
CA ASP EA 339 28.15 72.95 -11.30
C ASP EA 339 29.27 73.00 -10.26
N PRO EA 340 30.17 71.99 -10.26
CA PRO EA 340 31.31 72.01 -9.33
C PRO EA 340 32.25 73.18 -9.55
N ASP EA 341 32.56 73.49 -10.80
CA ASP EA 341 33.56 74.51 -11.13
C ASP EA 341 33.06 75.92 -10.83
N LEU EA 342 31.81 76.20 -11.21
CA LEU EA 342 31.23 77.51 -10.98
C LEU EA 342 31.08 77.80 -9.50
N ASN EA 343 30.44 76.89 -8.77
CA ASN EA 343 30.26 77.05 -7.34
C ASN EA 343 31.59 76.94 -6.60
N SER EA 344 32.43 77.95 -6.78
CA SER EA 344 33.73 77.98 -6.12
C SER EA 344 33.58 78.54 -4.71
N ALA EA 345 34.59 78.31 -3.88
CA ALA EA 345 34.57 78.77 -2.50
C ALA EA 345 34.45 80.30 -2.41
N SER EA 346 34.94 80.98 -3.45
CA SER EA 346 34.92 82.44 -3.50
C SER EA 346 33.60 82.97 -4.04
N GLN EA 347 33.00 82.23 -4.97
CA GLN EA 347 31.73 82.64 -5.57
C GLN EA 347 30.60 82.58 -4.55
N LEU EA 348 30.56 81.50 -3.77
CA LEU EA 348 29.58 81.35 -2.70
C LEU EA 348 29.76 82.41 -1.62
N ALA EA 349 30.99 82.90 -1.49
CA ALA EA 349 31.31 83.91 -0.49
C ALA EA 349 30.86 85.31 -0.94
N GLN EA 350 30.32 85.40 -2.16
CA GLN EA 350 29.73 86.64 -2.68
C GLN EA 350 28.23 86.48 -2.86
N GLY EA 351 27.71 85.30 -2.53
CA GLY EA 351 26.30 85.02 -2.64
C GLY EA 351 25.95 84.25 -3.91
N LYS EA 352 26.83 84.32 -4.90
CA LYS EA 352 26.61 83.62 -6.16
C LYS EA 352 26.51 82.11 -5.96
N VAL EA 353 25.48 81.52 -6.53
CA VAL EA 353 25.31 80.07 -6.52
C VAL EA 353 24.58 79.69 -7.81
N TYR EA 354 25.18 78.78 -8.58
CA TYR EA 354 24.69 78.46 -9.92
C TYR EA 354 24.01 77.09 -9.98
N TRP EA 355 23.09 76.94 -10.93
CA TRP EA 355 22.43 75.68 -11.20
C TRP EA 355 22.31 75.47 -12.72
N ASN EA 356 23.12 74.58 -13.25
CA ASN EA 356 23.15 74.34 -14.70
C ASN EA 356 21.93 73.58 -15.17
N ILE EA 357 20.94 74.31 -15.68
CA ILE EA 357 19.75 73.69 -16.26
C ILE EA 357 19.97 73.45 -17.75
N ARG EA 358 19.51 72.30 -18.23
CA ARG EA 358 19.65 71.95 -19.63
C ARG EA 358 18.59 70.93 -20.04
N PHE EA 359 18.05 71.09 -21.25
CA PHE EA 359 17.01 70.21 -21.75
C PHE EA 359 16.82 70.40 -23.25
N THR EA 360 15.85 69.70 -23.82
CA THR EA 360 15.55 69.80 -25.25
C THR EA 360 14.06 70.09 -25.46
N ASP EA 361 13.75 71.33 -25.79
CA ASP EA 361 12.37 71.71 -26.11
C ASP EA 361 11.91 70.92 -27.34
N VAL EA 362 10.64 70.53 -27.34
CA VAL EA 362 10.11 69.69 -28.41
C VAL EA 362 10.02 70.48 -29.73
N PRO EA 363 10.71 70.01 -30.78
CA PRO EA 363 10.61 70.67 -32.09
C PRO EA 363 9.44 70.11 -32.92
N PRO EA 364 8.71 70.98 -33.64
CA PRO EA 364 7.62 70.49 -34.49
C PRO EA 364 8.12 69.78 -35.74
N ALA EA 365 7.69 68.54 -35.95
CA ALA EA 365 8.07 67.76 -37.13
C ALA EA 365 7.51 68.43 -38.39
N GLU EA 366 8.18 69.49 -38.83
CA GLU EA 366 7.66 70.30 -39.94
C GLU EA 366 7.83 69.61 -41.30
N ASN EA 367 8.46 68.44 -41.31
CA ASN EA 367 8.69 67.71 -42.56
C ASN EA 367 8.96 66.23 -42.32
N PRO EA 368 7.93 65.45 -42.00
CA PRO EA 368 8.06 64.00 -41.82
C PRO EA 368 8.13 63.25 -43.14
N ASN EA 369 9.26 62.58 -43.40
CA ASN EA 369 9.47 61.83 -44.63
C ASN EA 369 8.98 60.39 -44.49
N PHE EA 370 8.82 59.71 -45.63
CA PHE EA 370 8.37 58.33 -45.66
C PHE EA 370 9.09 57.56 -46.76
N ARG EA 371 10.30 57.09 -46.45
CA ARG EA 371 11.10 56.37 -47.42
C ARG EA 371 10.49 55.02 -47.76
N VAL EA 372 9.40 55.04 -48.52
CA VAL EA 372 8.74 53.81 -48.93
C VAL EA 372 9.46 53.22 -50.13
N GLU EA 373 9.52 51.90 -50.19
CA GLU EA 373 10.25 51.21 -51.24
C GLU EA 373 9.88 49.73 -51.29
N VAL EA 374 9.40 49.28 -52.44
CA VAL EA 374 9.07 47.87 -52.62
C VAL EA 374 10.34 47.04 -52.75
N THR EA 375 10.15 45.73 -52.82
CA THR EA 375 11.27 44.81 -52.99
C THR EA 375 10.74 43.44 -53.40
N ASP EA 376 11.59 42.43 -53.27
CA ASP EA 376 11.23 41.06 -53.62
C ASP EA 376 11.68 40.12 -52.49
N GLN EA 377 11.61 40.61 -51.26
CA GLN EA 377 12.08 39.86 -50.10
C GLN EA 377 11.04 38.83 -49.66
N TRP EA 378 9.87 39.30 -49.24
CA TRP EA 378 8.81 38.41 -48.78
C TRP EA 378 8.00 37.84 -49.93
N LEU EA 379 8.66 37.08 -50.80
CA LEU EA 379 7.97 36.39 -51.89
C LEU EA 379 8.00 34.89 -51.65
N THR EA 380 9.09 34.40 -51.08
CA THR EA 380 9.24 32.99 -50.76
C THR EA 380 8.28 32.59 -49.63
N GLU EA 381 7.73 33.59 -48.95
CA GLU EA 381 6.75 33.36 -47.90
C GLU EA 381 5.49 32.77 -48.51
N VAL EA 382 5.22 33.12 -49.76
CA VAL EA 382 4.09 32.57 -50.50
C VAL EA 382 4.45 31.16 -50.97
N LEU EA 383 4.43 30.21 -50.03
CA LEU EA 383 4.84 28.85 -50.33
C LEU EA 383 4.49 27.92 -49.17
N ASP EA 384 4.91 28.33 -47.98
CA ASP EA 384 4.65 27.55 -46.77
C ASP EA 384 4.72 28.43 -45.53
N SER FA 2 49.47 23.65 70.64
CA SER FA 2 48.26 23.16 69.99
C SER FA 2 47.40 24.33 69.50
N PHE FA 3 47.29 25.35 70.35
CA PHE FA 3 46.52 26.56 70.05
C PHE FA 3 45.02 26.25 70.02
N PHE FA 4 44.31 26.81 71.00
CA PHE FA 4 42.87 26.63 71.16
C PHE FA 4 42.49 25.18 71.46
N HIS FA 5 42.52 24.34 70.43
CA HIS FA 5 42.11 22.94 70.56
C HIS FA 5 40.66 22.81 71.03
N GLY FA 6 39.72 23.02 70.11
CA GLY FA 6 38.31 22.88 70.42
C GLY FA 6 37.48 22.88 69.15
N VAL FA 7 36.76 23.96 68.93
CA VAL FA 7 35.94 24.10 67.73
C VAL FA 7 35.52 25.57 67.60
N THR FA 8 36.24 26.31 66.77
CA THR FA 8 35.99 27.74 66.59
C THR FA 8 34.81 27.95 65.65
N VAL FA 9 34.44 29.21 65.46
CA VAL FA 9 33.33 29.58 64.60
C VAL FA 9 33.38 31.09 64.35
N THR FA 10 34.53 31.54 63.86
CA THR FA 10 34.78 32.96 63.65
C THR FA 10 33.84 33.53 62.60
N ASN FA 11 33.23 34.67 62.93
CA ASN FA 11 32.35 35.37 61.99
C ASN FA 11 33.16 36.30 61.10
N VAL FA 12 33.32 35.92 59.84
CA VAL FA 12 34.08 36.75 58.90
C VAL FA 12 33.23 37.94 58.45
N ASP FA 13 33.53 39.11 58.99
CA ASP FA 13 32.76 40.31 58.72
C ASP FA 13 33.23 40.99 57.45
N ILE FA 14 32.83 40.43 56.30
CA ILE FA 14 33.13 41.02 55.01
C ILE FA 14 31.91 40.95 54.10
N GLY FA 15 31.92 41.77 53.05
CA GLY FA 15 30.80 41.86 52.13
C GLY FA 15 30.45 43.30 51.85
N ALA FA 16 29.78 43.55 50.75
CA ALA FA 16 29.39 44.90 50.36
C ALA FA 16 28.30 45.43 51.27
N ARG FA 17 28.63 46.45 52.05
CA ARG FA 17 27.65 47.09 52.93
C ARG FA 17 26.64 47.89 52.13
N THR FA 18 25.49 48.15 52.73
CA THR FA 18 24.45 48.95 52.11
C THR FA 18 24.66 50.44 52.39
N ILE FA 19 24.11 51.29 51.54
CA ILE FA 19 24.26 52.73 51.70
C ILE FA 19 22.91 53.42 51.48
N ALA FA 20 22.67 54.47 52.27
CA ALA FA 20 21.40 55.20 52.23
C ALA FA 20 21.62 56.65 51.80
N LEU FA 21 20.51 57.37 51.67
CA LEU FA 21 20.54 58.78 51.29
C LEU FA 21 20.04 59.65 52.45
N PRO FA 22 20.94 60.02 53.38
CA PRO FA 22 20.53 60.74 54.59
C PRO FA 22 20.05 62.16 54.32
N ALA FA 23 19.45 62.78 55.32
CA ALA FA 23 19.02 64.19 55.25
C ALA FA 23 17.96 64.43 54.16
N SER FA 24 18.33 64.17 52.91
CA SER FA 24 17.43 64.32 51.77
C SER FA 24 17.02 65.79 51.58
N SER FA 25 16.14 66.28 52.45
CA SER FA 25 15.63 67.65 52.31
C SER FA 25 15.11 68.18 53.64
N VAL FA 26 16.01 68.39 54.59
CA VAL FA 26 15.64 68.99 55.87
C VAL FA 26 15.86 70.51 55.77
N ILE FA 27 14.86 71.26 56.20
CA ILE FA 27 14.88 72.72 56.08
C ILE FA 27 15.55 73.34 57.31
N GLY FA 28 16.34 74.38 57.06
CA GLY FA 28 17.04 75.10 58.12
C GLY FA 28 16.62 76.55 58.09
N LEU FA 29 15.56 76.85 58.85
CA LEU FA 29 14.96 78.18 58.86
C LEU FA 29 15.45 79.01 60.05
N CYS FA 30 15.37 80.33 59.92
CA CYS FA 30 15.82 81.22 60.98
C CYS FA 30 15.21 82.61 60.79
N ASP FA 31 13.99 82.79 61.29
CA ASP FA 31 13.30 84.07 61.25
C ASP FA 31 13.35 84.69 62.65
N VAL FA 32 12.28 85.38 63.05
CA VAL FA 32 12.20 86.00 64.37
C VAL FA 32 10.86 85.72 65.02
N PHE FA 33 10.78 85.95 66.33
CA PHE FA 33 9.54 85.80 67.07
C PHE FA 33 9.60 86.58 68.37
N THR FA 34 8.62 86.35 69.23
CA THR FA 34 8.52 87.05 70.51
C THR FA 34 8.49 86.05 71.66
N PRO FA 35 9.64 85.78 72.30
CA PRO FA 35 9.66 84.84 73.42
C PRO FA 35 8.99 85.41 74.65
N GLY FA 36 8.25 84.58 75.39
CA GLY FA 36 7.57 85.01 76.59
C GLY FA 36 6.83 83.87 77.27
N ALA FA 37 5.52 83.83 77.08
CA ALA FA 37 4.66 82.86 77.74
C ALA FA 37 4.42 81.64 76.87
N GLN FA 38 3.58 81.78 75.85
CA GLN FA 38 3.21 80.67 74.99
C GLN FA 38 4.40 80.15 74.19
N ALA FA 39 5.43 80.99 74.05
CA ALA FA 39 6.63 80.62 73.30
C ALA FA 39 7.48 79.65 74.11
N SER FA 40 7.32 78.36 73.84
CA SER FA 40 8.05 77.31 74.56
C SER FA 40 9.52 77.30 74.15
N ALA FA 41 9.79 77.53 72.86
CA ALA FA 41 11.14 77.53 72.35
C ALA FA 41 11.95 78.68 72.94
N LYS FA 42 13.21 78.42 73.26
CA LYS FA 42 14.05 79.43 73.88
C LYS FA 42 14.39 80.53 72.86
N PRO FA 43 14.86 81.69 73.34
CA PRO FA 43 15.04 82.85 72.45
C PRO FA 43 16.13 82.70 71.39
N ASN FA 44 16.77 81.54 71.27
CA ASN FA 44 17.86 81.40 70.30
C ASN FA 44 18.23 79.97 69.93
N VAL FA 45 18.03 79.00 70.82
CA VAL FA 45 18.50 77.65 70.57
C VAL FA 45 17.73 77.00 69.41
N PRO FA 46 18.38 76.06 68.70
CA PRO FA 46 17.67 75.33 67.64
C PRO FA 46 16.56 74.44 68.21
N VAL FA 47 15.42 74.39 67.52
CA VAL FA 47 14.30 73.54 67.93
C VAL FA 47 13.81 72.78 66.71
N LEU FA 48 13.60 71.48 66.88
CA LEU FA 48 13.13 70.64 65.78
C LEU FA 48 11.61 70.72 65.67
N LEU FA 49 11.13 70.68 64.43
CA LEU FA 49 9.71 70.73 64.15
C LEU FA 49 9.28 69.54 63.31
N THR FA 50 7.98 69.43 63.06
CA THR FA 50 7.44 68.33 62.28
C THR FA 50 6.07 68.69 61.70
N SER FA 51 5.32 69.49 62.46
CA SER FA 51 4.00 69.93 62.03
C SER FA 51 3.69 71.30 62.64
N LYS FA 52 2.58 71.90 62.20
CA LYS FA 52 2.16 73.21 62.70
C LYS FA 52 1.96 73.19 64.21
N LYS FA 53 1.41 72.08 64.72
CA LYS FA 53 1.18 71.93 66.15
C LYS FA 53 2.48 72.06 66.94
N ASP FA 54 3.52 71.36 66.47
CA ASP FA 54 4.81 71.37 67.16
C ASP FA 54 5.50 72.73 67.02
N ALA FA 55 5.08 73.50 66.00
CA ALA FA 55 5.67 74.81 65.73
C ALA FA 55 4.89 75.91 66.45
N ALA FA 56 3.58 75.74 66.55
CA ALA FA 56 2.71 76.74 67.17
C ALA FA 56 3.04 76.92 68.64
N ALA FA 57 3.04 75.82 69.38
CA ALA FA 57 3.33 75.85 70.80
C ALA FA 57 4.78 76.23 71.07
N ALA FA 58 5.62 76.13 70.05
CA ALA FA 58 7.04 76.42 70.19
C ALA FA 58 7.32 77.92 70.15
N PHE FA 59 6.95 78.57 69.06
CA PHE FA 59 7.23 79.98 68.84
C PHE FA 59 6.02 80.85 69.15
N GLY FA 60 4.84 80.36 68.77
CA GLY FA 60 3.59 81.07 69.02
C GLY FA 60 2.94 81.52 67.73
N ILE FA 61 1.66 81.88 67.81
CA ILE FA 61 0.91 82.34 66.67
C ILE FA 61 1.16 83.83 66.44
N GLY FA 62 1.21 84.24 65.18
CA GLY FA 62 1.47 85.63 64.84
C GLY FA 62 2.95 85.94 64.71
N SER FA 63 3.78 85.08 65.30
CA SER FA 63 5.23 85.23 65.20
C SER FA 63 5.63 85.16 63.73
N SER FA 64 6.49 86.09 63.31
CA SER FA 64 6.94 86.17 61.93
C SER FA 64 7.56 84.87 61.43
N ILE FA 65 8.05 84.07 62.38
CA ILE FA 65 8.66 82.78 62.05
C ILE FA 65 7.59 81.73 61.78
N TYR FA 66 6.46 81.84 62.48
CA TYR FA 66 5.37 80.88 62.33
C TYR FA 66 4.68 81.05 60.98
N LEU FA 67 4.65 82.28 60.48
CA LEU FA 67 4.07 82.56 59.17
C LEU FA 67 4.93 81.94 58.07
N ALA FA 68 6.19 81.68 58.39
CA ALA FA 68 7.13 81.06 57.45
C ALA FA 68 7.02 79.54 57.52
N CYS FA 69 6.92 79.01 58.74
CA CYS FA 69 6.76 77.57 58.94
C CYS FA 69 5.40 77.11 58.42
N GLU FA 70 4.37 77.90 58.71
CA GLU FA 70 3.03 77.59 58.24
C GLU FA 70 2.97 77.59 56.71
N ALA FA 71 3.77 78.46 56.10
CA ALA FA 71 3.85 78.55 54.64
C ALA FA 71 4.47 77.28 54.06
N ILE FA 72 5.34 76.64 54.84
CA ILE FA 72 6.00 75.42 54.41
C ILE FA 72 5.08 74.21 54.60
N TYR FA 73 4.46 74.12 55.77
CA TYR FA 73 3.61 72.98 56.10
C TYR FA 73 2.31 73.00 55.31
N ASN FA 74 1.86 74.21 54.95
CA ASN FA 74 0.68 74.35 54.10
C ASN FA 74 0.97 73.76 52.73
N ARG FA 75 2.17 74.02 52.23
CA ARG FA 75 2.64 73.48 50.96
C ARG FA 75 2.84 71.97 51.09
N ALA FA 76 3.88 71.56 51.79
CA ALA FA 76 4.19 70.15 51.98
C ALA FA 76 4.95 69.96 53.29
N GLN FA 77 4.53 68.94 54.05
CA GLN FA 77 5.11 68.67 55.36
C GLN FA 77 6.59 68.29 55.25
N ALA FA 78 7.40 68.77 56.18
CA ALA FA 78 8.82 68.49 56.17
C ALA FA 78 9.44 68.83 57.52
N VAL FA 79 10.63 68.29 57.75
CA VAL FA 79 11.38 68.56 58.97
C VAL FA 79 12.02 69.94 58.88
N ILE FA 80 11.82 70.74 59.93
CA ILE FA 80 12.37 72.08 59.99
C ILE FA 80 13.11 72.31 61.31
N VAL FA 81 14.43 72.21 61.26
CA VAL FA 81 15.26 72.52 62.43
C VAL FA 81 15.35 74.05 62.55
N ALA FA 82 14.24 74.66 62.91
CA ALA FA 82 14.15 76.11 62.98
C ALA FA 82 14.96 76.64 64.17
N VAL FA 83 15.44 77.87 64.05
CA VAL FA 83 16.22 78.51 65.10
C VAL FA 83 15.37 79.59 65.78
N GLY FA 84 15.18 80.71 65.08
CA GLY FA 84 14.38 81.81 65.59
C GLY FA 84 15.14 82.62 66.62
N VAL FA 85 15.11 83.94 66.44
CA VAL FA 85 15.81 84.86 67.34
C VAL FA 85 14.90 86.03 67.72
N GLU FA 86 15.10 86.57 68.92
CA GLU FA 86 14.29 87.68 69.40
C GLU FA 86 14.44 88.91 68.50
N THR FA 87 13.34 89.63 68.31
CA THR FA 87 13.37 90.85 67.52
C THR FA 87 14.17 91.93 68.22
N ALA FA 88 14.93 92.70 67.45
CA ALA FA 88 15.77 93.76 67.98
C ALA FA 88 15.12 95.12 67.78
N GLU FA 89 15.83 96.17 68.19
CA GLU FA 89 15.33 97.54 68.08
C GLU FA 89 15.28 97.99 66.62
N THR FA 90 16.45 98.29 66.06
CA THR FA 90 16.54 98.73 64.68
C THR FA 90 16.60 97.52 63.75
N PRO FA 91 16.11 97.67 62.50
CA PRO FA 91 16.10 96.56 61.54
C PRO FA 91 17.51 96.14 61.13
N GLU FA 92 18.44 97.10 61.12
CA GLU FA 92 19.81 96.83 60.72
C GLU FA 92 20.53 95.94 61.73
N ALA FA 93 20.45 96.34 63.00
CA ALA FA 93 21.10 95.60 64.07
C ALA FA 93 20.42 94.26 64.33
N GLN FA 94 19.20 94.12 63.83
CA GLN FA 94 18.45 92.88 64.00
C GLN FA 94 19.10 91.77 63.17
N ALA FA 95 19.72 92.14 62.06
CA ALA FA 95 20.38 91.19 61.17
C ALA FA 95 21.57 90.55 61.86
N SER FA 96 22.12 91.23 62.86
CA SER FA 96 23.25 90.71 63.62
C SER FA 96 22.83 89.47 64.40
N ALA FA 97 21.69 89.56 65.08
CA ALA FA 97 21.15 88.44 65.83
C ALA FA 97 20.74 87.31 64.88
N VAL FA 98 20.34 87.68 63.67
CA VAL FA 98 19.95 86.69 62.66
C VAL FA 98 21.18 85.92 62.21
N ILE FA 99 22.24 86.63 61.84
CA ILE FA 99 23.49 85.99 61.46
C ILE FA 99 24.05 85.26 62.69
N GLY FA 100 24.21 85.99 63.78
CA GLY FA 100 24.66 85.41 65.03
C GLY FA 100 26.14 85.11 65.02
N GLY FA 101 26.86 85.73 65.96
CA GLY FA 101 28.29 85.51 66.08
C GLY FA 101 28.57 84.17 66.74
N ILE FA 102 28.63 84.17 68.06
CA ILE FA 102 28.88 82.95 68.83
C ILE FA 102 28.58 83.12 70.32
N SER FA 103 28.59 84.36 70.78
CA SER FA 103 28.26 84.69 72.17
C SER FA 103 29.33 84.19 73.14
N ALA FA 104 29.32 84.73 74.36
CA ALA FA 104 30.27 84.35 75.38
C ALA FA 104 30.00 82.94 75.90
N ALA FA 105 28.78 82.46 75.69
CA ALA FA 105 28.40 81.13 76.15
C ALA FA 105 29.11 80.05 75.34
N GLY FA 106 29.57 80.41 74.14
CA GLY FA 106 30.29 79.49 73.29
C GLY FA 106 29.36 78.81 72.30
N GLU FA 107 28.08 78.71 72.65
CA GLU FA 107 27.10 78.08 71.79
C GLU FA 107 26.78 78.95 70.58
N ARG FA 108 26.85 78.36 69.39
CA ARG FA 108 26.59 79.06 68.15
C ARG FA 108 25.20 79.69 68.15
N THR FA 109 25.15 81.01 67.99
CA THR FA 109 23.89 81.75 68.00
C THR FA 109 23.42 82.08 66.59
N GLY FA 110 22.15 82.45 66.49
CA GLY FA 110 21.58 82.89 65.23
C GLY FA 110 21.61 81.84 64.13
N LEU FA 111 21.74 82.31 62.91
CA LEU FA 111 21.71 81.45 61.72
C LEU FA 111 22.80 80.38 61.75
N GLN FA 112 23.91 80.67 62.42
CA GLN FA 112 25.04 79.74 62.48
C GLN FA 112 24.75 78.56 63.42
N ALA FA 113 23.64 78.65 64.15
CA ALA FA 113 23.24 77.59 65.08
C ALA FA 113 22.78 76.33 64.33
N LEU FA 114 22.55 76.46 63.03
CA LEU FA 114 22.06 75.35 62.21
C LEU FA 114 23.07 74.21 62.13
N LEU FA 115 24.34 74.53 62.36
CA LEU FA 115 25.40 73.52 62.33
C LEU FA 115 25.22 72.51 63.45
N ASP FA 116 24.46 72.89 64.47
CA ASP FA 116 24.21 72.03 65.64
C ASP FA 116 23.05 71.06 65.37
N GLY FA 117 22.25 71.36 64.36
CA GLY FA 117 21.08 70.55 64.04
C GLY FA 117 21.43 69.13 63.68
N LYS FA 118 22.65 68.92 63.21
CA LYS FA 118 23.11 67.58 62.81
C LYS FA 118 23.48 66.74 64.04
N SER FA 119 24.21 67.35 64.96
CA SER FA 119 24.71 66.67 66.14
C SER FA 119 23.77 66.83 67.34
N ARG FA 120 22.47 66.93 67.06
CA ARG FA 120 21.46 67.04 68.10
C ARG FA 120 20.15 66.37 67.70
N PHE FA 121 19.79 66.50 66.41
CA PHE FA 121 18.53 65.96 65.91
C PHE FA 121 18.75 64.96 64.78
N ASN FA 122 20.03 64.70 64.46
CA ASN FA 122 20.37 63.80 63.36
C ASN FA 122 19.69 64.22 62.06
N ALA FA 123 19.43 65.51 61.92
CA ALA FA 123 18.76 66.06 60.74
C ALA FA 123 19.52 67.29 60.27
N GLN FA 124 20.55 67.05 59.47
CA GLN FA 124 21.36 68.14 58.92
C GLN FA 124 20.49 69.00 58.00
N PRO FA 125 20.28 70.28 58.36
CA PRO FA 125 19.48 71.13 57.47
C PRO FA 125 20.15 71.32 56.12
N ARG FA 126 19.76 70.52 55.14
CA ARG FA 126 20.35 70.58 53.81
C ARG FA 126 19.48 71.45 52.90
N LEU FA 127 18.96 72.53 53.47
CA LEU FA 127 18.11 73.47 52.74
C LEU FA 127 17.87 74.72 53.57
N LEU FA 128 18.81 75.66 53.50
CA LEU FA 128 18.73 76.88 54.28
C LEU FA 128 17.65 77.82 53.76
N VAL FA 129 17.25 78.74 54.61
CA VAL FA 129 16.22 79.73 54.28
C VAL FA 129 16.11 80.75 55.41
N ALA FA 130 15.94 82.01 55.06
CA ALA FA 130 15.86 83.08 56.04
C ALA FA 130 14.86 84.15 55.56
N PRO FA 131 13.55 83.87 55.70
CA PRO FA 131 12.50 84.79 55.20
C PRO FA 131 12.59 86.18 55.84
N GLY FA 132 12.50 87.22 55.01
CA GLY FA 132 12.59 88.58 55.48
C GLY FA 132 14.03 89.07 55.52
N HIS FA 133 14.88 88.29 56.19
CA HIS FA 133 16.30 88.62 56.32
C HIS FA 133 17.13 87.94 55.25
N SER FA 134 17.18 88.54 54.06
CA SER FA 134 17.99 88.03 52.95
C SER FA 134 18.24 89.13 51.91
N ALA FA 135 17.34 90.12 51.85
CA ALA FA 135 17.52 91.26 50.95
C ALA FA 135 18.75 92.07 51.35
N GLN FA 136 19.12 91.97 52.63
CA GLN FA 136 20.31 92.65 53.11
C GLN FA 136 21.56 91.92 52.65
N GLN FA 137 22.51 92.69 52.13
CA GLN FA 137 23.76 92.13 51.58
C GLN FA 137 24.54 91.35 52.63
N ALA FA 138 24.36 91.73 53.89
CA ALA FA 138 25.13 91.16 54.99
C ALA FA 138 24.75 89.70 55.26
N VAL FA 139 23.52 89.48 55.70
CA VAL FA 139 23.03 88.16 56.07
C VAL FA 139 23.07 87.19 54.90
N ALA FA 140 23.02 87.71 53.68
CA ALA FA 140 22.99 86.87 52.49
C ALA FA 140 24.29 86.09 52.32
N THR FA 141 25.40 86.71 52.67
CA THR FA 141 26.71 86.07 52.56
C THR FA 141 26.89 84.98 53.61
N ALA FA 142 26.32 85.21 54.79
CA ALA FA 142 26.34 84.22 55.87
C ALA FA 142 25.60 82.95 55.43
N MET FA 143 24.53 83.15 54.67
CA MET FA 143 23.77 82.03 54.11
C MET FA 143 24.61 81.28 53.08
N ASP FA 144 25.47 82.01 52.39
CA ASP FA 144 26.35 81.43 51.37
C ASP FA 144 27.43 80.59 52.03
N GLY FA 145 28.10 81.17 53.03
CA GLY FA 145 29.20 80.50 53.70
C GLY FA 145 28.72 79.30 54.49
N LEU FA 146 27.54 79.44 55.09
CA LEU FA 146 26.98 78.39 55.92
C LEU FA 146 26.52 77.18 55.09
N ALA FA 147 26.06 77.45 53.88
CA ALA FA 147 25.56 76.40 52.98
C ALA FA 147 26.66 75.41 52.63
N GLU FA 148 27.88 75.91 52.47
CA GLU FA 148 29.01 75.07 52.11
C GLU FA 148 29.41 74.17 53.27
N LYS FA 149 29.12 74.60 54.49
CA LYS FA 149 29.39 73.80 55.68
C LYS FA 149 28.39 72.66 55.79
N LEU FA 150 27.16 72.93 55.35
CA LEU FA 150 26.08 71.96 55.42
C LEU FA 150 25.79 71.31 54.07
N ARG FA 151 26.50 71.77 53.03
CA ARG FA 151 26.27 71.29 51.67
C ARG FA 151 24.80 71.47 51.28
N ALA FA 152 24.22 72.58 51.72
CA ALA FA 152 22.80 72.87 51.50
C ALA FA 152 22.61 73.78 50.31
N ILE FA 153 21.39 74.29 50.14
CA ILE FA 153 21.08 75.24 49.08
C ILE FA 153 20.30 76.40 49.67
N ALA FA 154 21.02 77.45 50.04
CA ALA FA 154 20.43 78.62 50.68
C ALA FA 154 19.51 79.37 49.72
N ILE FA 155 18.22 79.41 50.07
CA ILE FA 155 17.23 80.14 49.27
C ILE FA 155 17.10 81.58 49.77
N LEU FA 156 17.63 82.51 48.98
CA LEU FA 156 17.53 83.93 49.31
C LEU FA 156 16.20 84.49 48.81
N ASP FA 157 16.00 85.79 49.04
CA ASP FA 157 14.81 86.47 48.56
C ASP FA 157 15.11 87.96 48.40
N GLY FA 158 15.47 88.35 47.18
CA GLY FA 158 15.86 89.73 46.90
C GLY FA 158 14.71 90.71 47.07
N PRO FA 159 15.02 92.01 47.13
CA PRO FA 159 14.01 93.05 47.32
C PRO FA 159 13.08 93.19 46.12
N ASN FA 160 11.84 93.55 46.37
CA ASN FA 160 10.87 93.75 45.29
C ASN FA 160 11.20 95.03 44.54
N SER FA 161 10.52 96.12 44.87
CA SER FA 161 10.77 97.42 44.22
C SER FA 161 10.63 97.31 42.71
N THR FA 162 11.65 96.72 42.07
CA THR FA 162 11.69 96.57 40.63
C THR FA 162 12.66 95.48 40.21
N ASP FA 163 12.70 95.17 38.92
CA ASP FA 163 13.53 94.11 38.37
C ASP FA 163 15.01 94.55 38.32
N GLU FA 164 15.23 95.84 38.08
CA GLU FA 164 16.58 96.38 37.99
C GLU FA 164 17.34 96.16 39.29
N ALA FA 165 16.63 96.27 40.41
CA ALA FA 165 17.23 96.11 41.73
C ALA FA 165 17.51 94.65 42.06
N ALA FA 166 16.79 93.75 41.39
CA ALA FA 166 16.94 92.31 41.60
C ALA FA 166 18.15 91.77 40.86
N VAL FA 167 18.36 92.26 39.65
CA VAL FA 167 19.49 91.83 38.83
C VAL FA 167 20.80 92.36 39.43
N ALA FA 168 20.78 93.61 39.88
CA ALA FA 168 21.97 94.24 40.46
C ALA FA 168 22.34 93.59 41.78
N TYR FA 169 21.39 92.86 42.38
CA TYR FA 169 21.62 92.19 43.65
C TYR FA 169 22.24 90.80 43.45
N ALA FA 170 21.77 90.11 42.41
CA ALA FA 170 22.26 88.76 42.09
C ALA FA 170 23.69 88.83 41.55
N LYS FA 171 24.02 89.96 40.93
CA LYS FA 171 25.35 90.16 40.35
C LYS FA 171 26.45 90.07 41.41
N ASN FA 172 26.05 90.18 42.67
CA ASN FA 172 27.00 90.13 43.78
C ASN FA 172 27.52 88.72 44.06
N PHE FA 173 26.60 87.76 44.12
CA PHE FA 173 26.94 86.39 44.45
C PHE FA 173 27.30 85.58 43.21
N GLY FA 174 27.83 84.38 43.42
CA GLY FA 174 28.19 83.49 42.33
C GLY FA 174 28.49 82.08 42.81
N SER FA 175 27.96 81.70 43.97
CA SER FA 175 28.23 80.39 44.55
C SER FA 175 27.22 79.36 44.11
N LYS FA 176 27.65 78.10 44.06
CA LYS FA 176 26.79 76.99 43.66
C LYS FA 176 25.53 76.90 44.52
N ARG FA 177 25.65 77.29 45.78
CA ARG FA 177 24.61 77.07 46.77
C ARG FA 177 23.83 78.33 47.08
N LEU FA 178 23.20 78.90 46.05
CA LEU FA 178 22.34 80.06 46.23
C LEU FA 178 21.25 80.05 45.18
N PHE FA 179 20.00 80.06 45.65
CA PHE FA 179 18.85 80.00 44.77
C PHE FA 179 17.86 81.10 45.15
N MET FA 180 18.08 82.28 44.60
CA MET FA 180 17.31 83.45 44.99
C MET FA 180 16.01 83.55 44.20
N VAL FA 181 15.00 84.12 44.84
CA VAL FA 181 13.72 84.43 44.20
C VAL FA 181 13.40 85.90 44.43
N ASP FA 182 13.14 86.61 43.33
CA ASP FA 182 13.00 88.06 43.39
C ASP FA 182 11.58 88.53 43.77
N PRO FA 183 10.58 88.22 42.93
CA PRO FA 183 9.24 88.77 43.20
C PRO FA 183 8.64 88.24 44.51
N GLY FA 184 8.36 89.16 45.44
CA GLY FA 184 7.83 88.77 46.74
C GLY FA 184 6.35 88.48 46.67
N VAL FA 185 6.00 87.19 46.74
CA VAL FA 185 4.61 86.77 46.74
C VAL FA 185 3.88 87.31 47.97
N GLN FA 186 2.59 87.63 47.82
CA GLN FA 186 1.79 88.16 48.92
C GLN FA 186 0.77 87.11 49.37
N VAL FA 187 0.76 86.85 50.67
CA VAL FA 187 -0.15 85.87 51.27
C VAL FA 187 -1.24 86.60 52.06
N TRP FA 188 -2.36 85.92 52.25
CA TRP FA 188 -3.46 86.46 53.04
C TRP FA 188 -3.24 86.15 54.52
N ASP FA 189 -2.70 87.13 55.25
CA ASP FA 189 -2.44 86.95 56.68
C ASP FA 189 -3.75 86.81 57.45
N SER FA 190 -3.76 85.89 58.42
CA SER FA 190 -4.96 85.64 59.21
C SER FA 190 -5.18 86.73 60.25
N ALA FA 191 -4.09 87.25 60.81
CA ALA FA 191 -4.16 88.25 61.87
C ALA FA 191 -4.59 89.61 61.32
N THR FA 192 -4.06 89.97 60.15
CA THR FA 192 -4.35 91.25 59.53
C THR FA 192 -5.70 91.22 58.81
N ASN FA 193 -6.13 90.02 58.44
CA ASN FA 193 -7.40 89.83 57.71
C ASN FA 193 -7.43 90.60 56.40
N ALA FA 194 -6.29 90.62 55.72
CA ALA FA 194 -6.19 91.28 54.42
C ALA FA 194 -4.89 90.86 53.73
N ALA FA 195 -4.58 91.51 52.61
CA ALA FA 195 -3.36 91.22 51.86
C ALA FA 195 -2.14 91.52 52.70
N ARG FA 196 -1.04 90.82 52.43
CA ARG FA 196 0.17 90.97 53.21
C ARG FA 196 1.36 90.38 52.45
N ASN FA 197 2.31 91.24 52.08
CA ASN FA 197 3.47 90.81 51.31
C ASN FA 197 4.39 89.91 52.13
N ALA FA 198 4.87 88.86 51.50
CA ALA FA 198 5.76 87.88 52.13
C ALA FA 198 7.10 87.83 51.39
N PRO FA 199 8.15 87.31 52.04
CA PRO FA 199 9.47 87.22 51.41
C PRO FA 199 9.56 86.15 50.33
N ALA FA 200 8.58 85.25 50.27
CA ALA FA 200 8.55 84.21 49.24
C ALA FA 200 9.73 83.25 49.36
N SER FA 201 10.42 83.30 50.50
CA SER FA 201 11.60 82.46 50.72
C SER FA 201 11.17 81.09 51.25
N ALA FA 202 10.34 81.12 52.29
CA ALA FA 202 9.85 79.89 52.91
C ALA FA 202 8.91 79.13 51.98
N TYR FA 203 8.16 79.86 51.15
CA TYR FA 203 7.25 79.24 50.20
C TYR FA 203 8.03 78.46 49.15
N ALA FA 204 9.15 79.02 48.72
CA ALA FA 204 10.02 78.36 47.75
C ALA FA 204 10.78 77.21 48.40
N ALA FA 205 10.96 77.29 49.72
CA ALA FA 205 11.66 76.24 50.47
C ALA FA 205 10.73 75.03 50.66
N GLY FA 206 9.51 75.29 51.10
CA GLY FA 206 8.53 74.23 51.29
C GLY FA 206 8.20 73.57 49.96
N LEU FA 207 8.28 74.36 48.90
CA LEU FA 207 8.03 73.89 47.54
C LEU FA 207 9.02 72.79 47.15
N PHE FA 208 10.29 72.96 47.54
CA PHE FA 208 11.30 71.94 47.28
C PHE FA 208 10.94 70.65 48.02
N ALA FA 209 10.59 70.80 49.29
CA ALA FA 209 10.28 69.67 50.16
C ALA FA 209 9.13 68.84 49.61
N TRP FA 210 8.27 69.50 48.83
CA TRP FA 210 7.13 68.83 48.20
C TRP FA 210 7.60 67.92 47.07
N THR FA 211 8.50 68.45 46.23
CA THR FA 211 9.02 67.71 45.09
C THR FA 211 10.01 66.62 45.54
N ASP FA 212 10.77 66.93 46.58
CA ASP FA 212 11.78 66.02 47.10
C ASP FA 212 11.13 64.78 47.72
N ALA FA 213 10.01 65.01 48.43
CA ALA FA 213 9.27 63.92 49.06
C ALA FA 213 8.46 63.16 48.02
N GLU FA 214 8.03 63.87 46.98
CA GLU FA 214 7.21 63.29 45.92
C GLU FA 214 8.07 62.61 44.85
N TYR FA 215 8.61 63.41 43.94
CA TYR FA 215 9.44 62.88 42.85
C TYR FA 215 10.77 62.41 43.40
N GLY FA 216 11.51 63.33 44.00
CA GLY FA 216 12.82 63.05 44.55
C GLY FA 216 13.69 64.30 44.59
N PHE FA 217 14.76 64.25 45.37
CA PHE FA 217 15.70 65.36 45.48
C PHE FA 217 16.30 65.67 44.11
N TRP FA 218 16.41 64.65 43.27
CA TRP FA 218 16.97 64.80 41.94
C TRP FA 218 15.99 65.52 41.01
N SER FA 219 14.72 65.54 41.40
CA SER FA 219 13.70 66.22 40.60
C SER FA 219 13.83 67.73 40.75
N SER FA 220 13.63 68.45 39.65
CA SER FA 220 13.71 69.90 39.68
C SER FA 220 12.46 70.48 40.36
N PRO FA 221 12.63 71.52 41.20
CA PRO FA 221 11.50 72.12 41.90
C PRO FA 221 10.69 73.07 41.03
N SER FA 222 11.34 73.69 40.05
CA SER FA 222 10.71 74.68 39.18
C SER FA 222 9.45 74.14 38.51
N ASN FA 223 8.61 75.07 38.03
CA ASN FA 223 7.40 74.71 37.32
C ASN FA 223 6.45 73.87 38.17
N LYS FA 224 6.49 74.11 39.48
CA LYS FA 224 5.58 73.45 40.43
C LYS FA 224 4.79 74.51 41.17
N GLU FA 225 3.48 74.33 41.24
CA GLU FA 225 2.58 75.34 41.80
C GLU FA 225 2.74 75.44 43.31
N ILE FA 226 2.74 76.68 43.79
CA ILE FA 226 2.87 76.95 45.23
C ILE FA 226 1.51 77.35 45.81
N LYS FA 227 1.19 76.79 46.98
CA LYS FA 227 -0.06 77.08 47.66
C LYS FA 227 0.13 78.16 48.73
N GLY FA 228 -0.97 78.63 49.30
CA GLY FA 228 -0.91 79.63 50.36
C GLY FA 228 -0.50 80.98 49.80
N VAL FA 229 -1.14 81.38 48.71
CA VAL FA 229 -0.83 82.64 48.03
C VAL FA 229 -2.12 83.36 47.68
N THR FA 230 -2.00 84.57 47.12
CA THR FA 230 -3.17 85.35 46.74
C THR FA 230 -2.77 86.58 45.93
N GLY FA 231 -1.71 86.45 45.14
CA GLY FA 231 -1.20 87.55 44.34
C GLY FA 231 0.31 87.64 44.50
N THR FA 232 0.95 88.44 43.66
CA THR FA 232 2.40 88.59 43.70
C THR FA 232 2.80 90.04 43.49
N SER FA 233 3.63 90.55 44.38
CA SER FA 233 4.16 91.90 44.28
C SER FA 233 4.93 92.07 42.98
N ARG FA 234 4.59 93.12 42.24
CA ARG FA 234 5.18 93.38 40.92
C ARG FA 234 4.88 92.24 39.97
N PRO FA 235 3.74 92.33 39.25
CA PRO FA 235 3.34 91.21 38.37
C PRO FA 235 4.33 90.96 37.25
N VAL FA 236 5.18 89.95 37.44
CA VAL FA 236 6.15 89.57 36.42
C VAL FA 236 5.41 88.95 35.24
N GLU FA 237 5.55 89.58 34.07
CA GLU FA 237 4.83 89.15 32.88
C GLU FA 237 5.41 87.87 32.32
N PHE FA 238 4.55 87.07 31.68
CA PHE FA 238 4.99 85.86 31.01
C PHE FA 238 4.06 85.51 29.85
N LEU FA 239 4.60 85.59 28.65
CA LEU FA 239 3.83 85.29 27.44
C LEU FA 239 3.69 83.78 27.28
N ASP FA 240 2.97 83.36 26.23
CA ASP FA 240 2.76 81.95 25.97
C ASP FA 240 4.06 81.25 25.61
N GLY FA 241 4.89 81.91 24.80
CA GLY FA 241 6.16 81.36 24.39
C GLY FA 241 6.99 82.38 23.61
N ASP FA 242 7.74 83.19 24.35
CA ASP FA 242 8.61 84.19 23.74
C ASP FA 242 9.68 84.64 24.73
N GLU FA 243 10.89 84.82 24.22
CA GLU FA 243 12.02 85.25 25.05
C GLU FA 243 11.90 86.72 25.44
N THR FA 244 10.93 87.42 24.86
CA THR FA 244 10.73 88.84 25.11
C THR FA 244 10.10 89.08 26.48
N CYS FA 245 9.46 88.06 27.02
CA CYS FA 245 8.79 88.18 28.32
C CYS FA 245 9.82 88.46 29.41
N ARG FA 246 9.38 89.16 30.46
CA ARG FA 246 10.29 89.60 31.51
C ARG FA 246 10.65 88.46 32.46
N ALA FA 247 9.78 87.46 32.55
CA ALA FA 247 10.02 86.31 33.42
C ALA FA 247 11.29 85.59 33.00
N ASN FA 248 11.59 85.65 31.71
CA ASN FA 248 12.78 85.00 31.15
C ASN FA 248 14.06 85.77 31.46
N LEU FA 249 13.97 87.10 31.37
CA LEU FA 249 15.14 87.95 31.56
C LEU FA 249 15.75 87.80 32.96
N LEU FA 250 14.91 87.58 33.96
CA LEU FA 250 15.40 87.38 35.31
C LEU FA 250 16.09 86.03 35.46
N ASN FA 251 15.62 85.04 34.71
CA ASN FA 251 16.24 83.71 34.73
C ASN FA 251 17.63 83.73 34.11
N ASN FA 252 17.85 84.67 33.19
CA ASN FA 252 19.17 84.85 32.58
C ASN FA 252 20.16 85.37 33.62
N ALA FA 253 19.64 86.10 34.61
CA ALA FA 253 20.47 86.61 35.70
C ALA FA 253 20.44 85.64 36.88
N ASN FA 254 20.05 84.40 36.62
CA ASN FA 254 19.98 83.36 37.66
C ASN FA 254 19.05 83.79 38.77
N ILE FA 255 17.75 83.88 38.46
CA ILE FA 255 16.76 84.28 39.43
C ILE FA 255 15.47 83.49 39.24
N ALA FA 256 14.91 83.03 40.36
CA ALA FA 256 13.61 82.34 40.35
C ALA FA 256 12.48 83.37 40.41
N THR FA 257 11.37 83.05 39.77
CA THR FA 257 10.24 83.97 39.72
C THR FA 257 8.90 83.24 39.75
N ILE FA 258 7.89 83.87 40.33
CA ILE FA 258 6.54 83.33 40.38
C ILE FA 258 5.73 83.96 39.27
N ILE FA 259 5.29 83.14 38.32
CA ILE FA 259 4.63 83.64 37.12
C ILE FA 259 3.11 83.60 37.22
N ARG FA 260 2.46 84.30 36.28
CA ARG FA 260 1.02 84.35 36.18
C ARG FA 260 0.34 84.95 37.39
N ASP FA 261 -0.98 85.14 37.29
CA ASP FA 261 -1.76 85.79 38.33
C ASP FA 261 -1.74 84.99 39.62
N ASP FA 262 -2.14 85.62 40.72
CA ASP FA 262 -2.24 84.96 42.02
C ASP FA 262 -0.89 84.41 42.47
N GLY FA 263 -0.45 83.35 41.82
CA GLY FA 263 0.79 82.68 42.17
C GLY FA 263 0.75 81.27 41.60
N TYR FA 264 0.56 81.20 40.28
CA TYR FA 264 0.37 79.94 39.58
C TYR FA 264 1.50 78.96 39.85
N ARG FA 265 2.73 79.39 39.60
CA ARG FA 265 3.88 78.52 39.79
C ARG FA 265 5.21 79.27 39.82
N LEU FA 266 6.22 78.63 40.40
CA LEU FA 266 7.57 79.19 40.48
C LEU FA 266 8.50 78.42 39.55
N TRP FA 267 9.46 79.11 38.95
CA TRP FA 267 10.49 78.45 38.16
C TRP FA 267 11.75 79.31 38.05
N GLY FA 268 12.79 78.74 37.45
CA GLY FA 268 14.08 79.41 37.31
C GLY FA 268 15.15 78.54 37.95
N ASN FA 269 15.46 77.43 37.30
CA ASN FA 269 16.39 76.43 37.84
C ASN FA 269 17.80 76.98 38.03
N ARG FA 270 18.14 78.03 37.28
CA ARG FA 270 19.48 78.60 37.35
C ARG FA 270 19.81 79.10 38.76
N THR FA 271 20.81 78.48 39.38
CA THR FA 271 21.31 78.94 40.68
C THR FA 271 22.34 80.04 40.43
N LEU FA 272 22.46 80.96 41.37
CA LEU FA 272 23.40 82.07 41.23
C LEU FA 272 24.84 81.58 41.18
N SER FA 273 25.22 80.96 40.07
CA SER FA 273 26.55 80.37 39.92
C SER FA 273 27.20 80.80 38.62
N SER FA 274 28.48 81.16 38.69
CA SER FA 274 29.25 81.55 37.52
C SER FA 274 29.61 80.33 36.67
N ASP FA 275 30.08 79.26 37.33
CA ASP FA 275 30.45 78.04 36.63
C ASP FA 275 29.20 77.40 36.01
N SER FA 276 29.19 77.29 34.68
CA SER FA 276 28.03 76.76 33.96
C SER FA 276 27.85 75.27 34.22
N LYS FA 277 28.85 74.63 34.82
CA LYS FA 277 28.76 73.21 35.14
C LYS FA 277 27.72 72.98 36.23
N TRP FA 278 27.63 73.92 37.17
CA TRP FA 278 26.69 73.85 38.27
C TRP FA 278 25.57 74.88 38.07
N ALA FA 279 25.11 74.99 36.84
CA ALA FA 279 24.11 76.00 36.48
C ALA FA 279 22.77 75.66 37.10
N PHE FA 280 22.40 74.38 37.05
CA PHE FA 280 21.13 73.95 37.61
C PHE FA 280 21.24 73.74 39.11
N VAL FA 281 20.17 74.07 39.82
CA VAL FA 281 20.10 73.84 41.25
C VAL FA 281 19.99 72.34 41.52
N THR FA 282 19.52 71.61 40.51
CA THR FA 282 19.37 70.16 40.60
C THR FA 282 20.71 69.47 40.84
N ARG FA 283 21.67 69.77 39.97
CA ARG FA 283 22.99 69.15 40.05
C ARG FA 283 23.64 69.36 41.41
N VAL FA 284 23.54 70.59 41.92
CA VAL FA 284 24.12 70.93 43.21
C VAL FA 284 23.41 70.15 44.32
N ARG FA 285 22.14 69.84 44.10
CA ARG FA 285 21.33 69.16 45.11
C ARG FA 285 21.57 67.64 45.13
N THR FA 286 21.87 67.08 43.96
CA THR FA 286 22.14 65.65 43.84
C THR FA 286 23.57 65.32 44.24
N MET FA 287 24.50 66.19 43.85
CA MET FA 287 25.92 65.99 44.11
C MET FA 287 26.22 66.12 45.60
N ASP FA 288 25.65 67.13 46.23
CA ASP FA 288 25.83 67.35 47.66
C ASP FA 288 25.21 66.23 48.48
N LEU FA 289 24.33 65.45 47.84
CA LEU FA 289 23.63 64.36 48.51
C LEU FA 289 24.44 63.06 48.44
N VAL FA 290 24.83 62.68 47.23
CA VAL FA 290 25.60 61.44 47.02
C VAL FA 290 26.97 61.54 47.68
N MET FA 291 27.49 62.75 47.80
CA MET FA 291 28.76 62.98 48.48
C MET FA 291 28.61 62.71 49.96
N ASP FA 292 27.61 63.35 50.58
CA ASP FA 292 27.35 63.17 52.00
C ASP FA 292 26.92 61.74 52.32
N ALA FA 293 26.40 61.05 51.32
CA ALA FA 293 25.97 59.65 51.48
C ALA FA 293 27.17 58.73 51.52
N ILE FA 294 28.09 58.94 50.58
CA ILE FA 294 29.30 58.13 50.48
C ILE FA 294 30.20 58.42 51.68
N LEU FA 295 30.22 59.67 52.10
CA LEU FA 295 31.00 60.08 53.26
C LEU FA 295 30.50 59.39 54.52
N ALA FA 296 29.22 59.59 54.83
CA ALA FA 296 28.61 59.02 56.03
C ALA FA 296 28.33 57.53 55.87
N GLY FA 297 28.38 57.05 54.64
CA GLY FA 297 28.05 55.66 54.35
C GLY FA 297 29.19 54.71 54.65
N HIS FA 298 30.38 55.05 54.18
CA HIS FA 298 31.55 54.20 54.35
C HIS FA 298 32.32 54.57 55.61
N LYS FA 299 31.58 54.84 56.68
CA LYS FA 299 32.17 55.11 57.99
C LYS FA 299 32.51 53.78 58.68
N TRP FA 300 31.93 52.70 58.18
CA TRP FA 300 32.16 51.37 58.72
C TRP FA 300 33.54 50.86 58.32
N ALA FA 301 33.98 51.27 57.14
CA ALA FA 301 35.24 50.81 56.58
C ALA FA 301 36.40 51.43 57.37
N VAL FA 302 36.89 52.57 56.90
CA VAL FA 302 38.02 53.26 57.51
C VAL FA 302 39.19 52.29 57.64
N ASP FA 303 39.97 52.37 58.72
CA ASP FA 303 41.13 51.50 58.89
C ASP FA 303 40.70 50.05 59.01
N ARG FA 304 40.96 49.29 57.95
CA ARG FA 304 40.62 47.87 57.91
C ARG FA 304 41.51 47.20 56.86
N GLY FA 305 41.70 45.89 57.02
CA GLY FA 305 42.54 45.12 56.13
C GLY FA 305 42.20 45.31 54.66
N ILE FA 306 43.10 45.98 53.94
CA ILE FA 306 42.86 46.33 52.54
C ILE FA 306 43.19 45.15 51.63
N THR FA 307 42.51 44.03 51.87
CA THR FA 307 42.67 42.84 51.03
C THR FA 307 41.87 43.04 49.74
N LYS FA 308 42.19 42.23 48.73
CA LYS FA 308 41.47 42.27 47.46
C LYS FA 308 39.94 42.17 47.65
N THR FA 309 39.54 41.45 48.69
CA THR FA 309 38.13 41.30 49.02
C THR FA 309 37.54 42.64 49.44
N TYR FA 310 38.26 43.33 50.31
CA TYR FA 310 37.80 44.61 50.86
C TYR FA 310 37.58 45.63 49.75
N VAL FA 311 38.49 45.68 48.78
CA VAL FA 311 38.37 46.62 47.66
C VAL FA 311 37.10 46.31 46.86
N LYS FA 312 36.89 45.03 46.56
CA LYS FA 312 35.70 44.61 45.84
C LYS FA 312 34.43 44.82 46.67
N ASP FA 313 34.52 44.65 47.98
CA ASP FA 313 33.37 44.85 48.86
C ASP FA 313 32.92 46.30 48.81
N VAL FA 314 33.88 47.21 48.74
CA VAL FA 314 33.60 48.63 48.65
C VAL FA 314 33.21 49.00 47.23
N THR FA 315 33.90 48.40 46.25
CA THR FA 315 33.58 48.62 44.85
C THR FA 315 32.15 48.16 44.53
N GLU FA 316 31.81 46.95 44.96
CA GLU FA 316 30.46 46.42 44.78
C GLU FA 316 29.44 47.21 45.59
N GLY FA 317 29.93 47.89 46.63
CA GLY FA 317 29.07 48.72 47.46
C GLY FA 317 28.59 49.93 46.69
N LEU FA 318 29.45 50.44 45.82
CA LEU FA 318 29.12 51.58 44.96
C LEU FA 318 28.35 51.12 43.73
N ARG FA 319 28.71 49.94 43.22
CA ARG FA 319 28.00 49.36 42.08
C ARG FA 319 26.51 49.23 42.37
N ALA FA 320 26.20 48.57 43.48
CA ALA FA 320 24.82 48.34 43.88
C ALA FA 320 24.15 49.66 44.26
N PHE FA 321 24.89 50.52 44.94
CA PHE FA 321 24.35 51.79 45.40
C PHE FA 321 23.92 52.68 44.23
N MET FA 322 24.84 52.93 43.31
CA MET FA 322 24.55 53.78 42.16
C MET FA 322 23.47 53.19 41.27
N ARG FA 323 23.43 51.86 41.22
CA ARG FA 323 22.42 51.18 40.41
C ARG FA 323 21.04 51.37 41.02
N ASP FA 324 20.98 51.60 42.33
CA ASP FA 324 19.71 51.89 42.99
C ASP FA 324 19.27 53.32 42.69
N LEU FA 325 20.22 54.15 42.25
CA LEU FA 325 19.93 55.51 41.83
C LEU FA 325 19.55 55.57 40.36
N LYS FA 326 20.11 54.64 39.58
CA LYS FA 326 19.89 54.61 38.14
C LYS FA 326 18.45 54.19 37.83
N ASN FA 327 18.07 53.01 38.29
CA ASN FA 327 16.72 52.49 38.08
C ASN FA 327 15.66 53.36 38.75
N GLN FA 328 16.07 54.06 39.81
CA GLN FA 328 15.19 54.98 40.52
C GLN FA 328 15.00 56.26 39.70
N GLY FA 329 15.98 56.56 38.86
CA GLY FA 329 15.92 57.71 37.98
C GLY FA 329 16.70 58.91 38.48
N ALA FA 330 17.48 58.71 39.54
CA ALA FA 330 18.28 59.78 40.11
C ALA FA 330 19.41 60.16 39.15
N VAL FA 331 19.95 59.16 38.47
CA VAL FA 331 21.05 59.35 37.52
C VAL FA 331 20.75 58.59 36.24
N ILE FA 332 21.30 59.05 35.13
CA ILE FA 332 21.11 58.38 33.84
C ILE FA 332 21.98 57.14 33.79
N ASN FA 333 23.28 57.32 34.03
CA ASN FA 333 24.21 56.21 34.05
C ASN FA 333 25.44 56.58 34.87
N PHE FA 334 26.17 55.56 35.31
CA PHE FA 334 27.31 55.76 36.20
C PHE FA 334 28.45 54.83 35.84
N GLU FA 335 29.54 54.95 36.60
CA GLU FA 335 30.71 54.10 36.43
C GLU FA 335 31.64 54.30 37.61
N VAL FA 336 31.94 53.23 38.32
CA VAL FA 336 32.78 53.31 39.51
C VAL FA 336 33.85 52.21 39.46
N TYR FA 337 35.06 52.56 39.89
CA TYR FA 337 36.19 51.64 39.82
C TYR FA 337 37.38 52.21 40.56
N ALA FA 338 38.40 51.37 40.77
CA ALA FA 338 39.63 51.79 41.43
C ALA FA 338 40.66 52.21 40.38
N ASP FA 339 41.12 53.45 40.45
CA ASP FA 339 42.07 53.97 39.47
C ASP FA 339 43.43 53.26 39.59
N PRO FA 340 43.98 52.76 38.46
CA PRO FA 340 45.30 52.12 38.50
C PRO FA 340 46.41 53.07 38.92
N ASP FA 341 46.41 54.29 38.40
CA ASP FA 341 47.50 55.24 38.64
C ASP FA 341 47.51 55.76 40.07
N LEU FA 342 46.33 56.11 40.58
CA LEU FA 342 46.21 56.65 41.94
C LEU FA 342 46.60 55.60 42.97
N ASN FA 343 45.98 54.43 42.88
CA ASN FA 343 46.28 53.34 43.79
C ASN FA 343 47.69 52.80 43.57
N SER FA 344 48.68 53.60 43.92
CA SER FA 344 50.08 53.20 43.77
C SER FA 344 50.51 52.37 44.97
N ALA FA 345 51.61 51.66 44.82
CA ALA FA 345 52.14 50.80 45.90
C ALA FA 345 52.46 51.62 47.15
N SER FA 346 52.78 52.89 46.96
CA SER FA 346 53.15 53.77 48.06
C SER FA 346 51.92 54.40 48.72
N GLN FA 347 50.89 54.67 47.91
CA GLN FA 347 49.66 55.28 48.41
C GLN FA 347 48.92 54.31 49.32
N LEU FA 348 48.83 53.04 48.91
CA LEU FA 348 48.19 52.01 49.72
C LEU FA 348 48.97 51.76 51.00
N ALA FA 349 50.27 52.05 50.97
CA ALA FA 349 51.13 51.86 52.14
C ALA FA 349 50.96 53.00 53.16
N GLN FA 350 50.14 53.98 52.81
CA GLN FA 350 49.77 55.06 53.74
C GLN FA 350 48.29 54.98 54.11
N GLY FA 351 47.60 53.98 53.57
CA GLY FA 351 46.20 53.78 53.84
C GLY FA 351 45.30 54.33 52.75
N LYS FA 352 45.82 55.26 51.97
CA LYS FA 352 45.06 55.86 50.87
C LYS FA 352 44.64 54.80 49.85
N VAL FA 353 43.35 54.83 49.51
CA VAL FA 353 42.80 53.97 48.46
C VAL FA 353 41.65 54.72 47.80
N TYR FA 354 41.73 54.87 46.48
CA TYR FA 354 40.80 55.72 45.76
C TYR FA 354 39.79 54.92 44.93
N TRP FA 355 38.63 55.52 44.70
CA TRP FA 355 37.60 54.95 43.83
C TRP FA 355 36.98 56.04 42.97
N ASN FA 356 37.32 56.03 41.69
CA ASN FA 356 36.86 57.06 40.77
C ASN FA 356 35.39 56.90 40.42
N ILE FA 357 34.53 57.66 41.11
CA ILE FA 357 33.11 57.66 40.81
C ILE FA 357 32.81 58.74 39.78
N ARG FA 358 31.93 58.43 38.83
CA ARG FA 358 31.54 59.37 37.79
C ARG FA 358 30.18 59.01 37.22
N PHE FA 359 29.36 60.03 36.94
CA PHE FA 359 28.02 59.83 36.42
C PHE FA 359 27.46 61.13 35.89
N THR FA 360 26.21 61.10 35.44
CA THR FA 360 25.54 62.28 34.90
C THR FA 360 24.20 62.49 35.60
N ASP FA 361 24.15 63.45 36.52
CA ASP FA 361 22.89 63.80 37.18
C ASP FA 361 21.90 64.29 36.13
N VAL FA 362 20.62 63.95 36.32
CA VAL FA 362 19.59 64.29 35.34
C VAL FA 362 19.33 65.80 35.32
N PRO FA 363 19.53 66.45 34.16
CA PRO FA 363 19.22 67.88 34.04
C PRO FA 363 17.76 68.12 33.64
N PRO FA 364 17.11 69.14 34.24
CA PRO FA 364 15.71 69.43 33.86
C PRO FA 364 15.61 70.08 32.48
N ALA FA 365 14.82 69.49 31.60
CA ALA FA 365 14.61 70.05 30.25
C ALA FA 365 13.91 71.41 30.34
N GLU FA 366 14.66 72.44 30.69
CA GLU FA 366 14.09 73.75 30.95
C GLU FA 366 13.65 74.47 29.66
N ASN FA 367 13.90 73.86 28.51
CA ASN FA 367 13.55 74.47 27.23
C ASN FA 367 13.48 73.44 26.10
N PRO FA 368 12.40 72.64 26.07
CA PRO FA 368 12.20 71.66 24.99
C PRO FA 368 11.67 72.31 23.71
N ASN FA 369 12.45 72.23 22.63
CA ASN FA 369 12.06 72.81 21.35
C ASN FA 369 11.27 71.82 20.50
N PHE FA 370 10.61 72.34 19.46
CA PHE FA 370 9.80 71.51 18.56
C PHE FA 370 9.93 72.04 17.14
N ARG FA 371 11.00 71.63 16.46
CA ARG FA 371 11.26 72.06 15.10
C ARG FA 371 10.24 71.50 14.13
N VAL FA 372 9.01 72.03 14.19
CA VAL FA 372 7.95 71.59 13.29
C VAL FA 372 8.10 72.29 11.95
N GLU FA 373 7.79 71.57 10.87
CA GLU FA 373 7.95 72.09 9.53
C GLU FA 373 7.20 71.24 8.52
N VAL FA 374 6.30 71.86 7.77
CA VAL FA 374 5.56 71.17 6.73
C VAL FA 374 6.46 70.91 5.52
N THR FA 375 5.92 70.18 4.55
CA THR FA 375 6.64 69.91 3.32
C THR FA 375 5.67 69.39 2.26
N ASP FA 376 6.22 68.77 1.22
CA ASP FA 376 5.42 68.22 0.14
C ASP FA 376 5.90 66.82 -0.20
N GLN FA 377 6.34 66.10 0.83
CA GLN FA 377 6.91 64.77 0.65
C GLN FA 377 5.81 63.72 0.49
N TRP FA 378 5.00 63.54 1.52
CA TRP FA 378 3.92 62.56 1.49
C TRP FA 378 2.68 63.09 0.78
N LEU FA 379 2.81 63.41 -0.50
CA LEU FA 379 1.69 63.82 -1.32
C LEU FA 379 1.37 62.76 -2.36
N THR FA 380 2.42 62.12 -2.88
CA THR FA 380 2.26 61.05 -3.86
C THR FA 380 1.61 59.82 -3.21
N GLU FA 381 1.58 59.80 -1.89
CA GLU FA 381 0.92 58.73 -1.15
C GLU FA 381 -0.58 58.76 -1.44
N VAL FA 382 -1.09 59.96 -1.68
CA VAL FA 382 -2.49 60.13 -2.04
C VAL FA 382 -2.69 59.73 -3.50
N LEU FA 383 -2.67 58.42 -3.75
CA LEU FA 383 -2.76 57.91 -5.11
C LEU FA 383 -2.98 56.40 -5.09
N ASP FA 384 -2.14 55.70 -4.34
CA ASP FA 384 -2.23 54.25 -4.23
C ASP FA 384 -1.55 53.77 -2.95
N SER GA 2 13.60 76.52 -44.25
CA SER GA 2 12.79 75.40 -43.78
C SER GA 2 12.91 74.20 -44.71
N PHE GA 3 12.89 74.48 -46.01
CA PHE GA 3 13.00 73.45 -47.05
C PHE GA 3 11.76 72.57 -47.08
N PHE GA 4 11.01 72.68 -48.18
CA PHE GA 4 9.77 71.93 -48.40
C PHE GA 4 8.68 72.30 -47.39
N HIS GA 5 8.82 71.80 -46.16
CA HIS GA 5 7.82 71.99 -45.11
C HIS GA 5 6.45 71.46 -45.52
N GLY GA 6 6.29 70.14 -45.46
CA GLY GA 6 5.01 69.51 -45.76
C GLY GA 6 4.99 68.06 -45.33
N VAL GA 7 5.06 67.15 -46.29
CA VAL GA 7 5.10 65.73 -46.00
C VAL GA 7 5.52 64.97 -47.27
N THR GA 8 6.80 64.64 -47.35
CA THR GA 8 7.34 63.97 -48.52
C THR GA 8 7.01 62.49 -48.49
N VAL GA 9 7.39 61.79 -49.55
CA VAL GA 9 7.15 60.35 -49.67
C VAL GA 9 8.00 59.82 -50.83
N THR GA 10 9.30 60.06 -50.74
CA THR GA 10 10.24 59.68 -51.80
C THR GA 10 10.30 58.17 -51.96
N ASN GA 11 10.21 57.72 -53.21
CA ASN GA 11 10.31 56.31 -53.53
C ASN GA 11 11.77 55.92 -53.73
N VAL GA 12 12.33 55.21 -52.77
CA VAL GA 12 13.72 54.78 -52.85
C VAL GA 12 13.84 53.60 -53.82
N ASP GA 13 14.34 53.89 -55.01
CA ASP GA 13 14.44 52.89 -56.07
C ASP GA 13 15.72 52.06 -55.93
N ILE GA 14 15.72 51.13 -54.99
CA ILE GA 14 16.85 50.22 -54.80
C ILE GA 14 16.34 48.80 -54.55
N GLY GA 15 17.22 47.82 -54.73
CA GLY GA 15 16.87 46.43 -54.59
C GLY GA 15 17.40 45.63 -55.75
N ALA GA 16 17.55 44.32 -55.57
CA ALA GA 16 18.06 43.44 -56.61
C ALA GA 16 17.04 43.27 -57.73
N ARG GA 17 17.37 43.80 -58.90
CA ARG GA 17 16.51 43.65 -60.08
C ARG GA 17 16.50 42.21 -60.58
N THR GA 18 15.47 41.85 -61.33
CA THR GA 18 15.35 40.53 -61.91
C THR GA 18 16.05 40.49 -63.27
N ILE GA 19 16.44 39.29 -63.70
CA ILE GA 19 17.13 39.12 -64.97
C ILE GA 19 16.56 37.92 -65.73
N ALA GA 20 16.46 38.07 -67.04
CA ALA GA 20 15.86 37.04 -67.91
C ALA GA 20 16.89 36.49 -68.89
N LEU GA 21 16.46 35.50 -69.67
CA LEU GA 21 17.30 34.87 -70.69
C LEU GA 21 16.75 35.18 -72.09
N PRO GA 22 17.14 36.32 -72.66
CA PRO GA 22 16.57 36.75 -73.94
C PRO GA 22 17.01 35.88 -75.11
N ALA GA 23 16.35 36.06 -76.26
CA ALA GA 23 16.70 35.37 -77.50
C ALA GA 23 16.54 33.85 -77.40
N SER GA 24 17.31 33.24 -76.50
CA SER GA 24 17.25 31.80 -76.26
C SER GA 24 17.71 31.02 -77.50
N SER GA 25 16.86 30.96 -78.52
CA SER GA 25 17.16 30.18 -79.72
C SER GA 25 16.37 30.68 -80.91
N VAL GA 26 16.67 31.89 -81.37
CA VAL GA 26 16.06 32.43 -82.58
C VAL GA 26 16.96 32.10 -83.78
N ILE GA 27 16.35 31.58 -84.83
CA ILE GA 27 17.08 31.12 -86.01
C ILE GA 27 17.27 32.28 -87.00
N GLY GA 28 18.45 32.32 -87.60
CA GLY GA 28 18.80 33.35 -88.58
C GLY GA 28 19.15 32.68 -89.89
N LEU GA 29 18.13 32.49 -90.73
CA LEU GA 29 18.28 31.76 -91.99
C LEU GA 29 18.44 32.72 -93.17
N CYS GA 30 19.05 32.23 -94.24
CA CYS GA 30 19.27 33.04 -95.43
C CYS GA 30 19.54 32.16 -96.64
N ASP GA 31 18.46 31.70 -97.28
CA ASP GA 31 18.55 30.90 -98.50
C ASP GA 31 18.19 31.78 -99.69
N VAL GA 32 17.52 31.20 -100.69
CA VAL GA 32 17.10 31.96 -101.87
C VAL GA 32 15.66 31.66 -102.22
N PHE GA 33 15.07 32.51 -103.06
CA PHE GA 33 13.72 32.31 -103.54
C PHE GA 33 13.49 33.08 -104.83
N THR GA 34 12.24 33.16 -105.25
CA THR GA 34 11.86 33.84 -106.49
C THR GA 34 10.81 34.92 -106.20
N PRO GA 35 11.26 36.18 -106.05
CA PRO GA 35 10.30 37.26 -105.78
C PRO GA 35 9.45 37.59 -107.00
N GLY GA 36 8.18 37.88 -106.80
CA GLY GA 36 7.27 38.21 -107.89
C GLY GA 36 5.88 38.54 -107.41
N ALA GA 37 4.97 37.57 -107.54
CA ALA GA 37 3.57 37.78 -107.22
C ALA GA 37 3.26 37.32 -105.79
N GLN GA 38 3.17 36.01 -105.60
CA GLN GA 38 2.81 35.43 -104.30
C GLN GA 38 3.86 35.74 -103.23
N ALA GA 39 5.07 36.06 -103.67
CA ALA GA 39 6.16 36.37 -102.74
C ALA GA 39 5.98 37.75 -102.14
N SER GA 40 5.39 37.80 -100.94
CA SER GA 40 5.13 39.06 -100.25
C SER GA 40 6.42 39.70 -99.76
N ALA GA 41 7.33 38.86 -99.27
CA ALA GA 41 8.61 39.34 -98.74
C ALA GA 41 9.44 39.99 -99.84
N LYS GA 42 10.11 41.08 -99.52
CA LYS GA 42 10.90 41.80 -100.51
C LYS GA 42 12.14 40.98 -100.88
N PRO GA 43 12.79 41.31 -102.01
CA PRO GA 43 13.88 40.48 -102.53
C PRO GA 43 15.15 40.43 -101.66
N ASN GA 44 15.15 41.05 -100.48
CA ASN GA 44 16.37 41.08 -99.68
C ASN GA 44 16.18 41.41 -98.20
N VAL GA 45 15.15 42.19 -97.86
CA VAL GA 45 15.02 42.67 -96.48
C VAL GA 45 14.71 41.51 -95.53
N PRO GA 46 15.11 41.64 -94.25
CA PRO GA 46 14.76 40.62 -93.26
C PRO GA 46 13.25 40.57 -93.00
N VAL GA 47 12.71 39.36 -92.86
CA VAL GA 47 11.30 39.17 -92.56
C VAL GA 47 11.15 38.17 -91.44
N LEU GA 48 10.34 38.51 -90.45
CA LEU GA 48 10.13 37.63 -89.30
C LEU GA 48 9.09 36.57 -89.62
N LEU GA 49 9.31 35.38 -89.08
CA LEU GA 49 8.40 34.25 -89.28
C LEU GA 49 7.95 33.70 -87.95
N THR GA 50 7.05 32.71 -87.99
CA THR GA 50 6.52 32.10 -86.78
C THR GA 50 5.95 30.71 -87.10
N SER GA 51 5.38 30.58 -88.30
CA SER GA 51 4.79 29.31 -88.74
C SER GA 51 4.89 29.19 -90.26
N LYS GA 52 4.54 28.02 -90.78
CA LYS GA 52 4.59 27.79 -92.22
C LYS GA 52 3.69 28.76 -92.98
N LYS GA 53 2.54 29.07 -92.40
CA LYS GA 53 1.60 30.01 -93.01
C LYS GA 53 2.25 31.37 -93.23
N ASP GA 54 2.94 31.87 -92.21
CA ASP GA 54 3.57 33.18 -92.28
C ASP GA 54 4.78 33.15 -93.22
N ALA GA 55 5.31 31.96 -93.47
CA ALA GA 55 6.47 31.78 -94.34
C ALA GA 55 6.05 31.52 -95.78
N ALA GA 56 4.93 30.81 -95.95
CA ALA GA 56 4.44 30.44 -97.28
C ALA GA 56 4.05 31.68 -98.07
N ALA GA 57 3.20 32.51 -97.49
CA ALA GA 57 2.73 33.72 -98.15
C ALA GA 57 3.87 34.74 -98.33
N ALA GA 58 4.95 34.55 -97.56
CA ALA GA 58 6.07 35.48 -97.59
C ALA GA 58 6.98 35.23 -98.79
N PHE GA 59 7.53 34.02 -98.88
CA PHE GA 59 8.48 33.67 -99.93
C PHE GA 59 7.83 32.90 -101.06
N GLY GA 60 6.90 32.01 -100.72
CA GLY GA 60 6.18 31.21 -101.69
C GLY GA 60 6.51 29.74 -101.57
N ILE GA 61 5.68 28.91 -102.18
CA ILE GA 61 5.89 27.47 -102.16
C ILE GA 61 6.86 27.07 -103.28
N GLY GA 62 7.69 26.08 -103.01
CA GLY GA 62 8.68 25.63 -103.97
C GLY GA 62 9.99 26.38 -103.86
N SER GA 63 9.93 27.57 -103.25
CA SER GA 63 11.13 28.37 -103.04
C SER GA 63 12.12 27.58 -102.19
N SER GA 64 13.39 27.56 -102.60
CA SER GA 64 14.43 26.81 -101.90
C SER GA 64 14.53 27.20 -100.43
N ILE GA 65 14.08 28.40 -100.10
CA ILE GA 65 14.11 28.89 -98.73
C ILE GA 65 12.96 28.29 -97.92
N TYR GA 66 11.83 28.06 -98.58
CA TYR GA 66 10.65 27.52 -97.92
C TYR GA 66 10.87 26.05 -97.55
N LEU GA 67 11.64 25.34 -98.37
CA LEU GA 67 11.98 23.95 -98.08
C LEU GA 67 12.86 23.85 -96.85
N ALA GA 68 13.55 24.94 -96.52
CA ALA GA 68 14.42 25.02 -95.35
C ALA GA 68 13.61 25.41 -94.11
N CYS GA 69 12.70 26.37 -94.27
CA CYS GA 69 11.84 26.80 -93.18
C CYS GA 69 10.86 25.68 -92.81
N GLU GA 70 10.30 25.03 -93.83
CA GLU GA 70 9.38 23.90 -93.61
C GLU GA 70 10.09 22.78 -92.89
N ALA GA 71 11.37 22.60 -93.16
CA ALA GA 71 12.18 21.57 -92.52
C ALA GA 71 12.35 21.87 -91.04
N ILE GA 72 12.33 23.15 -90.69
CA ILE GA 72 12.48 23.57 -89.31
C ILE GA 72 11.14 23.45 -88.56
N TYR GA 73 10.07 23.94 -89.18
CA TYR GA 73 8.75 23.95 -88.54
C TYR GA 73 8.18 22.54 -88.45
N ASN GA 74 8.56 21.68 -89.38
CA ASN GA 74 8.16 20.27 -89.33
C ASN GA 74 8.77 19.61 -88.10
N ARG GA 75 10.03 19.94 -87.85
CA ARG GA 75 10.75 19.45 -86.68
C ARG GA 75 10.15 20.07 -85.40
N ALA GA 76 10.42 21.35 -85.20
CA ALA GA 76 9.90 22.05 -84.03
C ALA GA 76 9.74 23.53 -84.33
N GLN GA 77 8.61 24.10 -83.93
CA GLN GA 77 8.29 25.49 -84.20
C GLN GA 77 9.27 26.44 -83.52
N ALA GA 78 9.64 27.50 -84.23
CA ALA GA 78 10.59 28.47 -83.69
C ALA GA 78 10.55 29.76 -84.50
N VAL GA 79 11.09 30.82 -83.92
CA VAL GA 79 11.16 32.11 -84.59
C VAL GA 79 12.31 32.09 -85.60
N ILE GA 80 12.02 32.52 -86.82
CA ILE GA 80 13.03 32.55 -87.88
C ILE GA 80 13.04 33.92 -88.55
N VAL GA 81 14.00 34.75 -88.17
CA VAL GA 81 14.20 36.04 -88.83
C VAL GA 81 14.92 35.76 -90.16
N ALA GA 82 14.18 35.17 -91.10
CA ALA GA 82 14.74 34.79 -92.39
C ALA GA 82 15.00 36.03 -93.25
N VAL GA 83 15.98 35.92 -94.13
CA VAL GA 83 16.35 37.01 -95.04
C VAL GA 83 15.88 36.68 -96.45
N GLY GA 84 16.59 35.77 -97.11
CA GLY GA 84 16.23 35.34 -98.45
C GLY GA 84 16.68 36.35 -99.48
N VAL GA 85 17.34 35.86 -100.53
CA VAL GA 85 17.84 36.71 -101.61
C VAL GA 85 17.51 36.10 -102.96
N GLU GA 86 17.34 36.95 -103.97
CA GLU GA 86 17.00 36.51 -105.31
C GLU GA 86 18.10 35.63 -105.89
N THR GA 87 17.70 34.60 -106.63
CA THR GA 87 18.66 33.72 -107.28
C THR GA 87 19.41 34.46 -108.38
N ALA GA 88 20.71 34.17 -108.50
CA ALA GA 88 21.56 34.82 -109.50
C ALA GA 88 21.79 33.90 -110.69
N GLU GA 89 22.60 34.37 -111.63
CA GLU GA 89 22.90 33.61 -112.85
C GLU GA 89 23.76 32.40 -112.54
N THR GA 90 25.05 32.64 -112.28
CA THR GA 90 25.99 31.58 -111.97
C THR GA 90 25.93 31.25 -110.47
N PRO GA 91 26.24 30.00 -110.10
CA PRO GA 91 26.19 29.59 -108.69
C PRO GA 91 27.25 30.29 -107.84
N GLU GA 92 28.38 30.61 -108.47
CA GLU GA 92 29.49 31.26 -107.76
C GLU GA 92 29.12 32.68 -107.35
N ALA GA 93 28.63 33.46 -108.31
CA ALA GA 93 28.26 34.85 -108.08
C ALA GA 93 27.02 34.96 -107.20
N GLN GA 94 26.28 33.85 -107.09
CA GLN GA 94 25.08 33.83 -106.26
C GLN GA 94 25.47 33.93 -104.79
N ALA GA 95 26.63 33.41 -104.45
CA ALA GA 95 27.13 33.43 -103.07
C ALA GA 95 27.40 34.87 -102.61
N SER GA 96 27.63 35.76 -103.57
CA SER GA 96 27.87 37.16 -103.25
C SER GA 96 26.61 37.79 -102.67
N ALA GA 97 25.48 37.54 -103.30
CA ALA GA 97 24.20 38.03 -102.83
C ALA GA 97 23.84 37.38 -101.49
N VAL GA 98 24.29 36.15 -101.30
CA VAL GA 98 24.04 35.43 -100.05
C VAL GA 98 24.82 36.09 -98.93
N ILE GA 99 26.12 36.30 -99.14
CA ILE GA 99 26.95 36.98 -98.15
C ILE GA 99 26.45 38.41 -98.00
N GLY GA 100 26.37 39.13 -99.13
CA GLY GA 100 25.83 40.47 -99.14
C GLY GA 100 26.81 41.49 -98.60
N GLY GA 101 27.18 42.46 -99.42
CA GLY GA 101 28.09 43.51 -99.00
C GLY GA 101 27.37 44.52 -98.13
N ILE GA 102 26.76 45.51 -98.75
CA ILE GA 102 26.04 46.56 -98.03
C ILE GA 102 25.16 47.40 -98.96
N SER GA 103 25.52 47.43 -100.24
CA SER GA 103 24.74 48.14 -101.27
C SER GA 103 24.84 49.66 -101.08
N ALA GA 104 24.49 50.39 -102.13
CA ALA GA 104 24.55 51.85 -102.10
C ALA GA 104 23.45 52.43 -101.22
N ALA GA 105 22.41 51.64 -100.96
CA ALA GA 105 21.30 52.07 -100.13
C ALA GA 105 21.74 52.22 -98.67
N GLY GA 106 22.82 51.54 -98.31
CA GLY GA 106 23.36 51.60 -96.96
C GLY GA 106 22.83 50.48 -96.09
N GLU GA 107 21.66 49.96 -96.44
CA GLU GA 107 21.06 48.87 -95.68
C GLU GA 107 21.80 47.56 -95.90
N ARG GA 108 22.16 46.90 -94.80
CA ARG GA 108 22.89 45.63 -94.86
C ARG GA 108 22.13 44.59 -95.67
N THR GA 109 22.77 44.11 -96.74
CA THR GA 109 22.16 43.12 -97.62
C THR GA 109 22.64 41.70 -97.32
N GLY GA 110 21.90 40.73 -97.84
CA GLY GA 110 22.28 39.33 -97.73
C GLY GA 110 22.36 38.84 -96.30
N LEU GA 111 23.27 37.89 -96.07
CA LEU GA 111 23.43 37.25 -94.77
C LEU GA 111 23.74 38.24 -93.65
N GLN GA 112 24.38 39.35 -94.00
CA GLN GA 112 24.77 40.35 -93.02
C GLN GA 112 23.56 41.16 -92.52
N ALA GA 113 22.42 40.97 -93.17
CA ALA GA 113 21.20 41.67 -92.80
C ALA GA 113 20.65 41.18 -91.47
N LEU GA 114 21.16 40.04 -91.00
CA LEU GA 114 20.68 39.43 -89.76
C LEU GA 114 20.96 40.31 -88.54
N LEU GA 115 21.94 41.19 -88.65
CA LEU GA 115 22.29 42.10 -87.57
C LEU GA 115 21.15 43.09 -87.29
N ASP GA 116 20.26 43.24 -88.27
CA ASP GA 116 19.13 44.15 -88.15
C ASP GA 116 17.94 43.49 -87.43
N GLY GA 117 17.97 42.17 -87.36
CA GLY GA 117 16.88 41.41 -86.76
C GLY GA 117 16.67 41.74 -85.29
N LYS GA 118 17.71 42.23 -84.64
CA LYS GA 118 17.64 42.58 -83.23
C LYS GA 118 16.96 43.92 -83.02
N SER GA 119 17.33 44.90 -83.84
CA SER GA 119 16.81 46.26 -83.72
C SER GA 119 15.60 46.49 -84.64
N ARG GA 120 14.82 45.44 -84.85
CA ARG GA 120 13.60 45.53 -85.66
C ARG GA 120 12.52 44.58 -85.15
N PHE GA 121 12.93 43.39 -84.72
CA PHE GA 121 11.99 42.37 -84.27
C PHE GA 121 12.25 41.95 -82.82
N ASN GA 122 13.23 42.59 -82.19
CA ASN GA 122 13.61 42.25 -80.83
C ASN GA 122 13.92 40.76 -80.68
N ALA GA 123 14.39 40.14 -81.77
CA ALA GA 123 14.70 38.72 -81.81
C ALA GA 123 16.05 38.54 -82.47
N GLN GA 124 17.10 38.66 -81.67
CA GLN GA 124 18.46 38.49 -82.17
C GLN GA 124 18.66 37.05 -82.63
N PRO GA 125 18.91 36.83 -83.94
CA PRO GA 125 19.12 35.45 -84.38
C PRO GA 125 20.38 34.84 -83.76
N ARG GA 126 20.19 34.09 -82.68
CA ARG GA 126 21.29 33.46 -81.97
C ARG GA 126 21.49 32.04 -82.46
N LEU GA 127 21.31 31.84 -83.75
CA LEU GA 127 21.46 30.53 -84.36
C LEU GA 127 21.44 30.65 -85.88
N LEU GA 128 22.61 30.94 -86.45
CA LEU GA 128 22.73 31.15 -87.89
C LEU GA 128 22.60 29.84 -88.65
N VAL GA 129 22.30 29.96 -89.95
CA VAL GA 129 22.13 28.81 -90.82
C VAL GA 129 21.97 29.29 -92.26
N ALA GA 130 22.59 28.59 -93.20
CA ALA GA 130 22.54 28.97 -94.61
C ALA GA 130 22.51 27.72 -95.48
N PRO GA 131 21.34 27.06 -95.59
CA PRO GA 131 21.21 25.80 -96.34
C PRO GA 131 21.61 25.94 -97.81
N GLY GA 132 22.41 25.01 -98.31
CA GLY GA 132 22.87 25.05 -99.68
C GLY GA 132 24.15 25.86 -99.83
N HIS GA 133 24.11 27.09 -99.31
CA HIS GA 133 25.26 27.99 -99.37
C HIS GA 133 26.09 27.92 -98.09
N SER GA 134 26.96 26.92 -98.02
CA SER GA 134 27.87 26.76 -96.89
C SER GA 134 29.07 25.87 -97.27
N ALA GA 135 28.88 25.00 -98.26
CA ALA GA 135 29.96 24.16 -98.77
C ALA GA 135 31.06 25.01 -99.40
N GLN GA 136 30.68 26.20 -99.86
CA GLN GA 136 31.64 27.13 -100.43
C GLN GA 136 32.47 27.77 -99.32
N GLN GA 137 33.79 27.79 -99.51
CA GLN GA 137 34.72 28.32 -98.52
C GLN GA 137 34.45 29.80 -98.22
N ALA GA 138 33.87 30.51 -99.19
CA ALA GA 138 33.66 31.94 -99.08
C ALA GA 138 32.58 32.28 -98.05
N VAL GA 139 31.35 31.88 -98.33
CA VAL GA 139 30.20 32.19 -97.48
C VAL GA 139 30.34 31.62 -96.07
N ALA GA 140 31.13 30.56 -95.94
CA ALA GA 140 31.31 29.88 -94.66
C ALA GA 140 32.01 30.79 -93.64
N THR GA 141 32.96 31.59 -94.12
CA THR GA 141 33.70 32.50 -93.25
C THR GA 141 32.83 33.68 -92.80
N ALA GA 142 31.94 34.11 -93.68
CA ALA GA 142 30.99 35.17 -93.35
C ALA GA 142 30.07 34.71 -92.21
N MET GA 143 29.72 33.43 -92.23
CA MET GA 143 28.91 32.84 -91.16
C MET GA 143 29.70 32.82 -89.85
N ASP GA 144 31.02 32.67 -89.96
CA ASP GA 144 31.90 32.63 -88.81
C ASP GA 144 32.01 34.02 -88.18
N GLY GA 145 32.28 35.02 -89.03
CA GLY GA 145 32.48 36.38 -88.56
C GLY GA 145 31.19 36.98 -88.02
N LEU GA 146 30.08 36.63 -88.66
CA LEU GA 146 28.77 37.15 -88.29
C LEU GA 146 28.29 36.58 -86.95
N ALA GA 147 28.66 35.32 -86.69
CA ALA GA 147 28.23 34.64 -85.47
C ALA GA 147 28.78 35.33 -84.23
N GLU GA 148 30.00 35.85 -84.33
CA GLU GA 148 30.64 36.52 -83.21
C GLU GA 148 29.97 37.87 -82.92
N LYS GA 149 29.35 38.45 -83.93
CA LYS GA 149 28.61 39.71 -83.78
C LYS GA 149 27.30 39.46 -83.07
N LEU GA 150 26.72 38.29 -83.32
CA LEU GA 150 25.43 37.91 -82.76
C LEU GA 150 25.58 36.91 -81.61
N ARG GA 151 26.81 36.48 -81.36
CA ARG GA 151 27.08 35.48 -80.33
C ARG GA 151 26.25 34.22 -80.59
N ALA GA 152 26.11 33.86 -81.87
CA ALA GA 152 25.28 32.74 -82.30
C ALA GA 152 26.14 31.51 -82.54
N ILE GA 153 25.54 30.49 -83.14
CA ILE GA 153 26.25 29.27 -83.50
C ILE GA 153 25.91 28.90 -84.94
N ALA GA 154 26.75 29.35 -85.86
CA ALA GA 154 26.53 29.13 -87.29
C ALA GA 154 26.64 27.65 -87.65
N ILE GA 155 25.53 27.08 -88.12
CA ILE GA 155 25.50 25.68 -88.54
C ILE GA 155 25.82 25.58 -90.03
N LEU GA 156 27.02 25.10 -90.34
CA LEU GA 156 27.44 24.90 -91.72
C LEU GA 156 26.93 23.56 -92.24
N ASP GA 157 27.27 23.25 -93.48
CA ASP GA 157 26.92 21.96 -94.08
C ASP GA 157 27.90 21.64 -95.21
N GLY GA 158 28.94 20.88 -94.89
CA GLY GA 158 29.98 20.56 -95.83
C GLY GA 158 29.49 19.69 -96.98
N PRO GA 159 30.29 19.59 -98.05
CA PRO GA 159 29.91 18.83 -99.24
C PRO GA 159 29.87 17.33 -98.96
N ASN GA 160 28.97 16.62 -99.65
CA ASN GA 160 28.86 15.17 -99.50
C ASN GA 160 30.06 14.49 -100.15
N SER GA 161 29.89 14.02 -101.39
CA SER GA 161 30.97 13.36 -102.12
C SER GA 161 31.55 12.21 -101.32
N THR GA 162 32.36 12.54 -100.31
CA THR GA 162 33.01 11.55 -99.47
C THR GA 162 33.45 12.15 -98.14
N ASP GA 163 33.96 11.30 -97.25
CA ASP GA 163 34.37 11.72 -95.92
C ASP GA 163 35.68 12.49 -95.96
N GLU GA 164 36.55 12.12 -96.89
CA GLU GA 164 37.86 12.76 -97.04
C GLU GA 164 37.70 14.25 -97.32
N ALA GA 165 36.67 14.59 -98.10
CA ALA GA 165 36.41 15.98 -98.49
C ALA GA 165 35.81 16.77 -97.34
N ALA GA 166 35.18 16.07 -96.39
CA ALA GA 166 34.52 16.70 -95.25
C ALA GA 166 35.55 17.07 -94.18
N VAL GA 167 36.51 16.18 -93.97
CA VAL GA 167 37.57 16.41 -92.98
C VAL GA 167 38.50 17.53 -93.43
N ALA GA 168 38.82 17.53 -94.73
CA ALA GA 168 39.72 18.53 -95.30
C ALA GA 168 39.06 19.91 -95.31
N TYR GA 169 37.74 19.94 -95.18
CA TYR GA 169 36.98 21.18 -95.18
C TYR GA 169 36.92 21.79 -93.78
N ALA GA 170 36.75 20.93 -92.78
CA ALA GA 170 36.67 21.36 -91.38
C ALA GA 170 38.02 21.85 -90.88
N LYS GA 171 39.09 21.31 -91.48
CA LYS GA 171 40.46 21.67 -91.10
C LYS GA 171 40.72 23.15 -91.31
N ASN GA 172 39.85 23.79 -92.09
CA ASN GA 172 40.01 25.22 -92.40
C ASN GA 172 39.63 26.11 -91.21
N PHE GA 173 38.47 25.84 -90.62
CA PHE GA 173 37.94 26.66 -89.55
C PHE GA 173 38.45 26.19 -88.19
N GLY GA 174 38.19 27.00 -87.16
CA GLY GA 174 38.58 26.67 -85.80
C GLY GA 174 37.93 27.58 -84.77
N SER GA 175 36.80 28.18 -85.12
CA SER GA 175 36.13 29.13 -84.23
C SER GA 175 35.12 28.43 -83.34
N LYS GA 176 34.89 29.00 -82.16
CA LYS GA 176 33.94 28.46 -81.19
C LYS GA 176 32.53 28.31 -81.80
N ARG GA 177 32.19 29.21 -82.70
CA ARG GA 177 30.84 29.33 -83.21
C ARG GA 177 30.68 28.73 -84.60
N LEU GA 178 30.97 27.43 -84.72
CA LEU GA 178 30.77 26.72 -85.97
C LEU GA 178 30.46 25.26 -85.67
N PHE GA 179 29.30 24.81 -86.16
CA PHE GA 179 28.82 23.46 -85.92
C PHE GA 179 28.41 22.83 -87.24
N MET GA 180 29.38 22.26 -87.94
CA MET GA 180 29.14 21.73 -89.28
C MET GA 180 28.60 20.31 -89.24
N VAL GA 181 27.80 19.99 -90.25
CA VAL GA 181 27.28 18.63 -90.45
C VAL GA 181 27.60 18.21 -91.88
N ASP GA 182 28.26 17.07 -92.01
CA ASP GA 182 28.79 16.63 -93.30
C ASP GA 182 27.76 15.89 -94.17
N PRO GA 183 27.27 14.72 -93.70
CA PRO GA 183 26.39 13.93 -94.57
C PRO GA 183 25.07 14.65 -94.89
N GLY GA 184 24.82 14.91 -96.16
CA GLY GA 184 23.62 15.62 -96.57
C GLY GA 184 22.41 14.71 -96.60
N VAL GA 185 21.53 14.87 -95.62
CA VAL GA 185 20.31 14.11 -95.54
C VAL GA 185 19.42 14.40 -96.75
N GLN GA 186 18.67 13.40 -97.20
CA GLN GA 186 17.77 13.56 -98.33
C GLN GA 186 16.32 13.52 -97.88
N VAL GA 187 15.56 14.53 -98.30
CA VAL GA 187 14.15 14.64 -97.94
C VAL GA 187 13.28 14.34 -99.15
N TRP GA 188 12.04 13.95 -98.89
CA TRP GA 188 11.08 13.69 -99.97
C TRP GA 188 10.39 14.99 -100.37
N ASP GA 189 10.89 15.62 -101.44
CA ASP GA 189 10.31 16.87 -101.93
C ASP GA 189 8.90 16.63 -102.45
N SER GA 190 8.00 17.57 -102.15
CA SER GA 190 6.60 17.47 -102.56
C SER GA 190 6.43 17.79 -104.04
N ALA GA 191 7.20 18.75 -104.52
CA ALA GA 191 7.10 19.21 -105.91
C ALA GA 191 7.66 18.19 -106.89
N THR GA 192 8.78 17.57 -106.51
CA THR GA 192 9.46 16.60 -107.37
C THR GA 192 8.78 15.23 -107.27
N ASN GA 193 8.10 15.00 -106.16
CA ASN GA 193 7.40 13.73 -105.90
C ASN GA 193 8.37 12.54 -105.93
N ALA GA 194 9.56 12.76 -105.39
CA ALA GA 194 10.57 11.71 -105.29
C ALA GA 194 11.68 12.14 -104.34
N ALA GA 195 12.74 11.34 -104.28
CA ALA GA 195 13.89 11.64 -103.42
C ALA GA 195 14.53 12.95 -103.84
N ARG GA 196 15.15 13.62 -102.88
CA ARG GA 196 15.77 14.92 -103.15
C ARG GA 196 16.74 15.28 -102.04
N ASN GA 197 18.02 15.37 -102.40
CA ASN GA 197 19.08 15.66 -101.43
C ASN GA 197 18.96 17.08 -100.87
N ALA GA 198 19.14 17.20 -99.55
CA ALA GA 198 19.06 18.48 -98.85
C ALA GA 198 20.40 18.80 -98.19
N PRO GA 199 20.63 20.07 -97.84
CA PRO GA 199 21.89 20.47 -97.19
C PRO GA 199 21.99 20.03 -95.73
N ALA GA 200 20.88 19.58 -95.14
CA ALA GA 200 20.87 19.10 -93.76
C ALA GA 200 21.27 20.18 -92.76
N SER GA 201 21.26 21.44 -93.20
CA SER GA 201 21.65 22.57 -92.38
C SER GA 201 20.45 23.04 -91.55
N ALA GA 202 19.34 23.27 -92.23
CA ALA GA 202 18.11 23.74 -91.59
C ALA GA 202 17.51 22.66 -90.68
N TYR GA 203 17.69 21.40 -91.07
CA TYR GA 203 17.19 20.28 -90.27
C TYR GA 203 17.92 20.23 -88.93
N ALA GA 204 19.22 20.47 -88.97
CA ALA GA 204 20.04 20.49 -87.77
C ALA GA 204 19.77 21.75 -86.95
N ALA GA 205 19.30 22.80 -87.62
CA ALA GA 205 18.98 24.05 -86.95
C ALA GA 205 17.66 23.93 -86.19
N GLY GA 206 16.64 23.43 -86.88
CA GLY GA 206 15.34 23.22 -86.27
C GLY GA 206 15.43 22.21 -85.14
N LEU GA 207 16.37 21.28 -85.28
CA LEU GA 207 16.62 20.26 -84.27
C LEU GA 207 17.04 20.88 -82.94
N PHE GA 208 17.89 21.92 -83.02
CA PHE GA 208 18.31 22.65 -81.82
C PHE GA 208 17.09 23.29 -81.16
N ALA GA 209 16.28 23.97 -81.96
CA ALA GA 209 15.12 24.70 -81.48
C ALA GA 209 14.15 23.78 -80.74
N TRP GA 210 14.18 22.51 -81.10
CA TRP GA 210 13.32 21.50 -80.47
C TRP GA 210 13.82 21.21 -79.05
N THR GA 211 15.13 21.03 -78.91
CA THR GA 211 15.73 20.73 -77.62
C THR GA 211 15.75 21.96 -76.71
N ASP GA 212 15.98 23.12 -77.32
CA ASP GA 212 16.06 24.37 -76.58
C ASP GA 212 14.71 24.74 -75.97
N ALA GA 213 13.63 24.50 -76.73
CA ALA GA 213 12.28 24.77 -76.26
C ALA GA 213 11.84 23.70 -75.27
N GLU GA 214 12.34 22.48 -75.47
CA GLU GA 214 11.97 21.34 -74.63
C GLU GA 214 12.82 21.29 -73.36
N TYR GA 215 14.03 20.76 -73.48
CA TYR GA 215 14.94 20.62 -72.34
C TYR GA 215 15.46 22.00 -71.93
N GLY GA 216 16.13 22.66 -72.86
CA GLY GA 216 16.72 23.95 -72.62
C GLY GA 216 17.92 24.21 -73.51
N PHE GA 217 18.32 25.47 -73.64
CA PHE GA 217 19.48 25.84 -74.44
C PHE GA 217 20.73 25.15 -73.93
N TRP GA 218 20.75 24.88 -72.63
CA TRP GA 218 21.89 24.21 -72.00
C TRP GA 218 21.92 22.73 -72.35
N SER GA 219 20.80 22.19 -72.83
CA SER GA 219 20.74 20.79 -73.22
C SER GA 219 21.44 20.59 -74.55
N SER GA 220 22.16 19.47 -74.68
CA SER GA 220 22.86 19.16 -75.91
C SER GA 220 21.85 18.72 -76.98
N PRO GA 221 22.06 19.16 -78.24
CA PRO GA 221 21.14 18.80 -79.33
C PRO GA 221 21.39 17.41 -79.87
N SER GA 222 22.63 16.94 -79.78
CA SER GA 222 23.03 15.65 -80.34
C SER GA 222 22.18 14.50 -79.82
N ASN GA 223 22.19 13.38 -80.55
CA ASN GA 223 21.46 12.18 -80.14
C ASN GA 223 19.96 12.44 -80.03
N LYS GA 224 19.46 13.35 -80.87
CA LYS GA 224 18.03 13.63 -80.95
C LYS GA 224 17.56 13.41 -82.38
N GLU GA 225 16.47 12.67 -82.51
CA GLU GA 225 15.98 12.25 -83.82
C GLU GA 225 15.42 13.42 -84.62
N ILE GA 226 15.74 13.45 -85.91
CA ILE GA 226 15.27 14.51 -86.80
C ILE GA 226 14.15 13.96 -87.70
N LYS GA 227 13.10 14.76 -87.86
CA LYS GA 227 11.96 14.38 -88.70
C LYS GA 227 12.09 15.00 -90.08
N GLY GA 228 11.19 14.60 -90.99
CA GLY GA 228 11.18 15.14 -92.34
C GLY GA 228 12.37 14.65 -93.14
N VAL GA 229 12.61 13.35 -93.07
CA VAL GA 229 13.74 12.71 -93.75
C VAL GA 229 13.27 11.45 -94.46
N THR GA 230 14.17 10.81 -95.19
CA THR GA 230 13.84 9.59 -95.91
C THR GA 230 15.09 8.91 -96.49
N GLY GA 231 16.20 9.03 -95.78
CA GLY GA 231 17.48 8.49 -96.22
C GLY GA 231 18.56 9.53 -96.06
N THR GA 232 19.82 9.12 -96.21
CA THR GA 232 20.96 10.03 -96.05
C THR GA 232 22.02 9.74 -97.11
N SER GA 233 22.43 10.79 -97.81
CA SER GA 233 23.49 10.69 -98.80
C SER GA 233 24.77 10.18 -98.15
N ARG GA 234 25.36 9.14 -98.76
CA ARG GA 234 26.55 8.50 -98.23
C ARG GA 234 26.27 7.90 -96.85
N PRO GA 235 25.81 6.64 -96.80
CA PRO GA 235 25.42 6.04 -95.52
C PRO GA 235 26.59 5.93 -94.56
N VAL GA 236 26.68 6.85 -93.62
CA VAL GA 236 27.73 6.82 -92.61
C VAL GA 236 27.46 5.66 -91.66
N GLU GA 237 28.42 4.73 -91.60
CA GLU GA 237 28.26 3.52 -90.81
C GLU GA 237 28.37 3.82 -89.31
N PHE GA 238 27.68 3.01 -88.51
CA PHE GA 238 27.77 3.13 -87.06
C PHE GA 238 27.49 1.79 -86.40
N LEU GA 239 28.52 1.22 -85.77
CA LEU GA 239 28.38 -0.06 -85.08
C LEU GA 239 27.67 0.13 -83.75
N ASP GA 240 27.45 -0.98 -83.03
CA ASP GA 240 26.78 -0.93 -81.74
C ASP GA 240 27.62 -0.18 -80.72
N GLY GA 241 28.92 -0.42 -80.72
CA GLY GA 241 29.83 0.23 -79.78
C GLY GA 241 31.27 -0.08 -80.11
N ASP GA 242 31.84 0.72 -81.01
CA ASP GA 242 33.24 0.55 -81.39
C ASP GA 242 33.78 1.83 -82.02
N GLU GA 243 35.02 2.19 -81.69
CA GLU GA 243 35.66 3.38 -82.23
C GLU GA 243 36.04 3.21 -83.70
N THR GA 244 35.92 1.98 -84.20
CA THR GA 244 36.28 1.67 -85.57
C THR GA 244 35.27 2.20 -86.57
N CYS GA 245 34.06 2.47 -86.09
CA CYS GA 245 32.99 2.96 -86.96
C CYS GA 245 33.35 4.33 -87.51
N ARG GA 246 32.83 4.64 -88.70
CA ARG GA 246 33.20 5.86 -89.40
C ARG GA 246 32.50 7.07 -88.83
N ALA GA 247 31.34 6.85 -88.20
CA ALA GA 247 30.59 7.94 -87.58
C ALA GA 247 31.41 8.64 -86.51
N ASN GA 248 32.30 7.87 -85.88
CA ASN GA 248 33.15 8.38 -84.81
C ASN GA 248 34.31 9.21 -85.36
N LEU GA 249 34.89 8.75 -86.45
CA LEU GA 249 36.07 9.39 -87.04
C LEU GA 249 35.78 10.83 -87.46
N LEU GA 250 34.56 11.09 -87.92
CA LEU GA 250 34.17 12.44 -88.32
C LEU GA 250 34.00 13.34 -87.10
N ASN GA 251 33.57 12.76 -85.99
CA ASN GA 251 33.41 13.51 -84.75
C ASN GA 251 34.77 13.94 -84.18
N ASN GA 252 35.81 13.16 -84.48
CA ASN GA 252 37.17 13.50 -84.08
C ASN GA 252 37.65 14.75 -84.82
N ALA GA 253 37.11 14.94 -86.02
CA ALA GA 253 37.43 16.13 -86.82
C ALA GA 253 36.41 17.23 -86.58
N ASN GA 254 35.67 17.12 -85.47
CA ASN GA 254 34.65 18.10 -85.10
C ASN GA 254 33.59 18.21 -86.20
N ILE GA 255 32.83 17.15 -86.39
CA ILE GA 255 31.79 17.11 -87.41
C ILE GA 255 30.56 16.37 -86.90
N ALA GA 256 29.39 16.95 -87.17
CA ALA GA 256 28.12 16.32 -86.83
C ALA GA 256 27.72 15.37 -87.96
N THR GA 257 27.05 14.28 -87.61
CA THR GA 257 26.64 13.29 -88.61
C THR GA 257 25.29 12.67 -88.26
N ILE GA 258 24.55 12.29 -89.30
CA ILE GA 258 23.26 11.61 -89.14
C ILE GA 258 23.47 10.11 -89.30
N ILE GA 259 23.24 9.36 -88.23
CA ILE GA 259 23.55 7.95 -88.20
C ILE GA 259 22.34 7.06 -88.53
N ARG GA 260 22.63 5.80 -88.81
CA ARG GA 260 21.63 4.78 -89.09
C ARG GA 260 20.80 5.08 -90.34
N ASP GA 261 19.96 4.13 -90.71
CA ASP GA 261 19.17 4.22 -91.92
C ASP GA 261 18.19 5.39 -91.86
N ASP GA 262 17.64 5.75 -93.01
CA ASP GA 262 16.65 6.82 -93.10
C ASP GA 262 17.18 8.15 -92.58
N GLY GA 263 17.34 8.23 -91.27
CA GLY GA 263 17.79 9.45 -90.62
C GLY GA 263 17.40 9.37 -89.15
N TYR GA 264 17.88 8.32 -88.50
CA TYR GA 264 17.49 8.01 -87.12
C TYR GA 264 17.76 9.19 -86.19
N ARG GA 265 19.01 9.67 -86.18
CA ARG GA 265 19.37 10.77 -85.30
C ARG GA 265 20.70 11.43 -85.68
N LEU GA 266 20.88 12.66 -85.21
CA LEU GA 266 22.11 13.42 -85.45
C LEU GA 266 22.90 13.54 -84.15
N TRP GA 267 24.22 13.52 -84.26
CA TRP GA 267 25.07 13.77 -83.10
C TRP GA 267 26.46 14.26 -83.52
N GLY GA 268 27.28 14.63 -82.53
CA GLY GA 268 28.61 15.16 -82.77
C GLY GA 268 28.70 16.53 -82.13
N ASN GA 269 28.75 16.55 -80.80
CA ASN GA 269 28.72 17.80 -80.04
C ASN GA 269 29.93 18.68 -80.30
N ARG GA 270 31.03 18.08 -80.75
CA ARG GA 270 32.26 18.82 -81.01
C ARG GA 270 32.05 19.91 -82.05
N THR GA 271 32.22 21.16 -81.61
CA THR GA 271 32.17 22.30 -82.52
C THR GA 271 33.57 22.50 -83.13
N LEU GA 272 33.61 23.00 -84.35
CA LEU GA 272 34.88 23.21 -85.04
C LEU GA 272 35.77 24.22 -84.30
N SER GA 273 36.31 23.80 -83.16
CA SER GA 273 37.10 24.69 -82.31
C SER GA 273 38.41 24.04 -81.91
N SER GA 274 39.49 24.81 -81.99
CA SER GA 274 40.82 24.34 -81.60
C SER GA 274 40.94 24.27 -80.07
N ASP GA 275 40.49 25.32 -79.40
CA ASP GA 275 40.55 25.36 -77.94
C ASP GA 275 39.63 24.30 -77.36
N SER GA 276 40.21 23.35 -76.63
CA SER GA 276 39.46 22.24 -76.06
C SER GA 276 38.51 22.70 -74.95
N LYS GA 277 38.69 23.93 -74.48
CA LYS GA 277 37.81 24.50 -73.46
C LYS GA 277 36.40 24.68 -74.01
N TRP GA 278 36.32 25.07 -75.27
CA TRP GA 278 35.04 25.29 -75.95
C TRP GA 278 34.77 24.18 -76.95
N ALA GA 279 35.08 22.94 -76.54
CA ALA GA 279 34.96 21.80 -77.42
C ALA GA 279 33.49 21.49 -77.70
N PHE GA 280 32.66 21.55 -76.66
CA PHE GA 280 31.24 21.27 -76.83
C PHE GA 280 30.51 22.49 -77.36
N VAL GA 281 29.52 22.25 -78.21
CA VAL GA 281 28.66 23.31 -78.72
C VAL GA 281 27.78 23.83 -77.59
N THR GA 282 27.57 22.99 -76.59
CA THR GA 282 26.76 23.34 -75.42
C THR GA 282 27.34 24.54 -74.67
N ARG GA 283 28.62 24.45 -74.31
CA ARG GA 283 29.29 25.50 -73.55
C ARG GA 283 29.21 26.85 -74.26
N VAL GA 284 29.45 26.82 -75.57
CA VAL GA 284 29.40 28.04 -76.37
C VAL GA 284 27.98 28.61 -76.38
N ARG GA 285 27.00 27.72 -76.27
CA ARG GA 285 25.60 28.12 -76.35
C ARG GA 285 25.08 28.68 -75.02
N THR GA 286 25.61 28.18 -73.90
CA THR GA 286 25.22 28.64 -72.58
C THR GA 286 25.95 29.93 -72.21
N MET GA 287 27.23 30.00 -72.58
CA MET GA 287 28.07 31.14 -72.23
C MET GA 287 27.64 32.38 -73.00
N ASP GA 288 27.36 32.20 -74.28
CA ASP GA 288 26.91 33.30 -75.13
C ASP GA 288 25.53 33.80 -74.69
N LEU GA 289 24.83 33.00 -73.91
CA LEU GA 289 23.49 33.33 -73.44
C LEU GA 289 23.54 34.13 -72.14
N VAL GA 290 24.25 33.61 -71.15
CA VAL GA 290 24.36 34.25 -69.84
C VAL GA 290 25.11 35.58 -69.96
N MET GA 291 25.99 35.67 -70.94
CA MET GA 291 26.72 36.91 -71.22
C MET GA 291 25.75 37.97 -71.73
N ASP GA 292 25.01 37.62 -72.78
CA ASP GA 292 24.04 38.54 -73.37
C ASP GA 292 22.91 38.88 -72.39
N ALA GA 293 22.69 37.99 -71.42
CA ALA GA 293 21.65 38.21 -70.41
C ALA GA 293 22.13 39.24 -69.39
N ILE GA 294 23.36 39.08 -68.92
CA ILE GA 294 23.95 39.99 -67.95
C ILE GA 294 24.17 41.36 -68.58
N LEU GA 295 24.55 41.34 -69.86
CA LEU GA 295 24.77 42.57 -70.61
C LEU GA 295 23.46 43.37 -70.73
N ALA GA 296 22.45 42.73 -71.31
CA ALA GA 296 21.14 43.37 -71.53
C ALA GA 296 20.34 43.47 -70.24
N GLY GA 297 20.75 42.72 -69.22
CA GLY GA 297 20.01 42.67 -67.97
C GLY GA 297 20.28 43.86 -67.07
N HIS GA 298 21.56 44.18 -66.89
CA HIS GA 298 21.97 45.26 -66.01
C HIS GA 298 22.11 46.58 -66.78
N LYS GA 299 21.16 46.82 -67.68
CA LYS GA 299 21.08 48.07 -68.42
C LYS GA 299 20.40 49.13 -67.57
N TRP GA 300 19.71 48.69 -66.52
CA TRP GA 300 19.02 49.59 -65.60
C TRP GA 300 20.01 50.30 -64.69
N ALA GA 301 21.11 49.60 -64.38
CA ALA GA 301 22.11 50.13 -63.46
C ALA GA 301 22.88 51.26 -64.13
N VAL GA 302 23.98 50.93 -64.77
CA VAL GA 302 24.85 51.91 -65.43
C VAL GA 302 25.23 53.00 -64.41
N ASP GA 303 25.32 54.26 -64.86
CA ASP GA 303 25.72 55.34 -63.97
C ASP GA 303 24.68 55.55 -62.88
N ARG GA 304 25.04 55.13 -61.66
CA ARG GA 304 24.16 55.25 -60.50
C ARG GA 304 25.01 55.23 -59.25
N GLY GA 305 24.49 55.81 -58.16
CA GLY GA 305 25.21 55.90 -56.91
C GLY GA 305 25.75 54.57 -56.44
N ILE GA 306 27.06 54.43 -56.47
CA ILE GA 306 27.72 53.17 -56.14
C ILE GA 306 27.87 53.02 -54.62
N THR GA 307 26.75 53.06 -53.92
CA THR GA 307 26.73 52.87 -52.49
C THR GA 307 26.84 51.37 -52.18
N LYS GA 308 27.20 51.04 -50.95
CA LYS GA 308 27.30 49.64 -50.51
C LYS GA 308 26.02 48.86 -50.82
N THR GA 309 24.89 49.55 -50.80
CA THR GA 309 23.60 48.93 -51.11
C THR GA 309 23.57 48.52 -52.58
N TYR GA 310 24.00 49.42 -53.45
CA TYR GA 310 23.98 49.20 -54.89
C TYR GA 310 24.81 47.98 -55.28
N VAL GA 311 25.98 47.83 -54.66
CA VAL GA 311 26.85 46.70 -54.94
C VAL GA 311 26.16 45.39 -54.54
N LYS GA 312 25.56 45.38 -53.36
CA LYS GA 312 24.83 44.21 -52.89
C LYS GA 312 23.57 43.95 -53.74
N ASP GA 313 22.93 45.01 -54.19
CA ASP GA 313 21.73 44.88 -55.02
C ASP GA 313 22.08 44.18 -56.34
N VAL GA 314 23.25 44.50 -56.87
CA VAL GA 314 23.72 43.87 -58.10
C VAL GA 314 24.29 42.49 -57.80
N THR GA 315 25.00 42.38 -56.68
CA THR GA 315 25.55 41.09 -56.25
C THR GA 315 24.42 40.08 -55.99
N GLU GA 316 23.40 40.50 -55.25
CA GLU GA 316 22.25 39.65 -54.98
C GLU GA 316 21.44 39.40 -56.26
N GLY GA 317 21.62 40.28 -57.24
CA GLY GA 317 20.95 40.13 -58.53
C GLY GA 317 21.52 38.95 -59.28
N LEU GA 318 22.82 38.72 -59.12
CA LEU GA 318 23.50 37.59 -59.74
C LEU GA 318 23.31 36.31 -58.90
N ARG GA 319 23.29 36.48 -57.58
CA ARG GA 319 23.06 35.36 -56.67
C ARG GA 319 21.74 34.67 -57.01
N ALA GA 320 20.66 35.45 -57.05
CA ALA GA 320 19.33 34.93 -57.33
C ALA GA 320 19.25 34.43 -58.77
N PHE GA 321 19.86 35.18 -59.68
CA PHE GA 321 19.82 34.84 -61.11
C PHE GA 321 20.46 33.48 -61.38
N MET GA 322 21.71 33.32 -60.95
CA MET GA 322 22.45 32.08 -61.17
C MET GA 322 21.80 30.90 -60.46
N ARG GA 323 21.18 31.18 -59.32
CA ARG GA 323 20.52 30.14 -58.56
C ARG GA 323 19.26 29.65 -59.29
N ASP GA 324 18.70 30.51 -60.13
CA ASP GA 324 17.56 30.12 -60.97
C ASP GA 324 18.03 29.25 -62.12
N LEU GA 325 19.32 29.31 -62.42
CA LEU GA 325 19.92 28.45 -63.44
C LEU GA 325 20.38 27.13 -62.85
N LYS GA 326 20.75 27.16 -61.58
CA LYS GA 326 21.26 25.98 -60.90
C LYS GA 326 20.16 24.95 -60.67
N ASN GA 327 19.11 25.36 -59.98
CA ASN GA 327 17.97 24.49 -59.70
C ASN GA 327 17.25 24.08 -60.99
N GLN GA 328 17.36 24.93 -62.00
CA GLN GA 328 16.78 24.65 -63.31
C GLN GA 328 17.61 23.59 -64.04
N GLY GA 329 18.90 23.51 -63.69
CA GLY GA 329 19.79 22.53 -64.26
C GLY GA 329 20.68 23.08 -65.35
N ALA GA 330 20.65 24.39 -65.54
CA ALA GA 330 21.48 25.03 -66.57
C ALA GA 330 22.95 24.95 -66.20
N VAL GA 331 23.23 25.06 -64.91
CA VAL GA 331 24.59 25.01 -64.40
C VAL GA 331 24.65 24.09 -63.18
N ILE GA 332 25.81 23.49 -62.93
CA ILE GA 332 25.98 22.62 -61.78
C ILE GA 332 26.09 23.45 -60.51
N ASN GA 333 27.02 24.40 -60.52
CA ASN GA 333 27.21 25.30 -59.38
C ASN GA 333 27.89 26.58 -59.85
N PHE GA 334 27.78 27.63 -59.05
CA PHE GA 334 28.29 28.94 -59.42
C PHE GA 334 28.90 29.65 -58.22
N GLU GA 335 29.39 30.86 -58.46
CA GLU GA 335 29.96 31.70 -57.42
C GLU GA 335 30.19 33.09 -57.98
N VAL GA 336 29.57 34.09 -57.35
CA VAL GA 336 29.66 35.46 -57.82
C VAL GA 336 29.98 36.39 -56.64
N TYR GA 337 30.84 37.37 -56.90
CA TYR GA 337 31.30 38.28 -55.86
C TYR GA 337 32.10 39.43 -56.46
N ALA GA 338 32.39 40.43 -55.64
CA ALA GA 338 33.17 41.58 -56.06
C ALA GA 338 34.63 41.36 -55.69
N ASP GA 339 35.52 41.39 -56.70
CA ASP GA 339 36.93 41.12 -56.47
C ASP GA 339 37.57 42.26 -55.65
N PRO GA 340 38.29 41.91 -54.57
CA PRO GA 340 38.97 42.94 -53.77
C PRO GA 340 40.03 43.71 -54.56
N ASP GA 341 40.83 43.01 -55.34
CA ASP GA 341 41.97 43.62 -56.03
C ASP GA 341 41.52 44.52 -57.18
N LEU GA 342 40.55 44.06 -57.96
CA LEU GA 342 40.05 44.83 -59.10
C LEU GA 342 39.36 46.11 -58.63
N ASN GA 343 38.41 45.96 -57.71
CA ASN GA 343 37.70 47.11 -57.16
C ASN GA 343 38.62 47.97 -56.31
N SER GA 344 39.55 48.65 -56.96
CA SER GA 344 40.49 49.53 -56.27
C SER GA 344 39.85 50.89 -56.06
N ALA GA 345 40.43 51.67 -55.15
CA ALA GA 345 39.92 53.00 -54.84
C ALA GA 345 39.92 53.91 -56.06
N SER GA 346 40.83 53.64 -57.00
CA SER GA 346 40.97 54.45 -58.21
C SER GA 346 40.02 53.98 -59.30
N GLN GA 347 39.76 52.67 -59.35
CA GLN GA 347 38.88 52.10 -60.36
C GLN GA 347 37.44 52.55 -60.13
N LEU GA 348 37.00 52.51 -58.87
CA LEU GA 348 35.66 52.98 -58.51
C LEU GA 348 35.50 54.47 -58.77
N ALA GA 349 36.62 55.19 -58.74
CA ALA GA 349 36.61 56.63 -58.96
C ALA GA 349 36.52 56.97 -60.45
N GLN GA 350 36.51 55.95 -61.29
CA GLN GA 350 36.28 56.10 -62.73
C GLN GA 350 34.95 55.46 -63.15
N GLY GA 351 34.26 54.89 -62.18
CA GLY GA 351 32.97 54.26 -62.42
C GLY GA 351 33.09 52.75 -62.54
N LYS GA 352 34.28 52.27 -62.85
CA LYS GA 352 34.51 50.83 -62.98
C LYS GA 352 34.20 50.09 -61.69
N VAL GA 353 33.42 49.02 -61.81
CA VAL GA 353 33.13 48.14 -60.68
C VAL GA 353 32.91 46.74 -61.22
N TYR GA 354 33.69 45.78 -60.70
CA TYR GA 354 33.74 44.43 -61.27
C TYR GA 354 33.02 43.41 -60.39
N TRP GA 355 32.52 42.34 -61.03
CA TRP GA 355 31.92 41.23 -60.32
C TRP GA 355 32.38 39.92 -60.96
N ASN GA 356 33.24 39.20 -60.27
CA ASN GA 356 33.82 37.97 -60.80
C ASN GA 356 32.81 36.82 -60.79
N ILE GA 357 32.18 36.58 -61.93
CA ILE GA 357 31.25 35.47 -62.08
C ILE GA 357 32.02 34.24 -62.57
N ARG GA 358 31.67 33.08 -62.01
CA ARG GA 358 32.32 31.83 -62.40
C ARG GA 358 31.41 30.65 -62.09
N PHE GA 359 31.41 29.66 -62.99
CA PHE GA 359 30.56 28.49 -62.84
C PHE GA 359 31.00 27.39 -63.81
N THR GA 360 30.26 26.29 -63.82
CA THR GA 360 30.55 25.17 -64.70
C THR GA 360 29.31 24.76 -65.48
N ASP GA 361 29.25 25.15 -66.76
CA ASP GA 361 28.16 24.75 -67.63
C ASP GA 361 28.14 23.22 -67.75
N VAL GA 362 26.95 22.65 -67.81
CA VAL GA 362 26.80 21.19 -67.84
C VAL GA 362 27.30 20.61 -69.16
N PRO GA 363 28.31 19.72 -69.11
CA PRO GA 363 28.80 19.06 -70.34
C PRO GA 363 28.00 17.79 -70.66
N PRO GA 364 27.69 17.54 -71.93
CA PRO GA 364 26.96 16.31 -72.28
C PRO GA 364 27.85 15.07 -72.18
N ALA GA 365 27.42 14.07 -71.42
CA ALA GA 365 28.16 12.82 -71.28
C ALA GA 365 28.21 12.08 -72.62
N GLU GA 366 29.08 12.54 -73.52
CA GLU GA 366 29.12 12.02 -74.88
C GLU GA 366 29.74 10.62 -74.95
N ASN GA 367 30.20 10.10 -73.82
CA ASN GA 367 30.84 8.78 -73.81
C ASN GA 367 30.87 8.18 -72.39
N PRO GA 368 29.71 7.69 -71.91
CA PRO GA 368 29.64 7.04 -70.60
C PRO GA 368 30.16 5.60 -70.64
N ASN GA 369 31.22 5.32 -69.89
CA ASN GA 369 31.82 4.00 -69.84
C ASN GA 369 31.19 3.13 -68.75
N PHE GA 370 31.43 1.82 -68.83
CA PHE GA 370 30.89 0.87 -67.85
C PHE GA 370 31.91 -0.22 -67.58
N ARG GA 371 32.85 0.07 -66.68
CA ARG GA 371 33.90 -0.87 -66.34
C ARG GA 371 33.35 -2.08 -65.60
N VAL GA 372 32.65 -2.95 -66.32
CA VAL GA 372 32.09 -4.16 -65.74
C VAL GA 372 33.18 -5.22 -65.65
N GLU GA 373 33.13 -6.02 -64.58
CA GLU GA 373 34.14 -7.03 -64.35
C GLU GA 373 33.67 -8.02 -63.28
N VAL GA 374 33.64 -9.30 -63.63
CA VAL GA 374 33.28 -10.34 -62.68
C VAL GA 374 34.41 -10.58 -61.70
N THR GA 375 34.16 -11.44 -60.73
CA THR GA 375 35.17 -11.81 -59.74
C THR GA 375 34.71 -13.05 -58.99
N ASP GA 376 35.34 -13.31 -57.84
CA ASP GA 376 35.02 -14.46 -57.01
C ASP GA 376 34.91 -14.03 -55.56
N GLN GA 377 34.41 -12.81 -55.36
CA GLN GA 377 34.31 -12.23 -54.03
C GLN GA 377 33.11 -12.77 -53.27
N TRP GA 378 31.91 -12.49 -53.79
CA TRP GA 378 30.67 -12.93 -53.16
C TRP GA 378 30.32 -14.36 -53.52
N LEU GA 379 31.19 -15.29 -53.14
CA LEU GA 379 30.94 -16.72 -53.33
C LEU GA 379 30.73 -17.40 -51.99
N THR GA 380 31.47 -16.95 -50.98
CA THR GA 380 31.33 -17.47 -49.62
C THR GA 380 29.98 -17.10 -49.03
N GLU GA 381 29.31 -16.14 -49.66
CA GLU GA 381 27.98 -15.72 -49.23
C GLU GA 381 27.00 -16.89 -49.43
N VAL GA 382 27.27 -17.71 -50.44
CA VAL GA 382 26.48 -18.91 -50.69
C VAL GA 382 26.86 -19.99 -49.69
N LEU GA 383 26.40 -19.82 -48.44
CA LEU GA 383 26.76 -20.73 -47.37
C LEU GA 383 25.90 -20.46 -46.14
N ASP GA 384 25.85 -19.20 -45.73
CA ASP GA 384 25.07 -18.79 -44.57
C ASP GA 384 24.74 -17.31 -44.65
N SER HA 2 36.85 13.91 -80.27
CA SER HA 2 35.82 13.41 -79.36
C SER HA 2 36.19 12.03 -78.83
N PHE HA 3 36.70 11.19 -79.71
CA PHE HA 3 37.12 9.83 -79.37
C PHE HA 3 35.90 8.96 -79.05
N PHE HA 4 35.66 7.98 -79.91
CA PHE HA 4 34.54 7.04 -79.78
C PHE HA 4 33.18 7.74 -79.89
N HIS HA 5 32.78 8.43 -78.82
CA HIS HA 5 31.47 9.08 -78.76
C HIS HA 5 30.33 8.08 -78.94
N GLY HA 6 30.04 7.34 -77.88
CA GLY HA 6 28.94 6.39 -77.91
C GLY HA 6 28.60 5.88 -76.51
N VAL HA 7 28.96 4.63 -76.25
CA VAL HA 7 28.75 4.03 -74.94
C VAL HA 7 29.54 2.73 -74.84
N THR HA 8 30.72 2.82 -74.24
CA THR HA 8 31.61 1.67 -74.13
C THR HA 8 31.16 0.75 -73.00
N VAL HA 9 31.86 -0.37 -72.86
CA VAL HA 9 31.54 -1.35 -71.84
C VAL HA 9 32.73 -2.31 -71.75
N THR HA 10 33.91 -1.76 -71.50
CA THR HA 10 35.13 -2.54 -71.45
C THR HA 10 35.12 -3.53 -70.29
N ASN HA 11 35.49 -4.78 -70.58
CA ASN HA 11 35.57 -5.82 -69.57
C ASN HA 11 36.95 -5.80 -68.92
N VAL HA 12 37.02 -5.32 -67.68
CA VAL HA 12 38.29 -5.26 -66.97
C VAL HA 12 38.67 -6.65 -66.47
N ASP HA 13 39.62 -7.28 -67.15
CA ASP HA 13 40.03 -8.65 -66.85
C ASP HA 13 41.07 -8.66 -65.74
N ILE HA 14 40.61 -8.49 -64.51
CA ILE HA 14 41.48 -8.55 -63.33
C ILE HA 14 40.79 -9.33 -62.21
N GLY HA 15 41.58 -9.80 -61.26
CA GLY HA 15 41.07 -10.59 -60.15
C GLY HA 15 41.94 -11.81 -59.94
N ALA HA 16 41.88 -12.38 -58.73
CA ALA HA 16 42.67 -13.55 -58.40
C ALA HA 16 42.17 -14.79 -59.13
N ARG HA 17 42.97 -15.31 -60.05
CA ARG HA 17 42.63 -16.52 -60.78
C ARG HA 17 42.69 -17.74 -59.87
N THR HA 18 41.99 -18.79 -60.27
CA THR HA 18 41.99 -20.05 -59.53
C THR HA 18 43.16 -20.92 -59.97
N ILE HA 19 43.56 -21.85 -59.11
CA ILE HA 19 44.68 -22.75 -59.40
C ILE HA 19 44.34 -24.18 -58.99
N ALA HA 20 44.77 -25.12 -59.80
CA ALA HA 20 44.47 -26.54 -59.58
C ALA HA 20 45.74 -27.36 -59.33
N LEU HA 21 45.56 -28.64 -59.06
CA LEU HA 21 46.67 -29.56 -58.81
C LEU HA 21 46.73 -30.61 -59.92
N PRO HA 22 47.43 -30.28 -61.02
CA PRO HA 22 47.45 -31.17 -62.19
C PRO HA 22 48.22 -32.46 -61.94
N ALA HA 23 48.08 -33.41 -62.86
CA ALA HA 23 48.83 -34.68 -62.83
C ALA HA 23 48.50 -35.52 -61.60
N SER HA 24 48.79 -34.98 -60.41
CA SER HA 24 48.51 -35.64 -59.14
C SER HA 24 49.33 -36.92 -59.01
N SER HA 25 48.95 -37.97 -59.72
CA SER HA 25 49.62 -39.26 -59.61
C SER HA 25 49.41 -40.12 -60.86
N VAL HA 26 49.98 -39.68 -61.98
CA VAL HA 26 49.94 -40.47 -63.20
C VAL HA 26 51.20 -41.33 -63.27
N ILE HA 27 51.00 -42.62 -63.56
CA ILE HA 27 52.09 -43.58 -63.58
C ILE HA 27 52.76 -43.62 -64.95
N GLY HA 28 54.08 -43.75 -64.94
CA GLY HA 28 54.87 -43.82 -66.16
C GLY HA 28 55.64 -45.12 -66.19
N LEU HA 29 55.01 -46.15 -66.74
CA LEU HA 29 55.59 -47.49 -66.75
C LEU HA 29 56.28 -47.81 -68.07
N CYS HA 30 57.20 -48.75 -68.06
CA CYS HA 30 57.95 -49.14 -69.24
C CYS HA 30 58.58 -50.51 -69.06
N ASP HA 31 57.81 -51.56 -69.33
CA ASP HA 31 58.29 -52.92 -69.27
C ASP HA 31 58.51 -53.43 -70.70
N VAL HA 32 58.23 -54.72 -70.94
CA VAL HA 32 58.38 -55.30 -72.26
C VAL HA 32 57.16 -56.14 -72.63
N PHE HA 33 57.03 -56.45 -73.92
CA PHE HA 33 55.95 -57.30 -74.40
C PHE HA 33 56.32 -57.90 -75.75
N THR HA 34 55.34 -58.52 -76.40
CA THR HA 34 55.54 -59.18 -77.69
C THR HA 34 54.57 -58.60 -78.72
N PRO HA 35 55.04 -57.65 -79.54
CA PRO HA 35 54.16 -57.06 -80.56
C PRO HA 35 53.89 -58.04 -81.70
N GLY HA 36 52.67 -58.07 -82.21
CA GLY HA 36 52.30 -58.94 -83.30
C GLY HA 36 50.86 -58.77 -83.73
N ALA HA 37 49.99 -59.67 -83.29
CA ALA HA 37 48.59 -59.69 -83.71
C ALA HA 37 47.71 -58.93 -82.71
N GLN HA 38 47.44 -59.57 -81.57
CA GLN HA 38 46.55 -59.00 -80.55
C GLN HA 38 47.12 -57.71 -79.96
N ALA HA 39 48.44 -57.54 -80.08
CA ALA HA 39 49.10 -56.36 -79.54
C ALA HA 39 48.82 -55.14 -80.41
N SER HA 40 47.82 -54.35 -80.02
CA SER HA 40 47.44 -53.16 -80.77
C SER HA 40 48.49 -52.06 -80.64
N ALA HA 41 49.05 -51.92 -79.45
CA ALA HA 41 50.06 -50.89 -79.19
C ALA HA 41 51.31 -51.15 -80.02
N LYS HA 42 51.90 -50.09 -80.55
CA LYS HA 42 53.08 -50.22 -81.40
C LYS HA 42 54.28 -50.64 -80.55
N PRO HA 43 55.35 -51.15 -81.19
CA PRO HA 43 56.48 -51.74 -80.46
C PRO HA 43 57.29 -50.76 -79.60
N ASN HA 44 56.89 -49.49 -79.51
CA ASN HA 44 57.70 -48.53 -78.76
C ASN HA 44 56.98 -47.25 -78.34
N VAL HA 45 55.98 -46.81 -79.11
CA VAL HA 45 55.36 -45.52 -78.83
C VAL HA 45 54.61 -45.53 -77.50
N PRO HA 46 54.48 -44.37 -76.85
CA PRO HA 46 53.67 -44.29 -75.62
C PRO HA 46 52.19 -44.52 -75.90
N VAL HA 47 51.53 -45.26 -75.02
CA VAL HA 47 50.10 -45.52 -75.14
C VAL HA 47 49.43 -45.27 -73.79
N LEU HA 48 48.32 -44.53 -73.81
CA LEU HA 48 47.62 -44.21 -72.58
C LEU HA 48 46.69 -45.35 -72.18
N LEU HA 49 46.56 -45.58 -70.88
CA LEU HA 49 45.71 -46.63 -70.35
C LEU HA 49 44.72 -46.04 -69.36
N THR HA 50 43.82 -46.88 -68.86
CA THR HA 50 42.81 -46.46 -67.91
C THR HA 50 42.27 -47.65 -67.11
N SER HA 51 42.21 -48.81 -67.77
CA SER HA 51 41.73 -50.04 -67.14
C SER HA 51 42.40 -51.24 -67.79
N LYS HA 52 42.18 -52.42 -67.22
CA LYS HA 52 42.75 -53.65 -67.72
C LYS HA 52 42.32 -53.91 -69.17
N LYS HA 53 41.06 -53.59 -69.47
CA LYS HA 53 40.54 -53.77 -70.83
C LYS HA 53 41.34 -52.98 -71.84
N ASP HA 54 41.62 -51.72 -71.51
CA ASP HA 54 42.35 -50.84 -72.43
C ASP HA 54 43.82 -51.26 -72.53
N ALA HA 55 44.29 -52.01 -71.53
CA ALA HA 55 45.68 -52.47 -71.47
C ALA HA 55 45.83 -53.84 -72.13
N ALA HA 56 44.81 -54.68 -71.97
CA ALA HA 56 44.84 -56.04 -72.48
C ALA HA 56 44.91 -56.05 -74.01
N ALA HA 57 43.98 -55.35 -74.63
CA ALA HA 57 43.92 -55.27 -76.09
C ALA HA 57 45.12 -54.51 -76.66
N ALA HA 58 45.79 -53.75 -75.81
CA ALA HA 58 46.93 -52.93 -76.23
C ALA HA 58 48.20 -53.76 -76.37
N PHE HA 59 48.63 -54.38 -75.28
CA PHE HA 59 49.88 -55.13 -75.23
C PHE HA 59 49.65 -56.63 -75.38
N GLY HA 60 48.58 -57.12 -74.75
CA GLY HA 60 48.22 -58.52 -74.82
C GLY HA 60 48.35 -59.19 -73.47
N ILE HA 61 47.75 -60.38 -73.35
CA ILE HA 61 47.79 -61.14 -72.11
C ILE HA 61 49.07 -61.96 -72.07
N GLY HA 62 49.64 -62.11 -70.88
CA GLY HA 62 50.88 -62.85 -70.72
C GLY HA 62 52.11 -61.97 -70.87
N SER HA 63 51.93 -60.84 -71.55
CA SER HA 63 53.02 -59.88 -71.73
C SER HA 63 53.52 -59.42 -70.35
N SER HA 64 54.84 -59.40 -70.19
CA SER HA 64 55.45 -59.03 -68.91
C SER HA 64 55.02 -57.64 -68.45
N ILE HA 65 54.59 -56.82 -69.38
CA ILE HA 65 54.11 -55.47 -69.08
C ILE HA 65 52.69 -55.49 -68.53
N TYR HA 66 51.90 -56.44 -69.02
CA TYR HA 66 50.52 -56.57 -68.59
C TYR HA 66 50.43 -57.08 -67.15
N LEU HA 67 51.39 -57.91 -66.76
CA LEU HA 67 51.45 -58.41 -65.38
C LEU HA 67 51.77 -57.27 -64.41
N ALA HA 68 52.38 -56.20 -64.94
CA ALA HA 68 52.72 -55.03 -64.15
C ALA HA 68 51.53 -54.06 -64.08
N CYS HA 69 50.85 -53.88 -65.21
CA CYS HA 69 49.67 -53.02 -65.26
C CYS HA 69 48.53 -53.64 -64.46
N GLU HA 70 48.36 -54.95 -64.61
CA GLU HA 70 47.33 -55.68 -63.88
C GLU HA 70 47.58 -55.58 -62.38
N ALA HA 71 48.85 -55.56 -61.99
CA ALA HA 71 49.24 -55.45 -60.59
C ALA HA 71 48.84 -54.08 -60.03
N ILE HA 72 48.82 -53.08 -60.90
CA ILE HA 72 48.45 -51.73 -60.50
C ILE HA 72 46.92 -51.58 -60.42
N TYR HA 73 46.23 -52.06 -61.44
CA TYR HA 73 44.78 -51.92 -61.52
C TYR HA 73 44.08 -52.82 -60.50
N ASN HA 74 44.72 -53.93 -60.16
CA ASN HA 74 44.20 -54.82 -59.13
C ASN HA 74 44.22 -54.09 -57.79
N ARG HA 75 45.30 -53.37 -57.54
CA ARG HA 75 45.45 -52.56 -56.34
C ARG HA 75 44.47 -51.39 -56.38
N ALA HA 76 44.75 -50.40 -57.23
CA ALA HA 76 43.90 -49.23 -57.36
C ALA HA 76 44.01 -48.66 -58.77
N GLN HA 77 42.86 -48.32 -59.35
CA GLN HA 77 42.80 -47.83 -60.72
C GLN HA 77 43.53 -46.48 -60.84
N ALA HA 78 44.24 -46.30 -61.95
CA ALA HA 78 44.99 -45.08 -62.19
C ALA HA 78 45.39 -44.96 -63.65
N VAL HA 79 45.75 -43.76 -64.05
CA VAL HA 79 46.22 -43.50 -65.42
C VAL HA 79 47.64 -43.98 -65.56
N ILE HA 80 47.91 -44.75 -66.61
CA ILE HA 80 49.24 -45.28 -66.88
C ILE HA 80 49.63 -45.00 -68.32
N VAL HA 81 50.45 -43.98 -68.52
CA VAL HA 81 51.01 -43.69 -69.84
C VAL HA 81 52.15 -44.67 -70.09
N ALA HA 82 51.79 -45.93 -70.28
CA ALA HA 82 52.77 -47.00 -70.47
C ALA HA 82 53.46 -46.86 -71.83
N VAL HA 83 54.70 -47.35 -71.89
CA VAL HA 83 55.49 -47.32 -73.13
C VAL HA 83 55.57 -48.73 -73.71
N GLY HA 84 56.39 -49.57 -73.09
CA GLY HA 84 56.56 -50.94 -73.54
C GLY HA 84 57.46 -51.04 -74.75
N VAL HA 85 58.43 -51.94 -74.68
CA VAL HA 85 59.39 -52.15 -75.76
C VAL HA 85 59.55 -53.64 -76.06
N GLU HA 86 59.87 -53.96 -77.30
CA GLU HA 86 60.04 -55.34 -77.72
C GLU HA 86 61.19 -56.00 -76.97
N THR HA 87 61.03 -57.28 -76.64
CA THR HA 87 62.07 -58.03 -75.96
C THR HA 87 63.26 -58.24 -76.90
N ALA HA 88 64.46 -58.16 -76.33
CA ALA HA 88 65.69 -58.31 -77.11
C ALA HA 88 66.29 -59.70 -76.90
N GLU HA 89 67.43 -59.95 -77.52
CA GLU HA 89 68.11 -61.23 -77.43
C GLU HA 89 68.67 -61.46 -76.03
N THR HA 90 69.77 -60.78 -75.72
CA THR HA 90 70.41 -60.91 -74.42
C THR HA 90 69.75 -59.96 -73.42
N PRO HA 91 69.76 -60.32 -72.13
CA PRO HA 91 69.13 -59.48 -71.09
C PRO HA 91 69.84 -58.15 -70.91
N GLU HA 92 71.15 -58.13 -71.15
CA GLU HA 92 71.95 -56.92 -70.99
C GLU HA 92 71.59 -55.87 -72.04
N ALA HA 93 71.59 -56.30 -73.30
CA ALA HA 93 71.30 -55.41 -74.42
C ALA HA 93 69.82 -55.00 -74.43
N GLN HA 94 68.99 -55.76 -73.71
CA GLN HA 94 67.58 -55.46 -73.63
C GLN HA 94 67.34 -54.17 -72.85
N ALA HA 95 68.24 -53.89 -71.90
CA ALA HA 95 68.16 -52.69 -71.08
C ALA HA 95 68.36 -51.43 -71.93
N SER HA 96 69.04 -51.58 -73.06
CA SER HA 96 69.27 -50.47 -73.97
C SER HA 96 67.94 -49.98 -74.56
N ALA HA 97 67.13 -50.92 -75.02
CA ALA HA 97 65.80 -50.62 -75.56
C ALA HA 97 64.90 -50.05 -74.47
N VAL HA 98 65.13 -50.50 -73.23
CA VAL HA 98 64.34 -50.02 -72.10
C VAL HA 98 64.68 -48.57 -71.82
N ILE HA 99 65.98 -48.27 -71.71
CA ILE HA 99 66.41 -46.89 -71.53
C ILE HA 99 66.03 -46.08 -72.76
N GLY HA 100 66.45 -46.55 -73.93
CA GLY HA 100 66.10 -45.92 -75.18
C GLY HA 100 66.87 -44.65 -75.44
N GLY HA 101 67.63 -44.63 -76.54
CA GLY HA 101 68.39 -43.45 -76.90
C GLY HA 101 67.49 -42.38 -77.49
N ILE HA 102 67.27 -42.45 -78.80
CA ILE HA 102 66.42 -41.49 -79.49
C ILE HA 102 66.06 -41.95 -80.90
N SER HA 103 66.89 -42.83 -81.47
CA SER HA 103 66.65 -43.41 -82.80
C SER HA 103 66.81 -42.37 -83.90
N ALA HA 104 66.96 -42.84 -85.13
CA ALA HA 104 67.14 -41.97 -86.28
C ALA HA 104 65.85 -41.24 -86.62
N ALA HA 105 64.72 -41.78 -86.15
CA ALA HA 105 63.41 -41.19 -86.42
C ALA HA 105 63.27 -39.85 -85.68
N GLY HA 106 64.05 -39.69 -84.61
CA GLY HA 106 64.02 -38.47 -83.83
C GLY HA 106 63.10 -38.59 -82.64
N GLU HA 107 62.11 -39.47 -82.74
CA GLU HA 107 61.15 -39.67 -81.65
C GLU HA 107 61.81 -40.41 -80.49
N ARG HA 108 61.64 -39.86 -79.29
CA ARG HA 108 62.22 -40.43 -78.08
C ARG HA 108 61.74 -41.87 -77.87
N THR HA 109 62.70 -42.79 -77.81
CA THR HA 109 62.40 -44.21 -77.65
C THR HA 109 62.57 -44.67 -76.21
N GLY HA 110 62.02 -45.83 -75.90
CA GLY HA 110 62.19 -46.45 -74.61
C GLY HA 110 61.66 -45.62 -73.46
N LEU HA 111 62.32 -45.75 -72.30
CA LEU HA 111 61.90 -45.08 -71.09
C LEU HA 111 61.84 -43.56 -71.22
N GLN HA 112 62.66 -43.01 -72.10
CA GLN HA 112 62.73 -41.57 -72.30
C GLN HA 112 61.50 -41.05 -73.06
N ALA HA 113 60.69 -41.96 -73.58
CA ALA HA 113 59.49 -41.60 -74.33
C ALA HA 113 58.42 -41.01 -73.41
N LEU HA 114 58.60 -41.16 -72.10
CA LEU HA 114 57.62 -40.69 -71.12
C LEU HA 114 57.49 -39.17 -71.14
N LEU HA 115 58.52 -38.48 -71.63
CA LEU HA 115 58.49 -37.03 -71.71
C LEU HA 115 57.43 -36.55 -72.70
N ASP HA 116 57.02 -37.44 -73.59
CA ASP HA 116 56.01 -37.13 -74.60
C ASP HA 116 54.59 -37.28 -74.05
N GLY HA 117 54.46 -37.99 -72.94
CA GLY HA 117 53.16 -38.26 -72.34
C GLY HA 117 52.42 -37.00 -71.94
N LYS HA 118 53.17 -35.93 -71.69
CA LYS HA 118 52.59 -34.66 -71.27
C LYS HA 118 52.01 -33.91 -72.47
N SER HA 119 52.76 -33.87 -73.56
CA SER HA 119 52.37 -33.13 -74.76
C SER HA 119 51.64 -34.02 -75.77
N ARG HA 120 50.90 -35.01 -75.26
CA ARG HA 120 50.11 -35.90 -76.11
C ARG HA 120 48.83 -36.35 -75.40
N PHE HA 121 48.93 -36.61 -74.10
CA PHE HA 121 47.80 -37.10 -73.33
C PHE HA 121 47.44 -36.16 -72.17
N ASN HA 122 48.15 -35.04 -72.08
CA ASN HA 122 47.94 -34.08 -71.00
C ASN HA 122 48.02 -34.75 -69.62
N ALA HA 123 48.81 -35.82 -69.54
CA ALA HA 123 48.98 -36.59 -68.32
C ALA HA 123 50.46 -36.84 -68.10
N GLN HA 124 51.13 -35.87 -67.49
CA GLN HA 124 52.55 -35.99 -67.19
C GLN HA 124 52.77 -37.13 -66.19
N PRO HA 125 53.49 -38.20 -66.61
CA PRO HA 125 53.73 -39.29 -65.65
C PRO HA 125 54.58 -38.82 -64.47
N ARG HA 126 53.91 -38.47 -63.38
CA ARG HA 126 54.59 -37.99 -62.18
C ARG HA 126 54.83 -39.14 -61.21
N LEU HA 127 55.15 -40.30 -61.76
CA LEU HA 127 55.41 -41.49 -60.96
C LEU HA 127 55.99 -42.59 -61.84
N LEU HA 128 57.31 -42.55 -62.01
CA LEU HA 128 57.99 -43.50 -62.87
C LEU HA 128 58.05 -44.89 -62.23
N VAL HA 129 58.29 -45.89 -63.07
CA VAL HA 129 58.38 -47.27 -62.62
C VAL HA 129 58.84 -48.14 -63.80
N ALA HA 130 59.70 -49.10 -63.52
CA ALA HA 130 60.23 -49.98 -64.56
C ALA HA 130 60.44 -51.39 -63.98
N PRO HA 131 59.35 -52.17 -63.86
CA PRO HA 131 59.41 -53.51 -63.26
C PRO HA 131 60.35 -54.44 -64.00
N GLY HA 132 61.20 -55.16 -63.26
CA GLY HA 132 62.16 -56.07 -63.85
C GLY HA 132 63.45 -55.37 -64.20
N HIS HA 133 63.34 -54.27 -64.95
CA HIS HA 133 64.50 -53.49 -65.36
C HIS HA 133 64.76 -52.32 -64.40
N SER HA 134 65.43 -52.60 -63.30
CA SER HA 134 65.81 -51.59 -62.33
C SER HA 134 66.97 -52.07 -61.45
N ALA HA 135 67.10 -53.39 -61.30
CA ALA HA 135 68.21 -53.97 -60.55
C ALA HA 135 69.54 -53.68 -61.23
N GLN HA 136 69.49 -53.44 -62.55
CA GLN HA 136 70.68 -53.09 -63.30
C GLN HA 136 71.07 -51.64 -63.01
N GLN HA 137 72.36 -51.42 -62.74
CA GLN HA 137 72.87 -50.10 -62.38
C GLN HA 137 72.64 -49.09 -63.51
N ALA HA 138 72.56 -49.59 -64.75
CA ALA HA 138 72.45 -48.72 -65.91
C ALA HA 138 71.09 -48.02 -65.99
N VAL HA 139 70.03 -48.80 -66.17
CA VAL HA 139 68.68 -48.28 -66.34
C VAL HA 139 68.22 -47.48 -65.12
N ALA HA 140 68.80 -47.78 -63.96
CA ALA HA 140 68.39 -47.13 -62.71
C ALA HA 140 68.72 -45.64 -62.73
N THR HA 141 69.84 -45.29 -63.32
CA THR HA 141 70.27 -43.90 -63.41
C THR HA 141 69.40 -43.11 -64.38
N ALA HA 142 68.97 -43.77 -65.45
CA ALA HA 142 68.07 -43.17 -66.43
C ALA HA 142 66.75 -42.79 -65.76
N MET HA 143 66.32 -43.64 -64.83
CA MET HA 143 65.10 -43.38 -64.05
C MET HA 143 65.31 -42.17 -63.14
N ASP HA 144 66.55 -41.99 -62.68
CA ASP HA 144 66.90 -40.88 -61.81
C ASP HA 144 66.89 -39.57 -62.59
N GLY HA 145 67.56 -39.56 -63.73
CA GLY HA 145 67.68 -38.37 -64.54
C GLY HA 145 66.35 -37.95 -65.13
N LEU HA 146 65.55 -38.95 -65.50
CA LEU HA 146 64.25 -38.70 -66.13
C LEU HA 146 63.24 -38.14 -65.13
N ALA HA 147 63.36 -38.56 -63.87
CA ALA HA 147 62.43 -38.14 -62.83
C ALA HA 147 62.51 -36.64 -62.61
N GLU HA 148 63.71 -36.08 -62.71
CA GLU HA 148 63.93 -34.65 -62.50
C GLU HA 148 63.32 -33.84 -63.64
N LYS HA 149 63.20 -34.45 -64.81
CA LYS HA 149 62.60 -33.80 -65.97
C LYS HA 149 61.08 -33.75 -65.80
N LEU HA 150 60.55 -34.78 -65.16
CA LEU HA 150 59.11 -34.91 -64.94
C LEU HA 150 58.70 -34.56 -63.52
N ARG HA 151 59.69 -34.28 -62.67
CA ARG HA 151 59.44 -34.01 -61.25
C ARG HA 151 58.67 -35.16 -60.61
N ALA HA 152 59.01 -36.38 -61.03
CA ALA HA 152 58.30 -37.58 -60.57
C ALA HA 152 59.07 -38.25 -59.44
N ILE HA 153 58.66 -39.47 -59.10
CA ILE HA 153 59.34 -40.26 -58.08
C ILE HA 153 59.56 -41.67 -58.61
N ALA HA 154 60.73 -41.90 -59.19
CA ALA HA 154 61.06 -43.18 -59.79
C ALA HA 154 61.17 -44.28 -58.75
N ILE HA 155 60.28 -45.28 -58.85
CA ILE HA 155 60.29 -46.43 -57.94
C ILE HA 155 61.15 -47.54 -58.52
N LEU HA 156 62.32 -47.73 -57.93
CA LEU HA 156 63.23 -48.81 -58.33
C LEU HA 156 62.83 -50.11 -57.66
N ASP HA 157 63.59 -51.17 -57.95
CA ASP HA 157 63.38 -52.46 -57.32
C ASP HA 157 64.69 -53.26 -57.33
N GLY HA 158 65.45 -53.16 -56.24
CA GLY HA 158 66.76 -53.80 -56.16
C GLY HA 158 66.67 -55.31 -56.18
N PRO HA 159 67.82 -55.99 -56.41
CA PRO HA 159 67.85 -57.44 -56.49
C PRO HA 159 67.56 -58.11 -55.15
N ASN HA 160 66.94 -59.29 -55.20
CA ASN HA 160 66.65 -60.04 -53.98
C ASN HA 160 67.94 -60.61 -53.40
N SER HA 161 68.22 -61.89 -53.69
CA SER HA 161 69.43 -62.54 -53.21
C SER HA 161 69.55 -62.43 -51.69
N THR HA 162 69.93 -61.25 -51.21
CA THR HA 162 70.11 -61.01 -49.79
C THR HA 162 70.04 -59.51 -49.47
N ASP HA 163 70.11 -59.19 -48.18
CA ASP HA 163 69.99 -57.81 -47.72
C ASP HA 163 71.28 -57.04 -47.98
N GLU HA 164 72.40 -57.74 -47.89
CA GLU HA 164 73.72 -57.13 -48.10
C GLU HA 164 73.81 -56.53 -49.50
N ALA HA 165 73.21 -57.21 -50.47
CA ALA HA 165 73.25 -56.77 -51.86
C ALA HA 165 72.32 -55.59 -52.11
N ALA HA 166 71.31 -55.43 -51.24
CA ALA HA 166 70.33 -54.37 -51.38
C ALA HA 166 70.89 -53.05 -50.83
N VAL HA 167 71.60 -53.14 -49.71
CA VAL HA 167 72.20 -51.96 -49.10
C VAL HA 167 73.33 -51.43 -49.97
N ALA HA 168 74.14 -52.33 -50.51
CA ALA HA 168 75.28 -51.95 -51.35
C ALA HA 168 74.81 -51.34 -52.66
N TYR HA 169 73.55 -51.58 -53.01
CA TYR HA 169 72.96 -51.06 -54.24
C TYR HA 169 72.41 -49.64 -54.04
N ALA HA 170 71.79 -49.41 -52.89
CA ALA HA 170 71.21 -48.12 -52.56
C ALA HA 170 72.31 -47.08 -52.29
N LYS HA 171 73.47 -47.57 -51.84
CA LYS HA 171 74.61 -46.71 -51.54
C LYS HA 171 75.06 -45.93 -52.77
N ASN HA 172 74.63 -46.38 -53.95
CA ASN HA 172 75.03 -45.76 -55.21
C ASN HA 172 74.30 -44.44 -55.44
N PHE HA 173 72.99 -44.46 -55.27
CA PHE HA 173 72.17 -43.29 -55.54
C PHE HA 173 72.06 -42.37 -54.33
N GLY HA 174 71.50 -41.19 -54.54
CA GLY HA 174 71.29 -40.23 -53.46
C GLY HA 174 70.39 -39.08 -53.87
N SER HA 175 69.54 -39.30 -54.88
CA SER HA 175 68.67 -38.25 -55.40
C SER HA 175 67.33 -38.24 -54.69
N LYS HA 176 66.71 -37.07 -54.62
CA LYS HA 176 65.42 -36.90 -53.97
C LYS HA 176 64.35 -37.82 -54.57
N ARG HA 177 64.47 -38.09 -55.86
CA ARG HA 177 63.43 -38.78 -56.61
C ARG HA 177 63.77 -40.24 -56.88
N LEU HA 178 63.96 -40.99 -55.81
CA LEU HA 178 64.20 -42.43 -55.92
C LEU HA 178 63.67 -43.13 -54.68
N PHE HA 179 62.75 -44.07 -54.91
CA PHE HA 179 62.10 -44.80 -53.82
C PHE HA 179 62.18 -46.29 -54.10
N MET HA 180 63.29 -46.90 -53.71
CA MET HA 180 63.54 -48.29 -54.04
C MET HA 180 62.89 -49.23 -53.02
N VAL HA 181 62.51 -50.41 -53.51
CA VAL HA 181 62.00 -51.49 -52.68
C VAL HA 181 62.81 -52.75 -52.96
N ASP HA 182 63.37 -53.35 -51.90
CA ASP HA 182 64.30 -54.45 -52.05
C ASP HA 182 63.63 -55.81 -52.19
N PRO HA 183 62.89 -56.27 -51.15
CA PRO HA 183 62.35 -57.63 -51.21
C PRO HA 183 61.34 -57.81 -52.34
N GLY HA 184 61.62 -58.71 -53.28
CA GLY HA 184 60.76 -58.94 -54.42
C GLY HA 184 59.57 -59.81 -54.05
N VAL HA 185 58.40 -59.18 -53.96
CA VAL HA 185 57.17 -59.91 -53.66
C VAL HA 185 56.86 -60.91 -54.77
N GLN HA 186 56.26 -62.04 -54.40
CA GLN HA 186 55.89 -63.06 -55.38
C GLN HA 186 54.38 -63.12 -55.56
N VAL HA 187 53.93 -63.06 -56.80
CA VAL HA 187 52.52 -63.09 -57.14
C VAL HA 187 52.16 -64.44 -57.76
N TRP HA 188 50.89 -64.80 -57.68
CA TRP HA 188 50.41 -66.03 -58.30
C TRP HA 188 50.05 -65.79 -59.77
N ASP HA 189 50.98 -66.11 -60.66
CA ASP HA 189 50.76 -65.92 -62.09
C ASP HA 189 49.64 -66.83 -62.59
N SER HA 190 48.80 -66.29 -63.47
CA SER HA 190 47.67 -67.05 -64.01
C SER HA 190 48.12 -68.05 -65.07
N ALA HA 191 49.11 -67.65 -65.87
CA ALA HA 191 49.60 -68.48 -66.96
C ALA HA 191 50.39 -69.67 -66.45
N THR HA 192 51.21 -69.44 -65.44
CA THR HA 192 52.07 -70.48 -64.88
C THR HA 192 51.29 -71.38 -63.92
N ASN HA 193 50.20 -70.84 -63.37
CA ASN HA 193 49.35 -71.57 -62.43
C ASN HA 193 50.14 -72.02 -61.19
N ALA HA 194 51.04 -71.15 -60.74
CA ALA HA 194 51.83 -71.42 -59.54
C ALA HA 194 52.51 -70.14 -59.08
N ALA HA 195 53.40 -70.27 -58.09
CA ALA HA 195 54.13 -69.13 -57.56
C ALA HA 195 55.01 -68.52 -58.63
N ARG HA 196 55.28 -67.22 -58.51
CA ARG HA 196 56.06 -66.50 -59.51
C ARG HA 196 56.56 -65.19 -58.94
N ASN HA 197 57.88 -65.06 -58.82
CA ASN HA 197 58.49 -63.87 -58.25
C ASN HA 197 58.29 -62.65 -59.15
N ALA HA 198 57.96 -61.52 -58.54
CA ALA HA 198 57.74 -60.26 -59.24
C ALA HA 198 58.73 -59.20 -58.76
N PRO HA 199 58.92 -58.13 -59.55
CA PRO HA 199 59.86 -57.06 -59.18
C PRO HA 199 59.35 -56.17 -58.04
N ALA HA 200 58.06 -56.27 -57.72
CA ALA HA 200 57.46 -55.50 -56.63
C ALA HA 200 57.54 -53.99 -56.89
N SER HA 201 57.82 -53.62 -58.14
CA SER HA 201 57.96 -52.21 -58.51
C SER HA 201 56.59 -51.62 -58.84
N ALA HA 202 55.85 -52.32 -59.69
CA ALA HA 202 54.52 -51.88 -60.11
C ALA HA 202 53.52 -51.96 -58.96
N TYR HA 203 53.71 -52.95 -58.08
CA TYR HA 203 52.83 -53.10 -56.92
C TYR HA 203 52.98 -51.92 -55.97
N ALA HA 204 54.21 -51.46 -55.81
CA ALA HA 204 54.51 -50.30 -54.97
C ALA HA 204 54.04 -49.01 -55.66
N ALA HA 205 53.98 -49.04 -56.99
CA ALA HA 205 53.54 -47.89 -57.77
C ALA HA 205 52.03 -47.73 -57.67
N GLY HA 206 51.30 -48.83 -57.91
CA GLY HA 206 49.85 -48.83 -57.82
C GLY HA 206 49.40 -48.51 -56.41
N LEU HA 207 50.23 -48.91 -55.45
CA LEU HA 207 49.97 -48.65 -54.03
C LEU HA 207 49.91 -47.16 -53.74
N PHE HA 208 50.80 -46.39 -54.36
CA PHE HA 208 50.79 -44.94 -54.24
C PHE HA 208 49.48 -44.38 -54.77
N ALA HA 209 49.11 -44.83 -55.98
CA ALA HA 209 47.92 -44.35 -56.68
C ALA HA 209 46.66 -44.57 -55.85
N TRP HA 210 46.71 -45.58 -54.98
CA TRP HA 210 45.59 -45.89 -54.10
C TRP HA 210 45.46 -44.84 -53.00
N THR HA 211 46.59 -44.49 -52.40
CA THR HA 211 46.62 -43.50 -51.32
C THR HA 211 46.39 -42.09 -51.85
N ASP HA 212 46.95 -41.82 -53.02
CA ASP HA 212 46.85 -40.50 -53.65
C ASP HA 212 45.41 -40.19 -54.04
N ALA HA 213 44.70 -41.20 -54.55
CA ALA HA 213 43.31 -41.05 -54.93
C ALA HA 213 42.41 -41.04 -53.70
N GLU HA 214 42.83 -41.74 -52.67
CA GLU HA 214 42.06 -41.85 -51.42
C GLU HA 214 42.34 -40.68 -50.49
N TYR HA 215 43.45 -40.76 -49.75
CA TYR HA 215 43.82 -39.72 -48.80
C TYR HA 215 44.26 -38.47 -49.55
N GLY HA 216 45.31 -38.62 -50.35
CA GLY HA 216 45.87 -37.53 -51.11
C GLY HA 216 47.35 -37.75 -51.42
N PHE HA 217 47.87 -37.00 -52.38
CA PHE HA 217 49.28 -37.09 -52.75
C PHE HA 217 50.17 -36.77 -51.55
N TRP HA 218 49.65 -35.92 -50.66
CA TRP HA 218 50.38 -35.50 -49.47
C TRP HA 218 50.41 -36.63 -48.44
N SER HA 219 49.52 -37.60 -48.58
CA SER HA 219 49.48 -38.74 -47.66
C SER HA 219 50.63 -39.69 -47.95
N SER HA 220 51.23 -40.25 -46.90
CA SER HA 220 52.33 -41.19 -47.06
C SER HA 220 51.78 -42.53 -47.55
N PRO HA 221 52.50 -43.19 -48.48
CA PRO HA 221 52.05 -44.49 -49.01
C PRO HA 221 52.37 -45.65 -48.09
N SER HA 222 53.43 -45.51 -47.29
CA SER HA 222 53.88 -46.59 -46.42
C SER HA 222 52.80 -47.08 -45.47
N ASN HA 223 52.99 -48.28 -44.93
CA ASN HA 223 52.05 -48.86 -43.97
C ASN HA 223 50.66 -49.03 -44.57
N LYS HA 224 50.61 -49.28 -45.88
CA LYS HA 224 49.35 -49.56 -46.57
C LYS HA 224 49.46 -50.92 -47.25
N GLU HA 225 48.45 -51.74 -47.05
CA GLU HA 225 48.47 -53.13 -47.51
C GLU HA 225 48.37 -53.21 -49.02
N ILE HA 226 49.17 -54.10 -49.61
CA ILE HA 226 49.18 -54.31 -51.05
C ILE HA 226 48.47 -55.61 -51.41
N LYS HA 227 47.63 -55.55 -52.44
CA LYS HA 227 46.88 -56.72 -52.90
C LYS HA 227 47.60 -57.40 -54.07
N GLY HA 228 47.10 -58.57 -54.47
CA GLY HA 228 47.66 -59.29 -55.59
C GLY HA 228 49.02 -59.87 -55.24
N VAL HA 229 49.09 -60.52 -54.08
CA VAL HA 229 50.33 -61.10 -53.58
C VAL HA 229 50.06 -62.51 -53.06
N THR HA 230 51.11 -63.20 -52.63
CA THR HA 230 50.98 -64.55 -52.10
C THR HA 230 52.28 -65.05 -51.48
N GLY HA 231 53.03 -64.12 -50.90
CA GLY HA 231 54.32 -64.44 -50.29
C GLY HA 231 55.35 -63.43 -50.73
N THR HA 232 56.53 -63.44 -50.10
CA THR HA 232 57.59 -62.49 -50.41
C THR HA 232 58.94 -63.18 -50.40
N SER HA 233 59.70 -62.99 -51.48
CA SER HA 233 61.04 -63.54 -51.58
C SER HA 233 61.90 -63.00 -50.46
N ARG HA 234 62.59 -63.90 -49.76
CA ARG HA 234 63.42 -63.55 -48.61
C ARG HA 234 62.57 -62.91 -47.52
N PRO HA 235 62.01 -63.73 -46.61
CA PRO HA 235 61.10 -63.19 -45.60
C PRO HA 235 61.79 -62.20 -44.67
N VAL HA 236 61.59 -60.92 -44.92
CA VAL HA 236 62.15 -59.87 -44.07
C VAL HA 236 61.43 -59.88 -42.72
N GLU HA 237 62.19 -60.13 -41.67
CA GLU HA 237 61.63 -60.26 -40.33
C GLU HA 237 61.18 -58.91 -39.77
N PHE HA 238 60.16 -58.94 -38.92
CA PHE HA 238 59.69 -57.74 -38.26
C PHE HA 238 59.04 -58.08 -36.92
N LEU HA 239 59.68 -57.65 -35.84
CA LEU HA 239 59.18 -57.89 -34.50
C LEU HA 239 58.01 -56.95 -34.18
N ASP HA 240 57.45 -57.10 -33.00
CA ASP HA 240 56.32 -56.26 -32.58
C ASP HA 240 56.75 -54.81 -32.41
N GLY HA 241 57.93 -54.61 -31.84
CA GLY HA 241 58.45 -53.27 -31.63
C GLY HA 241 59.89 -53.30 -31.11
N ASP HA 242 60.84 -53.38 -32.03
CA ASP HA 242 62.25 -53.38 -31.69
C ASP HA 242 63.11 -52.99 -32.88
N GLU HA 243 64.14 -52.21 -32.63
CA GLU HA 243 65.05 -51.75 -33.68
C GLU HA 243 65.97 -52.87 -34.16
N THR HA 244 65.93 -54.01 -33.46
CA THR HA 244 66.77 -55.16 -33.79
C THR HA 244 66.28 -55.88 -35.03
N CYS HA 245 65.01 -55.68 -35.36
CA CYS HA 245 64.41 -56.35 -36.51
C CYS HA 245 65.08 -55.89 -37.79
N ARG HA 246 65.09 -56.76 -38.80
CA ARG HA 246 65.83 -56.50 -40.03
C ARG HA 246 65.07 -55.54 -40.94
N ALA HA 247 63.75 -55.50 -40.79
CA ALA HA 247 62.91 -54.60 -41.59
C ALA HA 247 63.32 -53.15 -41.36
N ASN HA 248 63.80 -52.86 -40.15
CA ASN HA 248 64.22 -51.51 -39.77
C ASN HA 248 65.57 -51.14 -40.38
N LEU HA 249 66.49 -52.10 -40.38
CA LEU HA 249 67.86 -51.86 -40.86
C LEU HA 249 67.89 -51.43 -42.31
N LEU HA 250 66.98 -51.96 -43.12
CA LEU HA 250 66.91 -51.60 -44.53
C LEU HA 250 66.36 -50.18 -44.70
N ASN HA 251 65.47 -49.77 -43.79
CA ASN HA 251 64.91 -48.42 -43.82
C ASN HA 251 65.98 -47.38 -43.46
N ASN HA 252 66.98 -47.78 -42.68
CA ASN HA 252 68.09 -46.91 -42.36
C ASN HA 252 68.94 -46.63 -43.59
N ALA HA 253 68.94 -47.58 -44.52
CA ALA HA 253 69.65 -47.44 -45.78
C ALA HA 253 68.71 -46.87 -46.86
N ASN HA 254 67.59 -46.28 -46.43
CA ASN HA 254 66.62 -45.71 -47.34
C ASN HA 254 66.09 -46.77 -48.30
N ILE HA 255 65.36 -47.73 -47.76
CA ILE HA 255 64.81 -48.82 -48.57
C ILE HA 255 63.41 -49.19 -48.07
N ALA HA 256 62.50 -49.37 -49.02
CA ALA HA 256 61.14 -49.83 -48.72
C ALA HA 256 61.12 -51.35 -48.65
N THR HA 257 60.27 -51.90 -47.79
CA THR HA 257 60.19 -53.34 -47.60
C THR HA 257 58.77 -53.80 -47.33
N ILE HA 258 58.45 -55.02 -47.77
CA ILE HA 258 57.15 -55.63 -47.52
C ILE HA 258 57.28 -56.56 -46.32
N ILE HA 259 56.57 -56.24 -45.24
CA ILE HA 259 56.71 -56.95 -43.99
C ILE HA 259 55.65 -58.04 -43.80
N ARG HA 260 55.91 -58.91 -42.82
CA ARG HA 260 54.99 -59.99 -42.45
C ARG HA 260 54.76 -60.99 -43.57
N ASP HA 261 54.04 -62.06 -43.24
CA ASP HA 261 53.79 -63.16 -44.16
C ASP HA 261 52.99 -62.69 -45.36
N ASP HA 262 52.97 -63.51 -46.40
CA ASP HA 262 52.19 -63.23 -47.61
C ASP HA 262 52.60 -61.92 -48.27
N GLY HA 263 52.25 -60.81 -47.61
CA GLY HA 263 52.51 -59.48 -48.14
C GLY HA 263 51.58 -58.51 -47.45
N TYR HA 264 51.66 -58.48 -46.13
CA TYR HA 264 50.74 -57.71 -45.30
C TYR HA 264 50.74 -56.24 -45.70
N ARG HA 265 51.92 -55.62 -45.71
CA ARG HA 265 52.01 -54.21 -46.05
C ARG HA 265 53.44 -53.77 -46.38
N LEU HA 266 53.54 -52.65 -47.08
CA LEU HA 266 54.82 -52.05 -47.46
C LEU HA 266 55.05 -50.78 -46.65
N TRP HA 267 56.30 -50.52 -46.31
CA TRP HA 267 56.67 -49.24 -45.68
C TRP HA 267 58.14 -48.91 -45.88
N GLY HA 268 58.54 -47.72 -45.43
CA GLY HA 268 59.90 -47.24 -45.59
C GLY HA 268 59.86 -45.93 -46.35
N ASN HA 269 59.40 -44.89 -45.67
CA ASN HA 269 59.19 -43.58 -46.29
C ASN HA 269 60.48 -42.94 -46.79
N ARG HA 270 61.61 -43.35 -46.21
CA ARG HA 270 62.90 -42.78 -46.58
C ARG HA 270 63.21 -43.01 -48.05
N THR HA 271 63.31 -41.90 -48.79
CA THR HA 271 63.74 -41.96 -50.18
C THR HA 271 65.26 -41.94 -50.23
N LEU HA 272 65.83 -42.57 -51.25
CA LEU HA 272 67.28 -42.63 -51.38
C LEU HA 272 67.90 -41.25 -51.56
N SER HA 273 67.92 -40.46 -50.49
CA SER HA 273 68.40 -39.09 -50.54
C SER HA 273 69.39 -38.80 -49.42
N SER HA 274 70.47 -38.13 -49.76
CA SER HA 274 71.49 -37.73 -48.79
C SER HA 274 70.99 -36.57 -47.93
N ASP HA 275 70.42 -35.56 -48.57
CA ASP HA 275 69.91 -34.40 -47.85
C ASP HA 275 68.74 -34.82 -46.96
N SER HA 276 68.90 -34.65 -45.65
CA SER HA 276 67.88 -35.06 -44.69
C SER HA 276 66.63 -34.19 -44.79
N LYS HA 277 66.72 -33.08 -45.50
CA LYS HA 277 65.57 -32.20 -45.69
C LYS HA 277 64.50 -32.89 -46.54
N TRP HA 278 64.96 -33.66 -47.53
CA TRP HA 278 64.07 -34.40 -48.43
C TRP HA 278 64.12 -35.88 -48.10
N ALA HA 279 64.13 -36.20 -46.82
CA ALA HA 279 64.25 -37.57 -46.36
C ALA HA 279 62.99 -38.36 -46.69
N PHE HA 280 61.83 -37.75 -46.47
CA PHE HA 280 60.56 -38.42 -46.74
C PHE HA 280 60.22 -38.31 -48.22
N VAL HA 281 59.61 -39.37 -48.75
CA VAL HA 281 59.14 -39.38 -50.12
C VAL HA 281 57.93 -38.45 -50.24
N THR HA 282 57.26 -38.22 -49.11
CA THR HA 282 56.11 -37.34 -49.05
C THR HA 282 56.45 -35.91 -49.47
N ARG HA 283 57.48 -35.34 -48.83
CA ARG HA 283 57.88 -33.97 -49.09
C ARG HA 283 58.22 -33.76 -50.57
N VAL HA 284 58.94 -34.72 -51.15
CA VAL HA 284 59.33 -34.64 -52.54
C VAL HA 284 58.09 -34.70 -53.43
N ARG HA 285 57.06 -35.39 -52.96
CA ARG HA 285 55.84 -35.59 -53.73
C ARG HA 285 54.91 -34.38 -53.68
N THR HA 286 54.92 -33.68 -52.54
CA THR HA 286 54.08 -32.50 -52.36
C THR HA 286 54.73 -31.27 -52.99
N MET HA 287 56.04 -31.18 -52.86
CA MET HA 287 56.78 -30.02 -53.36
C MET HA 287 56.82 -30.01 -54.88
N ASP HA 288 57.04 -31.18 -55.47
CA ASP HA 288 57.05 -31.30 -56.92
C ASP HA 288 55.67 -31.05 -57.52
N LEU HA 289 54.65 -31.10 -56.67
CA LEU HA 289 53.27 -30.91 -57.11
C LEU HA 289 52.89 -29.43 -57.08
N VAL HA 290 53.09 -28.78 -55.94
CA VAL HA 290 52.74 -27.38 -55.78
C VAL HA 290 53.61 -26.49 -56.69
N MET HA 291 54.80 -26.96 -57.00
CA MET HA 291 55.69 -26.26 -57.92
C MET HA 291 55.11 -26.30 -59.32
N ASP HA 292 54.79 -27.51 -59.79
CA ASP HA 292 54.24 -27.70 -61.12
C ASP HA 292 52.86 -27.05 -61.24
N ALA HA 293 52.18 -26.87 -60.10
CA ALA HA 293 50.86 -26.25 -60.07
C ALA HA 293 50.99 -24.73 -60.26
N ILE HA 294 51.92 -24.14 -59.52
CA ILE HA 294 52.16 -22.69 -59.59
C ILE HA 294 52.75 -22.34 -60.95
N LEU HA 295 53.59 -23.22 -61.47
CA LEU HA 295 54.19 -23.03 -62.78
C LEU HA 295 53.12 -23.02 -63.87
N ALA HA 296 52.36 -24.11 -63.95
CA ALA HA 296 51.32 -24.26 -64.97
C ALA HA 296 50.08 -23.43 -64.63
N GLY HA 297 49.99 -22.96 -63.40
CA GLY HA 297 48.82 -22.22 -62.94
C GLY HA 297 48.82 -20.77 -63.37
N HIS HA 298 49.96 -20.11 -63.16
CA HIS HA 298 50.10 -18.68 -63.47
C HIS HA 298 50.64 -18.48 -64.88
N LYS HA 299 50.14 -19.29 -65.82
CA LYS HA 299 50.48 -19.16 -67.23
C LYS HA 299 49.62 -18.07 -67.86
N TRP HA 300 48.54 -17.70 -67.18
CA TRP HA 300 47.63 -16.66 -67.63
C TRP HA 300 48.26 -15.28 -67.45
N ALA HA 301 49.07 -15.15 -66.41
CA ALA HA 301 49.68 -13.87 -66.07
C ALA HA 301 50.75 -13.52 -67.10
N VAL HA 302 51.99 -13.92 -66.83
CA VAL HA 302 53.13 -13.62 -67.70
C VAL HA 302 53.18 -12.10 -67.96
N ASP HA 303 53.56 -11.70 -69.17
CA ASP HA 303 53.67 -10.28 -69.49
C ASP HA 303 52.31 -9.59 -69.40
N ARG HA 304 52.13 -8.81 -68.35
CA ARG HA 304 50.88 -8.08 -68.12
C ARG HA 304 51.17 -6.89 -67.21
N GLY HA 305 50.33 -5.87 -67.30
CA GLY HA 305 50.50 -4.66 -66.52
C GLY HA 305 50.68 -4.92 -65.03
N ILE HA 306 51.90 -4.67 -64.55
CA ILE HA 306 52.25 -4.97 -63.16
C ILE HA 306 51.78 -3.84 -62.23
N THR HA 307 50.48 -3.59 -62.25
CA THR HA 307 49.88 -2.59 -61.37
C THR HA 307 49.74 -3.20 -59.97
N LYS HA 308 49.55 -2.34 -58.97
CA LYS HA 308 49.34 -2.79 -57.59
C LYS HA 308 48.21 -3.82 -57.49
N THR HA 309 47.23 -3.71 -58.38
CA THR HA 309 46.13 -4.66 -58.42
C THR HA 309 46.63 -6.04 -58.83
N TYR HA 310 47.44 -6.06 -59.87
CA TYR HA 310 47.96 -7.31 -60.43
C TYR HA 310 48.76 -8.09 -59.39
N VAL HA 311 49.58 -7.39 -58.62
CA VAL HA 311 50.38 -8.02 -57.57
C VAL HA 311 49.47 -8.66 -56.53
N LYS HA 312 48.45 -7.92 -56.09
CA LYS HA 312 47.49 -8.43 -55.12
C LYS HA 312 46.65 -9.57 -55.72
N ASP HA 313 46.34 -9.48 -57.01
CA ASP HA 313 45.56 -10.52 -57.67
C ASP HA 313 46.32 -11.83 -57.66
N VAL HA 314 47.63 -11.76 -57.84
CA VAL HA 314 48.49 -12.93 -57.81
C VAL HA 314 48.74 -13.35 -56.37
N THR HA 315 48.96 -12.36 -55.50
CA THR HA 315 49.17 -12.63 -54.09
C THR HA 315 47.96 -13.32 -53.48
N GLU HA 316 46.77 -12.78 -53.74
CA GLU HA 316 45.53 -13.37 -53.26
C GLU HA 316 45.27 -14.71 -53.95
N GLY HA 317 45.89 -14.91 -55.10
CA GLY HA 317 45.77 -16.17 -55.82
C GLY HA 317 46.47 -17.29 -55.08
N LEU HA 318 47.58 -16.95 -54.43
CA LEU HA 318 48.33 -17.89 -53.61
C LEU HA 318 47.73 -18.04 -52.23
N ARG HA 319 47.21 -16.93 -51.69
CA ARG HA 319 46.51 -16.94 -50.41
C ARG HA 319 45.39 -17.97 -50.41
N ALA HA 320 44.49 -17.82 -51.37
CA ALA HA 320 43.33 -18.69 -51.49
C ALA HA 320 43.76 -20.11 -51.84
N PHE HA 321 44.75 -20.22 -52.72
CA PHE HA 321 45.24 -21.52 -53.18
C PHE HA 321 45.80 -22.35 -52.03
N MET HA 322 46.76 -21.79 -51.32
CA MET HA 322 47.42 -22.48 -50.20
C MET HA 322 46.43 -22.78 -49.08
N ARG HA 323 45.45 -21.91 -48.91
CA ARG HA 323 44.44 -22.11 -47.88
C ARG HA 323 43.54 -23.28 -48.24
N ASP HA 324 43.43 -23.59 -49.52
CA ASP HA 324 42.67 -24.76 -49.96
C ASP HA 324 43.47 -26.03 -49.70
N LEU HA 325 44.78 -25.88 -49.52
CA LEU HA 325 45.64 -27.00 -49.16
C LEU HA 325 45.71 -27.19 -47.64
N LYS HA 326 45.56 -26.09 -46.92
CA LYS HA 326 45.65 -26.11 -45.47
C LYS HA 326 44.46 -26.84 -44.85
N ASN HA 327 43.26 -26.34 -45.15
CA ASN HA 327 42.03 -26.93 -44.64
C ASN HA 327 41.83 -28.35 -45.17
N GLN HA 328 42.41 -28.62 -46.35
CA GLN HA 328 42.36 -29.95 -46.94
C GLN HA 328 43.31 -30.90 -46.21
N GLY HA 329 44.34 -30.33 -45.59
CA GLY HA 329 45.29 -31.10 -44.81
C GLY HA 329 46.59 -31.39 -45.55
N ALA HA 330 46.76 -30.77 -46.71
CA ALA HA 330 47.97 -30.97 -47.50
C ALA HA 330 49.17 -30.33 -46.81
N VAL HA 331 48.94 -29.21 -46.16
CA VAL HA 331 49.98 -28.47 -45.46
C VAL HA 331 49.47 -28.06 -44.09
N ILE HA 332 50.38 -27.89 -43.13
CA ILE HA 332 50.01 -27.47 -41.79
C ILE HA 332 49.69 -25.98 -41.80
N ASN HA 333 50.64 -25.19 -42.29
CA ASN HA 333 50.46 -23.74 -42.39
C ASN HA 333 51.38 -23.18 -43.45
N PHE HA 334 51.05 -21.99 -43.94
CA PHE HA 334 51.79 -21.37 -45.03
C PHE HA 334 51.95 -19.87 -44.82
N GLU HA 335 52.61 -19.23 -45.78
CA GLU HA 335 52.80 -17.79 -45.76
C GLU HA 335 53.35 -17.35 -47.11
N VAL HA 336 52.63 -16.45 -47.78
CA VAL HA 336 53.03 -15.99 -49.10
C VAL HA 336 52.95 -14.47 -49.16
N TYR HA 337 53.93 -13.86 -49.83
CA TYR HA 337 54.03 -12.41 -49.90
C TYR HA 337 55.10 -11.99 -50.90
N ALA HA 338 55.14 -10.70 -51.21
CA ALA HA 338 56.14 -10.15 -52.13
C ALA HA 338 57.32 -9.60 -51.33
N ASP HA 339 58.51 -10.13 -51.58
CA ASP HA 339 59.70 -9.72 -50.84
C ASP HA 339 60.06 -8.26 -51.15
N PRO HA 340 60.27 -7.43 -50.11
CA PRO HA 340 60.68 -6.04 -50.34
C PRO HA 340 62.04 -5.92 -51.04
N ASP HA 341 63.01 -6.72 -50.63
CA ASP HA 341 64.37 -6.60 -51.13
C ASP HA 341 64.49 -7.07 -52.59
N LEU HA 342 63.87 -8.20 -52.89
CA LEU HA 342 63.92 -8.76 -54.25
C LEU HA 342 63.24 -7.84 -55.24
N ASN HA 343 61.99 -7.47 -54.95
CA ASN HA 343 61.22 -6.59 -55.81
C ASN HA 343 61.81 -5.18 -55.80
N SER HA 344 62.99 -5.04 -56.40
CA SER HA 344 63.66 -3.75 -56.48
C SER HA 344 63.13 -2.96 -57.67
N ALA HA 345 63.37 -1.66 -57.66
CA ALA HA 345 62.90 -0.78 -58.74
C ALA HA 345 63.47 -1.20 -60.09
N SER HA 346 64.64 -1.84 -60.07
CA SER HA 346 65.32 -2.26 -61.30
C SER HA 346 64.83 -3.63 -61.75
N GLN HA 347 64.49 -4.49 -60.80
CA GLN HA 347 64.02 -5.84 -61.12
C GLN HA 347 62.64 -5.79 -61.79
N LEU HA 348 61.76 -4.96 -61.26
CA LEU HA 348 60.44 -4.77 -61.85
C LEU HA 348 60.53 -4.15 -63.23
N ALA HA 349 61.61 -3.40 -63.46
CA ALA HA 349 61.82 -2.74 -64.76
C ALA HA 349 62.34 -3.72 -65.81
N GLN HA 350 62.57 -4.97 -65.41
CA GLN HA 350 62.95 -6.05 -66.33
C GLN HA 350 61.82 -7.09 -66.42
N GLY HA 351 60.76 -6.86 -65.67
CA GLY HA 351 59.61 -7.76 -65.67
C GLY HA 351 59.62 -8.70 -64.47
N LYS HA 352 60.80 -8.89 -63.87
CA LYS HA 352 60.92 -9.77 -62.71
C LYS HA 352 60.06 -9.27 -61.55
N VAL HA 353 59.29 -10.20 -60.98
CA VAL HA 353 58.50 -9.92 -59.78
C VAL HA 353 58.40 -11.21 -58.98
N TYR HA 354 58.81 -11.16 -57.71
CA TYR HA 354 58.94 -12.36 -56.90
C TYR HA 354 57.85 -12.46 -55.84
N TRP HA 355 57.55 -13.70 -55.45
CA TRP HA 355 56.62 -13.97 -54.36
C TRP HA 355 57.16 -15.10 -53.49
N ASN HA 356 57.62 -14.75 -52.30
CA ASN HA 356 58.22 -15.72 -51.40
C ASN HA 356 57.19 -16.64 -50.77
N ILE HA 357 57.04 -17.84 -51.34
CA ILE HA 357 56.15 -18.84 -50.78
C ILE HA 357 56.93 -19.71 -49.81
N ARG HA 358 56.29 -20.06 -48.70
CA ARG HA 358 56.92 -20.90 -47.68
C ARG HA 358 55.85 -21.59 -46.83
N PHE HA 359 56.11 -22.87 -46.50
CA PHE HA 359 55.17 -23.66 -45.72
C PHE HA 359 55.84 -24.91 -45.19
N THR HA 360 55.06 -25.76 -44.52
CA THR HA 360 55.57 -27.01 -43.96
C THR HA 360 54.69 -28.18 -44.42
N ASP HA 361 55.18 -28.95 -45.38
CA ASP HA 361 54.48 -30.15 -45.82
C ASP HA 361 54.37 -31.13 -44.66
N VAL HA 362 53.25 -31.84 -44.58
CA VAL HA 362 52.99 -32.73 -43.46
C VAL HA 362 53.91 -33.96 -43.51
N PRO HA 363 54.73 -34.17 -42.46
CA PRO HA 363 55.59 -35.36 -42.40
C PRO HA 363 54.86 -36.56 -41.77
N PRO HA 364 55.06 -37.77 -42.31
CA PRO HA 364 54.40 -38.94 -41.70
C PRO HA 364 55.07 -39.35 -40.39
N ALA HA 365 54.28 -39.46 -39.32
CA ALA HA 365 54.79 -39.87 -38.02
C ALA HA 365 55.29 -41.31 -38.07
N GLU HA 366 56.48 -41.51 -38.64
CA GLU HA 366 57.00 -42.85 -38.89
C GLU HA 366 57.46 -43.55 -37.61
N ASN HA 367 57.40 -42.85 -36.48
CA ASN HA 367 57.85 -43.43 -35.22
C ASN HA 367 57.28 -42.68 -34.01
N PRO HA 368 55.98 -42.91 -33.71
CA PRO HA 368 55.34 -42.30 -32.54
C PRO HA 368 55.70 -43.03 -31.25
N ASN HA 369 56.36 -42.32 -30.33
CA ASN HA 369 56.76 -42.88 -29.05
C ASN HA 369 55.68 -42.72 -27.98
N PHE HA 370 55.79 -43.47 -26.90
CA PHE HA 370 54.84 -43.41 -25.79
C PHE HA 370 55.57 -43.56 -24.46
N ARG HA 371 56.11 -42.45 -23.97
CA ARG HA 371 56.85 -42.45 -22.71
C ARG HA 371 55.93 -42.74 -21.54
N VAL HA 372 55.50 -43.98 -21.40
CA VAL HA 372 54.65 -44.39 -20.30
C VAL HA 372 55.50 -44.64 -19.06
N GLU HA 373 54.97 -44.30 -17.90
CA GLU HA 373 55.71 -44.42 -16.65
C GLU HA 373 54.77 -44.31 -15.45
N VAL HA 374 54.76 -45.32 -14.60
CA VAL HA 374 53.97 -45.29 -13.38
C VAL HA 374 54.60 -44.38 -12.36
N THR HA 375 53.91 -44.19 -11.24
CA THR HA 375 54.41 -43.37 -10.14
C THR HA 375 53.59 -43.63 -8.89
N ASP HA 376 53.69 -42.74 -7.92
CA ASP HA 376 52.98 -42.85 -6.67
C ASP HA 376 52.34 -41.50 -6.32
N GLN HA 377 51.92 -40.78 -7.35
CA GLN HA 377 51.37 -39.45 -7.18
C GLN HA 377 49.91 -39.51 -6.71
N TRP HA 378 49.05 -40.05 -7.56
CA TRP HA 378 47.63 -40.15 -7.26
C TRP HA 378 47.32 -41.36 -6.37
N LEU HA 379 47.88 -41.37 -5.17
CA LEU HA 379 47.58 -42.41 -4.19
C LEU HA 379 46.80 -41.83 -3.02
N THR HA 380 47.14 -40.59 -2.66
CA THR HA 380 46.44 -39.89 -1.59
C THR HA 380 44.99 -39.58 -1.99
N GLU HA 381 44.71 -39.69 -3.29
CA GLU HA 381 43.36 -39.49 -3.80
C GLU HA 381 42.43 -40.57 -3.24
N VAL HA 382 43.00 -41.74 -3.00
CA VAL HA 382 42.27 -42.85 -2.41
C VAL HA 382 42.12 -42.58 -0.91
N LEU HA 383 41.23 -41.67 -0.56
CA LEU HA 383 41.05 -41.28 0.83
C LEU HA 383 39.82 -40.40 0.97
N ASP HA 384 39.73 -39.37 0.14
CA ASP HA 384 38.61 -38.46 0.17
C ASP HA 384 38.47 -37.73 -1.17
N SER IA 2 66.34 -43.85 -40.88
CA SER IA 2 64.99 -43.72 -40.32
C SER IA 2 64.99 -44.01 -38.82
N PHE IA 3 65.72 -45.04 -38.44
CA PHE IA 3 65.85 -45.45 -37.04
C PHE IA 3 64.53 -46.04 -36.53
N PHE IA 4 64.55 -47.34 -36.25
CA PHE IA 4 63.40 -48.08 -35.75
C PHE IA 4 62.26 -48.13 -36.77
N HIS IA 5 61.53 -47.02 -36.91
CA HIS IA 5 60.37 -46.94 -37.79
C HIS IA 5 59.30 -47.97 -37.41
N GLY IA 6 58.55 -47.67 -36.36
CA GLY IA 6 57.46 -48.54 -35.93
C GLY IA 6 56.58 -47.84 -34.92
N VAL IA 7 56.68 -48.26 -33.66
CA VAL IA 7 55.93 -47.65 -32.57
C VAL IA 7 56.50 -48.12 -31.24
N THR IA 8 57.35 -47.28 -30.66
CA THR IA 8 58.01 -47.61 -29.41
C THR IA 8 57.07 -47.40 -28.23
N VAL IA 9 57.55 -47.75 -27.04
CA VAL IA 9 56.78 -47.62 -25.82
C VAL IA 9 57.74 -47.79 -24.64
N THR IA 10 58.77 -46.95 -24.62
CA THR IA 10 59.80 -47.05 -23.59
C THR IA 10 59.25 -46.72 -22.21
N ASN IA 11 59.58 -47.57 -21.24
CA ASN IA 11 59.17 -47.37 -19.86
C ASN IA 11 60.18 -46.50 -19.14
N VAL IA 12 59.81 -45.24 -18.88
CA VAL IA 12 60.71 -44.32 -18.20
C VAL IA 12 60.72 -44.64 -16.69
N ASP IA 13 61.81 -45.27 -16.26
CA ASP IA 13 61.93 -45.71 -14.87
C ASP IA 13 62.46 -44.58 -13.98
N ILE IA 14 61.56 -43.65 -13.64
CA ILE IA 14 61.91 -42.56 -12.73
C ILE IA 14 60.76 -42.32 -11.75
N GLY IA 15 61.06 -41.65 -10.65
CA GLY IA 15 60.09 -41.40 -9.60
C GLY IA 15 60.70 -41.71 -8.24
N ALA IA 16 60.12 -41.12 -7.20
CA ALA IA 16 60.61 -41.33 -5.84
C ALA IA 16 60.31 -42.74 -5.36
N ARG IA 17 61.37 -43.54 -5.16
CA ARG IA 17 61.22 -44.90 -4.66
C ARG IA 17 60.80 -44.88 -3.18
N THR IA 18 60.23 -45.99 -2.74
CA THR IA 18 59.82 -46.14 -1.35
C THR IA 18 60.98 -46.67 -0.51
N ILE IA 19 60.94 -46.44 0.79
CA ILE IA 19 61.99 -46.87 1.70
C ILE IA 19 61.38 -47.48 2.96
N ALA IA 20 62.01 -48.54 3.45
CA ALA IA 20 61.52 -49.27 4.62
C ALA IA 20 62.51 -49.20 5.78
N LEU IA 21 62.11 -49.78 6.92
CA LEU IA 21 62.94 -49.82 8.11
C LEU IA 21 63.35 -51.26 8.42
N PRO IA 22 64.45 -51.74 7.80
CA PRO IA 22 64.84 -53.14 7.94
C PRO IA 22 65.34 -53.50 9.34
N ALA IA 23 65.47 -54.80 9.61
CA ALA IA 23 66.03 -55.30 10.86
C ALA IA 23 65.17 -54.92 12.08
N SER IA 24 65.03 -53.62 12.32
CA SER IA 24 64.22 -53.10 13.42
C SER IA 24 64.80 -53.51 14.77
N SER IA 25 64.64 -54.78 15.14
CA SER IA 25 65.09 -55.25 16.44
C SER IA 25 65.29 -56.76 16.44
N VAL IA 26 66.30 -57.22 15.70
CA VAL IA 26 66.67 -58.63 15.70
C VAL IA 26 67.77 -58.84 16.74
N ILE IA 27 67.58 -59.86 17.57
CA ILE IA 27 68.49 -60.13 18.67
C ILE IA 27 69.64 -61.04 18.22
N GLY IA 28 70.84 -60.75 18.71
CA GLY IA 28 72.03 -61.51 18.39
C GLY IA 28 72.63 -62.07 19.66
N LEU IA 29 72.18 -63.28 20.02
CA LEU IA 29 72.58 -63.90 21.27
C LEU IA 29 73.70 -64.91 21.07
N CYS IA 30 74.46 -65.18 22.12
CA CYS IA 30 75.57 -66.12 22.06
C CYS IA 30 75.95 -66.60 23.45
N ASP IA 31 75.25 -67.64 23.93
CA ASP IA 31 75.55 -68.25 25.22
C ASP IA 31 76.25 -69.58 24.97
N VAL IA 32 75.97 -70.59 25.81
CA VAL IA 32 76.58 -71.91 25.65
C VAL IA 32 75.52 -73.00 25.78
N PHE IA 33 75.88 -74.21 25.34
CA PHE IA 33 75.00 -75.36 25.47
C PHE IA 33 75.81 -76.64 25.39
N THR IA 34 75.10 -77.77 25.27
CA THR IA 34 75.75 -79.08 25.22
C THR IA 34 75.31 -79.82 23.94
N PRO IA 35 76.15 -79.77 22.89
CA PRO IA 35 75.79 -80.45 21.65
C PRO IA 35 75.90 -81.97 21.79
N GLY IA 36 74.97 -82.70 21.18
CA GLY IA 36 74.99 -84.15 21.24
C GLY IA 36 73.85 -84.77 20.44
N ALA IA 37 72.80 -85.19 21.14
CA ALA IA 37 71.68 -85.89 20.53
C ALA IA 37 70.55 -84.93 20.17
N GLN IA 38 69.80 -84.50 21.17
CA GLN IA 38 68.64 -83.63 20.96
C GLN IA 38 69.05 -82.26 20.39
N ALA IA 39 70.31 -81.90 20.57
CA ALA IA 39 70.82 -80.62 20.09
C ALA IA 39 71.02 -80.66 18.58
N SER IA 40 70.02 -80.16 17.84
CA SER IA 40 70.07 -80.17 16.38
C SER IA 40 71.08 -79.16 15.86
N ALA IA 41 71.14 -77.99 16.52
CA ALA IA 41 72.06 -76.93 16.11
C ALA IA 41 73.50 -77.39 16.28
N LYS IA 42 74.36 -77.02 15.32
CA LYS IA 42 75.75 -77.43 15.36
C LYS IA 42 76.48 -76.69 16.48
N PRO IA 43 77.67 -77.20 16.88
CA PRO IA 43 78.37 -76.66 18.07
C PRO IA 43 78.86 -75.22 17.94
N ASN IA 44 78.57 -74.53 16.84
CA ASN IA 44 79.12 -73.18 16.68
C ASN IA 44 78.40 -72.31 15.64
N VAL IA 45 77.83 -72.91 14.60
CA VAL IA 45 77.27 -72.12 13.51
C VAL IA 45 76.06 -71.31 13.97
N PRO IA 46 75.80 -70.16 13.32
CA PRO IA 46 74.59 -69.40 13.64
C PRO IA 46 73.31 -70.14 13.25
N VAL IA 47 72.29 -70.08 14.09
CA VAL IA 47 71.01 -70.70 13.81
C VAL IA 47 69.90 -69.69 14.10
N LEU IA 48 68.96 -69.57 13.16
CA LEU IA 48 67.86 -68.64 13.32
C LEU IA 48 66.75 -69.25 14.16
N LEU IA 49 66.11 -68.41 14.96
CA LEU IA 49 65.02 -68.83 15.83
C LEU IA 49 63.77 -68.00 15.56
N THR IA 50 62.68 -68.35 16.24
CA THR IA 50 61.42 -67.63 16.07
C THR IA 50 60.52 -67.87 17.28
N SER IA 51 60.61 -69.06 17.87
CA SER IA 51 59.81 -69.41 19.03
C SER IA 51 60.56 -70.43 19.88
N LYS IA 52 60.03 -70.73 21.06
CA LYS IA 52 60.65 -71.68 21.97
C LYS IA 52 60.79 -73.06 21.33
N LYS IA 53 59.78 -73.45 20.55
CA LYS IA 53 59.81 -74.72 19.85
C LYS IA 53 61.02 -74.84 18.93
N ASP IA 54 61.26 -73.79 18.15
CA ASP IA 54 62.37 -73.79 17.20
C ASP IA 54 63.72 -73.71 17.93
N ALA IA 55 63.68 -73.24 19.18
CA ALA IA 55 64.89 -73.09 19.99
C ALA IA 55 65.16 -74.35 20.82
N ALA IA 56 64.08 -74.98 21.28
CA ALA IA 56 64.19 -76.17 22.13
C ALA IA 56 64.86 -77.31 21.38
N ALA IA 57 64.30 -77.65 20.22
CA ALA IA 57 64.83 -78.74 19.41
C ALA IA 57 66.22 -78.42 18.86
N ALA IA 58 66.58 -77.13 18.87
CA ALA IA 58 67.86 -76.68 18.33
C ALA IA 58 69.00 -76.92 19.31
N PHE IA 59 68.91 -76.32 20.50
CA PHE IA 59 69.97 -76.39 21.49
C PHE IA 59 69.68 -77.44 22.56
N GLY IA 60 68.41 -77.52 22.96
CA GLY IA 60 67.98 -78.48 23.96
C GLY IA 60 67.50 -77.79 25.23
N ILE IA 61 66.79 -78.55 26.06
CA ILE IA 61 66.28 -78.03 27.32
C ILE IA 61 67.36 -78.13 28.39
N GLY IA 62 67.42 -77.14 29.28
CA GLY IA 62 68.41 -77.11 30.34
C GLY IA 62 69.67 -76.39 29.90
N SER IA 63 69.88 -76.30 28.60
CA SER IA 63 71.03 -75.58 28.06
C SER IA 63 71.00 -74.13 28.52
N SER IA 64 72.14 -73.63 28.98
CA SER IA 64 72.24 -72.26 29.50
C SER IA 64 71.79 -71.23 28.48
N ILE IA 65 71.84 -71.59 27.20
CA ILE IA 65 71.41 -70.70 26.13
C ILE IA 65 69.89 -70.68 26.01
N TYR IA 66 69.26 -71.81 26.30
CA TYR IA 66 67.82 -71.94 26.20
C TYR IA 66 67.13 -71.14 27.32
N LEU IA 67 67.78 -71.07 28.47
CA LEU IA 67 67.26 -70.28 29.59
C LEU IA 67 67.28 -68.78 29.25
N ALA IA 68 68.13 -68.41 28.30
CA ALA IA 68 68.24 -67.03 27.85
C ALA IA 68 67.22 -66.74 26.75
N CYS IA 69 67.05 -67.68 25.83
CA CYS IA 69 66.07 -67.55 24.76
C CYS IA 69 64.65 -67.59 25.33
N GLU IA 70 64.44 -68.51 26.26
CA GLU IA 70 63.15 -68.66 26.92
C GLU IA 70 62.79 -67.37 27.68
N ALA IA 71 63.82 -66.72 28.23
CA ALA IA 71 63.63 -65.47 28.96
C ALA IA 71 63.18 -64.36 28.02
N ILE IA 72 63.58 -64.46 26.76
CA ILE IA 72 63.21 -63.47 25.75
C ILE IA 72 61.80 -63.74 25.22
N TYR IA 73 61.52 -64.99 24.89
CA TYR IA 73 60.24 -65.36 24.31
C TYR IA 73 59.11 -65.28 25.34
N ASN IA 74 59.47 -65.50 26.61
CA ASN IA 74 58.50 -65.34 27.69
C ASN IA 74 58.07 -63.88 27.79
N ARG IA 75 59.03 -62.99 27.64
CA ARG IA 75 58.77 -61.56 27.63
C ARG IA 75 57.99 -61.17 26.38
N ALA IA 76 58.67 -61.19 25.24
CA ALA IA 76 58.04 -60.84 23.97
C ALA IA 76 58.75 -61.56 22.82
N GLN IA 77 57.96 -62.12 21.91
CA GLN IA 77 58.49 -62.90 20.80
C GLN IA 77 59.32 -62.04 19.86
N ALA IA 78 60.43 -62.58 19.37
CA ALA IA 78 61.31 -61.85 18.50
C ALA IA 78 62.26 -62.80 17.78
N VAL IA 79 62.86 -62.32 16.69
CA VAL IA 79 63.84 -63.10 15.94
C VAL IA 79 65.17 -63.10 16.68
N ILE IA 80 65.74 -64.29 16.86
CA ILE IA 80 67.02 -64.44 17.54
C ILE IA 80 67.97 -65.28 16.71
N VAL IA 81 68.89 -64.62 16.01
CA VAL IA 81 69.94 -65.31 15.28
C VAL IA 81 71.01 -65.77 16.29
N ALA IA 82 70.63 -66.74 17.10
CA ALA IA 82 71.50 -67.24 18.17
C ALA IA 82 72.68 -68.02 17.58
N VAL IA 83 73.79 -68.02 18.31
CA VAL IA 83 74.99 -68.73 17.89
C VAL IA 83 75.17 -69.98 18.76
N GLY IA 84 75.61 -69.76 20.00
CA GLY IA 84 75.80 -70.85 20.94
C GLY IA 84 77.10 -71.59 20.67
N VAL IA 85 77.88 -71.81 21.73
CA VAL IA 85 79.16 -72.50 21.63
C VAL IA 85 79.30 -73.54 22.74
N GLU IA 86 80.03 -74.60 22.46
CA GLU IA 86 80.23 -75.68 23.43
C GLU IA 86 80.92 -75.17 24.67
N THR IA 87 80.52 -75.70 25.82
CA THR IA 87 81.15 -75.33 27.09
C THR IA 87 82.58 -75.85 27.14
N ALA IA 88 83.48 -75.04 27.71
CA ALA IA 88 84.89 -75.41 27.82
C ALA IA 88 85.23 -75.88 29.23
N GLU IA 89 86.50 -76.18 29.45
CA GLU IA 89 86.96 -76.68 30.74
C GLU IA 89 86.91 -75.58 31.80
N THR IA 90 87.86 -74.66 31.74
CA THR IA 90 87.93 -73.54 32.68
C THR IA 90 87.01 -72.41 32.22
N PRO IA 91 86.50 -71.62 33.17
CA PRO IA 91 85.59 -70.52 32.82
C PRO IA 91 86.29 -69.41 32.04
N GLU IA 92 87.58 -69.23 32.29
CA GLU IA 92 88.36 -68.19 31.63
C GLU IA 92 88.53 -68.50 30.14
N ALA IA 93 88.99 -69.71 29.86
CA ALA IA 93 89.23 -70.14 28.48
C ALA IA 93 87.93 -70.31 27.71
N GLN IA 94 86.82 -70.40 28.44
CA GLN IA 94 85.51 -70.55 27.82
C GLN IA 94 85.13 -69.27 27.09
N ALA IA 95 85.60 -68.14 27.61
CA ALA IA 95 85.31 -66.83 27.02
C ALA IA 95 85.94 -66.71 25.64
N SER IA 96 86.99 -67.49 25.40
CA SER IA 96 87.67 -67.48 24.09
C SER IA 96 86.72 -68.00 23.02
N ALA IA 97 86.07 -69.13 23.30
CA ALA IA 97 85.09 -69.72 22.39
C ALA IA 97 83.90 -68.80 22.23
N VAL IA 98 83.57 -68.05 23.27
CA VAL IA 98 82.45 -67.11 23.22
C VAL IA 98 82.80 -65.96 22.29
N ILE IA 99 83.96 -65.35 22.48
CA ILE IA 99 84.42 -64.29 21.59
C ILE IA 99 84.62 -64.88 20.20
N GLY IA 100 85.43 -65.93 20.12
CA GLY IA 100 85.65 -66.64 18.87
C GLY IA 100 86.58 -65.89 17.94
N GLY IA 101 87.69 -66.52 17.59
CA GLY IA 101 88.64 -65.91 16.68
C GLY IA 101 88.14 -65.99 15.25
N ILE IA 102 88.45 -67.10 14.58
CA ILE IA 102 88.03 -67.30 13.20
C ILE IA 102 88.21 -68.75 12.75
N SER IA 103 89.10 -69.48 13.42
CA SER IA 103 89.35 -70.89 13.15
C SER IA 103 90.02 -71.10 11.79
N ALA IA 104 90.60 -72.28 11.62
CA ALA IA 104 91.30 -72.61 10.36
C ALA IA 104 90.31 -72.80 9.22
N ALA IA 105 89.05 -73.06 9.55
CA ALA IA 105 88.01 -73.27 8.56
C ALA IA 105 87.71 -71.98 7.81
N GLY IA 106 88.03 -70.85 8.44
CA GLY IA 106 87.81 -69.55 7.83
C GLY IA 106 86.49 -68.94 8.27
N GLU IA 107 85.54 -69.80 8.64
CA GLU IA 107 84.22 -69.35 9.07
C GLU IA 107 84.29 -68.69 10.44
N ARG IA 108 83.72 -67.50 10.56
CA ARG IA 108 83.73 -66.74 11.80
C ARG IA 108 83.07 -67.53 12.93
N THR IA 109 83.84 -67.78 13.98
CA THR IA 109 83.38 -68.55 15.13
C THR IA 109 82.93 -67.66 16.29
N GLY IA 110 82.19 -68.24 17.21
CA GLY IA 110 81.79 -67.56 18.42
C GLY IA 110 80.94 -66.34 18.18
N LEU IA 111 81.08 -65.35 19.05
CA LEU IA 111 80.28 -64.13 19.00
C LEU IA 111 80.42 -63.38 17.69
N GLN IA 112 81.57 -63.52 17.04
CA GLN IA 112 81.83 -62.82 15.79
C GLN IA 112 81.06 -63.43 14.62
N ALA IA 113 80.43 -64.58 14.86
CA ALA IA 113 79.65 -65.26 13.84
C ALA IA 113 78.37 -64.51 13.49
N LEU IA 114 78.01 -63.54 14.34
CA LEU IA 114 76.78 -62.78 14.15
C LEU IA 114 76.80 -61.95 12.87
N LEU IA 115 78.00 -61.65 12.39
CA LEU IA 115 78.15 -60.87 11.15
C LEU IA 115 77.60 -61.65 9.95
N ASP IA 116 77.48 -62.96 10.11
CA ASP IA 116 76.99 -63.83 9.05
C ASP IA 116 75.46 -63.89 9.02
N GLY IA 117 74.84 -63.46 10.12
CA GLY IA 117 73.38 -63.52 10.25
C GLY IA 117 72.67 -62.68 9.22
N LYS IA 118 73.36 -61.66 8.70
CA LYS IA 118 72.78 -60.77 7.70
C LYS IA 118 72.77 -61.41 6.32
N SER IA 119 73.90 -62.03 5.96
CA SER IA 119 74.08 -62.63 4.64
C SER IA 119 73.72 -64.11 4.64
N ARG IA 120 72.76 -64.50 5.48
CA ARG IA 120 72.28 -65.87 5.54
C ARG IA 120 70.79 -65.95 5.87
N PHE IA 121 70.35 -65.05 6.76
CA PHE IA 121 68.97 -65.05 7.23
C PHE IA 121 68.27 -63.72 6.94
N ASN IA 122 68.99 -62.80 6.28
CA ASN IA 122 68.46 -61.48 5.99
C ASN IA 122 67.94 -60.79 7.26
N ALA IA 123 68.53 -61.13 8.41
CA ALA IA 123 68.14 -60.59 9.69
C ALA IA 123 69.38 -60.16 10.45
N GLN IA 124 69.84 -58.94 10.17
CA GLN IA 124 71.02 -58.40 10.83
C GLN IA 124 70.74 -58.24 12.33
N PRO IA 125 71.45 -58.98 13.19
CA PRO IA 125 71.20 -58.81 14.63
C PRO IA 125 71.56 -57.40 15.10
N ARG IA 126 70.55 -56.54 15.17
CA ARG IA 126 70.76 -55.15 15.59
C ARG IA 126 70.49 -55.01 17.08
N LEU IA 127 70.89 -56.01 17.84
CA LEU IA 127 70.71 -56.02 19.29
C LEU IA 127 71.48 -57.17 19.90
N LEU IA 128 72.76 -56.93 20.17
CA LEU IA 128 73.64 -57.95 20.73
C LEU IA 128 73.31 -58.24 22.18
N VAL IA 129 73.77 -59.41 22.64
CA VAL IA 129 73.56 -59.84 24.01
C VAL IA 129 74.35 -61.12 24.26
N ALA IA 130 74.94 -61.23 25.44
CA ALA IA 130 75.76 -62.39 25.78
C ALA IA 130 75.59 -62.72 27.27
N PRO IA 131 74.46 -63.37 27.64
CA PRO IA 131 74.17 -63.66 29.05
C PRO IA 131 75.24 -64.51 29.72
N GLY IA 132 75.65 -64.12 30.92
CA GLY IA 132 76.69 -64.85 31.65
C GLY IA 132 78.07 -64.36 31.29
N HIS IA 133 78.36 -64.33 29.99
CA HIS IA 133 79.65 -63.89 29.48
C HIS IA 133 79.62 -62.40 29.09
N SER IA 134 79.79 -61.54 30.09
CA SER IA 134 79.85 -60.10 29.86
C SER IA 134 80.52 -59.39 31.05
N ALA IA 135 80.47 -60.01 32.23
CA ALA IA 135 81.13 -59.47 33.41
C ALA IA 135 82.64 -59.46 33.21
N GLN IA 136 83.13 -60.35 32.35
CA GLN IA 136 84.55 -60.40 32.03
C GLN IA 136 84.93 -59.23 31.12
N GLN IA 137 86.01 -58.55 31.46
CA GLN IA 137 86.47 -57.37 30.72
C GLN IA 137 86.78 -57.72 29.26
N ALA IA 138 87.16 -58.97 29.02
CA ALA IA 138 87.58 -59.41 27.70
C ALA IA 138 86.43 -59.42 26.68
N VAL IA 139 85.47 -60.31 26.92
CA VAL IA 139 84.33 -60.49 26.01
C VAL IA 139 83.51 -59.22 25.84
N ALA IA 140 83.56 -58.35 26.83
CA ALA IA 140 82.76 -57.12 26.82
C ALA IA 140 83.20 -56.18 25.71
N THR IA 141 84.50 -56.14 25.45
CA THR IA 141 85.05 -55.27 24.40
C THR IA 141 84.71 -55.81 23.01
N ALA IA 142 84.67 -57.13 22.89
CA ALA IA 142 84.28 -57.77 21.64
C ALA IA 142 82.84 -57.40 21.28
N MET IA 143 82.01 -57.30 22.30
CA MET IA 143 80.62 -56.87 22.13
C MET IA 143 80.57 -55.42 21.68
N ASP IA 144 81.54 -54.63 22.13
CA ASP IA 144 81.61 -53.22 21.77
C ASP IA 144 82.03 -53.05 20.31
N GLY IA 145 83.09 -53.76 19.92
CA GLY IA 145 83.64 -53.64 18.58
C GLY IA 145 82.68 -54.23 17.56
N LEU IA 146 82.01 -55.30 17.94
CA LEU IA 146 81.08 -55.99 17.04
C LEU IA 146 79.82 -55.18 16.79
N ALA IA 147 79.39 -54.42 17.80
CA ALA IA 147 78.17 -53.62 17.71
C ALA IA 147 78.29 -52.55 16.62
N GLU IA 148 79.49 -52.00 16.48
CA GLU IA 148 79.74 -50.95 15.49
C GLU IA 148 79.71 -51.51 14.07
N LYS IA 149 80.00 -52.81 13.94
CA LYS IA 149 79.95 -53.48 12.65
C LYS IA 149 78.50 -53.73 12.25
N LEU IA 150 77.66 -53.98 13.25
CA LEU IA 150 76.25 -54.28 13.03
C LEU IA 150 75.36 -53.09 13.35
N ARG IA 151 75.96 -52.01 13.85
CA ARG IA 151 75.20 -50.83 14.26
C ARG IA 151 74.13 -51.21 15.30
N ALA IA 152 74.49 -52.14 16.18
CA ALA IA 152 73.56 -52.68 17.17
C ALA IA 152 73.76 -51.98 18.52
N ILE IA 153 73.15 -52.54 19.56
CA ILE IA 153 73.29 -52.03 20.91
C ILE IA 153 73.57 -53.19 21.85
N ALA IA 154 74.85 -53.45 22.09
CA ALA IA 154 75.27 -54.57 22.92
C ALA IA 154 74.86 -54.38 24.38
N ILE IA 155 74.00 -55.28 24.86
CA ILE IA 155 73.54 -55.23 26.25
C ILE IA 155 74.45 -56.09 27.12
N LEU IA 156 75.29 -55.43 27.93
CA LEU IA 156 76.17 -56.12 28.86
C LEU IA 156 75.43 -56.46 30.14
N ASP IA 157 76.15 -57.07 31.08
CA ASP IA 157 75.59 -57.40 32.39
C ASP IA 157 76.72 -57.52 33.41
N GLY IA 158 77.00 -56.42 34.12
CA GLY IA 158 78.10 -56.37 35.06
C GLY IA 158 77.88 -57.29 36.25
N PRO IA 159 78.95 -57.54 37.01
CA PRO IA 159 78.89 -58.45 38.16
C PRO IA 159 78.05 -57.87 39.29
N ASN IA 160 77.39 -58.75 40.04
CA ASN IA 160 76.58 -58.33 41.18
C ASN IA 160 77.48 -57.87 42.32
N SER IA 161 77.74 -58.75 43.28
CA SER IA 161 78.59 -58.43 44.42
C SER IA 161 78.12 -57.17 45.13
N THR IA 162 78.39 -56.02 44.53
CA THR IA 162 78.01 -54.73 45.10
C THR IA 162 77.97 -53.64 44.04
N ASP IA 163 77.54 -52.45 44.43
CA ASP IA 163 77.39 -51.32 43.51
C ASP IA 163 78.75 -50.74 43.14
N GLU IA 164 79.68 -50.77 44.09
CA GLU IA 164 81.02 -50.21 43.89
C GLU IA 164 81.71 -50.92 42.72
N ALA IA 165 81.47 -52.22 42.60
CA ALA IA 165 82.09 -53.04 41.56
C ALA IA 165 81.45 -52.79 40.19
N ALA IA 166 80.20 -52.31 40.21
CA ALA IA 166 79.45 -52.05 38.99
C ALA IA 166 79.87 -50.73 38.37
N VAL IA 167 80.08 -49.72 39.22
CA VAL IA 167 80.49 -48.40 38.75
C VAL IA 167 81.92 -48.45 38.21
N ALA IA 168 82.79 -49.17 38.90
CA ALA IA 168 84.18 -49.30 38.52
C ALA IA 168 84.34 -50.08 37.21
N TYR IA 169 83.28 -50.83 36.86
CA TYR IA 169 83.29 -51.64 35.64
C TYR IA 169 82.84 -50.81 34.44
N ALA IA 170 81.84 -49.96 34.64
CA ALA IA 170 81.30 -49.12 33.59
C ALA IA 170 82.29 -48.01 33.21
N LYS IA 171 83.13 -47.64 34.17
CA LYS IA 171 84.13 -46.59 33.97
C LYS IA 171 85.11 -46.96 32.84
N ASN IA 172 85.14 -48.25 32.49
CA ASN IA 172 86.04 -48.77 31.47
C ASN IA 172 85.59 -48.38 30.06
N PHE IA 173 84.31 -48.59 29.78
CA PHE IA 173 83.77 -48.36 28.45
C PHE IA 173 83.28 -46.93 28.29
N GLY IA 174 82.96 -46.56 27.05
CA GLY IA 174 82.44 -45.23 26.76
C GLY IA 174 81.88 -45.12 25.35
N SER IA 175 81.48 -46.25 24.78
CA SER IA 175 80.98 -46.29 23.41
C SER IA 175 79.46 -46.09 23.35
N LYS IA 176 78.99 -45.52 22.25
CA LYS IA 176 77.56 -45.28 22.06
C LYS IA 176 76.74 -46.56 22.19
N ARG IA 177 77.33 -47.67 21.80
CA ARG IA 177 76.61 -48.94 21.66
C ARG IA 177 76.89 -49.89 22.81
N LEU IA 178 76.58 -49.46 24.02
CA LEU IA 178 76.71 -50.30 25.20
C LEU IA 178 75.66 -49.90 26.24
N PHE IA 179 74.83 -50.86 26.61
CA PHE IA 179 73.75 -50.63 27.55
C PHE IA 179 73.78 -51.69 28.64
N MET IA 180 74.59 -51.44 29.67
CA MET IA 180 74.83 -52.43 30.71
C MET IA 180 73.75 -52.37 31.79
N VAL IA 181 73.49 -53.53 32.39
CA VAL IA 181 72.59 -53.65 33.53
C VAL IA 181 73.34 -54.36 34.65
N ASP IA 182 73.37 -53.75 35.83
CA ASP IA 182 74.19 -54.24 36.93
C ASP IA 182 73.50 -55.32 37.77
N PRO IA 183 72.38 -54.99 38.44
CA PRO IA 183 71.78 -55.98 39.35
C PRO IA 183 71.27 -57.22 38.62
N GLY IA 184 71.82 -58.39 38.97
CA GLY IA 184 71.45 -59.63 38.32
C GLY IA 184 70.14 -60.17 38.85
N VAL IA 185 69.08 -60.06 38.05
CA VAL IA 185 67.77 -60.57 38.42
C VAL IA 185 67.83 -62.09 38.59
N GLN IA 186 67.04 -62.62 39.51
CA GLN IA 186 66.99 -64.07 39.73
C GLN IA 186 65.66 -64.64 39.25
N VAL IA 187 65.75 -65.69 38.43
CA VAL IA 187 64.58 -66.34 37.87
C VAL IA 187 64.37 -67.70 38.54
N TRP IA 188 63.15 -68.20 38.50
CA TRP IA 188 62.84 -69.51 39.04
C TRP IA 188 63.11 -70.60 38.00
N ASP IA 189 64.29 -71.23 38.08
CA ASP IA 189 64.66 -72.27 37.13
C ASP IA 189 63.74 -73.49 37.29
N SER IA 190 63.35 -74.09 36.17
CA SER IA 190 62.46 -75.24 36.17
C SER IA 190 63.19 -76.52 36.58
N ALA IA 191 64.45 -76.62 36.15
CA ALA IA 191 65.24 -77.82 36.40
C ALA IA 191 65.67 -77.90 37.87
N THR IA 192 66.05 -76.76 38.44
CA THR IA 192 66.52 -76.71 39.81
C THR IA 192 65.35 -76.70 40.80
N ASN IA 193 64.19 -76.25 40.32
CA ASN IA 193 62.98 -76.17 41.13
C ASN IA 193 63.17 -75.28 42.34
N ALA IA 194 63.90 -74.18 42.14
CA ALA IA 194 64.13 -73.20 43.20
C ALA IA 194 64.70 -71.92 42.60
N ALA IA 195 65.10 -70.99 43.47
CA ALA IA 195 65.67 -69.73 43.03
C ALA IA 195 66.95 -69.97 42.25
N ARG IA 196 67.27 -69.05 41.34
CA ARG IA 196 68.43 -69.20 40.49
C ARG IA 196 68.80 -67.87 39.86
N ASN IA 197 69.97 -67.35 40.20
CA ASN IA 197 70.42 -66.05 39.71
C ASN IA 197 70.70 -66.09 38.21
N ALA IA 198 70.26 -65.04 37.51
CA ALA IA 198 70.45 -64.92 36.06
C ALA IA 198 71.27 -63.67 35.74
N PRO IA 199 71.85 -63.61 34.53
CA PRO IA 199 72.66 -62.45 34.14
C PRO IA 199 71.83 -61.20 33.83
N ALA IA 200 70.52 -61.36 33.69
CA ALA IA 200 69.61 -60.23 33.43
C ALA IA 200 69.93 -59.54 32.11
N SER IA 201 70.70 -60.21 31.26
CA SER IA 201 71.10 -59.65 29.97
C SER IA 201 70.02 -59.93 28.93
N ALA IA 202 69.63 -61.19 28.84
CA ALA IA 202 68.61 -61.62 27.88
C ALA IA 202 67.24 -61.05 28.23
N TYR IA 203 66.97 -60.89 29.52
CA TYR IA 203 65.71 -60.32 29.98
C TYR IA 203 65.58 -58.87 29.55
N ALA IA 204 66.69 -58.14 29.61
CA ALA IA 204 66.73 -56.75 29.18
C ALA IA 204 66.69 -56.66 27.66
N ALA IA 205 67.15 -57.71 26.99
CA ALA IA 205 67.15 -57.77 25.54
C ALA IA 205 65.74 -58.01 25.00
N GLY IA 206 65.09 -59.03 25.56
CA GLY IA 206 63.72 -59.35 25.17
C GLY IA 206 62.79 -58.20 25.51
N LEU IA 207 63.14 -57.47 26.55
CA LEU IA 207 62.36 -56.31 26.98
C LEU IA 207 62.33 -55.23 25.90
N PHE IA 208 63.46 -55.03 25.23
CA PHE IA 208 63.53 -54.09 24.11
C PHE IA 208 62.59 -54.54 22.99
N ALA IA 209 62.69 -55.82 22.65
CA ALA IA 209 61.91 -56.40 21.55
C ALA IA 209 60.42 -56.22 21.77
N TRP IA 210 60.03 -56.13 23.05
CA TRP IA 210 58.63 -55.94 23.41
C TRP IA 210 58.18 -54.52 23.07
N THR IA 211 59.01 -53.54 23.42
CA THR IA 211 58.71 -52.13 23.18
C THR IA 211 58.84 -51.79 21.70
N ASP IA 212 59.83 -52.39 21.05
CA ASP IA 212 60.10 -52.14 19.64
C ASP IA 212 58.96 -52.64 18.76
N ALA IA 213 58.42 -53.80 19.12
CA ALA IA 213 57.31 -54.39 18.38
C ALA IA 213 56.01 -53.68 18.73
N GLU IA 214 55.93 -53.17 19.95
CA GLU IA 214 54.72 -52.50 20.44
C GLU IA 214 54.72 -51.02 20.05
N TYR IA 215 55.44 -50.20 20.81
CA TYR IA 215 55.50 -48.77 20.55
C TYR IA 215 56.32 -48.50 19.30
N GLY IA 216 57.58 -48.92 19.32
CA GLY IA 216 58.50 -48.72 18.22
C GLY IA 216 59.94 -48.69 18.69
N PHE IA 217 60.86 -48.86 17.75
CA PHE IA 217 62.29 -48.81 18.06
C PHE IA 217 62.66 -47.46 18.66
N TRP IA 218 61.92 -46.42 18.27
CA TRP IA 218 62.17 -45.07 18.76
C TRP IA 218 61.69 -44.91 20.19
N SER IA 219 60.84 -45.84 20.65
CA SER IA 219 60.34 -45.79 22.02
C SER IA 219 61.42 -46.25 22.98
N SER IA 220 61.51 -45.60 24.14
CA SER IA 220 62.49 -45.98 25.15
C SER IA 220 62.06 -47.28 25.84
N PRO IA 221 63.02 -48.18 26.10
CA PRO IA 221 62.69 -49.46 26.74
C PRO IA 221 62.51 -49.34 28.26
N SER IA 222 63.18 -48.36 28.86
CA SER IA 222 63.16 -48.18 30.31
C SER IA 222 61.74 -48.04 30.87
N ASN IA 223 61.60 -48.26 32.17
CA ASN IA 223 60.32 -48.11 32.84
C ASN IA 223 59.26 -49.05 32.27
N LYS IA 224 59.70 -50.21 31.79
CA LYS IA 224 58.80 -51.25 31.30
C LYS IA 224 59.04 -52.52 32.09
N GLU IA 225 57.95 -53.12 32.56
CA GLU IA 225 58.03 -54.28 33.45
C GLU IA 225 58.53 -55.51 32.73
N ILE IA 226 59.41 -56.25 33.39
CA ILE IA 226 59.96 -57.48 32.83
C ILE IA 226 59.32 -58.71 33.50
N LYS IA 227 58.97 -59.70 32.68
CA LYS IA 227 58.36 -60.93 33.16
C LYS IA 227 59.40 -62.03 33.35
N GLY IA 228 58.99 -63.15 33.94
CA GLY IA 228 59.88 -64.28 34.14
C GLY IA 228 60.94 -63.98 35.19
N VAL IA 229 60.49 -63.43 36.31
CA VAL IA 229 61.38 -63.05 37.40
C VAL IA 229 60.79 -63.54 38.73
N THR IA 230 61.53 -63.32 39.81
CA THR IA 230 61.07 -63.73 41.14
C THR IA 230 61.98 -63.19 42.25
N GLY IA 231 62.52 -62.01 42.02
CA GLY IA 231 63.44 -61.38 42.97
C GLY IA 231 64.65 -60.84 42.23
N THR IA 232 65.48 -60.05 42.91
CA THR IA 232 66.65 -59.46 42.29
C THR IA 232 67.84 -59.49 43.26
N SER IA 233 68.96 -60.01 42.78
CA SER IA 233 70.18 -60.03 43.57
C SER IA 233 70.59 -58.62 43.95
N ARG IA 234 70.85 -58.42 45.24
CA ARG IA 234 71.20 -57.11 45.78
C ARG IA 234 70.05 -56.13 45.56
N PRO IA 235 69.11 -56.05 46.52
CA PRO IA 235 67.93 -55.20 46.33
C PRO IA 235 68.29 -53.73 46.20
N VAL IA 236 68.32 -53.23 44.97
CA VAL IA 236 68.59 -51.83 44.71
C VAL IA 236 67.41 -50.99 45.18
N GLU IA 237 67.67 -50.11 46.15
CA GLU IA 237 66.62 -49.31 46.77
C GLU IA 237 66.12 -48.23 45.82
N PHE IA 238 64.85 -47.87 45.96
CA PHE IA 238 64.27 -46.79 45.19
C PHE IA 238 63.13 -46.13 45.95
N LEU IA 239 63.33 -44.87 46.33
CA LEU IA 239 62.32 -44.12 47.06
C LEU IA 239 61.22 -43.64 46.11
N ASP IA 240 60.22 -42.97 46.66
CA ASP IA 240 59.10 -42.47 45.86
C ASP IA 240 59.58 -41.39 44.89
N GLY IA 241 60.44 -40.50 45.37
CA GLY IA 241 60.96 -39.42 44.56
C GLY IA 241 62.06 -38.66 45.26
N ASP IA 242 63.29 -39.15 45.15
CA ASP IA 242 64.45 -38.50 45.76
C ASP IA 242 65.74 -38.98 45.08
N GLU IA 243 66.66 -38.04 44.88
CA GLU IA 243 67.94 -38.34 44.24
C GLU IA 243 68.86 -39.12 45.18
N THR IA 244 68.44 -39.24 46.44
CA THR IA 244 69.25 -39.93 47.45
C THR IA 244 69.21 -41.45 47.27
N CYS IA 245 68.19 -41.94 46.57
CA CYS IA 245 68.04 -43.37 46.35
C CYS IA 245 69.19 -43.91 45.52
N ARG IA 246 69.52 -45.18 45.74
CA ARG IA 246 70.69 -45.78 45.11
C ARG IA 246 70.45 -46.12 43.64
N ALA IA 247 69.18 -46.34 43.30
CA ALA IA 247 68.82 -46.66 41.92
C ALA IA 247 69.23 -45.53 40.98
N ASN IA 248 69.23 -44.31 41.50
CA ASN IA 248 69.58 -43.13 40.74
C ASN IA 248 71.09 -43.01 40.53
N LEU IA 249 71.85 -43.32 41.57
CA LEU IA 249 73.31 -43.18 41.54
C LEU IA 249 73.95 -44.05 40.46
N LEU IA 250 73.38 -45.22 40.22
CA LEU IA 250 73.90 -46.11 39.19
C LEU IA 250 73.59 -45.56 37.80
N ASN IA 251 72.46 -44.87 37.65
CA ASN IA 251 72.09 -44.26 36.38
C ASN IA 251 73.02 -43.11 36.02
N ASN IA 252 73.58 -42.47 37.04
CA ASN IA 252 74.56 -41.40 36.84
C ASN IA 252 75.84 -41.97 36.23
N ALA IA 253 76.12 -43.23 36.54
CA ALA IA 253 77.28 -43.93 35.98
C ALA IA 253 76.90 -44.68 34.72
N ASN IA 254 75.76 -44.31 34.13
CA ASN IA 254 75.27 -44.95 32.91
C ASN IA 254 75.06 -46.44 33.13
N ILE IA 255 74.10 -46.78 33.98
CA ILE IA 255 73.79 -48.18 34.27
C ILE IA 255 72.29 -48.40 34.42
N ALA IA 256 71.81 -49.48 33.81
CA ALA IA 256 70.42 -49.87 33.93
C ALA IA 256 70.23 -50.70 35.20
N THR IA 257 69.06 -50.59 35.81
CA THR IA 257 68.79 -51.29 37.06
C THR IA 257 67.33 -51.73 37.15
N ILE IA 258 67.10 -52.87 37.81
CA ILE IA 258 65.76 -53.38 38.05
C ILE IA 258 65.32 -52.96 39.45
N ILE IA 259 64.28 -52.15 39.52
CA ILE IA 259 63.86 -51.55 40.78
C ILE IA 259 62.72 -52.32 41.44
N ARG IA 260 62.48 -52.01 42.71
CA ARG IA 260 61.41 -52.58 43.51
C ARG IA 260 61.52 -54.09 43.68
N ASP IA 261 60.64 -54.64 44.51
CA ASP IA 261 60.68 -56.06 44.86
C ASP IA 261 60.45 -56.93 43.64
N ASP IA 262 60.77 -58.22 43.77
CA ASP IA 262 60.55 -59.19 42.70
C ASP IA 262 61.29 -58.83 41.42
N GLY IA 263 60.83 -57.78 40.75
CA GLY IA 263 61.40 -57.34 39.49
C GLY IA 263 60.37 -56.50 38.77
N TYR IA 264 59.92 -55.45 39.44
CA TYR IA 264 58.83 -54.61 38.96
C TYR IA 264 59.12 -54.07 37.57
N ARG IA 265 60.26 -53.40 37.41
CA ARG IA 265 60.61 -52.82 36.12
C ARG IA 265 62.08 -52.43 36.01
N LEU IA 266 62.55 -52.29 34.78
CA LEU IA 266 63.92 -51.89 34.49
C LEU IA 266 63.94 -50.48 33.93
N TRP IA 267 64.98 -49.72 34.27
CA TRP IA 267 65.17 -48.40 33.67
C TRP IA 267 66.63 -47.96 33.74
N GLY IA 268 66.94 -46.83 33.11
CA GLY IA 268 68.29 -46.30 33.04
C GLY IA 268 68.67 -46.13 31.58
N ASN IA 269 68.07 -45.13 30.94
CA ASN IA 269 68.25 -44.92 29.51
C ASN IA 269 69.68 -44.58 29.13
N ARG IA 270 70.45 -44.06 30.07
CA ARG IA 270 71.83 -43.67 29.82
C ARG IA 270 72.68 -44.85 29.35
N THR IA 271 73.16 -44.75 28.12
CA THR IA 271 74.09 -45.74 27.58
C THR IA 271 75.50 -45.36 27.99
N LEU IA 272 76.37 -46.35 28.16
CA LEU IA 272 77.74 -46.10 28.58
C LEU IA 272 78.50 -45.27 27.55
N SER IA 273 78.17 -43.98 27.46
CA SER IA 273 78.76 -43.10 26.45
C SER IA 273 79.25 -41.80 27.08
N SER IA 274 80.44 -41.38 26.69
CA SER IA 274 81.03 -40.14 27.17
C SER IA 274 80.35 -38.93 26.51
N ASP IA 275 80.17 -39.00 25.20
CA ASP IA 275 79.52 -37.91 24.47
C ASP IA 275 78.07 -37.79 24.90
N SER IA 276 77.72 -36.63 25.47
CA SER IA 276 76.37 -36.40 25.98
C SER IA 276 75.33 -36.31 24.87
N LYS IA 277 75.80 -36.20 23.63
CA LYS IA 277 74.91 -36.15 22.48
C LYS IA 277 74.20 -37.49 22.28
N TRP IA 278 74.93 -38.57 22.55
CA TRP IA 278 74.40 -39.92 22.43
C TRP IA 278 74.18 -40.53 23.81
N ALA IA 279 73.65 -39.70 24.72
CA ALA IA 279 73.46 -40.12 26.11
C ALA IA 279 72.37 -41.17 26.21
N PHE IA 280 71.27 -40.96 25.49
CA PHE IA 280 70.16 -41.91 25.51
C PHE IA 280 70.42 -43.07 24.57
N VAL IA 281 69.99 -44.26 25.00
CA VAL IA 281 70.07 -45.45 24.16
C VAL IA 281 69.11 -45.32 22.99
N THR IA 282 68.08 -44.50 23.17
CA THR IA 282 67.07 -44.26 22.14
C THR IA 282 67.69 -43.67 20.88
N ARG IA 283 68.43 -42.57 21.04
CA ARG IA 283 69.04 -41.87 19.92
C ARG IA 283 69.93 -42.79 19.10
N VAL IA 284 70.73 -43.58 19.81
CA VAL IA 284 71.64 -44.52 19.15
C VAL IA 284 70.85 -45.58 18.38
N ARG IA 285 69.65 -45.88 18.88
CA ARG IA 285 68.82 -46.93 18.29
C ARG IA 285 68.05 -46.43 17.07
N THR IA 286 67.68 -45.15 17.06
CA THR IA 286 66.95 -44.55 15.95
C THR IA 286 67.91 -44.16 14.82
N MET IA 287 69.07 -43.65 15.21
CA MET IA 287 70.05 -43.16 14.24
C MET IA 287 70.67 -44.31 13.47
N ASP IA 288 71.00 -45.38 14.18
CA ASP IA 288 71.57 -46.58 13.56
C ASP IA 288 70.56 -47.26 12.64
N LEU IA 289 69.29 -46.92 12.81
CA LEU IA 289 68.22 -47.51 12.01
C LEU IA 289 67.98 -46.74 10.72
N VAL IA 290 67.79 -45.43 10.83
CA VAL IA 290 67.54 -44.58 9.67
C VAL IA 290 68.75 -44.54 8.76
N MET IA 291 69.94 -44.72 9.33
CA MET IA 291 71.17 -44.78 8.56
C MET IA 291 71.19 -46.05 7.72
N ASP IA 292 70.97 -47.19 8.36
CA ASP IA 292 70.95 -48.49 7.68
C ASP IA 292 69.79 -48.57 6.68
N ALA IA 293 68.75 -47.77 6.91
CA ALA IA 293 67.60 -47.74 6.03
C ALA IA 293 67.92 -46.97 4.75
N ILE IA 294 68.54 -45.81 4.92
CA ILE IA 294 68.92 -44.97 3.78
C ILE IA 294 70.02 -45.65 2.98
N LEU IA 295 70.91 -46.34 3.69
CA LEU IA 295 71.99 -47.08 3.05
C LEU IA 295 71.44 -48.20 2.17
N ALA IA 296 70.67 -49.09 2.78
CA ALA IA 296 70.10 -50.23 2.08
C ALA IA 296 68.91 -49.84 1.21
N GLY IA 297 68.39 -48.64 1.42
CA GLY IA 297 67.20 -48.18 0.72
C GLY IA 297 67.52 -47.67 -0.67
N HIS IA 298 68.53 -46.81 -0.77
CA HIS IA 298 68.91 -46.19 -2.04
C HIS IA 298 69.98 -47.02 -2.76
N LYS IA 299 69.81 -48.33 -2.72
CA LYS IA 299 70.69 -49.25 -3.44
C LYS IA 299 70.25 -49.34 -4.90
N TRP IA 300 69.02 -48.89 -5.17
CA TRP IA 300 68.47 -48.90 -6.52
C TRP IA 300 69.09 -47.79 -7.36
N ALA IA 301 69.45 -46.69 -6.70
CA ALA IA 301 69.99 -45.52 -7.38
C ALA IA 301 71.40 -45.83 -7.87
N VAL IA 302 72.40 -45.52 -7.05
CA VAL IA 302 73.80 -45.70 -7.38
C VAL IA 302 74.09 -45.01 -8.73
N ASP IA 303 74.94 -45.60 -9.57
CA ASP IA 303 75.30 -45.00 -10.83
C ASP IA 303 74.09 -44.91 -11.75
N ARG IA 304 73.58 -43.68 -11.91
CA ARG IA 304 72.42 -43.43 -12.76
C ARG IA 304 72.44 -41.97 -13.18
N GLY IA 305 71.79 -41.67 -14.30
CA GLY IA 305 71.76 -40.31 -14.84
C GLY IA 305 71.33 -39.28 -13.81
N ILE IA 306 72.27 -38.43 -13.41
CA ILE IA 306 72.03 -37.44 -12.36
C ILE IA 306 71.34 -36.21 -12.95
N THR IA 307 70.17 -36.42 -13.55
CA THR IA 307 69.38 -35.32 -14.08
C THR IA 307 68.63 -34.64 -12.93
N LYS IA 308 68.15 -33.42 -13.18
CA LYS IA 308 67.38 -32.68 -12.18
C LYS IA 308 66.22 -33.50 -11.62
N THR IA 309 65.67 -34.39 -12.45
CA THR IA 309 64.59 -35.27 -12.04
C THR IA 309 65.08 -36.25 -10.98
N TYR IA 310 66.24 -36.85 -11.25
CA TYR IA 310 66.82 -37.86 -10.36
C TYR IA 310 67.07 -37.29 -8.96
N VAL IA 311 67.59 -36.06 -8.90
CA VAL IA 311 67.85 -35.41 -7.62
C VAL IA 311 66.55 -35.21 -6.84
N LYS IA 312 65.52 -34.73 -7.52
CA LYS IA 312 64.21 -34.54 -6.92
C LYS IA 312 63.56 -35.88 -6.54
N ASP IA 313 63.79 -36.91 -7.35
CA ASP IA 313 63.24 -38.24 -7.08
C ASP IA 313 63.81 -38.78 -5.78
N VAL IA 314 65.09 -38.52 -5.55
CA VAL IA 314 65.75 -38.96 -4.32
C VAL IA 314 65.40 -38.01 -3.18
N THR IA 315 65.34 -36.72 -3.48
CA THR IA 315 64.96 -35.73 -2.48
C THR IA 315 63.55 -35.98 -1.98
N GLU IA 316 62.61 -36.19 -2.90
CA GLU IA 316 61.23 -36.50 -2.54
C GLU IA 316 61.13 -37.87 -1.88
N GLY IA 317 62.14 -38.71 -2.11
CA GLY IA 317 62.19 -40.03 -1.50
C GLY IA 317 62.44 -39.91 -0.01
N LEU IA 318 63.23 -38.91 0.37
CA LEU IA 318 63.53 -38.62 1.77
C LEU IA 318 62.41 -37.81 2.41
N ARG IA 319 61.82 -36.89 1.62
CA ARG IA 319 60.69 -36.09 2.08
C ARG IA 319 59.56 -36.99 2.58
N ALA IA 320 59.13 -37.91 1.71
CA ALA IA 320 58.03 -38.81 2.02
C ALA IA 320 58.45 -39.78 3.12
N PHE IA 321 59.68 -40.26 3.05
CA PHE IA 321 60.18 -41.23 4.02
C PHE IA 321 60.17 -40.67 5.44
N MET IA 322 60.83 -39.53 5.63
CA MET IA 322 60.92 -38.90 6.94
C MET IA 322 59.56 -38.48 7.46
N ARG IA 323 58.68 -38.10 6.55
CA ARG IA 323 57.33 -37.70 6.93
C ARG IA 323 56.53 -38.90 7.43
N ASP IA 324 56.91 -40.10 7.00
CA ASP IA 324 56.28 -41.31 7.50
C ASP IA 324 56.79 -41.64 8.90
N LEU IA 325 57.93 -41.06 9.26
CA LEU IA 325 58.48 -41.19 10.60
C LEU IA 325 57.93 -40.12 11.54
N LYS IA 326 57.61 -38.97 10.97
CA LYS IA 326 57.13 -37.84 11.75
C LYS IA 326 55.73 -38.11 12.29
N ASN IA 327 54.79 -38.37 11.39
CA ASN IA 327 53.41 -38.66 11.76
C ASN IA 327 53.31 -39.93 12.58
N GLN IA 328 54.27 -40.84 12.39
CA GLN IA 328 54.34 -42.08 13.14
C GLN IA 328 54.83 -41.81 14.56
N GLY IA 329 55.59 -40.73 14.71
CA GLY IA 329 56.09 -40.31 16.02
C GLY IA 329 57.54 -40.69 16.26
N ALA IA 330 58.21 -41.19 15.22
CA ALA IA 330 59.60 -41.59 15.34
C ALA IA 330 60.49 -40.36 15.54
N VAL IA 331 60.12 -39.26 14.88
CA VAL IA 331 60.87 -38.02 14.96
C VAL IA 331 59.91 -36.87 15.16
N ILE IA 332 60.38 -35.79 15.79
CA ILE IA 332 59.56 -34.61 16.00
C ILE IA 332 59.41 -33.85 14.69
N ASN IA 333 60.54 -33.50 14.09
CA ASN IA 333 60.54 -32.80 12.81
C ASN IA 333 61.85 -33.04 12.09
N PHE IA 334 61.85 -32.81 10.78
CA PHE IA 334 63.01 -33.10 9.95
C PHE IA 334 63.22 -32.03 8.89
N GLU IA 335 64.25 -32.21 8.08
CA GLU IA 335 64.56 -31.31 6.98
C GLU IA 335 65.63 -31.94 6.11
N VAL IA 336 65.31 -32.14 4.83
CA VAL IA 336 66.23 -32.78 3.91
C VAL IA 336 66.33 -31.97 2.62
N TYR IA 337 67.54 -31.88 2.07
CA TYR IA 337 67.79 -31.06 0.89
C TYR IA 337 69.20 -31.29 0.37
N ALA IA 338 69.48 -30.78 -0.83
CA ALA IA 338 70.80 -30.89 -1.44
C ALA IA 338 71.62 -29.64 -1.12
N ASP IA 339 72.76 -29.82 -0.48
CA ASP IA 339 73.60 -28.69 -0.08
C ASP IA 339 74.19 -27.99 -1.31
N PRO IA 340 74.04 -26.65 -1.40
CA PRO IA 340 74.64 -25.91 -2.52
C PRO IA 340 76.16 -26.01 -2.57
N ASP IA 341 76.82 -25.90 -1.42
CA ASP IA 341 78.28 -25.85 -1.38
C ASP IA 341 78.91 -27.20 -1.68
N LEU IA 342 78.36 -28.27 -1.11
CA LEU IA 342 78.88 -29.62 -1.33
C LEU IA 342 78.73 -30.03 -2.78
N ASN IA 343 77.50 -29.94 -3.29
CA ASN IA 343 77.22 -30.29 -4.68
C ASN IA 343 77.88 -29.31 -5.64
N SER IA 344 79.22 -29.37 -5.70
CA SER IA 344 79.98 -28.51 -6.60
C SER IA 344 80.01 -29.12 -8.00
N ALA IA 345 80.37 -28.30 -8.98
CA ALA IA 345 80.43 -28.74 -10.36
C ALA IA 345 81.45 -29.87 -10.55
N SER IA 346 82.45 -29.91 -9.67
CA SER IA 346 83.51 -30.91 -9.74
C SER IA 346 83.12 -32.19 -9.01
N GLN IA 347 82.36 -32.04 -7.93
CA GLN IA 347 81.92 -33.19 -7.13
C GLN IA 347 80.94 -34.05 -7.93
N LEU IA 348 79.99 -33.40 -8.59
CA LEU IA 348 79.03 -34.11 -9.43
C LEU IA 348 79.71 -34.79 -10.61
N ALA IA 349 80.85 -34.25 -11.03
CA ALA IA 349 81.62 -34.80 -12.13
C ALA IA 349 82.42 -36.04 -11.72
N GLN IA 350 82.35 -36.38 -10.44
CA GLN IA 350 82.95 -37.61 -9.91
C GLN IA 350 81.88 -38.59 -9.45
N GLY IA 351 80.62 -38.16 -9.58
CA GLY IA 351 79.50 -39.00 -9.18
C GLY IA 351 78.95 -38.62 -7.82
N LYS IA 352 79.77 -37.95 -7.02
CA LYS IA 352 79.35 -37.52 -5.68
C LYS IA 352 78.16 -36.58 -5.74
N VAL IA 353 77.14 -36.88 -4.94
CA VAL IA 353 75.97 -36.01 -4.79
C VAL IA 353 75.45 -36.18 -3.37
N TYR IA 354 75.33 -35.05 -2.65
CA TYR IA 354 75.03 -35.08 -1.23
C TYR IA 354 73.60 -34.63 -0.93
N TRP IA 355 73.06 -35.12 0.18
CA TRP IA 355 71.76 -34.70 0.68
C TRP IA 355 71.81 -34.54 2.19
N ASN IA 356 71.80 -33.29 2.64
CA ASN IA 356 71.92 -32.99 4.07
C ASN IA 356 70.64 -33.31 4.82
N ILE IA 357 70.61 -34.49 5.45
CA ILE IA 357 69.49 -34.89 6.29
C ILE IA 357 69.73 -34.43 7.73
N ARG IA 358 68.68 -33.94 8.37
CA ARG IA 358 68.78 -33.49 9.76
C ARG IA 358 67.42 -33.51 10.43
N PHE IA 359 67.40 -33.92 11.70
CA PHE IA 359 66.17 -34.04 12.46
C PHE IA 359 66.46 -34.18 13.95
N THR IA 360 65.41 -34.36 14.74
CA THR IA 360 65.54 -34.52 16.19
C THR IA 360 64.82 -35.77 16.65
N ASP IA 361 65.57 -36.84 16.92
CA ASP IA 361 64.99 -38.06 17.46
C ASP IA 361 64.34 -37.76 18.81
N VAL IA 362 63.21 -38.41 19.09
CA VAL IA 362 62.46 -38.13 20.31
C VAL IA 362 63.21 -38.64 21.55
N PRO IA 363 63.53 -37.73 22.49
CA PRO IA 363 64.18 -38.13 23.74
C PRO IA 363 63.16 -38.54 24.82
N PRO IA 364 63.44 -39.61 25.59
CA PRO IA 364 62.50 -39.99 26.65
C PRO IA 364 62.56 -39.03 27.84
N ALA IA 365 61.41 -38.48 28.23
CA ALA IA 365 61.33 -37.58 29.39
C ALA IA 365 61.68 -38.33 30.67
N GLU IA 366 62.96 -38.56 30.88
CA GLU IA 366 63.41 -39.39 31.99
C GLU IA 366 63.29 -38.69 33.36
N ASN IA 367 62.85 -37.42 33.35
CA ASN IA 367 62.71 -36.67 34.59
C ASN IA 367 61.78 -35.46 34.42
N PRO IA 368 60.46 -35.71 34.37
CA PRO IA 368 59.47 -34.63 34.27
C PRO IA 368 59.22 -33.96 35.62
N ASN IA 369 59.53 -32.67 35.71
CA ASN IA 369 59.35 -31.90 36.94
C ASN IA 369 57.96 -31.28 37.01
N PHE IA 370 57.58 -30.83 38.21
CA PHE IA 370 56.27 -30.21 38.44
C PHE IA 370 56.41 -29.08 39.44
N ARG IA 371 56.81 -27.92 38.95
CA ARG IA 371 57.00 -26.75 39.81
C ARG IA 371 55.68 -26.24 40.36
N VAL IA 372 55.12 -26.99 41.31
CA VAL IA 372 53.86 -26.60 41.94
C VAL IA 372 54.15 -25.56 43.03
N GLU IA 373 53.23 -24.61 43.18
CA GLU IA 373 53.41 -23.52 44.14
C GLU IA 373 52.10 -22.78 44.37
N VAL IA 374 51.66 -22.73 45.62
CA VAL IA 374 50.47 -21.99 45.97
C VAL IA 374 50.72 -20.49 45.93
N THR IA 375 49.67 -19.71 46.13
CA THR IA 375 49.78 -18.26 46.17
C THR IA 375 48.50 -17.67 46.78
N ASP IA 376 48.31 -16.37 46.57
CA ASP IA 376 47.15 -15.67 47.09
C ASP IA 376 46.55 -14.81 45.99
N GLN IA 377 46.64 -15.29 44.76
CA GLN IA 377 46.19 -14.52 43.59
C GLN IA 377 44.67 -14.60 43.44
N TRP IA 378 44.16 -15.81 43.21
CA TRP IA 378 42.72 -16.01 43.02
C TRP IA 378 41.99 -16.11 44.35
N LEU IA 379 42.03 -15.05 45.14
CA LEU IA 379 41.28 -14.98 46.39
C LEU IA 379 40.16 -13.95 46.27
N THR IA 380 40.43 -12.86 45.55
CA THR IA 380 39.44 -11.83 45.32
C THR IA 380 38.31 -12.34 44.43
N GLU IA 381 38.55 -13.48 43.78
CA GLU IA 381 37.54 -14.13 42.97
C GLU IA 381 36.36 -14.56 43.85
N VAL IA 382 36.68 -14.91 45.09
CA VAL IA 382 35.67 -15.29 46.07
C VAL IA 382 34.99 -14.02 46.57
N LEU IA 383 34.11 -13.46 45.73
CA LEU IA 383 33.44 -12.22 46.07
C LEU IA 383 32.33 -11.93 45.07
N ASP IA 384 32.68 -12.00 43.78
CA ASP IA 384 31.72 -11.75 42.71
C ASP IA 384 32.18 -12.40 41.42
N SER JA 2 72.71 -38.96 34.59
CA SER JA 2 71.28 -38.82 34.37
C SER JA 2 70.66 -37.83 35.35
N PHE JA 3 71.09 -37.94 36.61
CA PHE JA 3 70.62 -37.06 37.69
C PHE JA 3 69.16 -37.36 38.02
N PHE JA 4 68.95 -37.90 39.22
CA PHE JA 4 67.62 -38.25 39.73
C PHE JA 4 66.98 -39.37 38.92
N HIS JA 5 66.48 -39.03 37.73
CA HIS JA 5 65.76 -39.98 36.88
C HIS JA 5 64.54 -40.57 37.58
N GLY JA 6 63.47 -39.80 37.66
CA GLY JA 6 62.22 -40.26 38.24
C GLY JA 6 61.08 -39.32 37.93
N VAL JA 7 60.65 -38.56 38.93
CA VAL JA 7 59.58 -37.58 38.76
C VAL JA 7 59.54 -36.67 39.98
N THR JA 8 60.17 -35.51 39.85
CA THR JA 8 60.26 -34.56 40.96
C THR JA 8 58.96 -33.79 41.11
N VAL JA 9 58.90 -32.94 42.13
CA VAL JA 9 57.73 -32.13 42.41
C VAL JA 9 58.14 -31.07 43.43
N THR JA 10 59.16 -30.28 43.07
CA THR JA 10 59.69 -29.27 43.97
C THR JA 10 58.66 -28.17 44.24
N ASN JA 11 58.51 -27.83 45.52
CA ASN JA 11 57.61 -26.76 45.93
C ASN JA 11 58.34 -25.42 45.89
N VAL JA 12 58.01 -24.60 44.88
CA VAL JA 12 58.65 -23.30 44.76
C VAL JA 12 58.05 -22.32 45.76
N ASP JA 13 58.81 -22.05 46.82
CA ASP JA 13 58.35 -21.21 47.92
C ASP JA 13 58.58 -19.74 47.62
N ILE JA 14 57.73 -19.17 46.77
CA ILE JA 14 57.77 -17.75 46.43
C ILE JA 14 56.37 -17.17 46.41
N GLY JA 15 56.29 -15.85 46.51
CA GLY JA 15 55.01 -15.15 46.54
C GLY JA 15 55.00 -14.12 47.65
N ALA JA 16 54.12 -13.14 47.54
CA ALA JA 16 54.02 -12.08 48.54
C ALA JA 16 53.42 -12.62 49.84
N ARG JA 17 54.24 -12.63 50.89
CA ARG JA 17 53.78 -13.07 52.21
C ARG JA 17 52.83 -12.04 52.81
N THR JA 18 52.03 -12.49 53.77
CA THR JA 18 51.09 -11.61 54.47
C THR JA 18 51.78 -10.97 55.67
N ILE JA 19 51.25 -9.84 56.12
CA ILE JA 19 51.82 -9.11 57.25
C ILE JA 19 50.71 -8.67 58.20
N ALA JA 20 50.99 -8.73 59.50
CA ALA JA 20 50.03 -8.39 60.53
C ALA JA 20 50.48 -7.18 61.35
N LEU JA 21 49.63 -6.75 62.27
CA LEU JA 21 49.91 -5.63 63.17
C LEU JA 21 50.03 -6.11 64.61
N PRO JA 22 51.24 -6.57 65.01
CA PRO JA 22 51.41 -7.18 66.33
C PRO JA 22 51.28 -6.18 67.47
N ALA JA 23 51.18 -6.68 68.70
CA ALA JA 23 51.15 -5.84 69.91
C ALA JA 23 49.93 -4.93 69.96
N SER JA 24 49.82 -4.03 68.98
CA SER JA 24 48.69 -3.10 68.88
C SER JA 24 48.66 -2.14 70.06
N SER JA 25 48.25 -2.63 71.23
CA SER JA 25 48.12 -1.78 72.41
C SER JA 25 48.17 -2.60 73.69
N VAL JA 26 49.34 -3.18 73.98
CA VAL JA 26 49.55 -3.88 75.24
C VAL JA 26 50.12 -2.92 76.26
N ILE JA 27 49.52 -2.91 77.45
CA ILE JA 27 49.91 -1.98 78.51
C ILE JA 27 51.05 -2.55 79.35
N GLY JA 28 51.98 -1.67 79.72
CA GLY JA 28 53.13 -2.04 80.53
C GLY JA 28 53.13 -1.23 81.80
N LEU JA 29 52.47 -1.76 82.83
CA LEU JA 29 52.28 -1.05 84.09
C LEU JA 29 53.30 -1.50 85.13
N CYS JA 30 53.55 -0.64 86.12
CA CYS JA 30 54.51 -0.93 87.17
C CYS JA 30 54.27 -0.04 88.38
N ASP JA 31 53.35 -0.45 89.25
CA ASP JA 31 53.06 0.26 90.48
C ASP JA 31 53.67 -0.51 91.64
N VAL JA 32 53.00 -0.52 92.80
CA VAL JA 32 53.49 -1.24 93.96
C VAL JA 32 52.37 -2.07 94.61
N PHE JA 33 52.75 -3.00 95.47
CA PHE JA 33 51.79 -3.81 96.21
C PHE JA 33 52.44 -4.40 97.45
N THR JA 34 51.74 -5.32 98.09
CA THR JA 34 52.22 -5.96 99.31
C THR JA 34 52.26 -7.47 99.14
N PRO JA 35 53.44 -8.04 98.81
CA PRO JA 35 53.54 -9.48 98.64
C PRO JA 35 53.44 -10.23 99.97
N GLY JA 36 52.77 -11.37 99.98
CA GLY JA 36 52.62 -12.16 101.19
C GLY JA 36 51.83 -13.44 100.94
N ALA JA 37 50.56 -13.42 101.33
CA ALA JA 37 49.71 -14.60 101.25
C ALA JA 37 48.91 -14.63 99.95
N GLN JA 38 47.86 -13.81 99.89
CA GLN JA 38 46.97 -13.78 98.73
C GLN JA 38 47.69 -13.32 97.46
N ALA JA 39 48.81 -12.62 97.64
CA ALA JA 39 49.58 -12.12 96.51
C ALA JA 39 50.35 -13.26 95.83
N SER JA 40 49.77 -13.80 94.76
CA SER JA 40 50.38 -14.92 94.04
C SER JA 40 51.60 -14.46 93.26
N ALA JA 41 51.51 -13.27 92.68
CA ALA JA 41 52.61 -12.71 91.89
C ALA JA 41 53.84 -12.46 92.76
N LYS JA 42 55.01 -12.75 92.23
CA LYS JA 42 56.24 -12.58 92.99
C LYS JA 42 56.54 -11.10 93.20
N PRO JA 43 57.42 -10.76 94.15
CA PRO JA 43 57.65 -9.36 94.53
C PRO JA 43 58.29 -8.48 93.45
N ASN JA 44 58.52 -8.99 92.23
CA ASN JA 44 59.20 -8.19 91.22
C ASN JA 44 59.04 -8.68 89.78
N VAL JA 45 58.86 -9.99 89.58
CA VAL JA 45 58.85 -10.52 88.21
C VAL JA 45 57.63 -10.04 87.43
N PRO JA 46 57.76 -9.94 86.09
CA PRO JA 46 56.60 -9.57 85.27
C PRO JA 46 55.51 -10.65 85.31
N VAL JA 47 54.25 -10.23 85.37
CA VAL JA 47 53.12 -11.15 85.35
C VAL JA 47 52.09 -10.65 84.35
N LEU JA 48 51.61 -11.56 83.52
CA LEU JA 48 50.63 -11.21 82.49
C LEU JA 48 49.23 -11.21 83.08
N LEU JA 49 48.40 -10.26 82.61
CA LEU JA 49 47.03 -10.14 83.08
C LEU JA 49 46.07 -10.20 81.90
N THR JA 50 44.78 -10.18 82.19
CA THR JA 50 43.74 -10.23 81.16
C THR JA 50 42.43 -9.68 81.69
N SER JA 51 42.16 -9.89 82.98
CA SER JA 51 40.94 -9.42 83.61
C SER JA 51 41.22 -9.14 85.09
N LYS JA 52 40.24 -8.55 85.76
CA LYS JA 52 40.36 -8.24 87.18
C LYS JA 52 40.61 -9.49 88.01
N LYS JA 53 39.96 -10.59 87.64
CA LYS JA 53 40.13 -11.86 88.34
C LYS JA 53 41.59 -12.30 88.32
N ASP JA 54 42.22 -12.23 87.14
CA ASP JA 54 43.60 -12.67 86.99
C ASP JA 54 44.56 -11.70 87.71
N ALA JA 55 44.09 -10.48 87.94
CA ALA JA 55 44.89 -9.44 88.60
C ALA JA 55 44.69 -9.45 90.10
N ALA JA 56 43.47 -9.75 90.54
CA ALA JA 56 43.13 -9.75 91.96
C ALA JA 56 43.92 -10.81 92.71
N ALA JA 57 43.84 -12.05 92.23
CA ALA JA 57 44.53 -13.17 92.86
C ALA JA 57 46.06 -13.03 92.73
N ALA JA 58 46.49 -12.18 91.80
CA ALA JA 58 47.92 -11.99 91.55
C ALA JA 58 48.56 -11.06 92.58
N PHE JA 59 48.06 -9.83 92.66
CA PHE JA 59 48.64 -8.82 93.52
C PHE JA 59 47.86 -8.68 94.83
N GLY JA 60 46.54 -8.76 94.73
CA GLY JA 60 45.66 -8.67 95.88
C GLY JA 60 44.80 -7.43 95.82
N ILE JA 61 43.75 -7.41 96.65
CA ILE JA 61 42.84 -6.27 96.71
C ILE JA 61 43.40 -5.21 97.65
N GLY JA 62 43.19 -3.95 97.31
CA GLY JA 62 43.69 -2.84 98.11
C GLY JA 62 45.09 -2.42 97.70
N SER JA 63 45.80 -3.32 97.02
CA SER JA 63 47.13 -3.02 96.51
C SER JA 63 47.06 -1.84 95.56
N SER JA 64 47.97 -0.88 95.73
CA SER JA 64 47.98 0.34 94.92
C SER JA 64 48.06 0.04 93.42
N ILE JA 65 48.58 -1.14 93.09
CA ILE JA 65 48.68 -1.57 91.69
C ILE JA 65 47.34 -2.06 91.17
N TYR JA 66 46.55 -2.67 92.05
CA TYR JA 66 45.25 -3.20 91.66
C TYR JA 66 44.26 -2.07 91.38
N LEU JA 67 44.41 -0.96 92.09
CA LEU JA 67 43.57 0.22 91.86
C LEU JA 67 43.85 0.83 90.49
N ALA JA 68 45.04 0.54 89.96
CA ALA JA 68 45.45 1.03 88.66
C ALA JA 68 44.97 0.08 87.56
N CYS JA 69 45.10 -1.23 87.81
CA CYS JA 69 44.63 -2.24 86.85
C CYS JA 69 43.10 -2.21 86.76
N GLU JA 70 42.45 -2.08 87.92
CA GLU JA 70 40.99 -2.01 87.97
C GLU JA 70 40.49 -0.77 87.23
N ALA JA 71 41.28 0.30 87.28
CA ALA JA 71 40.94 1.54 86.58
C ALA JA 71 41.00 1.34 85.06
N ILE JA 72 41.85 0.42 84.63
CA ILE JA 72 42.00 0.12 83.20
C ILE JA 72 40.89 -0.82 82.73
N TYR JA 73 40.64 -1.88 83.50
CA TYR JA 73 39.66 -2.89 83.13
C TYR JA 73 38.23 -2.35 83.25
N ASN JA 74 38.04 -1.41 84.16
CA ASN JA 74 36.75 -0.75 84.30
C ASN JA 74 36.44 0.05 83.04
N ARG JA 75 37.47 0.72 82.53
CA ARG JA 75 37.37 1.48 81.28
C ARG JA 75 37.19 0.52 80.10
N ALA JA 76 38.25 -0.19 79.75
CA ALA JA 76 38.20 -1.13 78.63
C ALA JA 76 39.23 -2.24 78.85
N GLN JA 77 38.81 -3.47 78.61
CA GLN JA 77 39.66 -4.64 78.84
C GLN JA 77 40.87 -4.64 77.91
N ALA JA 78 42.02 -5.03 78.44
CA ALA JA 78 43.25 -5.04 77.66
C ALA JA 78 44.30 -5.90 78.35
N VAL JA 79 45.32 -6.29 77.60
CA VAL JA 79 46.44 -7.05 78.13
C VAL JA 79 47.37 -6.12 78.91
N ILE JA 80 47.71 -6.52 80.13
CA ILE JA 80 48.60 -5.74 80.98
C ILE JA 80 49.72 -6.62 81.53
N VAL JA 81 50.90 -6.51 80.91
CA VAL JA 81 52.07 -7.19 81.42
C VAL JA 81 52.62 -6.40 82.61
N ALA JA 82 51.86 -6.44 83.71
CA ALA JA 82 52.21 -5.67 84.90
C ALA JA 82 53.44 -6.26 85.58
N VAL JA 83 54.17 -5.39 86.28
CA VAL JA 83 55.37 -5.80 87.01
C VAL JA 83 55.07 -5.81 88.50
N GLY JA 84 55.01 -4.61 89.09
CA GLY JA 84 54.72 -4.47 90.50
C GLY JA 84 55.94 -4.76 91.36
N VAL JA 85 56.22 -3.86 92.29
CA VAL JA 85 57.36 -3.98 93.18
C VAL JA 85 56.95 -3.70 94.63
N GLU JA 86 57.65 -4.34 95.57
CA GLU JA 86 57.35 -4.17 96.99
C GLU JA 86 57.55 -2.71 97.42
N THR JA 87 56.68 -2.23 98.30
CA THR JA 87 56.79 -0.88 98.83
C THR JA 87 58.04 -0.75 99.71
N ALA JA 88 58.71 0.39 99.61
CA ALA JA 88 59.93 0.64 100.37
C ALA JA 88 59.64 1.53 101.57
N GLU JA 89 60.69 1.88 102.31
CA GLU JA 89 60.57 2.71 103.51
C GLU JA 89 60.21 4.14 103.14
N THR JA 90 61.18 4.89 102.63
CA THR JA 90 60.99 6.27 102.23
C THR JA 90 60.43 6.33 100.81
N PRO JA 91 59.66 7.39 100.49
CA PRO JA 91 59.06 7.51 99.14
C PRO JA 91 60.11 7.74 98.07
N GLU JA 92 61.22 8.38 98.44
CA GLU JA 92 62.29 8.68 97.48
C GLU JA 92 63.00 7.41 97.04
N ALA JA 93 63.42 6.61 98.01
CA ALA JA 93 64.14 5.37 97.73
C ALA JA 93 63.23 4.33 97.10
N GLN JA 94 61.92 4.53 97.22
CA GLN JA 94 60.96 3.61 96.64
C GLN JA 94 60.99 3.69 95.11
N ALA JA 95 61.33 4.87 94.60
CA ALA JA 95 61.42 5.11 93.16
C ALA JA 95 62.55 4.28 92.55
N SER JA 96 63.54 3.92 93.36
CA SER JA 96 64.66 3.10 92.90
C SER JA 96 64.17 1.72 92.50
N ALA JA 97 63.35 1.12 93.37
CA ALA JA 97 62.76 -0.19 93.09
C ALA JA 97 61.82 -0.11 91.90
N VAL JA 98 61.19 1.04 91.73
CA VAL JA 98 60.27 1.26 90.62
C VAL JA 98 61.05 1.29 89.30
N ILE JA 99 62.10 2.10 89.26
CA ILE JA 99 62.96 2.14 88.08
C ILE JA 99 63.64 0.79 87.92
N GLY JA 100 64.31 0.33 88.98
CA GLY JA 100 64.94 -0.98 88.98
C GLY JA 100 66.22 -1.00 88.18
N GLY JA 101 67.32 -1.33 88.84
CA GLY JA 101 68.60 -1.42 88.18
C GLY JA 101 68.70 -2.70 87.37
N ILE JA 102 69.13 -3.78 88.03
CA ILE JA 102 69.27 -5.08 87.36
C ILE JA 102 69.48 -6.21 88.36
N SER JA 103 69.97 -5.87 89.56
CA SER JA 103 70.17 -6.84 90.64
C SER JA 103 71.30 -7.82 90.32
N ALA JA 104 71.79 -8.49 91.36
CA ALA JA 104 72.87 -9.45 91.20
C ALA JA 104 72.40 -10.71 90.48
N ALA JA 105 71.09 -10.93 90.50
CA ALA JA 105 70.51 -12.11 89.85
C ALA JA 105 70.65 -12.02 88.33
N GLY JA 106 70.80 -10.79 87.83
CA GLY JA 106 70.96 -10.56 86.41
C GLY JA 106 69.63 -10.24 85.74
N GLU JA 107 68.54 -10.70 86.34
CA GLU JA 107 67.21 -10.46 85.80
C GLU JA 107 66.79 -9.01 85.99
N ARG JA 108 66.34 -8.38 84.89
CA ARG JA 108 65.92 -6.98 84.93
C ARG JA 108 64.82 -6.75 85.94
N THR JA 109 65.09 -5.86 86.91
CA THR JA 109 64.13 -5.56 87.97
C THR JA 109 63.37 -4.28 87.69
N GLY JA 110 62.27 -4.10 88.42
CA GLY JA 110 61.49 -2.88 88.35
C GLY JA 110 60.92 -2.60 86.98
N LEU JA 111 60.80 -1.31 86.66
CA LEU JA 111 60.19 -0.86 85.41
C LEU JA 111 60.91 -1.40 84.18
N GLN JA 112 62.21 -1.67 84.31
CA GLN JA 112 63.00 -2.16 83.19
C GLN JA 112 62.69 -3.62 82.86
N ALA JA 113 61.91 -4.27 83.73
CA ALA JA 113 61.54 -5.66 83.54
C ALA JA 113 60.58 -5.83 82.38
N LEU JA 114 60.00 -4.72 81.91
CA LEU JA 114 59.01 -4.75 80.84
C LEU JA 114 59.61 -5.25 79.52
N LEU JA 115 60.93 -5.13 79.38
CA LEU JA 115 61.61 -5.59 78.18
C LEU JA 115 61.52 -7.11 78.04
N ASP JA 116 61.22 -7.78 79.15
CA ASP JA 116 61.11 -9.24 79.16
C ASP JA 116 59.72 -9.70 78.74
N GLY JA 117 58.75 -8.78 78.77
CA GLY JA 117 57.37 -9.10 78.45
C GLY JA 117 57.19 -9.61 77.03
N LYS JA 118 58.12 -9.23 76.15
CA LYS JA 118 58.06 -9.64 74.75
C LYS JA 118 58.54 -11.07 74.57
N SER JA 119 59.66 -11.40 75.22
CA SER JA 119 60.27 -12.72 75.10
C SER JA 119 59.81 -13.67 76.19
N ARG JA 120 58.57 -13.50 76.64
CA ARG JA 120 57.98 -14.40 77.64
C ARG JA 120 56.48 -14.57 77.43
N PHE JA 121 55.80 -13.49 77.03
CA PHE JA 121 54.35 -13.51 76.85
C PHE JA 121 53.96 -13.15 75.42
N ASN JA 122 54.95 -12.92 74.56
CA ASN JA 122 54.70 -12.52 73.17
C ASN JA 122 53.80 -11.28 73.10
N ALA JA 123 53.87 -10.45 74.14
CA ALA JA 123 53.05 -9.24 74.23
C ALA JA 123 53.94 -8.08 74.64
N GLN JA 124 54.58 -7.48 73.65
CA GLN JA 124 55.45 -6.33 73.89
C GLN JA 124 54.62 -5.15 74.42
N PRO JA 125 54.86 -4.73 75.67
CA PRO JA 125 54.10 -3.59 76.19
C PRO JA 125 54.37 -2.32 75.40
N ARG JA 126 53.50 -2.03 74.44
CA ARG JA 126 53.65 -0.85 73.58
C ARG JA 126 52.83 0.30 74.14
N LEU JA 127 52.81 0.42 75.46
CA LEU JA 127 52.07 1.47 76.13
C LEU JA 127 52.44 1.49 77.61
N LEU JA 128 53.52 2.18 77.94
CA LEU JA 128 54.02 2.24 79.31
C LEU JA 128 53.13 3.12 80.18
N VAL JA 129 53.26 2.92 81.49
CA VAL JA 129 52.48 3.66 82.47
C VAL JA 129 52.99 3.32 83.87
N ALA JA 130 53.07 4.33 84.74
CA ALA JA 130 53.57 4.14 86.09
C ALA JA 130 52.81 5.06 87.05
N PRO JA 131 51.57 4.66 87.43
CA PRO JA 131 50.72 5.49 88.28
C PRO JA 131 51.36 5.81 89.64
N GLY JA 132 51.31 7.07 90.05
CA GLY JA 132 51.90 7.49 91.31
C GLY JA 132 53.36 7.86 91.14
N HIS JA 133 54.13 6.95 90.56
CA HIS JA 133 55.56 7.17 90.32
C HIS JA 133 55.82 7.72 88.92
N SER JA 134 55.66 9.04 88.77
CA SER JA 134 55.94 9.71 87.51
C SER JA 134 56.16 11.21 87.73
N ALA JA 135 55.59 11.75 88.81
CA ALA JA 135 55.79 13.15 89.17
C ALA JA 135 57.25 13.41 89.51
N GLN JA 136 57.95 12.37 89.94
CA GLN JA 136 59.37 12.47 90.24
C GLN JA 136 60.18 12.55 88.94
N GLN JA 137 61.10 13.50 88.90
CA GLN JA 137 61.93 13.73 87.71
C GLN JA 137 62.75 12.50 87.34
N ALA JA 138 63.06 11.69 88.35
CA ALA JA 138 63.94 10.53 88.16
C ALA JA 138 63.28 9.43 87.32
N VAL JA 139 62.22 8.85 87.85
CA VAL JA 139 61.52 7.73 87.21
C VAL JA 139 60.94 8.11 85.86
N ALA JA 140 60.68 9.40 85.66
CA ALA JA 140 60.07 9.88 84.43
C ALA JA 140 61.00 9.68 83.23
N THR JA 141 62.30 9.87 83.45
CA THR JA 141 63.28 9.71 82.39
C THR JA 141 63.46 8.24 82.02
N ALA JA 142 63.36 7.37 83.02
CA ALA JA 142 63.44 5.92 82.78
C ALA JA 142 62.29 5.48 81.88
N MET JA 143 61.13 6.10 82.07
CA MET JA 143 59.97 5.84 81.21
C MET JA 143 60.23 6.31 79.79
N ASP JA 144 61.02 7.38 79.67
CA ASP JA 144 61.36 7.95 78.37
C ASP JA 144 62.32 7.02 77.62
N GLY JA 145 63.38 6.62 78.31
CA GLY JA 145 64.40 5.79 77.71
C GLY JA 145 63.88 4.41 77.38
N LEU JA 146 63.02 3.90 78.24
CA LEU JA 146 62.46 2.55 78.08
C LEU JA 146 61.47 2.49 76.90
N ALA JA 147 60.76 3.60 76.68
CA ALA JA 147 59.75 3.66 75.63
C ALA JA 147 60.40 3.47 74.25
N GLU JA 148 61.59 4.01 74.08
CA GLU JA 148 62.30 3.92 72.80
C GLU JA 148 62.78 2.50 72.53
N LYS JA 149 62.97 1.73 73.61
CA LYS JA 149 63.37 0.33 73.49
C LYS JA 149 62.18 -0.52 73.06
N LEU JA 150 61.00 -0.11 73.51
CA LEU JA 150 59.76 -0.84 73.22
C LEU JA 150 58.93 -0.14 72.16
N ARG JA 151 59.38 1.03 71.71
CA ARG JA 151 58.64 1.83 70.74
C ARG JA 151 57.23 2.11 71.25
N ALA JA 152 57.12 2.35 72.56
CA ALA JA 152 55.83 2.55 73.22
C ALA JA 152 55.55 4.04 73.40
N ILE JA 153 54.53 4.36 74.18
CA ILE JA 153 54.18 5.74 74.50
C ILE JA 153 53.96 5.85 76.00
N ALA JA 154 55.01 6.23 76.70
CA ALA JA 154 54.98 6.34 78.16
C ALA JA 154 54.04 7.46 78.62
N ILE JA 155 52.98 7.09 79.33
CA ILE JA 155 52.03 8.06 79.86
C ILE JA 155 52.44 8.48 81.27
N LEU JA 156 52.95 9.70 81.39
CA LEU JA 156 53.33 10.25 82.68
C LEU JA 156 52.13 10.85 83.39
N ASP JA 157 52.35 11.40 84.57
CA ASP JA 157 51.31 12.07 85.33
C ASP JA 157 51.92 13.10 86.27
N GLY JA 158 52.01 14.35 85.83
CA GLY JA 158 52.65 15.40 86.58
C GLY JA 158 51.90 15.72 87.87
N PRO JA 159 52.56 16.46 88.78
CA PRO JA 159 51.98 16.80 90.07
C PRO JA 159 50.81 17.78 89.93
N ASN JA 160 49.83 17.67 90.83
CA ASN JA 160 48.68 18.57 90.82
C ASN JA 160 49.10 19.96 91.29
N SER JA 161 48.89 20.26 92.56
CA SER JA 161 49.26 21.55 93.14
C SER JA 161 48.66 22.69 92.34
N THR JA 162 49.24 22.97 91.18
CA THR JA 162 48.80 24.05 90.31
C THR JA 162 49.28 23.85 88.88
N ASP JA 163 48.84 24.73 87.98
CA ASP JA 163 49.17 24.64 86.56
C ASP JA 163 50.61 25.06 86.30
N GLU JA 164 51.10 26.02 87.08
CA GLU JA 164 52.45 26.54 86.93
C GLU JA 164 53.48 25.42 87.12
N ALA JA 165 53.18 24.51 88.05
CA ALA JA 165 54.08 23.41 88.35
C ALA JA 165 54.04 22.33 87.28
N ALA JA 166 52.94 22.28 86.53
CA ALA JA 166 52.76 21.28 85.48
C ALA JA 166 53.50 21.69 84.22
N VAL JA 167 53.46 22.98 83.89
CA VAL JA 167 54.15 23.50 82.71
C VAL JA 167 55.66 23.44 82.90
N ALA JA 168 56.11 23.80 84.10
CA ALA JA 168 57.54 23.80 84.42
C ALA JA 168 58.11 22.38 84.44
N TYR JA 169 57.22 21.40 84.55
CA TYR JA 169 57.62 19.99 84.60
C TYR JA 169 57.75 19.42 83.18
N ALA JA 170 56.84 19.81 82.30
CA ALA JA 170 56.83 19.34 80.92
C ALA JA 170 57.99 19.94 80.13
N LYS JA 171 58.42 21.13 80.56
CA LYS JA 171 59.52 21.85 79.91
C LYS JA 171 60.81 21.03 79.95
N ASN JA 172 60.85 20.02 80.82
CA ASN JA 172 62.03 19.19 80.97
C ASN JA 172 62.21 18.21 79.82
N PHE JA 173 61.14 17.51 79.48
CA PHE JA 173 61.18 16.48 78.45
C PHE JA 173 60.92 17.05 77.06
N GLY JA 174 61.15 16.22 76.04
CA GLY JA 174 60.92 16.63 74.67
C GLY JA 174 60.96 15.46 73.70
N SER JA 175 60.70 14.26 74.21
CA SER JA 175 60.78 13.04 73.39
C SER JA 175 59.43 12.71 72.76
N LYS JA 176 59.48 12.07 71.60
CA LYS JA 176 58.27 11.66 70.87
C LYS JA 176 57.34 10.81 71.73
N ARG JA 177 57.94 10.02 72.62
CA ARG JA 177 57.21 8.99 73.36
C ARG JA 177 56.94 9.40 74.80
N LEU JA 178 56.21 10.50 74.96
CA LEU JA 178 55.79 10.97 76.28
C LEU JA 178 54.47 11.70 76.17
N PHE JA 179 53.47 11.21 76.89
CA PHE JA 179 52.14 11.77 76.85
C PHE JA 179 51.65 12.01 78.28
N MET JA 180 52.01 13.16 78.83
CA MET JA 180 51.72 13.45 80.23
C MET JA 180 50.32 14.03 80.40
N VAL JA 181 49.74 13.75 81.57
CA VAL JA 181 48.45 14.32 81.97
C VAL JA 181 48.64 14.96 83.34
N ASP JA 182 48.27 16.24 83.45
CA ASP JA 182 48.53 17.02 84.64
C ASP JA 182 47.48 16.85 85.74
N PRO JA 183 46.22 17.26 85.48
CA PRO JA 183 45.22 17.23 86.55
C PRO JA 183 44.92 15.81 87.05
N GLY JA 184 45.19 15.55 88.33
CA GLY JA 184 44.98 14.23 88.90
C GLY JA 184 43.52 13.99 89.22
N VAL JA 185 42.89 13.15 88.40
CA VAL JA 185 41.49 12.78 88.61
C VAL JA 185 41.34 12.04 89.94
N GLN JA 186 40.21 12.22 90.61
CA GLN JA 186 39.94 11.55 91.88
C GLN JA 186 38.86 10.48 91.70
N VAL JA 187 39.16 9.28 92.17
CA VAL JA 187 38.24 8.14 92.07
C VAL JA 187 37.67 7.81 93.44
N TRP JA 188 36.52 7.17 93.45
CA TRP JA 188 35.90 6.74 94.70
C TRP JA 188 36.46 5.39 95.13
N ASP JA 189 37.43 5.40 96.04
CA ASP JA 189 38.05 4.17 96.52
C ASP JA 189 37.04 3.34 97.31
N SER JA 190 37.07 2.03 97.10
CA SER JA 190 36.13 1.12 97.77
C SER JA 190 36.54 0.90 99.23
N ALA JA 191 37.84 0.83 99.48
CA ALA JA 191 38.36 0.56 100.82
C ALA JA 191 38.17 1.75 101.76
N THR JA 192 38.40 2.95 101.23
CA THR JA 192 38.30 4.17 102.02
C THR JA 192 36.84 4.61 102.16
N ASN JA 193 36.01 4.19 101.21
CA ASN JA 193 34.58 4.54 101.20
C ASN JA 193 34.37 6.04 101.15
N ALA JA 194 35.22 6.71 100.37
CA ALA JA 194 35.12 8.16 100.17
C ALA JA 194 35.98 8.59 99.01
N ALA JA 195 36.10 9.90 98.81
CA ALA JA 195 36.92 10.45 97.73
C ALA JA 195 38.37 10.06 97.92
N ARG JA 196 39.10 9.98 96.81
CA ARG JA 196 40.48 9.55 96.84
C ARG JA 196 41.19 9.93 95.54
N ASN JA 197 42.18 10.82 95.65
CA ASN JA 197 42.90 11.30 94.48
C ASN JA 197 43.76 10.21 93.84
N ALA JA 198 43.71 10.15 92.52
CA ALA JA 198 44.46 9.16 91.74
C ALA JA 198 45.45 9.86 90.81
N PRO JA 199 46.46 9.12 90.32
CA PRO JA 199 47.47 9.71 89.43
C PRO JA 199 46.94 9.97 88.01
N ALA JA 200 45.78 9.42 87.69
CA ALA JA 200 45.16 9.62 86.37
C ALA JA 200 46.03 9.09 85.22
N SER JA 201 47.01 8.26 85.57
CA SER JA 201 47.93 7.71 84.58
C SER JA 201 47.32 6.45 83.96
N ALA JA 202 46.87 5.53 84.83
CA ALA JA 202 46.28 4.27 84.39
C ALA JA 202 44.94 4.51 83.69
N TYR JA 203 44.21 5.53 84.13
CA TYR JA 203 42.92 5.86 83.54
C TYR JA 203 43.11 6.33 82.10
N ALA JA 204 44.17 7.11 81.88
CA ALA JA 204 44.50 7.59 80.55
C ALA JA 204 45.07 6.47 79.69
N ALA JA 205 45.66 5.47 80.35
CA ALA JA 205 46.22 4.31 79.65
C ALA JA 205 45.12 3.37 79.16
N GLY JA 206 44.20 3.05 80.07
CA GLY JA 206 43.08 2.19 79.73
C GLY JA 206 42.20 2.86 78.69
N LEU JA 207 42.17 4.18 78.72
CA LEU JA 207 41.40 4.98 77.77
C LEU JA 207 41.90 4.76 76.34
N PHE JA 208 43.22 4.66 76.18
CA PHE JA 208 43.80 4.37 74.87
C PHE JA 208 43.35 3.00 74.39
N ALA JA 209 43.45 2.01 75.28
CA ALA JA 209 43.11 0.63 74.96
C ALA JA 209 41.66 0.50 74.49
N TRP JA 210 40.82 1.42 74.95
CA TRP JA 210 39.42 1.43 74.56
C TRP JA 210 39.27 1.88 73.10
N THR JA 211 39.98 2.93 72.74
CA THR JA 211 39.93 3.48 71.38
C THR JA 211 40.66 2.58 70.40
N ASP JA 212 41.76 2.00 70.85
CA ASP JA 212 42.59 1.14 70.01
C ASP JA 212 41.84 -0.14 69.65
N ALA JA 213 41.10 -0.68 70.60
CA ALA JA 213 40.31 -1.89 70.38
C ALA JA 213 39.05 -1.56 69.58
N GLU JA 214 38.54 -0.35 69.77
CA GLU JA 214 37.32 0.10 69.11
C GLU JA 214 37.60 0.65 67.72
N TYR JA 215 38.05 1.90 67.65
CA TYR JA 215 38.33 2.55 66.38
C TYR JA 215 39.60 1.96 65.77
N GLY JA 216 40.70 2.07 66.50
CA GLY JA 216 42.00 1.59 66.05
C GLY JA 216 43.14 2.35 66.68
N PHE JA 217 44.33 1.79 66.63
CA PHE JA 217 45.52 2.43 67.16
C PHE JA 217 45.75 3.78 66.48
N TRP JA 218 45.33 3.87 65.23
CA TRP JA 218 45.49 5.10 64.45
C TRP JA 218 44.49 6.16 64.92
N SER JA 219 43.46 5.76 65.63
CA SER JA 219 42.47 6.70 66.14
C SER JA 219 43.04 7.46 67.33
N SER JA 220 42.73 8.75 67.41
CA SER JA 220 43.20 9.58 68.52
C SER JA 220 42.42 9.24 69.79
N PRO JA 221 43.10 9.18 70.94
CA PRO JA 221 42.43 8.85 72.21
C PRO JA 221 41.69 10.04 72.81
N SER JA 222 42.16 11.25 72.53
CA SER JA 222 41.59 12.46 73.11
C SER JA 222 40.09 12.59 72.84
N ASN JA 223 39.43 13.43 73.64
CA ASN JA 223 38.00 13.68 73.48
C ASN JA 223 37.17 12.41 73.63
N LYS JA 224 37.65 11.49 74.47
CA LYS JA 224 36.92 10.28 74.79
C LYS JA 224 36.72 10.20 76.30
N GLU JA 225 35.48 9.93 76.70
CA GLU JA 225 35.09 9.97 78.10
C GLU JA 225 35.72 8.83 78.89
N ILE JA 226 36.20 9.14 80.09
CA ILE JA 226 36.81 8.15 80.97
C ILE JA 226 35.85 7.78 82.10
N LYS JA 227 35.75 6.49 82.39
CA LYS JA 227 34.89 5.99 83.45
C LYS JA 227 35.67 5.76 84.74
N GLY JA 228 34.96 5.47 85.82
CA GLY JA 228 35.59 5.20 87.10
C GLY JA 228 36.18 6.47 87.70
N VAL JA 229 35.38 7.52 87.70
CA VAL JA 229 35.80 8.83 88.20
C VAL JA 229 34.70 9.41 89.09
N THR JA 230 34.97 10.57 89.69
CA THR JA 230 33.99 11.22 90.56
C THR JA 230 34.45 12.64 90.94
N GLY JA 231 35.14 13.30 90.02
CA GLY JA 231 35.68 14.63 90.27
C GLY JA 231 37.12 14.70 89.83
N THR JA 232 37.69 15.90 89.78
CA THR JA 232 39.06 16.08 89.34
C THR JA 232 39.75 17.14 90.19
N SER JA 233 40.93 16.78 90.71
CA SER JA 233 41.74 17.69 91.50
C SER JA 233 42.09 18.91 90.66
N ARG JA 234 41.85 20.09 91.23
CA ARG JA 234 42.08 21.36 90.55
C ARG JA 234 41.21 21.45 89.29
N PRO JA 235 39.97 21.98 89.44
CA PRO JA 235 39.04 22.01 88.31
C PRO JA 235 39.55 22.86 87.15
N VAL JA 236 40.12 22.21 86.13
CA VAL JA 236 40.61 22.90 84.95
C VAL JA 236 39.41 23.44 84.18
N GLU JA 237 39.36 24.74 84.01
CA GLU JA 237 38.22 25.39 83.37
C GLU JA 237 38.24 25.18 81.86
N PHE JA 238 37.05 25.15 81.26
CA PHE JA 238 36.93 25.02 79.82
C PHE JA 238 35.65 25.67 79.33
N LEU JA 239 35.79 26.75 78.57
CA LEU JA 239 34.65 27.48 78.02
C LEU JA 239 34.06 26.73 76.84
N ASP JA 240 32.99 27.27 76.27
CA ASP JA 240 32.33 26.64 75.12
C ASP JA 240 33.23 26.65 73.90
N GLY JA 241 33.93 27.76 73.69
CA GLY JA 241 34.83 27.90 72.55
C GLY JA 241 35.63 29.18 72.62
N ASP JA 242 36.75 29.13 73.33
CA ASP JA 242 37.63 30.29 73.45
C ASP JA 242 39.03 29.85 73.88
N GLU JA 243 40.05 30.48 73.29
CA GLU JA 243 41.44 30.16 73.59
C GLU JA 243 41.84 30.68 74.98
N THR JA 244 40.96 31.47 75.60
CA THR JA 244 41.23 32.06 76.89
C THR JA 244 41.13 31.05 78.02
N CYS JA 245 40.43 29.95 77.75
CA CYS JA 245 40.24 28.90 78.76
C CYS JA 245 41.57 28.27 79.13
N ARG JA 246 41.67 27.78 80.36
CA ARG JA 246 42.94 27.28 80.88
C ARG JA 246 43.25 25.88 80.35
N ALA JA 247 42.21 25.14 79.97
CA ALA JA 247 42.37 23.80 79.42
C ALA JA 247 43.23 23.85 78.15
N ASN JA 248 43.12 24.95 77.42
CA ASN JA 248 43.87 25.13 76.19
C ASN JA 248 45.34 25.45 76.44
N LEU JA 249 45.60 26.28 77.44
CA LEU JA 249 46.96 26.73 77.75
C LEU JA 249 47.89 25.58 78.10
N LEU JA 250 47.35 24.55 78.75
CA LEU JA 250 48.15 23.38 79.11
C LEU JA 250 48.46 22.55 77.87
N ASN JA 251 47.55 22.54 76.91
CA ASN JA 251 47.75 21.82 75.66
C ASN JA 251 48.86 22.45 74.82
N ASN JA 252 49.04 23.76 74.98
CA ASN JA 252 50.12 24.48 74.31
C ASN JA 252 51.47 24.03 74.85
N ALA JA 253 51.49 23.61 76.10
CA ALA JA 253 52.70 23.10 76.74
C ALA JA 253 52.77 21.58 76.60
N ASN JA 254 51.99 21.04 75.65
CA ASN JA 254 51.97 19.60 75.41
C ASN JA 254 51.55 18.84 76.67
N ILE JA 255 50.31 19.03 77.08
CA ILE JA 255 49.78 18.38 78.28
C ILE JA 255 48.33 17.96 78.08
N ALA JA 256 48.02 16.73 78.50
CA ALA JA 256 46.66 16.22 78.46
C ALA JA 256 45.92 16.66 79.72
N THR JA 257 44.61 16.89 79.60
CA THR JA 257 43.81 17.37 80.72
C THR JA 257 42.40 16.79 80.68
N ILE JA 258 41.83 16.59 81.87
CA ILE JA 258 40.45 16.11 82.00
C ILE JA 258 39.55 17.30 82.25
N ILE JA 259 38.64 17.55 81.30
CA ILE JA 259 37.82 18.75 81.33
C ILE JA 259 36.45 18.51 81.95
N ARG JA 260 35.77 19.61 82.27
CA ARG JA 260 34.41 19.60 82.81
C ARG JA 260 34.32 18.89 84.16
N ASP JA 261 33.14 18.97 84.76
CA ASP JA 261 32.90 18.43 86.10
C ASP JA 261 33.10 16.92 86.11
N ASP JA 262 33.21 16.37 87.32
CA ASP JA 262 33.33 14.93 87.51
C ASP JA 262 34.54 14.35 86.79
N GLY JA 263 34.48 14.31 85.46
CA GLY JA 263 35.54 13.75 84.64
C GLY JA 263 34.96 13.40 83.29
N TYR JA 264 34.37 14.40 82.64
CA TYR JA 264 33.65 14.23 81.39
C TYR JA 264 34.50 13.55 80.34
N ARG JA 265 35.67 14.12 80.05
CA ARG JA 265 36.55 13.56 79.03
C ARG JA 265 37.97 14.10 79.11
N LEU JA 266 38.91 13.36 78.52
CA LEU JA 266 40.31 13.73 78.46
C LEU JA 266 40.67 14.13 77.03
N TRP JA 267 41.57 15.11 76.89
CA TRP JA 267 42.10 15.46 75.58
C TRP JA 267 43.45 16.16 75.69
N GLY JA 268 44.08 16.42 74.55
CA GLY JA 268 45.40 17.03 74.49
C GLY JA 268 46.33 16.11 73.73
N ASN JA 269 46.13 16.03 72.42
CA ASN JA 269 46.86 15.10 71.57
C ASN JA 269 48.36 15.39 71.54
N ARG JA 270 48.74 16.63 71.82
CA ARG JA 270 50.14 17.03 71.78
C ARG JA 270 50.99 16.22 72.75
N THR JA 271 51.92 15.45 72.19
CA THR JA 271 52.89 14.72 73.00
C THR JA 271 54.06 15.64 73.32
N LEU JA 272 54.70 15.43 74.47
CA LEU JA 272 55.81 16.26 74.88
C LEU JA 272 56.98 16.15 73.92
N SER JA 273 56.84 16.74 72.73
CA SER JA 273 57.85 16.63 71.68
C SER JA 273 58.17 18.00 71.09
N SER JA 274 59.47 18.26 70.91
CA SER JA 274 59.93 19.51 70.31
C SER JA 274 59.68 19.52 68.81
N ASP JA 275 60.02 18.42 68.15
CA ASP JA 275 59.81 18.32 66.71
C ASP JA 275 58.32 18.33 66.39
N SER JA 276 57.88 19.34 65.64
CA SER JA 276 56.47 19.51 65.31
C SER JA 276 55.97 18.42 64.37
N LYS JA 277 56.89 17.66 63.79
CA LYS JA 277 56.53 16.56 62.90
C LYS JA 277 55.83 15.44 63.68
N TRP JA 278 56.29 15.23 64.91
CA TRP JA 278 55.73 14.20 65.80
C TRP JA 278 54.93 14.86 66.90
N ALA JA 279 54.17 15.89 66.54
CA ALA JA 279 53.42 16.66 67.53
C ALA JA 279 52.27 15.84 68.10
N PHE JA 280 51.57 15.11 67.24
CA PHE JA 280 50.46 14.28 67.68
C PHE JA 280 50.96 12.96 68.23
N VAL JA 281 50.28 12.47 69.27
CA VAL JA 281 50.58 11.17 69.85
C VAL JA 281 50.16 10.08 68.87
N THR JA 282 49.22 10.43 67.99
CA THR JA 282 48.73 9.50 66.97
C THR JA 282 49.85 9.04 66.04
N ARG JA 283 50.55 9.99 65.45
CA ARG JA 283 51.61 9.70 64.49
C ARG JA 283 52.67 8.79 65.10
N VAL JA 284 53.05 9.08 66.33
CA VAL JA 284 54.05 8.27 67.03
C VAL JA 284 53.53 6.86 67.25
N ARG JA 285 52.21 6.74 67.39
CA ARG JA 285 51.59 5.46 67.70
C ARG JA 285 51.41 4.59 66.45
N THR JA 286 51.19 5.23 65.31
CA THR JA 286 51.01 4.53 64.05
C THR JA 286 52.37 4.15 63.45
N MET JA 287 53.32 5.05 63.56
CA MET JA 287 54.64 4.86 62.97
C MET JA 287 55.41 3.76 63.71
N ASP JA 288 55.33 3.78 65.03
CA ASP JA 288 55.98 2.77 65.85
C ASP JA 288 55.36 1.39 65.64
N LEU JA 289 54.16 1.38 65.06
CA LEU JA 289 53.44 0.13 64.83
C LEU JA 289 53.80 -0.48 63.48
N VAL JA 290 53.70 0.31 62.42
CA VAL JA 290 54.00 -0.16 61.07
C VAL JA 290 55.48 -0.52 60.94
N MET JA 291 56.32 0.14 61.73
CA MET JA 291 57.74 -0.16 61.76
C MET JA 291 57.97 -1.54 62.36
N ASP JA 292 57.41 -1.76 63.55
CA ASP JA 292 57.55 -3.03 64.24
C ASP JA 292 56.86 -4.16 63.46
N ALA JA 293 55.90 -3.81 62.63
CA ALA JA 293 55.18 -4.78 61.81
C ALA JA 293 56.04 -5.23 60.64
N ILE JA 294 56.66 -4.26 59.97
CA ILE JA 294 57.52 -4.54 58.83
C ILE JA 294 58.78 -5.26 59.30
N LEU JA 295 59.26 -4.87 60.48
CA LEU JA 295 60.43 -5.50 61.07
C LEU JA 295 60.17 -6.97 61.37
N ALA JA 296 59.14 -7.22 62.18
CA ALA JA 296 58.78 -8.59 62.59
C ALA JA 296 58.07 -9.35 61.46
N GLY JA 297 57.63 -8.62 60.45
CA GLY JA 297 56.86 -9.22 59.37
C GLY JA 297 57.74 -9.92 58.34
N HIS JA 298 58.79 -9.22 57.90
CA HIS JA 298 59.68 -9.74 56.88
C HIS JA 298 60.86 -10.47 57.50
N LYS JA 299 60.58 -11.25 58.53
CA LYS JA 299 61.57 -12.11 59.17
C LYS JA 299 61.74 -13.40 58.38
N TRP JA 300 60.76 -13.68 57.51
CA TRP JA 300 60.78 -14.86 56.67
C TRP JA 300 61.78 -14.71 55.53
N ALA JA 301 61.95 -13.46 55.09
CA ALA JA 301 62.81 -13.16 53.95
C ALA JA 301 64.27 -13.34 54.37
N VAL JA 302 64.89 -12.25 54.83
CA VAL JA 302 66.30 -12.25 55.22
C VAL JA 302 67.15 -12.81 54.08
N ASP JA 303 68.20 -13.56 54.40
CA ASP JA 303 69.08 -14.09 53.36
C ASP JA 303 68.33 -15.06 52.46
N ARG JA 304 68.04 -14.62 51.24
CA ARG JA 304 67.34 -15.44 50.26
C ARG JA 304 67.66 -14.90 48.87
N GLY JA 305 67.53 -15.77 47.86
CA GLY JA 305 67.84 -15.42 46.50
C GLY JA 305 67.15 -14.14 46.05
N ILE JA 306 67.92 -13.08 45.84
CA ILE JA 306 67.38 -11.78 45.50
C ILE JA 306 67.10 -11.69 43.99
N THR JA 307 66.25 -12.60 43.51
CA THR JA 307 65.82 -12.59 42.13
C THR JA 307 64.76 -11.51 41.93
N LYS JA 308 64.53 -11.12 40.68
CA LYS JA 308 63.50 -10.13 40.35
C LYS JA 308 62.14 -10.49 40.95
N THR JA 309 61.89 -11.79 41.09
CA THR JA 309 60.64 -12.27 41.68
C THR JA 309 60.59 -11.90 43.16
N TYR JA 310 61.70 -12.13 43.85
CA TYR JA 310 61.79 -11.88 45.29
C TYR JA 310 61.54 -10.41 45.61
N VAL JA 311 62.09 -9.51 44.80
CA VAL JA 311 61.89 -8.08 45.00
C VAL JA 311 60.41 -7.72 44.85
N LYS JA 312 59.79 -8.24 43.80
CA LYS JA 312 58.36 -8.01 43.58
C LYS JA 312 57.50 -8.67 44.66
N ASP JA 313 57.94 -9.83 45.15
CA ASP JA 313 57.20 -10.54 46.19
C ASP JA 313 57.16 -9.70 47.47
N VAL JA 314 58.27 -9.02 47.75
CA VAL JA 314 58.36 -8.16 48.91
C VAL JA 314 57.67 -6.83 48.62
N THR JA 315 57.85 -6.32 47.39
CA THR JA 315 57.21 -5.08 46.98
C THR JA 315 55.69 -5.22 47.03
N GLU JA 316 55.18 -6.31 46.45
CA GLU JA 316 53.74 -6.58 46.47
C GLU JA 316 53.27 -6.89 47.90
N GLY JA 317 54.20 -7.28 48.76
CA GLY JA 317 53.89 -7.56 50.15
C GLY JA 317 53.54 -6.28 50.88
N LEU JA 318 54.22 -5.20 50.49
CA LEU JA 318 53.97 -3.87 51.07
C LEU JA 318 52.77 -3.21 50.39
N ARG JA 319 52.62 -3.44 49.08
CA ARG JA 319 51.49 -2.93 48.33
C ARG JA 319 50.17 -3.39 48.96
N ALA JA 320 50.03 -4.69 49.14
CA ALA JA 320 48.82 -5.27 49.70
C ALA JA 320 48.67 -4.89 51.16
N PHE JA 321 49.79 -4.87 51.89
CA PHE JA 321 49.78 -4.55 53.31
C PHE JA 321 49.27 -3.14 53.57
N MET JA 322 49.91 -2.16 52.94
CA MET JA 322 49.54 -0.76 53.12
C MET JA 322 48.13 -0.48 52.63
N ARG JA 323 47.70 -1.21 51.60
CA ARG JA 323 46.36 -1.04 51.06
C ARG JA 323 45.32 -1.56 52.06
N ASP JA 324 45.73 -2.49 52.92
CA ASP JA 324 44.84 -2.97 53.97
C ASP JA 324 44.73 -1.94 55.10
N LEU JA 325 45.69 -1.03 55.15
CA LEU JA 325 45.66 0.08 56.10
C LEU JA 325 44.89 1.27 55.55
N LYS JA 326 44.92 1.42 54.23
CA LYS JA 326 44.28 2.54 53.56
C LYS JA 326 42.76 2.43 53.62
N ASN JA 327 42.23 1.32 53.11
CA ASN JA 327 40.80 1.07 53.12
C ASN JA 327 40.27 0.94 54.55
N GLN JA 328 41.14 0.51 55.46
CA GLN JA 328 40.78 0.40 56.87
C GLN JA 328 40.71 1.78 57.51
N GLY JA 329 41.44 2.74 56.94
CA GLY JA 329 41.42 4.11 57.40
C GLY JA 329 42.62 4.47 58.27
N ALA JA 330 43.59 3.57 58.35
CA ALA JA 330 44.79 3.80 59.15
C ALA JA 330 45.66 4.89 58.52
N VAL JA 331 45.66 4.92 57.20
CA VAL JA 331 46.43 5.90 56.44
C VAL JA 331 45.58 6.47 55.32
N ILE JA 332 45.88 7.69 54.90
CA ILE JA 332 45.14 8.32 53.81
C ILE JA 332 45.59 7.72 52.49
N ASN JA 333 46.90 7.77 52.24
CA ASN JA 333 47.46 7.19 51.03
C ASN JA 333 48.92 6.85 51.25
N PHE JA 334 49.45 5.98 50.40
CA PHE JA 334 50.81 5.48 50.56
C PHE JA 334 51.51 5.34 49.21
N GLU JA 335 52.76 4.88 49.27
CA GLU JA 335 53.56 4.65 48.08
C GLU JA 335 54.82 3.90 48.47
N VAL JA 336 55.01 2.72 47.89
CA VAL JA 336 56.15 1.88 48.21
C VAL JA 336 56.82 1.39 46.94
N TYR JA 337 58.15 1.35 46.94
CA TYR JA 337 58.91 0.98 45.76
C TYR JA 337 60.39 0.82 46.10
N ALA JA 338 61.16 0.28 45.17
CA ALA JA 338 62.60 0.09 45.34
C ALA JA 338 63.34 1.27 44.73
N ASP JA 339 64.12 1.98 45.54
CA ASP JA 339 64.84 3.16 45.08
C ASP JA 339 65.92 2.78 44.06
N PRO JA 340 65.95 3.45 42.90
CA PRO JA 340 67.00 3.17 41.91
C PRO JA 340 68.41 3.49 42.41
N ASP JA 341 68.58 4.62 43.10
CA ASP JA 341 69.89 5.07 43.52
C ASP JA 341 70.48 4.22 44.65
N LEU JA 342 69.64 3.90 45.63
CA LEU JA 342 70.08 3.09 46.77
C LEU JA 342 70.46 1.69 46.33
N ASN JA 343 69.55 1.03 45.63
CA ASN JA 343 69.80 -0.32 45.14
C ASN JA 343 70.88 -0.31 44.06
N SER JA 344 72.12 -0.04 44.46
CA SER JA 344 73.24 -0.02 43.55
C SER JA 344 73.77 -1.44 43.34
N ALA JA 345 74.55 -1.63 42.27
CA ALA JA 345 75.11 -2.94 41.96
C ALA JA 345 76.01 -3.45 43.09
N SER JA 346 76.58 -2.53 43.86
CA SER JA 346 77.48 -2.88 44.95
C SER JA 346 76.72 -3.16 46.24
N GLN JA 347 75.61 -2.46 46.43
CA GLN JA 347 74.80 -2.63 47.64
C GLN JA 347 74.12 -3.99 47.65
N LEU JA 348 73.57 -4.39 46.49
CA LEU JA 348 72.96 -5.70 46.36
C LEU JA 348 73.99 -6.82 46.52
N ALA JA 349 75.25 -6.51 46.21
CA ALA JA 349 76.32 -7.47 46.32
C ALA JA 349 76.77 -7.66 47.78
N GLN JA 350 76.19 -6.89 48.68
CA GLN JA 350 76.42 -7.05 50.13
C GLN JA 350 75.16 -7.54 50.83
N GLY JA 351 74.09 -7.74 50.05
CA GLY JA 351 72.83 -8.21 50.58
C GLY JA 351 71.84 -7.09 50.81
N LYS JA 352 72.33 -5.86 50.92
CA LYS JA 352 71.47 -4.71 51.12
C LYS JA 352 70.49 -4.53 49.97
N VAL JA 353 69.22 -4.35 50.31
CA VAL JA 353 68.17 -4.06 49.34
C VAL JA 353 67.12 -3.20 50.03
N TYR JA 354 66.84 -2.03 49.45
CA TYR JA 354 66.00 -1.03 50.10
C TYR JA 354 64.62 -0.92 49.47
N TRP JA 355 63.64 -0.50 50.26
CA TRP JA 355 62.29 -0.22 49.77
C TRP JA 355 61.77 1.05 50.43
N ASN JA 356 61.70 2.12 49.65
CA ASN JA 356 61.28 3.42 50.15
C ASN JA 356 59.78 3.47 50.43
N ILE JA 357 59.40 3.27 51.68
CA ILE JA 357 58.01 3.37 52.09
C ILE JA 357 57.72 4.81 52.52
N ARG JA 358 56.56 5.31 52.14
CA ARG JA 358 56.15 6.67 52.50
C ARG JA 358 54.62 6.80 52.47
N PHE JA 359 54.08 7.54 53.42
CA PHE JA 359 52.64 7.72 53.53
C PHE JA 359 52.32 8.86 54.49
N THR JA 360 51.03 9.09 54.72
CA THR JA 360 50.57 10.14 55.62
C THR JA 360 49.60 9.56 56.65
N ASP JA 361 50.08 9.37 57.87
CA ASP JA 361 49.22 8.93 58.96
C ASP JA 361 48.13 9.96 59.21
N VAL JA 362 46.92 9.50 59.54
CA VAL JA 362 45.79 10.39 59.71
C VAL JA 362 45.95 11.26 60.97
N PRO JA 363 45.95 12.59 60.80
CA PRO JA 363 46.03 13.49 61.96
C PRO JA 363 44.63 13.82 62.53
N PRO JA 364 44.49 13.86 63.86
CA PRO JA 364 43.17 14.21 64.43
C PRO JA 364 42.85 15.69 64.27
N ALA JA 365 41.70 16.00 63.69
CA ALA JA 365 41.27 17.38 63.51
C ALA JA 365 41.01 18.03 64.87
N GLU JA 366 42.08 18.42 65.54
CA GLU JA 366 41.98 18.92 66.91
C GLU JA 366 41.39 20.33 66.99
N ASN JA 367 41.12 20.94 65.83
CA ASN JA 367 40.58 22.29 65.80
C ASN JA 367 39.91 22.62 64.47
N PRO JA 368 38.70 22.06 64.25
CA PRO JA 368 37.93 22.36 63.03
C PRO JA 368 37.23 23.72 63.09
N ASN JA 369 37.60 24.61 62.18
CA ASN JA 369 37.03 25.95 62.13
C ASN JA 369 35.78 26.00 61.26
N PHE JA 370 35.01 27.08 61.38
CA PHE JA 370 33.78 27.26 60.62
C PHE JA 370 33.61 28.73 60.23
N ARG JA 371 34.28 29.14 59.17
CA ARG JA 371 34.23 30.52 58.71
C ARG JA 371 32.85 30.87 58.19
N VAL JA 372 31.90 31.03 59.10
CA VAL JA 372 30.54 31.40 58.73
C VAL JA 372 30.47 32.91 58.53
N GLU JA 373 29.66 33.33 57.56
CA GLU JA 373 29.55 34.74 57.21
C GLU JA 373 28.33 34.99 56.34
N VAL JA 374 27.45 35.88 56.80
CA VAL JA 374 26.28 36.25 56.02
C VAL JA 374 26.67 37.15 54.86
N THR JA 375 25.69 37.48 54.02
CA THR JA 375 25.91 38.37 52.90
C THR JA 375 24.58 38.84 52.35
N ASP JA 376 24.60 39.39 51.13
CA ASP JA 376 23.39 39.87 50.48
C ASP JA 376 23.37 39.38 49.04
N GLN JA 377 23.88 38.17 48.84
CA GLN JA 377 23.99 37.58 47.50
C GLN JA 377 22.65 37.03 47.03
N TRP JA 378 22.17 36.00 47.74
CA TRP JA 378 20.90 35.36 47.38
C TRP JA 378 19.69 36.12 47.92
N LEU JA 379 19.53 37.35 47.46
CA LEU JA 379 18.37 38.16 47.81
C LEU JA 379 17.47 38.36 46.59
N THR JA 380 18.11 38.50 45.43
CA THR JA 380 17.39 38.66 44.17
C THR JA 380 16.66 37.38 43.81
N GLU JA 381 17.02 36.28 44.48
CA GLU JA 381 16.35 35.00 44.28
C GLU JA 381 14.90 35.10 44.74
N VAL JA 382 14.67 35.95 45.74
CA VAL JA 382 13.32 36.22 46.23
C VAL JA 382 12.61 37.15 45.26
N LEU JA 383 12.20 36.60 44.12
CA LEU JA 383 11.57 37.39 43.08
C LEU JA 383 10.97 36.49 42.01
N ASP JA 384 11.78 35.55 41.52
CA ASP JA 384 11.34 34.62 40.50
C ASP JA 384 12.21 33.37 40.52
#